data_7YEZ
#
_entry.id   7YEZ
#
_cell.length_a   1.00
_cell.length_b   1.00
_cell.length_c   1.00
_cell.angle_alpha   90.00
_cell.angle_beta   90.00
_cell.angle_gamma   90.00
#
_symmetry.space_group_name_H-M   'P 1'
#
loop_
_entity.id
_entity.type
_entity.pdbx_description
1 polymer 'RNA helicase'
2 polymer 'Lambda-2 protein'
3 polymer 'RNA-directed RNA polymerase'
4 polymer 'Mu-2 protein'
5 non-polymer S-ADENOSYLMETHIONINE
6 non-polymer 'ZINC ION'
#
loop_
_entity_poly.entity_id
_entity_poly.type
_entity_poly.pdbx_seq_one_letter_code
_entity_poly.pdbx_strand_id
1 'polypeptide(L)'
;MKRIPRKTKGKSSGKGNDSTSRSDDGSSQLRDKQSNKANPATAEPGTSNCEHYKARPGIASVQKATESAELPMKNNDEGT
PDKRGNTKGALVNEHVEARDEADDATKKQAKDTEKAKAQVTYSDTGINNANELSRSGNVDNEGGSNQKPMSTRIAEATSA
IVSKHPARVGLPPTASSGHGYQCHVCSAVLFSPLDLDAHVASHGLHGNMTLTSSEIQRHITEFISSWQNHPIVQVSADVE
NRKTAQLLHADTPRLVTWDAGLCTSFKIVPIVPAQVPQDVLAYTFFTSSYAIQSPFPEAAVSRIVVHTRWASNVDFDRDS
SVIMAPPTENNIHLFKQLLNTETLSVRGANPLMFRANVLHMLLEFVLDNLYLNRHTGFSQDHTPFTEGANLRSLPGPDAE
KWYSIMYPTRMGTPNVSKICNFVASCVRNRVGRFDRAQMMNGAMSEWVDVFETSDALTVSIRGRWMARLARMNINPTEIE
WALTECAQGYVTVTSPYAPSVNRLMPYRISNAERQISQIIRVMNIGNNATVIQPVLQDISVLLQRISPLQIDPTIISNTM
STVSESTTQTLSPASSILGKLRPSNSDFSSFRVALAGWLYNGVVTTVIDDSSYPKDGGSVTSLENLWDFFILALALPLTT
DPCAPVKAFMTLANMMVGFETIPMDNQIYTQSRRASAFSTPHTWPRCFMNIQLISPIDAPILRQWAEIIHRYWPNPSQIR
YGTPNVFGSANLFTPPEVLLLPIDHQPANVTTPTLDFTNELTNWRARVCELMKNLVDNQRYQPGWTQSLVSSMRGTLGKL
KLIKSMTPMYLQQLAPVELAVIAPMLPFPPFQVPYVRLDRDRVPTMVGVTRQSRDTITQPALSLSTTNTTVGVPLALDAR
AITVALLSGKYPPDLVTNVWYADAIYPMYADTEVFSNLQRDVITCEAVQTLVTLVAQISETQYPVDRYLDWIPSLRASAA
TAATFAEWVNTSMKTAFDLSDMLLEPLLSGDPRMTQLAIQYQQYNGRTFNVIPEMPGSVIADCVQLTAEVFNHEYNLFGI
ARGDIIIGRVQSTHLWSPLAPPPDLVFDRDTPGVHIFGRDCRISFGMNGAAPMIRDETGMMVPFEGNWIFPLALWQMNTR
YFNQQFDAWIKTGELRIRIEMGAYPYMLHYYDPRQYANAWNLTSAWLEEITPTSIPSVPFMVPISSDHDISSAPAVQYII
STEYNDRSLFCTNSSSPQTIAGPDKHIPVERYNILTNPDAPPTQIQLPEVVDLYNVVTRYAYETPPITAVVMGVP
;
1,2,3,4,5,A,B,C,D,E,a,b,c,d,e
2 'polypeptide(L)'
;MANVWGVRLADSLSSPTIETRTRHYTLHDFYSDLDASVGKEPWRPLRNQRTNEIVAVQLFRPLQGLVFDTQLYGFPGTFS
QWEQFMKEKLRVLKYEVLRIYPISTYNHDRVNVFVANALVGAFLSNQAFYDLLPLLIVNDTMISDLLGTGAALSQFFQSH
GEVLEVAAGRKYLQMNNYSNDDDDPPLFAKDLSDYAKAFYSDTYEVLDRFFWTHDSSAGVLVHYDKPTNGNHYILGTLTQ
MVSAPPHIINATDALLLESCLEQFAANVRARSAQPVTRLDQCYHLRWGAQYVGEDSLTYRLGVLSLLATNGYQLARPIPK
QLTNRWLSSFVSQVVSDGINETPLWPQERYVQIAYDSPSVVDGATQYGYVRRNQLRLGMRISALQSLSDTPAPVQWLPQY
TIDQVAVDEGDAMVSQLTQLPLRPDYGSIWIGEALSYYVDYNRSHRVVLSSELPQLPDTYFDGDEQYGRSLFSLARKVGD
RSLVKDTAVLKHAYQAIDPNTGKEYLRAGQSVAYFGASAGHSGADQPLVIEPWMQGKISGVPPPSSVRQFGYDVAKGAIV
DLARPFPSGDYQFVYSDVDQVVDGHDDLSISSGLVESLLDSCVHATAPGGSFVMKINFPTRTVWHYIEQKILPNVTSYML
IKPFVTNNVEVFFVAFGVHQQSALTWTSGVYFFLVDHFYRYETLSAISRQLPSFGYVDDGSSVTGIEIISIENPGFSNMT
QAARVGISGLCANVGNARKSIAIYESHGARVLTITSRRSPASARRKARLRYLPLIDPRSLEVQARTILPSNPVLFDNING
ASPHVCLTMMYNFEVSSAVYDGDVVLDLGTGPEAKILELIPSTSPVTCVDIRPTAQPNGCWNVRTTFLELDYLSDGWITG
VRGDIVTCMLSLGAAAAGKSMTFDAAFQQLVRVLTRSTANVLLIQVNCPTDVIRTIKGYLEIDQTNKRYKFPKFGRDEPY
SDMDSLERICRAAWPNCSITWVPLSYDLRWTKLALLESTTLSSASVRIAELMYKYMPIMRIDIHGLPMEKQGNFIVGQNC
SLVIPGFNAQDVFNCYFNSALAFSTEDVNSAMIPQVTAQFDANKGEWSLDMVFSDAGIYTMQALVGSNANPVSLGSFVVD
SPDVDITDAWPAQLDFTIAGTDVDITVNPYYRLMAFVKIDGQWQIANPDKFQFFSSNTGTLVMNVKLDIADRYLLYYIRD
VQSRDVGFYIQHPLQLLNTITLPTNEDLFLSAPDMREWAVKESGNTICILNSPGFIPPQDWDVLTDTISWSPSLPTYVVP
PGDYTLTPL
;
H,I,J,K,L
3 'polypeptide(L)'
;MSSMILTQFGPFIESISGITDQSNDVFENAAKAFSMFTRSDVYKALDEIPFSEDAMLPIPPTIYTKPSHDSYYYIDALNR
VRRKTYQGPDDVYVPNCSIVELLEPHETLTSYGRLSEAIENRAKDGDSQARIATTYGRIAESQARQIKAPLEKFVLALLV
AEAGGSLYDPVLQKYDEIPGLSHNCPLWCFREICRHISGPLPDRAPYLYLSAGVFWLMSPRMTSAIPPLLSDLVNLAILQ
QTAGLDPSLVRLGVQICLHAAASSSYAWFILKTKSIFPQNTLHSMYESLEGGYCPNLEWLEPRSDYKFMYMGAMPLSTKY
ARSAPSNDKKARELGEKYGLSSVVSELRRRTKTYSKHDFTSVRYIRDAMACTSGIFLVRTPTETVLQEYTQSPEIKVPIP
QKDWTGPIGEIRILKDTTSSIARYLYRTWYLAAARMAAQPRTWDPLFQAIMRSQYVTARGGSGATLRESLYAINVSLPDF
KGLPVKAATKIFQAAQLANLPFSHTSVAILADTSMGLRNQVQRRPRSIMPLNVPQQQVSAPHTLTADYINYHMNLSTTSG
SAVIEKVIPLGVYASSPPNQSINIDISACDASITWDFFLSVIMAAIHEGVASSSIGKPFMGVPASIVNDESVVGVRAARP
ISGMQNMIQHLSKLYKRGFSYRVNDSFSPGNDFTHMTTTFPSGSTATSTEHTANNSTMMETFLTVWGPEHTDDPDVLRLM
KSLTIQRNYVCQGDDGLMIIDGNTAGKVNSETIQKMLELISKYGEEFGWKYDIAYDGTAEYLKLYFIFGCRIPNLSRHPI
VGKERANSSAEEPWPAILDQIMGIFFNGVHDGLQWQRWIRYSWALCCAFSRQRTMTGESVGYLQYPMWSFVYWGLPLVKV
FGSDPWIFSWYMPTGDLGMYSWISLIRPLMTRWMVANGYVTDKCSPVFGNADYRKCFNELKLYQGYYMAQLPRNPKKSGR
AAPREVREQFTQALSDYLMQNPELKSRVLRGRSEWEKYGAGIIHNPPSLFDVPHKWYQGAQEAATATREELAEMDETLMR
ARKHSYSSFSKLLEAYLLVKWRMCEAREPSVDLRLPLCAGIDPLNSDPFLKMVSVGPMLQSTRKYFAQTLFMAKTVSGLD
VNAIDSALLRLRTLGADKKALTAQLLMVGLQESEADALAGKIMLQDVNTVQLARVVNLAVPDTWMSLDFDTMFKHHVKLL
PKDGRHLNTDIPPRMGWLRAILRFLGAGMAMTATGVAVDIYLEDIHGGGRSLGQRFMTWMRQEGRSA
;
R
4 'polypeptide(L)'
;MAYIAVPAVVDSRSSEAIGLLESFGVDAGSDANDVSYQDHDYVVDQLQYMLDGYEAGDVIDALVYRNWLHHSVYCLLPPK
SQLLEYWKSNPSVIPDNVDRRLRKRLMLKKDLRKDDEYNQLARAFKISDVYAPLISSTTSPMTMIQNLNQGEIVYTTTDR
VIGARVLLYAPRKYYASTLSFTMTRCVLPFGKEVSRVPHSRFNVGTFPSIATPKCSVMSGVDIESIPNEFIKLFYQRVKS
IHANILNDISPQIVSDMINRKRLRVHTPSNRRAAQLMHLPYHVKRGASHVDVYRVDVVNVLFEVVDVADGLRSVSRKLIM
HTVPVCILELLGIEIADYCIRQEDGMFTDWFLLLTMLSDGLTDRRTHCQYLINPSSMPPDVILNISITGFINRHTIDVMP
DVYDFIKPIGAVLPKGSFKSTIMRVLDSISVLGVKIMPRAHVVDSDEVGEQMEPTFEHAVMEIYKGIAGVDSLDDLTKWV
LNSDLVPHDDRLGQLFQAFLPLAKDLLAPMARQFYDNSMSEGRLLTFAHADSELLNANYFGHLLRLKIPYITEVNLMIRK
NREGGELFQLVLSYLYKMYATSAQPKWFGSLLRLLICPWLHMEKLIGEADPASTSAEIGWHVPREQLMQDGWCGCEDGFI
PYVSIRAPRLVIEELMEKNWGQYHAQVIVTDQLVVGEPRRVSAKAVIKGNHLPVKLISRFACFTLTSKYEMRLPCGHSTG
RGAAYNARLAFRSDLA
;
U
#
loop_
_chem_comp.id
_chem_comp.type
_chem_comp.name
_chem_comp.formula
SAM non-polymer S-ADENOSYLMETHIONINE 'C15 H22 N6 O5 S'
ZN non-polymer 'ZINC ION' 'Zn 2'
#
# COMPACT_ATOMS: atom_id res chain seq x y z
N LYS A 2 124.18 -8.55 47.74
CA LYS A 2 123.31 -7.76 46.89
C LYS A 2 121.89 -7.88 47.44
N ARG A 3 121.53 -9.12 47.76
CA ARG A 3 120.42 -9.45 48.67
C ARG A 3 119.07 -8.99 48.11
N ILE A 4 118.69 -9.57 46.99
CA ILE A 4 117.33 -9.39 46.49
C ILE A 4 116.36 -10.06 47.47
N PRO A 5 115.25 -9.42 47.82
CA PRO A 5 114.36 -9.99 48.82
C PRO A 5 113.47 -11.07 48.21
N ARG A 6 112.59 -11.60 49.05
CA ARG A 6 111.74 -12.72 48.71
C ARG A 6 110.28 -12.31 48.83
N LYS A 7 109.48 -12.61 47.81
CA LYS A 7 108.11 -12.14 47.79
C LYS A 7 107.23 -12.95 48.74
N THR A 8 107.11 -14.25 48.49
CA THR A 8 106.22 -15.09 49.26
C THR A 8 106.91 -15.56 50.54
N LYS A 9 106.17 -16.32 51.35
CA LYS A 9 106.75 -16.94 52.53
C LYS A 9 107.69 -18.07 52.13
N GLY A 10 108.57 -18.42 53.04
CA GLY A 10 109.43 -19.58 52.90
C GLY A 10 108.77 -20.82 53.46
N LYS A 11 109.60 -21.73 53.97
CA LYS A 11 109.11 -22.92 54.64
C LYS A 11 109.08 -22.76 56.15
N SER A 12 110.15 -22.21 56.72
CA SER A 12 110.19 -21.96 58.15
C SER A 12 109.20 -20.85 58.54
N SER A 13 109.19 -19.77 57.77
CA SER A 13 108.24 -18.70 58.00
C SER A 13 106.98 -18.92 57.17
N PRO A 40 135.15 23.17 26.04
CA PRO A 40 135.27 21.73 26.31
C PRO A 40 134.38 20.89 25.41
N ALA A 41 133.52 20.06 26.01
CA ALA A 41 132.62 19.19 25.26
C ALA A 41 131.29 19.90 25.10
N THR A 42 131.15 20.64 24.01
CA THR A 42 129.90 21.31 23.69
C THR A 42 128.86 20.26 23.26
N ALA A 43 127.60 20.50 23.65
CA ALA A 43 126.51 19.61 23.29
C ALA A 43 126.30 19.58 21.78
N GLU A 44 126.14 18.36 21.25
CA GLU A 44 126.05 18.16 19.82
C GLU A 44 124.72 18.69 19.28
N PRO A 45 124.70 19.16 18.00
CA PRO A 45 123.55 19.95 17.55
C PRO A 45 122.31 19.16 17.14
N GLY A 46 122.18 17.90 17.56
CA GLY A 46 121.05 17.09 17.15
C GLY A 46 120.05 16.69 18.21
N THR A 47 119.86 17.47 19.27
CA THR A 47 118.97 17.07 20.34
C THR A 47 118.21 18.26 20.92
N SER A 48 117.07 17.95 21.54
CA SER A 48 116.16 18.89 22.19
C SER A 48 115.16 18.07 23.00
N ASN A 49 114.17 18.77 23.59
CA ASN A 49 113.02 18.08 24.17
C ASN A 49 111.80 18.99 24.09
N CYS A 50 110.99 18.76 23.06
CA CYS A 50 109.67 19.35 22.92
C CYS A 50 108.74 18.24 22.46
N GLU A 51 107.48 18.59 22.21
CA GLU A 51 106.52 17.55 21.82
C GLU A 51 106.60 17.23 20.32
N HIS A 52 106.26 18.19 19.45
CA HIS A 52 106.28 18.12 17.99
C HIS A 52 105.44 17.00 17.39
N TYR A 53 104.66 16.27 18.20
CA TYR A 53 103.91 15.09 17.77
C TYR A 53 102.99 14.67 18.91
N LYS A 54 101.79 14.25 18.55
CA LYS A 54 100.84 13.71 19.51
C LYS A 54 100.58 12.25 19.14
N ALA A 55 100.47 11.41 20.16
CA ALA A 55 100.14 10.00 19.96
C ALA A 55 98.77 9.88 19.31
N ARG A 56 98.73 9.36 18.09
CA ARG A 56 97.56 9.50 17.25
C ARG A 56 96.45 8.49 17.59
N PRO A 57 96.74 7.21 17.92
CA PRO A 57 95.74 6.45 18.67
C PRO A 57 95.74 6.78 20.16
N GLY A 58 96.87 7.19 20.71
CA GLY A 58 96.92 7.52 22.12
C GLY A 58 97.62 6.51 23.00
N ILE A 59 98.80 6.87 23.48
CA ILE A 59 99.62 5.95 24.25
C ILE A 59 98.99 5.65 25.61
N ALA A 60 98.35 6.65 26.24
CA ALA A 60 97.71 6.41 27.53
C ALA A 60 96.51 5.49 27.38
N SER A 61 95.76 5.65 26.27
CA SER A 61 94.63 4.78 26.01
C SER A 61 95.08 3.35 25.74
N VAL A 62 96.15 3.17 24.97
CA VAL A 62 96.56 1.80 24.68
C VAL A 62 97.23 1.16 25.90
N GLN A 63 97.86 1.95 26.78
CA GLN A 63 98.42 1.37 28.00
C GLN A 63 97.32 0.97 28.97
N LYS A 64 96.32 1.84 29.15
CA LYS A 64 95.17 1.50 29.99
C LYS A 64 94.41 0.31 29.44
N ALA A 65 94.40 0.15 28.11
CA ALA A 65 93.81 -1.04 27.53
C ALA A 65 94.65 -2.28 27.82
N THR A 66 95.96 -2.17 27.74
CA THR A 66 96.77 -3.38 27.79
C THR A 66 97.14 -3.82 29.20
N GLU A 67 96.94 -3.00 30.24
CA GLU A 67 97.28 -3.44 31.59
C GLU A 67 96.38 -4.57 32.06
N SER A 68 95.09 -4.44 31.75
CA SER A 68 94.14 -5.51 32.06
C SER A 68 94.44 -6.77 31.27
N ALA A 69 94.98 -6.62 30.05
CA ALA A 69 95.44 -7.79 29.32
C ALA A 69 96.72 -8.37 29.91
N GLU A 70 97.55 -7.53 30.54
CA GLU A 70 98.73 -8.04 31.24
C GLU A 70 98.32 -8.91 32.41
N LEU A 71 97.21 -8.56 33.07
CA LEU A 71 96.66 -9.35 34.16
C LEU A 71 96.39 -10.78 33.71
N PRO A 72 97.10 -11.76 34.26
CA PRO A 72 96.99 -13.14 33.76
C PRO A 72 95.70 -13.80 34.22
N MET A 73 95.55 -15.06 33.84
CA MET A 73 94.37 -15.82 34.23
C MET A 73 94.39 -16.11 35.73
N LYS A 74 93.25 -15.93 36.38
CA LYS A 74 93.11 -16.24 37.78
C LYS A 74 93.17 -17.75 38.00
N ASN A 75 93.34 -18.14 39.25
CA ASN A 75 93.60 -19.51 39.64
C ASN A 75 92.48 -19.95 40.58
N ASN A 76 91.45 -20.58 40.03
CA ASN A 76 90.44 -21.17 40.90
C ASN A 76 90.96 -22.49 41.47
N ASP A 77 90.41 -22.86 42.61
CA ASP A 77 90.91 -24.04 43.31
C ASP A 77 89.76 -24.60 44.12
N GLU A 78 89.19 -25.71 43.65
CA GLU A 78 88.09 -26.38 44.32
C GLU A 78 88.35 -27.88 44.26
N GLY A 79 88.20 -28.56 45.38
CA GLY A 79 88.31 -30.00 45.43
C GLY A 79 89.72 -30.54 45.60
N THR A 80 90.73 -29.76 45.30
CA THR A 80 92.10 -30.22 45.52
C THR A 80 92.42 -30.12 47.01
N PRO A 81 93.22 -31.05 47.54
CA PRO A 81 93.54 -31.00 48.97
C PRO A 81 94.49 -29.86 49.30
N ASP A 82 94.53 -29.52 50.59
CA ASP A 82 95.44 -28.50 51.07
C ASP A 82 96.74 -29.14 51.55
N LYS A 83 97.57 -28.39 52.26
CA LYS A 83 98.79 -28.95 52.83
C LYS A 83 98.48 -29.92 53.95
N ARG A 84 97.33 -29.77 54.60
CA ARG A 84 96.90 -30.76 55.59
C ARG A 84 96.36 -32.01 54.93
N GLY A 85 95.66 -31.86 53.81
CA GLY A 85 95.05 -32.99 53.12
C GLY A 85 93.57 -32.84 52.86
N ASN A 86 92.90 -31.87 53.47
CA ASN A 86 91.48 -31.67 53.25
C ASN A 86 91.25 -30.86 51.98
N THR A 87 90.21 -31.23 51.25
CA THR A 87 89.89 -30.57 49.99
C THR A 87 89.33 -29.18 50.24
N LYS A 88 89.29 -28.37 49.19
CA LYS A 88 88.88 -26.98 49.30
C LYS A 88 87.70 -26.69 48.38
N GLY A 89 86.98 -25.62 48.69
CA GLY A 89 85.80 -25.24 47.95
C GLY A 89 84.63 -24.94 48.84
N ALA A 90 83.47 -25.54 48.55
CA ALA A 90 82.28 -25.35 49.37
C ALA A 90 81.47 -26.64 49.37
N LEU A 91 80.49 -26.69 50.27
CA LEU A 91 79.62 -27.86 50.41
C LEU A 91 78.35 -27.71 49.57
N VAL A 92 78.54 -27.40 48.29
CA VAL A 92 77.44 -27.02 47.43
C VAL A 92 77.11 -28.21 46.52
N ASN A 93 75.88 -28.24 46.02
CA ASN A 93 75.59 -29.08 44.88
C ASN A 93 76.45 -28.62 43.70
N GLU A 94 77.33 -29.53 43.26
CA GLU A 94 78.32 -29.22 42.23
C GLU A 94 77.66 -28.93 40.89
N HIS A 95 76.53 -29.59 40.60
CA HIS A 95 75.81 -29.30 39.38
C HIS A 95 75.19 -27.92 39.42
N VAL A 96 74.81 -27.45 40.60
CA VAL A 96 74.32 -26.09 40.76
C VAL A 96 75.48 -25.10 40.69
N GLU A 97 76.69 -25.56 41.02
CA GLU A 97 77.86 -24.67 41.11
C GLU A 97 78.28 -24.11 39.74
N ALA A 98 78.02 -24.85 38.66
CA ALA A 98 78.31 -24.31 37.34
C ALA A 98 77.37 -23.17 36.99
N ARG A 99 76.09 -23.31 37.35
CA ARG A 99 75.14 -22.22 37.16
C ARG A 99 75.48 -21.03 38.06
N ASP A 100 76.04 -21.31 39.24
CA ASP A 100 76.51 -20.25 40.13
C ASP A 100 77.67 -19.48 39.48
N GLU A 101 78.59 -20.20 38.82
CA GLU A 101 79.69 -19.53 38.13
C GLU A 101 79.19 -18.72 36.95
N ALA A 102 78.17 -19.23 36.26
CA ALA A 102 77.56 -18.48 35.16
C ALA A 102 76.89 -17.19 35.66
N ASP A 103 76.19 -17.28 36.79
CA ASP A 103 75.53 -16.10 37.35
C ASP A 103 76.53 -15.07 37.82
N ASP A 104 77.60 -15.52 38.48
CA ASP A 104 78.64 -14.60 38.96
C ASP A 104 79.36 -13.96 37.79
N ALA A 105 79.56 -14.69 36.68
CA ALA A 105 80.23 -14.10 35.54
C ALA A 105 79.34 -13.13 34.80
N THR A 106 78.03 -13.38 34.76
CA THR A 106 77.11 -12.38 34.22
C THR A 106 77.10 -11.12 35.06
N LYS A 107 77.13 -11.27 36.38
CA LYS A 107 77.14 -10.10 37.26
C LYS A 107 78.44 -9.31 37.12
N LYS A 108 79.56 -10.02 36.95
CA LYS A 108 80.84 -9.37 36.72
C LYS A 108 80.87 -8.66 35.36
N GLN A 109 80.25 -9.28 34.35
CA GLN A 109 80.16 -8.65 33.03
C GLN A 109 79.30 -7.39 33.08
N ALA A 110 78.21 -7.44 33.85
CA ALA A 110 77.34 -6.27 34.00
C ALA A 110 78.03 -5.17 34.78
N LYS A 111 78.88 -5.53 35.74
CA LYS A 111 79.66 -4.52 36.45
C LYS A 111 80.73 -3.91 35.55
N ASP A 112 81.34 -4.72 34.69
CA ASP A 112 82.40 -4.21 33.82
C ASP A 112 81.84 -3.33 32.71
N THR A 113 80.69 -3.70 32.17
CA THR A 113 80.01 -2.90 31.15
C THR A 113 79.14 -1.82 31.79
N GLU A 114 79.10 -1.78 33.14
CA GLU A 114 78.40 -0.81 34.01
C GLU A 114 76.92 -0.63 33.64
N LYS A 115 76.30 -1.66 33.09
CA LYS A 115 74.89 -1.65 32.75
C LYS A 115 74.14 -2.60 33.67
N ALA A 116 72.86 -2.30 33.90
CA ALA A 116 72.03 -3.20 34.69
C ALA A 116 71.72 -4.48 33.93
N LYS A 117 71.70 -4.41 32.61
CA LYS A 117 71.35 -5.56 31.76
C LYS A 117 72.50 -5.75 30.78
N ALA A 118 73.39 -6.69 31.09
CA ALA A 118 74.58 -6.92 30.28
C ALA A 118 74.22 -7.54 28.94
N GLN A 119 74.98 -7.19 27.91
CA GLN A 119 74.69 -7.73 26.58
C GLN A 119 75.16 -9.17 26.46
N VAL A 120 76.47 -9.40 26.58
CA VAL A 120 77.01 -10.75 26.51
C VAL A 120 76.70 -11.44 27.84
N THR A 121 75.79 -12.40 27.80
CA THR A 121 75.39 -13.13 28.99
C THR A 121 75.85 -14.57 28.89
N TYR A 122 76.24 -15.14 30.03
CA TYR A 122 76.64 -16.54 30.08
C TYR A 122 75.56 -17.44 30.65
N SER A 123 74.63 -16.89 31.41
CA SER A 123 73.50 -17.63 31.95
C SER A 123 72.24 -17.24 31.20
N ASP A 124 71.21 -18.09 31.34
CA ASP A 124 69.91 -17.94 30.68
C ASP A 124 70.07 -17.81 29.16
N THR A 125 70.98 -18.60 28.61
CA THR A 125 71.24 -18.55 27.19
C THR A 125 70.14 -19.27 26.43
N GLY A 126 70.29 -19.31 25.11
CA GLY A 126 69.36 -20.09 24.31
C GLY A 126 69.55 -21.59 24.44
N ILE A 127 70.70 -22.03 24.93
CA ILE A 127 71.04 -23.44 24.87
C ILE A 127 70.72 -24.12 26.20
N ASN A 128 70.23 -25.36 26.10
CA ASN A 128 70.20 -26.27 27.22
C ASN A 128 71.59 -26.84 27.42
N ASN A 129 72.20 -26.53 28.54
CA ASN A 129 73.43 -27.19 28.99
C ASN A 129 73.16 -27.65 30.40
N ALA A 130 72.53 -28.82 30.54
CA ALA A 130 72.15 -29.30 31.85
C ALA A 130 73.33 -29.94 32.56
N ASN A 131 73.87 -31.03 32.00
CA ASN A 131 74.87 -31.79 32.74
C ASN A 131 76.28 -31.21 32.60
N GLU A 132 76.43 -29.92 32.82
CA GLU A 132 77.73 -29.27 32.77
C GLU A 132 78.34 -29.31 34.16
N LEU A 133 79.42 -30.07 34.31
CA LEU A 133 80.06 -30.24 35.61
C LEU A 133 81.27 -29.32 35.72
N SER A 134 81.79 -29.22 36.93
CA SER A 134 82.87 -28.31 37.28
C SER A 134 83.59 -28.91 38.48
N ARG A 135 84.37 -28.10 39.18
CA ARG A 135 85.06 -28.54 40.37
C ARG A 135 84.46 -27.89 41.60
N SER A 136 84.25 -28.68 42.65
CA SER A 136 83.71 -28.19 43.90
C SER A 136 84.26 -29.05 45.04
N GLY A 137 83.99 -28.60 46.25
CA GLY A 137 84.35 -29.33 47.45
C GLY A 137 83.34 -30.37 47.88
N ASN A 138 82.38 -30.69 47.02
CA ASN A 138 81.42 -31.72 47.33
C ASN A 138 82.06 -33.10 47.33
N VAL A 139 83.01 -33.33 46.46
CA VAL A 139 83.54 -34.67 46.20
C VAL A 139 85.02 -34.69 46.55
N ASP A 140 85.51 -35.85 46.97
CA ASP A 140 86.93 -36.06 47.22
C ASP A 140 87.60 -36.50 45.91
N ASN A 141 88.81 -37.04 45.99
CA ASN A 141 89.41 -37.64 44.82
C ASN A 141 88.77 -38.99 44.51
N GLU A 142 88.45 -39.76 45.53
CA GLU A 142 88.00 -41.14 45.38
C GLU A 142 86.52 -41.26 45.01
N GLY A 143 85.87 -40.17 44.65
CA GLY A 143 84.48 -40.24 44.25
C GLY A 143 83.51 -40.42 45.39
N GLY A 144 83.88 -40.02 46.60
CA GLY A 144 82.97 -40.01 47.72
C GLY A 144 82.65 -38.59 48.15
N SER A 145 81.71 -38.49 49.09
CA SER A 145 81.26 -37.18 49.52
C SER A 145 82.27 -36.54 50.48
N ASN A 146 81.96 -35.31 50.86
CA ASN A 146 82.86 -34.52 51.68
C ASN A 146 82.10 -33.74 52.74
N GLN A 147 80.95 -34.25 53.19
CA GLN A 147 80.28 -33.62 54.31
C GLN A 147 81.08 -33.83 55.59
N LYS A 148 81.79 -34.95 55.68
CA LYS A 148 82.85 -35.00 56.66
C LYS A 148 84.18 -34.70 55.97
N PRO A 149 85.09 -34.01 56.64
CA PRO A 149 86.44 -33.84 56.09
C PRO A 149 87.21 -35.15 56.06
N MET A 150 88.23 -35.15 55.22
CA MET A 150 89.07 -36.34 55.02
C MET A 150 89.89 -36.65 56.26
N SER A 151 90.50 -35.63 56.85
CA SER A 151 91.23 -35.78 58.11
C SER A 151 90.30 -36.20 59.24
N THR A 152 89.05 -35.72 59.22
CA THR A 152 88.05 -36.13 60.20
C THR A 152 87.71 -37.61 60.06
N ARG A 153 87.54 -38.09 58.83
CA ARG A 153 87.22 -39.50 58.61
C ARG A 153 88.39 -40.40 59.01
N ILE A 154 89.61 -40.00 58.68
CA ILE A 154 90.75 -40.82 59.03
C ILE A 154 91.06 -40.73 60.52
N ALA A 155 90.51 -39.72 61.22
CA ALA A 155 90.66 -39.67 62.67
C ALA A 155 89.96 -40.86 63.34
N GLU A 156 88.71 -41.15 62.97
CA GLU A 156 88.08 -42.35 63.51
C GLU A 156 88.66 -43.60 62.89
N ALA A 157 89.13 -43.51 61.64
CA ALA A 157 89.73 -44.69 61.01
C ALA A 157 91.12 -45.01 61.56
N THR A 158 91.68 -44.16 62.41
CA THR A 158 92.83 -44.51 63.22
C THR A 158 92.53 -44.65 64.70
N SER A 159 91.40 -44.12 65.18
CA SER A 159 91.07 -44.21 66.59
C SER A 159 90.07 -45.31 66.89
N ALA A 160 89.71 -46.11 65.89
CA ALA A 160 88.98 -47.34 66.14
C ALA A 160 89.90 -48.52 66.47
N ILE A 161 91.15 -48.24 66.83
CA ILE A 161 92.21 -49.24 66.81
C ILE A 161 92.90 -49.32 68.16
N VAL A 162 92.89 -48.20 68.90
CA VAL A 162 93.87 -47.95 69.95
C VAL A 162 93.62 -48.86 71.15
N SER A 163 94.71 -49.39 71.70
CA SER A 163 94.71 -50.38 72.77
C SER A 163 95.24 -49.74 74.05
N LYS A 164 94.57 -50.02 75.16
CA LYS A 164 94.80 -49.28 76.40
C LYS A 164 95.78 -50.06 77.28
N HIS A 165 95.93 -49.61 78.47
CA HIS A 165 96.81 -50.04 79.54
C HIS A 165 96.07 -50.97 80.49
N PRO A 166 96.74 -51.97 81.05
CA PRO A 166 96.09 -52.86 82.02
C PRO A 166 95.70 -52.22 83.33
N ALA A 167 95.02 -53.01 84.17
CA ALA A 167 94.55 -52.63 85.51
C ALA A 167 93.69 -51.37 85.52
N ARG B 3 9.54 -76.15 109.82
CA ARG B 3 8.89 -76.91 108.76
C ARG B 3 8.60 -76.01 107.58
N ILE B 4 8.32 -76.62 106.43
CA ILE B 4 8.29 -75.86 105.16
C ILE B 4 7.02 -75.03 105.10
N PRO B 5 7.12 -73.72 104.91
CA PRO B 5 5.92 -72.88 104.86
C PRO B 5 5.16 -73.07 103.56
N ARG B 6 3.97 -72.49 103.55
CA ARG B 6 2.99 -72.69 102.49
C ARG B 6 2.87 -71.40 101.68
N LYS B 7 3.00 -71.53 100.35
CA LYS B 7 3.03 -70.36 99.49
C LYS B 7 1.66 -69.72 99.35
N THR B 8 0.65 -70.52 99.07
CA THR B 8 -0.71 -70.02 98.90
C THR B 8 -1.45 -70.05 100.24
N LYS B 9 -2.57 -69.34 100.27
CA LYS B 9 -3.46 -69.45 101.42
C LYS B 9 -4.16 -70.81 101.37
N GLY B 10 -4.47 -71.35 102.54
CA GLY B 10 -5.05 -72.66 102.65
C GLY B 10 -6.49 -72.62 103.14
N LYS B 11 -7.04 -73.81 103.36
CA LYS B 11 -8.39 -73.96 103.91
C LYS B 11 -8.32 -73.63 105.39
N SER B 12 -8.45 -72.34 105.69
CA SER B 12 -8.34 -71.85 107.05
C SER B 12 -9.10 -70.53 107.22
N PRO B 40 50.14 -80.20 108.50
CA PRO B 40 49.98 -81.55 107.95
C PRO B 40 49.25 -81.53 106.61
N ALA B 41 47.95 -81.25 106.65
CA ALA B 41 47.12 -81.19 105.45
C ALA B 41 47.39 -79.86 104.74
N THR B 42 48.51 -79.81 104.05
CA THR B 42 48.88 -78.63 103.28
C THR B 42 47.98 -78.53 102.04
N ALA B 43 47.56 -77.30 101.73
CA ALA B 43 46.70 -77.05 100.58
C ALA B 43 47.37 -77.46 99.28
N GLU B 44 46.69 -78.33 98.52
CA GLU B 44 47.25 -78.92 97.33
C GLU B 44 47.39 -77.86 96.23
N PRO B 45 48.43 -77.96 95.39
CA PRO B 45 48.74 -76.85 94.47
C PRO B 45 47.92 -76.85 93.19
N GLY B 46 46.79 -77.55 93.19
CA GLY B 46 45.99 -77.64 91.99
C GLY B 46 45.24 -76.37 91.63
N THR B 47 45.01 -75.49 92.61
CA THR B 47 44.15 -74.35 92.33
C THR B 47 44.56 -73.12 93.12
N SER B 48 44.33 -71.96 92.50
CA SER B 48 44.39 -70.66 93.14
C SER B 48 43.58 -69.74 92.24
N ASN B 49 42.40 -69.32 92.68
CA ASN B 49 41.47 -68.69 91.74
C ASN B 49 41.82 -67.23 91.48
N CYS B 50 41.73 -66.85 90.20
CA CYS B 50 41.73 -65.46 89.76
C CYS B 50 40.85 -65.38 88.53
N GLU B 51 40.31 -64.19 88.28
CA GLU B 51 39.48 -63.96 87.11
C GLU B 51 40.37 -63.75 85.90
N HIS B 52 40.23 -64.60 84.92
CA HIS B 52 41.03 -64.43 83.71
C HIS B 52 40.19 -64.44 82.44
N TYR B 53 39.18 -65.28 82.38
CA TYR B 53 38.44 -65.50 81.15
C TYR B 53 37.16 -64.70 81.18
N LYS B 54 37.08 -63.68 80.33
CA LYS B 54 35.82 -62.99 80.15
C LYS B 54 34.88 -63.87 79.33
N ALA B 55 33.60 -63.83 79.70
CA ALA B 55 32.60 -64.53 78.91
C ALA B 55 32.39 -63.79 77.60
N ARG B 56 32.57 -64.49 76.50
CA ARG B 56 32.63 -63.84 75.20
C ARG B 56 31.27 -63.34 74.68
N PRO B 57 30.14 -64.01 74.91
CA PRO B 57 28.86 -63.32 74.76
C PRO B 57 28.38 -62.58 76.00
N GLY B 58 29.02 -62.78 77.14
CA GLY B 58 28.61 -62.10 78.36
C GLY B 58 27.65 -62.93 79.17
N ILE B 59 28.13 -63.53 80.25
CA ILE B 59 27.36 -64.55 80.94
C ILE B 59 26.18 -63.96 81.70
N ALA B 60 26.38 -62.84 82.40
CA ALA B 60 25.27 -62.20 83.07
C ALA B 60 24.32 -61.53 82.07
N SER B 61 24.83 -61.09 80.93
CA SER B 61 23.98 -60.48 79.92
C SER B 61 23.08 -61.52 79.25
N VAL B 62 23.54 -62.77 79.18
CA VAL B 62 22.63 -63.84 78.79
C VAL B 62 21.72 -64.20 79.95
N GLN B 63 22.22 -64.06 81.19
CA GLN B 63 21.46 -64.46 82.37
C GLN B 63 20.21 -63.62 82.56
N LYS B 64 20.30 -62.31 82.35
CA LYS B 64 19.11 -61.46 82.43
C LYS B 64 18.08 -61.82 81.36
N ALA B 65 18.55 -62.08 80.14
CA ALA B 65 17.62 -62.37 79.05
C ALA B 65 16.96 -63.73 79.24
N THR B 66 17.68 -64.71 79.78
CA THR B 66 17.03 -65.99 80.01
C THR B 66 16.17 -65.96 81.27
N GLU B 67 16.44 -65.07 82.21
CA GLU B 67 15.48 -64.81 83.28
C GLU B 67 14.18 -64.28 82.71
N SER B 68 14.29 -63.36 81.75
CA SER B 68 13.08 -62.80 81.15
C SER B 68 12.34 -63.84 80.31
N ALA B 69 13.08 -64.72 79.63
CA ALA B 69 12.47 -65.76 78.82
C ALA B 69 11.91 -66.88 79.67
N GLU B 70 12.34 -66.97 80.93
CA GLU B 70 11.86 -68.02 81.83
C GLU B 70 10.39 -67.88 82.19
N LEU B 71 9.86 -66.63 82.14
CA LEU B 71 8.60 -66.21 82.77
C LEU B 71 7.44 -67.12 82.38
N PRO B 72 6.68 -67.64 83.35
CA PRO B 72 5.71 -68.69 83.08
C PRO B 72 4.46 -68.14 82.39
N MET B 73 3.51 -69.03 82.21
CA MET B 73 2.37 -68.75 81.35
C MET B 73 1.35 -67.91 82.12
N LYS B 74 0.93 -66.81 81.50
CA LYS B 74 0.02 -65.89 82.17
C LYS B 74 -1.38 -66.47 82.21
N ASN B 75 -2.05 -66.29 83.35
CA ASN B 75 -3.41 -66.77 83.50
C ASN B 75 -4.37 -66.00 82.62
N ASN B 76 -5.42 -66.69 82.18
CA ASN B 76 -6.58 -66.10 81.52
C ASN B 76 -7.78 -66.84 82.08
N ASP B 77 -8.35 -66.30 83.15
CA ASP B 77 -9.40 -67.02 83.87
C ASP B 77 -10.79 -66.44 83.68
N GLU B 78 -10.96 -65.41 82.87
CA GLU B 78 -12.27 -64.81 82.72
C GLU B 78 -13.17 -65.70 81.87
N GLY B 79 -14.48 -65.59 82.12
CA GLY B 79 -15.44 -66.47 81.51
C GLY B 79 -15.67 -67.78 82.22
N THR B 80 -14.98 -68.03 83.29
CA THR B 80 -15.02 -69.24 84.08
C THR B 80 -15.80 -69.01 85.37
N PRO B 81 -16.45 -70.05 85.91
CA PRO B 81 -17.28 -69.84 87.10
C PRO B 81 -16.44 -69.60 88.34
N ASP B 82 -16.93 -68.74 89.21
CA ASP B 82 -16.22 -68.37 90.41
C ASP B 82 -16.56 -69.36 91.54
N LYS B 83 -16.26 -68.95 92.76
CA LYS B 83 -16.63 -69.72 93.93
C LYS B 83 -18.14 -69.84 94.07
N ARG B 84 -18.86 -68.73 93.86
CA ARG B 84 -20.29 -68.72 94.09
C ARG B 84 -21.07 -69.33 92.93
N GLY B 85 -20.53 -69.23 91.72
CA GLY B 85 -21.25 -69.68 90.53
C GLY B 85 -21.35 -68.63 89.44
N ASN B 86 -20.75 -67.47 89.60
CA ASN B 86 -20.82 -66.41 88.61
C ASN B 86 -19.57 -66.41 87.76
N THR B 87 -19.65 -65.76 86.61
CA THR B 87 -18.48 -65.61 85.78
C THR B 87 -17.56 -64.54 86.34
N LYS B 88 -16.32 -64.55 85.89
CA LYS B 88 -15.29 -63.65 86.38
C LYS B 88 -14.81 -62.71 85.29
N GLY B 89 -15.74 -62.15 84.52
CA GLY B 89 -15.39 -61.28 83.42
C GLY B 89 -15.67 -59.81 83.68
N ALA B 90 -16.17 -59.10 82.67
CA ALA B 90 -16.27 -57.65 82.76
C ALA B 90 -17.53 -57.06 82.11
N LEU B 91 -18.49 -57.88 81.69
CA LEU B 91 -19.73 -57.46 81.02
C LEU B 91 -19.39 -56.70 79.72
N VAL B 92 -18.68 -57.40 78.84
CA VAL B 92 -18.33 -56.91 77.52
C VAL B 92 -18.53 -58.06 76.53
N ASN B 93 -19.12 -57.76 75.38
CA ASN B 93 -19.17 -58.82 74.41
C ASN B 93 -17.82 -58.94 73.70
N GLU B 94 -17.63 -60.07 73.04
CA GLU B 94 -16.28 -60.46 72.70
C GLU B 94 -15.74 -59.71 71.50
N HIS B 95 -16.61 -59.24 70.61
CA HIS B 95 -16.13 -58.54 69.42
C HIS B 95 -15.51 -57.19 69.78
N VAL B 96 -15.94 -56.57 70.88
CA VAL B 96 -15.20 -55.43 71.38
C VAL B 96 -14.11 -55.85 72.36
N GLU B 97 -14.29 -57.00 73.05
CA GLU B 97 -13.35 -57.39 74.09
C GLU B 97 -11.99 -57.79 73.52
N ALA B 98 -11.99 -58.54 72.44
CA ALA B 98 -10.73 -59.02 71.90
C ALA B 98 -10.00 -57.91 71.14
N ARG B 99 -10.75 -57.01 70.50
CA ARG B 99 -10.13 -55.84 69.90
C ARG B 99 -9.53 -54.93 70.96
N ASP B 100 -10.21 -54.82 72.11
CA ASP B 100 -9.71 -54.06 73.25
C ASP B 100 -8.41 -54.64 73.78
N GLU B 101 -8.40 -55.94 74.05
CA GLU B 101 -7.18 -56.54 74.61
C GLU B 101 -6.07 -56.65 73.59
N ALA B 102 -6.40 -56.71 72.29
CA ALA B 102 -5.36 -56.66 71.28
C ALA B 102 -4.71 -55.29 71.22
N ASP B 103 -5.52 -54.24 71.32
CA ASP B 103 -4.97 -52.89 71.36
C ASP B 103 -4.15 -52.67 72.62
N ASP B 104 -4.59 -53.24 73.74
CA ASP B 104 -3.83 -53.10 74.97
C ASP B 104 -2.54 -53.91 74.94
N ALA B 105 -2.54 -55.06 74.25
CA ALA B 105 -1.31 -55.81 74.08
C ALA B 105 -0.32 -55.08 73.19
N THR B 106 -0.82 -54.43 72.14
CA THR B 106 0.06 -53.61 71.30
C THR B 106 0.59 -52.40 72.07
N LYS B 107 -0.24 -51.84 72.96
CA LYS B 107 0.21 -50.72 73.79
C LYS B 107 1.30 -51.16 74.78
N LYS B 108 1.12 -52.33 75.39
CA LYS B 108 2.17 -52.87 76.26
C LYS B 108 3.42 -53.23 75.48
N GLN B 109 3.27 -53.67 74.22
CA GLN B 109 4.42 -53.94 73.37
C GLN B 109 5.18 -52.66 73.08
N ALA B 110 4.46 -51.57 72.82
CA ALA B 110 5.11 -50.29 72.60
C ALA B 110 5.75 -49.74 73.86
N LYS B 111 5.18 -50.06 75.02
CA LYS B 111 5.81 -49.64 76.27
C LYS B 111 7.07 -50.46 76.54
N ASP B 112 7.04 -51.74 76.17
CA ASP B 112 8.20 -52.62 76.35
C ASP B 112 9.34 -52.19 75.45
N THR B 113 9.04 -51.85 74.20
CA THR B 113 10.03 -51.22 73.37
C THR B 113 10.30 -49.80 73.87
N GLU B 114 11.47 -49.29 73.50
CA GLU B 114 11.79 -47.91 73.84
C GLU B 114 10.96 -46.94 73.02
N LYS B 115 10.57 -47.35 71.80
CA LYS B 115 9.92 -46.45 70.86
C LYS B 115 8.47 -46.16 71.28
N ALA B 116 7.90 -45.14 70.64
CA ALA B 116 6.56 -44.68 70.97
C ALA B 116 5.49 -45.37 70.16
N LYS B 117 5.73 -45.59 68.87
CA LYS B 117 4.82 -46.32 68.01
C LYS B 117 5.43 -47.69 67.74
N ALA B 118 4.68 -48.74 68.05
CA ALA B 118 5.23 -50.09 67.99
C ALA B 118 5.41 -50.55 66.55
N GLN B 119 6.53 -51.21 66.29
CA GLN B 119 6.74 -51.81 64.97
C GLN B 119 5.82 -53.01 64.79
N VAL B 120 5.99 -54.03 65.62
CA VAL B 120 5.06 -55.16 65.60
C VAL B 120 3.77 -54.73 66.30
N THR B 121 2.64 -54.96 65.64
CA THR B 121 1.34 -54.61 66.18
C THR B 121 0.40 -55.80 66.06
N TYR B 122 -0.65 -55.78 66.87
CA TYR B 122 -1.67 -56.81 66.83
C TYR B 122 -3.02 -56.29 66.40
N SER B 123 -3.22 -54.99 66.41
CA SER B 123 -4.50 -54.40 66.05
C SER B 123 -4.37 -53.64 64.74
N ASP B 124 -5.38 -53.81 63.87
CA ASP B 124 -5.43 -53.26 62.53
C ASP B 124 -4.20 -53.65 61.72
N THR B 125 -3.98 -54.96 61.65
CA THR B 125 -2.82 -55.51 60.97
C THR B 125 -2.97 -55.45 59.46
N GLY B 126 -4.18 -55.71 58.96
CA GLY B 126 -4.38 -55.70 57.53
C GLY B 126 -5.40 -56.72 57.06
N ILE B 127 -5.65 -57.73 57.87
CA ILE B 127 -6.70 -58.70 57.59
C ILE B 127 -7.85 -58.40 58.54
N ASN B 128 -9.06 -58.73 58.11
CA ASN B 128 -10.18 -58.44 58.98
C ASN B 128 -10.40 -59.57 59.98
N ASN B 129 -11.11 -59.24 61.04
CA ASN B 129 -11.29 -60.18 62.15
C ASN B 129 -12.72 -60.06 62.67
N ALA B 130 -13.69 -60.04 61.77
CA ALA B 130 -15.06 -59.76 62.17
C ALA B 130 -15.80 -60.99 62.66
N ASN B 131 -15.39 -62.19 62.26
CA ASN B 131 -16.00 -63.41 62.78
C ASN B 131 -15.34 -63.88 64.05
N GLU B 132 -14.75 -62.97 64.81
CA GLU B 132 -13.87 -63.31 65.92
C GLU B 132 -14.59 -63.13 67.26
N LEU B 133 -14.23 -63.99 68.23
CA LEU B 133 -14.72 -63.84 69.61
C LEU B 133 -13.80 -64.56 70.58
N SER B 134 -13.42 -63.86 71.65
CA SER B 134 -12.52 -64.36 72.68
C SER B 134 -13.32 -64.94 73.85
N ARG B 135 -12.69 -65.12 75.01
CA ARG B 135 -13.40 -65.45 76.25
C ARG B 135 -13.47 -64.22 77.15
N SER B 136 -14.65 -63.93 77.67
CA SER B 136 -14.85 -62.97 78.77
C SER B 136 -16.18 -63.30 79.43
N GLY B 137 -16.68 -62.36 80.23
CA GLY B 137 -17.81 -62.66 81.09
C GLY B 137 -19.15 -62.07 80.71
N ASN B 138 -19.40 -61.88 79.43
CA ASN B 138 -20.76 -61.58 79.00
C ASN B 138 -21.64 -62.82 79.12
N VAL B 139 -21.25 -63.88 78.50
CA VAL B 139 -22.03 -65.11 78.49
C VAL B 139 -21.64 -65.94 79.69
N ASP B 140 -22.59 -66.68 80.24
CA ASP B 140 -22.28 -67.65 81.26
C ASP B 140 -21.87 -68.97 80.60
N ASN B 141 -21.82 -70.04 81.38
CA ASN B 141 -21.66 -71.35 80.80
C ASN B 141 -22.93 -71.80 80.10
N GLU B 142 -24.09 -71.45 80.65
CA GLU B 142 -25.37 -71.96 80.18
C GLU B 142 -25.70 -71.44 78.78
N GLY B 143 -25.15 -70.29 78.40
CA GLY B 143 -25.35 -69.76 77.07
C GLY B 143 -26.10 -68.44 77.05
N GLY B 144 -26.55 -67.93 78.19
CA GLY B 144 -27.28 -66.69 78.23
C GLY B 144 -26.44 -65.54 78.76
N SER B 145 -27.11 -64.39 78.91
CA SER B 145 -26.43 -63.17 79.29
C SER B 145 -26.26 -63.09 80.80
N ASN B 146 -25.03 -62.84 81.23
CA ASN B 146 -24.74 -62.65 82.64
C ASN B 146 -24.84 -61.16 83.00
N GLN B 147 -25.97 -60.54 82.67
CA GLN B 147 -26.21 -59.20 83.20
C GLN B 147 -26.75 -59.26 84.61
N LYS B 148 -27.25 -60.41 85.04
CA LYS B 148 -27.54 -60.68 86.42
C LYS B 148 -26.68 -61.85 86.89
N PRO B 149 -26.30 -61.89 88.17
CA PRO B 149 -25.50 -63.01 88.66
C PRO B 149 -26.29 -64.30 88.72
N MET B 150 -25.57 -65.40 88.53
CA MET B 150 -26.17 -66.73 88.59
C MET B 150 -26.66 -67.05 89.98
N SER B 151 -25.93 -66.60 91.00
CA SER B 151 -26.38 -66.78 92.38
C SER B 151 -27.66 -66.00 92.63
N THR B 152 -27.76 -64.81 92.03
CA THR B 152 -28.98 -64.03 92.13
C THR B 152 -30.14 -64.74 91.44
N ARG B 153 -29.88 -65.37 90.29
CA ARG B 153 -30.94 -66.08 89.58
C ARG B 153 -31.39 -67.33 90.34
N ILE B 154 -30.45 -68.05 90.94
CA ILE B 154 -30.79 -69.26 91.69
C ILE B 154 -31.55 -68.91 92.95
N ALA B 155 -31.08 -67.90 93.70
CA ALA B 155 -31.81 -67.44 94.88
C ALA B 155 -33.17 -66.87 94.51
N GLU B 156 -33.27 -66.28 93.32
CA GLU B 156 -34.55 -65.81 92.81
C GLU B 156 -35.51 -66.96 92.55
N ALA B 157 -35.01 -68.03 91.93
CA ALA B 157 -35.87 -69.17 91.63
C ALA B 157 -36.31 -69.90 92.89
N THR B 158 -35.46 -69.90 93.91
CA THR B 158 -35.88 -70.46 95.18
C THR B 158 -36.92 -69.56 95.85
N SER B 159 -36.65 -68.25 95.90
CA SER B 159 -37.52 -67.32 96.60
C SER B 159 -38.83 -67.06 95.87
N ALA B 160 -38.95 -67.50 94.62
CA ALA B 160 -40.22 -67.37 93.91
C ALA B 160 -41.31 -68.20 94.56
N ILE B 161 -40.95 -69.39 95.06
CA ILE B 161 -41.90 -70.28 95.69
C ILE B 161 -41.45 -70.51 97.12
N VAL B 162 -42.21 -69.97 98.07
CA VAL B 162 -41.93 -70.17 99.48
C VAL B 162 -43.27 -70.13 100.21
N SER B 163 -43.38 -70.92 101.27
CA SER B 163 -44.61 -71.05 102.02
C SER B 163 -44.38 -70.60 103.45
N LYS B 164 -45.35 -69.90 104.02
CA LYS B 164 -45.26 -69.41 105.38
C LYS B 164 -46.45 -69.88 106.19
N HIS B 165 -46.18 -70.32 107.42
CA HIS B 165 -47.24 -70.82 108.30
C HIS B 165 -48.09 -69.65 108.77
N PRO B 166 -49.41 -69.87 109.00
CA PRO B 166 -50.29 -68.75 109.33
C PRO B 166 -50.26 -68.41 110.81
N ALA B 167 -51.13 -67.50 111.22
CA ALA B 167 -51.23 -67.13 112.63
C ALA B 167 -52.25 -67.99 113.36
N LYS C 2 -114.06 -12.04 72.94
CA LYS C 2 -112.88 -11.26 73.30
C LYS C 2 -112.81 -9.97 72.49
N ARG C 3 -111.66 -9.29 72.55
CA ARG C 3 -111.42 -8.07 71.81
C ARG C 3 -110.08 -8.18 71.10
N ILE C 4 -110.05 -7.86 69.81
CA ILE C 4 -108.85 -8.00 68.99
C ILE C 4 -108.59 -6.67 68.30
N PRO C 5 -107.41 -6.07 68.49
CA PRO C 5 -107.14 -4.76 67.90
C PRO C 5 -106.71 -4.88 66.44
N ARG C 6 -106.74 -3.74 65.76
CA ARG C 6 -106.42 -3.66 64.33
C ARG C 6 -104.91 -3.65 64.12
N LYS C 7 -104.51 -3.44 62.88
CA LYS C 7 -103.12 -3.10 62.57
C LYS C 7 -103.09 -1.87 61.67
N THR C 8 -104.09 -1.74 60.81
CA THR C 8 -104.16 -0.63 59.88
C THR C 8 -104.93 0.52 60.52
N LYS C 9 -105.27 1.52 59.71
CA LYS C 9 -106.10 2.63 60.16
C LYS C 9 -107.54 2.36 59.72
N GLY C 10 -108.48 2.73 60.58
CA GLY C 10 -109.89 2.47 60.32
C GLY C 10 -110.50 3.43 59.31
N LYS C 11 -111.81 3.62 59.45
CA LYS C 11 -112.48 4.59 58.60
C LYS C 11 -112.42 5.99 59.21
N SER C 12 -112.81 6.11 60.47
CA SER C 12 -112.80 7.39 61.15
C SER C 12 -111.98 7.29 62.43
N ALA C 41 -101.70 -39.82 91.91
CA ALA C 41 -100.54 -40.61 92.29
C ALA C 41 -99.24 -39.92 91.87
N THR C 42 -98.17 -40.69 91.79
CA THR C 42 -96.84 -40.15 91.53
C THR C 42 -96.66 -39.87 90.04
N ALA C 43 -95.42 -39.59 89.63
CA ALA C 43 -95.10 -39.30 88.24
C ALA C 43 -94.63 -40.60 87.57
N GLU C 44 -95.36 -41.01 86.53
CA GLU C 44 -94.99 -42.20 85.78
C GLU C 44 -93.71 -41.91 84.99
N PRO C 45 -92.71 -42.79 85.06
CA PRO C 45 -91.44 -42.50 84.39
C PRO C 45 -91.54 -42.69 82.89
N GLY C 46 -90.59 -42.08 82.19
CA GLY C 46 -90.62 -42.09 80.76
C GLY C 46 -90.14 -40.77 80.18
N THR C 47 -89.84 -39.82 81.06
CA THR C 47 -89.25 -38.57 80.63
C THR C 47 -88.31 -38.05 81.70
N SER C 48 -87.28 -37.34 81.24
CA SER C 48 -86.32 -36.66 82.12
C SER C 48 -85.60 -35.64 81.26
N ASN C 49 -85.65 -34.37 81.66
CA ASN C 49 -85.00 -33.32 80.88
C ASN C 49 -83.49 -33.42 81.03
N CYS C 50 -82.82 -34.08 80.08
CA CYS C 50 -81.40 -34.32 80.23
C CYS C 50 -80.65 -33.83 79.00
N GLU C 51 -81.26 -33.96 77.81
CA GLU C 51 -80.91 -33.23 76.58
C GLU C 51 -79.47 -33.49 76.14
N HIS C 52 -79.23 -34.73 75.72
CA HIS C 52 -77.89 -35.09 75.31
C HIS C 52 -77.58 -34.79 73.85
N TYR C 53 -78.59 -34.57 73.01
CA TYR C 53 -78.36 -34.38 71.59
C TYR C 53 -78.43 -32.90 71.23
N LYS C 54 -77.46 -32.45 70.44
CA LYS C 54 -77.47 -31.10 69.90
C LYS C 54 -77.75 -31.16 68.41
N ALA C 55 -78.30 -30.06 67.89
CA ALA C 55 -78.72 -30.01 66.50
C ALA C 55 -77.49 -29.99 65.59
N ARG C 56 -77.43 -30.94 64.67
CA ARG C 56 -76.25 -31.14 63.84
C ARG C 56 -76.07 -30.11 62.72
N PRO C 57 -77.12 -29.60 62.04
CA PRO C 57 -76.89 -28.42 61.21
C PRO C 57 -76.89 -27.12 61.99
N GLY C 58 -77.44 -27.09 63.19
CA GLY C 58 -77.48 -25.87 63.96
C GLY C 58 -78.82 -25.18 63.87
N ILE C 59 -79.66 -25.42 64.88
CA ILE C 59 -81.07 -25.08 64.79
C ILE C 59 -81.27 -23.58 64.86
N ALA C 60 -80.43 -22.87 65.60
CA ALA C 60 -80.53 -21.41 65.64
C ALA C 60 -80.09 -20.78 64.34
N SER C 61 -79.06 -21.34 63.71
CA SER C 61 -78.54 -20.78 62.47
C SER C 61 -79.53 -20.94 61.33
N VAL C 62 -80.04 -22.17 61.15
CA VAL C 62 -81.05 -22.37 60.13
C VAL C 62 -82.37 -21.70 60.50
N GLN C 63 -82.60 -21.48 61.80
CA GLN C 63 -83.77 -20.74 62.25
C GLN C 63 -83.72 -19.30 61.80
N LYS C 64 -82.59 -18.63 62.03
CA LYS C 64 -82.44 -17.24 61.60
C LYS C 64 -82.42 -17.12 60.09
N ALA C 65 -81.88 -18.13 59.39
CA ALA C 65 -81.92 -18.12 57.94
C ALA C 65 -83.36 -18.20 57.42
N THR C 66 -84.17 -19.06 58.03
CA THR C 66 -85.58 -19.16 57.63
C THR C 66 -86.34 -17.88 57.96
N GLU C 67 -86.01 -17.26 59.10
CA GLU C 67 -86.67 -16.01 59.46
C GLU C 67 -86.30 -14.88 58.51
N SER C 68 -85.08 -14.89 57.99
CA SER C 68 -84.73 -13.93 56.95
C SER C 68 -85.43 -14.26 55.64
N ALA C 69 -85.63 -15.55 55.36
CA ALA C 69 -86.25 -15.93 54.10
C ALA C 69 -87.77 -15.77 54.10
N GLU C 70 -88.39 -15.61 55.26
CA GLU C 70 -89.85 -15.49 55.31
C GLU C 70 -90.39 -14.23 54.64
N LEU C 71 -89.58 -13.18 54.50
CA LEU C 71 -90.08 -11.84 54.25
C LEU C 71 -90.72 -11.69 52.89
N PRO C 72 -91.99 -11.27 52.81
CA PRO C 72 -92.58 -10.97 51.50
C PRO C 72 -91.96 -9.74 50.89
N MET C 73 -91.94 -9.70 49.57
CA MET C 73 -91.30 -8.60 48.87
C MET C 73 -92.15 -7.34 48.98
N LYS C 74 -91.48 -6.19 48.90
CA LYS C 74 -92.19 -4.93 48.85
C LYS C 74 -92.75 -4.73 47.45
N ASN C 75 -93.63 -3.75 47.32
CA ASN C 75 -94.13 -3.35 46.02
C ASN C 75 -93.46 -2.07 45.58
N ASN C 76 -93.40 -1.84 44.29
CA ASN C 76 -93.24 -0.48 43.84
C ASN C 76 -94.63 0.14 43.71
N ASP C 77 -94.69 1.45 43.88
CA ASP C 77 -95.96 2.16 43.82
C ASP C 77 -95.95 3.28 42.80
N GLU C 78 -94.86 3.44 42.08
CA GLU C 78 -94.75 4.51 41.10
C GLU C 78 -95.66 4.21 39.91
N GLY C 79 -96.36 5.24 39.43
CA GLY C 79 -97.33 5.06 38.38
C GLY C 79 -98.70 4.62 38.87
N THR C 80 -98.97 4.73 40.16
CA THR C 80 -100.27 4.41 40.71
C THR C 80 -100.82 5.62 41.45
N PRO C 81 -102.11 5.92 41.30
CA PRO C 81 -102.65 7.15 41.86
C PRO C 81 -102.89 7.05 43.36
N ASP C 82 -103.05 8.21 43.98
CA ASP C 82 -103.46 8.30 45.37
C ASP C 82 -104.99 8.33 45.43
N LYS C 83 -105.55 8.76 46.55
CA LYS C 83 -106.98 9.04 46.60
C LYS C 83 -107.36 10.16 45.64
N ARG C 84 -106.54 11.22 45.60
CA ARG C 84 -106.87 12.40 44.81
C ARG C 84 -106.77 12.12 43.32
N GLY C 85 -105.76 11.36 42.90
CA GLY C 85 -105.65 11.01 41.50
C GLY C 85 -104.24 11.17 40.98
N ASN C 86 -103.38 11.78 41.77
CA ASN C 86 -102.01 12.00 41.33
C ASN C 86 -101.19 10.75 41.54
N THR C 87 -100.41 10.39 40.54
CA THR C 87 -99.55 9.22 40.62
C THR C 87 -98.37 9.52 41.53
N LYS C 88 -98.25 8.78 42.62
CA LYS C 88 -97.15 9.00 43.55
C LYS C 88 -95.89 8.33 43.05
N GLY C 89 -94.76 8.97 43.28
CA GLY C 89 -93.49 8.46 42.81
C GLY C 89 -92.55 9.60 42.43
N ALA C 90 -91.30 9.23 42.21
CA ALA C 90 -90.26 10.20 41.89
C ALA C 90 -90.42 10.70 40.46
N LEU C 91 -90.14 11.99 40.26
CA LEU C 91 -90.36 12.66 38.98
C LEU C 91 -89.12 12.48 38.11
N VAL C 92 -88.99 11.29 37.54
CA VAL C 92 -87.75 10.88 36.89
C VAL C 92 -88.08 10.01 35.68
N ASN C 93 -87.21 10.04 34.68
CA ASN C 93 -87.39 9.24 33.48
C ASN C 93 -87.28 7.75 33.81
N GLU C 94 -87.97 6.94 33.00
CA GLU C 94 -88.14 5.51 33.28
C GLU C 94 -86.82 4.77 33.19
N HIS C 95 -86.08 4.98 32.11
CA HIS C 95 -84.86 4.21 31.89
C HIS C 95 -83.76 4.60 32.86
N VAL C 96 -83.68 5.90 33.19
CA VAL C 96 -82.65 6.31 34.14
C VAL C 96 -83.03 5.88 35.54
N GLU C 97 -84.33 5.73 35.83
CA GLU C 97 -84.71 5.17 37.11
C GLU C 97 -84.42 3.68 37.18
N ALA C 98 -84.57 2.97 36.06
CA ALA C 98 -84.23 1.55 36.03
C ALA C 98 -82.74 1.33 36.28
N ARG C 99 -81.91 2.16 35.67
CA ARG C 99 -80.47 2.03 35.93
C ARG C 99 -80.10 2.51 37.34
N ASP C 100 -80.83 3.49 37.87
CA ASP C 100 -80.65 3.90 39.26
C ASP C 100 -80.97 2.78 40.23
N GLU C 101 -82.07 2.06 39.96
CA GLU C 101 -82.47 0.95 40.82
C GLU C 101 -81.51 -0.21 40.71
N ALA C 102 -80.93 -0.42 39.52
CA ALA C 102 -79.88 -1.43 39.37
C ALA C 102 -78.65 -1.07 40.20
N ASP C 103 -78.26 0.20 40.20
CA ASP C 103 -77.11 0.64 40.98
C ASP C 103 -77.38 0.55 42.48
N ASP C 104 -78.60 0.86 42.90
CA ASP C 104 -78.92 0.79 44.32
C ASP C 104 -79.03 -0.64 44.82
N ALA C 105 -79.55 -1.54 43.98
CA ALA C 105 -79.57 -2.94 44.35
C ALA C 105 -78.16 -3.52 44.39
N THR C 106 -77.27 -3.04 43.53
CA THR C 106 -75.86 -3.37 43.66
C THR C 106 -75.26 -2.82 44.95
N LYS C 107 -75.74 -1.66 45.41
CA LYS C 107 -75.24 -1.10 46.67
C LYS C 107 -75.68 -1.94 47.86
N LYS C 108 -76.93 -2.39 47.85
CA LYS C 108 -77.39 -3.28 48.91
C LYS C 108 -76.73 -4.66 48.79
N GLN C 109 -76.34 -5.03 47.59
CA GLN C 109 -75.56 -6.24 47.41
C GLN C 109 -74.18 -6.09 48.03
N ALA C 110 -73.60 -4.89 47.97
CA ALA C 110 -72.33 -4.65 48.65
C ALA C 110 -72.51 -4.61 50.16
N LYS C 111 -73.70 -4.19 50.62
CA LYS C 111 -74.02 -4.28 52.05
C LYS C 111 -73.99 -5.72 52.52
N ASP C 112 -74.81 -6.57 51.91
CA ASP C 112 -74.87 -7.97 52.31
C ASP C 112 -73.56 -8.68 51.98
N THR C 113 -73.11 -9.53 52.91
CA THR C 113 -71.82 -10.23 52.85
C THR C 113 -70.70 -9.23 52.62
N GLU C 114 -70.49 -8.40 53.64
CA GLU C 114 -69.97 -7.05 53.47
C GLU C 114 -68.56 -7.03 52.90
N LYS C 115 -68.39 -6.21 51.87
CA LYS C 115 -67.13 -6.04 51.17
C LYS C 115 -66.99 -4.55 50.84
N ALA C 116 -66.04 -4.24 49.98
CA ALA C 116 -66.01 -2.93 49.36
C ALA C 116 -66.75 -2.90 48.05
N LYS C 117 -66.91 -4.05 47.41
CA LYS C 117 -67.58 -4.15 46.13
C LYS C 117 -68.44 -5.40 46.10
N ALA C 118 -69.43 -5.38 45.22
CA ALA C 118 -70.37 -6.48 45.12
C ALA C 118 -69.77 -7.61 44.28
N GLN C 119 -69.96 -8.84 44.74
CA GLN C 119 -69.50 -9.99 43.98
C GLN C 119 -70.41 -10.26 42.80
N VAL C 120 -71.66 -10.60 43.08
CA VAL C 120 -72.71 -10.64 42.07
C VAL C 120 -73.20 -9.21 41.87
N THR C 121 -73.38 -8.80 40.62
CA THR C 121 -73.70 -7.42 40.31
C THR C 121 -74.91 -7.34 39.39
N TYR C 122 -75.64 -6.23 39.49
CA TYR C 122 -76.78 -6.03 38.61
C TYR C 122 -76.53 -4.98 37.54
N SER C 123 -75.63 -4.05 37.80
CA SER C 123 -75.06 -3.21 36.76
C SER C 123 -73.78 -3.86 36.27
N ASP C 124 -73.17 -3.22 35.26
CA ASP C 124 -71.96 -3.70 34.60
C ASP C 124 -72.17 -5.11 34.04
N THR C 125 -73.18 -5.26 33.19
CA THR C 125 -73.38 -6.49 32.46
C THR C 125 -73.05 -6.26 30.99
N GLY C 126 -72.61 -7.32 30.32
CA GLY C 126 -72.35 -7.23 28.90
C GLY C 126 -73.60 -7.10 28.05
N ILE C 127 -74.75 -7.47 28.61
CA ILE C 127 -75.99 -7.40 27.85
C ILE C 127 -76.43 -5.95 27.76
N ASN C 128 -76.64 -5.48 26.53
CA ASN C 128 -77.19 -4.16 26.32
C ASN C 128 -78.65 -4.17 26.72
N ASN C 129 -79.03 -3.29 27.63
CA ASN C 129 -80.39 -3.21 28.12
C ASN C 129 -80.88 -1.77 28.03
N ALA C 130 -80.66 -1.16 26.88
CA ALA C 130 -81.07 0.23 26.68
C ALA C 130 -82.58 0.35 26.58
N ASN C 131 -83.26 -0.71 26.17
CA ASN C 131 -84.71 -0.68 26.07
C ASN C 131 -85.38 -1.25 27.31
N GLU C 132 -85.07 -0.73 28.48
CA GLU C 132 -85.72 -1.16 29.70
C GLU C 132 -86.47 0.02 30.31
N LEU C 133 -87.71 -0.22 30.71
CA LEU C 133 -88.54 0.79 31.35
C LEU C 133 -89.02 0.28 32.69
N SER C 134 -88.73 1.04 33.74
CA SER C 134 -89.21 0.78 35.09
C SER C 134 -90.61 1.35 35.28
N ARG C 135 -91.03 1.54 36.52
CA ARG C 135 -92.18 2.39 36.79
C ARG C 135 -91.72 3.71 37.39
N SER C 136 -92.40 4.78 37.02
CA SER C 136 -92.07 6.11 37.51
C SER C 136 -93.34 6.88 37.79
N GLY C 137 -93.17 8.05 38.38
CA GLY C 137 -94.22 9.03 38.50
C GLY C 137 -94.24 10.01 37.37
N ASN C 138 -93.38 9.81 36.38
CA ASN C 138 -93.31 10.71 35.25
C ASN C 138 -94.47 10.49 34.29
N VAL C 139 -94.95 9.26 34.18
CA VAL C 139 -96.02 8.91 33.26
C VAL C 139 -97.26 8.61 34.07
N ASP C 140 -98.37 9.27 33.72
CA ASP C 140 -99.62 9.06 34.44
C ASP C 140 -100.29 7.77 33.98
N ASN C 141 -101.52 7.55 34.43
CA ASN C 141 -102.29 6.43 33.95
C ASN C 141 -102.92 6.69 32.59
N GLU C 142 -103.08 7.96 32.23
CA GLU C 142 -103.74 8.30 30.97
C GLU C 142 -102.83 8.03 29.78
N GLY C 143 -101.54 8.29 29.93
CA GLY C 143 -100.62 8.18 28.81
C GLY C 143 -99.92 9.48 28.47
N GLY C 144 -100.20 10.56 29.19
CA GLY C 144 -99.47 11.80 29.06
C GLY C 144 -98.40 11.94 30.11
N SER C 145 -97.91 13.15 30.26
CA SER C 145 -96.86 13.40 31.23
C SER C 145 -97.44 13.82 32.57
N ASN C 146 -96.56 13.94 33.55
CA ASN C 146 -96.96 14.20 34.93
C ASN C 146 -96.00 15.20 35.56
N GLN C 147 -95.61 16.24 34.83
CA GLN C 147 -94.92 17.34 35.47
C GLN C 147 -95.90 18.24 36.21
N LYS C 148 -97.13 18.33 35.72
CA LYS C 148 -98.20 19.04 36.37
C LYS C 148 -99.21 18.03 36.89
N PRO C 149 -99.57 18.09 38.17
CA PRO C 149 -100.39 17.02 38.74
C PRO C 149 -101.85 17.07 38.27
N MET C 150 -102.46 15.87 38.29
CA MET C 150 -103.79 15.67 37.71
C MET C 150 -104.86 16.45 38.46
N SER C 151 -104.72 16.56 39.78
CA SER C 151 -105.70 17.31 40.55
C SER C 151 -105.63 18.79 40.23
N THR C 152 -104.41 19.31 40.00
CA THR C 152 -104.25 20.68 39.57
C THR C 152 -104.83 20.89 38.19
N ARG C 153 -104.63 19.92 37.29
CA ARG C 153 -105.23 20.00 35.95
C ARG C 153 -106.75 20.01 36.01
N ILE C 154 -107.34 19.17 36.85
CA ILE C 154 -108.80 19.09 36.95
C ILE C 154 -109.38 20.36 37.56
N ALA C 155 -108.75 20.86 38.62
CA ALA C 155 -109.21 22.10 39.25
C ALA C 155 -109.06 23.29 38.29
N GLU C 156 -108.02 23.28 37.47
CA GLU C 156 -107.84 24.37 36.53
C GLU C 156 -108.86 24.29 35.40
N ALA C 157 -109.17 23.08 34.94
CA ALA C 157 -110.15 22.91 33.88
C ALA C 157 -111.54 23.28 34.34
N THR C 158 -111.89 22.95 35.58
CA THR C 158 -113.20 23.35 36.05
C THR C 158 -113.22 24.81 36.49
N SER C 159 -112.06 25.41 36.75
CA SER C 159 -112.02 26.84 37.07
C SER C 159 -111.99 27.70 35.84
N ALA C 160 -111.72 27.10 34.67
CA ALA C 160 -111.75 27.86 33.43
C ALA C 160 -113.14 28.40 33.12
N ILE C 161 -114.19 27.70 33.52
CA ILE C 161 -115.57 28.14 33.28
C ILE C 161 -116.24 28.25 34.64
N VAL C 162 -116.20 29.44 35.23
CA VAL C 162 -116.98 29.79 36.41
C VAL C 162 -117.59 31.16 36.15
N SER C 163 -118.92 31.26 36.28
CA SER C 163 -119.63 32.50 36.06
C SER C 163 -120.08 33.10 37.38
N LYS C 164 -120.18 34.43 37.43
CA LYS C 164 -120.40 35.13 38.69
C LYS C 164 -121.67 35.98 38.62
N HIS C 165 -121.89 36.74 39.69
CA HIS C 165 -123.06 37.59 39.84
C HIS C 165 -122.90 38.86 39.02
N PRO C 166 -123.98 39.64 38.82
CA PRO C 166 -123.80 40.98 38.25
C PRO C 166 -122.99 41.92 39.12
N LYS D 2 -79.18 102.84 -12.49
CA LYS D 2 -78.28 103.56 -11.60
C LYS D 2 -76.83 103.36 -12.03
N ARG D 3 -75.90 103.82 -11.19
CA ARG D 3 -74.50 103.66 -11.50
C ARG D 3 -74.07 102.21 -11.27
N ILE D 4 -73.15 101.75 -12.12
CA ILE D 4 -72.51 100.45 -11.96
C ILE D 4 -71.01 100.69 -11.89
N PRO D 5 -70.33 100.28 -10.83
CA PRO D 5 -68.87 100.46 -10.78
C PRO D 5 -68.16 99.51 -11.71
N ARG D 6 -66.94 99.89 -12.08
CA ARG D 6 -66.11 99.08 -12.94
C ARG D 6 -65.37 98.02 -12.15
N LYS D 7 -64.87 97.01 -12.86
CA LYS D 7 -64.05 95.98 -12.25
C LYS D 7 -62.57 96.26 -12.42
N THR D 8 -62.16 96.84 -13.55
CA THR D 8 -60.78 97.11 -13.85
C THR D 8 -60.52 98.62 -13.83
N LYS D 9 -59.29 98.98 -14.17
CA LYS D 9 -58.86 100.37 -14.19
C LYS D 9 -58.50 100.75 -15.63
N GLY D 10 -59.31 101.63 -16.22
CA GLY D 10 -59.14 102.02 -17.61
C GLY D 10 -58.06 103.06 -17.83
N LYS D 11 -58.29 103.91 -18.83
CA LYS D 11 -57.25 104.83 -19.28
C LYS D 11 -57.22 106.15 -18.55
N SER D 12 -58.34 106.57 -17.94
CA SER D 12 -58.32 107.84 -17.23
C SER D 12 -57.72 107.68 -15.85
N SER D 13 -58.35 106.88 -15.00
CA SER D 13 -57.91 106.52 -13.64
C SER D 13 -57.60 107.73 -12.75
N PRO D 40 -109.99 88.95 3.91
CA PRO D 40 -109.06 89.15 2.81
C PRO D 40 -108.38 87.85 2.40
N ALA D 41 -107.06 87.91 2.19
CA ALA D 41 -106.28 86.69 1.98
C ALA D 41 -106.27 85.86 3.25
N THR D 42 -106.36 84.55 3.07
CA THR D 42 -106.62 83.64 4.18
C THR D 42 -105.50 82.60 4.30
N ALA D 43 -105.75 81.58 5.11
CA ALA D 43 -104.80 80.51 5.34
C ALA D 43 -104.56 79.72 4.07
N GLU D 44 -103.30 79.59 3.70
CA GLU D 44 -102.94 78.86 2.49
C GLU D 44 -103.11 77.37 2.73
N PRO D 45 -103.65 76.62 1.76
CA PRO D 45 -103.94 75.20 2.01
C PRO D 45 -102.75 74.26 1.89
N GLY D 46 -101.84 74.49 0.95
CA GLY D 46 -100.92 73.42 0.59
C GLY D 46 -99.44 73.73 0.39
N THR D 47 -98.87 74.66 1.14
CA THR D 47 -97.42 74.80 1.19
C THR D 47 -96.89 74.14 2.45
N SER D 48 -95.68 73.60 2.37
CA SER D 48 -95.09 72.91 3.50
C SER D 48 -93.58 73.11 3.50
N ASN D 49 -93.02 72.99 4.70
CA ASN D 49 -91.61 73.22 4.99
C ASN D 49 -91.08 72.09 5.86
N CYS D 50 -91.25 70.86 5.40
CA CYS D 50 -90.90 69.70 6.20
C CYS D 50 -89.46 69.23 5.99
N GLU D 51 -88.80 69.71 4.92
CA GLU D 51 -87.36 69.56 4.58
C GLU D 51 -86.81 68.12 4.64
N HIS D 52 -87.65 67.10 4.59
CA HIS D 52 -87.19 65.76 4.97
C HIS D 52 -86.71 64.94 3.76
N TYR D 53 -85.81 65.54 2.98
CA TYR D 53 -85.17 64.81 1.89
C TYR D 53 -83.68 65.10 1.90
N LYS D 54 -82.87 64.05 1.96
CA LYS D 54 -81.43 64.18 1.87
C LYS D 54 -81.02 64.08 0.41
N ALA D 55 -80.09 64.94 0.01
CA ALA D 55 -79.55 64.92 -1.33
C ALA D 55 -78.48 63.84 -1.40
N ARG D 56 -78.77 62.75 -2.12
CA ARG D 56 -78.00 61.51 -1.98
C ARG D 56 -76.60 61.57 -2.57
N PRO D 57 -76.34 62.25 -3.70
CA PRO D 57 -74.94 62.61 -4.00
C PRO D 57 -74.30 63.56 -2.99
N GLY D 58 -75.07 64.44 -2.38
CA GLY D 58 -74.51 65.43 -1.47
C GLY D 58 -74.31 66.76 -2.17
N ILE D 59 -75.28 67.66 -2.00
CA ILE D 59 -75.48 68.74 -2.95
C ILE D 59 -74.50 69.87 -2.74
N ALA D 60 -74.18 70.21 -1.49
CA ALA D 60 -73.21 71.26 -1.26
C ALA D 60 -71.80 70.77 -1.57
N SER D 61 -71.59 69.45 -1.51
CA SER D 61 -70.31 68.88 -1.88
C SER D 61 -70.13 68.92 -3.39
N VAL D 62 -71.21 68.70 -4.14
CA VAL D 62 -71.14 68.80 -5.59
C VAL D 62 -70.90 70.24 -6.02
N GLN D 63 -71.52 71.21 -5.35
CA GLN D 63 -71.15 72.58 -5.69
C GLN D 63 -69.75 72.97 -5.21
N LYS D 64 -69.27 72.38 -4.13
CA LYS D 64 -67.89 72.58 -3.72
C LYS D 64 -66.92 72.13 -4.79
N ALA D 65 -67.23 71.05 -5.50
CA ALA D 65 -66.45 70.71 -6.69
C ALA D 65 -66.76 71.62 -7.87
N THR D 66 -68.00 72.09 -7.99
CA THR D 66 -68.45 72.76 -9.20
C THR D 66 -67.95 74.20 -9.29
N GLU D 67 -67.71 74.85 -8.16
CA GLU D 67 -67.07 76.17 -8.19
C GLU D 67 -65.66 76.07 -8.75
N SER D 68 -64.93 75.02 -8.35
CA SER D 68 -63.62 74.74 -8.92
C SER D 68 -63.74 74.43 -10.40
N ALA D 69 -64.79 73.70 -10.79
CA ALA D 69 -65.05 73.43 -12.20
C ALA D 69 -65.31 74.71 -12.98
N GLU D 70 -65.93 75.68 -12.33
CA GLU D 70 -66.25 76.94 -12.98
C GLU D 70 -65.00 77.80 -13.16
N LEU D 71 -64.03 77.67 -12.25
CA LEU D 71 -62.79 78.46 -12.28
C LEU D 71 -62.03 78.29 -13.60
N PRO D 72 -61.85 79.36 -14.37
CA PRO D 72 -61.12 79.24 -15.65
C PRO D 72 -59.62 79.24 -15.41
N MET D 73 -58.90 78.92 -16.48
CA MET D 73 -57.45 78.80 -16.38
C MET D 73 -56.79 80.18 -16.40
N LYS D 74 -55.49 80.18 -16.10
CA LYS D 74 -54.70 81.40 -16.12
C LYS D 74 -54.15 81.63 -17.53
N ASN D 75 -53.21 82.55 -17.66
CA ASN D 75 -52.67 82.90 -18.95
C ASN D 75 -51.19 82.56 -19.04
N ASN D 76 -50.71 82.44 -20.28
CA ASN D 76 -49.28 82.30 -20.58
C ASN D 76 -48.87 83.58 -21.31
N ASP D 77 -48.56 84.61 -20.53
CA ASP D 77 -48.32 85.93 -21.09
C ASP D 77 -46.87 86.17 -21.48
N GLU D 78 -46.01 85.18 -21.36
CA GLU D 78 -44.63 85.36 -21.78
C GLU D 78 -44.56 85.33 -23.31
N GLY D 79 -43.43 85.82 -23.82
CA GLY D 79 -43.28 85.96 -25.26
C GLY D 79 -44.13 87.06 -25.85
N THR D 80 -44.58 87.99 -25.03
CA THR D 80 -45.48 89.06 -25.40
C THR D 80 -44.93 90.36 -24.85
N PRO D 81 -44.95 91.43 -25.63
CA PRO D 81 -44.49 92.72 -25.10
C PRO D 81 -45.44 93.32 -24.09
N ASP D 82 -45.13 94.51 -23.62
CA ASP D 82 -46.05 95.32 -22.82
C ASP D 82 -46.39 96.57 -23.63
N LYS D 83 -47.09 97.51 -22.99
CA LYS D 83 -47.32 98.78 -23.65
C LYS D 83 -46.04 99.60 -23.76
N ARG D 84 -45.03 99.30 -22.95
CA ARG D 84 -43.72 99.91 -23.18
C ARG D 84 -43.11 99.44 -24.49
N GLY D 85 -43.22 98.15 -24.79
CA GLY D 85 -42.63 97.55 -25.97
C GLY D 85 -41.67 96.43 -25.65
N ASN D 86 -41.09 96.44 -24.45
CA ASN D 86 -40.20 95.38 -24.04
C ASN D 86 -41.01 94.12 -23.75
N THR D 87 -40.41 92.96 -24.02
CA THR D 87 -41.14 91.73 -23.79
C THR D 87 -41.25 91.43 -22.30
N LYS D 88 -42.21 90.60 -21.95
CA LYS D 88 -42.44 90.27 -20.54
C LYS D 88 -41.51 89.17 -20.07
N GLU D 101 -41.77 73.91 -16.48
CA GLU D 101 -42.04 74.01 -15.05
C GLU D 101 -42.22 72.62 -14.45
N ALA D 102 -41.21 71.78 -14.66
CA ALA D 102 -41.30 70.40 -14.19
C ALA D 102 -41.17 70.32 -12.66
N ASP D 103 -40.33 71.17 -12.07
CA ASP D 103 -40.19 71.16 -10.61
C ASP D 103 -41.41 71.77 -9.93
N ASP D 104 -42.08 72.71 -10.59
CA ASP D 104 -43.09 73.52 -9.92
C ASP D 104 -44.52 73.09 -10.21
N ALA D 105 -44.79 72.49 -11.38
CA ALA D 105 -46.14 72.04 -11.67
C ALA D 105 -46.50 70.79 -10.86
N THR D 106 -45.50 69.99 -10.50
CA THR D 106 -45.73 68.81 -9.67
C THR D 106 -46.03 69.21 -8.23
N LYS D 107 -45.52 70.37 -7.79
CA LYS D 107 -45.64 70.78 -6.40
C LYS D 107 -47.08 71.11 -6.03
N LYS D 108 -47.89 71.56 -6.99
CA LYS D 108 -49.30 71.80 -6.73
C LYS D 108 -50.03 70.50 -6.41
N GLN D 109 -49.74 69.44 -7.15
CA GLN D 109 -50.33 68.14 -6.87
C GLN D 109 -49.81 67.55 -5.57
N ALA D 110 -48.52 67.78 -5.27
CA ALA D 110 -47.97 67.31 -4.01
C ALA D 110 -48.54 68.08 -2.81
N LYS D 111 -48.98 69.32 -3.03
CA LYS D 111 -49.67 70.07 -1.98
C LYS D 111 -51.11 69.61 -1.84
N ASP D 112 -51.75 69.23 -2.95
CA ASP D 112 -53.15 68.79 -2.90
C ASP D 112 -53.28 67.44 -2.21
N THR D 113 -52.55 66.44 -2.68
CA THR D 113 -52.78 65.04 -2.33
C THR D 113 -52.36 64.71 -0.89
N GLU D 114 -51.72 65.66 -0.17
CA GLU D 114 -51.16 65.48 1.17
C GLU D 114 -50.15 64.32 1.15
N LYS D 115 -49.38 64.26 0.07
CA LYS D 115 -48.35 63.25 -0.15
C LYS D 115 -47.15 63.92 -0.79
N ALA D 116 -45.95 63.55 -0.31
CA ALA D 116 -44.73 64.14 -0.85
C ALA D 116 -44.47 63.70 -2.28
N LYS D 117 -44.89 62.49 -2.64
CA LYS D 117 -44.78 62.03 -4.01
C LYS D 117 -45.97 62.55 -4.83
N ALA D 118 -46.00 62.17 -6.10
CA ALA D 118 -47.10 62.56 -6.96
C ALA D 118 -47.35 61.44 -7.96
N GLN D 119 -48.62 61.25 -8.29
CA GLN D 119 -49.01 60.23 -9.26
C GLN D 119 -49.11 60.84 -10.66
N VAL D 120 -49.94 61.87 -10.82
CA VAL D 120 -49.93 62.62 -12.07
C VAL D 120 -48.68 63.50 -12.08
N THR D 121 -47.77 63.20 -13.01
CA THR D 121 -46.48 63.87 -13.06
C THR D 121 -46.22 64.38 -14.47
N TYR D 122 -45.34 65.38 -14.55
CA TYR D 122 -44.90 65.91 -15.82
C TYR D 122 -43.45 65.56 -16.10
N SER D 123 -42.79 64.86 -15.18
CA SER D 123 -41.49 64.25 -15.40
C SER D 123 -41.63 62.76 -15.13
N ASP D 124 -40.48 62.06 -15.15
CA ASP D 124 -40.40 60.60 -15.17
C ASP D 124 -41.26 60.03 -16.30
N THR D 125 -41.14 60.65 -17.45
CA THR D 125 -41.90 60.27 -18.64
C THR D 125 -40.95 59.66 -19.66
N GLY D 126 -41.35 58.53 -20.23
CA GLY D 126 -40.53 57.90 -21.25
C GLY D 126 -40.48 58.66 -22.55
N ILE D 127 -41.44 59.55 -22.78
CA ILE D 127 -41.46 60.35 -24.00
C ILE D 127 -40.36 61.40 -23.90
N ASN D 128 -39.36 61.27 -24.76
CA ASN D 128 -38.27 62.23 -24.86
C ASN D 128 -38.75 63.42 -25.67
N ASN D 129 -39.15 64.48 -24.98
CA ASN D 129 -39.38 65.75 -25.65
C ASN D 129 -38.17 66.67 -25.46
N ALA D 130 -37.08 66.27 -26.09
CA ALA D 130 -35.87 67.05 -25.98
C ALA D 130 -35.90 68.30 -26.83
N ASN D 131 -36.88 68.45 -27.71
CA ASN D 131 -36.93 69.65 -28.55
C ASN D 131 -37.60 70.79 -27.79
N GLU D 132 -38.90 70.66 -27.51
CA GLU D 132 -39.63 71.33 -26.42
C GLU D 132 -39.46 72.85 -26.41
N LEU D 133 -40.08 73.50 -27.37
CA LEU D 133 -40.12 74.95 -27.32
C LEU D 133 -41.13 75.33 -26.25
N SER D 134 -40.66 75.97 -25.19
CA SER D 134 -41.53 76.70 -24.28
C SER D 134 -41.25 78.18 -24.49
N ARG D 135 -42.31 78.97 -24.65
CA ARG D 135 -42.15 80.40 -24.88
C ARG D 135 -41.58 81.08 -23.66
N SER D 136 -40.86 82.18 -23.89
CA SER D 136 -40.14 82.84 -22.81
C SER D 136 -39.83 84.27 -23.22
N GLY D 137 -39.41 85.06 -22.25
CA GLY D 137 -38.93 86.41 -22.46
C GLY D 137 -37.52 86.50 -22.97
N ASN D 138 -36.90 85.35 -23.26
CA ASN D 138 -35.59 85.32 -23.87
C ASN D 138 -35.63 85.91 -25.27
N VAL D 139 -36.67 85.61 -26.03
CA VAL D 139 -36.75 85.99 -27.44
C VAL D 139 -37.87 87.01 -27.61
N ASP D 140 -37.66 87.98 -28.49
CA ASP D 140 -38.66 88.99 -28.78
C ASP D 140 -39.62 88.46 -29.85
N ASN D 141 -40.39 89.35 -30.44
CA ASN D 141 -41.27 88.97 -31.54
C ASN D 141 -40.52 88.84 -32.85
N GLU D 142 -39.34 89.47 -32.97
CA GLU D 142 -38.59 89.39 -34.22
C GLU D 142 -37.86 88.06 -34.34
N GLY D 143 -36.97 87.78 -33.41
CA GLY D 143 -36.08 86.65 -33.56
C GLY D 143 -34.72 86.93 -32.94
N GLY D 144 -34.51 88.16 -32.50
CA GLY D 144 -33.31 88.51 -31.76
C GLY D 144 -33.40 88.06 -30.31
N SER D 145 -32.45 88.55 -29.52
CA SER D 145 -32.38 88.21 -28.11
C SER D 145 -32.91 89.37 -27.26
N ASN D 146 -32.85 89.19 -25.95
CA ASN D 146 -33.28 90.22 -25.01
C ASN D 146 -32.31 90.35 -23.86
N GLN D 147 -31.01 90.35 -24.14
CA GLN D 147 -30.08 90.72 -23.08
C GLN D 147 -30.17 92.21 -22.80
N LYS D 148 -30.42 93.01 -23.83
CA LYS D 148 -30.71 94.42 -23.69
C LYS D 148 -32.12 94.66 -24.17
N PRO D 149 -32.95 95.38 -23.42
CA PRO D 149 -34.36 95.48 -23.78
C PRO D 149 -34.61 96.31 -25.02
N MET D 150 -35.81 96.11 -25.57
CA MET D 150 -36.17 96.64 -26.89
C MET D 150 -36.20 98.15 -26.89
N SER D 151 -36.91 98.75 -25.93
CA SER D 151 -37.03 100.21 -25.87
C SER D 151 -35.69 100.86 -25.58
N THR D 152 -34.86 100.19 -24.78
CA THR D 152 -33.51 100.69 -24.51
C THR D 152 -32.66 100.71 -25.76
N ARG D 153 -32.73 99.66 -26.58
CA ARG D 153 -31.89 99.70 -27.77
C ARG D 153 -32.49 100.55 -28.88
N ILE D 154 -33.80 100.74 -28.90
CA ILE D 154 -34.39 101.74 -29.79
C ILE D 154 -33.92 103.15 -29.42
N ALA D 155 -33.87 103.44 -28.12
CA ALA D 155 -33.38 104.73 -27.66
C ALA D 155 -31.89 104.91 -27.97
N GLU D 156 -31.10 103.85 -27.81
CA GLU D 156 -29.69 103.91 -28.17
C GLU D 156 -29.51 104.12 -29.66
N ALA D 157 -30.39 103.51 -30.47
CA ALA D 157 -30.30 103.67 -31.92
C ALA D 157 -30.62 105.09 -32.33
N THR D 158 -31.70 105.65 -31.80
CA THR D 158 -32.07 107.00 -32.19
C THR D 158 -31.22 108.06 -31.51
N SER D 159 -30.48 107.71 -30.46
CA SER D 159 -29.51 108.63 -29.88
C SER D 159 -28.13 108.45 -30.46
N ALA D 160 -27.93 107.40 -31.26
CA ALA D 160 -26.66 107.24 -31.95
C ALA D 160 -26.44 108.28 -33.04
N ILE D 161 -27.47 109.03 -33.43
CA ILE D 161 -27.30 110.24 -34.22
C ILE D 161 -28.12 111.34 -33.55
N VAL D 162 -27.43 112.30 -32.95
CA VAL D 162 -28.05 113.51 -32.41
C VAL D 162 -27.32 114.71 -32.99
N SER D 163 -27.79 115.90 -32.62
CA SER D 163 -27.19 117.13 -33.10
C SER D 163 -27.47 118.24 -32.09
N LYS D 164 -26.46 119.07 -31.83
CA LYS D 164 -26.59 120.15 -30.87
C LYS D 164 -26.20 121.47 -31.51
N HIS D 165 -26.53 122.56 -30.82
CA HIS D 165 -26.24 123.89 -31.35
C HIS D 165 -24.75 124.19 -31.22
N PRO D 166 -24.20 124.96 -32.16
CA PRO D 166 -22.82 125.42 -32.02
C PRO D 166 -22.73 126.57 -31.02
N ALA D 167 -21.49 126.97 -30.75
CA ALA D 167 -21.25 128.05 -29.80
C ALA D 167 -21.60 129.41 -30.41
N LYS E 2 65.76 104.16 -29.07
CA LYS E 2 67.01 104.53 -28.42
C LYS E 2 67.12 103.80 -27.11
N ARG E 3 68.34 103.45 -26.71
CA ARG E 3 68.53 102.79 -25.43
C ARG E 3 67.66 101.56 -25.14
N ILE E 4 67.73 100.52 -25.97
CA ILE E 4 66.93 99.32 -25.71
C ILE E 4 67.59 98.39 -24.71
N PRO E 5 66.90 98.08 -23.61
CA PRO E 5 67.38 97.18 -22.56
C PRO E 5 67.36 95.74 -23.07
N ARG E 6 68.26 94.89 -22.57
CA ARG E 6 68.35 93.51 -23.01
C ARG E 6 68.06 92.54 -21.88
N LYS E 7 67.16 91.59 -22.11
CA LYS E 7 66.80 90.64 -21.07
C LYS E 7 67.87 89.70 -20.57
N THR E 8 68.73 89.19 -21.45
CA THR E 8 69.73 88.19 -21.03
C THR E 8 71.17 88.68 -20.85
N LYS E 9 71.83 88.18 -19.80
CA LYS E 9 73.17 88.61 -19.43
C LYS E 9 74.22 88.47 -20.52
N GLY E 10 75.05 89.49 -20.64
CA GLY E 10 76.10 89.51 -21.65
C GLY E 10 77.47 89.50 -21.01
N LYS E 11 78.35 88.66 -21.54
CA LYS E 11 79.72 88.49 -21.05
C LYS E 11 79.72 88.14 -19.59
N SER E 12 80.50 88.87 -18.80
CA SER E 12 80.59 88.63 -17.36
C SER E 12 79.29 88.93 -16.64
N SER E 13 78.62 89.98 -17.07
CA SER E 13 77.36 90.42 -16.49
C SER E 13 77.45 90.53 -14.99
N PRO E 40 35.64 126.28 -38.13
CA PRO E 40 36.11 125.54 -39.30
C PRO E 40 37.15 124.50 -38.93
N ALA E 41 37.25 124.19 -37.64
CA ALA E 41 38.22 123.20 -37.21
C ALA E 41 37.74 121.79 -37.54
N THR E 42 36.63 121.38 -36.95
CA THR E 42 36.03 120.06 -37.21
C THR E 42 34.56 120.14 -36.85
N ALA E 43 33.69 119.86 -37.82
CA ALA E 43 32.27 119.75 -37.54
C ALA E 43 31.82 118.31 -37.28
N GLU E 44 32.64 117.33 -37.67
CA GLU E 44 32.46 115.90 -37.47
C GLU E 44 31.12 115.34 -37.97
N PRO E 45 30.96 115.11 -39.28
CA PRO E 45 29.90 114.19 -39.72
C PRO E 45 30.29 112.72 -39.67
N GLY E 46 31.50 112.41 -39.19
CA GLY E 46 32.02 111.05 -39.26
C GLY E 46 31.55 110.08 -38.20
N THR E 47 31.90 110.29 -36.93
CA THR E 47 31.54 109.35 -35.88
C THR E 47 30.96 110.06 -34.68
N SER E 48 30.02 109.37 -34.04
CA SER E 48 29.38 109.81 -32.80
C SER E 48 29.15 108.59 -31.89
N ASN E 49 30.21 107.80 -31.71
CA ASN E 49 30.11 106.36 -31.45
C ASN E 49 29.30 105.98 -30.22
N CYS E 50 28.51 104.92 -30.37
CA CYS E 50 27.70 104.34 -29.31
C CYS E 50 27.60 102.85 -29.62
N GLU E 51 28.14 102.02 -28.75
CA GLU E 51 28.25 100.60 -29.04
C GLU E 51 26.92 99.89 -28.86
N HIS E 52 26.43 99.28 -29.93
CA HIS E 52 25.19 98.54 -29.91
C HIS E 52 25.36 97.12 -30.47
N TYR E 53 26.60 96.64 -30.55
CA TYR E 53 26.88 95.32 -31.09
C TYR E 53 27.60 94.46 -30.06
N LYS E 54 27.23 93.19 -30.03
CA LYS E 54 27.84 92.19 -29.17
C LYS E 54 28.63 91.21 -30.04
N ALA E 55 29.87 90.92 -29.62
CA ALA E 55 30.69 89.94 -30.32
C ALA E 55 30.16 88.54 -30.03
N ARG E 56 29.63 87.88 -31.06
CA ARG E 56 28.78 86.71 -30.87
C ARG E 56 29.54 85.46 -30.43
N PRO E 57 30.77 85.19 -30.89
CA PRO E 57 31.61 84.30 -30.07
C PRO E 57 32.10 84.96 -28.80
N GLY E 58 32.51 86.23 -28.88
CA GLY E 58 33.11 86.90 -27.74
C GLY E 58 34.58 87.15 -27.98
N ILE E 59 35.02 88.39 -27.80
CA ILE E 59 36.43 88.71 -28.02
C ILE E 59 37.28 88.14 -26.89
N ALA E 60 36.84 88.33 -25.65
CA ALA E 60 37.65 87.99 -24.48
C ALA E 60 37.87 86.49 -24.33
N SER E 61 36.91 85.68 -24.80
CA SER E 61 37.11 84.24 -24.77
C SER E 61 38.22 83.80 -25.72
N VAL E 62 38.24 84.37 -26.92
CA VAL E 62 39.28 84.02 -27.88
C VAL E 62 40.62 84.61 -27.42
N GLN E 63 40.60 85.75 -26.74
CA GLN E 63 41.82 86.29 -26.14
C GLN E 63 42.36 85.34 -25.07
N LYS E 64 41.48 84.80 -24.24
CA LYS E 64 41.88 83.85 -23.19
C LYS E 64 42.43 82.57 -23.77
N ALA E 65 41.82 82.06 -24.84
CA ALA E 65 42.32 80.82 -25.43
C ALA E 65 43.60 81.06 -26.22
N THR E 66 43.69 82.18 -26.94
CA THR E 66 44.81 82.43 -27.82
C THR E 66 46.03 82.90 -27.05
N GLU E 67 45.87 83.42 -25.83
CA GLU E 67 47.02 83.61 -24.94
C GLU E 67 47.64 82.27 -24.58
N SER E 68 46.82 81.27 -24.28
CA SER E 68 47.32 79.94 -23.97
C SER E 68 47.99 79.31 -25.18
N ALA E 69 47.39 79.47 -26.37
CA ALA E 69 48.03 79.00 -27.59
C ALA E 69 49.28 79.81 -27.92
N GLU E 70 49.35 81.04 -27.43
CA GLU E 70 50.50 81.90 -27.63
C GLU E 70 51.70 81.46 -26.80
N LEU E 71 51.44 80.81 -25.65
CA LEU E 71 52.50 80.17 -24.85
C LEU E 71 53.36 79.25 -25.72
N PRO E 72 54.67 79.51 -25.83
CA PRO E 72 55.50 78.76 -26.78
C PRO E 72 55.83 77.35 -26.31
N MET E 73 56.68 76.66 -27.07
CA MET E 73 57.02 75.28 -26.77
C MET E 73 57.92 75.21 -25.55
N LYS E 74 57.62 74.27 -24.66
CA LYS E 74 58.44 74.07 -23.47
C LYS E 74 59.76 73.40 -23.85
N ASN E 75 60.85 73.93 -23.31
CA ASN E 75 62.18 73.39 -23.58
C ASN E 75 62.34 72.01 -22.93
N ASN E 76 63.22 71.20 -23.51
CA ASN E 76 63.68 69.97 -22.89
C ASN E 76 65.15 70.17 -22.56
N ASP E 77 65.44 70.50 -21.31
CA ASP E 77 66.79 70.80 -20.88
C ASP E 77 67.62 69.54 -20.68
N GLU E 78 66.97 68.40 -20.47
CA GLU E 78 67.58 67.21 -19.89
C GLU E 78 68.59 66.59 -20.83
N GLY E 79 69.56 65.88 -20.23
CA GLY E 79 70.56 65.14 -20.97
C GLY E 79 71.57 65.97 -21.73
N THR E 80 71.57 67.24 -21.56
CA THR E 80 72.45 68.10 -22.32
C THR E 80 73.63 68.55 -21.46
N PRO E 81 74.79 68.77 -22.06
CA PRO E 81 75.92 69.32 -21.31
C PRO E 81 75.65 70.73 -20.84
N ASP E 82 76.19 71.05 -19.66
CA ASP E 82 76.04 72.41 -19.16
C ASP E 82 77.22 73.25 -19.63
N LYS E 83 77.37 74.42 -19.03
CA LYS E 83 78.52 75.27 -19.31
C LYS E 83 79.82 74.60 -18.85
N ARG E 84 79.79 73.89 -17.73
CA ARG E 84 80.95 73.15 -17.25
C ARG E 84 81.27 71.97 -18.16
N GLY E 85 80.23 71.31 -18.68
CA GLY E 85 80.40 70.14 -19.50
C GLY E 85 79.53 68.99 -19.03
N ASN E 86 79.36 68.90 -17.70
CA ASN E 86 78.64 67.79 -17.09
C ASN E 86 77.17 67.80 -17.49
N THR E 87 76.66 66.63 -17.82
CA THR E 87 75.26 66.51 -18.23
C THR E 87 74.34 66.79 -17.05
N LYS E 88 73.49 67.81 -17.19
CA LYS E 88 72.75 68.37 -16.07
C LYS E 88 71.47 67.61 -15.72
N GLY E 89 71.31 66.40 -16.21
CA GLY E 89 70.16 65.60 -15.83
C GLY E 89 70.33 64.97 -14.46
N ALA E 90 69.19 64.67 -13.84
CA ALA E 90 69.20 64.05 -12.52
C ALA E 90 69.55 62.57 -12.62
N LEU E 91 69.95 62.01 -11.47
CA LEU E 91 70.28 60.60 -11.41
C LEU E 91 68.99 59.79 -11.44
N VAL E 92 68.53 59.42 -12.64
CA VAL E 92 67.37 58.57 -12.81
C VAL E 92 67.67 57.54 -13.89
N ASN E 93 66.96 56.41 -13.79
CA ASN E 93 66.91 55.45 -14.89
C ASN E 93 66.07 56.04 -16.02
N GLU E 94 66.46 55.72 -17.26
CA GLU E 94 65.88 56.42 -18.39
C GLU E 94 64.49 55.89 -18.75
N HIS E 95 64.26 54.57 -18.68
CA HIS E 95 62.91 54.06 -18.90
C HIS E 95 62.01 54.40 -17.73
N VAL E 96 62.56 54.47 -16.52
CA VAL E 96 61.76 54.82 -15.36
C VAL E 96 61.33 56.28 -15.42
N GLU E 97 62.24 57.16 -15.85
CA GLU E 97 61.88 58.56 -16.06
C GLU E 97 60.94 58.72 -17.25
N ALA E 98 61.09 57.89 -18.27
CA ALA E 98 60.20 57.97 -19.42
C ALA E 98 58.80 57.47 -19.09
N ARG E 99 58.69 56.58 -18.11
CA ARG E 99 57.37 56.18 -17.61
C ARG E 99 56.83 57.22 -16.63
N ASP E 100 57.72 57.89 -15.90
CA ASP E 100 57.30 58.85 -14.88
C ASP E 100 56.88 60.19 -15.48
N GLU E 101 57.44 60.56 -16.64
CA GLU E 101 57.06 61.82 -17.26
C GLU E 101 55.63 61.78 -17.79
N ALA E 102 55.16 60.59 -18.17
CA ALA E 102 53.76 60.43 -18.53
C ALA E 102 52.87 60.66 -17.32
N ASP E 103 53.31 60.21 -16.15
CA ASP E 103 52.57 60.47 -14.91
C ASP E 103 52.58 61.95 -14.57
N ASP E 104 53.70 62.63 -14.83
CA ASP E 104 53.81 64.06 -14.52
C ASP E 104 52.88 64.88 -15.41
N ALA E 105 52.92 64.63 -16.72
CA ALA E 105 52.03 65.32 -17.64
C ALA E 105 50.58 64.91 -17.43
N THR E 106 50.35 63.69 -16.94
CA THR E 106 49.00 63.25 -16.61
C THR E 106 48.45 64.01 -15.40
N LYS E 107 49.29 64.22 -14.37
CA LYS E 107 48.84 65.00 -13.22
C LYS E 107 48.60 66.46 -13.59
N LYS E 108 49.45 67.01 -14.47
CA LYS E 108 49.18 68.37 -14.94
C LYS E 108 47.95 68.43 -15.84
N GLN E 109 47.68 67.35 -16.58
CA GLN E 109 46.46 67.25 -17.37
C GLN E 109 45.22 67.22 -16.48
N ALA E 110 45.30 66.49 -15.37
CA ALA E 110 44.20 66.46 -14.41
C ALA E 110 44.04 67.82 -13.72
N LYS E 111 45.15 68.53 -13.50
CA LYS E 111 45.06 69.84 -12.90
C LYS E 111 44.43 70.85 -13.86
N ASP E 112 44.68 70.71 -15.17
CA ASP E 112 44.17 71.67 -16.13
C ASP E 112 42.82 71.29 -16.71
N THR E 113 42.39 70.05 -16.53
CA THR E 113 41.00 69.68 -16.74
C THR E 113 40.17 69.92 -15.49
N GLU E 114 40.85 70.06 -14.34
CA GLU E 114 40.25 70.27 -13.01
C GLU E 114 39.27 69.14 -12.67
N LYS E 115 39.68 67.91 -12.97
CA LYS E 115 39.02 66.72 -12.46
C LYS E 115 40.08 65.85 -11.80
N ALA E 116 39.64 64.89 -10.99
CA ALA E 116 40.59 64.10 -10.22
C ALA E 116 41.34 63.11 -11.11
N LYS E 117 40.64 62.46 -12.02
CA LYS E 117 41.26 61.59 -13.01
C LYS E 117 41.45 62.37 -14.30
N ALA E 118 42.70 62.44 -14.76
CA ALA E 118 42.97 62.94 -16.10
C ALA E 118 42.41 61.95 -17.11
N GLN E 119 41.41 62.41 -17.85
CA GLN E 119 40.72 61.55 -18.80
C GLN E 119 41.61 61.23 -20.00
N VAL E 120 42.38 62.21 -20.45
CA VAL E 120 43.38 62.00 -21.47
C VAL E 120 44.69 61.74 -20.72
N THR E 121 44.96 60.46 -20.46
CA THR E 121 46.16 60.07 -19.74
C THR E 121 47.23 59.62 -20.72
N TYR E 122 48.48 59.65 -20.24
CA TYR E 122 49.61 59.34 -21.11
C TYR E 122 50.27 58.03 -20.73
N SER E 123 49.81 57.38 -19.68
CA SER E 123 50.32 56.10 -19.24
C SER E 123 49.15 55.20 -18.92
N ASP E 124 49.48 53.99 -18.47
CA ASP E 124 48.51 52.95 -18.05
C ASP E 124 47.54 52.60 -19.17
N THR E 125 48.05 52.55 -20.40
CA THR E 125 47.25 52.08 -21.52
C THR E 125 47.42 50.57 -21.64
N GLY E 126 46.86 49.98 -22.69
CA GLY E 126 47.12 48.59 -22.98
C GLY E 126 48.24 48.36 -23.94
N ILE E 127 48.97 49.41 -24.30
CA ILE E 127 49.97 49.35 -25.36
C ILE E 127 51.34 49.29 -24.71
N ASN E 128 52.08 48.21 -24.96
CA ASN E 128 53.34 48.00 -24.26
C ASN E 128 54.42 48.92 -24.83
N ASN E 129 55.15 49.56 -23.94
CA ASN E 129 56.20 50.50 -24.29
C ASN E 129 57.43 50.23 -23.43
N ALA E 130 57.83 48.96 -23.36
CA ALA E 130 58.95 48.58 -22.51
C ALA E 130 60.30 48.96 -23.09
N ASN E 131 60.37 49.23 -24.40
CA ASN E 131 61.60 49.71 -25.02
C ASN E 131 61.65 51.22 -25.11
N GLU E 132 60.87 51.90 -24.28
CA GLU E 132 60.85 53.35 -24.24
C GLU E 132 62.13 53.89 -23.60
N LEU E 133 62.73 54.89 -24.23
CA LEU E 133 63.91 55.51 -23.66
C LEU E 133 63.80 57.03 -23.81
N SER E 134 64.05 57.74 -22.71
CA SER E 134 64.10 59.19 -22.72
C SER E 134 65.50 59.67 -22.43
N ARG E 135 65.69 60.99 -22.57
CA ARG E 135 67.02 61.58 -22.47
C ARG E 135 67.29 61.89 -21.00
N SER E 136 67.84 60.90 -20.32
CA SER E 136 68.18 61.01 -18.91
C SER E 136 69.63 61.47 -18.73
N GLY E 137 69.91 61.99 -17.54
CA GLY E 137 71.25 62.40 -17.16
C GLY E 137 72.14 61.29 -16.66
N ASN E 138 71.65 60.05 -16.71
CA ASN E 138 72.48 58.90 -16.41
C ASN E 138 73.59 58.75 -17.43
N VAL E 139 73.34 59.15 -18.67
CA VAL E 139 74.26 58.91 -19.76
C VAL E 139 75.00 60.21 -20.10
N ASP E 140 76.27 60.08 -20.48
CA ASP E 140 77.02 61.18 -21.03
C ASP E 140 76.89 61.17 -22.55
N ASN E 141 77.76 61.92 -23.22
CA ASN E 141 77.72 61.94 -24.68
C ASN E 141 78.52 60.80 -25.29
N GLU E 142 79.52 60.28 -24.59
CA GLU E 142 80.26 59.12 -25.07
C GLU E 142 79.46 57.84 -24.94
N GLY E 143 78.50 57.78 -24.02
CA GLY E 143 77.69 56.60 -23.84
C GLY E 143 78.01 55.83 -22.58
N GLY E 144 78.35 56.54 -21.51
CA GLY E 144 78.71 55.91 -20.26
C GLY E 144 77.93 56.49 -19.08
N SER E 145 78.19 55.93 -17.91
CA SER E 145 77.47 56.32 -16.71
C SER E 145 77.96 57.68 -16.21
N ASN E 146 77.07 58.35 -15.48
CA ASN E 146 77.36 59.67 -14.97
C ASN E 146 77.26 59.66 -13.44
N GLN E 147 77.90 58.67 -12.82
CA GLN E 147 77.99 58.66 -11.36
C GLN E 147 78.92 59.76 -10.87
N LYS E 148 80.09 59.85 -11.43
CA LYS E 148 80.91 61.01 -11.14
C LYS E 148 80.81 62.02 -12.27
N PRO E 149 81.05 63.30 -12.00
CA PRO E 149 81.08 64.29 -13.07
C PRO E 149 82.30 64.11 -13.97
N MET E 150 82.20 64.64 -15.18
CA MET E 150 83.31 64.40 -16.08
C MET E 150 84.40 65.44 -15.92
N SER E 151 84.08 66.65 -15.48
CA SER E 151 85.11 67.59 -15.03
C SER E 151 85.89 67.00 -13.86
N THR E 152 85.18 66.28 -12.98
CA THR E 152 85.82 65.56 -11.88
C THR E 152 86.77 64.48 -12.37
N ARG E 153 86.29 63.61 -13.25
CA ARG E 153 87.12 62.47 -13.64
C ARG E 153 88.29 62.91 -14.51
N ILE E 154 88.17 64.02 -15.22
CA ILE E 154 89.35 64.55 -15.88
C ILE E 154 90.30 65.19 -14.87
N ALA E 155 89.77 65.75 -13.79
CA ALA E 155 90.64 66.30 -12.73
C ALA E 155 91.47 65.20 -12.08
N GLU E 156 90.86 64.05 -11.83
CA GLU E 156 91.68 62.95 -11.32
C GLU E 156 92.54 62.32 -12.39
N ALA E 157 92.11 62.42 -13.66
CA ALA E 157 92.92 61.91 -14.76
C ALA E 157 94.23 62.66 -14.90
N THR E 158 94.21 63.96 -14.66
CA THR E 158 95.45 64.71 -14.69
C THR E 158 96.15 64.76 -13.34
N SER E 159 95.43 64.51 -12.25
CA SER E 159 96.08 64.35 -10.95
C SER E 159 96.81 63.03 -10.84
N ALA E 160 96.51 62.08 -11.73
CA ALA E 160 97.26 60.84 -11.80
C ALA E 160 98.71 61.05 -12.24
N ILE E 161 99.04 62.17 -12.87
CA ILE E 161 100.42 62.48 -13.24
C ILE E 161 100.73 63.91 -12.76
N VAL E 162 101.43 64.02 -11.65
CA VAL E 162 102.06 65.25 -11.19
C VAL E 162 103.48 64.93 -10.75
N SER E 163 104.23 65.95 -10.37
CA SER E 163 105.55 65.75 -9.80
C SER E 163 105.92 66.95 -8.93
N LYS E 164 106.30 66.69 -7.69
CA LYS E 164 106.55 67.73 -6.72
C LYS E 164 108.03 68.14 -6.76
N HIS E 165 108.45 68.91 -5.77
CA HIS E 165 109.81 69.43 -5.68
C HIS E 165 110.77 68.34 -5.23
N PRO E 166 111.98 68.30 -5.81
CA PRO E 166 113.01 67.36 -5.36
C PRO E 166 113.63 67.80 -4.03
N GLN F 147 55.97 30.74 35.91
CA GLN F 147 55.40 29.60 36.61
C GLN F 147 54.19 29.06 35.87
N LYS F 148 54.38 27.90 35.22
CA LYS F 148 53.39 27.17 34.41
C LYS F 148 52.78 28.09 33.35
N PRO F 149 53.49 28.32 32.26
CA PRO F 149 52.94 29.16 31.18
C PRO F 149 51.76 28.48 30.49
N MET F 150 50.96 29.32 29.82
CA MET F 150 49.72 28.87 29.21
C MET F 150 50.00 27.89 28.08
N SER F 151 51.12 28.07 27.37
CA SER F 151 51.43 27.22 26.22
C SER F 151 51.72 25.80 26.65
N THR F 152 52.52 25.62 27.70
CA THR F 152 52.75 24.30 28.24
C THR F 152 51.50 23.74 28.91
N ARG F 153 50.64 24.61 29.43
CA ARG F 153 49.39 24.12 30.00
C ARG F 153 48.47 23.56 28.91
N ILE F 154 48.42 24.21 27.75
CA ILE F 154 47.59 23.68 26.67
C ILE F 154 48.24 22.44 26.06
N ALA F 155 49.57 22.38 26.06
CA ALA F 155 50.27 21.20 25.58
C ALA F 155 49.98 19.97 26.44
N GLU F 156 50.02 20.15 27.78
CA GLU F 156 49.69 19.02 28.64
C GLU F 156 48.20 18.71 28.60
N ALA F 157 47.35 19.70 28.33
CA ALA F 157 45.92 19.44 28.19
C ALA F 157 45.64 18.56 26.98
N THR F 158 46.19 18.91 25.83
CA THR F 158 46.02 18.10 24.61
C THR F 158 46.63 16.72 24.78
N SER F 159 47.81 16.63 25.39
CA SER F 159 48.45 15.33 25.56
C SER F 159 47.72 14.48 26.58
N ALA F 160 47.00 15.12 27.51
CA ALA F 160 46.17 14.36 28.43
C ALA F 160 44.93 13.83 27.72
N ILE F 161 44.33 14.64 26.84
CA ILE F 161 43.05 14.20 26.31
C ILE F 161 43.21 13.26 25.11
N VAL F 162 44.25 13.43 24.30
CA VAL F 162 44.34 12.73 23.02
C VAL F 162 45.51 11.76 22.99
N SER F 163 46.67 12.16 23.52
CA SER F 163 47.93 11.51 23.17
C SER F 163 48.24 10.31 24.06
N LYS F 164 47.22 9.56 24.47
CA LYS F 164 47.43 8.33 25.21
C LYS F 164 48.22 7.31 24.38
N HIS F 165 48.84 6.35 25.08
CA HIS F 165 50.02 5.68 24.54
C HIS F 165 49.76 4.73 23.38
N PRO F 166 48.97 3.59 23.54
CA PRO F 166 49.21 2.42 22.66
C PRO F 166 48.87 2.60 21.18
N ALA F 167 49.92 2.71 20.37
CA ALA F 167 49.82 3.00 18.96
C ALA F 167 49.65 1.75 18.09
N ARG F 168 49.67 0.57 18.72
CA ARG F 168 49.31 -0.71 18.12
C ARG F 168 50.20 -1.06 16.92
N VAL F 169 51.47 -1.30 17.28
CA VAL F 169 52.38 -2.02 16.39
C VAL F 169 51.78 -3.37 16.01
N GLY F 170 52.03 -3.81 14.79
CA GLY F 170 51.34 -4.98 14.27
C GLY F 170 52.00 -6.31 14.58
N LEU F 171 51.55 -6.93 15.65
CA LEU F 171 52.00 -8.24 16.10
C LEU F 171 51.06 -9.32 15.61
N PRO F 172 51.49 -10.57 15.64
CA PRO F 172 50.55 -11.66 15.82
C PRO F 172 50.13 -11.73 17.27
N PRO F 173 48.87 -11.37 17.58
CA PRO F 173 48.50 -11.10 18.97
C PRO F 173 48.41 -12.37 19.80
N THR F 174 49.14 -12.38 20.90
CA THR F 174 49.34 -13.56 21.73
C THR F 174 48.45 -13.51 22.96
N ALA F 175 48.20 -14.69 23.53
CA ALA F 175 47.29 -14.78 24.67
C ALA F 175 47.88 -14.14 25.92
N SER F 176 49.16 -14.36 26.18
CA SER F 176 49.76 -13.85 27.41
C SER F 176 50.23 -12.41 27.30
N SER F 177 50.03 -11.76 26.15
CA SER F 177 50.32 -10.34 25.98
C SER F 177 49.14 -9.72 25.24
N GLY F 178 48.13 -9.29 25.99
CA GLY F 178 46.96 -8.67 25.42
C GLY F 178 46.58 -7.41 26.16
N HIS F 179 45.88 -6.52 25.45
CA HIS F 179 45.54 -5.22 26.02
C HIS F 179 44.49 -5.35 27.10
N GLY F 180 43.44 -6.13 26.84
CA GLY F 180 42.59 -6.55 27.92
C GLY F 180 43.35 -7.55 28.75
N TYR F 181 43.80 -7.17 29.94
CA TYR F 181 44.68 -8.05 30.70
C TYR F 181 43.89 -9.21 31.32
N GLN F 182 42.84 -8.88 32.06
CA GLN F 182 41.93 -9.87 32.66
C GLN F 182 40.56 -9.22 32.65
N CYS F 183 39.65 -9.71 31.81
CA CYS F 183 38.28 -9.24 31.87
C CYS F 183 37.65 -9.72 33.16
N HIS F 184 37.39 -8.77 34.07
CA HIS F 184 37.37 -9.03 35.51
C HIS F 184 36.28 -10.00 35.96
N VAL F 185 35.27 -10.23 35.14
CA VAL F 185 34.29 -11.28 35.45
C VAL F 185 34.65 -12.58 34.76
N CYS F 186 34.89 -12.52 33.44
CA CYS F 186 35.11 -13.72 32.66
C CYS F 186 36.54 -14.24 32.70
N SER F 187 37.51 -13.40 33.10
CA SER F 187 38.91 -13.77 33.29
C SER F 187 39.54 -14.33 32.02
N ALA F 188 39.65 -13.46 31.02
CA ALA F 188 40.23 -13.85 29.73
C ALA F 188 40.97 -12.64 29.17
N VAL F 189 41.27 -12.69 27.87
CA VAL F 189 42.06 -11.67 27.20
C VAL F 189 41.27 -11.19 25.98
N LEU F 190 41.34 -9.89 25.69
CA LEU F 190 40.45 -9.28 24.70
C LEU F 190 41.10 -8.31 23.73
N PHE F 191 42.37 -7.94 23.93
CA PHE F 191 43.26 -7.31 22.96
C PHE F 191 42.94 -5.86 22.59
N SER F 192 41.81 -5.32 23.03
CA SER F 192 41.41 -4.07 22.42
C SER F 192 40.81 -3.08 23.42
N PRO F 193 41.18 -1.80 23.30
CA PRO F 193 40.78 -0.80 24.29
C PRO F 193 39.29 -0.54 24.37
N LEU F 194 38.55 -0.78 23.29
CA LEU F 194 37.11 -0.76 23.41
C LEU F 194 36.52 -2.12 23.73
N ASP F 195 37.26 -3.21 23.44
CA ASP F 195 36.74 -4.55 23.70
C ASP F 195 36.64 -4.83 25.19
N LEU F 196 37.69 -4.50 25.96
CA LEU F 196 37.65 -4.88 27.38
C LEU F 196 36.60 -4.06 28.14
N ASP F 197 36.45 -2.79 27.77
CA ASP F 197 35.47 -1.96 28.44
C ASP F 197 34.05 -2.24 27.95
N ALA F 198 33.87 -2.59 26.67
CA ALA F 198 32.55 -2.98 26.21
C ALA F 198 32.14 -4.33 26.77
N HIS F 199 33.11 -5.17 27.10
CA HIS F 199 32.81 -6.47 27.70
C HIS F 199 32.45 -6.33 29.17
N VAL F 200 33.17 -5.47 29.90
CA VAL F 200 32.79 -5.18 31.29
C VAL F 200 31.45 -4.45 31.33
N ALA F 201 31.19 -3.58 30.36
CA ALA F 201 29.87 -2.95 30.25
C ALA F 201 28.79 -3.92 29.82
N SER F 202 29.16 -4.99 29.11
CA SER F 202 28.21 -6.06 28.84
C SER F 202 27.90 -6.83 30.11
N HIS F 203 28.88 -6.92 31.01
CA HIS F 203 28.56 -7.43 32.34
C HIS F 203 27.74 -6.45 33.15
N GLY F 204 27.80 -5.16 32.82
CA GLY F 204 26.79 -4.24 33.32
C GLY F 204 25.44 -4.58 32.74
N LEU F 205 24.44 -4.70 33.61
CA LEU F 205 23.10 -5.00 33.16
C LEU F 205 22.53 -3.83 32.38
N HIS F 206 21.93 -4.13 31.23
CA HIS F 206 21.66 -3.09 30.23
C HIS F 206 20.54 -2.16 30.67
N GLY F 207 19.46 -2.71 31.22
CA GLY F 207 18.34 -1.89 31.65
C GLY F 207 18.59 -1.05 32.89
N ASN F 208 19.76 -1.20 33.52
CA ASN F 208 20.11 -0.38 34.68
C ASN F 208 21.33 0.47 34.36
N MET F 209 21.31 1.14 33.21
CA MET F 209 22.39 2.07 32.88
C MET F 209 22.35 3.25 33.84
N THR F 210 23.51 3.73 34.21
CA THR F 210 23.66 4.80 35.18
C THR F 210 24.84 5.62 34.73
N LEU F 211 24.76 6.93 34.86
CA LEU F 211 25.92 7.73 34.52
C LEU F 211 26.99 7.53 35.59
N THR F 212 28.15 7.07 35.14
CA THR F 212 29.39 7.13 35.91
C THR F 212 30.41 7.91 35.12
N SER F 213 31.47 8.28 35.84
CA SER F 213 32.61 8.91 35.18
C SER F 213 33.23 7.98 34.15
N SER F 214 33.30 6.68 34.46
CA SER F 214 33.70 5.66 33.51
C SER F 214 32.81 5.63 32.30
N GLU F 215 31.51 5.82 32.52
CA GLU F 215 30.58 5.88 31.40
C GLU F 215 30.84 7.11 30.53
N ILE F 216 31.31 8.21 31.12
CA ILE F 216 31.68 9.35 30.29
C ILE F 216 32.91 9.04 29.46
N GLN F 217 33.96 8.53 30.11
CA GLN F 217 35.19 8.49 29.34
C GLN F 217 35.30 7.26 28.43
N ARG F 218 34.41 6.27 28.54
CA ARG F 218 34.41 5.25 27.51
C ARG F 218 33.95 5.82 26.16
N HIS F 219 32.99 6.74 26.20
CA HIS F 219 32.60 7.43 24.98
C HIS F 219 33.67 8.39 24.53
N ILE F 220 34.42 8.95 25.48
CA ILE F 220 35.57 9.77 25.11
C ILE F 220 36.62 8.95 24.35
N THR F 221 36.88 7.73 24.82
CA THR F 221 37.86 6.87 24.15
C THR F 221 37.40 6.46 22.75
N GLU F 222 36.11 6.13 22.61
CA GLU F 222 35.59 5.79 21.29
C GLU F 222 35.66 6.98 20.33
N PHE F 223 35.39 8.18 20.85
CA PHE F 223 35.47 9.39 20.03
C PHE F 223 36.89 9.67 19.56
N ILE F 224 37.85 9.56 20.48
CA ILE F 224 39.24 9.83 20.13
C ILE F 224 39.76 8.78 19.17
N SER F 225 39.36 7.53 19.34
CA SER F 225 39.77 6.49 18.39
C SER F 225 39.18 6.72 17.01
N SER F 226 37.93 7.21 16.96
CA SER F 226 37.32 7.55 15.68
C SER F 226 38.06 8.71 15.01
N TRP F 227 38.54 9.65 15.80
CA TRP F 227 39.31 10.74 15.21
C TRP F 227 40.72 10.29 14.81
N GLN F 228 41.30 9.35 15.53
CA GLN F 228 42.63 8.87 15.21
C GLN F 228 42.63 8.02 13.94
N ASN F 229 41.57 7.25 13.71
CA ASN F 229 41.54 6.38 12.55
C ASN F 229 41.12 7.10 11.27
N HIS F 230 41.15 8.40 11.26
CA HIS F 230 40.79 9.22 10.12
C HIS F 230 41.95 9.28 9.13
N PRO F 231 41.68 9.13 7.83
CA PRO F 231 42.77 8.92 6.86
C PRO F 231 43.57 10.15 6.50
N ILE F 232 43.09 11.35 6.79
CA ILE F 232 43.78 12.57 6.38
C ILE F 232 44.61 13.15 7.51
N VAL F 233 44.06 13.15 8.73
CA VAL F 233 44.74 13.81 9.83
C VAL F 233 45.97 13.04 10.30
N GLN F 234 46.10 11.76 9.93
CA GLN F 234 47.28 11.00 10.29
C GLN F 234 48.49 11.40 9.47
N VAL F 235 48.28 11.96 8.29
CA VAL F 235 49.38 12.37 7.43
C VAL F 235 49.53 13.89 7.36
N SER F 236 48.47 14.65 7.61
CA SER F 236 48.58 16.10 7.53
C SER F 236 49.27 16.68 8.76
N ALA F 237 50.16 17.64 8.52
CA ALA F 237 50.84 18.38 9.57
C ALA F 237 51.26 19.71 8.99
N ASP F 238 51.09 20.79 9.76
CA ASP F 238 51.23 22.12 9.18
C ASP F 238 52.69 22.55 9.00
N VAL F 239 53.55 22.18 9.95
CA VAL F 239 54.93 22.64 9.93
C VAL F 239 55.72 21.86 8.88
N GLU F 240 56.75 22.49 8.33
CA GLU F 240 57.60 21.87 7.32
C GLU F 240 58.74 21.13 8.02
N ASN F 241 59.72 20.66 7.24
CA ASN F 241 60.81 19.89 7.85
C ASN F 241 62.17 20.15 7.23
N ARG F 242 62.35 21.30 6.56
CA ARG F 242 63.52 21.76 5.79
C ARG F 242 63.67 20.99 4.48
N LYS F 243 62.88 19.94 4.31
CA LYS F 243 62.86 19.13 3.09
C LYS F 243 61.64 19.45 2.25
N THR F 244 60.46 19.41 2.88
CA THR F 244 59.23 19.78 2.19
C THR F 244 59.23 21.25 1.83
N ALA F 245 59.77 22.10 2.71
CA ALA F 245 59.88 23.51 2.41
C ALA F 245 60.87 23.76 1.28
N GLN F 246 61.93 22.95 1.21
CA GLN F 246 62.88 23.04 0.11
C GLN F 246 62.23 22.65 -1.21
N LEU F 247 61.40 21.61 -1.17
CA LEU F 247 60.71 21.18 -2.38
C LEU F 247 59.68 22.21 -2.82
N LEU F 248 58.95 22.78 -1.86
CA LEU F 248 57.87 23.69 -2.18
C LEU F 248 58.40 25.03 -2.68
N HIS F 249 59.47 25.54 -2.08
CA HIS F 249 60.07 26.75 -2.61
C HIS F 249 61.58 26.62 -2.50
N ALA F 250 62.27 26.94 -3.58
CA ALA F 250 63.72 26.79 -3.60
C ALA F 250 64.40 28.13 -3.38
N ASP F 251 65.54 28.10 -2.70
CA ASP F 251 66.42 29.25 -2.63
C ASP F 251 66.96 29.52 -4.03
N THR F 252 66.54 30.62 -4.62
CA THR F 252 67.07 30.96 -5.92
C THR F 252 68.50 31.49 -5.75
N PRO F 253 69.39 31.16 -6.67
CA PRO F 253 70.78 31.59 -6.55
C PRO F 253 71.02 32.91 -7.26
N ARG F 254 72.11 33.56 -6.85
CA ARG F 254 72.47 34.88 -7.36
C ARG F 254 73.36 34.67 -8.58
N LEU F 255 72.79 34.82 -9.78
CA LEU F 255 73.52 34.54 -11.00
C LEU F 255 74.24 35.78 -11.52
N VAL F 256 73.49 36.82 -11.84
CA VAL F 256 74.03 37.96 -12.58
C VAL F 256 74.75 38.87 -11.59
N THR F 257 76.07 38.81 -11.59
CA THR F 257 76.91 39.54 -10.66
C THR F 257 77.90 40.40 -11.45
N TRP F 258 78.31 41.52 -10.85
CA TRP F 258 79.02 42.55 -11.60
C TRP F 258 80.32 42.98 -10.94
N ASP F 259 81.24 43.45 -11.77
CA ASP F 259 82.51 44.00 -11.34
C ASP F 259 82.67 45.34 -12.04
N ALA F 260 82.63 46.42 -11.26
CA ALA F 260 82.94 47.73 -11.81
C ALA F 260 84.43 48.03 -11.73
N GLY F 261 85.14 47.43 -10.80
CA GLY F 261 86.57 47.57 -10.74
C GLY F 261 87.24 46.76 -11.83
N LEU F 262 88.57 46.84 -11.85
CA LEU F 262 89.31 46.14 -12.88
C LEU F 262 89.37 44.65 -12.57
N CYS F 263 89.33 43.84 -13.62
CA CYS F 263 89.46 42.41 -13.45
C CYS F 263 90.93 42.02 -13.50
N THR F 264 91.36 41.26 -12.49
CA THR F 264 92.68 40.63 -12.44
C THR F 264 92.59 39.58 -11.35
N SER F 265 93.68 38.88 -11.14
CA SER F 265 93.79 38.05 -9.96
C SER F 265 95.18 38.09 -9.35
N PHE F 266 96.13 38.78 -9.95
CA PHE F 266 97.49 38.84 -9.45
C PHE F 266 97.81 40.28 -9.08
N LYS F 267 98.87 40.45 -8.31
CA LYS F 267 99.37 41.77 -8.00
C LYS F 267 100.86 41.69 -7.73
N ILE F 268 101.49 42.84 -7.68
CA ILE F 268 102.94 42.95 -7.64
C ILE F 268 103.29 43.70 -6.37
N VAL F 269 103.79 42.99 -5.37
CA VAL F 269 104.12 43.60 -4.09
C VAL F 269 105.63 43.76 -4.01
N PRO F 270 106.14 44.88 -3.52
CA PRO F 270 107.57 45.00 -3.26
C PRO F 270 107.93 44.32 -1.96
N ILE F 271 109.20 43.96 -1.83
CA ILE F 271 109.63 43.29 -0.62
C ILE F 271 110.68 44.12 0.11
N VAL F 272 111.79 44.39 -0.53
CA VAL F 272 112.88 45.17 0.06
C VAL F 272 113.02 46.48 -0.71
N PRO F 273 113.05 47.62 -0.04
CA PRO F 273 113.09 48.90 -0.75
C PRO F 273 114.45 49.20 -1.34
N ALA F 274 114.48 50.19 -2.23
CA ALA F 274 115.69 50.55 -2.93
C ALA F 274 116.51 51.55 -2.12
N GLN F 275 117.81 51.60 -2.43
CA GLN F 275 118.74 52.50 -1.75
C GLN F 275 118.56 53.91 -2.31
N VAL F 276 117.53 54.59 -1.81
CA VAL F 276 117.09 55.84 -2.42
C VAL F 276 118.07 56.96 -2.09
N PRO F 277 118.62 57.06 -0.87
CA PRO F 277 119.90 57.77 -0.78
C PRO F 277 121.05 56.79 -0.83
N GLN F 278 122.11 57.18 -1.53
CA GLN F 278 123.37 56.43 -1.57
C GLN F 278 124.46 57.39 -1.99
N ASP F 279 125.65 56.88 -2.28
CA ASP F 279 126.78 57.75 -2.53
C ASP F 279 127.18 57.85 -4.00
N VAL F 280 127.26 56.73 -4.72
CA VAL F 280 127.84 56.77 -6.06
C VAL F 280 126.90 57.39 -7.08
N LEU F 281 125.62 57.49 -6.76
CA LEU F 281 124.64 58.07 -7.65
C LEU F 281 124.03 59.28 -6.98
N ALA F 282 123.75 60.32 -7.78
CA ALA F 282 123.10 61.50 -7.26
C ALA F 282 121.66 61.20 -6.85
N TYR F 283 121.11 62.08 -6.02
CA TYR F 283 119.78 61.90 -5.51
C TYR F 283 118.70 62.11 -6.56
N THR F 284 119.02 62.82 -7.63
CA THR F 284 118.02 63.24 -8.60
C THR F 284 117.90 62.28 -9.79
N PHE F 285 118.59 61.14 -9.76
CA PHE F 285 118.33 60.15 -10.79
C PHE F 285 116.99 59.47 -10.56
N PHE F 286 116.63 59.28 -9.31
CA PHE F 286 115.47 58.46 -8.98
C PHE F 286 114.20 59.26 -9.16
N THR F 287 113.21 58.63 -9.81
CA THR F 287 111.94 59.30 -10.04
C THR F 287 111.12 59.47 -8.76
N SER F 288 111.43 58.69 -7.73
CA SER F 288 110.77 58.88 -6.44
C SER F 288 111.18 60.20 -5.80
N SER F 289 112.39 60.70 -6.13
CA SER F 289 112.80 62.00 -5.63
C SER F 289 111.92 63.11 -6.20
N TYR F 290 111.44 62.95 -7.42
CA TYR F 290 110.51 63.89 -8.02
C TYR F 290 109.07 63.49 -7.80
N ALA F 291 108.85 62.35 -7.14
CA ALA F 291 107.55 61.87 -6.67
C ALA F 291 106.58 61.64 -7.83
N ILE F 292 107.01 60.80 -8.76
CA ILE F 292 106.14 60.29 -9.82
C ILE F 292 105.81 58.85 -9.47
N GLN F 293 104.52 58.56 -9.34
CA GLN F 293 104.11 57.21 -9.06
C GLN F 293 104.21 56.36 -10.33
N SER F 294 104.25 55.05 -10.12
CA SER F 294 104.51 54.12 -11.20
C SER F 294 103.91 52.78 -10.81
N PRO F 295 103.37 52.03 -11.78
CA PRO F 295 102.72 50.76 -11.44
C PRO F 295 103.65 49.71 -10.92
N PHE F 296 104.86 49.72 -11.32
CA PHE F 296 105.68 48.70 -10.72
C PHE F 296 106.46 49.32 -9.59
N PRO F 297 106.49 48.70 -8.41
CA PRO F 297 107.04 49.38 -7.23
C PRO F 297 108.55 49.56 -7.31
N GLU F 298 108.99 50.79 -7.10
CA GLU F 298 110.42 51.10 -7.14
C GLU F 298 111.07 50.54 -5.91
N ALA F 299 111.61 49.33 -6.04
CA ALA F 299 112.17 48.62 -4.90
C ALA F 299 113.33 47.78 -5.38
N ALA F 300 114.02 47.17 -4.41
CA ALA F 300 115.16 46.33 -4.75
C ALA F 300 114.71 45.02 -5.37
N VAL F 301 113.86 44.27 -4.67
CA VAL F 301 113.35 43.00 -5.14
C VAL F 301 111.83 43.01 -4.99
N SER F 302 111.12 42.69 -6.06
CA SER F 302 109.68 42.62 -6.05
C SER F 302 109.24 41.31 -6.66
N ARG F 303 108.31 40.63 -6.00
CA ARG F 303 107.76 39.39 -6.50
C ARG F 303 106.28 39.54 -6.71
N ILE F 304 105.74 38.76 -7.62
CA ILE F 304 104.31 38.78 -7.88
C ILE F 304 103.64 37.74 -7.00
N VAL F 305 102.51 38.11 -6.40
CA VAL F 305 101.81 37.22 -5.51
C VAL F 305 100.39 37.05 -6.01
N VAL F 306 99.60 36.28 -5.27
CA VAL F 306 98.25 35.93 -5.69
C VAL F 306 97.27 36.43 -4.64
N HIS F 307 96.40 37.33 -5.05
CA HIS F 307 95.40 37.94 -4.18
C HIS F 307 94.18 38.16 -5.05
N THR F 308 93.04 37.61 -4.64
CA THR F 308 91.89 37.56 -5.54
C THR F 308 91.29 38.95 -5.76
N ARG F 309 91.77 39.56 -6.84
CA ARG F 309 91.29 40.68 -7.66
C ARG F 309 91.38 42.05 -7.02
N TRP F 310 91.51 42.15 -5.69
CA TRP F 310 92.08 43.26 -4.91
C TRP F 310 91.79 44.70 -5.32
N ALA F 311 90.90 44.90 -6.28
CA ALA F 311 90.70 46.21 -6.89
C ALA F 311 89.25 46.40 -7.27
N SER F 312 88.38 45.47 -6.96
CA SER F 312 87.11 45.31 -7.62
C SER F 312 86.00 45.92 -6.80
N ASN F 313 85.40 46.99 -7.30
CA ASN F 313 84.07 47.35 -6.85
C ASN F 313 83.11 46.26 -7.30
N VAL F 314 82.24 45.83 -6.41
CA VAL F 314 81.44 44.65 -6.63
C VAL F 314 79.99 44.96 -6.27
N ASP F 315 79.06 44.40 -7.04
CA ASP F 315 77.66 44.51 -6.67
C ASP F 315 77.33 43.62 -5.48
N PHE F 316 77.91 42.42 -5.45
CA PHE F 316 77.57 41.43 -4.43
C PHE F 316 78.71 40.45 -4.36
N ASP F 317 79.33 40.30 -3.19
CA ASP F 317 80.56 39.53 -3.11
C ASP F 317 80.29 38.02 -3.15
N ARG F 318 81.21 37.31 -3.76
CA ARG F 318 81.38 35.89 -3.48
C ARG F 318 82.20 35.79 -2.21
N ASP F 319 81.68 35.05 -1.22
CA ASP F 319 82.38 34.98 0.06
C ASP F 319 83.65 34.15 -0.02
N SER F 320 83.83 33.37 -1.06
CA SER F 320 85.09 32.68 -1.29
C SER F 320 86.17 33.68 -1.64
N SER F 321 87.39 33.38 -1.21
CA SER F 321 88.55 34.21 -1.49
C SER F 321 89.80 33.39 -1.29
N VAL F 322 90.86 33.76 -2.02
CA VAL F 322 92.18 33.16 -1.85
C VAL F 322 93.15 34.31 -1.63
N ILE F 323 93.67 34.40 -0.42
CA ILE F 323 94.59 35.47 -0.04
C ILE F 323 95.91 34.84 0.32
N MET F 324 96.97 35.26 -0.35
CA MET F 324 98.29 34.70 -0.13
C MET F 324 99.25 35.80 0.29
N ALA F 325 99.92 35.58 1.42
CA ALA F 325 100.88 36.53 1.93
C ALA F 325 102.14 36.54 1.06
N PRO F 326 102.95 37.59 1.15
CA PRO F 326 104.25 37.59 0.47
C PRO F 326 105.16 36.49 1.02
N PRO F 327 106.12 36.02 0.22
CA PRO F 327 106.91 34.85 0.61
C PRO F 327 107.88 35.08 1.76
N THR F 328 108.03 36.30 2.26
CA THR F 328 108.73 36.48 3.52
C THR F 328 107.86 36.13 4.71
N GLU F 329 106.55 36.17 4.55
CA GLU F 329 105.65 35.74 5.60
C GLU F 329 105.34 34.26 5.42
N ASN F 330 104.38 33.74 6.17
CA ASN F 330 104.07 32.33 6.13
C ASN F 330 102.82 32.08 5.32
N ASN F 331 102.75 30.90 4.70
CA ASN F 331 101.60 30.56 3.86
C ASN F 331 101.11 29.14 4.10
N ILE F 332 101.61 28.46 5.13
CA ILE F 332 101.18 27.09 5.39
C ILE F 332 99.79 27.05 6.00
N HIS F 333 99.27 28.19 6.46
CA HIS F 333 97.87 28.26 6.86
C HIS F 333 96.95 28.10 5.66
N LEU F 334 97.44 28.40 4.46
CA LEU F 334 96.67 28.11 3.26
C LEU F 334 96.64 26.64 2.93
N PHE F 335 97.60 25.85 3.42
CA PHE F 335 97.73 24.46 3.00
C PHE F 335 97.36 23.46 4.08
N LYS F 336 97.33 23.88 5.33
CA LYS F 336 96.90 23.00 6.42
C LYS F 336 95.40 23.02 6.62
N GLN F 337 94.66 23.55 5.66
CA GLN F 337 93.26 23.87 5.89
C GLN F 337 92.38 22.64 5.79
N LEU F 338 92.70 21.69 4.92
CA LEU F 338 91.67 20.76 4.48
C LEU F 338 91.43 19.61 5.45
N LEU F 339 92.43 18.73 5.63
CA LEU F 339 92.25 17.53 6.42
C LEU F 339 93.26 17.43 7.56
N ASN F 340 93.88 18.55 7.91
CA ASN F 340 94.94 18.55 8.90
C ASN F 340 94.41 18.87 10.29
N THR F 341 93.41 18.11 10.72
CA THR F 341 92.85 18.29 12.05
C THR F 341 93.71 17.69 13.14
N GLU F 342 94.82 17.04 12.80
CA GLU F 342 95.69 16.42 13.78
C GLU F 342 97.11 16.97 13.75
N THR F 343 97.40 17.88 12.85
CA THR F 343 98.64 18.65 12.93
C THR F 343 98.52 19.61 14.10
N LEU F 344 99.22 19.30 15.20
CA LEU F 344 99.15 20.18 16.36
C LEU F 344 99.89 21.48 16.11
N SER F 345 100.90 21.46 15.24
CA SER F 345 101.69 22.65 14.98
C SER F 345 100.86 23.67 14.21
N VAL F 346 100.98 24.94 14.63
CA VAL F 346 100.34 26.03 13.90
C VAL F 346 100.97 26.17 12.53
N ARG F 347 102.26 25.86 12.41
CA ARG F 347 102.98 25.96 11.16
C ARG F 347 103.31 24.59 10.57
N GLY F 348 102.40 23.63 10.67
CA GLY F 348 102.64 22.30 10.16
C GLY F 348 101.56 21.85 9.19
N ALA F 349 101.93 20.86 8.37
CA ALA F 349 101.00 20.32 7.38
C ALA F 349 101.42 18.91 6.98
N ASN F 350 100.47 17.98 7.00
CA ASN F 350 100.71 16.61 6.55
C ASN F 350 100.84 16.58 5.03
N PRO F 351 101.90 15.99 4.49
CA PRO F 351 102.11 16.01 3.02
C PRO F 351 101.12 15.24 2.22
N LEU F 352 100.38 14.31 2.80
CA LEU F 352 99.55 13.47 1.96
C LEU F 352 98.27 14.15 1.52
N MET F 353 97.88 15.26 2.15
CA MET F 353 96.73 16.01 1.68
C MET F 353 97.12 17.26 0.90
N PHE F 354 98.37 17.30 0.40
CA PHE F 354 98.86 18.47 -0.34
C PHE F 354 98.05 18.68 -1.62
N ARG F 355 97.92 17.63 -2.43
CA ARG F 355 97.23 17.77 -3.71
C ARG F 355 95.77 18.10 -3.52
N ALA F 356 95.15 17.49 -2.52
CA ALA F 356 93.74 17.72 -2.24
C ALA F 356 93.49 19.16 -1.84
N ASN F 357 94.36 19.71 -0.99
CA ASN F 357 94.12 21.09 -0.59
C ASN F 357 94.51 22.07 -1.70
N VAL F 358 95.50 21.72 -2.53
CA VAL F 358 95.88 22.59 -3.64
C VAL F 358 94.75 22.68 -4.67
N LEU F 359 94.13 21.56 -5.01
CA LEU F 359 93.04 21.66 -5.97
C LEU F 359 91.77 22.20 -5.34
N HIS F 360 91.60 22.07 -4.01
CA HIS F 360 90.50 22.78 -3.37
C HIS F 360 90.72 24.29 -3.44
N MET F 361 91.96 24.73 -3.29
CA MET F 361 92.29 26.13 -3.47
C MET F 361 92.05 26.58 -4.90
N LEU F 362 92.33 25.70 -5.87
CA LEU F 362 92.02 26.00 -7.25
C LEU F 362 90.52 26.18 -7.46
N LEU F 363 89.72 25.33 -6.81
CA LEU F 363 88.28 25.47 -6.89
C LEU F 363 87.81 26.78 -6.27
N GLU F 364 88.40 27.16 -5.14
CA GLU F 364 88.09 28.44 -4.52
C GLU F 364 88.46 29.59 -5.43
N PHE F 365 89.63 29.48 -6.08
CA PHE F 365 90.15 30.55 -6.90
C PHE F 365 89.35 30.73 -8.18
N VAL F 366 88.81 29.64 -8.72
CA VAL F 366 87.97 29.82 -9.89
C VAL F 366 86.55 30.20 -9.48
N LEU F 367 86.10 29.74 -8.31
CA LEU F 367 84.75 30.02 -7.86
C LEU F 367 84.61 31.47 -7.43
N ASP F 368 85.72 32.12 -7.11
CA ASP F 368 85.66 33.52 -6.72
C ASP F 368 85.37 34.42 -7.90
N ASN F 369 85.93 34.12 -9.08
CA ASN F 369 85.80 34.99 -10.24
C ASN F 369 84.66 34.50 -11.13
N LEU F 370 83.45 34.86 -10.74
CA LEU F 370 82.27 34.63 -11.56
C LEU F 370 81.53 35.91 -11.83
N TYR F 371 82.25 36.99 -12.09
CA TYR F 371 81.63 38.29 -12.23
C TYR F 371 81.58 38.69 -13.70
N LEU F 372 80.94 39.82 -13.96
CA LEU F 372 80.90 40.38 -15.30
C LEU F 372 81.47 41.79 -15.27
N ASN F 373 82.44 42.04 -16.12
CA ASN F 373 83.08 43.34 -16.19
C ASN F 373 82.09 44.37 -16.74
N ARG F 374 81.79 45.39 -15.96
CA ARG F 374 80.76 46.35 -16.32
C ARG F 374 81.35 47.60 -16.96
N HIS F 375 80.70 48.06 -18.02
CA HIS F 375 80.96 49.38 -18.59
C HIS F 375 80.69 50.46 -17.55
N THR F 376 81.51 51.52 -17.58
CA THR F 376 81.40 52.52 -16.53
C THR F 376 81.47 53.97 -16.99
N GLY F 377 81.81 54.24 -18.25
CA GLY F 377 82.01 55.61 -18.67
C GLY F 377 83.49 55.93 -18.87
N PHE F 378 83.73 56.99 -19.62
CA PHE F 378 85.09 57.31 -20.05
C PHE F 378 85.30 58.81 -19.98
N SER F 379 86.48 59.24 -20.42
CA SER F 379 86.85 60.65 -20.45
C SER F 379 88.02 60.82 -21.39
N GLN F 380 87.95 61.85 -22.23
CA GLN F 380 89.04 62.13 -23.15
C GLN F 380 90.23 62.71 -22.40
N ASP F 381 91.42 62.26 -22.77
CA ASP F 381 92.63 62.80 -22.19
C ASP F 381 92.87 64.22 -22.68
N HIS F 382 93.45 65.04 -21.82
CA HIS F 382 93.94 66.35 -22.19
C HIS F 382 95.44 66.48 -22.07
N THR F 383 96.07 65.60 -21.37
CA THR F 383 97.51 65.60 -21.29
C THR F 383 98.09 64.95 -22.54
N PRO F 384 99.24 65.39 -23.02
CA PRO F 384 99.77 64.86 -24.28
C PRO F 384 100.55 63.57 -24.13
N PHE F 385 100.37 62.85 -23.02
CA PHE F 385 101.04 61.57 -22.85
C PHE F 385 100.55 60.56 -23.88
N THR F 386 99.25 60.31 -23.91
CA THR F 386 98.64 59.44 -24.91
C THR F 386 97.53 60.24 -25.58
N GLU F 387 97.69 60.51 -26.88
CA GLU F 387 96.68 61.27 -27.59
C GLU F 387 95.46 60.40 -27.83
N GLY F 388 94.28 61.01 -27.72
CA GLY F 388 93.02 60.38 -28.05
C GLY F 388 92.57 59.25 -27.15
N ALA F 389 93.37 58.83 -26.19
CA ALA F 389 93.06 57.64 -25.40
C ALA F 389 91.97 57.99 -24.40
N ASN F 390 90.75 57.55 -24.68
CA ASN F 390 89.63 57.78 -23.79
C ASN F 390 89.78 56.85 -22.60
N LEU F 391 90.33 57.39 -21.52
CA LEU F 391 90.64 56.58 -20.36
C LEU F 391 89.37 56.23 -19.60
N ARG F 392 89.49 55.26 -18.70
CA ARG F 392 88.33 54.66 -18.06
C ARG F 392 88.28 55.04 -16.58
N SER F 393 87.12 55.51 -16.12
CA SER F 393 86.97 56.06 -14.78
C SER F 393 86.21 55.10 -13.89
N LEU F 394 86.92 54.45 -12.99
CA LEU F 394 86.29 53.52 -12.06
C LEU F 394 85.50 54.28 -10.98
N PRO F 395 84.44 53.70 -10.45
CA PRO F 395 83.68 54.35 -9.37
C PRO F 395 84.39 54.16 -8.04
N GLY F 396 83.97 54.95 -7.06
CA GLY F 396 84.61 54.97 -5.78
C GLY F 396 85.35 56.28 -5.55
N PRO F 397 85.75 56.55 -4.31
CA PRO F 397 86.43 57.82 -4.03
C PRO F 397 87.87 57.84 -4.53
N ASP F 398 88.58 56.73 -4.41
CA ASP F 398 89.96 56.65 -4.84
C ASP F 398 90.00 56.51 -6.36
N ALA F 399 90.59 57.51 -7.03
CA ALA F 399 90.75 57.44 -8.47
C ALA F 399 92.10 57.98 -8.94
N GLU F 400 93.05 58.14 -8.02
CA GLU F 400 94.27 58.88 -8.35
C GLU F 400 95.36 57.97 -8.88
N LYS F 401 95.81 57.02 -8.05
CA LYS F 401 96.89 56.12 -8.45
C LYS F 401 96.42 55.03 -9.39
N TRP F 402 95.10 54.93 -9.60
CA TRP F 402 94.54 53.86 -10.41
C TRP F 402 94.95 53.98 -11.86
N TYR F 403 95.18 55.18 -12.35
CA TYR F 403 95.50 55.30 -13.76
C TYR F 403 96.94 54.89 -14.01
N SER F 404 97.81 55.17 -13.05
CA SER F 404 99.17 54.66 -13.10
C SER F 404 99.18 53.14 -13.03
N ILE F 405 98.39 52.56 -12.12
CA ILE F 405 98.43 51.10 -12.03
C ILE F 405 97.71 50.43 -13.20
N MET F 406 96.78 51.12 -13.87
CA MET F 406 96.06 50.50 -14.96
C MET F 406 96.78 50.61 -16.30
N TYR F 407 97.34 51.77 -16.62
CA TYR F 407 97.79 52.07 -17.98
C TYR F 407 99.29 52.32 -17.95
N PRO F 408 100.12 51.28 -18.08
CA PRO F 408 101.56 51.45 -17.85
C PRO F 408 102.25 52.25 -18.94
N THR F 409 101.70 52.33 -20.14
CA THR F 409 102.36 53.09 -21.18
C THR F 409 102.06 54.57 -21.12
N ARG F 410 101.33 55.03 -20.11
CA ARG F 410 100.97 56.44 -20.05
C ARG F 410 102.14 57.31 -19.63
N MET F 411 103.07 56.79 -18.82
CA MET F 411 104.09 57.62 -18.21
C MET F 411 105.12 58.09 -19.23
N GLY F 412 105.95 59.01 -18.80
CA GLY F 412 107.14 59.34 -19.53
C GLY F 412 108.31 58.48 -19.11
N THR F 413 109.36 58.48 -19.93
CA THR F 413 110.56 57.68 -19.71
C THR F 413 111.80 58.57 -19.65
N PRO F 414 111.99 59.28 -18.55
CA PRO F 414 113.08 60.26 -18.48
C PRO F 414 114.47 59.65 -18.37
N ASN F 415 114.61 58.51 -17.72
CA ASN F 415 115.96 58.02 -17.48
C ASN F 415 116.13 56.59 -17.95
N VAL F 416 117.22 55.96 -17.52
CA VAL F 416 117.61 54.66 -18.01
C VAL F 416 117.31 53.65 -16.89
N SER F 417 116.28 53.97 -16.09
CA SER F 417 115.71 52.97 -15.19
C SER F 417 115.10 51.84 -16.02
N LYS F 418 115.05 50.65 -15.42
CA LYS F 418 114.64 49.45 -16.15
C LYS F 418 113.20 49.55 -16.60
N ILE F 419 112.33 50.05 -15.73
CA ILE F 419 110.95 50.27 -16.11
C ILE F 419 110.83 51.35 -17.17
N CYS F 420 111.75 52.32 -17.17
CA CYS F 420 111.68 53.36 -18.19
C CYS F 420 112.17 52.87 -19.54
N ASN F 421 113.18 52.00 -19.54
CA ASN F 421 113.60 51.34 -20.78
C ASN F 421 112.48 50.47 -21.31
N PHE F 422 111.73 49.84 -20.41
CA PHE F 422 110.61 49.00 -20.83
C PHE F 422 109.50 49.83 -21.44
N VAL F 423 109.11 50.92 -20.79
CA VAL F 423 108.00 51.71 -21.30
C VAL F 423 108.42 52.48 -22.53
N ALA F 424 109.70 52.71 -22.72
CA ALA F 424 110.14 53.24 -24.00
C ALA F 424 110.14 52.18 -25.08
N SER F 425 110.40 50.92 -24.70
CA SER F 425 110.32 49.85 -25.69
C SER F 425 108.90 49.51 -26.08
N CYS F 426 107.93 49.87 -25.25
CA CYS F 426 106.54 49.60 -25.57
C CYS F 426 106.05 50.42 -26.76
N VAL F 427 104.97 49.95 -27.38
CA VAL F 427 104.28 50.63 -28.47
C VAL F 427 103.32 51.66 -27.89
N ARG F 428 102.73 52.51 -28.75
CA ARG F 428 102.05 53.70 -28.28
C ARG F 428 100.54 53.66 -28.42
N ASN F 429 99.99 53.21 -29.56
CA ASN F 429 98.55 53.36 -29.78
C ASN F 429 97.72 52.22 -29.20
N ARG F 430 98.21 51.54 -28.16
CA ARG F 430 97.50 50.40 -27.61
C ARG F 430 97.13 50.62 -26.15
N VAL F 431 96.51 51.75 -25.84
CA VAL F 431 95.93 51.97 -24.52
C VAL F 431 94.57 52.64 -24.68
N GLY F 432 93.61 52.22 -23.88
CA GLY F 432 92.34 52.92 -23.75
C GLY F 432 91.22 52.32 -24.58
N ARG F 433 90.17 53.12 -24.72
CA ARG F 433 89.03 52.76 -25.57
C ARG F 433 89.50 52.73 -27.02
N PHE F 434 89.08 51.70 -27.75
CA PHE F 434 89.35 51.64 -29.17
C PHE F 434 88.21 51.04 -29.98
N ASP F 435 87.13 50.60 -29.33
CA ASP F 435 86.02 49.97 -30.03
C ASP F 435 84.80 50.06 -29.12
N ARG F 436 83.77 50.77 -29.57
CA ARG F 436 82.52 50.86 -28.86
C ARG F 436 81.41 50.41 -29.79
N ALA F 437 80.28 50.01 -29.20
CA ALA F 437 79.14 49.53 -29.96
C ALA F 437 77.93 50.36 -29.56
N GLN F 438 77.65 51.39 -30.33
CA GLN F 438 76.49 52.22 -30.06
C GLN F 438 75.28 51.65 -30.77
N MET F 439 74.13 51.68 -30.11
CA MET F 439 72.87 51.39 -30.77
C MET F 439 72.03 52.63 -31.03
N MET F 440 71.87 53.51 -30.05
CA MET F 440 70.91 54.59 -30.17
C MET F 440 71.55 55.93 -29.83
N ASN F 441 70.87 56.99 -30.25
CA ASN F 441 71.25 58.34 -29.83
C ASN F 441 71.05 58.49 -28.33
N GLY F 442 72.03 59.15 -27.71
CA GLY F 442 71.92 59.57 -26.31
C GLY F 442 71.70 58.44 -25.34
N ALA F 443 72.30 57.28 -25.59
CA ALA F 443 72.07 56.12 -24.76
C ALA F 443 73.39 55.47 -24.41
N MET F 444 73.38 54.72 -23.32
CA MET F 444 74.56 54.04 -22.84
C MET F 444 74.94 52.91 -23.79
N SER F 445 76.19 52.92 -24.24
CA SER F 445 76.66 51.90 -25.17
C SER F 445 76.72 50.54 -24.48
N GLU F 446 76.37 49.50 -25.24
CA GLU F 446 76.14 48.18 -24.64
C GLU F 446 77.46 47.51 -24.27
N TRP F 447 78.34 47.33 -25.24
CA TRP F 447 79.64 46.74 -24.98
C TRP F 447 80.71 47.55 -25.67
N VAL F 448 81.82 47.74 -24.98
CA VAL F 448 82.96 48.45 -25.55
C VAL F 448 84.15 47.52 -25.48
N ASP F 449 85.31 48.01 -25.91
CA ASP F 449 86.52 47.22 -25.79
C ASP F 449 87.65 48.14 -25.34
N VAL F 450 88.48 47.66 -24.42
CA VAL F 450 89.41 48.51 -23.70
C VAL F 450 90.74 47.78 -23.52
N PHE F 451 91.83 48.56 -23.50
CA PHE F 451 93.20 48.09 -23.28
C PHE F 451 93.61 48.42 -21.86
N GLU F 452 93.29 47.53 -20.92
CA GLU F 452 93.59 47.77 -19.52
C GLU F 452 94.27 46.54 -18.92
N THR F 453 94.73 46.69 -17.68
CA THR F 453 95.47 45.60 -17.05
C THR F 453 94.51 44.52 -16.56
N SER F 454 94.87 43.27 -16.85
CA SER F 454 94.10 42.06 -16.56
C SER F 454 94.97 40.88 -16.94
N ASP F 455 94.80 39.78 -16.22
CA ASP F 455 95.44 38.57 -16.66
C ASP F 455 94.51 37.73 -17.53
N ALA F 456 95.14 37.00 -18.45
CA ALA F 456 94.42 36.23 -19.46
C ALA F 456 93.62 35.11 -18.83
N LEU F 457 94.04 34.64 -17.65
CA LEU F 457 93.28 33.67 -16.89
C LEU F 457 91.88 34.20 -16.59
N THR F 458 91.78 35.28 -15.80
CA THR F 458 90.49 35.79 -15.35
C THR F 458 89.67 36.34 -16.51
N VAL F 459 90.36 36.87 -17.54
CA VAL F 459 89.67 37.26 -18.76
C VAL F 459 89.00 36.05 -19.40
N SER F 460 89.72 34.93 -19.49
CA SER F 460 89.16 33.72 -20.08
C SER F 460 88.04 33.16 -19.23
N ILE F 461 88.17 33.23 -17.91
CA ILE F 461 87.16 32.66 -17.00
C ILE F 461 85.86 33.41 -17.14
N ARG F 462 85.92 34.74 -17.11
CA ARG F 462 84.69 35.50 -17.24
C ARG F 462 84.16 35.47 -18.67
N GLY F 463 85.02 35.21 -19.66
CA GLY F 463 84.53 34.95 -20.99
C GLY F 463 83.71 33.68 -21.07
N ARG F 464 84.19 32.61 -20.43
CA ARG F 464 83.44 31.35 -20.40
C ARG F 464 82.12 31.51 -19.66
N TRP F 465 82.13 32.25 -18.56
CA TRP F 465 80.91 32.46 -17.79
C TRP F 465 79.90 33.29 -18.57
N MET F 466 80.38 34.28 -19.31
CA MET F 466 79.50 35.08 -20.13
C MET F 466 78.93 34.27 -21.28
N ALA F 467 79.72 33.36 -21.84
CA ALA F 467 79.21 32.48 -22.89
C ALA F 467 78.14 31.55 -22.34
N ARG F 468 78.31 31.11 -21.10
CA ARG F 468 77.29 30.30 -20.44
C ARG F 468 75.97 31.07 -20.33
N LEU F 469 76.05 32.32 -19.85
CA LEU F 469 74.83 33.11 -19.70
C LEU F 469 74.23 33.49 -21.04
N ALA F 470 75.07 33.71 -22.04
CA ALA F 470 74.58 34.04 -23.37
C ALA F 470 73.87 32.85 -24.00
N ARG F 471 74.33 31.63 -23.71
CA ARG F 471 73.54 30.47 -24.11
C ARG F 471 72.22 30.42 -23.35
N MET F 472 72.22 30.87 -22.09
CA MET F 472 70.99 30.79 -21.32
C MET F 472 69.96 31.85 -21.72
N ASN F 473 70.39 32.88 -22.47
CA ASN F 473 69.59 34.09 -22.70
C ASN F 473 68.30 33.79 -23.49
N ILE F 474 67.28 34.62 -23.28
CA ILE F 474 66.00 34.58 -23.99
C ILE F 474 65.63 36.00 -24.44
N ASN F 475 64.43 36.17 -25.01
CA ASN F 475 64.00 37.47 -25.48
C ASN F 475 62.49 37.61 -25.27
N PRO F 476 61.99 38.84 -25.11
CA PRO F 476 60.58 39.03 -24.69
C PRO F 476 59.55 38.53 -25.68
N THR F 477 59.86 38.46 -26.97
CA THR F 477 58.89 37.93 -27.91
C THR F 477 58.64 36.44 -27.66
N GLU F 478 59.72 35.68 -27.44
CA GLU F 478 59.54 34.27 -27.12
C GLU F 478 58.96 34.07 -25.74
N ILE F 479 59.20 35.01 -24.82
CA ILE F 479 58.51 34.98 -23.53
C ILE F 479 57.01 35.10 -23.75
N GLU F 480 56.60 36.04 -24.62
CA GLU F 480 55.20 36.25 -24.92
C GLU F 480 54.57 35.01 -25.52
N TRP F 481 55.25 34.42 -26.51
CA TRP F 481 54.72 33.24 -27.20
C TRP F 481 54.60 32.06 -26.27
N ALA F 482 55.70 31.73 -25.57
CA ALA F 482 55.72 30.56 -24.73
C ALA F 482 54.76 30.68 -23.56
N LEU F 483 54.63 31.89 -23.00
CA LEU F 483 53.72 32.07 -21.88
C LEU F 483 52.26 32.02 -22.34
N THR F 484 51.95 32.56 -23.52
CA THR F 484 50.54 32.52 -23.89
C THR F 484 50.10 31.14 -24.35
N GLU F 485 50.97 30.36 -25.00
CA GLU F 485 50.52 29.01 -25.35
C GLU F 485 50.73 28.04 -24.20
N CYS F 486 51.53 28.42 -23.21
CA CYS F 486 51.50 27.72 -21.93
C CYS F 486 50.19 27.96 -21.21
N ALA F 487 49.64 29.17 -21.36
CA ALA F 487 48.35 29.48 -20.78
C ALA F 487 47.20 28.92 -21.58
N GLN F 488 47.45 28.54 -22.84
CA GLN F 488 46.44 28.00 -23.76
C GLN F 488 45.31 28.99 -23.96
N GLY F 489 45.66 30.20 -24.36
CA GLY F 489 44.67 31.24 -24.43
C GLY F 489 44.27 31.69 -23.05
N TYR F 490 43.10 32.34 -22.99
CA TYR F 490 42.36 32.79 -21.81
C TYR F 490 43.02 33.96 -21.09
N VAL F 491 44.24 34.33 -21.47
CA VAL F 491 44.91 35.55 -21.06
C VAL F 491 45.63 36.11 -22.27
N THR F 492 46.29 37.24 -22.09
CA THR F 492 47.26 37.72 -23.06
C THR F 492 48.38 38.43 -22.34
N VAL F 493 49.54 38.44 -22.98
CA VAL F 493 50.68 39.21 -22.54
C VAL F 493 51.19 39.98 -23.74
N THR F 494 51.82 41.12 -23.48
CA THR F 494 52.20 42.06 -24.52
C THR F 494 53.69 42.34 -24.43
N SER F 495 54.38 42.17 -25.55
CA SER F 495 55.76 42.60 -25.67
C SER F 495 55.85 43.70 -26.72
N PRO F 496 56.71 44.70 -26.52
CA PRO F 496 56.77 45.81 -27.47
C PRO F 496 57.52 45.43 -28.75
N TYR F 497 57.06 45.97 -29.86
CA TYR F 497 57.71 45.81 -31.14
C TYR F 497 58.50 47.09 -31.41
N ALA F 498 59.75 47.09 -30.98
CA ALA F 498 60.60 48.27 -31.03
C ALA F 498 62.05 47.82 -31.06
N PRO F 499 62.98 48.67 -31.47
CA PRO F 499 64.39 48.31 -31.33
C PRO F 499 64.78 48.20 -29.86
N SER F 500 65.46 47.10 -29.54
CA SER F 500 65.69 46.73 -28.16
C SER F 500 66.76 47.61 -27.54
N VAL F 501 66.82 47.53 -26.21
CA VAL F 501 67.84 48.21 -25.44
C VAL F 501 68.93 47.22 -25.00
N ASN F 502 68.85 45.98 -25.52
CA ASN F 502 69.85 44.91 -25.36
C ASN F 502 70.03 44.55 -23.88
N ARG F 503 68.96 43.99 -23.32
CA ARG F 503 68.95 43.51 -21.96
C ARG F 503 69.33 42.03 -21.94
N LEU F 504 69.19 41.38 -20.79
CA LEU F 504 69.71 40.03 -20.62
C LEU F 504 68.86 39.29 -19.59
N MET F 505 68.07 38.31 -20.04
CA MET F 505 67.34 37.42 -19.16
C MET F 505 67.88 36.01 -19.31
N PRO F 506 68.72 35.55 -18.40
CA PRO F 506 69.24 34.18 -18.50
C PRO F 506 68.26 33.14 -18.02
N TYR F 507 67.57 32.46 -18.93
CA TYR F 507 66.64 31.43 -18.47
C TYR F 507 66.61 30.15 -19.29
N ARG F 508 66.97 30.14 -20.57
CA ARG F 508 66.77 28.97 -21.39
C ARG F 508 67.79 27.89 -21.08
N ILE F 509 67.31 26.67 -20.82
CA ILE F 509 68.16 25.50 -20.63
C ILE F 509 67.67 24.37 -21.52
N SER F 510 68.43 23.29 -21.53
CA SER F 510 68.10 22.11 -22.30
C SER F 510 67.31 21.13 -21.43
N ASN F 511 66.88 20.03 -22.04
CA ASN F 511 66.05 19.06 -21.35
C ASN F 511 66.81 18.23 -20.33
N ALA F 512 68.12 18.08 -20.51
CA ALA F 512 68.90 17.19 -19.66
C ALA F 512 68.98 17.71 -18.23
N GLU F 513 69.09 19.03 -18.06
CA GLU F 513 69.16 19.61 -16.72
C GLU F 513 67.84 19.42 -15.97
N ARG F 514 66.73 19.59 -16.68
CA ARG F 514 65.42 19.35 -16.07
C ARG F 514 65.26 17.90 -15.69
N GLN F 515 65.73 16.98 -16.53
CA GLN F 515 65.58 15.55 -16.21
C GLN F 515 66.44 15.17 -15.01
N ILE F 516 67.67 15.69 -14.94
CA ILE F 516 68.53 15.47 -13.78
C ILE F 516 67.88 16.04 -12.52
N SER F 517 67.24 17.19 -12.63
CA SER F 517 66.61 17.78 -11.45
C SER F 517 65.37 17.00 -11.02
N GLN F 518 64.65 16.40 -11.98
CA GLN F 518 63.60 15.45 -11.64
C GLN F 518 64.15 14.28 -10.85
N ILE F 519 65.31 13.76 -11.27
CA ILE F 519 65.92 12.64 -10.58
C ILE F 519 66.29 13.03 -9.15
N ILE F 520 66.83 14.23 -8.97
CA ILE F 520 67.23 14.69 -7.64
C ILE F 520 66.01 14.86 -6.75
N ARG F 521 64.93 15.43 -7.28
CA ARG F 521 63.76 15.68 -6.44
C ARG F 521 63.03 14.38 -6.08
N VAL F 522 62.94 13.44 -7.02
CA VAL F 522 62.28 12.18 -6.72
C VAL F 522 63.13 11.34 -5.75
N MET F 523 64.46 11.42 -5.91
CA MET F 523 65.36 10.75 -4.98
C MET F 523 65.26 11.34 -3.59
N ASN F 524 65.02 12.65 -3.51
CA ASN F 524 64.75 13.27 -2.21
C ASN F 524 63.44 12.77 -1.64
N ILE F 525 62.41 12.66 -2.48
CA ILE F 525 61.06 12.42 -1.97
C ILE F 525 60.82 10.95 -1.63
N GLY F 526 61.72 10.06 -2.05
CA GLY F 526 61.58 8.62 -1.93
C GLY F 526 61.10 8.01 -0.64
N ASN F 527 59.91 7.39 -0.69
CA ASN F 527 59.23 6.69 0.41
C ASN F 527 58.92 7.61 1.58
N ASN F 528 58.82 8.92 1.36
CA ASN F 528 58.48 9.85 2.42
C ASN F 528 57.02 10.25 2.26
N ALA F 529 56.19 9.86 3.23
CA ALA F 529 54.76 10.05 3.08
C ALA F 529 54.36 11.50 3.30
N THR F 530 54.92 12.15 4.31
CA THR F 530 54.47 13.48 4.71
C THR F 530 55.17 14.60 3.95
N VAL F 531 55.84 14.31 2.85
CA VAL F 531 56.52 15.32 2.07
C VAL F 531 55.71 15.69 0.84
N ILE F 532 55.19 14.71 0.14
CA ILE F 532 54.39 14.98 -1.06
C ILE F 532 53.00 15.52 -0.69
N GLN F 533 52.51 15.21 0.51
CA GLN F 533 51.17 15.64 0.91
C GLN F 533 50.98 17.15 0.97
N PRO F 534 51.93 17.98 1.45
CA PRO F 534 51.72 19.43 1.31
C PRO F 534 51.71 19.92 -0.13
N VAL F 535 52.49 19.31 -1.03
CA VAL F 535 52.45 19.72 -2.43
C VAL F 535 51.10 19.37 -3.04
N LEU F 536 50.61 18.18 -2.74
CA LEU F 536 49.32 17.72 -3.24
C LEU F 536 48.19 18.56 -2.68
N GLN F 537 48.30 18.95 -1.41
CA GLN F 537 47.29 19.82 -0.81
C GLN F 537 47.37 21.23 -1.37
N ASP F 538 48.57 21.66 -1.76
CA ASP F 538 48.73 22.97 -2.40
C ASP F 538 48.01 22.99 -3.74
N ILE F 539 48.17 21.92 -4.52
CA ILE F 539 47.45 21.84 -5.79
C ILE F 539 45.94 21.70 -5.54
N SER F 540 45.56 21.08 -4.43
CA SER F 540 44.16 20.93 -4.07
C SER F 540 43.50 22.27 -3.79
N VAL F 541 44.11 23.07 -2.91
CA VAL F 541 43.53 24.37 -2.57
C VAL F 541 43.63 25.31 -3.76
N LEU F 542 44.64 25.12 -4.61
CA LEU F 542 44.74 25.92 -5.83
C LEU F 542 43.60 25.58 -6.79
N LEU F 543 43.21 24.31 -6.83
CA LEU F 543 42.12 23.94 -7.72
C LEU F 543 40.79 24.41 -7.17
N GLN F 544 40.66 24.47 -5.83
CA GLN F 544 39.49 25.10 -5.23
C GLN F 544 39.43 26.58 -5.58
N ARG F 545 40.58 27.23 -5.71
CA ARG F 545 40.59 28.61 -6.16
C ARG F 545 40.16 28.72 -7.62
N ILE F 546 40.65 27.83 -8.48
CA ILE F 546 40.45 28.02 -9.91
C ILE F 546 39.07 27.57 -10.39
N SER F 547 38.41 26.65 -9.68
CA SER F 547 37.28 26.00 -10.32
C SER F 547 36.01 26.85 -10.25
N PRO F 548 35.21 26.87 -11.31
CA PRO F 548 33.87 27.43 -11.21
C PRO F 548 32.89 26.51 -10.54
N LEU F 549 33.23 25.23 -10.38
CA LEU F 549 32.34 24.28 -9.77
C LEU F 549 32.32 24.47 -8.25
N GLN F 550 31.12 24.55 -7.70
CA GLN F 550 30.93 24.68 -6.26
C GLN F 550 30.24 23.42 -5.76
N ILE F 551 30.84 22.77 -4.78
CA ILE F 551 30.24 21.57 -4.21
C ILE F 551 29.05 21.97 -3.35
N ASP F 552 27.86 21.52 -3.72
CA ASP F 552 26.63 21.89 -3.05
C ASP F 552 25.94 20.61 -2.60
N PRO F 553 26.32 20.07 -1.45
CA PRO F 553 25.76 18.79 -1.01
C PRO F 553 24.35 18.87 -0.44
N THR F 554 23.71 20.03 -0.41
CA THR F 554 22.34 20.03 0.06
C THR F 554 21.36 19.65 -1.04
N ILE F 555 21.79 19.60 -2.30
CA ILE F 555 20.85 19.34 -3.39
C ILE F 555 20.41 17.89 -3.35
N ILE F 556 21.24 17.00 -2.82
CA ILE F 556 20.82 15.63 -2.72
C ILE F 556 19.84 15.46 -1.55
N SER F 557 19.96 16.31 -0.53
CA SER F 557 18.93 16.32 0.51
C SER F 557 17.63 16.89 -0.02
N ASN F 558 17.73 17.89 -0.90
CA ASN F 558 16.55 18.46 -1.54
C ASN F 558 15.82 17.43 -2.38
N THR F 559 16.57 16.61 -3.12
CA THR F 559 15.88 15.63 -3.94
C THR F 559 15.50 14.36 -3.17
N MET F 560 16.17 14.04 -2.07
CA MET F 560 15.68 12.93 -1.28
C MET F 560 14.55 13.32 -0.35
N SER F 561 14.26 14.62 -0.23
CA SER F 561 13.09 15.03 0.51
C SER F 561 11.79 14.69 -0.19
N THR F 562 11.81 14.52 -1.51
CA THR F 562 10.58 14.34 -2.27
C THR F 562 10.30 12.88 -2.63
N VAL F 563 11.12 11.94 -2.17
CA VAL F 563 10.81 10.53 -2.38
C VAL F 563 9.65 10.15 -1.47
N SER F 564 8.87 9.16 -1.91
CA SER F 564 7.66 8.78 -1.20
C SER F 564 7.74 7.32 -0.77
N GLU F 565 7.28 7.05 0.44
CA GLU F 565 7.26 5.71 0.99
C GLU F 565 6.18 5.65 2.07
N SER F 566 6.10 4.51 2.73
CA SER F 566 5.21 4.38 3.86
C SER F 566 5.94 4.73 5.15
N THR F 567 5.17 4.86 6.21
CA THR F 567 5.73 5.23 7.51
C THR F 567 5.85 4.04 8.45
N THR F 568 4.90 3.11 8.39
CA THR F 568 4.94 1.91 9.21
C THR F 568 6.13 1.02 8.86
N GLN F 569 6.57 1.06 7.61
CA GLN F 569 7.84 0.45 7.27
C GLN F 569 8.96 1.30 7.85
N THR F 570 9.70 0.75 8.81
CA THR F 570 10.68 1.54 9.54
C THR F 570 12.12 1.20 9.17
N LEU F 571 12.35 0.74 7.95
CA LEU F 571 13.67 0.74 7.36
C LEU F 571 13.68 1.80 6.27
N SER F 572 14.20 2.99 6.59
CA SER F 572 14.09 4.13 5.70
C SER F 572 15.32 4.24 4.83
N PRO F 573 15.22 3.96 3.54
CA PRO F 573 16.41 4.04 2.68
C PRO F 573 16.89 5.46 2.45
N ALA F 574 15.95 6.41 2.37
CA ALA F 574 16.30 7.80 2.10
C ALA F 574 17.01 8.42 3.29
N SER F 575 16.41 8.30 4.48
CA SER F 575 17.05 8.83 5.68
C SER F 575 18.34 8.09 6.01
N SER F 576 18.39 6.79 5.68
CA SER F 576 19.62 6.03 5.89
C SER F 576 20.75 6.56 5.02
N ILE F 577 20.47 6.80 3.74
CA ILE F 577 21.55 7.28 2.87
C ILE F 577 21.86 8.75 3.15
N LEU F 578 20.93 9.52 3.73
CA LEU F 578 21.31 10.87 4.15
C LEU F 578 22.27 10.81 5.34
N GLY F 579 22.02 9.89 6.28
CA GLY F 579 22.94 9.72 7.37
C GLY F 579 24.28 9.14 6.95
N LYS F 580 24.26 8.22 5.98
CA LYS F 580 25.51 7.63 5.53
C LYS F 580 26.25 8.50 4.55
N LEU F 581 25.56 9.43 3.93
CA LEU F 581 26.15 10.36 2.99
C LEU F 581 26.70 11.57 3.72
N ARG F 582 26.28 11.78 4.96
CA ARG F 582 27.03 12.64 5.84
C ARG F 582 28.47 12.15 5.96
N PRO F 583 29.46 12.95 5.59
CA PRO F 583 30.85 12.48 5.63
C PRO F 583 31.43 12.37 7.03
N SER F 584 32.74 12.19 7.09
CA SER F 584 33.53 12.21 8.32
C SER F 584 33.68 13.64 8.82
N ASN F 585 34.76 13.98 9.52
CA ASN F 585 34.82 15.28 10.19
C ASN F 585 34.87 16.46 9.22
N SER F 586 33.74 16.63 8.50
CA SER F 586 33.44 17.71 7.57
C SER F 586 34.48 17.88 6.49
N ASP F 587 35.18 16.80 6.10
CA ASP F 587 36.15 16.96 5.05
C ASP F 587 35.48 16.90 3.69
N PHE F 588 35.91 17.76 2.81
CA PHE F 588 35.57 17.67 1.40
C PHE F 588 36.80 17.95 0.56
N SER F 589 37.95 18.11 1.21
CA SER F 589 39.21 18.32 0.52
C SER F 589 39.65 17.09 -0.25
N SER F 590 39.19 15.90 0.16
CA SER F 590 39.71 14.65 -0.36
C SER F 590 39.40 14.49 -1.84
N PHE F 591 38.30 15.05 -2.32
CA PHE F 591 37.97 14.99 -3.73
C PHE F 591 38.97 15.79 -4.56
N ARG F 592 39.22 17.03 -4.14
CA ARG F 592 40.17 17.87 -4.85
C ARG F 592 41.58 17.31 -4.75
N VAL F 593 41.91 16.68 -3.61
CA VAL F 593 43.19 16.01 -3.45
C VAL F 593 43.32 14.84 -4.42
N ALA F 594 42.25 14.04 -4.55
CA ALA F 594 42.27 12.91 -5.47
C ALA F 594 42.35 13.38 -6.91
N LEU F 595 41.72 14.52 -7.20
CA LEU F 595 41.79 15.09 -8.54
C LEU F 595 43.19 15.58 -8.84
N ALA F 596 43.86 16.15 -7.84
CA ALA F 596 45.25 16.55 -8.03
C ALA F 596 46.20 15.38 -8.05
N GLY F 597 45.81 14.25 -7.49
CA GLY F 597 46.68 13.08 -7.46
C GLY F 597 46.89 12.42 -8.80
N TRP F 598 46.13 12.81 -9.83
CA TRP F 598 46.34 12.29 -11.18
C TRP F 598 47.65 12.76 -11.76
N LEU F 599 48.17 13.88 -11.27
CA LEU F 599 49.44 14.42 -11.74
C LEU F 599 50.61 13.53 -11.37
N TYR F 600 50.44 12.66 -10.39
CA TYR F 600 51.56 11.86 -9.89
C TYR F 600 51.05 10.45 -9.59
N ASN F 601 51.31 9.51 -10.48
CA ASN F 601 51.16 8.12 -10.08
C ASN F 601 52.47 7.49 -9.65
N GLY F 602 53.59 7.96 -10.20
CA GLY F 602 54.87 7.32 -9.97
C GLY F 602 55.43 7.50 -8.57
N VAL F 603 54.84 8.37 -7.75
CA VAL F 603 55.31 8.51 -6.39
C VAL F 603 54.17 8.28 -5.41
N VAL F 604 52.93 8.49 -5.86
CA VAL F 604 51.76 8.44 -4.99
C VAL F 604 50.71 7.57 -5.64
N THR F 605 50.25 6.58 -4.89
CA THR F 605 49.14 5.74 -5.29
C THR F 605 47.98 6.05 -4.35
N THR F 606 47.03 6.84 -4.82
CA THR F 606 45.91 7.23 -3.97
C THR F 606 44.97 6.05 -3.86
N VAL F 607 44.86 5.49 -2.66
CA VAL F 607 43.92 4.43 -2.38
C VAL F 607 42.90 4.99 -1.38
N ILE F 608 41.72 4.40 -1.36
CA ILE F 608 40.79 4.78 -0.32
C ILE F 608 41.22 4.15 1.00
N ASP F 609 40.62 4.65 2.07
CA ASP F 609 40.88 4.14 3.40
C ASP F 609 40.28 2.74 3.54
N ASP F 610 40.85 1.95 4.45
CA ASP F 610 40.20 0.67 4.72
C ASP F 610 38.96 0.85 5.59
N SER F 611 38.83 1.99 6.25
CA SER F 611 37.69 2.25 7.14
C SER F 611 36.40 2.45 6.37
N SER F 612 36.46 2.78 5.08
CA SER F 612 35.25 2.85 4.29
C SER F 612 34.67 1.48 3.99
N TYR F 613 35.51 0.44 4.01
CA TYR F 613 35.01 -0.90 3.81
C TYR F 613 34.19 -1.34 5.00
N PRO F 614 33.07 -2.02 4.78
CA PRO F 614 32.05 -2.17 5.82
C PRO F 614 32.29 -3.26 6.86
N LYS F 615 33.54 -3.36 7.33
CA LYS F 615 33.90 -3.96 8.63
C LYS F 615 33.46 -5.41 8.76
N ASP F 616 33.73 -6.20 7.71
CA ASP F 616 33.37 -7.61 7.49
C ASP F 616 31.86 -7.78 7.29
N GLY F 617 31.09 -6.71 7.45
CA GLY F 617 29.66 -6.78 7.29
C GLY F 617 29.34 -6.79 5.81
N GLY F 618 28.99 -7.96 5.31
CA GLY F 618 28.67 -8.09 3.92
C GLY F 618 27.21 -8.43 3.72
N SER F 619 26.43 -8.33 4.81
CA SER F 619 25.05 -8.76 4.82
C SER F 619 24.24 -7.96 3.80
N VAL F 620 23.88 -8.63 2.71
CA VAL F 620 23.20 -7.94 1.62
C VAL F 620 21.78 -7.59 2.01
N THR F 621 21.24 -8.26 3.03
CA THR F 621 20.01 -7.82 3.64
C THR F 621 20.21 -6.55 4.44
N SER F 622 21.41 -6.34 4.98
CA SER F 622 21.69 -5.09 5.69
C SER F 622 21.77 -3.96 4.69
N LEU F 623 20.72 -3.14 4.66
CA LEU F 623 20.66 -1.99 3.76
C LEU F 623 21.77 -0.99 4.05
N GLU F 624 22.22 -0.93 5.30
CA GLU F 624 23.46 -0.29 5.69
C GLU F 624 24.62 -0.70 4.77
N ASN F 625 24.89 -1.99 4.72
CA ASN F 625 25.97 -2.50 3.88
C ASN F 625 25.67 -2.31 2.41
N LEU F 626 24.40 -2.26 2.04
CA LEU F 626 24.07 -2.09 0.63
C LEU F 626 24.37 -0.67 0.16
N TRP F 627 23.97 0.34 0.95
CA TRP F 627 24.38 1.71 0.66
C TRP F 627 25.88 1.88 0.72
N ASP F 628 26.55 1.14 1.60
CA ASP F 628 28.01 1.17 1.65
C ASP F 628 28.63 0.70 0.34
N PHE F 629 28.10 -0.39 -0.21
CA PHE F 629 28.59 -0.87 -1.49
C PHE F 629 28.34 0.16 -2.59
N PHE F 630 27.20 0.84 -2.53
CA PHE F 630 26.90 1.82 -3.56
C PHE F 630 27.85 3.00 -3.51
N ILE F 631 28.11 3.51 -2.30
CA ILE F 631 29.02 4.65 -2.11
C ILE F 631 30.42 4.29 -2.58
N LEU F 632 30.93 3.14 -2.15
CA LEU F 632 32.29 2.74 -2.54
C LEU F 632 32.39 2.44 -4.02
N ALA F 633 31.32 1.90 -4.62
CA ALA F 633 31.37 1.57 -6.03
C ALA F 633 31.34 2.83 -6.89
N LEU F 634 30.68 3.89 -6.42
CA LEU F 634 30.85 5.15 -7.12
C LEU F 634 32.22 5.75 -6.89
N ALA F 635 32.79 5.53 -5.71
CA ALA F 635 34.00 6.27 -5.36
C ALA F 635 35.26 5.70 -6.00
N LEU F 636 35.31 4.39 -6.23
CA LEU F 636 36.56 3.76 -6.66
C LEU F 636 37.18 4.22 -7.98
N PRO F 637 36.46 4.52 -9.07
CA PRO F 637 37.17 4.89 -10.32
C PRO F 637 37.88 6.22 -10.29
N LEU F 638 37.72 7.02 -9.25
CA LEU F 638 38.47 8.27 -9.17
C LEU F 638 39.92 8.04 -8.80
N THR F 639 40.19 7.01 -8.00
CA THR F 639 41.53 6.73 -7.49
C THR F 639 42.47 6.32 -8.60
N THR F 640 43.76 6.46 -8.35
CA THR F 640 44.76 6.22 -9.37
C THR F 640 45.53 4.92 -9.16
N ASP F 641 45.06 4.07 -8.26
CA ASP F 641 45.69 2.78 -8.06
C ASP F 641 45.49 1.87 -9.28
N PRO F 642 46.40 0.93 -9.52
CA PRO F 642 46.18 0.00 -10.63
C PRO F 642 45.18 -1.10 -10.34
N CYS F 643 44.60 -1.16 -9.15
CA CYS F 643 43.79 -2.30 -8.74
C CYS F 643 42.38 -1.91 -8.32
N ALA F 644 41.92 -0.73 -8.71
CA ALA F 644 40.53 -0.35 -8.48
C ALA F 644 39.49 -1.25 -9.13
N PRO F 645 39.66 -1.81 -10.34
CA PRO F 645 38.64 -2.76 -10.81
C PRO F 645 38.55 -4.04 -10.01
N VAL F 646 39.68 -4.62 -9.61
CA VAL F 646 39.60 -5.85 -8.86
C VAL F 646 39.12 -5.57 -7.45
N LYS F 647 39.36 -4.36 -6.93
CA LYS F 647 38.81 -4.02 -5.62
C LYS F 647 37.31 -3.83 -5.70
N ALA F 648 36.83 -3.23 -6.80
CA ALA F 648 35.40 -3.08 -6.97
C ALA F 648 34.70 -4.41 -7.18
N PHE F 649 35.41 -5.37 -7.76
CA PHE F 649 34.82 -6.70 -7.87
C PHE F 649 34.83 -7.42 -6.53
N MET F 650 35.97 -7.42 -5.85
CA MET F 650 36.09 -8.18 -4.62
C MET F 650 35.34 -7.56 -3.46
N THR F 651 34.96 -6.29 -3.54
CA THR F 651 34.10 -5.78 -2.48
C THR F 651 32.68 -6.31 -2.64
N LEU F 652 32.25 -6.60 -3.87
CA LEU F 652 30.98 -7.30 -4.02
C LEU F 652 31.14 -8.76 -3.61
N ALA F 653 32.28 -9.37 -3.95
CA ALA F 653 32.52 -10.76 -3.59
C ALA F 653 32.66 -10.95 -2.08
N ASN F 654 33.04 -9.89 -1.36
CA ASN F 654 33.05 -9.91 0.09
C ASN F 654 31.75 -9.46 0.69
N MET F 655 30.96 -8.68 -0.06
CA MET F 655 29.61 -8.37 0.34
C MET F 655 28.84 -9.68 0.37
N MET F 656 28.55 -10.22 -0.79
CA MET F 656 27.74 -11.43 -0.84
C MET F 656 28.61 -12.62 -0.48
N VAL F 657 28.15 -13.40 0.50
CA VAL F 657 28.86 -14.58 0.98
C VAL F 657 27.82 -15.67 1.16
N GLY F 658 28.06 -16.83 0.57
CA GLY F 658 27.20 -17.95 0.80
C GLY F 658 25.99 -18.03 -0.10
N PHE F 659 25.76 -17.05 -0.96
CA PHE F 659 24.77 -17.25 -2.00
C PHE F 659 25.37 -17.96 -3.19
N GLU F 660 26.36 -17.33 -3.81
CA GLU F 660 27.00 -17.80 -5.01
C GLU F 660 28.51 -17.75 -4.77
N THR F 661 29.20 -18.82 -5.17
CA THR F 661 30.61 -18.95 -4.87
C THR F 661 31.40 -18.99 -6.17
N ILE F 662 32.63 -18.50 -6.10
CA ILE F 662 33.52 -18.44 -7.25
C ILE F 662 34.80 -19.20 -6.91
N PRO F 663 35.49 -19.79 -7.88
CA PRO F 663 36.80 -20.38 -7.60
C PRO F 663 37.91 -19.38 -7.90
N MET F 664 38.98 -19.47 -7.12
CA MET F 664 40.04 -18.46 -7.20
C MET F 664 41.39 -19.15 -7.10
N ASP F 665 42.41 -18.37 -6.77
CA ASP F 665 43.79 -18.85 -6.82
C ASP F 665 44.07 -19.82 -5.67
N ASN F 666 43.93 -19.35 -4.44
CA ASN F 666 44.28 -20.18 -3.30
C ASN F 666 43.15 -20.11 -2.29
N GLN F 667 43.36 -20.79 -1.17
CA GLN F 667 42.45 -20.65 -0.04
C GLN F 667 42.84 -19.49 0.86
N ILE F 668 44.01 -18.90 0.64
CA ILE F 668 44.44 -17.78 1.47
C ILE F 668 43.66 -16.53 1.12
N TYR F 669 43.52 -16.26 -0.18
CA TYR F 669 42.73 -15.11 -0.63
C TYR F 669 41.34 -15.59 -1.04
N THR F 670 40.57 -15.97 -0.03
CA THR F 670 39.28 -16.63 -0.26
C THR F 670 38.21 -15.60 -0.64
N GLN F 671 36.98 -16.09 -0.80
CA GLN F 671 35.84 -15.27 -1.16
C GLN F 671 35.47 -14.28 -0.07
N SER F 672 35.89 -14.53 1.17
CA SER F 672 35.64 -13.63 2.28
C SER F 672 36.87 -12.86 2.72
N ARG F 673 37.98 -12.97 1.99
CA ARG F 673 39.17 -12.19 2.33
C ARG F 673 38.95 -10.73 1.96
N ARG F 674 39.28 -9.83 2.88
CA ARG F 674 38.89 -8.41 2.82
C ARG F 674 39.42 -7.73 1.57
N ALA F 675 38.56 -6.87 0.98
CA ALA F 675 38.79 -6.34 -0.37
C ALA F 675 39.99 -5.41 -0.43
N SER F 676 40.38 -4.79 0.67
CA SER F 676 41.51 -3.90 0.66
C SER F 676 42.84 -4.62 0.60
N ALA F 677 42.85 -5.94 0.75
CA ALA F 677 44.10 -6.66 0.90
C ALA F 677 44.81 -6.97 -0.41
N PHE F 678 44.15 -6.78 -1.55
CA PHE F 678 44.72 -7.32 -2.79
C PHE F 678 45.80 -6.42 -3.36
N SER F 679 45.42 -5.24 -3.87
CA SER F 679 46.28 -4.08 -4.08
C SER F 679 47.51 -4.27 -4.99
N THR F 680 47.72 -5.46 -5.53
CA THR F 680 48.86 -5.80 -6.37
C THR F 680 48.35 -6.67 -7.50
N PRO F 681 49.01 -6.65 -8.67
CA PRO F 681 48.48 -7.42 -9.82
C PRO F 681 48.53 -8.92 -9.63
N HIS F 682 49.46 -9.42 -8.83
CA HIS F 682 49.58 -10.85 -8.64
C HIS F 682 48.41 -11.42 -7.84
N THR F 683 47.73 -10.60 -7.07
CA THR F 683 46.58 -11.06 -6.29
C THR F 683 45.29 -11.05 -7.08
N TRP F 684 45.35 -10.88 -8.39
CA TRP F 684 44.13 -10.79 -9.17
C TRP F 684 43.63 -12.20 -9.49
N PRO F 685 42.42 -12.56 -9.09
CA PRO F 685 41.92 -13.90 -9.41
C PRO F 685 41.47 -13.98 -10.85
N ARG F 686 41.72 -15.13 -11.46
CA ARG F 686 41.34 -15.26 -12.86
C ARG F 686 39.90 -15.63 -13.07
N CYS F 687 39.14 -15.85 -12.00
CA CYS F 687 37.69 -15.75 -12.13
C CYS F 687 37.28 -14.35 -12.52
N PHE F 688 38.05 -13.34 -12.10
CA PHE F 688 37.83 -11.99 -12.59
C PHE F 688 38.56 -11.75 -13.89
N MET F 689 39.75 -12.34 -14.08
CA MET F 689 40.46 -12.09 -15.32
C MET F 689 39.84 -12.81 -16.51
N ASN F 690 38.95 -13.78 -16.28
CA ASN F 690 38.21 -14.44 -17.35
C ASN F 690 36.78 -14.58 -16.89
N ILE F 691 35.85 -14.02 -17.67
CA ILE F 691 34.44 -14.05 -17.31
C ILE F 691 33.85 -15.45 -17.42
N GLN F 692 34.45 -16.33 -18.22
CA GLN F 692 33.88 -17.65 -18.45
C GLN F 692 34.04 -18.57 -17.25
N LEU F 693 34.95 -18.25 -16.34
CA LEU F 693 35.11 -19.05 -15.14
C LEU F 693 33.93 -18.90 -14.20
N ILE F 694 33.30 -17.73 -14.20
CA ILE F 694 32.09 -17.52 -13.42
C ILE F 694 30.93 -18.22 -14.11
N SER F 695 30.27 -19.11 -13.40
CA SER F 695 29.18 -19.87 -14.00
C SER F 695 27.94 -18.98 -14.12
N PRO F 696 27.34 -18.87 -15.31
CA PRO F 696 26.24 -17.91 -15.48
C PRO F 696 24.95 -18.32 -14.78
N ILE F 697 24.57 -19.59 -14.86
CA ILE F 697 23.36 -20.06 -14.20
C ILE F 697 23.55 -20.02 -12.69
N ASP F 698 24.77 -20.30 -12.23
CA ASP F 698 25.08 -20.18 -10.81
C ASP F 698 25.08 -18.72 -10.38
N ALA F 699 25.86 -17.88 -11.06
CA ALA F 699 26.14 -16.53 -10.61
C ALA F 699 25.78 -15.49 -11.68
N PRO F 700 24.50 -15.18 -11.85
CA PRO F 700 24.14 -14.14 -12.81
C PRO F 700 24.57 -12.76 -12.36
N ILE F 701 24.36 -12.47 -11.08
CA ILE F 701 24.72 -11.17 -10.50
C ILE F 701 26.21 -10.93 -10.61
N LEU F 702 27.00 -11.91 -10.24
CA LEU F 702 28.44 -11.73 -10.24
C LEU F 702 29.01 -11.73 -11.64
N ARG F 703 28.41 -12.52 -12.54
CA ARG F 703 28.85 -12.48 -13.94
C ARG F 703 28.57 -11.12 -14.56
N GLN F 704 27.40 -10.55 -14.29
CA GLN F 704 27.14 -9.25 -14.89
C GLN F 704 27.89 -8.13 -14.19
N TRP F 705 28.26 -8.31 -12.93
CA TRP F 705 29.11 -7.30 -12.29
C TRP F 705 30.51 -7.33 -12.87
N ALA F 706 31.07 -8.53 -13.10
CA ALA F 706 32.39 -8.59 -13.72
C ALA F 706 32.34 -8.12 -15.16
N GLU F 707 31.25 -8.38 -15.87
CA GLU F 707 31.10 -7.86 -17.23
C GLU F 707 30.98 -6.35 -17.24
N ILE F 708 30.31 -5.79 -16.24
CA ILE F 708 30.11 -4.36 -16.23
C ILE F 708 31.41 -3.65 -15.84
N ILE F 709 32.27 -4.32 -15.07
CA ILE F 709 33.59 -3.78 -14.79
C ILE F 709 34.46 -3.85 -16.05
N HIS F 710 34.43 -4.99 -16.76
CA HIS F 710 35.23 -5.13 -17.97
C HIS F 710 34.79 -4.19 -19.07
N ARG F 711 33.52 -3.79 -19.08
CA ARG F 711 33.12 -2.94 -20.19
C ARG F 711 33.15 -1.46 -19.85
N TYR F 712 32.55 -1.04 -18.74
CA TYR F 712 32.29 0.38 -18.56
C TYR F 712 33.31 1.07 -17.68
N TRP F 713 34.47 0.46 -17.50
CA TRP F 713 35.56 1.14 -16.84
C TRP F 713 36.09 2.26 -17.73
N PRO F 714 36.55 3.38 -17.16
CA PRO F 714 37.05 4.49 -17.97
C PRO F 714 38.33 4.17 -18.74
N ASN F 715 38.77 5.18 -19.50
CA ASN F 715 39.86 5.06 -20.45
C ASN F 715 40.74 6.30 -20.37
N PRO F 716 42.05 6.15 -20.51
CA PRO F 716 42.95 7.31 -20.38
C PRO F 716 42.89 8.25 -21.57
N SER F 717 43.46 9.44 -21.39
CA SER F 717 43.42 10.51 -22.40
C SER F 717 44.61 11.44 -22.19
N GLN F 718 44.63 12.56 -22.92
CA GLN F 718 45.75 13.49 -22.87
C GLN F 718 45.32 14.87 -23.36
N ILE F 719 46.06 15.90 -22.92
CA ILE F 719 45.66 17.28 -23.16
C ILE F 719 46.82 18.20 -23.58
N ARG F 720 48.06 17.71 -23.42
CA ARG F 720 49.32 18.39 -23.78
C ARG F 720 49.44 19.80 -23.18
N TYR F 721 49.69 19.84 -21.87
CA TYR F 721 50.19 21.07 -21.27
C TYR F 721 51.61 21.37 -21.75
N GLY F 722 52.06 22.57 -21.39
CA GLY F 722 53.47 22.87 -21.39
C GLY F 722 53.92 23.79 -22.50
N THR F 723 55.24 23.91 -22.60
CA THR F 723 55.89 24.70 -23.61
C THR F 723 57.27 24.15 -23.91
N PRO F 724 57.61 23.98 -25.18
CA PRO F 724 58.90 23.38 -25.50
C PRO F 724 60.05 24.38 -25.64
N ASN F 725 59.76 25.61 -26.02
CA ASN F 725 60.84 26.54 -26.36
C ASN F 725 61.49 27.06 -25.08
N VAL F 726 60.75 27.83 -24.31
CA VAL F 726 61.07 28.06 -22.92
C VAL F 726 60.59 26.84 -22.13
N PHE F 727 61.22 26.59 -20.98
CA PHE F 727 60.84 25.55 -20.02
C PHE F 727 60.95 24.16 -20.65
N GLY F 728 62.19 23.77 -20.94
CA GLY F 728 62.53 22.44 -21.44
C GLY F 728 61.87 21.33 -20.66
N SER F 729 61.27 20.38 -21.37
CA SER F 729 60.29 19.50 -20.77
C SER F 729 60.93 18.51 -19.83
N ALA F 730 60.46 18.49 -18.60
CA ALA F 730 60.92 17.55 -17.58
C ALA F 730 60.13 16.26 -17.61
N ASN F 731 59.43 15.98 -18.70
CA ASN F 731 58.56 14.81 -18.79
C ASN F 731 59.39 13.59 -19.16
N LEU F 732 60.00 12.99 -18.16
CA LEU F 732 60.59 11.68 -18.41
C LEU F 732 59.50 10.61 -18.36
N PHE F 733 59.84 9.41 -18.88
CA PHE F 733 59.00 8.21 -19.00
C PHE F 733 57.85 8.34 -19.99
N THR F 734 57.67 9.53 -20.53
CA THR F 734 56.57 9.92 -21.39
C THR F 734 57.19 10.63 -22.56
N PRO F 735 56.44 10.95 -23.60
CA PRO F 735 56.89 11.99 -24.52
C PRO F 735 56.89 13.33 -23.82
N PRO F 736 57.60 14.33 -24.35
CA PRO F 736 57.40 15.69 -23.85
C PRO F 736 56.01 16.17 -24.19
N GLU F 737 55.52 17.09 -23.36
CA GLU F 737 54.28 17.85 -23.59
C GLU F 737 53.05 16.93 -23.60
N VAL F 738 52.81 16.24 -22.49
CA VAL F 738 51.65 15.35 -22.40
C VAL F 738 51.23 15.21 -20.95
N LEU F 739 49.93 15.32 -20.70
CA LEU F 739 49.33 15.06 -19.40
C LEU F 739 48.54 13.77 -19.54
N LEU F 740 49.00 12.71 -18.91
CA LEU F 740 48.28 11.45 -18.99
C LEU F 740 47.10 11.51 -18.02
N LEU F 741 45.88 11.55 -18.56
CA LEU F 741 44.65 11.53 -17.79
C LEU F 741 44.21 10.09 -17.56
N PRO F 742 43.44 9.79 -16.52
CA PRO F 742 42.87 8.44 -16.40
C PRO F 742 41.50 8.31 -17.02
N ILE F 743 40.79 9.42 -17.20
CA ILE F 743 39.42 9.38 -17.67
C ILE F 743 39.36 10.07 -19.03
N ASP F 744 38.27 9.82 -19.74
CA ASP F 744 38.13 10.28 -21.11
C ASP F 744 37.94 11.79 -21.15
N HIS F 745 38.57 12.43 -22.13
CA HIS F 745 38.48 13.86 -22.23
C HIS F 745 38.18 14.31 -23.66
N GLN F 746 37.30 15.29 -23.78
CA GLN F 746 37.04 15.98 -25.03
C GLN F 746 36.69 17.41 -24.67
N PRO F 747 36.99 18.37 -25.53
CA PRO F 747 36.65 19.77 -25.20
C PRO F 747 35.22 20.10 -25.57
N ALA F 748 34.66 21.03 -24.82
CA ALA F 748 33.31 21.51 -25.08
C ALA F 748 33.38 22.73 -26.00
N ASN F 749 32.52 22.75 -27.00
CA ASN F 749 32.51 23.89 -27.91
C ASN F 749 31.70 25.07 -27.39
N VAL F 750 30.83 24.87 -26.41
CA VAL F 750 30.00 25.94 -25.89
C VAL F 750 30.80 26.75 -24.88
N THR F 751 30.30 27.94 -24.56
CA THR F 751 30.84 28.75 -23.49
C THR F 751 29.85 28.97 -22.36
N THR F 752 28.63 28.46 -22.49
CA THR F 752 27.63 28.49 -21.43
C THR F 752 27.08 27.08 -21.21
N PRO F 753 27.87 26.21 -20.60
CA PRO F 753 27.56 24.79 -20.61
C PRO F 753 26.40 24.45 -19.69
N THR F 754 25.54 23.59 -20.17
CA THR F 754 24.39 23.13 -19.42
C THR F 754 24.27 21.61 -19.58
N LEU F 755 23.26 21.05 -18.93
CA LEU F 755 23.28 19.65 -18.54
C LEU F 755 23.04 18.69 -19.71
N ASP F 756 23.82 17.61 -19.75
CA ASP F 756 23.46 16.42 -20.51
C ASP F 756 24.01 15.22 -19.74
N PHE F 757 23.55 14.03 -20.13
CA PHE F 757 23.86 12.81 -19.39
C PHE F 757 24.66 11.83 -20.23
N THR F 758 25.66 12.29 -20.94
CA THR F 758 26.44 11.39 -21.80
C THR F 758 27.94 11.50 -21.57
N ASN F 759 28.42 10.74 -20.59
CA ASN F 759 29.83 10.51 -20.38
C ASN F 759 30.00 9.19 -19.63
N GLU F 760 31.26 8.82 -19.41
CA GLU F 760 31.58 7.58 -18.72
C GLU F 760 31.08 7.60 -17.29
N LEU F 761 31.04 8.77 -16.67
CA LEU F 761 30.71 8.82 -15.26
C LEU F 761 29.20 8.71 -15.02
N THR F 762 28.41 9.49 -15.77
CA THR F 762 26.96 9.37 -15.66
C THR F 762 26.49 8.01 -16.13
N ASN F 763 27.12 7.49 -17.19
CA ASN F 763 26.88 6.11 -17.59
C ASN F 763 27.17 5.15 -16.45
N TRP F 764 28.31 5.33 -15.77
CA TRP F 764 28.75 4.45 -14.70
C TRP F 764 27.77 4.44 -13.54
N ARG F 765 27.26 5.61 -13.16
CA ARG F 765 26.28 5.67 -12.10
C ARG F 765 24.98 5.00 -12.53
N ALA F 766 24.57 5.20 -13.79
CA ALA F 766 23.37 4.54 -14.28
C ALA F 766 23.54 3.03 -14.32
N ARG F 767 24.76 2.56 -14.66
CA ARG F 767 25.04 1.14 -14.74
C ARG F 767 24.96 0.49 -13.37
N VAL F 768 25.65 1.06 -12.39
CA VAL F 768 25.67 0.46 -11.08
C VAL F 768 24.28 0.57 -10.42
N CYS F 769 23.51 1.59 -10.78
CA CYS F 769 22.19 1.72 -10.19
C CYS F 769 21.19 0.73 -10.77
N GLU F 770 21.19 0.54 -12.10
CA GLU F 770 20.30 -0.46 -12.67
C GLU F 770 20.70 -1.87 -12.25
N LEU F 771 22.00 -2.08 -12.00
CA LEU F 771 22.41 -3.37 -11.46
C LEU F 771 22.00 -3.52 -10.00
N MET F 772 21.92 -2.43 -9.26
CA MET F 772 21.36 -2.48 -7.92
C MET F 772 19.88 -2.82 -7.96
N LYS F 773 19.20 -2.33 -8.99
CA LYS F 773 17.79 -2.69 -9.18
C LYS F 773 17.66 -4.18 -9.49
N ASN F 774 18.62 -4.74 -10.21
CA ASN F 774 18.60 -6.20 -10.42
C ASN F 774 18.88 -6.96 -9.13
N LEU F 775 19.74 -6.41 -8.27
CA LEU F 775 19.97 -6.99 -6.95
C LEU F 775 18.69 -7.05 -6.12
N VAL F 776 17.95 -5.95 -6.07
CA VAL F 776 16.73 -5.98 -5.25
C VAL F 776 15.62 -6.77 -5.94
N ASP F 777 15.68 -6.96 -7.25
CA ASP F 777 14.68 -7.77 -7.93
C ASP F 777 15.08 -9.23 -8.07
N ASN F 778 16.25 -9.62 -7.56
CA ASN F 778 16.63 -11.03 -7.53
C ASN F 778 15.64 -11.84 -6.70
N GLN F 779 14.86 -12.67 -7.39
CA GLN F 779 13.62 -13.21 -6.85
C GLN F 779 13.88 -14.33 -5.84
N ARG F 780 14.92 -15.12 -6.05
CA ARG F 780 15.22 -16.24 -5.18
C ARG F 780 16.21 -15.90 -4.09
N TYR F 781 16.57 -14.63 -3.95
CA TYR F 781 17.51 -14.31 -2.89
C TYR F 781 17.03 -13.12 -2.06
N GLN F 782 16.28 -12.19 -2.65
CA GLN F 782 15.60 -11.14 -1.87
C GLN F 782 14.13 -10.99 -2.24
N PRO F 783 13.27 -11.93 -1.85
CA PRO F 783 11.84 -11.61 -1.72
C PRO F 783 11.42 -11.31 -0.30
N GLY F 784 12.34 -11.36 0.65
CA GLY F 784 12.00 -11.32 2.06
C GLY F 784 11.89 -9.91 2.62
N TRP F 785 11.48 -8.95 1.78
CA TRP F 785 11.17 -7.60 2.23
C TRP F 785 9.71 -7.32 1.96
N THR F 786 9.26 -6.16 2.41
CA THR F 786 7.91 -5.73 2.13
C THR F 786 7.86 -4.95 0.82
N GLN F 787 6.71 -5.03 0.15
CA GLN F 787 6.60 -4.48 -1.20
C GLN F 787 6.62 -2.96 -1.19
N SER F 788 6.15 -2.36 -0.09
CA SER F 788 6.31 -0.91 0.09
C SER F 788 7.79 -0.53 0.13
N LEU F 789 8.59 -1.32 0.85
CA LEU F 789 10.02 -1.06 0.91
C LEU F 789 10.67 -1.30 -0.44
N VAL F 790 10.18 -2.28 -1.20
CA VAL F 790 10.73 -2.58 -2.51
C VAL F 790 10.46 -1.43 -3.47
N SER F 791 9.23 -0.90 -3.46
CA SER F 791 8.93 0.19 -4.37
C SER F 791 9.61 1.49 -3.93
N SER F 792 9.78 1.69 -2.63
CA SER F 792 10.54 2.86 -2.17
C SER F 792 12.01 2.75 -2.55
N MET F 793 12.54 1.53 -2.54
CA MET F 793 13.90 1.28 -3.00
C MET F 793 14.04 1.61 -4.48
N ARG F 794 13.09 1.15 -5.29
CA ARG F 794 13.14 1.41 -6.73
C ARG F 794 13.01 2.89 -7.02
N GLY F 795 12.14 3.59 -6.28
CA GLY F 795 11.99 5.03 -6.50
C GLY F 795 13.22 5.81 -6.08
N THR F 796 13.79 5.45 -4.91
CA THR F 796 15.00 6.11 -4.43
C THR F 796 16.16 5.88 -5.37
N LEU F 797 16.30 4.66 -5.89
CA LEU F 797 17.41 4.38 -6.78
C LEU F 797 17.21 5.03 -8.15
N GLY F 798 15.97 5.05 -8.66
CA GLY F 798 15.73 5.71 -9.94
C GLY F 798 15.97 7.21 -9.87
N LYS F 799 15.58 7.84 -8.77
CA LYS F 799 15.86 9.25 -8.58
C LYS F 799 17.36 9.50 -8.38
N LEU F 800 18.02 8.59 -7.68
CA LEU F 800 19.45 8.70 -7.45
C LEU F 800 20.25 8.50 -8.72
N LYS F 801 19.69 7.72 -9.66
CA LYS F 801 20.27 7.62 -10.99
C LYS F 801 20.05 8.90 -11.76
N LEU F 802 18.82 9.41 -11.77
CA LEU F 802 18.56 10.68 -12.44
C LEU F 802 18.67 11.86 -11.49
N ILE F 803 19.73 11.91 -10.73
CA ILE F 803 20.09 13.14 -10.03
C ILE F 803 20.74 14.08 -11.03
N LYS F 804 20.61 15.38 -10.81
CA LYS F 804 21.20 16.39 -11.67
C LYS F 804 22.43 16.95 -10.99
N SER F 805 23.61 16.55 -11.47
CA SER F 805 24.86 17.02 -10.91
C SER F 805 25.80 17.38 -12.03
N MET F 806 26.41 18.56 -11.93
CA MET F 806 27.34 19.03 -12.94
C MET F 806 28.75 18.46 -12.77
N THR F 807 28.97 17.68 -11.71
CA THR F 807 30.29 17.09 -11.46
C THR F 807 30.81 16.18 -12.57
N PRO F 808 30.04 15.24 -13.16
CA PRO F 808 30.63 14.42 -14.22
C PRO F 808 30.93 15.20 -15.48
N MET F 809 30.06 16.16 -15.83
CA MET F 809 30.33 17.03 -16.97
C MET F 809 31.60 17.83 -16.76
N TYR F 810 31.76 18.40 -15.55
CA TYR F 810 32.97 19.12 -15.22
C TYR F 810 34.19 18.25 -15.36
N LEU F 811 34.17 17.08 -14.72
CA LEU F 811 35.30 16.15 -14.72
C LEU F 811 35.64 15.66 -16.11
N GLN F 812 34.66 15.52 -17.00
CA GLN F 812 34.99 15.13 -18.36
C GLN F 812 35.57 16.30 -19.14
N GLN F 813 34.75 17.33 -19.37
CA GLN F 813 35.06 18.26 -20.44
C GLN F 813 35.47 19.64 -19.96
N LEU F 814 35.70 19.85 -18.67
CA LEU F 814 36.25 21.12 -18.20
C LEU F 814 37.55 20.94 -17.45
N ALA F 815 37.60 20.02 -16.51
CA ALA F 815 38.69 19.97 -15.54
C ALA F 815 40.10 19.72 -16.10
N PRO F 816 40.35 18.82 -17.06
CA PRO F 816 41.72 18.70 -17.56
C PRO F 816 42.23 19.90 -18.32
N VAL F 817 41.34 20.79 -18.78
CA VAL F 817 41.78 22.03 -19.41
C VAL F 817 42.54 22.88 -18.41
N GLU F 818 41.92 23.14 -17.26
CA GLU F 818 42.67 23.93 -16.28
C GLU F 818 43.73 23.13 -15.58
N LEU F 819 43.65 21.78 -15.61
CA LEU F 819 44.82 21.01 -15.17
C LEU F 819 46.02 21.29 -16.06
N ALA F 820 45.81 21.36 -17.37
CA ALA F 820 46.87 21.75 -18.28
C ALA F 820 47.30 23.20 -18.09
N VAL F 821 46.35 24.06 -17.73
CA VAL F 821 46.67 25.46 -17.50
C VAL F 821 47.58 25.61 -16.29
N ILE F 822 47.33 24.83 -15.25
CA ILE F 822 48.13 24.96 -14.04
C ILE F 822 49.48 24.28 -14.18
N ALA F 823 49.48 23.04 -14.70
CA ALA F 823 50.56 22.06 -14.67
C ALA F 823 52.00 22.54 -14.92
N PRO F 824 52.27 23.53 -15.79
CA PRO F 824 53.64 24.04 -15.82
C PRO F 824 53.97 25.03 -14.71
N MET F 825 52.98 25.65 -14.10
CA MET F 825 53.27 26.66 -13.07
C MET F 825 53.38 26.03 -11.69
N LEU F 826 54.22 25.01 -11.57
CA LEU F 826 54.39 24.28 -10.34
C LEU F 826 55.83 24.34 -9.88
N PRO F 827 56.08 24.30 -8.58
CA PRO F 827 57.46 24.13 -8.12
C PRO F 827 57.98 22.74 -8.38
N PHE F 828 57.10 21.75 -8.43
CA PHE F 828 57.48 20.36 -8.64
C PHE F 828 56.83 19.87 -9.92
N PRO F 829 57.57 19.71 -11.01
CA PRO F 829 56.97 19.39 -12.31
C PRO F 829 56.39 17.98 -12.30
N PRO F 830 55.48 17.68 -13.24
CA PRO F 830 54.77 16.39 -13.19
C PRO F 830 55.68 15.18 -13.40
N PHE F 831 55.16 14.02 -13.02
CA PHE F 831 55.93 12.80 -12.96
C PHE F 831 54.95 11.64 -13.08
N GLN F 832 54.88 11.05 -14.28
CA GLN F 832 53.79 10.15 -14.63
C GLN F 832 54.31 8.85 -15.22
N VAL F 833 53.82 7.74 -14.67
CA VAL F 833 53.99 6.41 -15.23
C VAL F 833 52.74 6.18 -16.08
N PRO F 834 52.82 5.49 -17.22
CA PRO F 834 51.63 5.29 -18.06
C PRO F 834 50.48 4.59 -17.37
N TYR F 835 49.32 5.25 -17.38
CA TYR F 835 48.09 4.70 -16.86
C TYR F 835 47.64 3.53 -17.73
N VAL F 836 46.85 2.65 -17.13
CA VAL F 836 46.34 1.50 -17.83
C VAL F 836 45.04 1.08 -17.16
N ARG F 837 44.10 0.61 -17.96
CA ARG F 837 42.93 -0.05 -17.41
C ARG F 837 43.27 -1.51 -17.21
N LEU F 838 42.24 -2.35 -17.00
CA LEU F 838 42.43 -3.70 -16.49
C LEU F 838 43.11 -4.61 -17.50
N ASP F 839 44.36 -4.97 -17.20
CA ASP F 839 45.07 -6.12 -17.72
C ASP F 839 46.23 -6.39 -16.77
N ARG F 840 46.67 -7.65 -16.73
CA ARG F 840 47.71 -8.02 -15.77
C ARG F 840 49.07 -7.49 -16.22
N ASP F 841 49.35 -7.57 -17.51
CA ASP F 841 50.57 -7.01 -18.05
C ASP F 841 50.47 -5.48 -18.06
N ARG F 842 51.63 -4.85 -18.19
CA ARG F 842 51.79 -3.39 -18.38
C ARG F 842 51.25 -2.62 -17.18
N VAL F 843 51.46 -3.18 -16.00
CA VAL F 843 51.17 -2.51 -14.73
C VAL F 843 52.50 -2.25 -14.04
N PRO F 844 52.77 -1.03 -13.60
CA PRO F 844 54.03 -0.75 -12.91
C PRO F 844 54.14 -1.45 -11.57
N THR F 845 55.02 -2.44 -11.50
CA THR F 845 55.22 -3.11 -10.22
C THR F 845 56.06 -2.26 -9.28
N MET F 846 56.90 -1.37 -9.81
CA MET F 846 57.77 -0.52 -9.03
C MET F 846 58.30 0.59 -9.92
N VAL F 847 59.15 1.43 -9.35
CA VAL F 847 59.88 2.50 -10.04
C VAL F 847 61.07 2.80 -9.14
N GLY F 848 62.24 3.03 -9.73
CA GLY F 848 63.45 3.11 -8.95
C GLY F 848 64.45 4.07 -9.53
N VAL F 849 65.23 4.69 -8.64
CA VAL F 849 66.31 5.58 -9.03
C VAL F 849 67.61 4.99 -8.53
N THR F 850 68.71 5.41 -9.14
CA THR F 850 70.03 4.99 -8.72
C THR F 850 70.85 6.21 -8.31
N ARG F 851 71.96 5.94 -7.64
CA ARG F 851 72.91 7.00 -7.33
C ARG F 851 74.36 6.62 -7.56
N GLN F 852 74.65 5.37 -7.88
CA GLN F 852 76.04 4.94 -7.99
C GLN F 852 76.14 3.73 -8.89
N SER F 853 77.37 3.28 -9.09
CA SER F 853 77.62 2.01 -9.76
C SER F 853 77.85 0.94 -8.70
N ARG F 854 78.31 -0.23 -9.11
CA ARG F 854 78.42 -1.37 -8.22
C ARG F 854 79.84 -1.92 -8.12
N ASP F 855 80.55 -1.97 -9.24
CA ASP F 855 81.76 -2.78 -9.33
C ASP F 855 82.67 -2.09 -10.33
N THR F 856 83.63 -2.84 -10.88
CA THR F 856 84.41 -2.44 -12.06
C THR F 856 83.52 -2.05 -13.24
N ILE F 857 82.29 -2.59 -13.30
CA ILE F 857 81.34 -2.25 -14.36
C ILE F 857 81.05 -0.74 -14.41
N THR F 858 80.85 -0.26 -15.59
CA THR F 858 80.79 1.16 -15.86
C THR F 858 79.56 1.56 -16.64
N GLN F 859 79.12 0.70 -17.56
CA GLN F 859 77.94 0.96 -18.36
C GLN F 859 76.69 1.04 -17.49
N PRO F 860 76.00 2.19 -17.46
CA PRO F 860 74.93 2.37 -16.49
C PRO F 860 73.72 1.50 -16.76
N ALA F 861 73.45 1.19 -18.04
CA ALA F 861 72.33 0.32 -18.37
C ALA F 861 72.54 -1.09 -17.84
N LEU F 862 73.78 -1.55 -17.80
CA LEU F 862 74.05 -2.82 -17.15
C LEU F 862 74.10 -2.69 -15.64
N SER F 863 74.60 -1.56 -15.14
CA SER F 863 74.82 -1.41 -13.70
C SER F 863 73.54 -1.17 -12.93
N LEU F 864 72.48 -0.73 -13.60
CA LEU F 864 71.33 -0.15 -12.91
C LEU F 864 70.48 -1.18 -12.19
N SER F 865 70.46 -2.42 -12.69
CA SER F 865 69.40 -3.36 -12.36
C SER F 865 69.45 -3.83 -10.92
N THR F 866 70.65 -4.11 -10.41
CA THR F 866 70.82 -4.48 -9.02
C THR F 866 71.24 -3.28 -8.18
N THR F 867 70.86 -2.09 -8.60
CA THR F 867 71.31 -0.85 -7.97
C THR F 867 70.19 0.14 -7.71
N ASN F 868 69.05 0.03 -8.39
CA ASN F 868 67.96 0.98 -8.17
C ASN F 868 67.37 0.90 -6.76
N THR F 869 66.76 1.99 -6.32
CA THR F 869 66.11 2.07 -5.02
C THR F 869 64.65 2.48 -5.22
N THR F 870 63.74 1.71 -4.64
CA THR F 870 62.33 1.88 -4.93
C THR F 870 61.77 3.15 -4.29
N VAL F 871 60.99 3.89 -5.07
CA VAL F 871 60.39 5.15 -4.66
C VAL F 871 58.88 5.03 -4.78
N GLY F 872 58.16 5.51 -3.79
CA GLY F 872 56.71 5.63 -3.89
C GLY F 872 56.03 5.26 -2.59
N VAL F 873 54.82 5.80 -2.42
CA VAL F 873 54.08 5.59 -1.17
C VAL F 873 52.59 5.64 -1.49
N PRO F 874 51.78 4.81 -0.84
CA PRO F 874 50.33 4.96 -0.97
C PRO F 874 49.77 6.01 -0.05
N LEU F 875 48.65 6.59 -0.46
CA LEU F 875 47.98 7.64 0.28
C LEU F 875 46.52 7.26 0.45
N ALA F 876 45.95 7.63 1.59
CA ALA F 876 44.60 7.22 1.95
C ALA F 876 43.61 8.35 1.74
N LEU F 877 42.40 7.98 1.32
CA LEU F 877 41.36 8.96 1.00
C LEU F 877 40.01 8.51 1.54
N ASP F 878 39.12 9.49 1.74
CA ASP F 878 37.80 9.26 2.32
C ASP F 878 36.79 9.09 1.18
N ALA F 879 36.49 7.83 0.87
CA ALA F 879 35.62 7.48 -0.26
C ALA F 879 34.21 8.01 -0.10
N ARG F 880 33.79 8.22 1.15
CA ARG F 880 32.47 8.80 1.39
C ARG F 880 32.39 10.23 0.89
N ALA F 881 33.35 11.07 1.28
CA ALA F 881 33.37 12.45 0.79
C ALA F 881 33.63 12.53 -0.70
N ILE F 882 34.40 11.57 -1.23
CA ILE F 882 34.53 11.39 -2.67
C ILE F 882 33.17 11.26 -3.33
N THR F 883 32.35 10.34 -2.84
CA THR F 883 31.04 10.10 -3.43
C THR F 883 30.11 11.28 -3.27
N VAL F 884 30.25 12.03 -2.16
CA VAL F 884 29.44 13.23 -1.97
C VAL F 884 29.75 14.26 -3.05
N ALA F 885 31.04 14.48 -3.31
CA ALA F 885 31.40 15.44 -4.35
C ALA F 885 31.08 14.93 -5.74
N LEU F 886 31.06 13.60 -5.93
CA LEU F 886 30.59 13.06 -7.21
C LEU F 886 29.11 13.32 -7.41
N LEU F 887 28.31 13.12 -6.37
CA LEU F 887 26.86 13.15 -6.54
C LEU F 887 26.29 14.56 -6.51
N SER F 888 27.00 15.52 -5.92
CA SER F 888 26.46 16.87 -5.81
C SER F 888 27.41 17.85 -6.48
N GLY F 889 26.93 18.50 -7.54
CA GLY F 889 27.74 19.45 -8.27
C GLY F 889 26.92 20.52 -8.95
N LYS F 890 27.29 21.77 -8.74
CA LYS F 890 26.46 22.90 -9.16
C LYS F 890 27.31 23.97 -9.79
N TYR F 891 26.94 24.38 -11.00
CA TYR F 891 27.51 25.53 -11.65
C TYR F 891 26.84 26.80 -11.14
N PRO F 892 27.41 27.97 -11.39
CA PRO F 892 26.65 29.21 -11.23
C PRO F 892 25.53 29.29 -12.24
N PRO F 893 24.50 30.09 -11.98
CA PRO F 893 23.39 30.17 -12.94
C PRO F 893 23.78 30.82 -14.26
N ASP F 894 24.64 31.83 -14.23
CA ASP F 894 25.09 32.50 -15.44
C ASP F 894 26.61 32.49 -15.44
N LEU F 895 27.17 31.41 -15.96
CA LEU F 895 28.62 31.30 -16.09
C LEU F 895 28.97 31.30 -17.57
N VAL F 896 29.96 32.10 -17.92
CA VAL F 896 30.52 32.12 -19.26
C VAL F 896 31.99 31.75 -19.12
N THR F 897 32.43 30.79 -19.93
CA THR F 897 33.69 30.10 -19.66
C THR F 897 34.89 31.01 -19.86
N ASN F 898 34.97 31.72 -21.00
CA ASN F 898 36.15 32.53 -21.25
C ASN F 898 36.25 33.69 -20.26
N VAL F 899 35.10 34.22 -19.85
CA VAL F 899 35.04 35.23 -18.80
C VAL F 899 35.59 34.70 -17.49
N TRP F 900 35.05 33.57 -17.03
CA TRP F 900 35.41 33.05 -15.72
C TRP F 900 36.86 32.61 -15.67
N TYR F 901 37.30 31.89 -16.70
CA TYR F 901 38.68 31.42 -16.69
C TYR F 901 39.65 32.56 -16.94
N ALA F 902 39.23 33.64 -17.63
CA ALA F 902 40.12 34.79 -17.76
C ALA F 902 40.34 35.45 -16.40
N ASP F 903 39.24 35.73 -15.69
CA ASP F 903 39.36 36.35 -14.37
C ASP F 903 40.10 35.47 -13.37
N ALA F 904 39.96 34.16 -13.49
CA ALA F 904 40.56 33.29 -12.50
C ALA F 904 41.97 32.85 -12.86
N ILE F 905 42.37 32.94 -14.12
CA ILE F 905 43.70 32.49 -14.51
C ILE F 905 44.69 33.65 -14.60
N TYR F 906 44.24 34.87 -14.88
CA TYR F 906 45.15 36.02 -15.00
C TYR F 906 46.00 36.33 -13.77
N PRO F 907 45.47 36.49 -12.53
CA PRO F 907 46.31 37.03 -11.46
C PRO F 907 47.35 36.06 -10.93
N MET F 908 47.33 34.78 -11.33
CA MET F 908 48.42 33.90 -10.94
C MET F 908 49.60 34.00 -11.88
N TYR F 909 49.46 34.70 -13.00
CA TYR F 909 50.55 34.82 -13.96
C TYR F 909 51.32 36.10 -13.81
N ALA F 910 51.09 36.85 -12.74
CA ALA F 910 51.98 37.94 -12.37
C ALA F 910 53.15 37.46 -11.54
N ASP F 911 53.26 36.15 -11.32
CA ASP F 911 54.30 35.58 -10.50
C ASP F 911 55.40 35.05 -11.39
N THR F 912 56.65 35.34 -11.02
CA THR F 912 57.83 34.84 -11.69
C THR F 912 58.47 33.68 -10.93
N GLU F 913 57.68 32.99 -10.10
CA GLU F 913 58.18 31.92 -9.24
C GLU F 913 58.74 30.75 -10.04
N VAL F 914 58.15 30.48 -11.20
CA VAL F 914 58.56 29.32 -12.00
C VAL F 914 59.93 29.54 -12.61
N PHE F 915 60.30 30.80 -12.87
CA PHE F 915 61.53 31.07 -13.61
C PHE F 915 62.77 30.84 -12.76
N SER F 916 62.67 31.04 -11.44
CA SER F 916 63.84 30.94 -10.59
C SER F 916 64.30 29.50 -10.42
N ASN F 917 63.37 28.56 -10.48
CA ASN F 917 63.70 27.15 -10.31
C ASN F 917 64.56 26.64 -11.45
N LEU F 918 64.46 27.28 -12.62
CA LEU F 918 65.30 26.95 -13.75
C LEU F 918 66.77 27.20 -13.44
N GLN F 919 67.08 28.40 -12.94
CA GLN F 919 68.46 28.72 -12.58
C GLN F 919 68.92 27.89 -11.38
N ARG F 920 67.99 27.53 -10.49
CA ARG F 920 68.31 26.59 -9.43
C ARG F 920 68.74 25.24 -9.98
N ASP F 921 68.04 24.74 -11.00
CA ASP F 921 68.40 23.47 -11.59
C ASP F 921 69.70 23.55 -12.38
N VAL F 922 69.99 24.73 -12.97
CA VAL F 922 71.28 24.99 -13.58
C VAL F 922 72.40 24.77 -12.57
N ILE F 923 72.28 25.43 -11.41
CA ILE F 923 73.31 25.32 -10.39
C ILE F 923 73.41 23.89 -9.86
N THR F 924 72.29 23.17 -9.83
CA THR F 924 72.31 21.77 -9.41
C THR F 924 73.13 20.91 -10.37
N CYS F 925 72.87 21.04 -11.67
CA CYS F 925 73.58 20.20 -12.63
C CYS F 925 75.05 20.58 -12.74
N GLU F 926 75.34 21.89 -12.66
CA GLU F 926 76.72 22.34 -12.68
C GLU F 926 77.47 21.85 -11.45
N ALA F 927 76.78 21.81 -10.31
CA ALA F 927 77.43 21.35 -9.09
C ALA F 927 77.71 19.86 -9.12
N VAL F 928 76.80 19.06 -9.69
CA VAL F 928 77.07 17.63 -9.67
C VAL F 928 78.13 17.25 -10.69
N GLN F 929 78.20 17.97 -11.83
CA GLN F 929 79.29 17.71 -12.77
C GLN F 929 80.62 18.19 -12.21
N THR F 930 80.60 19.30 -11.47
CA THR F 930 81.79 19.77 -10.77
C THR F 930 82.25 18.75 -9.74
N LEU F 931 81.30 18.11 -9.06
CA LEU F 931 81.64 17.12 -8.05
C LEU F 931 82.31 15.90 -8.66
N VAL F 932 81.76 15.39 -9.77
CA VAL F 932 82.38 14.19 -10.34
C VAL F 932 83.74 14.52 -10.97
N THR F 933 83.87 15.72 -11.58
CA THR F 933 85.15 16.11 -12.17
C THR F 933 86.21 16.33 -11.10
N LEU F 934 85.84 16.94 -9.97
CA LEU F 934 86.83 17.22 -8.95
C LEU F 934 87.19 15.99 -8.15
N VAL F 935 86.23 15.10 -7.88
CA VAL F 935 86.54 13.87 -7.17
C VAL F 935 87.34 12.92 -8.05
N ALA F 936 87.24 13.08 -9.38
CA ALA F 936 88.07 12.30 -10.30
C ALA F 936 89.56 12.55 -10.15
N GLN F 937 89.97 13.64 -9.50
CA GLN F 937 91.40 13.96 -9.42
C GLN F 937 92.12 13.21 -8.32
N ILE F 938 91.44 12.82 -7.24
CA ILE F 938 92.10 12.25 -6.07
C ILE F 938 91.89 10.76 -5.95
N SER F 939 91.07 10.16 -6.81
CA SER F 939 90.91 8.72 -6.81
C SER F 939 90.51 8.29 -8.20
N GLU F 940 90.66 7.00 -8.48
CA GLU F 940 90.34 6.48 -9.80
C GLU F 940 88.84 6.30 -9.94
N THR F 941 88.28 6.88 -10.98
CA THR F 941 86.85 6.85 -11.23
C THR F 941 86.57 6.19 -12.57
N GLN F 942 85.29 6.14 -12.91
CA GLN F 942 84.85 5.58 -14.18
C GLN F 942 84.68 6.65 -15.25
N TYR F 943 84.95 7.90 -14.94
CA TYR F 943 84.79 8.85 -16.02
C TYR F 943 86.15 9.25 -16.57
N PRO F 944 86.26 9.42 -17.88
CA PRO F 944 87.54 9.86 -18.46
C PRO F 944 87.78 11.33 -18.17
N VAL F 945 88.88 11.61 -17.48
CA VAL F 945 89.29 12.97 -17.18
C VAL F 945 90.75 13.14 -17.54
N ASP F 946 91.12 14.39 -17.78
CA ASP F 946 92.50 14.75 -18.09
C ASP F 946 93.14 15.28 -16.82
N ARG F 947 94.25 14.67 -16.42
CA ARG F 947 94.91 14.98 -15.17
C ARG F 947 96.12 15.87 -15.40
N TYR F 948 96.39 16.76 -14.45
CA TYR F 948 97.55 17.63 -14.50
C TYR F 948 98.33 17.70 -13.21
N LEU F 949 97.73 17.35 -12.07
CA LEU F 949 98.33 17.55 -10.77
C LEU F 949 99.20 16.39 -10.34
N ASP F 950 99.59 15.53 -11.27
CA ASP F 950 100.08 14.21 -10.92
C ASP F 950 101.47 14.21 -10.31
N TRP F 951 102.18 15.33 -10.31
CA TRP F 951 103.51 15.32 -9.73
C TRP F 951 103.49 15.65 -8.25
N ILE F 952 102.46 16.34 -7.79
CA ILE F 952 102.31 16.69 -6.36
C ILE F 952 101.97 15.41 -5.58
N PRO F 953 102.51 15.23 -4.37
CA PRO F 953 102.14 14.08 -3.56
C PRO F 953 100.68 14.10 -3.16
N SER F 954 100.12 12.92 -2.99
CA SER F 954 98.70 12.77 -2.71
C SER F 954 98.47 11.52 -1.88
N LEU F 955 97.36 11.52 -1.14
CA LEU F 955 97.00 10.41 -0.28
C LEU F 955 96.33 9.31 -1.07
N ARG F 956 96.60 8.07 -0.69
CA ARG F 956 95.77 6.95 -1.14
C ARG F 956 94.42 7.12 -0.49
N ALA F 957 93.46 7.61 -1.25
CA ALA F 957 92.20 8.07 -0.70
C ALA F 957 91.27 6.90 -0.40
N SER F 958 90.45 7.06 0.63
CA SER F 958 89.39 6.11 0.95
C SER F 958 88.05 6.76 0.68
N ALA F 959 86.99 5.99 0.89
CA ALA F 959 85.65 6.53 0.69
C ALA F 959 85.30 7.58 1.74
N ALA F 960 85.90 7.47 2.94
CA ALA F 960 85.69 8.50 3.95
C ALA F 960 86.39 9.79 3.57
N THR F 961 87.60 9.67 3.02
CA THR F 961 88.31 10.84 2.51
C THR F 961 87.54 11.50 1.39
N ALA F 962 86.99 10.70 0.48
CA ALA F 962 86.23 11.25 -0.64
C ALA F 962 84.94 11.90 -0.15
N ALA F 963 84.29 11.30 0.84
CA ALA F 963 83.04 11.86 1.36
C ALA F 963 83.30 13.17 2.08
N THR F 964 84.37 13.22 2.88
CA THR F 964 84.73 14.45 3.58
C THR F 964 85.06 15.54 2.59
N PHE F 965 85.87 15.21 1.57
CA PHE F 965 86.25 16.18 0.56
C PHE F 965 85.05 16.66 -0.25
N ALA F 966 84.09 15.78 -0.50
CA ALA F 966 82.89 16.19 -1.18
C ALA F 966 82.04 17.11 -0.32
N GLU F 967 82.07 16.92 1.01
CA GLU F 967 81.42 17.87 1.90
C GLU F 967 82.08 19.23 1.82
N TRP F 968 83.41 19.25 1.71
CA TRP F 968 84.11 20.52 1.51
C TRP F 968 83.70 21.19 0.20
N VAL F 969 83.56 20.41 -0.86
CA VAL F 969 83.16 20.95 -2.16
C VAL F 969 81.73 21.48 -2.10
N ASN F 970 80.86 20.78 -1.36
CA ASN F 970 79.49 21.23 -1.15
C ASN F 970 79.46 22.56 -0.41
N THR F 971 80.25 22.67 0.66
CA THR F 971 80.29 23.91 1.43
C THR F 971 80.85 25.05 0.60
N SER F 972 81.86 24.76 -0.22
CA SER F 972 82.49 25.78 -1.06
C SER F 972 81.51 26.30 -2.09
N MET F 973 80.83 25.39 -2.79
CA MET F 973 79.82 25.77 -3.77
C MET F 973 78.64 26.48 -3.11
N LYS F 974 78.37 26.14 -1.86
CA LYS F 974 77.23 26.68 -1.15
C LYS F 974 77.49 28.10 -0.65
N THR F 975 78.74 28.43 -0.34
CA THR F 975 79.10 29.80 0.04
C THR F 975 78.79 30.78 -1.08
N ALA F 976 79.13 30.42 -2.30
CA ALA F 976 78.67 31.19 -3.44
C ALA F 976 77.18 30.94 -3.64
N PHE F 977 76.54 31.87 -4.33
CA PHE F 977 75.15 31.87 -4.81
C PHE F 977 74.11 32.02 -3.73
N ASP F 978 74.50 32.17 -2.45
CA ASP F 978 73.65 32.69 -1.36
C ASP F 978 72.41 31.82 -1.16
N LEU F 979 72.65 30.59 -0.73
CA LEU F 979 71.56 29.64 -0.60
C LEU F 979 71.83 28.75 0.60
N SER F 980 70.79 28.49 1.38
CA SER F 980 70.92 27.83 2.67
C SER F 980 70.33 26.44 2.69
N ASP F 981 69.56 26.05 1.70
CA ASP F 981 68.94 24.75 1.74
C ASP F 981 69.90 23.67 1.23
N MET F 982 69.34 22.49 0.96
CA MET F 982 70.13 21.34 0.58
C MET F 982 70.69 21.51 -0.81
N LEU F 983 71.88 20.94 -1.03
CA LEU F 983 72.46 20.82 -2.36
C LEU F 983 73.33 19.58 -2.37
N LEU F 984 72.99 18.63 -3.26
CA LEU F 984 73.72 17.38 -3.55
C LEU F 984 73.97 16.52 -2.29
N GLU F 985 73.17 16.72 -1.25
CA GLU F 985 73.08 15.73 -0.17
C GLU F 985 72.53 14.37 -0.62
N PRO F 986 71.53 14.26 -1.56
CA PRO F 986 71.20 12.91 -2.06
C PRO F 986 72.37 12.20 -2.70
N LEU F 987 73.20 12.93 -3.44
CA LEU F 987 74.46 12.38 -3.92
C LEU F 987 75.40 12.02 -2.79
N LEU F 988 75.44 12.81 -1.74
CA LEU F 988 76.42 12.59 -0.69
C LEU F 988 76.00 11.54 0.33
N SER F 989 74.78 11.02 0.24
CA SER F 989 74.41 9.90 1.09
C SER F 989 75.25 8.66 0.79
N GLY F 990 75.59 8.43 -0.47
CA GLY F 990 76.25 7.22 -0.90
C GLY F 990 77.74 7.40 -1.12
N ASP F 991 78.34 6.40 -1.76
CA ASP F 991 79.75 6.42 -2.14
C ASP F 991 79.94 7.45 -3.25
N PRO F 992 80.72 8.51 -3.04
CA PRO F 992 80.84 9.55 -4.06
C PRO F 992 81.76 9.18 -5.21
N ARG F 993 82.43 8.02 -5.19
CA ARG F 993 83.41 7.73 -6.21
C ARG F 993 82.78 7.20 -7.49
N MET F 994 81.81 6.29 -7.37
CA MET F 994 81.27 5.57 -8.52
C MET F 994 79.88 6.05 -8.91
N THR F 995 79.62 7.34 -8.81
CA THR F 995 78.25 7.83 -8.92
C THR F 995 77.77 7.88 -10.36
N GLN F 996 76.45 7.81 -10.50
CA GLN F 996 75.76 7.90 -11.78
C GLN F 996 74.31 8.20 -11.48
N LEU F 997 73.62 8.78 -12.45
CA LEU F 997 72.26 9.27 -12.22
C LEU F 997 71.34 8.70 -13.29
N ALA F 998 70.37 7.91 -12.88
CA ALA F 998 69.46 7.26 -13.81
C ALA F 998 68.21 6.79 -13.06
N ILE F 999 67.26 6.26 -13.83
CA ILE F 999 65.94 5.90 -13.33
C ILE F 999 65.38 4.82 -14.25
N GLN F 1000 64.40 4.07 -13.75
CA GLN F 1000 63.73 3.03 -14.50
C GLN F 1000 62.31 2.88 -13.99
N TYR F 1001 61.55 2.03 -14.65
CA TYR F 1001 60.37 1.41 -14.05
C TYR F 1001 60.10 0.09 -14.75
N GLN F 1002 59.56 -0.85 -13.99
CA GLN F 1002 59.38 -2.21 -14.43
C GLN F 1002 57.91 -2.54 -14.52
N GLN F 1003 57.53 -3.23 -15.59
CA GLN F 1003 56.16 -3.68 -15.76
C GLN F 1003 55.97 -4.98 -14.97
N TYR F 1004 54.80 -5.60 -15.12
CA TYR F 1004 54.54 -6.84 -14.39
C TYR F 1004 55.24 -8.03 -15.04
N ASN F 1005 55.33 -8.05 -16.36
CA ASN F 1005 55.90 -9.21 -17.03
C ASN F 1005 57.41 -9.31 -16.89
N GLY F 1006 58.09 -8.22 -16.51
CA GLY F 1006 59.53 -8.19 -16.45
C GLY F 1006 60.15 -7.19 -17.38
N ARG F 1007 59.35 -6.42 -18.09
CA ARG F 1007 59.87 -5.41 -18.99
C ARG F 1007 60.23 -4.15 -18.22
N THR F 1008 61.45 -3.65 -18.46
CA THR F 1008 61.96 -2.47 -17.77
C THR F 1008 62.25 -1.37 -18.77
N PHE F 1009 61.92 -0.14 -18.39
CA PHE F 1009 62.14 1.05 -19.22
C PHE F 1009 63.05 2.00 -18.47
N ASN F 1010 64.31 2.08 -18.85
CA ASN F 1010 65.23 2.98 -18.16
C ASN F 1010 65.38 4.30 -18.90
N VAL F 1011 65.81 5.31 -18.18
CA VAL F 1011 66.13 6.63 -18.72
C VAL F 1011 67.47 7.06 -18.16
N ILE F 1012 68.45 7.26 -19.03
CA ILE F 1012 69.76 7.74 -18.63
C ILE F 1012 70.03 9.04 -19.37
N PRO F 1013 69.96 10.17 -18.68
CA PRO F 1013 70.28 11.44 -19.34
C PRO F 1013 71.79 11.67 -19.37
N GLU F 1014 72.27 12.20 -20.48
CA GLU F 1014 73.69 12.53 -20.59
C GLU F 1014 73.94 13.88 -19.91
N MET F 1015 74.95 13.92 -19.07
CA MET F 1015 75.27 15.13 -18.33
C MET F 1015 75.83 16.19 -19.27
N PRO F 1016 75.24 17.37 -19.33
CA PRO F 1016 75.70 18.36 -20.32
C PRO F 1016 77.00 19.03 -19.94
N GLY F 1017 77.40 20.02 -20.73
CA GLY F 1017 78.65 20.71 -20.49
C GLY F 1017 78.61 21.56 -19.24
N SER F 1018 79.80 21.79 -18.69
CA SER F 1018 79.93 22.47 -17.40
C SER F 1018 81.06 23.48 -17.48
N VAL F 1019 80.70 24.76 -17.49
CA VAL F 1019 81.69 25.82 -17.57
C VAL F 1019 82.54 25.87 -16.31
N ILE F 1020 81.99 25.44 -15.18
CA ILE F 1020 82.74 25.45 -13.92
C ILE F 1020 83.87 24.45 -13.97
N ALA F 1021 83.56 23.19 -14.30
CA ALA F 1021 84.60 22.17 -14.32
C ALA F 1021 85.56 22.38 -15.48
N ASP F 1022 85.08 22.97 -16.58
CA ASP F 1022 85.96 23.37 -17.67
C ASP F 1022 86.99 24.38 -17.18
N CYS F 1023 86.54 25.37 -16.42
CA CYS F 1023 87.46 26.37 -15.91
C CYS F 1023 88.36 25.80 -14.81
N VAL F 1024 87.88 24.79 -14.09
CA VAL F 1024 88.73 24.11 -13.12
C VAL F 1024 89.88 23.39 -13.80
N GLN F 1025 89.58 22.68 -14.90
CA GLN F 1025 90.63 22.03 -15.67
C GLN F 1025 91.60 23.05 -16.25
N LEU F 1026 91.08 24.20 -16.65
CA LEU F 1026 91.94 25.27 -17.17
C LEU F 1026 92.90 25.78 -16.11
N THR F 1027 92.38 26.04 -14.90
CA THR F 1027 93.23 26.50 -13.82
C THR F 1027 94.21 25.43 -13.38
N ALA F 1028 93.83 24.16 -13.48
CA ALA F 1028 94.74 23.07 -13.15
C ALA F 1028 95.92 23.05 -14.12
N GLU F 1029 95.65 23.21 -15.41
CA GLU F 1029 96.71 23.24 -16.41
C GLU F 1029 97.60 24.47 -16.22
N VAL F 1030 96.99 25.62 -15.94
CA VAL F 1030 97.76 26.85 -15.77
C VAL F 1030 98.61 26.77 -14.51
N PHE F 1031 98.11 26.11 -13.46
CA PHE F 1031 98.94 25.94 -12.28
C PHE F 1031 100.05 24.94 -12.52
N ASN F 1032 99.81 23.95 -13.38
CA ASN F 1032 100.89 23.03 -13.75
C ASN F 1032 102.03 23.76 -14.44
N HIS F 1033 101.71 24.73 -15.28
CA HIS F 1033 102.80 25.48 -15.89
C HIS F 1033 103.28 26.67 -15.06
N GLU F 1034 102.52 27.09 -14.07
CA GLU F 1034 102.84 28.29 -13.27
C GLU F 1034 102.72 27.98 -11.79
N TYR F 1035 103.34 26.87 -11.40
CA TYR F 1035 103.25 26.33 -10.05
C TYR F 1035 103.87 27.25 -9.01
N ASN F 1036 104.88 28.04 -9.40
CA ASN F 1036 105.54 28.93 -8.44
C ASN F 1036 104.66 30.07 -7.97
N LEU F 1037 103.55 30.33 -8.66
CA LEU F 1037 102.74 31.49 -8.33
C LEU F 1037 102.02 31.32 -7.02
N PHE F 1038 101.67 30.09 -6.66
CA PHE F 1038 101.00 29.84 -5.40
C PHE F 1038 101.98 29.42 -4.32
N GLY F 1039 103.28 29.63 -4.54
CA GLY F 1039 104.28 29.28 -3.56
C GLY F 1039 104.55 27.80 -3.48
N ILE F 1040 104.70 27.18 -4.64
CA ILE F 1040 105.01 25.76 -4.74
C ILE F 1040 106.27 25.62 -5.56
N ALA F 1041 107.15 24.71 -5.18
CA ALA F 1041 108.31 24.35 -5.98
C ALA F 1041 108.21 22.90 -6.41
N ARG F 1042 108.44 22.64 -7.69
CA ARG F 1042 108.55 21.28 -8.18
C ARG F 1042 109.90 20.71 -7.78
N GLY F 1043 110.10 19.44 -8.11
CA GLY F 1043 111.36 18.81 -7.81
C GLY F 1043 111.49 18.57 -6.33
N ASP F 1044 112.67 18.86 -5.80
CA ASP F 1044 112.93 18.62 -4.39
C ASP F 1044 114.08 19.50 -3.95
N ILE F 1045 114.56 19.25 -2.73
CA ILE F 1045 115.67 20.01 -2.18
C ILE F 1045 116.81 19.06 -1.88
N ILE F 1046 118.00 19.65 -1.70
CA ILE F 1046 119.21 18.90 -1.40
C ILE F 1046 119.85 19.53 -0.17
N ILE F 1047 119.99 18.76 0.89
CA ILE F 1047 120.58 19.24 2.12
C ILE F 1047 122.08 19.05 2.04
N GLY F 1048 122.85 20.13 2.21
CA GLY F 1048 124.28 20.02 2.13
C GLY F 1048 125.03 21.34 2.28
N ARG F 1049 126.20 21.29 2.89
CA ARG F 1049 126.95 22.51 3.17
C ARG F 1049 127.54 23.10 1.90
N VAL F 1050 127.26 24.36 1.65
CA VAL F 1050 127.87 25.12 0.57
C VAL F 1050 128.37 26.43 1.15
N GLN F 1051 129.68 26.62 1.13
CA GLN F 1051 130.33 27.81 1.70
C GLN F 1051 131.12 28.50 0.61
N SER F 1052 130.59 29.59 0.07
CA SER F 1052 131.29 30.33 -0.97
C SER F 1052 130.82 31.77 -0.98
N THR F 1053 131.63 32.62 -1.59
CA THR F 1053 131.33 34.03 -1.75
C THR F 1053 130.53 34.32 -3.00
N HIS F 1054 130.02 33.29 -3.67
CA HIS F 1054 129.19 33.53 -4.83
C HIS F 1054 127.80 34.00 -4.41
N LEU F 1055 127.05 34.52 -5.37
CA LEU F 1055 125.79 35.17 -5.10
C LEU F 1055 124.63 34.51 -5.82
N TRP F 1056 124.78 33.24 -6.21
CA TRP F 1056 123.74 32.57 -6.98
C TRP F 1056 122.54 32.26 -6.11
N SER F 1057 121.37 32.35 -6.69
CA SER F 1057 120.14 32.19 -5.91
C SER F 1057 119.86 30.72 -5.67
N PRO F 1058 119.58 30.32 -4.43
CA PRO F 1058 119.17 28.93 -4.15
C PRO F 1058 117.89 28.49 -4.85
N LEU F 1059 117.10 29.39 -5.40
CA LEU F 1059 116.02 28.98 -6.27
C LEU F 1059 116.52 28.42 -7.60
N ALA F 1060 117.75 28.75 -7.99
CA ALA F 1060 118.31 28.30 -9.26
C ALA F 1060 119.78 27.97 -9.07
N PRO F 1061 120.09 26.72 -8.74
CA PRO F 1061 121.47 26.35 -8.42
C PRO F 1061 122.29 26.13 -9.68
N PRO F 1062 123.62 26.21 -9.57
CA PRO F 1062 124.47 25.72 -10.64
C PRO F 1062 124.34 24.21 -10.75
N PRO F 1063 124.54 23.64 -11.95
CA PRO F 1063 124.16 22.23 -12.16
C PRO F 1063 125.05 21.22 -11.48
N ASP F 1064 126.23 21.58 -11.01
CA ASP F 1064 127.10 20.57 -10.43
C ASP F 1064 126.67 20.16 -9.02
N LEU F 1065 125.97 21.03 -8.30
CA LEU F 1065 125.62 20.73 -6.93
C LEU F 1065 124.55 19.66 -6.82
N VAL F 1066 123.64 19.61 -7.78
CA VAL F 1066 122.56 18.62 -7.73
C VAL F 1066 123.05 17.29 -8.27
N PHE F 1067 122.30 16.23 -7.99
CA PHE F 1067 122.61 14.90 -8.50
C PHE F 1067 121.31 14.13 -8.57
N ASP F 1068 121.27 13.12 -9.43
CA ASP F 1068 120.06 12.34 -9.63
C ASP F 1068 120.29 10.88 -9.26
N ARG F 1069 119.31 10.05 -9.60
CA ARG F 1069 119.49 8.62 -9.46
C ARG F 1069 120.47 8.06 -10.49
N ASP F 1070 120.63 8.76 -11.61
CA ASP F 1070 121.56 8.32 -12.64
C ASP F 1070 123.00 8.73 -12.34
N THR F 1071 123.22 9.57 -11.34
CA THR F 1071 124.57 9.98 -11.01
C THR F 1071 125.32 8.81 -10.40
N PRO F 1072 126.52 8.50 -10.87
CA PRO F 1072 127.26 7.35 -10.33
C PRO F 1072 127.77 7.63 -8.93
N GLY F 1073 128.08 6.54 -8.23
CA GLY F 1073 128.59 6.64 -6.87
C GLY F 1073 127.58 7.15 -5.86
N VAL F 1074 126.29 7.00 -6.14
CA VAL F 1074 125.23 7.54 -5.31
C VAL F 1074 124.44 6.38 -4.72
N HIS F 1075 124.28 6.39 -3.40
CA HIS F 1075 123.64 5.30 -2.68
C HIS F 1075 122.18 5.64 -2.45
N ILE F 1076 121.29 4.91 -3.11
CA ILE F 1076 119.85 5.06 -2.94
C ILE F 1076 119.42 4.20 -1.76
N PHE F 1077 118.78 4.82 -0.78
CA PHE F 1077 118.29 4.10 0.39
C PHE F 1077 116.78 4.01 0.26
N GLY F 1078 116.31 3.00 -0.46
CA GLY F 1078 114.89 2.88 -0.75
C GLY F 1078 114.05 2.51 0.45
N ARG F 1079 114.20 1.29 0.93
CA ARG F 1079 113.37 0.77 2.01
C ARG F 1079 114.26 0.08 3.03
N ASP F 1080 113.61 -0.35 4.12
CA ASP F 1080 114.03 -1.25 5.20
C ASP F 1080 115.51 -1.18 5.57
N CYS F 1081 116.03 0.03 5.72
CA CYS F 1081 117.41 0.18 6.12
C CYS F 1081 117.51 0.13 7.63
N ARG F 1082 118.70 -0.23 8.11
CA ARG F 1082 118.98 -0.25 9.54
C ARG F 1082 120.29 0.46 9.79
N ILE F 1083 120.47 0.90 11.03
CA ILE F 1083 121.60 1.73 11.41
C ILE F 1083 122.28 1.10 12.61
N SER F 1084 123.50 0.64 12.42
CA SER F 1084 124.33 0.14 13.51
C SER F 1084 125.32 1.23 13.93
N PHE F 1085 126.09 0.92 14.96
CA PHE F 1085 127.02 1.89 15.51
C PHE F 1085 128.45 1.55 15.08
N GLY F 1086 129.39 2.33 15.61
CA GLY F 1086 130.80 2.05 15.41
C GLY F 1086 131.49 1.67 16.70
N MET F 1087 132.02 0.47 16.77
CA MET F 1087 132.59 -0.06 18.00
C MET F 1087 134.05 0.33 18.09
N ASN F 1088 134.35 1.29 18.98
CA ASN F 1088 135.69 1.61 19.45
C ASN F 1088 136.62 2.03 18.30
N GLY F 1089 136.28 3.17 17.72
CA GLY F 1089 137.03 3.74 16.63
C GLY F 1089 136.46 3.43 15.27
N ALA F 1090 135.43 2.61 15.20
CA ALA F 1090 134.83 2.30 13.92
C ALA F 1090 133.90 3.42 13.48
N ALA F 1091 133.57 3.39 12.30
CA ALA F 1091 132.61 4.35 11.78
C ALA F 1091 131.19 3.87 12.03
N PRO F 1092 130.23 4.78 12.18
CA PRO F 1092 128.83 4.35 12.21
C PRO F 1092 128.35 3.86 10.85
N MET F 1093 127.11 3.40 10.83
CA MET F 1093 126.72 2.33 9.93
C MET F 1093 125.31 2.53 9.42
N ILE F 1094 125.09 2.20 8.14
CA ILE F 1094 123.76 2.21 7.55
C ILE F 1094 123.76 1.23 6.37
N ARG F 1095 122.61 0.60 6.14
CA ARG F 1095 122.45 -0.42 5.12
C ARG F 1095 121.88 0.17 3.84
N ASP F 1096 122.52 -0.14 2.72
CA ASP F 1096 122.04 0.21 1.39
C ASP F 1096 120.76 -0.55 1.08
N GLU F 1097 120.01 -0.04 0.09
CA GLU F 1097 118.91 -0.80 -0.46
C GLU F 1097 119.39 -2.07 -1.15
N THR F 1098 120.56 -2.05 -1.75
CA THR F 1098 121.11 -3.22 -2.43
C THR F 1098 121.80 -4.19 -1.49
N GLY F 1099 121.65 -4.03 -0.17
CA GLY F 1099 122.34 -4.88 0.78
C GLY F 1099 123.77 -4.48 1.07
N MET F 1100 124.28 -3.46 0.40
CA MET F 1100 125.66 -3.03 0.58
C MET F 1100 125.84 -2.35 1.93
N MET F 1101 127.07 -2.39 2.45
CA MET F 1101 127.44 -1.69 3.68
C MET F 1101 128.09 -0.36 3.31
N VAL F 1102 127.78 0.69 4.08
CA VAL F 1102 128.23 2.03 3.75
C VAL F 1102 128.30 2.91 4.99
N PRO F 1103 129.32 3.76 5.14
CA PRO F 1103 129.37 4.71 6.25
C PRO F 1103 128.67 6.01 5.88
N PHE F 1104 128.69 6.95 6.82
CA PHE F 1104 127.92 8.20 6.71
C PHE F 1104 128.71 9.19 5.88
N GLU F 1105 128.40 9.26 4.59
CA GLU F 1105 129.17 10.07 3.65
C GLU F 1105 128.42 10.14 2.33
N GLY F 1106 128.63 11.24 1.61
CA GLY F 1106 128.43 11.26 0.17
C GLY F 1106 127.05 11.74 -0.23
N ASN F 1107 126.44 11.03 -1.17
CA ASN F 1107 125.21 11.46 -1.84
C ASN F 1107 124.14 10.41 -1.60
N TRP F 1108 123.12 10.78 -0.82
CA TRP F 1108 122.06 9.84 -0.48
C TRP F 1108 120.72 10.40 -0.93
N ILE F 1109 119.78 9.49 -1.16
CA ILE F 1109 118.43 9.85 -1.57
C ILE F 1109 117.46 9.17 -0.63
N PHE F 1110 116.66 9.96 0.07
CA PHE F 1110 115.71 9.43 1.02
C PHE F 1110 114.30 9.63 0.49
N PRO F 1111 113.46 8.60 0.51
CA PRO F 1111 112.02 8.84 0.45
C PRO F 1111 111.58 9.57 1.71
N LEU F 1112 110.57 10.42 1.54
CA LEU F 1112 110.19 11.37 2.58
C LEU F 1112 109.60 10.68 3.79
N ALA F 1113 108.82 9.62 3.56
CA ALA F 1113 108.19 8.90 4.66
C ALA F 1113 109.24 8.18 5.50
N LEU F 1114 110.37 7.81 4.91
CA LEU F 1114 111.46 7.19 5.65
C LEU F 1114 112.03 8.16 6.68
N TRP F 1115 112.15 9.43 6.31
CA TRP F 1115 112.58 10.42 7.28
C TRP F 1115 111.49 10.71 8.29
N GLN F 1116 110.24 10.75 7.84
CA GLN F 1116 109.15 11.17 8.71
C GLN F 1116 108.90 10.15 9.81
N MET F 1117 108.87 8.87 9.47
CA MET F 1117 108.57 7.84 10.45
C MET F 1117 109.65 7.67 11.50
N ASN F 1118 110.83 8.26 11.30
CA ASN F 1118 111.97 7.96 12.16
C ASN F 1118 112.82 9.21 12.46
N THR F 1119 112.24 10.41 12.31
CA THR F 1119 112.98 11.66 12.42
C THR F 1119 113.66 11.88 13.77
N ARG F 1120 113.12 11.31 14.87
CA ARG F 1120 113.72 11.55 16.17
C ARG F 1120 115.06 10.85 16.28
N TYR F 1121 115.10 9.58 15.87
CA TYR F 1121 116.37 8.87 15.81
C TYR F 1121 117.28 9.48 14.74
N PHE F 1122 116.71 9.87 13.59
CA PHE F 1122 117.56 10.25 12.46
C PHE F 1122 118.22 11.60 12.68
N ASN F 1123 117.57 12.53 13.38
CA ASN F 1123 118.19 13.83 13.68
C ASN F 1123 119.44 13.65 14.52
N GLN F 1124 119.32 12.92 15.62
CA GLN F 1124 120.45 12.66 16.50
C GLN F 1124 121.54 11.88 15.79
N GLN F 1125 121.18 11.01 14.85
CA GLN F 1125 122.23 10.31 14.13
C GLN F 1125 122.91 11.17 13.08
N PHE F 1126 122.21 12.14 12.49
CA PHE F 1126 122.69 12.71 11.23
C PHE F 1126 123.14 14.16 11.30
N ASP F 1127 122.61 14.96 12.24
CA ASP F 1127 122.71 16.41 12.12
C ASP F 1127 124.14 16.92 12.26
N ALA F 1128 124.92 16.31 13.13
CA ALA F 1128 126.30 16.75 13.31
C ALA F 1128 127.15 16.43 12.09
N TRP F 1129 126.84 15.33 11.41
CA TRP F 1129 127.51 15.06 10.15
C TRP F 1129 127.03 15.98 9.05
N ILE F 1130 125.80 16.47 9.16
CA ILE F 1130 125.34 17.45 8.18
C ILE F 1130 126.06 18.78 8.38
N LYS F 1131 126.33 19.13 9.63
CA LYS F 1131 126.93 20.43 9.92
C LYS F 1131 128.38 20.50 9.47
N THR F 1132 129.21 19.54 9.90
CA THR F 1132 130.63 19.60 9.64
C THR F 1132 131.16 18.50 8.73
N GLY F 1133 130.40 17.43 8.52
CA GLY F 1133 130.91 16.35 7.70
C GLY F 1133 130.69 16.56 6.23
N GLU F 1134 130.41 15.49 5.50
CA GLU F 1134 130.44 15.54 4.04
C GLU F 1134 129.23 14.91 3.36
N LEU F 1135 128.32 14.29 4.09
CA LEU F 1135 127.17 13.68 3.44
C LEU F 1135 126.19 14.74 2.99
N ARG F 1136 125.58 14.52 1.84
CA ARG F 1136 124.63 15.45 1.25
C ARG F 1136 123.37 14.68 0.88
N ILE F 1137 122.26 15.04 1.52
CA ILE F 1137 121.01 14.30 1.40
C ILE F 1137 120.16 14.95 0.31
N ARG F 1138 119.61 14.14 -0.58
CA ARG F 1138 118.57 14.60 -1.49
C ARG F 1138 117.27 13.92 -1.07
N ILE F 1139 116.55 14.57 -0.17
CA ILE F 1139 115.18 14.18 0.15
C ILE F 1139 114.31 14.56 -1.03
N GLU F 1140 113.22 13.82 -1.27
CA GLU F 1140 112.28 14.21 -2.31
C GLU F 1140 110.88 14.42 -1.74
N MET F 1141 110.19 15.40 -2.28
CA MET F 1141 108.82 15.74 -1.93
C MET F 1141 107.91 15.84 -3.15
N GLY F 1142 108.43 16.34 -4.27
CA GLY F 1142 107.58 16.77 -5.36
C GLY F 1142 107.18 18.23 -5.16
N ALA F 1143 106.27 18.46 -4.22
CA ALA F 1143 105.76 19.79 -3.93
C ALA F 1143 106.00 20.12 -2.48
N TYR F 1144 106.21 21.40 -2.20
CA TYR F 1144 106.35 21.89 -0.84
C TYR F 1144 106.13 23.39 -0.83
N PRO F 1145 105.54 23.94 0.22
CA PRO F 1145 105.56 25.39 0.40
C PRO F 1145 106.89 25.82 0.99
N TYR F 1146 107.14 27.13 0.91
CA TYR F 1146 108.44 27.64 1.28
C TYR F 1146 108.29 29.07 1.78
N MET F 1147 109.28 29.51 2.54
CA MET F 1147 109.41 30.90 2.93
C MET F 1147 110.79 31.40 2.51
N LEU F 1148 110.89 32.71 2.33
CA LEU F 1148 112.10 33.34 1.82
C LEU F 1148 112.66 34.30 2.85
N HIS F 1149 113.88 34.04 3.31
CA HIS F 1149 114.61 34.95 4.15
C HIS F 1149 115.70 35.61 3.34
N TYR F 1150 115.87 36.91 3.52
CA TYR F 1150 116.88 37.65 2.77
C TYR F 1150 118.07 37.96 3.67
N TYR F 1151 119.13 38.47 3.03
CA TYR F 1151 120.30 38.91 3.75
C TYR F 1151 121.06 39.89 2.87
N ASP F 1152 121.86 40.73 3.51
CA ASP F 1152 122.70 41.53 2.64
C ASP F 1152 124.07 40.89 2.50
N PRO F 1153 124.59 40.80 1.27
CA PRO F 1153 125.82 40.02 1.05
C PRO F 1153 127.10 40.69 1.52
N ARG F 1154 127.03 41.93 2.03
CA ARG F 1154 128.26 42.59 2.45
C ARG F 1154 128.79 42.01 3.75
N GLN F 1155 127.92 41.44 4.57
CA GLN F 1155 128.29 40.91 5.87
C GLN F 1155 128.05 39.41 5.90
N TYR F 1156 128.44 38.80 7.02
CA TYR F 1156 128.39 37.34 7.16
C TYR F 1156 126.95 36.86 7.29
N ALA F 1157 126.72 35.63 6.85
CA ALA F 1157 125.41 35.00 6.96
C ALA F 1157 125.59 33.53 7.24
N ASN F 1158 124.60 32.95 7.91
CA ASN F 1158 124.57 31.52 8.16
C ASN F 1158 123.12 31.11 8.38
N ALA F 1159 122.76 29.92 7.90
CA ALA F 1159 121.38 29.45 7.94
C ALA F 1159 121.23 28.15 8.70
N TRP F 1160 122.24 27.77 9.50
CA TRP F 1160 122.16 26.50 10.20
C TRP F 1160 121.04 26.49 11.24
N ASN F 1161 120.72 27.65 11.81
CA ASN F 1161 119.62 27.73 12.77
C ASN F 1161 118.30 27.42 12.09
N LEU F 1162 118.06 28.01 10.92
CA LEU F 1162 116.81 27.78 10.20
C LEU F 1162 116.71 26.34 9.72
N THR F 1163 117.80 25.80 9.19
CA THR F 1163 117.77 24.44 8.69
C THR F 1163 117.62 23.42 9.81
N SER F 1164 118.31 23.64 10.93
CA SER F 1164 118.18 22.74 12.06
C SER F 1164 116.81 22.85 12.69
N ALA F 1165 116.19 24.03 12.64
CA ALA F 1165 114.83 24.18 13.11
C ALA F 1165 113.86 23.38 12.25
N TRP F 1166 114.04 23.42 10.93
CA TRP F 1166 113.15 22.67 10.05
C TRP F 1166 113.35 21.15 10.20
N LEU F 1167 114.61 20.71 10.15
CA LEU F 1167 114.95 19.31 10.38
C LEU F 1167 114.56 18.80 11.75
N GLU F 1168 114.45 19.67 12.74
CA GLU F 1168 113.96 19.23 14.04
C GLU F 1168 112.45 19.15 14.05
N GLU F 1169 111.78 20.13 13.45
CA GLU F 1169 110.33 20.22 13.59
C GLU F 1169 109.59 19.19 12.74
N ILE F 1170 110.22 18.70 11.66
CA ILE F 1170 109.57 17.74 10.77
C ILE F 1170 109.16 16.46 11.51
N THR F 1171 108.01 15.92 11.13
CA THR F 1171 107.14 15.08 11.94
C THR F 1171 106.61 13.97 11.07
N PRO F 1172 106.35 12.78 11.63
CA PRO F 1172 105.69 11.72 10.86
C PRO F 1172 104.34 12.11 10.30
N THR F 1173 103.57 12.93 11.02
CA THR F 1173 102.37 13.43 10.38
C THR F 1173 102.68 14.62 9.49
N SER F 1174 103.16 15.71 10.07
CA SER F 1174 103.20 17.00 9.39
C SER F 1174 104.62 17.38 8.98
N ILE F 1175 104.71 18.37 8.11
CA ILE F 1175 106.00 19.05 7.89
C ILE F 1175 105.76 20.55 8.02
N PRO F 1176 106.76 21.32 8.42
CA PRO F 1176 106.68 22.76 8.30
C PRO F 1176 107.28 23.21 6.97
N SER F 1177 107.08 24.50 6.68
CA SER F 1177 107.54 25.08 5.42
C SER F 1177 109.06 25.11 5.35
N VAL F 1178 109.57 25.12 4.13
CA VAL F 1178 111.00 24.97 3.89
C VAL F 1178 111.62 26.36 3.78
N PRO F 1179 112.48 26.76 4.71
CA PRO F 1179 113.04 28.10 4.63
C PRO F 1179 114.19 28.16 3.65
N PHE F 1180 114.25 29.23 2.89
CA PHE F 1180 115.38 29.49 2.02
C PHE F 1180 116.17 30.69 2.54
N MET F 1181 117.27 30.98 1.86
CA MET F 1181 118.15 32.05 2.32
C MET F 1181 118.82 32.63 1.07
N VAL F 1182 118.19 33.66 0.51
CA VAL F 1182 118.51 34.13 -0.83
C VAL F 1182 118.94 35.59 -0.77
N PRO F 1183 119.86 36.04 -1.62
CA PRO F 1183 120.47 37.36 -1.43
C PRO F 1183 119.62 38.52 -1.92
N ILE F 1184 120.21 39.71 -1.80
CA ILE F 1184 119.60 40.96 -2.19
C ILE F 1184 120.51 41.62 -3.21
N SER F 1185 119.97 41.94 -4.38
CA SER F 1185 120.74 42.56 -5.44
C SER F 1185 120.96 44.05 -5.14
N SER F 1186 121.82 44.68 -5.93
CA SER F 1186 122.11 46.09 -5.78
C SER F 1186 122.67 46.64 -7.08
N ASP F 1187 122.57 47.96 -7.25
CA ASP F 1187 123.04 48.56 -8.49
C ASP F 1187 124.56 48.71 -8.52
N HIS F 1188 125.17 49.21 -7.46
CA HIS F 1188 126.60 49.38 -7.36
C HIS F 1188 127.25 48.08 -6.91
N ASP F 1189 128.55 47.98 -7.12
CA ASP F 1189 129.25 46.79 -6.65
C ASP F 1189 129.39 46.81 -5.14
N ILE F 1190 129.44 45.62 -4.55
CA ILE F 1190 129.64 45.46 -3.12
C ILE F 1190 130.79 44.50 -2.90
N SER F 1191 131.46 44.66 -1.78
CA SER F 1191 132.46 43.71 -1.35
C SER F 1191 131.77 42.53 -0.68
N SER F 1192 132.07 41.33 -1.15
CA SER F 1192 131.34 40.17 -0.68
C SER F 1192 131.93 39.63 0.61
N ALA F 1193 131.11 38.88 1.33
CA ALA F 1193 131.45 38.16 2.55
C ALA F 1193 130.95 36.73 2.42
N PRO F 1194 131.67 35.77 3.00
CA PRO F 1194 131.27 34.37 2.81
C PRO F 1194 130.01 34.04 3.60
N ALA F 1195 129.17 33.20 3.01
CA ALA F 1195 127.98 32.69 3.67
C ALA F 1195 127.95 31.18 3.49
N VAL F 1196 127.16 30.52 4.32
CA VAL F 1196 127.08 29.07 4.33
C VAL F 1196 125.62 28.67 4.09
N GLN F 1197 125.40 27.84 3.08
CA GLN F 1197 124.05 27.44 2.73
C GLN F 1197 123.85 25.95 2.98
N TYR F 1198 122.58 25.58 3.21
CA TYR F 1198 122.26 24.17 3.39
C TYR F 1198 121.04 23.68 2.61
N ILE F 1199 120.11 24.54 2.24
CA ILE F 1199 118.94 24.13 1.48
C ILE F 1199 119.00 24.77 0.11
N ILE F 1200 119.16 23.96 -0.92
CA ILE F 1200 119.12 24.45 -2.29
C ILE F 1200 117.97 23.76 -2.99
N SER F 1201 117.49 24.39 -4.06
CA SER F 1201 116.48 23.72 -4.86
C SER F 1201 117.16 22.77 -5.84
N THR F 1202 116.34 22.06 -6.62
CA THR F 1202 116.85 21.15 -7.63
C THR F 1202 116.86 21.80 -9.01
N GLU F 1203 115.71 22.29 -9.45
CA GLU F 1203 115.64 23.00 -10.73
C GLU F 1203 115.17 24.43 -10.48
N TYR F 1204 114.93 25.15 -11.56
CA TYR F 1204 114.50 26.53 -11.51
C TYR F 1204 113.13 26.64 -10.87
N ASN F 1205 113.03 27.40 -9.80
CA ASN F 1205 111.76 27.66 -9.14
C ASN F 1205 111.58 29.15 -8.88
N ASP F 1206 112.30 29.99 -9.60
CA ASP F 1206 112.34 31.42 -9.37
C ASP F 1206 111.47 32.14 -10.38
N ARG F 1207 110.32 31.55 -10.67
CA ARG F 1207 109.41 32.12 -11.65
C ARG F 1207 108.71 33.35 -11.11
N SER F 1208 108.48 33.42 -9.81
CA SER F 1208 107.69 34.49 -9.21
C SER F 1208 108.47 35.80 -9.05
N LEU F 1209 109.75 35.84 -9.40
CA LEU F 1209 110.50 37.07 -9.31
C LEU F 1209 110.01 38.06 -10.36
N PHE F 1210 110.14 39.35 -10.06
CA PHE F 1210 109.66 40.35 -11.00
C PHE F 1210 110.55 41.59 -10.90
N CYS F 1211 111.57 41.64 -11.77
CA CYS F 1211 112.36 42.85 -12.03
C CYS F 1211 113.06 43.38 -10.78
N THR F 1212 114.10 42.66 -10.38
CA THR F 1212 114.97 43.17 -9.34
C THR F 1212 115.55 44.54 -9.70
N ASN F 1213 115.49 45.46 -8.73
CA ASN F 1213 116.01 46.83 -8.82
C ASN F 1213 115.36 47.60 -9.98
N SER F 1214 114.06 47.83 -9.83
CA SER F 1214 113.26 48.38 -10.92
C SER F 1214 113.58 49.84 -11.20
N SER F 1215 113.88 50.64 -10.18
CA SER F 1215 114.21 52.04 -10.39
C SER F 1215 115.67 52.25 -10.74
N SER F 1216 116.51 51.25 -10.51
CA SER F 1216 117.93 51.31 -10.80
C SER F 1216 118.19 51.43 -12.30
N PRO F 1217 119.36 51.97 -12.70
CA PRO F 1217 119.75 51.82 -14.10
C PRO F 1217 120.05 50.39 -14.49
N GLN F 1218 120.83 49.67 -13.71
CA GLN F 1218 121.05 48.25 -13.94
C GLN F 1218 121.42 47.61 -12.61
N THR F 1219 121.80 46.34 -12.66
CA THR F 1219 122.07 45.58 -11.44
C THR F 1219 123.32 44.75 -11.61
N ILE F 1220 124.30 44.97 -10.74
CA ILE F 1220 125.54 44.20 -10.81
C ILE F 1220 125.40 42.91 -9.99
N ALA F 1221 125.18 43.06 -8.70
CA ALA F 1221 125.26 41.95 -7.78
C ALA F 1221 124.00 41.11 -7.82
N GLY F 1222 124.15 39.81 -7.52
CA GLY F 1222 123.03 38.93 -7.35
C GLY F 1222 122.35 38.55 -8.65
N PRO F 1223 121.11 38.09 -8.56
CA PRO F 1223 120.36 37.78 -9.78
C PRO F 1223 120.00 39.05 -10.53
N ASP F 1224 119.91 38.92 -11.84
CA ASP F 1224 119.68 40.05 -12.75
C ASP F 1224 118.52 39.68 -13.67
N LYS F 1225 117.31 40.09 -13.29
CA LYS F 1225 116.13 39.87 -14.11
C LYS F 1225 115.48 41.22 -14.40
N HIS F 1226 115.26 41.50 -15.67
CA HIS F 1226 114.60 42.72 -16.11
C HIS F 1226 113.10 42.51 -16.09
N ILE F 1227 112.36 43.42 -16.73
CA ILE F 1227 110.91 43.24 -16.91
C ILE F 1227 110.67 42.03 -17.80
N PRO F 1228 109.82 41.09 -17.41
CA PRO F 1228 109.54 39.95 -18.29
C PRO F 1228 108.71 40.36 -19.50
N VAL F 1229 109.36 40.46 -20.65
CA VAL F 1229 108.65 40.88 -21.87
C VAL F 1229 107.75 39.79 -22.39
N GLU F 1230 107.97 38.53 -21.98
CA GLU F 1230 107.06 37.45 -22.32
C GLU F 1230 105.71 37.61 -21.64
N ARG F 1231 105.64 38.35 -20.54
CA ARG F 1231 104.36 38.62 -19.94
C ARG F 1231 103.60 39.69 -20.71
N TYR F 1232 104.31 40.69 -21.23
CA TYR F 1232 103.67 41.76 -21.97
C TYR F 1232 103.93 41.54 -23.46
N ASN F 1233 103.19 40.60 -24.04
CA ASN F 1233 103.37 40.28 -25.45
C ASN F 1233 102.87 41.40 -26.33
N ILE F 1234 101.71 41.98 -25.98
CA ILE F 1234 101.04 42.94 -26.84
C ILE F 1234 101.84 44.24 -26.91
N LEU F 1235 102.55 44.59 -25.84
CA LEU F 1235 103.30 45.84 -25.84
C LEU F 1235 104.66 45.71 -26.49
N THR F 1236 105.22 44.51 -26.54
CA THR F 1236 106.54 44.32 -27.12
C THR F 1236 106.51 43.81 -28.54
N ASN F 1237 105.40 43.21 -28.97
CA ASN F 1237 105.29 42.71 -30.31
C ASN F 1237 104.40 43.65 -31.12
N PRO F 1238 104.92 44.26 -32.18
CA PRO F 1238 104.04 44.98 -33.11
C PRO F 1238 103.23 44.07 -34.02
N ASP F 1239 103.60 42.79 -34.11
CA ASP F 1239 102.96 41.88 -35.04
C ASP F 1239 101.83 41.08 -34.42
N ALA F 1240 101.70 41.08 -33.11
CA ALA F 1240 100.70 40.26 -32.48
C ALA F 1240 99.31 40.85 -32.67
N PRO F 1241 98.30 40.03 -32.93
CA PRO F 1241 96.93 40.51 -32.98
C PRO F 1241 96.44 40.87 -31.59
N PRO F 1242 95.36 41.66 -31.47
CA PRO F 1242 94.87 42.06 -30.15
C PRO F 1242 94.36 40.92 -29.29
N THR F 1243 93.49 40.05 -29.81
CA THR F 1243 92.95 38.98 -28.99
C THR F 1243 93.84 37.73 -28.99
N GLN F 1244 95.13 37.95 -28.75
CA GLN F 1244 96.12 36.88 -28.69
C GLN F 1244 96.44 36.62 -27.24
N ILE F 1245 96.36 35.36 -26.84
CA ILE F 1245 96.81 34.90 -25.53
C ILE F 1245 97.66 33.66 -25.75
N GLN F 1246 98.83 33.60 -25.12
CA GLN F 1246 99.58 32.34 -25.07
C GLN F 1246 99.34 31.61 -23.76
N LEU F 1247 98.05 31.53 -23.43
CA LEU F 1247 97.56 31.23 -22.08
C LEU F 1247 98.09 29.96 -21.40
N PRO F 1248 98.14 28.77 -22.03
CA PRO F 1248 98.47 27.57 -21.24
C PRO F 1248 99.91 27.47 -20.81
N GLU F 1249 100.83 28.19 -21.44
CA GLU F 1249 102.24 28.07 -21.05
C GLU F 1249 102.61 29.17 -20.06
N VAL F 1250 102.49 30.44 -20.46
CA VAL F 1250 102.65 31.57 -19.56
C VAL F 1250 101.38 32.39 -19.62
N VAL F 1251 101.18 33.23 -18.62
CA VAL F 1251 99.97 34.03 -18.49
C VAL F 1251 100.35 35.51 -18.53
N ASP F 1252 99.78 36.23 -19.49
CA ASP F 1252 100.03 37.65 -19.62
C ASP F 1252 99.37 38.42 -18.48
N LEU F 1253 99.85 39.65 -18.25
CA LEU F 1253 99.34 40.49 -17.17
C LEU F 1253 98.71 41.77 -17.67
N TYR F 1254 98.40 41.83 -18.96
CA TYR F 1254 97.78 43.01 -19.57
C TYR F 1254 97.21 42.53 -20.90
N ASN F 1255 95.92 42.69 -21.12
CA ASN F 1255 95.38 42.29 -22.41
C ASN F 1255 94.17 43.12 -22.78
N VAL F 1256 93.62 42.81 -23.95
CA VAL F 1256 92.32 43.33 -24.36
C VAL F 1256 91.24 42.65 -23.54
N VAL F 1257 90.16 43.39 -23.25
CA VAL F 1257 89.06 42.88 -22.42
C VAL F 1257 87.82 43.71 -22.71
N THR F 1258 86.67 43.04 -22.74
CA THR F 1258 85.40 43.69 -23.03
C THR F 1258 84.61 43.91 -21.75
N ARG F 1259 83.88 45.02 -21.69
CA ARG F 1259 83.03 45.37 -20.57
C ARG F 1259 81.64 45.68 -21.06
N TYR F 1260 80.63 45.28 -20.28
CA TYR F 1260 79.26 45.25 -20.76
C TYR F 1260 78.40 46.24 -20.00
N ALA F 1261 77.24 46.57 -20.58
CA ALA F 1261 76.24 47.38 -19.92
C ALA F 1261 74.87 46.71 -19.96
N TYR F 1262 74.86 45.39 -19.99
CA TYR F 1262 73.61 44.64 -20.08
C TYR F 1262 72.88 44.71 -18.75
N GLU F 1263 71.72 45.33 -18.74
CA GLU F 1263 70.91 45.35 -17.53
C GLU F 1263 70.01 44.13 -17.48
N THR F 1264 69.52 43.83 -16.28
CA THR F 1264 68.61 42.71 -16.08
C THR F 1264 67.37 43.21 -15.36
N PRO F 1265 66.36 43.65 -16.09
CA PRO F 1265 65.09 43.99 -15.48
C PRO F 1265 64.27 42.74 -15.25
N PRO F 1266 63.35 42.74 -14.30
CA PRO F 1266 62.53 41.56 -14.07
C PRO F 1266 61.47 41.37 -15.14
N ILE F 1267 60.90 40.17 -15.14
CA ILE F 1267 60.01 39.73 -16.22
C ILE F 1267 58.71 40.51 -16.18
N THR F 1268 58.20 40.79 -14.99
CA THR F 1268 56.98 41.59 -14.89
C THR F 1268 57.22 43.04 -15.25
N ALA F 1269 58.48 43.50 -15.25
CA ALA F 1269 58.77 44.83 -15.76
C ALA F 1269 58.91 44.82 -17.28
N VAL F 1270 59.42 43.72 -17.83
CA VAL F 1270 59.62 43.66 -19.28
C VAL F 1270 58.30 43.41 -20.00
N VAL F 1271 57.67 42.28 -19.72
CA VAL F 1271 56.46 41.86 -20.40
C VAL F 1271 55.30 41.95 -19.40
N MET F 1272 54.14 42.37 -19.90
CA MET F 1272 52.93 42.39 -19.08
C MET F 1272 51.74 42.24 -20.01
N GLY F 1273 50.59 41.94 -19.42
CA GLY F 1273 49.36 41.86 -20.19
C GLY F 1273 48.19 42.15 -19.29
N VAL F 1274 47.02 42.27 -19.93
CA VAL F 1274 45.74 42.38 -19.23
C VAL F 1274 44.65 42.06 -20.23
N PRO G 172 24.82 -13.29 39.35
CA PRO G 172 24.09 -12.18 38.74
C PRO G 172 24.73 -10.84 39.02
N PRO G 173 24.96 -10.05 37.99
CA PRO G 173 25.59 -8.74 38.17
C PRO G 173 24.60 -7.70 38.68
N THR G 174 24.78 -7.29 39.94
CA THR G 174 23.94 -6.28 40.57
C THR G 174 24.85 -5.33 41.36
N ALA G 175 24.22 -4.53 42.22
CA ALA G 175 24.94 -3.56 43.03
C ALA G 175 24.23 -3.42 44.36
N SER G 176 24.95 -3.63 45.46
CA SER G 176 24.35 -3.55 46.80
C SER G 176 24.53 -2.16 47.39
N SER G 177 23.50 -1.70 48.08
CA SER G 177 23.52 -0.39 48.74
C SER G 177 24.42 -0.47 49.96
N GLY G 178 25.66 -0.02 49.82
CA GLY G 178 26.66 -0.20 50.85
C GLY G 178 26.75 0.97 51.80
N HIS G 179 27.79 0.92 52.63
CA HIS G 179 28.10 1.95 53.60
C HIS G 179 29.58 2.27 53.50
N GLY G 180 29.92 3.56 53.43
CA GLY G 180 31.31 3.95 53.37
C GLY G 180 31.55 5.03 52.34
N TYR G 181 32.24 6.10 52.74
CA TYR G 181 32.45 7.25 51.85
C TYR G 181 33.85 7.80 52.08
N GLN G 182 34.71 7.65 51.07
CA GLN G 182 36.00 8.32 50.90
C GLN G 182 36.54 7.97 49.53
N CYS G 183 37.10 8.95 48.83
CA CYS G 183 37.93 8.65 47.68
C CYS G 183 39.14 9.57 47.71
N HIS G 184 40.33 8.99 47.55
CA HIS G 184 41.57 9.73 47.77
C HIS G 184 41.85 10.70 46.62
N VAL G 185 42.06 10.16 45.42
CA VAL G 185 42.15 11.01 44.25
C VAL G 185 40.76 11.53 43.93
N CYS G 186 40.67 12.83 43.62
CA CYS G 186 39.53 13.71 43.33
C CYS G 186 38.79 14.11 44.60
N SER G 187 39.13 13.53 45.76
CA SER G 187 38.73 14.00 47.09
C SER G 187 37.21 14.02 47.30
N ALA G 188 36.50 13.14 46.63
CA ALA G 188 35.05 13.10 46.73
C ALA G 188 34.61 11.96 47.64
N VAL G 189 33.34 12.02 48.04
CA VAL G 189 32.73 10.94 48.81
C VAL G 189 31.53 10.43 48.03
N LEU G 190 31.23 9.15 48.22
CA LEU G 190 30.29 8.45 47.36
C LEU G 190 29.37 7.60 48.21
N PHE G 191 28.67 6.68 47.55
CA PHE G 191 27.55 5.97 48.17
C PHE G 191 28.00 4.66 48.81
N SER G 192 28.54 3.75 48.01
CA SER G 192 28.82 2.37 48.39
C SER G 192 30.27 2.03 48.12
N PRO G 193 30.87 1.13 48.90
CA PRO G 193 32.23 0.66 48.55
C PRO G 193 32.28 -0.11 47.25
N LEU G 194 31.15 -0.73 46.87
CA LEU G 194 31.01 -1.49 45.65
C LEU G 194 31.21 -0.65 44.39
N ASP G 195 31.06 0.68 44.47
CA ASP G 195 31.52 1.50 43.37
C ASP G 195 32.56 2.54 43.80
N LEU G 196 32.90 2.63 45.10
CA LEU G 196 34.13 3.30 45.48
C LEU G 196 35.33 2.64 44.84
N ASP G 197 35.37 1.30 44.83
CA ASP G 197 36.50 0.61 44.23
C ASP G 197 36.55 0.79 42.73
N ALA G 198 35.39 0.84 42.07
CA ALA G 198 35.37 1.05 40.62
C ALA G 198 35.75 2.47 40.27
N HIS G 199 35.38 3.44 41.11
CA HIS G 199 35.77 4.83 40.88
C HIS G 199 37.27 5.00 41.06
N VAL G 200 37.85 4.34 42.06
CA VAL G 200 39.29 4.35 42.23
C VAL G 200 39.99 3.61 41.09
N ALA G 201 39.34 2.58 40.54
CA ALA G 201 39.90 1.89 39.37
C ALA G 201 39.88 2.79 38.14
N SER G 202 38.87 3.65 38.03
CA SER G 202 38.85 4.65 36.96
C SER G 202 39.99 5.65 37.14
N HIS G 203 40.23 6.08 38.39
CA HIS G 203 41.38 6.93 38.70
C HIS G 203 42.69 6.27 38.28
N GLY G 204 42.84 4.98 38.62
CA GLY G 204 44.07 4.25 38.31
C GLY G 204 44.23 3.90 36.85
N LEU G 205 43.14 3.86 36.08
CA LEU G 205 43.27 3.63 34.65
C LEU G 205 43.65 4.91 33.93
N HIS G 206 42.98 6.02 34.23
CA HIS G 206 43.13 7.24 33.45
C HIS G 206 44.03 8.23 34.17
N GLY G 207 45.09 8.67 33.49
CA GLY G 207 46.04 9.60 34.05
C GLY G 207 47.38 8.95 34.30
N ASP G 238 32.39 -34.99 54.22
CA ASP G 238 31.94 -35.25 52.86
C ASP G 238 32.90 -36.20 52.17
N VAL G 239 32.53 -37.49 52.18
CA VAL G 239 33.30 -38.54 51.53
C VAL G 239 33.33 -38.33 50.03
N GLU G 240 32.26 -37.75 49.47
CA GLU G 240 32.24 -37.44 48.05
C GLU G 240 33.22 -36.32 47.72
N ASN G 241 33.34 -35.32 48.59
CA ASN G 241 34.38 -34.30 48.42
C ASN G 241 35.77 -34.92 48.57
N ARG G 242 35.91 -35.90 49.46
CA ARG G 242 37.20 -36.55 49.67
C ARG G 242 37.63 -37.32 48.42
N LYS G 243 36.72 -38.09 47.83
CA LYS G 243 37.09 -38.83 46.63
C LYS G 243 37.21 -37.91 45.41
N THR G 244 36.48 -36.80 45.39
CA THR G 244 36.59 -35.84 44.32
C THR G 244 37.96 -35.17 44.33
N ALA G 245 38.38 -34.69 45.50
CA ALA G 245 39.70 -34.10 45.63
C ALA G 245 40.80 -35.15 45.47
N GLN G 246 40.50 -36.41 45.78
CA GLN G 246 41.42 -37.50 45.49
C GLN G 246 41.64 -37.63 43.99
N LEU G 247 40.56 -37.54 43.22
CA LEU G 247 40.68 -37.61 41.77
C LEU G 247 41.41 -36.39 41.21
N LEU G 248 41.14 -35.21 41.77
CA LEU G 248 41.72 -33.99 41.23
C LEU G 248 43.20 -33.90 41.55
N HIS G 249 43.59 -34.18 42.79
CA HIS G 249 45.00 -34.21 43.14
C HIS G 249 45.21 -35.47 43.97
N ALA G 250 45.43 -36.59 43.28
CA ALA G 250 45.91 -37.78 43.94
C ALA G 250 47.31 -37.53 44.49
N ASP G 251 47.48 -37.76 45.78
CA ASP G 251 48.75 -37.49 46.43
C ASP G 251 49.80 -38.48 45.97
N THR G 252 50.97 -37.97 45.63
CA THR G 252 51.98 -38.86 45.09
C THR G 252 52.66 -39.64 46.20
N PRO G 253 53.10 -40.86 45.91
CA PRO G 253 53.88 -41.62 46.90
C PRO G 253 55.30 -41.10 46.97
N ARG G 254 56.02 -41.63 47.95
CA ARG G 254 57.44 -41.36 48.14
C ARG G 254 58.16 -42.65 47.79
N LEU G 255 58.55 -42.79 46.52
CA LEU G 255 59.23 -44.02 46.11
C LEU G 255 60.68 -44.03 46.53
N VAL G 256 61.45 -43.10 46.01
CA VAL G 256 62.90 -43.25 46.03
C VAL G 256 63.43 -42.64 47.34
N THR G 257 63.96 -43.50 48.20
CA THR G 257 64.38 -43.13 49.55
C THR G 257 65.72 -43.78 49.82
N TRP G 258 66.66 -43.04 50.40
CA TRP G 258 68.05 -43.40 50.38
C TRP G 258 68.55 -43.72 51.78
N ASP G 259 69.50 -44.65 51.82
CA ASP G 259 70.00 -45.22 53.06
C ASP G 259 71.50 -44.98 53.11
N ALA G 260 71.94 -44.19 54.08
CA ALA G 260 73.34 -44.11 54.44
C ALA G 260 73.59 -44.99 55.65
N GLY G 261 74.76 -45.59 55.71
CA GLY G 261 75.03 -46.54 56.77
C GLY G 261 75.13 -47.94 56.24
N LEU G 262 74.29 -48.84 56.75
CA LEU G 262 74.34 -50.22 56.30
C LEU G 262 72.96 -50.81 56.34
N CYS G 263 72.82 -51.94 55.68
CA CYS G 263 71.57 -52.68 55.63
C CYS G 263 71.73 -53.98 56.41
N THR G 264 71.15 -54.02 57.61
CA THR G 264 71.18 -55.21 58.43
C THR G 264 69.99 -55.14 59.37
N SER G 265 69.22 -56.22 59.43
CA SER G 265 68.08 -56.29 60.33
C SER G 265 68.32 -57.25 61.49
N PHE G 266 69.51 -57.81 61.63
CA PHE G 266 69.80 -58.79 62.66
C PHE G 266 70.94 -58.25 63.51
N LYS G 267 70.68 -57.99 64.79
CA LYS G 267 71.75 -57.60 65.70
C LYS G 267 72.08 -58.73 66.65
N ILE G 268 73.33 -58.75 67.10
CA ILE G 268 73.80 -59.70 68.11
C ILE G 268 73.74 -58.99 69.45
N VAL G 269 73.10 -59.60 70.43
CA VAL G 269 72.77 -58.95 71.69
C VAL G 269 73.43 -59.74 72.81
N PRO G 270 74.17 -59.11 73.71
CA PRO G 270 74.65 -59.82 74.90
C PRO G 270 73.50 -60.16 75.83
N ILE G 271 73.55 -61.34 76.41
CA ILE G 271 72.51 -61.82 77.32
C ILE G 271 73.01 -61.85 78.76
N VAL G 272 74.02 -62.66 79.04
CA VAL G 272 74.61 -62.66 80.37
C VAL G 272 76.08 -62.26 80.26
N PRO G 273 76.59 -61.42 81.16
CA PRO G 273 77.95 -60.92 81.03
C PRO G 273 78.97 -61.95 81.45
N ALA G 274 80.10 -61.98 80.73
CA ALA G 274 81.20 -62.84 81.09
C ALA G 274 81.90 -62.31 82.33
N GLN G 275 82.54 -63.21 83.06
CA GLN G 275 83.25 -62.79 84.27
C GLN G 275 84.56 -62.12 83.89
N VAL G 276 84.76 -60.91 84.39
CA VAL G 276 86.03 -60.25 84.15
C VAL G 276 87.05 -60.73 85.18
N PRO G 277 86.75 -60.79 86.51
CA PRO G 277 87.69 -61.51 87.38
C PRO G 277 87.25 -62.95 87.64
N GLN G 278 88.22 -63.82 87.89
CA GLN G 278 88.00 -65.17 88.37
C GLN G 278 89.34 -65.69 88.86
N ASP G 279 89.29 -66.74 89.68
CA ASP G 279 90.55 -67.21 90.27
C ASP G 279 91.32 -68.09 89.31
N VAL G 280 90.63 -68.81 88.42
CA VAL G 280 91.30 -69.80 87.59
C VAL G 280 92.08 -69.16 86.46
N LEU G 281 91.83 -67.89 86.17
CA LEU G 281 92.51 -67.21 85.07
C LEU G 281 92.62 -65.74 85.39
N ALA G 282 93.84 -65.20 85.30
CA ALA G 282 94.06 -63.79 85.56
C ALA G 282 93.45 -62.94 84.45
N TYR G 283 93.26 -61.65 84.75
CA TYR G 283 92.55 -60.78 83.83
C TYR G 283 93.40 -60.34 82.65
N THR G 284 94.70 -60.66 82.64
CA THR G 284 95.54 -60.23 81.55
C THR G 284 95.32 -61.03 80.28
N PHE G 285 94.64 -62.18 80.37
CA PHE G 285 94.32 -62.93 79.16
C PHE G 285 93.29 -62.21 78.31
N PHE G 286 92.40 -61.46 78.94
CA PHE G 286 91.21 -61.00 78.25
C PHE G 286 91.52 -59.77 77.41
N THR G 287 90.52 -59.37 76.64
CA THR G 287 90.60 -58.20 75.78
C THR G 287 89.81 -57.03 76.34
N SER G 288 88.72 -57.33 77.06
CA SER G 288 87.97 -56.31 77.78
C SER G 288 88.81 -55.66 78.88
N SER G 289 89.84 -56.34 79.36
CA SER G 289 90.81 -55.70 80.25
C SER G 289 91.55 -54.58 79.55
N TYR G 290 91.99 -54.83 78.33
CA TYR G 290 92.82 -53.85 77.64
C TYR G 290 92.00 -52.96 76.78
N ALA G 291 90.69 -53.11 76.87
CA ALA G 291 89.81 -52.23 76.13
C ALA G 291 90.06 -52.16 74.63
N ILE G 292 90.29 -53.31 73.98
CA ILE G 292 90.42 -53.29 72.53
C ILE G 292 89.02 -53.60 72.03
N GLN G 293 88.51 -52.79 71.14
CA GLN G 293 87.13 -52.96 70.71
C GLN G 293 86.91 -54.29 70.07
N SER G 294 85.74 -54.88 70.29
CA SER G 294 85.48 -56.20 69.76
C SER G 294 84.38 -56.18 68.73
N PRO G 295 84.60 -56.89 67.63
CA PRO G 295 83.61 -56.90 66.55
C PRO G 295 82.30 -57.51 66.94
N PHE G 296 82.32 -58.61 67.68
CA PHE G 296 81.11 -59.26 68.07
C PHE G 296 80.98 -59.01 69.55
N PRO G 297 79.75 -58.94 70.07
CA PRO G 297 79.59 -58.59 71.47
C PRO G 297 80.26 -59.53 72.43
N GLU G 298 80.89 -58.97 73.45
CA GLU G 298 81.56 -59.79 74.44
C GLU G 298 80.60 -60.10 75.55
N ALA G 299 80.37 -61.38 75.84
CA ALA G 299 79.41 -61.82 76.84
C ALA G 299 79.55 -63.32 77.06
N ALA G 300 78.90 -63.79 78.12
CA ALA G 300 78.96 -65.20 78.48
C ALA G 300 78.05 -66.03 77.60
N VAL G 301 76.83 -65.57 77.37
CA VAL G 301 75.94 -66.12 76.37
C VAL G 301 75.43 -64.94 75.55
N SER G 302 75.51 -65.05 74.24
CA SER G 302 74.95 -64.02 73.38
C SER G 302 74.14 -64.66 72.29
N ARG G 303 72.98 -64.08 72.01
CA ARG G 303 72.11 -64.54 70.94
C ARG G 303 72.00 -63.46 69.89
N ILE G 304 71.35 -63.81 68.79
CA ILE G 304 71.05 -62.86 67.73
C ILE G 304 69.54 -62.69 67.69
N VAL G 305 69.09 -61.45 67.51
CA VAL G 305 67.67 -61.16 67.39
C VAL G 305 67.47 -60.23 66.20
N VAL G 306 66.24 -60.09 65.82
CA VAL G 306 65.87 -59.20 64.74
C VAL G 306 65.47 -57.86 65.34
N HIS G 307 65.73 -56.82 64.57
CA HIS G 307 65.47 -55.42 64.91
C HIS G 307 65.65 -54.67 63.62
N THR G 308 64.69 -53.81 63.27
CA THR G 308 64.85 -53.10 62.02
C THR G 308 65.91 -52.00 62.19
N ARG G 309 66.12 -51.27 61.10
CA ARG G 309 67.43 -50.87 60.58
C ARG G 309 68.55 -50.67 61.57
N TRP G 310 68.33 -49.88 62.63
CA TRP G 310 69.19 -49.65 63.80
C TRP G 310 70.63 -49.21 63.49
N ALA G 311 70.95 -48.97 62.24
CA ALA G 311 72.26 -48.45 61.87
C ALA G 311 72.13 -47.53 60.67
N SER G 312 71.00 -46.86 60.52
CA SER G 312 70.67 -46.22 59.27
C SER G 312 70.45 -44.73 59.45
N ASN G 313 70.65 -44.00 58.36
CA ASN G 313 70.59 -42.55 58.33
C ASN G 313 69.77 -42.10 57.15
N VAL G 314 68.56 -42.64 57.03
CA VAL G 314 67.70 -42.29 55.92
C VAL G 314 67.19 -40.86 56.09
N ASP G 315 66.82 -40.25 54.96
CA ASP G 315 66.25 -38.93 55.04
C ASP G 315 64.78 -38.98 55.43
N PHE G 316 64.06 -39.99 54.95
CA PHE G 316 62.62 -40.11 55.15
C PHE G 316 62.33 -41.44 55.81
N ASP G 317 61.77 -41.40 57.01
CA ASP G 317 61.44 -42.64 57.67
C ASP G 317 60.12 -43.19 57.15
N ARG G 318 59.87 -44.44 57.49
CA ARG G 318 58.57 -45.06 57.30
C ARG G 318 58.18 -45.64 58.65
N ASP G 319 57.04 -45.20 59.19
CA ASP G 319 56.59 -45.67 60.49
C ASP G 319 56.11 -47.11 60.37
N SER G 320 57.06 -48.03 60.24
CA SER G 320 56.75 -49.43 59.97
C SER G 320 57.98 -50.18 60.46
N SER G 321 57.89 -50.81 61.63
CA SER G 321 59.12 -51.34 62.18
C SER G 321 58.86 -52.54 63.07
N VAL G 322 59.85 -53.42 63.13
CA VAL G 322 59.80 -54.62 63.96
C VAL G 322 60.94 -54.51 64.96
N ILE G 323 60.58 -54.32 66.23
CA ILE G 323 61.55 -54.12 67.29
C ILE G 323 61.35 -55.24 68.28
N MET G 324 62.19 -56.26 68.23
CA MET G 324 62.03 -57.44 69.07
C MET G 324 63.03 -57.37 70.22
N ALA G 325 62.52 -57.49 71.43
CA ALA G 325 63.35 -57.51 72.62
C ALA G 325 64.15 -58.81 72.66
N PRO G 326 65.23 -58.86 73.43
CA PRO G 326 65.88 -60.13 73.68
C PRO G 326 64.96 -61.10 74.37
N PRO G 327 65.11 -62.40 74.13
CA PRO G 327 64.12 -63.38 74.59
C PRO G 327 64.18 -63.72 76.06
N THR G 328 64.89 -62.95 76.88
CA THR G 328 64.82 -63.15 78.32
C THR G 328 63.58 -62.52 78.93
N GLU G 329 62.98 -61.55 78.25
CA GLU G 329 61.84 -60.84 78.80
C GLU G 329 60.66 -60.94 77.83
N ASN G 330 59.62 -60.16 78.12
CA ASN G 330 58.33 -60.30 77.44
C ASN G 330 58.45 -59.93 75.96
N ASN G 331 57.93 -60.80 75.11
CA ASN G 331 58.01 -60.56 73.68
C ASN G 331 56.72 -60.99 73.01
N ILE G 332 55.61 -60.94 73.75
CA ILE G 332 54.33 -61.37 73.22
C ILE G 332 53.57 -60.21 72.58
N HIS G 333 53.96 -58.97 72.87
CA HIS G 333 53.17 -57.81 72.49
C HIS G 333 53.24 -57.51 71.00
N LEU G 334 54.05 -58.22 70.25
CA LEU G 334 54.04 -58.08 68.81
C LEU G 334 53.37 -59.24 68.13
N PHE G 335 52.73 -60.12 68.88
CA PHE G 335 51.97 -61.22 68.31
C PHE G 335 50.49 -61.11 68.58
N LYS G 336 50.02 -59.95 69.03
CA LYS G 336 48.60 -59.78 69.32
C LYS G 336 48.04 -58.52 68.69
N GLN G 337 48.71 -58.00 67.66
CA GLN G 337 48.41 -56.68 67.15
C GLN G 337 47.22 -56.63 66.20
N LEU G 338 46.52 -57.74 65.95
CA LEU G 338 45.48 -57.72 64.94
C LEU G 338 44.08 -57.94 65.50
N LEU G 339 43.81 -59.07 66.14
CA LEU G 339 42.43 -59.41 66.47
C LEU G 339 42.19 -59.57 67.95
N ASN G 340 43.18 -59.34 68.80
CA ASN G 340 43.05 -59.66 70.21
C ASN G 340 42.59 -58.44 71.00
N THR G 341 41.38 -58.00 70.65
CA THR G 341 40.66 -57.03 71.46
C THR G 341 39.64 -57.70 72.36
N GLU G 342 39.80 -59.01 72.59
CA GLU G 342 38.95 -59.76 73.50
C GLU G 342 39.81 -60.51 74.51
N THR G 343 40.93 -59.92 74.90
CA THR G 343 41.87 -60.54 75.82
C THR G 343 42.23 -59.50 76.87
N LEU G 344 41.91 -59.79 78.13
CA LEU G 344 42.31 -58.89 79.20
C LEU G 344 43.82 -58.92 79.39
N SER G 345 44.41 -60.10 79.25
CA SER G 345 45.77 -60.33 79.73
C SER G 345 46.79 -59.63 78.85
N VAL G 346 47.68 -58.87 79.49
CA VAL G 346 48.79 -58.26 78.79
C VAL G 346 49.75 -59.34 78.29
N ARG G 347 49.94 -60.37 79.10
CA ARG G 347 50.82 -61.46 78.75
C ARG G 347 50.13 -62.57 77.95
N GLY G 348 48.96 -62.32 77.39
CA GLY G 348 48.23 -63.37 76.68
C GLY G 348 48.07 -63.17 75.19
N ALA G 349 47.84 -64.26 74.45
CA ALA G 349 47.60 -64.17 73.01
C ALA G 349 46.84 -65.39 72.53
N ASN G 350 45.84 -65.16 71.68
CA ASN G 350 45.03 -66.21 71.09
C ASN G 350 45.85 -67.01 70.09
N PRO G 351 45.92 -68.33 70.22
CA PRO G 351 46.70 -69.13 69.26
C PRO G 351 46.17 -69.13 67.85
N LEU G 352 44.89 -68.89 67.64
CA LEU G 352 44.37 -68.93 66.28
C LEU G 352 44.73 -67.69 65.48
N MET G 353 45.22 -66.66 66.13
CA MET G 353 45.68 -65.45 65.46
C MET G 353 47.17 -65.46 65.16
N PHE G 354 47.87 -66.56 65.47
CA PHE G 354 49.33 -66.58 65.34
C PHE G 354 49.78 -66.39 63.91
N ARG G 355 49.13 -67.08 62.97
CA ARG G 355 49.59 -67.03 61.58
C ARG G 355 49.32 -65.67 60.97
N ALA G 356 48.15 -65.10 61.28
CA ALA G 356 47.82 -63.77 60.78
C ALA G 356 48.76 -62.72 61.35
N ASN G 357 49.11 -62.85 62.64
CA ASN G 357 50.03 -61.89 63.25
C ASN G 357 51.42 -62.00 62.65
N VAL G 358 51.88 -63.23 62.39
CA VAL G 358 53.19 -63.42 61.79
C VAL G 358 53.21 -62.86 60.37
N LEU G 359 52.12 -63.02 59.63
CA LEU G 359 52.09 -62.49 58.28
C LEU G 359 52.04 -60.97 58.26
N HIS G 360 51.32 -60.35 59.20
CA HIS G 360 51.29 -58.90 59.21
C HIS G 360 52.63 -58.33 59.66
N MET G 361 53.25 -58.95 60.67
CA MET G 361 54.56 -58.50 61.10
C MET G 361 55.61 -58.72 60.02
N LEU G 362 55.44 -59.76 59.22
CA LEU G 362 56.36 -60.02 58.12
C LEU G 362 56.16 -59.03 56.99
N LEU G 363 54.93 -58.60 56.76
CA LEU G 363 54.68 -57.52 55.80
C LEU G 363 55.30 -56.22 56.28
N GLU G 364 55.25 -55.96 57.59
CA GLU G 364 55.92 -54.79 58.15
C GLU G 364 57.42 -54.89 57.94
N PHE G 365 57.98 -56.07 58.14
CA PHE G 365 59.42 -56.29 58.01
C PHE G 365 59.89 -56.09 56.58
N VAL G 366 59.11 -56.58 55.61
CA VAL G 366 59.43 -56.34 54.21
C VAL G 366 59.26 -54.87 53.88
N LEU G 367 58.15 -54.28 54.32
CA LEU G 367 57.77 -52.92 53.99
C LEU G 367 58.75 -51.90 54.53
N ASP G 368 59.47 -52.23 55.60
CA ASP G 368 60.43 -51.28 56.12
C ASP G 368 61.65 -51.19 55.23
N ASN G 369 62.22 -52.32 54.86
CA ASN G 369 63.45 -52.32 54.07
C ASN G 369 63.14 -52.06 52.59
N LEU G 370 62.63 -50.86 52.34
CA LEU G 370 62.47 -50.34 50.99
C LEU G 370 63.30 -49.08 50.95
N TYR G 371 64.60 -49.27 50.76
CA TYR G 371 65.56 -48.19 50.65
C TYR G 371 66.64 -48.64 49.70
N LEU G 372 67.54 -47.74 49.39
CA LEU G 372 68.66 -48.02 48.50
C LEU G 372 69.91 -47.53 49.19
N ASN G 373 70.94 -48.36 49.22
CA ASN G 373 72.15 -48.06 50.00
C ASN G 373 72.92 -46.95 49.30
N ARG G 374 72.70 -45.71 49.73
CA ARG G 374 73.35 -44.57 49.11
C ARG G 374 74.82 -44.52 49.48
N HIS G 375 75.66 -44.20 48.50
CA HIS G 375 77.10 -44.10 48.69
C HIS G 375 77.44 -42.91 49.58
N THR G 376 78.48 -43.07 50.40
CA THR G 376 78.99 -41.96 51.19
C THR G 376 80.42 -41.59 50.84
N GLY G 377 81.36 -42.52 50.93
CA GLY G 377 82.74 -42.18 50.73
C GLY G 377 83.66 -43.21 51.36
N PHE G 378 84.96 -42.99 51.15
CA PHE G 378 85.96 -43.92 51.62
C PHE G 378 87.14 -43.17 52.18
N SER G 379 88.04 -43.92 52.80
CA SER G 379 89.27 -43.36 53.35
C SER G 379 90.30 -44.47 53.37
N GLN G 380 91.48 -44.20 52.83
CA GLN G 380 92.52 -45.21 52.77
C GLN G 380 93.10 -45.45 54.16
N ASP G 381 93.31 -46.72 54.49
CA ASP G 381 93.83 -47.11 55.79
C ASP G 381 95.25 -46.62 55.99
N HIS G 382 95.62 -46.47 57.25
CA HIS G 382 97.01 -46.27 57.63
C HIS G 382 97.51 -47.28 58.64
N THR G 383 96.63 -47.98 59.34
CA THR G 383 97.18 -49.02 60.19
C THR G 383 97.48 -50.26 59.35
N PRO G 384 98.41 -51.10 59.80
CA PRO G 384 98.69 -52.34 59.06
C PRO G 384 97.72 -53.47 59.35
N PHE G 385 96.54 -53.18 59.89
CA PHE G 385 95.53 -54.22 60.05
C PHE G 385 95.08 -54.74 58.69
N THR G 386 94.50 -53.87 57.88
CA THR G 386 94.22 -54.17 56.49
C THR G 386 95.37 -53.67 55.64
N GLU G 387 95.91 -54.55 54.80
CA GLU G 387 97.00 -54.12 53.94
C GLU G 387 96.45 -53.24 52.83
N GLY G 388 96.51 -51.94 53.04
CA GLY G 388 96.20 -50.98 51.99
C GLY G 388 94.77 -50.96 51.54
N ALA G 389 93.85 -51.51 52.32
CA ALA G 389 92.46 -51.58 51.91
C ALA G 389 91.72 -50.34 52.35
N ASN G 390 90.80 -49.89 51.51
CA ASN G 390 90.01 -48.71 51.82
C ASN G 390 88.99 -49.03 52.90
N LEU G 391 88.66 -48.03 53.70
CA LEU G 391 87.66 -48.17 54.73
C LEU G 391 86.51 -47.22 54.43
N ARG G 392 85.30 -47.70 54.64
CA ARG G 392 84.13 -46.91 54.31
C ARG G 392 83.66 -46.13 55.51
N SER G 393 83.52 -44.83 55.35
CA SER G 393 82.94 -44.00 56.39
C SER G 393 81.42 -43.99 56.28
N LEU G 394 80.78 -43.34 57.24
CA LEU G 394 79.34 -43.19 57.27
C LEU G 394 79.00 -41.99 58.12
N PRO G 395 77.94 -41.25 57.79
CA PRO G 395 77.57 -40.10 58.60
C PRO G 395 76.90 -40.54 59.90
N GLY G 396 76.69 -39.56 60.76
CA GLY G 396 76.13 -39.80 62.06
C GLY G 396 76.92 -39.09 63.14
N PRO G 397 76.45 -39.18 64.39
CA PRO G 397 77.15 -38.48 65.47
C PRO G 397 78.48 -39.11 65.83
N ASP G 398 78.64 -40.41 65.63
CA ASP G 398 79.89 -41.08 65.92
C ASP G 398 80.34 -41.91 64.73
N ALA G 399 81.64 -42.21 64.70
CA ALA G 399 82.18 -43.10 63.67
C ALA G 399 83.26 -44.01 64.22
N GLU G 400 83.33 -44.16 65.55
CA GLU G 400 84.46 -44.84 66.15
C GLU G 400 84.23 -46.34 66.22
N LYS G 401 83.17 -46.75 66.91
CA LYS G 401 82.91 -48.17 67.08
C LYS G 401 82.43 -48.82 65.80
N TRP G 402 81.88 -48.04 64.86
CA TRP G 402 81.21 -48.60 63.70
C TRP G 402 82.17 -49.25 62.72
N TYR G 403 83.43 -48.84 62.70
CA TYR G 403 84.39 -49.47 61.80
C TYR G 403 84.68 -50.89 62.25
N SER G 404 84.87 -51.08 63.55
CA SER G 404 85.06 -52.40 64.10
C SER G 404 83.77 -53.23 64.04
N ILE G 405 82.61 -52.57 64.10
CA ILE G 405 81.36 -53.29 63.93
C ILE G 405 81.23 -53.81 62.50
N MET G 406 81.55 -52.97 61.52
CA MET G 406 81.35 -53.35 60.12
C MET G 406 82.35 -54.39 59.67
N TYR G 407 83.62 -54.21 59.99
CA TYR G 407 84.62 -55.11 59.42
C TYR G 407 85.20 -55.96 60.53
N PRO G 408 84.85 -57.23 60.62
CA PRO G 408 85.36 -58.06 61.71
C PRO G 408 86.83 -58.36 61.59
N THR G 409 87.25 -58.85 60.43
CA THR G 409 88.57 -59.46 60.32
C THR G 409 89.71 -58.44 60.26
N ARG G 410 89.44 -57.16 60.40
CA ARG G 410 90.52 -56.20 60.54
C ARG G 410 90.99 -56.05 61.98
N MET G 411 90.40 -56.77 62.92
CA MET G 411 90.89 -56.68 64.28
C MET G 411 92.18 -57.47 64.42
N GLY G 412 92.84 -57.30 65.56
CA GLY G 412 94.01 -58.08 65.88
C GLY G 412 93.64 -59.47 66.34
N THR G 413 94.67 -60.25 66.66
CA THR G 413 94.48 -61.58 67.22
C THR G 413 95.50 -61.80 68.30
N PRO G 414 95.17 -61.46 69.53
CA PRO G 414 96.08 -61.77 70.64
C PRO G 414 96.07 -63.23 71.09
N ASN G 415 94.91 -63.84 71.27
CA ASN G 415 94.84 -65.00 72.14
C ASN G 415 93.96 -66.09 71.53
N VAL G 416 93.66 -67.09 72.34
CA VAL G 416 93.00 -68.30 71.90
C VAL G 416 91.54 -68.18 72.32
N SER G 417 91.08 -66.94 72.47
CA SER G 417 89.66 -66.68 72.64
C SER G 417 88.89 -67.15 71.42
N LYS G 418 87.59 -67.38 71.60
CA LYS G 418 86.78 -67.88 70.51
C LYS G 418 86.62 -66.83 69.42
N ILE G 419 86.57 -65.55 69.81
CA ILE G 419 86.51 -64.45 68.85
C ILE G 419 87.77 -64.43 68.00
N CYS G 420 88.92 -64.32 68.64
CA CYS G 420 90.17 -64.17 67.91
C CYS G 420 90.55 -65.46 67.19
N ASN G 421 90.16 -66.60 67.74
CA ASN G 421 90.37 -67.88 67.07
C ASN G 421 89.53 -67.98 65.82
N PHE G 422 88.33 -67.42 65.84
CA PHE G 422 87.53 -67.37 64.63
C PHE G 422 88.15 -66.43 63.60
N VAL G 423 88.60 -65.27 64.06
CA VAL G 423 89.10 -64.24 63.14
C VAL G 423 90.42 -64.65 62.52
N ALA G 424 91.25 -65.41 63.25
CA ALA G 424 92.55 -65.79 62.75
C ALA G 424 92.45 -66.79 61.60
N SER G 425 91.36 -67.54 61.54
CA SER G 425 91.15 -68.49 60.46
C SER G 425 90.32 -67.92 59.33
N CYS G 426 90.45 -66.62 59.06
CA CYS G 426 89.70 -65.98 58.00
C CYS G 426 90.60 -65.67 56.81
N VAL G 427 90.01 -65.02 55.82
CA VAL G 427 90.70 -64.60 54.60
C VAL G 427 91.00 -63.11 54.72
N ARG G 428 92.20 -62.71 54.30
CA ARG G 428 92.73 -61.39 54.64
C ARG G 428 92.06 -60.27 53.84
N ASN G 429 92.16 -60.32 52.52
CA ASN G 429 91.96 -59.12 51.72
C ASN G 429 90.50 -58.71 51.56
N ARG G 430 89.54 -59.56 51.91
CA ARG G 430 88.14 -59.29 51.58
C ARG G 430 87.52 -58.32 52.60
N VAL G 431 88.01 -57.08 52.56
CA VAL G 431 87.44 -55.96 53.29
C VAL G 431 87.37 -54.75 52.35
N GLY G 432 86.47 -53.83 52.68
CA GLY G 432 86.42 -52.50 52.11
C GLY G 432 86.08 -52.41 50.63
N ARG G 433 86.54 -51.31 50.02
CA ARG G 433 86.35 -51.09 48.59
C ARG G 433 87.17 -52.10 47.81
N PHE G 434 86.58 -52.68 46.77
CA PHE G 434 87.33 -53.48 45.81
C PHE G 434 86.95 -53.23 44.38
N ASP G 435 85.77 -52.67 44.11
CA ASP G 435 85.29 -52.44 42.76
C ASP G 435 84.44 -51.18 42.78
N ARG G 436 84.52 -50.43 41.70
CA ARG G 436 83.80 -49.17 41.58
C ARG G 436 83.62 -48.86 40.11
N ALA G 437 82.98 -47.74 39.83
CA ALA G 437 82.80 -47.27 38.47
C ALA G 437 82.63 -45.77 38.51
N GLN G 438 83.56 -45.05 37.88
CA GLN G 438 83.47 -43.62 37.78
C GLN G 438 83.76 -43.20 36.35
N MET G 439 83.13 -42.11 35.94
CA MET G 439 83.25 -41.61 34.58
C MET G 439 84.02 -40.30 34.51
N MET G 440 83.60 -39.30 35.27
CA MET G 440 84.15 -37.97 35.06
C MET G 440 85.42 -37.77 35.84
N ASN G 441 86.16 -36.73 35.46
CA ASN G 441 87.40 -36.36 36.11
C ASN G 441 87.09 -35.80 37.50
N GLY G 442 87.43 -36.57 38.53
CA GLY G 442 87.33 -36.09 39.90
C GLY G 442 85.93 -35.74 40.34
N ALA G 443 84.95 -36.53 39.91
CA ALA G 443 83.57 -36.30 40.27
C ALA G 443 83.06 -37.48 41.07
N MET G 444 81.75 -37.51 41.25
CA MET G 444 81.12 -38.54 42.06
C MET G 444 81.20 -39.89 41.34
N SER G 445 81.65 -40.91 42.05
CA SER G 445 81.62 -42.25 41.50
C SER G 445 80.17 -42.73 41.39
N GLU G 446 79.91 -43.54 40.36
CA GLU G 446 78.53 -43.94 40.10
C GLU G 446 78.05 -44.98 41.08
N TRP G 447 78.81 -46.06 41.26
CA TRP G 447 78.44 -47.08 42.21
C TRP G 447 79.70 -47.81 42.66
N VAL G 448 79.65 -48.36 43.87
CA VAL G 448 80.72 -49.19 44.41
C VAL G 448 80.11 -50.46 44.97
N ASP G 449 80.98 -51.40 45.32
CA ASP G 449 80.64 -52.61 46.05
C ASP G 449 81.58 -52.70 47.25
N VAL G 450 81.04 -53.03 48.42
CA VAL G 450 81.83 -53.07 49.65
C VAL G 450 81.73 -54.45 50.28
N PHE G 451 82.75 -54.82 51.06
CA PHE G 451 82.83 -56.11 51.79
C PHE G 451 82.51 -55.90 53.27
N GLU G 452 81.23 -55.70 53.55
CA GLU G 452 80.86 -55.36 54.92
C GLU G 452 79.85 -56.37 55.48
N THR G 453 79.52 -56.21 56.76
CA THR G 453 78.56 -57.09 57.38
C THR G 453 77.14 -56.64 57.05
N SER G 454 76.35 -57.59 56.55
CA SER G 454 74.98 -57.38 56.10
C SER G 454 74.39 -58.75 55.89
N ASP G 455 73.22 -59.02 56.45
CA ASP G 455 72.58 -60.29 56.15
C ASP G 455 72.07 -60.30 54.72
N ALA G 456 72.08 -61.49 54.11
CA ALA G 456 71.76 -61.61 52.70
C ALA G 456 70.30 -61.30 52.40
N LEU G 457 69.44 -61.34 53.41
CA LEU G 457 68.01 -61.14 53.21
C LEU G 457 67.70 -59.73 52.71
N THR G 458 68.04 -58.72 53.51
CA THR G 458 67.71 -57.35 53.11
C THR G 458 68.56 -56.87 51.95
N VAL G 459 69.72 -57.49 51.71
CA VAL G 459 70.46 -57.23 50.50
C VAL G 459 69.68 -57.71 49.29
N SER G 460 69.08 -58.90 49.38
CA SER G 460 68.25 -59.40 48.29
C SER G 460 67.00 -58.57 48.11
N ILE G 461 66.43 -58.09 49.22
CA ILE G 461 65.24 -57.24 49.16
C ILE G 461 65.54 -55.95 48.43
N ARG G 462 66.59 -55.26 48.85
CA ARG G 462 66.91 -53.98 48.24
C ARG G 462 67.49 -54.16 46.85
N GLY G 463 68.08 -55.31 46.54
CA GLY G 463 68.55 -55.55 45.18
C GLY G 463 67.40 -55.76 44.22
N ARG G 464 66.42 -56.57 44.61
CA ARG G 464 65.27 -56.77 43.75
C ARG G 464 64.42 -55.50 43.67
N TRP G 465 64.40 -54.69 44.74
CA TRP G 465 63.72 -53.40 44.68
C TRP G 465 64.44 -52.44 43.75
N MET G 466 65.77 -52.45 43.77
CA MET G 466 66.55 -51.59 42.89
C MET G 466 66.34 -51.96 41.43
N ALA G 467 66.32 -53.26 41.13
CA ALA G 467 66.08 -53.68 39.75
C ALA G 467 64.67 -53.34 39.31
N ARG G 468 63.69 -53.51 40.20
CA ARG G 468 62.31 -53.14 39.89
C ARG G 468 62.18 -51.65 39.64
N LEU G 469 62.90 -50.85 40.41
CA LEU G 469 62.86 -49.41 40.21
C LEU G 469 63.56 -49.01 38.93
N ALA G 470 64.69 -49.65 38.64
CA ALA G 470 65.45 -49.35 37.44
C ALA G 470 64.75 -49.84 36.18
N ARG G 471 63.76 -50.70 36.32
CA ARG G 471 62.91 -51.02 35.17
C ARG G 471 62.17 -49.78 34.68
N MET G 472 61.88 -48.84 35.57
CA MET G 472 61.02 -47.70 35.26
C MET G 472 61.79 -46.49 34.80
N ASN G 473 63.09 -46.62 34.55
CA ASN G 473 63.93 -45.47 34.22
C ASN G 473 63.69 -45.01 32.79
N ILE G 474 63.84 -43.71 32.58
CA ILE G 474 63.74 -43.09 31.25
C ILE G 474 64.88 -42.08 31.11
N ASN G 475 65.15 -41.71 29.86
CA ASN G 475 66.21 -40.73 29.69
C ASN G 475 65.68 -39.46 29.02
N PRO G 476 66.34 -38.31 29.22
CA PRO G 476 65.80 -37.04 28.75
C PRO G 476 65.57 -36.93 27.24
N THR G 477 66.26 -37.74 26.44
CA THR G 477 66.03 -37.68 25.00
C THR G 477 64.65 -38.22 24.65
N GLU G 478 64.28 -39.36 25.21
CA GLU G 478 62.92 -39.86 24.95
C GLU G 478 61.88 -39.07 25.74
N ILE G 479 62.28 -38.39 26.82
CA ILE G 479 61.38 -37.41 27.43
C ILE G 479 61.05 -36.30 26.44
N GLU G 480 62.08 -35.76 25.79
CA GLU G 480 61.90 -34.69 24.81
C GLU G 480 61.05 -35.16 23.64
N TRP G 481 61.27 -36.38 23.20
CA TRP G 481 60.50 -36.92 22.07
C TRP G 481 59.04 -37.13 22.44
N ALA G 482 58.79 -37.69 23.63
CA ALA G 482 57.41 -37.95 24.05
C ALA G 482 56.66 -36.66 24.32
N LEU G 483 57.31 -35.68 24.95
CA LEU G 483 56.64 -34.42 25.23
C LEU G 483 56.38 -33.63 23.95
N THR G 484 57.29 -33.72 22.97
CA THR G 484 57.04 -33.05 21.70
C THR G 484 55.92 -33.72 20.94
N GLU G 485 55.84 -35.05 21.03
CA GLU G 485 54.74 -35.75 20.36
C GLU G 485 53.40 -35.44 21.02
N CYS G 486 53.38 -35.31 22.34
CA CYS G 486 52.15 -34.94 23.02
C CYS G 486 51.75 -33.50 22.71
N ALA G 487 52.72 -32.60 22.60
CA ALA G 487 52.42 -31.22 22.24
C ALA G 487 52.10 -31.04 20.77
N GLN G 488 52.37 -32.07 19.94
CA GLN G 488 52.20 -32.03 18.49
C GLN G 488 53.01 -30.90 17.87
N GLY G 489 54.19 -30.65 18.44
CA GLY G 489 55.14 -29.71 17.90
C GLY G 489 54.78 -28.26 18.02
N TYR G 490 53.72 -27.92 18.74
CA TYR G 490 53.45 -26.50 18.96
C TYR G 490 54.43 -25.91 19.97
N VAL G 491 54.90 -26.74 20.90
CA VAL G 491 55.90 -26.34 21.88
C VAL G 491 57.04 -27.33 21.80
N THR G 492 58.27 -26.84 21.65
CA THR G 492 59.43 -27.71 21.71
C THR G 492 60.12 -27.56 23.05
N VAL G 493 60.78 -28.64 23.46
CA VAL G 493 61.66 -28.65 24.62
C VAL G 493 63.01 -29.18 24.16
N THR G 494 63.97 -29.21 25.07
CA THR G 494 65.33 -29.56 24.69
C THR G 494 66.01 -30.29 25.84
N SER G 495 66.64 -31.44 25.52
CA SER G 495 67.51 -32.20 26.40
C SER G 495 68.97 -31.95 26.03
N PRO G 496 69.91 -32.10 26.96
CA PRO G 496 71.32 -31.96 26.60
C PRO G 496 71.82 -33.16 25.80
N TYR G 497 72.97 -32.97 25.15
CA TYR G 497 73.64 -34.01 24.36
C TYR G 497 75.09 -34.03 24.82
N ALA G 498 75.34 -34.79 25.88
CA ALA G 498 76.62 -34.81 26.58
C ALA G 498 76.60 -36.02 27.51
N PRO G 499 77.77 -36.55 27.89
CA PRO G 499 77.79 -37.66 28.84
C PRO G 499 77.25 -37.26 30.20
N SER G 500 76.25 -38.01 30.66
CA SER G 500 75.46 -37.68 31.84
C SER G 500 76.16 -38.08 33.13
N VAL G 501 75.38 -38.09 34.21
CA VAL G 501 75.83 -38.58 35.50
C VAL G 501 74.91 -39.72 35.98
N ASN G 502 74.21 -40.35 35.03
CA ASN G 502 73.30 -41.47 35.24
C ASN G 502 72.17 -41.10 36.21
N ARG G 503 71.32 -40.21 35.72
CA ARG G 503 70.13 -39.76 36.44
C ARG G 503 69.16 -40.92 36.63
N LEU G 504 68.25 -40.76 37.60
CA LEU G 504 67.32 -41.82 37.99
C LEU G 504 65.92 -41.24 38.05
N MET G 505 65.06 -41.67 37.12
CA MET G 505 63.70 -41.15 37.00
C MET G 505 62.75 -42.32 36.78
N PRO G 506 62.21 -42.87 37.84
CA PRO G 506 61.38 -44.08 37.73
C PRO G 506 59.97 -43.77 37.23
N TYR G 507 59.81 -43.68 35.92
CA TYR G 507 58.56 -43.17 35.38
C TYR G 507 57.87 -44.09 34.39
N ARG G 508 58.62 -44.87 33.59
CA ARG G 508 58.00 -45.72 32.57
C ARG G 508 57.29 -46.90 33.23
N ILE G 509 56.07 -47.18 32.78
CA ILE G 509 55.32 -48.37 33.17
C ILE G 509 54.72 -48.99 31.91
N SER G 510 54.19 -50.19 32.07
CA SER G 510 53.51 -50.84 30.97
C SER G 510 52.06 -50.36 30.93
N ASN G 511 51.29 -50.92 29.99
CA ASN G 511 49.91 -50.50 29.84
C ASN G 511 48.98 -51.16 30.84
N ALA G 512 49.41 -52.29 31.43
CA ALA G 512 48.56 -53.02 32.35
C ALA G 512 48.28 -52.21 33.61
N GLU G 513 49.29 -51.48 34.09
CA GLU G 513 49.12 -50.65 35.27
C GLU G 513 48.13 -49.54 35.02
N ARG G 514 48.24 -48.89 33.86
CA ARG G 514 47.31 -47.82 33.50
C ARG G 514 45.89 -48.36 33.38
N GLN G 515 45.72 -49.54 32.79
CA GLN G 515 44.39 -50.10 32.62
C GLN G 515 43.78 -50.47 33.97
N ILE G 516 44.55 -51.13 34.84
CA ILE G 516 44.05 -51.55 36.14
C ILE G 516 43.68 -50.36 37.00
N SER G 517 44.54 -49.34 37.03
CA SER G 517 44.24 -48.15 37.81
C SER G 517 43.07 -47.38 37.23
N GLN G 518 42.88 -47.44 35.91
CA GLN G 518 41.71 -46.82 35.30
C GLN G 518 40.44 -47.52 35.72
N ILE G 519 40.48 -48.86 35.80
CA ILE G 519 39.35 -49.65 36.30
C ILE G 519 39.03 -49.25 37.72
N ILE G 520 40.06 -49.11 38.56
CA ILE G 520 39.84 -48.79 39.96
C ILE G 520 39.26 -47.39 40.11
N ARG G 521 39.68 -46.47 39.26
CA ARG G 521 39.19 -45.10 39.38
C ARG G 521 37.75 -44.95 38.88
N VAL G 522 37.41 -45.62 37.77
CA VAL G 522 36.03 -45.54 37.30
C VAL G 522 35.10 -46.31 38.25
N MET G 523 35.62 -47.35 38.91
CA MET G 523 34.85 -48.08 39.89
C MET G 523 34.63 -47.24 41.13
N ASN G 524 35.60 -46.39 41.47
CA ASN G 524 35.42 -45.42 42.53
C ASN G 524 34.30 -44.44 42.19
N ILE G 525 34.33 -43.90 40.99
CA ILE G 525 33.42 -42.79 40.66
C ILE G 525 32.15 -43.27 39.99
N GLY G 526 31.86 -44.56 40.04
CA GLY G 526 30.60 -45.07 39.52
C GLY G 526 29.37 -44.49 40.17
N ASN G 527 28.53 -43.86 39.34
CA ASN G 527 27.17 -43.43 39.66
C ASN G 527 27.15 -42.39 40.78
N ASN G 528 27.79 -41.24 40.58
CA ASN G 528 27.59 -40.14 41.51
C ASN G 528 27.14 -38.87 40.82
N ALA G 529 27.90 -38.50 39.77
CA ALA G 529 27.89 -37.28 38.94
C ALA G 529 28.43 -36.04 39.65
N THR G 530 28.53 -36.07 40.97
CA THR G 530 29.08 -34.92 41.66
C THR G 530 30.58 -35.02 41.84
N VAL G 531 31.15 -36.20 41.60
CA VAL G 531 32.59 -36.27 41.43
C VAL G 531 32.98 -35.77 40.05
N ILE G 532 32.20 -36.12 39.04
CA ILE G 532 32.61 -35.81 37.68
C ILE G 532 32.26 -34.38 37.28
N GLN G 533 31.35 -33.71 38.00
CA GLN G 533 31.01 -32.32 37.68
C GLN G 533 32.18 -31.34 37.83
N PRO G 534 32.99 -31.36 38.91
CA PRO G 534 34.12 -30.41 38.94
C PRO G 534 35.20 -30.71 37.91
N VAL G 535 35.31 -31.95 37.46
CA VAL G 535 36.31 -32.26 36.43
C VAL G 535 35.93 -31.60 35.12
N LEU G 536 34.65 -31.70 34.74
CA LEU G 536 34.17 -31.03 33.54
C LEU G 536 34.25 -29.52 33.66
N GLN G 537 33.99 -28.99 34.86
CA GLN G 537 34.15 -27.55 35.07
C GLN G 537 35.60 -27.11 34.93
N ASP G 538 36.54 -27.94 35.40
CA ASP G 538 37.94 -27.57 35.33
C ASP G 538 38.47 -27.61 33.91
N ILE G 539 38.07 -28.64 33.14
CA ILE G 539 38.46 -28.69 31.74
C ILE G 539 37.80 -27.57 30.96
N SER G 540 36.61 -27.16 31.38
CA SER G 540 35.94 -26.02 30.78
C SER G 540 36.73 -24.73 31.00
N VAL G 541 37.22 -24.52 32.23
CA VAL G 541 38.01 -23.32 32.53
C VAL G 541 39.31 -23.33 31.74
N LEU G 542 39.95 -24.49 31.64
CA LEU G 542 41.23 -24.58 30.94
C LEU G 542 41.07 -24.33 29.45
N LEU G 543 40.03 -24.89 28.85
CA LEU G 543 39.80 -24.67 27.44
C LEU G 543 39.34 -23.26 27.16
N GLN G 544 38.63 -22.64 28.12
CA GLN G 544 38.26 -21.25 27.98
C GLN G 544 39.49 -20.35 28.02
N ARG G 545 40.51 -20.74 28.77
CA ARG G 545 41.75 -19.96 28.76
C ARG G 545 42.49 -20.14 27.45
N ILE G 546 42.50 -21.36 26.90
CA ILE G 546 43.32 -21.59 25.70
C ILE G 546 42.67 -21.04 24.44
N SER G 547 41.37 -21.25 24.28
CA SER G 547 40.73 -21.29 22.96
C SER G 547 40.78 -19.94 22.26
N PRO G 548 41.08 -19.91 20.96
CA PRO G 548 41.35 -18.63 20.29
C PRO G 548 40.13 -17.80 20.01
N LEU G 549 38.94 -18.39 19.93
CA LEU G 549 37.81 -17.56 19.59
C LEU G 549 37.32 -16.79 20.81
N GLN G 550 36.40 -15.86 20.55
CA GLN G 550 35.73 -15.09 21.58
C GLN G 550 34.27 -15.02 21.22
N ILE G 551 33.40 -15.20 22.20
CA ILE G 551 31.96 -15.16 21.96
C ILE G 551 31.45 -13.76 22.30
N ASP G 552 30.73 -13.16 21.36
CA ASP G 552 30.01 -11.92 21.57
C ASP G 552 28.61 -12.07 20.98
N PRO G 553 27.55 -11.93 21.78
CA PRO G 553 26.20 -12.08 21.23
C PRO G 553 25.72 -10.90 20.40
N THR G 554 26.51 -9.83 20.25
CA THR G 554 26.01 -8.64 19.58
C THR G 554 25.87 -8.80 18.08
N ILE G 555 26.43 -9.85 17.47
CA ILE G 555 26.22 -10.11 16.05
C ILE G 555 24.74 -10.38 15.78
N ILE G 556 24.08 -11.06 16.72
CA ILE G 556 22.65 -11.36 16.59
C ILE G 556 21.83 -10.07 16.53
N SER G 557 22.13 -9.14 17.44
CA SER G 557 21.42 -7.87 17.45
C SER G 557 21.74 -7.04 16.22
N ASN G 558 23.02 -6.96 15.86
CA ASN G 558 23.46 -6.13 14.75
C ASN G 558 22.90 -6.60 13.43
N THR G 559 22.67 -7.91 13.28
CA THR G 559 22.00 -8.36 12.08
C THR G 559 20.49 -8.18 12.18
N MET G 560 19.86 -8.74 13.22
CA MET G 560 18.41 -8.79 13.29
C MET G 560 17.75 -7.43 13.49
N SER G 561 18.52 -6.36 13.70
CA SER G 561 17.95 -5.04 13.63
C SER G 561 17.91 -4.48 12.21
N THR G 562 18.18 -5.32 11.21
CA THR G 562 18.09 -4.89 9.81
C THR G 562 17.09 -5.73 9.01
N VAL G 563 16.33 -6.58 9.68
CA VAL G 563 15.32 -7.38 9.00
C VAL G 563 14.13 -6.48 8.70
N SER G 564 13.34 -6.86 7.69
CA SER G 564 12.18 -6.04 7.32
C SER G 564 11.05 -6.24 8.33
N GLU G 565 10.18 -5.22 8.41
CA GLU G 565 9.14 -5.18 9.43
C GLU G 565 7.99 -4.32 8.92
N SER G 566 6.91 -4.26 9.71
CA SER G 566 5.82 -3.35 9.38
C SER G 566 5.19 -2.64 10.57
N THR G 567 5.51 -2.99 11.81
CA THR G 567 5.19 -2.32 13.09
C THR G 567 3.70 -2.18 13.40
N THR G 568 2.82 -2.64 12.52
CA THR G 568 1.39 -2.64 12.79
C THR G 568 0.85 -4.02 13.08
N GLN G 569 1.72 -5.02 13.17
CA GLN G 569 1.32 -6.39 13.36
C GLN G 569 1.02 -6.69 14.81
N THR G 570 0.43 -7.86 15.04
CA THR G 570 0.42 -8.45 16.37
C THR G 570 1.84 -8.79 16.80
N LEU G 571 2.63 -9.30 15.87
CA LEU G 571 3.98 -9.75 16.15
C LEU G 571 4.74 -9.77 14.83
N SER G 572 6.05 -9.64 14.91
CA SER G 572 6.91 -9.96 13.78
C SER G 572 8.18 -10.53 14.37
N PRO G 573 8.76 -11.55 13.73
CA PRO G 573 9.57 -12.53 14.48
C PRO G 573 10.89 -12.03 15.02
N ALA G 574 11.30 -10.79 14.73
CA ALA G 574 12.58 -10.29 15.22
C ALA G 574 12.58 -10.11 16.73
N SER G 575 11.50 -9.51 17.25
CA SER G 575 11.42 -9.38 18.70
C SER G 575 11.24 -10.73 19.37
N SER G 576 10.64 -11.69 18.67
CA SER G 576 10.44 -13.01 19.26
C SER G 576 11.75 -13.77 19.34
N ILE G 577 12.56 -13.72 18.28
CA ILE G 577 13.84 -14.41 18.33
C ILE G 577 14.76 -13.76 19.36
N LEU G 578 14.76 -12.42 19.44
CA LEU G 578 15.63 -11.78 20.42
C LEU G 578 15.13 -12.00 21.84
N GLY G 579 13.81 -12.15 22.03
CA GLY G 579 13.30 -12.39 23.36
C GLY G 579 13.52 -13.82 23.81
N LYS G 580 13.24 -14.78 22.94
CA LYS G 580 13.46 -16.18 23.27
C LYS G 580 14.93 -16.56 23.28
N LEU G 581 15.80 -15.77 22.66
CA LEU G 581 17.22 -16.07 22.66
C LEU G 581 17.97 -15.30 23.72
N ARG G 582 17.41 -14.15 24.17
CA ARG G 582 17.73 -13.25 25.28
C ARG G 582 19.23 -13.19 25.60
N PRO G 583 20.07 -12.89 24.62
CA PRO G 583 21.48 -13.27 24.72
C PRO G 583 22.32 -12.31 25.54
N SER G 584 21.71 -11.50 26.42
CA SER G 584 22.40 -10.37 27.04
C SER G 584 23.57 -10.82 27.91
N ASN G 585 23.44 -11.95 28.60
CA ASN G 585 24.57 -12.45 29.35
C ASN G 585 25.58 -13.12 28.43
N SER G 586 26.82 -13.24 28.89
CA SER G 586 27.75 -14.15 28.22
C SER G 586 27.57 -15.55 28.79
N ASP G 587 28.12 -15.78 30.00
CA ASP G 587 28.19 -16.99 30.81
C ASP G 587 28.22 -18.30 30.01
N PHE G 588 29.09 -18.38 29.02
CA PHE G 588 29.18 -19.56 28.17
C PHE G 588 30.24 -20.52 28.71
N SER G 589 29.85 -21.28 29.72
CA SER G 589 30.65 -22.41 30.15
C SER G 589 30.00 -23.74 29.81
N SER G 590 28.68 -23.74 29.59
CA SER G 590 27.98 -24.95 29.21
C SER G 590 28.41 -25.45 27.85
N PHE G 591 28.86 -24.54 26.98
CA PHE G 591 29.45 -24.93 25.71
C PHE G 591 30.70 -25.77 25.93
N ARG G 592 31.55 -25.35 26.84
CA ARG G 592 32.78 -26.09 27.08
C ARG G 592 32.50 -27.40 27.81
N VAL G 593 31.47 -27.42 28.67
CA VAL G 593 31.09 -28.65 29.34
C VAL G 593 30.59 -29.68 28.32
N ALA G 594 29.71 -29.23 27.43
CA ALA G 594 29.18 -30.09 26.38
C ALA G 594 30.26 -30.52 25.41
N LEU G 595 31.31 -29.69 25.26
CA LEU G 595 32.45 -30.11 24.47
C LEU G 595 33.20 -31.23 25.17
N ALA G 596 33.55 -31.02 26.43
CA ALA G 596 34.44 -31.95 27.11
C ALA G 596 33.75 -33.24 27.54
N GLY G 597 32.43 -33.34 27.41
CA GLY G 597 31.78 -34.64 27.58
C GLY G 597 32.14 -35.65 26.51
N TRP G 598 32.66 -35.18 25.38
CA TRP G 598 33.17 -36.05 24.32
C TRP G 598 34.29 -36.94 24.82
N LEU G 599 35.08 -36.44 25.75
CA LEU G 599 36.12 -37.26 26.36
C LEU G 599 35.53 -38.36 27.20
N TYR G 600 34.29 -38.21 27.68
CA TYR G 600 33.79 -39.12 28.69
C TYR G 600 32.37 -39.56 28.42
N ASN G 601 32.08 -39.91 27.16
CA ASN G 601 30.90 -40.73 26.92
C ASN G 601 30.95 -42.09 27.62
N GLY G 602 32.12 -42.56 28.02
CA GLY G 602 32.19 -43.76 28.84
C GLY G 602 31.51 -43.65 30.19
N VAL G 603 31.46 -42.46 30.77
CA VAL G 603 30.84 -42.34 32.09
C VAL G 603 29.71 -41.33 32.14
N VAL G 604 29.75 -40.30 31.30
CA VAL G 604 28.78 -39.23 31.42
C VAL G 604 28.10 -39.04 30.08
N THR G 605 26.82 -38.68 30.14
CA THR G 605 25.99 -38.47 28.95
C THR G 605 25.32 -37.12 29.07
N THR G 606 25.80 -36.15 28.30
CA THR G 606 25.25 -34.81 28.32
C THR G 606 23.90 -34.80 27.62
N VAL G 607 22.85 -34.42 28.33
CA VAL G 607 21.52 -34.28 27.77
C VAL G 607 21.01 -32.88 28.08
N ILE G 608 19.78 -32.61 27.67
CA ILE G 608 19.18 -31.28 27.74
C ILE G 608 18.02 -31.35 28.72
N ASP G 609 17.90 -30.33 29.58
CA ASP G 609 16.85 -30.33 30.58
C ASP G 609 15.47 -30.17 29.94
N ASP G 610 14.45 -30.50 30.73
CA ASP G 610 13.08 -30.40 30.26
C ASP G 610 12.63 -28.97 30.06
N SER G 611 13.25 -28.03 30.77
CA SER G 611 12.83 -26.63 30.66
C SER G 611 13.14 -26.03 29.30
N SER G 612 14.03 -26.65 28.54
CA SER G 612 14.27 -26.24 27.17
C SER G 612 13.32 -26.93 26.19
N TYR G 613 12.31 -27.63 26.68
CA TYR G 613 11.34 -28.26 25.80
C TYR G 613 10.00 -27.57 25.90
N PRO G 614 9.28 -27.40 24.79
CA PRO G 614 8.20 -26.41 24.71
C PRO G 614 6.87 -26.78 25.36
N LYS G 615 6.92 -27.28 26.61
CA LYS G 615 5.78 -27.41 27.52
C LYS G 615 4.68 -28.28 26.90
N ASP G 616 5.01 -29.58 26.80
CA ASP G 616 4.09 -30.62 26.32
C ASP G 616 3.65 -30.37 24.89
N GLY G 617 4.55 -29.83 24.08
CA GLY G 617 4.26 -29.49 22.71
C GLY G 617 3.58 -28.14 22.59
N GLY G 618 3.58 -27.65 21.36
CA GLY G 618 2.93 -26.40 21.02
C GLY G 618 2.29 -26.49 19.66
N SER G 619 2.12 -25.36 18.98
CA SER G 619 1.58 -25.36 17.63
C SER G 619 2.67 -25.01 16.62
N VAL G 620 2.47 -25.46 15.39
CA VAL G 620 3.35 -25.02 14.31
C VAL G 620 3.02 -23.58 13.95
N THR G 621 1.76 -23.19 14.06
CA THR G 621 1.42 -21.78 13.93
C THR G 621 1.81 -20.97 15.16
N SER G 622 2.29 -21.61 16.23
CA SER G 622 2.80 -20.88 17.38
C SER G 622 4.25 -20.46 17.16
N LEU G 623 4.47 -19.15 17.19
CA LEU G 623 5.76 -18.62 16.77
C LEU G 623 6.86 -18.93 17.76
N GLU G 624 6.59 -18.74 19.06
CA GLU G 624 7.59 -19.03 20.08
C GLU G 624 7.93 -20.51 20.11
N ASN G 625 6.96 -21.37 19.78
CA ASN G 625 7.25 -22.78 19.70
C ASN G 625 8.07 -23.12 18.46
N LEU G 626 7.88 -22.36 17.36
CA LEU G 626 8.79 -22.51 16.22
C LEU G 626 10.22 -22.13 16.59
N TRP G 627 10.38 -21.03 17.33
CA TRP G 627 11.73 -20.62 17.70
C TRP G 627 12.36 -21.59 18.68
N ASP G 628 11.56 -22.15 19.60
CA ASP G 628 12.07 -23.16 20.50
C ASP G 628 12.48 -24.41 19.73
N PHE G 629 11.74 -24.75 18.67
CA PHE G 629 12.14 -25.84 17.81
C PHE G 629 13.47 -25.56 17.14
N PHE G 630 13.69 -24.32 16.72
CA PHE G 630 14.95 -24.04 16.03
C PHE G 630 16.13 -24.06 16.99
N ILE G 631 15.97 -23.44 18.16
CA ILE G 631 16.99 -23.47 19.22
C ILE G 631 17.37 -24.89 19.55
N LEU G 632 16.36 -25.74 19.78
CA LEU G 632 16.60 -27.10 20.18
C LEU G 632 17.30 -27.89 19.08
N ALA G 633 16.68 -27.96 17.90
CA ALA G 633 17.22 -28.76 16.81
C ALA G 633 18.56 -28.24 16.29
N LEU G 634 18.89 -26.97 16.57
CA LEU G 634 20.24 -26.53 16.28
C LEU G 634 21.21 -26.98 17.36
N ALA G 635 20.77 -27.03 18.62
CA ALA G 635 21.69 -27.39 19.68
C ALA G 635 21.97 -28.89 19.75
N LEU G 636 21.03 -29.70 19.26
CA LEU G 636 21.14 -31.15 19.42
C LEU G 636 22.36 -31.85 18.81
N PRO G 637 22.99 -31.42 17.69
CA PRO G 637 24.16 -32.18 17.22
C PRO G 637 25.45 -32.06 18.03
N LEU G 638 25.43 -31.46 19.22
CA LEU G 638 26.65 -31.33 19.98
C LEU G 638 26.67 -32.15 21.26
N THR G 639 25.56 -32.78 21.64
CA THR G 639 25.59 -33.60 22.84
C THR G 639 25.98 -35.03 22.49
N THR G 640 26.33 -35.78 23.51
CA THR G 640 26.86 -37.12 23.33
C THR G 640 25.80 -38.20 23.55
N ASP G 641 24.55 -37.82 23.66
CA ASP G 641 23.54 -38.85 23.89
C ASP G 641 23.20 -39.56 22.59
N PRO G 642 23.03 -40.88 22.61
CA PRO G 642 22.70 -41.60 21.38
C PRO G 642 21.30 -41.35 20.86
N CYS G 643 20.35 -40.99 21.72
CA CYS G 643 18.99 -40.72 21.29
C CYS G 643 18.78 -39.26 20.91
N ALA G 644 19.87 -38.52 20.73
CA ALA G 644 19.76 -37.16 20.22
C ALA G 644 19.10 -37.04 18.84
N PRO G 645 19.37 -37.88 17.82
CA PRO G 645 18.62 -37.72 16.58
C PRO G 645 17.15 -38.08 16.69
N VAL G 646 16.78 -39.03 17.54
CA VAL G 646 15.36 -39.34 17.61
C VAL G 646 14.63 -38.27 18.42
N LYS G 647 15.32 -37.60 19.34
CA LYS G 647 14.75 -36.39 19.94
C LYS G 647 14.59 -35.30 18.90
N ALA G 648 15.58 -35.17 18.02
CA ALA G 648 15.57 -34.14 16.98
C ALA G 648 14.44 -34.34 15.99
N PHE G 649 14.11 -35.60 15.69
CA PHE G 649 12.94 -35.83 14.86
C PHE G 649 11.66 -35.61 15.65
N MET G 650 11.59 -36.18 16.85
CA MET G 650 10.34 -36.28 17.57
C MET G 650 9.84 -34.94 18.09
N THR G 651 10.71 -33.95 18.25
CA THR G 651 10.24 -32.63 18.66
C THR G 651 9.32 -32.01 17.61
N LEU G 652 9.61 -32.26 16.34
CA LEU G 652 8.75 -31.76 15.28
C LEU G 652 7.40 -32.46 15.27
N ALA G 653 7.39 -33.79 15.44
CA ALA G 653 6.14 -34.51 15.43
C ALA G 653 5.34 -34.26 16.71
N ASN G 654 6.03 -33.96 17.80
CA ASN G 654 5.35 -33.52 19.01
C ASN G 654 4.75 -32.15 18.81
N MET G 655 5.40 -31.31 18.00
CA MET G 655 4.88 -29.99 17.70
C MET G 655 3.61 -30.10 16.85
N MET G 656 3.67 -30.83 15.75
CA MET G 656 2.53 -30.89 14.85
C MET G 656 1.68 -32.12 15.18
N VAL G 657 0.49 -31.89 15.67
CA VAL G 657 -0.48 -32.95 15.91
C VAL G 657 -1.80 -32.52 15.27
N GLY G 658 -2.39 -33.42 14.50
CA GLY G 658 -3.57 -33.11 13.76
C GLY G 658 -3.30 -32.50 12.40
N PHE G 659 -2.21 -31.74 12.27
CA PHE G 659 -1.79 -31.29 10.95
C PHE G 659 -1.43 -32.47 10.07
N GLU G 660 -0.50 -33.30 10.53
CA GLU G 660 -0.13 -34.54 9.86
C GLU G 660 0.09 -35.58 10.94
N THR G 661 -0.43 -36.78 10.75
CA THR G 661 -0.31 -37.86 11.72
C THR G 661 0.40 -39.03 11.06
N ILE G 662 1.40 -39.57 11.73
CA ILE G 662 2.23 -40.64 11.18
C ILE G 662 2.06 -41.86 12.07
N PRO G 663 2.33 -43.07 11.58
CA PRO G 663 2.14 -44.27 12.41
C PRO G 663 3.17 -44.35 13.53
N MET G 664 2.67 -44.50 14.75
CA MET G 664 3.51 -44.59 15.93
C MET G 664 3.72 -46.05 16.30
N ASP G 665 4.29 -46.28 17.48
CA ASP G 665 4.72 -47.61 17.87
C ASP G 665 3.64 -48.36 18.66
N ASN G 666 3.21 -47.79 19.79
CA ASN G 666 2.17 -48.40 20.61
C ASN G 666 1.18 -47.31 21.01
N GLN G 667 0.33 -47.61 21.97
CA GLN G 667 -0.53 -46.58 22.53
C GLN G 667 0.12 -45.78 23.65
N ILE G 668 1.31 -46.18 24.10
CA ILE G 668 1.95 -45.49 25.21
C ILE G 668 2.86 -44.38 24.71
N TYR G 669 3.77 -44.71 23.80
CA TYR G 669 4.67 -43.71 23.24
C TYR G 669 4.11 -43.20 21.92
N THR G 670 2.98 -42.51 22.02
CA THR G 670 2.28 -42.02 20.84
C THR G 670 2.89 -40.70 20.36
N GLN G 671 2.20 -40.02 19.45
CA GLN G 671 2.70 -38.76 18.91
C GLN G 671 2.69 -37.66 19.97
N SER G 672 1.64 -37.62 20.80
CA SER G 672 1.56 -36.55 21.79
C SER G 672 2.35 -36.83 23.05
N ARG G 673 3.16 -37.89 23.06
CA ARG G 673 4.09 -38.10 24.16
C ARG G 673 5.14 -36.99 24.14
N ARG G 674 5.51 -36.52 25.32
CA ARG G 674 6.59 -35.55 25.45
C ARG G 674 7.88 -36.13 24.92
N ALA G 675 8.63 -35.34 24.18
CA ALA G 675 9.78 -35.83 23.43
C ALA G 675 10.96 -36.24 24.31
N SER G 676 10.96 -35.87 25.58
CA SER G 676 12.08 -36.22 26.43
C SER G 676 12.04 -37.67 26.91
N ALA G 677 10.93 -38.38 26.70
CA ALA G 677 10.85 -39.76 27.15
C ALA G 677 11.66 -40.69 26.27
N PHE G 678 12.03 -40.27 25.07
CA PHE G 678 12.74 -41.14 24.13
C PHE G 678 14.22 -41.05 24.43
N SER G 679 14.69 -41.88 25.35
CA SER G 679 16.09 -41.81 25.73
C SER G 679 16.73 -43.18 25.85
N THR G 680 16.11 -44.20 25.28
CA THR G 680 16.72 -45.51 25.12
C THR G 680 16.57 -45.91 23.67
N PRO G 681 17.51 -46.70 23.13
CA PRO G 681 17.36 -47.17 21.74
C PRO G 681 16.22 -48.14 21.55
N HIS G 682 15.66 -48.70 22.62
CA HIS G 682 14.46 -49.51 22.48
C HIS G 682 13.23 -48.70 22.12
N THR G 683 13.20 -47.42 22.49
CA THR G 683 12.03 -46.60 22.29
C THR G 683 12.12 -45.74 21.04
N TRP G 684 12.91 -46.14 20.07
CA TRP G 684 12.89 -45.43 18.81
C TRP G 684 11.67 -45.87 18.02
N PRO G 685 10.82 -44.95 17.57
CA PRO G 685 9.74 -45.33 16.68
C PRO G 685 10.30 -45.77 15.34
N ARG G 686 9.93 -46.97 14.91
CA ARG G 686 10.49 -47.55 13.69
C ARG G 686 9.98 -46.90 12.41
N CYS G 687 8.96 -46.03 12.51
CA CYS G 687 8.63 -45.17 11.38
C CYS G 687 9.75 -44.19 11.09
N PHE G 688 10.56 -43.86 12.09
CA PHE G 688 11.72 -43.02 11.85
C PHE G 688 12.82 -43.77 11.12
N MET G 689 13.00 -45.05 11.40
CA MET G 689 14.02 -45.79 10.66
C MET G 689 13.51 -46.17 9.27
N ASN G 690 12.46 -46.97 9.23
CA ASN G 690 11.81 -47.27 7.96
C ASN G 690 11.03 -46.04 7.53
N ILE G 691 11.70 -45.09 6.88
CA ILE G 691 11.07 -43.81 6.54
C ILE G 691 9.99 -43.92 5.49
N GLN G 692 9.90 -45.05 4.80
CA GLN G 692 8.83 -45.28 3.85
C GLN G 692 7.49 -45.51 4.53
N LEU G 693 7.48 -45.77 5.84
CA LEU G 693 6.22 -45.85 6.56
C LEU G 693 5.56 -44.50 6.72
N ILE G 694 6.30 -43.40 6.60
CA ILE G 694 5.71 -42.09 6.55
C ILE G 694 4.97 -41.94 5.23
N SER G 695 3.72 -41.47 5.28
CA SER G 695 2.92 -41.19 4.11
C SER G 695 3.58 -40.07 3.30
N PRO G 696 4.04 -40.36 2.08
CA PRO G 696 4.82 -39.36 1.35
C PRO G 696 3.99 -38.21 0.80
N ILE G 697 2.68 -38.36 0.72
CA ILE G 697 1.81 -37.29 0.23
C ILE G 697 0.90 -36.75 1.32
N ASP G 698 0.63 -37.50 2.38
CA ASP G 698 -0.15 -36.95 3.47
C ASP G 698 0.72 -36.34 4.56
N ALA G 699 1.97 -36.78 4.69
CA ALA G 699 2.92 -36.17 5.61
C ALA G 699 4.21 -35.83 4.87
N PRO G 700 4.24 -34.77 4.08
CA PRO G 700 5.47 -34.46 3.36
C PRO G 700 6.51 -33.77 4.24
N ILE G 701 6.07 -32.93 5.19
CA ILE G 701 7.05 -32.18 5.97
C ILE G 701 7.76 -33.06 6.98
N LEU G 702 7.15 -34.17 7.38
CA LEU G 702 7.78 -35.07 8.34
C LEU G 702 8.65 -36.11 7.66
N ARG G 703 8.32 -36.43 6.40
CA ARG G 703 9.14 -37.36 5.63
C ARG G 703 10.50 -36.76 5.35
N GLN G 704 10.53 -35.52 4.90
CA GLN G 704 11.80 -34.93 4.49
C GLN G 704 12.64 -34.45 5.65
N TRP G 705 12.03 -34.20 6.81
CA TRP G 705 12.83 -33.84 7.98
C TRP G 705 13.72 -35.00 8.40
N ALA G 706 13.16 -36.21 8.45
CA ALA G 706 13.95 -37.39 8.71
C ALA G 706 14.97 -37.63 7.62
N GLU G 707 14.65 -37.25 6.38
CA GLU G 707 15.62 -37.31 5.31
C GLU G 707 16.79 -36.37 5.55
N ILE G 708 16.53 -35.22 6.17
CA ILE G 708 17.62 -34.33 6.57
C ILE G 708 18.42 -34.96 7.70
N ILE G 709 17.74 -35.62 8.64
CA ILE G 709 18.42 -36.24 9.79
C ILE G 709 19.34 -37.35 9.33
N HIS G 710 18.79 -38.34 8.61
CA HIS G 710 19.52 -39.52 8.17
C HIS G 710 20.68 -39.20 7.26
N ARG G 711 20.64 -38.06 6.58
CA ARG G 711 21.72 -37.73 5.67
C ARG G 711 22.75 -36.81 6.32
N TYR G 712 22.35 -35.97 7.25
CA TYR G 712 23.19 -34.84 7.62
C TYR G 712 23.54 -34.77 9.09
N TRP G 713 23.01 -35.66 9.93
CA TRP G 713 23.40 -35.72 11.33
C TRP G 713 24.86 -36.12 11.42
N PRO G 714 25.65 -35.48 12.30
CA PRO G 714 27.11 -35.50 12.17
C PRO G 714 27.76 -36.87 12.32
N ASN G 715 28.55 -37.23 11.33
CA ASN G 715 29.27 -38.50 11.30
C ASN G 715 30.46 -38.42 12.25
N PRO G 716 30.75 -39.48 12.99
CA PRO G 716 31.94 -39.45 13.85
C PRO G 716 33.22 -39.60 13.07
N SER G 717 34.29 -39.03 13.61
CA SER G 717 35.64 -39.16 13.05
C SER G 717 36.60 -39.30 14.22
N GLN G 718 37.89 -39.12 13.96
CA GLN G 718 38.87 -39.37 15.00
C GLN G 718 40.13 -38.56 14.79
N ILE G 719 41.00 -38.60 15.80
CA ILE G 719 42.27 -37.89 15.80
C ILE G 719 43.16 -38.59 16.82
N ARG G 720 44.47 -38.51 16.61
CA ARG G 720 45.42 -39.16 17.49
C ARG G 720 45.90 -38.21 18.57
N TYR G 721 46.47 -38.78 19.63
CA TYR G 721 47.03 -38.00 20.72
C TYR G 721 48.04 -38.83 21.48
N GLY G 722 48.89 -38.14 22.24
CA GLY G 722 49.80 -38.69 23.22
C GLY G 722 50.79 -39.68 22.65
N THR G 723 51.38 -40.46 23.54
CA THR G 723 52.23 -41.56 23.12
C THR G 723 52.19 -42.67 24.16
N PRO G 724 52.34 -43.91 23.74
CA PRO G 724 52.59 -45.01 24.68
C PRO G 724 54.06 -45.31 24.92
N ASN G 725 54.96 -44.43 24.48
CA ASN G 725 56.37 -44.72 24.57
C ASN G 725 56.87 -44.59 26.01
N VAL G 726 56.63 -43.43 26.63
CA VAL G 726 57.15 -43.21 27.98
C VAL G 726 56.09 -43.58 28.99
N PHE G 727 54.95 -42.91 28.95
CA PHE G 727 53.85 -43.34 29.79
C PHE G 727 53.00 -44.34 29.00
N GLY G 728 51.88 -44.76 29.57
CA GLY G 728 51.14 -45.88 29.06
C GLY G 728 50.00 -45.49 28.14
N SER G 729 49.20 -46.49 27.76
CA SER G 729 48.00 -46.30 26.97
C SER G 729 46.81 -46.40 27.91
N ALA G 730 46.12 -45.28 28.10
CA ALA G 730 45.09 -45.23 29.14
C ALA G 730 43.78 -45.85 28.69
N ASN G 731 43.47 -45.80 27.40
CA ASN G 731 42.18 -46.31 26.98
C ASN G 731 42.17 -47.83 26.98
N LEU G 732 40.97 -48.40 26.99
CA LEU G 732 40.90 -49.84 26.81
C LEU G 732 39.81 -50.32 25.86
N PHE G 733 38.69 -49.61 25.70
CA PHE G 733 37.69 -50.09 24.74
C PHE G 733 37.98 -49.63 23.32
N THR G 734 38.96 -48.78 23.13
CA THR G 734 39.41 -48.30 21.84
C THR G 734 40.86 -48.75 21.66
N PRO G 735 41.38 -48.71 20.44
CA PRO G 735 42.82 -48.86 20.27
C PRO G 735 43.55 -47.70 20.90
N PRO G 736 44.82 -47.88 21.26
CA PRO G 736 45.56 -46.80 21.92
C PRO G 736 45.81 -45.63 20.97
N GLU G 737 46.18 -44.50 21.60
CA GLU G 737 46.67 -43.27 20.98
C GLU G 737 45.56 -42.48 20.27
N VAL G 738 44.38 -43.05 20.10
CA VAL G 738 43.38 -42.49 19.21
C VAL G 738 42.17 -42.02 20.02
N LEU G 739 41.47 -41.02 19.48
CA LEU G 739 40.45 -40.28 20.22
C LEU G 739 39.19 -40.22 19.38
N LEU G 740 38.04 -40.48 19.99
CA LEU G 740 36.78 -40.54 19.26
C LEU G 740 35.98 -39.26 19.46
N LEU G 741 35.39 -38.78 18.38
CA LEU G 741 34.75 -37.47 18.27
C LEU G 741 33.48 -37.61 17.45
N PRO G 742 32.44 -36.83 17.77
CA PRO G 742 31.16 -37.01 17.06
C PRO G 742 31.11 -36.39 15.69
N ILE G 743 32.04 -35.49 15.37
CA ILE G 743 31.97 -34.67 14.16
C ILE G 743 33.23 -34.91 13.35
N ASP G 744 33.10 -34.92 12.02
CA ASP G 744 34.23 -34.94 11.12
C ASP G 744 35.16 -33.77 11.39
N HIS G 745 36.46 -34.02 11.28
CA HIS G 745 37.50 -33.03 11.55
C HIS G 745 38.52 -33.00 10.42
N GLN G 746 38.32 -32.12 9.49
CA GLN G 746 39.40 -31.87 8.54
C GLN G 746 40.42 -30.93 9.15
N PRO G 747 41.70 -31.19 8.98
CA PRO G 747 42.72 -30.31 9.55
C PRO G 747 42.78 -28.99 8.82
N ALA G 748 43.47 -28.04 9.44
CA ALA G 748 43.61 -26.71 8.87
C ALA G 748 44.57 -26.76 7.70
N ASN G 749 44.14 -26.23 6.56
CA ASN G 749 45.07 -26.07 5.44
C ASN G 749 46.08 -24.99 5.75
N VAL G 750 45.62 -23.82 6.15
CA VAL G 750 46.45 -22.66 6.36
C VAL G 750 46.43 -22.30 7.84
N THR G 751 47.43 -21.52 8.24
CA THR G 751 47.52 -21.05 9.61
C THR G 751 46.91 -19.68 9.81
N THR G 752 46.35 -19.09 8.75
CA THR G 752 45.58 -17.85 8.86
C THR G 752 44.15 -18.19 8.46
N PRO G 753 43.29 -18.56 9.41
CA PRO G 753 41.93 -18.94 9.04
C PRO G 753 41.11 -17.71 8.68
N THR G 754 40.06 -17.97 7.90
CA THR G 754 39.12 -16.96 7.41
C THR G 754 37.87 -17.69 6.96
N LEU G 755 36.74 -16.99 7.05
CA LEU G 755 35.43 -17.63 7.00
C LEU G 755 35.09 -18.20 5.64
N ASP G 756 34.70 -19.48 5.63
CA ASP G 756 33.93 -20.02 4.52
C ASP G 756 32.84 -20.93 5.10
N PHE G 757 31.96 -21.40 4.22
CA PHE G 757 30.74 -22.09 4.65
C PHE G 757 30.74 -23.57 4.28
N THR G 758 31.90 -24.13 3.97
CA THR G 758 31.91 -25.46 3.38
C THR G 758 32.00 -26.59 4.40
N ASN G 759 31.15 -26.58 5.42
CA ASN G 759 31.23 -27.62 6.43
C ASN G 759 29.86 -28.11 6.86
N GLU G 760 29.92 -29.09 7.75
CA GLU G 760 28.74 -29.87 8.07
C GLU G 760 27.76 -29.10 8.94
N LEU G 761 28.26 -28.23 9.79
CA LEU G 761 27.37 -27.49 10.68
C LEU G 761 26.62 -26.41 9.92
N THR G 762 27.29 -25.77 8.97
CA THR G 762 26.60 -24.80 8.11
C THR G 762 25.60 -25.50 7.22
N ASN G 763 25.94 -26.68 6.70
CA ASN G 763 24.99 -27.44 5.89
C ASN G 763 23.78 -27.87 6.72
N TRP G 764 24.02 -28.23 7.98
CA TRP G 764 22.93 -28.61 8.88
C TRP G 764 22.01 -27.44 9.14
N ARG G 765 22.60 -26.30 9.46
CA ARG G 765 21.83 -25.08 9.72
C ARG G 765 21.05 -24.65 8.49
N ALA G 766 21.65 -24.81 7.31
CA ALA G 766 21.00 -24.43 6.07
C ALA G 766 19.83 -25.34 5.75
N ARG G 767 19.97 -26.65 5.99
CA ARG G 767 18.85 -27.54 5.68
C ARG G 767 17.71 -27.37 6.69
N VAL G 768 18.04 -27.10 7.96
CA VAL G 768 16.99 -26.81 8.95
C VAL G 768 16.24 -25.55 8.58
N CYS G 769 16.96 -24.50 8.20
CA CYS G 769 16.34 -23.27 7.75
C CYS G 769 15.54 -23.47 6.48
N GLU G 770 16.00 -24.37 5.59
CA GLU G 770 15.28 -24.63 4.35
C GLU G 770 13.96 -25.33 4.63
N LEU G 771 13.94 -26.22 5.62
CA LEU G 771 12.68 -26.89 5.95
C LEU G 771 11.72 -25.92 6.60
N MET G 772 12.21 -25.03 7.47
CA MET G 772 11.28 -24.06 8.04
C MET G 772 10.81 -23.06 7.00
N LYS G 773 11.63 -22.82 5.97
CA LYS G 773 11.16 -22.02 4.84
C LYS G 773 10.05 -22.72 4.09
N ASN G 774 10.18 -24.04 3.87
CA ASN G 774 9.09 -24.79 3.27
C ASN G 774 7.85 -24.80 4.16
N LEU G 775 8.07 -24.85 5.48
CA LEU G 775 6.99 -24.95 6.44
C LEU G 775 6.17 -23.66 6.49
N VAL G 776 6.83 -22.52 6.36
CA VAL G 776 6.06 -21.28 6.24
C VAL G 776 5.54 -21.10 4.81
N ASP G 777 6.18 -21.72 3.82
CA ASP G 777 5.72 -21.54 2.44
C ASP G 777 4.49 -22.38 2.09
N ASN G 778 4.18 -23.43 2.85
CA ASN G 778 3.07 -24.28 2.45
C ASN G 778 1.73 -23.59 2.66
N GLN G 779 0.85 -23.74 1.67
CA GLN G 779 -0.43 -23.05 1.64
C GLN G 779 -1.47 -23.67 2.56
N ARG G 780 -1.20 -24.83 3.13
CA ARG G 780 -2.18 -25.45 4.02
C ARG G 780 -1.99 -25.03 5.46
N TYR G 781 -0.73 -24.88 5.91
CA TYR G 781 -0.44 -24.57 7.30
C TYR G 781 -0.85 -23.15 7.65
N GLN G 782 -0.20 -22.16 7.04
CA GLN G 782 -0.65 -20.79 7.16
C GLN G 782 -0.61 -20.10 5.80
N PRO G 783 -1.76 -19.77 5.23
CA PRO G 783 -1.90 -18.49 4.53
C PRO G 783 -2.39 -17.41 5.48
N GLY G 784 -2.74 -17.81 6.71
CA GLY G 784 -3.46 -16.97 7.65
C GLY G 784 -2.66 -15.77 8.13
N TRP G 785 -1.34 -15.83 8.06
CA TRP G 785 -0.55 -14.66 8.37
C TRP G 785 -0.55 -13.71 7.18
N THR G 786 -0.58 -12.42 7.46
CA THR G 786 -0.60 -11.48 6.35
C THR G 786 0.80 -11.25 5.82
N GLN G 787 0.85 -10.68 4.62
CA GLN G 787 2.02 -10.77 3.75
C GLN G 787 3.22 -10.03 4.32
N SER G 788 3.00 -9.00 5.12
CA SER G 788 4.10 -8.31 5.76
C SER G 788 4.80 -9.20 6.77
N LEU G 789 4.04 -9.81 7.67
CA LEU G 789 4.60 -10.75 8.63
C LEU G 789 5.21 -11.97 7.94
N VAL G 790 4.57 -12.44 6.87
CA VAL G 790 5.09 -13.58 6.12
C VAL G 790 6.44 -13.26 5.51
N SER G 791 6.54 -12.14 4.80
CA SER G 791 7.80 -11.78 4.16
C SER G 791 8.86 -11.41 5.20
N SER G 792 8.44 -10.94 6.37
CA SER G 792 9.38 -10.72 7.45
C SER G 792 9.96 -12.03 7.95
N MET G 793 9.14 -13.07 8.00
CA MET G 793 9.63 -14.40 8.33
C MET G 793 10.64 -14.89 7.30
N ARG G 794 10.32 -14.70 6.03
CA ARG G 794 11.24 -15.10 4.96
C ARG G 794 12.57 -14.37 5.06
N GLY G 795 12.53 -13.07 5.37
CA GLY G 795 13.76 -12.31 5.51
C GLY G 795 14.57 -12.71 6.72
N THR G 796 13.88 -13.00 7.84
CA THR G 796 14.55 -13.46 9.06
C THR G 796 15.26 -14.78 8.81
N LEU G 797 14.59 -15.70 8.12
CA LEU G 797 15.22 -16.98 7.84
C LEU G 797 16.33 -16.84 6.81
N GLY G 798 16.22 -15.88 5.89
CA GLY G 798 17.31 -15.65 4.95
C GLY G 798 18.55 -15.15 5.64
N LYS G 799 18.39 -14.23 6.58
CA LYS G 799 19.54 -13.78 7.34
C LYS G 799 20.06 -14.86 8.28
N LEU G 800 19.16 -15.71 8.76
CA LEU G 800 19.55 -16.78 9.66
C LEU G 800 20.36 -17.84 8.94
N LYS G 801 20.00 -18.14 7.70
CA LYS G 801 20.83 -19.05 6.92
C LYS G 801 22.05 -18.35 6.34
N LEU G 802 22.08 -17.02 6.38
CA LEU G 802 23.28 -16.31 5.96
C LEU G 802 24.31 -16.14 7.07
N ILE G 803 23.89 -16.22 8.35
CA ILE G 803 24.62 -15.65 9.48
C ILE G 803 26.05 -16.16 9.59
N LYS G 804 26.95 -15.28 9.96
CA LYS G 804 28.37 -15.58 10.03
C LYS G 804 28.77 -15.94 11.45
N SER G 805 29.65 -16.92 11.57
CA SER G 805 30.17 -17.40 12.83
C SER G 805 31.39 -18.25 12.55
N MET G 806 32.43 -18.06 13.33
CA MET G 806 33.61 -18.90 13.18
C MET G 806 33.54 -20.14 14.05
N THR G 807 32.45 -20.32 14.79
CA THR G 807 32.29 -21.47 15.67
C THR G 807 32.19 -22.81 14.92
N PRO G 808 31.48 -22.95 13.78
CA PRO G 808 31.62 -24.20 13.03
C PRO G 808 33.00 -24.40 12.46
N MET G 809 33.73 -23.34 12.14
CA MET G 809 35.10 -23.53 11.68
C MET G 809 35.98 -23.98 12.83
N TYR G 810 35.70 -23.50 14.04
CA TYR G 810 36.39 -23.98 15.23
C TYR G 810 36.16 -25.46 15.44
N LEU G 811 34.89 -25.86 15.48
CA LEU G 811 34.56 -27.26 15.70
C LEU G 811 34.99 -28.17 14.56
N GLN G 812 35.22 -27.63 13.36
CA GLN G 812 35.67 -28.49 12.27
C GLN G 812 37.19 -28.57 12.18
N GLN G 813 37.86 -27.42 12.14
CA GLN G 813 39.29 -27.36 11.87
C GLN G 813 40.16 -27.26 13.10
N LEU G 814 39.67 -26.75 14.23
CA LEU G 814 40.55 -26.51 15.35
C LEU G 814 40.28 -27.43 16.52
N ALA G 815 39.07 -27.39 17.09
CA ALA G 815 38.78 -27.89 18.45
C ALA G 815 39.28 -29.30 18.79
N PRO G 816 39.31 -30.28 17.90
CA PRO G 816 40.03 -31.51 18.22
C PRO G 816 41.52 -31.34 18.42
N VAL G 817 42.15 -30.29 17.90
CA VAL G 817 43.58 -30.13 18.15
C VAL G 817 43.82 -29.70 19.58
N GLU G 818 42.97 -28.79 20.09
CA GLU G 818 42.98 -28.46 21.52
C GLU G 818 42.71 -29.69 22.37
N LEU G 819 41.76 -30.53 21.93
CA LEU G 819 41.48 -31.73 22.71
C LEU G 819 42.64 -32.71 22.73
N ALA G 820 43.31 -32.86 21.58
CA ALA G 820 44.44 -33.79 21.50
C ALA G 820 45.65 -33.24 22.24
N VAL G 821 45.76 -31.93 22.36
CA VAL G 821 46.85 -31.40 23.17
C VAL G 821 46.57 -31.61 24.65
N ILE G 822 45.34 -31.37 25.08
CA ILE G 822 45.09 -31.39 26.52
C ILE G 822 44.96 -32.82 27.05
N ALA G 823 44.53 -33.76 26.22
CA ALA G 823 44.29 -35.13 26.67
C ALA G 823 45.48 -35.89 27.30
N PRO G 824 46.76 -35.65 26.94
CA PRO G 824 47.82 -36.27 27.76
C PRO G 824 47.93 -35.69 29.17
N MET G 825 47.87 -34.38 29.33
CA MET G 825 48.06 -33.79 30.65
C MET G 825 46.72 -33.72 31.40
N LEU G 826 46.23 -34.89 31.77
CA LEU G 826 45.03 -34.94 32.57
C LEU G 826 45.25 -35.78 33.82
N PRO G 827 44.74 -35.34 34.96
CA PRO G 827 44.69 -36.24 36.12
C PRO G 827 43.68 -37.35 35.94
N PHE G 828 42.70 -37.15 35.07
CA PHE G 828 41.71 -38.17 34.77
C PHE G 828 41.76 -38.46 33.28
N PRO G 829 42.47 -39.50 32.87
CA PRO G 829 42.69 -39.75 31.45
C PRO G 829 41.44 -40.28 30.78
N PRO G 830 41.32 -40.16 29.46
CA PRO G 830 40.01 -40.36 28.81
C PRO G 830 39.51 -41.79 28.83
N PHE G 831 38.20 -41.92 28.60
CA PHE G 831 37.51 -43.20 28.76
C PHE G 831 36.27 -43.14 27.87
N GLN G 832 36.32 -43.80 26.72
CA GLN G 832 35.35 -43.56 25.68
C GLN G 832 34.74 -44.84 25.16
N VAL G 833 33.61 -44.68 24.49
CA VAL G 833 32.91 -45.77 23.81
C VAL G 833 32.83 -45.40 22.35
N PRO G 834 32.66 -46.38 21.45
CA PRO G 834 32.53 -46.05 20.02
C PRO G 834 31.24 -45.29 19.73
N TYR G 835 31.40 -44.12 19.14
CA TYR G 835 30.25 -43.30 18.75
C TYR G 835 29.59 -43.91 17.54
N VAL G 836 28.27 -44.02 17.58
CA VAL G 836 27.50 -44.47 16.43
C VAL G 836 26.29 -43.57 16.28
N ARG G 837 25.97 -43.22 15.04
CA ARG G 837 24.72 -42.55 14.74
C ARG G 837 23.85 -43.48 13.90
N LEU G 838 22.55 -43.41 14.16
CA LEU G 838 21.51 -43.95 13.28
C LEU G 838 21.62 -45.46 13.13
N ASP G 839 21.49 -46.15 14.26
CA ASP G 839 21.59 -47.60 14.28
C ASP G 839 20.88 -48.13 15.51
N ARG G 840 19.97 -49.09 15.30
CA ARG G 840 19.43 -49.84 16.42
C ARG G 840 20.49 -50.69 17.08
N ASP G 841 21.43 -51.21 16.29
CA ASP G 841 22.27 -52.29 16.77
C ASP G 841 23.43 -51.77 17.61
N ARG G 842 24.29 -50.96 17.01
CA ARG G 842 25.58 -50.68 17.63
C ARG G 842 25.54 -49.65 18.75
N VAL G 843 24.36 -49.18 19.15
CA VAL G 843 24.29 -48.27 20.30
C VAL G 843 24.54 -49.05 21.58
N PRO G 844 25.48 -48.63 22.43
CA PRO G 844 25.69 -49.32 23.70
C PRO G 844 24.57 -48.99 24.66
N THR G 845 24.30 -49.94 25.56
CA THR G 845 23.24 -49.78 26.53
C THR G 845 23.75 -49.66 27.95
N MET G 846 24.96 -50.10 28.24
CA MET G 846 25.48 -50.09 29.60
C MET G 846 26.99 -50.17 29.54
N VAL G 847 27.62 -49.92 30.68
CA VAL G 847 29.03 -50.22 30.91
C VAL G 847 29.21 -50.46 32.39
N GLY G 848 29.99 -51.49 32.73
CA GLY G 848 30.03 -51.93 34.11
C GLY G 848 31.36 -52.58 34.47
N VAL G 849 31.68 -52.52 35.77
CA VAL G 849 32.92 -53.06 36.30
C VAL G 849 32.59 -54.13 37.33
N THR G 850 33.48 -55.11 37.43
CA THR G 850 33.34 -56.16 38.44
C THR G 850 34.36 -55.96 39.54
N ARG G 851 34.15 -56.65 40.65
CA ARG G 851 35.09 -56.58 41.76
C ARG G 851 35.46 -57.96 42.26
N GLN G 852 34.54 -58.92 42.17
CA GLN G 852 34.85 -60.24 42.67
C GLN G 852 34.12 -61.31 41.87
N SER G 853 34.55 -62.55 42.05
CA SER G 853 33.96 -63.68 41.36
C SER G 853 32.68 -64.12 42.04
N ARG G 854 31.77 -64.67 41.24
CA ARG G 854 30.40 -64.87 41.67
C ARG G 854 30.22 -66.17 42.45
N ASP G 855 30.91 -67.22 42.04
CA ASP G 855 30.60 -68.56 42.51
C ASP G 855 31.90 -69.34 42.57
N THR G 856 31.80 -70.67 42.67
CA THR G 856 32.95 -71.57 42.55
C THR G 856 33.68 -71.41 41.22
N ILE G 857 32.99 -70.91 40.19
CA ILE G 857 33.64 -70.56 38.94
C ILE G 857 34.70 -69.50 39.17
N THR G 858 35.78 -69.62 38.43
CA THR G 858 37.02 -68.92 38.72
C THR G 858 37.42 -67.96 37.62
N GLN G 859 37.29 -68.37 36.37
CA GLN G 859 37.77 -67.55 35.26
C GLN G 859 36.85 -66.34 35.06
N PRO G 860 37.40 -65.13 35.04
CA PRO G 860 36.56 -63.93 34.93
C PRO G 860 35.87 -63.80 33.59
N ALA G 861 36.39 -64.44 32.55
CA ALA G 861 35.67 -64.50 31.29
C ALA G 861 34.39 -65.30 31.41
N LEU G 862 34.36 -66.27 32.30
CA LEU G 862 33.14 -67.01 32.57
C LEU G 862 32.27 -66.35 33.63
N SER G 863 32.86 -65.55 34.52
CA SER G 863 32.13 -64.99 35.63
C SER G 863 31.76 -63.52 35.43
N LEU G 864 32.07 -62.94 34.28
CA LEU G 864 32.03 -61.48 34.18
C LEU G 864 30.62 -60.94 33.97
N SER G 865 29.93 -61.43 32.93
CA SER G 865 28.77 -60.71 32.39
C SER G 865 27.60 -60.70 33.35
N THR G 866 27.53 -61.70 34.23
CA THR G 866 26.50 -61.81 35.24
C THR G 866 26.77 -61.01 36.49
N THR G 867 27.96 -60.45 36.66
CA THR G 867 28.36 -59.88 37.94
C THR G 867 29.16 -58.62 37.65
N ASN G 868 28.50 -57.47 37.66
CA ASN G 868 29.22 -56.23 37.49
C ASN G 868 28.51 -55.10 38.23
N THR G 869 29.10 -53.92 38.14
CA THR G 869 28.57 -52.71 38.75
C THR G 869 28.42 -51.68 37.64
N THR G 870 27.18 -51.41 37.24
CA THR G 870 26.94 -50.55 36.09
C THR G 870 27.29 -49.11 36.41
N VAL G 871 28.18 -48.54 35.63
CA VAL G 871 28.73 -47.21 35.88
C VAL G 871 28.15 -46.27 34.84
N GLY G 872 27.68 -45.11 35.29
CA GLY G 872 27.29 -44.09 34.35
C GLY G 872 26.25 -43.13 34.88
N VAL G 873 26.40 -41.85 34.56
CA VAL G 873 25.41 -40.85 34.96
C VAL G 873 24.96 -40.07 33.74
N PRO G 874 23.75 -39.56 33.73
CA PRO G 874 23.39 -38.54 32.75
C PRO G 874 23.78 -37.17 33.26
N LEU G 875 23.61 -36.13 32.45
CA LEU G 875 23.94 -34.78 32.89
C LEU G 875 23.13 -33.79 32.07
N ALA G 876 22.28 -33.03 32.73
CA ALA G 876 21.42 -32.07 32.05
C ALA G 876 22.21 -30.85 31.61
N LEU G 877 21.74 -30.20 30.55
CA LEU G 877 22.34 -28.97 30.06
C LEU G 877 21.25 -28.03 29.57
N ASP G 878 21.69 -26.84 29.16
CA ASP G 878 20.85 -25.84 28.53
C ASP G 878 21.12 -25.83 27.04
N ALA G 879 20.06 -25.74 26.25
CA ALA G 879 20.21 -25.77 24.81
C ALA G 879 20.51 -24.40 24.22
N ARG G 880 19.93 -23.35 24.78
CA ARG G 880 20.08 -22.04 24.16
C ARG G 880 21.47 -21.45 24.39
N ALA G 881 22.15 -21.85 25.47
CA ALA G 881 23.54 -21.47 25.64
C ALA G 881 24.40 -22.08 24.54
N ILE G 882 24.19 -23.37 24.27
CA ILE G 882 24.84 -24.07 23.16
C ILE G 882 24.52 -23.39 21.84
N THR G 883 23.27 -22.95 21.69
CA THR G 883 22.80 -22.36 20.44
C THR G 883 23.48 -21.03 20.17
N VAL G 884 23.52 -20.15 21.17
CA VAL G 884 24.13 -18.84 20.95
C VAL G 884 25.65 -18.98 20.84
N ALA G 885 26.23 -19.94 21.55
CA ALA G 885 27.65 -20.20 21.41
C ALA G 885 27.98 -20.73 20.03
N LEU G 886 27.04 -21.45 19.40
CA LEU G 886 27.25 -21.84 18.02
C LEU G 886 27.09 -20.64 17.09
N LEU G 887 26.08 -19.82 17.33
CA LEU G 887 25.69 -18.81 16.35
C LEU G 887 26.60 -17.60 16.35
N SER G 888 27.23 -17.26 17.46
CA SER G 888 27.96 -15.99 17.53
C SER G 888 29.36 -16.23 18.06
N GLY G 889 30.28 -16.57 17.17
CA GLY G 889 31.65 -16.76 17.59
C GLY G 889 32.63 -16.19 16.60
N LYS G 890 33.51 -15.30 17.04
CA LYS G 890 34.47 -14.68 16.14
C LYS G 890 35.87 -14.92 16.63
N TYR G 891 36.82 -14.52 15.80
CA TYR G 891 38.24 -14.62 16.04
C TYR G 891 38.82 -13.24 16.32
N PRO G 892 40.05 -13.15 16.80
CA PRO G 892 40.77 -11.89 16.74
C PRO G 892 40.99 -11.47 15.30
N PRO G 893 41.13 -10.15 15.03
CA PRO G 893 41.09 -9.68 13.64
C PRO G 893 42.27 -10.13 12.80
N ASP G 894 43.45 -10.25 13.39
CA ASP G 894 44.55 -10.96 12.77
C ASP G 894 45.00 -12.03 13.75
N LEU G 895 45.32 -13.21 13.24
CA LEU G 895 45.78 -14.29 14.10
C LEU G 895 46.53 -15.31 13.27
N VAL G 896 47.54 -15.92 13.88
CA VAL G 896 48.23 -17.07 13.30
C VAL G 896 48.29 -18.17 14.33
N THR G 897 48.08 -19.40 13.87
CA THR G 897 47.81 -20.50 14.79
C THR G 897 49.07 -20.95 15.51
N ASN G 898 50.21 -20.93 14.83
CA ASN G 898 51.43 -21.43 15.46
C ASN G 898 51.85 -20.55 16.63
N VAL G 899 51.80 -19.23 16.44
CA VAL G 899 52.09 -18.29 17.52
C VAL G 899 51.04 -18.40 18.61
N TRP G 900 49.76 -18.48 18.22
CA TRP G 900 48.68 -18.48 19.20
C TRP G 900 48.75 -19.70 20.10
N TYR G 901 48.82 -20.89 19.52
CA TYR G 901 48.88 -22.08 20.33
C TYR G 901 50.22 -22.25 21.01
N ALA G 902 51.29 -21.66 20.47
CA ALA G 902 52.58 -21.70 21.16
C ALA G 902 52.48 -20.98 22.50
N ASP G 903 51.96 -19.76 22.49
CA ASP G 903 51.82 -19.05 23.75
C ASP G 903 50.72 -19.64 24.61
N ALA G 904 49.69 -20.21 23.99
CA ALA G 904 48.57 -20.74 24.76
C ALA G 904 48.90 -22.07 25.42
N ILE G 905 49.89 -22.80 24.93
CA ILE G 905 50.15 -24.13 25.43
C ILE G 905 51.46 -24.23 26.23
N TYR G 906 52.44 -23.37 25.94
CA TYR G 906 53.72 -23.40 26.66
C TYR G 906 53.68 -23.30 28.20
N PRO G 907 52.84 -22.48 28.86
CA PRO G 907 52.97 -22.37 30.32
C PRO G 907 52.46 -23.58 31.09
N MET G 908 51.65 -24.45 30.49
CA MET G 908 51.24 -25.62 31.26
C MET G 908 52.26 -26.74 31.23
N TYR G 909 53.42 -26.52 30.63
CA TYR G 909 54.43 -27.55 30.56
C TYR G 909 55.48 -27.41 31.64
N ALA G 910 55.13 -26.82 32.77
CA ALA G 910 55.98 -26.83 33.95
C ALA G 910 55.57 -27.88 34.97
N ASP G 911 54.55 -28.67 34.68
CA ASP G 911 54.04 -29.58 35.68
C ASP G 911 54.88 -30.86 35.76
N THR G 912 54.70 -31.58 36.86
CA THR G 912 55.19 -32.94 37.02
C THR G 912 54.05 -33.88 37.40
N GLU G 913 52.81 -33.47 37.10
CA GLU G 913 51.64 -34.09 37.69
C GLU G 913 51.35 -35.45 37.08
N VAL G 914 51.57 -35.59 35.78
CA VAL G 914 51.37 -36.89 35.15
C VAL G 914 52.42 -37.88 35.62
N PHE G 915 53.65 -37.41 35.84
CA PHE G 915 54.69 -38.30 36.35
C PHE G 915 54.46 -38.65 37.81
N SER G 916 53.75 -37.80 38.55
CA SER G 916 53.29 -38.22 39.87
C SER G 916 52.20 -39.27 39.78
N ASN G 917 51.28 -39.09 38.82
CA ASN G 917 50.17 -40.04 38.64
C ASN G 917 50.68 -41.42 38.28
N LEU G 918 51.75 -41.49 37.51
CA LEU G 918 52.34 -42.78 37.14
C LEU G 918 52.77 -43.56 38.36
N GLN G 919 53.50 -42.91 39.26
CA GLN G 919 53.95 -43.55 40.49
C GLN G 919 52.78 -43.92 41.39
N ARG G 920 51.74 -43.08 41.40
CA ARG G 920 50.53 -43.40 42.15
C ARG G 920 49.87 -44.67 41.64
N ASP G 921 49.84 -44.84 40.32
CA ASP G 921 49.25 -46.04 39.76
C ASP G 921 50.10 -47.28 40.01
N VAL G 922 51.42 -47.10 40.04
CA VAL G 922 52.33 -48.18 40.41
C VAL G 922 52.00 -48.70 41.80
N ILE G 923 51.84 -47.78 42.74
CA ILE G 923 51.60 -48.23 44.12
C ILE G 923 50.21 -48.81 44.25
N THR G 924 49.25 -48.33 43.44
CA THR G 924 47.91 -48.91 43.43
C THR G 924 47.92 -50.37 42.99
N CYS G 925 48.53 -50.66 41.85
CA CYS G 925 48.51 -52.02 41.34
C CYS G 925 49.39 -52.95 42.17
N GLU G 926 50.49 -52.43 42.70
CA GLU G 926 51.33 -53.23 43.57
C GLU G 926 50.58 -53.61 44.85
N ALA G 927 49.82 -52.67 45.41
CA ALA G 927 49.09 -52.94 46.63
C ALA G 927 47.93 -53.90 46.40
N VAL G 928 47.30 -53.86 45.22
CA VAL G 928 46.20 -54.81 45.03
C VAL G 928 46.74 -56.23 44.81
N GLN G 929 47.88 -56.39 44.13
CA GLN G 929 48.44 -57.74 44.03
C GLN G 929 49.00 -58.22 45.37
N THR G 930 49.51 -57.30 46.18
CA THR G 930 49.95 -57.65 47.53
C THR G 930 48.77 -58.09 48.39
N LEU G 931 47.62 -57.43 48.22
CA LEU G 931 46.42 -57.82 48.95
C LEU G 931 45.99 -59.22 48.58
N VAL G 932 45.96 -59.54 47.27
CA VAL G 932 45.43 -60.85 46.91
C VAL G 932 46.40 -61.95 47.30
N THR G 933 47.70 -61.68 47.29
CA THR G 933 48.65 -62.69 47.75
C THR G 933 48.54 -62.90 49.25
N LEU G 934 48.46 -61.83 50.02
CA LEU G 934 48.45 -61.97 51.47
C LEU G 934 47.12 -62.52 51.98
N VAL G 935 46.02 -62.29 51.27
CA VAL G 935 44.76 -62.92 51.66
C VAL G 935 44.77 -64.38 51.24
N ALA G 936 45.43 -64.69 50.11
CA ALA G 936 45.58 -66.08 49.69
C ALA G 936 46.41 -66.88 50.67
N GLN G 937 47.29 -66.22 51.42
CA GLN G 937 48.05 -66.92 52.44
C GLN G 937 47.19 -67.46 53.58
N ILE G 938 46.01 -66.90 53.83
CA ILE G 938 45.23 -67.33 54.99
C ILE G 938 43.92 -67.98 54.60
N SER G 939 43.38 -67.65 53.44
CA SER G 939 42.06 -68.14 53.06
C SER G 939 42.14 -68.87 51.74
N GLU G 940 41.20 -69.78 51.54
CA GLU G 940 41.19 -70.59 50.32
C GLU G 940 40.68 -69.75 49.17
N THR G 941 41.59 -69.26 48.35
CA THR G 941 41.27 -68.38 47.24
C THR G 941 41.51 -69.10 45.92
N GLN G 942 41.41 -68.34 44.83
CA GLN G 942 41.49 -68.86 43.49
C GLN G 942 42.84 -68.65 42.81
N TYR G 943 43.75 -68.02 43.47
CA TYR G 943 44.97 -67.73 42.74
C TYR G 943 46.05 -68.76 43.06
N PRO G 944 46.96 -69.03 42.14
CA PRO G 944 48.04 -69.98 42.42
C PRO G 944 49.13 -69.36 43.29
N VAL G 945 49.15 -69.75 44.56
CA VAL G 945 50.17 -69.34 45.50
C VAL G 945 50.75 -70.59 46.15
N ASP G 946 51.66 -70.39 47.08
CA ASP G 946 52.23 -71.50 47.85
C ASP G 946 52.16 -71.16 49.34
N ARG G 947 51.17 -71.75 50.01
CA ARG G 947 50.97 -71.52 51.43
C ARG G 947 52.08 -72.19 52.23
N TYR G 948 52.85 -71.38 52.95
CA TYR G 948 54.05 -71.81 53.67
C TYR G 948 53.81 -72.05 55.15
N LEU G 949 53.11 -71.14 55.83
CA LEU G 949 53.16 -71.03 57.28
C LEU G 949 52.08 -71.81 57.97
N ASP G 950 51.71 -72.97 57.43
CA ASP G 950 50.54 -73.65 57.95
C ASP G 950 50.86 -74.64 59.04
N TRP G 951 52.14 -74.91 59.29
CA TRP G 951 52.51 -75.56 60.55
C TRP G 951 52.14 -74.69 61.74
N ILE G 952 52.13 -73.37 61.57
CA ILE G 952 51.48 -72.46 62.50
C ILE G 952 49.97 -72.68 62.42
N PRO G 953 49.31 -73.01 63.52
CA PRO G 953 47.85 -73.14 63.48
C PRO G 953 47.21 -71.78 63.39
N SER G 954 46.00 -71.74 62.85
CA SER G 954 45.35 -70.48 62.58
C SER G 954 43.84 -70.62 62.65
N LEU G 955 43.18 -69.47 62.58
CA LEU G 955 41.74 -69.41 62.63
C LEU G 955 41.14 -69.96 61.34
N ARG G 956 40.10 -70.78 61.49
CA ARG G 956 39.22 -71.09 60.37
C ARG G 956 38.50 -69.81 60.01
N ALA G 957 38.95 -69.16 58.95
CA ALA G 957 38.65 -67.75 58.70
C ALA G 957 37.22 -67.58 58.18
N SER G 958 36.90 -66.34 57.82
CA SER G 958 35.59 -66.01 57.28
C SER G 958 35.72 -64.77 56.42
N ALA G 959 34.59 -64.31 55.90
CA ALA G 959 34.59 -63.09 55.09
C ALA G 959 34.94 -61.87 55.92
N ALA G 960 34.42 -61.80 57.14
CA ALA G 960 34.73 -60.66 58.01
C ALA G 960 36.19 -60.66 58.45
N THR G 961 36.72 -61.84 58.78
CA THR G 961 38.11 -61.92 59.23
C THR G 961 39.07 -61.62 58.08
N ALA G 962 38.79 -62.12 56.89
CA ALA G 962 39.68 -61.86 55.77
C ALA G 962 39.59 -60.40 55.34
N ALA G 963 38.40 -59.80 55.46
CA ALA G 963 38.24 -58.37 55.19
C ALA G 963 39.00 -57.51 56.18
N THR G 964 38.96 -57.90 57.46
CA THR G 964 39.70 -57.24 58.52
C THR G 964 41.19 -57.25 58.24
N PHE G 965 41.71 -58.43 57.90
CA PHE G 965 43.13 -58.58 57.57
C PHE G 965 43.50 -57.73 56.37
N ALA G 966 42.58 -57.62 55.42
CA ALA G 966 42.78 -56.74 54.27
C ALA G 966 42.93 -55.29 54.70
N GLU G 967 42.11 -54.83 55.65
CA GLU G 967 42.29 -53.43 55.96
C GLU G 967 43.45 -53.17 56.92
N TRP G 968 43.93 -54.19 57.66
CA TRP G 968 45.21 -54.03 58.33
C TRP G 968 46.34 -53.86 57.32
N VAL G 969 46.29 -54.63 56.23
CA VAL G 969 47.24 -54.44 55.13
C VAL G 969 47.10 -53.06 54.52
N ASN G 970 45.87 -52.56 54.43
CA ASN G 970 45.64 -51.23 53.85
C ASN G 970 46.23 -50.13 54.71
N THR G 971 46.04 -50.24 56.03
CA THR G 971 46.61 -49.24 56.94
C THR G 971 48.14 -49.29 56.92
N SER G 972 48.71 -50.49 56.76
CA SER G 972 50.17 -50.59 56.64
C SER G 972 50.67 -49.93 55.36
N MET G 973 50.00 -50.21 54.24
CA MET G 973 50.46 -49.67 52.96
C MET G 973 50.25 -48.16 52.89
N LYS G 974 49.25 -47.64 53.56
CA LYS G 974 49.05 -46.19 53.56
C LYS G 974 49.97 -45.50 54.55
N THR G 975 50.33 -46.16 55.66
CA THR G 975 51.30 -45.60 56.57
C THR G 975 52.66 -45.51 55.90
N ALA G 976 53.03 -46.55 55.15
CA ALA G 976 54.17 -46.43 54.26
C ALA G 976 53.85 -45.44 53.15
N PHE G 977 54.91 -44.81 52.63
CA PHE G 977 54.93 -43.96 51.45
C PHE G 977 54.19 -42.64 51.61
N ASP G 978 53.60 -42.36 52.78
CA ASP G 978 52.94 -41.10 53.13
C ASP G 978 51.77 -40.81 52.17
N LEU G 979 50.76 -41.65 52.26
CA LEU G 979 49.51 -41.44 51.53
C LEU G 979 48.37 -41.32 52.52
N SER G 980 47.71 -40.17 52.54
CA SER G 980 46.55 -39.97 53.39
C SER G 980 45.23 -40.09 52.64
N ASP G 981 45.25 -40.03 51.32
CA ASP G 981 44.01 -40.12 50.56
C ASP G 981 43.57 -41.57 50.41
N MET G 982 42.35 -41.74 49.90
CA MET G 982 41.70 -43.05 49.91
C MET G 982 42.26 -43.95 48.82
N LEU G 983 42.45 -45.22 49.16
CA LEU G 983 43.17 -46.20 48.34
C LEU G 983 42.91 -47.59 48.90
N LEU G 984 42.50 -48.50 48.00
CA LEU G 984 42.04 -49.89 48.19
C LEU G 984 40.65 -50.02 48.81
N GLU G 985 40.05 -48.92 49.23
CA GLU G 985 38.68 -49.00 49.77
C GLU G 985 37.62 -49.44 48.76
N PRO G 986 37.66 -49.10 47.43
CA PRO G 986 36.67 -49.69 46.52
C PRO G 986 36.74 -51.20 46.36
N LEU G 987 37.83 -51.82 46.77
CA LEU G 987 37.87 -53.28 46.89
C LEU G 987 37.58 -53.75 48.30
N LEU G 988 37.84 -52.93 49.31
CA LEU G 988 37.45 -53.28 50.67
C LEU G 988 35.94 -53.30 50.84
N SER G 989 35.21 -52.59 49.99
CA SER G 989 33.75 -52.57 50.08
C SER G 989 33.16 -53.94 49.80
N GLY G 990 33.72 -54.68 48.86
CA GLY G 990 33.22 -55.98 48.51
C GLY G 990 33.85 -57.08 49.33
N ASP G 991 33.93 -58.26 48.72
CA ASP G 991 34.60 -59.39 49.33
C ASP G 991 36.05 -59.41 48.90
N PRO G 992 37.02 -59.36 49.82
CA PRO G 992 38.43 -59.43 49.42
C PRO G 992 38.88 -60.81 49.03
N ARG G 993 38.09 -61.84 49.31
CA ARG G 993 38.58 -63.21 49.17
C ARG G 993 38.68 -63.67 47.73
N MET G 994 37.72 -63.30 46.89
CA MET G 994 37.62 -63.87 45.55
C MET G 994 37.58 -62.77 44.50
N THR G 995 38.53 -61.84 44.58
CA THR G 995 38.47 -60.65 43.77
C THR G 995 38.85 -60.94 42.31
N GLN G 996 38.40 -60.04 41.44
CA GLN G 996 38.72 -60.06 40.03
C GLN G 996 38.49 -58.65 39.50
N LEU G 997 39.17 -58.31 38.40
CA LEU G 997 39.12 -56.95 37.87
C LEU G 997 38.89 -57.01 36.37
N ALA G 998 37.72 -56.54 35.92
CA ALA G 998 37.38 -56.55 34.51
C ALA G 998 36.25 -55.55 34.28
N ILE G 999 35.87 -55.41 33.01
CA ILE G 999 34.96 -54.35 32.57
C ILE G 999 34.37 -54.78 31.23
N GLN G 1000 33.18 -54.26 30.91
CA GLN G 1000 32.53 -54.56 29.65
C GLN G 1000 31.51 -53.49 29.32
N TYR G 1001 31.19 -53.37 28.04
CA TYR G 1001 29.99 -52.67 27.61
C TYR G 1001 29.19 -53.59 26.70
N GLN G 1002 27.89 -53.37 26.65
CA GLN G 1002 26.99 -54.27 25.94
C GLN G 1002 26.37 -53.55 24.75
N GLN G 1003 26.51 -54.14 23.57
CA GLN G 1003 25.83 -53.69 22.38
C GLN G 1003 24.35 -54.05 22.49
N TYR G 1004 23.50 -53.31 21.76
CA TYR G 1004 22.05 -53.40 21.96
C TYR G 1004 21.49 -54.76 21.55
N ASN G 1005 22.11 -55.44 20.60
CA ASN G 1005 21.68 -56.80 20.31
C ASN G 1005 22.02 -57.76 21.43
N GLY G 1006 23.17 -57.58 22.07
CA GLY G 1006 23.56 -58.45 23.15
C GLY G 1006 25.03 -58.80 23.10
N ARG G 1007 25.75 -58.21 22.15
CA ARG G 1007 27.18 -58.44 22.05
C ARG G 1007 27.91 -57.72 23.16
N THR G 1008 28.91 -58.39 23.73
CA THR G 1008 29.61 -57.89 24.91
C THR G 1008 31.11 -57.85 24.63
N PHE G 1009 31.61 -56.66 24.33
CA PHE G 1009 33.05 -56.45 24.33
C PHE G 1009 33.53 -56.34 25.78
N ASN G 1010 34.60 -57.05 26.11
CA ASN G 1010 35.16 -56.95 27.44
C ASN G 1010 36.67 -56.88 27.38
N VAL G 1011 37.26 -56.36 28.45
CA VAL G 1011 38.71 -56.24 28.61
C VAL G 1011 39.08 -56.80 29.97
N ILE G 1012 39.94 -57.81 29.99
CA ILE G 1012 40.48 -58.36 31.21
C ILE G 1012 41.98 -58.13 31.21
N PRO G 1013 42.48 -57.15 31.95
CA PRO G 1013 43.92 -56.87 31.94
C PRO G 1013 44.66 -57.87 32.80
N GLU G 1014 45.86 -58.23 32.35
CA GLU G 1014 46.69 -59.18 33.06
C GLU G 1014 47.39 -58.49 34.22
N MET G 1015 47.33 -59.12 35.38
CA MET G 1015 48.02 -58.57 36.55
C MET G 1015 49.52 -58.72 36.38
N PRO G 1016 50.28 -57.64 36.46
CA PRO G 1016 51.72 -57.70 36.21
C PRO G 1016 52.45 -58.23 37.44
N GLY G 1017 53.77 -58.28 37.32
CA GLY G 1017 54.61 -58.72 38.42
C GLY G 1017 54.62 -57.73 39.57
N SER G 1018 54.95 -58.23 40.75
CA SER G 1018 54.78 -57.45 41.97
C SER G 1018 55.86 -57.80 42.98
N VAL G 1019 56.80 -56.88 43.17
CA VAL G 1019 57.98 -57.22 43.96
C VAL G 1019 57.74 -57.17 45.45
N ILE G 1020 56.71 -56.46 45.92
CA ILE G 1020 56.39 -56.55 47.35
C ILE G 1020 55.87 -57.93 47.68
N ALA G 1021 55.03 -58.48 46.80
CA ALA G 1021 54.56 -59.84 46.99
C ALA G 1021 55.70 -60.84 46.82
N ASP G 1022 56.61 -60.56 45.89
CA ASP G 1022 57.78 -61.40 45.68
C ASP G 1022 58.66 -61.44 46.94
N CYS G 1023 58.92 -60.27 47.52
CA CYS G 1023 59.74 -60.20 48.72
C CYS G 1023 59.05 -60.80 49.93
N VAL G 1024 57.72 -60.70 49.98
CA VAL G 1024 56.98 -61.30 51.07
C VAL G 1024 57.04 -62.82 50.98
N GLN G 1025 56.91 -63.38 49.78
CA GLN G 1025 57.04 -64.82 49.60
C GLN G 1025 58.45 -65.29 49.93
N LEU G 1026 59.45 -64.52 49.52
CA LEU G 1026 60.84 -64.89 49.81
C LEU G 1026 61.14 -64.85 51.30
N THR G 1027 60.68 -63.81 51.98
CA THR G 1027 60.86 -63.72 53.42
C THR G 1027 60.06 -64.76 54.17
N ALA G 1028 58.91 -65.17 53.64
CA ALA G 1028 58.16 -66.25 54.28
C ALA G 1028 58.89 -67.58 54.15
N GLU G 1029 59.50 -67.82 53.00
CA GLU G 1029 60.31 -69.02 52.82
C GLU G 1029 61.50 -69.03 53.77
N VAL G 1030 62.22 -67.91 53.84
CA VAL G 1030 63.39 -67.88 54.71
C VAL G 1030 62.99 -67.84 56.18
N PHE G 1031 61.76 -67.43 56.50
CA PHE G 1031 61.30 -67.54 57.87
C PHE G 1031 60.96 -68.97 58.23
N ASN G 1032 60.39 -69.69 57.26
CA ASN G 1032 60.12 -71.12 57.44
C ASN G 1032 61.39 -71.89 57.72
N HIS G 1033 62.47 -71.52 57.05
CA HIS G 1033 63.71 -72.22 57.35
C HIS G 1033 64.49 -71.59 58.50
N GLU G 1034 64.23 -70.34 58.84
CA GLU G 1034 64.88 -69.68 59.95
C GLU G 1034 63.79 -68.96 60.71
N TYR G 1035 63.12 -69.71 61.58
CA TYR G 1035 61.96 -69.24 62.32
C TYR G 1035 62.27 -68.80 63.74
N ASN G 1036 63.40 -69.24 64.30
CA ASN G 1036 63.72 -68.97 65.70
C ASN G 1036 64.00 -67.49 65.95
N LEU G 1037 64.42 -66.75 64.93
CA LEU G 1037 64.82 -65.37 65.17
C LEU G 1037 63.66 -64.45 65.48
N PHE G 1038 62.46 -64.81 65.05
CA PHE G 1038 61.33 -63.94 65.32
C PHE G 1038 60.62 -64.40 66.59
N GLY G 1039 61.29 -65.23 67.39
CA GLY G 1039 60.75 -65.70 68.64
C GLY G 1039 59.74 -66.81 68.50
N ILE G 1040 59.98 -67.76 67.61
CA ILE G 1040 59.04 -68.86 67.36
C ILE G 1040 59.79 -70.17 67.50
N ALA G 1041 59.14 -71.17 68.09
CA ALA G 1041 59.65 -72.53 68.10
C ALA G 1041 58.63 -73.46 67.44
N ARG G 1042 59.11 -74.35 66.57
CA ARG G 1042 58.24 -75.34 65.96
C ARG G 1042 57.97 -76.48 66.91
N GLY G 1043 57.20 -77.46 66.44
CA GLY G 1043 56.96 -78.64 67.24
C GLY G 1043 56.06 -78.31 68.40
N ASP G 1044 56.41 -78.85 69.57
CA ASP G 1044 55.60 -78.63 70.76
C ASP G 1044 56.45 -78.85 71.99
N ILE G 1045 55.78 -79.00 73.14
CA ILE G 1045 56.44 -79.15 74.41
C ILE G 1045 55.98 -80.42 75.09
N ILE G 1046 56.74 -80.85 76.09
CA ILE G 1046 56.42 -82.00 76.93
C ILE G 1046 56.50 -81.55 78.37
N ILE G 1047 55.52 -81.93 79.18
CA ILE G 1047 55.47 -81.54 80.59
C ILE G 1047 55.76 -82.77 81.42
N GLY G 1048 56.81 -82.69 82.25
CA GLY G 1048 57.19 -83.81 83.09
C GLY G 1048 58.41 -83.53 83.95
N ARG G 1049 58.52 -84.20 85.09
CA ARG G 1049 59.59 -83.90 86.03
C ARG G 1049 60.92 -84.47 85.55
N VAL G 1050 61.99 -83.68 85.73
CA VAL G 1050 63.35 -84.08 85.43
C VAL G 1050 64.21 -83.64 86.61
N GLN G 1051 64.58 -84.57 87.48
CA GLN G 1051 65.60 -84.31 88.50
C GLN G 1051 66.89 -84.92 87.99
N SER G 1052 67.86 -84.07 87.66
CA SER G 1052 69.14 -84.54 87.17
C SER G 1052 70.20 -83.50 87.46
N THR G 1053 71.45 -83.91 87.30
CA THR G 1053 72.59 -83.01 87.37
C THR G 1053 73.18 -82.75 86.00
N HIS G 1054 72.38 -82.91 84.95
CA HIS G 1054 72.86 -82.68 83.60
C HIS G 1054 72.64 -81.22 83.22
N LEU G 1055 73.33 -80.81 82.16
CA LEU G 1055 73.40 -79.40 81.78
C LEU G 1055 72.96 -79.20 80.34
N TRP G 1056 72.14 -80.09 79.82
CA TRP G 1056 71.67 -80.01 78.46
C TRP G 1056 70.64 -78.90 78.30
N SER G 1057 70.63 -78.29 77.13
CA SER G 1057 69.77 -77.14 76.92
C SER G 1057 68.37 -77.56 76.50
N PRO G 1058 67.34 -76.95 77.09
CA PRO G 1058 65.96 -77.34 76.75
C PRO G 1058 65.55 -77.06 75.32
N LEU G 1059 66.24 -76.19 74.61
CA LEU G 1059 65.94 -76.06 73.20
C LEU G 1059 66.63 -77.12 72.35
N ALA G 1060 67.42 -78.00 72.95
CA ALA G 1060 68.03 -79.13 72.25
C ALA G 1060 68.04 -80.34 73.17
N PRO G 1061 66.90 -80.99 73.36
CA PRO G 1061 66.80 -82.07 74.31
C PRO G 1061 67.34 -83.36 73.72
N PRO G 1062 67.74 -84.31 74.56
CA PRO G 1062 68.11 -85.62 74.03
C PRO G 1062 66.86 -86.40 73.64
N PRO G 1063 66.96 -87.27 72.64
CA PRO G 1063 65.76 -87.95 72.12
C PRO G 1063 65.25 -89.07 73.00
N ASP G 1064 65.88 -89.33 74.14
CA ASP G 1064 65.31 -90.27 75.09
C ASP G 1064 64.03 -89.72 75.69
N LEU G 1065 63.95 -88.41 75.87
CA LEU G 1065 62.90 -87.78 76.66
C LEU G 1065 61.70 -87.35 75.83
N VAL G 1066 61.53 -87.90 74.63
CA VAL G 1066 60.43 -87.51 73.77
C VAL G 1066 59.61 -88.73 73.41
N PHE G 1067 58.39 -88.46 72.95
CA PHE G 1067 57.50 -89.51 72.46
C PHE G 1067 56.51 -88.86 71.49
N ASP G 1068 55.92 -89.69 70.64
CA ASP G 1068 55.00 -89.19 69.63
C ASP G 1068 53.83 -90.17 69.52
N ARG G 1069 53.07 -90.06 68.42
CA ARG G 1069 51.87 -90.85 68.26
C ARG G 1069 52.19 -92.33 68.07
N ASP G 1070 53.18 -92.65 67.23
CA ASP G 1070 53.51 -94.06 67.03
C ASP G 1070 54.62 -94.52 67.98
N THR G 1071 54.45 -94.22 69.25
CA THR G 1071 55.33 -94.67 70.29
C THR G 1071 54.60 -95.70 71.13
N PRO G 1072 55.19 -96.87 71.39
CA PRO G 1072 54.46 -97.96 72.05
C PRO G 1072 54.11 -97.63 73.49
N GLY G 1073 52.82 -97.70 73.80
CA GLY G 1073 52.33 -97.46 75.15
C GLY G 1073 51.99 -96.01 75.40
N VAL G 1074 51.37 -95.35 74.42
CA VAL G 1074 51.02 -93.94 74.52
C VAL G 1074 49.53 -93.79 74.23
N HIS G 1075 48.83 -93.10 75.12
CA HIS G 1075 47.40 -92.87 74.97
C HIS G 1075 47.17 -91.51 74.33
N ILE G 1076 46.44 -91.49 73.23
CA ILE G 1076 46.16 -90.26 72.48
C ILE G 1076 44.74 -89.84 72.80
N PHE G 1077 44.57 -88.62 73.28
CA PHE G 1077 43.25 -88.14 73.67
C PHE G 1077 42.76 -87.11 72.67
N GLY G 1078 41.54 -86.63 72.88
CA GLY G 1078 40.85 -85.92 71.83
C GLY G 1078 39.50 -85.41 72.26
N ARG G 1079 38.46 -85.73 71.47
CA ARG G 1079 37.17 -85.09 71.63
C ARG G 1079 36.38 -85.62 72.83
N ASP G 1080 36.03 -86.90 72.84
CA ASP G 1080 35.20 -87.40 73.94
C ASP G 1080 36.09 -87.74 75.13
N CYS G 1081 36.08 -86.86 76.13
CA CYS G 1081 37.01 -86.92 77.25
C CYS G 1081 36.25 -86.63 78.53
N ARG G 1082 35.98 -87.65 79.34
CA ARG G 1082 35.31 -87.47 80.61
C ARG G 1082 36.22 -87.95 81.74
N ILE G 1083 36.00 -87.41 82.93
CA ILE G 1083 36.79 -87.77 84.10
C ILE G 1083 35.87 -88.47 85.10
N SER G 1084 36.10 -89.75 85.32
CA SER G 1084 35.40 -90.51 86.33
C SER G 1084 36.23 -90.49 87.61
N PHE G 1085 35.60 -90.09 88.70
CA PHE G 1085 36.32 -89.98 89.96
C PHE G 1085 36.59 -91.37 90.53
N GLY G 1086 37.61 -91.43 91.37
CA GLY G 1086 37.91 -92.65 92.07
C GLY G 1086 37.18 -92.73 93.38
N MET G 1087 37.04 -93.95 93.89
CA MET G 1087 36.30 -94.18 95.11
C MET G 1087 37.04 -95.21 95.95
N ASN G 1088 37.08 -94.95 97.26
CA ASN G 1088 37.62 -95.87 98.26
C ASN G 1088 39.09 -96.18 98.02
N GLY G 1089 39.83 -95.16 97.60
CA GLY G 1089 41.23 -95.29 97.35
C GLY G 1089 41.59 -95.69 95.94
N ALA G 1090 40.63 -96.19 95.16
CA ALA G 1090 40.90 -96.58 93.80
C ALA G 1090 41.11 -95.35 92.93
N ALA G 1091 41.83 -95.54 91.86
CA ALA G 1091 42.31 -94.40 91.08
C ALA G 1091 41.20 -93.83 90.21
N PRO G 1092 41.06 -92.51 90.18
CA PRO G 1092 40.24 -91.89 89.14
C PRO G 1092 40.87 -92.09 87.77
N MET G 1093 40.01 -92.14 86.74
CA MET G 1093 40.44 -92.54 85.42
C MET G 1093 39.91 -91.53 84.39
N ILE G 1094 40.28 -91.77 83.13
CA ILE G 1094 40.08 -90.81 82.03
C ILE G 1094 39.67 -91.59 80.78
N ARG G 1095 38.88 -90.95 79.93
CA ARG G 1095 38.35 -91.59 78.73
C ARG G 1095 39.32 -91.44 77.57
N ASP G 1096 39.71 -92.58 76.99
CA ASP G 1096 40.55 -92.61 75.80
C ASP G 1096 39.71 -92.39 74.55
N GLU G 1097 40.37 -92.01 73.46
CA GLU G 1097 39.70 -91.96 72.17
C GLU G 1097 39.42 -93.33 71.60
N THR G 1098 40.07 -94.37 72.11
CA THR G 1098 39.69 -95.74 71.78
C THR G 1098 38.56 -96.25 72.64
N GLY G 1099 37.98 -95.40 73.49
CA GLY G 1099 36.95 -95.82 74.40
C GLY G 1099 37.45 -96.47 75.67
N MET G 1100 38.76 -96.70 75.78
CA MET G 1100 39.30 -97.32 76.97
C MET G 1100 39.35 -96.33 78.12
N MET G 1101 39.58 -96.85 79.32
CA MET G 1101 39.79 -96.06 80.50
C MET G 1101 41.15 -96.38 81.08
N VAL G 1102 41.87 -95.35 81.52
CA VAL G 1102 43.26 -95.51 81.95
C VAL G 1102 43.54 -94.56 83.10
N PRO G 1103 44.37 -94.99 84.05
CA PRO G 1103 44.72 -94.10 85.17
C PRO G 1103 45.58 -92.91 84.77
N PHE G 1104 45.94 -92.10 85.77
CA PHE G 1104 46.75 -90.90 85.55
C PHE G 1104 48.24 -91.25 85.49
N GLU G 1105 48.60 -92.04 84.48
CA GLU G 1105 49.97 -92.45 84.26
C GLU G 1105 50.26 -92.41 82.78
N GLY G 1106 51.53 -92.66 82.44
CA GLY G 1106 51.91 -92.91 81.07
C GLY G 1106 51.97 -91.65 80.23
N ASN G 1107 52.59 -91.78 79.07
CA ASN G 1107 52.81 -90.67 78.17
C ASN G 1107 51.52 -90.32 77.45
N TRP G 1108 51.13 -89.04 77.50
CA TRP G 1108 49.86 -88.58 76.94
C TRP G 1108 50.09 -87.52 75.87
N ILE G 1109 49.13 -87.42 74.96
CA ILE G 1109 49.19 -86.46 73.86
C ILE G 1109 47.87 -85.71 73.83
N PHE G 1110 47.93 -84.38 73.94
CA PHE G 1110 46.75 -83.54 73.88
C PHE G 1110 46.80 -82.63 72.68
N PRO G 1111 45.67 -82.40 72.02
CA PRO G 1111 45.51 -81.14 71.30
C PRO G 1111 45.39 -80.02 72.30
N LEU G 1112 45.88 -78.84 71.91
CA LEU G 1112 45.84 -77.69 72.81
C LEU G 1112 44.42 -77.21 73.06
N ALA G 1113 43.54 -77.42 72.08
CA ALA G 1113 42.16 -76.94 72.20
C ALA G 1113 41.41 -77.65 73.31
N LEU G 1114 41.73 -78.91 73.57
CA LEU G 1114 41.09 -79.64 74.66
C LEU G 1114 41.45 -79.05 76.02
N TRP G 1115 42.73 -78.76 76.20
CA TRP G 1115 43.18 -78.07 77.41
C TRP G 1115 42.53 -76.70 77.53
N GLN G 1116 42.37 -75.99 76.42
CA GLN G 1116 41.78 -74.67 76.50
C GLN G 1116 40.30 -74.73 76.85
N MET G 1117 39.58 -75.70 76.29
CA MET G 1117 38.16 -75.81 76.58
C MET G 1117 37.91 -76.28 77.99
N ASN G 1118 38.83 -77.07 78.56
CA ASN G 1118 38.63 -77.42 79.97
C ASN G 1118 39.79 -76.97 80.83
N THR G 1119 40.23 -75.73 80.66
CA THR G 1119 41.44 -75.26 81.30
C THR G 1119 41.30 -75.08 82.80
N ARG G 1120 40.08 -74.94 83.33
CA ARG G 1120 39.95 -74.89 84.78
C ARG G 1120 39.96 -76.31 85.33
N TYR G 1121 38.99 -77.12 84.90
CA TYR G 1121 38.65 -78.38 85.53
C TYR G 1121 39.79 -79.39 85.51
N PHE G 1122 40.71 -79.25 84.56
CA PHE G 1122 41.88 -80.12 84.54
C PHE G 1122 42.90 -79.72 85.59
N ASN G 1123 42.94 -78.44 85.99
CA ASN G 1123 43.98 -77.97 86.89
C ASN G 1123 43.81 -78.53 88.29
N GLN G 1124 42.58 -78.77 88.71
CA GLN G 1124 42.35 -79.41 90.00
C GLN G 1124 42.41 -80.92 89.90
N GLN G 1125 42.88 -81.45 88.79
CA GLN G 1125 42.99 -82.88 88.61
C GLN G 1125 44.39 -83.34 88.25
N PHE G 1126 45.17 -82.52 87.57
CA PHE G 1126 46.41 -83.01 86.97
C PHE G 1126 47.65 -82.58 87.75
N ASP G 1127 47.65 -81.36 88.28
CA ASP G 1127 48.89 -80.71 88.70
C ASP G 1127 49.56 -81.41 89.87
N ALA G 1128 48.78 -81.96 90.78
CA ALA G 1128 49.35 -82.74 91.87
C ALA G 1128 50.01 -84.01 91.36
N TRP G 1129 49.51 -84.55 90.26
CA TRP G 1129 50.16 -85.69 89.63
C TRP G 1129 51.32 -85.27 88.74
N ILE G 1130 51.34 -84.03 88.28
CA ILE G 1130 52.46 -83.57 87.47
C ILE G 1130 53.67 -83.30 88.36
N LYS G 1131 53.44 -82.73 89.55
CA LYS G 1131 54.54 -82.27 90.37
C LYS G 1131 55.28 -83.44 91.01
N THR G 1132 54.55 -84.45 91.46
CA THR G 1132 55.17 -85.58 92.14
C THR G 1132 55.15 -86.85 91.31
N GLY G 1133 54.00 -87.25 90.79
CA GLY G 1133 53.90 -88.46 90.01
C GLY G 1133 54.52 -88.29 88.64
N GLU G 1134 54.65 -89.43 87.94
CA GLU G 1134 55.34 -89.46 86.65
C GLU G 1134 54.39 -89.32 85.47
N LEU G 1135 53.25 -88.66 85.70
CA LEU G 1135 52.33 -88.35 84.60
C LEU G 1135 52.99 -87.32 83.68
N ARG G 1136 53.11 -87.67 82.41
CA ARG G 1136 53.86 -86.87 81.45
C ARG G 1136 52.99 -86.56 80.25
N ILE G 1137 52.80 -85.28 79.97
CA ILE G 1137 51.85 -84.81 78.96
C ILE G 1137 52.60 -84.02 77.91
N ARG G 1138 52.36 -84.35 76.65
CA ARG G 1138 52.88 -83.62 75.50
C ARG G 1138 51.73 -82.95 74.76
N ILE G 1139 51.75 -81.63 74.69
CA ILE G 1139 50.64 -80.86 74.15
C ILE G 1139 51.07 -80.26 72.82
N GLU G 1140 50.50 -80.77 71.74
CA GLU G 1140 50.86 -80.32 70.39
C GLU G 1140 50.19 -79.00 70.08
N MET G 1141 50.98 -78.00 69.69
CA MET G 1141 50.42 -76.75 69.21
C MET G 1141 51.17 -76.10 68.06
N GLY G 1142 52.21 -76.73 67.52
CA GLY G 1142 52.84 -76.21 66.31
C GLY G 1142 53.73 -75.01 66.51
N ALA G 1143 53.16 -73.90 66.94
CA ALA G 1143 53.89 -72.64 67.00
C ALA G 1143 53.55 -71.90 68.29
N TYR G 1144 54.55 -71.22 68.84
CA TYR G 1144 54.38 -70.43 70.06
C TYR G 1144 55.54 -69.46 70.27
N PRO G 1145 55.29 -68.31 70.88
CA PRO G 1145 56.39 -67.50 71.39
C PRO G 1145 56.92 -68.07 72.69
N TYR G 1146 58.18 -67.79 72.97
CA TYR G 1146 58.84 -68.47 74.07
C TYR G 1146 59.60 -67.48 74.95
N MET G 1147 59.88 -67.93 76.17
CA MET G 1147 60.50 -67.12 77.21
C MET G 1147 61.69 -67.87 77.77
N LEU G 1148 62.77 -67.16 78.02
CA LEU G 1148 64.01 -67.75 78.53
C LEU G 1148 64.27 -67.27 79.95
N HIS G 1149 64.63 -68.21 80.82
CA HIS G 1149 65.08 -67.91 82.16
C HIS G 1149 66.37 -68.66 82.41
N TYR G 1150 67.36 -67.97 82.97
CA TYR G 1150 68.67 -68.55 83.21
C TYR G 1150 68.88 -68.79 84.70
N TYR G 1151 69.92 -69.55 85.00
CA TYR G 1151 70.22 -69.85 86.40
C TYR G 1151 71.69 -70.19 86.52
N ASP G 1152 72.19 -70.02 87.73
CA ASP G 1152 73.49 -70.55 88.08
C ASP G 1152 73.35 -72.05 88.26
N PRO G 1153 74.11 -72.87 87.53
CA PRO G 1153 74.04 -74.32 87.74
C PRO G 1153 74.64 -74.78 89.05
N ARG G 1154 75.36 -73.92 89.77
CA ARG G 1154 76.00 -74.33 91.01
C ARG G 1154 75.05 -74.40 92.19
N GLN G 1155 73.80 -73.99 92.03
CA GLN G 1155 72.84 -74.01 93.12
C GLN G 1155 71.59 -74.76 92.69
N TYR G 1156 70.64 -74.85 93.62
CA TYR G 1156 69.37 -75.51 93.35
C TYR G 1156 68.49 -74.64 92.47
N ALA G 1157 67.65 -75.28 91.68
CA ALA G 1157 66.67 -74.57 90.87
C ALA G 1157 65.42 -75.41 90.73
N ASN G 1158 64.29 -74.74 90.58
CA ASN G 1158 63.01 -75.44 90.48
C ASN G 1158 62.10 -74.60 89.61
N ALA G 1159 61.30 -75.27 88.78
CA ALA G 1159 60.51 -74.59 87.78
C ALA G 1159 59.02 -74.62 88.06
N TRP G 1160 58.61 -75.15 89.22
CA TRP G 1160 57.19 -75.38 89.45
C TRP G 1160 56.41 -74.10 89.61
N ASN G 1161 57.06 -73.01 90.06
CA ASN G 1161 56.34 -71.75 90.12
C ASN G 1161 56.05 -71.21 88.73
N LEU G 1162 57.02 -71.28 87.82
CA LEU G 1162 56.82 -70.80 86.46
C LEU G 1162 55.82 -71.67 85.72
N THR G 1163 55.92 -72.99 85.88
CA THR G 1163 55.01 -73.87 85.17
C THR G 1163 53.62 -73.82 85.75
N SER G 1164 53.49 -73.66 87.08
CA SER G 1164 52.18 -73.50 87.67
C SER G 1164 51.55 -72.20 87.23
N ALA G 1165 52.37 -71.15 87.07
CA ALA G 1165 51.89 -69.90 86.52
C ALA G 1165 51.40 -70.07 85.10
N TRP G 1166 52.14 -70.82 84.29
CA TRP G 1166 51.75 -70.97 82.88
C TRP G 1166 50.50 -71.83 82.73
N LEU G 1167 50.49 -73.00 83.37
CA LEU G 1167 49.32 -73.89 83.37
C LEU G 1167 48.10 -73.23 83.97
N GLU G 1168 48.28 -72.29 84.90
CA GLU G 1168 47.14 -71.54 85.40
C GLU G 1168 46.67 -70.51 84.38
N GLU G 1169 47.60 -69.75 83.81
CA GLU G 1169 47.22 -68.64 82.94
C GLU G 1169 46.77 -69.07 81.56
N ILE G 1170 46.79 -70.37 81.23
CA ILE G 1170 46.15 -70.79 79.98
C ILE G 1170 44.64 -70.60 80.11
N THR G 1171 44.08 -69.83 79.27
CA THR G 1171 42.79 -69.26 78.92
C THR G 1171 42.22 -70.00 77.71
N PRO G 1172 40.89 -70.16 77.61
CA PRO G 1172 40.32 -70.65 76.35
C PRO G 1172 40.60 -69.73 75.19
N THR G 1173 40.57 -68.43 75.41
CA THR G 1173 40.94 -67.51 74.35
C THR G 1173 42.45 -67.51 74.12
N SER G 1174 43.21 -67.13 75.13
CA SER G 1174 44.61 -66.79 74.95
C SER G 1174 45.51 -67.83 75.59
N ILE G 1175 46.80 -67.72 75.32
CA ILE G 1175 47.80 -68.43 76.11
C ILE G 1175 48.88 -67.43 76.49
N PRO G 1176 49.59 -67.64 77.59
CA PRO G 1176 50.81 -66.88 77.83
C PRO G 1176 52.00 -67.55 77.16
N SER G 1177 53.09 -66.80 77.08
CA SER G 1177 54.30 -67.28 76.46
C SER G 1177 54.92 -68.39 77.30
N VAL G 1178 55.68 -69.25 76.65
CA VAL G 1178 56.17 -70.48 77.27
C VAL G 1178 57.53 -70.19 77.89
N PRO G 1179 57.70 -70.37 79.20
CA PRO G 1179 59.00 -70.15 79.82
C PRO G 1179 59.89 -71.38 79.70
N PHE G 1180 61.19 -71.13 79.84
CA PHE G 1180 62.18 -72.19 79.80
C PHE G 1180 63.26 -71.92 80.83
N MET G 1181 63.78 -72.99 81.41
CA MET G 1181 64.84 -72.90 82.41
C MET G 1181 66.10 -73.48 81.79
N VAL G 1182 66.98 -72.61 81.31
CA VAL G 1182 68.16 -72.98 80.55
C VAL G 1182 69.40 -72.56 81.33
N PRO G 1183 70.44 -73.40 81.42
CA PRO G 1183 71.61 -73.01 82.22
C PRO G 1183 72.48 -71.96 81.57
N ILE G 1184 73.57 -71.63 82.26
CA ILE G 1184 74.53 -70.63 81.83
C ILE G 1184 75.87 -71.33 81.68
N SER G 1185 76.47 -71.23 80.51
CA SER G 1185 77.74 -71.88 80.25
C SER G 1185 78.85 -71.20 81.02
N SER G 1186 79.72 -72.01 81.62
CA SER G 1186 80.88 -71.51 82.32
C SER G 1186 82.13 -71.93 81.58
N ASP G 1187 83.28 -71.60 82.15
CA ASP G 1187 84.55 -71.84 81.48
C ASP G 1187 85.50 -72.69 82.31
N HIS G 1188 85.41 -72.62 83.62
CA HIS G 1188 86.20 -73.48 84.47
C HIS G 1188 85.34 -74.63 84.99
N ASP G 1189 86.00 -75.59 85.62
CA ASP G 1189 85.30 -76.73 86.20
C ASP G 1189 84.52 -76.27 87.42
N ILE G 1190 83.21 -76.47 87.39
CA ILE G 1190 82.35 -76.00 88.46
C ILE G 1190 81.73 -77.21 89.15
N SER G 1191 81.20 -76.95 90.34
CA SER G 1191 80.51 -77.99 91.09
C SER G 1191 79.07 -78.12 90.61
N SER G 1192 78.58 -79.34 90.56
CA SER G 1192 77.27 -79.62 90.02
C SER G 1192 76.20 -79.56 91.11
N ALA G 1193 75.00 -79.18 90.72
CA ALA G 1193 73.89 -79.07 91.65
C ALA G 1193 72.60 -79.46 90.93
N PRO G 1194 71.71 -80.18 91.59
CA PRO G 1194 70.51 -80.68 90.90
C PRO G 1194 69.52 -79.57 90.63
N ALA G 1195 68.87 -79.67 89.47
CA ALA G 1195 67.84 -78.74 89.05
C ALA G 1195 66.65 -79.54 88.55
N VAL G 1196 65.47 -78.92 88.62
CA VAL G 1196 64.21 -79.58 88.34
C VAL G 1196 63.52 -78.83 87.21
N GLN G 1197 63.39 -79.48 86.05
CA GLN G 1197 62.81 -78.85 84.88
C GLN G 1197 61.58 -79.63 84.42
N TYR G 1198 60.63 -78.90 83.87
CA TYR G 1198 59.32 -79.43 83.50
C TYR G 1198 58.98 -79.21 82.04
N ILE G 1199 59.29 -78.05 81.50
CA ILE G 1199 58.94 -77.71 80.12
C ILE G 1199 60.16 -77.96 79.26
N ILE G 1200 60.08 -78.95 78.38
CA ILE G 1200 61.14 -79.20 77.42
C ILE G 1200 60.57 -78.99 76.03
N SER G 1201 61.40 -78.54 75.12
CA SER G 1201 60.99 -78.48 73.73
C SER G 1201 61.07 -79.88 73.14
N THR G 1202 60.46 -80.05 71.98
CA THR G 1202 60.53 -81.33 71.28
C THR G 1202 61.81 -81.44 70.46
N GLU G 1203 61.96 -80.60 69.44
CA GLU G 1203 63.13 -80.68 68.57
C GLU G 1203 64.03 -79.46 68.78
N TYR G 1204 65.06 -79.36 67.94
CA TYR G 1204 66.03 -78.29 68.02
C TYR G 1204 65.38 -76.94 67.73
N ASN G 1205 65.53 -76.01 68.67
CA ASN G 1205 65.04 -74.66 68.48
C ASN G 1205 66.08 -73.64 68.92
N ASP G 1206 67.32 -74.07 69.08
CA ASP G 1206 68.40 -73.24 69.58
C ASP G 1206 69.22 -72.66 68.46
N ARG G 1207 68.57 -72.28 67.37
CA ARG G 1207 69.30 -71.64 66.28
C ARG G 1207 69.64 -70.20 66.62
N SER G 1208 68.86 -69.57 67.51
CA SER G 1208 69.06 -68.17 67.86
C SER G 1208 70.34 -67.92 68.65
N LEU G 1209 71.00 -68.95 69.16
CA LEU G 1209 72.27 -68.79 69.85
C LEU G 1209 73.34 -68.34 68.87
N PHE G 1210 74.28 -67.54 69.37
CA PHE G 1210 75.40 -67.12 68.56
C PHE G 1210 76.72 -67.70 69.06
N CYS G 1211 77.09 -67.44 70.31
CA CYS G 1211 78.38 -67.87 70.80
C CYS G 1211 78.32 -68.06 72.31
N THR G 1212 79.31 -68.76 72.85
CA THR G 1212 79.38 -69.08 74.27
C THR G 1212 80.70 -68.54 74.83
N ASN G 1213 80.58 -67.57 75.72
CA ASN G 1213 81.58 -67.03 76.64
C ASN G 1213 82.67 -66.19 76.01
N SER G 1214 82.89 -66.27 74.70
CA SER G 1214 83.53 -65.24 73.86
C SER G 1214 84.92 -64.75 74.31
N SER G 1215 85.45 -65.27 75.39
CA SER G 1215 86.71 -64.87 76.00
C SER G 1215 87.64 -66.04 76.23
N SER G 1216 87.11 -67.16 76.69
CA SER G 1216 87.93 -68.26 77.14
C SER G 1216 88.54 -69.00 75.97
N PRO G 1217 89.60 -69.77 76.20
CA PRO G 1217 90.03 -70.73 75.19
C PRO G 1217 89.01 -71.83 74.92
N GLN G 1218 88.21 -72.21 75.91
CA GLN G 1218 87.15 -73.17 75.65
C GLN G 1218 86.05 -73.00 76.67
N THR G 1219 84.89 -73.57 76.37
CA THR G 1219 83.75 -73.56 77.27
C THR G 1219 83.52 -74.97 77.77
N ILE G 1220 83.75 -75.17 79.07
CA ILE G 1220 83.60 -76.46 79.72
C ILE G 1220 82.31 -76.44 80.53
N ALA G 1221 81.56 -77.55 80.49
CA ALA G 1221 80.38 -77.80 81.30
C ALA G 1221 79.30 -76.73 81.06
N GLY G 1222 78.77 -76.77 79.84
CA GLY G 1222 77.66 -75.94 79.48
C GLY G 1222 77.25 -76.26 78.07
N PRO G 1223 76.12 -75.71 77.63
CA PRO G 1223 75.80 -75.75 76.20
C PRO G 1223 76.78 -74.89 75.43
N ASP G 1224 77.57 -75.55 74.57
CA ASP G 1224 78.66 -74.89 73.86
C ASP G 1224 78.37 -74.85 72.36
N LYS G 1225 78.64 -73.69 71.77
CA LYS G 1225 78.56 -73.50 70.34
C LYS G 1225 79.50 -72.37 69.96
N HIS G 1226 80.33 -72.60 68.96
CA HIS G 1226 81.26 -71.59 68.50
C HIS G 1226 80.52 -70.52 67.70
N ILE G 1227 81.27 -69.55 67.20
CA ILE G 1227 80.74 -68.61 66.22
C ILE G 1227 80.39 -69.38 64.95
N PRO G 1228 79.18 -69.26 64.43
CA PRO G 1228 78.77 -70.08 63.29
C PRO G 1228 79.50 -69.75 62.00
N VAL G 1229 80.36 -70.68 61.59
CA VAL G 1229 81.12 -70.55 60.36
C VAL G 1229 80.21 -70.65 59.15
N GLU G 1230 79.06 -71.28 59.30
CA GLU G 1230 78.10 -71.42 58.21
C GLU G 1230 77.47 -70.11 57.84
N ARG G 1231 77.45 -69.14 58.75
CA ARG G 1231 77.09 -67.79 58.36
C ARG G 1231 78.19 -67.18 57.50
N TYR G 1232 79.38 -67.03 58.05
CA TYR G 1232 80.44 -66.31 57.35
C TYR G 1232 81.09 -67.23 56.32
N ASN G 1233 80.35 -67.44 55.23
CA ASN G 1233 80.81 -68.32 54.17
C ASN G 1233 82.01 -67.73 53.45
N ILE G 1234 82.01 -66.41 53.27
CA ILE G 1234 83.02 -65.77 52.46
C ILE G 1234 84.36 -65.75 53.19
N LEU G 1235 84.32 -65.60 54.51
CA LEU G 1235 85.57 -65.60 55.27
C LEU G 1235 86.13 -67.00 55.43
N THR G 1236 85.29 -68.02 55.46
CA THR G 1236 85.75 -69.36 55.80
C THR G 1236 85.93 -70.27 54.61
N ASN G 1237 85.38 -69.93 53.46
CA ASN G 1237 85.54 -70.75 52.26
C ASN G 1237 86.32 -69.95 51.24
N PRO G 1238 87.62 -70.17 51.11
CA PRO G 1238 88.39 -69.45 50.08
C PRO G 1238 88.03 -69.86 48.67
N ASP G 1239 87.47 -71.04 48.49
CA ASP G 1239 87.03 -71.44 47.16
C ASP G 1239 85.74 -70.74 46.75
N ALA G 1240 84.97 -70.28 47.72
CA ALA G 1240 83.70 -69.64 47.41
C ALA G 1240 83.94 -68.24 46.85
N PRO G 1241 83.44 -67.94 45.66
CA PRO G 1241 83.52 -66.57 45.17
C PRO G 1241 82.51 -65.70 45.88
N PRO G 1242 82.65 -64.38 45.82
CA PRO G 1242 81.60 -63.52 46.33
C PRO G 1242 80.37 -63.51 45.44
N THR G 1243 79.36 -62.71 45.81
CA THR G 1243 77.99 -62.75 45.27
C THR G 1243 77.44 -64.18 45.30
N GLN G 1244 77.68 -64.87 46.41
CA GLN G 1244 77.24 -66.24 46.59
C GLN G 1244 76.51 -66.32 47.91
N ILE G 1245 75.20 -66.50 47.87
CA ILE G 1245 74.39 -66.61 49.06
C ILE G 1245 73.68 -67.96 49.07
N GLN G 1246 73.67 -68.62 50.22
CA GLN G 1246 72.81 -69.77 50.43
C GLN G 1246 71.58 -69.37 51.24
N LEU G 1247 70.88 -68.38 50.66
CA LEU G 1247 69.70 -67.77 51.29
C LEU G 1247 68.57 -68.70 51.75
N PRO G 1248 68.15 -69.76 51.06
CA PRO G 1248 66.96 -70.49 51.53
C PRO G 1248 67.14 -71.29 52.81
N GLU G 1249 68.28 -71.22 53.49
CA GLU G 1249 68.36 -71.79 54.82
C GLU G 1249 68.98 -70.85 55.83
N VAL G 1250 69.90 -69.97 55.42
CA VAL G 1250 70.57 -69.05 56.34
C VAL G 1250 70.60 -67.65 55.71
N VAL G 1251 71.22 -66.71 56.44
CA VAL G 1251 71.28 -65.33 56.00
C VAL G 1251 72.71 -64.80 55.89
N ASP G 1252 73.68 -65.48 56.48
CA ASP G 1252 75.13 -65.32 56.32
C ASP G 1252 75.75 -64.07 56.92
N LEU G 1253 74.94 -63.09 57.32
CA LEU G 1253 75.31 -61.91 58.13
C LEU G 1253 76.44 -61.05 57.55
N TYR G 1254 76.88 -61.32 56.33
CA TYR G 1254 78.03 -60.69 55.73
C TYR G 1254 78.01 -61.01 54.25
N ASN G 1255 78.08 -60.01 53.38
CA ASN G 1255 78.27 -60.28 51.96
C ASN G 1255 78.88 -59.05 51.32
N VAL G 1256 78.91 -59.07 49.99
CA VAL G 1256 79.11 -57.85 49.24
C VAL G 1256 77.75 -57.20 49.00
N VAL G 1257 77.70 -55.88 49.07
CA VAL G 1257 76.48 -55.15 48.77
C VAL G 1257 76.83 -53.97 47.87
N THR G 1258 75.96 -53.70 46.90
CA THR G 1258 76.19 -52.58 46.00
C THR G 1258 75.69 -51.29 46.63
N ARG G 1259 76.26 -50.17 46.18
CA ARG G 1259 75.95 -48.87 46.74
C ARG G 1259 75.84 -47.85 45.64
N TYR G 1260 74.66 -47.27 45.46
CA TYR G 1260 74.46 -46.34 44.35
C TYR G 1260 74.65 -44.90 44.81
N ALA G 1261 74.94 -44.04 43.84
CA ALA G 1261 75.14 -42.62 44.06
C ALA G 1261 74.47 -41.82 42.94
N TYR G 1262 73.26 -42.22 42.57
CA TYR G 1262 72.56 -41.59 41.47
C TYR G 1262 71.90 -40.30 41.95
N GLU G 1263 71.04 -39.73 41.12
CA GLU G 1263 70.44 -38.45 41.46
C GLU G 1263 69.03 -38.39 40.87
N THR G 1264 68.12 -37.79 41.62
CA THR G 1264 66.71 -37.71 41.25
C THR G 1264 66.35 -36.24 41.09
N PRO G 1265 66.42 -35.71 39.88
CA PRO G 1265 66.20 -34.28 39.69
C PRO G 1265 64.75 -33.98 39.38
N PRO G 1266 64.35 -32.71 39.48
CA PRO G 1266 63.09 -32.29 38.87
C PRO G 1266 63.21 -32.29 37.35
N ILE G 1267 62.06 -32.42 36.70
CA ILE G 1267 62.03 -32.52 35.24
C ILE G 1267 62.38 -31.19 34.60
N THR G 1268 61.96 -30.09 35.21
CA THR G 1268 62.32 -28.78 34.70
C THR G 1268 63.78 -28.45 34.94
N ALA G 1269 64.43 -29.15 35.88
CA ALA G 1269 65.85 -28.94 36.09
C ALA G 1269 66.69 -29.51 34.97
N VAL G 1270 66.16 -30.45 34.20
CA VAL G 1270 66.88 -31.12 33.14
C VAL G 1270 66.38 -30.70 31.78
N VAL G 1271 65.10 -30.87 31.51
CA VAL G 1271 64.51 -30.60 30.22
C VAL G 1271 63.63 -29.38 30.34
N MET G 1272 63.88 -28.37 29.52
CA MET G 1272 63.05 -27.18 29.51
C MET G 1272 62.73 -26.79 28.08
N GLY G 1273 61.70 -25.98 27.93
CA GLY G 1273 61.27 -25.49 26.63
C GLY G 1273 61.91 -24.17 26.29
N VAL G 1274 61.29 -23.48 25.34
CA VAL G 1274 61.83 -22.21 24.87
C VAL G 1274 60.72 -21.33 24.32
N GLY H 180 22.25 -6.52 48.23
CA GLY H 180 21.40 -5.65 47.45
C GLY H 180 21.36 -6.03 45.98
N TYR H 181 20.15 -6.21 45.46
CA TYR H 181 19.92 -6.69 44.10
C TYR H 181 18.86 -5.81 43.45
N GLN H 182 19.18 -5.26 42.28
CA GLN H 182 18.29 -4.33 41.58
C GLN H 182 17.96 -4.85 40.20
N CYS H 183 16.66 -4.89 39.89
CA CYS H 183 16.18 -5.35 38.60
C CYS H 183 16.25 -4.24 37.55
N HIS H 184 16.16 -4.64 36.29
CA HIS H 184 16.42 -3.70 35.20
C HIS H 184 15.15 -3.00 34.71
N VAL H 185 14.02 -3.69 34.63
CA VAL H 185 12.75 -2.99 34.52
C VAL H 185 12.42 -2.42 35.88
N CYS H 186 11.72 -1.28 35.88
CA CYS H 186 11.11 -0.61 37.04
C CYS H 186 12.11 -0.14 38.12
N SER H 187 13.40 -0.43 37.94
CA SER H 187 14.53 -0.01 38.79
C SER H 187 14.37 -0.39 40.25
N ALA H 188 13.53 -1.37 40.58
CA ALA H 188 13.30 -1.70 41.99
C ALA H 188 14.48 -2.49 42.54
N VAL H 189 14.71 -2.34 43.84
CA VAL H 189 15.86 -2.93 44.49
C VAL H 189 15.38 -3.88 45.60
N LEU H 190 15.97 -5.06 45.66
CA LEU H 190 15.66 -6.04 46.69
C LEU H 190 16.96 -6.57 47.29
N PHE H 191 16.82 -7.43 48.29
CA PHE H 191 17.97 -7.96 49.00
C PHE H 191 18.23 -9.43 48.71
N SER H 192 17.27 -10.15 48.11
CA SER H 192 17.41 -11.56 47.83
C SER H 192 17.37 -11.79 46.33
N PRO H 193 18.28 -12.60 45.77
CA PRO H 193 18.23 -12.88 44.34
C PRO H 193 17.03 -13.70 43.94
N LEU H 194 16.53 -14.56 44.83
CA LEU H 194 15.30 -15.28 44.57
C LEU H 194 14.10 -14.34 44.55
N ASP H 195 14.14 -13.31 45.40
CA ASP H 195 13.12 -12.28 45.38
C ASP H 195 13.19 -11.48 44.08
N LEU H 196 14.40 -11.24 43.57
CA LEU H 196 14.55 -10.57 42.29
C LEU H 196 14.03 -11.44 41.16
N ASP H 197 14.25 -12.75 41.24
CA ASP H 197 13.79 -13.63 40.16
C ASP H 197 12.27 -13.75 40.15
N ALA H 198 11.66 -13.83 41.33
CA ALA H 198 10.20 -13.81 41.40
C ALA H 198 9.65 -12.45 40.95
N HIS H 199 10.39 -11.38 41.21
CA HIS H 199 9.97 -10.05 40.81
C HIS H 199 10.00 -9.89 39.28
N VAL H 200 11.06 -10.39 38.65
CA VAL H 200 11.17 -10.33 37.20
C VAL H 200 10.16 -11.29 36.56
N ALA H 201 9.87 -12.41 37.23
CA ALA H 201 8.82 -13.30 36.75
C ALA H 201 7.45 -12.65 36.84
N SER H 202 7.25 -11.78 37.82
CA SER H 202 6.04 -10.96 37.84
C SER H 202 6.06 -9.95 36.70
N HIS H 203 7.23 -9.42 36.38
CA HIS H 203 7.34 -8.55 35.22
C HIS H 203 7.36 -9.38 33.94
N LEU H 211 6.19 -9.42 24.53
CA LEU H 211 4.99 -10.27 24.56
C LEU H 211 4.16 -9.93 23.33
N THR H 212 3.07 -9.19 23.48
CA THR H 212 2.31 -8.72 22.33
C THR H 212 1.62 -7.40 22.70
N SER H 213 0.63 -7.02 21.90
CA SER H 213 0.06 -5.68 21.98
C SER H 213 -0.69 -5.45 23.28
N SER H 214 -0.72 -4.17 23.67
CA SER H 214 -1.26 -3.75 24.96
C SER H 214 -2.74 -4.06 25.06
N GLU H 215 -3.44 -3.99 23.93
CA GLU H 215 -4.85 -4.33 23.93
C GLU H 215 -5.06 -5.83 24.06
N ILE H 216 -4.13 -6.65 23.58
CA ILE H 216 -4.25 -8.09 23.75
C ILE H 216 -4.02 -8.46 25.20
N GLN H 217 -3.06 -7.81 25.87
CA GLN H 217 -2.93 -8.03 27.30
C GLN H 217 -4.14 -7.54 28.08
N ARG H 218 -4.74 -6.42 27.65
CA ARG H 218 -6.00 -5.96 28.23
C ARG H 218 -7.07 -7.03 28.12
N HIS H 219 -7.19 -7.65 26.94
CA HIS H 219 -8.24 -8.62 26.74
C HIS H 219 -7.99 -9.91 27.50
N ILE H 220 -6.74 -10.34 27.64
CA ILE H 220 -6.53 -11.56 28.40
C ILE H 220 -6.68 -11.30 29.89
N THR H 221 -6.37 -10.08 30.35
CA THR H 221 -6.60 -9.75 31.75
C THR H 221 -8.09 -9.68 32.07
N GLU H 222 -8.89 -9.06 31.20
CA GLU H 222 -10.33 -9.01 31.47
C GLU H 222 -10.97 -10.37 31.30
N PHE H 223 -10.41 -11.24 30.46
CA PHE H 223 -10.91 -12.60 30.32
C PHE H 223 -10.67 -13.42 31.58
N ILE H 224 -9.42 -13.42 32.07
CA ILE H 224 -9.12 -14.21 33.25
C ILE H 224 -9.79 -13.63 34.48
N SER H 225 -9.97 -12.30 34.53
CA SER H 225 -10.71 -11.73 35.64
C SER H 225 -12.19 -12.05 35.55
N SER H 226 -12.72 -12.22 34.35
CA SER H 226 -14.11 -12.62 34.22
C SER H 226 -14.30 -14.08 34.59
N TRP H 227 -13.27 -14.91 34.39
CA TRP H 227 -13.40 -16.34 34.66
C TRP H 227 -12.60 -16.79 35.88
N GLN H 228 -12.21 -15.86 36.75
CA GLN H 228 -11.25 -16.21 37.78
C GLN H 228 -11.86 -16.95 38.96
N ASN H 229 -13.15 -16.71 39.26
CA ASN H 229 -13.73 -17.24 40.49
C ASN H 229 -15.05 -17.94 40.22
N HIS H 230 -15.25 -18.44 39.03
CA HIS H 230 -16.47 -19.16 38.77
C HIS H 230 -16.37 -20.57 39.34
N PRO H 231 -17.49 -21.15 39.79
CA PRO H 231 -17.46 -22.54 40.24
C PRO H 231 -17.48 -23.55 39.12
N ILE H 232 -16.71 -23.31 38.08
CA ILE H 232 -16.24 -24.35 37.18
C ILE H 232 -14.75 -24.59 37.39
N VAL H 233 -13.96 -23.51 37.39
CA VAL H 233 -12.57 -23.60 37.78
C VAL H 233 -12.42 -23.76 39.28
N GLN H 234 -13.39 -23.29 40.07
CA GLN H 234 -13.29 -23.39 41.52
C GLN H 234 -13.55 -24.82 41.96
N VAL H 235 -12.67 -25.32 42.85
CA VAL H 235 -12.84 -26.63 43.45
C VAL H 235 -12.92 -26.46 44.96
N SER H 236 -13.18 -27.56 45.67
CA SER H 236 -13.31 -27.63 47.14
C SER H 236 -14.34 -26.64 47.69
N LYS H 243 -30.94 -31.46 56.46
CA LYS H 243 -31.93 -30.64 57.15
C LYS H 243 -33.17 -30.47 56.27
N THR H 244 -32.98 -30.58 54.97
CA THR H 244 -34.02 -30.35 53.97
C THR H 244 -33.85 -31.44 52.92
N ALA H 245 -34.43 -31.19 51.73
CA ALA H 245 -34.16 -31.95 50.50
C ALA H 245 -34.54 -33.42 50.65
N GLN H 246 -35.87 -33.64 50.64
CA GLN H 246 -36.48 -34.95 50.83
C GLN H 246 -35.92 -36.04 49.91
N LEU H 247 -35.41 -35.67 48.74
CA LEU H 247 -34.74 -36.65 47.90
C LEU H 247 -33.38 -37.04 48.47
N LEU H 248 -32.76 -36.18 49.26
CA LEU H 248 -31.43 -36.44 49.79
C LEU H 248 -31.48 -37.04 51.20
N HIS H 249 -32.05 -36.31 52.14
CA HIS H 249 -32.01 -36.68 53.55
C HIS H 249 -33.36 -37.30 53.91
N ALA H 250 -33.47 -38.60 53.73
CA ALA H 250 -34.69 -39.34 54.05
C ALA H 250 -34.56 -39.96 55.43
N ASP H 251 -35.70 -40.09 56.10
CA ASP H 251 -35.72 -40.65 57.44
C ASP H 251 -35.61 -42.17 57.35
N THR H 252 -34.87 -42.74 58.28
CA THR H 252 -34.82 -44.19 58.30
C THR H 252 -35.80 -44.74 59.34
N PRO H 253 -36.37 -45.90 59.10
CA PRO H 253 -37.24 -46.51 60.11
C PRO H 253 -36.46 -47.36 61.08
N ARG H 254 -37.15 -47.97 62.04
CA ARG H 254 -36.53 -48.90 62.98
C ARG H 254 -37.12 -50.28 62.70
N LEU H 255 -36.33 -51.14 62.07
CA LEU H 255 -36.80 -52.49 61.81
C LEU H 255 -36.59 -53.40 63.00
N VAL H 256 -35.34 -53.61 63.39
CA VAL H 256 -35.03 -54.59 64.42
C VAL H 256 -35.34 -53.98 65.78
N THR H 257 -36.25 -54.60 66.51
CA THR H 257 -36.71 -54.13 67.81
C THR H 257 -36.71 -55.32 68.76
N TRP H 258 -35.87 -55.26 69.78
CA TRP H 258 -35.72 -56.41 70.66
C TRP H 258 -36.78 -56.39 71.75
N ASP H 259 -36.86 -57.49 72.47
CA ASP H 259 -37.88 -57.68 73.50
C ASP H 259 -37.38 -58.71 74.49
N ALA H 260 -37.04 -58.27 75.68
CA ALA H 260 -36.81 -59.19 76.78
C ALA H 260 -38.11 -59.40 77.52
N GLY H 261 -38.21 -60.54 78.18
CA GLY H 261 -39.44 -60.87 78.86
C GLY H 261 -40.39 -61.63 77.97
N LEU H 262 -41.53 -61.98 78.55
CA LEU H 262 -42.42 -62.90 77.88
C LEU H 262 -43.25 -62.19 76.84
N CYS H 263 -43.93 -62.98 76.01
CA CYS H 263 -44.62 -62.51 74.82
C CYS H 263 -46.11 -62.83 74.93
N THR H 264 -46.90 -61.87 75.40
CA THR H 264 -48.34 -62.00 75.34
C THR H 264 -48.96 -60.63 75.26
N SER H 265 -50.28 -60.61 75.11
CA SER H 265 -51.02 -59.38 75.18
C SER H 265 -52.30 -59.51 75.99
N PHE H 266 -52.54 -60.65 76.62
CA PHE H 266 -53.77 -60.87 77.37
C PHE H 266 -53.45 -60.93 78.85
N LYS H 267 -54.42 -60.55 79.67
CA LYS H 267 -54.27 -60.62 81.11
C LYS H 267 -55.36 -61.51 81.70
N ILE H 268 -55.23 -61.75 83.00
CA ILE H 268 -56.25 -62.42 83.80
C ILE H 268 -56.40 -61.55 85.04
N VAL H 269 -57.44 -60.72 85.07
CA VAL H 269 -57.59 -59.77 86.17
C VAL H 269 -58.73 -60.24 87.07
N PRO H 270 -58.60 -60.14 88.39
CA PRO H 270 -59.70 -60.56 89.26
C PRO H 270 -60.69 -59.45 89.54
N ILE H 271 -61.96 -59.84 89.57
CA ILE H 271 -63.05 -59.01 90.06
C ILE H 271 -63.67 -59.78 91.23
N VAL H 272 -64.28 -59.05 92.17
CA VAL H 272 -64.97 -59.52 93.39
C VAL H 272 -64.18 -60.60 94.13
N PRO H 273 -63.15 -60.21 94.89
CA PRO H 273 -62.26 -61.19 95.54
C PRO H 273 -63.00 -62.09 96.50
N ALA H 274 -62.54 -63.34 96.56
CA ALA H 274 -63.29 -64.41 97.20
C ALA H 274 -63.30 -64.25 98.71
N GLN H 275 -64.33 -64.82 99.33
CA GLN H 275 -64.53 -64.73 100.78
C GLN H 275 -63.55 -65.68 101.45
N VAL H 276 -62.34 -65.17 101.66
CA VAL H 276 -61.24 -66.02 102.15
C VAL H 276 -61.39 -66.29 103.65
N PRO H 277 -61.92 -65.41 104.55
CA PRO H 277 -62.39 -65.98 105.81
C PRO H 277 -63.89 -66.23 105.78
N GLN H 278 -64.36 -67.35 106.31
CA GLN H 278 -65.78 -67.65 106.37
C GLN H 278 -66.02 -68.67 107.47
N ASP H 279 -67.28 -69.05 107.65
CA ASP H 279 -67.65 -69.94 108.73
C ASP H 279 -67.84 -71.39 108.29
N VAL H 280 -68.29 -71.62 107.05
CA VAL H 280 -68.51 -72.98 106.59
C VAL H 280 -67.20 -73.73 106.47
N LEU H 281 -66.17 -73.04 106.00
CA LEU H 281 -64.89 -73.67 105.77
C LEU H 281 -63.80 -72.81 106.40
N ALA H 282 -62.85 -73.44 107.06
CA ALA H 282 -61.85 -72.72 107.83
C ALA H 282 -60.82 -72.07 106.91
N TYR H 283 -60.19 -71.01 107.42
CA TYR H 283 -59.21 -70.27 106.65
C TYR H 283 -57.92 -71.03 106.44
N THR H 284 -57.68 -72.10 107.18
CA THR H 284 -56.46 -72.88 107.07
C THR H 284 -56.39 -73.69 105.78
N PHE H 285 -57.51 -73.82 105.07
CA PHE H 285 -57.53 -74.59 103.84
C PHE H 285 -56.93 -73.83 102.67
N PHE H 286 -57.16 -72.53 102.62
CA PHE H 286 -56.89 -71.75 101.41
C PHE H 286 -55.40 -71.45 101.29
N THR H 287 -54.90 -71.55 100.06
CA THR H 287 -53.47 -71.36 99.81
C THR H 287 -53.05 -69.91 100.03
N SER H 288 -53.98 -68.96 99.84
CA SER H 288 -53.66 -67.55 100.06
C SER H 288 -53.45 -67.22 101.52
N SER H 289 -53.86 -68.10 102.44
CA SER H 289 -53.50 -67.91 103.83
C SER H 289 -52.03 -68.17 104.09
N TYR H 290 -51.33 -68.83 103.17
CA TYR H 290 -49.92 -69.12 103.35
C TYR H 290 -49.03 -68.25 102.49
N ALA H 291 -49.63 -67.34 101.71
CA ALA H 291 -48.98 -66.56 100.66
C ALA H 291 -48.26 -67.45 99.65
N ILE H 292 -48.85 -68.60 99.35
CA ILE H 292 -48.33 -69.46 98.28
C ILE H 292 -48.81 -68.90 96.95
N GLN H 293 -47.88 -68.72 96.02
CA GLN H 293 -48.16 -68.03 94.78
C GLN H 293 -48.65 -68.99 93.71
N SER H 294 -49.79 -68.67 93.15
CA SER H 294 -50.46 -69.30 92.04
C SER H 294 -50.37 -68.39 90.82
N PRO H 295 -50.40 -68.96 89.61
CA PRO H 295 -50.40 -68.10 88.42
C PRO H 295 -51.67 -67.29 88.26
N PHE H 296 -52.71 -67.82 88.61
CA PHE H 296 -53.98 -67.14 88.42
C PHE H 296 -54.47 -66.56 89.73
N PRO H 297 -55.15 -65.43 89.69
CA PRO H 297 -55.52 -64.75 90.94
C PRO H 297 -56.57 -65.53 91.72
N GLU H 298 -56.39 -65.54 93.03
CA GLU H 298 -57.30 -66.23 93.93
C GLU H 298 -58.45 -65.29 94.23
N ALA H 299 -59.53 -65.42 93.46
CA ALA H 299 -60.72 -64.61 93.66
C ALA H 299 -61.92 -65.42 93.21
N ALA H 300 -63.10 -64.80 93.32
CA ALA H 300 -64.30 -65.52 92.93
C ALA H 300 -64.47 -65.54 91.42
N VAL H 301 -64.63 -64.37 90.81
CA VAL H 301 -64.92 -64.28 89.38
C VAL H 301 -63.77 -63.54 88.72
N SER H 302 -62.86 -64.28 88.12
CA SER H 302 -61.79 -63.71 87.33
C SER H 302 -62.12 -63.89 85.86
N ARG H 303 -61.97 -62.82 85.10
CA ARG H 303 -62.14 -62.85 83.65
C ARG H 303 -60.78 -62.64 83.00
N ILE H 304 -60.76 -62.66 81.68
CA ILE H 304 -59.55 -62.37 80.93
C ILE H 304 -59.77 -61.11 80.10
N VAL H 305 -58.79 -60.21 80.16
CA VAL H 305 -58.86 -58.93 79.47
C VAL H 305 -57.64 -58.79 78.58
N VAL H 306 -57.55 -57.67 77.87
CA VAL H 306 -56.56 -57.48 76.82
C VAL H 306 -55.73 -56.25 77.16
N HIS H 307 -54.41 -56.42 77.18
CA HIS H 307 -53.53 -55.31 77.51
C HIS H 307 -52.19 -55.63 76.85
N THR H 308 -51.90 -54.93 75.76
CA THR H 308 -50.74 -55.29 74.96
C THR H 308 -49.46 -54.90 75.68
N ARG H 309 -48.53 -55.86 75.75
CA ARG H 309 -47.23 -55.72 76.42
C ARG H 309 -47.38 -55.31 77.88
N TRP H 310 -48.20 -56.05 78.62
CA TRP H 310 -48.23 -55.85 80.06
C TRP H 310 -47.08 -56.52 80.77
N ALA H 311 -46.27 -57.27 80.04
CA ALA H 311 -45.20 -58.07 80.60
C ALA H 311 -43.91 -57.95 79.80
N SER H 312 -43.82 -56.99 78.91
CA SER H 312 -42.69 -56.89 78.01
C SER H 312 -41.66 -55.90 78.52
N ASN H 313 -40.40 -56.29 78.47
CA ASN H 313 -39.29 -55.38 78.67
C ASN H 313 -38.78 -55.01 77.29
N VAL H 314 -38.87 -53.74 76.95
CA VAL H 314 -38.72 -53.29 75.57
C VAL H 314 -37.40 -52.56 75.41
N ASP H 315 -36.89 -52.55 74.19
CA ASP H 315 -35.86 -51.59 73.83
C ASP H 315 -36.46 -50.20 73.81
N PHE H 316 -37.48 -50.00 72.98
CA PHE H 316 -38.22 -48.76 72.93
C PHE H 316 -39.63 -49.11 72.48
N ASP H 317 -40.58 -48.26 72.85
CA ASP H 317 -41.94 -48.59 72.50
C ASP H 317 -42.24 -48.21 71.06
N ARG H 318 -43.14 -48.97 70.45
CA ARG H 318 -43.98 -48.41 69.40
C ARG H 318 -44.98 -47.51 70.09
N ASP H 319 -45.08 -46.25 69.68
CA ASP H 319 -46.01 -45.31 70.32
C ASP H 319 -47.44 -45.60 69.86
N SER H 320 -47.90 -46.80 70.19
CA SER H 320 -49.12 -47.36 69.65
C SER H 320 -49.48 -48.54 70.53
N SER H 321 -50.55 -48.44 71.32
CA SER H 321 -50.84 -49.47 72.29
C SER H 321 -52.33 -49.51 72.58
N VAL H 322 -52.90 -50.71 72.56
CA VAL H 322 -54.30 -50.94 72.87
C VAL H 322 -54.37 -51.51 74.28
N ILE H 323 -54.90 -50.73 75.21
CA ILE H 323 -55.17 -51.21 76.56
C ILE H 323 -56.65 -51.04 76.81
N MET H 324 -57.19 -51.84 77.72
CA MET H 324 -58.60 -51.68 78.04
C MET H 324 -58.85 -52.07 79.48
N ALA H 325 -59.79 -51.35 80.07
CA ALA H 325 -60.18 -51.55 81.46
C ALA H 325 -60.92 -52.87 81.61
N PRO H 326 -61.02 -53.40 82.82
CA PRO H 326 -61.89 -54.54 83.05
C PRO H 326 -63.34 -54.15 82.83
N PRO H 327 -64.19 -55.12 82.46
CA PRO H 327 -65.56 -54.79 82.03
C PRO H 327 -66.47 -54.25 83.11
N THR H 328 -66.04 -54.23 84.37
CA THR H 328 -66.76 -53.45 85.36
C THR H 328 -66.57 -51.96 85.11
N GLU H 329 -65.40 -51.57 84.62
CA GLU H 329 -65.19 -50.19 84.24
C GLU H 329 -65.67 -49.97 82.81
N ASN H 330 -65.36 -48.81 82.26
CA ASN H 330 -65.86 -48.41 80.96
C ASN H 330 -64.77 -48.55 79.90
N ASN H 331 -65.20 -48.77 78.66
CA ASN H 331 -64.27 -48.95 77.55
C ASN H 331 -64.72 -48.20 76.31
N ILE H 332 -65.65 -47.25 76.45
CA ILE H 332 -66.22 -46.58 75.30
C ILE H 332 -65.25 -45.59 74.68
N HIS H 333 -64.21 -45.21 75.42
CA HIS H 333 -63.21 -44.30 74.88
C HIS H 333 -62.35 -44.98 73.82
N LEU H 334 -62.30 -46.31 73.81
CA LEU H 334 -61.66 -47.00 72.71
C LEU H 334 -62.41 -46.80 71.42
N PHE H 335 -63.74 -46.76 71.49
CA PHE H 335 -64.58 -46.84 70.31
C PHE H 335 -65.13 -45.50 69.89
N LYS H 336 -64.92 -44.46 70.68
CA LYS H 336 -65.19 -43.12 70.18
C LYS H 336 -63.91 -42.43 69.72
N GLN H 337 -62.90 -43.22 69.38
CA GLN H 337 -61.58 -42.68 69.12
C GLN H 337 -61.48 -41.99 67.77
N LEU H 338 -62.11 -42.56 66.74
CA LEU H 338 -61.74 -42.22 65.37
C LEU H 338 -62.59 -41.11 64.76
N LEU H 339 -63.88 -41.35 64.58
CA LEU H 339 -64.71 -40.43 63.83
C LEU H 339 -65.82 -39.81 64.66
N ASN H 340 -65.86 -40.09 65.96
CA ASN H 340 -66.89 -39.54 66.82
C ASN H 340 -66.44 -38.18 67.34
N THR H 341 -66.36 -37.22 66.41
CA THR H 341 -65.96 -35.87 66.71
C THR H 341 -67.11 -34.89 66.68
N GLU H 342 -68.25 -35.27 66.11
CA GLU H 342 -69.41 -34.41 66.13
C GLU H 342 -70.37 -34.73 67.26
N THR H 343 -70.31 -35.95 67.79
CA THR H 343 -70.99 -36.22 69.04
C THR H 343 -70.19 -35.62 70.19
N LEU H 344 -70.85 -35.49 71.33
CA LEU H 344 -70.29 -34.71 72.43
C LEU H 344 -70.36 -35.36 73.79
N SER H 345 -71.23 -36.35 73.99
CA SER H 345 -71.27 -37.04 75.28
C SER H 345 -70.02 -37.87 75.46
N VAL H 346 -69.45 -37.82 76.66
CA VAL H 346 -68.24 -38.58 76.94
C VAL H 346 -68.54 -40.07 76.93
N ARG H 347 -69.70 -40.46 77.43
CA ARG H 347 -70.07 -41.85 77.54
C ARG H 347 -70.71 -42.41 76.29
N GLY H 348 -70.72 -41.67 75.19
CA GLY H 348 -71.43 -42.11 74.01
C GLY H 348 -70.59 -42.40 72.78
N ALA H 349 -71.16 -43.12 71.83
CA ALA H 349 -70.47 -43.43 70.58
C ALA H 349 -71.49 -43.75 69.50
N ASN H 350 -71.27 -43.22 68.30
CA ASN H 350 -72.13 -43.47 67.15
C ASN H 350 -71.90 -44.90 66.67
N PRO H 351 -72.94 -45.72 66.57
CA PRO H 351 -72.75 -47.12 66.15
C PRO H 351 -72.37 -47.32 64.72
N LEU H 352 -72.34 -46.28 63.90
CA LEU H 352 -72.06 -46.51 62.49
C LEU H 352 -70.57 -46.69 62.24
N MET H 353 -69.72 -46.04 63.04
CA MET H 353 -68.28 -46.14 62.84
C MET H 353 -67.65 -47.20 63.72
N PHE H 354 -68.46 -48.16 64.21
CA PHE H 354 -67.94 -49.28 64.97
C PHE H 354 -66.91 -50.07 64.18
N ARG H 355 -67.14 -50.22 62.87
CA ARG H 355 -66.20 -50.89 61.98
C ARG H 355 -64.83 -50.22 62.02
N ALA H 356 -64.78 -48.96 61.61
CA ALA H 356 -63.52 -48.25 61.45
C ALA H 356 -62.81 -48.05 62.78
N ASN H 357 -63.58 -47.96 63.88
CA ASN H 357 -62.96 -47.98 65.20
C ASN H 357 -62.24 -49.31 65.46
N VAL H 358 -62.94 -50.44 65.26
CA VAL H 358 -62.34 -51.73 65.54
C VAL H 358 -61.19 -52.02 64.57
N LEU H 359 -61.32 -51.58 63.32
CA LEU H 359 -60.25 -51.77 62.32
C LEU H 359 -59.01 -50.98 62.68
N HIS H 360 -59.17 -49.72 63.07
CA HIS H 360 -58.02 -48.95 63.52
C HIS H 360 -57.43 -49.54 64.80
N MET H 361 -58.27 -50.14 65.64
CA MET H 361 -57.76 -50.77 66.84
C MET H 361 -56.99 -52.05 66.52
N LEU H 362 -57.42 -52.79 65.51
CA LEU H 362 -56.68 -53.97 65.06
C LEU H 362 -55.34 -53.56 64.49
N LEU H 363 -55.31 -52.45 63.75
CA LEU H 363 -54.06 -51.94 63.21
C LEU H 363 -53.11 -51.50 64.32
N GLU H 364 -53.64 -50.81 65.32
CA GLU H 364 -52.84 -50.39 66.47
C GLU H 364 -52.34 -51.60 67.26
N PHE H 365 -53.16 -52.64 67.33
CA PHE H 365 -52.82 -53.87 68.03
C PHE H 365 -51.64 -54.58 67.37
N VAL H 366 -51.74 -54.80 66.05
CA VAL H 366 -50.69 -55.53 65.37
C VAL H 366 -49.45 -54.65 65.21
N LEU H 367 -49.61 -53.33 65.17
CA LEU H 367 -48.43 -52.48 65.13
C LEU H 367 -47.77 -52.37 66.48
N ASP H 368 -48.48 -52.66 67.57
CA ASP H 368 -47.80 -52.81 68.85
C ASP H 368 -47.03 -54.12 68.88
N ASN H 369 -47.72 -55.22 68.61
CA ASN H 369 -47.06 -56.53 68.67
C ASN H 369 -46.19 -56.69 67.43
N LEU H 370 -44.93 -56.26 67.54
CA LEU H 370 -44.09 -56.28 66.36
C LEU H 370 -42.65 -56.67 66.70
N TYR H 371 -42.37 -56.99 67.95
CA TYR H 371 -40.99 -57.01 68.42
C TYR H 371 -40.34 -58.36 68.14
N LEU H 372 -39.06 -58.43 68.44
CA LEU H 372 -38.27 -59.63 68.21
C LEU H 372 -37.99 -60.31 69.54
N ASN H 373 -38.28 -61.60 69.60
CA ASN H 373 -38.03 -62.37 70.80
C ASN H 373 -36.54 -62.49 71.05
N ARG H 374 -36.16 -62.51 72.32
CA ARG H 374 -34.76 -62.42 72.67
C ARG H 374 -34.38 -63.41 73.77
N HIS H 375 -33.30 -64.14 73.53
CA HIS H 375 -32.67 -64.96 74.55
C HIS H 375 -32.16 -64.09 75.69
N THR H 376 -32.44 -64.49 76.94
CA THR H 376 -32.09 -63.70 78.10
C THR H 376 -31.17 -64.39 79.10
N GLY H 377 -31.08 -65.71 79.09
CA GLY H 377 -30.37 -66.44 80.12
C GLY H 377 -31.25 -67.50 80.76
N PHE H 378 -30.61 -68.35 81.55
CA PHE H 378 -31.35 -69.42 82.20
C PHE H 378 -30.80 -69.68 83.59
N SER H 379 -31.41 -70.67 84.23
CA SER H 379 -31.06 -71.07 85.59
C SER H 379 -31.67 -72.43 85.85
N GLN H 380 -30.88 -73.35 86.37
CA GLN H 380 -31.40 -74.67 86.73
C GLN H 380 -32.07 -74.60 88.08
N ASP H 381 -33.23 -75.24 88.19
CA ASP H 381 -33.96 -75.30 89.44
C ASP H 381 -33.26 -76.26 90.39
N HIS H 382 -33.00 -75.80 91.60
CA HIS H 382 -32.42 -76.65 92.64
C HIS H 382 -33.49 -77.24 93.54
N THR H 383 -34.76 -77.03 93.21
CA THR H 383 -35.87 -77.57 93.96
C THR H 383 -36.68 -78.51 93.10
N PRO H 384 -37.20 -79.59 93.65
CA PRO H 384 -37.84 -80.62 92.81
C PRO H 384 -39.29 -80.34 92.44
N PHE H 385 -39.70 -79.07 92.47
CA PHE H 385 -40.95 -78.68 91.83
C PHE H 385 -40.99 -79.13 90.37
N THR H 386 -39.90 -78.91 89.65
CA THR H 386 -39.69 -79.52 88.36
C THR H 386 -38.58 -80.57 88.48
N GLU H 387 -38.33 -81.27 87.39
CA GLU H 387 -37.31 -82.33 87.40
C GLU H 387 -35.96 -81.80 87.00
N GLY H 388 -35.53 -80.74 87.66
CA GLY H 388 -34.29 -80.09 87.29
C GLY H 388 -34.32 -79.43 85.94
N ALA H 389 -35.49 -78.92 85.54
CA ALA H 389 -35.58 -78.21 84.28
C ALA H 389 -34.88 -76.86 84.38
N ASN H 390 -34.66 -76.26 83.24
CA ASN H 390 -33.85 -75.05 83.15
C ASN H 390 -34.77 -73.85 82.95
N LEU H 391 -34.90 -73.05 84.00
CA LEU H 391 -35.87 -71.97 84.05
C LEU H 391 -35.24 -70.66 83.62
N ARG H 392 -36.06 -69.76 83.08
CA ARG H 392 -35.55 -68.54 82.46
C ARG H 392 -35.71 -67.36 83.40
N SER H 393 -34.63 -66.60 83.56
CA SER H 393 -34.69 -65.32 84.25
C SER H 393 -34.79 -64.21 83.24
N LEU H 394 -35.63 -63.25 83.53
CA LEU H 394 -35.86 -62.07 82.74
C LEU H 394 -35.50 -60.82 83.52
N PRO H 395 -34.99 -59.78 82.87
CA PRO H 395 -34.58 -58.59 83.60
C PRO H 395 -35.77 -57.76 84.05
N GLY H 396 -35.57 -57.06 85.16
CA GLY H 396 -36.62 -56.30 85.78
C GLY H 396 -36.46 -56.30 87.28
N PRO H 397 -36.88 -55.21 87.93
CA PRO H 397 -36.72 -55.14 89.39
C PRO H 397 -37.65 -56.06 90.15
N ASP H 398 -38.92 -56.13 89.75
CA ASP H 398 -39.91 -56.94 90.44
C ASP H 398 -39.89 -58.36 89.90
N ALA H 399 -38.72 -58.99 89.98
CA ALA H 399 -38.48 -60.30 89.40
C ALA H 399 -39.17 -61.43 90.15
N GLU H 400 -39.80 -61.15 91.29
CA GLU H 400 -40.31 -62.20 92.16
C GLU H 400 -41.54 -62.88 91.58
N LYS H 401 -42.50 -62.10 91.11
CA LYS H 401 -43.79 -62.62 90.69
C LYS H 401 -43.71 -63.46 89.43
N TRP H 402 -42.65 -63.29 88.64
CA TRP H 402 -42.68 -63.72 87.25
C TRP H 402 -42.60 -65.22 87.11
N TYR H 403 -41.97 -65.92 88.04
CA TYR H 403 -41.82 -67.36 87.86
C TYR H 403 -43.15 -68.05 88.06
N SER H 404 -43.90 -67.61 89.08
CA SER H 404 -45.25 -68.10 89.27
C SER H 404 -46.17 -67.64 88.15
N ILE H 405 -45.91 -66.47 87.55
CA ILE H 405 -46.70 -66.07 86.39
C ILE H 405 -46.41 -66.98 85.20
N MET H 406 -45.13 -67.16 84.89
CA MET H 406 -44.71 -67.78 83.63
C MET H 406 -45.01 -69.26 83.61
N TYR H 407 -44.75 -69.97 84.73
CA TYR H 407 -44.75 -71.42 84.72
C TYR H 407 -45.85 -71.89 85.65
N PRO H 408 -47.07 -72.09 85.14
CA PRO H 408 -48.17 -72.52 86.00
C PRO H 408 -48.00 -73.92 86.51
N THR H 409 -47.22 -74.73 85.83
CA THR H 409 -47.03 -76.12 86.20
C THR H 409 -45.97 -76.32 87.26
N ARG H 410 -45.40 -75.25 87.80
CA ARG H 410 -44.31 -75.44 88.75
C ARG H 410 -44.84 -75.68 90.16
N MET H 411 -45.93 -75.02 90.54
CA MET H 411 -46.36 -74.98 91.93
C MET H 411 -46.90 -76.34 92.39
N GLY H 412 -47.07 -76.45 93.70
CA GLY H 412 -47.55 -77.66 94.31
C GLY H 412 -49.06 -77.75 94.29
N THR H 413 -49.55 -78.91 94.74
CA THR H 413 -50.99 -79.22 94.70
C THR H 413 -51.43 -79.64 96.11
N PRO H 414 -51.76 -78.69 96.96
CA PRO H 414 -52.30 -79.05 98.27
C PRO H 414 -53.75 -79.50 98.27
N ASN H 415 -54.60 -78.75 97.58
CA ASN H 415 -56.02 -78.71 97.85
C ASN H 415 -56.80 -79.22 96.66
N VAL H 416 -58.12 -79.16 96.79
CA VAL H 416 -58.99 -79.49 95.68
C VAL H 416 -59.55 -78.15 95.22
N SER H 417 -58.77 -77.10 95.44
CA SER H 417 -58.99 -75.84 94.76
C SER H 417 -58.87 -76.05 93.27
N LYS H 418 -59.62 -75.26 92.50
CA LYS H 418 -59.77 -75.50 91.07
C LYS H 418 -58.47 -75.33 90.31
N ILE H 419 -57.60 -74.42 90.77
CA ILE H 419 -56.28 -74.26 90.19
C ILE H 419 -55.44 -75.50 90.45
N CYS H 420 -55.59 -76.10 91.62
CA CYS H 420 -54.87 -77.32 91.95
C CYS H 420 -55.38 -78.49 91.14
N ASN H 421 -56.71 -78.54 90.94
CA ASN H 421 -57.36 -79.51 90.06
C ASN H 421 -56.76 -79.45 88.68
N PHE H 422 -56.62 -78.24 88.15
CA PHE H 422 -55.96 -78.04 86.88
C PHE H 422 -54.52 -78.55 86.89
N VAL H 423 -53.71 -78.05 87.84
CA VAL H 423 -52.27 -78.18 87.71
C VAL H 423 -51.81 -79.61 87.94
N ALA H 424 -52.56 -80.40 88.70
CA ALA H 424 -52.19 -81.81 88.75
C ALA H 424 -53.12 -82.68 87.94
N SER H 425 -54.02 -82.09 87.15
CA SER H 425 -54.47 -82.79 85.96
C SER H 425 -53.52 -82.57 84.80
N CYS H 426 -52.57 -81.65 84.94
CA CYS H 426 -51.66 -81.32 83.85
C CYS H 426 -50.60 -82.42 83.65
N VAL H 427 -49.69 -82.14 82.72
CA VAL H 427 -48.67 -83.09 82.26
C VAL H 427 -47.29 -82.50 82.56
N ARG H 428 -46.36 -83.37 82.99
CA ARG H 428 -45.03 -82.94 83.41
C ARG H 428 -44.14 -82.63 82.21
N ASN H 429 -42.83 -82.49 82.51
CA ASN H 429 -41.65 -82.34 81.63
C ASN H 429 -41.86 -81.53 80.34
N ARG H 430 -42.60 -80.43 80.45
CA ARG H 430 -42.74 -79.46 79.38
C ARG H 430 -42.50 -78.07 79.94
N VAL H 431 -41.44 -77.94 80.72
CA VAL H 431 -41.15 -76.74 81.50
C VAL H 431 -39.92 -76.08 80.91
N GLY H 432 -40.04 -74.81 80.57
CA GLY H 432 -38.87 -74.03 80.19
C GLY H 432 -38.30 -74.48 78.86
N ARG H 433 -36.97 -74.49 78.78
CA ARG H 433 -36.32 -74.81 77.54
C ARG H 433 -36.31 -76.32 77.31
N PHE H 434 -36.17 -76.70 76.04
CA PHE H 434 -35.77 -78.05 75.67
C PHE H 434 -34.77 -78.10 74.53
N ASP H 435 -34.60 -77.01 73.77
CA ASP H 435 -33.75 -76.99 72.60
C ASP H 435 -32.90 -75.74 72.65
N ARG H 436 -31.66 -75.87 72.20
CA ARG H 436 -30.78 -74.73 72.07
C ARG H 436 -29.78 -75.01 70.96
N ALA H 437 -29.44 -73.97 70.21
CA ALA H 437 -28.41 -74.04 69.20
C ALA H 437 -27.12 -73.59 69.84
N GLN H 438 -26.07 -74.39 69.75
CA GLN H 438 -24.78 -74.06 70.31
C GLN H 438 -23.74 -74.34 69.24
N MET H 439 -23.49 -73.35 68.39
CA MET H 439 -22.51 -73.53 67.32
C MET H 439 -21.10 -73.20 67.80
N MET H 440 -20.98 -72.45 68.89
CA MET H 440 -19.67 -72.00 69.37
C MET H 440 -19.59 -72.12 70.88
N ASN H 441 -18.53 -72.77 71.34
CA ASN H 441 -18.22 -72.84 72.76
C ASN H 441 -17.90 -71.45 73.29
N GLY H 442 -18.21 -71.24 74.57
CA GLY H 442 -17.95 -69.98 75.22
C GLY H 442 -18.73 -68.80 74.67
N ALA H 443 -19.88 -69.07 74.06
CA ALA H 443 -20.61 -68.04 73.33
C ALA H 443 -22.09 -68.14 73.67
N MET H 444 -22.81 -67.08 73.31
CA MET H 444 -24.25 -67.11 73.48
C MET H 444 -24.89 -68.05 72.49
N SER H 445 -25.98 -68.67 72.91
CA SER H 445 -26.75 -69.53 72.02
C SER H 445 -27.43 -68.70 70.95
N GLU H 446 -27.56 -69.27 69.76
CA GLU H 446 -28.16 -68.53 68.67
C GLU H 446 -29.67 -68.44 68.82
N TRP H 447 -30.31 -69.56 69.14
CA TRP H 447 -31.75 -69.55 69.34
C TRP H 447 -32.12 -70.71 70.25
N VAL H 448 -33.10 -70.48 71.12
CA VAL H 448 -33.56 -71.49 72.06
C VAL H 448 -35.07 -71.67 71.91
N ASP H 449 -35.56 -72.83 72.34
CA ASP H 449 -36.99 -73.14 72.32
C ASP H 449 -37.44 -73.35 73.76
N VAL H 450 -38.26 -72.42 74.26
CA VAL H 450 -38.73 -72.51 75.63
C VAL H 450 -40.25 -72.65 75.63
N PHE H 451 -40.75 -73.22 76.72
CA PHE H 451 -42.17 -73.20 77.05
C PHE H 451 -42.42 -72.04 78.01
N GLU H 452 -43.48 -71.29 77.78
CA GLU H 452 -43.93 -70.26 78.69
C GLU H 452 -45.35 -69.88 78.34
N THR H 453 -45.99 -69.13 79.23
CA THR H 453 -47.33 -68.64 78.94
C THR H 453 -47.25 -67.50 77.93
N SER H 454 -48.09 -67.57 76.90
CA SER H 454 -47.90 -66.70 75.75
C SER H 454 -49.17 -66.62 74.93
N ASP H 455 -49.46 -65.42 74.43
CA ASP H 455 -50.44 -65.25 73.37
C ASP H 455 -49.88 -65.88 72.10
N ALA H 456 -50.44 -67.03 71.72
CA ALA H 456 -49.99 -67.71 70.51
C ALA H 456 -50.27 -66.90 69.26
N LEU H 457 -51.26 -66.01 69.31
CA LEU H 457 -51.46 -65.00 68.29
C LEU H 457 -50.21 -64.14 68.10
N THR H 458 -49.70 -63.56 69.19
CA THR H 458 -48.51 -62.74 69.11
C THR H 458 -47.30 -63.57 68.72
N VAL H 459 -47.27 -64.84 69.14
CA VAL H 459 -46.21 -65.74 68.71
C VAL H 459 -46.23 -65.93 67.21
N SER H 460 -47.43 -66.07 66.64
CA SER H 460 -47.55 -66.24 65.19
C SER H 460 -47.18 -64.97 64.45
N ILE H 461 -47.58 -63.81 64.98
CA ILE H 461 -47.25 -62.55 64.33
C ILE H 461 -45.75 -62.30 64.34
N ARG H 462 -45.11 -62.54 65.48
CA ARG H 462 -43.67 -62.37 65.55
C ARG H 462 -42.94 -63.44 64.76
N GLY H 463 -43.55 -64.60 64.55
CA GLY H 463 -42.95 -65.59 63.65
C GLY H 463 -42.99 -65.16 62.20
N ARG H 464 -44.11 -64.60 61.76
CA ARG H 464 -44.21 -64.04 60.41
C ARG H 464 -43.21 -62.91 60.21
N TRP H 465 -43.07 -62.06 61.23
CA TRP H 465 -42.14 -60.94 61.16
C TRP H 465 -40.69 -61.42 61.12
N MET H 466 -40.37 -62.45 61.92
CA MET H 466 -39.04 -63.01 61.92
C MET H 466 -38.71 -63.65 60.57
N ALA H 467 -39.71 -64.29 59.95
CA ALA H 467 -39.51 -64.85 58.63
C ALA H 467 -39.27 -63.77 57.59
N ARG H 468 -39.96 -62.64 57.73
CA ARG H 468 -39.75 -61.51 56.82
C ARG H 468 -38.33 -60.98 56.93
N LEU H 469 -37.85 -60.79 58.16
CA LEU H 469 -36.52 -60.23 58.33
C LEU H 469 -35.44 -61.22 57.90
N ALA H 470 -35.68 -62.51 58.14
CA ALA H 470 -34.76 -63.54 57.68
C ALA H 470 -34.74 -63.62 56.16
N ARG H 471 -35.85 -63.30 55.50
CA ARG H 471 -35.80 -63.12 54.06
C ARG H 471 -34.93 -61.93 53.69
N MET H 472 -34.95 -60.88 54.51
CA MET H 472 -34.10 -59.73 54.20
C MET H 472 -32.61 -59.95 54.50
N ASN H 473 -32.26 -61.03 55.19
CA ASN H 473 -30.87 -61.24 55.63
C ASN H 473 -29.89 -61.39 54.46
N ILE H 474 -28.65 -60.93 54.68
CA ILE H 474 -27.53 -61.10 53.74
C ILE H 474 -26.26 -61.42 54.53
N ASN H 475 -25.18 -61.70 53.82
CA ASN H 475 -23.93 -62.09 54.47
C ASN H 475 -22.73 -61.34 53.86
N PRO H 476 -21.66 -61.14 54.63
CA PRO H 476 -20.59 -60.22 54.22
C PRO H 476 -19.85 -60.59 52.96
N THR H 477 -19.83 -61.87 52.56
CA THR H 477 -19.23 -62.22 51.27
C THR H 477 -20.02 -61.60 50.13
N GLU H 478 -21.35 -61.58 50.26
CA GLU H 478 -22.17 -60.95 49.24
C GLU H 478 -22.10 -59.43 49.30
N ILE H 479 -21.95 -58.85 50.49
CA ILE H 479 -21.66 -57.41 50.55
C ILE H 479 -20.36 -57.10 49.82
N GLU H 480 -19.35 -57.96 49.99
CA GLU H 480 -18.05 -57.76 49.36
C GLU H 480 -18.14 -57.85 47.84
N TRP H 481 -18.90 -58.84 47.34
CA TRP H 481 -19.09 -59.00 45.90
C TRP H 481 -19.80 -57.79 45.30
N ALA H 482 -20.88 -57.34 45.96
CA ALA H 482 -21.67 -56.25 45.41
C ALA H 482 -20.90 -54.94 45.44
N LEU H 483 -20.16 -54.69 46.52
CA LEU H 483 -19.43 -53.43 46.59
C LEU H 483 -18.25 -53.43 45.64
N THR H 484 -17.63 -54.59 45.44
CA THR H 484 -16.49 -54.66 44.53
C THR H 484 -16.93 -54.40 43.09
N GLU H 485 -18.07 -54.97 42.69
CA GLU H 485 -18.51 -54.70 41.33
C GLU H 485 -19.07 -53.29 41.18
N CYS H 486 -19.65 -52.73 42.25
CA CYS H 486 -20.07 -51.33 42.17
C CYS H 486 -18.88 -50.40 42.01
N ALA H 487 -17.78 -50.72 42.68
CA ALA H 487 -16.56 -49.96 42.49
C ALA H 487 -15.91 -50.25 41.15
N GLN H 488 -16.29 -51.37 40.52
CA GLN H 488 -15.62 -51.92 39.34
C GLN H 488 -14.14 -52.10 39.60
N GLY H 489 -13.83 -52.61 40.80
CA GLY H 489 -12.48 -52.89 41.20
C GLY H 489 -11.69 -51.71 41.69
N TYR H 490 -12.20 -50.50 41.59
CA TYR H 490 -11.39 -49.35 41.97
C TYR H 490 -11.29 -49.18 43.47
N VAL H 491 -12.22 -49.75 44.22
CA VAL H 491 -12.17 -49.78 45.68
C VAL H 491 -12.45 -51.20 46.10
N THR H 492 -11.45 -51.87 46.68
CA THR H 492 -11.61 -53.24 47.11
C THR H 492 -11.89 -53.30 48.60
N VAL H 493 -12.61 -54.34 49.00
CA VAL H 493 -12.99 -54.58 50.38
C VAL H 493 -12.72 -56.04 50.72
N THR H 494 -12.97 -56.40 51.97
CA THR H 494 -12.60 -57.71 52.48
C THR H 494 -13.71 -58.24 53.38
N SER H 495 -14.17 -59.46 53.08
CA SER H 495 -15.12 -60.19 53.90
C SER H 495 -14.38 -61.26 54.71
N PRO H 496 -14.73 -61.44 55.99
CA PRO H 496 -13.98 -62.38 56.83
C PRO H 496 -14.40 -63.82 56.58
N TYR H 497 -13.45 -64.73 56.76
CA TYR H 497 -13.62 -66.14 56.42
C TYR H 497 -13.32 -66.98 57.66
N ALA H 498 -14.37 -67.35 58.37
CA ALA H 498 -14.34 -68.09 59.62
C ALA H 498 -15.79 -68.44 59.91
N PRO H 499 -16.10 -69.34 60.86
CA PRO H 499 -17.51 -69.50 61.24
C PRO H 499 -18.07 -68.25 61.89
N SER H 500 -19.35 -68.02 61.69
CA SER H 500 -20.00 -66.78 62.10
C SER H 500 -20.85 -67.01 63.34
N VAL H 501 -21.15 -65.90 64.01
CA VAL H 501 -21.98 -65.90 65.20
C VAL H 501 -23.46 -65.82 64.84
N ASN H 502 -23.78 -65.97 63.56
CA ASN H 502 -25.10 -65.74 62.97
C ASN H 502 -25.58 -64.31 63.30
N ARG H 503 -24.82 -63.37 62.77
CA ARG H 503 -25.24 -61.99 62.81
C ARG H 503 -26.38 -61.76 61.83
N LEU H 504 -27.07 -60.64 62.01
CA LEU H 504 -28.27 -60.36 61.24
C LEU H 504 -28.19 -58.96 60.66
N MET H 505 -28.37 -58.86 59.37
CA MET H 505 -28.53 -57.53 58.79
C MET H 505 -29.61 -57.59 57.71
N PRO H 506 -30.72 -56.94 57.94
CA PRO H 506 -31.83 -57.02 56.97
C PRO H 506 -31.72 -56.06 55.81
N TYR H 507 -31.29 -56.50 54.61
CA TYR H 507 -31.18 -55.53 53.52
C TYR H 507 -31.63 -55.99 52.14
N ARG H 508 -31.66 -57.29 51.81
CA ARG H 508 -31.96 -57.68 50.44
C ARG H 508 -33.44 -57.55 50.15
N ILE H 509 -33.78 -56.72 49.16
CA ILE H 509 -35.16 -56.51 48.74
C ILE H 509 -35.25 -56.64 47.23
N SER H 510 -36.43 -57.04 46.76
CA SER H 510 -36.64 -57.40 45.36
C SER H 510 -36.87 -56.17 44.49
N ASN H 511 -37.10 -56.41 43.20
CA ASN H 511 -37.17 -55.32 42.23
C ASN H 511 -38.48 -54.54 42.30
N ALA H 512 -39.55 -55.20 42.75
CA ALA H 512 -40.89 -54.66 42.60
C ALA H 512 -41.08 -53.42 43.46
N GLU H 513 -40.72 -53.54 44.73
CA GLU H 513 -40.89 -52.43 45.67
C GLU H 513 -39.90 -51.32 45.40
N ARG H 514 -38.74 -51.65 44.83
CA ARG H 514 -37.83 -50.64 44.30
C ARG H 514 -38.54 -49.80 43.26
N GLN H 515 -39.15 -50.44 42.27
CA GLN H 515 -39.84 -49.72 41.21
C GLN H 515 -41.07 -48.96 41.73
N ILE H 516 -41.73 -49.49 42.76
CA ILE H 516 -42.85 -48.80 43.39
C ILE H 516 -42.38 -47.49 44.01
N SER H 517 -41.30 -47.55 44.79
CA SER H 517 -40.77 -46.35 45.41
C SER H 517 -40.21 -45.39 44.38
N GLN H 518 -39.72 -45.92 43.24
CA GLN H 518 -39.33 -45.07 42.12
C GLN H 518 -40.50 -44.26 41.61
N ILE H 519 -41.63 -44.93 41.37
CA ILE H 519 -42.81 -44.26 40.84
C ILE H 519 -43.33 -43.22 41.83
N ILE H 520 -43.24 -43.52 43.12
CA ILE H 520 -43.67 -42.55 44.12
C ILE H 520 -42.74 -41.35 44.15
N ARG H 521 -41.44 -41.58 43.97
CA ARG H 521 -40.54 -40.43 43.94
C ARG H 521 -40.59 -39.69 42.62
N VAL H 522 -41.13 -40.28 41.57
CA VAL H 522 -41.47 -39.51 40.38
C VAL H 522 -42.67 -38.62 40.66
N MET H 523 -43.69 -39.19 41.32
CA MET H 523 -44.90 -38.46 41.66
C MET H 523 -44.64 -37.35 42.66
N ASN H 524 -43.56 -37.43 43.43
CA ASN H 524 -43.13 -36.31 44.24
C ASN H 524 -42.69 -35.12 43.39
N ILE H 525 -41.94 -35.37 42.32
CA ILE H 525 -41.23 -34.32 41.62
C ILE H 525 -42.03 -33.81 40.41
N GLY H 526 -43.34 -34.03 40.40
CA GLY H 526 -44.18 -33.60 39.30
C GLY H 526 -44.26 -32.10 39.12
N ASN H 527 -43.55 -31.61 38.09
CA ASN H 527 -43.53 -30.21 37.67
C ASN H 527 -43.05 -29.28 38.78
N ASN H 528 -42.01 -29.70 39.48
CA ASN H 528 -41.56 -28.96 40.66
C ASN H 528 -40.43 -27.98 40.33
N ALA H 529 -39.31 -28.50 39.81
CA ALA H 529 -38.07 -27.80 39.48
C ALA H 529 -37.43 -27.08 40.66
N THR H 530 -37.82 -27.39 41.89
CA THR H 530 -37.20 -26.78 43.06
C THR H 530 -36.50 -27.78 43.96
N VAL H 531 -36.92 -29.04 43.92
CA VAL H 531 -36.33 -30.07 44.77
C VAL H 531 -35.34 -30.86 43.92
N ILE H 532 -35.60 -30.93 42.61
CA ILE H 532 -34.69 -31.61 41.73
C ILE H 532 -33.39 -30.81 41.55
N GLN H 533 -33.44 -29.51 41.73
CA GLN H 533 -32.29 -28.64 41.53
C GLN H 533 -31.14 -28.85 42.54
N PRO H 534 -31.37 -28.98 43.87
CA PRO H 534 -30.24 -29.28 44.75
C PRO H 534 -29.65 -30.66 44.53
N VAL H 535 -30.43 -31.61 44.01
CA VAL H 535 -29.91 -32.94 43.73
C VAL H 535 -28.88 -32.88 42.61
N LEU H 536 -29.25 -32.25 41.49
CA LEU H 536 -28.31 -32.08 40.39
C LEU H 536 -27.12 -31.23 40.82
N GLN H 537 -27.37 -30.26 41.70
CA GLN H 537 -26.32 -29.39 42.22
C GLN H 537 -25.26 -30.18 42.97
N ASP H 538 -25.67 -30.93 44.00
CA ASP H 538 -24.61 -31.56 44.78
C ASP H 538 -24.07 -32.84 44.16
N ILE H 539 -24.79 -33.44 43.20
CA ILE H 539 -24.13 -34.49 42.41
C ILE H 539 -23.04 -33.89 41.53
N SER H 540 -23.29 -32.68 41.01
CA SER H 540 -22.24 -31.96 40.29
C SER H 540 -21.07 -31.62 41.21
N VAL H 541 -21.36 -31.28 42.46
CA VAL H 541 -20.30 -30.94 43.41
C VAL H 541 -19.46 -32.17 43.76
N LEU H 542 -20.11 -33.30 44.03
CA LEU H 542 -19.38 -34.53 44.34
C LEU H 542 -18.56 -35.01 43.15
N LEU H 543 -19.09 -34.79 41.94
CA LEU H 543 -18.39 -35.18 40.73
C LEU H 543 -17.18 -34.29 40.47
N GLN H 544 -17.28 -33.01 40.84
CA GLN H 544 -16.10 -32.15 40.88
C GLN H 544 -15.08 -32.66 41.88
N ARG H 545 -15.55 -33.16 43.02
CA ARG H 545 -14.63 -33.65 44.04
C ARG H 545 -13.87 -34.87 43.57
N ILE H 546 -14.48 -35.71 42.74
CA ILE H 546 -13.79 -36.93 42.36
C ILE H 546 -12.94 -36.80 41.08
N SER H 547 -13.30 -35.90 40.14
CA SER H 547 -12.60 -36.05 38.86
C SER H 547 -11.22 -35.40 38.88
N PRO H 548 -10.25 -36.00 38.15
CA PRO H 548 -8.90 -35.43 38.15
C PRO H 548 -8.75 -34.19 37.30
N LEU H 549 -9.50 -34.09 36.20
CA LEU H 549 -9.27 -32.97 35.29
C LEU H 549 -9.88 -31.71 35.86
N GLN H 550 -9.44 -30.57 35.34
CA GLN H 550 -10.10 -29.31 35.66
C GLN H 550 -9.91 -28.36 34.48
N ILE H 551 -10.37 -27.12 34.67
CA ILE H 551 -10.55 -26.18 33.59
C ILE H 551 -9.51 -25.07 33.72
N ASP H 552 -8.87 -24.73 32.62
CA ASP H 552 -7.77 -23.76 32.64
C ASP H 552 -7.84 -22.84 31.43
N PRO H 553 -8.49 -21.68 31.57
CA PRO H 553 -8.70 -20.80 30.42
C PRO H 553 -7.45 -20.08 29.93
N THR H 554 -6.33 -20.22 30.65
CA THR H 554 -5.08 -19.65 30.17
C THR H 554 -4.59 -20.33 28.91
N ILE H 555 -5.07 -21.54 28.62
CA ILE H 555 -4.81 -22.18 27.33
C ILE H 555 -5.39 -21.35 26.19
N ILE H 556 -6.65 -20.96 26.32
CA ILE H 556 -7.29 -20.11 25.32
C ILE H 556 -6.61 -18.74 25.27
N SER H 557 -6.20 -18.22 26.43
CA SER H 557 -5.54 -16.91 26.45
C SER H 557 -4.21 -16.96 25.73
N ASN H 558 -3.44 -18.03 25.94
CA ASN H 558 -2.17 -18.20 25.23
C ASN H 558 -2.40 -18.40 23.74
N THR H 559 -3.45 -19.12 23.38
CA THR H 559 -3.72 -19.42 21.97
C THR H 559 -4.14 -18.17 21.21
N MET H 560 -4.93 -17.32 21.85
CA MET H 560 -5.38 -16.11 21.19
C MET H 560 -4.42 -14.94 21.39
N SER H 561 -3.43 -15.08 22.26
CA SER H 561 -2.27 -14.21 22.15
C SER H 561 -1.34 -14.69 21.07
N THR H 562 -1.39 -15.99 20.77
CA THR H 562 -0.53 -16.59 19.78
C THR H 562 -0.97 -16.23 18.37
N VAL H 563 -2.28 -16.11 18.14
CA VAL H 563 -2.77 -15.72 16.83
C VAL H 563 -2.29 -14.30 16.48
N SER H 564 -1.99 -14.07 15.20
CA SER H 564 -1.24 -12.90 14.77
C SER H 564 -1.96 -12.20 13.63
N GLU H 565 -2.36 -10.95 13.87
CA GLU H 565 -2.99 -10.11 12.85
C GLU H 565 -2.55 -8.67 13.00
N SER H 566 -2.71 -7.91 11.93
CA SER H 566 -2.31 -6.51 11.99
C SER H 566 -3.28 -5.69 12.82
N THR H 567 -2.77 -4.59 13.35
CA THR H 567 -3.57 -3.58 14.02
C THR H 567 -4.04 -2.62 12.92
N THR H 568 -4.52 -1.42 13.27
CA THR H 568 -5.25 -0.44 12.45
C THR H 568 -6.27 -1.08 11.52
N GLN H 569 -6.98 -2.09 12.03
CA GLN H 569 -7.98 -2.84 11.29
C GLN H 569 -9.35 -2.78 11.94
N THR H 570 -9.41 -2.75 13.27
CA THR H 570 -10.60 -2.61 14.11
C THR H 570 -11.64 -3.70 13.91
N LEU H 571 -11.24 -4.86 13.36
CA LEU H 571 -12.00 -6.10 13.49
C LEU H 571 -10.98 -7.19 13.77
N SER H 572 -10.66 -7.39 15.03
CA SER H 572 -9.76 -8.49 15.36
C SER H 572 -10.57 -9.59 16.00
N PRO H 573 -10.63 -10.77 15.38
CA PRO H 573 -11.46 -11.87 15.89
C PRO H 573 -11.04 -12.36 17.26
N ALA H 574 -9.77 -12.23 17.58
CA ALA H 574 -9.26 -12.58 18.90
C ALA H 574 -9.92 -11.74 19.98
N SER H 575 -9.87 -10.43 19.81
CA SER H 575 -10.54 -9.52 20.74
C SER H 575 -12.04 -9.70 20.72
N SER H 576 -12.61 -10.11 19.58
CA SER H 576 -14.05 -10.28 19.51
C SER H 576 -14.51 -11.43 20.40
N ILE H 577 -13.89 -12.60 20.26
CA ILE H 577 -14.29 -13.71 21.12
C ILE H 577 -13.86 -13.48 22.58
N LEU H 578 -12.70 -12.85 22.79
CA LEU H 578 -12.22 -12.66 24.16
C LEU H 578 -13.01 -11.59 24.89
N GLY H 579 -13.70 -10.71 24.15
CA GLY H 579 -14.66 -9.84 24.78
C GLY H 579 -16.07 -10.40 24.82
N LYS H 580 -16.36 -11.41 24.00
CA LYS H 580 -17.72 -11.93 23.99
C LYS H 580 -17.92 -13.03 25.01
N LEU H 581 -16.90 -13.86 25.22
CA LEU H 581 -17.03 -15.13 25.93
C LEU H 581 -17.16 -14.88 27.43
N ARG H 582 -18.39 -14.61 27.88
CA ARG H 582 -18.68 -14.22 29.24
C ARG H 582 -19.61 -15.21 29.92
N PRO H 583 -19.49 -15.40 31.24
CA PRO H 583 -20.46 -16.25 31.93
C PRO H 583 -21.77 -15.51 32.16
N SER H 584 -22.88 -16.24 32.04
CA SER H 584 -24.18 -15.60 32.20
C SER H 584 -24.51 -15.38 33.67
N ASN H 585 -24.19 -16.34 34.52
CA ASN H 585 -24.25 -16.14 35.97
C ASN H 585 -23.08 -16.88 36.58
N SER H 586 -23.05 -16.95 37.91
CA SER H 586 -22.01 -17.70 38.61
C SER H 586 -22.64 -18.50 39.75
N ASP H 587 -23.15 -19.68 39.42
CA ASP H 587 -23.66 -20.66 40.38
C ASP H 587 -23.95 -21.96 39.66
N PHE H 588 -24.04 -23.02 40.47
CA PHE H 588 -24.41 -24.41 40.17
C PHE H 588 -23.65 -25.08 39.03
N SER H 589 -22.54 -24.49 38.57
CA SER H 589 -21.48 -25.17 37.80
C SER H 589 -22.02 -25.78 36.50
N SER H 590 -22.38 -24.87 35.57
CA SER H 590 -23.16 -25.17 34.36
C SER H 590 -22.72 -26.43 33.60
N PHE H 591 -21.42 -26.62 33.46
CA PHE H 591 -20.92 -27.76 32.71
C PHE H 591 -21.18 -29.08 33.42
N ARG H 592 -20.80 -29.16 34.67
CA ARG H 592 -20.90 -30.45 35.33
C ARG H 592 -22.32 -30.73 35.84
N VAL H 593 -23.15 -29.69 35.98
CA VAL H 593 -24.56 -30.00 36.19
C VAL H 593 -25.20 -30.45 34.89
N ALA H 594 -24.74 -29.96 33.73
CA ALA H 594 -25.19 -30.54 32.46
C ALA H 594 -24.69 -31.97 32.31
N LEU H 595 -23.51 -32.25 32.84
CA LEU H 595 -22.98 -33.61 32.78
C LEU H 595 -23.78 -34.55 33.66
N ALA H 596 -24.13 -34.11 34.86
CA ALA H 596 -24.95 -34.93 35.75
C ALA H 596 -26.40 -34.98 35.34
N GLY H 597 -26.84 -34.08 34.46
CA GLY H 597 -28.20 -34.15 33.96
C GLY H 597 -28.47 -35.31 33.02
N TRP H 598 -27.43 -36.04 32.62
CA TRP H 598 -27.60 -37.19 31.74
C TRP H 598 -28.36 -38.32 32.40
N LEU H 599 -28.34 -38.39 33.73
CA LEU H 599 -29.07 -39.43 34.43
C LEU H 599 -30.57 -39.25 34.41
N TYR H 600 -31.06 -38.07 34.05
CA TYR H 600 -32.50 -37.82 34.13
C TYR H 600 -32.96 -37.07 32.89
N ASN H 601 -33.58 -37.79 31.98
CA ASN H 601 -34.32 -37.18 30.88
C ASN H 601 -35.81 -37.13 31.14
N GLY H 602 -36.33 -38.15 31.84
CA GLY H 602 -37.76 -38.26 32.06
C GLY H 602 -38.31 -37.22 33.00
N VAL H 603 -37.48 -36.60 33.81
CA VAL H 603 -37.92 -35.49 34.64
C VAL H 603 -37.21 -34.19 34.33
N VAL H 604 -36.00 -34.23 33.78
CA VAL H 604 -35.18 -33.04 33.58
C VAL H 604 -34.86 -32.93 32.10
N THR H 605 -35.11 -31.75 31.53
CA THR H 605 -34.68 -31.43 30.17
C THR H 605 -33.70 -30.28 30.27
N THR H 606 -32.41 -30.56 30.08
CA THR H 606 -31.39 -29.52 30.20
C THR H 606 -31.46 -28.65 28.94
N VAL H 607 -32.36 -27.69 28.97
CA VAL H 607 -32.58 -26.85 27.80
C VAL H 607 -31.53 -25.76 27.77
N ILE H 608 -31.20 -25.31 26.56
CA ILE H 608 -30.29 -24.18 26.40
C ILE H 608 -31.00 -22.89 26.79
N ASP H 609 -30.22 -21.91 27.22
CA ASP H 609 -30.76 -20.63 27.67
C ASP H 609 -31.30 -19.82 26.49
N ASP H 610 -32.27 -18.97 26.80
CA ASP H 610 -32.69 -17.93 25.86
C ASP H 610 -31.55 -16.98 25.57
N SER H 611 -30.76 -16.62 26.58
CA SER H 611 -29.77 -15.57 26.44
C SER H 611 -28.56 -16.01 25.61
N SER H 612 -28.47 -17.28 25.24
CA SER H 612 -27.38 -17.72 24.41
C SER H 612 -27.58 -17.31 22.95
N TYR H 613 -28.81 -17.08 22.55
CA TYR H 613 -29.08 -16.62 21.18
C TYR H 613 -29.15 -15.11 21.16
N PRO H 614 -28.48 -14.43 20.21
CA PRO H 614 -28.04 -13.05 20.48
C PRO H 614 -29.09 -11.97 20.67
N LYS H 615 -29.79 -11.61 19.59
CA LYS H 615 -30.83 -10.60 19.54
C LYS H 615 -31.43 -10.63 18.15
N ASP H 616 -32.76 -10.67 18.06
CA ASP H 616 -33.51 -10.64 16.79
C ASP H 616 -33.09 -11.75 15.83
N GLY H 617 -32.61 -12.87 16.36
CA GLY H 617 -32.19 -13.94 15.50
C GLY H 617 -30.75 -13.88 15.07
N GLY H 618 -30.50 -13.35 13.88
CA GLY H 618 -29.28 -13.66 13.18
C GLY H 618 -28.21 -12.60 13.09
N SER H 619 -28.18 -11.92 11.94
CA SER H 619 -27.14 -10.98 11.52
C SER H 619 -25.77 -11.67 11.41
N VAL H 620 -25.69 -12.57 10.42
CA VAL H 620 -24.42 -13.16 10.01
C VAL H 620 -23.56 -12.15 9.25
N THR H 621 -24.11 -10.98 8.93
CA THR H 621 -23.32 -9.86 8.43
C THR H 621 -22.26 -9.41 9.43
N SER H 622 -22.51 -9.60 10.72
CA SER H 622 -21.60 -9.21 11.78
C SER H 622 -20.45 -10.19 11.94
N LEU H 623 -19.76 -10.11 13.05
CA LEU H 623 -18.76 -11.12 13.41
C LEU H 623 -19.05 -11.80 14.74
N GLU H 624 -19.52 -11.04 15.73
CA GLU H 624 -19.80 -11.60 17.04
C GLU H 624 -20.95 -12.59 16.97
N ASN H 625 -21.84 -12.43 16.00
CA ASN H 625 -22.87 -13.42 15.80
C ASN H 625 -22.32 -14.71 15.20
N LEU H 626 -21.26 -14.63 14.40
CA LEU H 626 -20.57 -15.85 13.98
C LEU H 626 -19.91 -16.54 15.15
N TRP H 627 -19.32 -15.74 16.05
CA TRP H 627 -18.77 -16.29 17.29
C TRP H 627 -19.85 -16.94 18.13
N ASP H 628 -21.03 -16.34 18.13
CA ASP H 628 -22.17 -16.87 18.85
C ASP H 628 -22.60 -18.20 18.26
N PHE H 629 -22.58 -18.29 16.94
CA PHE H 629 -22.86 -19.56 16.27
C PHE H 629 -21.84 -20.61 16.66
N PHE H 630 -20.57 -20.20 16.80
CA PHE H 630 -19.54 -21.15 17.20
C PHE H 630 -19.79 -21.67 18.60
N ILE H 631 -20.05 -20.77 19.54
CA ILE H 631 -20.31 -21.12 20.93
C ILE H 631 -21.51 -22.05 21.04
N LEU H 632 -22.58 -21.74 20.30
CA LEU H 632 -23.79 -22.53 20.47
C LEU H 632 -23.68 -23.87 19.77
N ALA H 633 -23.06 -23.93 18.60
CA ALA H 633 -22.91 -25.21 17.93
C ALA H 633 -21.91 -26.10 18.64
N LEU H 634 -20.99 -25.50 19.38
CA LEU H 634 -20.07 -26.33 20.13
C LEU H 634 -20.69 -26.82 21.42
N ALA H 635 -21.50 -25.99 22.07
CA ALA H 635 -22.01 -26.34 23.39
C ALA H 635 -23.32 -27.10 23.35
N LEU H 636 -24.02 -27.09 22.23
CA LEU H 636 -25.29 -27.79 22.13
C LEU H 636 -25.24 -29.32 22.30
N PRO H 637 -24.24 -30.10 21.77
CA PRO H 637 -24.42 -31.56 21.81
C PRO H 637 -24.23 -32.26 23.14
N LEU H 638 -24.22 -31.54 24.25
CA LEU H 638 -24.18 -32.19 25.56
C LEU H 638 -25.51 -32.21 26.27
N THR H 639 -26.50 -31.45 25.77
CA THR H 639 -27.77 -31.36 26.45
C THR H 639 -28.57 -32.64 26.26
N THR H 640 -29.41 -32.95 27.24
CA THR H 640 -30.34 -34.07 27.12
C THR H 640 -31.66 -33.65 26.49
N ASP H 641 -31.71 -32.45 25.91
CA ASP H 641 -32.82 -32.01 25.08
C ASP H 641 -33.04 -33.00 23.94
N PRO H 642 -34.22 -33.60 23.84
CA PRO H 642 -34.50 -34.44 22.67
C PRO H 642 -34.62 -33.65 21.38
N CYS H 643 -34.88 -32.34 21.48
CA CYS H 643 -34.95 -31.47 20.32
C CYS H 643 -33.68 -30.64 20.18
N ALA H 644 -32.56 -31.15 20.69
CA ALA H 644 -31.30 -30.42 20.60
C ALA H 644 -30.79 -30.22 19.16
N PRO H 645 -30.50 -31.27 18.36
CA PRO H 645 -29.65 -31.04 17.17
C PRO H 645 -30.35 -30.30 16.05
N VAL H 646 -31.67 -30.14 16.10
CA VAL H 646 -32.35 -29.35 15.11
C VAL H 646 -32.07 -27.86 15.32
N LYS H 647 -31.79 -27.46 16.56
CA LYS H 647 -31.65 -26.06 16.90
C LYS H 647 -30.39 -25.45 16.31
N ALA H 648 -29.40 -26.26 15.99
CA ALA H 648 -28.20 -25.74 15.34
C ALA H 648 -28.50 -25.27 13.92
N PHE H 649 -29.16 -26.11 13.13
CA PHE H 649 -29.51 -25.70 11.78
C PHE H 649 -30.57 -24.61 11.79
N MET H 650 -31.47 -24.65 12.78
CA MET H 650 -32.44 -23.56 12.88
C MET H 650 -31.77 -22.25 13.26
N THR H 651 -30.73 -22.32 14.08
CA THR H 651 -29.92 -21.16 14.38
C THR H 651 -29.26 -20.62 13.13
N LEU H 652 -28.70 -21.51 12.31
CA LEU H 652 -27.97 -21.07 11.12
C LEU H 652 -28.90 -20.50 10.06
N ALA H 653 -30.08 -21.10 9.89
CA ALA H 653 -31.07 -20.54 8.99
C ALA H 653 -31.59 -19.22 9.52
N ASN H 654 -31.63 -19.07 10.84
CA ASN H 654 -31.98 -17.78 11.42
C ASN H 654 -30.87 -16.77 11.18
N MET H 655 -29.62 -17.23 11.15
CA MET H 655 -28.48 -16.35 10.86
C MET H 655 -28.56 -15.82 9.43
N MET H 656 -28.97 -16.67 8.51
CA MET H 656 -28.92 -16.35 7.09
C MET H 656 -30.35 -16.30 6.56
N VAL H 657 -30.99 -15.14 6.72
CA VAL H 657 -32.26 -14.87 6.06
C VAL H 657 -32.02 -13.78 5.03
N GLY H 658 -32.70 -13.89 3.90
CA GLY H 658 -32.51 -12.91 2.83
C GLY H 658 -31.30 -13.17 1.95
N PHE H 659 -30.23 -13.66 2.56
CA PHE H 659 -29.16 -14.29 1.82
C PHE H 659 -29.68 -15.44 0.96
N GLU H 660 -30.56 -16.26 1.53
CA GLU H 660 -31.23 -17.30 0.76
C GLU H 660 -32.56 -17.61 1.42
N THR H 661 -33.35 -18.42 0.74
CA THR H 661 -34.65 -18.86 1.22
C THR H 661 -34.69 -20.38 1.29
N ILE H 662 -35.48 -20.88 2.23
CA ILE H 662 -35.66 -22.32 2.47
C ILE H 662 -37.15 -22.55 2.62
N PRO H 663 -37.71 -23.56 1.96
CA PRO H 663 -39.13 -23.87 2.14
C PRO H 663 -39.39 -24.38 3.56
N MET H 664 -40.34 -23.74 4.24
CA MET H 664 -40.66 -24.09 5.61
C MET H 664 -42.02 -24.80 5.66
N ASP H 665 -42.47 -25.08 6.88
CA ASP H 665 -43.75 -25.76 7.05
C ASP H 665 -44.92 -24.83 6.78
N ASN H 666 -45.04 -23.78 7.57
CA ASN H 666 -46.07 -22.78 7.33
C ASN H 666 -45.44 -21.40 7.25
N GLN H 667 -46.25 -20.37 7.25
CA GLN H 667 -45.74 -19.01 7.37
C GLN H 667 -45.63 -18.57 8.81
N ILE H 668 -46.07 -19.40 9.75
CA ILE H 668 -45.98 -19.05 11.17
C ILE H 668 -44.61 -19.40 11.68
N TYR H 669 -44.26 -20.68 11.63
CA TYR H 669 -42.95 -21.12 12.09
C TYR H 669 -41.95 -21.07 10.94
N THR H 670 -41.77 -19.87 10.41
CA THR H 670 -40.99 -19.66 9.21
C THR H 670 -39.50 -19.64 9.54
N GLN H 671 -38.67 -19.29 8.56
CA GLN H 671 -37.22 -19.31 8.76
C GLN H 671 -36.76 -18.23 9.72
N SER H 672 -37.32 -17.02 9.61
CA SER H 672 -36.87 -15.90 10.42
C SER H 672 -37.31 -15.95 11.86
N ARG H 673 -37.90 -17.05 12.31
CA ARG H 673 -38.31 -17.18 13.70
C ARG H 673 -37.09 -17.40 14.60
N ARG H 674 -37.15 -16.83 15.80
CA ARG H 674 -36.21 -17.13 16.87
C ARG H 674 -36.14 -18.63 17.14
N ALA H 675 -34.92 -19.17 17.02
CA ALA H 675 -34.72 -20.61 17.06
C ALA H 675 -34.89 -21.22 18.44
N SER H 676 -34.97 -20.41 19.49
CA SER H 676 -35.11 -20.96 20.82
C SER H 676 -36.51 -21.43 21.16
N ALA H 677 -37.48 -21.17 20.28
CA ALA H 677 -38.87 -21.44 20.60
C ALA H 677 -39.40 -22.67 19.88
N PHE H 678 -38.55 -23.60 19.49
CA PHE H 678 -39.03 -24.73 18.69
C PHE H 678 -39.35 -25.94 19.56
N SER H 679 -38.34 -26.51 20.22
CA SER H 679 -38.47 -27.34 21.42
C SER H 679 -39.44 -28.51 21.40
N THR H 680 -39.95 -28.89 20.24
CA THR H 680 -40.90 -29.99 20.13
C THR H 680 -40.64 -30.67 18.79
N PRO H 681 -40.93 -31.96 18.66
CA PRO H 681 -40.72 -32.61 17.36
C PRO H 681 -41.76 -32.26 16.34
N HIS H 682 -42.91 -31.73 16.74
CA HIS H 682 -43.95 -31.40 15.77
C HIS H 682 -43.67 -30.11 15.02
N THR H 683 -42.67 -29.33 15.43
CA THR H 683 -42.27 -28.16 14.66
C THR H 683 -41.06 -28.42 13.79
N TRP H 684 -40.54 -29.64 13.80
CA TRP H 684 -39.37 -29.97 13.00
C TRP H 684 -39.73 -29.94 11.53
N PRO H 685 -39.12 -29.07 10.72
CA PRO H 685 -39.51 -28.99 9.31
C PRO H 685 -38.85 -30.11 8.52
N ARG H 686 -39.58 -30.65 7.55
CA ARG H 686 -39.05 -31.74 6.76
C ARG H 686 -38.01 -31.29 5.76
N CYS H 687 -37.88 -29.98 5.52
CA CYS H 687 -36.79 -29.48 4.71
C CYS H 687 -35.45 -29.73 5.37
N PHE H 688 -35.44 -29.79 6.71
CA PHE H 688 -34.23 -30.21 7.41
C PHE H 688 -33.94 -31.68 7.16
N MET H 689 -34.97 -32.51 7.04
CA MET H 689 -34.74 -33.95 7.03
C MET H 689 -34.51 -34.49 5.62
N ASN H 690 -35.48 -34.28 4.73
CA ASN H 690 -35.18 -34.56 3.34
C ASN H 690 -34.26 -33.48 2.85
N ILE H 691 -32.95 -33.75 2.92
CA ILE H 691 -31.92 -32.77 2.64
C ILE H 691 -31.88 -32.40 1.16
N GLN H 692 -32.54 -33.19 0.31
CA GLN H 692 -32.67 -32.87 -1.11
C GLN H 692 -33.46 -31.59 -1.34
N LEU H 693 -34.36 -31.24 -0.41
CA LEU H 693 -35.13 -30.00 -0.51
C LEU H 693 -34.27 -28.76 -0.42
N ILE H 694 -33.11 -28.82 0.25
CA ILE H 694 -32.20 -27.69 0.24
C ILE H 694 -31.51 -27.65 -1.12
N SER H 695 -31.70 -26.55 -1.85
CA SER H 695 -31.09 -26.42 -3.16
C SER H 695 -29.61 -26.11 -3.00
N PRO H 696 -28.71 -26.90 -3.62
CA PRO H 696 -27.29 -26.61 -3.52
C PRO H 696 -26.90 -25.35 -4.26
N ILE H 697 -27.70 -24.93 -5.22
CA ILE H 697 -27.36 -23.76 -6.02
C ILE H 697 -27.58 -22.49 -5.22
N ASP H 698 -28.72 -22.39 -4.52
CA ASP H 698 -29.01 -21.18 -3.76
C ASP H 698 -28.41 -21.20 -2.36
N ALA H 699 -28.54 -22.31 -1.64
CA ALA H 699 -28.05 -22.41 -0.26
C ALA H 699 -27.10 -23.59 -0.14
N PRO H 700 -25.84 -23.43 -0.53
CA PRO H 700 -24.91 -24.56 -0.42
C PRO H 700 -24.41 -24.76 0.99
N ILE H 701 -24.22 -23.66 1.72
CA ILE H 701 -23.68 -23.70 3.08
C ILE H 701 -24.64 -24.43 3.99
N LEU H 702 -25.93 -24.21 3.81
CA LEU H 702 -26.89 -24.83 4.70
C LEU H 702 -27.09 -26.30 4.39
N ARG H 703 -26.94 -26.68 3.12
CA ARG H 703 -26.91 -28.10 2.79
C ARG H 703 -25.68 -28.77 3.39
N GLN H 704 -24.54 -28.06 3.40
CA GLN H 704 -23.35 -28.58 4.09
C GLN H 704 -23.60 -28.77 5.58
N TRP H 705 -24.24 -27.79 6.21
CA TRP H 705 -24.49 -27.86 7.65
C TRP H 705 -25.45 -28.99 7.97
N ALA H 706 -26.46 -29.18 7.14
CA ALA H 706 -27.38 -30.28 7.36
C ALA H 706 -26.71 -31.63 7.15
N GLU H 707 -25.77 -31.71 6.20
CA GLU H 707 -24.95 -32.92 6.04
C GLU H 707 -24.14 -33.20 7.30
N ILE H 708 -23.57 -32.15 7.89
CA ILE H 708 -22.78 -32.30 9.11
C ILE H 708 -23.65 -32.77 10.26
N ILE H 709 -24.89 -32.26 10.35
CA ILE H 709 -25.80 -32.69 11.40
C ILE H 709 -26.19 -34.15 11.21
N HIS H 710 -26.53 -34.53 9.97
CA HIS H 710 -27.00 -35.89 9.73
C HIS H 710 -25.88 -36.92 9.87
N ARG H 711 -24.64 -36.53 9.62
CA ARG H 711 -23.58 -37.52 9.66
C ARG H 711 -22.77 -37.50 10.96
N TYR H 712 -22.28 -36.34 11.37
CA TYR H 712 -21.23 -36.29 12.38
C TYR H 712 -21.74 -35.90 13.76
N TRP H 713 -23.05 -35.90 13.96
CA TRP H 713 -23.62 -35.81 15.29
C TRP H 713 -23.23 -37.06 16.10
N PRO H 714 -23.08 -36.95 17.41
CA PRO H 714 -22.72 -38.12 18.23
C PRO H 714 -23.79 -39.19 18.27
N ASN H 715 -23.43 -40.32 18.88
CA ASN H 715 -24.26 -41.51 18.90
C ASN H 715 -24.41 -42.00 20.34
N PRO H 716 -25.60 -42.44 20.74
CA PRO H 716 -25.79 -42.93 22.10
C PRO H 716 -25.12 -44.27 22.32
N SER H 717 -24.89 -44.58 23.60
CA SER H 717 -24.16 -45.79 23.99
C SER H 717 -24.59 -46.17 25.40
N GLN H 718 -23.83 -47.06 26.03
CA GLN H 718 -24.21 -47.56 27.34
C GLN H 718 -22.99 -48.00 28.15
N ILE H 719 -23.19 -48.14 29.47
CA ILE H 719 -22.06 -48.28 30.38
C ILE H 719 -22.18 -49.45 31.37
N ARG H 720 -23.38 -49.96 31.71
CA ARG H 720 -23.62 -51.10 32.59
C ARG H 720 -23.07 -50.93 34.01
N TYR H 721 -23.77 -50.17 34.85
CA TYR H 721 -23.42 -50.07 36.26
C TYR H 721 -24.12 -51.14 37.11
N GLY H 722 -23.60 -51.31 38.33
CA GLY H 722 -24.38 -51.86 39.44
C GLY H 722 -24.68 -53.35 39.34
N THR H 723 -25.35 -53.84 40.37
CA THR H 723 -25.95 -55.16 40.37
C THR H 723 -27.39 -55.07 40.86
N PRO H 724 -28.22 -56.02 40.47
CA PRO H 724 -29.49 -56.24 41.18
C PRO H 724 -29.42 -57.30 42.27
N ASN H 725 -28.22 -57.79 42.60
CA ASN H 725 -28.11 -58.96 43.47
C ASN H 725 -28.46 -58.62 44.90
N VAL H 726 -27.68 -57.75 45.53
CA VAL H 726 -27.92 -57.43 46.93
C VAL H 726 -29.09 -56.46 47.06
N PHE H 727 -29.00 -55.31 46.39
CA PHE H 727 -30.14 -54.44 46.22
C PHE H 727 -30.55 -54.49 44.76
N GLY H 728 -31.84 -54.59 44.52
CA GLY H 728 -32.34 -54.88 43.20
C GLY H 728 -32.24 -53.71 42.25
N SER H 729 -32.52 -54.01 40.99
CA SER H 729 -32.49 -53.00 39.93
C SER H 729 -33.75 -52.14 40.02
N ALA H 730 -33.56 -50.82 40.07
CA ALA H 730 -34.66 -49.90 40.21
C ALA H 730 -34.84 -48.99 39.00
N ASN H 731 -34.40 -49.43 37.83
CA ASN H 731 -34.80 -48.69 36.65
C ASN H 731 -36.08 -49.28 36.07
N LEU H 732 -36.75 -48.48 35.24
CA LEU H 732 -38.10 -48.83 34.80
C LEU H 732 -38.20 -49.04 33.30
N PHE H 733 -37.85 -48.03 32.52
CA PHE H 733 -38.07 -48.04 31.08
C PHE H 733 -36.87 -48.62 30.35
N THR H 734 -35.68 -48.43 30.90
CA THR H 734 -34.50 -49.07 30.39
C THR H 734 -34.51 -50.53 30.83
N PRO H 735 -33.66 -51.37 30.25
CA PRO H 735 -33.41 -52.69 30.84
C PRO H 735 -32.74 -52.54 32.20
N PRO H 736 -32.75 -53.58 33.03
CA PRO H 736 -32.03 -53.51 34.30
C PRO H 736 -30.53 -53.47 34.08
N GLU H 737 -29.82 -53.02 35.11
CA GLU H 737 -28.38 -53.16 35.28
C GLU H 737 -27.59 -52.34 34.25
N VAL H 738 -28.25 -51.44 33.52
CA VAL H 738 -27.65 -50.77 32.37
C VAL H 738 -28.10 -49.33 32.33
N LEU H 739 -27.34 -48.49 31.64
CA LEU H 739 -27.53 -47.05 31.64
C LEU H 739 -27.29 -46.49 30.25
N LEU H 740 -28.18 -45.64 29.79
CA LEU H 740 -28.01 -45.05 28.46
C LEU H 740 -27.23 -43.74 28.57
N LEU H 741 -26.48 -43.45 27.51
CA LEU H 741 -25.57 -42.31 27.41
C LEU H 741 -25.92 -41.47 26.21
N PRO H 742 -25.69 -40.16 26.26
CA PRO H 742 -25.94 -39.32 25.09
C PRO H 742 -24.91 -39.57 24.01
N ILE H 743 -23.65 -39.62 24.42
CA ILE H 743 -22.54 -39.72 23.50
C ILE H 743 -21.94 -41.11 23.61
N ASP H 744 -21.04 -41.40 22.69
CA ASP H 744 -20.42 -42.73 22.65
C ASP H 744 -19.45 -42.88 23.81
N HIS H 745 -19.44 -44.07 24.40
CA HIS H 745 -18.42 -44.44 25.37
C HIS H 745 -17.46 -45.43 24.73
N GLN H 746 -16.20 -45.23 24.98
CA GLN H 746 -15.14 -46.01 24.35
C GLN H 746 -14.04 -46.14 25.37
N PRO H 747 -13.97 -47.28 26.06
CA PRO H 747 -13.13 -47.37 27.27
C PRO H 747 -11.64 -47.31 26.95
N ALA H 748 -10.91 -46.60 27.80
CA ALA H 748 -9.50 -46.38 27.58
C ALA H 748 -8.71 -47.64 27.90
N ASN H 749 -7.42 -47.61 27.57
CA ASN H 749 -6.61 -48.81 27.66
C ASN H 749 -5.32 -48.63 28.42
N VAL H 750 -4.71 -47.47 28.34
CA VAL H 750 -3.53 -47.18 29.14
C VAL H 750 -3.95 -46.35 30.35
N THR H 751 -3.26 -46.56 31.46
CA THR H 751 -3.49 -45.77 32.64
C THR H 751 -2.61 -44.54 32.70
N THR H 752 -1.81 -44.30 31.67
CA THR H 752 -1.08 -43.04 31.47
C THR H 752 -1.74 -42.35 30.30
N PRO H 753 -2.73 -41.50 30.52
CA PRO H 753 -3.45 -40.90 29.40
C PRO H 753 -2.67 -39.74 28.82
N THR H 754 -2.83 -39.57 27.51
CA THR H 754 -2.27 -38.44 26.80
C THR H 754 -3.12 -38.19 25.57
N LEU H 755 -2.81 -37.09 24.87
CA LEU H 755 -3.69 -36.54 23.86
C LEU H 755 -3.73 -37.39 22.59
N ASP H 756 -4.93 -37.57 22.06
CA ASP H 756 -5.14 -37.86 20.64
C ASP H 756 -6.42 -37.18 20.23
N PHE H 757 -6.68 -37.17 18.93
CA PHE H 757 -7.78 -36.38 18.39
C PHE H 757 -8.97 -37.22 17.94
N THR H 758 -8.90 -38.53 18.05
CA THR H 758 -9.88 -39.40 17.40
C THR H 758 -11.08 -39.61 18.31
N ASN H 759 -12.01 -38.66 18.28
CA ASN H 759 -13.34 -38.89 18.82
C ASN H 759 -14.35 -37.96 18.16
N GLU H 760 -15.59 -38.12 18.59
CA GLU H 760 -16.72 -37.45 17.95
C GLU H 760 -16.73 -35.96 18.23
N LEU H 761 -16.25 -35.56 19.41
CA LEU H 761 -16.31 -34.13 19.74
C LEU H 761 -15.23 -33.34 19.02
N THR H 762 -14.02 -33.90 18.92
CA THR H 762 -12.98 -33.23 18.15
C THR H 762 -13.33 -33.25 16.66
N ASN H 763 -13.92 -34.34 16.20
CA ASN H 763 -14.46 -34.40 14.84
C ASN H 763 -15.52 -33.32 14.62
N TRP H 764 -16.38 -33.12 15.63
CA TRP H 764 -17.45 -32.14 15.56
C TRP H 764 -16.90 -30.73 15.47
N ARG H 765 -15.97 -30.39 16.35
CA ARG H 765 -15.39 -29.06 16.37
C ARG H 765 -14.59 -28.79 15.10
N ALA H 766 -13.91 -29.82 14.60
CA ALA H 766 -13.15 -29.69 13.36
C ALA H 766 -14.05 -29.39 12.19
N ARG H 767 -15.18 -30.08 12.08
CA ARG H 767 -16.03 -29.87 10.93
C ARG H 767 -16.83 -28.58 11.02
N VAL H 768 -17.16 -28.14 12.23
CA VAL H 768 -17.77 -26.82 12.38
C VAL H 768 -16.79 -25.73 11.95
N CYS H 769 -15.51 -25.89 12.30
CA CYS H 769 -14.50 -24.97 11.81
C CYS H 769 -14.32 -25.06 10.29
N GLU H 770 -14.51 -26.25 9.72
CA GLU H 770 -14.46 -26.38 8.26
C GLU H 770 -15.58 -25.61 7.60
N LEU H 771 -16.78 -25.66 8.20
CA LEU H 771 -17.87 -24.89 7.63
C LEU H 771 -17.66 -23.40 7.84
N MET H 772 -16.98 -23.00 8.91
CA MET H 772 -16.67 -21.59 9.07
C MET H 772 -15.64 -21.11 8.07
N LYS H 773 -14.70 -21.98 7.69
CA LYS H 773 -13.83 -21.68 6.56
C LYS H 773 -14.65 -21.50 5.29
N ASN H 774 -15.55 -22.45 5.03
CA ASN H 774 -16.39 -22.42 3.83
C ASN H 774 -17.36 -21.26 3.82
N LEU H 775 -17.63 -20.65 4.95
CA LEU H 775 -18.44 -19.46 5.01
C LEU H 775 -17.61 -18.19 4.86
N VAL H 776 -16.43 -18.14 5.47
CA VAL H 776 -15.67 -16.91 5.44
C VAL H 776 -14.96 -16.72 4.10
N ASP H 777 -14.75 -17.78 3.34
CA ASP H 777 -14.09 -17.63 2.04
C ASP H 777 -15.14 -17.28 0.98
N ASN H 778 -14.83 -17.58 -0.27
CA ASN H 778 -15.71 -17.87 -1.42
C ASN H 778 -16.55 -16.69 -1.88
N GLN H 779 -16.38 -15.50 -1.31
CA GLN H 779 -16.77 -14.18 -1.82
C GLN H 779 -18.22 -14.04 -2.26
N ARG H 780 -19.09 -14.98 -1.94
CA ARG H 780 -20.49 -14.83 -2.30
C ARG H 780 -21.16 -13.82 -1.39
N TYR H 781 -20.87 -13.91 -0.11
CA TYR H 781 -21.40 -13.00 0.89
C TYR H 781 -20.32 -12.22 1.61
N GLN H 782 -19.10 -12.77 1.71
CA GLN H 782 -17.99 -12.07 2.34
C GLN H 782 -16.80 -11.87 1.40
N PRO H 783 -16.90 -10.97 0.41
CA PRO H 783 -15.69 -10.30 -0.07
C PRO H 783 -15.50 -8.92 0.54
N GLY H 784 -16.39 -8.50 1.43
CA GLY H 784 -16.39 -7.17 1.99
C GLY H 784 -15.42 -6.95 3.12
N TRP H 785 -14.40 -7.78 3.24
CA TRP H 785 -13.36 -7.61 4.24
C TRP H 785 -12.02 -7.42 3.56
N THR H 786 -11.07 -6.88 4.31
CA THR H 786 -9.74 -6.69 3.76
C THR H 786 -9.00 -8.02 3.61
N GLN H 787 -7.92 -7.96 2.83
CA GLN H 787 -7.02 -9.09 2.70
C GLN H 787 -6.41 -9.48 4.05
N SER H 788 -6.25 -8.51 4.94
CA SER H 788 -5.86 -8.78 6.32
C SER H 788 -6.96 -9.43 7.14
N LEU H 789 -8.14 -9.68 6.58
CA LEU H 789 -9.19 -10.41 7.27
C LEU H 789 -9.55 -11.71 6.60
N VAL H 790 -9.58 -11.72 5.26
CA VAL H 790 -10.05 -12.87 4.46
C VAL H 790 -9.28 -14.13 4.78
N SER H 791 -7.97 -13.99 4.99
CA SER H 791 -7.16 -15.13 5.35
C SER H 791 -6.90 -15.22 6.84
N SER H 792 -6.91 -14.09 7.54
CA SER H 792 -6.54 -14.12 8.95
C SER H 792 -7.66 -14.65 9.82
N MET H 793 -8.91 -14.54 9.38
CA MET H 793 -10.00 -15.24 10.04
C MET H 793 -9.83 -16.75 9.93
N ARG H 794 -9.41 -17.21 8.75
CA ARG H 794 -9.13 -18.62 8.54
C ARG H 794 -8.01 -19.09 9.44
N GLY H 795 -6.97 -18.26 9.57
CA GLY H 795 -5.88 -18.60 10.48
C GLY H 795 -6.31 -18.65 11.94
N THR H 796 -7.15 -17.70 12.34
CA THR H 796 -7.64 -17.65 13.72
C THR H 796 -8.47 -18.87 14.06
N LEU H 797 -9.47 -19.16 13.24
CA LEU H 797 -10.31 -20.30 13.59
C LEU H 797 -9.67 -21.63 13.25
N GLY H 798 -8.63 -21.66 12.41
CA GLY H 798 -7.87 -22.88 12.26
C GLY H 798 -7.02 -23.17 13.49
N LYS H 799 -6.49 -22.11 14.10
CA LYS H 799 -5.82 -22.26 15.38
C LYS H 799 -6.80 -22.69 16.46
N LEU H 800 -8.02 -22.15 16.39
CA LEU H 800 -9.09 -22.56 17.30
C LEU H 800 -9.49 -24.01 17.07
N LYS H 801 -9.37 -24.49 15.83
CA LYS H 801 -9.62 -25.89 15.54
C LYS H 801 -8.52 -26.76 16.14
N LEU H 802 -7.27 -26.33 15.98
CA LEU H 802 -6.13 -27.10 16.45
C LEU H 802 -5.78 -26.82 17.91
N ILE H 803 -6.70 -26.21 18.67
CA ILE H 803 -6.50 -26.13 20.11
C ILE H 803 -6.50 -27.55 20.71
N LYS H 804 -5.74 -27.73 21.78
CA LYS H 804 -5.72 -28.98 22.52
C LYS H 804 -6.50 -28.81 23.81
N SER H 805 -7.22 -29.86 24.20
CA SER H 805 -8.03 -29.85 25.41
C SER H 805 -8.37 -31.28 25.77
N MET H 806 -8.23 -31.62 27.04
CA MET H 806 -8.51 -32.98 27.47
C MET H 806 -9.99 -33.27 27.62
N THR H 807 -10.85 -32.25 27.50
CA THR H 807 -12.28 -32.42 27.73
C THR H 807 -12.98 -33.43 26.82
N PRO H 808 -12.76 -33.47 25.49
CA PRO H 808 -13.47 -34.50 24.71
C PRO H 808 -13.00 -35.91 25.01
N MET H 809 -11.70 -36.08 25.25
CA MET H 809 -11.18 -37.37 25.66
C MET H 809 -11.76 -37.80 26.99
N TYR H 810 -11.89 -36.87 27.93
CA TYR H 810 -12.44 -37.19 29.23
C TYR H 810 -13.89 -37.61 29.12
N LEU H 811 -14.69 -36.85 28.36
CA LEU H 811 -16.10 -37.18 28.16
C LEU H 811 -16.27 -38.47 27.39
N GLN H 812 -15.29 -38.84 26.57
CA GLN H 812 -15.35 -40.12 25.88
C GLN H 812 -15.02 -41.27 26.81
N GLN H 813 -13.94 -41.16 27.57
CA GLN H 813 -13.34 -42.32 28.20
C GLN H 813 -13.62 -42.40 29.70
N LEU H 814 -13.40 -41.32 30.43
CA LEU H 814 -13.41 -41.44 31.88
C LEU H 814 -14.66 -40.86 32.53
N ALA H 815 -15.38 -39.97 31.84
CA ALA H 815 -16.61 -39.44 32.42
C ALA H 815 -17.72 -40.48 32.60
N PRO H 816 -18.05 -41.36 31.64
CA PRO H 816 -19.10 -42.34 31.95
C PRO H 816 -18.68 -43.41 32.92
N VAL H 817 -17.39 -43.77 32.98
CA VAL H 817 -17.02 -44.79 33.96
C VAL H 817 -17.02 -44.21 35.37
N GLU H 818 -16.64 -42.94 35.53
CA GLU H 818 -16.76 -42.33 36.86
C GLU H 818 -18.22 -42.12 37.22
N LEU H 819 -19.04 -41.79 36.23
CA LEU H 819 -20.46 -41.61 36.48
C LEU H 819 -21.12 -42.93 36.89
N ALA H 820 -20.71 -44.03 36.26
CA ALA H 820 -21.26 -45.33 36.62
C ALA H 820 -20.72 -45.82 37.96
N VAL H 821 -19.50 -45.43 38.30
CA VAL H 821 -18.97 -45.74 39.63
C VAL H 821 -19.72 -44.97 40.70
N ILE H 822 -20.16 -43.76 40.38
CA ILE H 822 -21.01 -43.01 41.31
C ILE H 822 -22.39 -43.65 41.42
N ALA H 823 -22.99 -44.02 40.27
CA ALA H 823 -24.37 -44.44 40.03
C ALA H 823 -25.09 -45.27 41.09
N PRO H 824 -24.47 -46.27 41.76
CA PRO H 824 -25.23 -46.96 42.81
C PRO H 824 -25.40 -46.14 44.08
N MET H 825 -24.46 -45.26 44.39
CA MET H 825 -24.49 -44.56 45.67
C MET H 825 -25.26 -43.25 45.57
N LEU H 826 -26.52 -43.39 45.19
CA LEU H 826 -27.42 -42.28 44.95
C LEU H 826 -28.65 -42.40 45.83
N PRO H 827 -29.04 -41.34 46.52
CA PRO H 827 -30.34 -41.36 47.21
C PRO H 827 -31.50 -41.25 46.25
N PHE H 828 -31.28 -40.74 45.05
CA PHE H 828 -32.30 -40.58 44.03
C PHE H 828 -31.80 -41.31 42.80
N PRO H 829 -32.03 -42.62 42.71
CA PRO H 829 -31.32 -43.42 41.72
C PRO H 829 -31.89 -43.22 40.32
N PRO H 830 -31.07 -43.34 39.28
CA PRO H 830 -31.46 -42.84 37.97
C PRO H 830 -32.37 -43.77 37.20
N PHE H 831 -33.37 -43.17 36.58
CA PHE H 831 -34.18 -43.80 35.55
C PHE H 831 -34.14 -42.93 34.33
N GLN H 832 -34.24 -43.55 33.17
CA GLN H 832 -34.14 -42.82 31.91
C GLN H 832 -35.20 -43.34 30.95
N VAL H 833 -35.59 -42.48 30.02
CA VAL H 833 -36.39 -42.89 28.86
C VAL H 833 -35.36 -42.95 27.74
N PRO H 834 -35.55 -43.73 26.68
CA PRO H 834 -34.43 -43.97 25.74
C PRO H 834 -34.09 -42.75 24.91
N TYR H 835 -32.80 -42.49 24.78
CA TYR H 835 -32.30 -41.44 23.91
C TYR H 835 -32.49 -41.83 22.45
N VAL H 836 -32.39 -40.83 21.59
CA VAL H 836 -32.53 -41.05 20.15
C VAL H 836 -31.77 -39.95 19.43
N ARG H 837 -31.15 -40.31 18.32
CA ARG H 837 -30.33 -39.33 17.60
C ARG H 837 -31.17 -38.45 16.69
N LEU H 838 -31.74 -39.03 15.65
CA LEU H 838 -32.38 -38.22 14.61
C LEU H 838 -33.58 -38.98 14.05
N ASP H 839 -34.42 -39.53 14.91
CA ASP H 839 -35.60 -40.24 14.46
C ASP H 839 -36.85 -39.51 14.91
N ARG H 840 -37.82 -39.40 14.01
CA ARG H 840 -39.09 -38.78 14.34
C ARG H 840 -39.89 -39.66 15.27
N ASP H 841 -39.91 -40.96 15.00
CA ASP H 841 -40.77 -41.83 15.80
C ASP H 841 -40.21 -42.03 17.19
N ARG H 842 -38.92 -42.30 17.29
CA ARG H 842 -38.37 -42.83 18.53
C ARG H 842 -38.01 -41.75 19.54
N VAL H 843 -38.61 -40.57 19.46
CA VAL H 843 -38.35 -39.50 20.42
C VAL H 843 -39.48 -39.47 21.44
N PRO H 844 -39.18 -39.34 22.73
CA PRO H 844 -40.25 -39.31 23.73
C PRO H 844 -40.98 -37.99 23.71
N THR H 845 -42.22 -38.04 24.17
CA THR H 845 -43.07 -36.86 24.25
C THR H 845 -43.44 -36.52 25.67
N MET H 846 -43.96 -37.47 26.43
CA MET H 846 -44.35 -37.22 27.80
C MET H 846 -43.96 -38.42 28.64
N VAL H 847 -44.23 -38.32 29.93
CA VAL H 847 -44.23 -39.47 30.82
C VAL H 847 -45.32 -39.24 31.85
N GLY H 848 -46.11 -40.27 32.13
CA GLY H 848 -47.24 -40.14 33.01
C GLY H 848 -47.22 -41.21 34.07
N VAL H 849 -47.54 -40.82 35.30
CA VAL H 849 -47.74 -41.76 36.38
C VAL H 849 -49.23 -41.79 36.67
N THR H 850 -49.64 -42.77 37.46
CA THR H 850 -51.05 -42.98 37.73
C THR H 850 -51.30 -43.13 39.22
N ARG H 851 -52.17 -42.28 39.74
CA ARG H 851 -52.47 -42.22 41.15
C ARG H 851 -53.59 -43.16 41.54
N GLN H 852 -54.59 -43.30 40.69
CA GLN H 852 -55.81 -43.98 41.07
C GLN H 852 -56.45 -44.55 39.82
N SER H 853 -57.55 -45.27 40.01
CA SER H 853 -58.31 -45.75 38.87
C SER H 853 -59.29 -44.67 38.42
N ARG H 854 -60.20 -45.04 37.54
CA ARG H 854 -61.08 -44.08 36.89
C ARG H 854 -62.55 -44.39 37.08
N ASP H 855 -62.95 -45.63 36.87
CA ASP H 855 -64.34 -45.95 36.61
C ASP H 855 -64.57 -47.37 37.12
N THR H 856 -65.68 -47.98 36.68
CA THR H 856 -65.96 -49.41 36.87
C THR H 856 -64.84 -50.30 36.34
N ILE H 857 -64.08 -49.82 35.34
CA ILE H 857 -62.93 -50.56 34.84
C ILE H 857 -61.89 -50.76 35.94
N THR H 858 -61.18 -51.82 35.83
CA THR H 858 -60.34 -52.34 36.89
C THR H 858 -58.91 -52.55 36.43
N GLN H 859 -58.72 -52.96 35.18
CA GLN H 859 -57.39 -53.25 34.68
C GLN H 859 -56.57 -51.97 34.54
N PRO H 860 -55.40 -51.91 35.18
CA PRO H 860 -54.58 -50.70 35.07
C PRO H 860 -54.04 -50.47 33.67
N ALA H 861 -53.89 -51.54 32.88
CA ALA H 861 -53.51 -51.37 31.48
C ALA H 861 -54.58 -50.64 30.68
N LEU H 862 -55.84 -50.71 31.12
CA LEU H 862 -56.89 -49.94 30.47
C LEU H 862 -57.03 -48.54 31.06
N SER H 863 -56.92 -48.41 32.38
CA SER H 863 -57.11 -47.10 33.00
C SER H 863 -55.93 -46.17 32.79
N LEU H 864 -54.75 -46.72 32.52
CA LEU H 864 -53.50 -45.98 32.48
C LEU H 864 -53.42 -45.02 31.32
N SER H 865 -54.18 -45.28 30.24
CA SER H 865 -54.13 -44.39 29.09
C SER H 865 -54.83 -43.08 29.37
N THR H 866 -55.80 -43.08 30.27
CA THR H 866 -56.58 -41.90 30.55
C THR H 866 -56.37 -41.33 31.94
N THR H 867 -55.60 -42.01 32.78
CA THR H 867 -55.41 -41.50 34.14
C THR H 867 -53.93 -41.22 34.37
N ASN H 868 -53.32 -40.49 33.44
CA ASN H 868 -51.91 -40.16 33.56
C ASN H 868 -51.69 -38.99 34.51
N THR H 869 -50.43 -38.60 34.67
CA THR H 869 -50.06 -37.36 35.34
C THR H 869 -48.70 -36.97 34.77
N THR H 870 -48.67 -35.94 33.94
CA THR H 870 -47.47 -35.63 33.18
C THR H 870 -46.42 -34.98 34.08
N VAL H 871 -45.20 -35.52 34.05
CA VAL H 871 -44.12 -35.11 34.93
C VAL H 871 -42.95 -34.63 34.07
N GLY H 872 -42.34 -33.51 34.46
CA GLY H 872 -41.10 -33.11 33.83
C GLY H 872 -40.83 -31.62 33.90
N VAL H 873 -39.59 -31.24 34.20
CA VAL H 873 -39.23 -29.82 34.30
C VAL H 873 -38.08 -29.50 33.35
N PRO H 874 -38.02 -28.29 32.83
CA PRO H 874 -36.84 -27.87 32.08
C PRO H 874 -35.75 -27.32 33.00
N LEU H 875 -34.61 -26.94 32.42
CA LEU H 875 -33.48 -26.45 33.19
C LEU H 875 -32.56 -25.70 32.24
N ALA H 876 -32.31 -24.43 32.51
CA ALA H 876 -31.50 -23.60 31.62
C ALA H 876 -30.02 -23.83 31.87
N LEU H 877 -29.22 -23.52 30.85
CA LEU H 877 -27.77 -23.74 30.90
C LEU H 877 -27.03 -22.62 30.21
N ASP H 878 -25.84 -22.31 30.73
CA ASP H 878 -25.00 -21.25 30.19
C ASP H 878 -24.08 -21.84 29.12
N ALA H 879 -24.40 -21.54 27.86
CA ALA H 879 -23.66 -22.11 26.73
C ALA H 879 -22.21 -21.65 26.72
N ARG H 880 -21.95 -20.42 27.13
CA ARG H 880 -20.58 -19.91 27.08
C ARG H 880 -19.72 -20.53 28.16
N ALA H 881 -20.29 -20.74 29.35
CA ALA H 881 -19.57 -21.46 30.40
C ALA H 881 -19.28 -22.89 29.99
N ILE H 882 -20.26 -23.55 29.36
CA ILE H 882 -20.06 -24.90 28.83
C ILE H 882 -18.97 -24.90 27.76
N THR H 883 -18.93 -23.86 26.95
CA THR H 883 -17.96 -23.82 25.85
C THR H 883 -16.55 -23.62 26.37
N VAL H 884 -16.39 -22.78 27.39
CA VAL H 884 -15.08 -22.62 28.04
C VAL H 884 -14.63 -23.95 28.64
N ALA H 885 -15.57 -24.70 29.25
CA ALA H 885 -15.23 -25.99 29.80
C ALA H 885 -14.85 -27.00 28.71
N LEU H 886 -15.48 -26.91 27.54
CA LEU H 886 -15.09 -27.78 26.44
C LEU H 886 -13.71 -27.43 25.92
N LEU H 887 -13.42 -26.15 25.82
CA LEU H 887 -12.20 -25.75 25.13
C LEU H 887 -10.98 -25.72 26.03
N SER H 888 -11.16 -25.70 27.34
CA SER H 888 -10.01 -25.63 28.25
C SER H 888 -10.08 -26.81 29.22
N GLY H 889 -9.55 -27.94 28.80
CA GLY H 889 -9.52 -29.10 29.67
C GLY H 889 -8.14 -29.70 29.77
N LYS H 890 -7.66 -29.91 30.98
CA LYS H 890 -6.29 -30.36 31.16
C LYS H 890 -6.24 -31.37 32.31
N TYR H 891 -5.15 -32.11 32.33
CA TYR H 891 -4.82 -33.10 33.34
C TYR H 891 -3.67 -32.60 34.20
N PRO H 892 -3.44 -33.20 35.36
CA PRO H 892 -2.20 -32.94 36.08
C PRO H 892 -1.03 -33.50 35.30
N PRO H 893 0.18 -32.95 35.51
CA PRO H 893 1.34 -33.36 34.71
C PRO H 893 1.75 -34.81 34.92
N ASP H 894 1.50 -35.37 36.09
CA ASP H 894 1.79 -36.77 36.36
C ASP H 894 0.54 -37.37 36.98
N LEU H 895 -0.08 -38.31 36.28
CA LEU H 895 -1.26 -38.97 36.82
C LEU H 895 -1.32 -40.39 36.32
N VAL H 896 -1.76 -41.28 37.20
CA VAL H 896 -2.14 -42.64 36.85
C VAL H 896 -3.57 -42.82 37.31
N THR H 897 -4.40 -43.37 36.42
CA THR H 897 -5.85 -43.31 36.60
C THR H 897 -6.32 -44.12 37.80
N ASN H 898 -5.82 -45.34 37.96
CA ASN H 898 -6.29 -46.15 39.06
C ASN H 898 -5.76 -45.66 40.41
N VAL H 899 -4.58 -45.05 40.40
CA VAL H 899 -4.04 -44.43 41.61
C VAL H 899 -4.92 -43.26 42.03
N TRP H 900 -5.29 -42.42 41.06
CA TRP H 900 -6.17 -41.30 41.36
C TRP H 900 -7.56 -41.77 41.79
N TYR H 901 -8.00 -42.91 41.27
CA TYR H 901 -9.36 -43.32 41.62
C TYR H 901 -9.41 -43.99 42.98
N ALA H 902 -8.36 -44.75 43.33
CA ALA H 902 -8.27 -45.28 44.67
C ALA H 902 -8.05 -44.18 45.69
N ASP H 903 -7.46 -43.07 45.26
CA ASP H 903 -7.45 -41.88 46.10
C ASP H 903 -8.87 -41.33 46.27
N ALA H 904 -9.58 -41.12 45.17
CA ALA H 904 -10.76 -40.26 45.21
C ALA H 904 -11.99 -40.99 45.73
N ILE H 905 -12.31 -42.15 45.19
CA ILE H 905 -13.66 -42.69 45.37
C ILE H 905 -13.81 -43.41 46.71
N TYR H 906 -12.69 -43.80 47.33
CA TYR H 906 -12.70 -44.58 48.57
C TYR H 906 -13.54 -44.09 49.75
N PRO H 907 -13.63 -42.80 50.10
CA PRO H 907 -14.41 -42.45 51.30
C PRO H 907 -15.91 -42.61 51.14
N MET H 908 -16.46 -42.35 49.95
CA MET H 908 -17.89 -42.55 49.76
C MET H 908 -18.26 -44.01 49.58
N TYR H 909 -17.29 -44.93 49.62
CA TYR H 909 -17.58 -46.33 49.73
C TYR H 909 -17.28 -46.91 51.09
N ALA H 910 -16.37 -46.30 51.85
CA ALA H 910 -16.29 -46.61 53.27
C ALA H 910 -17.57 -46.18 53.98
N ASP H 911 -18.10 -45.02 53.62
CA ASP H 911 -19.40 -44.58 54.12
C ASP H 911 -20.48 -44.99 53.14
N THR H 912 -21.67 -45.28 53.68
CA THR H 912 -22.84 -45.50 52.84
C THR H 912 -24.10 -45.22 53.65
N GLU H 913 -25.14 -44.80 52.94
CA GLU H 913 -26.46 -44.66 53.56
C GLU H 913 -27.57 -45.06 52.60
N VAL H 914 -27.25 -45.75 51.51
CA VAL H 914 -28.27 -46.24 50.60
C VAL H 914 -29.08 -47.38 51.23
N PHE H 915 -28.53 -48.03 52.24
CA PHE H 915 -29.19 -49.16 52.88
C PHE H 915 -30.41 -48.72 53.68
N SER H 916 -30.29 -47.57 54.34
CA SER H 916 -31.45 -47.01 55.03
C SER H 916 -32.53 -46.57 54.06
N ASN H 917 -32.14 -46.15 52.85
CA ASN H 917 -33.12 -45.86 51.82
C ASN H 917 -33.85 -47.11 51.38
N LEU H 918 -33.13 -48.24 51.32
CA LEU H 918 -33.77 -49.52 51.03
C LEU H 918 -34.80 -49.88 52.10
N GLN H 919 -34.45 -49.67 53.36
CA GLN H 919 -35.40 -49.92 54.45
C GLN H 919 -36.61 -48.99 54.37
N ARG H 920 -36.36 -47.74 53.96
CA ARG H 920 -37.44 -46.78 53.77
C ARG H 920 -38.41 -47.25 52.70
N ASP H 921 -37.88 -47.83 51.63
CA ASP H 921 -38.73 -48.29 50.54
C ASP H 921 -39.51 -49.55 50.93
N VAL H 922 -38.92 -50.37 51.81
CA VAL H 922 -39.66 -51.47 52.42
C VAL H 922 -40.91 -50.95 53.12
N ILE H 923 -40.71 -49.97 54.01
CA ILE H 923 -41.84 -49.47 54.78
C ILE H 923 -42.85 -48.77 53.87
N THR H 924 -42.38 -48.19 52.76
CA THR H 924 -43.27 -47.58 51.78
C THR H 924 -44.19 -48.60 51.12
N CYS H 925 -43.63 -49.71 50.63
CA CYS H 925 -44.46 -50.68 49.92
C CYS H 925 -45.39 -51.41 50.88
N GLU H 926 -44.91 -51.68 52.10
CA GLU H 926 -45.77 -52.26 53.13
C GLU H 926 -46.90 -51.31 53.50
N ALA H 927 -46.61 -50.01 53.51
CA ALA H 927 -47.63 -49.01 53.83
C ALA H 927 -48.72 -48.98 52.78
N VAL H 928 -48.34 -49.02 51.51
CA VAL H 928 -49.37 -48.88 50.47
C VAL H 928 -50.21 -50.15 50.37
N GLN H 929 -49.62 -51.32 50.64
CA GLN H 929 -50.43 -52.54 50.62
C GLN H 929 -51.37 -52.60 51.81
N THR H 930 -50.91 -52.15 52.99
CA THR H 930 -51.80 -52.09 54.14
C THR H 930 -52.93 -51.08 53.92
N LEU H 931 -52.63 -49.98 53.23
CA LEU H 931 -53.66 -48.99 52.97
C LEU H 931 -54.75 -49.55 52.06
N VAL H 932 -54.36 -50.26 51.00
CA VAL H 932 -55.38 -50.75 50.09
C VAL H 932 -56.20 -51.87 50.72
N THR H 933 -55.55 -52.78 51.47
CA THR H 933 -56.35 -53.85 52.05
C THR H 933 -57.10 -53.42 53.31
N LEU H 934 -56.76 -52.29 53.92
CA LEU H 934 -57.56 -51.85 55.05
C LEU H 934 -58.73 -50.98 54.62
N VAL H 935 -58.54 -50.16 53.58
CA VAL H 935 -59.67 -49.38 53.08
C VAL H 935 -60.65 -50.29 52.36
N ALA H 936 -60.16 -51.39 51.78
CA ALA H 936 -61.02 -52.32 51.09
C ALA H 936 -61.96 -53.09 52.01
N GLN H 937 -61.73 -53.04 53.33
CA GLN H 937 -62.64 -53.72 54.25
C GLN H 937 -63.97 -53.01 54.35
N ILE H 938 -63.96 -51.68 54.44
CA ILE H 938 -65.19 -50.91 54.59
C ILE H 938 -65.60 -50.23 53.31
N SER H 939 -64.82 -50.38 52.25
CA SER H 939 -65.19 -49.78 50.97
C SER H 939 -65.12 -50.84 49.88
N GLU H 940 -66.08 -50.79 48.96
CA GLU H 940 -66.16 -51.76 47.87
C GLU H 940 -65.15 -51.36 46.82
N THR H 941 -64.03 -52.07 46.79
CA THR H 941 -62.92 -51.73 45.91
C THR H 941 -62.74 -52.80 44.84
N GLN H 942 -61.76 -52.56 43.99
CA GLN H 942 -61.42 -53.45 42.90
C GLN H 942 -60.47 -54.56 43.30
N TYR H 943 -60.03 -54.59 44.55
CA TYR H 943 -59.03 -55.60 44.88
C TYR H 943 -59.69 -56.78 45.55
N PRO H 944 -59.40 -58.00 45.13
CA PRO H 944 -60.12 -59.18 45.64
C PRO H 944 -59.67 -59.60 47.03
N VAL H 945 -60.17 -58.88 48.03
CA VAL H 945 -59.90 -59.19 49.41
C VAL H 945 -61.13 -59.88 49.98
N ASP H 946 -60.94 -60.67 51.01
CA ASP H 946 -62.07 -61.20 51.74
C ASP H 946 -62.58 -60.15 52.73
N ARG H 947 -63.72 -60.42 53.34
CA ARG H 947 -64.25 -59.56 54.38
C ARG H 947 -64.85 -60.44 55.47
N TYR H 948 -64.50 -60.15 56.72
CA TYR H 948 -64.93 -60.95 57.85
C TYR H 948 -65.94 -60.26 58.74
N LEU H 949 -65.94 -58.93 58.76
CA LEU H 949 -66.59 -58.16 59.82
C LEU H 949 -67.95 -57.66 59.40
N ASP H 950 -68.67 -58.47 58.62
CA ASP H 950 -69.98 -58.08 58.11
C ASP H 950 -70.99 -57.87 59.22
N TRP H 951 -70.89 -58.64 60.30
CA TRP H 951 -71.94 -58.60 61.32
C TRP H 951 -71.86 -57.35 62.17
N ILE H 952 -70.74 -56.62 62.13
CA ILE H 952 -70.69 -55.32 62.79
C ILE H 952 -71.21 -54.27 61.82
N PRO H 953 -72.13 -53.41 62.24
CA PRO H 953 -72.72 -52.42 61.32
C PRO H 953 -71.70 -51.37 60.91
N SER H 954 -71.83 -50.93 59.66
CA SER H 954 -70.87 -50.02 59.06
C SER H 954 -71.52 -48.69 58.74
N LEU H 955 -70.75 -47.63 58.91
CA LEU H 955 -71.10 -46.36 58.29
C LEU H 955 -71.07 -46.53 56.78
N ARG H 956 -72.13 -46.09 56.12
CA ARG H 956 -72.15 -46.06 54.67
C ARG H 956 -71.16 -45.01 54.20
N ALA H 957 -70.05 -45.46 53.61
CA ALA H 957 -68.87 -44.64 53.44
C ALA H 957 -69.04 -43.64 52.31
N SER H 958 -68.12 -42.67 52.28
CA SER H 958 -68.00 -41.73 51.17
C SER H 958 -66.53 -41.47 50.94
N ALA H 959 -66.24 -40.58 49.99
CA ALA H 959 -64.84 -40.26 49.68
C ALA H 959 -64.18 -39.50 50.81
N ALA H 960 -64.94 -38.66 51.52
CA ALA H 960 -64.38 -37.96 52.68
C ALA H 960 -64.08 -38.94 53.80
N THR H 961 -64.96 -39.93 54.01
CA THR H 961 -64.72 -40.96 55.00
C THR H 961 -63.48 -41.77 54.66
N ALA H 962 -63.31 -42.08 53.37
CA ALA H 962 -62.16 -42.87 52.94
C ALA H 962 -60.86 -42.09 53.11
N ALA H 963 -60.86 -40.81 52.71
CA ALA H 963 -59.65 -40.01 52.84
C ALA H 963 -59.29 -39.77 54.30
N THR H 964 -60.31 -39.58 55.16
CA THR H 964 -60.05 -39.41 56.58
C THR H 964 -59.47 -40.68 57.19
N PHE H 965 -60.05 -41.84 56.85
CA PHE H 965 -59.57 -43.09 57.40
C PHE H 965 -58.16 -43.40 56.94
N ALA H 966 -57.84 -43.05 55.69
CA ALA H 966 -56.48 -43.22 55.20
C ALA H 966 -55.52 -42.29 55.93
N GLU H 967 -55.98 -41.08 56.26
CA GLU H 967 -55.15 -40.16 57.04
C GLU H 967 -54.84 -40.72 58.41
N TRP H 968 -55.84 -41.33 59.07
CA TRP H 968 -55.57 -41.89 60.39
C TRP H 968 -54.70 -43.13 60.32
N VAL H 969 -54.82 -43.91 59.25
CA VAL H 969 -53.92 -45.06 59.07
C VAL H 969 -52.49 -44.59 58.88
N ASN H 970 -52.29 -43.53 58.10
CA ASN H 970 -50.95 -42.97 57.91
C ASN H 970 -50.42 -42.40 59.22
N THR H 971 -51.29 -41.77 60.01
CA THR H 971 -50.88 -41.22 61.30
C THR H 971 -50.45 -42.32 62.27
N SER H 972 -51.19 -43.44 62.28
CA SER H 972 -50.85 -44.54 63.17
C SER H 972 -49.53 -45.19 62.77
N MET H 973 -49.35 -45.45 61.48
CA MET H 973 -48.11 -46.07 61.05
C MET H 973 -46.92 -45.11 61.15
N LYS H 974 -47.17 -43.80 61.08
CA LYS H 974 -46.09 -42.85 61.24
C LYS H 974 -45.73 -42.64 62.70
N THR H 975 -46.69 -42.80 63.61
CA THR H 975 -46.33 -42.90 65.02
C THR H 975 -45.55 -44.17 65.29
N ALA H 976 -45.84 -45.24 64.57
CA ALA H 976 -44.93 -46.37 64.56
C ALA H 976 -43.70 -46.05 63.71
N PHE H 977 -42.71 -46.93 63.80
CA PHE H 977 -41.53 -46.97 62.93
C PHE H 977 -40.58 -45.78 63.03
N ASP H 978 -40.91 -44.79 63.87
CA ASP H 978 -40.15 -43.54 64.06
C ASP H 978 -39.86 -42.84 62.73
N LEU H 979 -40.92 -42.44 62.06
CA LEU H 979 -40.82 -41.76 60.78
C LEU H 979 -41.29 -40.33 60.95
N SER H 980 -40.52 -39.39 60.41
CA SER H 980 -40.86 -37.99 60.59
C SER H 980 -41.83 -37.49 59.53
N ASP H 981 -41.67 -37.94 58.28
CA ASP H 981 -42.49 -37.44 57.18
C ASP H 981 -42.52 -38.43 56.03
N MET H 982 -43.14 -37.98 54.95
CA MET H 982 -42.98 -38.49 53.58
C MET H 982 -43.53 -39.92 53.42
N LEU H 983 -44.35 -40.40 54.33
CA LEU H 983 -44.98 -41.71 54.14
C LEU H 983 -46.42 -41.50 53.70
N LEU H 984 -46.72 -41.90 52.46
CA LEU H 984 -48.07 -42.08 51.94
C LEU H 984 -48.78 -40.75 51.65
N GLU H 985 -48.13 -39.60 51.84
CA GLU H 985 -48.75 -38.33 51.44
C GLU H 985 -48.97 -38.13 49.94
N PRO H 986 -48.20 -38.74 49.01
CA PRO H 986 -48.69 -38.82 47.62
C PRO H 986 -49.73 -39.88 47.40
N LEU H 987 -50.30 -40.44 48.45
CA LEU H 987 -51.53 -41.20 48.32
C LEU H 987 -52.66 -40.61 49.14
N LEU H 988 -52.37 -39.60 49.98
CA LEU H 988 -53.36 -38.87 50.75
C LEU H 988 -54.39 -38.21 49.84
N SER H 989 -53.89 -37.38 48.95
CA SER H 989 -54.68 -36.44 48.17
C SER H 989 -55.43 -37.06 47.00
N GLY H 990 -55.60 -38.38 46.95
CA GLY H 990 -56.49 -39.00 46.01
C GLY H 990 -57.68 -39.67 46.68
N ASP H 991 -58.44 -40.38 45.87
CA ASP H 991 -59.45 -41.31 46.39
C ASP H 991 -58.72 -42.58 46.82
N PRO H 992 -58.76 -42.94 48.09
CA PRO H 992 -58.06 -44.15 48.53
C PRO H 992 -58.75 -45.43 48.10
N ARG H 993 -59.98 -45.34 47.64
CA ARG H 993 -60.75 -46.52 47.29
C ARG H 993 -60.33 -47.13 45.96
N MET H 994 -59.71 -46.36 45.09
CA MET H 994 -59.49 -46.81 43.72
C MET H 994 -58.04 -46.65 43.30
N THR H 995 -57.11 -46.87 44.22
CA THR H 995 -55.71 -46.59 43.93
C THR H 995 -55.08 -47.68 43.09
N GLN H 996 -54.08 -47.29 42.30
CA GLN H 996 -53.27 -48.20 41.51
C GLN H 996 -51.96 -47.49 41.20
N LEU H 997 -50.94 -48.27 40.86
CA LEU H 997 -49.59 -47.75 40.69
C LEU H 997 -49.02 -48.24 39.37
N ALA H 998 -48.82 -47.31 38.43
CA ALA H 998 -48.24 -47.64 37.13
C ALA H 998 -47.62 -46.38 36.55
N ILE H 999 -47.03 -46.53 35.36
CA ILE H 999 -46.31 -45.45 34.71
C ILE H 999 -46.27 -45.75 33.22
N GLN H 1000 -46.17 -44.71 32.40
CA GLN H 1000 -46.12 -44.89 30.96
C GLN H 1000 -45.39 -43.71 30.31
N TYR H 1001 -44.78 -43.98 29.16
CA TYR H 1001 -44.26 -42.94 28.29
C TYR H 1001 -44.75 -43.22 26.89
N GLN H 1002 -44.50 -42.27 25.98
CA GLN H 1002 -45.25 -42.26 24.73
C GLN H 1002 -44.42 -41.64 23.62
N GLN H 1003 -44.16 -42.41 22.59
CA GLN H 1003 -43.65 -41.88 21.34
C GLN H 1003 -44.82 -41.55 20.43
N TYR H 1004 -44.68 -40.50 19.62
CA TYR H 1004 -45.88 -39.94 19.00
C TYR H 1004 -46.26 -40.62 17.68
N ASN H 1005 -45.80 -41.84 17.44
CA ASN H 1005 -46.63 -42.68 16.60
C ASN H 1005 -47.90 -43.05 17.34
N GLY H 1006 -47.80 -43.27 18.65
CA GLY H 1006 -48.92 -43.69 19.45
C GLY H 1006 -48.53 -44.82 20.37
N ARG H 1007 -47.29 -45.29 20.24
CA ARG H 1007 -46.83 -46.41 21.05
C ARG H 1007 -46.66 -45.96 22.50
N THR H 1008 -47.37 -46.61 23.40
CA THR H 1008 -47.33 -46.29 24.82
C THR H 1008 -46.79 -47.51 25.56
N PHE H 1009 -45.48 -47.53 25.79
CA PHE H 1009 -44.90 -48.50 26.70
C PHE H 1009 -45.34 -48.20 28.11
N ASN H 1010 -45.37 -49.22 28.95
CA ASN H 1010 -45.76 -48.99 30.34
C ASN H 1010 -45.06 -49.98 31.25
N VAL H 1011 -45.13 -49.69 32.54
CA VAL H 1011 -44.67 -50.60 33.58
C VAL H 1011 -45.76 -50.67 34.63
N ILE H 1012 -46.35 -51.84 34.81
CA ILE H 1012 -47.25 -52.08 35.93
C ILE H 1012 -46.57 -53.06 36.88
N PRO H 1013 -46.05 -52.61 38.01
CA PRO H 1013 -45.38 -53.52 38.93
C PRO H 1013 -46.39 -54.35 39.71
N GLU H 1014 -46.16 -55.66 39.78
CA GLU H 1014 -46.97 -56.51 40.63
C GLU H 1014 -46.57 -56.28 42.07
N MET H 1015 -47.56 -56.11 42.94
CA MET H 1015 -47.29 -55.72 44.31
C MET H 1015 -46.72 -56.91 45.09
N PRO H 1016 -45.68 -56.72 45.88
CA PRO H 1016 -45.13 -57.83 46.65
C PRO H 1016 -45.98 -58.11 47.88
N GLY H 1017 -45.67 -59.23 48.52
CA GLY H 1017 -46.38 -59.63 49.71
C GLY H 1017 -46.10 -58.71 50.89
N SER H 1018 -46.97 -58.80 51.89
CA SER H 1018 -46.98 -57.83 52.98
C SER H 1018 -47.37 -58.51 54.28
N VAL H 1019 -46.40 -58.60 55.19
CA VAL H 1019 -46.59 -59.33 56.43
C VAL H 1019 -47.56 -58.60 57.36
N ILE H 1020 -47.60 -57.27 57.29
CA ILE H 1020 -48.49 -56.51 58.16
C ILE H 1020 -49.94 -56.73 57.74
N ALA H 1021 -50.20 -56.70 56.44
CA ALA H 1021 -51.55 -56.93 55.96
C ALA H 1021 -51.99 -58.37 56.18
N ASP H 1022 -51.05 -59.32 56.04
CA ASP H 1022 -51.34 -60.71 56.37
C ASP H 1022 -51.75 -60.86 57.83
N CYS H 1023 -51.03 -60.17 58.72
CA CYS H 1023 -51.37 -60.28 60.13
C CYS H 1023 -52.66 -59.53 60.48
N VAL H 1024 -53.00 -58.49 59.72
CA VAL H 1024 -54.27 -57.81 59.96
C VAL H 1024 -55.44 -58.70 59.55
N GLN H 1025 -55.32 -59.38 58.41
CA GLN H 1025 -56.30 -60.37 58.01
C GLN H 1025 -56.41 -61.50 59.03
N LEU H 1026 -55.27 -61.89 59.60
CA LEU H 1026 -55.27 -62.92 60.63
C LEU H 1026 -55.98 -62.47 61.90
N THR H 1027 -55.74 -61.22 62.30
CA THR H 1027 -56.41 -60.70 63.49
C THR H 1027 -57.90 -60.54 63.27
N ALA H 1028 -58.33 -60.21 62.04
CA ALA H 1028 -59.75 -60.20 61.74
C ALA H 1028 -60.34 -61.60 61.86
N GLU H 1029 -59.61 -62.60 61.36
CA GLU H 1029 -60.04 -63.98 61.46
C GLU H 1029 -60.21 -64.41 62.90
N VAL H 1030 -59.24 -64.09 63.74
CA VAL H 1030 -59.34 -64.54 65.12
C VAL H 1030 -60.30 -63.67 65.92
N PHE H 1031 -60.56 -62.44 65.47
CA PHE H 1031 -61.54 -61.62 66.17
C PHE H 1031 -62.95 -62.12 65.91
N ASN H 1032 -63.14 -62.79 64.76
CA ASN H 1032 -64.41 -63.43 64.45
C ASN H 1032 -64.83 -64.42 65.54
N HIS H 1033 -63.87 -65.12 66.15
CA HIS H 1033 -64.21 -66.03 67.22
C HIS H 1033 -63.86 -65.50 68.61
N GLU H 1034 -63.06 -64.44 68.69
CA GLU H 1034 -62.66 -63.85 69.95
C GLU H 1034 -63.28 -62.47 70.14
N TYR H 1035 -64.48 -62.26 69.59
CA TYR H 1035 -65.14 -60.96 69.65
C TYR H 1035 -65.48 -60.55 71.08
N ASN H 1036 -65.73 -61.51 71.97
CA ASN H 1036 -66.06 -61.18 73.35
C ASN H 1036 -64.88 -60.63 74.14
N LEU H 1037 -63.68 -60.68 73.57
CA LEU H 1037 -62.49 -60.40 74.36
C LEU H 1037 -62.07 -58.94 74.28
N PHE H 1038 -62.43 -58.26 73.21
CA PHE H 1038 -62.14 -56.84 73.09
C PHE H 1038 -63.33 -56.00 73.54
N GLY H 1039 -64.36 -56.64 74.11
CA GLY H 1039 -65.50 -55.93 74.63
C GLY H 1039 -66.66 -55.78 73.66
N ILE H 1040 -66.92 -56.82 72.88
CA ILE H 1040 -67.98 -56.78 71.86
C ILE H 1040 -68.87 -58.00 72.08
N ALA H 1041 -70.18 -57.80 72.00
CA ALA H 1041 -71.12 -58.91 71.94
C ALA H 1041 -71.83 -58.91 70.60
N ARG H 1042 -71.96 -60.09 69.99
CA ARG H 1042 -72.68 -60.22 68.74
C ARG H 1042 -74.18 -60.10 68.97
N GLY H 1043 -74.92 -60.01 67.87
CA GLY H 1043 -76.37 -60.16 67.94
C GLY H 1043 -77.02 -58.94 68.55
N ASP H 1044 -77.95 -59.17 69.46
CA ASP H 1044 -78.77 -58.07 69.94
C ASP H 1044 -79.34 -58.42 71.31
N ILE H 1045 -80.35 -57.66 71.73
CA ILE H 1045 -80.83 -57.64 73.09
C ILE H 1045 -82.33 -57.89 73.16
N ILE H 1046 -82.80 -58.19 74.36
CA ILE H 1046 -84.22 -58.29 74.67
C ILE H 1046 -84.50 -57.37 75.85
N ILE H 1047 -85.56 -56.59 75.75
CA ILE H 1047 -86.00 -55.70 76.83
C ILE H 1047 -87.26 -56.28 77.43
N GLY H 1048 -87.20 -56.66 78.70
CA GLY H 1048 -88.37 -57.22 79.36
C GLY H 1048 -88.08 -57.66 80.78
N ARG H 1049 -89.05 -57.51 81.69
CA ARG H 1049 -88.80 -57.81 83.08
C ARG H 1049 -88.86 -59.31 83.34
N VAL H 1050 -87.96 -59.77 84.20
CA VAL H 1050 -87.92 -61.15 84.67
C VAL H 1050 -87.86 -61.07 86.19
N GLN H 1051 -89.00 -61.26 86.85
CA GLN H 1051 -89.06 -61.21 88.30
C GLN H 1051 -88.90 -62.63 88.82
N SER H 1052 -87.65 -63.09 88.85
CA SER H 1052 -87.35 -64.47 89.19
C SER H 1052 -86.24 -64.52 90.23
N THR H 1053 -86.01 -65.73 90.74
CA THR H 1053 -84.94 -65.98 91.70
C THR H 1053 -83.90 -66.94 91.14
N HIS H 1054 -83.91 -67.17 89.83
CA HIS H 1054 -82.89 -68.03 89.26
C HIS H 1054 -81.58 -67.27 89.09
N LEU H 1055 -80.49 -68.01 88.99
CA LEU H 1055 -79.15 -67.44 89.02
C LEU H 1055 -78.42 -67.61 87.70
N TRP H 1056 -79.13 -67.47 86.59
CA TRP H 1056 -78.49 -67.63 85.29
C TRP H 1056 -77.90 -66.32 84.82
N SER H 1057 -76.80 -66.42 84.09
CA SER H 1057 -76.06 -65.26 83.67
C SER H 1057 -76.72 -64.59 82.46
N PRO H 1058 -76.96 -63.28 82.51
CA PRO H 1058 -77.52 -62.57 81.34
C PRO H 1058 -76.61 -62.51 80.12
N LEU H 1059 -75.41 -63.08 80.15
CA LEU H 1059 -74.72 -63.34 78.91
C LEU H 1059 -75.06 -64.70 78.34
N ALA H 1060 -75.66 -65.58 79.13
CA ALA H 1060 -76.02 -66.93 78.70
C ALA H 1060 -77.45 -67.22 79.14
N PRO H 1061 -78.43 -66.78 78.36
CA PRO H 1061 -79.81 -66.85 78.79
C PRO H 1061 -80.38 -68.23 78.51
N PRO H 1062 -81.49 -68.59 79.17
CA PRO H 1062 -82.22 -69.78 78.74
C PRO H 1062 -82.90 -69.53 77.40
N PRO H 1063 -83.03 -70.56 76.56
CA PRO H 1063 -83.46 -70.33 75.17
C PRO H 1063 -84.92 -70.00 74.99
N ASP H 1064 -85.78 -70.20 75.99
CA ASP H 1064 -87.19 -69.90 75.77
C ASP H 1064 -87.50 -68.41 75.82
N LEU H 1065 -86.57 -67.59 76.31
CA LEU H 1065 -86.83 -66.16 76.39
C LEU H 1065 -86.60 -65.45 75.08
N VAL H 1066 -85.65 -65.91 74.26
CA VAL H 1066 -85.35 -65.21 73.03
C VAL H 1066 -86.38 -65.56 71.96
N PHE H 1067 -86.45 -64.71 70.94
CA PHE H 1067 -87.35 -64.93 69.82
C PHE H 1067 -86.75 -64.26 68.59
N ASP H 1068 -87.34 -64.54 67.44
CA ASP H 1068 -86.81 -64.04 66.18
C ASP H 1068 -87.97 -63.65 65.28
N ARG H 1069 -87.67 -63.48 63.99
CA ARG H 1069 -88.70 -63.28 63.00
C ARG H 1069 -89.53 -64.54 62.78
N ASP H 1070 -88.94 -65.71 63.04
CA ASP H 1070 -89.63 -66.97 62.84
C ASP H 1070 -90.53 -67.35 63.99
N THR H 1071 -90.46 -66.65 65.11
CA THR H 1071 -91.30 -66.98 66.24
C THR H 1071 -92.73 -66.55 65.94
N PRO H 1072 -93.73 -67.41 66.19
CA PRO H 1072 -95.11 -67.03 65.90
C PRO H 1072 -95.62 -65.96 66.83
N GLY H 1073 -96.43 -65.05 66.29
CA GLY H 1073 -97.00 -63.98 67.08
C GLY H 1073 -96.03 -62.86 67.39
N VAL H 1074 -95.18 -62.50 66.43
CA VAL H 1074 -94.19 -61.45 66.60
C VAL H 1074 -94.40 -60.42 65.49
N HIS H 1075 -94.41 -59.15 65.84
CA HIS H 1075 -94.71 -58.09 64.90
C HIS H 1075 -93.43 -57.35 64.51
N ILE H 1076 -93.18 -57.32 63.21
CA ILE H 1076 -91.99 -56.71 62.64
C ILE H 1076 -92.30 -55.27 62.28
N PHE H 1077 -91.52 -54.35 62.81
CA PHE H 1077 -91.75 -52.93 62.59
C PHE H 1077 -90.61 -52.35 61.77
N GLY H 1078 -90.83 -52.21 60.47
CA GLY H 1078 -89.83 -51.62 59.61
C GLY H 1078 -89.93 -50.12 59.60
N ARG H 1079 -90.09 -49.51 58.42
CA ARG H 1079 -90.13 -48.06 58.35
C ARG H 1079 -91.51 -47.52 58.74
N ASP H 1080 -92.56 -48.24 58.37
CA ASP H 1080 -93.93 -47.77 58.58
C ASP H 1080 -94.28 -47.94 60.05
N CYS H 1081 -94.11 -46.88 60.82
CA CYS H 1081 -94.60 -46.87 62.19
C CYS H 1081 -95.23 -45.51 62.48
N ARG H 1082 -96.49 -45.54 62.88
CA ARG H 1082 -97.16 -44.37 63.42
C ARG H 1082 -97.92 -44.82 64.65
N ILE H 1083 -98.09 -43.91 65.59
CA ILE H 1083 -98.58 -44.24 66.92
C ILE H 1083 -99.86 -43.45 67.14
N SER H 1084 -100.99 -44.14 67.13
CA SER H 1084 -102.30 -43.53 67.35
C SER H 1084 -102.77 -43.89 68.75
N PHE H 1085 -103.17 -42.87 69.50
CA PHE H 1085 -103.61 -43.07 70.87
C PHE H 1085 -104.99 -43.71 70.92
N GLY H 1086 -105.40 -44.08 72.12
CA GLY H 1086 -106.74 -44.59 72.35
C GLY H 1086 -107.59 -43.54 73.01
N MET H 1087 -108.55 -42.99 72.27
CA MET H 1087 -109.28 -41.81 72.72
C MET H 1087 -110.31 -42.18 73.76
N ASN H 1088 -109.99 -41.85 75.02
CA ASN H 1088 -110.93 -41.81 76.14
C ASN H 1088 -111.60 -43.18 76.36
N GLY H 1089 -110.75 -44.12 76.76
CA GLY H 1089 -111.18 -45.46 77.07
C GLY H 1089 -110.42 -46.50 76.28
N ALA H 1090 -110.14 -46.20 75.02
CA ALA H 1090 -109.49 -47.16 74.15
C ALA H 1090 -107.99 -47.22 74.43
N ALA H 1091 -107.39 -48.23 73.93
CA ALA H 1091 -105.96 -48.42 74.08
C ALA H 1091 -105.22 -47.80 72.89
N PRO H 1092 -104.02 -47.28 73.09
CA PRO H 1092 -103.24 -46.75 71.98
C PRO H 1092 -102.73 -47.86 71.09
N MET H 1093 -102.69 -47.58 69.80
CA MET H 1093 -102.33 -48.56 68.79
C MET H 1093 -101.09 -48.09 68.05
N ILE H 1094 -100.51 -48.97 67.25
CA ILE H 1094 -99.33 -48.63 66.47
C ILE H 1094 -99.43 -49.28 65.09
N ARG H 1095 -98.96 -48.56 64.08
CA ARG H 1095 -99.04 -49.00 62.70
C ARG H 1095 -97.96 -50.05 62.44
N ASP H 1096 -98.38 -51.27 62.13
CA ASP H 1096 -97.47 -52.34 61.77
C ASP H 1096 -96.86 -52.05 60.39
N GLU H 1097 -95.71 -52.70 60.13
CA GLU H 1097 -95.09 -52.59 58.82
C GLU H 1097 -95.94 -53.26 57.74
N THR H 1098 -96.72 -54.28 58.09
CA THR H 1098 -97.69 -54.84 57.19
C THR H 1098 -99.02 -54.11 57.23
N GLY H 1099 -99.05 -52.89 57.74
CA GLY H 1099 -100.27 -52.10 57.72
C GLY H 1099 -101.31 -52.50 58.74
N MET H 1100 -100.92 -53.23 59.77
CA MET H 1100 -101.85 -53.65 60.81
C MET H 1100 -101.75 -52.74 62.03
N MET H 1101 -102.60 -53.02 63.02
CA MET H 1101 -102.65 -52.24 64.24
C MET H 1101 -102.61 -53.19 65.44
N VAL H 1102 -101.70 -52.92 66.37
CA VAL H 1102 -101.58 -53.75 67.58
C VAL H 1102 -101.47 -52.86 68.80
N PRO H 1103 -101.94 -53.31 69.96
CA PRO H 1103 -101.74 -52.57 71.20
C PRO H 1103 -100.31 -52.74 71.68
N PHE H 1104 -99.96 -52.00 72.73
CA PHE H 1104 -98.59 -51.99 73.24
C PHE H 1104 -98.43 -53.23 74.11
N GLU H 1105 -98.12 -54.35 73.47
CA GLU H 1105 -98.05 -55.63 74.16
C GLU H 1105 -97.28 -56.60 73.28
N GLY H 1106 -96.56 -57.51 73.91
CA GLY H 1106 -96.08 -58.68 73.21
C GLY H 1106 -94.61 -58.67 72.84
N ASN H 1107 -94.28 -59.31 71.72
CA ASN H 1107 -92.90 -59.46 71.28
C ASN H 1107 -92.72 -58.71 69.97
N TRP H 1108 -91.90 -57.67 69.98
CA TRP H 1108 -91.68 -56.83 68.82
C TRP H 1108 -90.21 -56.87 68.41
N ILE H 1109 -89.94 -56.37 67.22
CA ILE H 1109 -88.59 -56.31 66.68
C ILE H 1109 -88.35 -54.91 66.16
N PHE H 1110 -87.35 -54.23 66.71
CA PHE H 1110 -87.06 -52.88 66.24
C PHE H 1110 -85.71 -52.82 65.54
N PRO H 1111 -85.57 -51.95 64.56
CA PRO H 1111 -84.22 -51.53 64.15
C PRO H 1111 -83.71 -50.42 65.06
N LEU H 1112 -82.42 -50.51 65.37
CA LEU H 1112 -81.77 -49.53 66.23
C LEU H 1112 -81.79 -48.15 65.61
N ALA H 1113 -81.71 -48.07 64.29
CA ALA H 1113 -81.79 -46.79 63.60
C ALA H 1113 -83.18 -46.17 63.76
N LEU H 1114 -84.23 -47.00 63.78
CA LEU H 1114 -85.57 -46.48 64.00
C LEU H 1114 -85.72 -45.94 65.43
N TRP H 1115 -85.19 -46.67 66.40
CA TRP H 1115 -85.24 -46.20 67.78
C TRP H 1115 -84.46 -44.91 67.95
N GLN H 1116 -83.32 -44.78 67.27
CA GLN H 1116 -82.54 -43.56 67.37
C GLN H 1116 -83.24 -42.39 66.71
N MET H 1117 -83.80 -42.60 65.53
CA MET H 1117 -84.41 -41.49 64.81
C MET H 1117 -85.73 -41.05 65.42
N ASN H 1118 -86.34 -41.88 66.27
CA ASN H 1118 -87.52 -41.43 67.01
C ASN H 1118 -87.41 -41.78 68.49
N THR H 1119 -86.25 -41.48 69.08
CA THR H 1119 -85.94 -42.02 70.40
C THR H 1119 -86.75 -41.37 71.52
N ARG H 1120 -87.02 -40.07 71.45
CA ARG H 1120 -87.68 -39.40 72.57
C ARG H 1120 -89.15 -39.78 72.62
N TYR H 1121 -89.82 -39.73 71.48
CA TYR H 1121 -91.25 -40.02 71.40
C TYR H 1121 -91.56 -41.45 71.80
N PHE H 1122 -90.61 -42.36 71.61
CA PHE H 1122 -90.83 -43.74 72.00
C PHE H 1122 -90.65 -43.94 73.49
N ASN H 1123 -89.87 -43.09 74.16
CA ASN H 1123 -89.69 -43.21 75.60
C ASN H 1123 -91.01 -42.99 76.32
N GLN H 1124 -91.66 -41.86 76.05
CA GLN H 1124 -92.87 -41.48 76.75
C GLN H 1124 -94.06 -42.36 76.39
N GLN H 1125 -93.95 -43.13 75.32
CA GLN H 1125 -95.02 -44.06 74.97
C GLN H 1125 -94.72 -45.49 75.38
N PHE H 1126 -93.47 -45.83 75.63
CA PHE H 1126 -93.09 -47.22 75.81
C PHE H 1126 -92.60 -47.56 77.20
N ASP H 1127 -92.00 -46.61 77.92
CA ASP H 1127 -91.28 -46.93 79.15
C ASP H 1127 -92.21 -47.41 80.26
N ALA H 1128 -93.43 -46.89 80.31
CA ALA H 1128 -94.36 -47.32 81.36
C ALA H 1128 -94.85 -48.74 81.13
N TRP H 1129 -94.91 -49.18 79.89
CA TRP H 1129 -95.39 -50.51 79.57
C TRP H 1129 -94.31 -51.56 79.66
N ILE H 1130 -93.13 -51.22 80.17
CA ILE H 1130 -92.02 -52.15 80.29
C ILE H 1130 -91.73 -52.47 81.74
N LYS H 1131 -91.78 -51.45 82.61
CA LYS H 1131 -91.53 -51.67 84.03
C LYS H 1131 -92.63 -52.51 84.66
N THR H 1132 -93.88 -52.28 84.26
CA THR H 1132 -95.01 -53.03 84.77
C THR H 1132 -95.66 -53.90 83.71
N GLY H 1133 -95.77 -53.42 82.48
CA GLY H 1133 -96.52 -54.10 81.45
C GLY H 1133 -95.82 -55.32 80.90
N GLU H 1134 -96.35 -55.81 79.79
CA GLU H 1134 -95.88 -57.06 79.20
C GLU H 1134 -95.20 -56.86 77.85
N LEU H 1135 -94.92 -55.62 77.48
CA LEU H 1135 -94.27 -55.35 76.20
C LEU H 1135 -92.83 -55.82 76.25
N ARG H 1136 -92.42 -56.60 75.25
CA ARG H 1136 -91.07 -57.12 75.18
C ARG H 1136 -90.47 -56.78 73.82
N ILE H 1137 -89.29 -56.18 73.83
CA ILE H 1137 -88.73 -55.53 72.66
C ILE H 1137 -87.40 -56.18 72.31
N ARG H 1138 -87.23 -56.50 71.04
CA ARG H 1138 -85.93 -56.92 70.50
C ARG H 1138 -85.42 -55.84 69.58
N ILE H 1139 -84.39 -55.12 70.01
CA ILE H 1139 -83.77 -54.09 69.20
C ILE H 1139 -82.56 -54.72 68.51
N GLU H 1140 -82.65 -54.94 67.21
CA GLU H 1140 -81.56 -55.59 66.49
C GLU H 1140 -80.39 -54.63 66.35
N MET H 1141 -79.21 -55.10 66.77
CA MET H 1141 -78.03 -54.26 66.81
C MET H 1141 -76.88 -54.82 65.99
N GLY H 1142 -76.56 -56.10 66.14
CA GLY H 1142 -75.39 -56.66 65.50
C GLY H 1142 -74.18 -56.66 66.42
N ALA H 1143 -73.80 -55.49 66.92
CA ALA H 1143 -72.62 -55.34 67.75
C ALA H 1143 -72.80 -54.18 68.70
N TYR H 1144 -72.25 -54.32 69.91
CA TYR H 1144 -72.32 -53.26 70.91
C TYR H 1144 -71.25 -53.51 71.96
N PRO H 1145 -70.69 -52.45 72.54
CA PRO H 1145 -69.91 -52.62 73.76
C PRO H 1145 -70.83 -52.74 74.97
N TYR H 1146 -70.29 -53.36 76.02
CA TYR H 1146 -71.13 -53.73 77.15
C TYR H 1146 -70.38 -53.47 78.45
N MET H 1147 -71.15 -53.22 79.50
CA MET H 1147 -70.61 -53.03 80.84
C MET H 1147 -71.28 -54.01 81.78
N LEU H 1148 -70.51 -54.59 82.69
CA LEU H 1148 -71.02 -55.54 83.66
C LEU H 1148 -71.27 -54.85 85.00
N HIS H 1149 -72.20 -55.41 85.77
CA HIS H 1149 -72.49 -54.93 87.11
C HIS H 1149 -72.85 -56.14 87.96
N TYR H 1150 -71.99 -56.48 88.91
CA TYR H 1150 -72.25 -57.64 89.73
C TYR H 1150 -73.14 -57.27 90.90
N TYR H 1151 -73.69 -58.29 91.56
CA TYR H 1151 -74.54 -58.03 92.72
C TYR H 1151 -74.52 -59.22 93.66
N ASP H 1152 -75.11 -59.00 94.82
CA ASP H 1152 -75.28 -60.05 95.81
C ASP H 1152 -76.55 -60.83 95.51
N PRO H 1153 -76.47 -62.14 95.30
CA PRO H 1153 -77.69 -62.93 95.15
C PRO H 1153 -78.49 -63.08 96.42
N ARG H 1154 -77.88 -62.80 97.58
CA ARG H 1154 -78.61 -62.81 98.84
C ARG H 1154 -79.48 -61.58 99.01
N GLN H 1155 -79.28 -60.54 98.21
CA GLN H 1155 -79.98 -59.28 98.36
C GLN H 1155 -80.94 -59.05 97.21
N TYR H 1156 -81.72 -57.98 97.33
CA TYR H 1156 -82.64 -57.57 96.30
C TYR H 1156 -81.95 -56.67 95.30
N ALA H 1157 -82.38 -56.75 94.04
CA ALA H 1157 -81.78 -55.94 92.99
C ALA H 1157 -82.81 -55.67 91.90
N ASN H 1158 -82.77 -54.45 91.38
CA ASN H 1158 -83.69 -54.03 90.32
C ASN H 1158 -82.90 -53.17 89.35
N ALA H 1159 -82.99 -53.51 88.07
CA ALA H 1159 -82.15 -52.89 87.07
C ALA H 1159 -82.78 -51.67 86.42
N TRP H 1160 -83.94 -51.22 86.91
CA TRP H 1160 -84.74 -50.26 86.17
C TRP H 1160 -84.08 -48.90 86.08
N ASN H 1161 -83.30 -48.51 87.09
CA ASN H 1161 -82.55 -47.26 87.03
C ASN H 1161 -81.53 -47.30 85.91
N LEU H 1162 -80.78 -48.40 85.83
CA LEU H 1162 -79.72 -48.51 84.83
C LEU H 1162 -80.29 -48.60 83.42
N THR H 1163 -81.38 -49.35 83.26
CA THR H 1163 -81.97 -49.49 81.93
C THR H 1163 -82.65 -48.19 81.50
N SER H 1164 -83.28 -47.49 82.43
CA SER H 1164 -83.89 -46.22 82.11
C SER H 1164 -82.84 -45.19 81.74
N ALA H 1165 -81.70 -45.21 82.45
CA ALA H 1165 -80.62 -44.29 82.12
C ALA H 1165 -80.04 -44.60 80.75
N TRP H 1166 -79.96 -45.89 80.42
CA TRP H 1166 -79.47 -46.29 79.11
C TRP H 1166 -80.40 -45.82 78.00
N LEU H 1167 -81.70 -46.06 78.16
CA LEU H 1167 -82.68 -45.66 77.16
C LEU H 1167 -82.78 -44.15 77.00
N GLU H 1168 -82.62 -43.41 78.09
CA GLU H 1168 -82.59 -41.95 77.95
C GLU H 1168 -81.32 -41.49 77.26
N GLU H 1169 -80.20 -42.16 77.50
CA GLU H 1169 -78.96 -41.77 76.86
C GLU H 1169 -78.92 -42.15 75.38
N ILE H 1170 -79.79 -43.05 74.92
CA ILE H 1170 -79.84 -43.37 73.49
C ILE H 1170 -80.23 -42.14 72.69
N THR H 1171 -79.30 -41.67 71.90
CA THR H 1171 -79.20 -40.48 71.09
C THR H 1171 -79.27 -40.85 69.61
N PRO H 1172 -79.87 -40.01 68.77
CA PRO H 1172 -79.84 -40.27 67.32
C PRO H 1172 -78.45 -40.40 66.74
N THR H 1173 -77.47 -39.73 67.31
CA THR H 1173 -76.09 -40.00 66.90
C THR H 1173 -75.50 -41.17 67.66
N SER H 1174 -75.41 -41.05 68.98
CA SER H 1174 -74.56 -41.92 69.79
C SER H 1174 -75.37 -42.89 70.63
N ILE H 1175 -74.69 -43.94 71.09
CA ILE H 1175 -75.25 -44.81 72.11
C ILE H 1175 -74.19 -45.00 73.19
N PRO H 1176 -74.55 -45.28 74.43
CA PRO H 1176 -73.54 -45.66 75.42
C PRO H 1176 -73.37 -47.15 75.42
N SER H 1177 -72.54 -47.67 76.32
CA SER H 1177 -72.45 -49.10 76.47
C SER H 1177 -73.72 -49.65 77.11
N VAL H 1178 -73.88 -50.96 77.05
CA VAL H 1178 -75.10 -51.63 77.50
C VAL H 1178 -74.83 -52.25 78.86
N PRO H 1179 -75.58 -51.90 79.89
CA PRO H 1179 -75.34 -52.48 81.22
C PRO H 1179 -76.01 -53.82 81.38
N PHE H 1180 -75.33 -54.71 82.10
CA PHE H 1180 -75.87 -56.01 82.43
C PHE H 1180 -75.70 -56.27 83.92
N MET H 1181 -76.60 -57.07 84.47
CA MET H 1181 -76.67 -57.31 85.90
C MET H 1181 -76.61 -58.81 86.15
N VAL H 1182 -75.41 -59.30 86.40
CA VAL H 1182 -75.11 -60.73 86.47
C VAL H 1182 -74.61 -61.04 87.88
N PRO H 1183 -75.10 -62.10 88.53
CA PRO H 1183 -74.73 -62.33 89.94
C PRO H 1183 -73.30 -62.80 90.14
N ILE H 1184 -72.95 -62.98 91.41
CA ILE H 1184 -71.64 -63.45 91.82
C ILE H 1184 -71.78 -64.90 92.25
N SER H 1185 -70.97 -65.76 91.64
CA SER H 1185 -70.98 -67.18 91.99
C SER H 1185 -70.44 -67.39 93.38
N SER H 1186 -71.16 -68.16 94.18
CA SER H 1186 -70.81 -68.32 95.58
C SER H 1186 -69.95 -69.56 95.81
N ASP H 1187 -69.12 -69.48 96.85
CA ASP H 1187 -68.34 -70.63 97.28
C ASP H 1187 -69.23 -71.71 97.87
N HIS H 1188 -70.13 -71.32 98.75
CA HIS H 1188 -70.97 -72.26 99.48
C HIS H 1188 -72.43 -72.04 99.11
N ASP H 1189 -73.30 -72.83 99.72
CA ASP H 1189 -74.72 -72.65 99.48
C ASP H 1189 -75.23 -71.41 100.20
N ILE H 1190 -76.11 -70.67 99.54
CA ILE H 1190 -76.65 -69.44 100.06
C ILE H 1190 -78.17 -69.52 100.05
N SER H 1191 -78.79 -68.44 100.48
CA SER H 1191 -80.25 -68.29 100.45
C SER H 1191 -80.61 -67.31 99.36
N SER H 1192 -81.59 -67.68 98.54
CA SER H 1192 -81.90 -66.88 97.37
C SER H 1192 -82.68 -65.63 97.75
N ALA H 1193 -82.88 -64.77 96.75
CA ALA H 1193 -83.57 -63.49 96.93
C ALA H 1193 -84.09 -63.05 95.58
N PRO H 1194 -85.20 -62.32 95.52
CA PRO H 1194 -85.74 -61.90 94.22
C PRO H 1194 -84.88 -60.85 93.57
N ALA H 1195 -84.81 -60.93 92.24
CA ALA H 1195 -84.04 -60.00 91.44
C ALA H 1195 -84.75 -59.82 90.11
N VAL H 1196 -84.68 -58.60 89.57
CA VAL H 1196 -85.40 -58.22 88.37
C VAL H 1196 -84.41 -57.76 87.32
N GLN H 1197 -84.38 -58.46 86.19
CA GLN H 1197 -83.55 -58.13 85.05
C GLN H 1197 -84.39 -57.49 83.95
N TYR H 1198 -83.72 -56.71 83.10
CA TYR H 1198 -84.43 -56.16 81.95
C TYR H 1198 -83.67 -56.38 80.64
N ILE H 1199 -82.35 -56.38 80.70
CA ILE H 1199 -81.52 -56.41 79.50
C ILE H 1199 -80.75 -57.70 79.48
N ILE H 1200 -81.00 -58.52 78.48
CA ILE H 1200 -80.25 -59.74 78.28
C ILE H 1200 -79.69 -59.74 76.87
N SER H 1201 -78.58 -60.44 76.67
CA SER H 1201 -78.10 -60.70 75.34
C SER H 1201 -78.81 -61.92 74.79
N THR H 1202 -79.08 -61.90 73.48
CA THR H 1202 -79.89 -62.95 72.88
C THR H 1202 -79.14 -64.26 72.70
N GLU H 1203 -77.82 -64.28 72.87
CA GLU H 1203 -77.07 -65.51 72.74
C GLU H 1203 -75.85 -65.45 73.65
N TYR H 1204 -75.03 -66.50 73.56
CA TYR H 1204 -73.83 -66.61 74.38
C TYR H 1204 -72.83 -65.53 74.02
N ASN H 1205 -72.43 -64.76 75.02
CA ASN H 1205 -71.37 -63.78 74.85
C ASN H 1205 -70.40 -63.84 76.01
N ASP H 1206 -70.32 -64.98 76.69
CA ASP H 1206 -69.56 -65.10 77.93
C ASP H 1206 -68.27 -65.85 77.70
N ARG H 1207 -67.60 -65.57 76.59
CA ARG H 1207 -66.32 -66.19 76.32
C ARG H 1207 -65.21 -65.58 77.16
N SER H 1208 -65.35 -64.32 77.56
CA SER H 1208 -64.31 -63.64 78.32
C SER H 1208 -64.22 -64.09 79.77
N LEU H 1209 -65.14 -64.93 80.25
CA LEU H 1209 -65.02 -65.47 81.59
C LEU H 1209 -63.84 -66.42 81.65
N PHE H 1210 -63.18 -66.47 82.80
CA PHE H 1210 -62.13 -67.45 83.00
C PHE H 1210 -62.48 -68.46 84.10
N CYS H 1211 -62.73 -68.00 85.32
CA CYS H 1211 -62.88 -68.95 86.43
C CYS H 1211 -63.93 -68.46 87.42
N THR H 1212 -64.57 -69.42 88.07
CA THR H 1212 -65.54 -69.16 89.13
C THR H 1212 -65.02 -69.80 90.41
N ASN H 1213 -64.71 -68.97 91.40
CA ASN H 1213 -64.27 -69.37 92.74
C ASN H 1213 -63.01 -70.24 92.67
N SER H 1214 -61.92 -69.60 92.26
CA SER H 1214 -60.66 -70.30 92.03
C SER H 1214 -60.06 -70.90 93.29
N SER H 1215 -60.42 -70.39 94.46
CA SER H 1215 -59.87 -70.91 95.72
C SER H 1215 -60.80 -71.92 96.38
N SER H 1216 -61.65 -72.58 95.61
CA SER H 1216 -62.76 -73.30 96.19
C SER H 1216 -62.75 -74.74 95.68
N PRO H 1217 -63.38 -75.67 96.42
CA PRO H 1217 -63.57 -77.01 95.88
C PRO H 1217 -64.41 -77.02 94.61
N GLN H 1218 -65.62 -76.47 94.68
CA GLN H 1218 -66.44 -76.32 93.50
C GLN H 1218 -67.48 -75.25 93.77
N THR H 1219 -67.94 -74.62 92.70
CA THR H 1219 -68.89 -73.53 92.80
C THR H 1219 -70.32 -74.07 92.82
N ILE H 1220 -71.08 -73.73 93.85
CA ILE H 1220 -72.48 -74.15 93.87
C ILE H 1220 -73.33 -73.10 93.16
N ALA H 1221 -73.37 -71.89 93.70
CA ALA H 1221 -74.38 -70.94 93.27
C ALA H 1221 -73.91 -70.15 92.06
N GLY H 1222 -74.88 -69.65 91.29
CA GLY H 1222 -74.59 -68.86 90.13
C GLY H 1222 -73.99 -69.67 89.01
N PRO H 1223 -73.41 -68.99 88.02
CA PRO H 1223 -72.75 -69.72 86.93
C PRO H 1223 -71.43 -70.30 87.37
N ASP H 1224 -71.10 -71.46 86.82
CA ASP H 1224 -69.85 -72.13 87.08
C ASP H 1224 -69.12 -72.37 85.78
N LYS H 1225 -67.79 -72.25 85.85
CA LYS H 1225 -66.91 -72.65 84.77
C LYS H 1225 -65.53 -72.86 85.36
N HIS H 1226 -64.94 -74.02 85.07
CA HIS H 1226 -63.59 -74.29 85.57
C HIS H 1226 -62.56 -73.55 84.74
N ILE H 1227 -61.31 -73.82 85.04
CA ILE H 1227 -60.23 -73.37 84.17
C ILE H 1227 -60.33 -74.12 82.83
N PRO H 1228 -60.34 -73.42 81.70
CA PRO H 1228 -60.55 -74.09 80.42
C PRO H 1228 -59.37 -74.95 80.01
N VAL H 1229 -59.59 -76.27 80.11
CA VAL H 1229 -58.56 -77.25 79.81
C VAL H 1229 -58.23 -77.23 78.32
N GLU H 1230 -59.22 -76.89 77.50
CA GLU H 1230 -59.03 -76.91 76.05
C GLU H 1230 -58.07 -75.83 75.58
N ARG H 1231 -57.93 -74.74 76.35
CA ARG H 1231 -56.89 -73.76 76.07
C ARG H 1231 -55.52 -74.38 76.24
N TYR H 1232 -55.21 -74.83 77.45
CA TYR H 1232 -53.90 -75.40 77.71
C TYR H 1232 -53.82 -76.79 77.11
N ASN H 1233 -53.34 -76.84 75.86
CA ASN H 1233 -53.37 -78.05 75.07
C ASN H 1233 -52.03 -78.74 74.98
N ILE H 1234 -50.93 -78.00 75.12
CA ILE H 1234 -49.61 -78.62 75.28
C ILE H 1234 -49.57 -79.40 76.58
N LEU H 1235 -50.21 -78.88 77.60
CA LEU H 1235 -50.49 -79.61 78.81
C LEU H 1235 -51.84 -80.30 78.66
N THR H 1236 -52.14 -81.24 79.56
CA THR H 1236 -53.41 -81.97 79.66
C THR H 1236 -53.80 -82.73 78.39
N ASN H 1237 -52.84 -83.00 77.52
CA ASN H 1237 -53.08 -83.75 76.29
C ASN H 1237 -51.75 -84.33 75.85
N PRO H 1238 -51.46 -85.58 76.21
CA PRO H 1238 -50.17 -86.17 75.84
C PRO H 1238 -50.02 -86.45 74.35
N ASP H 1239 -51.12 -86.54 73.61
CA ASP H 1239 -51.05 -86.78 72.18
C ASP H 1239 -50.73 -85.52 71.39
N ALA H 1240 -50.74 -84.37 72.01
CA ALA H 1240 -50.48 -83.17 71.26
C ALA H 1240 -48.97 -82.99 71.04
N PRO H 1241 -48.56 -82.60 69.84
CA PRO H 1241 -47.18 -82.24 69.62
C PRO H 1241 -46.86 -80.92 70.28
N PRO H 1242 -45.58 -80.60 70.48
CA PRO H 1242 -45.24 -79.30 71.08
C PRO H 1242 -45.59 -78.11 70.22
N THR H 1243 -45.69 -78.27 68.91
CA THR H 1243 -46.14 -77.20 68.03
C THR H 1243 -47.52 -77.58 67.52
N GLN H 1244 -48.55 -77.23 68.28
CA GLN H 1244 -49.92 -77.52 67.92
C GLN H 1244 -50.76 -76.30 68.28
N ILE H 1245 -51.33 -75.65 67.27
CA ILE H 1245 -51.88 -74.30 67.41
C ILE H 1245 -53.30 -74.29 66.89
N GLN H 1246 -54.25 -74.01 67.76
CA GLN H 1246 -55.65 -73.88 67.35
C GLN H 1246 -56.00 -72.41 67.22
N LEU H 1247 -55.30 -71.77 66.30
CA LEU H 1247 -55.44 -70.35 65.99
C LEU H 1247 -56.81 -69.86 65.50
N PRO H 1248 -57.57 -70.58 64.64
CA PRO H 1248 -58.87 -70.03 64.23
C PRO H 1248 -59.93 -70.00 65.33
N GLU H 1249 -59.77 -70.75 66.40
CA GLU H 1249 -60.84 -70.82 67.39
C GLU H 1249 -60.44 -70.33 68.76
N VAL H 1250 -59.27 -70.72 69.27
CA VAL H 1250 -58.86 -70.34 70.62
C VAL H 1250 -57.47 -69.73 70.59
N VAL H 1251 -56.90 -69.47 71.77
CA VAL H 1251 -55.67 -68.70 71.89
C VAL H 1251 -54.58 -69.58 72.51
N ASP H 1252 -55.01 -70.50 73.38
CA ASP H 1252 -54.26 -71.53 74.11
C ASP H 1252 -53.38 -71.02 75.24
N LEU H 1253 -53.16 -69.70 75.33
CA LEU H 1253 -52.53 -69.02 76.46
C LEU H 1253 -51.11 -69.44 76.82
N TYR H 1254 -50.52 -70.36 76.06
CA TYR H 1254 -49.30 -71.06 76.44
C TYR H 1254 -48.82 -71.86 75.24
N ASN H 1255 -47.56 -71.74 74.85
CA ASN H 1255 -47.04 -72.58 73.77
C ASN H 1255 -45.54 -72.71 73.91
N VAL H 1256 -44.94 -73.34 72.91
CA VAL H 1256 -43.50 -73.20 72.70
C VAL H 1256 -43.26 -71.89 71.96
N VAL H 1257 -42.20 -71.19 72.33
CA VAL H 1257 -41.83 -69.96 71.68
C VAL H 1257 -40.32 -69.96 71.49
N THR H 1258 -39.87 -69.45 70.36
CA THR H 1258 -38.45 -69.37 70.11
C THR H 1258 -37.92 -68.03 70.61
N ARG H 1259 -36.63 -68.00 70.88
CA ARG H 1259 -35.93 -66.77 71.20
C ARG H 1259 -34.75 -66.65 70.26
N TYR H 1260 -34.05 -65.53 70.35
CA TYR H 1260 -32.93 -65.28 69.47
C TYR H 1260 -31.86 -64.50 70.22
N ALA H 1261 -30.65 -64.56 69.69
CA ALA H 1261 -29.58 -63.68 70.13
C ALA H 1261 -28.78 -63.19 68.93
N TYR H 1262 -29.46 -62.92 67.83
CA TYR H 1262 -28.78 -62.55 66.59
C TYR H 1262 -28.26 -61.13 66.73
N GLU H 1263 -26.95 -60.99 66.87
CA GLU H 1263 -26.31 -59.68 66.95
C GLU H 1263 -26.50 -58.95 65.63
N THR H 1264 -26.71 -57.63 65.71
CA THR H 1264 -26.89 -56.79 64.52
C THR H 1264 -25.83 -55.71 64.50
N PRO H 1265 -24.62 -56.01 64.05
CA PRO H 1265 -23.57 -55.00 64.01
C PRO H 1265 -23.73 -54.13 62.78
N PRO H 1266 -23.16 -52.93 62.78
CA PRO H 1266 -23.22 -52.09 61.59
C PRO H 1266 -22.24 -52.55 60.52
N ILE H 1267 -22.53 -52.10 59.29
CA ILE H 1267 -21.90 -52.65 58.10
C ILE H 1267 -20.42 -52.29 58.05
N THR H 1268 -20.06 -51.09 58.48
CA THR H 1268 -18.65 -50.72 58.53
C THR H 1268 -17.91 -51.44 59.63
N ALA H 1269 -18.61 -51.97 60.64
CA ALA H 1269 -17.97 -52.83 61.61
C ALA H 1269 -17.88 -54.26 61.11
N VAL H 1270 -18.71 -54.63 60.14
CA VAL H 1270 -18.61 -55.96 59.57
C VAL H 1270 -17.48 -56.04 58.57
N VAL H 1271 -17.48 -55.13 57.59
CA VAL H 1271 -16.51 -55.15 56.50
C VAL H 1271 -15.52 -54.02 56.73
N MET H 1272 -14.23 -54.35 56.73
CA MET H 1272 -13.22 -53.33 56.96
C MET H 1272 -12.93 -52.55 55.70
N GLY H 1273 -12.40 -53.21 54.68
CA GLY H 1273 -12.22 -52.58 53.39
C GLY H 1273 -11.14 -51.53 53.29
N VAL H 1274 -9.88 -51.94 53.35
CA VAL H 1274 -8.76 -51.01 53.19
C VAL H 1274 -8.68 -50.48 51.77
N SER I 214 -13.06 2.91 19.03
CA SER I 214 -12.45 4.11 18.47
C SER I 214 -13.43 5.25 18.43
N GLU I 215 -13.24 6.17 17.48
CA GLU I 215 -14.13 7.31 17.29
C GLU I 215 -15.48 6.91 16.70
N ILE I 216 -15.61 5.66 16.26
CA ILE I 216 -16.90 5.12 15.85
C ILE I 216 -17.90 5.22 16.99
N GLN I 217 -17.45 4.95 18.22
CA GLN I 217 -18.31 5.05 19.39
C GLN I 217 -18.73 6.49 19.66
N ARG I 218 -17.82 7.45 19.42
CA ARG I 218 -18.18 8.87 19.48
C ARG I 218 -19.27 9.18 18.47
N HIS I 219 -19.14 8.63 17.26
CA HIS I 219 -20.16 8.85 16.24
C HIS I 219 -21.50 8.27 16.66
N ILE I 220 -21.47 7.09 17.30
CA ILE I 220 -22.69 6.48 17.82
C ILE I 220 -23.36 7.38 18.84
N THR I 221 -22.55 7.94 19.76
CA THR I 221 -23.10 8.80 20.81
C THR I 221 -23.74 10.05 20.24
N GLU I 222 -23.07 10.71 19.29
CA GLU I 222 -23.65 11.93 18.73
C GLU I 222 -24.87 11.62 17.87
N PHE I 223 -24.88 10.46 17.22
CA PHE I 223 -26.02 10.10 16.38
C PHE I 223 -27.26 9.81 17.20
N ILE I 224 -27.10 9.08 18.30
CA ILE I 224 -28.23 8.80 19.18
C ILE I 224 -28.67 10.09 19.88
N SER I 225 -27.73 10.98 20.20
CA SER I 225 -28.12 12.25 20.80
C SER I 225 -28.82 13.16 19.80
N SER I 226 -28.56 12.97 18.52
CA SER I 226 -29.30 13.70 17.51
C SER I 226 -30.72 13.16 17.40
N TRP I 227 -30.86 11.86 17.20
CA TRP I 227 -32.18 11.28 16.97
C TRP I 227 -32.85 10.78 18.25
N GLN I 228 -32.48 11.33 19.41
CA GLN I 228 -33.07 10.85 20.66
C GLN I 228 -34.36 11.56 21.02
N ASN I 229 -34.57 12.78 20.55
CA ASN I 229 -35.80 13.53 20.83
C ASN I 229 -36.25 14.13 19.51
N HIS I 230 -37.04 13.37 18.79
CA HIS I 230 -37.50 13.75 17.46
C HIS I 230 -38.92 13.23 17.31
N PRO I 231 -39.78 13.98 16.62
CA PRO I 231 -41.18 13.56 16.49
C PRO I 231 -41.42 12.26 15.73
N ILE I 232 -40.45 11.71 15.01
CA ILE I 232 -40.68 10.38 14.47
C ILE I 232 -40.44 9.30 15.52
N VAL I 233 -39.79 9.63 16.64
CA VAL I 233 -39.48 8.67 17.67
C VAL I 233 -40.33 8.90 18.91
N GLN I 234 -40.55 10.16 19.29
CA GLN I 234 -41.17 10.64 20.54
C GLN I 234 -40.88 9.80 21.78
N LEU I 247 -57.03 21.50 15.11
CA LEU I 247 -58.31 22.18 15.23
C LEU I 247 -58.97 22.31 13.85
N LEU I 248 -59.87 21.38 13.53
CA LEU I 248 -60.83 21.57 12.45
C LEU I 248 -62.07 20.76 12.82
N HIS I 249 -63.03 21.45 13.43
CA HIS I 249 -64.30 20.80 13.75
C HIS I 249 -65.38 21.86 13.76
N ALA I 250 -66.56 21.45 13.33
CA ALA I 250 -67.67 22.35 13.10
C ALA I 250 -68.31 22.77 14.43
N ASP I 251 -69.30 23.63 14.32
CA ASP I 251 -70.26 23.76 15.41
C ASP I 251 -71.46 22.87 15.11
N THR I 252 -72.22 22.57 16.15
CA THR I 252 -73.35 21.67 16.00
C THR I 252 -74.62 22.48 15.90
N PRO I 253 -75.29 22.50 14.75
CA PRO I 253 -76.61 23.12 14.69
C PRO I 253 -77.61 22.28 15.47
N ARG I 254 -78.60 22.94 16.04
CA ARG I 254 -79.62 22.27 16.83
C ARG I 254 -80.85 22.11 15.95
N LEU I 255 -81.13 20.87 15.57
CA LEU I 255 -82.28 20.61 14.70
C LEU I 255 -83.54 20.37 15.50
N VAL I 256 -83.48 19.50 16.50
CA VAL I 256 -84.66 19.18 17.29
C VAL I 256 -84.92 20.29 18.29
N THR I 257 -86.12 20.86 18.23
CA THR I 257 -86.52 21.96 19.11
C THR I 257 -87.94 21.68 19.56
N TRP I 258 -88.09 21.13 20.76
CA TRP I 258 -89.40 20.83 21.30
C TRP I 258 -90.07 22.09 21.82
N ASP I 259 -91.33 22.27 21.46
CA ASP I 259 -92.11 23.44 21.88
C ASP I 259 -93.48 23.00 22.37
N ALA I 260 -93.69 23.06 23.67
CA ALA I 260 -95.00 22.79 24.25
C ALA I 260 -95.95 23.94 23.97
N GLY I 261 -97.19 23.78 24.38
CA GLY I 261 -98.22 24.74 24.06
C GLY I 261 -98.69 24.58 22.62
N LEU I 262 -99.70 25.36 22.26
CA LEU I 262 -100.30 25.17 20.97
C LEU I 262 -99.44 25.81 19.87
N CYS I 263 -99.83 25.56 18.64
CA CYS I 263 -99.13 26.10 17.48
C CYS I 263 -100.06 27.07 16.76
N THR I 264 -99.57 28.28 16.55
CA THR I 264 -100.30 29.29 15.81
C THR I 264 -99.32 30.38 15.40
N SER I 265 -99.81 31.28 14.56
CA SER I 265 -99.10 32.52 14.30
C SER I 265 -100.02 33.72 14.31
N PHE I 266 -101.32 33.52 14.32
CA PHE I 266 -102.28 34.62 14.23
C PHE I 266 -103.01 34.74 15.55
N LYS I 267 -103.22 35.97 15.99
CA LYS I 267 -104.01 36.21 17.18
C LYS I 267 -105.04 37.28 16.91
N ILE I 268 -106.15 37.20 17.62
CA ILE I 268 -107.23 38.17 17.47
C ILE I 268 -107.06 39.22 18.55
N VAL I 269 -107.07 40.49 18.15
CA VAL I 269 -106.92 41.57 19.11
C VAL I 269 -108.14 42.47 18.97
N PRO I 270 -108.72 42.93 20.07
CA PRO I 270 -109.77 43.94 19.96
C PRO I 270 -109.16 45.29 19.60
N ILE I 271 -110.01 46.16 19.06
CA ILE I 271 -109.54 47.51 18.76
C ILE I 271 -110.32 48.51 19.59
N VAL I 272 -111.63 48.57 19.40
CA VAL I 272 -112.45 49.48 20.20
C VAL I 272 -113.37 48.66 21.09
N PRO I 273 -113.51 49.02 22.36
CA PRO I 273 -114.43 48.28 23.23
C PRO I 273 -115.87 48.65 22.90
N ALA I 274 -116.71 47.63 22.78
CA ALA I 274 -118.13 47.85 22.60
C ALA I 274 -118.72 48.45 23.87
N GLN I 275 -119.80 49.21 23.71
CA GLN I 275 -120.39 49.86 24.86
C GLN I 275 -121.14 48.82 25.69
N VAL I 276 -120.61 48.51 26.86
CA VAL I 276 -121.31 47.59 27.75
C VAL I 276 -122.36 48.34 28.57
N PRO I 277 -122.08 49.51 29.22
CA PRO I 277 -123.21 50.26 29.79
C PRO I 277 -123.88 51.13 28.74
N GLN I 278 -125.14 50.85 28.45
CA GLN I 278 -125.92 51.67 27.53
C GLN I 278 -127.34 51.72 28.04
N ASP I 279 -128.19 52.44 27.30
CA ASP I 279 -129.55 52.66 27.76
C ASP I 279 -130.58 51.75 27.10
N VAL I 280 -130.42 51.45 25.82
CA VAL I 280 -131.45 50.74 25.07
C VAL I 280 -131.45 49.25 25.40
N LEU I 281 -130.36 48.72 25.92
CA LEU I 281 -130.28 47.33 26.32
C LEU I 281 -129.52 47.26 27.64
N ALA I 282 -130.05 46.49 28.58
CA ALA I 282 -129.49 46.44 29.92
C ALA I 282 -128.15 45.70 29.93
N TYR I 283 -127.34 45.99 30.95
CA TYR I 283 -126.05 45.34 31.09
C TYR I 283 -126.18 43.88 31.48
N THR I 284 -127.33 43.48 32.03
CA THR I 284 -127.54 42.12 32.47
C THR I 284 -127.69 41.15 31.31
N PHE I 285 -127.87 41.66 30.09
CA PHE I 285 -127.81 40.80 28.92
C PHE I 285 -126.38 40.35 28.64
N PHE I 286 -125.41 41.23 28.87
CA PHE I 286 -124.07 41.01 28.37
C PHE I 286 -123.30 40.04 29.26
N THR I 287 -122.59 39.12 28.63
CA THR I 287 -121.75 38.17 29.36
C THR I 287 -120.50 38.81 29.94
N SER I 288 -120.15 40.02 29.48
CA SER I 288 -119.04 40.76 30.06
C SER I 288 -119.31 41.10 31.51
N SER I 289 -120.58 41.35 31.86
CA SER I 289 -120.92 41.57 33.26
C SER I 289 -120.80 40.30 34.07
N TYR I 290 -120.95 39.15 33.43
CA TYR I 290 -120.91 37.88 34.15
C TYR I 290 -119.54 37.23 34.10
N ALA I 291 -118.58 37.87 33.41
CA ALA I 291 -117.17 37.48 33.36
C ALA I 291 -116.99 36.07 32.80
N ILE I 292 -117.82 35.73 31.82
CA ILE I 292 -117.64 34.48 31.10
C ILE I 292 -116.41 34.60 30.21
N GLN I 293 -115.44 33.73 30.43
CA GLN I 293 -114.19 33.80 29.68
C GLN I 293 -114.40 33.31 28.26
N SER I 294 -114.77 34.23 27.37
CA SER I 294 -115.06 33.87 25.99
C SER I 294 -113.77 33.56 25.25
N PRO I 295 -113.83 32.67 24.26
CA PRO I 295 -112.65 32.42 23.41
C PRO I 295 -112.34 33.56 22.47
N PHE I 296 -113.24 34.53 22.32
CA PHE I 296 -113.04 35.64 21.42
C PHE I 296 -113.24 36.92 22.19
N PRO I 297 -112.49 37.98 21.86
CA PRO I 297 -112.59 39.22 22.64
C PRO I 297 -113.91 39.92 22.39
N GLU I 298 -114.62 40.19 23.47
CA GLU I 298 -115.92 40.84 23.38
C GLU I 298 -115.69 42.33 23.17
N ALA I 299 -115.83 42.78 21.93
CA ALA I 299 -115.56 44.17 21.60
C ALA I 299 -116.41 44.54 20.39
N ALA I 300 -116.26 45.80 19.97
CA ALA I 300 -117.03 46.30 18.83
C ALA I 300 -116.36 46.00 17.51
N VAL I 301 -115.04 46.10 17.43
CA VAL I 301 -114.30 45.79 16.20
C VAL I 301 -113.15 44.85 16.58
N SER I 302 -113.21 43.64 16.07
CA SER I 302 -112.14 42.67 16.24
C SER I 302 -111.32 42.62 14.97
N ARG I 303 -110.04 42.30 15.12
CA ARG I 303 -109.11 42.39 14.01
C ARG I 303 -108.02 41.34 14.21
N ILE I 304 -107.80 40.52 13.20
CA ILE I 304 -106.78 39.48 13.31
C ILE I 304 -105.46 40.00 12.77
N VAL I 305 -104.41 39.86 13.58
CA VAL I 305 -103.08 40.35 13.29
C VAL I 305 -102.11 39.21 13.43
N VAL I 306 -100.83 39.53 13.27
CA VAL I 306 -99.78 38.53 13.18
C VAL I 306 -98.83 38.73 14.35
N HIS I 307 -98.68 37.68 15.14
CA HIS I 307 -97.73 37.69 16.24
C HIS I 307 -97.23 36.26 16.36
N THR I 308 -96.03 36.02 15.87
CA THR I 308 -95.50 34.66 15.86
C THR I 308 -95.20 34.19 17.27
N ARG I 309 -95.66 32.99 17.60
CA ARG I 309 -95.35 32.28 18.84
C ARG I 309 -95.83 33.04 20.08
N TRP I 310 -97.06 33.55 20.05
CA TRP I 310 -97.59 34.14 21.27
C TRP I 310 -98.05 33.07 22.24
N ALA I 311 -98.24 31.84 21.78
CA ALA I 311 -98.65 30.73 22.61
C ALA I 311 -97.52 29.77 22.92
N SER I 312 -96.34 30.03 22.40
CA SER I 312 -95.32 28.99 22.38
C SER I 312 -94.56 28.94 23.69
N ASN I 313 -93.94 27.80 23.93
CA ASN I 313 -93.27 27.49 25.18
C ASN I 313 -91.93 26.81 24.89
N VAL I 314 -91.12 27.47 24.06
CA VAL I 314 -89.89 26.89 23.54
C VAL I 314 -88.91 26.54 24.65
N ASP I 315 -88.04 25.58 24.36
CA ASP I 315 -86.85 25.42 25.17
C ASP I 315 -85.71 26.24 24.64
N PHE I 316 -85.70 26.47 23.33
CA PHE I 316 -84.66 27.28 22.67
C PHE I 316 -85.35 28.00 21.53
N ASP I 317 -85.44 29.32 21.62
CA ASP I 317 -86.13 30.03 20.55
C ASP I 317 -85.23 30.19 19.34
N ARG I 318 -85.82 30.65 18.24
CA ARG I 318 -85.08 30.84 17.02
C ARG I 318 -84.50 32.24 16.88
N ASP I 319 -84.96 33.17 17.72
CA ASP I 319 -84.58 34.58 17.71
C ASP I 319 -84.86 35.20 16.34
N SER I 320 -86.01 34.88 15.78
CA SER I 320 -86.46 35.49 14.53
C SER I 320 -87.99 35.51 14.59
N SER I 321 -88.54 36.62 15.05
CA SER I 321 -89.98 36.73 15.22
C SER I 321 -90.53 37.79 14.28
N VAL I 322 -91.75 37.56 13.82
CA VAL I 322 -92.50 38.56 13.08
C VAL I 322 -93.62 39.03 14.00
N ILE I 323 -93.46 40.23 14.54
CA ILE I 323 -94.34 40.75 15.56
C ILE I 323 -94.98 42.01 14.99
N MET I 324 -96.27 41.93 14.71
CA MET I 324 -96.97 43.03 14.07
C MET I 324 -97.94 43.66 15.05
N ALA I 325 -97.90 44.99 15.14
CA ALA I 325 -98.86 45.73 15.94
C ALA I 325 -100.20 45.75 15.24
N PRO I 326 -101.28 46.00 15.98
CA PRO I 326 -102.57 46.21 15.33
C PRO I 326 -102.53 47.42 14.42
N PRO I 327 -103.34 47.43 13.36
CA PRO I 327 -103.16 48.42 12.28
C PRO I 327 -103.59 49.84 12.62
N THR I 328 -104.03 50.10 13.84
CA THR I 328 -104.29 51.48 14.23
C THR I 328 -103.03 52.24 14.60
N GLU I 329 -101.92 51.54 14.78
CA GLU I 329 -100.63 52.20 14.95
C GLU I 329 -99.65 51.68 13.90
N ASN I 330 -98.39 52.05 14.04
CA ASN I 330 -97.42 51.96 12.96
C ASN I 330 -96.84 50.56 12.85
N ASN I 331 -96.46 50.20 11.62
CA ASN I 331 -95.78 48.93 11.35
C ASN I 331 -94.66 49.11 10.35
N ILE I 332 -94.22 50.34 10.10
CA ILE I 332 -93.33 50.60 8.98
C ILE I 332 -91.89 50.17 9.25
N HIS I 333 -91.56 49.89 10.51
CA HIS I 333 -90.21 49.48 10.84
C HIS I 333 -89.90 48.09 10.29
N LEU I 334 -90.94 47.25 10.21
CA LEU I 334 -90.82 45.94 9.58
C LEU I 334 -90.45 46.04 8.11
N PHE I 335 -90.82 47.13 7.46
CA PHE I 335 -90.56 47.27 6.03
C PHE I 335 -89.41 48.20 5.73
N LYS I 336 -88.92 48.95 6.71
CA LYS I 336 -87.73 49.74 6.48
C LYS I 336 -86.49 49.13 7.11
N GLN I 337 -86.62 48.01 7.82
CA GLN I 337 -85.49 47.42 8.50
C GLN I 337 -84.52 46.67 7.62
N LEU I 338 -84.66 46.68 6.29
CA LEU I 338 -83.81 45.83 5.46
C LEU I 338 -82.87 46.60 4.55
N LEU I 339 -83.41 47.43 3.65
CA LEU I 339 -82.57 48.10 2.66
C LEU I 339 -82.74 49.61 2.68
N ASN I 340 -83.48 50.13 3.65
CA ASN I 340 -83.72 51.57 3.73
C ASN I 340 -82.72 52.23 4.67
N THR I 341 -81.45 52.08 4.33
CA THR I 341 -80.37 52.66 5.12
C THR I 341 -80.20 54.15 4.88
N GLU I 342 -80.88 54.72 3.90
CA GLU I 342 -80.72 56.12 3.56
C GLU I 342 -82.02 56.91 3.62
N THR I 343 -83.14 56.27 3.96
CA THR I 343 -84.36 57.00 4.22
C THR I 343 -84.22 57.78 5.52
N LEU I 344 -84.55 59.07 5.45
CA LEU I 344 -84.25 59.96 6.56
C LEU I 344 -85.21 59.75 7.73
N SER I 345 -86.51 59.69 7.44
CA SER I 345 -87.52 59.72 8.49
C SER I 345 -87.59 58.41 9.25
N VAL I 346 -88.08 58.49 10.48
CA VAL I 346 -88.43 57.29 11.23
C VAL I 346 -89.69 56.66 10.65
N ARG I 347 -90.51 57.45 9.95
CA ARG I 347 -91.71 56.96 9.29
C ARG I 347 -91.57 56.89 7.78
N GLY I 348 -90.41 56.48 7.29
CA GLY I 348 -90.15 56.43 5.87
C GLY I 348 -89.88 55.02 5.37
N ALA I 349 -90.25 54.76 4.12
CA ALA I 349 -89.99 53.47 3.50
C ALA I 349 -90.02 53.63 1.99
N ASN I 350 -88.96 53.18 1.34
CA ASN I 350 -88.92 53.20 -0.11
C ASN I 350 -89.91 52.18 -0.64
N PRO I 351 -90.79 52.56 -1.56
CA PRO I 351 -91.63 51.55 -2.23
C PRO I 351 -90.89 50.66 -3.18
N LEU I 352 -89.64 50.95 -3.47
CA LEU I 352 -88.90 50.26 -4.50
C LEU I 352 -88.11 49.08 -3.96
N MET I 353 -88.09 48.86 -2.64
CA MET I 353 -87.58 47.62 -2.08
C MET I 353 -88.63 46.88 -1.25
N PHE I 354 -89.93 47.13 -1.54
CA PHE I 354 -91.00 46.40 -0.88
C PHE I 354 -90.89 44.91 -1.11
N ARG I 355 -90.47 44.49 -2.30
CA ARG I 355 -90.38 43.07 -2.59
C ARG I 355 -89.31 42.40 -1.75
N ALA I 356 -88.14 43.03 -1.65
CA ALA I 356 -87.06 42.47 -0.85
C ALA I 356 -87.45 42.42 0.61
N ASN I 357 -88.15 43.45 1.09
CA ASN I 357 -88.64 43.49 2.47
C ASN I 357 -89.58 42.33 2.76
N VAL I 358 -90.55 42.12 1.88
CA VAL I 358 -91.57 41.11 2.13
C VAL I 358 -90.98 39.71 2.00
N LEU I 359 -90.09 39.48 1.02
CA LEU I 359 -89.48 38.16 0.89
C LEU I 359 -88.60 37.84 2.09
N HIS I 360 -87.91 38.85 2.61
CA HIS I 360 -87.13 38.68 3.83
C HIS I 360 -88.00 38.30 5.00
N MET I 361 -89.11 39.02 5.18
CA MET I 361 -89.98 38.77 6.31
C MET I 361 -90.68 37.42 6.18
N LEU I 362 -90.98 36.99 4.96
CA LEU I 362 -91.56 35.67 4.78
C LEU I 362 -90.54 34.58 5.09
N LEU I 363 -89.27 34.83 4.75
CA LEU I 363 -88.22 33.88 5.12
C LEU I 363 -88.11 33.73 6.63
N GLU I 364 -88.18 34.83 7.36
CA GLU I 364 -88.13 34.69 8.82
C GLU I 364 -89.41 34.11 9.38
N PHE I 365 -90.55 34.36 8.74
CA PHE I 365 -91.78 33.75 9.19
C PHE I 365 -91.76 32.24 9.02
N VAL I 366 -91.11 31.75 7.97
CA VAL I 366 -90.87 30.31 7.85
C VAL I 366 -89.88 29.87 8.91
N LEU I 367 -88.77 30.61 9.02
CA LEU I 367 -87.61 30.23 9.82
C LEU I 367 -87.93 30.19 11.30
N ASP I 368 -88.94 30.92 11.74
CA ASP I 368 -89.37 30.84 13.13
C ASP I 368 -90.02 29.49 13.41
N ASN I 369 -91.10 29.18 12.70
CA ASN I 369 -91.93 28.01 13.00
C ASN I 369 -91.24 26.73 12.53
N LEU I 370 -90.18 26.38 13.26
CA LEU I 370 -89.40 25.17 13.00
C LEU I 370 -89.29 24.46 14.34
N TYR I 371 -90.29 23.65 14.66
CA TYR I 371 -90.39 23.01 15.95
C TYR I 371 -91.06 21.65 15.79
N LEU I 372 -90.59 20.69 16.56
CA LEU I 372 -91.23 19.38 16.65
C LEU I 372 -92.18 19.40 17.83
N ASN I 373 -93.43 19.03 17.60
CA ASN I 373 -94.50 19.25 18.56
C ASN I 373 -94.60 18.15 19.59
N ARG I 374 -94.92 18.51 20.83
CA ARG I 374 -95.15 17.51 21.85
C ARG I 374 -96.32 17.88 22.74
N HIS I 375 -96.97 16.87 23.27
CA HIS I 375 -98.11 17.05 24.14
C HIS I 375 -97.68 16.85 25.58
N THR I 376 -98.52 17.33 26.48
CA THR I 376 -98.48 16.97 27.88
C THR I 376 -99.84 17.25 28.47
N GLY I 377 -100.11 16.61 29.60
CA GLY I 377 -101.23 16.98 30.43
C GLY I 377 -102.61 16.72 29.88
N PHE I 378 -103.02 15.47 29.82
CA PHE I 378 -104.40 15.16 29.44
C PHE I 378 -105.23 14.93 30.69
N SER I 379 -106.47 15.41 30.67
CA SER I 379 -107.31 15.36 31.85
C SER I 379 -108.77 15.37 31.44
N GLN I 380 -109.56 14.48 32.05
CA GLN I 380 -110.94 14.30 31.64
C GLN I 380 -111.80 15.48 32.10
N ASP I 381 -112.73 15.87 31.25
CA ASP I 381 -113.65 16.96 31.56
C ASP I 381 -114.72 16.46 32.51
N HIS I 382 -114.85 17.12 33.66
CA HIS I 382 -115.82 16.73 34.67
C HIS I 382 -117.08 17.56 34.62
N THR I 383 -117.29 18.30 33.55
CA THR I 383 -118.41 19.19 33.42
C THR I 383 -119.32 18.74 32.29
N PRO I 384 -120.60 19.14 32.27
CA PRO I 384 -121.46 18.73 31.17
C PRO I 384 -121.37 19.63 29.94
N PHE I 385 -120.34 20.48 29.86
CA PHE I 385 -120.17 21.30 28.67
C PHE I 385 -119.82 20.47 27.46
N THR I 386 -118.77 19.65 27.57
CA THR I 386 -118.45 18.69 26.55
C THR I 386 -119.20 17.40 26.84
N GLU I 387 -118.87 16.33 26.11
CA GLU I 387 -119.44 15.02 26.37
C GLU I 387 -118.52 14.17 27.24
N GLY I 388 -117.46 14.75 27.76
CA GLY I 388 -116.51 14.01 28.56
C GLY I 388 -115.20 13.68 27.90
N ALA I 389 -114.97 14.16 26.68
CA ALA I 389 -113.69 13.94 26.02
C ALA I 389 -112.63 14.80 26.68
N ASN I 390 -111.45 14.22 26.90
CA ASN I 390 -110.45 14.89 27.72
C ASN I 390 -109.77 16.01 26.93
N LEU I 391 -108.89 16.74 27.62
CA LEU I 391 -108.38 18.01 27.11
C LEU I 391 -106.86 18.06 27.18
N ARG I 392 -106.29 19.23 26.96
CA ARG I 392 -104.86 19.45 27.11
C ARG I 392 -104.58 20.23 28.38
N SER I 393 -103.29 20.46 28.61
CA SER I 393 -102.83 21.31 29.70
C SER I 393 -101.47 21.85 29.30
N LEU I 394 -101.41 23.12 28.96
CA LEU I 394 -100.06 23.56 28.66
C LEU I 394 -99.32 23.89 29.94
N PRO I 395 -98.01 23.65 29.97
CA PRO I 395 -97.22 24.14 31.10
C PRO I 395 -97.04 25.63 31.01
N GLY I 396 -97.22 26.31 32.15
CA GLY I 396 -97.17 27.74 32.18
C GLY I 396 -97.74 28.28 33.49
N PRO I 397 -97.69 29.59 33.65
CA PRO I 397 -98.13 30.18 34.92
C PRO I 397 -99.64 30.21 35.09
N ASP I 398 -100.36 30.57 34.03
CA ASP I 398 -101.79 30.87 34.13
C ASP I 398 -102.47 30.36 32.86
N ALA I 399 -102.91 29.11 32.86
CA ALA I 399 -103.51 28.52 31.68
C ALA I 399 -105.03 28.40 31.79
N GLU I 400 -105.62 29.03 32.79
CA GLU I 400 -107.07 29.10 32.92
C GLU I 400 -107.69 29.84 31.74
N LYS I 401 -107.04 30.91 31.30
CA LYS I 401 -107.49 31.61 30.10
C LYS I 401 -107.21 30.78 28.86
N TRP I 402 -106.17 29.95 28.88
CA TRP I 402 -105.80 29.17 27.72
C TRP I 402 -106.79 28.05 27.48
N TYR I 403 -107.39 27.52 28.54
CA TYR I 403 -108.45 26.53 28.35
C TYR I 403 -109.67 27.15 27.68
N SER I 404 -109.91 28.43 27.90
CA SER I 404 -111.00 29.09 27.20
C SER I 404 -110.62 29.38 25.75
N ILE I 405 -109.37 29.74 25.52
CA ILE I 405 -108.96 30.15 24.17
C ILE I 405 -108.90 28.94 23.24
N MET I 406 -108.49 27.78 23.76
CA MET I 406 -108.23 26.66 22.86
C MET I 406 -109.49 26.06 22.28
N TYR I 407 -110.54 25.90 23.08
CA TYR I 407 -111.68 25.09 22.68
C TYR I 407 -112.93 25.97 22.69
N PRO I 408 -113.24 26.63 21.57
CA PRO I 408 -114.31 27.61 21.57
C PRO I 408 -115.69 27.01 21.68
N THR I 409 -115.85 25.76 21.29
CA THR I 409 -117.16 25.14 21.40
C THR I 409 -117.46 24.63 22.80
N ARG I 410 -116.53 24.77 23.75
CA ARG I 410 -116.79 24.29 25.09
C ARG I 410 -117.75 25.22 25.84
N MET I 411 -117.76 26.50 25.49
CA MET I 411 -118.54 27.50 26.20
C MET I 411 -120.03 27.26 26.05
N GLY I 412 -120.79 27.85 26.96
CA GLY I 412 -122.22 27.77 26.86
C GLY I 412 -122.78 28.74 25.86
N THR I 413 -124.08 28.60 25.59
CA THR I 413 -124.81 29.52 24.73
C THR I 413 -125.86 30.20 25.60
N PRO I 414 -125.56 31.32 26.19
CA PRO I 414 -126.59 32.03 26.95
C PRO I 414 -127.61 32.77 26.09
N ASN I 415 -127.17 33.46 25.05
CA ASN I 415 -128.03 34.47 24.45
C ASN I 415 -127.84 34.48 22.93
N VAL I 416 -128.32 35.56 22.32
CA VAL I 416 -128.34 35.69 20.88
C VAL I 416 -127.15 36.51 20.40
N SER I 417 -126.11 36.62 21.23
CA SER I 417 -124.87 37.24 20.82
C SER I 417 -124.22 36.45 19.70
N LYS I 418 -123.52 37.17 18.83
CA LYS I 418 -122.95 36.61 17.61
C LYS I 418 -121.97 35.50 17.90
N ILE I 419 -121.21 35.64 19.00
CA ILE I 419 -120.35 34.58 19.50
C ILE I 419 -121.16 33.32 19.76
N CYS I 420 -122.30 33.48 20.40
CA CYS I 420 -123.07 32.32 20.82
C CYS I 420 -123.79 31.68 19.64
N ASN I 421 -124.27 32.49 18.69
CA ASN I 421 -124.82 31.98 17.45
C ASN I 421 -123.79 31.17 16.69
N PHE I 422 -122.56 31.69 16.61
CA PHE I 422 -121.51 30.97 15.91
C PHE I 422 -121.17 29.66 16.60
N VAL I 423 -121.07 29.67 17.93
CA VAL I 423 -120.68 28.47 18.66
C VAL I 423 -121.77 27.42 18.59
N ALA I 424 -123.02 27.83 18.65
CA ALA I 424 -124.06 26.81 18.57
C ALA I 424 -124.42 26.45 17.14
N SER I 425 -123.84 27.11 16.13
CA SER I 425 -123.96 26.60 14.77
C SER I 425 -122.85 25.62 14.41
N CYS I 426 -122.29 24.92 15.40
CA CYS I 426 -121.18 24.01 15.20
C CYS I 426 -121.65 22.56 15.38
N VAL I 427 -120.69 21.64 15.34
CA VAL I 427 -120.90 20.28 15.79
C VAL I 427 -120.21 20.12 17.14
N ARG I 428 -120.62 19.09 17.87
CA ARG I 428 -120.25 18.94 19.27
C ARG I 428 -119.64 17.58 19.53
N ASN I 429 -118.73 17.16 18.66
CA ASN I 429 -117.90 16.01 18.98
C ASN I 429 -116.44 16.17 18.65
N ARG I 430 -116.06 17.19 17.89
CA ARG I 430 -114.68 17.34 17.46
C ARG I 430 -113.95 18.26 18.42
N VAL I 431 -113.76 17.75 19.65
CA VAL I 431 -113.18 18.51 20.75
C VAL I 431 -111.99 17.75 21.29
N GLY I 432 -110.81 18.36 21.23
CA GLY I 432 -109.65 17.83 21.94
C GLY I 432 -109.13 16.52 21.36
N ARG I 433 -108.74 15.62 22.25
CA ARG I 433 -108.23 14.30 21.86
C ARG I 433 -109.31 13.48 21.19
N PHE I 434 -108.93 12.73 20.17
CA PHE I 434 -109.79 11.68 19.65
C PHE I 434 -109.05 10.40 19.30
N ASP I 435 -107.72 10.43 19.18
CA ASP I 435 -106.98 9.24 18.78
C ASP I 435 -105.56 9.34 19.26
N ARG I 436 -105.19 8.49 20.20
CA ARG I 436 -103.81 8.35 20.63
C ARG I 436 -103.26 7.06 20.07
N ALA I 437 -101.97 6.85 20.27
CA ALA I 437 -101.33 5.59 19.92
C ALA I 437 -100.35 5.27 21.04
N GLN I 438 -100.83 4.50 22.02
CA GLN I 438 -99.99 3.99 23.09
C GLN I 438 -99.36 2.69 22.60
N MET I 439 -98.12 2.44 23.00
CA MET I 439 -97.48 1.18 22.67
C MET I 439 -97.27 0.30 23.89
N MET I 440 -96.73 0.85 24.96
CA MET I 440 -96.35 0.05 26.11
C MET I 440 -97.21 0.40 27.32
N ASN I 441 -97.35 -0.58 28.20
CA ASN I 441 -98.13 -0.45 29.43
C ASN I 441 -97.46 0.55 30.36
N GLY I 442 -98.18 1.62 30.69
CA GLY I 442 -97.65 2.60 31.62
C GLY I 442 -96.55 3.46 31.07
N ALA I 443 -96.40 3.53 29.75
CA ALA I 443 -95.42 4.37 29.11
C ALA I 443 -96.11 5.56 28.47
N MET I 444 -95.33 6.38 27.78
CA MET I 444 -95.82 7.60 27.18
C MET I 444 -96.45 7.30 25.82
N SER I 445 -97.66 7.82 25.60
CA SER I 445 -98.31 7.68 24.30
C SER I 445 -97.54 8.47 23.26
N GLU I 446 -97.03 7.78 22.23
CA GLU I 446 -95.94 8.32 21.44
C GLU I 446 -96.39 9.40 20.48
N TRP I 447 -97.63 9.34 20.02
CA TRP I 447 -98.21 10.45 19.27
C TRP I 447 -99.71 10.43 19.49
N VAL I 448 -100.32 11.60 19.33
CA VAL I 448 -101.74 11.75 19.57
C VAL I 448 -102.26 12.86 18.66
N ASP I 449 -103.48 12.67 18.15
CA ASP I 449 -104.13 13.65 17.28
C ASP I 449 -105.23 14.36 18.06
N VAL I 450 -105.10 15.68 18.18
CA VAL I 450 -106.06 16.47 18.93
C VAL I 450 -106.61 17.59 18.05
N PHE I 451 -107.79 18.08 18.41
CA PHE I 451 -108.36 19.27 17.81
C PHE I 451 -107.93 20.48 18.61
N GLU I 452 -107.56 21.56 17.92
CA GLU I 452 -107.17 22.80 18.57
C GLU I 452 -107.50 23.94 17.63
N THR I 453 -107.69 25.12 18.22
CA THR I 453 -107.51 26.35 17.45
C THR I 453 -106.06 26.44 17.07
N SER I 454 -105.75 26.19 15.80
CA SER I 454 -104.36 26.20 15.40
C SER I 454 -104.27 26.66 13.95
N ASP I 455 -103.26 27.49 13.70
CA ASP I 455 -102.93 27.98 12.38
C ASP I 455 -102.54 26.79 11.50
N ALA I 456 -103.42 26.40 10.58
CA ALA I 456 -103.19 25.23 9.75
C ALA I 456 -102.03 25.42 8.80
N LEU I 457 -101.70 26.68 8.48
CA LEU I 457 -100.49 27.01 7.75
C LEU I 457 -99.25 26.52 8.48
N THR I 458 -99.08 26.93 9.74
CA THR I 458 -97.90 26.50 10.46
C THR I 458 -98.00 25.04 10.90
N VAL I 459 -99.21 24.48 10.95
CA VAL I 459 -99.37 23.03 11.11
C VAL I 459 -98.74 22.31 9.93
N SER I 460 -99.07 22.76 8.72
CA SER I 460 -98.51 22.14 7.52
C SER I 460 -97.00 22.35 7.43
N ILE I 461 -96.53 23.51 7.87
CA ILE I 461 -95.09 23.78 7.86
C ILE I 461 -94.35 22.83 8.78
N ARG I 462 -94.87 22.66 10.00
CA ARG I 462 -94.23 21.74 10.93
C ARG I 462 -94.41 20.30 10.49
N GLY I 463 -95.45 20.01 9.71
CA GLY I 463 -95.58 18.68 9.13
C GLY I 463 -94.52 18.39 8.08
N ARG I 464 -94.23 19.38 7.24
CA ARG I 464 -93.14 19.22 6.27
C ARG I 464 -91.80 19.04 6.97
N TRP I 465 -91.56 19.83 8.02
CA TRP I 465 -90.33 19.71 8.80
C TRP I 465 -90.22 18.35 9.48
N MET I 466 -91.35 17.84 9.94
CA MET I 466 -91.36 16.53 10.58
C MET I 466 -91.10 15.43 9.58
N ALA I 467 -91.63 15.58 8.36
CA ALA I 467 -91.35 14.60 7.33
C ALA I 467 -89.88 14.59 6.95
N ARG I 468 -89.26 15.78 6.95
CA ARG I 468 -87.81 15.86 6.70
C ARG I 468 -87.01 15.13 7.78
N LEU I 469 -87.33 15.36 9.04
CA LEU I 469 -86.55 14.71 10.09
C LEU I 469 -86.86 13.22 10.18
N ALA I 470 -88.08 12.81 9.83
CA ALA I 470 -88.39 11.40 9.78
C ALA I 470 -87.65 10.72 8.63
N ARG I 471 -87.37 11.46 7.56
CA ARG I 471 -86.48 10.93 6.54
C ARG I 471 -85.08 10.76 7.10
N MET I 472 -84.64 11.67 7.97
CA MET I 472 -83.31 11.50 8.54
C MET I 472 -83.21 10.37 9.56
N ASN I 473 -84.34 9.94 10.12
CA ASN I 473 -84.34 9.00 11.24
C ASN I 473 -83.67 7.67 10.88
N ILE I 474 -83.00 7.07 11.88
CA ILE I 474 -82.30 5.78 11.76
C ILE I 474 -82.68 4.88 12.93
N ASN I 475 -82.04 3.71 13.05
CA ASN I 475 -82.28 2.87 14.22
C ASN I 475 -80.98 2.21 14.71
N PRO I 476 -80.90 1.89 16.01
CA PRO I 476 -79.61 1.45 16.58
C PRO I 476 -79.07 0.13 16.04
N THR I 477 -79.90 -0.72 15.44
CA THR I 477 -79.38 -1.95 14.85
C THR I 477 -78.47 -1.65 13.67
N GLU I 478 -78.90 -0.77 12.78
CA GLU I 478 -78.03 -0.40 11.69
C GLU I 478 -76.94 0.58 12.14
N ILE I 479 -77.12 1.26 13.27
CA ILE I 479 -75.98 1.97 13.86
C ILE I 479 -74.88 0.98 14.22
N GLU I 480 -75.27 -0.14 14.84
CA GLU I 480 -74.33 -1.21 15.15
C GLU I 480 -73.69 -1.76 13.90
N TRP I 481 -74.49 -1.94 12.84
CA TRP I 481 -73.96 -2.48 11.58
C TRP I 481 -72.94 -1.54 10.97
N ALA I 482 -73.26 -0.26 10.87
CA ALA I 482 -72.37 0.70 10.23
C ALA I 482 -71.12 0.93 11.03
N LEU I 483 -71.24 1.01 12.36
CA LEU I 483 -70.06 1.23 13.19
C LEU I 483 -69.16 0.02 13.20
N THR I 484 -69.74 -1.19 13.17
CA THR I 484 -68.91 -2.38 13.11
C THR I 484 -68.21 -2.50 11.76
N GLU I 485 -68.90 -2.11 10.69
CA GLU I 485 -68.30 -2.20 9.36
C GLU I 485 -67.18 -1.19 9.19
N CYS I 486 -67.35 0.01 9.74
CA CYS I 486 -66.25 0.97 9.72
C CYS I 486 -65.12 0.54 10.63
N ALA I 487 -65.42 -0.19 11.70
CA ALA I 487 -64.36 -0.72 12.54
C ALA I 487 -63.63 -1.88 11.91
N GLN I 488 -64.27 -2.55 10.94
CA GLN I 488 -63.75 -3.76 10.29
C GLN I 488 -63.44 -4.85 11.30
N GLY I 489 -64.29 -4.95 12.32
CA GLY I 489 -64.25 -6.05 13.25
C GLY I 489 -63.22 -5.96 14.35
N TYR I 490 -62.37 -4.94 14.35
CA TYR I 490 -61.45 -4.80 15.47
C TYR I 490 -62.17 -4.31 16.71
N VAL I 491 -63.25 -3.55 16.52
CA VAL I 491 -64.12 -3.11 17.61
C VAL I 491 -65.52 -3.54 17.25
N THR I 492 -66.22 -4.17 18.19
CA THR I 492 -67.62 -4.48 17.97
C THR I 492 -68.47 -3.82 19.05
N VAL I 493 -69.65 -3.38 18.64
CA VAL I 493 -70.57 -2.66 19.52
C VAL I 493 -71.84 -3.45 19.65
N THR I 494 -72.79 -2.97 20.46
CA THR I 494 -73.95 -3.78 20.79
C THR I 494 -75.18 -2.91 20.98
N SER I 495 -76.22 -3.18 20.21
CA SER I 495 -77.57 -2.62 20.23
C SER I 495 -78.55 -3.63 20.82
N PRO I 496 -79.55 -3.20 21.58
CA PRO I 496 -80.46 -4.16 22.21
C PRO I 496 -81.49 -4.71 21.23
N TYR I 497 -81.91 -5.94 21.50
CA TYR I 497 -82.94 -6.62 20.71
C TYR I 497 -84.18 -6.78 21.59
N ALA I 498 -85.08 -5.82 21.47
CA ALA I 498 -86.28 -5.72 22.30
C ALA I 498 -87.20 -4.70 21.64
N PRO I 499 -88.47 -4.61 22.05
CA PRO I 499 -89.26 -3.46 21.64
C PRO I 499 -88.71 -2.18 22.26
N SER I 500 -88.37 -1.22 21.41
CA SER I 500 -87.96 0.10 21.84
C SER I 500 -89.19 1.00 21.87
N VAL I 501 -88.99 2.25 22.26
CA VAL I 501 -90.05 3.27 22.17
C VAL I 501 -89.50 4.44 21.37
N ASN I 502 -89.65 4.34 20.04
CA ASN I 502 -89.76 5.44 19.07
C ASN I 502 -88.73 6.56 19.26
N ARG I 503 -87.47 6.16 19.38
CA ARG I 503 -86.39 7.11 19.57
C ARG I 503 -86.08 7.81 18.27
N LEU I 504 -86.24 9.13 18.27
CA LEU I 504 -85.89 9.95 17.12
C LEU I 504 -84.42 10.31 17.19
N MET I 505 -83.68 9.98 16.14
CA MET I 505 -82.33 10.52 16.04
C MET I 505 -82.01 10.81 14.58
N PRO I 506 -81.96 12.08 14.21
CA PRO I 506 -81.87 12.44 12.80
C PRO I 506 -80.46 12.38 12.23
N TYR I 507 -80.12 11.33 11.46
CA TYR I 507 -78.72 11.23 11.03
C TYR I 507 -78.49 10.72 9.62
N ARG I 508 -79.51 10.32 8.86
CA ARG I 508 -79.26 9.74 7.54
C ARG I 508 -79.46 10.79 6.46
N ILE I 509 -78.46 10.93 5.59
CA ILE I 509 -78.56 11.76 4.39
C ILE I 509 -78.22 10.89 3.18
N SER I 510 -78.39 11.48 2.01
CA SER I 510 -78.09 10.78 0.77
C SER I 510 -76.66 11.10 0.35
N ASN I 511 -76.29 10.67 -0.85
CA ASN I 511 -74.95 10.90 -1.37
C ASN I 511 -74.73 12.36 -1.71
N ALA I 512 -75.78 13.03 -2.18
CA ALA I 512 -75.65 14.36 -2.73
C ALA I 512 -75.27 15.38 -1.67
N GLU I 513 -75.71 15.19 -0.44
CA GLU I 513 -75.40 16.15 0.61
C GLU I 513 -73.94 16.08 1.00
N ARG I 514 -73.38 14.87 1.07
CA ARG I 514 -71.95 14.72 1.29
C ARG I 514 -71.17 15.32 0.13
N GLN I 515 -71.68 15.18 -1.10
CA GLN I 515 -70.96 15.74 -2.24
C GLN I 515 -70.96 17.26 -2.23
N ILE I 516 -72.12 17.87 -1.93
CA ILE I 516 -72.22 19.32 -1.88
C ILE I 516 -71.39 19.89 -0.73
N SER I 517 -71.41 19.22 0.42
CA SER I 517 -70.65 19.75 1.54
C SER I 517 -69.15 19.56 1.33
N GLN I 518 -68.75 18.48 0.66
CA GLN I 518 -67.34 18.31 0.33
C GLN I 518 -66.88 19.36 -0.67
N ILE I 519 -67.71 19.67 -1.66
CA ILE I 519 -67.25 20.62 -2.68
C ILE I 519 -67.22 22.04 -2.12
N ILE I 520 -68.17 22.39 -1.24
CA ILE I 520 -68.13 23.71 -0.60
C ILE I 520 -66.95 23.79 0.36
N ARG I 521 -66.62 22.68 1.02
CA ARG I 521 -65.52 22.68 1.97
C ARG I 521 -64.18 22.80 1.25
N VAL I 522 -64.04 22.16 0.09
CA VAL I 522 -62.80 22.26 -0.67
C VAL I 522 -62.63 23.67 -1.24
N MET I 523 -63.70 24.26 -1.80
CA MET I 523 -63.54 25.62 -2.30
C MET I 523 -63.40 26.64 -1.18
N ASN I 524 -63.81 26.29 0.04
CA ASN I 524 -63.45 27.08 1.20
C ASN I 524 -61.95 26.97 1.49
N ILE I 525 -61.46 25.73 1.63
CA ILE I 525 -60.16 25.49 2.21
C ILE I 525 -59.03 25.56 1.17
N GLY I 526 -59.36 25.86 -0.07
CA GLY I 526 -58.36 25.82 -1.12
C GLY I 526 -57.32 26.90 -0.99
N ASN I 527 -56.07 26.49 -1.22
CA ASN I 527 -54.91 27.39 -1.36
C ASN I 527 -54.62 28.17 -0.08
N ASN I 528 -54.73 27.50 1.06
CA ASN I 528 -54.39 28.12 2.34
C ASN I 528 -53.18 27.47 2.98
N ALA I 529 -53.28 26.16 3.24
CA ALA I 529 -52.27 25.25 3.80
C ALA I 529 -51.94 25.52 5.26
N THR I 530 -52.33 26.66 5.81
CA THR I 530 -52.11 26.97 7.20
C THR I 530 -53.24 26.46 8.08
N VAL I 531 -54.32 26.00 7.45
CA VAL I 531 -55.30 25.16 8.10
C VAL I 531 -55.10 23.69 7.74
N ILE I 532 -54.57 23.40 6.55
CA ILE I 532 -54.33 22.03 6.10
C ILE I 532 -53.23 21.37 6.91
N GLN I 533 -52.11 22.08 7.10
CA GLN I 533 -50.99 21.56 7.86
C GLN I 533 -51.32 21.20 9.32
N PRO I 534 -52.12 21.97 10.07
CA PRO I 534 -52.58 21.44 11.37
C PRO I 534 -53.44 20.19 11.26
N VAL I 535 -54.23 20.04 10.22
CA VAL I 535 -55.06 18.85 10.07
C VAL I 535 -54.17 17.63 9.86
N LEU I 536 -53.17 17.76 9.00
CA LEU I 536 -52.25 16.66 8.78
C LEU I 536 -51.40 16.36 10.00
N GLN I 537 -51.06 17.38 10.79
CA GLN I 537 -50.34 17.10 12.03
C GLN I 537 -51.22 16.40 13.05
N ASP I 538 -52.52 16.74 13.08
CA ASP I 538 -53.45 16.07 13.97
C ASP I 538 -53.60 14.60 13.60
N ILE I 539 -53.72 14.32 12.30
CA ILE I 539 -53.81 12.95 11.83
C ILE I 539 -52.52 12.20 12.11
N SER I 540 -51.38 12.88 12.02
CA SER I 540 -50.10 12.25 12.31
C SER I 540 -49.97 11.87 13.77
N VAL I 541 -50.35 12.76 14.68
CA VAL I 541 -50.29 12.46 16.11
C VAL I 541 -51.24 11.34 16.48
N LEU I 542 -52.46 11.38 15.93
CA LEU I 542 -53.45 10.35 16.21
C LEU I 542 -52.99 8.99 15.68
N LEU I 543 -52.45 8.97 14.47
CA LEU I 543 -52.02 7.73 13.85
C LEU I 543 -50.78 7.17 14.52
N GLN I 544 -49.93 8.07 15.05
CA GLN I 544 -48.81 7.66 15.89
C GLN I 544 -49.29 6.98 17.16
N ARG I 545 -50.34 7.51 17.77
CA ARG I 545 -50.85 6.87 18.98
C ARG I 545 -51.61 5.59 18.68
N ILE I 546 -52.12 5.43 17.46
CA ILE I 546 -52.79 4.17 17.11
C ILE I 546 -51.77 3.06 16.83
N SER I 547 -50.69 3.38 16.13
CA SER I 547 -49.83 2.39 15.48
C SER I 547 -49.12 1.48 16.48
N PRO I 548 -48.72 0.26 16.06
CA PRO I 548 -48.02 -0.64 16.98
C PRO I 548 -46.51 -0.46 17.04
N LEU I 549 -45.88 -0.01 15.97
CA LEU I 549 -44.42 -0.07 15.98
C LEU I 549 -43.83 1.16 16.67
N GLN I 550 -42.51 1.19 16.71
CA GLN I 550 -41.76 2.36 17.12
C GLN I 550 -40.44 2.34 16.36
N ILE I 551 -39.83 3.50 16.24
CA ILE I 551 -38.66 3.70 15.40
C ILE I 551 -37.46 3.91 16.31
N ASP I 552 -36.41 3.11 16.14
CA ASP I 552 -35.18 3.33 16.89
C ASP I 552 -33.96 3.17 15.99
N PRO I 553 -33.10 4.18 15.91
CA PRO I 553 -31.86 4.05 15.16
C PRO I 553 -30.74 3.30 15.88
N THR I 554 -31.03 2.62 16.97
CA THR I 554 -30.05 1.69 17.54
C THR I 554 -29.78 0.52 16.61
N ILE I 555 -30.73 0.18 15.74
CA ILE I 555 -30.48 -0.79 14.67
C ILE I 555 -29.36 -0.29 13.76
N ILE I 556 -29.46 0.98 13.35
CA ILE I 556 -28.45 1.60 12.51
C ILE I 556 -27.11 1.66 13.23
N SER I 557 -27.15 1.96 14.54
CA SER I 557 -25.93 2.06 15.32
C SER I 557 -25.23 0.71 15.43
N ASN I 558 -26.02 -0.35 15.67
CA ASN I 558 -25.47 -1.69 15.75
C ASN I 558 -24.87 -2.13 14.43
N THR I 559 -25.60 -1.93 13.34
CA THR I 559 -25.16 -2.47 12.07
C THR I 559 -23.95 -1.70 11.52
N MET I 560 -23.86 -0.40 11.81
CA MET I 560 -22.70 0.34 11.38
C MET I 560 -21.53 0.24 12.35
N SER I 561 -21.80 -0.15 13.61
CA SER I 561 -20.70 -0.49 14.49
C SER I 561 -20.04 -1.78 14.02
N THR I 562 -20.84 -2.73 13.57
CA THR I 562 -20.26 -3.95 13.03
C THR I 562 -19.61 -3.73 11.68
N VAL I 563 -20.08 -2.74 10.92
CA VAL I 563 -19.31 -2.29 9.76
C VAL I 563 -17.99 -1.70 10.25
N SER I 564 -16.89 -2.32 9.84
CA SER I 564 -15.57 -1.78 10.12
C SER I 564 -14.58 -2.37 9.15
N GLU I 565 -13.60 -1.56 8.77
CA GLU I 565 -12.40 -1.99 8.05
C GLU I 565 -11.26 -1.14 8.58
N SER I 566 -10.18 -1.06 7.81
CA SER I 566 -8.94 -0.42 8.24
C SER I 566 -9.13 1.07 8.52
N THR I 567 -8.21 1.62 9.30
CA THR I 567 -8.37 2.92 9.94
C THR I 567 -7.53 4.01 9.29
N THR I 568 -6.41 3.64 8.65
CA THR I 568 -5.48 4.61 8.07
C THR I 568 -6.08 5.44 6.95
N GLN I 569 -7.17 5.00 6.36
CA GLN I 569 -7.79 5.73 5.27
C GLN I 569 -8.40 7.03 5.78
N THR I 570 -8.46 8.01 4.88
CA THR I 570 -9.05 9.30 5.20
C THR I 570 -10.56 9.31 5.06
N LEU I 571 -11.17 8.24 4.57
CA LEU I 571 -12.61 8.14 4.43
C LEU I 571 -13.11 6.86 5.07
N SER I 572 -14.35 6.89 5.51
CA SER I 572 -15.03 5.69 6.00
C SER I 572 -16.53 5.87 5.82
N PRO I 573 -17.17 4.97 5.06
CA PRO I 573 -18.58 5.20 4.69
C PRO I 573 -19.54 5.07 5.85
N ALA I 574 -19.23 4.22 6.84
CA ALA I 574 -20.10 4.09 8.01
C ALA I 574 -20.15 5.39 8.79
N SER I 575 -18.99 5.98 9.07
CA SER I 575 -18.95 7.26 9.74
C SER I 575 -19.53 8.37 8.87
N SER I 576 -19.41 8.23 7.55
CA SER I 576 -20.01 9.20 6.62
C SER I 576 -21.53 9.23 6.77
N ILE I 577 -22.17 8.06 6.62
CA ILE I 577 -23.62 7.92 6.80
C ILE I 577 -24.02 8.42 8.18
N LEU I 578 -23.31 7.98 9.20
CA LEU I 578 -23.81 8.09 10.54
C LEU I 578 -23.56 9.47 11.13
N GLY I 579 -22.59 10.21 10.62
CA GLY I 579 -22.50 11.62 10.95
C GLY I 579 -23.44 12.42 10.08
N LYS I 580 -23.82 11.86 8.94
CA LYS I 580 -24.61 12.61 7.98
C LYS I 580 -26.09 12.66 8.34
N LEU I 581 -26.66 11.57 8.83
CA LEU I 581 -28.11 11.47 9.00
C LEU I 581 -28.58 12.41 10.11
N ARG I 582 -29.16 13.53 9.70
CA ARG I 582 -29.59 14.61 10.58
C ARG I 582 -31.02 14.99 10.24
N PRO I 583 -31.78 15.46 11.22
CA PRO I 583 -33.10 16.03 10.92
C PRO I 583 -32.96 17.41 10.30
N SER I 584 -34.11 17.96 9.90
CA SER I 584 -34.19 19.30 9.37
C SER I 584 -35.00 20.23 10.26
N ASN I 585 -36.20 19.80 10.67
CA ASN I 585 -36.98 20.52 11.66
C ASN I 585 -37.49 19.55 12.73
N SER I 586 -37.55 20.04 13.96
CA SER I 586 -38.19 19.31 15.04
C SER I 586 -39.55 19.93 15.36
N ASP I 587 -40.53 19.68 14.48
CA ASP I 587 -41.89 20.09 14.85
C ASP I 587 -42.96 19.04 14.55
N PHE I 588 -42.74 18.22 13.52
CA PHE I 588 -43.67 17.15 13.24
C PHE I 588 -42.92 16.00 12.60
N SER I 589 -43.47 14.80 12.77
CA SER I 589 -42.93 13.61 12.12
C SER I 589 -43.04 13.72 10.62
N SER I 590 -41.91 13.58 9.93
CA SER I 590 -41.95 13.53 8.48
C SER I 590 -42.63 12.26 7.99
N PHE I 591 -42.43 11.16 8.71
CA PHE I 591 -42.88 9.84 8.27
C PHE I 591 -44.40 9.76 8.20
N ARG I 592 -45.07 9.93 9.34
CA ARG I 592 -46.50 9.72 9.36
C ARG I 592 -47.27 10.86 8.71
N VAL I 593 -46.67 12.04 8.56
CA VAL I 593 -47.27 13.05 7.71
C VAL I 593 -47.22 12.63 6.25
N ALA I 594 -46.09 12.04 5.82
CA ALA I 594 -46.04 11.50 4.47
C ALA I 594 -46.97 10.30 4.31
N LEU I 595 -47.25 9.59 5.40
CA LEU I 595 -48.25 8.53 5.33
C LEU I 595 -49.65 9.09 5.23
N ALA I 596 -49.95 10.12 6.00
CA ALA I 596 -51.29 10.70 6.02
C ALA I 596 -51.57 11.53 4.79
N GLY I 597 -50.53 11.89 4.03
CA GLY I 597 -50.75 12.61 2.79
C GLY I 597 -51.37 11.77 1.69
N TRP I 598 -51.46 10.46 1.87
CA TRP I 598 -52.05 9.60 0.88
C TRP I 598 -53.56 9.78 0.79
N LEU I 599 -54.17 10.33 1.82
CA LEU I 599 -55.60 10.59 1.76
C LEU I 599 -55.94 11.79 0.89
N TYR I 600 -54.98 12.65 0.60
CA TYR I 600 -55.28 13.90 -0.12
C TYR I 600 -54.20 14.17 -1.16
N ASN I 601 -54.48 13.80 -2.40
CA ASN I 601 -53.61 14.19 -3.48
C ASN I 601 -54.06 15.48 -4.15
N GLY I 602 -55.38 15.68 -4.23
CA GLY I 602 -55.91 16.74 -5.07
C GLY I 602 -55.69 18.12 -4.51
N VAL I 603 -55.58 18.24 -3.20
CA VAL I 603 -55.29 19.53 -2.59
C VAL I 603 -53.89 19.61 -2.02
N VAL I 604 -53.23 18.48 -1.77
CA VAL I 604 -51.93 18.44 -1.16
C VAL I 604 -51.01 17.61 -2.03
N THR I 605 -49.88 18.17 -2.43
CA THR I 605 -48.85 17.42 -3.12
C THR I 605 -47.62 17.41 -2.22
N THR I 606 -47.36 16.28 -1.59
CA THR I 606 -46.22 16.17 -0.68
C THR I 606 -44.96 16.02 -1.52
N VAL I 607 -44.11 17.04 -1.48
CA VAL I 607 -42.87 17.04 -2.23
C VAL I 607 -41.73 16.97 -1.23
N ILE I 608 -40.57 16.62 -1.69
CA ILE I 608 -39.39 16.60 -0.83
C ILE I 608 -38.75 17.97 -0.87
N ASP I 609 -38.10 18.36 0.22
CA ASP I 609 -37.65 19.74 0.35
C ASP I 609 -36.39 19.98 -0.47
N ASP I 610 -36.04 21.27 -0.60
CA ASP I 610 -34.84 21.67 -1.31
C ASP I 610 -33.59 21.24 -0.57
N SER I 611 -33.61 21.26 0.77
CA SER I 611 -32.41 21.13 1.57
C SER I 611 -31.81 19.73 1.50
N SER I 612 -32.58 18.72 1.12
CA SER I 612 -32.04 17.39 1.02
C SER I 612 -31.22 17.18 -0.24
N TYR I 613 -31.44 18.00 -1.26
CA TYR I 613 -30.67 17.92 -2.49
C TYR I 613 -29.22 18.33 -2.24
N PRO I 614 -28.27 17.82 -3.04
CA PRO I 614 -26.86 18.04 -2.71
C PRO I 614 -26.30 19.43 -3.02
N LYS I 615 -27.17 20.42 -3.25
CA LYS I 615 -26.86 21.83 -3.54
C LYS I 615 -25.81 21.96 -4.65
N ASP I 616 -26.27 21.56 -5.84
CA ASP I 616 -25.46 21.43 -7.05
C ASP I 616 -24.30 20.46 -6.82
N GLY I 617 -24.65 19.21 -6.60
CA GLY I 617 -23.65 18.21 -6.37
C GLY I 617 -23.70 17.06 -7.35
N GLY I 618 -22.70 17.00 -8.22
CA GLY I 618 -22.50 15.81 -9.04
C GLY I 618 -21.56 14.90 -8.30
N SER I 619 -20.36 14.71 -8.86
CA SER I 619 -19.18 14.19 -8.16
C SER I 619 -19.42 12.78 -7.59
N VAL I 620 -19.50 11.82 -8.52
CA VAL I 620 -19.44 10.40 -8.18
C VAL I 620 -18.14 10.03 -7.47
N THR I 621 -17.10 10.86 -7.57
CA THR I 621 -15.93 10.68 -6.72
C THR I 621 -16.18 11.02 -5.26
N SER I 622 -17.29 11.68 -4.91
CA SER I 622 -17.50 12.21 -3.58
C SER I 622 -18.48 11.36 -2.79
N LEU I 623 -17.99 10.71 -1.74
CA LEU I 623 -18.76 9.74 -0.97
C LEU I 623 -19.96 10.35 -0.29
N GLU I 624 -19.84 11.61 0.14
CA GLU I 624 -20.97 12.34 0.67
C GLU I 624 -22.07 12.48 -0.37
N ASN I 625 -21.69 12.71 -1.62
CA ASN I 625 -22.70 12.82 -2.67
C ASN I 625 -23.25 11.45 -3.07
N LEU I 626 -22.44 10.38 -2.91
CA LEU I 626 -22.96 9.02 -3.06
C LEU I 626 -24.10 8.77 -2.09
N TRP I 627 -23.87 9.06 -0.82
CA TRP I 627 -24.94 8.84 0.14
C TRP I 627 -26.07 9.84 0.00
N ASP I 628 -25.81 11.01 -0.61
CA ASP I 628 -26.89 11.94 -0.95
C ASP I 628 -27.85 11.30 -1.94
N PHE I 629 -27.27 10.73 -3.00
CA PHE I 629 -28.07 10.00 -3.98
C PHE I 629 -28.79 8.83 -3.33
N PHE I 630 -28.14 8.21 -2.35
CA PHE I 630 -28.74 7.09 -1.65
C PHE I 630 -29.99 7.50 -0.88
N ILE I 631 -29.86 8.53 -0.04
CA ILE I 631 -30.97 8.95 0.82
C ILE I 631 -32.13 9.46 -0.04
N LEU I 632 -31.84 10.14 -1.14
CA LEU I 632 -32.92 10.56 -2.04
C LEU I 632 -33.57 9.37 -2.74
N ALA I 633 -32.76 8.39 -3.15
CA ALA I 633 -33.31 7.25 -3.86
C ALA I 633 -34.13 6.35 -2.94
N LEU I 634 -33.91 6.43 -1.64
CA LEU I 634 -34.76 5.69 -0.72
C LEU I 634 -35.95 6.53 -0.25
N ALA I 635 -35.79 7.84 -0.24
CA ALA I 635 -36.85 8.73 0.22
C ALA I 635 -37.99 8.82 -0.79
N LEU I 636 -37.65 9.13 -2.04
CA LEU I 636 -38.60 9.40 -3.12
C LEU I 636 -39.70 8.38 -3.45
N PRO I 637 -39.62 7.08 -3.17
CA PRO I 637 -40.77 6.21 -3.45
C PRO I 637 -42.01 6.41 -2.57
N LEU I 638 -42.04 7.37 -1.64
CA LEU I 638 -43.20 7.50 -0.77
C LEU I 638 -44.02 8.77 -0.99
N THR I 639 -43.48 9.76 -1.70
CA THR I 639 -44.21 10.99 -1.90
C THR I 639 -45.30 10.80 -2.95
N THR I 640 -46.35 11.60 -2.83
CA THR I 640 -47.42 11.58 -3.81
C THR I 640 -47.16 12.54 -4.97
N ASP I 641 -45.94 13.07 -5.04
CA ASP I 641 -45.47 13.83 -6.19
C ASP I 641 -45.58 12.97 -7.45
N PRO I 642 -46.25 13.43 -8.49
CA PRO I 642 -46.26 12.67 -9.74
C PRO I 642 -44.90 12.63 -10.42
N CYS I 643 -44.04 13.61 -10.19
CA CYS I 643 -42.75 13.67 -10.87
C CYS I 643 -41.64 12.99 -10.08
N ALA I 644 -41.99 12.19 -9.08
CA ALA I 644 -40.97 11.56 -8.25
C ALA I 644 -40.05 10.57 -8.97
N PRO I 645 -40.51 9.68 -9.89
CA PRO I 645 -39.52 8.86 -10.60
C PRO I 645 -38.64 9.67 -11.54
N VAL I 646 -39.17 10.75 -12.10
CA VAL I 646 -38.38 11.62 -12.96
C VAL I 646 -37.29 12.29 -12.16
N LYS I 647 -37.62 12.76 -10.95
CA LYS I 647 -36.60 13.32 -10.07
C LYS I 647 -35.60 12.28 -9.62
N ALA I 648 -36.05 11.03 -9.43
CA ALA I 648 -35.15 9.96 -9.03
C ALA I 648 -34.14 9.64 -10.12
N PHE I 649 -34.56 9.72 -11.38
CA PHE I 649 -33.62 9.48 -12.46
C PHE I 649 -32.69 10.67 -12.66
N MET I 650 -33.24 11.87 -12.65
CA MET I 650 -32.40 13.00 -12.98
C MET I 650 -31.52 13.43 -11.82
N THR I 651 -31.75 12.90 -10.62
CA THR I 651 -30.76 13.01 -9.56
C THR I 651 -29.48 12.30 -9.96
N LEU I 652 -29.61 11.11 -10.55
CA LEU I 652 -28.44 10.41 -11.06
C LEU I 652 -27.83 11.14 -12.27
N ALA I 653 -28.69 11.75 -13.09
CA ALA I 653 -28.18 12.49 -14.24
C ALA I 653 -27.36 13.70 -13.81
N ASN I 654 -27.79 14.39 -12.75
CA ASN I 654 -26.97 15.42 -12.16
C ASN I 654 -25.74 14.83 -11.50
N MET I 655 -25.90 13.64 -10.91
CA MET I 655 -24.86 13.04 -10.07
C MET I 655 -23.64 12.67 -10.89
N MET I 656 -23.86 12.16 -12.09
CA MET I 656 -22.76 11.84 -12.99
C MET I 656 -22.88 12.67 -14.27
N VAL I 657 -22.28 13.85 -14.22
CA VAL I 657 -22.09 14.71 -15.38
C VAL I 657 -20.63 14.57 -15.80
N GLY I 658 -20.41 14.29 -17.09
CA GLY I 658 -19.05 14.12 -17.55
C GLY I 658 -18.68 12.66 -17.64
N PHE I 659 -19.21 11.84 -16.74
CA PHE I 659 -18.97 10.41 -16.84
C PHE I 659 -19.78 9.79 -17.96
N GLU I 660 -21.06 10.16 -18.06
CA GLU I 660 -21.87 9.83 -19.21
C GLU I 660 -22.70 11.03 -19.60
N THR I 661 -23.21 11.01 -20.82
CA THR I 661 -24.09 12.05 -21.33
C THR I 661 -25.34 11.42 -21.90
N ILE I 662 -26.43 12.18 -21.86
CA ILE I 662 -27.72 11.77 -22.41
C ILE I 662 -28.24 12.92 -23.26
N PRO I 663 -29.13 12.62 -24.21
CA PRO I 663 -29.83 13.70 -24.91
C PRO I 663 -31.09 14.14 -24.18
N MET I 664 -31.34 15.44 -24.22
CA MET I 664 -32.49 16.09 -23.59
C MET I 664 -33.36 16.71 -24.67
N ASP I 665 -34.34 17.50 -24.25
CA ASP I 665 -35.24 18.12 -25.21
C ASP I 665 -34.76 19.48 -25.72
N ASN I 666 -34.05 20.25 -24.90
CA ASN I 666 -33.65 21.58 -25.31
C ASN I 666 -32.31 21.92 -24.66
N GLN I 667 -31.99 23.21 -24.58
CA GLN I 667 -30.76 23.65 -23.96
C GLN I 667 -30.96 24.19 -22.56
N ILE I 668 -32.17 24.65 -22.23
CA ILE I 668 -32.46 25.05 -20.87
C ILE I 668 -32.45 23.86 -19.94
N TYR I 669 -33.20 22.82 -20.29
CA TYR I 669 -33.33 21.65 -19.42
C TYR I 669 -32.25 20.64 -19.78
N THR I 670 -31.02 21.02 -19.46
CA THR I 670 -29.87 20.16 -19.72
C THR I 670 -29.82 19.01 -18.74
N GLN I 671 -28.76 18.20 -18.86
CA GLN I 671 -28.55 17.10 -17.93
C GLN I 671 -28.17 17.62 -16.55
N SER I 672 -27.45 18.73 -16.49
CA SER I 672 -26.97 19.25 -15.22
C SER I 672 -27.92 20.25 -14.57
N ARG I 673 -29.13 20.40 -15.08
CA ARG I 673 -30.15 21.17 -14.37
C ARG I 673 -30.67 20.35 -13.20
N ARG I 674 -30.88 21.01 -12.06
CA ARG I 674 -31.20 20.34 -10.80
C ARG I 674 -32.50 19.54 -10.89
N ALA I 675 -32.51 18.42 -10.19
CA ALA I 675 -33.63 17.49 -10.29
C ALA I 675 -34.88 18.02 -9.61
N SER I 676 -34.73 18.93 -8.65
CA SER I 676 -35.88 19.54 -8.01
C SER I 676 -36.67 20.43 -8.96
N ALA I 677 -36.01 20.97 -9.98
CA ALA I 677 -36.62 22.01 -10.81
C ALA I 677 -37.63 21.48 -11.80
N PHE I 678 -37.84 20.17 -11.89
CA PHE I 678 -38.59 19.62 -13.01
C PHE I 678 -40.11 19.65 -12.75
N SER I 679 -40.57 18.83 -11.80
CA SER I 679 -41.83 19.02 -11.03
C SER I 679 -43.07 19.32 -11.87
N THR I 680 -43.11 18.90 -13.13
CA THR I 680 -44.29 19.09 -13.97
C THR I 680 -44.30 17.95 -14.97
N PRO I 681 -45.47 17.61 -15.54
CA PRO I 681 -45.49 16.53 -16.52
C PRO I 681 -44.72 16.82 -17.79
N HIS I 682 -44.80 18.04 -18.32
CA HIS I 682 -44.27 18.31 -19.64
C HIS I 682 -42.83 18.78 -19.62
N THR I 683 -42.07 18.39 -18.61
CA THR I 683 -40.64 18.58 -18.61
C THR I 683 -39.88 17.28 -18.67
N TRP I 684 -40.59 16.16 -18.73
CA TRP I 684 -39.98 14.85 -18.54
C TRP I 684 -39.04 14.55 -19.70
N PRO I 685 -37.78 14.19 -19.41
CA PRO I 685 -36.79 14.04 -20.47
C PRO I 685 -37.14 12.87 -21.36
N ARG I 686 -36.99 13.09 -22.67
CA ARG I 686 -37.44 12.08 -23.60
C ARG I 686 -36.54 10.85 -23.57
N CYS I 687 -35.28 11.03 -23.20
CA CYS I 687 -34.41 9.87 -22.97
C CYS I 687 -34.89 9.03 -21.79
N PHE I 688 -35.60 9.64 -20.84
CA PHE I 688 -36.23 8.84 -19.80
C PHE I 688 -37.57 8.27 -20.27
N MET I 689 -38.24 8.97 -21.18
CA MET I 689 -39.51 8.49 -21.71
C MET I 689 -39.31 7.22 -22.52
N ASN I 690 -38.47 7.29 -23.54
CA ASN I 690 -38.08 6.15 -24.34
C ASN I 690 -36.69 5.72 -23.88
N ILE I 691 -36.60 4.51 -23.33
CA ILE I 691 -35.34 4.00 -22.82
C ILE I 691 -34.37 3.71 -23.95
N GLN I 692 -34.91 3.51 -25.17
CA GLN I 692 -34.10 3.22 -26.35
C GLN I 692 -33.14 4.35 -26.69
N LEU I 693 -33.49 5.59 -26.34
CA LEU I 693 -32.64 6.74 -26.64
C LEU I 693 -31.34 6.70 -25.85
N ILE I 694 -31.35 6.11 -24.68
CA ILE I 694 -30.14 5.97 -23.90
C ILE I 694 -29.33 4.82 -24.48
N SER I 695 -28.09 5.10 -24.85
CA SER I 695 -27.26 4.10 -25.49
C SER I 695 -26.77 3.08 -24.46
N PRO I 696 -26.83 1.78 -24.77
CA PRO I 696 -26.54 0.75 -23.76
C PRO I 696 -25.09 0.69 -23.30
N ILE I 697 -24.16 0.60 -24.26
CA ILE I 697 -22.75 0.48 -23.92
C ILE I 697 -22.09 1.81 -23.70
N ASP I 698 -22.76 2.91 -24.05
CA ASP I 698 -22.17 4.23 -23.95
C ASP I 698 -23.03 5.17 -23.11
N ALA I 699 -23.83 4.62 -22.20
CA ALA I 699 -24.43 5.25 -21.02
C ALA I 699 -24.95 4.15 -20.09
N PRO I 700 -24.07 3.33 -19.52
CA PRO I 700 -24.52 2.06 -18.94
C PRO I 700 -25.29 2.20 -17.65
N ILE I 701 -24.82 3.05 -16.73
CA ILE I 701 -25.47 3.17 -15.43
C ILE I 701 -26.79 3.90 -15.58
N LEU I 702 -26.82 4.94 -16.41
CA LEU I 702 -28.08 5.63 -16.72
C LEU I 702 -29.08 4.68 -17.37
N ARG I 703 -28.60 3.82 -18.28
CA ARG I 703 -29.47 2.86 -18.96
C ARG I 703 -30.07 1.87 -17.97
N GLN I 704 -29.25 1.29 -17.11
CA GLN I 704 -29.81 0.29 -16.20
C GLN I 704 -30.58 0.92 -15.05
N TRP I 705 -30.27 2.15 -14.64
CA TRP I 705 -31.07 2.79 -13.60
C TRP I 705 -32.44 3.16 -14.13
N ALA I 706 -32.49 3.63 -15.39
CA ALA I 706 -33.78 3.85 -16.03
C ALA I 706 -34.54 2.54 -16.22
N GLU I 707 -33.82 1.46 -16.50
CA GLU I 707 -34.45 0.16 -16.61
C GLU I 707 -35.02 -0.30 -15.28
N ILE I 708 -34.31 -0.03 -14.19
CA ILE I 708 -34.81 -0.34 -12.85
C ILE I 708 -36.06 0.46 -12.54
N ILE I 709 -36.05 1.75 -12.88
CA ILE I 709 -37.19 2.63 -12.57
C ILE I 709 -38.42 2.21 -13.37
N HIS I 710 -38.26 1.90 -14.66
CA HIS I 710 -39.42 1.45 -15.42
C HIS I 710 -39.83 0.03 -15.07
N ARG I 711 -38.90 -0.77 -14.56
CA ARG I 711 -39.20 -2.16 -14.26
C ARG I 711 -39.95 -2.29 -12.95
N TYR I 712 -39.51 -1.56 -11.93
CA TYR I 712 -40.20 -1.54 -10.64
C TYR I 712 -40.14 -0.15 -10.07
N TRP I 713 -41.19 0.21 -9.34
CA TRP I 713 -41.45 1.42 -8.56
C TRP I 713 -42.81 1.06 -7.97
N PRO I 714 -43.25 1.67 -6.88
CA PRO I 714 -44.56 1.32 -6.31
C PRO I 714 -45.73 1.53 -7.25
N ASN I 715 -46.70 0.62 -7.14
CA ASN I 715 -47.92 0.40 -7.91
C ASN I 715 -49.14 0.83 -7.10
N PRO I 716 -50.22 1.25 -7.75
CA PRO I 716 -51.42 1.65 -7.00
C PRO I 716 -52.19 0.47 -6.43
N SER I 717 -53.11 0.76 -5.51
CA SER I 717 -53.90 -0.26 -4.79
C SER I 717 -55.12 0.41 -4.14
N GLN I 718 -55.88 -0.37 -3.35
CA GLN I 718 -57.14 0.09 -2.79
C GLN I 718 -57.57 -0.77 -1.60
N ILE I 719 -58.33 -0.17 -0.68
CA ILE I 719 -58.50 -0.79 0.64
C ILE I 719 -59.94 -1.08 1.04
N ARG I 720 -60.97 -0.44 0.44
CA ARG I 720 -62.39 -0.62 0.75
C ARG I 720 -62.70 -0.25 2.21
N TYR I 721 -62.69 1.05 2.47
CA TYR I 721 -63.01 1.59 3.79
C TYR I 721 -64.50 1.82 3.95
N GLY I 722 -64.87 2.29 5.14
CA GLY I 722 -66.12 3.01 5.35
C GLY I 722 -67.39 2.20 5.21
N THR I 723 -68.51 2.89 5.36
CA THR I 723 -69.79 2.32 4.99
C THR I 723 -70.56 3.31 4.12
N PRO I 724 -71.33 2.82 3.18
CA PRO I 724 -72.11 3.72 2.36
C PRO I 724 -73.54 3.86 2.87
N ASN I 725 -73.92 3.05 3.84
CA ASN I 725 -75.32 2.97 4.24
C ASN I 725 -75.72 4.20 5.05
N VAL I 726 -75.12 4.37 6.22
CA VAL I 726 -75.46 5.51 7.06
C VAL I 726 -74.74 6.76 6.55
N PHE I 727 -73.51 6.60 6.09
CA PHE I 727 -72.72 7.73 5.64
C PHE I 727 -72.75 7.78 4.12
N GLY I 728 -73.13 8.92 3.57
CA GLY I 728 -73.06 9.11 2.14
C GLY I 728 -71.62 9.14 1.65
N SER I 729 -71.44 8.80 0.38
CA SER I 729 -70.10 8.66 -0.18
C SER I 729 -69.45 10.03 -0.33
N ALA I 730 -68.39 10.26 0.43
CA ALA I 730 -67.70 11.54 0.39
C ALA I 730 -66.72 11.66 -0.76
N ASN I 731 -66.41 10.58 -1.46
CA ASN I 731 -65.52 10.77 -2.59
C ASN I 731 -66.31 11.22 -3.81
N LEU I 732 -65.59 11.79 -4.76
CA LEU I 732 -66.20 12.40 -5.93
C LEU I 732 -65.73 11.79 -7.23
N PHE I 733 -64.44 11.47 -7.31
CA PHE I 733 -63.84 11.10 -8.58
C PHE I 733 -63.60 9.61 -8.65
N THR I 734 -63.26 9.00 -7.53
CA THR I 734 -63.22 7.58 -7.42
C THR I 734 -64.66 7.05 -7.28
N PRO I 735 -64.88 5.75 -7.49
CA PRO I 735 -66.15 5.15 -7.07
C PRO I 735 -66.31 5.20 -5.57
N PRO I 736 -67.52 5.01 -5.04
CA PRO I 736 -67.75 5.17 -3.60
C PRO I 736 -66.94 4.21 -2.73
N GLU I 737 -66.61 4.71 -1.53
CA GLU I 737 -65.92 4.02 -0.43
C GLU I 737 -64.65 3.28 -0.84
N VAL I 738 -63.97 3.74 -1.88
CA VAL I 738 -62.69 3.14 -2.27
C VAL I 738 -61.60 4.16 -2.01
N LEU I 739 -60.39 3.67 -1.74
CA LEU I 739 -59.31 4.54 -1.27
C LEU I 739 -58.04 4.15 -1.99
N LEU I 740 -57.61 4.98 -2.93
CA LEU I 740 -56.44 4.67 -3.72
C LEU I 740 -55.17 4.87 -2.92
N LEU I 741 -54.28 3.89 -2.97
CA LEU I 741 -53.05 3.88 -2.21
C LEU I 741 -51.88 3.78 -3.17
N PRO I 742 -50.82 4.58 -3.00
CA PRO I 742 -49.75 4.62 -4.01
C PRO I 742 -48.80 3.45 -3.94
N ILE I 743 -48.84 2.65 -2.89
CA ILE I 743 -48.04 1.44 -2.81
C ILE I 743 -48.97 0.25 -2.78
N ASP I 744 -48.38 -0.93 -2.78
CA ASP I 744 -49.14 -2.17 -2.77
C ASP I 744 -49.28 -2.72 -1.38
N HIS I 745 -50.44 -3.29 -1.10
CA HIS I 745 -50.72 -3.97 0.15
C HIS I 745 -51.07 -5.42 -0.16
N GLN I 746 -50.83 -6.27 0.82
CA GLN I 746 -51.43 -7.57 0.86
C GLN I 746 -51.90 -7.70 2.30
N PRO I 747 -53.08 -8.24 2.52
CA PRO I 747 -53.61 -8.30 3.89
C PRO I 747 -52.89 -9.26 4.79
N ALA I 748 -53.35 -9.35 6.04
CA ALA I 748 -52.64 -10.06 7.08
C ALA I 748 -52.66 -11.55 6.80
N ASN I 749 -51.48 -12.09 6.52
CA ASN I 749 -51.35 -13.54 6.41
C ASN I 749 -51.62 -14.19 7.76
N VAL I 750 -50.91 -13.76 8.80
CA VAL I 750 -51.14 -14.20 10.16
C VAL I 750 -51.13 -12.99 11.08
N THR I 751 -51.60 -13.21 12.31
CA THR I 751 -51.63 -12.19 13.33
C THR I 751 -50.41 -12.20 14.21
N THR I 752 -49.47 -13.09 13.96
CA THR I 752 -48.18 -13.05 14.64
C THR I 752 -47.15 -12.59 13.62
N PRO I 753 -46.83 -11.30 13.57
CA PRO I 753 -45.95 -10.81 12.52
C PRO I 753 -44.51 -11.21 12.78
N THR I 754 -43.84 -11.61 11.71
CA THR I 754 -42.43 -11.92 11.76
C THR I 754 -41.82 -11.58 10.42
N LEU I 755 -40.51 -11.53 10.40
CA LEU I 755 -39.78 -10.87 9.33
C LEU I 755 -39.78 -11.69 8.05
N ASP I 756 -40.07 -11.03 6.93
CA ASP I 756 -39.72 -11.56 5.63
C ASP I 756 -39.17 -10.41 4.79
N PHE I 757 -38.40 -10.78 3.77
CA PHE I 757 -37.83 -9.79 2.87
C PHE I 757 -38.49 -9.80 1.51
N THR I 758 -39.46 -10.67 1.30
CA THR I 758 -40.08 -10.82 -0.01
C THR I 758 -41.18 -9.78 -0.26
N ASN I 759 -40.89 -8.51 0.00
CA ASN I 759 -41.85 -7.47 -0.23
C ASN I 759 -41.23 -6.33 -1.04
N GLU I 760 -42.04 -5.31 -1.24
CA GLU I 760 -41.81 -4.34 -2.29
C GLU I 760 -40.72 -3.35 -1.94
N LEU I 761 -40.71 -2.88 -0.71
CA LEU I 761 -39.75 -1.81 -0.41
C LEU I 761 -38.38 -2.36 -0.05
N THR I 762 -38.32 -3.54 0.59
CA THR I 762 -37.02 -4.19 0.74
C THR I 762 -36.49 -4.63 -0.60
N ASN I 763 -37.39 -5.03 -1.50
CA ASN I 763 -37.03 -5.27 -2.90
C ASN I 763 -36.41 -4.02 -3.52
N TRP I 764 -37.02 -2.87 -3.31
CA TRP I 764 -36.52 -1.64 -3.91
C TRP I 764 -35.16 -1.25 -3.36
N ARG I 765 -35.01 -1.33 -2.05
CA ARG I 765 -33.75 -1.01 -1.41
C ARG I 765 -32.65 -1.95 -1.86
N ALA I 766 -33.02 -3.22 -2.10
CA ALA I 766 -32.05 -4.20 -2.58
C ALA I 766 -31.58 -3.86 -3.99
N ARG I 767 -32.49 -3.43 -4.86
CA ARG I 767 -32.07 -3.04 -6.20
C ARG I 767 -31.22 -1.78 -6.21
N VAL I 768 -31.51 -0.82 -5.33
CA VAL I 768 -30.69 0.39 -5.27
C VAL I 768 -29.27 0.06 -4.79
N CYS I 769 -29.17 -0.83 -3.80
CA CYS I 769 -27.86 -1.29 -3.36
C CYS I 769 -27.15 -2.11 -4.44
N GLU I 770 -27.90 -2.84 -5.27
CA GLU I 770 -27.27 -3.56 -6.38
C GLU I 770 -26.69 -2.61 -7.41
N LEU I 771 -27.37 -1.50 -7.67
CA LEU I 771 -26.80 -0.50 -8.56
C LEU I 771 -25.53 0.09 -7.98
N MET I 772 -25.56 0.48 -6.71
CA MET I 772 -24.40 1.12 -6.11
C MET I 772 -23.20 0.17 -6.00
N LYS I 773 -23.47 -1.12 -5.79
CA LYS I 773 -22.41 -2.11 -5.87
C LYS I 773 -21.84 -2.22 -7.29
N ASN I 774 -22.71 -2.16 -8.30
CA ASN I 774 -22.23 -2.19 -9.68
C ASN I 774 -21.44 -0.93 -10.02
N LEU I 775 -21.84 0.20 -9.45
CA LEU I 775 -21.19 1.47 -9.73
C LEU I 775 -19.80 1.49 -9.12
N VAL I 776 -19.65 0.95 -7.93
CA VAL I 776 -18.32 0.88 -7.34
C VAL I 776 -17.51 -0.22 -8.02
N ASP I 777 -18.19 -1.21 -8.60
CA ASP I 777 -17.51 -2.27 -9.34
C ASP I 777 -16.86 -1.74 -10.61
N ASN I 778 -17.51 -0.83 -11.33
CA ASN I 778 -16.94 -0.38 -12.60
C ASN I 778 -15.79 0.57 -12.31
N GLN I 779 -14.59 0.19 -12.76
CA GLN I 779 -13.35 0.84 -12.36
C GLN I 779 -13.05 2.10 -13.15
N ARG I 780 -13.68 2.25 -14.33
CA ARG I 780 -13.40 3.43 -15.14
C ARG I 780 -13.94 4.70 -14.52
N TYR I 781 -14.94 4.60 -13.64
CA TYR I 781 -15.49 5.80 -13.02
C TYR I 781 -14.54 6.33 -11.96
N GLN I 782 -14.28 5.54 -10.92
CA GLN I 782 -13.29 5.99 -9.96
C GLN I 782 -12.05 5.10 -10.05
N PRO I 783 -10.91 5.69 -10.35
CA PRO I 783 -9.63 4.98 -10.21
C PRO I 783 -8.96 5.22 -8.88
N GLY I 784 -9.56 6.02 -8.01
CA GLY I 784 -8.89 6.51 -6.84
C GLY I 784 -9.08 5.69 -5.59
N TRP I 785 -10.20 4.99 -5.50
CA TRP I 785 -10.55 4.31 -4.26
C TRP I 785 -9.69 3.06 -4.12
N THR I 786 -8.84 3.04 -3.09
CA THR I 786 -8.02 1.89 -2.83
C THR I 786 -8.86 0.73 -2.31
N GLN I 787 -8.22 -0.44 -2.24
CA GLN I 787 -8.92 -1.70 -2.02
C GLN I 787 -9.61 -1.75 -0.66
N SER I 788 -9.06 -1.08 0.36
CA SER I 788 -9.69 -1.09 1.67
C SER I 788 -10.94 -0.23 1.69
N LEU I 789 -10.89 0.92 1.01
CA LEU I 789 -12.08 1.76 0.91
C LEU I 789 -13.16 1.08 0.08
N VAL I 790 -12.77 0.38 -0.98
CA VAL I 790 -13.69 -0.39 -1.80
C VAL I 790 -14.30 -1.53 -0.98
N SER I 791 -13.49 -2.14 -0.12
CA SER I 791 -13.97 -3.21 0.73
C SER I 791 -14.98 -2.72 1.75
N SER I 792 -14.73 -1.54 2.33
CA SER I 792 -15.71 -0.89 3.19
C SER I 792 -17.01 -0.62 2.44
N MET I 793 -16.89 -0.27 1.16
CA MET I 793 -18.09 -0.02 0.36
C MET I 793 -18.90 -1.30 0.13
N ARG I 794 -18.22 -2.39 -0.26
CA ARG I 794 -18.90 -3.67 -0.48
C ARG I 794 -19.58 -4.15 0.77
N GLY I 795 -18.88 -4.11 1.91
CA GLY I 795 -19.49 -4.55 3.15
C GLY I 795 -20.64 -3.68 3.60
N THR I 796 -20.50 -2.36 3.39
CA THR I 796 -21.55 -1.42 3.79
C THR I 796 -22.81 -1.63 2.97
N LEU I 797 -22.66 -1.76 1.65
CA LEU I 797 -23.83 -1.93 0.79
C LEU I 797 -24.51 -3.27 1.04
N GLY I 798 -23.73 -4.34 1.22
CA GLY I 798 -24.33 -5.64 1.49
C GLY I 798 -25.05 -5.69 2.82
N LYS I 799 -24.43 -5.12 3.87
CA LYS I 799 -25.05 -5.15 5.18
C LYS I 799 -26.26 -4.24 5.25
N LEU I 800 -26.23 -3.14 4.49
CA LEU I 800 -27.39 -2.28 4.43
C LEU I 800 -28.54 -2.98 3.72
N LYS I 801 -28.28 -3.62 2.57
CA LYS I 801 -29.40 -4.21 1.86
C LYS I 801 -29.93 -5.45 2.55
N LEU I 802 -29.16 -6.05 3.46
CA LEU I 802 -29.73 -7.03 4.36
C LEU I 802 -29.83 -6.51 5.79
N ILE I 803 -30.13 -5.22 5.94
CA ILE I 803 -30.64 -4.73 7.22
C ILE I 803 -31.98 -5.41 7.50
N LYS I 804 -32.30 -5.55 8.79
CA LYS I 804 -33.60 -6.02 9.22
C LYS I 804 -34.41 -4.80 9.67
N SER I 805 -35.50 -4.54 8.97
CA SER I 805 -36.42 -3.47 9.38
C SER I 805 -37.83 -3.93 9.11
N MET I 806 -38.67 -3.84 10.13
CA MET I 806 -40.07 -4.21 9.99
C MET I 806 -40.89 -3.15 9.27
N THR I 807 -40.28 -2.01 8.95
CA THR I 807 -41.03 -0.91 8.35
C THR I 807 -41.65 -1.21 6.98
N PRO I 808 -40.98 -1.86 6.01
CA PRO I 808 -41.69 -2.14 4.75
C PRO I 808 -42.81 -3.16 4.88
N MET I 809 -42.64 -4.19 5.71
CA MET I 809 -43.73 -5.13 5.92
C MET I 809 -44.89 -4.47 6.65
N TYR I 810 -44.58 -3.53 7.54
CA TYR I 810 -45.62 -2.71 8.14
C TYR I 810 -46.38 -1.92 7.10
N LEU I 811 -45.64 -1.22 6.23
CA LEU I 811 -46.27 -0.38 5.21
C LEU I 811 -47.07 -1.19 4.22
N GLN I 812 -46.72 -2.46 4.03
CA GLN I 812 -47.55 -3.27 3.16
C GLN I 812 -48.78 -3.80 3.88
N GLN I 813 -48.61 -4.41 5.04
CA GLN I 813 -49.69 -5.20 5.61
C GLN I 813 -50.53 -4.47 6.63
N LEU I 814 -49.91 -3.68 7.51
CA LEU I 814 -50.59 -3.20 8.70
C LEU I 814 -51.10 -1.78 8.56
N ALA I 815 -50.36 -0.92 7.88
CA ALA I 815 -50.69 0.49 7.74
C ALA I 815 -51.93 0.80 6.90
N PRO I 816 -52.22 0.14 5.76
CA PRO I 816 -53.51 0.40 5.11
C PRO I 816 -54.71 -0.01 5.93
N VAL I 817 -54.56 -0.99 6.82
CA VAL I 817 -55.66 -1.37 7.70
C VAL I 817 -55.99 -0.25 8.67
N GLU I 818 -54.96 0.36 9.27
CA GLU I 818 -55.24 1.43 10.20
C GLU I 818 -55.66 2.71 9.50
N LEU I 819 -55.21 2.93 8.26
CA LEU I 819 -55.78 4.01 7.46
C LEU I 819 -57.26 3.76 7.17
N ALA I 820 -57.61 2.51 6.88
CA ALA I 820 -59.00 2.19 6.59
C ALA I 820 -59.89 2.38 7.81
N VAL I 821 -59.42 1.96 8.97
CA VAL I 821 -60.27 2.11 10.16
C VAL I 821 -60.18 3.49 10.78
N ILE I 822 -59.24 4.32 10.37
CA ILE I 822 -59.30 5.71 10.81
C ILE I 822 -60.16 6.55 9.86
N ALA I 823 -60.25 6.16 8.58
CA ALA I 823 -60.81 7.04 7.56
C ALA I 823 -62.27 7.45 7.71
N PRO I 824 -63.22 6.64 8.22
CA PRO I 824 -64.55 7.21 8.45
C PRO I 824 -64.60 8.23 9.56
N MET I 825 -63.68 8.16 10.52
CA MET I 825 -63.71 9.06 11.66
C MET I 825 -62.78 10.25 11.43
N LEU I 826 -63.05 10.98 10.35
CA LEU I 826 -62.39 12.25 10.12
C LEU I 826 -63.41 13.36 10.07
N PRO I 827 -63.06 14.57 10.54
CA PRO I 827 -63.89 15.74 10.27
C PRO I 827 -63.73 16.25 8.85
N PHE I 828 -62.76 15.72 8.11
CA PHE I 828 -62.43 16.18 6.77
C PHE I 828 -62.26 14.92 5.95
N PRO I 829 -63.33 14.43 5.33
CA PRO I 829 -63.31 13.10 4.71
C PRO I 829 -62.51 13.12 3.42
N PRO I 830 -61.97 11.97 2.98
CA PRO I 830 -60.92 11.96 1.96
C PRO I 830 -61.36 12.52 0.61
N PHE I 831 -60.35 12.83 -0.21
CA PHE I 831 -60.57 13.53 -1.47
C PHE I 831 -59.41 13.16 -2.39
N GLN I 832 -59.67 12.28 -3.35
CA GLN I 832 -58.59 11.71 -4.12
C GLN I 832 -58.88 11.76 -5.62
N VAL I 833 -57.83 12.01 -6.39
CA VAL I 833 -57.83 11.86 -7.84
C VAL I 833 -56.97 10.62 -8.09
N PRO I 834 -57.07 9.92 -9.23
CA PRO I 834 -56.38 8.63 -9.35
C PRO I 834 -54.87 8.74 -9.40
N TYR I 835 -54.21 7.75 -8.80
CA TYR I 835 -52.77 7.61 -8.84
C TYR I 835 -52.35 6.90 -10.12
N VAL I 836 -51.44 7.52 -10.85
CA VAL I 836 -50.72 6.87 -11.95
C VAL I 836 -49.24 6.98 -11.64
N ARG I 837 -48.48 5.94 -11.97
CA ARG I 837 -47.10 5.90 -11.53
C ARG I 837 -46.11 6.22 -12.63
N LEU I 838 -46.32 5.71 -13.84
CA LEU I 838 -45.42 5.96 -14.94
C LEU I 838 -46.11 6.28 -16.25
N ASP I 839 -47.40 5.95 -16.40
CA ASP I 839 -48.07 6.26 -17.65
C ASP I 839 -48.29 7.75 -17.75
N ARG I 840 -47.89 8.31 -18.89
CA ARG I 840 -47.61 9.74 -18.95
C ARG I 840 -48.90 10.57 -18.98
N ASP I 841 -49.85 10.18 -19.81
CA ASP I 841 -51.01 11.02 -20.09
C ASP I 841 -52.03 11.04 -18.96
N ARG I 842 -51.91 10.13 -18.01
CA ARG I 842 -52.89 10.01 -16.94
C ARG I 842 -52.56 10.87 -15.74
N VAL I 843 -51.53 11.70 -15.83
CA VAL I 843 -51.15 12.57 -14.71
C VAL I 843 -52.12 13.74 -14.66
N PRO I 844 -52.74 14.02 -13.52
CA PRO I 844 -53.61 15.18 -13.39
C PRO I 844 -52.80 16.47 -13.37
N THR I 845 -53.04 17.33 -14.36
CA THR I 845 -52.37 18.62 -14.37
C THR I 845 -52.96 19.56 -13.34
N MET I 846 -54.27 19.48 -13.13
CA MET I 846 -54.94 20.40 -12.22
C MET I 846 -56.21 19.74 -11.71
N VAL I 847 -56.82 20.39 -10.73
CA VAL I 847 -58.19 20.12 -10.33
C VAL I 847 -58.83 21.47 -10.02
N GLY I 848 -60.06 21.66 -10.46
CA GLY I 848 -60.65 22.97 -10.37
C GLY I 848 -62.13 22.97 -10.02
N VAL I 849 -62.54 23.92 -9.19
CA VAL I 849 -63.91 24.02 -8.70
C VAL I 849 -64.49 25.36 -9.16
N THR I 850 -65.77 25.36 -9.50
CA THR I 850 -66.47 26.59 -9.86
C THR I 850 -67.37 27.01 -8.72
N ARG I 851 -67.87 28.25 -8.84
CA ARG I 851 -68.85 28.75 -7.90
C ARG I 851 -69.97 29.51 -8.57
N GLN I 852 -69.84 29.87 -9.85
CA GLN I 852 -70.86 30.66 -10.50
C GLN I 852 -70.81 30.40 -12.00
N SER I 853 -71.91 30.75 -12.66
CA SER I 853 -71.94 30.66 -14.12
C SER I 853 -71.28 31.89 -14.73
N ARG I 854 -71.38 32.01 -16.05
CA ARG I 854 -70.57 32.96 -16.78
C ARG I 854 -71.39 33.97 -17.57
N ASP I 855 -72.37 33.50 -18.33
CA ASP I 855 -72.91 34.28 -19.42
C ASP I 855 -74.37 33.88 -19.57
N THR I 856 -74.95 34.16 -20.75
CA THR I 856 -76.23 33.60 -21.16
C THR I 856 -76.26 32.07 -21.11
N ILE I 857 -75.09 31.41 -21.26
CA ILE I 857 -75.02 29.96 -21.17
C ILE I 857 -75.46 29.47 -19.80
N THR I 858 -76.16 28.35 -19.80
CA THR I 858 -76.98 27.95 -18.67
C THR I 858 -76.49 26.67 -18.00
N GLN I 859 -76.24 25.63 -18.79
CA GLN I 859 -75.96 24.44 -18.00
C GLN I 859 -74.47 24.34 -17.68
N PRO I 860 -74.17 23.86 -16.46
CA PRO I 860 -72.78 23.88 -16.00
C PRO I 860 -71.85 22.96 -16.76
N ALA I 861 -72.38 21.94 -17.44
CA ALA I 861 -71.54 21.11 -18.29
C ALA I 861 -70.97 21.91 -19.45
N LEU I 862 -71.71 22.90 -19.93
CA LEU I 862 -71.14 23.83 -20.88
C LEU I 862 -70.29 24.88 -20.18
N SER I 863 -70.76 25.36 -19.02
CA SER I 863 -70.14 26.53 -18.42
C SER I 863 -68.89 26.25 -17.62
N LEU I 864 -68.53 24.98 -17.42
CA LEU I 864 -67.53 24.66 -16.41
C LEU I 864 -66.10 24.94 -16.86
N SER I 865 -65.78 24.69 -18.13
CA SER I 865 -64.39 24.72 -18.58
C SER I 865 -63.79 26.10 -18.52
N THR I 866 -64.61 27.14 -18.68
CA THR I 866 -64.08 28.50 -18.65
C THR I 866 -63.94 29.02 -17.23
N THR I 867 -64.74 28.52 -16.30
CA THR I 867 -64.83 29.08 -14.96
C THR I 867 -64.44 28.02 -13.94
N ASN I 868 -63.27 28.16 -13.34
CA ASN I 868 -62.83 27.24 -12.30
C ASN I 868 -61.91 27.97 -11.34
N THR I 869 -61.40 27.23 -10.37
CA THR I 869 -60.36 27.72 -9.48
C THR I 869 -59.49 26.54 -9.11
N THR I 870 -58.21 26.61 -9.49
CA THR I 870 -57.33 25.48 -9.26
C THR I 870 -56.99 25.39 -7.78
N VAL I 871 -57.27 24.25 -7.19
CA VAL I 871 -57.16 24.07 -5.75
C VAL I 871 -56.04 23.10 -5.47
N GLY I 872 -55.01 23.56 -4.77
CA GLY I 872 -53.93 22.67 -4.40
C GLY I 872 -52.71 23.39 -3.86
N VAL I 873 -52.06 22.79 -2.86
CA VAL I 873 -50.84 23.37 -2.29
C VAL I 873 -49.76 22.31 -2.28
N PRO I 874 -48.50 22.72 -2.26
CA PRO I 874 -47.41 21.76 -2.02
C PRO I 874 -47.10 21.61 -0.55
N LEU I 875 -46.18 20.72 -0.22
CA LEU I 875 -45.80 20.45 1.16
C LEU I 875 -44.44 19.77 1.16
N ALA I 876 -43.53 20.26 1.97
CA ALA I 876 -42.16 19.77 1.99
C ALA I 876 -41.99 18.65 3.01
N LEU I 877 -41.05 17.75 2.72
CA LEU I 877 -40.73 16.65 3.63
C LEU I 877 -39.23 16.61 3.87
N ASP I 878 -38.82 15.78 4.81
CA ASP I 878 -37.41 15.59 5.13
C ASP I 878 -36.97 14.21 4.65
N ALA I 879 -36.05 14.20 3.69
CA ALA I 879 -35.60 12.94 3.11
C ALA I 879 -34.79 12.12 4.09
N ARG I 880 -33.99 12.80 4.92
CA ARG I 880 -33.18 12.08 5.90
C ARG I 880 -34.05 11.48 6.99
N ALA I 881 -35.10 12.21 7.39
CA ALA I 881 -36.02 11.69 8.40
C ALA I 881 -36.82 10.51 7.86
N ILE I 882 -37.34 10.63 6.64
CA ILE I 882 -38.13 9.53 6.08
C ILE I 882 -37.25 8.32 5.78
N THR I 883 -35.96 8.53 5.47
CA THR I 883 -35.10 7.40 5.16
C THR I 883 -34.65 6.68 6.43
N VAL I 884 -34.37 7.43 7.50
CA VAL I 884 -34.08 6.81 8.78
C VAL I 884 -35.30 6.04 9.30
N ALA I 885 -36.50 6.59 9.07
CA ALA I 885 -37.70 5.89 9.48
C ALA I 885 -37.94 4.64 8.64
N LEU I 886 -37.52 4.63 7.38
CA LEU I 886 -37.63 3.40 6.60
C LEU I 886 -36.60 2.37 7.07
N LEU I 887 -35.34 2.80 7.24
CA LEU I 887 -34.27 1.86 7.53
C LEU I 887 -34.38 1.29 8.94
N SER I 888 -34.94 2.05 9.87
CA SER I 888 -34.99 1.64 11.26
C SER I 888 -36.44 1.60 11.69
N GLY I 889 -36.88 0.44 12.13
CA GLY I 889 -38.23 0.29 12.63
C GLY I 889 -38.44 -1.11 13.13
N LYS I 890 -39.01 -1.26 14.32
CA LYS I 890 -39.16 -2.58 14.90
C LYS I 890 -40.50 -2.66 15.61
N TYR I 891 -40.88 -3.88 15.92
CA TYR I 891 -42.13 -4.19 16.57
C TYR I 891 -41.93 -4.28 18.07
N PRO I 892 -43.02 -4.31 18.84
CA PRO I 892 -42.93 -4.81 20.20
C PRO I 892 -42.51 -6.26 20.20
N PRO I 893 -41.86 -6.73 21.30
CA PRO I 893 -41.26 -8.07 21.30
C PRO I 893 -42.24 -9.22 21.16
N ASP I 894 -43.35 -9.17 21.90
CA ASP I 894 -44.40 -10.16 21.77
C ASP I 894 -45.71 -9.42 21.53
N LEU I 895 -46.21 -9.51 20.31
CA LEU I 895 -47.38 -8.73 19.92
C LEU I 895 -48.34 -9.61 19.13
N VAL I 896 -49.63 -9.35 19.32
CA VAL I 896 -50.69 -9.95 18.55
C VAL I 896 -51.55 -8.82 18.03
N THR I 897 -51.88 -8.87 16.73
CA THR I 897 -52.47 -7.73 16.03
C THR I 897 -53.82 -7.34 16.61
N ASN I 898 -54.80 -8.26 16.53
CA ASN I 898 -56.18 -7.93 16.85
C ASN I 898 -56.35 -7.49 18.30
N VAL I 899 -55.56 -8.07 19.20
CA VAL I 899 -55.46 -7.60 20.57
C VAL I 899 -54.98 -6.16 20.60
N TRP I 900 -53.86 -5.87 19.90
CA TRP I 900 -53.29 -4.53 19.95
C TRP I 900 -54.22 -3.50 19.31
N TYR I 901 -54.87 -3.87 18.22
CA TYR I 901 -55.74 -2.94 17.54
C TYR I 901 -57.03 -2.69 18.31
N ALA I 902 -57.59 -3.71 18.98
CA ALA I 902 -58.76 -3.46 19.81
C ALA I 902 -58.41 -2.53 20.96
N ASP I 903 -57.28 -2.82 21.62
CA ASP I 903 -56.81 -2.01 22.73
C ASP I 903 -56.46 -0.58 22.31
N ALA I 904 -56.03 -0.39 21.06
CA ALA I 904 -55.66 0.94 20.62
C ALA I 904 -56.83 1.73 20.06
N ILE I 905 -57.80 1.09 19.43
CA ILE I 905 -58.75 1.80 18.58
C ILE I 905 -60.16 1.83 19.20
N TYR I 906 -60.43 1.06 20.25
CA TYR I 906 -61.69 1.23 20.97
C TYR I 906 -61.95 2.63 21.54
N PRO I 907 -61.01 3.32 22.21
CA PRO I 907 -61.31 4.69 22.63
C PRO I 907 -61.43 5.67 21.49
N MET I 908 -60.96 5.32 20.29
CA MET I 908 -61.22 6.18 19.14
C MET I 908 -62.69 6.08 18.74
N TYR I 909 -63.25 4.87 18.67
CA TYR I 909 -64.66 4.73 18.35
C TYR I 909 -65.58 5.05 19.51
N ALA I 910 -65.05 5.37 20.70
CA ALA I 910 -65.91 5.85 21.76
C ALA I 910 -66.55 7.21 21.47
N ASP I 911 -66.06 7.96 20.50
CA ASP I 911 -66.49 9.34 20.32
C ASP I 911 -67.83 9.42 19.56
N THR I 912 -68.26 10.65 19.28
CA THR I 912 -69.48 10.87 18.52
C THR I 912 -69.40 12.08 17.59
N GLU I 913 -68.22 12.66 17.39
CA GLU I 913 -68.11 13.95 16.73
C GLU I 913 -68.41 13.90 15.23
N VAL I 914 -68.42 12.71 14.63
CA VAL I 914 -68.63 12.60 13.20
C VAL I 914 -70.08 12.92 12.82
N PHE I 915 -71.01 12.77 13.75
CA PHE I 915 -72.43 12.89 13.42
C PHE I 915 -72.86 14.33 13.30
N SER I 916 -72.28 15.22 14.11
CA SER I 916 -72.60 16.63 14.02
C SER I 916 -72.15 17.24 12.69
N ASN I 917 -71.14 16.63 12.06
CA ASN I 917 -70.72 17.04 10.74
C ASN I 917 -71.85 16.84 9.73
N LEU I 918 -72.49 15.67 9.76
CA LEU I 918 -73.62 15.40 8.89
C LEU I 918 -74.78 16.34 9.18
N GLN I 919 -75.00 16.61 10.47
CA GLN I 919 -76.01 17.59 10.86
C GLN I 919 -75.74 18.97 10.29
N ARG I 920 -74.46 19.34 10.18
CA ARG I 920 -74.15 20.62 9.53
C ARG I 920 -74.29 20.52 8.02
N ASP I 921 -74.02 19.35 7.45
CA ASP I 921 -74.02 19.21 6.00
C ASP I 921 -75.41 19.37 5.43
N VAL I 922 -76.43 18.87 6.15
CA VAL I 922 -77.84 19.08 5.80
C VAL I 922 -78.13 20.56 5.66
N ILE I 923 -77.87 21.32 6.72
CA ILE I 923 -78.32 22.69 6.78
C ILE I 923 -77.49 23.56 5.86
N THR I 924 -76.27 23.14 5.54
CA THR I 924 -75.47 23.82 4.52
C THR I 924 -76.13 23.70 3.14
N CYS I 925 -76.47 22.47 2.74
CA CYS I 925 -77.09 22.28 1.44
C CYS I 925 -78.46 22.95 1.35
N GLU I 926 -79.25 22.84 2.42
CA GLU I 926 -80.56 23.46 2.41
C GLU I 926 -80.47 24.97 2.40
N ALA I 927 -79.46 25.53 3.07
CA ALA I 927 -79.36 26.97 3.14
C ALA I 927 -78.89 27.56 1.81
N VAL I 928 -77.99 26.87 1.11
CA VAL I 928 -77.59 27.41 -0.18
C VAL I 928 -78.72 27.26 -1.21
N GLN I 929 -79.56 26.22 -1.06
CA GLN I 929 -80.72 26.13 -1.93
C GLN I 929 -81.73 27.23 -1.62
N THR I 930 -81.91 27.58 -0.33
CA THR I 930 -82.79 28.71 -0.01
C THR I 930 -82.22 30.01 -0.52
N LEU I 931 -80.89 30.11 -0.59
CA LEU I 931 -80.26 31.30 -1.16
C LEU I 931 -80.63 31.46 -2.62
N VAL I 932 -80.49 30.39 -3.41
CA VAL I 932 -80.79 30.54 -4.84
C VAL I 932 -82.29 30.71 -5.07
N THR I 933 -83.12 30.08 -4.24
CA THR I 933 -84.56 30.21 -4.41
C THR I 933 -85.04 31.62 -4.06
N LEU I 934 -84.52 32.19 -2.97
CA LEU I 934 -84.96 33.51 -2.58
C LEU I 934 -84.39 34.60 -3.46
N VAL I 935 -83.19 34.41 -4.01
CA VAL I 935 -82.65 35.43 -4.91
C VAL I 935 -83.37 35.37 -6.26
N ALA I 936 -83.84 34.18 -6.66
CA ALA I 936 -84.52 34.01 -7.94
C ALA I 936 -85.84 34.74 -8.04
N GLN I 937 -86.39 35.24 -6.93
CA GLN I 937 -87.61 36.02 -7.03
C GLN I 937 -87.35 37.46 -7.44
N ILE I 938 -86.22 38.03 -7.03
CA ILE I 938 -85.89 39.40 -7.39
C ILE I 938 -84.94 39.49 -8.56
N SER I 939 -84.39 38.38 -9.02
CA SER I 939 -83.51 38.42 -10.17
C SER I 939 -83.88 37.32 -11.16
N GLU I 940 -83.46 37.52 -12.40
CA GLU I 940 -83.69 36.53 -13.47
C GLU I 940 -82.55 35.54 -13.43
N THR I 941 -82.71 34.48 -12.64
CA THR I 941 -81.70 33.44 -12.56
C THR I 941 -81.95 32.37 -13.61
N GLN I 942 -80.99 31.46 -13.70
CA GLN I 942 -81.11 30.36 -14.64
C GLN I 942 -81.94 29.22 -14.10
N TYR I 943 -82.10 29.12 -12.79
CA TYR I 943 -82.86 28.02 -12.23
C TYR I 943 -84.35 28.28 -12.35
N PRO I 944 -85.11 27.41 -12.98
CA PRO I 944 -86.54 27.68 -13.18
C PRO I 944 -87.33 27.45 -11.91
N VAL I 945 -87.73 28.55 -11.27
CA VAL I 945 -88.75 28.54 -10.25
C VAL I 945 -89.77 29.61 -10.64
N ASP I 946 -90.90 29.58 -9.97
CA ASP I 946 -92.01 30.46 -10.31
C ASP I 946 -92.14 31.59 -9.31
N ARG I 947 -92.72 32.70 -9.76
CA ARG I 947 -92.99 33.83 -8.89
C ARG I 947 -94.46 33.86 -8.52
N TYR I 948 -94.72 34.20 -7.26
CA TYR I 948 -96.07 34.27 -6.74
C TYR I 948 -96.51 35.68 -6.45
N LEU I 949 -95.56 36.60 -6.34
CA LEU I 949 -95.86 38.00 -6.16
C LEU I 949 -95.18 38.80 -7.26
N ASP I 950 -95.97 39.60 -7.95
CA ASP I 950 -95.46 40.51 -8.96
C ASP I 950 -96.02 41.90 -8.78
N TRP I 951 -97.20 42.03 -8.22
CA TRP I 951 -97.86 43.32 -8.02
C TRP I 951 -97.17 44.18 -6.97
N ILE I 952 -96.18 43.66 -6.27
CA ILE I 952 -95.33 44.47 -5.41
C ILE I 952 -94.24 45.11 -6.26
N PRO I 953 -94.07 46.43 -6.19
CA PRO I 953 -93.00 47.08 -6.96
C PRO I 953 -91.62 46.72 -6.42
N SER I 954 -90.61 46.91 -7.26
CA SER I 954 -89.32 46.31 -7.00
C SER I 954 -88.19 47.18 -7.57
N LEU I 955 -86.98 46.63 -7.50
CA LEU I 955 -85.77 47.30 -7.92
C LEU I 955 -85.21 46.58 -9.14
N ARG I 956 -84.64 47.34 -10.07
CA ARG I 956 -83.95 46.72 -11.18
C ARG I 956 -82.62 46.18 -10.65
N ALA I 957 -82.61 44.90 -10.31
CA ALA I 957 -81.63 44.35 -9.38
C ALA I 957 -80.23 44.29 -9.96
N SER I 958 -79.26 44.77 -9.19
CA SER I 958 -77.86 44.75 -9.57
C SER I 958 -77.08 43.83 -8.66
N ALA I 959 -75.78 43.74 -8.90
CA ALA I 959 -74.94 42.80 -8.18
C ALA I 959 -74.75 43.20 -6.74
N ALA I 960 -74.65 44.51 -6.47
CA ALA I 960 -74.50 44.96 -5.09
C ALA I 960 -75.78 44.73 -4.28
N THR I 961 -76.94 44.95 -4.91
CA THR I 961 -78.21 44.68 -4.25
C THR I 961 -78.36 43.19 -3.98
N ALA I 962 -77.99 42.35 -4.93
CA ALA I 962 -78.12 40.91 -4.73
C ALA I 962 -77.18 40.40 -3.66
N ALA I 963 -75.94 40.91 -3.64
CA ALA I 963 -74.98 40.48 -2.63
C ALA I 963 -75.39 40.96 -1.25
N THR I 964 -75.96 42.16 -1.15
CA THR I 964 -76.44 42.66 0.12
C THR I 964 -77.60 41.83 0.64
N PHE I 965 -78.58 41.55 -0.23
CA PHE I 965 -79.74 40.76 0.16
C PHE I 965 -79.33 39.35 0.56
N ALA I 966 -78.34 38.79 -0.14
CA ALA I 966 -77.82 37.48 0.22
C ALA I 966 -77.13 37.52 1.57
N GLU I 967 -76.46 38.63 1.89
CA GLU I 967 -75.84 38.77 3.20
C GLU I 967 -76.88 38.81 4.31
N TRP I 968 -78.00 39.49 4.06
CA TRP I 968 -79.09 39.50 5.07
C TRP I 968 -79.67 38.11 5.26
N VAL I 969 -79.85 37.37 4.17
CA VAL I 969 -80.35 36.00 4.27
C VAL I 969 -79.40 35.11 5.05
N ASN I 970 -78.10 35.25 4.78
CA ASN I 970 -77.08 34.48 5.51
C ASN I 970 -77.06 34.86 6.99
N THR I 971 -77.28 36.14 7.29
CA THR I 971 -77.26 36.59 8.68
C THR I 971 -78.45 36.04 9.45
N SER I 972 -79.65 36.07 8.86
CA SER I 972 -80.81 35.49 9.53
C SER I 972 -80.67 33.97 9.65
N MET I 973 -80.02 33.34 8.67
CA MET I 973 -79.82 31.91 8.72
C MET I 973 -78.87 31.52 9.84
N LYS I 974 -77.80 32.29 10.03
CA LYS I 974 -76.90 32.05 11.14
C LYS I 974 -77.55 32.38 12.48
N THR I 975 -78.45 33.37 12.48
CA THR I 975 -79.14 33.75 13.71
C THR I 975 -80.03 32.62 14.19
N ALA I 976 -80.78 32.01 13.29
CA ALA I 976 -81.46 30.79 13.66
C ALA I 976 -80.47 29.64 13.75
N PHE I 977 -80.92 28.57 14.40
CA PHE I 977 -80.20 27.30 14.56
C PHE I 977 -78.87 27.38 15.31
N ASP I 978 -78.51 28.55 15.82
CA ASP I 978 -77.31 28.81 16.64
C ASP I 978 -76.04 28.39 15.90
N LEU I 979 -75.74 29.13 14.84
CA LEU I 979 -74.55 28.88 14.04
C LEU I 979 -73.51 29.95 14.36
N SER I 980 -72.27 29.52 14.58
CA SER I 980 -71.22 30.46 14.94
C SER I 980 -70.58 31.07 13.70
N ASP I 981 -70.28 30.27 12.68
CA ASP I 981 -69.46 30.76 11.58
C ASP I 981 -69.68 29.96 10.30
N MET I 982 -69.33 30.60 9.18
CA MET I 982 -68.83 29.94 7.97
C MET I 982 -69.84 29.01 7.29
N LEU I 983 -71.02 29.50 6.97
CA LEU I 983 -71.87 28.83 6.00
C LEU I 983 -72.26 29.82 4.92
N LEU I 984 -72.06 29.40 3.67
CA LEU I 984 -72.34 30.06 2.40
C LEU I 984 -71.36 31.19 2.11
N GLU I 985 -70.55 31.60 3.06
CA GLU I 985 -69.57 32.65 2.92
C GLU I 985 -68.44 32.37 1.92
N PRO I 986 -68.04 31.12 1.66
CA PRO I 986 -67.24 30.90 0.44
C PRO I 986 -68.00 31.19 -0.84
N LEU I 987 -69.31 31.00 -0.85
CA LEU I 987 -70.06 31.24 -2.07
C LEU I 987 -70.45 32.70 -2.24
N LEU I 988 -70.50 33.47 -1.14
CA LEU I 988 -70.88 34.88 -1.20
C LEU I 988 -69.91 35.75 -1.99
N SER I 989 -68.68 35.28 -2.21
CA SER I 989 -67.69 36.11 -2.88
C SER I 989 -68.00 36.31 -4.36
N GLY I 990 -68.74 35.39 -4.96
CA GLY I 990 -69.13 35.50 -6.35
C GLY I 990 -70.41 36.29 -6.51
N ASP I 991 -71.02 36.14 -7.68
CA ASP I 991 -72.35 36.67 -7.91
C ASP I 991 -73.37 35.66 -7.41
N PRO I 992 -74.26 36.02 -6.49
CA PRO I 992 -75.28 35.07 -6.06
C PRO I 992 -76.34 34.80 -7.10
N ARG I 993 -76.43 35.62 -8.14
CA ARG I 993 -77.49 35.47 -9.12
C ARG I 993 -77.24 34.34 -10.11
N MET I 994 -76.00 33.90 -10.27
CA MET I 994 -75.67 32.96 -11.33
C MET I 994 -74.84 31.80 -10.80
N THR I 995 -75.20 31.27 -9.65
CA THR I 995 -74.36 30.28 -8.99
C THR I 995 -74.53 28.90 -9.61
N GLN I 996 -73.43 28.15 -9.60
CA GLN I 996 -73.44 26.76 -10.01
C GLN I 996 -72.38 26.04 -9.20
N LEU I 997 -72.56 24.74 -9.00
CA LEU I 997 -71.69 23.96 -8.13
C LEU I 997 -71.15 22.78 -8.92
N ALA I 998 -69.87 22.82 -9.26
CA ALA I 998 -69.24 21.74 -10.01
C ALA I 998 -67.73 21.78 -9.80
N ILE I 999 -67.10 20.63 -10.00
CA ILE I 999 -65.66 20.49 -9.88
C ILE I 999 -65.19 19.62 -11.04
N GLN I 1000 -63.96 19.84 -11.47
CA GLN I 1000 -63.42 19.08 -12.58
C GLN I 1000 -61.92 18.92 -12.42
N TYR I 1001 -61.37 18.00 -13.19
CA TYR I 1001 -59.93 17.83 -13.24
C TYR I 1001 -59.56 17.32 -14.62
N GLN I 1002 -58.33 17.64 -15.01
CA GLN I 1002 -57.85 17.40 -16.35
C GLN I 1002 -56.61 16.53 -16.30
N GLN I 1003 -56.51 15.60 -17.25
CA GLN I 1003 -55.30 14.80 -17.41
C GLN I 1003 -54.24 15.62 -18.13
N TYR I 1004 -53.17 14.97 -18.58
CA TYR I 1004 -52.23 15.73 -19.39
C TYR I 1004 -52.78 15.95 -20.79
N ASN I 1005 -53.30 14.91 -21.42
CA ASN I 1005 -53.59 14.96 -22.84
C ASN I 1005 -54.80 15.81 -23.20
N GLY I 1006 -55.49 16.42 -22.23
CA GLY I 1006 -56.66 17.21 -22.49
C GLY I 1006 -57.94 16.56 -22.03
N ARG I 1007 -57.87 15.36 -21.50
CA ARG I 1007 -59.07 14.67 -21.05
C ARG I 1007 -59.54 15.27 -19.75
N THR I 1008 -60.80 15.70 -19.72
CA THR I 1008 -61.37 16.34 -18.55
C THR I 1008 -62.51 15.48 -18.02
N PHE I 1009 -62.50 15.24 -16.72
CA PHE I 1009 -63.60 14.60 -16.03
C PHE I 1009 -64.23 15.61 -15.10
N ASN I 1010 -65.51 15.44 -14.79
CA ASN I 1010 -66.15 16.32 -13.84
C ASN I 1010 -67.22 15.59 -13.07
N VAL I 1011 -67.90 16.31 -12.19
CA VAL I 1011 -69.14 15.87 -11.58
C VAL I 1011 -69.98 17.11 -11.31
N ILE I 1012 -71.26 17.03 -11.66
CA ILE I 1012 -72.20 18.09 -11.31
C ILE I 1012 -73.26 17.41 -10.45
N PRO I 1013 -73.10 17.45 -9.13
CA PRO I 1013 -74.10 16.82 -8.26
C PRO I 1013 -75.40 17.63 -8.25
N GLU I 1014 -76.50 16.96 -8.54
CA GLU I 1014 -77.80 17.60 -8.56
C GLU I 1014 -78.21 17.99 -7.15
N MET I 1015 -78.93 19.10 -7.02
CA MET I 1015 -79.29 19.61 -5.71
C MET I 1015 -80.42 18.78 -5.12
N PRO I 1016 -80.25 18.22 -3.93
CA PRO I 1016 -81.31 17.41 -3.32
C PRO I 1016 -82.40 18.25 -2.69
N GLY I 1017 -83.25 17.58 -1.90
CA GLY I 1017 -84.43 18.10 -1.23
C GLY I 1017 -84.37 19.48 -0.62
N SER I 1018 -85.51 20.15 -0.63
CA SER I 1018 -85.56 21.60 -0.56
C SER I 1018 -86.68 22.06 0.36
N VAL I 1019 -86.74 21.50 1.58
CA VAL I 1019 -87.95 21.60 2.39
C VAL I 1019 -88.17 23.02 2.92
N ILE I 1020 -87.10 23.76 3.22
CA ILE I 1020 -87.30 25.10 3.77
C ILE I 1020 -87.77 26.05 2.68
N ALA I 1021 -87.19 25.95 1.48
CA ALA I 1021 -87.66 26.79 0.39
C ALA I 1021 -89.04 26.34 -0.09
N ASP I 1022 -89.38 25.07 0.11
CA ASP I 1022 -90.75 24.61 -0.13
C ASP I 1022 -91.72 25.33 0.78
N CYS I 1023 -91.36 25.46 2.06
CA CYS I 1023 -92.20 26.21 2.99
C CYS I 1023 -92.24 27.69 2.66
N VAL I 1024 -91.13 28.23 2.13
CA VAL I 1024 -91.10 29.64 1.74
C VAL I 1024 -92.05 29.90 0.58
N GLN I 1025 -92.02 29.02 -0.44
CA GLN I 1025 -92.94 29.17 -1.56
C GLN I 1025 -94.39 28.94 -1.14
N LEU I 1026 -94.60 28.08 -0.14
CA LEU I 1026 -95.94 27.91 0.41
C LEU I 1026 -96.44 29.20 1.06
N THR I 1027 -95.57 29.86 1.81
CA THR I 1027 -95.94 31.13 2.41
C THR I 1027 -96.12 32.22 1.38
N ALA I 1028 -95.39 32.14 0.27
CA ALA I 1028 -95.61 33.12 -0.79
C ALA I 1028 -96.96 32.89 -1.48
N GLU I 1029 -97.36 31.62 -1.63
CA GLU I 1029 -98.70 31.29 -2.11
C GLU I 1029 -99.78 31.90 -1.22
N VAL I 1030 -99.70 31.65 0.08
CA VAL I 1030 -100.76 32.12 0.96
C VAL I 1030 -100.67 33.62 1.16
N PHE I 1031 -99.51 34.23 0.92
CA PHE I 1031 -99.45 35.67 0.98
C PHE I 1031 -100.09 36.29 -0.26
N ASN I 1032 -99.93 35.63 -1.40
CA ASN I 1032 -100.61 36.08 -2.61
C ASN I 1032 -102.12 35.99 -2.43
N HIS I 1033 -102.60 34.95 -1.76
CA HIS I 1033 -104.05 34.85 -1.61
C HIS I 1033 -104.56 35.76 -0.49
N GLU I 1034 -103.80 35.91 0.58
CA GLU I 1034 -104.29 36.51 1.82
C GLU I 1034 -103.28 37.53 2.32
N TYR I 1035 -102.92 38.41 1.40
CA TYR I 1035 -101.96 39.49 1.61
C TYR I 1035 -102.41 40.50 2.64
N ASN I 1036 -103.72 40.66 2.84
CA ASN I 1036 -104.27 41.65 3.78
C ASN I 1036 -103.82 41.42 5.21
N LEU I 1037 -103.43 40.20 5.54
CA LEU I 1037 -103.14 39.85 6.92
C LEU I 1037 -101.81 40.42 7.37
N PHE I 1038 -100.92 40.73 6.45
CA PHE I 1038 -99.64 41.31 6.82
C PHE I 1038 -99.65 42.82 6.63
N GLY I 1039 -100.83 43.43 6.59
CA GLY I 1039 -100.94 44.88 6.54
C GLY I 1039 -100.70 45.51 5.19
N ILE I 1040 -101.01 44.81 4.11
CA ILE I 1040 -100.81 45.30 2.76
C ILE I 1040 -102.13 45.24 2.01
N ALA I 1041 -102.38 46.24 1.16
CA ALA I 1041 -103.51 46.23 0.25
C ALA I 1041 -103.01 46.23 -1.19
N ARG I 1042 -103.72 45.51 -2.05
CA ARG I 1042 -103.45 45.52 -3.49
C ARG I 1042 -104.17 46.70 -4.13
N GLY I 1043 -104.21 46.71 -5.45
CA GLY I 1043 -104.88 47.77 -6.17
C GLY I 1043 -104.09 49.06 -6.00
N ASP I 1044 -104.83 50.15 -5.82
CA ASP I 1044 -104.20 51.43 -5.54
C ASP I 1044 -105.23 52.31 -4.82
N ILE I 1045 -104.96 53.61 -4.78
CA ILE I 1045 -105.79 54.54 -4.05
C ILE I 1045 -106.42 55.52 -5.02
N ILE I 1046 -107.48 56.17 -4.55
CA ILE I 1046 -108.16 57.23 -5.29
C ILE I 1046 -108.36 58.39 -4.33
N ILE I 1047 -107.91 59.57 -4.73
CA ILE I 1047 -108.00 60.76 -3.90
C ILE I 1047 -109.10 61.66 -4.47
N GLY I 1048 -110.06 62.02 -3.62
CA GLY I 1048 -111.16 62.87 -4.04
C GLY I 1048 -112.14 63.12 -2.91
N ARG I 1049 -112.72 64.32 -2.85
CA ARG I 1049 -113.55 64.66 -1.70
C ARG I 1049 -114.91 63.99 -1.79
N VAL I 1050 -115.33 63.40 -0.68
CA VAL I 1050 -116.63 62.75 -0.57
C VAL I 1050 -117.28 63.28 0.69
N GLN I 1051 -118.28 64.15 0.53
CA GLN I 1051 -119.04 64.67 1.67
C GLN I 1051 -120.37 63.92 1.70
N SER I 1052 -120.36 62.75 2.32
CA SER I 1052 -121.53 61.90 2.40
C SER I 1052 -121.75 61.43 3.82
N THR I 1053 -123.03 61.27 4.16
CA THR I 1053 -123.43 60.79 5.48
C THR I 1053 -123.49 59.28 5.55
N HIS I 1054 -123.01 58.58 4.53
CA HIS I 1054 -123.07 57.13 4.52
C HIS I 1054 -122.02 56.55 5.47
N LEU I 1055 -122.10 55.24 5.69
CA LEU I 1055 -121.24 54.59 6.66
C LEU I 1055 -120.39 53.49 6.04
N TRP I 1056 -120.17 53.55 4.72
CA TRP I 1056 -119.40 52.53 4.04
C TRP I 1056 -117.92 52.67 4.35
N SER I 1057 -117.20 51.59 4.23
CA SER I 1057 -115.80 51.55 4.64
C SER I 1057 -114.89 51.78 3.44
N PRO I 1058 -113.93 52.70 3.55
CA PRO I 1058 -112.95 52.91 2.46
C PRO I 1058 -112.10 51.71 2.11
N LEU I 1059 -112.02 50.69 2.95
CA LEU I 1059 -111.33 49.49 2.54
C LEU I 1059 -112.18 48.61 1.63
N ALA I 1060 -113.45 48.96 1.44
CA ALA I 1060 -114.29 48.33 0.42
C ALA I 1060 -115.22 49.39 -0.14
N PRO I 1061 -114.74 50.21 -1.06
CA PRO I 1061 -115.53 51.34 -1.56
C PRO I 1061 -116.64 50.86 -2.47
N PRO I 1062 -117.67 51.68 -2.71
CA PRO I 1062 -118.68 51.30 -3.69
C PRO I 1062 -118.12 51.38 -5.10
N PRO I 1063 -118.57 50.50 -6.00
CA PRO I 1063 -117.96 50.44 -7.33
C PRO I 1063 -118.35 51.57 -8.26
N ASP I 1064 -119.27 52.44 -7.88
CA ASP I 1064 -119.62 53.55 -8.74
C ASP I 1064 -118.66 54.74 -8.58
N LEU I 1065 -117.61 54.61 -7.79
CA LEU I 1065 -116.66 55.69 -7.58
C LEU I 1065 -115.26 55.39 -8.06
N VAL I 1066 -115.02 54.21 -8.62
CA VAL I 1066 -113.69 53.79 -9.04
C VAL I 1066 -113.64 53.78 -10.55
N PHE I 1067 -112.65 54.45 -11.12
CA PHE I 1067 -112.41 54.50 -12.54
C PHE I 1067 -111.08 53.80 -12.83
N ASP I 1068 -110.82 53.56 -14.11
CA ASP I 1068 -109.59 52.91 -14.52
C ASP I 1068 -109.09 53.57 -15.80
N ARG I 1069 -108.14 52.90 -16.46
CA ARG I 1069 -107.67 53.35 -17.76
C ARG I 1069 -108.71 53.14 -18.84
N ASP I 1070 -109.68 52.26 -18.62
CA ASP I 1070 -110.70 51.99 -19.63
C ASP I 1070 -111.92 52.87 -19.50
N THR I 1071 -112.03 53.63 -18.43
CA THR I 1071 -113.15 54.54 -18.30
C THR I 1071 -112.94 55.73 -19.25
N PRO I 1072 -113.94 56.08 -20.06
CA PRO I 1072 -113.77 57.22 -20.96
C PRO I 1072 -113.72 58.53 -20.20
N GLY I 1073 -113.05 59.51 -20.82
CA GLY I 1073 -112.92 60.81 -20.19
C GLY I 1073 -111.96 60.82 -19.02
N VAL I 1074 -110.94 59.96 -19.05
CA VAL I 1074 -109.97 59.85 -17.97
C VAL I 1074 -108.61 60.13 -18.58
N HIS I 1075 -108.01 61.26 -18.22
CA HIS I 1075 -106.71 61.63 -18.75
C HIS I 1075 -105.62 60.88 -17.99
N ILE I 1076 -104.61 60.42 -18.73
CA ILE I 1076 -103.57 59.54 -18.22
C ILE I 1076 -102.21 60.18 -18.50
N PHE I 1077 -101.50 60.53 -17.44
CA PHE I 1077 -100.28 61.31 -17.56
C PHE I 1077 -99.09 60.38 -17.37
N GLY I 1078 -98.34 60.16 -18.44
CA GLY I 1078 -97.20 59.28 -18.37
C GLY I 1078 -95.91 60.03 -18.09
N ARG I 1079 -95.00 60.01 -19.07
CA ARG I 1079 -93.69 60.63 -18.90
C ARG I 1079 -93.72 62.11 -19.24
N ASP I 1080 -94.11 62.42 -20.48
CA ASP I 1080 -93.90 63.74 -21.07
C ASP I 1080 -95.02 64.67 -20.62
N CYS I 1081 -94.89 65.17 -19.40
CA CYS I 1081 -95.88 66.09 -18.85
C CYS I 1081 -95.15 67.36 -18.39
N ARG I 1082 -95.71 68.51 -18.76
CA ARG I 1082 -95.22 69.81 -18.34
C ARG I 1082 -96.41 70.68 -18.00
N ILE I 1083 -96.18 71.64 -17.11
CA ILE I 1083 -97.26 72.43 -16.54
C ILE I 1083 -97.08 73.88 -16.95
N SER I 1084 -98.12 74.45 -17.54
CA SER I 1084 -98.13 75.84 -17.96
C SER I 1084 -99.07 76.64 -17.07
N PHE I 1085 -98.65 77.86 -16.72
CA PHE I 1085 -99.46 78.71 -15.87
C PHE I 1085 -100.59 79.34 -16.67
N GLY I 1086 -101.46 80.06 -15.95
CA GLY I 1086 -102.52 80.79 -16.60
C GLY I 1086 -102.58 82.24 -16.16
N MET I 1087 -102.29 83.15 -17.08
CA MET I 1087 -102.45 84.57 -16.81
C MET I 1087 -103.86 84.98 -17.18
N ASN I 1088 -104.37 86.00 -16.49
CA ASN I 1088 -105.64 86.68 -16.80
C ASN I 1088 -106.82 85.73 -16.63
N GLY I 1089 -106.81 84.98 -15.54
CA GLY I 1089 -107.95 84.16 -15.17
C GLY I 1089 -108.09 82.87 -15.92
N ALA I 1090 -107.31 82.65 -16.98
CA ALA I 1090 -107.34 81.38 -17.69
C ALA I 1090 -106.77 80.28 -16.80
N ALA I 1091 -107.31 79.09 -16.95
CA ALA I 1091 -106.97 77.99 -16.05
C ALA I 1091 -105.54 77.54 -16.29
N PRO I 1092 -104.81 77.20 -15.23
CA PRO I 1092 -103.46 76.65 -15.41
C PRO I 1092 -103.50 75.29 -16.07
N MET I 1093 -102.45 75.01 -16.83
CA MET I 1093 -102.50 74.03 -17.90
C MET I 1093 -101.49 72.92 -17.67
N ILE I 1094 -101.91 71.69 -17.93
CA ILE I 1094 -101.03 70.53 -17.91
C ILE I 1094 -101.33 69.69 -19.15
N ARG I 1095 -100.30 69.00 -19.66
CA ARG I 1095 -100.41 68.29 -20.92
C ARG I 1095 -100.49 66.78 -20.70
N ASP I 1096 -101.40 66.16 -21.46
CA ASP I 1096 -101.56 64.71 -21.54
C ASP I 1096 -100.29 64.05 -22.08
N GLU I 1097 -100.17 62.75 -21.81
CA GLU I 1097 -99.14 61.94 -22.46
C GLU I 1097 -99.40 61.82 -23.96
N THR I 1098 -100.66 61.91 -24.38
CA THR I 1098 -100.95 61.97 -25.81
C THR I 1098 -100.56 63.31 -26.42
N GLY I 1099 -100.35 64.34 -25.60
CA GLY I 1099 -99.98 65.64 -26.08
C GLY I 1099 -101.07 66.69 -25.99
N MET I 1100 -102.14 66.43 -25.26
CA MET I 1100 -103.27 67.35 -25.18
C MET I 1100 -103.22 68.15 -23.88
N MET I 1101 -103.41 69.45 -24.01
CA MET I 1101 -103.36 70.32 -22.85
C MET I 1101 -104.71 70.30 -22.14
N VAL I 1102 -104.69 70.14 -20.81
CA VAL I 1102 -105.94 70.04 -20.05
C VAL I 1102 -105.87 70.89 -18.80
N PRO I 1103 -107.03 71.41 -18.38
CA PRO I 1103 -107.11 72.09 -17.08
C PRO I 1103 -107.18 71.06 -15.95
N PHE I 1104 -107.34 71.58 -14.73
CA PHE I 1104 -107.19 70.75 -13.53
C PHE I 1104 -108.54 70.18 -13.10
N GLU I 1105 -109.07 69.30 -13.93
CA GLU I 1105 -110.37 68.71 -13.66
C GLU I 1105 -110.34 67.22 -13.96
N GLY I 1106 -111.44 66.55 -13.61
CA GLY I 1106 -111.69 65.20 -14.07
C GLY I 1106 -110.82 64.16 -13.38
N ASN I 1107 -111.01 62.92 -13.82
CA ASN I 1107 -110.31 61.79 -13.25
C ASN I 1107 -108.95 61.62 -13.92
N TRP I 1108 -107.88 61.57 -13.12
CA TRP I 1108 -106.54 61.41 -13.65
C TRP I 1108 -105.90 60.16 -13.08
N ILE I 1109 -104.86 59.69 -13.76
CA ILE I 1109 -104.11 58.49 -13.38
C ILE I 1109 -102.64 58.82 -13.39
N PHE I 1110 -101.96 58.64 -12.27
CA PHE I 1110 -100.54 58.91 -12.19
C PHE I 1110 -99.78 57.64 -11.91
N PRO I 1111 -98.55 57.51 -12.42
CA PRO I 1111 -97.58 56.65 -11.76
C PRO I 1111 -97.05 57.31 -10.51
N LEU I 1112 -96.69 56.46 -9.54
CA LEU I 1112 -96.24 56.94 -8.24
C LEU I 1112 -94.90 57.66 -8.32
N ALA I 1113 -94.03 57.20 -9.21
CA ALA I 1113 -92.72 57.83 -9.38
C ALA I 1113 -92.81 59.23 -9.93
N LEU I 1114 -93.88 59.54 -10.67
CA LEU I 1114 -94.10 60.91 -11.13
C LEU I 1114 -94.30 61.85 -9.96
N TRP I 1115 -95.17 61.47 -9.04
CA TRP I 1115 -95.39 62.27 -7.83
C TRP I 1115 -94.13 62.33 -6.99
N GLN I 1116 -93.37 61.24 -6.94
CA GLN I 1116 -92.16 61.24 -6.12
C GLN I 1116 -91.10 62.16 -6.70
N MET I 1117 -90.96 62.20 -8.01
CA MET I 1117 -89.92 63.04 -8.59
C MET I 1117 -90.34 64.49 -8.69
N ASN I 1118 -91.64 64.78 -8.58
CA ASN I 1118 -92.05 66.18 -8.51
C ASN I 1118 -92.91 66.44 -7.30
N THR I 1119 -92.49 65.89 -6.16
CA THR I 1119 -93.31 65.85 -4.94
C THR I 1119 -93.49 67.20 -4.26
N ARG I 1120 -92.82 68.24 -4.70
CA ARG I 1120 -93.05 69.56 -4.12
C ARG I 1120 -93.68 70.53 -5.10
N TYR I 1121 -93.21 70.53 -6.34
CA TYR I 1121 -93.79 71.40 -7.36
C TYR I 1121 -95.24 71.04 -7.64
N PHE I 1122 -95.58 69.75 -7.54
CA PHE I 1122 -96.98 69.35 -7.71
C PHE I 1122 -97.85 69.79 -6.54
N ASN I 1123 -97.27 69.98 -5.35
CA ASN I 1123 -98.07 70.28 -4.18
C ASN I 1123 -98.75 71.62 -4.29
N GLN I 1124 -97.97 72.67 -4.54
CA GLN I 1124 -98.52 74.03 -4.60
C GLN I 1124 -99.41 74.23 -5.82
N GLN I 1125 -99.33 73.36 -6.81
CA GLN I 1125 -100.24 73.41 -7.94
C GLN I 1125 -101.51 72.60 -7.72
N PHE I 1126 -101.47 71.56 -6.89
CA PHE I 1126 -102.55 70.59 -6.85
C PHE I 1126 -103.39 70.62 -5.59
N ASP I 1127 -102.80 70.97 -4.45
CA ASP I 1127 -103.43 70.71 -3.15
C ASP I 1127 -104.71 71.50 -2.94
N ALA I 1128 -104.79 72.72 -3.48
CA ALA I 1128 -106.01 73.50 -3.32
C ALA I 1128 -107.12 72.95 -4.19
N TRP I 1129 -106.79 72.46 -5.38
CA TRP I 1129 -107.81 71.94 -6.28
C TRP I 1129 -108.32 70.57 -5.84
N ILE I 1130 -107.61 69.91 -4.92
CA ILE I 1130 -108.10 68.64 -4.40
C ILE I 1130 -109.02 68.86 -3.22
N LYS I 1131 -108.68 69.82 -2.36
CA LYS I 1131 -109.40 70.02 -1.11
C LYS I 1131 -110.84 70.47 -1.35
N THR I 1132 -111.04 71.44 -2.21
CA THR I 1132 -112.36 71.94 -2.49
C THR I 1132 -112.83 71.69 -3.91
N GLY I 1133 -111.92 71.57 -4.87
CA GLY I 1133 -112.28 71.48 -6.27
C GLY I 1133 -112.75 70.10 -6.68
N GLU I 1134 -112.61 69.81 -7.97
CA GLU I 1134 -113.16 68.61 -8.58
C GLU I 1134 -112.09 67.89 -9.38
N LEU I 1135 -110.93 67.69 -8.77
CA LEU I 1135 -109.83 66.95 -9.37
C LEU I 1135 -109.64 65.66 -8.58
N ARG I 1136 -109.82 64.52 -9.25
CA ARG I 1136 -109.72 63.22 -8.61
C ARG I 1136 -108.53 62.47 -9.19
N ILE I 1137 -107.68 61.97 -8.31
CA ILE I 1137 -106.40 61.37 -8.69
C ILE I 1137 -106.41 59.91 -8.26
N ARG I 1138 -106.04 59.01 -9.18
CA ARG I 1138 -105.81 57.61 -8.84
C ARG I 1138 -104.32 57.35 -9.03
N ILE I 1139 -103.58 57.42 -7.94
CA ILE I 1139 -102.16 57.11 -7.97
C ILE I 1139 -101.99 55.60 -7.90
N GLU I 1140 -101.37 55.02 -8.93
CA GLU I 1140 -101.09 53.59 -8.88
C GLU I 1140 -99.97 53.32 -7.88
N MET I 1141 -100.16 52.34 -7.05
CA MET I 1141 -99.13 51.99 -6.08
C MET I 1141 -98.82 50.50 -6.08
N GLY I 1142 -99.83 49.66 -6.29
CA GLY I 1142 -99.65 48.24 -6.18
C GLY I 1142 -99.66 47.77 -4.74
N ALA I 1143 -98.58 48.05 -4.03
CA ALA I 1143 -98.39 47.59 -2.67
C ALA I 1143 -98.16 48.77 -1.75
N TYR I 1144 -98.80 48.74 -0.58
CA TYR I 1144 -98.56 49.78 0.41
C TYR I 1144 -98.99 49.29 1.78
N PRO I 1145 -98.25 49.61 2.83
CA PRO I 1145 -98.76 49.45 4.19
C PRO I 1145 -99.74 50.57 4.50
N TYR I 1146 -100.54 50.36 5.54
CA TYR I 1146 -101.61 51.31 5.78
C TYR I 1146 -101.86 51.50 7.26
N MET I 1147 -102.22 52.73 7.61
CA MET I 1147 -102.63 53.15 8.93
C MET I 1147 -104.16 53.22 8.97
N LEU I 1148 -104.72 53.06 10.16
CA LEU I 1148 -106.15 53.21 10.35
C LEU I 1148 -106.46 54.31 11.35
N HIS I 1149 -107.66 54.85 11.23
CA HIS I 1149 -108.21 55.78 12.20
C HIS I 1149 -109.71 55.54 12.27
N TYR I 1150 -110.24 55.42 13.48
CA TYR I 1150 -111.67 55.25 13.65
C TYR I 1150 -112.28 56.55 14.13
N TYR I 1151 -113.61 56.63 14.07
CA TYR I 1151 -114.30 57.81 14.56
C TYR I 1151 -115.72 57.45 14.96
N ASP I 1152 -116.29 58.29 15.80
CA ASP I 1152 -117.71 58.20 16.11
C ASP I 1152 -118.50 58.71 14.92
N PRO I 1153 -119.42 57.93 14.36
CA PRO I 1153 -120.25 58.43 13.27
C PRO I 1153 -121.24 59.50 13.69
N ARG I 1154 -121.54 59.61 14.99
CA ARG I 1154 -122.40 60.69 15.45
C ARG I 1154 -121.72 62.04 15.43
N GLN I 1155 -120.39 62.07 15.32
CA GLN I 1155 -119.64 63.32 15.36
C GLN I 1155 -119.23 63.73 13.96
N TYR I 1156 -118.90 65.01 13.84
CA TYR I 1156 -118.29 65.52 12.62
C TYR I 1156 -116.89 64.95 12.46
N ALA I 1157 -116.45 64.81 11.22
CA ALA I 1157 -115.12 64.29 10.97
C ALA I 1157 -114.56 64.92 9.70
N ASN I 1158 -113.24 64.83 9.56
CA ASN I 1158 -112.55 65.39 8.40
C ASN I 1158 -111.25 64.62 8.21
N ALA I 1159 -110.80 64.57 6.97
CA ALA I 1159 -109.62 63.79 6.62
C ALA I 1159 -108.44 64.64 6.18
N TRP I 1160 -108.61 65.96 6.10
CA TRP I 1160 -107.61 66.79 5.46
C TRP I 1160 -106.34 66.88 6.29
N ASN I 1161 -106.45 66.87 7.61
CA ASN I 1161 -105.27 66.98 8.45
C ASN I 1161 -104.40 65.72 8.37
N LEU I 1162 -105.00 64.57 8.13
CA LEU I 1162 -104.21 63.38 7.88
C LEU I 1162 -103.62 63.40 6.48
N THR I 1163 -104.48 63.64 5.47
CA THR I 1163 -104.03 63.40 4.11
C THR I 1163 -103.13 64.49 3.58
N SER I 1164 -103.20 65.71 4.13
CA SER I 1164 -102.30 66.76 3.68
C SER I 1164 -100.90 66.47 4.19
N ALA I 1165 -100.81 65.98 5.43
CA ALA I 1165 -99.55 65.53 5.98
C ALA I 1165 -98.97 64.38 5.16
N TRP I 1166 -99.83 63.45 4.71
CA TRP I 1166 -99.34 62.34 3.91
C TRP I 1166 -98.83 62.80 2.54
N LEU I 1167 -99.61 63.66 1.87
CA LEU I 1167 -99.23 64.16 0.54
C LEU I 1167 -97.96 64.98 0.59
N GLU I 1168 -97.76 65.77 1.65
CA GLU I 1168 -96.50 66.49 1.70
C GLU I 1168 -95.36 65.58 2.14
N GLU I 1169 -95.65 64.56 2.95
CA GLU I 1169 -94.62 63.70 3.48
C GLU I 1169 -94.09 62.72 2.45
N ILE I 1170 -94.81 62.52 1.35
CA ILE I 1170 -94.25 61.74 0.24
C ILE I 1170 -93.04 62.45 -0.33
N THR I 1171 -91.88 61.85 -0.16
CA THR I 1171 -90.45 61.90 -0.36
C THR I 1171 -90.12 61.28 -1.72
N PRO I 1172 -89.14 61.81 -2.44
CA PRO I 1172 -88.69 61.14 -3.68
C PRO I 1172 -88.13 59.75 -3.46
N THR I 1173 -87.63 59.44 -2.27
CA THR I 1173 -87.07 58.11 -2.05
C THR I 1173 -87.85 57.29 -1.03
N SER I 1174 -88.94 57.81 -0.46
CA SER I 1174 -89.69 57.02 0.50
C SER I 1174 -91.14 57.50 0.55
N ILE I 1175 -91.97 56.71 1.21
CA ILE I 1175 -93.33 57.11 1.55
C ILE I 1175 -93.61 56.70 2.99
N PRO I 1176 -94.54 57.36 3.63
CA PRO I 1176 -95.03 56.84 4.91
C PRO I 1176 -96.21 55.93 4.71
N SER I 1177 -96.78 55.43 5.80
CA SER I 1177 -97.96 54.59 5.71
C SER I 1177 -99.15 55.41 5.23
N VAL I 1178 -100.13 54.71 4.67
CA VAL I 1178 -101.27 55.35 4.02
C VAL I 1178 -102.43 55.39 5.02
N PRO I 1179 -102.92 56.55 5.40
CA PRO I 1179 -104.00 56.62 6.39
C PRO I 1179 -105.36 56.31 5.77
N PHE I 1180 -106.28 55.88 6.62
CA PHE I 1180 -107.66 55.67 6.25
C PHE I 1180 -108.54 56.04 7.42
N MET I 1181 -109.79 56.35 7.14
CA MET I 1181 -110.75 56.71 8.17
C MET I 1181 -112.03 55.92 7.94
N VAL I 1182 -112.23 54.86 8.72
CA VAL I 1182 -113.46 54.09 8.61
C VAL I 1182 -114.24 54.37 9.89
N PRO I 1183 -115.57 54.28 9.87
CA PRO I 1183 -116.33 54.52 11.09
C PRO I 1183 -116.35 53.30 12.01
N ILE I 1184 -116.81 53.54 13.23
CA ILE I 1184 -117.02 52.46 14.18
C ILE I 1184 -118.43 51.92 14.00
N SER I 1185 -118.53 50.61 13.81
CA SER I 1185 -119.84 49.98 13.67
C SER I 1185 -120.58 50.02 15.00
N SER I 1186 -121.84 50.41 14.97
CA SER I 1186 -122.62 50.58 16.17
C SER I 1186 -123.51 49.38 16.44
N ASP I 1187 -124.12 49.38 17.62
CA ASP I 1187 -125.04 48.34 18.04
C ASP I 1187 -126.48 48.73 17.72
N HIS I 1188 -126.96 49.80 18.34
CA HIS I 1188 -128.31 50.27 18.14
C HIS I 1188 -128.35 51.23 16.97
N ASP I 1189 -129.45 51.94 16.81
CA ASP I 1189 -129.52 52.96 15.77
C ASP I 1189 -129.03 54.29 16.33
N ILE I 1190 -128.25 55.00 15.53
CA ILE I 1190 -127.63 56.25 15.94
C ILE I 1190 -128.06 57.36 15.00
N SER I 1191 -127.62 58.57 15.30
CA SER I 1191 -127.84 59.71 14.44
C SER I 1191 -126.84 59.68 13.29
N SER I 1192 -127.00 60.62 12.36
CA SER I 1192 -126.15 60.68 11.18
C SER I 1192 -125.46 62.03 11.11
N ALA I 1193 -124.13 62.02 11.03
CA ALA I 1193 -123.36 63.24 10.94
C ALA I 1193 -122.50 63.21 9.68
N PRO I 1194 -122.35 64.34 8.99
CA PRO I 1194 -121.60 64.35 7.73
C PRO I 1194 -120.09 64.22 7.97
N ALA I 1195 -119.53 63.13 7.47
CA ALA I 1195 -118.10 62.89 7.50
C ALA I 1195 -117.53 63.04 6.10
N VAL I 1196 -116.32 63.58 6.02
CA VAL I 1196 -115.71 63.96 4.75
C VAL I 1196 -114.44 63.14 4.58
N GLN I 1197 -114.43 62.26 3.58
CA GLN I 1197 -113.33 61.34 3.35
C GLN I 1197 -112.62 61.67 2.05
N TYR I 1198 -111.32 61.44 2.05
CA TYR I 1198 -110.47 61.78 0.93
C TYR I 1198 -109.71 60.60 0.36
N ILE I 1199 -109.35 59.62 1.18
CA ILE I 1199 -108.53 58.50 0.75
C ILE I 1199 -109.38 57.24 0.76
N ILE I 1200 -109.49 56.60 -0.40
CA ILE I 1200 -110.14 55.29 -0.51
C ILE I 1200 -109.19 54.33 -1.20
N SER I 1201 -109.44 53.05 -1.03
CA SER I 1201 -108.71 52.04 -1.76
C SER I 1201 -109.40 51.74 -3.08
N THR I 1202 -108.84 50.81 -3.83
CA THR I 1202 -109.46 50.40 -5.08
C THR I 1202 -110.34 49.18 -4.89
N GLU I 1203 -109.79 48.08 -4.41
CA GLU I 1203 -110.54 46.84 -4.31
C GLU I 1203 -110.60 46.38 -2.87
N TYR I 1204 -111.22 45.23 -2.68
CA TYR I 1204 -111.66 44.75 -1.37
C TYR I 1204 -110.47 44.35 -0.51
N ASN I 1205 -110.29 45.04 0.62
CA ASN I 1205 -109.25 44.70 1.58
C ASN I 1205 -109.87 44.66 2.97
N ASP I 1206 -110.54 43.54 3.29
CA ASP I 1206 -111.20 43.41 4.57
C ASP I 1206 -111.03 42.02 5.16
N ARG I 1207 -110.10 41.22 4.64
CA ARG I 1207 -109.89 39.88 5.16
C ARG I 1207 -109.35 39.91 6.57
N SER I 1208 -108.68 41.00 6.95
CA SER I 1208 -108.21 41.14 8.32
C SER I 1208 -109.33 41.32 9.31
N LEU I 1209 -110.49 41.82 8.89
CA LEU I 1209 -111.59 42.03 9.82
C LEU I 1209 -112.15 40.68 10.25
N PHE I 1210 -112.37 40.52 11.55
CA PHE I 1210 -112.84 39.25 12.07
C PHE I 1210 -114.32 39.26 12.39
N CYS I 1211 -114.77 40.17 13.25
CA CYS I 1211 -116.18 40.27 13.60
C CYS I 1211 -116.44 41.65 14.14
N THR I 1212 -117.70 42.07 14.04
CA THR I 1212 -118.15 43.36 14.54
C THR I 1212 -119.28 43.17 15.52
N ASN I 1213 -119.20 43.88 16.66
CA ASN I 1213 -120.18 43.85 17.74
C ASN I 1213 -120.41 42.42 18.24
N SER I 1214 -119.33 41.80 18.71
CA SER I 1214 -119.34 40.38 19.00
C SER I 1214 -120.24 40.04 20.18
N SER I 1215 -120.31 40.90 21.18
CA SER I 1215 -121.17 40.67 22.33
C SER I 1215 -122.57 41.21 22.13
N SER I 1216 -122.82 41.78 21.05
CA SER I 1216 -124.13 42.27 20.66
C SER I 1216 -124.87 41.23 19.84
N PRO I 1217 -126.21 41.23 19.85
CA PRO I 1217 -126.93 40.28 19.01
C PRO I 1217 -126.90 40.62 17.53
N GLN I 1218 -127.08 41.89 17.17
CA GLN I 1218 -127.04 42.24 15.78
C GLN I 1218 -126.38 43.60 15.63
N THR I 1219 -125.94 43.87 14.42
CA THR I 1219 -125.28 45.13 14.09
C THR I 1219 -126.18 45.92 13.15
N ILE I 1220 -126.45 47.18 13.51
CA ILE I 1220 -127.34 48.01 12.71
C ILE I 1220 -126.53 48.94 11.82
N ALA I 1221 -125.76 49.83 12.43
CA ALA I 1221 -125.05 50.86 11.69
C ALA I 1221 -123.59 50.49 11.55
N GLY I 1222 -123.07 50.63 10.33
CA GLY I 1222 -121.68 50.36 10.09
C GLY I 1222 -121.48 49.08 9.31
N PRO I 1223 -120.23 48.76 8.97
CA PRO I 1223 -119.94 47.49 8.31
C PRO I 1223 -120.12 46.29 9.23
N ASP I 1224 -121.13 45.47 8.99
CA ASP I 1224 -121.34 44.28 9.80
C ASP I 1224 -120.66 43.08 9.16
N LYS I 1225 -120.37 42.07 9.99
CA LYS I 1225 -119.67 40.89 9.50
C LYS I 1225 -119.80 39.78 10.53
N HIS I 1226 -120.26 38.61 10.09
CA HIS I 1226 -120.43 37.45 10.96
C HIS I 1226 -119.11 36.71 11.10
N ILE I 1227 -119.02 35.91 12.15
CA ILE I 1227 -117.81 35.13 12.48
C ILE I 1227 -117.58 34.09 11.38
N PRO I 1228 -116.37 34.03 10.77
CA PRO I 1228 -116.22 33.33 9.48
C PRO I 1228 -116.27 31.80 9.53
N VAL I 1229 -117.36 31.24 9.00
CA VAL I 1229 -117.48 29.79 8.92
C VAL I 1229 -116.52 29.22 7.88
N GLU I 1230 -116.19 30.01 6.85
CA GLU I 1230 -115.25 29.58 5.84
C GLU I 1230 -113.85 29.47 6.39
N ARG I 1231 -113.54 30.19 7.47
CA ARG I 1231 -112.40 29.81 8.28
C ARG I 1231 -112.73 28.57 9.10
N TYR I 1232 -113.70 28.68 10.01
CA TYR I 1232 -113.99 27.54 10.87
C TYR I 1232 -114.89 26.52 10.16
N ASN I 1233 -114.32 25.94 9.10
CA ASN I 1233 -114.96 24.91 8.29
C ASN I 1233 -115.33 23.68 9.13
N ILE I 1234 -114.39 23.18 9.94
CA ILE I 1234 -114.51 21.86 10.54
C ILE I 1234 -115.62 21.83 11.58
N LEU I 1235 -115.87 22.96 12.23
CA LEU I 1235 -116.99 23.06 13.16
C LEU I 1235 -118.31 23.03 12.40
N THR I 1236 -118.42 23.83 11.35
CA THR I 1236 -119.71 24.08 10.73
C THR I 1236 -120.05 23.09 9.61
N ASN I 1237 -119.14 22.23 9.22
CA ASN I 1237 -119.40 21.28 8.14
C ASN I 1237 -119.35 19.87 8.70
N PRO I 1238 -120.51 19.21 8.87
CA PRO I 1238 -120.47 17.79 9.23
C PRO I 1238 -119.96 16.91 8.12
N ASP I 1239 -120.08 17.34 6.86
CA ASP I 1239 -119.63 16.54 5.75
C ASP I 1239 -118.11 16.53 5.61
N ALA I 1240 -117.44 17.51 6.17
CA ALA I 1240 -116.01 17.64 5.96
C ALA I 1240 -115.26 16.60 6.79
N PRO I 1241 -114.31 15.88 6.19
CA PRO I 1241 -113.40 15.07 7.00
C PRO I 1241 -112.51 15.94 7.84
N PRO I 1242 -112.04 15.45 8.98
CA PRO I 1242 -111.28 16.32 9.90
C PRO I 1242 -109.93 16.73 9.37
N THR I 1243 -109.30 15.95 8.51
CA THR I 1243 -107.99 16.30 7.97
C THR I 1243 -108.13 16.96 6.61
N GLN I 1244 -108.81 18.11 6.59
CA GLN I 1244 -109.02 18.83 5.33
C GLN I 1244 -108.68 20.29 5.52
N ILE I 1245 -107.70 20.76 4.77
CA ILE I 1245 -107.29 22.16 4.80
C ILE I 1245 -107.44 22.73 3.40
N GLN I 1246 -107.89 23.98 3.33
CA GLN I 1246 -107.95 24.70 2.06
C GLN I 1246 -106.77 25.64 1.95
N LEU I 1247 -105.59 25.03 1.94
CA LEU I 1247 -104.37 25.72 2.33
C LEU I 1247 -103.93 26.87 1.43
N PRO I 1248 -103.96 26.79 0.09
CA PRO I 1248 -103.55 27.98 -0.68
C PRO I 1248 -104.56 29.11 -0.67
N GLU I 1249 -105.74 28.93 -0.07
CA GLU I 1249 -106.75 29.99 -0.07
C GLU I 1249 -107.04 30.51 1.33
N VAL I 1250 -107.51 29.68 2.24
CA VAL I 1250 -107.88 30.14 3.57
C VAL I 1250 -107.12 29.34 4.62
N VAL I 1251 -106.88 30.00 5.74
CA VAL I 1251 -106.00 29.49 6.78
C VAL I 1251 -106.72 28.60 7.80
N ASP I 1252 -107.98 28.91 8.09
CA ASP I 1252 -109.02 28.17 8.80
C ASP I 1252 -108.88 28.15 10.32
N LEU I 1253 -107.76 28.61 10.89
CA LEU I 1253 -107.58 28.91 12.32
C LEU I 1253 -107.80 27.74 13.27
N TYR I 1254 -108.02 26.54 12.76
CA TYR I 1254 -108.49 25.41 13.54
C TYR I 1254 -108.33 24.16 12.70
N ASN I 1255 -107.69 23.13 13.22
CA ASN I 1255 -107.67 21.84 12.53
C ASN I 1255 -107.44 20.75 13.56
N VAL I 1256 -107.21 19.54 13.05
CA VAL I 1256 -106.53 18.53 13.85
C VAL I 1256 -105.04 18.84 13.82
N VAL I 1257 -104.42 18.82 14.98
CA VAL I 1257 -102.98 18.89 15.05
C VAL I 1257 -102.50 17.66 15.81
N THR I 1258 -101.35 17.16 15.41
CA THR I 1258 -100.68 16.11 16.14
C THR I 1258 -99.65 16.73 17.08
N ARG I 1259 -99.34 16.00 18.15
CA ARG I 1259 -98.27 16.34 19.05
C ARG I 1259 -97.61 15.03 19.39
N TYR I 1260 -96.29 15.02 19.52
CA TYR I 1260 -95.56 13.77 19.61
C TYR I 1260 -95.04 13.52 21.01
N ALA I 1261 -94.30 12.42 21.14
CA ALA I 1261 -93.63 12.13 22.40
C ALA I 1261 -92.29 11.44 22.19
N TYR I 1262 -91.63 11.70 21.07
CA TYR I 1262 -90.37 11.02 20.79
C TYR I 1262 -89.27 11.53 21.72
N GLU I 1263 -88.18 10.79 21.75
CA GLU I 1263 -87.06 11.13 22.60
C GLU I 1263 -85.79 11.09 21.77
N THR I 1264 -84.89 12.02 22.03
CA THR I 1264 -83.64 12.18 21.28
C THR I 1264 -82.47 11.86 22.21
N PRO I 1265 -82.00 10.62 22.23
CA PRO I 1265 -80.93 10.24 23.15
C PRO I 1265 -79.57 10.37 22.52
N PRO I 1266 -78.50 10.44 23.31
CA PRO I 1266 -77.16 10.35 22.75
C PRO I 1266 -76.79 8.92 22.35
N ILE I 1267 -76.07 8.84 21.23
CA ILE I 1267 -75.74 7.57 20.59
C ILE I 1267 -74.81 6.76 21.47
N THR I 1268 -73.90 7.41 22.19
CA THR I 1268 -73.02 6.70 23.11
C THR I 1268 -73.75 6.23 24.35
N ALA I 1269 -74.97 6.71 24.60
CA ALA I 1269 -75.81 6.14 25.63
C ALA I 1269 -76.79 5.11 25.10
N VAL I 1270 -76.98 5.05 23.78
CA VAL I 1270 -77.80 3.98 23.22
C VAL I 1270 -76.97 2.74 22.97
N VAL I 1271 -75.96 2.84 22.13
CA VAL I 1271 -75.17 1.67 21.77
C VAL I 1271 -73.93 1.61 22.66
N MET I 1272 -73.60 0.41 23.11
CA MET I 1272 -72.49 0.17 24.02
C MET I 1272 -71.34 -0.49 23.28
N GLY I 1273 -70.14 -0.31 23.82
CA GLY I 1273 -68.95 -1.02 23.35
C GLY I 1273 -68.60 -2.10 24.35
N VAL I 1274 -68.09 -3.23 23.85
CA VAL I 1274 -67.97 -4.41 24.70
C VAL I 1274 -66.79 -4.42 25.67
N PRO I 1275 -65.58 -3.87 25.37
CA PRO I 1275 -64.69 -3.93 26.54
C PRO I 1275 -64.93 -2.75 27.47
N ILE J 216 34.18 98.06 -16.97
CA ILE J 216 33.44 97.05 -16.22
C ILE J 216 31.97 97.10 -16.63
N GLN J 217 31.55 98.27 -17.14
CA GLN J 217 30.16 98.47 -17.54
C GLN J 217 29.83 97.63 -18.76
N ARG J 218 30.81 97.42 -19.64
CA ARG J 218 30.65 96.50 -20.75
C ARG J 218 30.38 95.10 -20.25
N HIS J 219 31.08 94.69 -19.19
CA HIS J 219 30.86 93.38 -18.60
C HIS J 219 29.49 93.29 -17.95
N ILE J 220 29.01 94.40 -17.38
CA ILE J 220 27.65 94.42 -16.83
C ILE J 220 26.62 94.18 -17.91
N THR J 221 26.76 94.90 -19.04
CA THR J 221 25.81 94.78 -20.15
C THR J 221 25.80 93.38 -20.72
N GLU J 222 26.98 92.80 -20.96
CA GLU J 222 27.01 91.46 -21.54
C GLU J 222 26.59 90.40 -20.54
N PHE J 223 26.78 90.61 -19.23
CA PHE J 223 26.28 89.60 -18.30
C PHE J 223 24.77 89.63 -18.20
N ILE J 224 24.17 90.82 -18.31
CA ILE J 224 22.71 90.84 -18.33
C ILE J 224 22.19 90.26 -19.65
N SER J 225 22.94 90.42 -20.75
CA SER J 225 22.53 89.73 -21.98
C SER J 225 22.68 88.21 -21.85
N SER J 226 23.69 87.76 -21.11
CA SER J 226 23.81 86.34 -20.80
C SER J 226 22.74 85.87 -19.84
N TRP J 227 22.13 86.79 -19.09
CA TRP J 227 20.93 86.42 -18.34
C TRP J 227 19.74 86.27 -19.28
N GLN J 228 19.64 87.14 -20.29
CA GLN J 228 18.57 86.97 -21.28
C GLN J 228 18.85 85.87 -22.29
N ASN J 229 20.00 85.23 -22.21
CA ASN J 229 20.33 83.99 -22.91
C ASN J 229 19.53 82.73 -22.34
N HIS J 230 18.53 82.88 -21.44
CA HIS J 230 17.78 81.73 -20.98
C HIS J 230 16.78 81.29 -22.05
N PRO J 231 16.65 79.99 -22.30
CA PRO J 231 15.67 79.52 -23.27
C PRO J 231 14.27 79.50 -22.67
N ILE J 232 13.29 79.86 -23.49
CA ILE J 232 11.93 79.93 -23.01
C ILE J 232 11.22 78.58 -23.05
N VAL J 233 11.56 77.72 -24.02
CA VAL J 233 10.91 76.44 -24.20
C VAL J 233 12.00 75.38 -24.30
N GLN J 234 12.03 74.47 -23.34
CA GLN J 234 13.00 73.39 -23.37
C GLN J 234 12.44 72.24 -22.56
N VAL J 235 12.19 71.10 -23.21
CA VAL J 235 11.71 69.93 -22.52
C VAL J 235 12.92 69.31 -21.83
N SER J 236 13.14 69.69 -20.58
CA SER J 236 14.34 69.24 -19.89
C SER J 236 14.04 68.02 -19.01
N ALA J 237 12.83 67.93 -18.51
CA ALA J 237 12.48 66.84 -17.60
C ALA J 237 12.20 65.56 -18.38
N ASP J 238 12.01 64.48 -17.63
CA ASP J 238 11.68 63.20 -18.23
C ASP J 238 10.17 63.05 -18.26
N VAL J 239 9.65 62.38 -19.28
CA VAL J 239 8.34 62.68 -19.82
C VAL J 239 7.34 61.56 -19.57
N GLU J 240 7.81 60.36 -19.20
CA GLU J 240 6.99 59.16 -19.41
C GLU J 240 5.81 59.07 -18.44
N ASN J 241 5.88 59.71 -17.28
CA ASN J 241 4.72 59.67 -16.40
C ASN J 241 3.68 60.70 -16.82
N ARG J 242 4.13 61.83 -17.38
CA ARG J 242 3.22 62.69 -18.14
C ARG J 242 2.62 61.94 -19.31
N LYS J 243 3.36 61.00 -19.89
CA LYS J 243 2.83 60.22 -21.01
C LYS J 243 1.82 59.19 -20.55
N THR J 244 2.05 58.58 -19.39
CA THR J 244 1.06 57.73 -18.74
C THR J 244 -0.25 58.49 -18.51
N ALA J 245 -0.14 59.69 -17.96
CA ALA J 245 -1.32 60.50 -17.71
C ALA J 245 -1.98 60.93 -19.01
N GLN J 246 -1.17 61.29 -20.01
CA GLN J 246 -1.68 61.69 -21.32
C GLN J 246 -2.41 60.56 -22.00
N LEU J 247 -1.86 59.35 -21.91
CA LEU J 247 -2.46 58.21 -22.57
C LEU J 247 -3.78 57.82 -21.91
N LEU J 248 -3.80 57.81 -20.58
CA LEU J 248 -5.05 57.51 -19.89
C LEU J 248 -6.10 58.59 -20.12
N HIS J 249 -5.69 59.85 -20.18
CA HIS J 249 -6.68 60.91 -20.30
C HIS J 249 -6.06 62.16 -20.92
N ALA J 250 -6.87 62.91 -21.65
CA ALA J 250 -6.37 64.02 -22.43
C ALA J 250 -7.30 65.21 -22.34
N ASP J 251 -6.76 66.38 -22.69
CA ASP J 251 -7.54 67.61 -22.73
C ASP J 251 -8.27 67.73 -24.05
N THR J 252 -9.58 67.96 -23.98
CA THR J 252 -10.28 68.23 -25.23
C THR J 252 -10.11 69.70 -25.62
N PRO J 253 -10.01 69.98 -26.91
CA PRO J 253 -9.86 71.38 -27.34
C PRO J 253 -11.17 72.15 -27.21
N ARG J 254 -11.04 73.45 -27.34
CA ARG J 254 -12.15 74.38 -27.25
C ARG J 254 -12.53 74.77 -28.68
N LEU J 255 -13.51 74.08 -29.24
CA LEU J 255 -13.94 74.40 -30.60
C LEU J 255 -14.93 75.56 -30.63
N VAL J 256 -16.11 75.36 -30.07
CA VAL J 256 -17.18 76.32 -30.27
C VAL J 256 -16.93 77.55 -29.40
N THR J 257 -16.78 78.69 -30.07
CA THR J 257 -16.31 79.94 -29.48
C THR J 257 -17.00 81.05 -30.25
N TRP J 258 -17.65 81.97 -29.56
CA TRP J 258 -18.63 82.81 -30.21
C TRP J 258 -18.24 84.27 -30.12
N ASP J 259 -18.97 85.09 -30.88
CA ASP J 259 -18.60 86.48 -31.08
C ASP J 259 -19.89 87.28 -31.20
N ALA J 260 -20.07 88.22 -30.30
CA ALA J 260 -21.20 89.13 -30.39
C ALA J 260 -20.86 90.39 -31.18
N GLY J 261 -19.62 90.84 -31.09
CA GLY J 261 -19.21 92.01 -31.84
C GLY J 261 -19.05 91.72 -33.32
N LEU J 262 -18.86 92.78 -34.08
CA LEU J 262 -18.77 92.65 -35.52
C LEU J 262 -17.40 92.10 -35.90
N CYS J 263 -17.40 91.10 -36.78
CA CYS J 263 -16.15 90.47 -37.17
C CYS J 263 -15.40 91.39 -38.12
N THR J 264 -14.24 91.85 -37.68
CA THR J 264 -13.32 92.58 -38.53
C THR J 264 -11.93 92.38 -37.97
N SER J 265 -10.95 92.86 -38.72
CA SER J 265 -9.59 92.85 -38.21
C SER J 265 -8.84 94.13 -38.50
N PHE J 266 -9.45 95.08 -39.18
CA PHE J 266 -8.81 96.34 -39.50
C PHE J 266 -9.56 97.47 -38.81
N LYS J 267 -8.89 98.60 -38.67
CA LYS J 267 -9.55 99.78 -38.12
C LYS J 267 -8.88 101.02 -38.68
N ILE J 268 -9.65 102.08 -38.77
CA ILE J 268 -9.14 103.35 -39.28
C ILE J 268 -8.69 104.19 -38.10
N VAL J 269 -7.47 104.69 -38.15
CA VAL J 269 -6.96 105.53 -37.08
C VAL J 269 -6.68 106.91 -37.67
N PRO J 270 -6.97 107.99 -36.94
CA PRO J 270 -6.44 109.30 -37.34
C PRO J 270 -4.96 109.37 -37.02
N ILE J 271 -4.27 110.26 -37.71
CA ILE J 271 -2.85 110.43 -37.44
C ILE J 271 -2.57 111.83 -36.93
N VAL J 272 -2.83 112.84 -37.75
CA VAL J 272 -2.71 114.22 -37.28
C VAL J 272 -4.09 114.86 -37.26
N PRO J 273 -4.43 115.63 -36.23
CA PRO J 273 -5.75 116.24 -36.17
C PRO J 273 -5.89 117.35 -37.20
N ALA J 274 -7.09 117.43 -37.78
CA ALA J 274 -7.35 118.43 -38.81
C ALA J 274 -7.43 119.82 -38.20
N GLN J 275 -7.16 120.82 -39.02
CA GLN J 275 -7.22 122.20 -38.57
C GLN J 275 -8.68 122.64 -38.44
N VAL J 276 -9.17 122.70 -37.20
CA VAL J 276 -10.52 123.18 -36.96
C VAL J 276 -10.54 124.72 -36.90
N PRO J 277 -9.61 125.43 -36.21
CA PRO J 277 -9.63 126.89 -36.39
C PRO J 277 -8.78 127.37 -37.55
N GLN J 278 -9.40 128.07 -38.50
CA GLN J 278 -8.69 128.77 -39.56
C GLN J 278 -9.58 129.88 -40.07
N ASP J 279 -9.00 130.79 -40.84
CA ASP J 279 -9.77 131.96 -41.24
C ASP J 279 -10.61 131.71 -42.48
N VAL J 280 -10.14 130.87 -43.40
CA VAL J 280 -10.77 130.75 -44.70
C VAL J 280 -12.12 130.04 -44.60
N LEU J 281 -12.28 129.13 -43.66
CA LEU J 281 -13.53 128.42 -43.44
C LEU J 281 -14.03 128.72 -42.05
N ALA J 282 -15.25 129.20 -41.95
CA ALA J 282 -15.86 129.38 -40.65
C ALA J 282 -16.17 128.01 -40.03
N TYR J 283 -16.17 127.97 -38.70
CA TYR J 283 -16.37 126.68 -38.05
C TYR J 283 -17.81 126.21 -38.10
N THR J 284 -18.74 127.03 -38.60
CA THR J 284 -20.11 126.59 -38.81
C THR J 284 -20.26 125.63 -39.97
N PHE J 285 -19.20 125.36 -40.72
CA PHE J 285 -19.27 124.46 -41.85
C PHE J 285 -18.99 123.02 -41.46
N PHE J 286 -18.17 122.78 -40.45
CA PHE J 286 -17.72 121.43 -40.15
C PHE J 286 -18.71 120.73 -39.24
N THR J 287 -18.87 119.42 -39.46
CA THR J 287 -19.74 118.63 -38.58
C THR J 287 -19.18 118.47 -37.19
N SER J 288 -17.86 118.62 -37.03
CA SER J 288 -17.24 118.49 -35.72
C SER J 288 -17.69 119.58 -34.76
N SER J 289 -18.03 120.75 -35.28
CA SER J 289 -18.59 121.79 -34.43
C SER J 289 -20.03 121.48 -34.01
N TYR J 290 -20.71 120.63 -34.75
CA TYR J 290 -22.08 120.23 -34.43
C TYR J 290 -22.13 118.90 -33.70
N ALA J 291 -20.96 118.28 -33.49
CA ALA J 291 -20.79 117.01 -32.78
C ALA J 291 -21.62 115.91 -33.43
N ILE J 292 -21.29 115.63 -34.69
CA ILE J 292 -21.95 114.59 -35.44
C ILE J 292 -21.14 113.31 -35.29
N GLN J 293 -21.78 112.25 -34.81
CA GLN J 293 -21.09 110.97 -34.63
C GLN J 293 -20.92 110.33 -36.01
N SER J 294 -19.86 110.71 -36.65
CA SER J 294 -19.45 110.29 -37.97
C SER J 294 -18.62 109.02 -37.89
N PRO J 295 -18.68 108.15 -38.89
CA PRO J 295 -17.89 106.92 -38.85
C PRO J 295 -16.41 107.15 -39.08
N PHE J 296 -16.05 108.12 -39.90
CA PHE J 296 -14.63 108.17 -40.14
C PHE J 296 -14.01 109.30 -39.35
N PRO J 297 -12.77 109.14 -38.88
CA PRO J 297 -12.14 110.22 -38.10
C PRO J 297 -11.87 111.45 -38.96
N GLU J 298 -12.42 112.58 -38.51
CA GLU J 298 -12.36 113.83 -39.27
C GLU J 298 -11.02 114.51 -39.03
N ALA J 299 -9.98 113.88 -39.55
CA ALA J 299 -8.62 114.30 -39.35
C ALA J 299 -8.00 114.73 -40.66
N ALA J 300 -6.77 115.19 -40.61
CA ALA J 300 -6.07 115.54 -41.83
C ALA J 300 -5.59 114.30 -42.55
N VAL J 301 -4.90 113.42 -41.84
CA VAL J 301 -4.37 112.19 -42.41
C VAL J 301 -4.90 111.02 -41.60
N SER J 302 -5.57 110.10 -42.28
CA SER J 302 -6.08 108.88 -41.66
C SER J 302 -5.48 107.70 -42.38
N ARG J 303 -4.81 106.82 -41.64
CA ARG J 303 -4.34 105.55 -42.16
C ARG J 303 -5.12 104.44 -41.49
N ILE J 304 -5.10 103.26 -42.11
CA ILE J 304 -5.78 102.10 -41.55
C ILE J 304 -4.73 101.18 -40.96
N VAL J 305 -5.05 100.65 -39.77
CA VAL J 305 -4.16 99.77 -39.04
C VAL J 305 -4.92 98.50 -38.71
N VAL J 306 -4.21 97.57 -38.09
CA VAL J 306 -4.63 96.18 -38.01
C VAL J 306 -4.79 95.80 -36.55
N HIS J 307 -6.00 95.39 -36.18
CA HIS J 307 -6.29 94.95 -34.82
C HIS J 307 -7.23 93.76 -34.92
N THR J 308 -6.76 92.60 -34.49
CA THR J 308 -7.65 91.47 -34.34
C THR J 308 -8.59 91.72 -33.17
N ARG J 309 -9.90 91.77 -33.47
CA ARG J 309 -10.98 91.84 -32.48
C ARG J 309 -10.92 93.12 -31.63
N TRP J 310 -11.06 94.27 -32.29
CA TRP J 310 -11.32 95.49 -31.54
C TRP J 310 -12.81 95.76 -31.39
N ALA J 311 -13.66 95.01 -32.07
CA ALA J 311 -15.11 95.11 -31.92
C ALA J 311 -15.63 93.70 -31.69
N SER J 312 -15.56 93.24 -30.44
CA SER J 312 -15.82 91.83 -30.17
C SER J 312 -16.16 91.65 -28.71
N ASN J 313 -17.40 91.26 -28.43
CA ASN J 313 -17.77 90.78 -27.11
C ASN J 313 -17.62 89.27 -27.13
N VAL J 314 -16.39 88.84 -26.92
CA VAL J 314 -16.02 87.44 -27.13
C VAL J 314 -16.55 86.57 -26.01
N ASP J 315 -16.53 85.27 -26.24
CA ASP J 315 -16.90 84.29 -25.25
C ASP J 315 -15.69 83.84 -24.45
N PHE J 316 -14.60 83.53 -25.15
CA PHE J 316 -13.44 82.95 -24.52
C PHE J 316 -12.25 83.30 -25.40
N ASP J 317 -11.31 84.07 -24.86
CA ASP J 317 -10.24 84.57 -25.71
C ASP J 317 -9.25 83.47 -26.09
N ARG J 318 -8.64 83.63 -27.26
CA ARG J 318 -7.58 82.73 -27.68
C ARG J 318 -6.23 83.10 -27.10
N ASP J 319 -6.15 84.26 -26.45
CA ASP J 319 -4.91 84.91 -26.04
C ASP J 319 -3.97 85.00 -27.23
N SER J 320 -4.48 85.57 -28.32
CA SER J 320 -3.77 85.49 -29.59
C SER J 320 -3.85 86.77 -30.38
N SER J 321 -4.03 87.91 -29.71
CA SER J 321 -4.31 89.15 -30.39
C SER J 321 -3.07 89.70 -31.11
N VAL J 322 -3.31 90.33 -32.25
CA VAL J 322 -2.26 90.94 -33.04
C VAL J 322 -2.46 92.45 -32.97
N ILE J 323 -1.56 93.14 -32.30
CA ILE J 323 -1.61 94.59 -32.16
C ILE J 323 -0.59 95.15 -33.13
N MET J 324 -0.96 96.21 -33.84
CA MET J 324 -0.01 96.87 -34.73
C MET J 324 -0.24 98.37 -34.58
N ALA J 325 0.74 99.04 -33.98
CA ALA J 325 0.63 100.47 -33.72
C ALA J 325 0.75 101.25 -35.02
N PRO J 326 0.16 102.45 -35.09
CA PRO J 326 0.22 103.24 -36.33
C PRO J 326 1.64 103.63 -36.67
N PRO J 327 1.94 103.85 -37.96
CA PRO J 327 3.32 103.96 -38.41
C PRO J 327 4.04 105.25 -38.04
N THR J 328 3.46 106.11 -37.22
CA THR J 328 4.27 107.15 -36.61
C THR J 328 5.23 106.55 -35.60
N GLU J 329 4.80 105.52 -34.91
CA GLU J 329 5.63 104.88 -33.90
C GLU J 329 6.06 103.49 -34.36
N ASN J 330 6.72 102.76 -33.48
CA ASN J 330 7.52 101.60 -33.86
C ASN J 330 6.71 100.33 -33.73
N ASN J 331 7.11 99.32 -34.51
CA ASN J 331 6.49 98.00 -34.46
C ASN J 331 7.53 96.89 -34.52
N ILE J 332 8.79 97.19 -34.18
CA ILE J 332 9.88 96.27 -34.45
C ILE J 332 9.89 95.07 -33.50
N HIS J 333 9.14 95.13 -32.40
CA HIS J 333 9.16 94.00 -31.48
C HIS J 333 8.46 92.79 -32.07
N LEU J 334 7.46 93.05 -32.94
CA LEU J 334 6.81 91.97 -33.66
C LEU J 334 7.76 91.25 -34.61
N PHE J 335 8.81 91.92 -35.05
CA PHE J 335 9.71 91.33 -36.01
C PHE J 335 11.01 90.87 -35.39
N LYS J 336 11.34 91.33 -34.18
CA LYS J 336 12.37 90.68 -33.39
C LYS J 336 11.76 89.70 -32.41
N GLN J 337 10.51 89.30 -32.66
CA GLN J 337 9.80 88.32 -31.83
C GLN J 337 10.53 86.99 -31.71
N LEU J 338 10.71 86.26 -32.81
CA LEU J 338 11.11 84.86 -32.66
C LEU J 338 12.60 84.68 -32.40
N LEU J 339 13.41 84.90 -33.43
CA LEU J 339 14.77 84.40 -33.39
C LEU J 339 15.79 85.49 -33.18
N ASN J 340 15.36 86.68 -32.81
CA ASN J 340 16.30 87.75 -32.51
C ASN J 340 16.56 87.81 -31.01
N THR J 341 17.06 86.70 -30.48
CA THR J 341 17.50 86.61 -29.10
C THR J 341 18.89 87.19 -28.89
N GLU J 342 19.51 87.71 -29.95
CA GLU J 342 20.88 88.18 -29.87
C GLU J 342 21.04 89.64 -30.28
N THR J 343 19.95 90.34 -30.58
CA THR J 343 20.03 91.77 -30.83
C THR J 343 20.31 92.49 -29.52
N LEU J 344 21.40 93.26 -29.50
CA LEU J 344 21.79 93.94 -28.27
C LEU J 344 20.86 95.10 -27.97
N SER J 345 20.72 96.01 -28.93
CA SER J 345 19.81 97.13 -28.75
C SER J 345 18.37 96.67 -28.80
N VAL J 346 17.50 97.48 -28.20
CA VAL J 346 16.08 97.14 -28.18
C VAL J 346 15.45 97.35 -29.55
N ARG J 347 16.04 98.19 -30.40
CA ARG J 347 15.44 98.57 -31.67
C ARG J 347 16.13 97.91 -32.86
N GLY J 348 16.50 96.64 -32.75
CA GLY J 348 17.15 95.97 -33.85
C GLY J 348 16.47 94.69 -34.29
N ALA J 349 16.69 94.30 -35.55
CA ALA J 349 16.13 93.06 -36.07
C ALA J 349 16.99 92.54 -37.21
N ASN J 350 17.33 91.26 -37.15
CA ASN J 350 18.08 90.62 -38.21
C ASN J 350 17.17 90.46 -39.42
N PRO J 351 17.57 90.93 -40.60
CA PRO J 351 16.73 90.76 -41.79
C PRO J 351 16.55 89.34 -42.24
N LEU J 352 17.42 88.42 -41.84
CA LEU J 352 17.25 87.04 -42.25
C LEU J 352 16.15 86.35 -41.47
N MET J 353 15.72 86.94 -40.37
CA MET J 353 14.60 86.43 -39.59
C MET J 353 13.26 87.02 -40.01
N PHE J 354 13.25 87.91 -41.01
CA PHE J 354 12.02 88.63 -41.38
C PHE J 354 10.95 87.68 -41.87
N ARG J 355 11.32 86.71 -42.71
CA ARG J 355 10.33 85.81 -43.28
C ARG J 355 9.73 84.91 -42.22
N ALA J 356 10.56 84.40 -41.31
CA ALA J 356 10.06 83.52 -40.26
C ALA J 356 9.17 84.27 -39.29
N ASN J 357 9.55 85.52 -38.97
CA ASN J 357 8.72 86.33 -38.09
C ASN J 357 7.38 86.66 -38.72
N VAL J 358 7.38 86.98 -40.02
CA VAL J 358 6.15 87.32 -40.70
C VAL J 358 5.26 86.10 -40.84
N LEU J 359 5.85 84.92 -41.04
CA LEU J 359 5.06 83.69 -41.11
C LEU J 359 4.40 83.40 -39.77
N HIS J 360 5.15 83.55 -38.67
CA HIS J 360 4.55 83.35 -37.36
C HIS J 360 3.47 84.40 -37.07
N MET J 361 3.65 85.62 -37.56
CA MET J 361 2.66 86.65 -37.31
C MET J 361 1.38 86.41 -38.11
N LEU J 362 1.51 85.93 -39.35
CA LEU J 362 0.32 85.60 -40.14
C LEU J 362 -0.42 84.43 -39.52
N LEU J 363 0.33 83.45 -39.03
CA LEU J 363 -0.25 82.33 -38.31
C LEU J 363 -0.99 82.79 -37.07
N GLU J 364 -0.40 83.73 -36.33
CA GLU J 364 -1.04 84.32 -35.17
C GLU J 364 -2.32 85.05 -35.53
N PHE J 365 -2.28 85.77 -36.66
CA PHE J 365 -3.41 86.55 -37.15
C PHE J 365 -4.59 85.64 -37.46
N VAL J 366 -4.35 84.56 -38.20
CA VAL J 366 -5.46 83.70 -38.55
C VAL J 366 -5.88 82.84 -37.34
N LEU J 367 -4.94 82.48 -36.47
CA LEU J 367 -5.26 81.66 -35.32
C LEU J 367 -6.02 82.43 -34.25
N ASP J 368 -6.01 83.77 -34.29
CA ASP J 368 -6.80 84.49 -33.31
C ASP J 368 -8.29 84.34 -33.59
N ASN J 369 -8.73 84.78 -34.75
CA ASN J 369 -10.16 85.00 -34.95
C ASN J 369 -10.91 83.77 -35.43
N LEU J 370 -10.69 82.64 -34.76
CA LEU J 370 -11.34 81.38 -35.14
C LEU J 370 -12.64 81.20 -34.37
N TYR J 371 -13.50 82.19 -34.46
CA TYR J 371 -14.77 82.13 -33.76
C TYR J 371 -15.89 81.99 -34.77
N LEU J 372 -17.12 82.06 -34.28
CA LEU J 372 -18.30 81.91 -35.10
C LEU J 372 -19.22 83.08 -34.78
N ASN J 373 -19.85 83.64 -35.81
CA ASN J 373 -20.59 84.87 -35.64
C ASN J 373 -21.97 84.60 -35.04
N ARG J 374 -22.25 85.23 -33.91
CA ARG J 374 -23.48 85.06 -33.15
C ARG J 374 -24.27 86.36 -33.20
N HIS J 375 -25.61 86.26 -33.25
CA HIS J 375 -26.43 87.43 -33.50
C HIS J 375 -27.46 87.65 -32.41
N THR J 376 -27.66 88.92 -32.07
CA THR J 376 -28.68 89.38 -31.14
C THR J 376 -29.29 90.67 -31.65
N GLY J 377 -30.51 90.97 -31.21
CA GLY J 377 -30.98 92.33 -31.16
C GLY J 377 -31.28 93.06 -32.46
N PHE J 378 -32.36 92.71 -33.14
CA PHE J 378 -32.79 93.47 -34.31
C PHE J 378 -33.91 94.42 -33.93
N SER J 379 -33.81 95.67 -34.39
CA SER J 379 -34.83 96.68 -34.15
C SER J 379 -34.87 97.64 -35.31
N GLN J 380 -36.05 98.20 -35.56
CA GLN J 380 -36.22 99.14 -36.65
C GLN J 380 -36.06 100.55 -36.11
N ASP J 381 -35.34 101.39 -36.85
CA ASP J 381 -35.19 102.77 -36.42
C ASP J 381 -36.48 103.54 -36.65
N HIS J 382 -36.55 104.70 -36.02
CA HIS J 382 -37.62 105.65 -36.30
C HIS J 382 -37.12 106.90 -36.98
N THR J 383 -35.81 107.06 -37.10
CA THR J 383 -35.25 108.10 -37.94
C THR J 383 -35.52 107.77 -39.40
N PRO J 384 -35.70 108.78 -40.23
CA PRO J 384 -35.93 108.52 -41.65
C PRO J 384 -34.64 108.41 -42.44
N PHE J 385 -33.53 108.16 -41.76
CA PHE J 385 -32.23 108.09 -42.42
C PHE J 385 -32.17 106.92 -43.39
N THR J 386 -32.75 105.80 -43.03
CA THR J 386 -32.83 104.65 -43.91
C THR J 386 -34.26 104.48 -44.41
N GLU J 387 -34.52 103.39 -45.11
CA GLU J 387 -35.86 103.00 -45.54
C GLU J 387 -36.52 102.11 -44.50
N GLY J 388 -36.48 102.60 -43.25
CA GLY J 388 -36.93 101.83 -42.11
C GLY J 388 -36.20 100.51 -41.94
N ALA J 389 -34.90 100.49 -42.20
CA ALA J 389 -34.18 99.24 -42.20
C ALA J 389 -33.91 98.77 -40.78
N ASN J 390 -34.03 97.47 -40.58
CA ASN J 390 -33.76 96.89 -39.27
C ASN J 390 -32.26 96.89 -38.99
N LEU J 391 -31.91 97.30 -37.78
CA LEU J 391 -30.53 97.50 -37.38
C LEU J 391 -30.19 96.46 -36.31
N ARG J 392 -28.99 95.91 -36.37
CA ARG J 392 -28.60 94.89 -35.41
C ARG J 392 -27.99 95.55 -34.17
N SER J 393 -28.41 95.10 -32.99
CA SER J 393 -27.79 95.56 -31.77
C SER J 393 -26.61 94.68 -31.40
N LEU J 394 -25.92 95.07 -30.32
CA LEU J 394 -24.76 94.35 -29.84
C LEU J 394 -24.59 94.72 -28.38
N PRO J 395 -24.18 93.79 -27.53
CA PRO J 395 -24.07 94.06 -26.11
C PRO J 395 -22.83 94.89 -25.80
N GLY J 396 -22.64 95.17 -24.53
CA GLY J 396 -21.51 95.93 -24.08
C GLY J 396 -21.93 97.04 -23.14
N PRO J 397 -21.00 97.94 -22.82
CA PRO J 397 -21.35 99.08 -21.96
C PRO J 397 -22.27 100.08 -22.64
N ASP J 398 -21.96 100.45 -23.89
CA ASP J 398 -22.79 101.35 -24.65
C ASP J 398 -23.00 100.81 -26.05
N ALA J 399 -23.83 101.51 -26.82
CA ALA J 399 -24.00 101.22 -28.22
C ALA J 399 -24.13 102.50 -29.02
N GLU J 400 -23.60 103.60 -28.49
CA GLU J 400 -23.82 104.89 -29.12
C GLU J 400 -22.92 105.08 -30.33
N LYS J 401 -21.61 104.90 -30.16
CA LYS J 401 -20.69 105.01 -31.28
C LYS J 401 -20.79 103.84 -32.23
N TRP J 402 -21.38 102.73 -31.78
CA TRP J 402 -21.26 101.48 -32.51
C TRP J 402 -22.13 101.47 -33.75
N TYR J 403 -23.30 102.09 -33.71
CA TYR J 403 -24.14 102.10 -34.91
C TYR J 403 -23.58 103.02 -35.97
N SER J 404 -23.00 104.14 -35.52
CA SER J 404 -22.35 105.07 -36.43
C SER J 404 -21.13 104.45 -37.10
N ILE J 405 -20.31 103.73 -36.34
CA ILE J 405 -19.17 103.06 -36.97
C ILE J 405 -19.63 101.83 -37.74
N MET J 406 -20.78 101.26 -37.41
CA MET J 406 -21.15 99.99 -38.00
C MET J 406 -21.80 100.17 -39.36
N TYR J 407 -22.73 101.13 -39.49
CA TYR J 407 -23.51 101.30 -40.70
C TYR J 407 -23.15 102.65 -41.32
N PRO J 408 -22.17 102.71 -42.22
CA PRO J 408 -21.60 104.01 -42.59
C PRO J 408 -22.51 104.85 -43.46
N THR J 409 -23.40 104.25 -44.23
CA THR J 409 -24.26 105.02 -45.12
C THR J 409 -25.52 105.52 -44.43
N ARG J 410 -25.63 105.34 -43.12
CA ARG J 410 -26.81 105.79 -42.40
C ARG J 410 -26.83 107.29 -42.23
N MET J 411 -25.65 107.91 -42.09
CA MET J 411 -25.51 109.29 -41.64
C MET J 411 -26.10 110.29 -42.63
N GLY J 412 -26.37 111.48 -42.12
CA GLY J 412 -26.87 112.55 -42.96
C GLY J 412 -25.81 113.08 -43.89
N THR J 413 -26.24 113.88 -44.86
CA THR J 413 -25.35 114.38 -45.91
C THR J 413 -25.37 115.91 -45.98
N PRO J 414 -24.86 116.61 -44.97
CA PRO J 414 -24.99 118.07 -44.99
C PRO J 414 -24.00 118.81 -45.89
N ASN J 415 -22.72 118.46 -45.85
CA ASN J 415 -21.65 119.31 -46.35
C ASN J 415 -21.26 118.92 -47.76
N VAL J 416 -20.13 119.43 -48.21
CA VAL J 416 -19.54 118.97 -49.46
C VAL J 416 -18.16 118.42 -49.16
N SER J 417 -18.00 117.87 -47.97
CA SER J 417 -16.76 117.23 -47.58
C SER J 417 -16.54 115.96 -48.38
N LYS J 418 -15.32 115.42 -48.28
CA LYS J 418 -14.99 114.17 -48.98
C LYS J 418 -15.81 113.01 -48.43
N ILE J 419 -16.07 113.04 -47.12
CA ILE J 419 -16.90 112.03 -46.47
C ILE J 419 -18.31 112.07 -47.02
N CYS J 420 -18.89 113.27 -47.08
CA CYS J 420 -20.25 113.42 -47.54
C CYS J 420 -20.37 113.09 -49.03
N ASN J 421 -19.38 113.52 -49.81
CA ASN J 421 -19.36 113.22 -51.24
C ASN J 421 -19.23 111.73 -51.49
N PHE J 422 -18.58 111.01 -50.59
CA PHE J 422 -18.57 109.57 -50.73
C PHE J 422 -19.92 108.97 -50.35
N VAL J 423 -20.48 109.41 -49.21
CA VAL J 423 -21.62 108.71 -48.64
C VAL J 423 -22.87 108.94 -49.48
N ALA J 424 -23.07 110.16 -50.00
CA ALA J 424 -24.27 110.42 -50.78
C ALA J 424 -24.26 109.78 -52.16
N SER J 425 -23.17 109.12 -52.55
CA SER J 425 -23.15 108.35 -53.78
C SER J 425 -23.33 106.86 -53.54
N CYS J 426 -23.85 106.47 -52.40
CA CYS J 426 -24.02 105.07 -52.07
C CYS J 426 -25.41 104.59 -52.46
N VAL J 427 -25.79 103.41 -51.97
CA VAL J 427 -27.08 102.79 -52.25
C VAL J 427 -27.82 102.66 -50.91
N ARG J 428 -29.12 102.93 -50.92
CA ARG J 428 -29.84 103.08 -49.66
C ARG J 428 -30.28 101.75 -49.07
N ASN J 429 -30.77 100.81 -49.89
CA ASN J 429 -31.42 99.63 -49.35
C ASN J 429 -30.47 98.63 -48.72
N ARG J 430 -29.16 98.75 -48.96
CA ARG J 430 -28.22 97.74 -48.47
C ARG J 430 -27.72 98.10 -47.08
N VAL J 431 -28.64 98.08 -46.12
CA VAL J 431 -28.37 98.42 -44.73
C VAL J 431 -28.98 97.34 -43.84
N GLY J 432 -28.17 96.70 -43.01
CA GLY J 432 -28.70 95.87 -41.94
C GLY J 432 -29.33 94.57 -42.43
N ARG J 433 -30.44 94.19 -41.78
CA ARG J 433 -31.11 92.93 -42.05
C ARG J 433 -31.70 92.93 -43.45
N PHE J 434 -31.58 91.80 -44.13
CA PHE J 434 -32.34 91.59 -45.34
C PHE J 434 -32.79 90.14 -45.53
N ASP J 435 -32.47 89.25 -44.60
CA ASP J 435 -32.82 87.84 -44.74
C ASP J 435 -32.74 87.15 -43.38
N ARG J 436 -33.69 86.25 -43.13
CA ARG J 436 -33.73 85.52 -41.88
C ARG J 436 -34.36 84.16 -42.16
N ALA J 437 -34.09 83.21 -41.28
CA ALA J 437 -34.56 81.84 -41.43
C ALA J 437 -35.35 81.49 -40.18
N GLN J 438 -36.66 81.63 -40.26
CA GLN J 438 -37.53 81.43 -39.11
C GLN J 438 -38.14 80.03 -39.18
N MET J 439 -37.71 79.15 -38.30
CA MET J 439 -38.32 77.83 -38.28
C MET J 439 -39.58 77.81 -37.44
N MET J 440 -39.51 78.30 -36.21
CA MET J 440 -40.58 78.12 -35.24
C MET J 440 -41.15 79.47 -34.82
N ASN J 441 -42.45 79.45 -34.50
CA ASN J 441 -43.15 80.67 -34.09
C ASN J 441 -42.70 81.09 -32.71
N GLY J 442 -42.36 82.38 -32.59
CA GLY J 442 -41.94 82.95 -31.33
C GLY J 442 -40.64 82.39 -30.81
N ALA J 443 -39.62 82.37 -31.67
CA ALA J 443 -38.34 81.79 -31.30
C ALA J 443 -37.24 82.52 -32.03
N MET J 444 -36.01 82.06 -31.80
CA MET J 444 -34.85 82.68 -32.42
C MET J 444 -34.85 82.42 -33.91
N SER J 445 -34.72 83.48 -34.70
CA SER J 445 -34.38 83.33 -36.10
C SER J 445 -33.04 82.63 -36.19
N GLU J 446 -32.95 81.60 -37.03
CA GLU J 446 -31.85 80.65 -36.92
C GLU J 446 -30.56 81.21 -37.48
N TRP J 447 -30.62 81.86 -38.64
CA TRP J 447 -29.45 82.51 -39.19
C TRP J 447 -29.89 83.69 -40.03
N VAL J 448 -29.16 84.79 -39.91
CA VAL J 448 -29.53 86.05 -40.55
C VAL J 448 -28.40 86.49 -41.47
N ASP J 449 -28.72 87.44 -42.34
CA ASP J 449 -27.74 88.04 -43.24
C ASP J 449 -27.83 89.55 -43.12
N VAL J 450 -26.70 90.19 -42.81
CA VAL J 450 -26.69 91.62 -42.55
C VAL J 450 -25.68 92.31 -43.45
N PHE J 451 -25.94 93.58 -43.72
CA PHE J 451 -24.98 94.48 -44.34
C PHE J 451 -24.31 95.29 -43.24
N GLU J 452 -23.09 94.93 -42.87
CA GLU J 452 -22.41 95.70 -41.83
C GLU J 452 -20.94 95.80 -42.19
N THR J 453 -20.25 96.74 -41.53
CA THR J 453 -18.83 96.91 -41.80
C THR J 453 -18.05 95.74 -41.21
N SER J 454 -17.05 95.31 -41.95
CA SER J 454 -16.37 94.07 -41.61
C SER J 454 -15.01 94.04 -42.29
N ASP J 455 -14.46 92.84 -42.40
CA ASP J 455 -13.21 92.58 -43.07
C ASP J 455 -13.41 91.29 -43.85
N ALA J 456 -13.34 91.36 -45.18
CA ALA J 456 -13.71 90.21 -46.00
C ALA J 456 -12.72 89.07 -45.84
N LEU J 457 -11.47 89.40 -45.51
CA LEU J 457 -10.47 88.41 -45.12
C LEU J 457 -10.94 87.55 -43.96
N THR J 458 -11.28 88.18 -42.84
CA THR J 458 -11.71 87.38 -41.70
C THR J 458 -13.11 86.81 -41.90
N VAL J 459 -13.92 87.40 -42.78
CA VAL J 459 -15.19 86.79 -43.14
C VAL J 459 -14.97 85.46 -43.84
N SER J 460 -14.01 85.43 -44.77
CA SER J 460 -13.70 84.19 -45.46
C SER J 460 -13.10 83.16 -44.51
N ILE J 461 -12.29 83.61 -43.55
CA ILE J 461 -11.71 82.68 -42.59
C ILE J 461 -12.79 82.06 -41.71
N ARG J 462 -13.71 82.89 -41.23
CA ARG J 462 -14.83 82.38 -40.45
C ARG J 462 -15.74 81.50 -41.28
N GLY J 463 -15.85 81.76 -42.58
CA GLY J 463 -16.63 80.89 -43.44
C GLY J 463 -16.03 79.52 -43.59
N ARG J 464 -14.70 79.46 -43.73
CA ARG J 464 -14.02 78.17 -43.81
C ARG J 464 -14.17 77.39 -42.50
N TRP J 465 -14.07 78.09 -41.37
CA TRP J 465 -14.20 77.42 -40.08
C TRP J 465 -15.63 76.95 -39.83
N MET J 466 -16.61 77.74 -40.29
CA MET J 466 -18.01 77.34 -40.21
C MET J 466 -18.28 76.12 -41.07
N ALA J 467 -17.65 76.06 -42.24
CA ALA J 467 -17.83 74.90 -43.11
C ALA J 467 -17.22 73.65 -42.49
N ARG J 468 -16.08 73.80 -41.82
CA ARG J 468 -15.49 72.68 -41.09
C ARG J 468 -16.42 72.15 -40.01
N LEU J 469 -16.99 73.05 -39.20
CA LEU J 469 -17.86 72.61 -38.13
C LEU J 469 -19.16 72.03 -38.67
N ALA J 470 -19.65 72.56 -39.78
CA ALA J 470 -20.85 72.01 -40.40
C ALA J 470 -20.58 70.63 -40.96
N ARG J 471 -19.36 70.38 -41.45
CA ARG J 471 -18.98 69.04 -41.84
C ARG J 471 -18.94 68.11 -40.63
N MET J 472 -18.58 68.66 -39.47
CA MET J 472 -18.55 67.82 -38.27
C MET J 472 -19.95 67.44 -37.79
N ASN J 473 -20.94 68.30 -38.03
CA ASN J 473 -22.26 68.21 -37.40
C ASN J 473 -22.98 66.89 -37.72
N ILE J 474 -23.81 66.42 -36.77
CA ILE J 474 -24.53 65.14 -36.88
C ILE J 474 -25.94 65.27 -36.30
N ASN J 475 -26.64 64.14 -36.29
CA ASN J 475 -28.07 64.03 -36.03
C ASN J 475 -28.31 63.18 -34.80
N PRO J 476 -29.14 63.64 -33.85
CA PRO J 476 -29.45 62.81 -32.66
C PRO J 476 -30.10 61.47 -32.97
N THR J 477 -30.79 61.33 -34.11
CA THR J 477 -31.31 60.02 -34.49
C THR J 477 -30.17 59.03 -34.73
N GLU J 478 -29.11 59.50 -35.36
CA GLU J 478 -28.01 58.58 -35.60
C GLU J 478 -27.03 58.50 -34.44
N ILE J 479 -27.03 59.46 -33.51
CA ILE J 479 -26.39 59.18 -32.22
C ILE J 479 -27.10 58.04 -31.51
N GLU J 480 -28.44 58.06 -31.52
CA GLU J 480 -29.24 56.98 -30.95
C GLU J 480 -28.93 55.65 -31.63
N TRP J 481 -28.84 55.66 -32.97
CA TRP J 481 -28.49 54.46 -33.72
C TRP J 481 -27.12 53.94 -33.35
N ALA J 482 -26.13 54.84 -33.31
CA ALA J 482 -24.75 54.46 -33.06
C ALA J 482 -24.57 53.88 -31.68
N LEU J 483 -25.11 54.56 -30.67
CA LEU J 483 -24.95 54.10 -29.29
C LEU J 483 -25.75 52.84 -29.04
N THR J 484 -26.88 52.67 -29.74
CA THR J 484 -27.67 51.46 -29.58
C THR J 484 -26.91 50.24 -30.09
N GLU J 485 -26.42 50.31 -31.33
CA GLU J 485 -25.71 49.15 -31.85
C GLU J 485 -24.34 48.99 -31.21
N CYS J 486 -23.79 50.05 -30.64
CA CYS J 486 -22.55 49.91 -29.89
C CYS J 486 -22.79 49.17 -28.58
N ALA J 487 -23.93 49.43 -27.94
CA ALA J 487 -24.28 48.68 -26.74
C ALA J 487 -24.80 47.28 -27.05
N GLN J 488 -25.10 47.00 -28.32
CA GLN J 488 -25.56 45.70 -28.81
C GLN J 488 -26.87 45.29 -28.15
N GLY J 489 -27.76 46.26 -27.97
CA GLY J 489 -29.09 46.01 -27.48
C GLY J 489 -29.22 45.82 -25.99
N TYR J 490 -28.11 45.77 -25.26
CA TYR J 490 -28.21 45.60 -23.81
C TYR J 490 -28.60 46.90 -23.13
N VAL J 491 -28.29 48.02 -23.76
CA VAL J 491 -28.69 49.34 -23.27
C VAL J 491 -29.47 50.01 -24.39
N THR J 492 -30.66 50.49 -24.08
CA THR J 492 -31.42 51.25 -25.05
C THR J 492 -31.34 52.74 -24.74
N VAL J 493 -31.44 53.55 -25.79
CA VAL J 493 -31.41 55.00 -25.67
C VAL J 493 -32.54 55.57 -26.49
N THR J 494 -32.87 56.83 -26.24
CA THR J 494 -34.04 57.44 -26.84
C THR J 494 -33.70 58.82 -27.38
N SER J 495 -34.01 59.04 -28.65
CA SER J 495 -33.91 60.32 -29.32
C SER J 495 -35.30 60.82 -29.67
N PRO J 496 -35.53 62.14 -29.60
CA PRO J 496 -36.87 62.65 -29.88
C PRO J 496 -37.21 62.60 -31.35
N TYR J 497 -38.51 62.67 -31.64
CA TYR J 497 -39.03 62.74 -33.00
C TYR J 497 -39.97 63.92 -33.07
N ALA J 498 -39.44 65.06 -33.45
CA ALA J 498 -40.17 66.32 -33.47
C ALA J 498 -39.35 67.30 -34.30
N PRO J 499 -39.93 68.44 -34.69
CA PRO J 499 -39.10 69.51 -35.24
C PRO J 499 -38.11 70.03 -34.21
N SER J 500 -36.87 70.21 -34.64
CA SER J 500 -35.78 70.69 -33.81
C SER J 500 -35.54 72.16 -34.05
N VAL J 501 -34.96 72.83 -33.06
CA VAL J 501 -34.72 74.26 -33.21
C VAL J 501 -33.55 74.51 -34.15
N ASN J 502 -32.36 74.05 -33.77
CA ASN J 502 -31.15 73.74 -34.54
C ASN J 502 -30.11 73.27 -33.54
N ARG J 503 -29.19 72.42 -33.95
CA ARG J 503 -28.22 71.88 -33.03
C ARG J 503 -26.84 71.91 -33.68
N LEU J 504 -25.82 71.66 -32.89
CA LEU J 504 -24.48 71.54 -33.41
C LEU J 504 -23.77 70.49 -32.56
N MET J 505 -23.63 69.30 -33.09
CA MET J 505 -22.84 68.27 -32.45
C MET J 505 -21.61 68.01 -33.31
N PRO J 506 -20.45 68.49 -32.93
CA PRO J 506 -19.29 68.49 -33.82
C PRO J 506 -18.53 67.17 -33.89
N TYR J 507 -19.17 66.06 -33.54
CA TYR J 507 -18.45 64.88 -33.12
C TYR J 507 -17.87 64.03 -34.25
N ARG J 508 -18.38 64.14 -35.48
CA ARG J 508 -17.98 63.22 -36.55
C ARG J 508 -16.71 63.67 -37.26
N ILE J 509 -15.75 62.76 -37.38
CA ILE J 509 -14.55 62.96 -38.19
C ILE J 509 -14.41 61.80 -39.17
N SER J 510 -13.36 61.85 -39.99
CA SER J 510 -13.07 60.84 -40.98
C SER J 510 -12.24 59.71 -40.40
N ASN J 511 -12.07 58.67 -41.21
CA ASN J 511 -11.35 57.46 -40.81
C ASN J 511 -9.84 57.72 -40.74
N ALA J 512 -9.33 58.52 -41.69
CA ALA J 512 -7.91 58.77 -41.79
C ALA J 512 -7.38 59.53 -40.58
N GLU J 513 -8.21 60.40 -40.00
CA GLU J 513 -7.76 61.17 -38.85
C GLU J 513 -7.64 60.28 -37.62
N ARG J 514 -8.57 59.32 -37.47
CA ARG J 514 -8.45 58.32 -36.43
C ARG J 514 -7.19 57.49 -36.60
N GLN J 515 -6.86 57.15 -37.85
CA GLN J 515 -5.65 56.38 -38.10
C GLN J 515 -4.39 57.17 -37.77
N ILE J 516 -4.36 58.46 -38.13
CA ILE J 516 -3.22 59.33 -37.81
C ILE J 516 -3.04 59.46 -36.31
N SER J 517 -4.14 59.68 -35.59
CA SER J 517 -4.07 59.81 -34.13
C SER J 517 -3.60 58.52 -33.48
N GLN J 518 -4.05 57.37 -34.00
CA GLN J 518 -3.63 56.10 -33.42
C GLN J 518 -2.15 55.83 -33.68
N ILE J 519 -1.66 56.22 -34.86
CA ILE J 519 -0.24 56.02 -35.16
C ILE J 519 0.63 56.91 -34.29
N ILE J 520 0.22 58.16 -34.08
CA ILE J 520 0.99 59.07 -33.22
C ILE J 520 0.98 58.55 -31.78
N ARG J 521 -0.14 57.98 -31.34
CA ARG J 521 -0.25 57.50 -29.98
C ARG J 521 0.60 56.25 -29.75
N VAL J 522 0.60 55.33 -30.72
CA VAL J 522 1.40 54.12 -30.55
C VAL J 522 2.88 54.45 -30.73
N MET J 523 3.20 55.47 -31.51
CA MET J 523 4.58 55.93 -31.60
C MET J 523 5.01 56.59 -30.31
N ASN J 524 4.06 57.21 -29.61
CA ASN J 524 4.35 57.80 -28.33
C ASN J 524 4.70 56.73 -27.30
N ILE J 525 3.86 55.71 -27.15
CA ILE J 525 4.10 54.72 -26.08
C ILE J 525 5.01 53.64 -26.66
N GLY J 526 6.30 53.95 -26.70
CA GLY J 526 7.25 53.03 -27.26
C GLY J 526 8.24 52.50 -26.25
N ASN J 527 8.24 51.18 -26.06
CA ASN J 527 9.28 50.45 -25.34
C ASN J 527 9.36 50.85 -23.86
N ASN J 528 8.20 50.96 -23.21
CA ASN J 528 8.19 51.36 -21.81
C ASN J 528 7.54 50.34 -20.90
N ALA J 529 6.27 49.98 -21.17
CA ALA J 529 5.34 49.12 -20.43
C ALA J 529 4.81 49.75 -19.15
N THR J 530 5.40 50.85 -18.67
CA THR J 530 4.83 51.53 -17.52
C THR J 530 3.80 52.55 -17.94
N VAL J 531 3.75 52.88 -19.22
CA VAL J 531 2.65 53.66 -19.73
C VAL J 531 1.44 52.81 -20.06
N ILE J 532 1.62 51.50 -20.23
CA ILE J 532 0.52 50.62 -20.61
C ILE J 532 0.03 49.75 -19.46
N GLN J 533 0.86 49.52 -18.43
CA GLN J 533 0.41 48.88 -17.21
C GLN J 533 -0.81 49.53 -16.54
N PRO J 534 -0.94 50.86 -16.41
CA PRO J 534 -2.19 51.37 -15.81
C PRO J 534 -3.40 51.25 -16.71
N VAL J 535 -3.20 51.20 -18.03
CA VAL J 535 -4.32 50.98 -18.94
C VAL J 535 -4.91 49.60 -18.70
N LEU J 536 -4.04 48.58 -18.64
CA LEU J 536 -4.46 47.23 -18.36
C LEU J 536 -5.06 47.11 -16.95
N GLN J 537 -4.53 47.88 -15.99
CA GLN J 537 -5.09 47.88 -14.65
C GLN J 537 -6.50 48.48 -14.63
N ASP J 538 -6.70 49.57 -15.38
CA ASP J 538 -8.01 50.19 -15.50
C ASP J 538 -9.01 49.24 -16.14
N ILE J 539 -8.57 48.50 -17.16
CA ILE J 539 -9.48 47.57 -17.81
C ILE J 539 -9.77 46.38 -16.90
N SER J 540 -8.81 46.03 -16.03
CA SER J 540 -9.07 44.99 -15.05
C SER J 540 -10.11 45.42 -14.04
N VAL J 541 -10.02 46.67 -13.58
CA VAL J 541 -11.02 47.19 -12.64
C VAL J 541 -12.40 47.27 -13.30
N LEU J 542 -12.43 47.68 -14.57
CA LEU J 542 -13.70 47.81 -15.28
C LEU J 542 -14.34 46.45 -15.53
N LEU J 543 -13.54 45.46 -15.90
CA LEU J 543 -14.07 44.10 -16.06
C LEU J 543 -14.44 43.48 -14.74
N GLN J 544 -13.81 43.90 -13.64
CA GLN J 544 -14.27 43.48 -12.33
C GLN J 544 -15.63 44.06 -12.02
N ARG J 545 -15.84 45.31 -12.41
CA ARG J 545 -17.10 45.97 -12.12
C ARG J 545 -18.24 45.38 -12.93
N ILE J 546 -17.97 45.00 -14.18
CA ILE J 546 -19.04 44.55 -15.07
C ILE J 546 -19.22 43.04 -15.04
N SER J 547 -18.14 42.29 -14.90
CA SER J 547 -18.17 40.84 -15.07
C SER J 547 -18.91 40.16 -13.91
N PRO J 548 -19.68 39.11 -14.20
CA PRO J 548 -20.51 38.50 -13.16
C PRO J 548 -19.92 37.31 -12.44
N LEU J 549 -18.64 36.99 -12.58
CA LEU J 549 -18.09 35.87 -11.83
C LEU J 549 -17.25 36.34 -10.66
N GLN J 550 -17.16 35.49 -9.64
CA GLN J 550 -16.47 35.81 -8.40
C GLN J 550 -15.65 34.59 -8.00
N ILE J 551 -15.11 34.61 -6.79
CA ILE J 551 -14.54 33.37 -6.26
C ILE J 551 -15.67 32.50 -5.76
N ASP J 552 -15.62 31.22 -6.10
CA ASP J 552 -16.24 30.22 -5.24
C ASP J 552 -15.13 29.75 -4.33
N PRO J 553 -15.10 30.15 -3.06
CA PRO J 553 -13.86 30.07 -2.27
C PRO J 553 -13.47 28.67 -1.87
N THR J 554 -14.39 27.71 -1.94
CA THR J 554 -14.22 26.42 -1.29
C THR J 554 -14.26 25.25 -2.24
N ILE J 555 -14.12 25.46 -3.54
CA ILE J 555 -14.12 24.33 -4.47
C ILE J 555 -12.87 23.48 -4.25
N ILE J 556 -11.72 24.15 -4.18
CA ILE J 556 -10.42 23.51 -4.11
C ILE J 556 -10.26 22.69 -2.83
N SER J 557 -11.08 22.92 -1.81
CA SER J 557 -11.05 22.06 -0.64
C SER J 557 -12.25 21.14 -0.50
N ASN J 558 -13.44 21.54 -0.99
CA ASN J 558 -14.57 20.61 -0.98
C ASN J 558 -14.32 19.45 -1.92
N THR J 559 -14.13 19.74 -3.21
CA THR J 559 -13.39 18.79 -4.01
C THR J 559 -11.97 18.80 -3.50
N MET J 560 -11.37 17.61 -3.39
CA MET J 560 -10.07 17.20 -2.82
C MET J 560 -10.23 17.05 -1.31
N SER J 561 -11.44 17.20 -0.76
CA SER J 561 -11.69 16.59 0.55
C SER J 561 -11.85 15.10 0.41
N THR J 562 -12.50 14.66 -0.67
CA THR J 562 -12.86 13.27 -0.87
C THR J 562 -11.77 12.46 -1.53
N VAL J 563 -10.55 12.99 -1.60
CA VAL J 563 -9.42 12.17 -2.04
C VAL J 563 -9.14 11.12 -0.98
N SER J 564 -8.81 9.92 -1.43
CA SER J 564 -8.64 8.78 -0.54
C SER J 564 -7.19 8.36 -0.56
N GLU J 565 -6.56 8.33 0.62
CA GLU J 565 -5.24 7.73 0.76
C GLU J 565 -5.06 7.32 2.21
N SER J 566 -4.00 6.56 2.46
CA SER J 566 -3.67 6.24 3.83
C SER J 566 -2.95 7.41 4.47
N THR J 567 -2.96 7.44 5.79
CA THR J 567 -2.12 8.37 6.52
C THR J 567 -0.69 7.86 6.66
N THR J 568 -0.42 6.63 6.23
CA THR J 568 0.91 6.07 6.31
C THR J 568 1.83 6.61 5.22
N GLN J 569 1.28 7.14 4.14
CA GLN J 569 2.12 7.67 3.09
C GLN J 569 2.73 8.99 3.50
N THR J 570 4.00 9.17 3.15
CA THR J 570 4.72 10.36 3.60
C THR J 570 4.30 11.59 2.84
N LEU J 571 3.98 11.45 1.56
CA LEU J 571 3.73 12.58 0.69
C LEU J 571 2.28 12.57 0.22
N SER J 572 1.63 13.72 0.31
CA SER J 572 0.21 13.84 -0.01
C SER J 572 0.02 14.79 -1.17
N PRO J 573 -0.44 14.30 -2.32
CA PRO J 573 -0.55 15.15 -3.51
C PRO J 573 -1.64 16.19 -3.37
N ALA J 574 -2.69 15.82 -2.64
CA ALA J 574 -3.80 16.69 -2.31
C ALA J 574 -3.32 17.95 -1.63
N SER J 575 -2.72 17.80 -0.45
CA SER J 575 -2.21 18.93 0.29
C SER J 575 -1.06 19.62 -0.43
N SER J 576 -0.35 18.88 -1.29
CA SER J 576 0.75 19.47 -2.04
C SER J 576 0.27 20.57 -2.97
N ILE J 577 -0.65 20.25 -3.88
CA ILE J 577 -1.10 21.35 -4.74
C ILE J 577 -2.05 22.27 -3.98
N LEU J 578 -2.77 21.75 -2.99
CA LEU J 578 -3.76 22.54 -2.27
C LEU J 578 -3.12 23.61 -1.40
N GLY J 579 -1.84 23.48 -1.09
CA GLY J 579 -1.12 24.58 -0.49
C GLY J 579 -0.05 25.16 -1.39
N LYS J 580 0.17 24.57 -2.56
CA LYS J 580 1.13 25.15 -3.47
C LYS J 580 0.49 26.21 -4.36
N LEU J 581 -0.79 26.08 -4.67
CA LEU J 581 -1.54 27.20 -5.22
C LEU J 581 -2.34 27.86 -4.10
N ARG J 582 -2.44 29.18 -4.17
CA ARG J 582 -3.18 29.96 -3.18
C ARG J 582 -4.15 30.83 -3.97
N PRO J 583 -5.46 30.74 -3.72
CA PRO J 583 -6.41 31.60 -4.43
C PRO J 583 -6.26 33.09 -4.15
N SER J 584 -6.36 33.53 -2.90
CA SER J 584 -5.87 34.82 -2.40
C SER J 584 -6.53 36.07 -2.97
N ASN J 585 -7.48 35.95 -3.92
CA ASN J 585 -8.42 36.98 -4.38
C ASN J 585 -7.76 38.11 -5.18
N SER J 586 -6.44 38.20 -5.14
CA SER J 586 -5.71 39.21 -5.90
C SER J 586 -5.24 38.66 -7.22
N ASP J 587 -5.36 37.35 -7.39
CA ASP J 587 -5.09 36.70 -8.67
C ASP J 587 -6.04 37.16 -9.76
N PHE J 588 -7.25 37.58 -9.38
CA PHE J 588 -8.25 37.91 -10.39
C PHE J 588 -7.94 39.20 -11.11
N SER J 589 -7.28 40.17 -10.45
CA SER J 589 -6.88 41.37 -11.16
C SER J 589 -5.85 41.05 -12.23
N SER J 590 -4.93 40.14 -11.92
CA SER J 590 -4.00 39.60 -12.90
C SER J 590 -4.74 38.86 -14.01
N PHE J 591 -5.81 38.14 -13.65
CA PHE J 591 -6.56 37.40 -14.64
C PHE J 591 -7.30 38.32 -15.60
N ARG J 592 -7.89 39.39 -15.10
CA ARG J 592 -8.59 40.32 -15.96
C ARG J 592 -7.60 41.13 -16.80
N VAL J 593 -6.38 41.35 -16.30
CA VAL J 593 -5.34 41.95 -17.12
C VAL J 593 -4.94 41.01 -18.26
N ALA J 594 -4.79 39.71 -17.96
CA ALA J 594 -4.44 38.73 -18.98
C ALA J 594 -5.56 38.59 -20.00
N LEU J 595 -6.80 38.75 -19.57
CA LEU J 595 -7.91 38.82 -20.51
C LEU J 595 -7.83 40.09 -21.34
N ALA J 596 -7.37 41.18 -20.74
CA ALA J 596 -7.40 42.47 -21.40
C ALA J 596 -6.26 42.66 -22.38
N GLY J 597 -5.19 41.88 -22.27
CA GLY J 597 -4.08 42.00 -23.22
C GLY J 597 -4.40 41.55 -24.63
N TRP J 598 -5.54 40.86 -24.81
CA TRP J 598 -5.96 40.41 -26.12
C TRP J 598 -6.32 41.57 -27.02
N LEU J 599 -6.69 42.71 -26.44
CA LEU J 599 -6.93 43.90 -27.23
C LEU J 599 -5.64 44.48 -27.79
N TYR J 600 -4.51 44.22 -27.15
CA TYR J 600 -3.26 44.83 -27.56
C TYR J 600 -2.13 43.82 -27.58
N ASN J 601 -2.37 42.67 -28.23
CA ASN J 601 -1.27 41.78 -28.63
C ASN J 601 -0.15 42.47 -29.39
N GLY J 602 -0.46 43.54 -30.13
CA GLY J 602 0.54 44.22 -30.94
C GLY J 602 1.59 44.95 -30.11
N VAL J 603 1.18 45.67 -29.08
CA VAL J 603 2.10 46.53 -28.35
C VAL J 603 2.53 45.94 -27.02
N VAL J 604 1.75 45.06 -26.41
CA VAL J 604 2.18 44.38 -25.21
C VAL J 604 2.01 42.90 -25.46
N THR J 605 2.93 42.11 -24.92
CA THR J 605 2.96 40.68 -25.14
C THR J 605 3.09 40.04 -23.77
N THR J 606 1.97 39.62 -23.18
CA THR J 606 2.02 39.07 -21.84
C THR J 606 2.63 37.67 -21.87
N VAL J 607 3.55 37.43 -20.94
CA VAL J 607 4.25 36.17 -20.80
C VAL J 607 4.24 35.77 -19.34
N ILE J 608 4.94 34.69 -19.04
CA ILE J 608 5.08 34.19 -17.67
C ILE J 608 6.54 34.30 -17.30
N ASP J 609 6.82 34.81 -16.10
CA ASP J 609 8.20 35.04 -15.67
C ASP J 609 8.93 33.73 -15.39
N ASP J 610 10.22 33.87 -15.05
CA ASP J 610 11.01 32.71 -14.67
C ASP J 610 10.60 32.15 -13.33
N SER J 611 10.10 33.01 -12.44
CA SER J 611 9.89 32.60 -11.05
C SER J 611 8.72 31.65 -10.90
N SER J 612 7.83 31.60 -11.88
CA SER J 612 6.76 30.61 -11.82
C SER J 612 7.14 29.28 -12.43
N TYR J 613 8.34 29.17 -12.96
CA TYR J 613 8.80 27.95 -13.59
C TYR J 613 9.51 27.07 -12.56
N PRO J 614 9.68 25.77 -12.82
CA PRO J 614 10.31 24.89 -11.82
C PRO J 614 11.76 25.19 -11.49
N LYS J 615 12.41 26.15 -12.16
CA LYS J 615 13.65 26.86 -11.80
C LYS J 615 14.86 25.95 -11.55
N ASP J 616 14.74 24.65 -11.80
CA ASP J 616 15.81 23.68 -11.67
C ASP J 616 15.82 22.70 -12.81
N GLY J 617 14.85 22.79 -13.72
CA GLY J 617 14.52 21.70 -14.60
C GLY J 617 13.47 20.76 -14.05
N GLY J 618 13.34 20.67 -12.74
CA GLY J 618 12.32 19.83 -12.13
C GLY J 618 12.66 18.35 -12.27
N SER J 619 11.67 17.53 -11.90
CA SER J 619 11.79 16.09 -12.02
C SER J 619 10.41 15.47 -12.14
N VAL J 620 10.29 14.52 -13.07
CA VAL J 620 9.02 13.81 -13.25
C VAL J 620 8.72 12.96 -12.04
N THR J 621 9.75 12.38 -11.43
CA THR J 621 9.57 11.65 -10.18
C THR J 621 9.20 12.57 -9.02
N SER J 622 9.45 13.88 -9.15
CA SER J 622 9.08 14.84 -8.12
C SER J 622 7.64 15.28 -8.34
N LEU J 623 6.83 15.01 -7.32
CA LEU J 623 5.40 15.26 -7.35
C LEU J 623 5.08 16.75 -7.46
N GLU J 624 5.78 17.57 -6.70
CA GLU J 624 5.51 19.00 -6.71
C GLU J 624 5.90 19.63 -8.04
N ASN J 625 6.97 19.15 -8.66
CA ASN J 625 7.32 19.63 -9.98
C ASN J 625 6.31 19.18 -11.02
N LEU J 626 5.73 17.99 -10.85
CA LEU J 626 4.65 17.55 -11.72
C LEU J 626 3.45 18.48 -11.61
N TRP J 627 3.09 18.86 -10.38
CA TRP J 627 1.99 19.79 -10.21
C TRP J 627 2.32 21.17 -10.77
N ASP J 628 3.58 21.60 -10.69
CA ASP J 628 4.00 22.86 -11.31
C ASP J 628 3.81 22.82 -12.82
N PHE J 629 4.14 21.68 -13.42
CA PHE J 629 3.88 21.49 -14.84
C PHE J 629 2.39 21.53 -15.14
N PHE J 630 1.56 21.03 -14.23
CA PHE J 630 0.12 21.10 -14.42
C PHE J 630 -0.38 22.55 -14.42
N ILE J 631 0.14 23.35 -13.49
CA ILE J 631 -0.22 24.77 -13.41
C ILE J 631 0.18 25.49 -14.68
N LEU J 632 1.38 25.19 -15.20
CA LEU J 632 1.83 25.85 -16.42
C LEU J 632 1.02 25.40 -17.63
N ALA J 633 0.68 24.11 -17.70
CA ALA J 633 -0.06 23.59 -18.84
C ALA J 633 -1.48 24.11 -18.87
N LEU J 634 -2.01 24.49 -17.71
CA LEU J 634 -3.28 25.21 -17.76
C LEU J 634 -3.08 26.68 -18.10
N ALA J 635 -2.04 27.31 -17.57
CA ALA J 635 -1.93 28.76 -17.66
C ALA J 635 -1.57 29.22 -19.06
N LEU J 636 -0.48 28.67 -19.61
CA LEU J 636 0.14 29.02 -20.89
C LEU J 636 -0.77 29.26 -22.10
N PRO J 637 -1.90 28.56 -22.31
CA PRO J 637 -2.74 28.90 -23.46
C PRO J 637 -3.44 30.25 -23.38
N LEU J 638 -3.46 30.92 -22.24
CA LEU J 638 -4.22 32.16 -22.13
C LEU J 638 -3.44 33.39 -22.55
N THR J 639 -2.11 33.33 -22.51
CA THR J 639 -1.31 34.50 -22.83
C THR J 639 -1.25 34.72 -24.34
N THR J 640 -0.64 35.84 -24.73
CA THR J 640 -0.67 36.26 -26.11
C THR J 640 0.67 36.20 -26.82
N ASP J 641 1.68 35.57 -26.22
CA ASP J 641 2.92 35.38 -26.94
C ASP J 641 2.73 34.30 -28.02
N PRO J 642 3.44 34.41 -29.14
CA PRO J 642 3.29 33.40 -30.19
C PRO J 642 3.99 32.09 -29.89
N CYS J 643 4.76 32.00 -28.80
CA CYS J 643 5.61 30.85 -28.56
C CYS J 643 5.13 29.98 -27.41
N ALA J 644 3.92 30.21 -26.93
CA ALA J 644 3.31 29.37 -25.90
C ALA J 644 3.25 27.87 -26.22
N PRO J 645 3.03 27.40 -27.47
CA PRO J 645 3.18 25.94 -27.70
C PRO J 645 4.56 25.38 -27.42
N VAL J 646 5.64 26.06 -27.84
CA VAL J 646 6.94 25.50 -27.53
C VAL J 646 7.32 25.72 -26.08
N LYS J 647 6.71 26.70 -25.41
CA LYS J 647 6.87 26.77 -23.96
C LYS J 647 6.27 25.54 -23.30
N ALA J 648 5.05 25.17 -23.70
CA ALA J 648 4.40 23.99 -23.14
C ALA J 648 5.12 22.71 -23.52
N PHE J 649 5.80 22.69 -24.65
CA PHE J 649 6.52 21.50 -25.06
C PHE J 649 7.84 21.36 -24.31
N MET J 650 8.66 22.40 -24.36
CA MET J 650 9.99 22.34 -23.77
C MET J 650 9.94 22.37 -22.25
N THR J 651 8.81 22.77 -21.66
CA THR J 651 8.66 22.60 -20.21
C THR J 651 8.67 21.13 -19.83
N LEU J 652 7.90 20.31 -20.54
CA LEU J 652 7.90 18.87 -20.29
C LEU J 652 9.21 18.23 -20.69
N ALA J 653 9.84 18.75 -21.74
CA ALA J 653 11.15 18.24 -22.11
C ALA J 653 12.19 18.58 -21.05
N ASN J 654 12.01 19.68 -20.33
CA ASN J 654 12.82 19.94 -19.15
C ASN J 654 12.46 19.00 -18.02
N MET J 655 11.16 18.68 -17.91
CA MET J 655 10.69 17.83 -16.81
C MET J 655 11.34 16.46 -16.86
N MET J 656 11.41 15.86 -18.03
CA MET J 656 12.17 14.62 -18.16
C MET J 656 13.40 14.84 -19.02
N VAL J 657 14.55 14.86 -18.36
CA VAL J 657 15.85 14.75 -19.00
C VAL J 657 16.51 13.55 -18.36
N GLY J 658 16.76 12.51 -19.14
CA GLY J 658 17.40 11.33 -18.60
C GLY J 658 16.62 10.05 -18.85
N PHE J 659 15.30 10.16 -18.95
CA PHE J 659 14.52 9.05 -19.49
C PHE J 659 14.80 8.88 -20.98
N GLU J 660 14.98 9.99 -21.68
CA GLU J 660 15.33 9.96 -23.09
C GLU J 660 15.97 11.29 -23.45
N THR J 661 16.47 11.36 -24.68
CA THR J 661 16.75 12.61 -25.35
C THR J 661 16.00 12.63 -26.67
N ILE J 662 15.86 13.82 -27.23
CA ILE J 662 15.20 14.00 -28.51
C ILE J 662 16.21 14.61 -29.48
N PRO J 663 16.06 14.44 -30.78
CA PRO J 663 16.93 15.17 -31.71
C PRO J 663 16.59 16.64 -31.66
N MET J 664 17.61 17.49 -31.68
CA MET J 664 17.38 18.90 -31.40
C MET J 664 18.07 19.77 -32.44
N ASP J 665 18.13 21.06 -32.15
CA ASP J 665 18.68 22.04 -33.09
C ASP J 665 20.20 22.06 -33.01
N ASN J 666 20.74 22.46 -31.88
CA ASN J 666 22.18 22.67 -31.77
C ASN J 666 22.65 22.11 -30.44
N GLN J 667 23.88 22.45 -30.10
CA GLN J 667 24.47 22.12 -28.82
C GLN J 667 24.29 23.24 -27.81
N ILE J 668 23.60 24.32 -28.18
CA ILE J 668 23.34 25.41 -27.27
C ILE J 668 21.95 25.26 -26.69
N TYR J 669 20.94 25.22 -27.56
CA TYR J 669 19.57 25.02 -27.11
C TYR J 669 19.30 23.53 -27.05
N THR J 670 19.90 22.89 -26.06
CA THR J 670 19.72 21.48 -25.83
C THR J 670 18.52 21.28 -24.91
N GLN J 671 18.29 20.03 -24.49
CA GLN J 671 17.07 19.71 -23.77
C GLN J 671 17.06 20.32 -22.38
N SER J 672 18.23 20.50 -21.77
CA SER J 672 18.29 21.09 -20.45
C SER J 672 18.34 22.61 -20.48
N ARG J 673 18.15 23.22 -21.64
CA ARG J 673 18.03 24.67 -21.71
C ARG J 673 16.74 25.10 -21.01
N ARG J 674 16.79 26.26 -20.36
CA ARG J 674 15.66 26.83 -19.64
C ARG J 674 14.44 26.99 -20.56
N ALA J 675 13.25 26.75 -19.99
CA ALA J 675 12.02 26.75 -20.78
C ALA J 675 11.71 28.12 -21.35
N SER J 676 11.93 29.16 -20.56
CA SER J 676 11.64 30.52 -20.96
C SER J 676 12.62 31.09 -21.97
N ALA J 677 13.65 30.35 -22.35
CA ALA J 677 14.71 30.93 -23.17
C ALA J 677 14.26 31.16 -24.60
N PHE J 678 13.38 30.31 -25.13
CA PHE J 678 13.08 30.31 -26.56
C PHE J 678 12.38 31.57 -27.04
N SER J 679 11.09 31.72 -26.70
CA SER J 679 10.29 32.95 -26.80
C SER J 679 10.35 33.67 -28.16
N THR J 680 10.81 33.00 -29.22
CA THR J 680 11.07 33.56 -30.54
C THR J 680 10.66 32.52 -31.57
N PRO J 681 10.34 32.92 -32.81
CA PRO J 681 9.99 31.91 -33.81
C PRO J 681 11.12 30.97 -34.20
N HIS J 682 12.34 31.50 -34.34
CA HIS J 682 13.43 30.68 -34.86
C HIS J 682 13.92 29.65 -33.86
N THR J 683 13.79 29.91 -32.56
CA THR J 683 14.19 28.94 -31.58
C THR J 683 13.21 27.77 -31.45
N TRP J 684 12.21 27.68 -32.31
CA TRP J 684 11.32 26.53 -32.31
C TRP J 684 12.04 25.35 -32.93
N PRO J 685 12.17 24.24 -32.22
CA PRO J 685 12.93 23.12 -32.76
C PRO J 685 12.19 22.36 -33.85
N ARG J 686 12.98 21.82 -34.77
CA ARG J 686 12.46 20.94 -35.81
C ARG J 686 11.80 19.70 -35.22
N CYS J 687 12.27 19.27 -34.05
CA CYS J 687 11.62 18.18 -33.33
C CYS J 687 10.19 18.51 -32.96
N PHE J 688 9.93 19.78 -32.62
CA PHE J 688 8.56 20.19 -32.39
C PHE J 688 7.84 20.44 -33.70
N MET J 689 8.58 20.79 -34.75
CA MET J 689 7.95 21.03 -36.05
C MET J 689 7.37 19.75 -36.63
N ASN J 690 8.09 18.64 -36.48
CA ASN J 690 7.70 17.37 -37.11
C ASN J 690 7.53 16.31 -36.05
N ILE J 691 6.36 15.66 -36.04
CA ILE J 691 6.04 14.68 -35.01
C ILE J 691 6.86 13.41 -35.18
N GLN J 692 7.15 13.03 -36.42
CA GLN J 692 7.80 11.76 -36.74
C GLN J 692 9.23 11.66 -36.25
N LEU J 693 9.81 12.76 -35.77
CA LEU J 693 11.14 12.72 -35.19
C LEU J 693 11.16 12.05 -33.83
N ILE J 694 10.02 11.97 -33.14
CA ILE J 694 9.94 11.35 -31.83
C ILE J 694 9.39 9.94 -32.05
N SER J 695 10.25 8.94 -31.93
CA SER J 695 9.76 7.58 -32.06
C SER J 695 9.11 7.13 -30.76
N PRO J 696 8.07 6.29 -30.83
CA PRO J 696 7.42 5.81 -29.61
C PRO J 696 8.24 4.84 -28.79
N ILE J 697 9.35 4.34 -29.32
CA ILE J 697 10.26 3.56 -28.48
C ILE J 697 11.11 4.50 -27.61
N ASP J 698 11.34 5.72 -28.07
CA ASP J 698 12.14 6.68 -27.31
C ASP J 698 11.32 7.31 -26.20
N ALA J 699 10.26 8.02 -26.58
CA ALA J 699 9.39 8.70 -25.62
C ALA J 699 8.01 8.77 -26.21
N PRO J 700 7.18 7.74 -25.97
CA PRO J 700 5.82 7.77 -26.52
C PRO J 700 4.97 8.82 -25.85
N ILE J 701 5.27 9.15 -24.60
CA ILE J 701 4.56 10.19 -23.89
C ILE J 701 4.89 11.56 -24.48
N LEU J 702 6.09 11.73 -25.03
CA LEU J 702 6.45 13.03 -25.60
C LEU J 702 5.88 13.21 -26.99
N ARG J 703 5.86 12.16 -27.80
CA ARG J 703 5.13 12.20 -29.07
C ARG J 703 3.66 12.45 -28.83
N GLN J 704 3.12 11.86 -27.75
CA GLN J 704 1.75 12.09 -27.35
C GLN J 704 1.51 13.55 -26.97
N TRP J 705 2.41 14.13 -26.19
CA TRP J 705 2.24 15.52 -25.77
C TRP J 705 2.38 16.48 -26.94
N ALA J 706 3.26 16.13 -27.90
CA ALA J 706 3.41 16.96 -29.08
C ALA J 706 2.17 16.92 -29.95
N GLU J 707 1.52 15.78 -29.98
CA GLU J 707 0.30 15.68 -30.76
C GLU J 707 -0.77 16.40 -30.01
N ILE J 708 -0.73 16.37 -28.70
CA ILE J 708 -1.84 16.97 -27.99
C ILE J 708 -1.83 18.41 -28.37
N ILE J 709 -0.65 19.01 -28.39
CA ILE J 709 -0.58 20.41 -28.71
C ILE J 709 -0.98 20.67 -30.14
N HIS J 710 -0.47 19.90 -31.07
CA HIS J 710 -0.76 20.19 -32.45
C HIS J 710 -2.22 20.03 -32.78
N ARG J 711 -2.87 18.98 -32.30
CA ARG J 711 -4.30 18.79 -32.53
C ARG J 711 -5.24 19.69 -31.76
N TYR J 712 -4.97 19.87 -30.48
CA TYR J 712 -5.83 20.69 -29.68
C TYR J 712 -5.03 21.82 -29.11
N TRP J 713 -5.33 23.04 -29.49
CA TRP J 713 -4.69 24.19 -28.91
C TRP J 713 -5.76 25.09 -29.38
N PRO J 714 -5.90 26.24 -28.76
CA PRO J 714 -7.00 27.03 -29.28
C PRO J 714 -6.93 27.55 -30.72
N ASN J 715 -8.04 28.04 -31.25
CA ASN J 715 -8.15 28.62 -32.57
C ASN J 715 -8.58 30.08 -32.47
N PRO J 716 -8.14 30.93 -33.39
CA PRO J 716 -8.53 32.34 -33.33
C PRO J 716 -9.99 32.54 -33.75
N SER J 717 -10.51 33.73 -33.47
CA SER J 717 -11.88 34.09 -33.80
C SER J 717 -12.02 35.60 -33.88
N GLN J 718 -13.27 36.08 -33.89
CA GLN J 718 -13.58 37.49 -34.01
C GLN J 718 -14.98 37.72 -33.46
N ILE J 719 -15.29 38.98 -33.14
CA ILE J 719 -16.52 39.27 -32.41
C ILE J 719 -17.35 40.42 -33.00
N ARG J 720 -16.80 41.30 -33.84
CA ARG J 720 -17.50 42.43 -34.48
C ARG J 720 -18.09 43.39 -33.43
N TYR J 721 -17.21 44.18 -32.84
CA TYR J 721 -17.65 45.40 -32.18
C TYR J 721 -17.70 46.53 -33.21
N GLY J 722 -17.96 47.74 -32.76
CA GLY J 722 -17.62 48.92 -33.52
C GLY J 722 -18.81 49.80 -33.83
N THR J 723 -18.50 50.92 -34.45
CA THR J 723 -19.51 51.90 -34.87
C THR J 723 -18.94 52.62 -36.08
N PRO J 724 -19.39 52.29 -37.28
CA PRO J 724 -18.74 52.83 -38.47
C PRO J 724 -19.27 54.18 -38.89
N ASN J 725 -20.53 54.47 -38.55
CA ASN J 725 -21.19 55.67 -39.06
C ASN J 725 -20.63 56.90 -38.37
N VAL J 726 -20.45 56.83 -37.06
CA VAL J 726 -19.96 57.96 -36.29
C VAL J 726 -18.45 57.88 -36.08
N PHE J 727 -17.95 56.71 -35.71
CA PHE J 727 -16.54 56.57 -35.36
C PHE J 727 -15.77 56.05 -36.56
N GLY J 728 -14.59 56.62 -36.79
CA GLY J 728 -13.66 56.01 -37.72
C GLY J 728 -13.06 54.77 -37.09
N SER J 729 -12.89 53.74 -37.91
CA SER J 729 -12.31 52.50 -37.42
C SER J 729 -10.83 52.71 -37.14
N ALA J 730 -10.49 52.81 -35.86
CA ALA J 730 -9.15 53.19 -35.45
C ALA J 730 -8.14 52.07 -35.57
N ASN J 731 -8.53 50.88 -36.02
CA ASN J 731 -7.52 49.86 -36.21
C ASN J 731 -6.72 50.13 -37.47
N LEU J 732 -5.57 49.47 -37.57
CA LEU J 732 -4.64 49.70 -38.66
C LEU J 732 -4.46 48.48 -39.54
N PHE J 733 -4.22 47.32 -38.95
CA PHE J 733 -3.76 46.16 -39.69
C PHE J 733 -4.83 45.11 -39.86
N THR J 734 -6.00 45.35 -39.35
CA THR J 734 -7.17 44.50 -39.44
C THR J 734 -8.23 45.22 -40.27
N PRO J 735 -9.27 44.50 -40.73
CA PRO J 735 -10.40 45.19 -41.36
C PRO J 735 -11.16 46.08 -40.38
N PRO J 736 -12.01 46.99 -40.85
CA PRO J 736 -12.77 47.83 -39.92
C PRO J 736 -13.75 47.06 -39.06
N GLU J 737 -14.06 47.65 -37.91
CA GLU J 737 -15.02 47.19 -36.88
C GLU J 737 -14.91 45.70 -36.56
N VAL J 738 -13.69 45.24 -36.34
CA VAL J 738 -13.47 43.84 -36.01
C VAL J 738 -12.51 43.78 -34.82
N LEU J 739 -12.63 42.71 -34.06
CA LEU J 739 -11.67 42.32 -33.03
C LEU J 739 -11.08 41.00 -33.44
N LEU J 740 -9.95 40.64 -32.86
CA LEU J 740 -9.40 39.30 -33.06
C LEU J 740 -9.13 38.66 -31.71
N LEU J 741 -9.55 37.42 -31.57
CA LEU J 741 -9.45 36.69 -30.34
C LEU J 741 -8.42 35.58 -30.43
N PRO J 742 -7.74 35.26 -29.33
CA PRO J 742 -6.92 34.05 -29.32
C PRO J 742 -7.76 32.80 -29.30
N ILE J 743 -8.93 32.84 -28.68
CA ILE J 743 -9.72 31.64 -28.46
C ILE J 743 -11.00 31.71 -29.28
N ASP J 744 -11.82 30.67 -29.17
CA ASP J 744 -13.02 30.55 -29.98
C ASP J 744 -14.23 31.09 -29.24
N HIS J 745 -15.21 31.55 -30.00
CA HIS J 745 -16.41 32.12 -29.43
C HIS J 745 -17.64 31.68 -30.21
N GLN J 746 -18.56 31.01 -29.53
CA GLN J 746 -19.89 30.75 -30.06
C GLN J 746 -20.90 31.39 -29.11
N PRO J 747 -21.78 32.26 -29.59
CA PRO J 747 -22.65 33.00 -28.67
C PRO J 747 -23.75 32.10 -28.11
N ALA J 748 -24.05 32.32 -26.83
CA ALA J 748 -25.07 31.52 -26.17
C ALA J 748 -26.46 32.00 -26.57
N ASN J 749 -27.32 31.08 -26.96
CA ASN J 749 -28.69 31.46 -27.28
C ASN J 749 -29.52 31.68 -26.02
N VAL J 750 -29.24 30.91 -24.97
CA VAL J 750 -30.06 30.92 -23.76
C VAL J 750 -29.82 32.20 -22.97
N THR J 751 -30.71 32.45 -22.01
CA THR J 751 -30.56 33.54 -21.07
C THR J 751 -30.14 33.04 -19.70
N THR J 752 -30.67 31.89 -19.28
CA THR J 752 -30.26 31.27 -18.02
C THR J 752 -29.15 30.28 -18.31
N PRO J 753 -27.92 30.53 -17.87
CA PRO J 753 -26.81 29.66 -18.22
C PRO J 753 -26.66 28.53 -17.22
N THR J 754 -25.89 27.53 -17.65
CA THR J 754 -25.62 26.34 -16.86
C THR J 754 -24.31 25.76 -17.36
N LEU J 755 -23.85 24.70 -16.71
CA LEU J 755 -22.55 24.15 -17.01
C LEU J 755 -22.65 22.94 -17.93
N ASP J 756 -21.82 22.92 -18.97
CA ASP J 756 -21.53 21.71 -19.73
C ASP J 756 -20.04 21.66 -20.01
N PHE J 757 -19.55 20.45 -20.30
CA PHE J 757 -18.12 20.25 -20.49
C PHE J 757 -17.72 20.25 -21.95
N THR J 758 -18.41 21.02 -22.78
CA THR J 758 -18.32 20.89 -24.22
C THR J 758 -17.68 22.10 -24.89
N ASN J 759 -16.61 22.63 -24.32
CA ASN J 759 -15.88 23.68 -25.00
C ASN J 759 -14.39 23.39 -24.99
N GLU J 760 -13.63 24.34 -25.53
CA GLU J 760 -12.24 24.11 -25.86
C GLU J 760 -11.37 24.07 -24.62
N LEU J 761 -11.54 25.03 -23.73
CA LEU J 761 -10.64 25.08 -22.60
C LEU J 761 -10.86 23.82 -21.82
N THR J 762 -12.10 23.42 -21.70
CA THR J 762 -12.39 22.27 -20.91
C THR J 762 -11.72 21.09 -21.55
N ASN J 763 -11.80 21.01 -22.86
CA ASN J 763 -11.24 19.86 -23.51
C ASN J 763 -9.76 19.84 -23.26
N TRP J 764 -9.12 21.00 -23.36
CA TRP J 764 -7.69 21.07 -23.17
C TRP J 764 -7.34 20.64 -21.77
N ARG J 765 -8.12 21.11 -20.81
CA ARG J 765 -7.80 20.79 -19.45
C ARG J 765 -7.88 19.31 -19.32
N ALA J 766 -8.92 18.74 -19.89
CA ALA J 766 -9.08 17.32 -19.74
C ALA J 766 -7.96 16.59 -20.37
N ARG J 767 -7.55 17.05 -21.54
CA ARG J 767 -6.54 16.32 -22.25
C ARG J 767 -5.29 16.32 -21.41
N VAL J 768 -5.01 17.44 -20.76
CA VAL J 768 -3.77 17.49 -20.01
C VAL J 768 -3.86 16.47 -18.91
N CYS J 769 -5.02 16.33 -18.31
CA CYS J 769 -5.15 15.39 -17.22
C CYS J 769 -4.91 13.99 -17.73
N GLU J 770 -5.40 13.68 -18.92
CA GLU J 770 -5.24 12.36 -19.44
C GLU J 770 -3.78 12.05 -19.64
N LEU J 771 -3.01 13.02 -20.14
CA LEU J 771 -1.62 12.74 -20.40
C LEU J 771 -1.09 12.37 -19.08
N MET J 772 -1.51 13.10 -18.07
CA MET J 772 -0.89 12.83 -16.78
C MET J 772 -1.34 11.49 -16.20
N LYS J 773 -2.55 11.08 -16.52
CA LYS J 773 -2.98 9.72 -16.17
C LYS J 773 -2.15 8.69 -16.92
N ASN J 774 -1.81 8.96 -18.18
CA ASN J 774 -0.91 8.07 -18.91
C ASN J 774 0.50 8.09 -18.31
N LEU J 775 0.93 9.24 -17.80
CA LEU J 775 2.28 9.36 -17.29
C LEU J 775 2.43 8.63 -15.97
N VAL J 776 1.40 8.68 -15.13
CA VAL J 776 1.42 7.87 -13.91
C VAL J 776 1.05 6.43 -14.23
N ASP J 777 0.46 6.17 -15.40
CA ASP J 777 0.20 4.81 -15.83
C ASP J 777 1.48 4.09 -16.22
N ASN J 778 2.44 4.82 -16.79
CA ASN J 778 3.67 4.20 -17.32
C ASN J 778 4.54 3.75 -16.15
N GLN J 779 4.18 2.59 -15.60
CA GLN J 779 4.90 2.04 -14.46
C GLN J 779 6.24 1.47 -14.85
N ARG J 780 6.48 1.23 -16.14
CA ARG J 780 7.78 0.71 -16.53
C ARG J 780 8.84 1.79 -16.50
N TYR J 781 8.44 3.04 -16.61
CA TYR J 781 9.36 4.13 -16.30
C TYR J 781 9.15 4.66 -14.90
N GLN J 782 7.92 4.57 -14.38
CA GLN J 782 7.56 5.14 -13.08
C GLN J 782 6.94 4.11 -12.14
N PRO J 783 7.73 3.21 -11.55
CA PRO J 783 7.19 2.29 -10.52
C PRO J 783 7.46 2.74 -9.10
N GLY J 784 8.01 3.93 -8.89
CA GLY J 784 8.52 4.27 -7.58
C GLY J 784 7.47 4.86 -6.66
N TRP J 785 6.38 4.14 -6.48
CA TRP J 785 5.37 4.52 -5.49
C TRP J 785 4.77 3.27 -4.89
N THR J 786 4.29 3.39 -3.66
CA THR J 786 3.71 2.25 -2.96
C THR J 786 2.20 2.16 -3.19
N GLN J 787 1.79 2.28 -4.45
CA GLN J 787 0.51 1.98 -5.10
C GLN J 787 -0.73 2.65 -4.50
N SER J 788 -0.66 3.11 -3.25
CA SER J 788 -1.72 3.94 -2.71
C SER J 788 -1.57 5.34 -3.23
N LEU J 789 -0.31 5.77 -3.39
CA LEU J 789 -0.09 7.06 -3.98
C LEU J 789 -0.34 7.02 -5.49
N VAL J 790 -0.19 5.85 -6.10
CA VAL J 790 -0.61 5.66 -7.49
C VAL J 790 -2.12 5.83 -7.62
N SER J 791 -2.87 5.13 -6.77
CA SER J 791 -4.32 5.19 -6.82
C SER J 791 -4.84 6.59 -6.50
N SER J 792 -4.29 7.21 -5.46
CA SER J 792 -4.73 8.54 -5.08
C SER J 792 -4.32 9.58 -6.10
N MET J 793 -3.19 9.36 -6.78
CA MET J 793 -2.80 10.23 -7.88
C MET J 793 -3.80 10.16 -9.01
N ARG J 794 -4.17 8.95 -9.41
CA ARG J 794 -5.12 8.79 -10.51
C ARG J 794 -6.49 9.33 -10.15
N GLY J 795 -6.90 9.15 -8.89
CA GLY J 795 -8.17 9.69 -8.46
C GLY J 795 -8.16 11.21 -8.37
N THR J 796 -7.04 11.78 -7.93
CA THR J 796 -6.92 13.23 -7.86
C THR J 796 -6.92 13.83 -9.25
N LEU J 797 -6.27 13.15 -10.19
CA LEU J 797 -6.30 13.58 -11.59
C LEU J 797 -7.72 13.58 -12.13
N GLY J 798 -8.43 12.44 -12.00
CA GLY J 798 -9.77 12.34 -12.56
C GLY J 798 -10.75 13.32 -11.95
N LYS J 799 -10.66 13.52 -10.63
CA LYS J 799 -11.58 14.45 -9.99
C LYS J 799 -11.23 15.89 -10.33
N LEU J 800 -9.94 16.19 -10.45
CA LEU J 800 -9.50 17.51 -10.87
C LEU J 800 -9.87 17.79 -12.31
N LYS J 801 -9.97 16.74 -13.13
CA LYS J 801 -10.49 16.86 -14.47
C LYS J 801 -11.97 17.23 -14.44
N LEU J 802 -12.72 16.60 -13.53
CA LEU J 802 -14.15 16.85 -13.48
C LEU J 802 -14.57 17.80 -12.36
N ILE J 803 -13.71 18.74 -11.95
CA ILE J 803 -14.23 19.82 -11.11
C ILE J 803 -15.15 20.71 -11.93
N LYS J 804 -16.06 21.38 -11.24
CA LYS J 804 -16.96 22.32 -11.89
C LYS J 804 -16.35 23.71 -11.86
N SER J 805 -16.51 24.43 -12.96
CA SER J 805 -16.03 25.81 -13.07
C SER J 805 -16.74 26.46 -14.25
N MET J 806 -17.41 27.58 -14.00
CA MET J 806 -18.10 28.31 -15.05
C MET J 806 -17.15 29.15 -15.88
N THR J 807 -15.90 29.27 -15.45
CA THR J 807 -14.92 30.11 -16.13
C THR J 807 -14.63 29.75 -17.59
N PRO J 808 -14.51 28.48 -18.02
CA PRO J 808 -14.28 28.23 -19.45
C PRO J 808 -15.43 28.64 -20.33
N MET J 809 -16.68 28.37 -19.93
CA MET J 809 -17.81 28.82 -20.74
C MET J 809 -17.99 30.31 -20.66
N TYR J 810 -17.55 30.94 -19.56
CA TYR J 810 -17.52 32.38 -19.50
C TYR J 810 -16.63 32.94 -20.58
N LEU J 811 -15.41 32.41 -20.66
CA LEU J 811 -14.46 32.82 -21.69
C LEU J 811 -14.94 32.47 -23.09
N GLN J 812 -15.71 31.41 -23.23
CA GLN J 812 -16.13 30.95 -24.55
C GLN J 812 -17.40 31.63 -25.03
N GLN J 813 -18.22 32.16 -24.14
CA GLN J 813 -19.48 32.77 -24.55
C GLN J 813 -19.59 34.24 -24.18
N LEU J 814 -19.38 34.60 -22.91
CA LEU J 814 -19.81 35.91 -22.46
C LEU J 814 -18.72 36.95 -22.47
N ALA J 815 -17.48 36.55 -22.19
CA ALA J 815 -16.41 37.53 -22.07
C ALA J 815 -16.05 38.26 -23.37
N PRO J 816 -16.03 37.64 -24.56
CA PRO J 816 -15.86 38.47 -25.77
C PRO J 816 -17.06 39.35 -26.06
N VAL J 817 -18.26 38.97 -25.65
CA VAL J 817 -19.43 39.84 -25.85
C VAL J 817 -19.30 41.09 -25.01
N GLU J 818 -18.99 40.91 -23.72
CA GLU J 818 -18.74 42.04 -22.83
C GLU J 818 -17.58 42.89 -23.32
N LEU J 819 -16.52 42.22 -23.78
CA LEU J 819 -15.33 42.91 -24.24
C LEU J 819 -15.62 43.75 -25.47
N ALA J 820 -16.47 43.24 -26.36
CA ALA J 820 -16.86 44.01 -27.54
C ALA J 820 -17.75 45.18 -27.17
N VAL J 821 -18.61 45.01 -26.17
CA VAL J 821 -19.44 46.13 -25.72
C VAL J 821 -18.57 47.23 -25.11
N ILE J 822 -17.53 46.84 -24.40
CA ILE J 822 -16.62 47.80 -23.78
C ILE J 822 -15.80 48.52 -24.85
N ALA J 823 -15.30 47.76 -25.83
CA ALA J 823 -14.20 48.17 -26.69
C ALA J 823 -14.27 49.54 -27.37
N PRO J 824 -15.43 50.10 -27.75
CA PRO J 824 -15.40 51.48 -28.23
C PRO J 824 -15.30 52.52 -27.14
N MET J 825 -15.70 52.21 -25.91
CA MET J 825 -15.68 53.21 -24.84
C MET J 825 -14.30 53.34 -24.21
N LEU J 826 -13.27 53.56 -25.02
CA LEU J 826 -11.89 53.51 -24.56
C LEU J 826 -11.15 54.80 -24.89
N PRO J 827 -10.30 55.27 -23.98
CA PRO J 827 -9.39 56.35 -24.35
C PRO J 827 -8.31 55.88 -25.28
N PHE J 828 -8.00 54.59 -25.25
CA PHE J 828 -6.92 54.01 -26.03
C PHE J 828 -7.53 52.99 -26.97
N PRO J 829 -7.79 53.36 -28.23
CA PRO J 829 -8.61 52.52 -29.09
C PRO J 829 -7.84 51.28 -29.53
N PRO J 830 -8.55 50.18 -29.81
CA PRO J 830 -7.87 48.89 -29.99
C PRO J 830 -6.96 48.84 -31.19
N PHE J 831 -5.94 48.00 -31.08
CA PHE J 831 -4.80 48.04 -31.99
C PHE J 831 -4.21 46.63 -31.98
N GLN J 832 -4.55 45.83 -32.98
CA GLN J 832 -4.24 44.42 -32.96
C GLN J 832 -3.40 44.00 -34.14
N VAL J 833 -2.66 42.92 -33.92
CA VAL J 833 -1.82 42.28 -34.92
C VAL J 833 -2.26 40.83 -34.98
N PRO J 834 -2.55 40.27 -36.17
CA PRO J 834 -3.37 39.04 -36.23
C PRO J 834 -2.71 37.81 -35.63
N TYR J 835 -3.53 37.04 -34.93
CA TYR J 835 -3.06 35.85 -34.23
C TYR J 835 -2.69 34.76 -35.22
N VAL J 836 -1.92 33.81 -34.73
CA VAL J 836 -1.60 32.62 -35.51
C VAL J 836 -1.50 31.46 -34.54
N ARG J 837 -2.07 30.33 -34.94
CA ARG J 837 -2.06 29.17 -34.07
C ARG J 837 -0.68 28.56 -33.99
N LEU J 838 -0.20 28.02 -35.10
CA LEU J 838 1.08 27.33 -35.10
C LEU J 838 1.90 27.58 -36.35
N ASP J 839 1.37 28.29 -37.34
CA ASP J 839 2.07 28.57 -38.59
C ASP J 839 3.21 29.54 -38.30
N ARG J 840 4.44 29.02 -38.30
CA ARG J 840 5.59 29.86 -37.96
C ARG J 840 5.89 30.91 -39.02
N ASP J 841 5.43 30.71 -40.25
CA ASP J 841 5.70 31.68 -41.29
C ASP J 841 4.76 32.86 -41.26
N ARG J 842 3.80 32.88 -40.35
CA ARG J 842 2.90 34.01 -40.19
C ARG J 842 2.93 34.51 -38.76
N VAL J 843 4.12 34.57 -38.18
CA VAL J 843 4.32 35.07 -36.82
C VAL J 843 4.90 36.48 -36.93
N PRO J 844 4.29 37.48 -36.31
CA PRO J 844 4.83 38.84 -36.38
C PRO J 844 6.13 38.97 -35.59
N THR J 845 7.22 39.21 -36.31
CA THR J 845 8.48 39.44 -35.62
C THR J 845 8.55 40.83 -35.02
N MET J 846 7.87 41.79 -35.62
CA MET J 846 7.98 43.17 -35.18
C MET J 846 6.77 43.97 -35.65
N VAL J 847 6.72 45.21 -35.19
CA VAL J 847 5.82 46.23 -35.71
C VAL J 847 6.57 47.55 -35.63
N GLY J 848 6.46 48.35 -36.68
CA GLY J 848 7.29 49.53 -36.80
C GLY J 848 6.50 50.77 -37.16
N VAL J 849 6.87 51.87 -36.53
CA VAL J 849 6.36 53.18 -36.88
C VAL J 849 7.51 54.02 -37.38
N THR J 850 7.20 55.17 -37.95
CA THR J 850 8.21 56.01 -38.55
C THR J 850 7.91 57.47 -38.29
N ARG J 851 8.84 58.33 -38.67
CA ARG J 851 8.60 59.77 -38.56
C ARG J 851 9.06 60.58 -39.75
N GLN J 852 9.88 60.06 -40.65
CA GLN J 852 10.47 60.90 -41.67
C GLN J 852 11.02 60.06 -42.80
N SER J 853 11.22 60.71 -43.95
CA SER J 853 11.94 60.09 -45.03
C SER J 853 13.44 60.18 -44.76
N ARG J 854 14.18 59.29 -45.42
CA ARG J 854 15.54 58.99 -44.97
C ARG J 854 16.58 59.95 -45.53
N ASP J 855 16.81 59.91 -46.83
CA ASP J 855 17.94 60.63 -47.42
C ASP J 855 17.51 61.66 -48.44
N THR J 856 16.90 61.22 -49.53
CA THR J 856 16.39 62.09 -50.59
C THR J 856 15.02 61.63 -51.06
N ILE J 857 14.70 60.35 -50.88
CA ILE J 857 13.54 59.73 -51.50
C ILE J 857 12.26 60.27 -50.88
N THR J 858 11.30 60.58 -51.74
CA THR J 858 10.07 61.20 -51.29
C THR J 858 9.07 60.16 -50.82
N GLN J 859 9.01 59.03 -51.50
CA GLN J 859 7.93 58.09 -51.33
C GLN J 859 8.06 57.31 -50.03
N PRO J 860 7.07 57.36 -49.14
CA PRO J 860 7.16 56.63 -47.88
C PRO J 860 7.16 55.13 -48.03
N ALA J 861 6.59 54.62 -49.13
CA ALA J 861 6.69 53.20 -49.42
C ALA J 861 8.13 52.78 -49.67
N LEU J 862 8.96 53.70 -50.16
CA LEU J 862 10.37 53.40 -50.27
C LEU J 862 11.11 53.72 -48.97
N SER J 863 10.65 54.72 -48.23
CA SER J 863 11.38 55.16 -47.04
C SER J 863 11.15 54.26 -45.84
N LEU J 864 10.05 53.53 -45.80
CA LEU J 864 9.57 52.93 -44.56
C LEU J 864 10.42 51.75 -44.09
N SER J 865 11.11 51.08 -45.02
CA SER J 865 11.76 49.81 -44.67
C SER J 865 12.96 50.02 -43.78
N THR J 866 13.73 51.07 -44.02
CA THR J 866 14.98 51.27 -43.31
C THR J 866 14.92 52.43 -42.33
N THR J 867 13.73 52.97 -42.08
CA THR J 867 13.56 54.13 -41.21
C THR J 867 12.38 53.87 -40.27
N ASN J 868 12.39 52.73 -39.61
CA ASN J 868 11.30 52.36 -38.73
C ASN J 868 11.64 52.63 -37.27
N THR J 869 10.68 52.36 -36.41
CA THR J 869 10.89 52.38 -34.96
C THR J 869 10.08 51.24 -34.36
N THR J 870 10.78 50.25 -33.82
CA THR J 870 10.13 49.09 -33.25
C THR J 870 9.46 49.45 -31.94
N VAL J 871 8.22 48.99 -31.77
CA VAL J 871 7.48 49.17 -30.54
C VAL J 871 6.98 47.80 -30.09
N GLY J 872 6.94 47.59 -28.78
CA GLY J 872 6.43 46.34 -28.25
C GLY J 872 7.17 45.95 -26.99
N VAL J 873 6.41 45.55 -25.96
CA VAL J 873 7.00 45.24 -24.67
C VAL J 873 6.50 43.87 -24.23
N PRO J 874 7.22 43.21 -23.33
CA PRO J 874 6.65 42.10 -22.58
C PRO J 874 5.96 42.61 -21.32
N LEU J 875 5.27 41.70 -20.66
CA LEU J 875 4.51 42.09 -19.47
C LEU J 875 4.82 41.23 -18.25
N ALA J 876 5.02 39.92 -18.45
CA ALA J 876 5.43 38.96 -17.43
C ALA J 876 4.43 38.87 -16.28
N LEU J 877 3.25 38.35 -16.60
CA LEU J 877 2.29 38.01 -15.56
C LEU J 877 2.66 36.70 -14.89
N ASP J 878 1.83 36.29 -13.94
CA ASP J 878 2.07 35.11 -13.14
C ASP J 878 1.16 33.97 -13.57
N ALA J 879 1.70 32.76 -13.55
CA ALA J 879 0.94 31.61 -14.05
C ALA J 879 -0.02 31.06 -13.02
N ARG J 880 0.37 31.11 -11.74
CA ARG J 880 -0.48 30.57 -10.68
C ARG J 880 -1.77 31.36 -10.58
N ALA J 881 -1.70 32.68 -10.74
CA ALA J 881 -2.88 33.53 -10.71
C ALA J 881 -3.87 33.14 -11.79
N ILE J 882 -3.38 32.98 -13.02
CA ILE J 882 -4.19 32.60 -14.16
C ILE J 882 -4.81 31.23 -13.95
N THR J 883 -4.02 30.30 -13.42
CA THR J 883 -4.52 28.93 -13.33
C THR J 883 -5.58 28.81 -12.25
N VAL J 884 -5.39 29.47 -11.12
CA VAL J 884 -6.40 29.41 -10.06
C VAL J 884 -7.68 30.10 -10.52
N ALA J 885 -7.56 31.19 -11.30
CA ALA J 885 -8.76 31.80 -11.84
C ALA J 885 -9.45 30.91 -12.87
N LEU J 886 -8.69 30.10 -13.61
CA LEU J 886 -9.31 29.10 -14.48
C LEU J 886 -10.00 28.01 -13.69
N LEU J 887 -9.38 27.55 -12.61
CA LEU J 887 -9.91 26.39 -11.91
C LEU J 887 -11.14 26.73 -11.09
N SER J 888 -11.14 27.88 -10.44
CA SER J 888 -12.23 28.24 -9.53
C SER J 888 -12.92 29.48 -10.08
N GLY J 889 -14.20 29.33 -10.41
CA GLY J 889 -15.00 30.45 -10.85
C GLY J 889 -16.47 30.11 -10.90
N LYS J 890 -17.30 30.94 -10.29
CA LYS J 890 -18.72 30.66 -10.15
C LYS J 890 -19.56 31.72 -10.83
N TYR J 891 -20.77 31.34 -11.17
CA TYR J 891 -21.82 32.29 -11.48
C TYR J 891 -22.60 32.59 -10.21
N PRO J 892 -23.44 33.62 -10.22
CA PRO J 892 -24.41 33.76 -9.15
C PRO J 892 -25.40 32.63 -9.17
N PRO J 893 -26.00 32.29 -8.03
CA PRO J 893 -26.94 31.17 -7.99
C PRO J 893 -28.21 31.43 -8.77
N ASP J 894 -28.63 32.68 -8.87
CA ASP J 894 -29.81 33.05 -9.66
C ASP J 894 -29.35 34.19 -10.56
N LEU J 895 -28.78 33.85 -11.71
CA LEU J 895 -28.35 34.87 -12.64
C LEU J 895 -29.19 34.81 -13.90
N VAL J 896 -29.46 36.00 -14.44
CA VAL J 896 -30.20 36.18 -15.68
C VAL J 896 -29.41 37.19 -16.49
N THR J 897 -29.01 36.80 -17.71
CA THR J 897 -27.92 37.52 -18.35
C THR J 897 -28.34 38.90 -18.87
N ASN J 898 -29.56 39.03 -19.40
CA ASN J 898 -29.94 40.33 -19.92
C ASN J 898 -30.30 41.30 -18.82
N VAL J 899 -30.91 40.80 -17.74
CA VAL J 899 -31.20 41.63 -16.58
C VAL J 899 -29.91 42.10 -15.92
N TRP J 900 -28.94 41.19 -15.78
CA TRP J 900 -27.66 41.54 -15.17
C TRP J 900 -26.88 42.53 -16.02
N TYR J 901 -26.95 42.38 -17.34
CA TYR J 901 -26.21 43.32 -18.17
C TYR J 901 -26.90 44.66 -18.28
N ALA J 902 -28.24 44.69 -18.26
CA ALA J 902 -28.96 45.95 -18.22
C ALA J 902 -28.73 46.66 -16.90
N ASP J 903 -28.45 45.93 -15.85
CA ASP J 903 -27.99 46.57 -14.61
C ASP J 903 -26.58 47.12 -14.79
N ALA J 904 -25.66 46.29 -15.27
CA ALA J 904 -24.24 46.62 -15.14
C ALA J 904 -23.79 47.66 -16.16
N ILE J 905 -24.15 47.49 -17.43
CA ILE J 905 -23.51 48.26 -18.49
C ILE J 905 -24.14 49.64 -18.64
N TYR J 906 -25.35 49.84 -18.13
CA TYR J 906 -26.09 51.09 -18.30
C TYR J 906 -25.40 52.38 -17.84
N PRO J 907 -24.72 52.47 -16.69
CA PRO J 907 -24.07 53.76 -16.36
C PRO J 907 -22.81 54.04 -17.15
N MET J 908 -22.29 53.06 -17.89
CA MET J 908 -21.05 53.30 -18.63
C MET J 908 -21.30 54.22 -19.82
N TYR J 909 -22.51 54.20 -20.37
CA TYR J 909 -22.84 55.05 -21.51
C TYR J 909 -23.41 56.38 -21.11
N ALA J 910 -23.08 56.88 -19.93
CA ALA J 910 -23.34 58.25 -19.55
C ALA J 910 -22.11 59.13 -19.74
N ASP J 911 -21.20 58.74 -20.63
CA ASP J 911 -19.93 59.42 -20.80
C ASP J 911 -19.99 60.40 -21.95
N THR J 912 -18.97 61.27 -21.97
CA THR J 912 -18.80 62.25 -23.04
C THR J 912 -17.33 62.30 -23.49
N GLU J 913 -16.39 61.78 -22.70
CA GLU J 913 -14.98 61.78 -23.08
C GLU J 913 -14.72 60.90 -24.30
N VAL J 914 -15.56 59.87 -24.50
CA VAL J 914 -15.43 58.99 -25.64
C VAL J 914 -15.76 59.72 -26.94
N PHE J 915 -16.55 60.80 -26.86
CA PHE J 915 -16.66 61.71 -27.98
C PHE J 915 -15.63 62.81 -27.93
N SER J 916 -15.18 63.18 -26.73
CA SER J 916 -14.32 64.33 -26.57
C SER J 916 -12.91 64.09 -27.08
N ASN J 917 -12.48 62.84 -27.17
CA ASN J 917 -11.16 62.56 -27.73
C ASN J 917 -11.09 62.79 -29.23
N LEU J 918 -12.25 62.78 -29.91
CA LEU J 918 -12.30 62.97 -31.34
C LEU J 918 -11.80 64.35 -31.74
N GLN J 919 -12.13 65.36 -30.94
CA GLN J 919 -11.72 66.72 -31.28
C GLN J 919 -10.24 66.92 -31.04
N ARG J 920 -9.67 66.20 -30.08
CA ARG J 920 -8.22 66.21 -29.94
C ARG J 920 -7.58 65.58 -31.17
N ASP J 921 -8.22 64.56 -31.72
CA ASP J 921 -7.69 63.96 -32.95
C ASP J 921 -7.81 64.93 -34.13
N VAL J 922 -8.89 65.73 -34.16
CA VAL J 922 -9.05 66.80 -35.16
C VAL J 922 -7.88 67.76 -35.09
N ILE J 923 -7.70 68.37 -33.92
CA ILE J 923 -6.69 69.42 -33.77
C ILE J 923 -5.28 68.86 -33.90
N THR J 924 -5.09 67.55 -33.64
CA THR J 924 -3.80 66.92 -33.90
C THR J 924 -3.50 66.87 -35.38
N CYS J 925 -4.45 66.38 -36.18
CA CYS J 925 -4.24 66.34 -37.63
C CYS J 925 -4.11 67.73 -38.23
N GLU J 926 -4.91 68.68 -37.73
CA GLU J 926 -4.83 70.05 -38.22
C GLU J 926 -3.48 70.67 -37.90
N ALA J 927 -2.97 70.41 -36.69
CA ALA J 927 -1.70 70.99 -36.28
C ALA J 927 -0.54 70.38 -37.06
N VAL J 928 -0.61 69.08 -37.35
CA VAL J 928 0.54 68.50 -38.06
C VAL J 928 0.52 68.91 -39.53
N GLN J 929 -0.66 69.10 -40.13
CA GLN J 929 -0.69 69.58 -41.50
C GLN J 929 -0.28 71.05 -41.60
N THR J 930 -0.68 71.85 -40.61
CA THR J 930 -0.24 73.24 -40.56
C THR J 930 1.27 73.32 -40.34
N LEU J 931 1.81 72.41 -39.54
CA LEU J 931 3.25 72.35 -39.32
C LEU J 931 4.01 72.06 -40.59
N VAL J 932 3.57 71.06 -41.35
CA VAL J 932 4.34 70.69 -42.53
C VAL J 932 4.22 71.76 -43.62
N THR J 933 3.04 72.36 -43.77
CA THR J 933 2.94 73.41 -44.76
C THR J 933 3.55 74.72 -44.30
N LEU J 934 3.90 74.85 -43.03
CA LEU J 934 4.57 76.06 -42.58
C LEU J 934 6.07 75.90 -42.61
N VAL J 935 6.59 74.69 -42.38
CA VAL J 935 8.01 74.44 -42.52
C VAL J 935 8.39 74.42 -44.00
N ALA J 936 7.45 74.05 -44.87
CA ALA J 936 7.71 74.11 -46.30
C ALA J 936 7.92 75.53 -46.82
N GLN J 937 7.45 76.54 -46.10
CA GLN J 937 7.73 77.91 -46.51
C GLN J 937 9.13 78.34 -46.13
N ILE J 938 9.68 77.82 -45.05
CA ILE J 938 10.99 78.27 -44.60
C ILE J 938 12.13 77.44 -45.19
N SER J 939 11.87 76.18 -45.54
CA SER J 939 12.94 75.40 -46.14
C SER J 939 12.46 74.63 -47.35
N GLU J 940 13.31 73.78 -47.91
CA GLU J 940 12.97 72.99 -49.10
C GLU J 940 12.68 71.57 -48.66
N THR J 941 11.41 71.17 -48.79
CA THR J 941 10.98 69.86 -48.35
C THR J 941 10.32 69.10 -49.49
N GLN J 942 9.69 67.99 -49.17
CA GLN J 942 9.14 67.07 -50.14
C GLN J 942 7.65 67.28 -50.40
N TYR J 943 7.05 68.30 -49.82
CA TYR J 943 5.61 68.40 -50.02
C TYR J 943 5.30 69.51 -51.02
N PRO J 944 4.37 69.29 -51.93
CA PRO J 944 4.08 70.31 -52.94
C PRO J 944 3.29 71.48 -52.39
N VAL J 945 3.95 72.62 -52.23
CA VAL J 945 3.30 73.82 -51.74
C VAL J 945 3.49 74.93 -52.75
N ASP J 946 2.68 75.97 -52.60
CA ASP J 946 2.68 77.12 -53.49
C ASP J 946 3.13 78.30 -52.64
N ARG J 947 4.42 78.59 -52.66
CA ARG J 947 4.97 79.63 -51.81
C ARG J 947 4.62 81.01 -52.35
N TYR J 948 4.34 81.93 -51.43
CA TYR J 948 3.97 83.29 -51.78
C TYR J 948 4.91 84.33 -51.18
N LEU J 949 5.86 83.94 -50.36
CA LEU J 949 6.64 84.84 -49.54
C LEU J 949 8.08 84.92 -50.01
N ASP J 950 8.27 84.95 -51.33
CA ASP J 950 9.62 84.86 -51.89
C ASP J 950 10.41 86.14 -51.67
N TRP J 951 9.79 87.29 -51.93
CA TRP J 951 10.54 88.54 -52.01
C TRP J 951 11.06 89.05 -50.68
N ILE J 952 10.60 88.48 -49.57
CA ILE J 952 11.18 88.78 -48.26
C ILE J 952 12.46 87.97 -48.08
N PRO J 953 13.56 88.59 -47.67
CA PRO J 953 14.80 87.83 -47.45
C PRO J 953 14.68 86.91 -46.25
N SER J 954 15.39 85.79 -46.32
CA SER J 954 15.29 84.76 -45.31
C SER J 954 16.64 84.09 -45.13
N LEU J 955 16.82 83.49 -43.95
CA LEU J 955 18.05 82.77 -43.64
C LEU J 955 18.12 81.46 -44.42
N ARG J 956 19.34 81.09 -44.80
CA ARG J 956 19.60 79.71 -45.16
C ARG J 956 19.40 78.84 -43.91
N ALA J 957 18.30 78.09 -43.90
CA ALA J 957 17.88 77.41 -42.69
C ALA J 957 18.76 76.19 -42.40
N SER J 958 18.51 75.56 -41.26
CA SER J 958 19.22 74.35 -40.86
C SER J 958 18.34 73.58 -39.90
N ALA J 959 18.93 72.55 -39.27
CA ALA J 959 18.15 71.67 -38.41
C ALA J 959 17.69 72.39 -37.15
N ALA J 960 18.59 73.16 -36.52
CA ALA J 960 18.22 73.92 -35.32
C ALA J 960 17.18 74.98 -35.64
N THR J 961 17.28 75.59 -36.82
CA THR J 961 16.34 76.63 -37.24
C THR J 961 14.95 76.06 -37.44
N ALA J 962 14.84 74.99 -38.24
CA ALA J 962 13.54 74.39 -38.51
C ALA J 962 12.95 73.80 -37.24
N ALA J 963 13.80 73.28 -36.36
CA ALA J 963 13.34 72.69 -35.11
C ALA J 963 12.78 73.74 -34.16
N THR J 964 13.51 74.84 -33.95
CA THR J 964 13.03 75.86 -33.04
C THR J 964 11.77 76.52 -33.58
N PHE J 965 11.66 76.69 -34.90
CA PHE J 965 10.46 77.28 -35.48
C PHE J 965 9.27 76.36 -35.32
N ALA J 966 9.53 75.06 -35.36
CA ALA J 966 8.49 74.08 -35.10
C ALA J 966 8.00 74.17 -33.65
N GLU J 967 8.89 74.41 -32.69
CA GLU J 967 8.26 74.55 -31.38
C GLU J 967 7.70 75.95 -31.12
N TRP J 968 8.07 76.96 -31.91
CA TRP J 968 7.35 78.24 -31.84
C TRP J 968 5.90 78.06 -32.26
N VAL J 969 5.68 77.42 -33.41
CA VAL J 969 4.30 77.16 -33.84
C VAL J 969 3.60 76.18 -32.89
N ASN J 970 4.34 75.27 -32.26
CA ASN J 970 3.73 74.37 -31.28
C ASN J 970 3.23 75.12 -30.05
N THR J 971 4.04 76.04 -29.51
CA THR J 971 3.56 76.73 -28.32
C THR J 971 2.49 77.77 -28.66
N SER J 972 2.49 78.28 -29.90
CA SER J 972 1.38 79.12 -30.33
C SER J 972 0.09 78.33 -30.43
N MET J 973 0.17 77.12 -30.97
CA MET J 973 -1.00 76.27 -31.10
C MET J 973 -1.51 75.79 -29.75
N LYS J 974 -0.61 75.56 -28.80
CA LYS J 974 -1.05 75.13 -27.48
C LYS J 974 -1.62 76.28 -26.68
N THR J 975 -1.10 77.50 -26.86
CA THR J 975 -1.72 78.65 -26.22
C THR J 975 -3.10 78.91 -26.79
N ALA J 976 -3.26 78.73 -28.09
CA ALA J 976 -4.60 78.70 -28.66
C ALA J 976 -5.29 77.40 -28.27
N PHE J 977 -6.60 77.37 -28.51
CA PHE J 977 -7.47 76.19 -28.38
C PHE J 977 -7.56 75.56 -27.00
N ASP J 978 -6.89 76.13 -25.98
CA ASP J 978 -6.83 75.62 -24.62
C ASP J 978 -6.30 74.19 -24.59
N LEU J 979 -5.05 74.04 -24.99
CA LEU J 979 -4.36 72.75 -24.91
C LEU J 979 -3.13 72.91 -24.02
N SER J 980 -3.11 72.19 -22.91
CA SER J 980 -2.03 72.28 -21.95
C SER J 980 -1.17 71.03 -21.86
N ASP J 981 -1.37 70.04 -22.73
CA ASP J 981 -0.53 68.85 -22.64
C ASP J 981 -0.22 68.25 -24.02
N MET J 982 1.01 68.50 -24.47
CA MET J 982 1.75 67.64 -25.40
C MET J 982 1.06 67.42 -26.75
N LEU J 983 0.97 68.49 -27.53
CA LEU J 983 0.49 68.42 -28.90
C LEU J 983 1.68 68.46 -29.85
N LEU J 984 1.73 67.50 -30.77
CA LEU J 984 2.75 67.36 -31.84
C LEU J 984 4.18 67.39 -31.30
N GLU J 985 4.34 66.96 -30.05
CA GLU J 985 5.67 66.90 -29.43
C GLU J 985 6.51 65.72 -29.89
N PRO J 986 5.98 64.45 -30.07
CA PRO J 986 6.86 63.36 -30.54
C PRO J 986 7.46 63.58 -31.92
N LEU J 987 6.82 64.41 -32.74
CA LEU J 987 7.39 64.76 -34.02
C LEU J 987 8.57 65.70 -33.88
N LEU J 988 8.68 66.40 -32.75
CA LEU J 988 9.77 67.33 -32.55
C LEU J 988 11.08 66.65 -32.18
N SER J 989 11.02 65.39 -31.75
CA SER J 989 12.23 64.66 -31.43
C SER J 989 13.05 64.37 -32.67
N GLY J 990 12.40 64.16 -33.80
CA GLY J 990 13.07 63.95 -35.06
C GLY J 990 13.38 65.26 -35.77
N ASP J 991 13.69 65.15 -37.04
CA ASP J 991 13.97 66.30 -37.88
C ASP J 991 12.65 66.84 -38.44
N PRO J 992 12.29 68.09 -38.17
CA PRO J 992 10.99 68.60 -38.62
C PRO J 992 10.91 68.91 -40.11
N ARG J 993 11.98 68.73 -40.88
CA ARG J 993 11.91 69.04 -42.30
C ARG J 993 11.17 67.96 -43.07
N MET J 994 11.66 66.72 -43.02
CA MET J 994 11.24 65.67 -43.92
C MET J 994 10.20 64.75 -43.31
N THR J 995 9.29 65.30 -42.51
CA THR J 995 8.38 64.46 -41.73
C THR J 995 7.33 63.79 -42.59
N GLN J 996 7.00 62.56 -42.23
CA GLN J 996 5.88 61.82 -42.79
C GLN J 996 5.46 60.76 -41.79
N LEU J 997 4.27 60.23 -41.96
CA LEU J 997 3.69 59.32 -40.98
C LEU J 997 3.25 58.02 -41.64
N ALA J 998 3.70 56.90 -41.10
CA ALA J 998 3.34 55.58 -41.61
C ALA J 998 3.58 54.55 -40.52
N ILE J 999 3.24 53.30 -40.83
CA ILE J 999 3.32 52.20 -39.87
C ILE J 999 3.36 50.90 -40.67
N GLN J 1000 4.03 49.90 -40.12
CA GLN J 1000 4.16 48.62 -40.82
C GLN J 1000 4.45 47.51 -39.82
N TYR J 1001 4.49 46.29 -40.34
CA TYR J 1001 4.83 45.12 -39.54
C TYR J 1001 5.27 44.03 -40.51
N GLN J 1002 5.83 42.96 -39.94
CA GLN J 1002 6.51 41.95 -40.73
C GLN J 1002 6.29 40.58 -40.13
N GLN J 1003 6.03 39.60 -40.99
CA GLN J 1003 5.92 38.21 -40.55
C GLN J 1003 7.31 37.60 -40.47
N TYR J 1004 7.39 36.29 -40.32
CA TYR J 1004 8.70 35.68 -40.17
C TYR J 1004 9.42 35.52 -41.50
N ASN J 1005 8.70 35.31 -42.60
CA ASN J 1005 9.36 35.01 -43.86
C ASN J 1005 9.59 36.25 -44.72
N GLY J 1006 9.81 37.40 -44.10
CA GLY J 1006 10.08 38.61 -44.83
C GLY J 1006 8.86 39.28 -45.41
N ARG J 1007 7.66 38.75 -45.15
CA ARG J 1007 6.44 39.32 -45.67
C ARG J 1007 6.12 40.58 -44.88
N THR J 1008 6.29 41.74 -45.51
CA THR J 1008 6.07 43.02 -44.87
C THR J 1008 4.76 43.61 -45.35
N PHE J 1009 3.90 43.99 -44.41
CA PHE J 1009 2.67 44.70 -44.71
C PHE J 1009 2.75 46.08 -44.10
N ASN J 1010 2.18 47.07 -44.77
CA ASN J 1010 2.24 48.42 -44.26
C ASN J 1010 0.88 49.09 -44.37
N VAL J 1011 0.74 50.20 -43.66
CA VAL J 1011 -0.38 51.12 -43.79
C VAL J 1011 0.19 52.52 -43.86
N ILE J 1012 -0.01 53.20 -44.99
CA ILE J 1012 0.34 54.60 -45.13
C ILE J 1012 -0.94 55.37 -45.34
N PRO J 1013 -1.50 55.97 -44.29
CA PRO J 1013 -2.76 56.69 -44.42
C PRO J 1013 -2.56 58.06 -45.04
N GLU J 1014 -3.57 58.51 -45.76
CA GLU J 1014 -3.54 59.83 -46.36
C GLU J 1014 -3.69 60.91 -45.28
N MET J 1015 -3.16 62.07 -45.57
CA MET J 1015 -3.28 63.20 -44.67
C MET J 1015 -4.35 64.13 -45.22
N PRO J 1016 -5.48 64.30 -44.54
CA PRO J 1016 -6.53 65.17 -45.06
C PRO J 1016 -6.13 66.63 -44.93
N GLY J 1017 -6.74 67.45 -45.78
CA GLY J 1017 -6.40 68.86 -45.82
C GLY J 1017 -6.85 69.58 -44.57
N SER J 1018 -6.13 70.66 -44.26
CA SER J 1018 -6.37 71.43 -43.05
C SER J 1018 -7.00 72.77 -43.39
N VAL J 1019 -8.10 73.08 -42.72
CA VAL J 1019 -8.76 74.37 -42.87
C VAL J 1019 -7.85 75.48 -42.37
N ILE J 1020 -7.11 75.19 -41.30
CA ILE J 1020 -6.15 76.15 -40.75
C ILE J 1020 -5.05 76.46 -41.75
N ALA J 1021 -4.50 75.41 -42.36
CA ALA J 1021 -3.43 75.59 -43.32
C ALA J 1021 -3.91 76.30 -44.58
N ASP J 1022 -5.14 76.01 -44.98
CA ASP J 1022 -5.74 76.68 -46.12
C ASP J 1022 -5.91 78.16 -45.85
N CYS J 1023 -6.34 78.51 -44.64
CA CYS J 1023 -6.50 79.92 -44.32
C CYS J 1023 -5.17 80.61 -44.14
N VAL J 1024 -4.13 79.87 -43.73
CA VAL J 1024 -2.78 80.44 -43.66
C VAL J 1024 -2.28 80.78 -45.05
N GLN J 1025 -2.48 79.88 -46.01
CA GLN J 1025 -2.10 80.17 -47.39
C GLN J 1025 -2.92 81.31 -47.97
N LEU J 1026 -4.19 81.41 -47.59
CA LEU J 1026 -5.03 82.51 -48.02
C LEU J 1026 -4.53 83.84 -47.46
N THR J 1027 -4.13 83.84 -46.19
CA THR J 1027 -3.58 85.03 -45.57
C THR J 1027 -2.25 85.41 -46.17
N ALA J 1028 -1.46 84.41 -46.58
CA ALA J 1028 -0.22 84.67 -47.30
C ALA J 1028 -0.50 85.36 -48.64
N GLU J 1029 -1.54 84.88 -49.34
CA GLU J 1029 -1.93 85.49 -50.61
C GLU J 1029 -2.36 86.94 -50.40
N VAL J 1030 -3.11 87.21 -49.33
CA VAL J 1030 -3.58 88.57 -49.12
C VAL J 1030 -2.43 89.45 -48.63
N PHE J 1031 -1.44 88.85 -47.95
CA PHE J 1031 -0.28 89.62 -47.55
C PHE J 1031 0.56 90.03 -48.75
N ASN J 1032 0.56 89.19 -49.79
CA ASN J 1032 1.29 89.48 -51.02
C ASN J 1032 0.84 90.78 -51.67
N HIS J 1033 -0.43 91.15 -51.51
CA HIS J 1033 -0.89 92.41 -52.05
C HIS J 1033 -0.98 93.51 -50.99
N GLU J 1034 -1.54 93.22 -49.82
CA GLU J 1034 -1.59 94.21 -48.73
C GLU J 1034 -0.40 94.05 -47.80
N TYR J 1035 0.80 94.01 -48.38
CA TYR J 1035 2.02 94.09 -47.60
C TYR J 1035 2.16 95.43 -46.88
N ASN J 1036 1.57 96.49 -47.43
CA ASN J 1036 1.64 97.81 -46.79
C ASN J 1036 0.90 97.83 -45.45
N LEU J 1037 -0.16 97.03 -45.32
CA LEU J 1037 -0.99 97.14 -44.13
C LEU J 1037 -0.35 96.53 -42.90
N PHE J 1038 0.69 95.72 -43.06
CA PHE J 1038 1.39 95.22 -41.89
C PHE J 1038 2.72 95.93 -41.69
N GLY J 1039 2.85 97.12 -42.26
CA GLY J 1039 4.04 97.93 -42.07
C GLY J 1039 5.25 97.48 -42.85
N ILE J 1040 5.05 96.87 -44.01
CA ILE J 1040 6.15 96.39 -44.84
C ILE J 1040 6.06 97.09 -46.19
N ALA J 1041 7.20 97.47 -46.75
CA ALA J 1041 7.26 97.92 -48.13
C ALA J 1041 8.06 96.93 -48.96
N ARG J 1042 7.67 96.79 -50.22
CA ARG J 1042 8.44 95.99 -51.17
C ARG J 1042 9.60 96.81 -51.72
N GLY J 1043 10.44 96.15 -52.50
CA GLY J 1043 11.53 96.84 -53.16
C GLY J 1043 12.62 97.21 -52.18
N ASP J 1044 13.19 98.39 -52.37
CA ASP J 1044 14.27 98.83 -51.51
C ASP J 1044 14.23 100.35 -51.42
N ILE J 1045 15.33 100.95 -50.97
CA ILE J 1045 15.40 102.39 -50.77
C ILE J 1045 16.55 102.97 -51.56
N ILE J 1046 16.51 104.29 -51.72
CA ILE J 1046 17.58 105.06 -52.33
C ILE J 1046 17.94 106.16 -51.35
N ILE J 1047 19.23 106.29 -51.04
CA ILE J 1047 19.70 107.36 -50.18
C ILE J 1047 20.36 108.42 -51.05
N GLY J 1048 19.90 109.66 -50.93
CA GLY J 1048 20.43 110.71 -51.76
C GLY J 1048 19.94 112.10 -51.39
N ARG J 1049 20.82 113.09 -51.52
CA ARG J 1049 20.50 114.46 -51.14
C ARG J 1049 19.49 115.05 -52.14
N VAL J 1050 18.27 115.29 -51.68
CA VAL J 1050 17.21 115.81 -52.51
C VAL J 1050 16.77 117.15 -51.93
N GLN J 1051 16.87 118.20 -52.74
CA GLN J 1051 16.55 119.56 -52.32
C GLN J 1051 15.46 120.11 -53.22
N SER J 1052 14.26 120.27 -52.67
CA SER J 1052 13.14 120.79 -53.46
C SER J 1052 12.10 121.40 -52.55
N THR J 1053 11.13 122.07 -53.18
CA THR J 1053 9.94 122.57 -52.51
C THR J 1053 8.71 121.79 -52.90
N HIS J 1054 8.87 120.63 -53.54
CA HIS J 1054 7.74 119.81 -53.94
C HIS J 1054 7.16 119.09 -52.74
N LEU J 1055 5.96 118.56 -52.92
CA LEU J 1055 5.19 117.98 -51.82
C LEU J 1055 4.98 116.49 -51.99
N TRP J 1056 5.78 115.83 -52.82
CA TRP J 1056 5.56 114.43 -53.13
C TRP J 1056 5.98 113.54 -51.97
N SER J 1057 5.28 112.44 -51.83
CA SER J 1057 5.49 111.55 -50.71
C SER J 1057 6.62 110.56 -51.00
N PRO J 1058 7.55 110.38 -50.07
CA PRO J 1058 8.63 109.39 -50.27
C PRO J 1058 8.16 107.95 -50.29
N LEU J 1059 6.91 107.65 -49.93
CA LEU J 1059 6.38 106.33 -50.15
C LEU J 1059 6.01 106.07 -51.60
N ALA J 1060 5.94 107.13 -52.42
CA ALA J 1060 5.70 107.00 -53.85
C ALA J 1060 6.51 108.06 -54.58
N PRO J 1061 7.79 107.79 -54.83
CA PRO J 1061 8.63 108.78 -55.46
C PRO J 1061 8.35 108.88 -56.93
N PRO J 1062 8.60 110.04 -57.54
CA PRO J 1062 8.45 110.14 -59.00
C PRO J 1062 9.55 109.35 -59.68
N PRO J 1063 9.27 108.76 -60.85
CA PRO J 1063 10.22 107.85 -61.48
C PRO J 1063 11.41 108.52 -62.12
N ASP J 1064 11.51 109.85 -62.08
CA ASP J 1064 12.70 110.54 -62.54
C ASP J 1064 13.91 110.32 -61.63
N LEU J 1065 13.69 109.81 -60.42
CA LEU J 1065 14.74 109.77 -59.41
C LEU J 1065 15.34 108.39 -59.22
N VAL J 1066 14.54 107.33 -59.24
CA VAL J 1066 15.03 106.00 -58.93
C VAL J 1066 15.87 105.45 -60.08
N PHE J 1067 16.61 104.38 -59.81
CA PHE J 1067 17.39 103.72 -60.85
C PHE J 1067 17.51 102.25 -60.50
N ASP J 1068 17.90 101.46 -61.49
CA ASP J 1068 18.04 100.02 -61.30
C ASP J 1068 19.41 99.52 -61.73
N ARG J 1069 19.56 98.21 -61.82
CA ARG J 1069 20.77 97.63 -62.40
C ARG J 1069 20.88 97.94 -63.89
N ASP J 1070 19.75 98.13 -64.56
CA ASP J 1070 19.73 98.38 -66.00
C ASP J 1070 19.93 99.84 -66.34
N THR J 1071 19.94 100.72 -65.36
CA THR J 1071 20.16 102.13 -65.62
C THR J 1071 21.59 102.35 -66.08
N PRO J 1072 21.83 103.07 -67.18
CA PRO J 1072 23.19 103.22 -67.69
C PRO J 1072 24.05 104.09 -66.79
N GLY J 1073 25.32 103.74 -66.70
CA GLY J 1073 26.26 104.49 -65.89
C GLY J 1073 26.13 104.26 -64.40
N VAL J 1074 25.74 103.05 -63.99
CA VAL J 1074 25.54 102.70 -62.59
C VAL J 1074 26.46 101.55 -62.25
N HIS J 1075 27.19 101.69 -61.16
CA HIS J 1075 28.14 100.65 -60.73
C HIS J 1075 27.51 99.72 -59.71
N ILE J 1076 27.98 98.48 -59.70
CA ILE J 1076 27.40 97.42 -58.89
C ILE J 1076 28.54 96.74 -58.15
N PHE J 1077 28.46 96.70 -56.83
CA PHE J 1077 29.55 96.20 -56.01
C PHE J 1077 29.20 94.86 -55.39
N GLY J 1078 30.06 93.86 -55.63
CA GLY J 1078 29.82 92.52 -55.15
C GLY J 1078 30.75 92.12 -54.02
N ARG J 1079 31.62 91.17 -54.27
CA ARG J 1079 32.45 90.62 -53.20
C ARG J 1079 33.79 91.33 -53.05
N ASP J 1080 34.32 91.93 -54.11
CA ASP J 1080 35.61 92.60 -54.04
C ASP J 1080 35.35 94.08 -53.81
N CYS J 1081 35.49 94.51 -52.56
CA CYS J 1081 35.30 95.91 -52.21
C CYS J 1081 36.52 96.36 -51.41
N ARG J 1082 37.55 96.77 -52.11
CA ARG J 1082 38.71 97.38 -51.49
C ARG J 1082 38.61 98.89 -51.65
N ILE J 1083 39.12 99.61 -50.67
CA ILE J 1083 38.97 101.05 -50.61
C ILE J 1083 40.35 101.65 -50.41
N SER J 1084 40.84 102.38 -51.41
CA SER J 1084 42.15 102.98 -51.35
C SER J 1084 42.04 104.47 -51.05
N PHE J 1085 42.88 104.95 -50.15
CA PHE J 1085 42.94 106.37 -49.85
C PHE J 1085 43.58 107.13 -51.00
N GLY J 1086 43.19 108.39 -51.14
CA GLY J 1086 43.78 109.22 -52.17
C GLY J 1086 44.83 110.14 -51.62
N MET J 1087 46.10 109.79 -51.81
CA MET J 1087 47.18 110.59 -51.28
C MET J 1087 47.43 111.79 -52.17
N ASN J 1088 48.03 112.83 -51.57
CA ASN J 1088 48.42 114.08 -52.23
C ASN J 1088 47.23 114.78 -52.89
N GLY J 1089 46.07 114.68 -52.25
CA GLY J 1089 44.88 115.31 -52.77
C GLY J 1089 44.12 114.51 -53.79
N ALA J 1090 44.47 113.24 -54.00
CA ALA J 1090 43.71 112.42 -54.92
C ALA J 1090 42.40 112.00 -54.30
N ALA J 1091 41.46 111.65 -55.15
CA ALA J 1091 40.16 111.22 -54.65
C ALA J 1091 40.24 109.80 -54.09
N PRO J 1092 39.66 109.55 -52.93
CA PRO J 1092 39.56 108.17 -52.44
C PRO J 1092 38.62 107.36 -53.31
N MET J 1093 39.00 106.12 -53.57
CA MET J 1093 38.32 105.31 -54.56
C MET J 1093 37.99 103.94 -54.00
N ILE J 1094 37.13 103.23 -54.72
CA ILE J 1094 36.71 101.89 -54.35
C ILE J 1094 36.75 101.02 -55.60
N ARG J 1095 37.06 99.74 -55.41
CA ARG J 1095 37.14 98.81 -56.53
C ARG J 1095 35.76 98.26 -56.86
N ASP J 1096 35.42 98.28 -58.15
CA ASP J 1096 34.20 97.69 -58.66
C ASP J 1096 34.23 96.17 -58.50
N GLU J 1097 33.05 95.56 -58.58
CA GLU J 1097 32.97 94.12 -58.77
C GLU J 1097 33.62 93.71 -60.09
N THR J 1098 33.47 94.53 -61.12
CA THR J 1098 34.08 94.20 -62.41
C THR J 1098 35.56 94.54 -62.47
N GLY J 1099 36.14 95.06 -61.40
CA GLY J 1099 37.57 95.29 -61.34
C GLY J 1099 38.02 96.69 -61.64
N MET J 1100 37.10 97.62 -61.88
CA MET J 1100 37.47 98.99 -62.14
C MET J 1100 37.57 99.76 -60.82
N MET J 1101 38.30 100.88 -60.88
CA MET J 1101 38.38 101.79 -59.74
C MET J 1101 37.48 102.99 -60.02
N VAL J 1102 36.67 103.36 -59.03
CA VAL J 1102 35.76 104.49 -59.20
C VAL J 1102 35.88 105.43 -58.02
N PRO J 1103 35.85 106.73 -58.23
CA PRO J 1103 35.83 107.68 -57.12
C PRO J 1103 34.42 107.77 -56.53
N PHE J 1104 34.30 108.59 -55.49
CA PHE J 1104 33.06 108.66 -54.72
C PHE J 1104 32.11 109.62 -55.42
N GLU J 1105 31.30 109.08 -56.33
CA GLU J 1105 30.44 109.89 -57.17
C GLU J 1105 29.40 109.01 -57.84
N GLY J 1106 28.18 109.52 -57.97
CA GLY J 1106 27.22 108.91 -58.85
C GLY J 1106 26.22 107.99 -58.20
N ASN J 1107 25.79 106.97 -58.94
CA ASN J 1107 24.74 106.06 -58.51
C ASN J 1107 25.34 104.68 -58.33
N TRP J 1108 25.25 104.14 -57.11
CA TRP J 1108 25.78 102.83 -56.81
C TRP J 1108 24.67 101.93 -56.30
N ILE J 1109 24.95 100.62 -56.29
CA ILE J 1109 24.00 99.62 -55.83
C ILE J 1109 24.70 98.71 -54.84
N PHE J 1110 24.18 98.64 -53.62
CA PHE J 1110 24.76 97.74 -52.65
C PHE J 1110 23.77 96.65 -52.28
N PRO J 1111 24.23 95.45 -52.00
CA PRO J 1111 23.46 94.54 -51.15
C PRO J 1111 23.62 94.96 -49.70
N LEU J 1112 22.54 94.76 -48.94
CA LEU J 1112 22.50 95.21 -47.56
C LEU J 1112 23.48 94.47 -46.67
N ALA J 1113 23.74 93.20 -46.98
CA ALA J 1113 24.63 92.38 -46.15
C ALA J 1113 26.06 92.89 -46.19
N LEU J 1114 26.46 93.48 -47.30
CA LEU J 1114 27.79 94.08 -47.41
C LEU J 1114 27.94 95.24 -46.44
N TRP J 1115 26.94 96.12 -46.42
CA TRP J 1115 26.92 97.24 -45.50
C TRP J 1115 26.91 96.76 -44.05
N GLN J 1116 26.14 95.71 -43.79
CA GLN J 1116 26.06 95.17 -42.44
C GLN J 1116 27.40 94.62 -41.99
N MET J 1117 28.05 93.87 -42.87
CA MET J 1117 29.33 93.26 -42.52
C MET J 1117 30.42 94.31 -42.34
N ASN J 1118 30.31 95.45 -43.02
CA ASN J 1118 31.37 96.44 -42.88
C ASN J 1118 30.79 97.80 -42.53
N THR J 1119 29.92 97.83 -41.51
CA THR J 1119 29.17 99.05 -41.21
C THR J 1119 30.04 100.17 -40.65
N ARG J 1120 31.03 99.85 -39.82
CA ARG J 1120 31.74 100.96 -39.17
C ARG J 1120 32.77 101.57 -40.10
N TYR J 1121 33.52 100.73 -40.81
CA TYR J 1121 34.48 101.22 -41.80
C TYR J 1121 33.80 102.05 -42.87
N PHE J 1122 32.58 101.68 -43.27
CA PHE J 1122 31.90 102.40 -44.34
C PHE J 1122 31.29 103.71 -43.86
N ASN J 1123 31.01 103.85 -42.56
CA ASN J 1123 30.38 105.08 -42.08
C ASN J 1123 31.33 106.27 -42.22
N GLN J 1124 32.55 106.12 -41.72
CA GLN J 1124 33.55 107.17 -41.83
C GLN J 1124 33.93 107.44 -43.27
N GLN J 1125 33.99 106.41 -44.10
CA GLN J 1125 34.40 106.61 -45.48
C GLN J 1125 33.30 107.17 -46.36
N PHE J 1126 32.03 106.99 -46.00
CA PHE J 1126 30.95 107.33 -46.92
C PHE J 1126 29.97 108.38 -46.42
N ASP J 1127 29.95 108.69 -45.12
CA ASP J 1127 28.89 109.57 -44.63
C ASP J 1127 29.12 111.02 -45.01
N ALA J 1128 30.37 111.42 -45.26
CA ALA J 1128 30.62 112.81 -45.57
C ALA J 1128 30.18 113.15 -46.98
N TRP J 1129 30.39 112.23 -47.92
CA TRP J 1129 30.04 112.49 -49.31
C TRP J 1129 28.54 112.42 -49.54
N ILE J 1130 27.84 111.54 -48.82
CA ILE J 1130 26.41 111.40 -49.00
C ILE J 1130 25.66 112.60 -48.41
N LYS J 1131 26.28 113.32 -47.48
CA LYS J 1131 25.60 114.47 -46.90
C LYS J 1131 25.54 115.62 -47.87
N THR J 1132 26.68 115.96 -48.48
CA THR J 1132 26.79 117.14 -49.33
C THR J 1132 27.06 116.81 -50.77
N GLY J 1133 28.06 115.98 -51.03
CA GLY J 1133 28.50 115.74 -52.39
C GLY J 1133 27.53 114.88 -53.19
N GLU J 1134 27.81 114.81 -54.48
CA GLU J 1134 26.94 114.11 -55.43
C GLU J 1134 27.22 112.62 -55.30
N LEU J 1135 26.40 111.94 -54.51
CA LEU J 1135 26.52 110.50 -54.35
C LEU J 1135 25.15 109.97 -53.98
N ARG J 1136 24.80 108.81 -54.53
CA ARG J 1136 23.54 108.14 -54.24
C ARG J 1136 23.79 106.64 -54.17
N ILE J 1137 23.06 105.97 -53.28
CA ILE J 1137 23.26 104.56 -53.02
C ILE J 1137 21.93 103.84 -53.13
N ARG J 1138 21.89 102.74 -53.87
CA ARG J 1138 20.81 101.78 -53.75
C ARG J 1138 21.25 100.67 -52.80
N ILE J 1139 20.37 100.32 -51.86
CA ILE J 1139 20.63 99.23 -50.92
C ILE J 1139 19.53 98.21 -51.09
N GLU J 1140 19.81 97.14 -51.84
CA GLU J 1140 18.82 96.12 -52.11
C GLU J 1140 18.55 95.29 -50.87
N MET J 1141 17.30 95.32 -50.40
CA MET J 1141 16.94 94.53 -49.22
C MET J 1141 15.62 93.79 -49.35
N GLY J 1142 14.81 94.06 -50.36
CA GLY J 1142 13.57 93.34 -50.55
C GLY J 1142 12.45 93.82 -49.65
N ALA J 1143 12.62 93.64 -48.35
CA ALA J 1143 11.60 94.00 -47.37
C ALA J 1143 12.24 94.82 -46.27
N TYR J 1144 11.41 95.64 -45.62
CA TYR J 1144 11.78 96.38 -44.43
C TYR J 1144 10.55 96.91 -43.73
N PRO J 1145 10.54 96.94 -42.41
CA PRO J 1145 9.57 97.75 -41.69
C PRO J 1145 9.99 99.22 -41.70
N TYR J 1146 9.01 100.09 -41.50
CA TYR J 1146 9.26 101.51 -41.61
C TYR J 1146 8.54 102.26 -40.50
N MET J 1147 8.94 103.52 -40.33
CA MET J 1147 8.30 104.45 -39.42
C MET J 1147 8.14 105.78 -40.13
N LEU J 1148 7.12 106.53 -39.75
CA LEU J 1148 6.78 107.77 -40.41
C LEU J 1148 6.96 108.95 -39.47
N HIS J 1149 7.52 110.03 -39.99
CA HIS J 1149 7.68 111.28 -39.26
C HIS J 1149 7.11 112.40 -40.12
N TYR J 1150 6.02 112.99 -39.68
CA TYR J 1150 5.41 114.03 -40.49
C TYR J 1150 6.05 115.38 -40.19
N TYR J 1151 5.68 116.38 -40.99
CA TYR J 1151 6.13 117.73 -40.74
C TYR J 1151 5.17 118.69 -41.38
N ASP J 1152 5.06 119.86 -40.78
CA ASP J 1152 4.31 120.94 -41.39
C ASP J 1152 5.18 121.60 -42.44
N PRO J 1153 4.76 121.62 -43.71
CA PRO J 1153 5.64 122.09 -44.78
C PRO J 1153 5.75 123.61 -44.91
N ARG J 1154 5.27 124.38 -43.94
CA ARG J 1154 5.49 125.82 -43.99
C ARG J 1154 6.88 126.22 -43.51
N GLN J 1155 7.67 125.29 -43.00
CA GLN J 1155 8.93 125.60 -42.36
C GLN J 1155 10.05 124.73 -42.92
N TYR J 1156 11.28 125.08 -42.54
CA TYR J 1156 12.45 124.31 -42.91
C TYR J 1156 12.44 122.96 -42.21
N ALA J 1157 12.99 121.95 -42.89
CA ALA J 1157 13.04 120.61 -42.32
C ALA J 1157 14.19 119.84 -42.94
N ASN J 1158 14.88 119.07 -42.10
CA ASN J 1158 15.99 118.24 -42.57
C ASN J 1158 15.89 116.90 -41.88
N ALA J 1159 16.04 115.83 -42.65
CA ALA J 1159 15.93 114.48 -42.13
C ALA J 1159 17.28 113.87 -41.77
N TRP J 1160 18.34 114.67 -41.83
CA TRP J 1160 19.69 114.13 -41.80
C TRP J 1160 20.03 113.48 -40.46
N ASN J 1161 19.47 113.99 -39.36
CA ASN J 1161 19.73 113.35 -38.08
C ASN J 1161 19.09 111.97 -38.02
N LEU J 1162 17.88 111.83 -38.57
CA LEU J 1162 17.22 110.53 -38.59
C LEU J 1162 17.95 109.56 -39.51
N THR J 1163 18.40 110.05 -40.66
CA THR J 1163 19.13 109.18 -41.58
C THR J 1163 20.45 108.74 -40.99
N SER J 1164 21.19 109.68 -40.39
CA SER J 1164 22.48 109.33 -39.80
C SER J 1164 22.30 108.42 -38.59
N ALA J 1165 21.19 108.56 -37.87
CA ALA J 1165 20.90 107.64 -36.77
C ALA J 1165 20.65 106.25 -37.30
N TRP J 1166 19.95 106.12 -38.44
CA TRP J 1166 19.76 104.80 -39.03
C TRP J 1166 21.08 104.22 -39.54
N LEU J 1167 21.87 105.03 -40.26
CA LEU J 1167 23.15 104.60 -40.81
C LEU J 1167 24.18 104.29 -39.74
N GLU J 1168 23.99 104.79 -38.52
CA GLU J 1168 24.90 104.42 -37.44
C GLU J 1168 24.39 103.23 -36.66
N GLU J 1169 23.07 103.17 -36.42
CA GLU J 1169 22.49 102.11 -35.61
C GLU J 1169 22.51 100.77 -36.34
N ILE J 1170 22.57 100.78 -37.67
CA ILE J 1170 22.63 99.55 -38.44
C ILE J 1170 23.91 98.76 -38.13
N THR J 1171 23.78 97.44 -38.17
CA THR J 1171 24.55 96.47 -37.40
C THR J 1171 24.64 95.20 -38.25
N PRO J 1172 25.75 94.46 -38.18
CA PRO J 1172 25.83 93.18 -38.89
C PRO J 1172 24.79 92.15 -38.49
N THR J 1173 24.21 92.24 -37.30
CA THR J 1173 23.22 91.26 -36.88
C THR J 1173 21.83 91.82 -36.72
N SER J 1174 21.62 93.12 -36.97
CA SER J 1174 20.31 93.72 -36.76
C SER J 1174 20.20 94.99 -37.59
N ILE J 1175 18.97 95.35 -37.93
CA ILE J 1175 18.72 96.68 -38.47
C ILE J 1175 17.59 97.31 -37.68
N PRO J 1176 17.53 98.63 -37.60
CA PRO J 1176 16.35 99.29 -37.05
C PRO J 1176 15.36 99.64 -38.15
N SER J 1177 14.18 100.06 -37.74
CA SER J 1177 13.12 100.44 -38.66
C SER J 1177 13.53 101.68 -39.45
N VAL J 1178 13.13 101.72 -40.71
CA VAL J 1178 13.62 102.71 -41.65
C VAL J 1178 12.78 103.98 -41.50
N PRO J 1179 13.37 105.12 -41.17
CA PRO J 1179 12.58 106.32 -40.93
C PRO J 1179 12.34 107.12 -42.20
N PHE J 1180 11.12 107.59 -42.36
CA PHE J 1180 10.72 108.41 -43.50
C PHE J 1180 10.30 109.79 -43.03
N MET J 1181 10.11 110.69 -43.98
CA MET J 1181 9.72 112.06 -43.67
C MET J 1181 8.83 112.58 -44.81
N VAL J 1182 7.54 112.72 -44.52
CA VAL J 1182 6.54 113.01 -45.54
C VAL J 1182 5.64 114.13 -45.01
N PRO J 1183 5.32 115.14 -45.83
CA PRO J 1183 4.54 116.28 -45.32
C PRO J 1183 3.10 115.98 -45.01
N ILE J 1184 2.36 117.02 -44.63
CA ILE J 1184 0.98 116.92 -44.21
C ILE J 1184 0.13 117.67 -45.21
N SER J 1185 -0.93 117.04 -45.70
CA SER J 1185 -1.82 117.67 -46.67
C SER J 1185 -2.58 118.84 -46.03
N SER J 1186 -2.93 119.80 -46.86
CA SER J 1186 -3.57 121.02 -46.40
C SER J 1186 -4.95 121.18 -47.02
N ASP J 1187 -5.61 122.28 -46.66
CA ASP J 1187 -6.91 122.63 -47.20
C ASP J 1187 -6.88 123.96 -47.95
N HIS J 1188 -6.37 125.00 -47.32
CA HIS J 1188 -6.10 126.23 -48.01
C HIS J 1188 -4.66 126.21 -48.52
N ASP J 1189 -4.39 127.04 -49.51
CA ASP J 1189 -3.04 127.10 -50.05
C ASP J 1189 -2.10 127.73 -49.04
N ILE J 1190 -0.90 127.19 -48.95
CA ILE J 1190 0.09 127.64 -47.98
C ILE J 1190 1.28 128.20 -48.74
N SER J 1191 2.25 128.70 -47.99
CA SER J 1191 3.51 129.15 -48.56
C SER J 1191 4.53 128.04 -48.38
N SER J 1192 5.14 127.61 -49.49
CA SER J 1192 6.09 126.52 -49.42
C SER J 1192 7.42 126.98 -48.83
N ALA J 1193 8.13 126.04 -48.23
CA ALA J 1193 9.44 126.25 -47.62
C ALA J 1193 10.31 125.07 -47.98
N PRO J 1194 11.62 125.29 -48.15
CA PRO J 1194 12.49 124.18 -48.58
C PRO J 1194 12.68 123.15 -47.49
N ALA J 1195 12.71 121.88 -47.91
CA ALA J 1195 12.90 120.75 -47.02
C ALA J 1195 13.86 119.78 -47.69
N VAL J 1196 14.62 119.06 -46.88
CA VAL J 1196 15.73 118.24 -47.37
C VAL J 1196 15.44 116.79 -47.03
N GLN J 1197 15.24 115.96 -48.05
CA GLN J 1197 14.97 114.55 -47.87
C GLN J 1197 16.14 113.71 -48.35
N TYR J 1198 16.39 112.60 -47.65
CA TYR J 1198 17.48 111.70 -48.04
C TYR J 1198 16.99 110.30 -48.35
N ILE J 1199 16.19 109.70 -47.47
CA ILE J 1199 15.73 108.34 -47.67
C ILE J 1199 14.47 108.37 -48.52
N ILE J 1200 14.55 107.85 -49.73
CA ILE J 1200 13.38 107.70 -50.58
C ILE J 1200 13.24 106.23 -50.95
N SER J 1201 12.01 105.83 -51.24
CA SER J 1201 11.73 104.46 -51.60
C SER J 1201 11.93 104.25 -53.10
N THR J 1202 11.47 103.12 -53.61
CA THR J 1202 11.53 102.87 -55.04
C THR J 1202 10.22 102.35 -55.61
N GLU J 1203 9.24 102.04 -54.79
CA GLU J 1203 8.02 101.40 -55.24
C GLU J 1203 6.85 102.00 -54.47
N TYR J 1204 5.72 102.11 -55.17
CA TYR J 1204 4.49 102.65 -54.60
C TYR J 1204 4.05 101.87 -53.37
N ASN J 1205 3.82 102.59 -52.27
CA ASN J 1205 3.48 101.94 -51.01
C ASN J 1205 2.35 102.64 -50.28
N ASP J 1206 1.48 103.36 -51.01
CA ASP J 1206 0.43 104.16 -50.41
C ASP J 1206 -0.89 103.43 -50.34
N ARG J 1207 -0.86 102.11 -50.19
CA ARG J 1207 -2.08 101.35 -50.03
C ARG J 1207 -2.45 101.16 -48.57
N SER J 1208 -2.01 102.07 -47.70
CA SER J 1208 -2.36 102.03 -46.29
C SER J 1208 -2.97 103.30 -45.78
N LEU J 1209 -2.72 104.44 -46.41
CA LEU J 1209 -3.38 105.66 -45.97
C LEU J 1209 -4.80 105.68 -46.51
N PHE J 1210 -5.76 105.97 -45.62
CA PHE J 1210 -7.16 105.86 -45.99
C PHE J 1210 -7.63 107.10 -46.74
N CYS J 1211 -7.61 108.25 -46.08
CA CYS J 1211 -8.10 109.47 -46.69
C CYS J 1211 -7.28 110.66 -46.21
N THR J 1212 -7.26 111.70 -47.04
CA THR J 1212 -6.52 112.91 -46.75
C THR J 1212 -7.50 114.06 -46.63
N ASN J 1213 -7.52 114.70 -45.45
CA ASN J 1213 -8.38 115.84 -45.13
C ASN J 1213 -9.86 115.49 -45.32
N SER J 1214 -10.32 114.56 -44.49
CA SER J 1214 -11.62 113.92 -44.71
C SER J 1214 -12.76 114.89 -44.47
N SER J 1215 -12.69 115.69 -43.40
CA SER J 1215 -13.75 116.64 -43.12
C SER J 1215 -13.72 117.85 -44.06
N SER J 1216 -12.62 118.07 -44.76
CA SER J 1216 -12.50 119.18 -45.68
C SER J 1216 -13.25 118.87 -46.98
N PRO J 1217 -13.66 119.92 -47.72
CA PRO J 1217 -14.26 119.64 -49.04
C PRO J 1217 -13.24 119.27 -50.10
N GLN J 1218 -12.03 119.83 -50.04
CA GLN J 1218 -11.02 119.45 -51.00
C GLN J 1218 -9.64 119.62 -50.38
N THR J 1219 -8.66 118.99 -51.02
CA THR J 1219 -7.26 119.06 -50.62
C THR J 1219 -6.48 119.75 -51.73
N ILE J 1220 -5.80 120.85 -51.39
CA ILE J 1220 -5.12 121.65 -52.39
C ILE J 1220 -3.64 121.32 -52.52
N ALA J 1221 -3.01 120.78 -51.47
CA ALA J 1221 -1.58 120.53 -51.53
C ALA J 1221 -1.24 119.33 -50.67
N GLY J 1222 -0.06 118.79 -50.90
CA GLY J 1222 0.33 117.54 -50.28
C GLY J 1222 -0.29 116.38 -51.02
N PRO J 1223 -0.14 115.18 -50.47
CA PRO J 1223 -0.77 114.01 -51.10
C PRO J 1223 -2.27 114.04 -50.92
N ASP J 1224 -2.99 113.84 -52.02
CA ASP J 1224 -4.44 113.79 -52.03
C ASP J 1224 -4.89 112.34 -52.20
N LYS J 1225 -5.99 112.00 -51.54
CA LYS J 1225 -6.56 110.67 -51.64
C LYS J 1225 -8.01 110.74 -51.22
N HIS J 1226 -8.90 110.28 -52.10
CA HIS J 1226 -10.32 110.20 -51.77
C HIS J 1226 -10.57 109.03 -50.85
N ILE J 1227 -11.83 108.84 -50.49
CA ILE J 1227 -12.25 107.57 -49.92
C ILE J 1227 -12.06 106.50 -50.99
N PRO J 1228 -11.40 105.38 -50.67
CA PRO J 1228 -11.17 104.36 -51.71
C PRO J 1228 -12.45 103.65 -52.12
N VAL J 1229 -12.94 104.04 -53.30
CA VAL J 1229 -14.19 103.50 -53.82
C VAL J 1229 -14.01 102.02 -54.17
N GLU J 1230 -12.82 101.64 -54.60
CA GLU J 1230 -12.52 100.26 -54.94
C GLU J 1230 -12.60 99.33 -53.73
N ARG J 1231 -12.46 99.87 -52.52
CA ARG J 1231 -12.77 99.07 -51.35
C ARG J 1231 -14.28 98.87 -51.24
N TYR J 1232 -15.02 99.95 -51.04
CA TYR J 1232 -16.45 99.83 -50.78
C TYR J 1232 -17.18 99.57 -52.10
N ASN J 1233 -17.08 98.32 -52.55
CA ASN J 1233 -17.62 97.93 -53.84
C ASN J 1233 -19.13 97.86 -53.82
N ILE J 1234 -19.68 97.27 -52.77
CA ILE J 1234 -21.10 96.96 -52.72
C ILE J 1234 -21.93 98.25 -52.61
N LEU J 1235 -21.43 99.23 -51.87
CA LEU J 1235 -22.15 100.48 -51.73
C LEU J 1235 -22.06 101.34 -52.98
N THR J 1236 -21.00 101.19 -53.78
CA THR J 1236 -20.77 102.09 -54.88
C THR J 1236 -21.05 101.51 -56.26
N ASN J 1237 -21.12 100.19 -56.39
CA ASN J 1237 -21.46 99.61 -57.67
C ASN J 1237 -22.89 99.11 -57.61
N PRO J 1238 -23.83 99.73 -58.31
CA PRO J 1238 -25.19 99.19 -58.34
C PRO J 1238 -25.31 97.88 -59.08
N ASP J 1239 -24.42 97.63 -60.04
CA ASP J 1239 -24.46 96.39 -60.79
C ASP J 1239 -23.90 95.21 -60.02
N ALA J 1240 -23.16 95.45 -58.97
CA ALA J 1240 -22.53 94.33 -58.29
C ALA J 1240 -23.54 93.63 -57.38
N PRO J 1241 -23.52 92.30 -57.35
CA PRO J 1241 -24.35 91.56 -56.41
C PRO J 1241 -23.83 91.73 -54.99
N PRO J 1242 -24.65 91.46 -53.98
CA PRO J 1242 -24.17 91.62 -52.60
C PRO J 1242 -23.09 90.64 -52.21
N THR J 1243 -23.15 89.40 -52.69
CA THR J 1243 -22.10 88.42 -52.38
C THR J 1243 -21.09 88.48 -53.51
N GLN J 1244 -20.06 89.31 -53.32
CA GLN J 1244 -18.96 89.40 -54.28
C GLN J 1244 -17.75 89.92 -53.53
N ILE J 1245 -16.64 89.22 -53.66
CA ILE J 1245 -15.38 89.64 -53.06
C ILE J 1245 -14.32 89.70 -54.15
N GLN J 1246 -13.55 90.78 -54.17
CA GLN J 1246 -12.26 90.77 -54.85
C GLN J 1246 -11.15 90.61 -53.82
N LEU J 1247 -11.27 89.53 -53.06
CA LEU J 1247 -10.35 89.21 -51.97
C LEU J 1247 -8.88 89.01 -52.36
N PRO J 1248 -8.50 88.43 -53.52
CA PRO J 1248 -7.06 88.35 -53.82
C PRO J 1248 -6.37 89.69 -54.02
N GLU J 1249 -7.10 90.74 -54.40
CA GLU J 1249 -6.48 92.00 -54.78
C GLU J 1249 -6.59 93.05 -53.69
N VAL J 1250 -7.81 93.36 -53.24
CA VAL J 1250 -8.01 94.28 -52.13
C VAL J 1250 -8.94 93.64 -51.10
N VAL J 1251 -9.35 94.41 -50.11
CA VAL J 1251 -9.91 93.87 -48.87
C VAL J 1251 -11.40 94.13 -48.77
N ASP J 1252 -11.84 95.32 -49.19
CA ASP J 1252 -13.20 95.81 -49.41
C ASP J 1252 -14.00 96.16 -48.17
N LEU J 1253 -13.57 95.75 -46.98
CA LEU J 1253 -13.91 96.31 -45.66
C LEU J 1253 -15.41 96.39 -45.33
N TYR J 1254 -16.30 95.85 -46.18
CA TYR J 1254 -17.73 95.99 -45.98
C TYR J 1254 -18.40 94.95 -46.85
N ASN J 1255 -19.06 93.98 -46.25
CA ASN J 1255 -19.71 92.97 -47.07
C ASN J 1255 -20.97 92.48 -46.37
N VAL J 1256 -21.66 91.56 -47.03
CA VAL J 1256 -22.64 90.74 -46.35
C VAL J 1256 -21.88 89.77 -45.44
N VAL J 1257 -22.40 89.57 -44.24
CA VAL J 1257 -21.87 88.54 -43.37
C VAL J 1257 -23.04 87.82 -42.74
N THR J 1258 -22.91 86.51 -42.59
CA THR J 1258 -23.94 85.74 -41.94
C THR J 1258 -23.60 85.58 -40.46
N ARG J 1259 -24.63 85.33 -39.67
CA ARG J 1259 -24.48 85.02 -38.26
C ARG J 1259 -25.37 83.84 -37.95
N TYR J 1260 -25.15 83.24 -36.78
CA TYR J 1260 -25.88 82.04 -36.42
C TYR J 1260 -26.35 82.14 -34.98
N ALA J 1261 -27.32 81.31 -34.64
CA ALA J 1261 -27.82 81.21 -33.28
C ALA J 1261 -28.08 79.76 -32.91
N TYR J 1262 -27.13 78.89 -33.22
CA TYR J 1262 -27.22 77.51 -32.79
C TYR J 1262 -27.08 77.41 -31.27
N GLU J 1263 -27.58 76.32 -30.74
CA GLU J 1263 -27.33 75.95 -29.37
C GLU J 1263 -26.40 74.74 -29.35
N THR J 1264 -25.61 74.61 -28.30
CA THR J 1264 -24.69 73.49 -28.12
C THR J 1264 -25.02 72.80 -26.80
N PRO J 1265 -26.06 71.96 -26.78
CA PRO J 1265 -26.41 71.28 -25.56
C PRO J 1265 -25.52 70.08 -25.36
N PRO J 1266 -25.51 69.49 -24.17
CA PRO J 1266 -24.84 68.20 -24.02
C PRO J 1266 -25.62 67.07 -24.66
N ILE J 1267 -24.86 66.05 -25.08
CA ILE J 1267 -25.46 64.86 -25.67
C ILE J 1267 -26.26 64.09 -24.65
N THR J 1268 -25.93 64.25 -23.36
CA THR J 1268 -26.76 63.70 -22.30
C THR J 1268 -28.11 64.40 -22.25
N ALA J 1269 -28.13 65.72 -22.44
CA ALA J 1269 -29.40 66.43 -22.44
C ALA J 1269 -30.10 66.38 -23.79
N VAL J 1270 -29.52 65.75 -24.79
CA VAL J 1270 -30.29 65.48 -26.00
C VAL J 1270 -30.85 64.07 -25.96
N VAL J 1271 -29.98 63.07 -25.83
CA VAL J 1271 -30.39 61.67 -25.83
C VAL J 1271 -30.58 61.23 -24.39
N MET J 1272 -31.80 60.83 -24.04
CA MET J 1272 -32.10 60.49 -22.65
C MET J 1272 -31.67 59.07 -22.29
N GLY J 1273 -32.31 58.08 -22.91
CA GLY J 1273 -32.15 56.69 -22.49
C GLY J 1273 -32.52 56.44 -21.04
N VAL J 1274 -33.68 56.92 -20.60
CA VAL J 1274 -34.04 57.00 -19.19
C VAL J 1274 -34.16 55.68 -18.43
N PRO J 1275 -34.44 54.51 -19.06
CA PRO J 1275 -34.36 53.41 -18.10
C PRO J 1275 -32.97 52.81 -18.12
CA ALA K 2 58.95 -24.11 -42.75
C ALA K 2 57.89 -23.82 -41.69
N ASN K 3 58.33 -23.63 -40.45
CA ASN K 3 57.44 -23.39 -39.31
C ASN K 3 57.85 -22.14 -38.55
N VAL K 4 57.14 -21.03 -38.78
CA VAL K 4 57.56 -19.74 -38.25
C VAL K 4 57.37 -19.68 -36.74
N TRP K 5 56.20 -19.95 -36.26
CA TRP K 5 56.04 -20.54 -34.93
C TRP K 5 55.08 -21.71 -34.96
N GLY K 6 53.99 -21.59 -35.71
CA GLY K 6 53.21 -22.72 -36.18
C GLY K 6 53.53 -22.86 -37.65
N VAL K 7 53.31 -24.07 -38.18
CA VAL K 7 53.84 -24.39 -39.50
C VAL K 7 52.99 -23.71 -40.58
N ARG K 8 53.64 -23.31 -41.65
CA ARG K 8 52.97 -22.77 -42.83
C ARG K 8 53.46 -23.54 -44.04
N LEU K 9 52.59 -23.68 -45.03
CA LEU K 9 52.91 -24.45 -46.24
C LEU K 9 53.11 -23.43 -47.35
N ALA K 10 54.33 -22.95 -47.51
CA ALA K 10 54.52 -21.99 -48.58
C ALA K 10 54.77 -22.68 -49.90
N ASP K 11 55.97 -23.25 -50.08
CA ASP K 11 56.45 -24.05 -51.22
C ASP K 11 56.50 -23.27 -52.55
N SER K 12 55.99 -22.05 -52.54
CA SER K 12 55.77 -21.08 -53.61
C SER K 12 55.05 -19.94 -52.89
N LEU K 13 54.84 -18.84 -53.60
CA LEU K 13 54.10 -17.74 -52.99
C LEU K 13 53.34 -16.97 -54.06
N SER K 14 52.10 -16.63 -53.73
CA SER K 14 51.20 -15.97 -54.66
C SER K 14 50.70 -14.67 -54.05
N SER K 15 50.13 -13.82 -54.90
CA SER K 15 49.64 -12.52 -54.51
C SER K 15 48.68 -12.04 -55.58
N PRO K 16 47.68 -11.22 -55.22
CA PRO K 16 46.81 -10.61 -56.23
C PRO K 16 47.57 -9.57 -57.03
N THR K 17 47.64 -9.77 -58.34
CA THR K 17 48.43 -8.88 -59.20
C THR K 17 47.57 -7.75 -59.76
N ILE K 18 46.53 -8.09 -60.49
CA ILE K 18 45.66 -7.09 -61.08
C ILE K 18 44.78 -6.49 -59.98
N GLU K 19 44.44 -5.21 -60.15
CA GLU K 19 43.80 -4.42 -59.09
C GLU K 19 42.67 -3.59 -59.66
N THR K 20 41.53 -3.62 -58.98
CA THR K 20 40.46 -2.67 -59.27
C THR K 20 40.86 -1.30 -58.77
N ARG K 21 40.93 -0.33 -59.67
CA ARG K 21 40.86 1.05 -59.22
C ARG K 21 39.41 1.33 -58.80
N THR K 22 39.25 2.06 -57.71
CA THR K 22 37.93 2.22 -57.13
C THR K 22 37.26 3.48 -57.66
N ARG K 23 35.93 3.45 -57.66
CA ARG K 23 35.16 4.64 -57.92
C ARG K 23 35.01 5.44 -56.64
N HIS K 24 34.34 6.59 -56.76
CA HIS K 24 34.12 7.43 -55.60
C HIS K 24 32.61 7.61 -55.37
N TYR K 25 32.29 8.48 -54.44
CA TYR K 25 30.92 8.76 -54.02
C TYR K 25 30.09 9.41 -55.12
N THR K 26 28.81 9.05 -55.17
CA THR K 26 27.77 9.88 -55.77
C THR K 26 26.55 9.89 -54.83
N LEU K 27 25.81 10.99 -54.87
CA LEU K 27 24.66 11.12 -53.99
C LEU K 27 23.51 10.26 -54.47
N HIS K 28 23.46 9.97 -55.76
CA HIS K 28 22.53 8.98 -56.28
C HIS K 28 22.79 7.61 -55.67
N ASP K 29 24.06 7.24 -55.55
CA ASP K 29 24.41 5.99 -54.89
C ASP K 29 24.13 6.06 -53.39
N PHE K 30 24.26 7.25 -52.79
CA PHE K 30 23.93 7.42 -51.38
C PHE K 30 22.47 7.15 -51.11
N TYR K 31 21.59 7.69 -51.95
CA TYR K 31 20.17 7.40 -51.81
C TYR K 31 19.88 5.94 -52.12
N SER K 32 20.61 5.38 -53.11
CA SER K 32 20.37 4.00 -53.54
C SER K 32 20.70 3.00 -52.43
N ASP K 33 21.81 3.21 -51.72
CA ASP K 33 22.14 2.27 -50.66
C ASP K 33 21.63 2.71 -49.30
N LEU K 34 21.05 3.91 -49.19
CA LEU K 34 20.29 4.23 -48.00
C LEU K 34 18.89 3.64 -48.07
N ASP K 35 18.33 3.55 -49.27
CA ASP K 35 17.14 2.74 -49.48
C ASP K 35 17.53 1.28 -49.36
N ALA K 36 17.12 0.64 -48.26
CA ALA K 36 17.51 -0.74 -47.97
C ALA K 36 16.76 -1.68 -48.89
N SER K 37 17.29 -1.85 -50.10
CA SER K 37 16.72 -2.77 -51.06
C SER K 37 17.01 -4.21 -50.66
N VAL K 38 16.30 -5.14 -51.30
CA VAL K 38 16.54 -6.55 -51.07
C VAL K 38 17.88 -6.96 -51.68
N GLY K 39 18.20 -6.41 -52.85
CA GLY K 39 19.45 -6.77 -53.51
C GLY K 39 20.66 -6.17 -52.83
N LYS K 40 20.54 -4.95 -52.31
CA LYS K 40 21.65 -4.32 -51.62
C LYS K 40 21.12 -3.44 -50.50
N GLU K 41 21.88 -3.39 -49.40
CA GLU K 41 21.48 -2.74 -48.18
C GLU K 41 22.74 -2.55 -47.34
N PRO K 42 22.79 -1.54 -46.46
CA PRO K 42 24.07 -1.23 -45.79
C PRO K 42 24.51 -2.22 -44.74
N TRP K 43 23.72 -3.24 -44.42
CA TRP K 43 24.15 -4.28 -43.51
C TRP K 43 24.21 -5.62 -44.23
N ARG K 44 24.81 -6.59 -43.54
CA ARG K 44 24.90 -7.95 -44.04
C ARG K 44 25.01 -8.85 -42.82
N PRO K 45 24.14 -9.84 -42.68
CA PRO K 45 24.13 -10.65 -41.46
C PRO K 45 25.20 -11.72 -41.46
N LEU K 46 25.64 -12.08 -40.25
CA LEU K 46 26.49 -13.23 -40.00
C LEU K 46 25.74 -14.22 -39.13
N ARG K 47 25.98 -15.50 -39.37
CA ARG K 47 25.22 -16.53 -38.67
C ARG K 47 26.17 -17.52 -38.00
N ASN K 48 25.57 -18.35 -37.16
CA ASN K 48 26.30 -19.42 -36.51
C ASN K 48 26.66 -20.50 -37.52
N GLN K 49 27.66 -21.30 -37.19
CA GLN K 49 27.99 -22.44 -38.02
C GLN K 49 27.30 -23.72 -37.56
N ARG K 50 26.57 -23.67 -36.45
CA ARG K 50 25.87 -24.84 -35.93
C ARG K 50 24.36 -24.73 -36.07
N THR K 51 23.79 -23.58 -35.74
CA THR K 51 22.36 -23.38 -35.87
C THR K 51 21.97 -22.54 -37.09
N ASN K 52 22.96 -21.88 -37.72
CA ASN K 52 22.76 -20.92 -38.81
C ASN K 52 21.82 -19.79 -38.39
N GLU K 53 21.88 -19.40 -37.13
CA GLU K 53 21.08 -18.31 -36.61
C GLU K 53 21.91 -17.05 -36.56
N ILE K 54 21.28 -15.93 -36.88
CA ILE K 54 22.00 -14.66 -37.04
C ILE K 54 22.39 -14.16 -35.65
N VAL K 55 23.68 -14.17 -35.35
CA VAL K 55 24.19 -13.72 -34.06
C VAL K 55 25.00 -12.45 -34.17
N ALA K 56 25.37 -12.02 -35.38
CA ALA K 56 26.14 -10.81 -35.57
C ALA K 56 25.82 -10.25 -36.94
N VAL K 57 26.02 -8.95 -37.09
CA VAL K 57 25.81 -8.27 -38.36
C VAL K 57 27.09 -7.55 -38.76
N GLN K 58 27.23 -7.30 -40.05
CA GLN K 58 28.34 -6.53 -40.59
C GLN K 58 27.77 -5.37 -41.38
N LEU K 59 28.22 -4.16 -41.06
CA LEU K 59 27.78 -2.96 -41.72
C LEU K 59 28.97 -2.26 -42.36
N PHE K 60 28.69 -1.34 -43.26
CA PHE K 60 29.73 -0.73 -44.07
C PHE K 60 29.29 0.69 -44.43
N ARG K 61 29.89 1.24 -45.50
CA ARG K 61 30.02 2.63 -45.96
C ARG K 61 28.89 3.62 -45.65
N PRO K 62 27.58 3.32 -45.80
CA PRO K 62 26.58 4.35 -45.46
C PRO K 62 26.46 4.65 -43.96
N LEU K 63 26.99 3.80 -43.09
CA LEU K 63 26.94 4.11 -41.66
C LEU K 63 28.20 3.61 -40.97
N GLN K 64 28.83 4.50 -40.20
CA GLN K 64 29.96 4.10 -39.38
C GLN K 64 29.92 4.80 -38.03
N GLY K 65 29.00 5.72 -37.81
CA GLY K 65 29.05 6.56 -36.63
C GLY K 65 28.28 6.02 -35.45
N LEU K 66 28.39 4.73 -35.17
CA LEU K 66 27.70 4.12 -34.05
C LEU K 66 28.54 4.13 -32.77
N VAL K 67 29.41 5.14 -32.61
CA VAL K 67 30.41 5.17 -31.55
C VAL K 67 29.79 5.31 -30.16
N PHE K 68 28.54 5.74 -30.06
CA PHE K 68 27.91 5.90 -28.77
C PHE K 68 27.42 4.56 -28.24
N ASP K 69 26.76 4.60 -27.09
CA ASP K 69 26.40 3.39 -26.38
C ASP K 69 25.07 2.83 -26.88
N THR K 70 25.02 1.51 -27.01
CA THR K 70 23.81 0.85 -27.46
C THR K 70 22.67 0.92 -26.45
N GLN K 71 22.96 1.26 -25.19
CA GLN K 71 21.88 1.62 -24.27
C GLN K 71 21.23 2.92 -24.67
N LEU K 72 22.02 3.89 -25.14
CA LEU K 72 21.46 5.11 -25.66
C LEU K 72 20.74 4.89 -26.99
N TYR K 73 21.20 3.92 -27.78
CA TYR K 73 20.50 3.66 -29.03
C TYR K 73 19.19 2.91 -28.81
N GLY K 74 19.25 1.70 -28.27
CA GLY K 74 18.05 0.93 -27.98
C GLY K 74 17.54 0.09 -29.12
N PHE K 75 18.37 -0.82 -29.60
CA PHE K 75 17.94 -1.71 -30.67
C PHE K 75 17.29 -2.96 -30.10
N PRO K 76 16.36 -3.59 -30.82
CA PRO K 76 15.75 -4.85 -30.34
C PRO K 76 16.71 -6.02 -30.47
N GLY K 77 16.23 -7.19 -30.10
CA GLY K 77 17.05 -8.38 -30.04
C GLY K 77 16.97 -9.31 -31.23
N THR K 78 15.89 -9.24 -31.99
CA THR K 78 15.77 -10.09 -33.17
C THR K 78 16.20 -9.33 -34.41
N PHE K 79 16.78 -10.08 -35.34
CA PHE K 79 17.35 -9.48 -36.55
C PHE K 79 16.29 -8.87 -37.45
N SER K 80 15.09 -9.48 -37.52
CA SER K 80 14.04 -8.97 -38.39
C SER K 80 13.48 -7.64 -37.86
N GLN K 81 13.20 -7.59 -36.56
CA GLN K 81 12.75 -6.34 -35.96
C GLN K 81 13.84 -5.27 -36.00
N TRP K 82 15.10 -5.68 -35.85
CA TRP K 82 16.21 -4.73 -35.94
C TRP K 82 16.33 -4.16 -37.35
N GLU K 83 16.17 -5.00 -38.38
CA GLU K 83 16.35 -4.48 -39.73
C GLU K 83 15.15 -3.65 -40.18
N GLN K 84 13.94 -3.96 -39.73
CA GLN K 84 12.83 -3.07 -40.07
C GLN K 84 12.90 -1.77 -39.28
N PHE K 85 13.46 -1.83 -38.06
CA PHE K 85 13.68 -0.61 -37.28
C PHE K 85 14.70 0.30 -37.95
N MET K 86 15.79 -0.30 -38.43
CA MET K 86 16.79 0.46 -39.18
C MET K 86 16.20 1.00 -40.48
N LYS K 87 15.32 0.23 -41.11
CA LYS K 87 14.68 0.67 -42.36
C LYS K 87 13.82 1.90 -42.12
N GLU K 88 13.00 1.90 -41.07
CA GLU K 88 12.12 3.04 -40.87
C GLU K 88 12.87 4.26 -40.33
N LYS K 89 13.93 4.08 -39.54
CA LYS K 89 14.70 5.24 -39.11
C LYS K 89 15.48 5.85 -40.26
N LEU K 90 16.05 5.01 -41.13
CA LEU K 90 16.68 5.54 -42.35
C LEU K 90 15.65 6.17 -43.27
N ARG K 91 14.40 5.72 -43.23
CA ARG K 91 13.34 6.34 -44.02
C ARG K 91 13.02 7.74 -43.52
N VAL K 92 12.99 7.93 -42.20
CA VAL K 92 12.73 9.25 -41.62
C VAL K 92 13.87 10.21 -41.93
N LEU K 93 15.11 9.76 -41.71
CA LEU K 93 16.27 10.62 -42.01
C LEU K 93 16.42 10.84 -43.51
N LYS K 94 15.99 9.86 -44.31
CA LYS K 94 15.93 9.97 -45.76
C LYS K 94 15.02 11.11 -46.19
N TYR K 95 13.82 11.15 -45.61
CA TYR K 95 12.88 12.24 -45.91
C TYR K 95 13.41 13.59 -45.45
N GLU K 96 14.11 13.61 -44.30
CA GLU K 96 14.67 14.88 -43.80
C GLU K 96 15.77 15.41 -44.72
N VAL K 97 16.72 14.54 -45.11
CA VAL K 97 17.82 15.01 -45.93
C VAL K 97 17.38 15.28 -47.35
N LEU K 98 16.31 14.64 -47.83
CA LEU K 98 15.79 14.98 -49.14
C LEU K 98 14.91 16.22 -49.10
N ARG K 99 14.39 16.59 -47.92
CA ARG K 99 13.82 17.92 -47.76
C ARG K 99 14.92 18.96 -47.91
N ILE K 100 16.01 18.79 -47.16
CA ILE K 100 16.99 19.86 -47.10
C ILE K 100 17.88 19.91 -48.35
N TYR K 101 17.97 18.83 -49.12
CA TYR K 101 18.71 18.88 -50.38
C TYR K 101 17.88 18.31 -51.51
N PRO K 102 17.71 19.04 -52.60
CA PRO K 102 17.05 18.48 -53.78
C PRO K 102 17.98 17.58 -54.59
N ILE K 103 17.39 16.57 -55.22
CA ILE K 103 18.18 15.63 -56.01
C ILE K 103 18.58 16.24 -57.34
N SER K 104 17.79 17.18 -57.86
CA SER K 104 18.01 17.69 -59.22
C SER K 104 19.26 18.54 -59.31
N THR K 105 19.44 19.46 -58.36
CA THR K 105 20.66 20.25 -58.32
C THR K 105 21.84 19.40 -57.83
N TYR K 106 21.62 18.61 -56.78
CA TYR K 106 22.66 17.76 -56.22
C TYR K 106 22.58 16.34 -56.77
N ASN K 107 22.55 16.22 -58.10
CA ASN K 107 22.52 14.91 -58.73
C ASN K 107 23.86 14.19 -58.60
N HIS K 108 24.97 14.91 -58.74
CA HIS K 108 26.27 14.25 -58.83
C HIS K 108 27.35 14.98 -58.02
N ASP K 109 26.98 15.57 -56.90
CA ASP K 109 27.94 16.26 -56.06
C ASP K 109 28.45 15.36 -54.95
N ARG K 110 29.58 15.74 -54.37
CA ARG K 110 30.30 14.88 -53.44
C ARG K 110 29.76 15.04 -52.03
N VAL K 111 30.44 14.42 -51.07
CA VAL K 111 30.06 14.47 -49.67
C VAL K 111 31.31 14.25 -48.83
N ASN K 112 31.21 14.58 -47.56
CA ASN K 112 32.12 14.01 -46.57
C ASN K 112 31.50 12.73 -46.03
N VAL K 113 32.22 11.62 -46.20
CA VAL K 113 31.80 10.34 -45.63
C VAL K 113 31.75 10.42 -44.12
N PHE K 114 32.64 11.22 -43.52
CA PHE K 114 32.63 11.47 -42.09
C PHE K 114 31.35 12.17 -41.65
N VAL K 115 30.92 13.18 -42.40
CA VAL K 115 29.68 13.88 -42.09
C VAL K 115 28.48 12.97 -42.29
N ALA K 116 28.52 12.07 -43.28
CA ALA K 116 27.42 11.13 -43.51
C ALA K 116 27.30 10.14 -42.35
N ASN K 117 28.43 9.57 -41.92
CA ASN K 117 28.40 8.59 -40.85
C ASN K 117 28.05 9.23 -39.51
N ALA K 118 28.61 10.41 -39.24
CA ALA K 118 28.27 11.09 -38.01
C ALA K 118 26.85 11.63 -38.04
N LEU K 119 26.31 11.88 -39.23
CA LEU K 119 24.93 12.32 -39.36
C LEU K 119 23.96 11.20 -39.02
N VAL K 120 24.20 10.01 -39.58
CA VAL K 120 23.31 8.90 -39.26
C VAL K 120 23.51 8.44 -37.82
N GLY K 121 24.71 8.64 -37.27
CA GLY K 121 24.93 8.30 -35.88
C GLY K 121 24.27 9.26 -34.91
N ALA K 122 24.32 10.57 -35.23
CA ALA K 122 23.65 11.55 -34.40
C ALA K 122 22.15 11.45 -34.55
N PHE K 123 21.66 10.98 -35.68
CA PHE K 123 20.22 10.77 -35.82
C PHE K 123 19.76 9.55 -35.04
N LEU K 124 20.56 8.48 -35.04
CA LEU K 124 20.18 7.31 -34.26
C LEU K 124 20.34 7.56 -32.76
N SER K 125 21.29 8.39 -32.38
CA SER K 125 21.53 8.69 -30.97
C SER K 125 20.78 9.91 -30.50
N ASN K 126 20.11 10.62 -31.41
CA ASN K 126 19.24 11.76 -31.12
C ASN K 126 20.02 12.90 -30.46
N GLN K 127 21.11 13.30 -31.11
CA GLN K 127 22.08 14.23 -30.52
C GLN K 127 22.26 15.49 -31.36
N ALA K 128 21.14 16.05 -31.84
CA ALA K 128 21.07 17.38 -32.47
C ALA K 128 21.98 17.49 -33.71
N PHE K 129 21.61 16.71 -34.72
CA PHE K 129 22.39 16.58 -35.95
C PHE K 129 22.30 17.78 -36.87
N TYR K 130 21.43 18.75 -36.57
CA TYR K 130 21.09 19.77 -37.56
C TYR K 130 22.22 20.76 -37.80
N ASP K 131 23.06 21.01 -36.80
CA ASP K 131 24.26 21.81 -37.04
C ASP K 131 25.24 21.07 -37.94
N LEU K 132 25.29 19.75 -37.82
CA LEU K 132 26.13 18.93 -38.68
C LEU K 132 25.55 18.81 -40.09
N LEU K 133 24.25 19.08 -40.24
CA LEU K 133 23.57 18.86 -41.51
C LEU K 133 24.08 19.71 -42.69
N PRO K 134 24.25 21.04 -42.62
CA PRO K 134 24.62 21.78 -43.84
C PRO K 134 26.06 21.61 -44.27
N LEU K 135 26.88 20.89 -43.51
CA LEU K 135 28.24 20.57 -43.90
C LEU K 135 28.32 19.30 -44.74
N LEU K 136 27.21 18.90 -45.36
CA LEU K 136 27.14 17.61 -46.03
C LEU K 136 27.89 17.65 -47.35
N ILE K 137 27.45 18.51 -48.27
CA ILE K 137 28.11 18.65 -49.56
C ILE K 137 29.46 19.30 -49.38
N VAL K 138 30.51 18.66 -49.87
CA VAL K 138 31.86 19.08 -49.58
C VAL K 138 32.23 20.21 -50.55
N ASN K 139 33.25 20.97 -50.19
CA ASN K 139 33.84 22.03 -51.00
C ASN K 139 34.91 21.45 -51.91
N ASP K 140 35.76 22.33 -52.43
CA ASP K 140 36.88 22.04 -53.33
C ASP K 140 37.76 20.88 -52.88
N THR K 141 38.13 20.85 -51.60
CA THR K 141 38.97 19.79 -51.08
C THR K 141 38.17 18.89 -50.15
N MET K 142 38.86 17.91 -49.56
CA MET K 142 38.18 16.93 -48.73
C MET K 142 38.24 17.29 -47.25
N ILE K 143 39.35 17.85 -46.79
CA ILE K 143 39.61 17.95 -45.36
C ILE K 143 39.56 19.39 -44.83
N SER K 144 39.63 20.41 -45.71
CA SER K 144 39.62 21.80 -45.26
C SER K 144 38.29 22.19 -44.65
N ASP K 145 37.20 21.55 -45.09
CA ASP K 145 35.91 21.73 -44.44
C ASP K 145 35.95 21.18 -43.02
N LEU K 146 36.81 20.21 -42.75
CA LEU K 146 36.90 19.70 -41.39
C LEU K 146 37.78 20.59 -40.55
N LEU K 147 38.84 21.13 -41.15
CA LEU K 147 39.73 22.03 -40.41
C LEU K 147 39.03 23.34 -40.07
N GLY K 148 38.47 24.01 -41.06
CA GLY K 148 37.64 25.15 -40.74
C GLY K 148 36.26 24.64 -40.42
N THR K 149 35.98 24.44 -39.13
CA THR K 149 34.79 23.72 -38.72
C THR K 149 33.55 24.61 -38.80
N GLY K 150 32.43 23.99 -39.14
CA GLY K 150 31.15 24.66 -39.08
C GLY K 150 30.76 24.85 -37.64
N ALA K 151 30.57 23.74 -36.94
CA ALA K 151 30.46 23.71 -35.50
C ALA K 151 31.42 22.64 -35.01
N ALA K 152 32.25 23.01 -34.04
CA ALA K 152 33.17 22.04 -33.45
C ALA K 152 32.37 20.99 -32.70
N LEU K 153 32.49 19.73 -33.13
CA LEU K 153 31.71 18.63 -32.55
C LEU K 153 32.69 17.57 -32.08
N SER K 154 33.24 17.77 -30.88
CA SER K 154 34.30 16.91 -30.36
C SER K 154 33.80 15.54 -29.92
N GLN K 155 32.48 15.36 -29.84
CA GLN K 155 31.90 14.04 -29.63
C GLN K 155 32.06 13.15 -30.85
N PHE K 156 32.34 13.73 -32.01
CA PHE K 156 32.52 13.00 -33.26
C PHE K 156 33.92 13.17 -33.85
N PHE K 157 34.46 14.38 -33.84
CA PHE K 157 35.74 14.66 -34.45
C PHE K 157 36.27 16.00 -33.95
N GLN K 158 37.56 16.05 -33.66
CA GLN K 158 38.20 17.28 -33.22
C GLN K 158 39.41 17.57 -34.09
N SER K 159 39.72 18.84 -34.24
CA SER K 159 40.85 19.27 -35.05
C SER K 159 42.08 19.49 -34.20
N HIS K 160 43.25 19.39 -34.82
CA HIS K 160 44.50 19.56 -34.10
C HIS K 160 45.53 20.34 -34.92
N GLY K 161 45.08 21.26 -35.76
CA GLY K 161 46.04 22.02 -36.53
C GLY K 161 46.69 21.21 -37.64
N GLU K 162 45.93 20.96 -38.71
CA GLU K 162 46.24 20.23 -39.95
C GLU K 162 46.18 18.72 -39.74
N VAL K 163 45.75 18.26 -38.58
CA VAL K 163 45.56 16.83 -38.30
C VAL K 163 44.17 16.65 -37.71
N LEU K 164 43.35 15.83 -38.38
CA LEU K 164 41.99 15.57 -37.93
C LEU K 164 41.94 14.26 -37.14
N GLU K 165 41.39 14.33 -35.94
CA GLU K 165 41.12 13.15 -35.12
C GLU K 165 39.65 12.76 -35.26
N VAL K 166 39.40 11.51 -35.62
CA VAL K 166 38.05 10.95 -35.65
C VAL K 166 38.05 9.68 -34.83
N ALA K 167 36.84 9.28 -34.41
CA ALA K 167 36.65 8.06 -33.62
C ALA K 167 35.83 7.09 -34.47
N ALA K 168 36.52 6.31 -35.28
CA ALA K 168 35.86 5.25 -36.05
C ALA K 168 35.48 4.11 -35.11
N GLY K 169 34.21 3.72 -35.13
CA GLY K 169 33.74 2.69 -34.23
C GLY K 169 32.69 1.82 -34.89
N ARG K 170 32.52 0.63 -34.31
CA ARG K 170 31.43 -0.30 -34.59
C ARG K 170 31.38 -0.73 -36.07
N LYS K 171 32.44 -1.43 -36.47
CA LYS K 171 32.37 -2.13 -37.75
C LYS K 171 31.36 -3.26 -37.69
N TYR K 172 31.32 -3.97 -36.58
CA TYR K 172 30.35 -5.04 -36.35
C TYR K 172 29.44 -4.63 -35.21
N LEU K 173 28.35 -5.39 -35.05
CA LEU K 173 27.41 -5.15 -33.96
C LEU K 173 26.93 -6.49 -33.45
N GLN K 174 27.06 -6.69 -32.14
CA GLN K 174 26.67 -7.95 -31.52
C GLN K 174 25.17 -8.00 -31.31
N MET K 175 24.57 -9.14 -31.66
CA MET K 175 23.19 -9.41 -31.30
C MET K 175 23.17 -10.20 -29.99
N ASN K 176 22.07 -10.09 -29.25
CA ASN K 176 22.01 -10.62 -27.89
C ASN K 176 22.07 -12.15 -27.81
N ASN K 177 21.79 -12.86 -28.91
CA ASN K 177 21.92 -14.31 -28.89
C ASN K 177 23.36 -14.78 -29.03
N TYR K 178 24.30 -13.87 -29.29
CA TYR K 178 25.72 -14.22 -29.26
C TYR K 178 26.15 -14.50 -27.83
N SER K 179 26.80 -15.63 -27.60
CA SER K 179 27.09 -16.08 -26.25
C SER K 179 28.50 -16.63 -26.12
N ASN K 180 29.44 -16.11 -26.91
CA ASN K 180 30.86 -16.46 -26.88
C ASN K 180 31.12 -17.95 -27.15
N ASP K 181 30.27 -18.57 -27.96
CA ASP K 181 30.54 -19.93 -28.38
C ASP K 181 31.71 -19.94 -29.35
N ASP K 182 32.50 -21.01 -29.30
CA ASP K 182 33.65 -21.07 -30.20
C ASP K 182 33.23 -21.32 -31.64
N ASP K 183 32.06 -21.92 -31.84
CA ASP K 183 31.52 -22.10 -33.17
C ASP K 183 30.90 -20.81 -33.70
N ASP K 184 30.58 -19.87 -32.82
CA ASP K 184 30.15 -18.54 -33.26
C ASP K 184 31.31 -17.79 -33.90
N PRO K 185 31.03 -16.86 -34.81
CA PRO K 185 32.12 -16.13 -35.46
C PRO K 185 32.77 -15.15 -34.52
N PRO K 186 34.07 -14.88 -34.66
CA PRO K 186 34.74 -13.91 -33.83
C PRO K 186 34.32 -12.49 -34.17
N LEU K 187 34.65 -11.57 -33.27
CA LEU K 187 34.29 -10.18 -33.44
C LEU K 187 35.46 -9.22 -33.45
N PHE K 188 36.63 -9.63 -32.93
CA PHE K 188 37.88 -8.86 -32.97
C PHE K 188 37.77 -7.50 -32.28
N ALA K 189 36.94 -7.44 -31.23
CA ALA K 189 36.69 -6.24 -30.41
C ALA K 189 36.20 -5.07 -31.24
N LYS K 190 35.45 -5.34 -32.29
CA LYS K 190 34.95 -4.31 -33.18
C LYS K 190 33.52 -3.90 -32.85
N ASP K 191 33.01 -4.33 -31.71
CA ASP K 191 31.66 -3.98 -31.28
C ASP K 191 31.64 -3.17 -30.00
N LEU K 192 32.78 -2.66 -29.54
CA LEU K 192 32.83 -1.87 -28.33
C LEU K 192 32.56 -0.41 -28.66
N SER K 193 32.69 0.47 -27.68
CA SER K 193 32.38 1.89 -27.88
C SER K 193 33.39 2.55 -28.81
N ASP K 194 34.66 2.48 -28.45
CA ASP K 194 35.74 3.07 -29.25
C ASP K 194 36.96 2.16 -29.18
N TYR K 195 37.09 1.28 -30.16
CA TYR K 195 38.21 0.35 -30.17
C TYR K 195 39.52 1.04 -30.54
N ALA K 196 39.45 2.11 -31.33
CA ALA K 196 40.65 2.81 -31.76
C ALA K 196 40.29 4.23 -32.13
N LYS K 197 41.31 5.01 -32.51
CA LYS K 197 41.16 6.37 -32.99
C LYS K 197 41.99 6.53 -34.26
N ALA K 198 41.42 7.23 -35.24
CA ALA K 198 42.05 7.43 -36.53
C ALA K 198 42.45 8.88 -36.70
N PHE K 199 43.61 9.11 -37.32
CA PHE K 199 44.18 10.44 -37.49
C PHE K 199 44.30 10.73 -38.98
N TYR K 200 43.24 11.23 -39.58
CA TYR K 200 43.27 11.60 -40.99
C TYR K 200 43.92 12.97 -41.16
N SER K 201 44.87 13.05 -42.08
CA SER K 201 45.50 14.31 -42.45
C SER K 201 46.08 14.17 -43.83
N ASP K 202 46.90 15.14 -44.24
CA ASP K 202 47.39 15.16 -45.61
C ASP K 202 48.63 14.28 -45.77
N THR K 203 49.72 14.62 -45.07
CA THR K 203 51.00 13.99 -45.35
C THR K 203 51.58 13.33 -44.11
N TYR K 204 52.35 12.27 -44.36
CA TYR K 204 52.95 11.48 -43.30
C TYR K 204 54.05 12.25 -42.57
N GLU K 205 54.66 13.24 -43.22
CA GLU K 205 55.63 14.09 -42.55
C GLU K 205 54.96 14.94 -41.48
N VAL K 206 53.83 15.55 -41.80
CA VAL K 206 53.07 16.34 -40.84
C VAL K 206 52.51 15.45 -39.74
N LEU K 207 52.09 14.23 -40.10
CA LEU K 207 51.59 13.30 -39.10
C LEU K 207 52.69 12.81 -38.15
N ASP K 208 53.91 12.65 -38.65
CA ASP K 208 54.99 12.25 -37.76
C ASP K 208 55.51 13.41 -36.92
N ARG K 209 55.41 14.64 -37.44
CA ARG K 209 55.69 15.82 -36.62
C ARG K 209 54.64 15.95 -35.52
N PHE K 210 53.41 15.50 -35.77
CA PHE K 210 52.41 15.42 -34.72
C PHE K 210 52.74 14.31 -33.73
N PHE K 211 53.22 13.17 -34.23
CA PHE K 211 53.56 12.04 -33.37
C PHE K 211 54.82 12.28 -32.54
N TRP K 212 55.61 13.30 -32.87
CA TRP K 212 56.66 13.74 -31.97
C TRP K 212 56.10 14.09 -30.59
N THR K 213 54.94 14.74 -30.55
CA THR K 213 54.32 15.15 -29.30
C THR K 213 53.22 14.21 -28.83
N HIS K 214 52.60 13.48 -29.75
CA HIS K 214 51.50 12.59 -29.38
C HIS K 214 52.06 11.34 -28.71
N ASP K 215 51.24 10.73 -27.86
CA ASP K 215 51.60 9.44 -27.26
C ASP K 215 51.58 8.33 -28.32
N SER K 216 52.48 7.37 -28.13
CA SER K 216 52.54 6.18 -28.98
C SER K 216 52.76 4.95 -28.13
N SER K 217 52.04 4.85 -27.00
CA SER K 217 52.28 3.75 -26.08
C SER K 217 51.68 2.45 -26.59
N ALA K 218 50.46 2.50 -27.12
CA ALA K 218 49.77 1.30 -27.56
C ALA K 218 50.13 0.89 -28.98
N GLY K 219 51.10 1.53 -29.61
CA GLY K 219 51.43 1.23 -30.98
C GLY K 219 50.52 1.94 -31.96
N VAL K 220 51.01 2.10 -33.19
CA VAL K 220 50.29 2.82 -34.23
C VAL K 220 50.30 1.99 -35.51
N LEU K 221 49.17 1.94 -36.20
CA LEU K 221 49.03 1.11 -37.38
C LEU K 221 48.62 1.96 -38.57
N VAL K 222 49.13 1.59 -39.75
CA VAL K 222 48.92 2.38 -40.95
C VAL K 222 48.24 1.44 -41.93
N HIS K 223 47.96 1.88 -43.15
CA HIS K 223 47.48 0.93 -44.14
C HIS K 223 48.32 0.92 -45.42
N TYR K 224 48.86 2.07 -45.82
CA TYR K 224 49.90 2.24 -46.85
C TYR K 224 49.50 1.89 -48.29
N ASP K 225 48.30 1.35 -48.52
CA ASP K 225 47.95 0.90 -49.86
C ASP K 225 46.92 1.80 -50.52
N LYS K 226 45.77 1.91 -49.93
CA LYS K 226 44.63 2.61 -50.50
C LYS K 226 43.70 2.89 -49.35
N PRO K 227 43.91 3.97 -48.62
CA PRO K 227 43.16 4.20 -47.38
C PRO K 227 41.72 4.56 -47.67
N THR K 228 40.90 4.48 -46.62
CA THR K 228 39.46 4.62 -46.77
C THR K 228 39.07 6.05 -47.12
N ASN K 229 39.59 7.01 -46.38
CA ASN K 229 39.22 8.41 -46.59
C ASN K 229 40.45 9.30 -46.50
N GLY K 230 41.53 8.90 -47.14
CA GLY K 230 42.77 9.64 -47.09
C GLY K 230 43.75 9.03 -46.10
N ASN K 231 45.01 9.49 -46.22
CA ASN K 231 46.13 8.92 -45.48
C ASN K 231 45.96 9.16 -43.98
N HIS K 232 46.14 8.10 -43.19
CA HIS K 232 45.83 8.18 -41.77
C HIS K 232 46.61 7.12 -41.01
N TYR K 233 46.32 7.05 -39.72
CA TYR K 233 46.91 6.08 -38.81
C TYR K 233 45.81 5.49 -37.94
N ILE K 234 46.18 4.46 -37.19
CA ILE K 234 45.27 3.81 -36.26
C ILE K 234 45.90 3.80 -34.88
N LEU K 235 45.17 4.33 -33.90
CA LEU K 235 45.63 4.34 -32.50
C LEU K 235 44.67 3.50 -31.68
N GLY K 236 45.01 2.23 -31.48
CA GLY K 236 44.19 1.38 -30.66
C GLY K 236 44.29 1.74 -29.20
N THR K 237 43.23 1.41 -28.46
CA THR K 237 43.17 1.68 -27.03
C THR K 237 43.31 0.38 -26.25
N LEU K 238 43.15 0.47 -24.93
CA LEU K 238 43.41 -0.62 -24.03
C LEU K 238 42.24 -1.58 -23.87
N THR K 239 41.21 -1.44 -24.69
CA THR K 239 40.14 -2.43 -24.69
C THR K 239 40.65 -3.73 -25.30
N GLN K 240 40.21 -4.84 -24.73
CA GLN K 240 40.75 -6.14 -25.08
C GLN K 240 39.66 -7.02 -25.68
N MET K 241 40.08 -8.09 -26.33
CA MET K 241 39.17 -9.06 -26.91
C MET K 241 39.03 -10.25 -25.96
N VAL K 242 37.79 -10.64 -25.70
CA VAL K 242 37.50 -11.66 -24.71
C VAL K 242 37.07 -12.97 -25.36
N SER K 243 36.57 -12.94 -26.60
CA SER K 243 35.84 -14.07 -27.18
C SER K 243 36.72 -15.29 -27.45
N ALA K 244 38.05 -15.14 -27.46
CA ALA K 244 38.93 -16.30 -27.42
C ALA K 244 39.08 -16.75 -25.97
N PRO K 245 38.73 -17.98 -25.64
CA PRO K 245 38.71 -18.39 -24.22
C PRO K 245 40.09 -18.50 -23.59
N PRO K 246 41.14 -19.14 -24.24
CA PRO K 246 42.43 -19.16 -23.53
C PRO K 246 43.15 -17.83 -23.54
N HIS K 247 43.14 -17.17 -24.69
CA HIS K 247 43.98 -15.99 -24.91
C HIS K 247 43.17 -14.72 -24.76
N ILE K 248 43.80 -13.70 -24.17
CA ILE K 248 43.21 -12.39 -24.03
C ILE K 248 44.14 -11.41 -24.74
N ILE K 249 43.69 -10.88 -25.87
CA ILE K 249 44.49 -9.96 -26.66
C ILE K 249 43.82 -8.60 -26.62
N ASN K 250 44.63 -7.56 -26.82
CA ASN K 250 44.12 -6.19 -26.79
C ASN K 250 43.60 -5.80 -28.17
N ALA K 251 43.35 -4.50 -28.36
CA ALA K 251 42.69 -4.03 -29.57
C ALA K 251 43.61 -4.06 -30.78
N THR K 252 44.87 -3.63 -30.60
CA THR K 252 45.80 -3.52 -31.73
C THR K 252 46.15 -4.90 -32.28
N ASP K 253 46.36 -5.87 -31.40
CA ASP K 253 46.59 -7.24 -31.84
C ASP K 253 45.38 -7.81 -32.55
N ALA K 254 44.17 -7.42 -32.13
CA ALA K 254 42.95 -7.90 -32.77
C ALA K 254 42.83 -7.35 -34.19
N LEU K 255 43.09 -6.05 -34.37
CA LEU K 255 43.03 -5.46 -35.70
C LEU K 255 44.12 -6.03 -36.61
N LEU K 256 45.33 -6.22 -36.08
CA LEU K 256 46.40 -6.74 -36.90
C LEU K 256 46.17 -8.21 -37.25
N LEU K 257 45.54 -8.96 -36.34
CA LEU K 257 45.23 -10.36 -36.61
C LEU K 257 44.15 -10.49 -37.67
N GLU K 258 43.12 -9.63 -37.59
CA GLU K 258 42.08 -9.58 -38.61
C GLU K 258 42.65 -9.24 -39.98
N SER K 259 43.54 -8.25 -40.02
CA SER K 259 44.10 -7.82 -41.29
C SER K 259 45.03 -8.88 -41.88
N CYS K 260 45.79 -9.56 -41.03
CA CYS K 260 46.71 -10.57 -41.51
C CYS K 260 45.96 -11.82 -41.98
N LEU K 261 44.86 -12.16 -41.31
CA LEU K 261 44.04 -13.28 -41.79
C LEU K 261 43.32 -12.92 -43.08
N GLU K 262 42.97 -11.65 -43.26
CA GLU K 262 42.40 -11.22 -44.52
C GLU K 262 43.43 -11.32 -45.65
N GLN K 263 44.68 -11.00 -45.36
CA GLN K 263 45.73 -11.15 -46.36
C GLN K 263 46.00 -12.62 -46.68
N PHE K 264 45.94 -13.48 -45.66
CA PHE K 264 46.05 -14.92 -45.87
C PHE K 264 44.92 -15.45 -46.74
N ALA K 265 43.72 -14.90 -46.58
CA ALA K 265 42.61 -15.27 -47.46
C ALA K 265 42.84 -14.77 -48.88
N ALA K 266 43.38 -13.57 -49.02
CA ALA K 266 43.60 -13.01 -50.35
C ALA K 266 44.72 -13.71 -51.09
N ASN K 267 45.69 -14.26 -50.37
CA ASN K 267 46.82 -14.93 -51.01
C ASN K 267 46.44 -16.27 -51.60
N VAL K 268 45.37 -16.88 -51.13
CA VAL K 268 44.92 -18.15 -51.70
C VAL K 268 43.99 -17.92 -52.88
N ARG K 269 43.10 -16.95 -52.77
CA ARG K 269 42.11 -16.66 -53.80
C ARG K 269 42.69 -15.94 -55.00
N ALA K 270 43.97 -15.57 -54.97
CA ALA K 270 44.60 -14.90 -56.11
C ALA K 270 44.78 -15.89 -57.24
N ARG K 271 44.08 -15.67 -58.35
CA ARG K 271 44.09 -16.59 -59.47
C ARG K 271 44.52 -15.91 -60.77
N SER K 272 45.20 -14.76 -60.66
CA SER K 272 45.75 -13.95 -61.75
C SER K 272 44.70 -13.46 -62.73
N ALA K 273 43.42 -13.47 -62.35
CA ALA K 273 42.37 -12.92 -63.20
C ALA K 273 41.36 -12.05 -62.47
N GLN K 274 41.20 -12.19 -61.16
CA GLN K 274 40.23 -11.42 -60.41
C GLN K 274 40.92 -10.24 -59.75
N PRO K 275 40.67 -9.02 -60.15
CA PRO K 275 41.24 -7.88 -59.44
C PRO K 275 40.44 -7.59 -58.17
N VAL K 276 41.18 -7.29 -57.10
CA VAL K 276 40.60 -7.12 -55.78
C VAL K 276 40.55 -5.63 -55.45
N THR K 277 39.92 -5.31 -54.32
CA THR K 277 39.71 -3.92 -53.96
C THR K 277 40.91 -3.29 -53.27
N ARG K 278 41.82 -4.08 -52.73
CA ARG K 278 43.06 -3.60 -52.12
C ARG K 278 44.17 -4.57 -52.47
N LEU K 279 45.34 -4.04 -52.85
CA LEU K 279 46.45 -4.89 -53.24
C LEU K 279 47.01 -5.69 -52.08
N ASP K 280 47.17 -5.05 -50.92
CA ASP K 280 47.49 -5.80 -49.71
C ASP K 280 46.64 -5.28 -48.56
N GLN K 281 46.75 -5.96 -47.43
CA GLN K 281 45.87 -5.71 -46.31
C GLN K 281 46.58 -5.35 -45.02
N CYS K 282 47.84 -5.75 -44.85
CA CYS K 282 48.46 -5.69 -43.54
C CYS K 282 48.79 -4.24 -43.14
N TYR K 283 49.09 -4.05 -41.86
CA TYR K 283 49.09 -2.72 -41.28
C TYR K 283 50.48 -2.12 -41.06
N HIS K 284 51.47 -2.95 -40.72
CA HIS K 284 52.86 -2.53 -40.51
C HIS K 284 53.02 -1.46 -39.43
N LEU K 285 52.93 -1.89 -38.17
CA LEU K 285 53.29 -1.11 -36.98
C LEU K 285 54.49 -0.21 -37.19
N ARG K 286 54.33 1.08 -36.87
CA ARG K 286 55.25 2.11 -37.32
C ARG K 286 56.13 2.66 -36.20
N TRP K 287 55.55 3.13 -35.10
CA TRP K 287 56.33 3.78 -34.05
C TRP K 287 56.42 2.98 -32.76
N GLY K 288 55.68 1.88 -32.64
CA GLY K 288 55.73 1.12 -31.41
C GLY K 288 56.92 0.19 -31.28
N ALA K 289 57.75 0.07 -32.32
CA ALA K 289 58.86 -0.87 -32.29
C ALA K 289 59.97 -0.38 -31.36
N GLN K 290 60.11 0.93 -31.19
CA GLN K 290 61.03 1.47 -30.20
C GLN K 290 60.43 1.48 -28.80
N TYR K 291 59.14 1.14 -28.66
CA TYR K 291 58.50 1.03 -27.35
C TYR K 291 58.47 -0.41 -26.86
N VAL K 292 57.76 -1.29 -27.57
CA VAL K 292 57.70 -2.70 -27.20
C VAL K 292 58.93 -3.39 -27.79
N GLY K 293 59.18 -4.62 -27.36
CA GLY K 293 60.41 -5.29 -27.74
C GLY K 293 60.24 -6.69 -28.30
N GLU K 294 61.33 -7.45 -28.28
CA GLU K 294 61.36 -8.80 -28.82
C GLU K 294 60.49 -9.73 -27.97
N ASP K 295 59.97 -10.78 -28.63
CA ASP K 295 59.17 -11.84 -28.02
C ASP K 295 57.89 -11.27 -27.40
N SER K 296 57.29 -10.32 -28.10
CA SER K 296 55.97 -9.84 -27.74
C SER K 296 54.99 -10.20 -28.85
N LEU K 297 53.71 -10.23 -28.49
CA LEU K 297 52.68 -10.73 -29.39
C LEU K 297 52.49 -9.80 -30.56
N THR K 298 52.54 -8.49 -30.33
CA THR K 298 52.42 -7.51 -31.40
C THR K 298 53.58 -7.63 -32.38
N TYR K 299 54.78 -7.87 -31.85
CA TYR K 299 55.97 -8.07 -32.68
C TYR K 299 55.85 -9.33 -33.53
N ARG K 300 55.33 -10.40 -32.94
CA ARG K 300 55.19 -11.66 -33.65
C ARG K 300 54.11 -11.57 -34.74
N LEU K 301 53.00 -10.89 -34.44
CA LEU K 301 52.01 -10.65 -35.49
C LEU K 301 52.51 -9.68 -36.55
N GLY K 302 53.43 -8.78 -36.18
CA GLY K 302 54.08 -7.95 -37.18
C GLY K 302 54.94 -8.75 -38.13
N VAL K 303 55.62 -9.76 -37.59
CA VAL K 303 56.40 -10.68 -38.43
C VAL K 303 55.48 -11.44 -39.38
N LEU K 304 54.35 -11.94 -38.86
CA LEU K 304 53.40 -12.65 -39.71
C LEU K 304 52.74 -11.74 -40.74
N SER K 305 52.52 -10.47 -40.39
CA SER K 305 51.96 -9.55 -41.37
C SER K 305 52.97 -9.19 -42.44
N LEU K 306 54.25 -9.14 -42.08
CA LEU K 306 55.30 -8.91 -43.09
C LEU K 306 55.37 -10.08 -44.06
N LEU K 307 55.31 -11.31 -43.52
CA LEU K 307 55.34 -12.49 -44.39
C LEU K 307 54.08 -12.60 -45.23
N ALA K 308 52.96 -12.13 -44.71
CA ALA K 308 51.70 -12.15 -45.44
C ALA K 308 51.72 -11.15 -46.58
N THR K 309 52.26 -9.95 -46.32
CA THR K 309 52.42 -8.96 -47.38
C THR K 309 53.40 -9.44 -48.43
N ASN K 310 54.43 -10.19 -48.01
CA ASN K 310 55.31 -10.85 -48.97
C ASN K 310 54.55 -11.87 -49.81
N GLY K 311 53.61 -12.57 -49.19
CA GLY K 311 52.72 -13.41 -49.98
C GLY K 311 52.77 -14.88 -49.64
N TYR K 312 53.17 -15.20 -48.42
CA TYR K 312 53.21 -16.60 -48.03
C TYR K 312 51.80 -17.13 -47.79
N GLN K 313 51.69 -18.45 -47.77
CA GLN K 313 50.40 -19.11 -47.56
C GLN K 313 50.54 -20.13 -46.44
N LEU K 314 49.43 -20.32 -45.71
CA LEU K 314 49.45 -21.09 -44.48
C LEU K 314 49.49 -22.59 -44.76
N ALA K 315 49.56 -23.35 -43.68
CA ALA K 315 49.52 -24.81 -43.77
C ALA K 315 48.09 -25.31 -43.80
N ARG K 316 47.33 -25.00 -42.76
CA ARG K 316 45.97 -25.47 -42.71
C ARG K 316 45.08 -24.62 -43.61
N PRO K 317 44.13 -25.24 -44.31
CA PRO K 317 43.17 -24.45 -45.10
C PRO K 317 42.23 -23.67 -44.19
N ILE K 318 42.16 -22.38 -44.41
CA ILE K 318 41.37 -21.50 -43.55
C ILE K 318 39.90 -21.69 -43.91
N PRO K 319 38.97 -21.48 -43.00
CA PRO K 319 37.56 -21.53 -43.36
C PRO K 319 37.12 -20.26 -44.07
N LYS K 320 36.01 -20.38 -44.80
CA LYS K 320 35.40 -19.21 -45.40
C LYS K 320 34.80 -18.30 -44.34
N GLN K 321 34.09 -18.88 -43.38
CA GLN K 321 33.55 -18.14 -42.24
C GLN K 321 34.36 -18.51 -41.01
N LEU K 322 34.89 -17.51 -40.33
CA LEU K 322 35.82 -17.75 -39.23
C LEU K 322 35.07 -18.16 -37.98
N THR K 323 35.76 -18.92 -37.12
CA THR K 323 35.22 -19.33 -35.83
C THR K 323 36.23 -19.00 -34.74
N ASN K 324 35.70 -18.80 -33.53
CA ASN K 324 36.55 -18.58 -32.37
C ASN K 324 37.40 -19.80 -32.06
N ARG K 325 36.89 -20.99 -32.35
CA ARG K 325 37.63 -22.23 -32.13
C ARG K 325 38.89 -22.27 -32.98
N TRP K 326 38.73 -22.08 -34.29
CA TRP K 326 39.88 -22.09 -35.19
C TRP K 326 40.79 -20.89 -34.96
N LEU K 327 40.22 -19.75 -34.56
CA LEU K 327 41.03 -18.57 -34.27
C LEU K 327 41.92 -18.79 -33.05
N SER K 328 41.35 -19.36 -31.98
CA SER K 328 42.13 -19.64 -30.79
C SER K 328 43.15 -20.74 -31.05
N SER K 329 42.83 -21.70 -31.92
CA SER K 329 43.82 -22.69 -32.31
C SER K 329 44.97 -22.04 -33.06
N PHE K 330 44.66 -21.04 -33.89
CA PHE K 330 45.71 -20.32 -34.61
C PHE K 330 46.59 -19.51 -33.67
N VAL K 331 45.98 -18.91 -32.64
CA VAL K 331 46.76 -18.12 -31.69
C VAL K 331 47.63 -19.04 -30.83
N SER K 332 47.10 -20.21 -30.48
CA SER K 332 47.89 -21.21 -29.75
C SER K 332 49.04 -21.72 -30.60
N GLN K 333 48.83 -21.87 -31.91
CA GLN K 333 49.93 -22.26 -32.78
C GLN K 333 50.95 -21.14 -32.95
N VAL K 334 50.52 -19.88 -32.92
CA VAL K 334 51.49 -18.83 -33.18
C VAL K 334 52.28 -18.51 -31.92
N VAL K 335 51.70 -18.66 -30.73
CA VAL K 335 52.57 -18.61 -29.56
C VAL K 335 52.92 -20.05 -29.21
N SER K 336 53.89 -20.64 -29.91
CA SER K 336 54.32 -21.99 -29.56
C SER K 336 55.81 -22.08 -29.26
N ASP K 337 56.67 -21.92 -30.26
CA ASP K 337 58.08 -22.33 -30.19
C ASP K 337 58.73 -22.02 -31.54
N GLY K 338 60.06 -22.10 -31.57
CA GLY K 338 60.82 -22.17 -32.80
C GLY K 338 60.80 -20.91 -33.63
N ILE K 339 61.46 -19.85 -33.14
CA ILE K 339 61.27 -18.44 -33.49
C ILE K 339 61.19 -18.10 -34.97
N ASN K 340 62.09 -18.61 -35.80
CA ASN K 340 62.15 -18.16 -37.18
C ASN K 340 62.91 -19.16 -38.02
N GLU K 341 62.59 -19.17 -39.32
CA GLU K 341 63.41 -19.80 -40.34
C GLU K 341 63.54 -18.92 -41.57
N THR K 342 62.76 -17.86 -41.67
CA THR K 342 62.80 -16.92 -42.78
C THR K 342 63.88 -15.88 -42.54
N PRO K 343 64.45 -15.30 -43.61
CA PRO K 343 65.47 -14.26 -43.42
C PRO K 343 64.87 -12.87 -43.22
N LEU K 344 63.59 -12.79 -42.95
CA LEU K 344 62.87 -11.53 -42.94
C LEU K 344 62.60 -11.07 -41.51
N TRP K 345 62.66 -9.75 -41.32
CA TRP K 345 62.49 -9.11 -40.02
C TRP K 345 61.78 -7.80 -40.26
N PRO K 346 60.85 -7.42 -39.37
CA PRO K 346 60.12 -6.16 -39.57
C PRO K 346 61.01 -4.96 -39.27
N GLN K 347 60.65 -3.83 -39.86
CA GLN K 347 61.41 -2.60 -39.76
C GLN K 347 60.48 -1.43 -39.43
N GLU K 348 61.07 -0.36 -38.93
CA GLU K 348 60.34 0.89 -38.73
C GLU K 348 60.72 1.97 -39.73
N ARG K 349 61.90 1.86 -40.35
CA ARG K 349 62.33 2.89 -41.30
C ARG K 349 61.51 2.81 -42.59
N TYR K 350 61.19 1.60 -43.02
CA TYR K 350 60.45 1.37 -44.26
C TYR K 350 59.89 -0.04 -44.19
N VAL K 351 59.09 -0.39 -45.20
CA VAL K 351 58.58 -1.74 -45.30
C VAL K 351 59.37 -2.44 -46.40
N GLN K 352 59.41 -3.76 -46.34
CA GLN K 352 60.24 -4.51 -47.25
C GLN K 352 59.45 -5.64 -47.89
N ILE K 353 59.66 -5.82 -49.19
CA ILE K 353 59.08 -6.92 -49.94
C ILE K 353 60.21 -7.67 -50.62
N ALA K 354 59.93 -8.93 -50.99
CA ALA K 354 60.95 -9.83 -51.48
C ALA K 354 61.43 -9.41 -52.86
N TYR K 355 62.64 -9.85 -53.19
CA TYR K 355 63.19 -9.60 -54.51
C TYR K 355 62.47 -10.42 -55.57
N ASP K 356 61.97 -11.60 -55.19
CA ASP K 356 61.20 -12.45 -56.08
C ASP K 356 59.73 -12.52 -55.70
N SER K 357 59.21 -11.47 -55.08
CA SER K 357 57.80 -11.46 -54.71
C SER K 357 56.93 -11.25 -55.95
N PRO K 358 55.80 -11.94 -56.05
CA PRO K 358 54.89 -11.72 -57.18
C PRO K 358 54.10 -10.43 -57.08
N SER K 359 54.12 -9.75 -55.94
CA SER K 359 53.38 -8.51 -55.79
C SER K 359 54.03 -7.39 -56.57
N VAL K 360 53.21 -6.49 -57.11
CA VAL K 360 53.66 -5.35 -57.89
C VAL K 360 53.24 -4.04 -57.23
N VAL K 361 53.04 -4.07 -55.91
CA VAL K 361 52.44 -2.94 -55.22
C VAL K 361 53.43 -1.79 -55.04
N ASP K 362 54.73 -2.08 -55.11
CA ASP K 362 55.74 -1.02 -55.06
C ASP K 362 55.74 -0.19 -56.32
N GLY K 363 55.44 -0.80 -57.46
CA GLY K 363 55.31 -0.07 -58.70
C GLY K 363 53.92 0.48 -58.86
N ALA K 364 52.97 -0.08 -58.11
CA ALA K 364 51.58 0.39 -58.21
C ALA K 364 51.41 1.74 -57.54
N THR K 365 51.63 1.79 -56.22
CA THR K 365 51.64 3.05 -55.50
C THR K 365 53.05 3.37 -55.03
N GLN K 366 53.30 4.65 -54.75
CA GLN K 366 54.67 5.15 -54.68
C GLN K 366 55.26 5.10 -53.28
N TYR K 367 54.65 5.78 -52.32
CA TYR K 367 55.28 6.04 -51.04
C TYR K 367 55.14 4.85 -50.09
N GLY K 368 56.22 4.56 -49.38
CA GLY K 368 56.20 3.60 -48.30
C GLY K 368 56.66 2.20 -48.66
N TYR K 369 56.46 1.78 -49.89
CA TYR K 369 56.75 0.42 -50.32
C TYR K 369 58.11 0.37 -50.99
N VAL K 370 59.02 -0.44 -50.44
CA VAL K 370 60.40 -0.49 -50.88
C VAL K 370 60.73 -1.89 -51.37
N ARG K 371 61.24 -1.99 -52.60
CA ARG K 371 61.76 -3.24 -53.11
C ARG K 371 63.16 -3.47 -52.58
N ARG K 372 63.42 -4.68 -52.08
CA ARG K 372 64.74 -5.05 -51.59
C ARG K 372 65.44 -5.96 -52.58
N ASN K 373 66.75 -5.79 -52.70
CA ASN K 373 67.54 -6.54 -53.67
C ASN K 373 68.42 -7.59 -53.00
N GLN K 374 68.94 -7.28 -51.81
CA GLN K 374 69.92 -8.13 -51.18
C GLN K 374 69.33 -9.41 -50.59
N LEU K 375 68.03 -9.42 -50.31
CA LEU K 375 67.40 -10.61 -49.74
C LEU K 375 66.75 -11.43 -50.85
N ARG K 376 67.05 -12.72 -50.88
CA ARG K 376 66.59 -13.60 -51.94
C ARG K 376 65.93 -14.82 -51.33
N LEU K 377 65.06 -15.45 -52.10
CA LEU K 377 64.32 -16.62 -51.65
C LEU K 377 64.47 -17.74 -52.67
N GLY K 378 64.73 -18.94 -52.18
CA GLY K 378 64.86 -20.12 -53.02
C GLY K 378 63.57 -20.84 -53.30
N MET K 379 62.45 -20.13 -53.29
CA MET K 379 61.14 -20.74 -53.38
C MET K 379 60.51 -20.44 -54.74
N ARG K 380 59.32 -20.99 -54.97
CA ARG K 380 58.70 -20.97 -56.29
C ARG K 380 57.67 -19.84 -56.39
N ILE K 381 56.95 -19.83 -57.51
CA ILE K 381 56.17 -18.67 -57.91
C ILE K 381 54.68 -18.97 -58.01
N SER K 382 54.29 -20.20 -58.35
CA SER K 382 52.92 -20.52 -58.71
C SER K 382 52.00 -20.53 -57.48
N ALA K 383 50.73 -20.83 -57.72
CA ALA K 383 49.72 -20.82 -56.67
C ALA K 383 49.74 -22.13 -55.89
N LEU K 384 48.72 -22.36 -55.08
CA LEU K 384 48.61 -23.60 -54.34
C LEU K 384 47.13 -23.96 -54.22
N GLN K 385 46.86 -25.27 -54.25
CA GLN K 385 45.52 -25.79 -54.15
C GLN K 385 45.45 -26.82 -53.04
N SER K 386 44.24 -26.97 -52.49
CA SER K 386 43.99 -27.91 -51.40
C SER K 386 43.29 -29.16 -51.93
N LEU K 387 43.44 -30.24 -51.20
CA LEU K 387 42.84 -31.50 -51.59
C LEU K 387 41.51 -31.70 -50.87
N SER K 388 40.65 -32.50 -51.49
CA SER K 388 39.28 -32.68 -51.02
C SER K 388 39.23 -33.79 -49.98
N ASP K 389 38.81 -33.44 -48.77
CA ASP K 389 38.77 -34.38 -47.67
C ASP K 389 37.68 -35.43 -47.85
N THR K 390 37.94 -36.63 -47.33
CA THR K 390 36.99 -37.73 -47.31
C THR K 390 36.81 -38.22 -45.89
N PRO K 391 35.59 -38.61 -45.51
CA PRO K 391 35.36 -39.11 -44.15
C PRO K 391 35.80 -40.55 -43.93
N ALA K 392 36.24 -41.25 -44.96
CA ALA K 392 36.60 -42.64 -44.81
C ALA K 392 38.12 -42.82 -44.86
N PRO K 393 38.66 -43.78 -44.12
CA PRO K 393 40.10 -44.05 -44.20
C PRO K 393 40.45 -44.70 -45.53
N VAL K 394 41.57 -44.26 -46.11
CA VAL K 394 41.93 -44.65 -47.47
C VAL K 394 43.21 -45.48 -47.41
N GLN K 395 43.38 -46.35 -48.40
CA GLN K 395 44.55 -47.22 -48.47
C GLN K 395 45.78 -46.46 -48.95
N TRP K 396 46.95 -47.00 -48.62
CA TRP K 396 48.23 -46.49 -49.07
C TRP K 396 49.11 -47.66 -49.43
N LEU K 397 50.00 -47.47 -50.41
CA LEU K 397 50.95 -48.49 -50.80
C LEU K 397 52.35 -47.90 -50.84
N PRO K 398 53.32 -48.50 -50.16
CA PRO K 398 54.66 -47.92 -50.10
C PRO K 398 55.49 -48.25 -51.34
N GLN K 399 56.56 -47.47 -51.50
CA GLN K 399 57.56 -47.69 -52.54
C GLN K 399 58.93 -47.58 -51.89
N TYR K 400 59.83 -48.50 -52.23
CA TYR K 400 61.09 -48.64 -51.53
C TYR K 400 62.22 -47.90 -52.26
N THR K 401 63.06 -47.24 -51.48
CA THR K 401 64.25 -46.56 -52.00
C THR K 401 65.45 -47.50 -51.94
N ILE K 402 66.65 -46.94 -52.11
CA ILE K 402 67.87 -47.73 -52.20
C ILE K 402 68.72 -47.66 -50.94
N ASP K 403 68.36 -46.85 -49.96
CA ASP K 403 69.12 -46.77 -48.71
C ASP K 403 68.57 -47.74 -47.68
N GLN K 404 69.40 -48.08 -46.70
CA GLN K 404 69.00 -49.05 -45.69
C GLN K 404 69.64 -48.71 -44.36
N VAL K 405 68.93 -49.00 -43.27
CA VAL K 405 69.45 -48.91 -41.92
C VAL K 405 69.17 -50.23 -41.20
N ALA K 406 69.54 -50.29 -39.93
CA ALA K 406 69.40 -51.51 -39.15
C ALA K 406 67.95 -51.76 -38.75
N VAL K 407 67.60 -53.04 -38.69
CA VAL K 407 66.30 -53.44 -38.15
C VAL K 407 66.22 -53.15 -36.66
N ASP K 408 67.37 -53.10 -35.96
CA ASP K 408 67.37 -52.64 -34.58
C ASP K 408 67.06 -51.14 -34.49
N GLU K 409 67.52 -50.36 -35.47
CA GLU K 409 67.15 -48.95 -35.54
C GLU K 409 65.66 -48.80 -35.81
N GLY K 410 65.11 -49.64 -36.68
CA GLY K 410 63.67 -49.63 -36.90
C GLY K 410 62.89 -50.04 -35.67
N ASP K 411 63.43 -51.00 -34.90
CA ASP K 411 62.82 -51.41 -33.63
C ASP K 411 62.84 -50.27 -32.62
N ALA K 412 63.95 -49.53 -32.57
CA ALA K 412 64.05 -48.40 -31.66
C ALA K 412 63.07 -47.28 -32.03
N MET K 413 62.93 -47.01 -33.33
CA MET K 413 62.01 -45.96 -33.75
C MET K 413 60.55 -46.36 -33.57
N VAL K 414 60.24 -47.64 -33.77
CA VAL K 414 58.85 -48.05 -33.55
C VAL K 414 58.56 -48.18 -32.05
N SER K 415 59.59 -48.43 -31.24
CA SER K 415 59.39 -48.38 -29.79
C SER K 415 59.18 -46.95 -29.32
N GLN K 416 59.81 -45.99 -30.01
CA GLN K 416 59.54 -44.59 -29.72
C GLN K 416 58.13 -44.19 -30.15
N LEU K 417 57.68 -44.67 -31.31
CA LEU K 417 56.42 -44.26 -31.89
C LEU K 417 55.28 -45.22 -31.60
N THR K 418 55.45 -46.13 -30.63
CA THR K 418 54.48 -47.16 -30.33
C THR K 418 53.16 -46.60 -29.82
N GLN K 419 52.06 -46.99 -30.46
CA GLN K 419 50.71 -46.82 -29.91
C GLN K 419 50.00 -48.18 -29.93
N LEU K 420 50.69 -49.20 -29.44
CA LEU K 420 50.13 -50.54 -29.45
C LEU K 420 49.02 -50.79 -28.43
N PRO K 421 49.17 -50.45 -27.10
CA PRO K 421 48.13 -50.91 -26.16
C PRO K 421 46.79 -50.17 -26.27
N LEU K 422 45.96 -50.64 -27.21
CA LEU K 422 44.56 -50.24 -27.28
C LEU K 422 43.76 -51.44 -27.77
N ARG K 423 42.52 -51.52 -27.34
CA ARG K 423 41.69 -52.66 -27.68
C ARG K 423 41.11 -52.50 -29.07
N PRO K 424 41.27 -53.48 -29.95
CA PRO K 424 40.64 -53.41 -31.27
C PRO K 424 39.26 -54.06 -31.28
N ASP K 425 38.51 -53.77 -32.33
CA ASP K 425 37.28 -54.48 -32.60
C ASP K 425 37.61 -55.82 -33.22
N TYR K 426 36.92 -56.86 -32.77
CA TYR K 426 37.31 -58.22 -33.11
C TYR K 426 36.81 -58.62 -34.50
N GLY K 427 35.49 -58.65 -34.67
CA GLY K 427 34.90 -59.10 -35.93
C GLY K 427 34.48 -60.56 -35.87
N SER K 428 34.52 -61.21 -37.04
CA SER K 428 34.15 -62.61 -37.16
C SER K 428 35.11 -63.31 -38.11
N ILE K 429 35.61 -64.48 -37.70
CA ILE K 429 36.57 -65.20 -38.53
C ILE K 429 35.90 -66.02 -39.60
N TRP K 430 34.58 -66.22 -39.52
CA TRP K 430 33.94 -67.24 -40.36
C TRP K 430 32.48 -66.89 -40.51
N ILE K 431 32.09 -66.47 -41.71
CA ILE K 431 30.70 -66.21 -42.04
C ILE K 431 30.27 -67.19 -43.12
N GLY K 432 29.00 -67.14 -43.48
CA GLY K 432 28.43 -67.99 -44.51
C GLY K 432 27.55 -69.06 -43.91
N GLU K 433 27.68 -70.28 -44.43
CA GLU K 433 26.85 -71.40 -44.02
C GLU K 433 27.73 -72.61 -43.75
N ALA K 434 27.07 -73.73 -43.43
CA ALA K 434 27.77 -74.98 -43.20
C ALA K 434 28.24 -75.58 -44.52
N LEU K 435 29.04 -76.64 -44.42
CA LEU K 435 29.62 -77.28 -45.57
C LEU K 435 29.16 -78.73 -45.65
N SER K 436 28.83 -79.17 -46.86
CA SER K 436 28.27 -80.49 -47.10
C SER K 436 29.39 -81.52 -47.05
N TYR K 437 29.50 -82.23 -45.92
CA TYR K 437 30.46 -83.31 -45.76
C TYR K 437 29.63 -84.58 -45.53
N TYR K 438 29.42 -85.35 -46.59
CA TYR K 438 28.48 -86.47 -46.55
C TYR K 438 29.09 -87.69 -47.23
N VAL K 439 28.69 -88.86 -46.75
CA VAL K 439 29.00 -90.13 -47.42
C VAL K 439 27.86 -91.09 -47.13
N ASP K 440 27.50 -91.86 -48.16
CA ASP K 440 26.45 -92.86 -48.06
C ASP K 440 27.04 -94.25 -47.94
N TYR K 441 26.20 -95.19 -47.52
CA TYR K 441 26.63 -96.58 -47.50
C TYR K 441 26.53 -97.18 -48.91
N ASN K 442 27.60 -97.82 -49.34
CA ASN K 442 27.63 -98.59 -50.57
C ASN K 442 27.81 -100.06 -50.21
N ARG K 443 26.99 -100.92 -50.82
CA ARG K 443 27.01 -102.34 -50.47
C ARG K 443 28.26 -103.02 -51.00
N SER K 444 28.55 -102.85 -52.28
CA SER K 444 29.66 -103.55 -52.94
C SER K 444 30.94 -102.73 -52.94
N HIS K 445 31.13 -101.85 -51.96
CA HIS K 445 32.31 -100.98 -52.00
C HIS K 445 33.55 -101.70 -51.46
N ARG K 446 33.58 -101.96 -50.16
CA ARG K 446 34.70 -102.57 -49.44
C ARG K 446 34.15 -103.20 -48.17
N VAL K 447 35.03 -103.53 -47.24
CA VAL K 447 34.66 -103.97 -45.90
C VAL K 447 35.82 -103.66 -44.94
N VAL K 448 35.47 -103.08 -43.78
CA VAL K 448 36.44 -102.79 -42.73
C VAL K 448 35.86 -103.28 -41.40
N LEU K 449 36.68 -103.18 -40.35
CA LEU K 449 36.32 -103.65 -39.03
C LEU K 449 36.24 -102.48 -38.06
N SER K 450 35.71 -102.76 -36.87
CA SER K 450 35.47 -101.71 -35.88
C SER K 450 36.76 -101.17 -35.29
N SER K 451 37.74 -102.04 -35.04
CA SER K 451 38.97 -101.65 -34.37
C SER K 451 39.88 -100.78 -35.23
N GLU K 452 39.63 -100.70 -36.54
CA GLU K 452 40.49 -99.95 -37.44
C GLU K 452 40.24 -98.45 -37.39
N LEU K 453 39.12 -98.02 -36.80
CA LEU K 453 38.69 -96.63 -36.91
C LEU K 453 39.55 -95.73 -36.01
N PRO K 454 39.99 -94.58 -36.51
CA PRO K 454 40.61 -93.59 -35.63
C PRO K 454 39.56 -92.87 -34.80
N GLN K 455 40.01 -92.28 -33.69
CA GLN K 455 39.06 -91.73 -32.74
C GLN K 455 39.32 -90.28 -32.41
N LEU K 456 38.63 -89.80 -31.38
CA LEU K 456 38.97 -88.52 -30.77
C LEU K 456 40.39 -88.59 -30.23
N PRO K 457 41.16 -87.51 -30.33
CA PRO K 457 42.46 -87.48 -29.67
C PRO K 457 42.29 -87.47 -28.16
N ASP K 458 43.24 -88.11 -27.47
CA ASP K 458 43.17 -88.21 -26.02
C ASP K 458 43.40 -86.88 -25.33
N THR K 459 44.04 -85.94 -26.03
CA THR K 459 44.16 -84.56 -25.55
C THR K 459 42.97 -83.74 -26.04
N TYR K 460 41.78 -84.17 -25.62
CA TYR K 460 40.54 -83.50 -25.99
C TYR K 460 40.04 -82.57 -24.90
N PHE K 461 40.19 -82.97 -23.64
CA PHE K 461 39.67 -82.19 -22.51
C PHE K 461 40.68 -81.18 -21.99
N ASP K 462 41.59 -80.72 -22.83
CA ASP K 462 42.55 -79.72 -22.40
C ASP K 462 41.87 -78.37 -22.24
N GLY K 463 42.41 -77.56 -21.33
CA GLY K 463 42.01 -76.17 -21.25
C GLY K 463 42.34 -75.41 -22.51
N ASP K 464 43.44 -75.77 -23.17
CA ASP K 464 43.80 -75.14 -24.44
C ASP K 464 42.86 -75.56 -25.57
N GLU K 465 42.40 -76.82 -25.54
CA GLU K 465 41.42 -77.26 -26.53
C GLU K 465 40.07 -76.59 -26.33
N GLN K 466 39.65 -76.47 -25.07
CA GLN K 466 38.43 -75.74 -24.76
C GLN K 466 38.57 -74.27 -25.11
N TYR K 467 39.76 -73.71 -24.93
CA TYR K 467 40.07 -72.34 -25.32
C TYR K 467 39.90 -72.15 -26.82
N GLY K 468 40.45 -73.07 -27.61
CA GLY K 468 40.33 -72.96 -29.06
C GLY K 468 38.91 -73.16 -29.57
N ARG K 469 38.20 -74.13 -29.00
CA ARG K 469 36.84 -74.38 -29.47
C ARG K 469 35.89 -73.26 -29.03
N SER K 470 36.13 -72.65 -27.87
CA SER K 470 35.31 -71.52 -27.45
C SER K 470 35.63 -70.28 -28.27
N LEU K 471 36.92 -70.10 -28.62
CA LEU K 471 37.31 -69.02 -29.52
C LEU K 471 36.63 -69.15 -30.87
N PHE K 472 36.57 -70.38 -31.41
CA PHE K 472 35.95 -70.59 -32.71
C PHE K 472 34.44 -70.37 -32.64
N SER K 473 33.79 -70.97 -31.63
CA SER K 473 32.34 -70.85 -31.51
C SER K 473 31.89 -69.46 -31.10
N LEU K 474 32.78 -68.64 -30.56
CA LEU K 474 32.42 -67.26 -30.27
C LEU K 474 32.74 -66.33 -31.41
N ALA K 475 33.82 -66.59 -32.17
CA ALA K 475 34.13 -65.79 -33.33
C ALA K 475 33.19 -66.05 -34.50
N ARG K 476 32.56 -67.22 -34.57
CA ARG K 476 31.79 -67.57 -35.74
C ARG K 476 30.41 -66.91 -35.69
N LYS K 477 29.90 -66.52 -36.85
CA LYS K 477 28.70 -65.71 -36.95
C LYS K 477 27.61 -66.49 -37.69
N VAL K 478 26.42 -66.57 -37.09
CA VAL K 478 25.30 -67.33 -37.62
C VAL K 478 24.00 -66.57 -37.39
N GLY K 479 22.91 -67.23 -37.77
CA GLY K 479 21.59 -66.95 -37.27
C GLY K 479 21.28 -67.96 -36.19
N ASP K 480 20.57 -69.04 -36.54
CA ASP K 480 20.39 -70.16 -35.63
C ASP K 480 21.16 -71.37 -36.14
N ARG K 481 22.09 -71.85 -35.31
CA ARG K 481 22.92 -72.98 -35.69
C ARG K 481 22.10 -74.25 -35.84
N SER K 482 21.12 -74.45 -34.96
CA SER K 482 20.26 -75.63 -35.05
C SER K 482 19.41 -75.58 -36.31
N LEU K 483 18.97 -74.38 -36.71
CA LEU K 483 18.29 -74.19 -37.99
C LEU K 483 19.17 -74.63 -39.15
N VAL K 484 20.44 -74.19 -39.15
CA VAL K 484 21.35 -74.53 -40.24
C VAL K 484 21.62 -76.03 -40.28
N LYS K 485 21.86 -76.64 -39.11
CA LYS K 485 22.14 -78.07 -39.03
C LYS K 485 20.95 -78.90 -39.48
N ASP K 486 19.74 -78.52 -39.07
CA ASP K 486 18.57 -79.32 -39.41
C ASP K 486 18.21 -79.17 -40.88
N THR K 487 18.37 -77.96 -41.46
CA THR K 487 18.15 -77.81 -42.89
C THR K 487 19.16 -78.63 -43.70
N ALA K 488 20.43 -78.64 -43.27
CA ALA K 488 21.44 -79.44 -43.97
C ALA K 488 21.15 -80.94 -43.86
N VAL K 489 20.72 -81.40 -42.68
CA VAL K 489 20.52 -82.84 -42.52
C VAL K 489 19.26 -83.30 -43.23
N LEU K 490 18.25 -82.43 -43.38
CA LEU K 490 17.07 -82.84 -44.15
C LEU K 490 17.35 -82.81 -45.65
N LYS K 491 18.10 -81.81 -46.12
CA LYS K 491 18.46 -81.75 -47.53
C LYS K 491 19.36 -82.91 -47.94
N HIS K 492 20.19 -83.41 -47.02
CA HIS K 492 20.94 -84.62 -47.33
C HIS K 492 20.14 -85.88 -47.02
N ALA K 493 19.08 -85.78 -46.25
CA ALA K 493 18.31 -86.96 -45.88
C ALA K 493 17.34 -87.37 -46.98
N TYR K 494 16.83 -86.42 -47.76
CA TYR K 494 15.85 -86.76 -48.78
C TYR K 494 16.44 -86.90 -50.17
N GLN K 495 17.64 -87.46 -50.31
CA GLN K 495 18.27 -87.51 -51.62
C GLN K 495 18.03 -88.82 -52.37
N ALA K 496 18.54 -89.94 -51.84
CA ALA K 496 18.68 -91.12 -52.69
C ALA K 496 17.52 -92.09 -52.46
N ILE K 497 17.65 -93.31 -53.01
CA ILE K 497 16.62 -94.34 -52.94
C ILE K 497 17.15 -95.56 -52.21
N ASP K 498 16.23 -96.31 -51.62
CA ASP K 498 16.58 -97.56 -50.95
C ASP K 498 16.55 -98.72 -51.95
N PRO K 499 17.27 -99.82 -51.71
CA PRO K 499 17.23 -100.93 -52.67
C PRO K 499 15.96 -101.76 -52.65
N ASN K 500 15.11 -101.61 -51.64
CA ASN K 500 13.87 -102.38 -51.62
C ASN K 500 12.82 -101.76 -52.53
N THR K 501 12.41 -100.53 -52.23
CA THR K 501 11.43 -99.84 -53.05
C THR K 501 12.14 -99.03 -54.13
N GLY K 502 11.54 -99.01 -55.32
CA GLY K 502 12.17 -98.29 -56.40
C GLY K 502 12.00 -96.78 -56.34
N LYS K 503 11.13 -96.28 -55.46
CA LYS K 503 10.73 -94.87 -55.57
C LYS K 503 11.74 -93.92 -54.95
N GLU K 504 11.91 -93.95 -53.62
CA GLU K 504 12.68 -92.97 -52.86
C GLU K 504 12.77 -93.42 -51.41
N TYR K 505 13.33 -92.54 -50.56
CA TYR K 505 13.44 -92.80 -49.13
C TYR K 505 12.11 -92.61 -48.41
N LEU K 506 11.63 -91.38 -48.36
CA LEU K 506 10.46 -91.00 -47.59
C LEU K 506 9.55 -90.14 -48.46
N ARG K 507 8.32 -89.94 -47.97
CA ARG K 507 7.29 -89.26 -48.76
C ARG K 507 6.72 -88.09 -47.97
N ALA K 508 5.62 -87.52 -48.47
CA ALA K 508 4.92 -86.44 -47.79
C ALA K 508 3.96 -87.00 -46.75
N GLY K 509 3.85 -86.30 -45.62
CA GLY K 509 2.94 -86.71 -44.57
C GLY K 509 3.41 -87.96 -43.84
N GLN K 510 4.53 -87.86 -43.15
CA GLN K 510 5.11 -89.02 -42.49
C GLN K 510 4.79 -89.10 -41.00
N SER K 511 4.16 -88.08 -40.43
CA SER K 511 3.80 -87.98 -39.01
C SER K 511 5.03 -88.18 -38.11
N VAL K 512 5.94 -87.23 -38.24
CA VAL K 512 7.26 -87.35 -37.64
C VAL K 512 7.23 -87.04 -36.15
N ALA K 513 8.34 -87.31 -35.47
CA ALA K 513 8.54 -86.92 -34.10
C ALA K 513 9.91 -86.28 -33.95
N TYR K 514 10.05 -85.42 -32.95
CA TYR K 514 11.26 -84.68 -32.67
C TYR K 514 11.69 -84.94 -31.24
N PHE K 515 12.98 -85.09 -31.02
CA PHE K 515 13.54 -85.28 -29.70
C PHE K 515 14.46 -84.12 -29.34
N GLY K 516 14.44 -83.72 -28.07
CA GLY K 516 15.39 -82.74 -27.57
C GLY K 516 15.18 -81.33 -28.07
N ALA K 517 13.98 -80.78 -27.89
CA ALA K 517 13.72 -79.41 -28.33
C ALA K 517 14.23 -78.41 -27.31
N SER K 518 15.07 -77.49 -27.77
CA SER K 518 15.56 -76.44 -26.88
C SER K 518 14.48 -75.43 -26.56
N ALA K 519 13.65 -75.08 -27.55
CA ALA K 519 12.48 -74.21 -27.46
C ALA K 519 12.81 -72.78 -27.04
N GLY K 520 14.08 -72.39 -27.00
CA GLY K 520 14.42 -71.00 -26.78
C GLY K 520 15.18 -70.43 -27.95
N HIS K 521 14.51 -69.60 -28.75
CA HIS K 521 15.13 -69.01 -29.93
C HIS K 521 14.68 -67.57 -30.11
N SER K 522 14.38 -66.88 -28.99
CA SER K 522 13.82 -65.53 -28.96
C SER K 522 12.54 -65.41 -29.79
N GLY K 523 11.57 -66.25 -29.47
CA GLY K 523 10.34 -66.29 -30.24
C GLY K 523 10.19 -67.64 -30.92
N ALA K 524 8.94 -68.07 -31.16
CA ALA K 524 8.61 -69.34 -31.79
C ALA K 524 9.22 -70.51 -31.01
N ASP K 525 8.67 -70.70 -29.80
CA ASP K 525 9.27 -71.56 -28.78
C ASP K 525 9.23 -73.03 -29.15
N GLN K 526 10.12 -73.40 -30.07
CA GLN K 526 10.30 -74.70 -30.70
C GLN K 526 11.53 -74.51 -31.59
N PRO K 527 12.13 -75.58 -32.14
CA PRO K 527 13.16 -75.38 -33.17
C PRO K 527 12.59 -74.73 -34.42
N LEU K 528 13.41 -73.88 -35.03
CA LEU K 528 12.96 -72.96 -36.07
C LEU K 528 12.75 -73.64 -37.43
N VAL K 529 12.87 -74.96 -37.51
CA VAL K 529 12.60 -75.65 -38.77
C VAL K 529 11.21 -76.23 -38.85
N ILE K 530 10.46 -76.20 -37.75
CA ILE K 530 9.17 -76.91 -37.69
C ILE K 530 8.14 -76.20 -38.57
N GLU K 531 7.98 -74.89 -38.38
CA GLU K 531 7.04 -74.15 -39.21
C GLU K 531 7.44 -74.05 -40.69
N PRO K 532 8.69 -73.70 -41.06
CA PRO K 532 9.01 -73.70 -42.50
C PRO K 532 9.02 -75.08 -43.13
N TRP K 533 9.34 -76.12 -42.35
CA TRP K 533 9.32 -77.47 -42.90
C TRP K 533 7.91 -78.02 -43.01
N MET K 534 7.01 -77.60 -42.13
CA MET K 534 5.60 -77.95 -42.30
C MET K 534 5.00 -77.19 -43.48
N GLN K 535 5.42 -75.95 -43.71
CA GLN K 535 4.96 -75.22 -44.88
C GLN K 535 5.67 -75.63 -46.16
N GLY K 536 6.75 -76.40 -46.07
CA GLY K 536 7.47 -76.77 -47.27
C GLY K 536 8.37 -75.68 -47.80
N LYS K 537 8.88 -74.82 -46.92
CA LYS K 537 9.71 -73.70 -47.34
C LYS K 537 11.14 -74.11 -47.65
N ILE K 538 11.53 -75.35 -47.37
CA ILE K 538 12.87 -75.81 -47.66
C ILE K 538 13.06 -76.05 -49.16
N SER K 539 11.98 -76.39 -49.87
CA SER K 539 11.91 -76.60 -51.32
C SER K 539 12.83 -77.72 -51.80
N GLY K 540 13.12 -78.69 -50.94
CA GLY K 540 13.82 -79.88 -51.35
C GLY K 540 13.31 -81.08 -50.59
N VAL K 541 12.25 -80.87 -49.82
CA VAL K 541 11.74 -81.86 -48.88
C VAL K 541 10.28 -82.09 -49.19
N PRO K 542 9.71 -83.21 -48.73
CA PRO K 542 8.25 -83.33 -48.69
C PRO K 542 7.72 -82.88 -47.35
N PRO K 543 6.58 -82.18 -47.31
CA PRO K 543 6.05 -81.68 -46.04
C PRO K 543 5.42 -82.81 -45.23
N PRO K 544 5.61 -82.79 -43.92
CA PRO K 544 5.03 -83.85 -43.08
C PRO K 544 3.54 -83.65 -42.82
N SER K 545 2.97 -84.48 -41.95
CA SER K 545 1.56 -84.36 -41.57
C SER K 545 1.40 -83.90 -40.13
N SER K 546 2.13 -84.50 -39.20
CA SER K 546 2.05 -84.12 -37.80
C SER K 546 3.45 -84.13 -37.20
N VAL K 547 3.72 -83.18 -36.31
CA VAL K 547 5.03 -83.02 -35.69
C VAL K 547 4.85 -83.05 -34.18
N ARG K 548 5.58 -83.93 -33.51
CA ARG K 548 5.64 -83.97 -32.05
C ARG K 548 7.06 -83.69 -31.61
N GLN K 549 7.21 -82.80 -30.64
CA GLN K 549 8.52 -82.47 -30.10
C GLN K 549 8.63 -82.98 -28.67
N PHE K 550 9.67 -83.77 -28.42
CA PHE K 550 9.94 -84.37 -27.13
C PHE K 550 11.30 -83.90 -26.62
N GLY K 551 11.57 -84.20 -25.36
CA GLY K 551 12.78 -83.73 -24.71
C GLY K 551 12.49 -82.95 -23.45
N TYR K 552 13.48 -82.83 -22.48
CA TYR K 552 13.14 -82.15 -21.22
C TYR K 552 13.28 -80.67 -21.22
N ASP K 553 13.17 -80.03 -22.48
CA ASP K 553 13.12 -78.57 -22.53
C ASP K 553 12.08 -78.07 -23.54
N VAL K 554 11.00 -78.81 -23.74
CA VAL K 554 10.02 -78.45 -24.75
C VAL K 554 9.08 -77.38 -24.21
N ALA K 555 8.28 -76.79 -25.10
CA ALA K 555 7.23 -75.85 -24.73
C ALA K 555 5.83 -76.37 -25.04
N LYS K 556 5.68 -77.17 -26.10
CA LYS K 556 4.38 -77.68 -26.51
C LYS K 556 4.19 -79.15 -26.18
N GLY K 557 5.24 -79.95 -26.25
CA GLY K 557 5.15 -81.37 -25.96
C GLY K 557 5.23 -81.67 -24.48
N ALA K 558 5.80 -82.83 -24.18
CA ALA K 558 6.03 -83.25 -22.80
C ALA K 558 7.52 -83.42 -22.56
N ILE K 559 7.92 -83.28 -21.30
CA ILE K 559 9.31 -83.44 -20.91
C ILE K 559 9.53 -84.85 -20.37
N VAL K 560 10.41 -85.59 -21.03
CA VAL K 560 10.62 -87.01 -20.81
C VAL K 560 12.13 -87.26 -20.78
N ASP K 561 12.59 -88.04 -19.81
CA ASP K 561 13.95 -88.58 -19.88
C ASP K 561 14.07 -89.50 -21.08
N LEU K 562 14.85 -89.09 -22.06
CA LEU K 562 15.00 -89.85 -23.30
C LEU K 562 15.98 -91.00 -23.17
N ALA K 563 16.83 -90.99 -22.14
CA ALA K 563 17.79 -92.08 -21.96
C ALA K 563 17.09 -93.35 -21.51
N ARG K 564 16.34 -93.27 -20.42
CA ARG K 564 15.53 -94.41 -20.00
C ARG K 564 14.35 -94.57 -20.94
N PRO K 565 14.01 -95.80 -21.32
CA PRO K 565 12.94 -96.00 -22.30
C PRO K 565 11.55 -95.73 -21.75
N PHE K 566 10.98 -94.59 -22.11
CA PHE K 566 9.56 -94.35 -21.92
C PHE K 566 8.83 -94.64 -23.20
N PRO K 567 7.90 -95.58 -23.22
CA PRO K 567 7.15 -95.85 -24.45
C PRO K 567 6.08 -94.80 -24.70
N SER K 568 5.97 -94.40 -25.96
CA SER K 568 4.95 -93.46 -26.40
C SER K 568 4.44 -93.95 -27.75
N GLY K 569 3.68 -93.10 -28.43
CA GLY K 569 3.20 -93.46 -29.75
C GLY K 569 4.33 -93.59 -30.73
N ASP K 570 4.30 -94.67 -31.51
CA ASP K 570 5.34 -94.94 -32.49
C ASP K 570 5.07 -94.12 -33.75
N TYR K 571 6.11 -93.48 -34.26
CA TYR K 571 6.00 -92.63 -35.43
C TYR K 571 6.95 -93.13 -36.51
N GLN K 572 6.59 -92.87 -37.77
CA GLN K 572 7.35 -93.36 -38.91
C GLN K 572 8.75 -92.76 -38.99
N PHE K 573 8.97 -91.59 -38.40
CA PHE K 573 10.28 -90.96 -38.40
C PHE K 573 10.48 -90.19 -37.12
N VAL K 574 11.61 -90.41 -36.45
CA VAL K 574 11.99 -89.67 -35.26
C VAL K 574 13.35 -89.04 -35.49
N TYR K 575 13.60 -87.96 -34.76
CA TYR K 575 14.81 -87.16 -34.95
C TYR K 575 15.35 -86.79 -33.58
N SER K 576 16.52 -87.32 -33.23
CA SER K 576 17.16 -86.99 -31.98
C SER K 576 18.01 -85.74 -32.14
N ASP K 577 17.96 -84.86 -31.15
CA ASP K 577 18.76 -83.66 -31.18
C ASP K 577 19.40 -83.36 -29.82
N VAL K 578 19.14 -84.15 -28.81
CA VAL K 578 19.71 -83.92 -27.48
C VAL K 578 21.11 -84.56 -27.43
N ASP K 579 22.03 -83.85 -26.81
CA ASP K 579 23.38 -84.37 -26.60
C ASP K 579 23.42 -85.36 -25.44
N GLN K 580 24.61 -85.86 -25.16
CA GLN K 580 24.89 -86.66 -23.98
C GLN K 580 25.85 -85.96 -23.03
N VAL K 581 26.02 -84.65 -23.18
CA VAL K 581 26.91 -83.89 -22.32
C VAL K 581 26.17 -83.35 -21.10
N VAL K 582 24.99 -82.76 -21.33
CA VAL K 582 24.21 -82.19 -20.25
C VAL K 582 23.65 -83.29 -19.36
N ASP K 583 23.11 -84.34 -19.96
CA ASP K 583 22.69 -85.51 -19.21
C ASP K 583 23.88 -86.30 -18.69
N GLY K 584 25.06 -86.14 -19.32
CA GLY K 584 26.26 -86.78 -18.83
C GLY K 584 26.93 -85.97 -17.74
N HIS K 585 28.03 -86.52 -17.24
CA HIS K 585 28.74 -85.94 -16.10
C HIS K 585 30.23 -85.91 -16.37
N ASP K 586 30.59 -85.49 -17.59
CA ASP K 586 31.97 -85.29 -18.05
C ASP K 586 32.79 -86.59 -17.94
N ASP K 587 32.34 -87.60 -18.68
CA ASP K 587 33.08 -88.85 -18.77
C ASP K 587 32.73 -89.51 -20.08
N LEU K 588 33.75 -90.08 -20.71
CA LEU K 588 33.55 -90.80 -21.97
C LEU K 588 32.73 -92.07 -21.75
N SER K 589 32.87 -92.69 -20.57
CA SER K 589 32.08 -93.89 -20.27
C SER K 589 30.60 -93.58 -20.15
N ILE K 590 30.26 -92.51 -19.41
CA ILE K 590 28.85 -92.17 -19.26
C ILE K 590 28.31 -91.56 -20.56
N SER K 591 29.18 -90.95 -21.37
CA SER K 591 28.77 -90.46 -22.67
C SER K 591 28.41 -91.62 -23.59
N SER K 592 29.26 -92.65 -23.61
CA SER K 592 28.99 -93.85 -24.39
C SER K 592 27.74 -94.57 -23.90
N GLY K 593 27.54 -94.61 -22.57
CA GLY K 593 26.35 -95.27 -22.04
C GLY K 593 25.07 -94.53 -22.37
N LEU K 594 25.12 -93.20 -22.39
CA LEU K 594 23.97 -92.44 -22.82
C LEU K 594 23.71 -92.62 -24.32
N VAL K 595 24.76 -92.74 -25.12
CA VAL K 595 24.59 -93.08 -26.53
C VAL K 595 23.91 -94.44 -26.68
N GLU K 596 24.34 -95.42 -25.87
CA GLU K 596 23.73 -96.74 -25.82
C GLU K 596 22.23 -96.68 -25.53
N SER K 597 21.88 -96.02 -24.41
CA SER K 597 20.49 -96.02 -23.96
C SER K 597 19.60 -95.20 -24.89
N LEU K 598 20.10 -94.05 -25.35
CA LEU K 598 19.31 -93.19 -26.21
C LEU K 598 19.09 -93.83 -27.57
N LEU K 599 20.12 -94.48 -28.11
CA LEU K 599 19.96 -95.18 -29.38
C LEU K 599 19.07 -96.40 -29.22
N ASP K 600 19.11 -97.07 -28.07
CA ASP K 600 18.22 -98.21 -27.85
C ASP K 600 16.76 -97.78 -27.79
N SER K 601 16.48 -96.69 -27.07
CA SER K 601 15.10 -96.17 -27.02
C SER K 601 14.65 -95.67 -28.39
N CYS K 602 15.57 -95.06 -29.14
CA CYS K 602 15.23 -94.57 -30.47
C CYS K 602 14.98 -95.71 -31.44
N VAL K 603 15.68 -96.84 -31.28
CA VAL K 603 15.42 -98.01 -32.12
C VAL K 603 14.09 -98.64 -31.74
N HIS K 604 13.83 -98.80 -30.45
CA HIS K 604 12.58 -99.42 -30.02
C HIS K 604 11.37 -98.52 -30.15
N ALA K 605 11.53 -97.24 -30.52
CA ALA K 605 10.38 -96.38 -30.74
C ALA K 605 10.35 -95.81 -32.15
N THR K 606 10.51 -96.67 -33.18
CA THR K 606 10.76 -96.21 -34.54
C THR K 606 9.63 -96.56 -35.52
N ALA K 607 8.64 -97.38 -35.12
CA ALA K 607 7.54 -97.86 -35.95
C ALA K 607 8.07 -98.55 -37.20
N PRO K 608 8.48 -99.83 -37.10
CA PRO K 608 9.49 -100.41 -38.01
C PRO K 608 9.12 -100.39 -39.48
N GLY K 609 10.14 -100.30 -40.31
CA GLY K 609 10.00 -99.87 -41.69
C GLY K 609 10.28 -98.40 -41.89
N GLY K 610 10.58 -97.66 -40.82
CA GLY K 610 10.86 -96.24 -40.87
C GLY K 610 12.34 -95.94 -40.77
N SER K 611 12.65 -94.75 -40.24
CA SER K 611 14.02 -94.27 -40.19
C SER K 611 14.21 -93.36 -38.99
N PHE K 612 15.47 -93.11 -38.65
CA PHE K 612 15.79 -92.16 -37.59
C PHE K 612 17.15 -91.54 -37.85
N VAL K 613 17.40 -90.44 -37.14
CA VAL K 613 18.65 -89.70 -37.24
C VAL K 613 19.24 -89.57 -35.84
N MET K 614 20.51 -89.95 -35.71
CA MET K 614 21.25 -89.81 -34.46
C MET K 614 22.32 -88.74 -34.59
N LYS K 615 22.58 -88.06 -33.47
CA LYS K 615 23.78 -87.25 -33.33
C LYS K 615 24.65 -87.84 -32.23
N ILE K 616 25.96 -87.89 -32.48
CA ILE K 616 26.90 -88.53 -31.57
C ILE K 616 28.04 -87.55 -31.33
N ASN K 617 28.17 -87.09 -30.09
CA ASN K 617 29.28 -86.21 -29.75
C ASN K 617 30.54 -86.99 -29.42
N PHE K 618 30.41 -88.08 -28.66
CA PHE K 618 31.57 -88.82 -28.15
C PHE K 618 31.45 -90.29 -28.51
N PRO K 619 31.92 -90.67 -29.71
CA PRO K 619 31.94 -92.10 -30.06
C PRO K 619 33.20 -92.81 -29.58
N THR K 620 32.99 -94.03 -29.05
CA THR K 620 34.08 -94.84 -28.49
C THR K 620 34.01 -96.23 -29.12
N ARG K 621 34.96 -97.09 -28.70
CA ARG K 621 35.05 -98.47 -29.16
C ARG K 621 33.75 -99.22 -28.92
N THR K 622 33.19 -99.05 -27.71
CA THR K 622 31.91 -99.65 -27.37
C THR K 622 30.79 -99.14 -28.27
N VAL K 623 30.84 -97.85 -28.63
CA VAL K 623 29.80 -97.25 -29.47
C VAL K 623 29.82 -97.85 -30.87
N TRP K 624 31.00 -97.81 -31.52
CA TRP K 624 31.10 -98.32 -32.88
C TRP K 624 30.91 -99.82 -32.94
N HIS K 625 31.49 -100.55 -31.99
CA HIS K 625 31.35 -102.00 -31.94
C HIS K 625 29.90 -102.41 -31.69
N TYR K 626 29.20 -101.66 -30.83
CA TYR K 626 27.80 -101.95 -30.54
C TYR K 626 26.91 -101.69 -31.75
N ILE K 627 27.11 -100.55 -32.42
CA ILE K 627 26.22 -100.25 -33.54
C ILE K 627 26.52 -101.16 -34.72
N GLU K 628 27.78 -101.61 -34.86
CA GLU K 628 28.09 -102.56 -35.92
C GLU K 628 27.56 -103.95 -35.60
N GLN K 629 27.56 -104.36 -34.33
CA GLN K 629 27.04 -105.69 -34.01
C GLN K 629 25.53 -105.72 -33.93
N LYS K 630 24.88 -104.57 -33.69
CA LYS K 630 23.45 -104.55 -33.42
C LYS K 630 22.64 -103.93 -34.54
N ILE K 631 22.96 -102.70 -34.92
CA ILE K 631 22.05 -101.92 -35.75
C ILE K 631 22.24 -102.22 -37.23
N LEU K 632 23.49 -102.16 -37.69
CA LEU K 632 23.92 -102.52 -39.03
C LEU K 632 23.44 -103.90 -39.52
N PRO K 633 23.28 -104.93 -38.67
CA PRO K 633 22.50 -106.07 -39.15
C PRO K 633 21.02 -105.76 -39.32
N ASN K 634 20.41 -105.07 -38.35
CA ASN K 634 18.96 -104.92 -38.34
C ASN K 634 18.48 -103.68 -39.09
N VAL K 635 19.33 -103.04 -39.87
CA VAL K 635 18.95 -101.86 -40.63
C VAL K 635 19.06 -102.18 -42.12
N THR K 636 18.29 -101.47 -42.94
CA THR K 636 18.36 -101.65 -44.38
C THR K 636 19.52 -100.86 -44.99
N SER K 637 19.58 -99.56 -44.73
CA SER K 637 20.67 -98.72 -45.17
C SER K 637 20.89 -97.63 -44.13
N TYR K 638 21.93 -96.84 -44.32
CA TYR K 638 22.22 -95.77 -43.37
C TYR K 638 22.94 -94.63 -44.09
N MET K 639 23.31 -93.62 -43.31
CA MET K 639 23.88 -92.39 -43.80
C MET K 639 24.58 -91.69 -42.64
N LEU K 640 25.75 -91.11 -42.89
CA LEU K 640 26.42 -90.31 -41.88
C LEU K 640 26.98 -89.06 -42.55
N ILE K 641 26.54 -87.89 -42.09
CA ILE K 641 26.94 -86.62 -42.66
C ILE K 641 27.47 -85.75 -41.53
N LYS K 642 28.03 -84.60 -41.91
CA LYS K 642 28.49 -83.62 -40.93
C LYS K 642 28.50 -82.24 -41.59
N PRO K 643 27.45 -81.46 -41.37
CA PRO K 643 27.56 -80.02 -41.62
C PRO K 643 28.43 -79.37 -40.55
N PHE K 644 29.03 -78.25 -40.89
CA PHE K 644 30.12 -77.68 -40.10
C PHE K 644 29.92 -76.18 -39.90
N VAL K 645 29.59 -75.77 -38.67
CA VAL K 645 29.63 -74.35 -38.32
C VAL K 645 30.51 -74.15 -37.10
N THR K 646 30.69 -75.22 -36.31
CA THR K 646 31.46 -75.17 -35.07
C THR K 646 32.52 -76.25 -35.08
N ASN K 647 33.65 -75.95 -34.45
CA ASN K 647 34.79 -76.86 -34.41
C ASN K 647 34.47 -77.93 -33.36
N ASN K 648 33.99 -79.09 -33.82
CA ASN K 648 33.60 -80.14 -32.90
C ASN K 648 33.74 -81.49 -33.60
N VAL K 649 33.64 -82.55 -32.81
CA VAL K 649 33.82 -83.91 -33.31
C VAL K 649 32.50 -84.62 -33.53
N GLU K 650 31.38 -83.91 -33.50
CA GLU K 650 30.10 -84.57 -33.64
C GLU K 650 29.78 -84.82 -35.11
N VAL K 651 29.07 -85.93 -35.35
CA VAL K 651 28.57 -86.29 -36.67
C VAL K 651 27.09 -86.61 -36.55
N PHE K 652 26.42 -86.64 -37.69
CA PHE K 652 24.99 -86.88 -37.75
C PHE K 652 24.75 -88.22 -38.45
N PHE K 653 24.41 -89.23 -37.67
CA PHE K 653 24.16 -90.57 -38.18
C PHE K 653 22.68 -90.73 -38.51
N VAL K 654 22.40 -91.16 -39.73
CA VAL K 654 21.03 -91.33 -40.22
C VAL K 654 20.83 -92.80 -40.56
N ALA K 655 19.72 -93.37 -40.13
CA ALA K 655 19.36 -94.75 -40.46
C ALA K 655 18.28 -94.78 -41.53
N PHE K 656 18.11 -95.95 -42.14
CA PHE K 656 17.09 -96.15 -43.17
C PHE K 656 16.59 -97.58 -43.12
N GLY K 657 15.27 -97.75 -43.00
CA GLY K 657 14.69 -99.07 -43.04
C GLY K 657 15.00 -99.90 -41.82
N VAL K 658 14.41 -99.54 -40.69
CA VAL K 658 14.73 -100.20 -39.42
C VAL K 658 14.01 -101.53 -39.34
N HIS K 659 14.61 -102.45 -38.57
CA HIS K 659 14.08 -103.78 -38.26
C HIS K 659 13.88 -104.63 -39.51
N GLN K 660 14.89 -104.64 -40.38
CA GLN K 660 15.01 -105.66 -41.42
C GLN K 660 16.45 -106.16 -41.40
N GLN K 661 16.62 -107.47 -41.31
CA GLN K 661 17.94 -108.06 -41.20
C GLN K 661 18.70 -107.93 -42.52
N SER K 662 20.01 -107.74 -42.42
CA SER K 662 20.86 -107.51 -43.59
C SER K 662 22.31 -107.75 -43.20
N ALA K 663 23.01 -108.55 -44.01
CA ALA K 663 24.46 -108.67 -43.88
C ALA K 663 25.09 -107.36 -44.32
N LEU K 664 25.56 -106.57 -43.36
CA LEU K 664 25.91 -105.19 -43.66
C LEU K 664 26.90 -104.70 -42.61
N THR K 665 28.10 -104.30 -43.05
CA THR K 665 29.13 -103.81 -42.15
C THR K 665 29.62 -102.43 -42.58
N TRP K 666 30.69 -101.96 -41.97
CA TRP K 666 31.30 -100.68 -42.34
C TRP K 666 32.23 -100.87 -43.54
N THR K 667 32.46 -99.77 -44.26
CA THR K 667 33.21 -99.80 -45.51
C THR K 667 34.36 -98.79 -45.48
N SER K 668 35.30 -98.99 -46.40
CA SER K 668 36.50 -98.18 -46.45
C SER K 668 36.23 -96.76 -46.92
N GLY K 669 35.16 -96.52 -47.66
CA GLY K 669 34.80 -95.14 -48.00
C GLY K 669 34.36 -94.35 -46.77
N VAL K 670 33.56 -94.98 -45.91
CA VAL K 670 33.23 -94.41 -44.61
C VAL K 670 34.49 -94.23 -43.77
N TYR K 671 35.44 -95.16 -43.91
CA TYR K 671 36.69 -95.06 -43.20
C TYR K 671 37.50 -93.85 -43.66
N PHE K 672 37.61 -93.63 -44.97
CA PHE K 672 38.33 -92.46 -45.47
C PHE K 672 37.64 -91.17 -45.06
N PHE K 673 36.30 -91.17 -45.05
CA PHE K 673 35.55 -90.00 -44.59
C PHE K 673 35.84 -89.69 -43.13
N LEU K 674 35.90 -90.72 -42.30
CA LEU K 674 36.09 -90.51 -40.87
C LEU K 674 37.53 -90.13 -40.55
N VAL K 675 38.50 -90.72 -41.26
CA VAL K 675 39.89 -90.32 -41.15
C VAL K 675 40.06 -88.85 -41.51
N ASP K 676 39.45 -88.44 -42.62
CA ASP K 676 39.62 -87.07 -43.05
C ASP K 676 38.85 -86.10 -42.15
N HIS K 677 37.75 -86.56 -41.54
CA HIS K 677 37.02 -85.74 -40.59
C HIS K 677 37.83 -85.47 -39.33
N PHE K 678 38.38 -86.53 -38.71
CA PHE K 678 39.22 -86.32 -37.53
C PHE K 678 40.49 -85.54 -37.87
N TYR K 679 41.02 -85.71 -39.08
CA TYR K 679 42.21 -84.98 -39.47
C TYR K 679 41.92 -83.50 -39.65
N ARG K 680 40.78 -83.15 -40.26
CA ARG K 680 40.48 -81.74 -40.43
C ARG K 680 40.07 -81.11 -39.11
N TYR K 681 39.52 -81.91 -38.19
CA TYR K 681 39.31 -81.42 -36.83
C TYR K 681 40.63 -81.06 -36.18
N GLU K 682 41.63 -81.94 -36.32
CA GLU K 682 42.94 -81.71 -35.71
C GLU K 682 43.63 -80.49 -36.31
N THR K 683 43.54 -80.33 -37.64
CA THR K 683 44.19 -79.19 -38.28
C THR K 683 43.51 -77.88 -37.88
N LEU K 684 42.18 -77.85 -37.87
CA LEU K 684 41.51 -76.59 -37.54
C LEU K 684 41.62 -76.28 -36.05
N SER K 685 41.77 -77.29 -35.21
CA SER K 685 42.04 -77.06 -33.80
C SER K 685 43.45 -76.51 -33.59
N ALA K 686 44.41 -76.99 -34.37
CA ALA K 686 45.77 -76.42 -34.31
C ALA K 686 45.80 -75.00 -34.85
N ILE K 687 44.90 -74.67 -35.79
CA ILE K 687 44.76 -73.30 -36.24
C ILE K 687 44.19 -72.42 -35.14
N SER K 688 43.08 -72.85 -34.54
CA SER K 688 42.41 -72.04 -33.52
C SER K 688 43.19 -71.94 -32.23
N ARG K 689 44.14 -72.86 -32.00
CA ARG K 689 44.94 -72.81 -30.78
C ARG K 689 45.94 -71.66 -30.81
N GLN K 690 46.37 -71.25 -32.00
CA GLN K 690 47.39 -70.21 -32.11
C GLN K 690 46.80 -68.79 -32.06
N LEU K 691 45.55 -68.63 -32.48
CA LEU K 691 44.94 -67.31 -32.57
C LEU K 691 44.68 -66.74 -31.18
N PRO K 692 44.85 -65.44 -30.98
CA PRO K 692 44.52 -64.84 -29.68
C PRO K 692 43.03 -64.83 -29.41
N SER K 693 42.68 -64.35 -28.22
CA SER K 693 41.35 -64.56 -27.65
C SER K 693 40.33 -63.61 -28.28
N PHE K 694 39.13 -63.54 -27.68
CA PHE K 694 38.08 -62.70 -28.24
C PHE K 694 38.23 -61.24 -27.83
N GLY K 695 38.09 -60.97 -26.53
CA GLY K 695 38.14 -59.60 -26.05
C GLY K 695 39.46 -59.19 -25.44
N TYR K 696 40.55 -59.22 -26.22
CA TYR K 696 41.85 -58.90 -25.66
C TYR K 696 42.28 -57.50 -26.10
N VAL K 697 43.41 -57.08 -25.54
CA VAL K 697 44.10 -55.86 -25.96
C VAL K 697 45.43 -56.29 -26.58
N ASP K 698 45.77 -55.65 -27.69
CA ASP K 698 47.00 -55.99 -28.40
C ASP K 698 48.13 -55.10 -27.91
N ASP K 699 49.33 -55.66 -27.86
CA ASP K 699 50.49 -54.90 -27.43
C ASP K 699 51.74 -55.23 -28.24
N GLY K 700 51.58 -55.83 -29.41
CA GLY K 700 52.72 -56.23 -30.21
C GLY K 700 53.47 -57.44 -29.69
N SER K 701 52.89 -58.18 -28.74
CA SER K 701 53.54 -59.36 -28.18
C SER K 701 53.30 -60.61 -29.01
N SER K 702 52.10 -60.76 -29.57
CA SER K 702 51.78 -61.95 -30.34
C SER K 702 52.37 -61.86 -31.75
N VAL K 703 52.50 -63.02 -32.38
CA VAL K 703 53.06 -63.07 -33.73
C VAL K 703 52.04 -62.56 -34.75
N THR K 704 50.75 -62.70 -34.45
CA THR K 704 49.69 -62.19 -35.29
C THR K 704 48.93 -61.11 -34.53
N GLY K 705 48.34 -60.18 -35.25
CA GLY K 705 47.66 -59.07 -34.63
C GLY K 705 47.82 -57.82 -35.47
N ILE K 706 47.46 -56.70 -34.85
CA ILE K 706 47.49 -55.41 -35.51
C ILE K 706 48.67 -54.60 -35.00
N GLU K 707 48.96 -53.51 -35.71
CA GLU K 707 49.91 -52.52 -35.23
C GLU K 707 49.54 -51.17 -35.81
N ILE K 708 49.55 -50.14 -34.97
CA ILE K 708 49.37 -48.76 -35.41
C ILE K 708 50.43 -47.91 -34.73
N ILE K 709 50.82 -46.83 -35.41
CA ILE K 709 51.66 -45.80 -34.84
C ILE K 709 51.08 -44.45 -35.20
N SER K 710 51.54 -43.42 -34.49
CA SER K 710 51.02 -42.07 -34.65
C SER K 710 52.17 -41.09 -34.71
N ILE K 711 52.30 -40.39 -35.83
CA ILE K 711 53.23 -39.28 -35.98
C ILE K 711 52.45 -38.06 -36.46
N GLU K 712 53.06 -36.90 -36.29
CA GLU K 712 52.49 -35.64 -36.75
C GLU K 712 53.37 -35.05 -37.83
N ASN K 713 52.74 -34.43 -38.83
CA ASN K 713 53.46 -33.86 -39.97
C ASN K 713 53.31 -32.35 -40.05
N PRO K 714 54.32 -31.58 -39.71
CA PRO K 714 54.22 -30.13 -39.89
C PRO K 714 54.45 -29.71 -41.33
N GLY K 715 53.36 -29.33 -42.00
CA GLY K 715 53.35 -28.81 -43.36
C GLY K 715 53.86 -29.80 -44.38
N PHE K 716 54.29 -29.25 -45.52
CA PHE K 716 54.97 -30.05 -46.53
C PHE K 716 56.48 -29.97 -46.36
N SER K 717 56.92 -30.23 -45.13
CA SER K 717 58.34 -30.24 -44.81
C SER K 717 58.90 -31.62 -45.05
N ASN K 718 60.16 -31.66 -45.50
CA ASN K 718 60.87 -32.92 -45.64
C ASN K 718 61.16 -33.45 -44.25
N MET K 719 60.39 -34.42 -43.81
CA MET K 719 60.42 -34.84 -42.42
C MET K 719 61.68 -35.65 -42.11
N THR K 720 61.87 -35.91 -40.82
CA THR K 720 63.16 -36.34 -40.30
C THR K 720 63.47 -37.78 -40.70
N GLN K 721 64.74 -38.14 -40.51
CA GLN K 721 65.15 -39.51 -40.77
C GLN K 721 64.60 -40.47 -39.72
N ALA K 722 64.33 -39.96 -38.51
CA ALA K 722 63.83 -40.81 -37.43
C ALA K 722 62.44 -41.34 -37.74
N ALA K 723 61.54 -40.46 -38.17
CA ALA K 723 60.21 -40.90 -38.57
C ALA K 723 60.25 -41.74 -39.84
N ARG K 724 61.24 -41.50 -40.70
CA ARG K 724 61.37 -42.30 -41.92
C ARG K 724 61.78 -43.73 -41.58
N VAL K 725 62.72 -43.88 -40.64
CA VAL K 725 63.10 -45.20 -40.13
C VAL K 725 61.93 -45.85 -39.40
N GLY K 726 61.11 -45.06 -38.71
CA GLY K 726 59.93 -45.61 -38.04
C GLY K 726 58.90 -46.18 -39.00
N ILE K 727 58.57 -45.41 -40.05
CA ILE K 727 57.59 -45.88 -41.03
C ILE K 727 58.14 -47.06 -41.81
N SER K 728 59.40 -47.01 -42.20
CA SER K 728 59.99 -48.13 -42.94
C SER K 728 60.17 -49.35 -42.04
N GLY K 729 60.36 -49.17 -40.73
CA GLY K 729 60.40 -50.30 -39.83
C GLY K 729 59.04 -50.92 -39.64
N LEU K 730 57.98 -50.12 -39.64
CA LEU K 730 56.65 -50.70 -39.65
C LEU K 730 56.35 -51.41 -40.97
N CYS K 731 56.92 -50.90 -42.07
CA CYS K 731 56.76 -51.59 -43.35
C CYS K 731 57.47 -52.95 -43.34
N ALA K 732 58.68 -53.00 -42.77
CA ALA K 732 59.38 -54.26 -42.63
C ALA K 732 58.71 -55.19 -41.63
N ASN K 733 57.99 -54.62 -40.66
CA ASN K 733 57.23 -55.43 -39.73
C ASN K 733 55.96 -55.96 -40.38
N VAL K 734 55.38 -55.22 -41.32
CA VAL K 734 54.07 -55.61 -41.84
C VAL K 734 54.18 -56.53 -43.06
N GLY K 735 55.26 -56.42 -43.85
CA GLY K 735 55.46 -57.35 -44.95
C GLY K 735 54.41 -57.29 -46.04
N ASN K 736 54.44 -56.21 -46.83
CA ASN K 736 53.64 -55.88 -48.02
C ASN K 736 52.17 -56.32 -47.98
N ALA K 737 51.52 -56.11 -46.84
CA ALA K 737 50.09 -56.34 -46.69
C ALA K 737 49.35 -55.02 -46.87
N ARG K 738 48.02 -55.08 -46.78
CA ARG K 738 47.22 -53.88 -46.94
C ARG K 738 47.34 -52.98 -45.71
N LYS K 739 47.21 -51.68 -45.94
CA LYS K 739 47.33 -50.71 -44.86
C LYS K 739 46.49 -49.49 -45.21
N SER K 740 45.98 -48.83 -44.17
CA SER K 740 45.16 -47.66 -44.33
C SER K 740 45.68 -46.55 -43.42
N ILE K 741 45.53 -45.30 -43.89
CA ILE K 741 46.02 -44.14 -43.17
C ILE K 741 44.86 -43.22 -42.85
N ALA K 742 45.14 -42.22 -42.01
CA ALA K 742 44.17 -41.19 -41.69
C ALA K 742 44.91 -39.91 -41.33
N ILE K 743 44.36 -38.77 -41.77
CA ILE K 743 44.93 -37.46 -41.56
C ILE K 743 43.87 -36.58 -40.91
N TYR K 744 44.13 -36.15 -39.68
CA TYR K 744 43.17 -35.32 -38.97
C TYR K 744 43.88 -34.55 -37.89
N GLU K 745 43.33 -33.39 -37.56
CA GLU K 745 43.89 -32.57 -36.48
C GLU K 745 43.61 -33.24 -35.15
N SER K 746 44.63 -33.85 -34.56
CA SER K 746 44.50 -34.48 -33.25
C SER K 746 44.78 -33.42 -32.20
N HIS K 747 43.69 -32.80 -31.73
CA HIS K 747 43.64 -32.06 -30.47
C HIS K 747 44.47 -30.78 -30.53
N GLY K 748 44.63 -30.23 -31.72
CA GLY K 748 45.47 -29.08 -31.95
C GLY K 748 46.65 -29.31 -32.89
N ALA K 749 46.82 -30.52 -33.40
CA ALA K 749 47.93 -30.82 -34.31
C ALA K 749 47.48 -31.88 -35.30
N ARG K 750 47.84 -31.69 -36.57
CA ARG K 750 47.51 -32.65 -37.60
C ARG K 750 48.35 -33.91 -37.42
N VAL K 751 47.69 -35.06 -37.37
CA VAL K 751 48.36 -36.31 -37.02
C VAL K 751 48.29 -37.26 -38.21
N LEU K 752 49.17 -38.25 -38.20
CA LEU K 752 49.20 -39.33 -39.18
C LEU K 752 49.09 -40.66 -38.47
N THR K 753 48.27 -41.55 -39.02
CA THR K 753 48.12 -42.90 -38.50
C THR K 753 48.49 -43.89 -39.58
N ILE K 754 49.16 -44.97 -39.20
CA ILE K 754 49.53 -46.03 -40.12
C ILE K 754 48.94 -47.31 -39.56
N THR K 755 47.84 -47.78 -40.13
CA THR K 755 47.08 -48.88 -39.58
C THR K 755 47.20 -50.10 -40.48
N SER K 756 47.79 -51.16 -39.96
CA SER K 756 47.80 -52.46 -40.64
C SER K 756 48.02 -53.55 -39.61
N ARG K 757 48.34 -54.75 -40.09
CA ARG K 757 48.27 -55.98 -39.29
C ARG K 757 49.50 -56.84 -39.53
N ARG K 758 50.00 -57.47 -38.48
CA ARG K 758 51.15 -58.35 -38.57
C ARG K 758 50.74 -59.80 -38.75
N SER K 759 51.69 -60.62 -39.20
CA SER K 759 51.44 -62.01 -39.53
C SER K 759 52.74 -62.78 -39.36
N PRO K 760 52.67 -64.09 -39.13
CA PRO K 760 53.92 -64.88 -39.08
C PRO K 760 54.64 -64.98 -40.40
N ALA K 761 53.93 -64.87 -41.53
CA ALA K 761 54.60 -64.78 -42.82
C ALA K 761 55.38 -63.48 -42.93
N SER K 762 54.80 -62.38 -42.41
CA SER K 762 55.53 -61.13 -42.29
C SER K 762 56.71 -61.26 -41.35
N ALA K 763 56.58 -62.08 -40.30
CA ALA K 763 57.70 -62.29 -39.38
C ALA K 763 58.84 -63.00 -40.06
N ARG K 764 58.54 -64.01 -40.89
CA ARG K 764 59.60 -64.72 -41.59
C ARG K 764 60.19 -63.84 -42.69
N ARG K 765 59.38 -62.97 -43.30
CA ARG K 765 59.92 -61.99 -44.24
C ARG K 765 60.87 -61.01 -43.55
N LYS K 766 60.47 -60.52 -42.38
CA LYS K 766 61.31 -59.57 -41.63
C LYS K 766 62.59 -60.23 -41.14
N ALA K 767 62.52 -61.51 -40.78
CA ALA K 767 63.72 -62.24 -40.41
C ALA K 767 64.58 -62.61 -41.62
N ARG K 768 64.00 -62.55 -42.83
CA ARG K 768 64.78 -62.92 -44.01
C ARG K 768 65.82 -61.87 -44.36
N LEU K 769 65.50 -60.60 -44.20
CA LEU K 769 66.38 -59.54 -44.67
C LEU K 769 67.18 -58.93 -43.52
N ARG K 770 68.42 -58.58 -43.82
CA ARG K 770 69.34 -58.07 -42.81
C ARG K 770 69.00 -56.64 -42.41
N TYR K 771 69.08 -55.73 -43.36
CA TYR K 771 68.74 -54.33 -43.12
C TYR K 771 67.35 -54.04 -43.62
N LEU K 772 66.68 -53.11 -42.96
CA LEU K 772 65.40 -52.76 -43.59
C LEU K 772 65.61 -51.66 -44.62
N PRO K 773 64.92 -51.72 -45.75
CA PRO K 773 64.98 -50.61 -46.71
C PRO K 773 64.13 -49.45 -46.21
N LEU K 774 64.30 -48.31 -46.87
CA LEU K 774 63.53 -47.13 -46.52
C LEU K 774 62.74 -46.66 -47.73
N ILE K 775 61.75 -45.82 -47.48
CA ILE K 775 60.68 -45.56 -48.43
C ILE K 775 60.76 -44.13 -48.94
N ASP K 776 59.89 -43.83 -49.90
CA ASP K 776 59.75 -42.47 -50.40
C ASP K 776 58.82 -41.69 -49.48
N PRO K 777 59.28 -40.60 -48.87
CA PRO K 777 58.36 -39.77 -48.07
C PRO K 777 57.42 -38.92 -48.90
N ARG K 778 57.62 -38.84 -50.21
CA ARG K 778 56.85 -37.91 -51.05
C ARG K 778 55.38 -38.30 -51.12
N SER K 779 55.09 -39.60 -51.22
CA SER K 779 53.72 -40.09 -51.29
C SER K 779 52.92 -39.83 -50.02
N LEU K 780 53.60 -39.56 -48.91
CA LEU K 780 52.92 -39.13 -47.69
C LEU K 780 52.91 -37.61 -47.55
N GLU K 781 53.92 -36.94 -48.09
CA GLU K 781 54.03 -35.50 -47.95
C GLU K 781 53.23 -34.72 -48.99
N VAL K 782 52.66 -35.38 -50.00
CA VAL K 782 51.83 -34.65 -50.96
C VAL K 782 50.44 -34.35 -50.37
N GLN K 783 49.91 -35.23 -49.52
CA GLN K 783 48.52 -35.14 -49.08
C GLN K 783 48.29 -33.95 -48.15
N ALA K 784 47.19 -33.24 -48.40
CA ALA K 784 46.77 -32.11 -47.58
C ALA K 784 45.30 -32.18 -47.20
N ARG K 785 44.64 -33.29 -47.47
CA ARG K 785 43.22 -33.45 -47.15
C ARG K 785 43.06 -34.11 -45.79
N THR K 786 41.84 -34.01 -45.26
CA THR K 786 41.54 -34.48 -43.92
C THR K 786 40.87 -35.84 -44.01
N ILE K 787 41.64 -36.90 -43.77
CA ILE K 787 41.13 -38.25 -43.80
C ILE K 787 40.64 -38.60 -42.40
N LEU K 788 39.33 -38.64 -42.23
CA LEU K 788 38.76 -38.90 -40.91
C LEU K 788 38.99 -40.35 -40.50
N PRO K 789 39.37 -40.59 -39.24
CA PRO K 789 39.78 -41.94 -38.84
C PRO K 789 38.58 -42.84 -38.59
N SER K 790 38.90 -44.09 -38.30
CA SER K 790 37.91 -45.08 -37.90
C SER K 790 38.46 -45.86 -36.73
N ASN K 791 37.58 -46.62 -36.09
CA ASN K 791 37.98 -47.47 -34.99
C ASN K 791 38.89 -48.60 -35.47
N PRO K 792 39.82 -49.05 -34.63
CA PRO K 792 40.66 -50.19 -35.03
C PRO K 792 39.86 -51.49 -35.01
N VAL K 793 39.85 -52.17 -36.14
CA VAL K 793 39.20 -53.46 -36.26
C VAL K 793 40.26 -54.52 -36.53
N LEU K 794 40.02 -55.73 -36.04
CA LEU K 794 40.94 -56.82 -36.30
C LEU K 794 40.81 -57.33 -37.72
N PHE K 795 39.62 -57.22 -38.30
CA PHE K 795 39.34 -57.77 -39.62
C PHE K 795 38.92 -56.65 -40.55
N ASP K 796 39.72 -56.43 -41.59
CA ASP K 796 39.37 -55.44 -42.60
C ASP K 796 38.22 -55.93 -43.48
N ASN K 797 38.28 -57.18 -43.91
CA ASN K 797 37.30 -57.70 -44.85
C ASN K 797 36.04 -58.11 -44.10
N ILE K 798 34.89 -57.80 -44.70
CA ILE K 798 33.60 -58.08 -44.10
C ILE K 798 32.80 -59.09 -44.91
N ASN K 799 32.72 -58.88 -46.23
CA ASN K 799 31.91 -59.74 -47.07
C ASN K 799 32.53 -61.12 -47.29
N GLY K 800 33.82 -61.27 -47.03
CA GLY K 800 34.51 -62.53 -47.21
C GLY K 800 35.52 -62.47 -48.35
N ALA K 801 36.44 -63.42 -48.30
CA ALA K 801 37.48 -63.51 -49.32
C ALA K 801 36.90 -64.00 -50.64
N SER K 802 37.44 -63.50 -51.74
CA SER K 802 37.00 -63.95 -53.05
C SER K 802 37.59 -65.33 -53.33
N PRO K 803 36.97 -66.11 -54.23
CA PRO K 803 37.56 -67.40 -54.62
C PRO K 803 38.92 -67.28 -55.29
N HIS K 804 39.25 -66.13 -55.88
CA HIS K 804 40.58 -65.96 -56.43
C HIS K 804 41.62 -65.77 -55.32
N VAL K 805 41.25 -65.07 -54.25
CA VAL K 805 42.08 -65.02 -53.05
C VAL K 805 42.22 -66.40 -52.45
N CYS K 806 41.15 -67.20 -52.50
CA CYS K 806 41.19 -68.56 -51.99
C CYS K 806 42.14 -69.45 -52.79
N LEU K 807 42.13 -69.34 -54.12
CA LEU K 807 43.04 -70.16 -54.93
C LEU K 807 44.48 -69.70 -54.77
N THR K 808 44.70 -68.39 -54.61
CA THR K 808 46.04 -67.89 -54.32
C THR K 808 46.53 -68.44 -52.98
N MET K 809 45.64 -68.57 -52.00
CA MET K 809 46.02 -69.14 -50.71
C MET K 809 46.32 -70.63 -50.83
N MET K 810 45.49 -71.35 -51.61
CA MET K 810 45.77 -72.75 -51.93
C MET K 810 47.17 -72.92 -52.52
N TYR K 811 47.48 -72.09 -53.52
CA TYR K 811 48.72 -72.25 -54.27
C TYR K 811 49.92 -71.90 -53.41
N ASN K 812 49.82 -70.81 -52.64
CA ASN K 812 50.85 -70.44 -51.69
C ASN K 812 51.09 -71.54 -50.66
N PHE K 813 50.01 -72.18 -50.21
CA PHE K 813 50.18 -73.25 -49.23
C PHE K 813 50.89 -74.46 -49.81
N GLU K 814 50.53 -74.89 -51.02
CA GLU K 814 51.20 -76.09 -51.52
C GLU K 814 52.64 -75.80 -51.93
N VAL K 815 52.94 -74.56 -52.33
CA VAL K 815 54.33 -74.22 -52.64
C VAL K 815 55.16 -74.15 -51.36
N SER K 816 54.58 -73.57 -50.29
CA SER K 816 55.29 -73.52 -49.02
C SER K 816 55.47 -74.91 -48.41
N SER K 817 54.52 -75.82 -48.65
CA SER K 817 54.69 -77.19 -48.18
C SER K 817 55.72 -77.95 -49.00
N ALA K 818 55.75 -77.73 -50.32
CA ALA K 818 56.68 -78.46 -51.18
C ALA K 818 58.12 -77.96 -51.02
N VAL K 819 58.31 -76.69 -50.73
CA VAL K 819 59.66 -76.16 -50.55
C VAL K 819 60.19 -76.60 -49.19
N TYR K 820 61.51 -76.71 -49.08
CA TYR K 820 62.16 -77.06 -47.82
C TYR K 820 63.20 -76.00 -47.49
N ASP K 821 63.88 -76.20 -46.37
CA ASP K 821 64.87 -75.23 -45.91
C ASP K 821 66.21 -75.49 -46.61
N GLY K 822 66.90 -74.41 -46.95
CA GLY K 822 68.18 -74.50 -47.62
C GLY K 822 68.04 -75.00 -49.05
N ASP K 823 67.47 -74.19 -49.91
CA ASP K 823 67.17 -74.62 -51.28
C ASP K 823 67.14 -73.43 -52.20
N VAL K 824 67.76 -73.59 -53.36
CA VAL K 824 67.63 -72.61 -54.44
C VAL K 824 66.33 -72.89 -55.18
N VAL K 825 65.57 -71.84 -55.46
CA VAL K 825 64.29 -71.96 -56.15
C VAL K 825 64.32 -71.04 -57.35
N LEU K 826 63.31 -71.19 -58.20
CA LEU K 826 63.07 -70.25 -59.29
C LEU K 826 61.58 -70.05 -59.47
N ASP K 827 61.16 -68.80 -59.46
CA ASP K 827 59.75 -68.42 -59.59
C ASP K 827 59.54 -67.85 -60.99
N LEU K 828 58.74 -68.54 -61.79
CA LEU K 828 58.39 -68.08 -63.12
C LEU K 828 57.09 -67.28 -63.02
N GLY K 829 57.15 -66.03 -63.44
CA GLY K 829 56.00 -65.15 -63.29
C GLY K 829 55.77 -64.80 -61.83
N THR K 830 56.68 -64.02 -61.26
CA THR K 830 56.63 -63.70 -59.83
C THR K 830 55.48 -62.77 -59.51
N GLY K 831 54.94 -62.06 -60.48
CA GLY K 831 53.88 -61.12 -60.24
C GLY K 831 54.44 -59.77 -59.83
N PRO K 832 53.59 -58.93 -59.25
CA PRO K 832 54.04 -57.61 -58.80
C PRO K 832 54.98 -57.69 -57.60
N GLU K 833 54.53 -58.39 -56.57
CA GLU K 833 55.33 -58.65 -55.39
C GLU K 833 55.26 -60.15 -55.11
N ALA K 834 56.42 -60.80 -55.15
CA ALA K 834 56.49 -62.25 -55.09
C ALA K 834 56.16 -62.74 -53.68
N LYS K 835 55.13 -63.58 -53.58
CA LYS K 835 54.79 -64.20 -52.30
C LYS K 835 55.74 -65.31 -51.91
N ILE K 836 56.60 -65.75 -52.85
CA ILE K 836 57.63 -66.74 -52.57
C ILE K 836 58.63 -66.24 -51.53
N LEU K 837 58.75 -64.92 -51.37
CA LEU K 837 59.54 -64.36 -50.28
C LEU K 837 58.89 -64.65 -48.94
N GLU K 838 57.57 -64.74 -48.91
CA GLU K 838 56.84 -65.06 -47.69
C GLU K 838 56.63 -66.55 -47.49
N LEU K 839 56.82 -67.36 -48.53
CA LEU K 839 56.54 -68.79 -48.38
C LEU K 839 57.73 -69.56 -47.84
N ILE K 840 58.90 -69.39 -48.46
CA ILE K 840 60.07 -70.23 -48.22
C ILE K 840 60.65 -69.94 -46.83
N PRO K 841 61.48 -70.83 -46.27
CA PRO K 841 62.20 -70.48 -45.04
C PRO K 841 63.20 -69.36 -45.26
N SER K 842 63.64 -68.80 -44.13
CA SER K 842 64.41 -67.56 -44.14
C SER K 842 65.84 -67.75 -44.66
N THR K 843 66.33 -68.97 -44.75
CA THR K 843 67.72 -69.22 -45.12
C THR K 843 67.89 -69.65 -46.57
N SER K 844 66.82 -69.90 -47.29
CA SER K 844 66.90 -70.42 -48.64
C SER K 844 66.86 -69.28 -49.65
N PRO K 845 67.77 -69.25 -50.62
CA PRO K 845 67.78 -68.15 -51.60
C PRO K 845 66.77 -68.37 -52.71
N VAL K 846 66.66 -67.36 -53.58
CA VAL K 846 65.78 -67.41 -54.74
C VAL K 846 66.58 -67.09 -55.99
N THR K 847 66.07 -67.56 -57.12
CA THR K 847 66.45 -67.07 -58.45
C THR K 847 65.15 -66.80 -59.19
N CYS K 848 64.52 -65.66 -58.93
CA CYS K 848 63.18 -65.40 -59.42
C CYS K 848 63.20 -64.30 -60.47
N VAL K 849 62.27 -64.39 -61.43
CA VAL K 849 62.27 -63.53 -62.60
C VAL K 849 60.85 -63.48 -63.14
N ASP K 850 60.50 -62.36 -63.75
CA ASP K 850 59.17 -62.14 -64.31
C ASP K 850 59.29 -61.09 -65.40
N ILE K 851 58.32 -61.09 -66.32
CA ILE K 851 58.23 -60.02 -67.30
C ILE K 851 57.82 -58.71 -66.65
N ARG K 852 57.12 -58.78 -65.52
CA ARG K 852 56.68 -57.59 -64.81
C ARG K 852 57.85 -57.02 -64.01
N PRO K 853 58.23 -55.76 -64.23
CA PRO K 853 59.30 -55.16 -63.41
C PRO K 853 58.80 -54.83 -62.01
N THR K 854 59.44 -55.44 -61.01
CA THR K 854 59.01 -55.31 -59.63
C THR K 854 59.80 -54.23 -58.90
N ALA K 855 59.30 -53.87 -57.72
CA ALA K 855 59.94 -52.88 -56.86
C ALA K 855 60.32 -53.49 -55.51
N GLN K 856 60.85 -54.70 -55.55
CA GLN K 856 61.32 -55.36 -54.35
C GLN K 856 62.64 -54.73 -53.90
N PRO K 857 62.95 -54.77 -52.60
CA PRO K 857 64.21 -54.16 -52.13
C PRO K 857 65.43 -54.97 -52.54
N ASN K 858 66.19 -54.41 -53.48
CA ASN K 858 67.40 -55.06 -53.98
C ASN K 858 68.53 -54.83 -52.99
N GLY K 859 69.25 -55.91 -52.67
CA GLY K 859 70.32 -55.83 -51.71
C GLY K 859 69.81 -55.77 -50.28
N CYS K 860 70.77 -55.69 -49.36
CA CYS K 860 70.62 -55.77 -47.90
C CYS K 860 69.72 -56.94 -47.49
N TRP K 861 70.19 -58.14 -47.83
CA TRP K 861 69.55 -59.40 -47.48
C TRP K 861 70.52 -60.25 -46.66
N ASN K 862 69.96 -61.15 -45.85
CA ASN K 862 70.81 -62.16 -45.21
C ASN K 862 71.23 -63.23 -46.20
N VAL K 863 70.27 -63.94 -46.77
CA VAL K 863 70.50 -64.83 -47.89
C VAL K 863 70.05 -64.11 -49.15
N ARG K 864 70.81 -64.26 -50.23
CA ARG K 864 70.70 -63.37 -51.38
C ARG K 864 69.38 -63.57 -52.14
N THR K 865 68.95 -62.52 -52.80
CA THR K 865 67.81 -62.56 -53.71
C THR K 865 68.27 -62.10 -55.10
N THR K 866 67.37 -62.22 -56.07
CA THR K 866 67.69 -61.87 -57.45
C THR K 866 66.40 -61.41 -58.13
N PHE K 867 66.43 -60.22 -58.71
CA PHE K 867 65.26 -59.65 -59.37
C PHE K 867 65.67 -59.03 -60.69
N LEU K 868 65.02 -59.45 -61.77
CA LEU K 868 65.31 -58.95 -63.11
C LEU K 868 64.14 -59.30 -64.03
N GLU K 869 64.25 -58.86 -65.28
CA GLU K 869 63.24 -59.14 -66.29
C GLU K 869 63.94 -59.51 -67.60
N LEU K 870 63.53 -60.64 -68.18
CA LEU K 870 64.20 -61.09 -69.41
C LEU K 870 63.29 -61.75 -70.43
N ASP K 871 61.96 -61.64 -70.30
CA ASP K 871 60.97 -62.35 -71.12
C ASP K 871 61.18 -63.86 -71.03
N TYR K 872 60.83 -64.37 -69.83
CA TYR K 872 61.18 -65.71 -69.35
C TYR K 872 60.86 -66.86 -70.31
N LEU K 873 59.85 -66.70 -71.16
CA LEU K 873 59.56 -67.73 -72.17
C LEU K 873 60.54 -67.55 -73.32
N SER K 874 61.78 -67.97 -73.08
CA SER K 874 62.89 -67.88 -74.00
C SER K 874 63.99 -68.79 -73.47
N ASP K 875 65.15 -68.75 -74.11
CA ASP K 875 66.26 -69.63 -73.77
C ASP K 875 67.52 -68.82 -73.51
N GLY K 876 68.60 -69.53 -73.19
CA GLY K 876 69.90 -68.94 -73.01
C GLY K 876 70.19 -68.43 -71.61
N TRP K 877 69.16 -68.24 -70.79
CA TRP K 877 69.35 -67.64 -69.47
C TRP K 877 69.39 -68.65 -68.34
N ILE K 878 68.74 -69.81 -68.50
CA ILE K 878 68.86 -70.86 -67.50
C ILE K 878 70.21 -71.56 -67.63
N THR K 879 70.87 -71.43 -68.79
CA THR K 879 72.26 -71.81 -68.88
C THR K 879 73.16 -70.88 -68.06
N GLY K 880 72.70 -69.67 -67.80
CA GLY K 880 73.43 -68.74 -66.96
C GLY K 880 73.14 -68.93 -65.47
N VAL K 881 71.86 -68.91 -65.10
CA VAL K 881 71.44 -69.01 -63.71
C VAL K 881 70.74 -70.34 -63.48
N ARG K 882 71.08 -71.01 -62.39
CA ARG K 882 70.60 -72.36 -62.11
C ARG K 882 69.68 -72.37 -60.89
N GLY K 883 68.95 -73.48 -60.75
CA GLY K 883 68.06 -73.67 -59.62
C GLY K 883 67.87 -75.14 -59.29
N ASP K 884 66.87 -75.44 -58.46
CA ASP K 884 66.59 -76.80 -58.03
C ASP K 884 65.14 -77.20 -58.21
N ILE K 885 64.21 -76.28 -58.00
CA ILE K 885 62.78 -76.58 -58.09
C ILE K 885 62.06 -75.41 -58.75
N VAL K 886 61.20 -75.72 -59.72
CA VAL K 886 60.54 -74.71 -60.54
C VAL K 886 59.14 -74.45 -59.98
N THR K 887 58.83 -73.18 -59.75
CA THR K 887 57.50 -72.76 -59.32
C THR K 887 56.96 -71.77 -60.35
N CYS K 888 56.04 -72.23 -61.19
CA CYS K 888 55.44 -71.39 -62.24
C CYS K 888 53.94 -71.34 -61.97
N MET K 889 53.50 -70.33 -61.23
CA MET K 889 52.10 -70.18 -60.84
C MET K 889 51.46 -69.08 -61.67
N LEU K 890 50.40 -69.44 -62.40
CA LEU K 890 49.49 -68.58 -63.15
C LEU K 890 50.15 -67.85 -64.32
N SER K 891 51.42 -68.09 -64.61
CA SER K 891 52.10 -67.39 -65.68
C SER K 891 51.99 -68.11 -67.01
N LEU K 892 51.57 -69.39 -67.00
CA LEU K 892 51.43 -70.15 -68.23
C LEU K 892 50.30 -69.58 -69.09
N GLY K 893 49.10 -69.50 -68.52
CA GLY K 893 47.97 -68.93 -69.25
C GLY K 893 48.14 -67.45 -69.53
N ALA K 894 48.83 -66.74 -68.65
CA ALA K 894 49.09 -65.31 -68.86
C ALA K 894 50.02 -65.10 -70.06
N ALA K 895 51.11 -65.88 -70.13
CA ALA K 895 52.03 -65.76 -71.26
C ALA K 895 51.39 -66.28 -72.55
N ALA K 896 50.53 -67.29 -72.45
CA ALA K 896 49.86 -67.81 -73.64
C ALA K 896 48.84 -66.82 -74.18
N ALA K 897 48.13 -66.11 -73.29
CA ALA K 897 47.22 -65.08 -73.73
C ALA K 897 47.95 -63.85 -74.22
N GLY K 898 49.14 -63.59 -73.69
CA GLY K 898 49.93 -62.46 -74.16
C GLY K 898 50.53 -62.70 -75.53
N LYS K 899 50.98 -63.93 -75.79
CA LYS K 899 51.60 -64.28 -77.05
C LYS K 899 50.62 -64.93 -78.03
N SER K 900 49.34 -65.05 -77.65
CA SER K 900 48.25 -65.58 -78.48
C SER K 900 48.54 -66.99 -78.98
N MET K 901 49.21 -67.80 -78.17
CA MET K 901 49.65 -69.13 -78.56
C MET K 901 49.04 -70.16 -77.63
N THR K 902 49.05 -71.42 -78.10
CA THR K 902 48.36 -72.47 -77.40
C THR K 902 49.21 -73.03 -76.26
N PHE K 903 48.53 -73.76 -75.37
CA PHE K 903 49.22 -74.38 -74.24
C PHE K 903 50.15 -75.48 -74.68
N ASP K 904 49.87 -76.15 -75.80
CA ASP K 904 50.75 -77.19 -76.30
C ASP K 904 52.10 -76.62 -76.71
N ALA K 905 52.08 -75.53 -77.50
CA ALA K 905 53.32 -74.90 -77.95
C ALA K 905 54.05 -74.23 -76.79
N ALA K 906 53.31 -73.56 -75.91
CA ALA K 906 53.92 -72.92 -74.74
C ALA K 906 54.55 -73.96 -73.81
N PHE K 907 53.88 -75.10 -73.63
CA PHE K 907 54.37 -76.11 -72.71
C PHE K 907 55.55 -76.87 -73.31
N GLN K 908 55.56 -77.08 -74.62
CA GLN K 908 56.71 -77.78 -75.20
C GLN K 908 57.92 -76.86 -75.24
N GLN K 909 57.73 -75.55 -75.44
CA GLN K 909 58.83 -74.61 -75.35
C GLN K 909 59.36 -74.51 -73.92
N LEU K 910 58.44 -74.50 -72.95
CA LEU K 910 58.84 -74.41 -71.56
C LEU K 910 59.54 -75.68 -71.09
N VAL K 911 59.11 -76.84 -71.57
CA VAL K 911 59.77 -78.06 -71.15
C VAL K 911 61.08 -78.25 -71.91
N ARG K 912 61.22 -77.61 -73.08
CA ARG K 912 62.52 -77.57 -73.75
C ARG K 912 63.51 -76.74 -72.96
N VAL K 913 63.10 -75.55 -72.52
CA VAL K 913 64.02 -74.73 -71.74
C VAL K 913 64.17 -75.24 -70.31
N LEU K 914 63.33 -76.18 -69.88
CA LEU K 914 63.62 -76.90 -68.64
C LEU K 914 64.47 -78.14 -68.86
N THR K 915 64.53 -78.68 -70.08
CA THR K 915 65.62 -79.61 -70.40
C THR K 915 66.94 -78.86 -70.47
N ARG K 916 66.90 -77.56 -70.79
CA ARG K 916 68.08 -76.71 -70.62
C ARG K 916 68.44 -76.50 -69.15
N SER K 917 67.49 -76.69 -68.24
CA SER K 917 67.69 -76.34 -66.83
C SER K 917 68.49 -77.42 -66.11
N THR K 918 68.66 -77.21 -64.80
CA THR K 918 69.34 -78.17 -63.93
C THR K 918 68.44 -78.68 -62.81
N ALA K 919 67.15 -78.32 -62.84
CA ALA K 919 66.24 -78.70 -61.78
C ALA K 919 65.82 -80.16 -61.91
N ASN K 920 65.75 -80.86 -60.78
CA ASN K 920 65.31 -82.25 -60.77
C ASN K 920 63.82 -82.39 -60.54
N VAL K 921 63.25 -81.55 -59.68
CA VAL K 921 61.83 -81.55 -59.39
C VAL K 921 61.26 -80.22 -59.86
N LEU K 922 59.95 -80.23 -60.12
CA LEU K 922 59.26 -79.04 -60.58
C LEU K 922 57.78 -79.18 -60.29
N LEU K 923 57.10 -78.04 -60.29
CA LEU K 923 55.65 -77.99 -60.12
C LEU K 923 55.15 -76.69 -60.73
N ILE K 924 54.34 -76.79 -61.78
CA ILE K 924 53.87 -75.62 -62.51
C ILE K 924 52.36 -75.61 -62.49
N GLN K 925 51.80 -74.42 -62.72
CA GLN K 925 50.35 -74.23 -62.75
C GLN K 925 49.86 -74.50 -64.16
N VAL K 926 49.21 -75.64 -64.36
CA VAL K 926 48.59 -75.97 -65.63
C VAL K 926 47.10 -75.77 -65.48
N ASN K 927 46.40 -75.75 -66.61
CA ASN K 927 44.98 -75.52 -66.63
C ASN K 927 44.34 -76.73 -67.29
N CYS K 928 44.06 -77.75 -66.49
CA CYS K 928 43.59 -79.04 -67.01
C CYS K 928 42.27 -79.41 -66.36
N PRO K 929 41.24 -79.73 -67.13
CA PRO K 929 40.00 -80.25 -66.53
C PRO K 929 40.21 -81.67 -66.05
N THR K 930 39.81 -81.93 -64.81
CA THR K 930 39.89 -83.26 -64.24
C THR K 930 38.54 -83.97 -64.27
N ASP K 931 37.51 -83.30 -63.80
CA ASP K 931 36.15 -83.81 -63.79
C ASP K 931 35.46 -83.38 -65.08
N VAL K 932 34.21 -83.84 -65.26
CA VAL K 932 33.37 -83.33 -66.34
C VAL K 932 33.08 -81.86 -66.06
N ILE K 933 33.32 -81.01 -67.05
CA ILE K 933 33.26 -79.58 -66.86
C ILE K 933 31.82 -79.12 -66.64
N ARG K 934 31.67 -78.08 -65.82
CA ARG K 934 30.43 -77.78 -65.15
C ARG K 934 29.85 -76.41 -65.53
N THR K 935 30.63 -75.57 -66.23
CA THR K 935 30.37 -74.16 -66.57
C THR K 935 29.83 -73.40 -65.36
N ILE K 936 30.71 -73.20 -64.36
CA ILE K 936 30.40 -72.49 -63.13
C ILE K 936 29.87 -71.10 -63.42
N LYS K 937 28.74 -70.77 -62.82
CA LYS K 937 28.04 -69.52 -63.08
C LYS K 937 28.84 -68.34 -62.54
N GLY K 938 29.18 -67.41 -63.42
CA GLY K 938 29.82 -66.17 -63.03
C GLY K 938 31.30 -66.26 -62.73
N TYR K 939 31.88 -67.45 -62.75
CA TYR K 939 33.31 -67.58 -62.52
C TYR K 939 34.03 -68.31 -63.64
N LEU K 940 33.53 -69.46 -64.09
CA LEU K 940 34.21 -70.27 -65.10
C LEU K 940 33.17 -70.87 -66.03
N GLU K 941 33.04 -70.32 -67.22
CA GLU K 941 32.29 -71.04 -68.24
C GLU K 941 33.24 -71.81 -69.14
N ILE K 942 32.66 -72.63 -70.01
CA ILE K 942 33.41 -73.62 -70.75
C ILE K 942 33.33 -73.32 -72.24
N ASP K 943 34.14 -74.04 -73.01
CA ASP K 943 34.16 -73.92 -74.46
C ASP K 943 34.67 -75.22 -75.03
N GLN K 944 33.80 -75.94 -75.73
CA GLN K 944 34.18 -77.23 -76.32
C GLN K 944 35.10 -77.04 -77.51
N THR K 945 34.63 -76.31 -78.52
CA THR K 945 35.32 -76.28 -79.81
C THR K 945 36.54 -75.35 -79.76
N ASN K 946 36.30 -74.06 -79.52
CA ASN K 946 37.38 -73.09 -79.57
C ASN K 946 38.29 -73.13 -78.35
N LYS K 947 37.90 -73.86 -77.30
CA LYS K 947 38.77 -74.29 -76.21
C LYS K 947 39.34 -73.09 -75.44
N ARG K 948 38.44 -72.33 -74.81
CA ARG K 948 38.80 -71.20 -73.96
C ARG K 948 38.00 -71.32 -72.66
N TYR K 949 38.27 -70.41 -71.72
CA TYR K 949 37.55 -70.39 -70.46
C TYR K 949 36.81 -69.09 -70.17
N LYS K 950 37.46 -67.94 -70.35
CA LYS K 950 36.86 -66.60 -70.20
C LYS K 950 36.32 -66.38 -68.79
N PHE K 951 37.25 -66.17 -67.86
CA PHE K 951 36.92 -65.63 -66.55
C PHE K 951 36.23 -64.28 -66.68
N PRO K 952 34.98 -64.14 -66.21
CA PRO K 952 34.33 -62.82 -66.29
C PRO K 952 34.66 -61.90 -65.14
N LYS K 953 35.10 -62.43 -64.00
CA LYS K 953 35.42 -61.57 -62.86
C LYS K 953 36.72 -60.81 -63.10
N PHE K 954 37.77 -61.52 -63.51
CA PHE K 954 39.00 -60.87 -63.90
C PHE K 954 38.93 -60.26 -65.29
N GLY K 955 37.93 -60.62 -66.09
CA GLY K 955 37.92 -60.24 -67.49
C GLY K 955 39.03 -60.88 -68.28
N ARG K 956 39.48 -62.06 -67.87
CA ARG K 956 40.61 -62.73 -68.48
C ARG K 956 40.14 -64.00 -69.18
N ASP K 957 40.98 -64.50 -70.08
CA ASP K 957 40.64 -65.67 -70.88
C ASP K 957 41.91 -66.35 -71.35
N GLU K 958 41.87 -67.68 -71.32
CA GLU K 958 43.00 -68.48 -71.79
C GLU K 958 42.47 -69.84 -72.21
N PRO K 959 43.22 -70.58 -73.06
CA PRO K 959 42.84 -71.95 -73.35
C PRO K 959 43.04 -72.91 -72.19
N TYR K 960 42.89 -74.19 -72.50
CA TYR K 960 43.19 -75.25 -71.54
C TYR K 960 43.79 -76.43 -72.29
N SER K 961 44.76 -77.08 -71.68
CA SER K 961 45.29 -78.31 -72.19
C SER K 961 44.94 -79.46 -71.25
N ASP K 962 44.90 -80.67 -71.80
CA ASP K 962 44.47 -81.82 -71.01
C ASP K 962 45.65 -82.72 -70.65
N MET K 963 45.39 -83.62 -69.68
CA MET K 963 46.45 -84.32 -68.98
C MET K 963 47.12 -85.38 -69.83
N ASP K 964 46.41 -85.96 -70.80
CA ASP K 964 47.05 -86.97 -71.65
C ASP K 964 48.03 -86.32 -72.63
N SER K 965 47.67 -85.17 -73.20
CA SER K 965 48.60 -84.43 -74.05
C SER K 965 49.77 -83.89 -73.23
N LEU K 966 49.49 -83.47 -71.99
CA LEU K 966 50.56 -83.05 -71.09
C LEU K 966 51.50 -84.20 -70.79
N GLU K 967 50.95 -85.40 -70.62
CA GLU K 967 51.76 -86.60 -70.40
C GLU K 967 52.58 -86.94 -71.64
N ARG K 968 52.00 -86.74 -72.83
CA ARG K 968 52.72 -86.98 -74.07
C ARG K 968 53.93 -86.07 -74.21
N ILE K 969 53.75 -84.78 -73.94
CA ILE K 969 54.85 -83.84 -74.05
C ILE K 969 55.88 -84.08 -72.94
N CYS K 970 55.41 -84.43 -71.75
CA CYS K 970 56.31 -84.65 -70.63
C CYS K 970 57.15 -85.92 -70.80
N ARG K 971 56.57 -86.97 -71.37
CA ARG K 971 57.34 -88.17 -71.63
C ARG K 971 58.17 -88.08 -72.90
N ALA K 972 57.76 -87.24 -73.86
CA ALA K 972 58.62 -86.97 -75.00
C ALA K 972 59.85 -86.17 -74.59
N ALA K 973 59.72 -85.31 -73.59
CA ALA K 973 60.88 -84.60 -73.07
C ALA K 973 61.73 -85.50 -72.18
N TRP K 974 61.14 -86.02 -71.10
CA TRP K 974 61.87 -86.84 -70.14
C TRP K 974 61.35 -88.27 -70.20
N PRO K 975 62.17 -89.23 -70.63
CA PRO K 975 61.79 -90.64 -70.54
C PRO K 975 61.99 -91.26 -69.17
N ASN K 976 62.46 -90.48 -68.18
CA ASN K 976 62.76 -90.99 -66.85
C ASN K 976 61.85 -90.40 -65.78
N CYS K 977 61.02 -89.42 -66.13
CA CYS K 977 60.28 -88.65 -65.14
C CYS K 977 59.15 -89.47 -64.51
N SER K 978 58.77 -89.06 -63.29
CA SER K 978 57.65 -89.63 -62.57
C SER K 978 56.72 -88.50 -62.15
N ILE K 979 55.47 -88.57 -62.60
CA ILE K 979 54.47 -87.52 -62.37
C ILE K 979 53.51 -87.99 -61.27
N THR K 980 53.20 -87.08 -60.34
CA THR K 980 52.19 -87.32 -59.32
C THR K 980 51.26 -86.12 -59.29
N TRP K 981 50.02 -86.31 -59.72
CA TRP K 981 49.00 -85.28 -59.61
C TRP K 981 48.58 -85.15 -58.15
N VAL K 982 48.66 -83.95 -57.61
CA VAL K 982 48.29 -83.75 -56.21
C VAL K 982 46.77 -83.78 -56.08
N PRO K 983 46.22 -84.30 -54.99
CA PRO K 983 44.78 -84.22 -54.78
C PRO K 983 44.39 -82.84 -54.27
N LEU K 984 43.09 -82.59 -54.29
CA LEU K 984 42.59 -81.32 -53.81
C LEU K 984 42.57 -81.30 -52.29
N SER K 985 42.89 -80.14 -51.71
CA SER K 985 43.06 -80.00 -50.26
C SER K 985 41.69 -80.05 -49.59
N TYR K 986 41.13 -81.26 -49.52
CA TYR K 986 39.83 -81.50 -48.92
C TYR K 986 39.92 -81.61 -47.40
N ASP K 987 41.13 -81.66 -46.86
CA ASP K 987 41.40 -81.72 -45.44
C ASP K 987 41.63 -80.35 -44.80
N LEU K 988 41.61 -79.28 -45.61
CA LEU K 988 41.70 -77.89 -45.15
C LEU K 988 43.01 -77.60 -44.43
N ARG K 989 44.11 -78.13 -44.96
CA ARG K 989 45.42 -77.86 -44.37
C ARG K 989 45.87 -76.44 -44.62
N TRP K 990 45.42 -75.84 -45.72
CA TRP K 990 45.82 -74.53 -46.19
C TRP K 990 45.23 -73.40 -45.35
N THR K 991 44.26 -73.69 -44.50
CA THR K 991 43.43 -72.68 -43.87
C THR K 991 44.19 -71.84 -42.85
N LYS K 992 45.34 -72.33 -42.36
CA LYS K 992 46.14 -71.57 -41.41
C LYS K 992 46.76 -70.33 -42.05
N LEU K 993 47.13 -70.41 -43.32
CA LEU K 993 47.72 -69.26 -43.99
C LEU K 993 46.67 -68.21 -44.33
N ALA K 994 45.40 -68.58 -44.33
CA ALA K 994 44.33 -67.61 -44.50
C ALA K 994 43.87 -67.03 -43.18
N LEU K 995 43.85 -67.84 -42.13
CA LEU K 995 43.41 -67.35 -40.82
C LEU K 995 44.46 -66.47 -40.17
N LEU K 996 45.74 -66.84 -40.26
CA LEU K 996 46.78 -66.04 -39.62
C LEU K 996 47.03 -64.72 -40.34
N GLU K 997 46.54 -64.55 -41.54
CA GLU K 997 46.53 -63.25 -42.20
C GLU K 997 45.27 -62.44 -41.88
N SER K 998 44.42 -62.94 -40.99
CA SER K 998 43.25 -62.25 -40.43
C SER K 998 42.25 -61.83 -41.52
N THR K 999 41.69 -62.85 -42.17
CA THR K 999 40.71 -62.63 -43.23
C THR K 999 39.64 -63.71 -43.19
N THR K 1000 38.38 -63.29 -43.14
CA THR K 1000 37.27 -64.24 -43.15
C THR K 1000 37.08 -64.81 -44.55
N LEU K 1001 36.28 -65.88 -44.64
CA LEU K 1001 36.34 -66.75 -45.81
C LEU K 1001 35.05 -66.83 -46.62
N SER K 1002 33.87 -66.77 -45.98
CA SER K 1002 32.55 -66.79 -46.64
C SER K 1002 32.36 -68.06 -47.48
N SER K 1003 32.18 -69.17 -46.76
CA SER K 1003 32.26 -70.56 -47.21
C SER K 1003 31.64 -70.94 -48.56
N ALA K 1004 30.68 -70.15 -49.05
CA ALA K 1004 30.28 -70.29 -50.45
C ALA K 1004 31.48 -70.04 -51.39
N SER K 1005 32.34 -69.09 -51.01
CA SER K 1005 33.56 -68.84 -51.77
C SER K 1005 34.50 -70.04 -51.73
N VAL K 1006 34.59 -70.75 -50.61
CA VAL K 1006 35.51 -71.89 -50.59
C VAL K 1006 34.89 -73.11 -51.28
N ARG K 1007 33.55 -73.20 -51.34
CA ARG K 1007 32.94 -74.23 -52.16
C ARG K 1007 33.21 -73.98 -53.64
N ILE K 1008 33.05 -72.74 -54.09
CA ILE K 1008 33.41 -72.36 -55.45
C ILE K 1008 34.91 -72.53 -55.69
N ALA K 1009 35.72 -72.33 -54.64
CA ALA K 1009 37.16 -72.51 -54.76
C ALA K 1009 37.54 -73.97 -54.97
N GLU K 1010 36.83 -74.89 -54.29
CA GLU K 1010 37.05 -76.31 -54.55
C GLU K 1010 36.62 -76.69 -55.95
N LEU K 1011 35.42 -76.23 -56.36
CA LEU K 1011 34.91 -76.54 -57.69
C LEU K 1011 35.74 -75.92 -58.80
N MET K 1012 36.50 -74.88 -58.49
CA MET K 1012 37.43 -74.26 -59.41
C MET K 1012 38.81 -74.93 -59.38
N TYR K 1013 39.32 -75.30 -58.20
CA TYR K 1013 40.62 -75.94 -58.08
C TYR K 1013 40.64 -77.32 -58.72
N LYS K 1014 39.48 -77.98 -58.84
CA LYS K 1014 39.51 -79.19 -59.66
C LYS K 1014 39.58 -78.91 -61.17
N TYR K 1015 39.69 -77.65 -61.61
CA TYR K 1015 39.79 -77.34 -63.03
C TYR K 1015 41.10 -76.70 -63.43
N MET K 1016 41.93 -76.26 -62.49
CA MET K 1016 43.35 -76.01 -62.76
C MET K 1016 44.21 -76.52 -61.60
N PRO K 1017 44.51 -77.81 -61.58
CA PRO K 1017 45.40 -78.35 -60.56
C PRO K 1017 46.85 -78.22 -61.01
N ILE K 1018 47.76 -78.71 -60.16
CA ILE K 1018 49.17 -78.83 -60.48
C ILE K 1018 49.58 -80.29 -60.28
N MET K 1019 50.86 -80.56 -60.53
CA MET K 1019 51.42 -81.90 -60.33
C MET K 1019 52.84 -81.75 -59.82
N ARG K 1020 53.40 -82.86 -59.36
CA ARG K 1020 54.80 -82.90 -58.95
C ARG K 1020 55.52 -83.89 -59.86
N ILE K 1021 56.57 -83.41 -60.53
CA ILE K 1021 57.34 -84.23 -61.45
C ILE K 1021 58.79 -84.22 -61.00
N ASP K 1022 59.31 -85.38 -60.63
CA ASP K 1022 60.74 -85.57 -60.49
C ASP K 1022 61.31 -85.92 -61.86
N ILE K 1023 62.59 -85.61 -62.06
CA ILE K 1023 63.24 -86.01 -63.29
C ILE K 1023 63.54 -87.51 -63.29
N HIS K 1024 63.56 -88.13 -62.12
CA HIS K 1024 63.74 -89.58 -61.98
C HIS K 1024 62.42 -90.24 -61.63
N GLY K 1025 62.43 -91.56 -61.66
CA GLY K 1025 61.24 -92.35 -61.36
C GLY K 1025 60.86 -93.31 -62.47
CA ALA L 2 23.52 -77.17 -1.39
C ALA L 2 22.89 -75.81 -1.15
N ASN L 3 22.56 -75.53 0.11
CA ASN L 3 21.90 -74.29 0.52
C ASN L 3 22.65 -73.62 1.66
N VAL L 4 23.44 -72.59 1.32
CA VAL L 4 24.36 -71.99 2.30
C VAL L 4 23.58 -71.21 3.37
N TRP L 5 22.75 -70.29 2.96
CA TRP L 5 21.56 -69.96 3.75
C TRP L 5 20.33 -69.90 2.86
N GLY L 6 20.46 -69.32 1.67
CA GLY L 6 19.54 -69.54 0.58
C GLY L 6 20.26 -70.45 -0.40
N VAL L 7 19.49 -71.14 -1.23
CA VAL L 7 20.06 -72.23 -2.01
C VAL L 7 20.87 -71.67 -3.17
N ARG L 8 21.95 -72.37 -3.52
CA ARG L 8 22.75 -72.05 -4.68
C ARG L 8 22.90 -73.32 -5.51
N LEU L 9 23.01 -73.15 -6.82
CA LEU L 9 23.10 -74.28 -7.74
C LEU L 9 24.54 -74.33 -8.24
N ALA L 10 25.39 -75.03 -7.50
CA ALA L 10 26.76 -75.09 -7.97
C ALA L 10 26.94 -76.18 -9.02
N ASP L 11 26.95 -77.45 -8.57
CA ASP L 11 27.03 -78.69 -9.36
C ASP L 11 28.34 -78.84 -10.15
N SER L 12 29.16 -77.80 -10.16
CA SER L 12 30.41 -77.54 -10.86
C SER L 12 30.74 -76.11 -10.46
N LEU L 13 31.92 -75.64 -10.86
CA LEU L 13 32.26 -74.26 -10.56
C LEU L 13 33.18 -73.71 -11.64
N SER L 14 32.90 -72.48 -12.04
CA SER L 14 33.62 -71.83 -13.12
C SER L 14 34.20 -70.51 -12.63
N SER L 15 35.13 -69.98 -13.42
CA SER L 15 35.83 -68.75 -13.10
C SER L 15 36.46 -68.20 -14.36
N PRO L 16 36.62 -66.88 -14.48
CA PRO L 16 37.34 -66.33 -15.62
C PRO L 16 38.82 -66.64 -15.53
N THR L 17 39.34 -67.33 -16.55
CA THR L 17 40.73 -67.77 -16.52
C THR L 17 41.66 -66.75 -17.17
N ILE L 18 41.43 -66.46 -18.43
CA ILE L 18 42.25 -65.51 -19.16
C ILE L 18 41.91 -64.10 -18.70
N GLU L 19 42.90 -63.22 -18.70
CA GLU L 19 42.83 -61.91 -18.08
C GLU L 19 43.41 -60.84 -18.98
N THR L 20 42.69 -59.74 -19.15
CA THR L 20 43.27 -58.55 -19.78
C THR L 20 44.25 -57.91 -18.82
N ARG L 21 45.50 -57.81 -19.23
CA ARG L 21 46.36 -56.82 -18.59
C ARG L 21 45.94 -55.44 -19.06
N THR L 22 45.91 -54.49 -18.14
CA THR L 22 45.34 -53.19 -18.44
C THR L 22 46.41 -52.22 -18.94
N ARG L 23 45.97 -51.25 -19.73
CA ARG L 23 46.82 -50.15 -20.09
C ARG L 23 46.78 -49.08 -19.01
N HIS L 24 47.54 -48.03 -19.21
CA HIS L 24 47.57 -46.94 -18.25
C HIS L 24 47.13 -45.65 -18.92
N TYR L 25 47.26 -44.55 -18.19
CA TYR L 25 46.85 -43.22 -18.60
C TYR L 25 47.67 -42.69 -19.79
N THR L 26 46.99 -41.97 -20.68
CA THR L 26 47.62 -40.99 -21.55
C THR L 26 46.79 -39.71 -21.54
N LEU L 27 47.47 -38.58 -21.75
CA LEU L 27 46.77 -37.31 -21.72
C LEU L 27 45.94 -37.10 -22.98
N HIS L 28 46.34 -37.74 -24.08
CA HIS L 28 45.51 -37.79 -25.27
C HIS L 28 44.19 -38.48 -24.98
N ASP L 29 44.23 -39.59 -24.22
CA ASP L 29 43.00 -40.25 -23.82
C ASP L 29 42.21 -39.40 -22.82
N PHE L 30 42.92 -38.61 -22.00
CA PHE L 30 42.25 -37.71 -21.06
C PHE L 30 41.43 -36.67 -21.79
N TYR L 31 42.01 -36.05 -22.82
CA TYR L 31 41.26 -35.10 -23.63
C TYR L 31 40.15 -35.81 -24.40
N SER L 32 40.42 -37.04 -24.87
CA SER L 32 39.45 -37.78 -25.67
C SER L 32 38.20 -38.12 -24.88
N ASP L 33 38.35 -38.54 -23.63
CA ASP L 33 37.18 -38.87 -22.84
C ASP L 33 36.68 -37.71 -21.99
N LEU L 34 37.41 -36.58 -21.96
CA LEU L 34 36.84 -35.37 -21.41
C LEU L 34 35.96 -34.68 -22.45
N ASP L 35 36.30 -34.80 -23.72
CA ASP L 35 35.38 -34.44 -24.78
C ASP L 35 34.26 -35.47 -24.81
N ALA L 36 33.07 -35.06 -24.39
CA ALA L 36 31.94 -35.98 -24.27
C ALA L 36 31.40 -36.30 -25.65
N SER L 37 32.04 -37.27 -26.29
CA SER L 37 31.60 -37.72 -27.60
C SER L 37 30.33 -38.55 -27.47
N VAL L 38 29.69 -38.79 -28.62
CA VAL L 38 28.51 -39.63 -28.64
C VAL L 38 28.90 -41.09 -28.41
N GLY L 39 30.03 -41.50 -28.99
CA GLY L 39 30.46 -42.88 -28.83
C GLY L 39 30.99 -43.20 -27.45
N LYS L 40 31.67 -42.23 -26.83
CA LYS L 40 32.18 -42.44 -25.48
C LYS L 40 32.16 -41.13 -24.72
N GLU L 41 31.90 -41.23 -23.42
CA GLU L 41 31.69 -40.08 -22.56
C GLU L 41 31.81 -40.58 -21.12
N PRO L 42 32.20 -39.72 -20.16
CA PRO L 42 32.52 -40.23 -18.82
C PRO L 42 31.32 -40.67 -17.99
N TRP L 43 30.10 -40.49 -18.47
CA TRP L 43 28.94 -41.02 -17.77
C TRP L 43 28.24 -42.07 -18.61
N ARG L 44 27.30 -42.77 -17.97
CA ARG L 44 26.48 -43.75 -18.63
C ARG L 44 25.18 -43.84 -17.85
N PRO L 45 24.04 -43.68 -18.50
CA PRO L 45 22.76 -43.62 -17.77
C PRO L 45 22.23 -44.99 -17.40
N LEU L 46 21.48 -45.01 -16.31
CA LEU L 46 20.71 -46.16 -15.89
C LEU L 46 19.24 -45.79 -15.92
N ARG L 47 18.39 -46.75 -16.27
CA ARG L 47 16.97 -46.47 -16.44
C ARG L 47 16.14 -47.43 -15.60
N ASN L 48 14.86 -47.11 -15.51
CA ASN L 48 13.90 -47.96 -14.83
C ASN L 48 13.65 -49.22 -15.67
N GLN L 49 13.16 -50.26 -15.02
CA GLN L 49 12.75 -51.45 -15.74
C GLN L 49 11.28 -51.44 -16.12
N ARG L 50 10.53 -50.42 -15.68
CA ARG L 50 9.10 -50.33 -15.98
C ARG L 50 8.79 -49.21 -16.96
N THR L 51 9.38 -48.03 -16.77
CA THR L 51 9.15 -46.91 -17.67
C THR L 51 10.32 -46.67 -18.62
N ASN L 52 11.47 -47.30 -18.37
CA ASN L 52 12.74 -47.06 -19.07
C ASN L 52 13.14 -45.59 -19.04
N GLU L 53 12.83 -44.91 -17.94
CA GLU L 53 13.20 -43.52 -17.74
C GLU L 53 14.46 -43.45 -16.89
N ILE L 54 15.33 -42.51 -17.25
CA ILE L 54 16.65 -42.41 -16.63
C ILE L 54 16.48 -41.87 -15.22
N VAL L 55 16.73 -42.73 -14.23
CA VAL L 55 16.61 -42.34 -12.83
C VAL L 55 17.94 -42.31 -12.11
N ALA L 56 19.00 -42.83 -12.72
CA ALA L 56 20.32 -42.82 -12.11
C ALA L 56 21.36 -42.84 -13.21
N VAL L 57 22.54 -42.33 -12.88
CA VAL L 57 23.66 -42.34 -13.82
C VAL L 57 24.83 -43.05 -13.18
N GLN L 58 25.73 -43.54 -14.03
CA GLN L 58 26.98 -44.15 -13.60
C GLN L 58 28.13 -43.43 -14.26
N LEU L 59 29.08 -42.98 -13.44
CA LEU L 59 30.25 -42.28 -13.93
C LEU L 59 31.50 -43.04 -13.52
N PHE L 60 32.61 -42.69 -14.17
CA PHE L 60 33.84 -43.46 -14.02
C PHE L 60 35.02 -42.51 -14.20
N ARG L 61 36.19 -43.09 -14.54
CA ARG L 61 37.58 -42.63 -14.47
C ARG L 61 37.87 -41.13 -14.67
N PRO L 62 37.29 -40.39 -15.62
CA PRO L 62 37.62 -38.95 -15.70
C PRO L 62 37.09 -38.11 -14.56
N LEU L 63 36.14 -38.59 -13.77
CA LEU L 63 35.65 -37.82 -12.64
C LEU L 63 35.30 -38.75 -11.48
N GLN L 64 35.83 -38.43 -10.31
CA GLN L 64 35.44 -39.15 -9.11
C GLN L 64 35.32 -38.21 -7.91
N GLY L 65 35.66 -36.94 -8.07
CA GLY L 65 35.76 -36.05 -6.93
C GLY L 65 34.50 -35.28 -6.61
N LEU L 66 33.35 -35.96 -6.65
CA LEU L 66 32.08 -35.32 -6.35
C LEU L 66 31.72 -35.43 -4.87
N VAL L 67 32.72 -35.46 -3.99
CA VAL L 67 32.53 -35.76 -2.57
C VAL L 67 31.74 -34.67 -1.84
N PHE L 68 31.66 -33.47 -2.40
CA PHE L 68 30.93 -32.40 -1.74
C PHE L 68 29.43 -32.55 -1.95
N ASP L 69 28.68 -31.58 -1.46
CA ASP L 69 27.23 -31.69 -1.42
C ASP L 69 26.62 -31.20 -2.73
N THR L 70 25.59 -31.92 -3.18
CA THR L 70 24.91 -31.56 -4.42
C THR L 70 24.11 -30.27 -4.30
N GLN L 71 23.84 -29.79 -3.08
CA GLN L 71 23.32 -28.44 -2.92
C GLN L 71 24.37 -27.42 -3.30
N LEU L 72 25.63 -27.67 -2.95
CA LEU L 72 26.72 -26.80 -3.38
C LEU L 72 26.97 -26.92 -4.87
N TYR L 73 26.73 -28.10 -5.45
CA TYR L 73 26.92 -28.23 -6.89
C TYR L 73 25.79 -27.57 -7.68
N GLY L 74 24.57 -28.06 -7.52
CA GLY L 74 23.44 -27.46 -8.21
C GLY L 74 23.17 -28.01 -9.60
N PHE L 75 22.93 -29.29 -9.70
CA PHE L 75 22.62 -29.88 -10.99
C PHE L 75 21.12 -29.84 -11.24
N PRO L 76 20.68 -29.79 -12.50
CA PRO L 76 19.24 -29.82 -12.80
C PRO L 76 18.65 -31.22 -12.62
N GLY L 77 17.37 -31.34 -12.91
CA GLY L 77 16.65 -32.57 -12.66
C GLY L 77 16.46 -33.48 -13.86
N THR L 78 16.56 -32.95 -15.06
CA THR L 78 16.43 -33.78 -16.24
C THR L 78 17.80 -34.20 -16.75
N PHE L 79 17.85 -35.40 -17.31
CA PHE L 79 19.11 -35.99 -17.75
C PHE L 79 19.72 -35.23 -18.92
N SER L 80 18.90 -34.70 -19.83
CA SER L 80 19.41 -34.00 -20.99
C SER L 80 20.04 -32.66 -20.60
N GLN L 81 19.34 -31.90 -19.75
CA GLN L 81 19.91 -30.66 -19.25
C GLN L 81 21.13 -30.90 -18.38
N TRP L 82 21.11 -31.99 -17.61
CA TRP L 82 22.28 -32.34 -16.80
C TRP L 82 23.48 -32.69 -17.67
N GLU L 83 23.27 -33.42 -18.75
CA GLU L 83 24.42 -33.83 -19.55
C GLU L 83 24.94 -32.68 -20.40
N GLN L 84 24.07 -31.76 -20.86
CA GLN L 84 24.63 -30.60 -21.56
C GLN L 84 25.30 -29.63 -20.59
N PHE L 85 24.82 -29.58 -19.33
CA PHE L 85 25.47 -28.78 -18.31
C PHE L 85 26.86 -29.32 -18.00
N MET L 86 26.97 -30.64 -17.85
CA MET L 86 28.28 -31.27 -17.66
C MET L 86 29.18 -31.07 -18.87
N LYS L 87 28.60 -31.09 -20.07
CA LYS L 87 29.36 -30.87 -21.29
C LYS L 87 29.97 -29.48 -21.33
N GLU L 88 29.18 -28.45 -21.00
CA GLU L 88 29.73 -27.10 -21.09
C GLU L 88 30.68 -26.78 -19.94
N LYS L 89 30.47 -27.35 -18.75
CA LYS L 89 31.42 -27.12 -17.67
C LYS L 89 32.75 -27.83 -17.94
N LEU L 90 32.69 -29.06 -18.48
CA LEU L 90 33.91 -29.72 -18.91
C LEU L 90 34.57 -28.99 -20.07
N ARG L 91 33.79 -28.29 -20.88
CA ARG L 91 34.35 -27.50 -21.98
C ARG L 91 35.14 -26.31 -21.43
N VAL L 92 34.60 -25.64 -20.40
CA VAL L 92 35.30 -24.51 -19.79
C VAL L 92 36.60 -24.96 -19.11
N LEU L 93 36.51 -26.04 -18.32
CA LEU L 93 37.70 -26.55 -17.65
C LEU L 93 38.70 -27.14 -18.65
N LYS L 94 38.17 -27.68 -19.75
CA LYS L 94 38.97 -28.15 -20.88
C LYS L 94 39.81 -27.04 -21.47
N TYR L 95 39.18 -25.89 -21.73
CA TYR L 95 39.91 -24.73 -22.24
C TYR L 95 40.93 -24.22 -21.24
N GLU L 96 40.60 -24.26 -19.95
CA GLU L 96 41.54 -23.80 -18.92
C GLU L 96 42.77 -24.69 -18.84
N VAL L 97 42.58 -26.00 -18.79
CA VAL L 97 43.70 -26.91 -18.65
C VAL L 97 44.50 -27.01 -19.94
N LEU L 98 43.88 -26.75 -21.09
CA LEU L 98 44.65 -26.70 -22.33
C LEU L 98 45.36 -25.37 -22.50
N ARG L 99 44.90 -24.32 -21.83
CA ARG L 99 45.71 -23.11 -21.72
C ARG L 99 46.97 -23.42 -20.92
N ILE L 100 46.80 -24.02 -19.74
CA ILE L 100 47.95 -24.15 -18.85
C ILE L 100 48.88 -25.28 -19.27
N TYR L 101 48.44 -26.24 -20.08
CA TYR L 101 49.34 -27.27 -20.58
C TYR L 101 49.18 -27.41 -22.09
N PRO L 102 50.27 -27.33 -22.85
CA PRO L 102 50.19 -27.62 -24.28
C PRO L 102 50.17 -29.11 -24.56
N ILE L 103 49.49 -29.47 -25.65
CA ILE L 103 49.37 -30.88 -26.00
C ILE L 103 50.66 -31.39 -26.64
N SER L 104 51.43 -30.51 -27.28
CA SER L 104 52.59 -30.93 -28.07
C SER L 104 53.71 -31.44 -27.18
N THR L 105 54.04 -30.69 -26.13
CA THR L 105 55.04 -31.16 -25.17
C THR L 105 54.48 -32.28 -24.30
N TYR L 106 53.25 -32.13 -23.83
CA TYR L 106 52.60 -33.14 -22.99
C TYR L 106 51.71 -34.07 -23.81
N ASN L 107 52.28 -34.63 -24.88
CA ASN L 107 51.53 -35.58 -25.69
C ASN L 107 51.30 -36.91 -24.98
N HIS L 108 52.30 -37.40 -24.25
CA HIS L 108 52.22 -38.75 -23.70
C HIS L 108 52.73 -38.84 -22.28
N ASP L 109 52.54 -37.79 -21.49
CA ASP L 109 52.98 -37.80 -20.10
C ASP L 109 51.85 -38.21 -19.18
N ARG L 110 52.23 -38.61 -17.96
CA ARG L 110 51.29 -39.23 -17.04
C ARG L 110 50.55 -38.17 -16.23
N VAL L 111 49.78 -38.64 -15.25
CA VAL L 111 48.99 -37.77 -14.39
C VAL L 111 48.80 -38.48 -13.06
N ASN L 112 48.38 -37.71 -12.06
CA ASN L 112 47.72 -38.29 -10.90
C ASN L 112 46.22 -38.31 -11.17
N VAL L 113 45.63 -39.50 -11.15
CA VAL L 113 44.19 -39.67 -11.28
C VAL L 113 43.48 -38.97 -10.12
N PHE L 114 44.11 -38.96 -8.95
CA PHE L 114 43.59 -38.25 -7.78
C PHE L 114 43.52 -36.75 -8.04
N VAL L 115 44.58 -36.19 -8.63
CA VAL L 115 44.60 -34.76 -8.95
C VAL L 115 43.58 -34.44 -10.04
N ALA L 116 43.38 -35.36 -10.99
CA ALA L 116 42.39 -35.13 -12.04
C ALA L 116 40.97 -35.12 -11.48
N ASN L 117 40.65 -36.09 -10.62
CA ASN L 117 39.30 -36.17 -10.05
C ASN L 117 39.04 -35.04 -9.08
N ALA L 118 40.03 -34.70 -8.24
CA ALA L 118 39.86 -33.57 -7.34
C ALA L 118 39.86 -32.24 -8.08
N LEU L 119 40.50 -32.19 -9.25
CA LEU L 119 40.48 -30.98 -10.06
C LEU L 119 39.11 -30.73 -10.64
N VAL L 120 38.49 -31.77 -11.22
CA VAL L 120 37.16 -31.58 -11.78
C VAL L 120 36.14 -31.41 -10.66
N GLY L 121 36.39 -31.97 -9.49
CA GLY L 121 35.49 -31.76 -8.37
C GLY L 121 35.58 -30.36 -7.79
N ALA L 122 36.80 -29.83 -7.68
CA ALA L 122 36.96 -28.47 -7.20
C ALA L 122 36.49 -27.45 -8.23
N PHE L 123 36.52 -27.81 -9.51
CA PHE L 123 35.98 -26.91 -10.52
C PHE L 123 34.45 -26.92 -10.49
N LEU L 124 33.85 -28.09 -10.28
CA LEU L 124 32.39 -28.12 -10.20
C LEU L 124 31.89 -27.51 -8.90
N SER L 125 32.66 -27.61 -7.82
CA SER L 125 32.27 -27.06 -6.54
C SER L 125 32.80 -25.65 -6.32
N ASN L 126 33.60 -25.14 -7.24
CA ASN L 126 34.11 -23.76 -7.25
C ASN L 126 34.94 -23.47 -6.00
N GLN L 127 35.93 -24.32 -5.76
CA GLN L 127 36.69 -24.30 -4.51
C GLN L 127 38.18 -24.09 -4.74
N ALA L 128 38.53 -23.15 -5.63
CA ALA L 128 39.89 -22.64 -5.83
C ALA L 128 40.87 -23.75 -6.20
N PHE L 129 40.64 -24.30 -7.38
CA PHE L 129 41.39 -25.44 -7.91
C PHE L 129 42.80 -25.10 -8.37
N TYR L 130 43.16 -23.81 -8.41
CA TYR L 130 44.37 -23.41 -9.13
C TYR L 130 45.65 -23.81 -8.40
N ASP L 131 45.61 -23.90 -7.07
CA ASP L 131 46.76 -24.44 -6.35
C ASP L 131 46.93 -25.93 -6.64
N LEU L 132 45.81 -26.63 -6.84
CA LEU L 132 45.85 -28.04 -7.20
C LEU L 132 46.27 -28.25 -8.65
N LEU L 133 46.15 -27.19 -9.47
CA LEU L 133 46.41 -27.31 -10.91
C LEU L 133 47.84 -27.71 -11.30
N PRO L 134 48.93 -27.09 -10.82
CA PRO L 134 50.26 -27.45 -11.37
C PRO L 134 50.78 -28.79 -10.87
N LEU L 135 50.08 -29.48 -9.98
CA LEU L 135 50.45 -30.82 -9.56
C LEU L 135 49.87 -31.90 -10.46
N LEU L 136 49.50 -31.53 -11.68
CA LEU L 136 48.78 -32.45 -12.55
C LEU L 136 49.72 -33.52 -13.11
N ILE L 137 50.74 -33.10 -13.86
CA ILE L 137 51.69 -34.02 -14.44
C ILE L 137 52.56 -34.60 -13.33
N VAL L 138 52.61 -35.93 -13.25
CA VAL L 138 53.24 -36.59 -12.12
C VAL L 138 54.74 -36.63 -12.36
N ASN L 139 55.50 -36.84 -11.29
CA ASN L 139 56.95 -37.02 -11.32
C ASN L 139 57.26 -38.51 -11.52
N ASP L 140 58.51 -38.86 -11.20
CA ASP L 140 59.08 -40.21 -11.29
C ASP L 140 58.19 -41.31 -10.70
N THR L 141 57.64 -41.08 -9.52
CA THR L 141 56.79 -42.07 -8.87
C THR L 141 55.35 -41.58 -8.85
N MET L 142 54.48 -42.38 -8.24
CA MET L 142 53.05 -42.08 -8.23
C MET L 142 52.63 -41.33 -6.98
N ILE L 143 53.21 -41.67 -5.83
CA ILE L 143 52.64 -41.23 -4.56
C ILE L 143 53.52 -40.21 -3.83
N SER L 144 54.80 -40.07 -4.21
CA SER L 144 55.69 -39.13 -3.54
C SER L 144 55.29 -37.68 -3.77
N ASP L 145 54.66 -37.41 -4.90
CA ASP L 145 54.06 -36.09 -5.12
C ASP L 145 52.91 -35.83 -4.16
N LEU L 146 52.27 -36.90 -3.67
CA LEU L 146 51.21 -36.69 -2.70
C LEU L 146 51.77 -36.54 -1.31
N LEU L 147 52.86 -37.25 -1.01
CA LEU L 147 53.48 -37.14 0.30
C LEU L 147 54.14 -35.78 0.47
N GLY L 148 55.02 -35.40 -0.46
CA GLY L 148 55.51 -34.04 -0.42
C GLY L 148 54.49 -33.17 -1.13
N THR L 149 53.62 -32.55 -0.35
CA THR L 149 52.45 -31.89 -0.92
C THR L 149 52.82 -30.53 -1.50
N GLY L 150 52.14 -30.17 -2.58
CA GLY L 150 52.24 -28.83 -3.12
C GLY L 150 51.55 -27.86 -2.20
N ALA L 151 50.25 -28.04 -2.06
CA ALA L 151 49.47 -27.39 -1.02
C ALA L 151 48.66 -28.47 -0.34
N ALA L 152 48.72 -28.51 0.99
CA ALA L 152 47.94 -29.48 1.75
C ALA L 152 46.46 -29.16 1.59
N LEU L 153 45.70 -30.10 1.02
CA LEU L 153 44.28 -29.88 0.73
C LEU L 153 43.51 -30.99 1.42
N SER L 154 43.23 -30.80 2.71
CA SER L 154 42.61 -31.84 3.53
C SER L 154 41.13 -32.03 3.23
N GLN L 155 40.54 -31.12 2.47
CA GLN L 155 39.19 -31.32 1.96
C GLN L 155 39.12 -32.40 0.91
N PHE L 156 40.26 -32.77 0.31
CA PHE L 156 40.36 -33.80 -0.71
C PHE L 156 41.22 -34.97 -0.28
N PHE L 157 42.37 -34.71 0.33
CA PHE L 157 43.31 -35.77 0.70
C PHE L 157 44.29 -35.23 1.72
N GLN L 158 44.59 -36.05 2.73
CA GLN L 158 45.57 -35.68 3.74
C GLN L 158 46.61 -36.78 3.86
N SER L 159 47.82 -36.38 4.26
CA SER L 159 48.93 -37.31 4.39
C SER L 159 49.06 -37.75 5.85
N HIS L 160 49.66 -38.93 6.03
CA HIS L 160 49.84 -39.47 7.37
C HIS L 160 51.19 -40.14 7.54
N GLY L 161 52.22 -39.66 6.87
CA GLY L 161 53.52 -40.26 7.02
C GLY L 161 53.63 -41.62 6.36
N GLU L 162 53.73 -41.63 5.02
CA GLU L 162 53.85 -42.76 4.08
C GLU L 162 52.51 -43.43 3.84
N VAL L 163 51.42 -42.89 4.36
CA VAL L 163 50.07 -43.41 4.10
C VAL L 163 49.19 -42.25 3.69
N LEU L 164 48.61 -42.34 2.49
CA LEU L 164 47.74 -41.30 1.96
C LEU L 164 46.28 -41.65 2.22
N GLU L 165 45.56 -40.72 2.83
CA GLU L 165 44.12 -40.83 2.99
C GLU L 165 43.42 -40.01 1.92
N VAL L 166 42.50 -40.64 1.19
CA VAL L 166 41.64 -39.95 0.24
C VAL L 166 40.19 -40.31 0.56
N ALA L 167 39.29 -39.47 0.06
CA ALA L 167 37.86 -39.65 0.25
C ALA L 167 37.23 -39.91 -1.11
N ALA L 168 37.23 -41.18 -1.53
CA ALA L 168 36.56 -41.57 -2.76
C ALA L 168 35.06 -41.52 -2.55
N GLY L 169 34.35 -40.80 -3.42
CA GLY L 169 32.91 -40.64 -3.26
C GLY L 169 32.22 -40.59 -4.60
N ARG L 170 30.91 -40.89 -4.55
CA ARG L 170 29.96 -40.69 -5.64
C ARG L 170 30.35 -41.47 -6.90
N LYS L 171 30.32 -42.79 -6.76
CA LYS L 171 30.38 -43.63 -7.95
C LYS L 171 29.11 -43.48 -8.78
N TYR L 172 27.96 -43.39 -8.13
CA TYR L 172 26.69 -43.14 -8.78
C TYR L 172 26.16 -41.79 -8.36
N LEU L 173 25.12 -41.34 -9.07
CA LEU L 173 24.47 -40.08 -8.74
C LEU L 173 22.97 -40.23 -8.96
N GLN L 174 22.20 -39.91 -7.92
CA GLN L 174 20.75 -40.04 -7.98
C GLN L 174 20.13 -38.88 -8.74
N MET L 175 19.20 -39.19 -9.63
CA MET L 175 18.38 -38.17 -10.24
C MET L 175 17.08 -38.06 -9.44
N ASN L 176 16.44 -36.88 -9.51
CA ASN L 176 15.32 -36.58 -8.63
C ASN L 176 14.07 -37.42 -8.91
N ASN L 177 13.96 -38.03 -10.08
CA ASN L 177 12.83 -38.90 -10.35
C ASN L 177 12.97 -40.29 -9.72
N TYR L 178 14.12 -40.59 -9.13
CA TYR L 178 14.28 -41.82 -8.36
C TYR L 178 13.47 -41.70 -7.07
N SER L 179 12.64 -42.72 -6.80
CA SER L 179 11.70 -42.63 -5.69
C SER L 179 11.63 -43.92 -4.89
N ASN L 180 12.75 -44.65 -4.81
CA ASN L 180 12.90 -45.89 -4.03
C ASN L 180 11.91 -46.97 -4.44
N ASP L 181 11.55 -47.01 -5.72
CA ASP L 181 10.74 -48.11 -6.23
C ASP L 181 11.60 -49.38 -6.27
N ASP L 182 10.96 -50.52 -6.03
CA ASP L 182 11.71 -51.77 -6.05
C ASP L 182 12.10 -52.16 -7.46
N ASP L 183 11.35 -51.70 -8.45
CA ASP L 183 11.72 -51.93 -9.85
C ASP L 183 12.83 -50.99 -10.31
N ASP L 184 13.04 -49.89 -9.59
CA ASP L 184 14.18 -49.03 -9.85
C ASP L 184 15.48 -49.75 -9.46
N PRO L 185 16.61 -49.40 -10.10
CA PRO L 185 17.86 -50.08 -9.77
C PRO L 185 18.37 -49.65 -8.43
N PRO L 186 19.07 -50.54 -7.71
CA PRO L 186 19.65 -50.16 -6.42
C PRO L 186 20.83 -49.23 -6.59
N LEU L 187 21.23 -48.61 -5.47
CA LEU L 187 22.32 -47.66 -5.48
C LEU L 187 23.47 -48.03 -4.56
N PHE L 188 23.25 -48.89 -3.57
CA PHE L 188 24.28 -49.43 -2.67
C PHE L 188 25.00 -48.33 -1.87
N ALA L 189 24.25 -47.27 -1.54
CA ALA L 189 24.73 -46.11 -0.77
C ALA L 189 25.95 -45.44 -1.40
N LYS L 190 26.01 -45.46 -2.73
CA LYS L 190 27.13 -44.89 -3.46
C LYS L 190 26.85 -43.48 -3.94
N ASP L 191 25.76 -42.86 -3.48
CA ASP L 191 25.41 -41.51 -3.87
C ASP L 191 25.41 -40.54 -2.69
N LEU L 192 25.95 -40.94 -1.55
CA LEU L 192 25.99 -40.07 -0.39
C LEU L 192 27.25 -39.20 -0.45
N SER L 193 27.51 -38.42 0.60
CA SER L 193 28.66 -37.52 0.60
C SER L 193 29.97 -38.29 0.66
N ASP L 194 30.15 -39.12 1.68
CA ASP L 194 31.36 -39.92 1.84
C ASP L 194 30.96 -41.28 2.39
N TYR L 195 30.80 -42.25 1.50
CA TYR L 195 30.40 -43.59 1.94
C TYR L 195 31.56 -44.33 2.59
N ALA L 196 32.79 -44.02 2.21
CA ALA L 196 33.95 -44.71 2.77
C ALA L 196 35.18 -43.82 2.62
N LYS L 197 36.30 -44.31 3.12
CA LYS L 197 37.59 -43.66 3.00
C LYS L 197 38.62 -44.69 2.56
N ALA L 198 39.50 -44.29 1.64
CA ALA L 198 40.50 -45.17 1.07
C ALA L 198 41.89 -44.76 1.53
N PHE L 199 42.74 -45.74 1.81
CA PHE L 199 44.08 -45.51 2.34
C PHE L 199 45.11 -46.04 1.34
N TYR L 200 45.47 -45.23 0.37
CA TYR L 200 46.49 -45.61 -0.59
C TYR L 200 47.88 -45.42 -0.01
N SER L 201 48.71 -46.45 -0.13
CA SER L 201 50.10 -46.38 0.28
C SER L 201 50.86 -47.46 -0.48
N ASP L 202 52.11 -47.70 -0.06
CA ASP L 202 52.97 -48.60 -0.81
C ASP L 202 52.73 -50.05 -0.42
N THR L 203 52.99 -50.41 0.83
CA THR L 203 53.04 -51.80 1.24
C THR L 203 52.05 -52.09 2.37
N TYR L 204 51.57 -53.33 2.37
CA TYR L 204 50.60 -53.78 3.36
C TYR L 204 51.19 -53.88 4.75
N GLU L 205 52.51 -54.07 4.85
CA GLU L 205 53.15 -54.05 6.16
C GLU L 205 53.10 -52.67 6.79
N VAL L 206 53.40 -51.64 6.01
CA VAL L 206 53.31 -50.26 6.50
C VAL L 206 51.86 -49.88 6.79
N LEU L 207 50.94 -50.37 5.96
CA LEU L 207 49.52 -50.11 6.21
C LEU L 207 49.01 -50.80 7.46
N ASP L 208 49.50 -51.99 7.78
CA ASP L 208 49.07 -52.65 9.00
C ASP L 208 49.76 -52.07 10.23
N ARG L 209 50.98 -51.55 10.08
CA ARG L 209 51.59 -50.80 11.16
C ARG L 209 50.83 -49.50 11.41
N PHE L 210 50.21 -48.94 10.37
CA PHE L 210 49.29 -47.82 10.57
C PHE L 210 48.00 -48.26 11.25
N PHE L 211 47.49 -49.43 10.87
CA PHE L 211 46.26 -49.94 11.47
C PHE L 211 46.43 -50.42 12.89
N TRP L 212 47.67 -50.58 13.37
CA TRP L 212 47.90 -50.76 14.80
C TRP L 212 47.32 -49.60 15.60
N THR L 213 47.46 -48.38 15.10
CA THR L 213 46.96 -47.19 15.79
C THR L 213 45.62 -46.71 15.27
N HIS L 214 45.30 -46.99 14.01
CA HIS L 214 44.05 -46.53 13.43
C HIS L 214 42.88 -47.34 13.97
N ASP L 215 41.71 -46.73 13.98
CA ASP L 215 40.48 -47.44 14.34
C ASP L 215 40.12 -48.45 13.25
N SER L 216 39.52 -49.55 13.69
CA SER L 216 39.00 -50.58 12.78
C SER L 216 37.65 -51.07 13.26
N SER L 217 36.79 -50.14 13.68
CA SER L 217 35.51 -50.53 14.25
C SER L 217 34.53 -50.99 13.18
N ALA L 218 34.46 -50.27 12.08
CA ALA L 218 33.49 -50.59 11.04
C ALA L 218 33.98 -51.64 10.04
N GLY L 219 35.12 -52.27 10.31
CA GLY L 219 35.68 -53.24 9.37
C GLY L 219 36.46 -52.57 8.26
N VAL L 220 37.36 -53.34 7.65
CA VAL L 220 38.24 -52.83 6.60
C VAL L 220 38.22 -53.80 5.42
N LEU L 221 38.14 -53.27 4.21
CA LEU L 221 38.02 -54.08 3.01
C LEU L 221 39.18 -53.79 2.06
N VAL L 222 39.64 -54.85 1.39
CA VAL L 222 40.82 -54.75 0.53
C VAL L 222 40.32 -55.14 -0.86
N HIS L 223 41.21 -55.18 -1.85
CA HIS L 223 40.79 -55.74 -3.14
C HIS L 223 41.69 -56.88 -3.61
N TYR L 224 43.00 -56.83 -3.32
CA TYR L 224 43.97 -57.92 -3.45
C TYR L 224 44.28 -58.39 -4.87
N ASP L 225 43.59 -57.88 -5.89
CA ASP L 225 43.79 -58.41 -7.24
C ASP L 225 44.52 -57.43 -8.14
N LYS L 226 43.94 -56.27 -8.35
CA LYS L 226 44.44 -55.28 -9.29
C LYS L 226 43.79 -53.98 -8.90
N PRO L 227 44.36 -53.26 -7.93
CA PRO L 227 43.69 -52.08 -7.37
C PRO L 227 43.68 -50.93 -8.37
N THR L 228 42.82 -49.96 -8.06
CA THR L 228 42.56 -48.87 -9.00
C THR L 228 43.76 -47.95 -9.15
N ASN L 229 44.33 -47.51 -8.03
CA ASN L 229 45.44 -46.58 -8.07
C ASN L 229 46.51 -46.97 -7.06
N GLY L 230 46.84 -48.25 -7.00
CA GLY L 230 47.80 -48.75 -6.04
C GLY L 230 47.13 -49.41 -4.85
N ASN L 231 47.95 -50.14 -4.11
CA ASN L 231 47.47 -50.98 -3.00
C ASN L 231 46.86 -50.13 -1.89
N HIS L 232 45.68 -50.52 -1.44
CA HIS L 232 44.93 -49.67 -0.52
C HIS L 232 43.94 -50.51 0.27
N TYR L 233 43.14 -49.82 1.07
CA TYR L 233 42.10 -50.42 1.88
C TYR L 233 40.84 -49.57 1.75
N ILE L 234 39.74 -50.09 2.30
CA ILE L 234 38.46 -49.39 2.29
C ILE L 234 37.96 -49.31 3.73
N LEU L 235 37.66 -48.10 4.19
CA LEU L 235 37.13 -47.87 5.52
C LEU L 235 35.73 -47.28 5.39
N GLY L 236 34.72 -48.14 5.42
CA GLY L 236 33.36 -47.65 5.36
C GLY L 236 32.94 -46.95 6.62
N THR L 237 31.98 -46.05 6.49
CA THR L 237 31.46 -45.28 7.61
C THR L 237 30.07 -45.77 7.97
N LEU L 238 29.44 -45.09 8.91
CA LEU L 238 28.17 -45.51 9.49
C LEU L 238 26.96 -45.08 8.68
N THR L 239 27.15 -44.56 7.47
CA THR L 239 26.02 -44.32 6.60
C THR L 239 25.44 -45.64 6.11
N GLN L 240 24.12 -45.68 6.02
CA GLN L 240 23.41 -46.92 5.75
C GLN L 240 22.66 -46.82 4.43
N MET L 241 22.26 -47.98 3.91
CA MET L 241 21.48 -48.06 2.69
C MET L 241 20.01 -48.21 3.04
N VAL L 242 19.17 -47.39 2.42
CA VAL L 242 17.76 -47.33 2.75
C VAL L 242 16.88 -47.99 1.67
N SER L 243 17.38 -48.11 0.43
CA SER L 243 16.53 -48.41 -0.71
C SER L 243 15.96 -49.81 -0.70
N ALA L 244 16.50 -50.72 0.11
CA ALA L 244 15.82 -51.98 0.39
C ALA L 244 14.78 -51.75 1.46
N PRO L 245 13.51 -52.03 1.22
CA PRO L 245 12.47 -51.65 2.20
C PRO L 245 12.49 -52.50 3.47
N PRO L 246 12.64 -53.88 3.44
CA PRO L 246 12.68 -54.56 4.74
C PRO L 246 13.99 -54.37 5.48
N HIS L 247 15.09 -54.48 4.76
CA HIS L 247 16.41 -54.56 5.38
C HIS L 247 17.11 -53.22 5.33
N ILE L 248 17.82 -52.90 6.40
CA ILE L 248 18.63 -51.68 6.48
C ILE L 248 20.06 -52.13 6.73
N ILE L 249 20.91 -51.98 5.72
CA ILE L 249 22.31 -52.38 5.82
C ILE L 249 23.17 -51.14 5.79
N ASN L 250 24.37 -51.26 6.37
CA ASN L 250 25.30 -50.14 6.43
C ASN L 250 26.15 -50.09 5.16
N ALA L 251 27.21 -49.28 5.18
CA ALA L 251 27.98 -49.02 3.98
C ALA L 251 28.84 -50.22 3.60
N THR L 252 29.51 -50.83 4.57
CA THR L 252 30.45 -51.92 4.29
C THR L 252 29.74 -53.15 3.74
N ASP L 253 28.57 -53.47 4.30
CA ASP L 253 27.76 -54.56 3.76
C ASP L 253 27.27 -54.25 2.35
N ALA L 254 26.99 -52.97 2.07
CA ALA L 254 26.55 -52.59 0.73
C ALA L 254 27.66 -52.78 -0.29
N LEU L 255 28.87 -52.33 0.04
CA LEU L 255 30.01 -52.51 -0.87
C LEU L 255 30.35 -53.98 -1.06
N LEU L 256 30.30 -54.76 0.03
CA LEU L 256 30.63 -56.18 -0.10
C LEU L 256 29.56 -56.93 -0.86
N LEU L 257 28.29 -56.51 -0.72
CA LEU L 257 27.20 -57.14 -1.46
C LEU L 257 27.30 -56.83 -2.95
N GLU L 258 27.62 -55.58 -3.28
CA GLU L 258 27.85 -55.19 -4.67
C GLU L 258 28.98 -55.97 -5.29
N SER L 259 30.08 -56.12 -4.56
CA SER L 259 31.25 -56.81 -5.10
C SER L 259 30.98 -58.31 -5.26
N CYS L 260 30.25 -58.90 -4.31
CA CYS L 260 29.96 -60.32 -4.40
C CYS L 260 28.95 -60.62 -5.51
N LEU L 261 27.99 -59.72 -5.73
CA LEU L 261 27.08 -59.92 -6.85
C LEU L 261 27.79 -59.71 -8.18
N GLU L 262 28.79 -58.83 -8.22
CA GLU L 262 29.60 -58.68 -9.42
C GLU L 262 30.40 -59.95 -9.70
N GLN L 263 30.91 -60.59 -8.64
CA GLN L 263 31.62 -61.85 -8.84
C GLN L 263 30.68 -62.97 -9.28
N PHE L 264 29.45 -62.98 -8.74
CA PHE L 264 28.43 -63.92 -9.20
C PHE L 264 28.08 -63.71 -10.66
N ALA L 265 28.07 -62.46 -11.11
CA ALA L 265 27.87 -62.20 -12.54
C ALA L 265 29.05 -62.67 -13.36
N ALA L 266 30.27 -62.48 -12.85
CA ALA L 266 31.46 -62.87 -13.61
C ALA L 266 31.62 -64.38 -13.69
N ASN L 267 31.10 -65.11 -12.68
CA ASN L 267 31.25 -66.55 -12.68
C ASN L 267 30.34 -67.24 -13.68
N VAL L 268 29.27 -66.59 -14.11
CA VAL L 268 28.39 -67.16 -15.12
C VAL L 268 28.88 -66.82 -16.52
N ARG L 269 29.33 -65.59 -16.72
CA ARG L 269 29.76 -65.12 -18.04
C ARG L 269 31.13 -65.64 -18.44
N ALA L 270 31.82 -66.38 -17.56
CA ALA L 270 33.13 -66.93 -17.90
C ALA L 270 32.95 -68.07 -18.90
N ARG L 271 33.46 -67.87 -20.11
CA ARG L 271 33.29 -68.83 -21.19
C ARG L 271 34.63 -69.30 -21.76
N SER L 272 35.71 -69.14 -20.99
CA SER L 272 37.08 -69.54 -21.31
C SER L 272 37.64 -68.90 -22.56
N ALA L 273 37.04 -67.80 -23.03
CA ALA L 273 37.58 -67.07 -24.17
C ALA L 273 37.60 -65.56 -24.01
N GLN L 274 36.78 -65.00 -23.12
CA GLN L 274 36.72 -63.55 -22.93
C GLN L 274 37.54 -63.17 -21.72
N PRO L 275 38.66 -62.48 -21.89
CA PRO L 275 39.40 -62.00 -20.71
C PRO L 275 38.74 -60.76 -20.15
N VAL L 276 38.68 -60.71 -18.83
CA VAL L 276 37.97 -59.65 -18.11
C VAL L 276 38.99 -58.69 -17.52
N THR L 277 38.49 -57.60 -16.96
CA THR L 277 39.36 -56.54 -16.46
C THR L 277 39.90 -56.81 -15.06
N ARG L 278 39.27 -57.71 -14.30
CA ARG L 278 39.76 -58.11 -12.99
C ARG L 278 39.49 -59.60 -12.83
N LEU L 279 40.48 -60.33 -12.30
CA LEU L 279 40.34 -61.77 -12.14
C LEU L 279 39.30 -62.15 -11.12
N ASP L 280 39.27 -61.46 -9.98
CA ASP L 280 38.17 -61.61 -9.05
C ASP L 280 37.74 -60.25 -8.54
N GLN L 281 36.66 -60.24 -7.78
CA GLN L 281 36.01 -59.01 -7.38
C GLN L 281 35.89 -58.82 -5.88
N CYS L 282 35.88 -59.89 -5.09
CA CYS L 282 35.47 -59.80 -3.70
C CYS L 282 36.53 -59.10 -2.86
N TYR L 283 36.14 -58.70 -1.65
CA TYR L 283 36.92 -57.75 -0.87
C TYR L 283 37.73 -58.38 0.26
N HIS L 284 37.20 -59.42 0.91
CA HIS L 284 37.87 -60.14 1.99
C HIS L 284 38.25 -59.25 3.18
N LEU L 285 37.25 -58.90 3.99
CA LEU L 285 37.38 -58.27 5.31
C LEU L 285 38.59 -58.77 6.08
N ARG L 286 39.42 -57.82 6.54
CA ARG L 286 40.77 -58.12 6.99
C ARG L 286 40.92 -58.04 8.51
N TRP L 287 40.57 -56.91 9.12
CA TRP L 287 40.82 -56.72 10.55
C TRP L 287 39.56 -56.70 11.40
N GLY L 288 38.37 -56.70 10.79
CA GLY L 288 37.15 -56.65 11.58
C GLY L 288 36.70 -57.98 12.15
N ALA L 289 37.40 -59.07 11.81
CA ALA L 289 36.97 -60.39 12.28
C ALA L 289 37.25 -60.58 13.76
N GLN L 290 38.27 -59.92 14.29
CA GLN L 290 38.49 -59.91 15.73
C GLN L 290 37.62 -58.88 16.44
N TYR L 291 36.87 -58.06 15.71
CA TYR L 291 35.92 -57.13 16.30
C TYR L 291 34.50 -57.67 16.31
N VAL L 292 33.92 -57.91 15.13
CA VAL L 292 32.58 -58.48 15.03
C VAL L 292 32.71 -60.00 15.14
N GLY L 293 31.58 -60.68 15.32
CA GLY L 293 31.63 -62.10 15.59
C GLY L 293 30.72 -62.94 14.72
N GLU L 294 30.43 -64.15 15.19
CA GLU L 294 29.64 -65.12 14.46
C GLU L 294 28.19 -64.64 14.37
N ASP L 295 27.51 -65.08 13.29
CA ASP L 295 26.10 -64.81 13.03
C ASP L 295 25.83 -63.31 12.89
N SER L 296 26.75 -62.64 12.23
CA SER L 296 26.55 -61.25 11.83
C SER L 296 26.51 -61.17 10.32
N LEU L 297 25.90 -60.09 9.83
CA LEU L 297 25.63 -59.96 8.41
C LEU L 297 26.92 -59.79 7.61
N THR L 298 27.87 -59.03 8.15
CA THR L 298 29.15 -58.84 7.49
C THR L 298 29.92 -60.16 7.41
N TYR L 299 29.83 -60.97 8.46
CA TYR L 299 30.47 -62.29 8.47
C TYR L 299 29.84 -63.21 7.45
N ARG L 300 28.51 -63.17 7.34
CA ARG L 300 27.81 -64.03 6.39
C ARG L 300 28.09 -63.62 4.95
N LEU L 301 28.14 -62.32 4.68
CA LEU L 301 28.54 -61.87 3.35
C LEU L 301 30.01 -62.14 3.07
N GLY L 302 30.84 -62.20 4.12
CA GLY L 302 32.22 -62.62 3.94
C GLY L 302 32.32 -64.07 3.53
N VAL L 303 31.45 -64.91 4.10
CA VAL L 303 31.36 -66.32 3.69
C VAL L 303 30.94 -66.42 2.23
N LEU L 304 29.93 -65.65 1.84
CA LEU L 304 29.48 -65.68 0.45
C LEU L 304 30.53 -65.11 -0.50
N SER L 305 31.31 -64.12 -0.07
CA SER L 305 32.36 -63.60 -0.92
C SER L 305 33.51 -64.59 -1.06
N LEU L 306 33.79 -65.37 0.00
CA LEU L 306 34.79 -66.42 -0.10
C LEU L 306 34.35 -67.49 -1.08
N LEU L 307 33.08 -67.90 -1.01
CA LEU L 307 32.58 -68.90 -1.94
C LEU L 307 32.52 -68.36 -3.37
N ALA L 308 32.26 -67.06 -3.52
CA ALA L 308 32.22 -66.44 -4.83
C ALA L 308 33.61 -66.36 -5.45
N THR L 309 34.61 -66.02 -4.64
CA THR L 309 36.00 -66.03 -5.10
C THR L 309 36.45 -67.44 -5.45
N ASN L 310 35.95 -68.43 -4.70
CA ASN L 310 36.18 -69.83 -5.07
C ASN L 310 35.53 -70.15 -6.41
N GLY L 311 34.37 -69.59 -6.68
CA GLY L 311 33.81 -69.69 -8.01
C GLY L 311 32.48 -70.39 -8.08
N TYR L 312 31.73 -70.37 -6.99
CA TYR L 312 30.42 -70.99 -7.01
C TYR L 312 29.42 -70.14 -7.80
N GLN L 313 28.31 -70.76 -8.16
CA GLN L 313 27.27 -70.08 -8.93
C GLN L 313 25.93 -70.28 -8.25
N LEU L 314 25.06 -69.27 -8.39
CA LEU L 314 23.84 -69.21 -7.62
C LEU L 314 22.78 -70.16 -8.18
N ALA L 315 21.65 -70.19 -7.49
CA ALA L 315 20.51 -70.97 -7.96
C ALA L 315 19.66 -70.19 -8.95
N ARG L 316 19.15 -69.05 -8.52
CA ARG L 316 18.31 -68.27 -9.40
C ARG L 316 19.18 -67.52 -10.41
N PRO L 317 18.73 -67.42 -11.66
CA PRO L 317 19.47 -66.62 -12.64
C PRO L 317 19.33 -65.14 -12.32
N ILE L 318 20.47 -64.46 -12.21
CA ILE L 318 20.49 -63.07 -11.81
C ILE L 318 20.06 -62.23 -13.01
N PRO L 319 19.48 -61.05 -12.80
CA PRO L 319 19.18 -60.19 -13.93
C PRO L 319 20.42 -59.46 -14.42
N LYS L 320 20.33 -59.00 -15.67
CA LYS L 320 21.39 -58.15 -16.22
C LYS L 320 21.40 -56.80 -15.52
N GLN L 321 20.23 -56.19 -15.35
CA GLN L 321 20.08 -54.95 -14.62
C GLN L 321 19.42 -55.25 -13.29
N LEU L 322 20.06 -54.83 -12.21
CA LEU L 322 19.60 -55.21 -10.88
C LEU L 322 18.41 -54.36 -10.46
N THR L 323 17.59 -54.93 -9.58
CA THR L 323 16.44 -54.25 -9.01
C THR L 323 16.48 -54.37 -7.50
N ASN L 324 15.87 -53.38 -6.83
CA ASN L 324 15.73 -53.43 -5.37
C ASN L 324 14.85 -54.59 -4.93
N ARG L 325 13.88 -54.98 -5.76
CA ARG L 325 13.00 -56.11 -5.45
C ARG L 325 13.79 -57.41 -5.36
N TRP L 326 14.55 -57.71 -6.42
CA TRP L 326 15.36 -58.92 -6.44
C TRP L 326 16.49 -58.86 -5.42
N LEU L 327 17.04 -57.66 -5.17
CA LEU L 327 18.10 -57.51 -4.17
C LEU L 327 17.58 -57.80 -2.77
N SER L 328 16.41 -57.25 -2.43
CA SER L 328 15.83 -57.52 -1.12
C SER L 328 15.40 -58.96 -0.98
N SER L 329 14.96 -59.58 -2.07
CA SER L 329 14.67 -61.01 -2.03
C SER L 329 15.93 -61.81 -1.76
N PHE L 330 17.06 -61.38 -2.34
CA PHE L 330 18.33 -62.06 -2.10
C PHE L 330 18.78 -61.89 -0.65
N VAL L 331 18.57 -60.71 -0.07
CA VAL L 331 18.96 -60.49 1.31
C VAL L 331 18.06 -61.28 2.26
N SER L 332 16.77 -61.37 1.93
CA SER L 332 15.86 -62.21 2.71
C SER L 332 16.23 -63.68 2.61
N GLN L 333 16.71 -64.12 1.45
CA GLN L 333 17.18 -65.49 1.33
C GLN L 333 18.48 -65.71 2.10
N VAL L 334 19.35 -64.70 2.16
CA VAL L 334 20.63 -64.97 2.81
C VAL L 334 20.50 -64.87 4.32
N VAL L 335 19.60 -64.04 4.85
CA VAL L 335 19.32 -64.19 6.27
C VAL L 335 18.10 -65.09 6.40
N SER L 336 18.29 -66.41 6.29
CA SER L 336 17.15 -67.31 6.49
C SER L 336 17.40 -68.34 7.58
N ASP L 337 18.31 -69.31 7.37
CA ASP L 337 18.39 -70.53 8.15
C ASP L 337 19.51 -71.39 7.58
N GLY L 338 19.89 -72.43 8.33
CA GLY L 338 20.69 -73.53 7.81
C GLY L 338 22.11 -73.17 7.47
N ILE L 339 22.92 -72.89 8.50
CA ILE L 339 24.17 -72.13 8.46
C ILE L 339 25.18 -72.47 7.36
N ASN L 340 25.45 -73.76 7.14
CA ASN L 340 26.54 -74.10 6.23
C ASN L 340 26.39 -75.55 5.79
N GLU L 341 26.92 -75.83 4.61
CA GLU L 341 27.19 -77.19 4.16
C GLU L 341 28.55 -77.32 3.50
N THR L 342 29.22 -76.20 3.22
CA THR L 342 30.54 -76.16 2.62
C THR L 342 31.61 -76.31 3.71
N PRO L 343 32.78 -76.86 3.37
CA PRO L 343 33.84 -76.96 4.37
C PRO L 343 34.68 -75.70 4.51
N LEU L 344 34.20 -74.59 3.98
CA LEU L 344 34.98 -73.37 3.86
C LEU L 344 34.56 -72.35 4.91
N TRP L 345 35.54 -71.62 5.43
CA TRP L 345 35.35 -70.63 6.46
C TRP L 345 36.30 -69.47 6.20
N PRO L 346 35.87 -68.24 6.41
CA PRO L 346 36.76 -67.10 6.14
C PRO L 346 37.86 -66.99 7.19
N GLN L 347 38.95 -66.35 6.79
CA GLN L 347 40.13 -66.20 7.64
C GLN L 347 40.62 -64.77 7.61
N GLU L 348 41.42 -64.41 8.62
CA GLU L 348 42.09 -63.12 8.64
C GLU L 348 43.58 -63.23 8.37
N ARG L 349 44.18 -64.40 8.56
CA ARG L 349 45.61 -64.54 8.33
C ARG L 349 45.94 -64.50 6.85
N TYR L 350 45.08 -65.09 6.02
CA TYR L 350 45.28 -65.16 4.59
C TYR L 350 43.93 -65.48 3.95
N VAL L 351 43.91 -65.48 2.62
CA VAL L 351 42.71 -65.87 1.91
C VAL L 351 42.95 -67.28 1.37
N GLN L 352 41.86 -67.99 1.11
CA GLN L 352 41.99 -69.37 0.72
C GLN L 352 41.14 -69.65 -0.51
N ILE L 353 41.71 -70.44 -1.43
CA ILE L 353 41.02 -70.90 -2.62
C ILE L 353 41.10 -72.41 -2.66
N ALA L 354 40.19 -73.02 -3.40
CA ALA L 354 40.04 -74.47 -3.39
C ALA L 354 41.22 -75.15 -4.08
N TYR L 355 41.41 -76.41 -3.71
CA TYR L 355 42.45 -77.22 -4.35
C TYR L 355 42.09 -77.55 -5.78
N ASP L 356 40.80 -77.66 -6.07
CA ASP L 356 40.31 -77.91 -7.43
C ASP L 356 39.60 -76.70 -8.02
N SER L 357 39.98 -75.51 -7.60
CA SER L 357 39.35 -74.31 -8.15
C SER L 357 39.87 -74.05 -9.56
N PRO L 358 39.01 -73.63 -10.47
CA PRO L 358 39.46 -73.29 -11.83
C PRO L 358 40.20 -71.96 -11.91
N SER L 359 40.19 -71.16 -10.85
CA SER L 359 40.87 -69.87 -10.88
C SER L 359 42.38 -70.06 -10.80
N VAL L 360 43.12 -69.19 -11.49
CA VAL L 360 44.57 -69.23 -11.53
C VAL L 360 45.16 -67.95 -10.95
N VAL L 361 44.41 -67.28 -10.08
CA VAL L 361 44.80 -65.95 -9.63
C VAL L 361 45.93 -66.00 -8.62
N ASP L 362 46.15 -67.15 -7.96
CA ASP L 362 47.29 -67.30 -7.07
C ASP L 362 48.60 -67.36 -7.84
N GLY L 363 48.58 -67.93 -9.05
CA GLY L 363 49.75 -67.93 -9.89
C GLY L 363 49.83 -66.66 -10.70
N ALA L 364 48.71 -65.96 -10.83
CA ALA L 364 48.70 -64.73 -11.61
C ALA L 364 49.40 -63.60 -10.87
N THR L 365 48.85 -63.21 -9.72
CA THR L 365 49.51 -62.24 -8.85
C THR L 365 49.97 -62.93 -7.57
N GLN L 366 50.94 -62.31 -6.90
CA GLN L 366 51.73 -63.03 -5.91
C GLN L 366 51.18 -62.93 -4.49
N TYR L 367 51.06 -61.73 -3.96
CA TYR L 367 50.83 -61.54 -2.53
C TYR L 367 49.35 -61.69 -2.18
N GLY L 368 49.09 -62.36 -1.06
CA GLY L 368 47.77 -62.43 -0.48
C GLY L 368 46.97 -63.67 -0.83
N TYR L 369 47.19 -64.25 -2.00
CA TYR L 369 46.38 -65.37 -2.50
C TYR L 369 47.11 -66.67 -2.21
N VAL L 370 46.47 -67.56 -1.45
CA VAL L 370 47.10 -68.79 -0.98
C VAL L 370 46.31 -69.97 -1.50
N ARG L 371 47.01 -70.90 -2.17
CA ARG L 371 46.41 -72.17 -2.56
C ARG L 371 46.40 -73.12 -1.37
N ARG L 372 45.26 -73.76 -1.14
CA ARG L 372 45.14 -74.74 -0.07
C ARG L 372 45.12 -76.15 -0.63
N ASN L 373 45.73 -77.08 0.09
CA ASN L 373 45.87 -78.45 -0.35
C ASN L 373 44.96 -79.40 0.42
N GLN L 374 44.77 -79.14 1.70
CA GLN L 374 44.08 -80.08 2.58
C GLN L 374 42.57 -80.09 2.36
N LEU L 375 42.00 -79.03 1.79
CA LEU L 375 40.56 -78.97 1.57
C LEU L 375 40.25 -79.37 0.13
N ARG L 376 39.33 -80.30 -0.03
CA ARG L 376 39.01 -80.87 -1.33
C ARG L 376 37.50 -80.79 -1.55
N LEU L 377 37.11 -80.79 -2.82
CA LEU L 377 35.71 -80.68 -3.20
C LEU L 377 35.37 -81.81 -4.16
N GLY L 378 34.23 -82.46 -3.93
CA GLY L 378 33.75 -83.53 -4.79
C GLY L 378 32.90 -83.07 -5.95
N MET L 379 33.11 -81.86 -6.43
CA MET L 379 32.25 -81.25 -7.43
C MET L 379 32.98 -81.16 -8.76
N ARG L 380 32.28 -80.67 -9.78
CA ARG L 380 32.75 -80.73 -11.14
C ARG L 380 33.40 -79.41 -11.56
N ILE L 381 33.74 -79.31 -12.84
CA ILE L 381 34.63 -78.26 -13.33
C ILE L 381 33.96 -77.36 -14.38
N SER L 382 33.03 -77.88 -15.17
CA SER L 382 32.52 -77.17 -16.34
C SER L 382 31.61 -76.01 -15.93
N ALA L 383 31.08 -75.32 -16.95
CA ALA L 383 30.25 -74.14 -16.74
C ALA L 383 28.81 -74.57 -16.46
N LEU L 384 27.90 -73.60 -16.49
CA LEU L 384 26.49 -73.89 -16.30
C LEU L 384 25.67 -72.94 -17.17
N GLN L 385 24.55 -73.46 -17.67
CA GLN L 385 23.66 -72.70 -18.53
C GLN L 385 22.24 -72.76 -17.97
N SER L 386 21.47 -71.74 -18.30
CA SER L 386 20.10 -71.62 -17.85
C SER L 386 19.13 -71.97 -18.96
N LEU L 387 17.93 -72.38 -18.59
CA LEU L 387 16.93 -72.78 -19.55
C LEU L 387 15.99 -71.61 -19.84
N SER L 388 15.38 -71.64 -21.02
CA SER L 388 14.57 -70.54 -21.51
C SER L 388 13.15 -70.68 -21.02
N ASP L 389 12.68 -69.69 -20.26
CA ASP L 389 11.36 -69.74 -19.66
C ASP L 389 10.25 -69.56 -20.71
N THR L 390 9.11 -70.19 -20.45
CA THR L 390 7.93 -70.07 -21.28
C THR L 390 6.76 -69.63 -20.41
N PRO L 391 5.87 -68.78 -20.94
CA PRO L 391 4.71 -68.35 -20.15
C PRO L 391 3.57 -69.36 -20.08
N ALA L 392 3.67 -70.47 -20.77
CA ALA L 392 2.59 -71.43 -20.79
C ALA L 392 2.95 -72.66 -19.96
N PRO L 393 1.97 -73.30 -19.31
CA PRO L 393 2.25 -74.54 -18.59
C PRO L 393 2.50 -75.68 -19.56
N VAL L 394 3.49 -76.50 -19.24
CA VAL L 394 3.98 -77.53 -20.15
C VAL L 394 3.69 -78.90 -19.55
N GLN L 395 3.54 -79.90 -20.42
CA GLN L 395 3.24 -81.25 -20.00
C GLN L 395 4.48 -81.94 -19.45
N TRP L 396 4.24 -82.97 -18.63
CA TRP L 396 5.28 -83.83 -18.10
C TRP L 396 4.79 -85.26 -18.13
N LEU L 397 5.72 -86.20 -18.31
CA LEU L 397 5.39 -87.62 -18.30
C LEU L 397 6.33 -88.35 -17.35
N PRO L 398 5.81 -89.12 -16.40
CA PRO L 398 6.67 -89.78 -15.42
C PRO L 398 7.27 -91.07 -15.95
N GLN L 399 8.33 -91.50 -15.26
CA GLN L 399 8.98 -92.77 -15.51
C GLN L 399 9.19 -93.48 -14.18
N TYR L 400 8.90 -94.77 -14.13
CA TYR L 400 8.83 -95.50 -12.88
C TYR L 400 10.14 -96.22 -12.58
N THR L 401 10.55 -96.18 -11.32
CA THR L 401 11.73 -96.90 -10.86
C THR L 401 11.32 -98.27 -10.33
N ILE L 402 12.23 -98.93 -9.60
CA ILE L 402 12.02 -100.30 -9.15
C ILE L 402 11.72 -100.40 -7.66
N ASP L 403 11.77 -99.29 -6.92
CA ASP L 403 11.45 -99.31 -5.49
C ASP L 403 9.96 -99.01 -5.27
N GLN L 404 9.47 -99.42 -4.11
CA GLN L 404 8.05 -99.22 -3.81
C GLN L 404 7.87 -98.99 -2.31
N VAL L 405 6.86 -98.18 -1.98
CA VAL L 405 6.41 -97.97 -0.61
C VAL L 405 4.91 -98.19 -0.56
N ALA L 406 4.34 -97.99 0.63
CA ALA L 406 2.92 -98.24 0.84
C ALA L 406 2.06 -97.14 0.23
N VAL L 407 0.88 -97.54 -0.25
CA VAL L 407 -0.10 -96.57 -0.69
C VAL L 407 -0.66 -95.76 0.47
N ASP L 408 -0.61 -96.30 1.69
CA ASP L 408 -0.92 -95.49 2.86
C ASP L 408 0.14 -94.43 3.12
N GLU L 409 1.41 -94.75 2.83
CA GLU L 409 2.46 -93.74 2.90
C GLU L 409 2.25 -92.66 1.85
N GLY L 410 1.84 -93.06 0.65
CA GLY L 410 1.49 -92.08 -0.38
C GLY L 410 0.31 -91.22 0.01
N ASP L 411 -0.68 -91.82 0.68
CA ASP L 411 -1.83 -91.08 1.18
C ASP L 411 -1.42 -90.09 2.26
N ALA L 412 -0.49 -90.49 3.14
CA ALA L 412 -0.01 -89.59 4.18
C ALA L 412 0.76 -88.42 3.58
N MET L 413 1.59 -88.68 2.57
CA MET L 413 2.36 -87.60 1.97
C MET L 413 1.48 -86.67 1.14
N VAL L 414 0.45 -87.20 0.47
CA VAL L 414 -0.42 -86.31 -0.28
C VAL L 414 -1.36 -85.56 0.66
N SER L 415 -1.66 -86.13 1.85
CA SER L 415 -2.40 -85.37 2.84
C SER L 415 -1.54 -84.26 3.43
N GLN L 416 -0.23 -84.48 3.51
CA GLN L 416 0.67 -83.41 3.91
C GLN L 416 0.75 -82.33 2.85
N LEU L 417 0.81 -82.72 1.58
CA LEU L 417 1.04 -81.80 0.48
C LEU L 417 -0.25 -81.35 -0.21
N THR L 418 -1.40 -81.58 0.42
CA THR L 418 -2.70 -81.30 -0.18
C THR L 418 -2.91 -79.81 -0.43
N GLN L 419 -3.25 -79.46 -1.67
CA GLN L 419 -3.82 -78.16 -2.02
C GLN L 419 -5.12 -78.37 -2.79
N LEU L 420 -5.97 -79.24 -2.25
CA LEU L 420 -7.22 -79.56 -2.94
C LEU L 420 -8.29 -78.46 -2.87
N PRO L 421 -8.64 -77.84 -1.67
CA PRO L 421 -9.80 -76.94 -1.68
C PRO L 421 -9.58 -75.60 -2.38
N LEU L 422 -9.74 -75.61 -3.70
CA LEU L 422 -9.82 -74.39 -4.49
C LEU L 422 -10.80 -74.64 -5.64
N ARG L 423 -11.47 -73.58 -6.06
CA ARG L 423 -12.49 -73.72 -7.10
C ARG L 423 -11.84 -73.76 -8.47
N PRO L 424 -12.13 -74.76 -9.28
CA PRO L 424 -11.61 -74.78 -10.65
C PRO L 424 -12.56 -74.13 -11.64
N ASP L 425 -12.03 -73.84 -12.82
CA ASP L 425 -12.86 -73.41 -13.93
C ASP L 425 -13.53 -74.63 -14.54
N TYR L 426 -14.82 -74.49 -14.86
CA TYR L 426 -15.61 -75.65 -15.22
C TYR L 426 -15.39 -76.05 -16.68
N GLY L 427 -15.75 -75.17 -17.60
CA GLY L 427 -15.67 -75.48 -19.02
C GLY L 427 -17.00 -75.93 -19.59
N SER L 428 -16.93 -76.76 -20.62
CA SER L 428 -18.11 -77.30 -21.28
C SER L 428 -17.90 -78.77 -21.60
N ILE L 429 -18.89 -79.60 -21.28
CA ILE L 429 -18.76 -81.03 -21.52
C ILE L 429 -19.08 -81.41 -22.95
N TRP L 430 -19.70 -80.51 -23.72
CA TRP L 430 -20.30 -80.92 -24.98
C TRP L 430 -20.41 -79.71 -25.89
N ILE L 431 -19.59 -79.68 -26.94
CA ILE L 431 -19.65 -78.65 -27.95
C ILE L 431 -20.04 -79.29 -29.27
N GLY L 432 -20.21 -78.46 -30.29
CA GLY L 432 -20.55 -78.92 -31.62
C GLY L 432 -22.00 -78.60 -31.96
N GLU L 433 -22.68 -79.56 -32.57
CA GLU L 433 -24.05 -79.38 -33.02
C GLU L 433 -24.89 -80.58 -32.59
N ALA L 434 -26.15 -80.56 -33.02
CA ALA L 434 -27.06 -81.66 -32.73
C ALA L 434 -26.74 -82.87 -33.61
N LEU L 435 -27.40 -83.98 -33.31
CA LEU L 435 -27.15 -85.23 -34.02
C LEU L 435 -28.42 -85.71 -34.69
N SER L 436 -28.28 -86.16 -35.93
CA SER L 436 -29.40 -86.57 -36.77
C SER L 436 -29.90 -87.93 -36.32
N TYR L 437 -31.00 -87.93 -35.56
CA TYR L 437 -31.65 -89.17 -35.14
C TYR L 437 -33.04 -89.15 -35.77
N TYR L 438 -33.21 -89.83 -36.89
CA TYR L 438 -34.42 -89.73 -37.68
C TYR L 438 -34.86 -91.11 -38.15
N VAL L 439 -36.18 -91.25 -38.31
CA VAL L 439 -36.76 -92.43 -38.94
C VAL L 439 -38.05 -91.99 -39.65
N ASP L 440 -38.27 -92.55 -40.83
CA ASP L 440 -39.45 -92.26 -41.62
C ASP L 440 -40.44 -93.40 -41.52
N TYR L 441 -41.68 -93.13 -41.93
CA TYR L 441 -42.67 -94.18 -42.00
C TYR L 441 -42.48 -94.99 -43.28
N ASN L 442 -42.45 -96.31 -43.13
CA ASN L 442 -42.45 -97.24 -44.25
C ASN L 442 -43.75 -98.01 -44.22
N ARG L 443 -44.39 -98.12 -45.39
CA ARG L 443 -45.71 -98.76 -45.46
C ARG L 443 -45.60 -100.26 -45.29
N SER L 444 -44.73 -100.90 -46.06
CA SER L 444 -44.62 -102.36 -46.07
C SER L 444 -43.55 -102.88 -45.12
N HIS L 445 -43.27 -102.15 -44.04
CA HIS L 445 -42.17 -102.57 -43.15
C HIS L 445 -42.63 -103.65 -42.18
N ARG L 446 -43.49 -103.29 -41.23
CA ARG L 446 -43.99 -104.16 -40.16
C ARG L 446 -45.30 -103.58 -39.67
N VAL L 447 -45.76 -104.05 -38.51
CA VAL L 447 -46.91 -103.47 -37.82
C VAL L 447 -46.76 -103.77 -36.32
N VAL L 448 -46.99 -102.75 -35.50
CA VAL L 448 -46.99 -102.89 -34.04
C VAL L 448 -48.23 -102.19 -33.49
N LEU L 449 -48.41 -102.32 -32.18
CA LEU L 449 -49.57 -101.78 -31.48
C LEU L 449 -49.14 -100.69 -30.50
N SER L 450 -50.13 -99.97 -29.98
CA SER L 450 -49.85 -98.83 -29.11
C SER L 450 -49.31 -99.26 -27.75
N SER L 451 -49.83 -100.35 -27.19
CA SER L 451 -49.46 -100.79 -25.85
C SER L 451 -48.04 -101.33 -25.76
N GLU L 452 -47.41 -101.64 -26.88
CA GLU L 452 -46.08 -102.22 -26.88
C GLU L 452 -44.97 -101.21 -26.63
N LEU L 453 -45.27 -99.92 -26.74
CA LEU L 453 -44.23 -98.90 -26.73
C LEU L 453 -43.69 -98.68 -25.32
N PRO L 454 -42.37 -98.59 -25.15
CA PRO L 454 -41.82 -98.17 -23.87
C PRO L 454 -41.98 -96.67 -23.68
N GLN L 455 -41.92 -96.24 -22.43
CA GLN L 455 -42.26 -94.86 -22.11
C GLN L 455 -41.17 -94.13 -21.35
N LEU L 456 -41.52 -92.95 -20.86
CA LEU L 456 -40.68 -92.28 -19.88
C LEU L 456 -40.56 -93.14 -18.64
N PRO L 457 -39.40 -93.17 -17.99
CA PRO L 457 -39.30 -93.86 -16.71
C PRO L 457 -40.10 -93.12 -15.64
N ASP L 458 -40.67 -93.89 -14.71
CA ASP L 458 -41.50 -93.31 -13.67
C ASP L 458 -40.69 -92.49 -12.67
N THR L 459 -39.39 -92.73 -12.60
CA THR L 459 -38.47 -91.89 -11.83
C THR L 459 -37.95 -90.75 -12.70
N TYR L 460 -38.88 -89.93 -13.19
CA TYR L 460 -38.55 -88.81 -14.04
C TYR L 460 -38.50 -87.50 -13.27
N PHE L 461 -39.41 -87.31 -12.32
CA PHE L 461 -39.51 -86.07 -11.57
C PHE L 461 -38.64 -86.06 -10.33
N ASP L 462 -37.56 -86.83 -10.32
CA ASP L 462 -36.67 -86.82 -9.17
C ASP L 462 -35.87 -85.53 -9.12
N GLY L 463 -35.50 -85.12 -7.90
CA GLY L 463 -34.55 -84.05 -7.74
C GLY L 463 -33.19 -84.39 -8.32
N ASP L 464 -32.81 -85.67 -8.27
CA ASP L 464 -31.55 -86.10 -8.87
C ASP L 464 -31.63 -86.07 -10.40
N GLU L 465 -32.80 -86.40 -10.96
CA GLU L 465 -32.96 -86.32 -12.41
C GLU L 465 -32.96 -84.88 -12.89
N GLN L 466 -33.62 -83.99 -12.13
CA GLN L 466 -33.57 -82.57 -12.45
C GLN L 466 -32.17 -82.02 -12.28
N TYR L 467 -31.44 -82.53 -11.28
CA TYR L 467 -30.04 -82.18 -11.08
C TYR L 467 -29.18 -82.55 -12.28
N GLY L 468 -29.36 -83.77 -12.79
CA GLY L 468 -28.58 -84.20 -13.94
C GLY L 468 -28.93 -83.47 -15.21
N ARG L 469 -30.23 -83.23 -15.44
CA ARG L 469 -30.61 -82.55 -16.67
C ARG L 469 -30.23 -81.07 -16.63
N SER L 470 -30.24 -80.45 -15.44
CA SER L 470 -29.80 -79.07 -15.33
C SER L 470 -28.28 -78.97 -15.46
N LEU L 471 -27.57 -79.96 -14.93
CA LEU L 471 -26.12 -80.03 -15.12
C LEU L 471 -25.75 -80.15 -16.59
N PHE L 472 -26.49 -80.97 -17.33
CA PHE L 472 -26.22 -81.15 -18.76
C PHE L 472 -26.54 -79.89 -19.54
N SER L 473 -27.73 -79.32 -19.30
CA SER L 473 -28.16 -78.14 -20.05
C SER L 473 -27.38 -76.89 -19.66
N LEU L 474 -26.72 -76.88 -18.51
CA LEU L 474 -25.86 -75.77 -18.16
C LEU L 474 -24.43 -75.96 -18.62
N ALA L 475 -23.93 -77.19 -18.63
CA ALA L 475 -22.60 -77.47 -19.14
C ALA L 475 -22.52 -77.37 -20.65
N ARG L 476 -23.63 -77.57 -21.36
CA ARG L 476 -23.57 -77.66 -22.81
C ARG L 476 -23.50 -76.26 -23.42
N LYS L 477 -22.76 -76.14 -24.52
CA LYS L 477 -22.43 -74.85 -25.13
C LYS L 477 -23.03 -74.76 -26.51
N VAL L 478 -23.76 -73.68 -26.79
CA VAL L 478 -24.47 -73.48 -28.05
C VAL L 478 -24.38 -72.01 -28.45
N GLY L 479 -25.07 -71.71 -29.55
CA GLY L 479 -25.51 -70.38 -29.89
C GLY L 479 -26.96 -70.27 -29.49
N ASP L 480 -27.87 -70.46 -30.44
CA ASP L 480 -29.30 -70.56 -30.13
C ASP L 480 -29.77 -71.99 -30.37
N ARG L 481 -30.29 -72.61 -29.29
CA ARG L 481 -30.74 -73.98 -29.36
C ARG L 481 -31.95 -74.12 -30.26
N SER L 482 -32.86 -73.15 -30.23
CA SER L 482 -34.04 -73.18 -31.10
C SER L 482 -33.63 -73.02 -32.56
N LEU L 483 -32.60 -72.21 -32.82
CA LEU L 483 -32.01 -72.12 -34.17
C LEU L 483 -31.51 -73.48 -34.64
N VAL L 484 -30.76 -74.18 -33.78
CA VAL L 484 -30.21 -75.48 -34.15
C VAL L 484 -31.31 -76.50 -34.40
N LYS L 485 -32.31 -76.55 -33.50
CA LYS L 485 -33.42 -77.50 -33.63
C LYS L 485 -34.24 -77.24 -34.89
N ASP L 486 -34.50 -75.96 -35.19
CA ASP L 486 -35.34 -75.67 -36.34
C ASP L 486 -34.60 -75.91 -37.65
N THR L 487 -33.30 -75.60 -37.70
CA THR L 487 -32.52 -75.94 -38.89
C THR L 487 -32.46 -77.45 -39.12
N ALA L 488 -32.29 -78.22 -38.04
CA ALA L 488 -32.27 -79.68 -38.16
C ALA L 488 -33.62 -80.23 -38.63
N VAL L 489 -34.71 -79.69 -38.09
CA VAL L 489 -36.02 -80.25 -38.44
C VAL L 489 -36.43 -79.85 -39.85
N LEU L 490 -35.97 -78.69 -40.35
CA LEU L 490 -36.28 -78.37 -41.74
C LEU L 490 -35.42 -79.16 -42.71
N LYS L 491 -34.14 -79.35 -42.38
CA LYS L 491 -33.27 -80.15 -43.24
C LYS L 491 -33.71 -81.61 -43.29
N HIS L 492 -34.32 -82.12 -42.23
CA HIS L 492 -34.90 -83.45 -42.31
C HIS L 492 -36.33 -83.43 -42.86
N ALA L 493 -36.98 -82.26 -42.88
CA ALA L 493 -38.35 -82.18 -43.34
C ALA L 493 -38.44 -82.14 -44.85
N TYR L 494 -37.44 -81.56 -45.52
CA TYR L 494 -37.51 -81.41 -46.96
C TYR L 494 -36.73 -82.49 -47.72
N GLN L 495 -36.74 -83.73 -47.25
CA GLN L 495 -35.93 -84.76 -47.89
C GLN L 495 -36.68 -85.59 -48.93
N ALA L 496 -37.69 -86.35 -48.51
CA ALA L 496 -38.17 -87.43 -49.36
C ALA L 496 -39.43 -87.01 -50.11
N ILE L 497 -40.10 -87.98 -50.75
CA ILE L 497 -41.28 -87.73 -51.57
C ILE L 497 -42.47 -88.50 -50.99
N ASP L 498 -43.67 -87.99 -51.26
CA ASP L 498 -44.89 -88.66 -50.85
C ASP L 498 -45.33 -89.66 -51.92
N PRO L 499 -46.11 -90.69 -51.57
CA PRO L 499 -46.54 -91.65 -52.61
C PRO L 499 -47.62 -91.13 -53.55
N ASN L 500 -48.27 -90.01 -53.25
CA ASN L 500 -49.30 -89.50 -54.15
C ASN L 500 -48.67 -88.76 -55.32
N THR L 501 -47.95 -87.68 -55.04
CA THR L 501 -47.30 -86.91 -56.08
C THR L 501 -45.89 -87.42 -56.28
N GLY L 502 -45.46 -87.45 -57.54
CA GLY L 502 -44.14 -87.95 -57.82
C GLY L 502 -43.01 -87.00 -57.50
N LYS L 503 -43.32 -85.73 -57.23
CA LYS L 503 -42.25 -84.73 -57.21
C LYS L 503 -41.47 -84.71 -55.89
N GLU L 504 -42.11 -84.31 -54.79
CA GLU L 504 -41.46 -84.05 -53.50
C GLU L 504 -42.53 -83.78 -52.44
N TYR L 505 -42.07 -83.38 -51.26
CA TYR L 505 -42.96 -83.03 -50.15
C TYR L 505 -43.59 -81.66 -50.34
N LEU L 506 -42.77 -80.61 -50.29
CA LEU L 506 -43.22 -79.23 -50.30
C LEU L 506 -42.38 -78.44 -51.30
N ARG L 507 -42.84 -77.23 -51.60
CA ARG L 507 -42.22 -76.41 -52.64
C ARG L 507 -41.85 -75.05 -52.10
N ALA L 508 -41.49 -74.13 -52.99
CA ALA L 508 -41.19 -72.75 -52.62
C ALA L 508 -42.47 -71.93 -52.53
N GLY L 509 -42.50 -71.02 -51.57
CA GLY L 509 -43.64 -70.15 -51.40
C GLY L 509 -44.87 -70.86 -50.86
N GLN L 510 -44.79 -71.36 -49.64
CA GLN L 510 -45.87 -72.15 -49.07
C GLN L 510 -46.77 -71.38 -48.14
N SER L 511 -46.43 -70.12 -47.82
CA SER L 511 -47.18 -69.23 -46.93
C SER L 511 -47.41 -69.89 -45.56
N VAL L 512 -46.28 -70.10 -44.88
CA VAL L 512 -46.27 -70.90 -43.67
C VAL L 512 -46.78 -70.11 -42.47
N ALA L 513 -46.99 -70.82 -41.36
CA ALA L 513 -47.29 -70.20 -40.09
C ALA L 513 -46.42 -70.81 -39.01
N TYR L 514 -46.19 -70.04 -37.95
CA TYR L 514 -45.35 -70.44 -36.83
C TYR L 514 -46.15 -70.31 -35.55
N PHE L 515 -45.97 -71.27 -34.65
CA PHE L 515 -46.61 -71.26 -33.34
C PHE L 515 -45.57 -71.17 -32.25
N GLY L 516 -45.89 -70.43 -31.18
CA GLY L 516 -45.05 -70.41 -30.00
C GLY L 516 -43.72 -69.68 -30.16
N ALA L 517 -43.75 -68.43 -30.60
CA ALA L 517 -42.52 -67.68 -30.77
C ALA L 517 -42.06 -67.10 -29.43
N SER L 518 -40.81 -67.42 -29.05
CA SER L 518 -40.26 -66.86 -27.82
C SER L 518 -39.95 -65.38 -27.98
N ALA L 519 -39.43 -64.98 -29.13
CA ALA L 519 -39.14 -63.60 -29.55
C ALA L 519 -38.09 -62.90 -28.68
N GLY L 520 -37.40 -63.63 -27.80
CA GLY L 520 -36.29 -63.04 -27.08
C GLY L 520 -35.00 -63.77 -27.40
N HIS L 521 -34.15 -63.15 -28.20
CA HIS L 521 -32.88 -63.76 -28.59
C HIS L 521 -31.77 -62.72 -28.64
N SER L 522 -31.87 -61.68 -27.80
CA SER L 522 -30.96 -60.53 -27.77
C SER L 522 -30.87 -59.84 -29.14
N GLY L 523 -32.01 -59.45 -29.69
CA GLY L 523 -32.04 -58.87 -31.01
C GLY L 523 -32.82 -59.76 -31.95
N ALA L 524 -33.44 -59.16 -32.98
CA ALA L 524 -34.27 -59.86 -33.97
C ALA L 524 -35.41 -60.61 -33.29
N ASP L 525 -36.34 -59.83 -32.74
CA ASP L 525 -37.35 -60.33 -31.82
C ASP L 525 -38.37 -61.25 -32.48
N GLN L 526 -37.92 -62.46 -32.76
CA GLN L 526 -38.59 -63.56 -33.44
C GLN L 526 -37.61 -64.73 -33.36
N PRO L 527 -38.01 -65.97 -33.68
CA PRO L 527 -37.01 -67.02 -33.80
C PRO L 527 -36.04 -66.77 -34.94
N LEU L 528 -34.78 -67.15 -34.71
CA LEU L 528 -33.67 -66.76 -35.56
C LEU L 528 -33.60 -67.50 -36.88
N VAL L 529 -34.58 -68.33 -37.21
CA VAL L 529 -34.59 -69.02 -38.50
C VAL L 529 -35.46 -68.32 -39.53
N ILE L 530 -36.23 -67.31 -39.13
CA ILE L 530 -37.22 -66.72 -40.02
C ILE L 530 -36.55 -65.93 -41.12
N GLU L 531 -35.63 -65.03 -40.76
CA GLU L 531 -34.91 -64.25 -41.78
C GLU L 531 -33.97 -65.10 -42.64
N PRO L 532 -33.10 -65.98 -42.09
CA PRO L 532 -32.28 -66.79 -43.01
C PRO L 532 -33.08 -67.80 -43.83
N TRP L 533 -34.20 -68.28 -43.30
CA TRP L 533 -35.01 -69.22 -44.06
C TRP L 533 -35.85 -68.52 -45.11
N MET L 534 -36.24 -67.26 -44.88
CA MET L 534 -36.87 -66.48 -45.92
C MET L 534 -35.87 -66.10 -47.00
N GLN L 535 -34.62 -65.84 -46.62
CA GLN L 535 -33.59 -65.57 -47.61
C GLN L 535 -33.06 -66.83 -48.28
N GLY L 536 -33.38 -68.01 -47.75
CA GLY L 536 -32.85 -69.22 -48.33
C GLY L 536 -31.42 -69.51 -47.93
N LYS L 537 -31.01 -69.08 -46.74
CA LYS L 537 -29.63 -69.26 -46.31
C LYS L 537 -29.35 -70.66 -45.79
N ILE L 538 -30.38 -71.50 -45.66
CA ILE L 538 -30.17 -72.87 -45.19
C ILE L 538 -29.57 -73.74 -46.29
N SER L 539 -29.83 -73.40 -47.55
CA SER L 539 -29.29 -74.04 -48.76
C SER L 539 -29.66 -75.52 -48.86
N GLY L 540 -30.78 -75.91 -48.27
CA GLY L 540 -31.31 -77.25 -48.46
C GLY L 540 -32.82 -77.21 -48.47
N VAL L 541 -33.37 -76.00 -48.46
CA VAL L 541 -34.80 -75.78 -48.28
C VAL L 541 -35.29 -74.93 -49.45
N PRO L 542 -36.59 -74.94 -49.70
CA PRO L 542 -37.18 -73.91 -50.57
C PRO L 542 -37.65 -72.73 -49.74
N PRO L 543 -37.46 -71.50 -50.22
CA PRO L 543 -37.87 -70.33 -49.45
C PRO L 543 -39.38 -70.13 -49.47
N PRO L 544 -39.98 -69.75 -48.34
CA PRO L 544 -41.43 -69.54 -48.30
C PRO L 544 -41.87 -68.23 -48.94
N SER L 545 -43.15 -67.91 -48.83
CA SER L 545 -43.69 -66.65 -49.33
C SER L 545 -44.09 -65.70 -48.21
N SER L 546 -44.81 -66.19 -47.21
CA SER L 546 -45.22 -65.37 -46.09
C SER L 546 -45.10 -66.17 -44.81
N VAL L 547 -44.69 -65.50 -43.73
CA VAL L 547 -44.46 -66.13 -42.44
C VAL L 547 -45.30 -65.41 -41.39
N ARG L 548 -46.11 -66.16 -40.67
CA ARG L 548 -46.85 -65.63 -39.53
C ARG L 548 -46.41 -66.37 -38.27
N GLN L 549 -46.13 -65.61 -37.22
CA GLN L 549 -45.72 -66.19 -35.94
C GLN L 549 -46.82 -65.97 -34.91
N PHE L 550 -47.26 -67.07 -34.30
CA PHE L 550 -48.31 -67.07 -33.29
C PHE L 550 -47.74 -67.61 -31.99
N GLY L 551 -48.54 -67.46 -30.93
CA GLY L 551 -48.10 -67.86 -29.60
C GLY L 551 -48.19 -66.72 -28.61
N TYR L 552 -48.37 -67.03 -27.28
CA TYR L 552 -48.52 -65.94 -26.32
C TYR L 552 -47.23 -65.27 -25.85
N ASP L 553 -46.12 -65.25 -26.75
CA ASP L 553 -44.93 -64.45 -26.46
C ASP L 553 -44.35 -63.82 -27.73
N VAL L 554 -45.18 -63.50 -28.70
CA VAL L 554 -44.69 -62.98 -29.97
C VAL L 554 -44.39 -61.50 -29.84
N ALA L 555 -43.73 -60.95 -30.86
CA ALA L 555 -43.49 -59.51 -30.98
C ALA L 555 -44.18 -58.88 -32.16
N LYS L 556 -44.35 -59.62 -33.26
CA LYS L 556 -44.96 -59.09 -34.48
C LYS L 556 -46.37 -59.61 -34.71
N GLY L 557 -46.65 -60.85 -34.32
CA GLY L 557 -47.97 -61.43 -34.51
C GLY L 557 -48.93 -61.06 -33.40
N ALA L 558 -49.84 -61.98 -33.11
CA ALA L 558 -50.79 -61.83 -32.03
C ALA L 558 -50.59 -62.93 -30.99
N ILE L 559 -50.99 -62.65 -29.76
CA ILE L 559 -50.87 -63.61 -28.67
C ILE L 559 -52.21 -64.30 -28.47
N VAL L 560 -52.19 -65.63 -28.64
CA VAL L 560 -53.38 -66.47 -28.69
C VAL L 560 -53.13 -67.70 -27.84
N ASP L 561 -54.10 -68.08 -27.01
CA ASP L 561 -54.07 -69.39 -26.39
C ASP L 561 -54.17 -70.46 -27.48
N LEU L 562 -53.09 -71.22 -27.65
CA LEU L 562 -53.04 -72.23 -28.70
C LEU L 562 -53.72 -73.53 -28.30
N ALA L 563 -53.96 -73.74 -27.00
CA ALA L 563 -54.63 -74.97 -26.56
C ALA L 563 -56.10 -74.95 -26.94
N ARG L 564 -56.83 -73.91 -26.54
CA ARG L 564 -58.21 -73.76 -26.97
C ARG L 564 -58.23 -73.35 -28.44
N PRO L 565 -59.15 -73.91 -29.24
CA PRO L 565 -59.14 -73.61 -30.67
C PRO L 565 -59.64 -72.23 -31.00
N PHE L 566 -58.72 -71.33 -31.34
CA PHE L 566 -59.08 -70.08 -31.97
C PHE L 566 -58.89 -70.21 -33.46
N PRO L 567 -59.94 -70.02 -34.26
CA PRO L 567 -59.77 -70.11 -35.71
C PRO L 567 -59.13 -68.85 -36.28
N SER L 568 -58.21 -69.06 -37.21
CA SER L 568 -57.56 -67.98 -37.93
C SER L 568 -57.45 -68.41 -39.39
N GLY L 569 -56.66 -67.65 -40.15
CA GLY L 569 -56.43 -68.01 -41.54
C GLY L 569 -55.69 -69.33 -41.64
N ASP L 570 -56.18 -70.20 -42.53
CA ASP L 570 -55.57 -71.50 -42.73
C ASP L 570 -54.37 -71.37 -43.65
N TYR L 571 -53.26 -71.99 -43.26
CA TYR L 571 -52.03 -71.93 -44.01
C TYR L 571 -51.60 -73.34 -44.41
N GLN L 572 -50.87 -73.44 -45.53
CA GLN L 572 -50.45 -74.72 -46.06
C GLN L 572 -49.49 -75.46 -45.15
N PHE L 573 -48.77 -74.76 -44.28
CA PHE L 573 -47.85 -75.40 -43.35
C PHE L 573 -47.81 -74.61 -42.06
N VAL L 574 -47.97 -75.31 -40.93
CA VAL L 574 -47.85 -74.70 -39.62
C VAL L 574 -46.80 -75.47 -38.82
N TYR L 575 -46.21 -74.78 -37.86
CA TYR L 575 -45.09 -75.31 -37.09
C TYR L 575 -45.32 -74.96 -35.63
N SER L 576 -45.55 -75.98 -34.80
CA SER L 576 -45.71 -75.77 -33.37
C SER L 576 -44.35 -75.79 -32.69
N ASP L 577 -44.16 -74.88 -31.74
CA ASP L 577 -42.91 -74.84 -30.99
C ASP L 577 -43.16 -74.61 -29.50
N VAL L 578 -44.39 -74.44 -29.07
CA VAL L 578 -44.69 -74.21 -27.66
C VAL L 578 -44.79 -75.56 -26.95
N ASP L 579 -44.24 -75.62 -25.74
CA ASP L 579 -44.34 -76.80 -24.91
C ASP L 579 -45.71 -76.90 -24.24
N GLN L 580 -45.87 -77.95 -23.45
CA GLN L 580 -47.03 -78.10 -22.57
C GLN L 580 -46.64 -78.06 -21.10
N VAL L 581 -45.45 -77.55 -20.79
CA VAL L 581 -44.98 -77.44 -19.42
C VAL L 581 -45.40 -76.12 -18.79
N VAL L 582 -45.18 -75.02 -19.52
CA VAL L 582 -45.50 -73.70 -19.03
C VAL L 582 -47.00 -73.52 -18.93
N ASP L 583 -47.72 -73.93 -19.98
CA ASP L 583 -49.18 -73.94 -19.93
C ASP L 583 -49.70 -75.05 -19.03
N GLY L 584 -48.89 -76.08 -18.77
CA GLY L 584 -49.26 -77.13 -17.84
C GLY L 584 -48.95 -76.76 -16.40
N HIS L 585 -49.31 -77.66 -15.50
CA HIS L 585 -49.19 -77.42 -14.07
C HIS L 585 -48.55 -78.61 -13.38
N ASP L 586 -47.49 -79.14 -13.99
CA ASP L 586 -46.66 -80.24 -13.49
C ASP L 586 -47.50 -81.50 -13.23
N ASP L 587 -48.08 -82.02 -14.31
CA ASP L 587 -48.82 -83.26 -14.25
C ASP L 587 -48.80 -83.89 -15.63
N LEU L 588 -48.63 -85.22 -15.65
CA LEU L 588 -48.64 -85.95 -16.90
C LEU L 588 -50.02 -85.94 -17.54
N SER L 589 -51.08 -85.89 -16.71
CA SER L 589 -52.44 -85.85 -17.23
C SER L 589 -52.71 -84.52 -17.94
N ILE L 590 -52.33 -83.41 -17.32
CA ILE L 590 -52.58 -82.12 -17.96
C ILE L 590 -51.61 -81.91 -19.12
N SER L 591 -50.43 -82.55 -19.08
CA SER L 591 -49.52 -82.51 -20.21
C SER L 591 -50.11 -83.23 -21.40
N SER L 592 -50.66 -84.42 -21.16
CA SER L 592 -51.33 -85.19 -22.20
C SER L 592 -52.54 -84.46 -22.75
N GLY L 593 -53.30 -83.80 -21.87
CA GLY L 593 -54.47 -83.06 -22.33
C GLY L 593 -54.11 -81.84 -23.16
N LEU L 594 -53.01 -81.17 -22.81
CA LEU L 594 -52.54 -80.08 -23.65
C LEU L 594 -52.03 -80.57 -24.99
N VAL L 595 -51.39 -81.75 -25.01
CA VAL L 595 -51.01 -82.38 -26.28
C VAL L 595 -52.24 -82.65 -27.12
N GLU L 596 -53.30 -83.17 -26.49
CA GLU L 596 -54.60 -83.42 -27.15
C GLU L 596 -55.15 -82.16 -27.79
N SER L 597 -55.30 -81.10 -26.98
CA SER L 597 -55.96 -79.89 -27.46
C SER L 597 -55.10 -79.16 -28.50
N LEU L 598 -53.80 -79.11 -28.27
CA LEU L 598 -52.91 -78.39 -29.19
C LEU L 598 -52.82 -79.12 -30.53
N LEU L 599 -52.75 -80.45 -30.48
CA LEU L 599 -52.73 -81.22 -31.72
C LEU L 599 -54.07 -81.16 -32.43
N ASP L 600 -55.18 -81.08 -31.69
CA ASP L 600 -56.49 -80.95 -32.32
C ASP L 600 -56.63 -79.61 -33.04
N SER L 601 -56.20 -78.52 -32.40
CA SER L 601 -56.24 -77.21 -33.04
C SER L 601 -55.30 -77.15 -34.24
N CYS L 602 -54.13 -77.79 -34.12
CA CYS L 602 -53.18 -77.83 -35.21
C CYS L 602 -53.69 -78.64 -36.39
N VAL L 603 -54.46 -79.70 -36.13
CA VAL L 603 -55.06 -80.47 -37.21
C VAL L 603 -56.18 -79.69 -37.87
N HIS L 604 -57.04 -79.06 -37.07
CA HIS L 604 -58.14 -78.30 -37.63
C HIS L 604 -57.74 -76.96 -38.23
N ALA L 605 -56.47 -76.55 -38.11
CA ALA L 605 -56.03 -75.31 -38.75
C ALA L 605 -54.87 -75.55 -39.72
N THR L 606 -55.00 -76.54 -40.61
CA THR L 606 -53.87 -77.02 -41.39
C THR L 606 -54.01 -76.77 -42.90
N ALA L 607 -55.19 -76.32 -43.38
CA ALA L 607 -55.50 -76.09 -44.79
C ALA L 607 -55.26 -77.37 -45.61
N PRO L 608 -56.21 -78.31 -45.59
CA PRO L 608 -55.91 -79.74 -45.84
C PRO L 608 -55.27 -80.04 -47.19
N GLY L 609 -54.46 -81.09 -47.19
CA GLY L 609 -53.47 -81.30 -48.22
C GLY L 609 -52.09 -80.80 -47.85
N GLY L 610 -51.94 -80.20 -46.67
CA GLY L 610 -50.69 -79.66 -46.20
C GLY L 610 -50.02 -80.54 -45.16
N SER L 611 -49.24 -79.92 -44.28
CA SER L 611 -48.44 -80.66 -43.32
C SER L 611 -48.25 -79.82 -42.06
N PHE L 612 -47.83 -80.49 -40.99
CA PHE L 612 -47.49 -79.79 -39.75
C PHE L 612 -46.44 -80.57 -39.00
N VAL L 613 -45.82 -79.88 -38.02
CA VAL L 613 -44.78 -80.45 -37.18
C VAL L 613 -45.19 -80.26 -35.73
N MET L 614 -45.17 -81.34 -34.96
CA MET L 614 -45.46 -81.32 -33.54
C MET L 614 -44.19 -81.58 -32.73
N LYS L 615 -44.12 -80.97 -31.56
CA LYS L 615 -43.16 -81.35 -30.54
C LYS L 615 -43.92 -81.88 -29.33
N ILE L 616 -43.42 -82.97 -28.75
CA ILE L 616 -44.09 -83.65 -27.65
C ILE L 616 -43.07 -83.88 -26.55
N ASN L 617 -43.26 -83.22 -25.42
CA ASN L 617 -42.39 -83.43 -24.27
C ASN L 617 -42.78 -84.66 -23.46
N PHE L 618 -44.08 -84.84 -23.23
CA PHE L 618 -44.57 -85.89 -22.33
C PHE L 618 -45.60 -86.75 -23.05
N PRO L 619 -45.18 -87.78 -23.77
CA PRO L 619 -46.13 -88.71 -24.37
C PRO L 619 -46.56 -89.83 -23.43
N THR L 620 -47.86 -90.12 -23.46
CA THR L 620 -48.46 -91.13 -22.58
C THR L 620 -49.29 -92.08 -23.44
N ARG L 621 -49.89 -93.09 -22.76
CA ARG L 621 -50.74 -94.08 -23.41
C ARG L 621 -51.88 -93.42 -24.17
N THR L 622 -52.52 -92.43 -23.55
CA THR L 622 -53.58 -91.67 -24.19
C THR L 622 -53.07 -90.92 -25.42
N VAL L 623 -51.83 -90.41 -25.35
CA VAL L 623 -51.26 -89.65 -26.46
C VAL L 623 -51.03 -90.56 -27.67
N TRP L 624 -50.31 -91.66 -27.46
CA TRP L 624 -49.99 -92.57 -28.57
C TRP L 624 -51.24 -93.26 -29.09
N HIS L 625 -52.13 -93.70 -28.20
CA HIS L 625 -53.36 -94.35 -28.61
C HIS L 625 -54.27 -93.40 -29.37
N TYR L 626 -54.32 -92.13 -28.94
CA TYR L 626 -55.14 -91.15 -29.63
C TYR L 626 -54.60 -90.82 -31.01
N ILE L 627 -53.28 -90.63 -31.13
CA ILE L 627 -52.77 -90.26 -32.44
C ILE L 627 -52.81 -91.44 -33.39
N GLU L 628 -52.70 -92.67 -32.86
CA GLU L 628 -52.84 -93.84 -33.72
C GLU L 628 -54.29 -94.07 -34.13
N GLN L 629 -55.26 -93.78 -33.26
CA GLN L 629 -56.65 -93.98 -33.65
C GLN L 629 -57.19 -92.84 -34.49
N LYS L 630 -56.60 -91.65 -34.41
CA LYS L 630 -57.16 -90.47 -35.04
C LYS L 630 -56.35 -89.99 -36.23
N ILE L 631 -55.07 -89.71 -36.04
CA ILE L 631 -54.30 -88.95 -37.02
C ILE L 631 -53.75 -89.84 -38.10
N LEU L 632 -53.08 -90.93 -37.71
CA LEU L 632 -52.57 -91.99 -38.56
C LEU L 632 -53.57 -92.56 -39.57
N PRO L 633 -54.88 -92.65 -39.27
CA PRO L 633 -55.82 -92.89 -40.38
C PRO L 633 -55.94 -91.69 -41.30
N ASN L 634 -56.06 -90.49 -40.77
CA ASN L 634 -56.39 -89.31 -41.57
C ASN L 634 -55.18 -88.59 -42.14
N VAL L 635 -54.00 -89.20 -42.07
CA VAL L 635 -52.78 -88.58 -42.59
C VAL L 635 -52.27 -89.43 -43.74
N THR L 636 -51.52 -88.80 -44.65
CA THR L 636 -50.91 -89.53 -45.76
C THR L 636 -49.62 -90.21 -45.35
N SER L 637 -48.69 -89.44 -44.79
CA SER L 637 -47.44 -89.98 -44.27
C SER L 637 -47.01 -89.14 -43.08
N TYR L 638 -45.95 -89.57 -42.41
CA TYR L 638 -45.47 -88.82 -41.26
C TYR L 638 -43.97 -89.02 -41.10
N MET L 639 -43.44 -88.44 -40.03
CA MET L 639 -42.01 -88.40 -39.76
C MET L 639 -41.82 -88.08 -38.29
N LEU L 640 -40.86 -88.73 -37.65
CA LEU L 640 -40.50 -88.39 -36.28
C LEU L 640 -38.99 -88.41 -36.16
N ILE L 641 -38.42 -87.26 -35.78
CA ILE L 641 -36.98 -87.10 -35.66
C ILE L 641 -36.67 -86.58 -34.26
N LYS L 642 -35.38 -86.52 -33.94
CA LYS L 642 -34.93 -85.94 -32.67
C LYS L 642 -33.50 -85.46 -32.84
N PRO L 643 -33.31 -84.19 -33.11
CA PRO L 643 -31.99 -83.59 -32.87
C PRO L 643 -31.73 -83.45 -31.38
N PHE L 644 -30.45 -83.43 -31.00
CA PHE L 644 -30.06 -83.61 -29.61
C PHE L 644 -29.01 -82.58 -29.22
N VAL L 645 -29.39 -81.62 -28.37
CA VAL L 645 -28.42 -80.75 -27.73
C VAL L 645 -28.60 -80.80 -26.22
N THR L 646 -29.79 -81.18 -25.77
CA THR L 646 -30.13 -81.24 -24.36
C THR L 646 -30.66 -82.61 -24.00
N ASN L 647 -30.38 -83.03 -22.77
CA ASN L 647 -30.79 -84.35 -22.28
C ASN L 647 -32.26 -84.27 -21.93
N ASN L 648 -33.12 -84.72 -22.84
CA ASN L 648 -34.55 -84.64 -22.64
C ASN L 648 -35.25 -85.74 -23.43
N VAL L 649 -36.54 -85.93 -23.14
CA VAL L 649 -37.31 -86.99 -23.74
C VAL L 649 -38.19 -86.48 -24.88
N GLU L 650 -37.98 -85.26 -25.34
CA GLU L 650 -38.85 -84.73 -26.37
C GLU L 650 -38.43 -85.21 -27.74
N VAL L 651 -39.42 -85.38 -28.62
CA VAL L 651 -39.20 -85.73 -30.02
C VAL L 651 -39.98 -84.76 -30.88
N PHE L 652 -39.64 -84.74 -32.16
CA PHE L 652 -40.26 -83.84 -33.12
C PHE L 652 -41.06 -84.66 -34.12
N PHE L 653 -42.38 -84.63 -33.99
CA PHE L 653 -43.28 -85.38 -34.85
C PHE L 653 -43.71 -84.50 -36.02
N VAL L 654 -43.53 -85.01 -37.23
CA VAL L 654 -43.86 -84.28 -38.45
C VAL L 654 -44.94 -85.06 -39.19
N ALA L 655 -45.96 -84.37 -39.66
CA ALA L 655 -47.01 -84.99 -40.47
C ALA L 655 -46.84 -84.63 -41.94
N PHE L 656 -47.52 -85.38 -42.80
CA PHE L 656 -47.49 -85.14 -44.23
C PHE L 656 -48.83 -85.52 -44.84
N GLY L 657 -49.44 -84.59 -45.58
CA GLY L 657 -50.68 -84.89 -46.29
C GLY L 657 -51.86 -85.08 -45.35
N VAL L 658 -52.32 -83.99 -44.76
CA VAL L 658 -53.38 -84.08 -43.76
C VAL L 658 -54.73 -84.23 -44.45
N HIS L 659 -55.66 -84.86 -43.72
CA HIS L 659 -57.06 -85.05 -44.13
C HIS L 659 -57.18 -85.87 -45.42
N GLN L 660 -56.43 -86.97 -45.49
CA GLN L 660 -56.70 -88.04 -46.46
C GLN L 660 -56.66 -89.35 -45.72
N GLN L 661 -57.71 -90.15 -45.86
CA GLN L 661 -57.82 -91.41 -45.15
C GLN L 661 -56.81 -92.43 -45.67
N SER L 662 -56.30 -93.26 -44.76
CA SER L 662 -55.26 -94.22 -45.10
C SER L 662 -55.19 -95.27 -44.02
N ALA L 663 -55.20 -96.55 -44.41
CA ALA L 663 -54.92 -97.63 -43.47
C ALA L 663 -53.44 -97.57 -43.12
N LEU L 664 -53.13 -97.12 -41.91
CA LEU L 664 -51.76 -96.74 -41.59
C LEU L 664 -51.58 -96.80 -40.08
N THR L 665 -50.66 -97.64 -39.61
CA THR L 665 -50.40 -97.79 -38.18
C THR L 665 -48.92 -97.56 -37.89
N TRP L 666 -48.50 -97.88 -36.67
CA TRP L 666 -47.10 -97.79 -36.28
C TRP L 666 -46.36 -99.05 -36.70
N THR L 667 -45.04 -98.92 -36.84
CA THR L 667 -44.20 -99.99 -37.35
C THR L 667 -43.04 -100.28 -36.40
N SER L 668 -42.45 -101.46 -36.60
CA SER L 668 -41.38 -101.94 -35.72
C SER L 668 -40.09 -101.16 -35.90
N GLY L 669 -39.86 -100.53 -37.05
CA GLY L 669 -38.69 -99.66 -37.17
C GLY L 669 -38.80 -98.41 -36.31
N VAL L 670 -40.00 -97.82 -36.28
CA VAL L 670 -40.30 -96.74 -35.34
C VAL L 670 -40.18 -97.24 -33.91
N TYR L 671 -40.57 -98.50 -33.67
CA TYR L 671 -40.44 -99.10 -32.35
C TYR L 671 -38.99 -99.23 -31.92
N PHE L 672 -38.11 -99.71 -32.82
CA PHE L 672 -36.69 -99.81 -32.49
C PHE L 672 -36.07 -98.44 -32.26
N PHE L 673 -36.50 -97.45 -33.06
CA PHE L 673 -36.02 -96.09 -32.87
C PHE L 673 -36.41 -95.53 -31.50
N LEU L 674 -37.65 -95.80 -31.08
CA LEU L 674 -38.13 -95.26 -29.82
C LEU L 674 -37.53 -95.99 -28.61
N VAL L 675 -37.34 -97.31 -28.74
CA VAL L 675 -36.64 -98.09 -27.72
C VAL L 675 -35.23 -97.57 -27.54
N ASP L 676 -34.53 -97.33 -28.65
CA ASP L 676 -33.15 -96.89 -28.55
C ASP L 676 -33.06 -95.44 -28.07
N HIS L 677 -34.10 -94.64 -28.37
CA HIS L 677 -34.14 -93.26 -27.88
C HIS L 677 -34.30 -93.21 -26.36
N PHE L 678 -35.29 -93.94 -25.83
CA PHE L 678 -35.44 -93.98 -24.37
C PHE L 678 -34.25 -94.63 -23.68
N TYR L 679 -33.62 -95.61 -24.34
CA TYR L 679 -32.46 -96.25 -23.74
C TYR L 679 -31.26 -95.31 -23.70
N ARG L 680 -31.03 -94.52 -24.76
CA ARG L 680 -29.91 -93.61 -24.72
C ARG L 680 -30.18 -92.43 -23.80
N TYR L 681 -31.46 -92.09 -23.61
CA TYR L 681 -31.82 -91.12 -22.57
C TYR L 681 -31.44 -91.65 -21.20
N GLU L 682 -31.76 -92.93 -20.94
CA GLU L 682 -31.46 -93.53 -19.63
C GLU L 682 -29.96 -93.62 -19.38
N THR L 683 -29.20 -94.01 -20.41
CA THR L 683 -27.76 -94.12 -20.25
C THR L 683 -27.12 -92.75 -20.02
N LEU L 684 -27.52 -91.74 -20.79
CA LEU L 684 -26.88 -90.44 -20.63
C LEU L 684 -27.33 -89.76 -19.35
N SER L 685 -28.54 -90.08 -18.86
CA SER L 685 -28.97 -89.58 -17.56
C SER L 685 -28.17 -90.24 -16.44
N ALA L 686 -27.88 -91.54 -16.57
CA ALA L 686 -27.02 -92.21 -15.59
C ALA L 686 -25.59 -91.68 -15.64
N ILE L 687 -25.15 -91.21 -16.80
CA ILE L 687 -23.85 -90.56 -16.90
C ILE L 687 -23.87 -89.21 -16.17
N SER L 688 -24.88 -88.38 -16.48
CA SER L 688 -24.95 -87.04 -15.90
C SER L 688 -25.27 -87.06 -14.42
N ARG L 689 -25.81 -88.15 -13.91
CA ARG L 689 -26.14 -88.23 -12.49
C ARG L 689 -24.88 -88.37 -11.63
N GLN L 690 -23.82 -88.94 -12.18
CA GLN L 690 -22.61 -89.17 -11.41
C GLN L 690 -21.68 -87.97 -11.38
N LEU L 691 -21.73 -87.12 -12.40
CA LEU L 691 -20.80 -86.00 -12.50
C LEU L 691 -21.14 -84.93 -11.45
N PRO L 692 -20.12 -84.27 -10.89
CA PRO L 692 -20.40 -83.18 -9.93
C PRO L 692 -21.01 -81.96 -10.61
N SER L 693 -21.32 -80.96 -9.78
CA SER L 693 -22.18 -79.87 -10.19
C SER L 693 -21.43 -78.85 -11.04
N PHE L 694 -22.05 -77.69 -11.27
CA PHE L 694 -21.43 -76.69 -12.13
C PHE L 694 -20.42 -75.85 -11.36
N GLY L 695 -20.88 -75.08 -10.39
CA GLY L 695 -20.01 -74.18 -9.65
C GLY L 695 -19.56 -74.69 -8.31
N TYR L 696 -18.87 -75.82 -8.26
CA TYR L 696 -18.47 -76.40 -6.98
C TYR L 696 -16.99 -76.14 -6.71
N VAL L 697 -16.57 -76.52 -5.51
CA VAL L 697 -15.17 -76.55 -5.13
C VAL L 697 -14.78 -78.00 -4.93
N ASP L 698 -13.59 -78.36 -5.41
CA ASP L 698 -13.14 -79.74 -5.31
C ASP L 698 -12.30 -79.90 -4.05
N ASP L 699 -12.40 -81.07 -3.43
CA ASP L 699 -11.64 -81.35 -2.23
C ASP L 699 -11.11 -82.78 -2.19
N GLY L 700 -11.05 -83.46 -3.33
CA GLY L 700 -10.62 -84.84 -3.36
C GLY L 700 -11.61 -85.83 -2.81
N SER L 701 -12.87 -85.42 -2.62
CA SER L 701 -13.88 -86.32 -2.09
C SER L 701 -14.57 -87.14 -3.17
N SER L 702 -14.78 -86.56 -4.35
CA SER L 702 -15.46 -87.27 -5.42
C SER L 702 -14.50 -88.22 -6.12
N VAL L 703 -15.07 -89.20 -6.82
CA VAL L 703 -14.25 -90.18 -7.54
C VAL L 703 -13.66 -89.57 -8.80
N THR L 704 -14.33 -88.56 -9.37
CA THR L 704 -13.82 -87.83 -10.52
C THR L 704 -13.58 -86.39 -10.11
N GLY L 705 -12.65 -85.74 -10.80
CA GLY L 705 -12.28 -84.38 -10.45
C GLY L 705 -10.81 -84.16 -10.69
N ILE L 706 -10.32 -83.05 -10.15
CA ILE L 706 -8.94 -82.64 -10.34
C ILE L 706 -8.17 -82.87 -9.04
N GLU L 707 -6.85 -82.79 -9.14
CA GLU L 707 -6.00 -82.77 -7.97
C GLU L 707 -4.72 -82.00 -8.30
N ILE L 708 -4.32 -81.11 -7.39
CA ILE L 708 -3.04 -80.41 -7.50
C ILE L 708 -2.36 -80.47 -6.15
N ILE L 709 -1.03 -80.44 -6.17
CA ILE L 709 -0.22 -80.30 -4.98
C ILE L 709 0.87 -79.27 -5.27
N SER L 710 1.48 -78.78 -4.20
CA SER L 710 2.49 -77.73 -4.31
C SER L 710 3.68 -78.07 -3.42
N ILE L 711 4.84 -78.23 -4.04
CA ILE L 711 6.10 -78.40 -3.32
C ILE L 711 7.07 -77.36 -3.85
N GLU L 712 8.12 -77.11 -3.07
CA GLU L 712 9.18 -76.19 -3.47
C GLU L 712 10.48 -76.96 -3.63
N ASN L 713 11.29 -76.56 -4.61
CA ASN L 713 12.54 -77.25 -4.91
C ASN L 713 13.75 -76.35 -4.70
N PRO L 714 14.51 -76.55 -3.64
CA PRO L 714 15.75 -75.77 -3.48
C PRO L 714 16.87 -76.29 -4.36
N GLY L 715 17.18 -75.55 -5.42
CA GLY L 715 18.27 -75.80 -6.33
C GLY L 715 18.16 -77.12 -7.07
N PHE L 716 19.29 -77.61 -7.54
CA PHE L 716 19.38 -78.94 -8.12
C PHE L 716 19.83 -79.95 -7.06
N SER L 717 19.14 -79.92 -5.92
CA SER L 717 19.42 -80.84 -4.84
C SER L 717 18.60 -82.11 -5.04
N ASN L 718 19.19 -83.24 -4.65
CA ASN L 718 18.48 -84.50 -4.64
C ASN L 718 17.44 -84.45 -3.53
N MET L 719 16.19 -84.23 -3.89
CA MET L 719 15.17 -83.91 -2.90
C MET L 719 14.76 -85.16 -2.13
N THR L 720 13.97 -84.92 -1.07
CA THR L 720 13.76 -85.90 -0.03
C THR L 720 12.90 -87.07 -0.49
N GLN L 721 12.91 -88.13 0.31
CA GLN L 721 12.06 -89.27 0.02
C GLN L 721 10.60 -88.95 0.27
N ALA L 722 10.31 -88.00 1.16
CA ALA L 722 8.93 -87.65 1.48
C ALA L 722 8.21 -87.04 0.28
N ALA L 723 8.85 -86.06 -0.37
CA ALA L 723 8.28 -85.48 -1.57
C ALA L 723 8.26 -86.47 -2.72
N ARG L 724 9.19 -87.42 -2.74
CA ARG L 724 9.20 -88.44 -3.78
C ARG L 724 8.02 -89.37 -3.63
N VAL L 725 7.71 -89.77 -2.39
CA VAL L 725 6.52 -90.56 -2.10
C VAL L 725 5.26 -89.75 -2.39
N GLY L 726 5.29 -88.43 -2.16
CA GLY L 726 4.14 -87.61 -2.47
C GLY L 726 3.83 -87.52 -3.97
N ILE L 727 4.88 -87.29 -4.78
CA ILE L 727 4.68 -87.20 -6.23
C ILE L 727 4.28 -88.56 -6.79
N SER L 728 4.93 -89.63 -6.32
CA SER L 728 4.58 -90.96 -6.81
C SER L 728 3.20 -91.39 -6.32
N GLY L 729 2.75 -90.90 -5.17
CA GLY L 729 1.41 -91.18 -4.72
C GLY L 729 0.37 -90.44 -5.54
N LEU L 730 0.69 -89.22 -5.97
CA LEU L 730 -0.20 -88.55 -6.91
C LEU L 730 -0.19 -89.25 -8.27
N CYS L 731 0.95 -89.84 -8.66
CA CYS L 731 0.98 -90.61 -9.89
C CYS L 731 0.10 -91.85 -9.81
N ALA L 732 0.15 -92.54 -8.67
CA ALA L 732 -0.71 -93.70 -8.44
C ALA L 732 -2.16 -93.29 -8.30
N ASN L 733 -2.41 -92.06 -7.84
CA ASN L 733 -3.77 -91.55 -7.78
C ASN L 733 -4.28 -91.17 -9.17
N VAL L 734 -3.40 -90.72 -10.05
CA VAL L 734 -3.86 -90.17 -11.32
C VAL L 734 -3.96 -91.23 -12.41
N GLY L 735 -3.13 -92.29 -12.36
CA GLY L 735 -3.27 -93.38 -13.31
C GLY L 735 -3.00 -93.01 -14.75
N ASN L 736 -1.73 -92.76 -15.08
CA ASN L 736 -1.12 -92.48 -16.38
C ASN L 736 -1.94 -91.60 -17.33
N ALA L 737 -2.56 -90.55 -16.79
CA ALA L 737 -3.26 -89.56 -17.59
C ALA L 737 -2.35 -88.37 -17.83
N ARG L 738 -2.85 -87.38 -18.57
CA ARG L 738 -2.06 -86.20 -18.87
C ARG L 738 -1.92 -85.31 -17.64
N LYS L 739 -0.80 -84.61 -17.57
CA LYS L 739 -0.52 -83.74 -16.44
C LYS L 739 0.38 -82.60 -16.90
N SER L 740 0.23 -81.46 -16.25
CA SER L 740 1.00 -80.27 -16.57
C SER L 740 1.60 -79.70 -15.30
N ILE L 741 2.79 -79.10 -15.43
CA ILE L 741 3.53 -78.56 -14.30
C ILE L 741 3.74 -77.07 -14.53
N ALA L 742 4.21 -76.40 -13.47
CA ALA L 742 4.58 -75.00 -13.54
C ALA L 742 5.66 -74.71 -12.52
N ILE L 743 6.62 -73.87 -12.91
CA ILE L 743 7.76 -73.51 -12.07
C ILE L 743 7.80 -72.00 -12.00
N TYR L 744 7.61 -71.45 -10.80
CA TYR L 744 7.62 -70.01 -10.63
C TYR L 744 7.93 -69.69 -9.18
N GLU L 745 8.53 -68.52 -8.96
CA GLU L 745 8.82 -68.06 -7.62
C GLU L 745 7.53 -67.68 -6.91
N SER L 746 7.05 -68.53 -6.02
CA SER L 746 5.86 -68.25 -5.23
C SER L 746 6.26 -67.45 -4.00
N HIS L 747 6.19 -66.13 -4.14
CA HIS L 747 6.15 -65.18 -3.02
C HIS L 747 7.46 -65.14 -2.26
N GLY L 748 8.55 -65.44 -2.95
CA GLY L 748 9.86 -65.53 -2.33
C GLY L 748 10.51 -66.91 -2.42
N ALA L 749 9.84 -67.90 -3.00
CA ALA L 749 10.40 -69.23 -3.11
C ALA L 749 9.92 -69.88 -4.40
N ARG L 750 10.82 -70.54 -5.11
CA ARG L 750 10.45 -71.24 -6.34
C ARG L 750 9.62 -72.46 -6.01
N VAL L 751 8.45 -72.59 -6.64
CA VAL L 751 7.48 -73.60 -6.29
C VAL L 751 7.30 -74.55 -7.47
N LEU L 752 6.76 -75.72 -7.18
CA LEU L 752 6.40 -76.72 -8.18
C LEU L 752 4.92 -77.07 -8.03
N THR L 753 4.23 -77.17 -9.16
CA THR L 753 2.84 -77.57 -9.17
C THR L 753 2.70 -78.81 -10.03
N ILE L 754 1.85 -79.73 -9.60
CA ILE L 754 1.57 -80.96 -10.35
C ILE L 754 0.07 -80.98 -10.58
N THR L 755 -0.36 -80.65 -11.79
CA THR L 755 -1.77 -80.45 -12.09
C THR L 755 -2.26 -81.56 -13.01
N SER L 756 -3.20 -82.37 -12.51
CA SER L 756 -3.89 -83.34 -13.35
C SER L 756 -5.23 -83.68 -12.70
N ARG L 757 -5.85 -84.76 -13.17
CA ARG L 757 -7.25 -85.04 -12.90
C ARG L 757 -7.44 -86.52 -12.57
N ARG L 758 -8.33 -86.80 -11.62
CA ARG L 758 -8.62 -88.17 -11.22
C ARG L 758 -9.84 -88.71 -11.96
N SER L 759 -9.97 -90.03 -11.95
CA SER L 759 -11.01 -90.74 -12.68
C SER L 759 -11.30 -92.05 -11.97
N PRO L 760 -12.50 -92.61 -12.16
CA PRO L 760 -12.76 -93.94 -11.56
C PRO L 760 -11.94 -95.06 -12.18
N ALA L 761 -11.53 -94.92 -13.44
CA ALA L 761 -10.59 -95.90 -14.01
C ALA L 761 -9.24 -95.81 -13.31
N SER L 762 -8.81 -94.58 -12.99
CA SER L 762 -7.63 -94.40 -12.15
C SER L 762 -7.83 -94.96 -10.76
N ALA L 763 -9.05 -94.90 -10.25
CA ALA L 763 -9.33 -95.46 -8.92
C ALA L 763 -9.21 -96.98 -8.94
N ARG L 764 -9.71 -97.62 -10.00
CA ARG L 764 -9.58 -99.07 -10.09
C ARG L 764 -8.14 -99.49 -10.36
N ARG L 765 -7.39 -98.66 -11.10
CA ARG L 765 -5.95 -98.89 -11.26
C ARG L 765 -5.21 -98.80 -9.93
N LYS L 766 -5.53 -97.77 -9.13
CA LYS L 766 -4.88 -97.58 -7.84
C LYS L 766 -5.25 -98.69 -6.87
N ALA L 767 -6.49 -99.18 -6.95
CA ALA L 767 -6.89 -100.31 -6.13
C ALA L 767 -6.30 -101.62 -6.64
N ARG L 768 -5.83 -101.66 -7.88
CA ARG L 768 -5.30 -102.90 -8.43
C ARG L 768 -3.94 -103.25 -7.82
N LEU L 769 -3.10 -102.27 -7.57
CA LEU L 769 -1.73 -102.54 -7.16
C LEU L 769 -1.57 -102.33 -5.65
N ARG L 770 -0.75 -103.20 -5.05
CA ARG L 770 -0.56 -103.20 -3.60
C ARG L 770 0.28 -102.01 -3.15
N TYR L 771 1.53 -101.95 -3.60
CA TYR L 771 2.43 -100.86 -3.28
C TYR L 771 2.48 -99.87 -4.43
N LEU L 772 2.68 -98.60 -4.09
CA LEU L 772 2.87 -97.73 -5.23
C LEU L 772 4.34 -97.70 -5.63
N PRO L 773 4.65 -97.67 -6.92
CA PRO L 773 6.04 -97.51 -7.36
C PRO L 773 6.47 -96.05 -7.20
N LEU L 774 7.76 -95.83 -7.32
CA LEU L 774 8.30 -94.48 -7.22
C LEU L 774 9.04 -94.13 -8.50
N ILE L 775 9.28 -92.84 -8.68
CA ILE L 775 9.62 -92.29 -9.99
C ILE L 775 11.06 -91.78 -9.98
N ASP L 776 11.51 -91.36 -11.16
CA ASP L 776 12.81 -90.73 -11.29
C ASP L 776 12.69 -89.26 -10.95
N PRO L 777 13.40 -88.75 -9.94
CA PRO L 777 13.38 -87.31 -9.67
C PRO L 777 14.18 -86.48 -10.66
N ARG L 778 14.97 -87.12 -11.52
CA ARG L 778 15.89 -86.39 -12.39
C ARG L 778 15.15 -85.53 -13.41
N SER L 779 14.07 -86.06 -13.98
CA SER L 779 13.27 -85.33 -14.98
C SER L 779 12.61 -84.10 -14.40
N LEU L 780 12.47 -84.00 -13.08
CA LEU L 780 12.00 -82.78 -12.45
C LEU L 780 13.14 -81.91 -11.97
N GLU L 781 14.28 -82.52 -11.63
CA GLU L 781 15.41 -81.75 -11.10
C GLU L 781 16.30 -81.16 -12.18
N VAL L 782 16.09 -81.50 -13.45
CA VAL L 782 16.90 -80.87 -14.50
C VAL L 782 16.42 -79.45 -14.80
N GLN L 783 15.11 -79.19 -14.68
CA GLN L 783 14.53 -77.94 -15.15
C GLN L 783 14.94 -76.75 -14.29
N ALA L 784 15.30 -75.65 -14.95
CA ALA L 784 15.67 -74.40 -14.30
C ALA L 784 14.95 -73.20 -14.89
N ARG L 785 13.98 -73.41 -15.76
CA ARG L 785 13.25 -72.33 -16.40
C ARG L 785 11.98 -72.01 -15.61
N THR L 786 11.42 -70.84 -15.91
CA THR L 786 10.27 -70.33 -15.16
C THR L 786 9.00 -70.61 -15.97
N ILE L 787 8.28 -71.65 -15.58
CA ILE L 787 7.04 -72.01 -16.25
C ILE L 787 5.91 -71.28 -15.55
N LEU L 788 5.37 -70.25 -16.20
CA LEU L 788 4.33 -69.45 -15.59
C LEU L 788 3.02 -70.24 -15.49
N PRO L 789 2.32 -70.14 -14.37
CA PRO L 789 1.15 -71.01 -14.15
C PRO L 789 -0.07 -70.51 -14.89
N SER L 790 -1.13 -71.30 -14.80
CA SER L 790 -2.43 -70.93 -15.31
C SER L 790 -3.48 -71.30 -14.28
N ASN L 791 -4.69 -70.79 -14.50
CA ASN L 791 -5.80 -71.10 -13.62
C ASN L 791 -6.17 -72.58 -13.73
N PRO L 792 -6.68 -73.18 -12.65
CA PRO L 792 -7.12 -74.57 -12.73
C PRO L 792 -8.43 -74.68 -13.51
N VAL L 793 -8.42 -75.49 -14.55
CA VAL L 793 -9.61 -75.76 -15.35
C VAL L 793 -9.99 -77.22 -15.18
N LEU L 794 -11.29 -77.49 -15.25
CA LEU L 794 -11.74 -78.87 -15.16
C LEU L 794 -11.48 -79.62 -16.46
N PHE L 795 -11.47 -78.91 -17.58
CA PHE L 795 -11.34 -79.52 -18.90
C PHE L 795 -10.10 -78.98 -19.59
N ASP L 796 -9.16 -79.87 -19.86
CA ASP L 796 -7.96 -79.49 -20.59
C ASP L 796 -8.28 -79.25 -22.06
N ASN L 797 -9.05 -80.15 -22.66
CA ASN L 797 -9.31 -80.08 -24.09
C ASN L 797 -10.42 -79.06 -24.38
N ILE L 798 -10.23 -78.28 -25.44
CA ILE L 798 -11.16 -77.24 -25.80
C ILE L 798 -11.81 -77.52 -27.16
N ASN L 799 -11.01 -77.88 -28.17
CA ASN L 799 -11.53 -78.08 -29.51
C ASN L 799 -12.33 -79.36 -29.64
N GLY L 800 -12.18 -80.30 -28.71
CA GLY L 800 -12.89 -81.56 -28.74
C GLY L 800 -11.96 -82.73 -29.01
N ALA L 801 -12.45 -83.90 -28.65
CA ALA L 801 -11.70 -85.13 -28.84
C ALA L 801 -11.61 -85.50 -30.32
N SER L 802 -10.49 -86.08 -30.72
CA SER L 802 -10.33 -86.51 -32.09
C SER L 802 -11.11 -87.81 -32.30
N PRO L 803 -11.49 -88.12 -33.54
CA PRO L 803 -12.15 -89.41 -33.81
C PRO L 803 -11.29 -90.63 -33.49
N HIS L 804 -9.97 -90.49 -33.46
CA HIS L 804 -9.12 -91.60 -33.04
C HIS L 804 -9.21 -91.83 -31.54
N VAL L 805 -9.29 -90.74 -30.77
CA VAL L 805 -9.59 -90.86 -29.33
C VAL L 805 -10.97 -91.47 -29.14
N CYS L 806 -11.92 -91.11 -30.01
CA CYS L 806 -13.26 -91.68 -29.93
C CYS L 806 -13.27 -93.18 -30.19
N LEU L 807 -12.53 -93.65 -31.20
CA LEU L 807 -12.49 -95.09 -31.48
C LEU L 807 -11.75 -95.84 -30.39
N THR L 808 -10.69 -95.24 -29.82
CA THR L 808 -10.03 -95.84 -28.66
C THR L 808 -10.98 -95.97 -27.49
N MET L 809 -11.87 -94.98 -27.30
CA MET L 809 -12.85 -95.05 -26.23
C MET L 809 -13.89 -96.12 -26.50
N MET L 810 -14.34 -96.21 -27.77
CA MET L 810 -15.22 -97.30 -28.19
C MET L 810 -14.63 -98.66 -27.86
N TYR L 811 -13.37 -98.85 -28.23
CA TYR L 811 -12.72 -100.15 -28.11
C TYR L 811 -12.50 -100.51 -26.65
N ASN L 812 -12.03 -99.54 -25.86
CA ASN L 812 -11.89 -99.72 -24.42
C ASN L 812 -13.21 -100.08 -23.76
N PHE L 813 -14.30 -99.46 -24.22
CA PHE L 813 -15.60 -99.75 -23.61
C PHE L 813 -16.06 -101.16 -23.93
N GLU L 814 -15.91 -101.61 -25.19
CA GLU L 814 -16.41 -102.95 -25.47
C GLU L 814 -15.52 -104.02 -24.87
N VAL L 815 -14.21 -103.74 -24.68
CA VAL L 815 -13.35 -104.71 -24.02
C VAL L 815 -13.69 -104.78 -22.53
N SER L 816 -13.93 -103.62 -21.90
CA SER L 816 -14.31 -103.60 -20.49
C SER L 816 -15.68 -104.23 -20.27
N SER L 817 -16.59 -104.12 -21.23
CA SER L 817 -17.88 -104.79 -21.10
C SER L 817 -17.75 -106.30 -21.32
N ALA L 818 -16.90 -106.73 -22.25
CA ALA L 818 -16.77 -108.15 -22.53
C ALA L 818 -16.00 -108.89 -21.44
N VAL L 819 -15.06 -108.23 -20.79
CA VAL L 819 -14.30 -108.88 -19.72
C VAL L 819 -15.17 -108.95 -18.47
N TYR L 820 -14.90 -109.94 -17.63
CA TYR L 820 -15.60 -110.12 -16.36
C TYR L 820 -14.58 -110.19 -15.23
N ASP L 821 -15.09 -110.34 -14.01
CA ASP L 821 -14.23 -110.38 -12.85
C ASP L 821 -13.67 -111.78 -12.66
N GLY L 822 -12.41 -111.84 -12.24
CA GLY L 822 -11.75 -113.12 -12.01
C GLY L 822 -11.48 -113.86 -13.30
N ASP L 823 -10.57 -113.34 -14.12
CA ASP L 823 -10.34 -113.90 -15.44
C ASP L 823 -8.92 -113.61 -15.88
N VAL L 824 -8.26 -114.61 -16.44
CA VAL L 824 -6.98 -114.42 -17.11
C VAL L 824 -7.24 -113.91 -18.52
N VAL L 825 -6.50 -112.88 -18.92
CA VAL L 825 -6.65 -112.28 -20.23
C VAL L 825 -5.29 -112.29 -20.91
N LEU L 826 -5.31 -111.97 -22.21
CA LEU L 826 -4.07 -111.73 -22.94
C LEU L 826 -4.30 -110.59 -23.92
N ASP L 827 -3.42 -109.59 -23.87
CA ASP L 827 -3.50 -108.41 -24.71
C ASP L 827 -2.40 -108.49 -25.76
N LEU L 828 -2.81 -108.60 -27.01
CA LEU L 828 -1.88 -108.61 -28.13
C LEU L 828 -1.69 -107.19 -28.63
N GLY L 829 -0.45 -106.72 -28.61
CA GLY L 829 -0.19 -105.34 -28.96
C GLY L 829 -0.71 -104.41 -27.90
N THR L 830 -0.08 -104.43 -26.72
CA THR L 830 -0.56 -103.64 -25.58
C THR L 830 -0.33 -102.15 -25.78
N GLY L 831 0.56 -101.76 -26.68
CA GLY L 831 0.87 -100.37 -26.89
C GLY L 831 1.92 -99.89 -25.92
N PRO L 832 2.05 -98.58 -25.77
CA PRO L 832 3.03 -98.03 -24.83
C PRO L 832 2.65 -98.27 -23.38
N GLU L 833 1.43 -97.90 -23.03
CA GLU L 833 0.87 -98.17 -21.71
C GLU L 833 -0.49 -98.81 -21.90
N ALA L 834 -0.63 -100.04 -21.40
CA ALA L 834 -1.81 -100.85 -21.67
C ALA L 834 -3.01 -100.32 -20.91
N LYS L 835 -4.07 -99.96 -21.65
CA LYS L 835 -5.30 -99.52 -21.01
C LYS L 835 -6.10 -100.68 -20.44
N ILE L 836 -5.71 -101.92 -20.74
CA ILE L 836 -6.33 -103.10 -20.17
C ILE L 836 -6.13 -103.16 -18.66
N LEU L 837 -5.10 -102.48 -18.14
CA LEU L 837 -4.96 -102.32 -16.69
C LEU L 837 -6.07 -101.46 -16.12
N GLU L 838 -6.57 -100.51 -16.91
CA GLU L 838 -7.66 -99.65 -16.49
C GLU L 838 -9.03 -100.22 -16.82
N LEU L 839 -9.11 -101.22 -17.70
CA LEU L 839 -10.42 -101.71 -18.10
C LEU L 839 -10.94 -102.80 -17.18
N ILE L 840 -10.13 -103.82 -16.91
CA ILE L 840 -10.56 -105.04 -16.23
C ILE L 840 -10.83 -104.77 -14.76
N PRO L 841 -11.58 -105.63 -14.06
CA PRO L 841 -11.68 -105.49 -12.60
C PRO L 841 -10.35 -105.70 -11.90
N SER L 842 -10.32 -105.28 -10.64
CA SER L 842 -9.09 -105.19 -9.87
C SER L 842 -8.53 -106.55 -9.47
N THR L 843 -9.32 -107.62 -9.56
CA THR L 843 -8.88 -108.92 -9.08
C THR L 843 -8.45 -109.87 -10.19
N SER L 844 -8.64 -109.49 -11.43
CA SER L 844 -8.35 -110.38 -12.56
C SER L 844 -6.94 -110.14 -13.07
N PRO L 845 -6.13 -111.19 -13.27
CA PRO L 845 -4.76 -110.99 -13.74
C PRO L 845 -4.70 -110.82 -15.25
N VAL L 846 -3.49 -110.53 -15.73
CA VAL L 846 -3.22 -110.37 -17.15
C VAL L 846 -2.08 -111.30 -17.55
N THR L 847 -2.05 -111.63 -18.85
CA THR L 847 -0.88 -112.19 -19.52
C THR L 847 -0.69 -111.36 -20.80
N CYS L 848 -0.10 -110.18 -20.68
CA CYS L 848 -0.06 -109.25 -21.80
C CYS L 848 1.35 -109.08 -22.32
N VAL L 849 1.46 -108.83 -23.62
CA VAL L 849 2.75 -108.84 -24.32
C VAL L 849 2.61 -107.97 -25.56
N ASP L 850 3.72 -107.35 -25.97
CA ASP L 850 3.75 -106.47 -27.12
C ASP L 850 5.18 -106.44 -27.63
N ILE L 851 5.34 -106.10 -28.92
CA ILE L 851 6.67 -105.84 -29.45
C ILE L 851 7.26 -104.56 -28.87
N ARG L 852 6.41 -103.64 -28.44
CA ARG L 852 6.89 -102.39 -27.86
C ARG L 852 7.31 -102.62 -26.42
N PRO L 853 8.56 -102.31 -26.05
CA PRO L 853 8.97 -102.45 -24.64
C PRO L 853 8.37 -101.35 -23.79
N THR L 854 7.59 -101.74 -22.80
CA THR L 854 6.85 -100.80 -21.97
C THR L 854 7.60 -100.52 -20.67
N ALA L 855 7.15 -99.47 -19.96
CA ALA L 855 7.73 -99.07 -18.69
C ALA L 855 6.67 -99.14 -17.58
N GLN L 856 5.87 -100.21 -17.59
CA GLN L 856 4.89 -100.42 -16.55
C GLN L 856 5.59 -100.88 -15.27
N PRO L 857 5.01 -100.61 -14.10
CA PRO L 857 5.66 -101.01 -12.83
C PRO L 857 5.60 -102.52 -12.63
N ASN L 858 6.76 -103.17 -12.77
CA ASN L 858 6.86 -104.61 -12.59
C ASN L 858 6.90 -104.94 -11.10
N GLY L 859 6.11 -105.91 -10.70
CA GLY L 859 6.02 -106.27 -9.30
C GLY L 859 5.19 -105.30 -8.49
N CYS L 860 5.10 -105.61 -7.19
CA CYS L 860 4.26 -104.95 -6.19
C CYS L 860 2.81 -104.74 -6.68
N TRP L 861 2.18 -105.88 -6.97
CA TRP L 861 0.78 -105.94 -7.38
C TRP L 861 -0.01 -106.78 -6.39
N ASN L 862 -1.31 -106.53 -6.33
CA ASN L 862 -2.19 -107.44 -5.58
C ASN L 862 -2.42 -108.73 -6.35
N VAL L 863 -3.01 -108.63 -7.53
CA VAL L 863 -3.09 -109.74 -8.48
C VAL L 863 -2.02 -109.51 -9.53
N ARG L 864 -1.36 -110.59 -9.95
CA ARG L 864 -0.10 -110.49 -10.67
C ARG L 864 -0.30 -109.93 -12.08
N THR L 865 0.75 -109.31 -12.59
CA THR L 865 0.83 -108.85 -13.97
C THR L 865 2.02 -109.50 -14.64
N THR L 866 2.13 -109.29 -15.96
CA THR L 866 3.21 -109.88 -16.74
C THR L 866 3.51 -108.97 -17.92
N PHE L 867 4.78 -108.57 -18.05
CA PHE L 867 5.19 -107.67 -19.11
C PHE L 867 6.49 -108.16 -19.73
N LEU L 868 6.49 -108.34 -21.05
CA LEU L 868 7.65 -108.83 -21.78
C LEU L 868 7.46 -108.51 -23.25
N GLU L 869 8.47 -108.86 -24.05
CA GLU L 869 8.44 -108.68 -25.49
C GLU L 869 9.02 -109.91 -26.17
N LEU L 870 8.27 -110.46 -27.14
CA LEU L 870 8.73 -111.68 -27.78
C LEU L 870 8.42 -111.78 -29.28
N ASP L 871 8.04 -110.68 -29.93
CA ASP L 871 7.57 -110.65 -31.33
C ASP L 871 6.36 -111.59 -31.51
N TYR L 872 5.24 -111.13 -30.92
CA TYR L 872 4.03 -111.92 -30.67
C TYR L 872 3.49 -112.68 -31.87
N LEU L 873 3.73 -112.19 -33.09
CA LEU L 873 3.30 -112.93 -34.29
C LEU L 873 4.34 -114.02 -34.55
N SER L 874 4.27 -115.06 -33.72
CA SER L 874 5.16 -116.21 -33.75
C SER L 874 4.50 -117.31 -32.92
N ASP L 875 5.22 -118.39 -32.70
CA ASP L 875 4.69 -119.55 -32.00
C ASP L 875 5.61 -119.95 -30.86
N GLY L 876 5.21 -121.01 -30.14
CA GLY L 876 6.01 -121.58 -29.09
C GLY L 876 5.81 -120.96 -27.72
N TRP L 877 5.22 -119.77 -27.65
CA TRP L 877 5.10 -119.06 -26.38
C TRP L 877 3.74 -119.17 -25.75
N ILE L 878 2.68 -119.38 -26.53
CA ILE L 878 1.36 -119.64 -25.96
C ILE L 878 1.30 -121.06 -25.42
N THR L 879 2.19 -121.93 -25.88
CA THR L 879 2.37 -123.22 -25.23
C THR L 879 2.99 -123.06 -23.85
N GLY L 880 3.70 -121.96 -23.62
CA GLY L 880 4.23 -121.66 -22.31
C GLY L 880 3.25 -120.95 -21.40
N VAL L 881 2.68 -119.85 -21.86
CA VAL L 881 1.78 -119.03 -21.06
C VAL L 881 0.36 -119.13 -21.63
N ARG L 882 -0.62 -119.30 -20.76
CA ARG L 882 -1.99 -119.56 -21.16
C ARG L 882 -2.90 -118.40 -20.76
N GLY L 883 -4.09 -118.40 -21.37
CA GLY L 883 -5.10 -117.40 -21.09
C GLY L 883 -6.51 -117.91 -21.31
N ASP L 884 -7.48 -117.00 -21.33
CA ASP L 884 -8.89 -117.36 -21.50
C ASP L 884 -9.57 -116.57 -22.60
N ILE L 885 -9.23 -115.30 -22.77
CA ILE L 885 -9.87 -114.44 -23.76
C ILE L 885 -8.83 -113.53 -24.40
N VAL L 886 -8.86 -113.44 -25.73
CA VAL L 886 -7.84 -112.75 -26.51
C VAL L 886 -8.35 -111.36 -26.84
N THR L 887 -7.54 -110.34 -26.54
CA THR L 887 -7.83 -108.95 -26.90
C THR L 887 -6.69 -108.44 -27.76
N CYS L 888 -6.93 -108.34 -29.07
CA CYS L 888 -5.93 -107.87 -30.03
C CYS L 888 -6.49 -106.62 -30.69
N MET L 889 -6.17 -105.45 -30.14
CA MET L 889 -6.69 -104.18 -30.63
C MET L 889 -5.59 -103.45 -31.38
N LEU L 890 -5.85 -103.15 -32.65
CA LEU L 890 -5.06 -102.31 -33.56
C LEU L 890 -3.68 -102.88 -33.90
N SER L 891 -3.33 -104.06 -33.40
CA SER L 891 -2.01 -104.62 -33.65
C SER L 891 -1.97 -105.47 -34.91
N LEU L 892 -3.13 -105.84 -35.47
CA LEU L 892 -3.17 -106.63 -36.69
C LEU L 892 -2.64 -105.83 -37.88
N GLY L 893 -3.24 -104.67 -38.14
CA GLY L 893 -2.76 -103.82 -39.22
C GLY L 893 -1.38 -103.26 -38.98
N ALA L 894 -1.03 -103.04 -37.71
CA ALA L 894 0.31 -102.55 -37.37
C ALA L 894 1.36 -103.60 -37.68
N ALA L 895 1.13 -104.85 -37.28
CA ALA L 895 2.07 -105.92 -37.58
C ALA L 895 2.09 -106.26 -39.06
N ALA L 896 0.96 -106.11 -39.75
CA ALA L 896 0.93 -106.38 -41.19
C ALA L 896 1.68 -105.30 -41.97
N ALA L 897 1.58 -104.05 -41.53
CA ALA L 897 2.35 -102.98 -42.17
C ALA L 897 3.82 -103.06 -41.80
N GLY L 898 4.13 -103.59 -40.61
CA GLY L 898 5.53 -103.76 -40.24
C GLY L 898 6.20 -104.88 -40.99
N LYS L 899 5.48 -105.98 -41.21
CA LYS L 899 6.03 -107.14 -41.91
C LYS L 899 5.69 -107.15 -43.40
N SER L 900 5.00 -106.12 -43.89
CA SER L 900 4.65 -105.93 -45.31
C SER L 900 3.86 -107.11 -45.87
N MET L 901 3.00 -107.70 -45.04
CA MET L 901 2.27 -108.90 -45.41
C MET L 901 0.77 -108.65 -45.31
N THR L 902 0.01 -109.51 -45.97
CA THR L 902 -1.42 -109.28 -46.10
C THR L 902 -2.17 -109.76 -44.87
N PHE L 903 -3.42 -109.30 -44.76
CA PHE L 903 -4.27 -109.68 -43.64
C PHE L 903 -4.64 -111.15 -43.70
N ASP L 904 -4.71 -111.74 -44.89
CA ASP L 904 -5.01 -113.16 -45.00
C ASP L 904 -3.92 -114.01 -44.37
N ALA L 905 -2.66 -113.74 -44.72
CA ALA L 905 -1.54 -114.49 -44.18
C ALA L 905 -1.34 -114.21 -42.69
N ALA L 906 -1.48 -112.94 -42.28
CA ALA L 906 -1.36 -112.58 -40.88
C ALA L 906 -2.46 -113.24 -40.05
N PHE L 907 -3.68 -113.28 -40.59
CA PHE L 907 -4.81 -113.82 -39.84
C PHE L 907 -4.75 -115.34 -39.78
N GLN L 908 -4.26 -115.99 -40.84
CA GLN L 908 -4.16 -117.45 -40.77
C GLN L 908 -3.03 -117.88 -39.85
N GLN L 909 -1.93 -117.10 -39.80
CA GLN L 909 -0.87 -117.38 -38.85
C GLN L 909 -1.34 -117.14 -37.41
N LEU L 910 -2.11 -116.07 -37.21
CA LEU L 910 -2.61 -115.75 -35.88
C LEU L 910 -3.65 -116.77 -35.42
N VAL L 911 -4.48 -117.27 -36.33
CA VAL L 911 -5.47 -118.25 -35.91
C VAL L 911 -4.82 -119.62 -35.76
N ARG L 912 -3.68 -119.84 -36.43
CA ARG L 912 -2.90 -121.06 -36.16
C ARG L 912 -2.31 -121.03 -34.76
N VAL L 913 -1.70 -119.90 -34.38
CA VAL L 913 -1.15 -119.84 -33.03
C VAL L 913 -2.22 -119.65 -31.96
N LEU L 914 -3.46 -119.36 -32.36
CA LEU L 914 -4.57 -119.47 -31.43
C LEU L 914 -5.19 -120.86 -31.39
N THR L 915 -5.01 -121.68 -32.42
CA THR L 915 -5.24 -123.11 -32.24
C THR L 915 -4.19 -123.72 -31.32
N ARG L 916 -3.00 -123.12 -31.29
CA ARG L 916 -2.03 -123.46 -30.25
C ARG L 916 -2.48 -123.02 -28.86
N SER L 917 -3.39 -122.05 -28.76
CA SER L 917 -3.76 -121.46 -27.49
C SER L 917 -4.73 -122.33 -26.71
N THR L 918 -5.16 -121.83 -25.56
CA THR L 918 -6.15 -122.50 -24.72
C THR L 918 -7.41 -121.65 -24.53
N ALA L 919 -7.52 -120.52 -25.22
CA ALA L 919 -8.64 -119.62 -25.04
C ALA L 919 -9.88 -120.15 -25.75
N ASN L 920 -11.03 -120.01 -25.10
CA ASN L 920 -12.30 -120.44 -25.69
C ASN L 920 -13.00 -119.32 -26.44
N VAL L 921 -12.93 -118.10 -25.90
CA VAL L 921 -13.52 -116.93 -26.53
C VAL L 921 -12.40 -115.98 -26.91
N LEU L 922 -12.69 -115.12 -27.89
CA LEU L 922 -11.71 -114.15 -28.35
C LEU L 922 -12.44 -113.01 -29.04
N LEU L 923 -11.73 -111.89 -29.17
CA LEU L 923 -12.24 -110.72 -29.89
C LEU L 923 -11.04 -109.90 -30.33
N ILE L 924 -10.85 -109.78 -31.64
CA ILE L 924 -9.68 -109.10 -32.19
C ILE L 924 -10.15 -107.95 -33.08
N GLN L 925 -9.27 -106.99 -33.29
CA GLN L 925 -9.55 -105.83 -34.13
C GLN L 925 -9.21 -106.18 -35.57
N VAL L 926 -10.24 -106.39 -36.38
CA VAL L 926 -10.05 -106.62 -37.80
C VAL L 926 -10.45 -105.34 -38.53
N ASN L 927 -10.08 -105.28 -39.80
CA ASN L 927 -10.34 -104.10 -40.60
C ASN L 927 -11.17 -104.56 -41.79
N CYS L 928 -12.49 -104.57 -41.60
CA CYS L 928 -13.42 -105.13 -42.58
C CYS L 928 -14.46 -104.08 -42.96
N PRO L 929 -14.65 -103.80 -44.24
CA PRO L 929 -15.75 -102.93 -44.65
C PRO L 929 -17.09 -103.66 -44.51
N THR L 930 -18.03 -103.00 -43.85
CA THR L 930 -19.38 -103.56 -43.70
C THR L 930 -20.35 -102.94 -44.70
N ASP L 931 -20.37 -101.62 -44.78
CA ASP L 931 -21.22 -100.89 -45.70
C ASP L 931 -20.45 -100.67 -47.00
N VAL L 932 -21.12 -100.07 -47.99
CA VAL L 932 -20.42 -99.59 -49.18
C VAL L 932 -19.48 -98.48 -48.78
N ILE L 933 -18.21 -98.60 -49.20
CA ILE L 933 -17.17 -97.70 -48.74
C ILE L 933 -17.37 -96.30 -49.30
N ARG L 934 -16.99 -95.30 -48.51
CA ARG L 934 -17.47 -93.94 -48.66
C ARG L 934 -16.37 -92.94 -48.95
N THR L 935 -15.09 -93.35 -48.84
CA THR L 935 -13.87 -92.53 -48.89
C THR L 935 -14.03 -91.22 -48.10
N ILE L 936 -14.09 -91.38 -46.77
CA ILE L 936 -14.25 -90.27 -45.84
C ILE L 936 -13.13 -89.25 -46.03
N LYS L 937 -13.53 -87.98 -46.16
CA LYS L 937 -12.60 -86.91 -46.48
C LYS L 937 -11.67 -86.64 -45.30
N GLY L 938 -10.37 -86.75 -45.53
CA GLY L 938 -9.38 -86.39 -44.55
C GLY L 938 -9.13 -87.42 -43.47
N TYR L 939 -9.90 -88.50 -43.43
CA TYR L 939 -9.66 -89.54 -42.43
C TYR L 939 -9.46 -90.92 -43.04
N LEU L 940 -10.33 -91.34 -43.96
CA LEU L 940 -10.25 -92.69 -44.53
C LEU L 940 -10.60 -92.60 -46.01
N GLU L 941 -9.60 -92.70 -46.87
CA GLU L 941 -9.91 -92.93 -48.28
C GLU L 941 -9.78 -94.42 -48.59
N ILE L 942 -10.18 -94.78 -49.79
CA ILE L 942 -10.38 -96.16 -50.17
C ILE L 942 -9.41 -96.54 -51.28
N ASP L 943 -9.35 -97.84 -51.56
CA ASP L 943 -8.52 -98.36 -52.63
C ASP L 943 -9.13 -99.68 -53.09
N GLN L 944 -9.62 -99.70 -54.33
CA GLN L 944 -10.24 -100.91 -54.86
C GLN L 944 -9.20 -101.97 -55.18
N THR L 945 -8.27 -101.64 -56.07
CA THR L 945 -7.37 -102.65 -56.62
C THR L 945 -6.27 -103.02 -55.64
N ASN L 946 -5.42 -102.06 -55.27
CA ASN L 946 -4.27 -102.36 -54.44
C ASN L 946 -4.63 -102.57 -52.97
N LYS L 947 -5.87 -102.24 -52.59
CA LYS L 947 -6.49 -102.68 -51.33
C LYS L 947 -5.73 -102.15 -50.11
N ARG L 948 -5.72 -100.83 -49.98
CA ARG L 948 -5.12 -100.14 -48.83
C ARG L 948 -6.11 -99.10 -48.34
N TYR L 949 -5.77 -98.43 -47.24
CA TYR L 949 -6.62 -97.38 -46.69
C TYR L 949 -5.94 -96.00 -46.59
N LYS L 950 -4.72 -95.95 -46.05
CA LYS L 950 -3.91 -94.72 -45.97
C LYS L 950 -4.61 -93.62 -45.15
N PHE L 951 -4.62 -93.83 -43.84
CA PHE L 951 -4.94 -92.78 -42.90
C PHE L 951 -4.00 -91.59 -43.09
N PRO L 952 -4.52 -90.40 -43.43
CA PRO L 952 -3.62 -89.23 -43.55
C PRO L 952 -3.35 -88.52 -42.24
N LYS L 953 -4.21 -88.67 -41.24
CA LYS L 953 -3.98 -87.99 -39.97
C LYS L 953 -2.85 -88.64 -39.19
N PHE L 954 -2.89 -89.97 -39.06
CA PHE L 954 -1.78 -90.70 -38.47
C PHE L 954 -0.61 -90.86 -39.42
N GLY L 955 -0.82 -90.64 -40.72
CA GLY L 955 0.20 -90.99 -41.69
C GLY L 955 0.42 -92.48 -41.82
N ARG L 956 -0.59 -93.27 -41.52
CA ARG L 956 -0.47 -94.72 -41.48
C ARG L 956 -1.29 -95.34 -42.61
N ASP L 957 -0.98 -96.59 -42.93
CA ASP L 957 -1.63 -97.28 -44.02
C ASP L 957 -1.55 -98.78 -43.79
N GLU L 958 -2.64 -99.46 -44.12
CA GLU L 958 -2.70 -100.91 -44.00
C GLU L 958 -3.74 -101.44 -44.98
N PRO L 959 -3.68 -102.72 -45.35
CA PRO L 959 -4.76 -103.30 -46.15
C PRO L 959 -6.05 -103.49 -45.38
N TYR L 960 -6.99 -104.19 -46.02
CA TYR L 960 -8.22 -104.61 -45.36
C TYR L 960 -8.59 -105.98 -45.88
N SER L 961 -9.12 -106.81 -44.99
CA SER L 961 -9.69 -108.08 -45.37
C SER L 961 -11.20 -108.05 -45.14
N ASP L 962 -11.93 -108.89 -45.87
CA ASP L 962 -13.38 -108.88 -45.81
C ASP L 962 -13.92 -110.09 -45.05
N MET L 963 -15.20 -109.99 -44.69
CA MET L 963 -15.78 -110.87 -43.69
C MET L 963 -16.00 -112.29 -44.21
N ASP L 964 -16.21 -112.46 -45.52
CA ASP L 964 -16.38 -113.82 -46.03
C ASP L 964 -15.07 -114.59 -46.05
N SER L 965 -13.97 -113.93 -46.41
CA SER L 965 -12.66 -114.57 -46.33
C SER L 965 -12.26 -114.81 -44.88
N LEU L 966 -12.62 -113.89 -43.99
CA LEU L 966 -12.41 -114.09 -42.56
C LEU L 966 -13.19 -115.28 -42.05
N GLU L 967 -14.42 -115.45 -42.54
CA GLU L 967 -15.24 -116.60 -42.19
C GLU L 967 -14.64 -117.89 -42.73
N ARG L 968 -14.06 -117.84 -43.94
CA ARG L 968 -13.41 -119.00 -44.53
C ARG L 968 -12.22 -119.46 -43.69
N ILE L 969 -11.37 -118.52 -43.29
CA ILE L 969 -10.21 -118.88 -42.47
C ILE L 969 -10.64 -119.33 -41.07
N CYS L 970 -11.68 -118.69 -40.52
CA CYS L 970 -12.13 -119.02 -39.18
C CYS L 970 -12.80 -120.39 -39.13
N ARG L 971 -13.55 -120.76 -40.17
CA ARG L 971 -14.14 -122.08 -40.21
C ARG L 971 -13.16 -123.16 -40.66
N ALA L 972 -12.13 -122.79 -41.43
CA ALA L 972 -11.08 -123.74 -41.73
C ALA L 972 -10.25 -124.06 -40.49
N ALA L 973 -10.10 -123.09 -39.58
CA ALA L 973 -9.43 -123.36 -38.33
C ALA L 973 -10.34 -124.12 -37.37
N TRP L 974 -11.47 -123.53 -37.01
CA TRP L 974 -12.39 -124.12 -36.06
C TRP L 974 -13.67 -124.54 -36.76
N PRO L 975 -13.97 -125.83 -36.83
CA PRO L 975 -15.27 -126.27 -37.33
C PRO L 975 -16.39 -126.19 -36.31
N ASN L 976 -16.12 -125.73 -35.09
CA ASN L 976 -17.10 -125.69 -34.01
C ASN L 976 -17.44 -124.28 -33.59
N CYS L 977 -16.74 -123.27 -34.11
CA CYS L 977 -16.86 -121.92 -33.61
C CYS L 977 -18.18 -121.26 -33.99
N SER L 978 -18.58 -120.28 -33.18
CA SER L 978 -19.76 -119.46 -33.43
C SER L 978 -19.35 -117.99 -33.39
N ILE L 979 -19.57 -117.29 -34.49
CA ILE L 979 -19.16 -115.89 -34.65
C ILE L 979 -20.39 -115.00 -34.49
N THR L 980 -20.22 -113.91 -33.74
CA THR L 980 -21.23 -112.87 -33.62
C THR L 980 -20.58 -111.52 -33.84
N TRP L 981 -20.91 -110.88 -34.96
CA TRP L 981 -20.45 -109.53 -35.23
C TRP L 981 -21.22 -108.57 -34.33
N VAL L 982 -20.49 -107.76 -33.58
CA VAL L 982 -21.16 -106.81 -32.67
C VAL L 982 -21.72 -105.65 -33.49
N PRO L 983 -22.85 -105.08 -33.09
CA PRO L 983 -23.35 -103.88 -33.77
C PRO L 983 -22.63 -102.65 -33.28
N LEU L 984 -22.81 -101.56 -34.00
CA LEU L 984 -22.18 -100.30 -33.62
C LEU L 984 -22.95 -99.68 -32.45
N SER L 985 -22.20 -99.06 -31.54
CA SER L 985 -22.76 -98.53 -30.30
C SER L 985 -23.57 -97.27 -30.61
N TYR L 986 -24.75 -97.49 -31.18
CA TYR L 986 -25.66 -96.40 -31.55
C TYR L 986 -26.48 -95.92 -30.37
N ASP L 987 -26.41 -96.63 -29.24
CA ASP L 987 -27.09 -96.29 -28.01
C ASP L 987 -26.24 -95.46 -27.05
N LEU L 988 -24.97 -95.20 -27.41
CA LEU L 988 -24.04 -94.33 -26.67
C LEU L 988 -23.76 -94.85 -25.26
N ARG L 989 -23.58 -96.18 -25.15
CA ARG L 989 -23.25 -96.77 -23.85
C ARG L 989 -21.82 -96.43 -23.42
N TRP L 990 -20.94 -96.23 -24.39
CA TRP L 990 -19.52 -95.99 -24.20
C TRP L 990 -19.21 -94.61 -23.63
N THR L 991 -20.18 -93.71 -23.62
CA THR L 991 -19.95 -92.30 -23.39
C THR L 991 -19.54 -92.00 -21.95
N LYS L 992 -19.82 -92.91 -21.01
CA LYS L 992 -19.43 -92.71 -19.62
C LYS L 992 -17.93 -92.76 -19.43
N LEU L 993 -17.23 -93.60 -20.21
CA LEU L 993 -15.78 -93.68 -20.09
C LEU L 993 -15.10 -92.48 -20.71
N ALA L 994 -15.80 -91.73 -21.57
CA ALA L 994 -15.26 -90.47 -22.09
C ALA L 994 -15.60 -89.30 -21.20
N LEU L 995 -16.79 -89.30 -20.61
CA LEU L 995 -17.18 -88.19 -19.75
C LEU L 995 -16.47 -88.23 -18.41
N LEU L 996 -16.32 -89.41 -17.82
CA LEU L 996 -15.67 -89.50 -16.51
C LEU L 996 -14.17 -89.26 -16.58
N GLU L 997 -13.58 -89.29 -17.76
CA GLU L 997 -12.21 -88.84 -17.95
C GLU L 997 -12.11 -87.35 -18.25
N SER L 998 -13.24 -86.63 -18.19
CA SER L 998 -13.32 -85.16 -18.30
C SER L 998 -12.75 -84.64 -19.61
N THR L 999 -13.42 -85.02 -20.70
CA THR L 999 -13.02 -84.61 -22.04
C THR L 999 -14.25 -84.38 -22.90
N THR L 1000 -14.34 -83.20 -23.51
CA THR L 1000 -15.44 -82.89 -24.42
C THR L 1000 -15.26 -83.63 -25.75
N LEU L 1001 -16.33 -83.65 -26.54
CA LEU L 1001 -16.42 -84.62 -27.62
C LEU L 1001 -16.48 -84.03 -29.03
N SER L 1002 -17.13 -82.88 -29.23
CA SER L 1002 -17.23 -82.18 -30.52
C SER L 1002 -17.89 -83.05 -31.59
N SER L 1003 -19.21 -83.22 -31.42
CA SER L 1003 -20.08 -84.22 -32.05
C SER L 1003 -19.90 -84.50 -33.55
N ALA L 1004 -19.31 -83.57 -34.30
CA ALA L 1004 -18.86 -83.91 -35.65
C ALA L 1004 -17.81 -85.03 -35.59
N SER L 1005 -16.96 -85.01 -34.56
CA SER L 1005 -16.00 -86.08 -34.35
C SER L 1005 -16.68 -87.41 -34.06
N VAL L 1006 -17.80 -87.41 -33.32
CA VAL L 1006 -18.43 -88.70 -33.04
C VAL L 1006 -19.26 -89.18 -34.23
N ARG L 1007 -19.71 -88.26 -35.09
CA ARG L 1007 -20.33 -88.68 -36.34
C ARG L 1007 -19.31 -89.34 -37.26
N ILE L 1008 -18.13 -88.73 -37.39
CA ILE L 1008 -17.03 -89.35 -38.12
C ILE L 1008 -16.57 -90.64 -37.46
N ALA L 1009 -16.69 -90.71 -36.13
CA ALA L 1009 -16.32 -91.93 -35.41
C ALA L 1009 -17.28 -93.08 -35.70
N GLU L 1010 -18.57 -92.78 -35.83
CA GLU L 1010 -19.52 -93.81 -36.24
C GLU L 1010 -19.26 -94.27 -37.67
N LEU L 1011 -19.07 -93.29 -38.58
CA LEU L 1011 -18.80 -93.61 -39.99
C LEU L 1011 -17.49 -94.33 -40.18
N MET L 1012 -16.57 -94.21 -39.24
CA MET L 1012 -15.31 -94.95 -39.24
C MET L 1012 -15.44 -96.31 -38.58
N TYR L 1013 -16.16 -96.40 -37.45
CA TYR L 1013 -16.32 -97.67 -36.75
C TYR L 1013 -17.12 -98.69 -37.55
N LYS L 1014 -17.95 -98.23 -38.50
CA LYS L 1014 -18.51 -99.23 -39.40
C LYS L 1014 -17.50 -99.74 -40.45
N TYR L 1015 -16.23 -99.31 -40.42
CA TYR L 1015 -15.24 -99.79 -41.37
C TYR L 1015 -14.11 -100.59 -40.74
N MET L 1016 -13.97 -100.58 -39.42
CA MET L 1016 -13.18 -101.61 -38.73
C MET L 1016 -13.90 -102.06 -37.45
N PRO L 1017 -14.86 -102.97 -37.58
CA PRO L 1017 -15.53 -103.51 -36.40
C PRO L 1017 -14.74 -104.70 -35.85
N ILE L 1018 -15.28 -105.28 -34.78
CA ILE L 1018 -14.77 -106.53 -34.22
C ILE L 1018 -15.91 -107.53 -34.18
N MET L 1019 -15.61 -108.73 -33.68
CA MET L 1019 -16.60 -109.78 -33.52
C MET L 1019 -16.30 -110.55 -32.25
N ARG L 1020 -17.25 -111.38 -31.84
CA ARG L 1020 -17.05 -112.27 -30.70
C ARG L 1020 -17.16 -113.71 -31.21
N ILE L 1021 -16.12 -114.49 -30.98
CA ILE L 1021 -16.06 -115.87 -31.44
C ILE L 1021 -15.82 -116.77 -30.23
N ASP L 1022 -16.78 -117.62 -29.93
CA ASP L 1022 -16.55 -118.73 -29.00
C ASP L 1022 -15.98 -119.89 -29.81
N ILE L 1023 -15.22 -120.75 -29.12
CA ILE L 1023 -14.71 -121.94 -29.79
C ILE L 1023 -15.83 -122.97 -29.97
N HIS L 1024 -16.92 -122.85 -29.21
CA HIS L 1024 -18.09 -123.71 -29.36
C HIS L 1024 -19.21 -122.94 -30.04
N GLY L 1025 -20.27 -123.68 -30.38
CA GLY L 1025 -21.44 -123.10 -31.04
C GLY L 1025 -21.77 -123.78 -32.35
CA ALA M 2 -51.29 -62.89 -3.93
C ALA M 2 -50.52 -61.60 -3.78
N ASN M 3 -51.02 -60.70 -2.94
CA ASN M 3 -50.42 -59.38 -2.72
C ASN M 3 -50.21 -59.12 -1.24
N VAL M 4 -48.97 -59.28 -0.77
CA VAL M 4 -48.68 -59.24 0.66
C VAL M 4 -48.83 -57.82 1.21
N TRP M 5 -48.15 -56.88 0.64
CA TRP M 5 -48.64 -55.50 0.60
C TRP M 5 -48.53 -54.91 -0.80
N GLY M 6 -47.43 -55.18 -1.48
CA GLY M 6 -47.34 -55.06 -2.92
C GLY M 6 -47.37 -56.47 -3.46
N VAL M 7 -47.76 -56.62 -4.72
CA VAL M 7 -48.07 -57.93 -5.26
C VAL M 7 -46.78 -58.70 -5.52
N ARG M 8 -46.83 -60.02 -5.32
CA ARG M 8 -45.75 -60.91 -5.66
C ARG M 8 -46.31 -62.04 -6.51
N LEU M 9 -45.49 -62.55 -7.40
CA LEU M 9 -45.92 -63.60 -8.33
C LEU M 9 -45.26 -64.89 -7.87
N ALA M 10 -45.93 -65.60 -6.97
CA ALA M 10 -45.31 -66.85 -6.53
C ALA M 10 -45.62 -67.99 -7.49
N ASP M 11 -46.86 -68.48 -7.46
CA ASP M 11 -47.44 -69.53 -8.31
C ASP M 11 -46.76 -70.90 -8.19
N SER M 12 -45.66 -70.95 -7.45
CA SER M 12 -44.72 -72.02 -7.18
C SER M 12 -43.66 -71.35 -6.33
N LEU M 13 -42.71 -72.13 -5.82
CA LEU M 13 -41.64 -71.53 -5.05
C LEU M 13 -40.37 -72.34 -5.20
N SER M 14 -39.25 -71.65 -5.36
CA SER M 14 -37.96 -72.27 -5.61
C SER M 14 -36.97 -71.79 -4.56
N SER M 15 -35.85 -72.51 -4.48
CA SER M 15 -34.80 -72.25 -3.51
C SER M 15 -33.54 -72.92 -3.99
N PRO M 16 -32.36 -72.38 -3.66
CA PRO M 16 -31.10 -73.09 -3.96
C PRO M 16 -30.95 -74.32 -3.08
N THR M 17 -30.84 -75.48 -3.73
CA THR M 17 -30.78 -76.73 -2.98
C THR M 17 -29.34 -77.14 -2.69
N ILE M 18 -28.54 -77.32 -3.72
CA ILE M 18 -27.15 -77.72 -3.56
C ILE M 18 -26.35 -76.52 -3.06
N GLU M 19 -25.33 -76.80 -2.26
CA GLU M 19 -24.61 -75.78 -1.51
C GLU M 19 -23.11 -76.01 -1.58
N THR M 20 -22.36 -74.95 -1.88
CA THR M 20 -20.91 -74.99 -1.72
C THR M 20 -20.56 -74.99 -0.24
N ARG M 21 -19.87 -76.03 0.22
CA ARG M 21 -19.13 -75.88 1.45
C ARG M 21 -17.91 -75.01 1.18
N THR M 22 -17.62 -74.12 2.10
CA THR M 22 -16.60 -73.12 1.85
C THR M 22 -15.23 -73.60 2.34
N ARG M 23 -14.19 -73.07 1.70
CA ARG M 23 -12.84 -73.25 2.20
C ARG M 23 -12.55 -72.21 3.27
N HIS M 24 -11.36 -72.29 3.83
CA HIS M 24 -10.94 -71.35 4.84
C HIS M 24 -9.69 -70.60 4.38
N TYR M 25 -9.14 -69.82 5.30
CA TYR M 25 -7.98 -68.97 5.05
C TYR M 25 -6.72 -69.76 4.76
N THR M 26 -5.89 -69.23 3.85
CA THR M 26 -4.46 -69.53 3.81
C THR M 26 -3.69 -68.23 3.63
N LEU M 27 -2.47 -68.21 4.15
CA LEU M 27 -1.67 -67.00 4.06
C LEU M 27 -1.14 -66.78 2.65
N HIS M 28 -0.98 -67.87 1.90
CA HIS M 28 -0.68 -67.76 0.48
C HIS M 28 -1.79 -67.04 -0.25
N ASP M 29 -3.05 -67.35 0.08
CA ASP M 29 -4.18 -66.62 -0.50
C ASP M 29 -4.22 -65.19 0.00
N PHE M 30 -3.79 -64.96 1.25
CA PHE M 30 -3.74 -63.60 1.79
C PHE M 30 -2.78 -62.73 0.99
N TYR M 31 -1.60 -63.25 0.70
CA TYR M 31 -0.65 -62.50 -0.14
C TYR M 31 -1.19 -62.37 -1.55
N SER M 32 -1.86 -63.42 -2.05
CA SER M 32 -2.36 -63.43 -3.42
C SER M 32 -3.43 -62.35 -3.64
N ASP M 33 -4.34 -62.19 -2.70
CA ASP M 33 -5.36 -61.17 -2.88
C ASP M 33 -5.00 -59.84 -2.23
N LEU M 34 -3.88 -59.77 -1.51
CA LEU M 34 -3.36 -58.47 -1.13
C LEU M 34 -2.56 -57.87 -2.28
N ASP M 35 -1.91 -58.70 -3.08
CA ASP M 35 -1.36 -58.26 -4.35
C ASP M 35 -2.53 -57.99 -5.29
N ALA M 36 -2.80 -56.72 -5.58
CA ALA M 36 -3.95 -56.32 -6.37
C ALA M 36 -3.68 -56.65 -7.84
N SER M 37 -3.94 -57.92 -8.19
CA SER M 37 -3.80 -58.35 -9.56
C SER M 37 -4.93 -57.81 -10.42
N VAL M 38 -4.74 -57.92 -11.73
CA VAL M 38 -5.79 -57.51 -12.67
C VAL M 38 -6.95 -58.49 -12.61
N GLY M 39 -6.65 -59.78 -12.48
CA GLY M 39 -7.70 -60.78 -12.44
C GLY M 39 -8.48 -60.77 -11.15
N LYS M 40 -7.81 -60.52 -10.03
CA LYS M 40 -8.49 -60.45 -8.75
C LYS M 40 -7.81 -59.43 -7.85
N GLU M 41 -8.62 -58.76 -7.05
CA GLU M 41 -8.19 -57.64 -6.22
C GLU M 41 -9.27 -57.41 -5.17
N PRO M 42 -8.94 -56.86 -4.00
CA PRO M 42 -9.92 -56.83 -2.90
C PRO M 42 -11.06 -55.85 -3.09
N TRP M 43 -11.06 -55.03 -4.14
CA TRP M 43 -12.20 -54.17 -4.41
C TRP M 43 -12.85 -54.56 -5.73
N ARG M 44 -14.02 -53.97 -5.98
CA ARG M 44 -14.75 -54.16 -7.21
C ARG M 44 -15.61 -52.93 -7.41
N PRO M 45 -15.51 -52.26 -8.54
CA PRO M 45 -16.22 -50.99 -8.72
C PRO M 45 -17.69 -51.18 -9.09
N LEU M 46 -18.48 -50.18 -8.70
CA LEU M 46 -19.87 -50.07 -9.13
C LEU M 46 -20.01 -48.78 -9.93
N ARG M 47 -20.87 -48.81 -10.94
CA ARG M 47 -21.00 -47.68 -11.85
C ARG M 47 -22.46 -47.24 -11.93
N ASN M 48 -22.64 -46.08 -12.55
CA ASN M 48 -23.96 -45.55 -12.81
C ASN M 48 -24.63 -46.38 -13.91
N GLN M 49 -25.95 -46.31 -13.95
CA GLN M 49 -26.68 -46.94 -15.03
C GLN M 49 -26.94 -45.99 -16.19
N ARG M 50 -26.58 -44.72 -16.07
CA ARG M 50 -26.80 -43.73 -17.12
C ARG M 50 -25.50 -43.30 -17.79
N THR M 51 -24.47 -43.02 -17.00
CA THR M 51 -23.17 -42.63 -17.55
C THR M 51 -22.14 -43.73 -17.52
N ASN M 52 -22.42 -44.83 -16.79
CA ASN M 52 -21.48 -45.92 -16.53
C ASN M 52 -20.18 -45.43 -15.90
N GLU M 53 -20.29 -44.38 -15.08
CA GLU M 53 -19.14 -43.83 -14.38
C GLU M 53 -19.11 -44.38 -12.96
N ILE M 54 -17.90 -44.67 -12.48
CA ILE M 54 -17.72 -45.35 -11.19
C ILE M 54 -18.05 -44.36 -10.08
N VAL M 55 -19.15 -44.60 -9.38
CA VAL M 55 -19.57 -43.74 -8.29
C VAL M 55 -19.50 -44.42 -6.93
N ALA M 56 -19.28 -45.73 -6.90
CA ALA M 56 -19.17 -46.45 -5.64
C ALA M 56 -18.31 -47.68 -5.87
N VAL M 57 -17.70 -48.17 -4.80
CA VAL M 57 -16.88 -49.37 -4.85
C VAL M 57 -17.42 -50.37 -3.84
N GLN M 58 -17.10 -51.64 -4.08
CA GLN M 58 -17.43 -52.71 -3.15
C GLN M 58 -16.15 -53.44 -2.79
N LEU M 59 -15.91 -53.58 -1.50
CA LEU M 59 -14.73 -54.26 -1.00
C LEU M 59 -15.15 -55.43 -0.13
N PHE M 60 -14.21 -56.34 0.11
CA PHE M 60 -14.52 -57.60 0.78
C PHE M 60 -13.30 -58.04 1.57
N ARG M 61 -13.23 -59.35 1.86
CA ARG M 61 -12.45 -60.10 2.85
C ARG M 61 -11.06 -59.59 3.25
N PRO M 62 -10.16 -59.16 2.35
CA PRO M 62 -8.86 -58.67 2.84
C PRO M 62 -8.91 -57.35 3.60
N LEU M 63 -9.99 -56.59 3.51
CA LEU M 63 -10.08 -55.36 4.29
C LEU M 63 -11.52 -55.13 4.73
N GLN M 64 -11.69 -54.88 6.02
CA GLN M 64 -12.99 -54.49 6.55
C GLN M 64 -12.86 -53.41 7.61
N GLY M 65 -11.66 -53.05 8.01
CA GLY M 65 -11.47 -52.18 9.15
C GLY M 65 -11.41 -50.71 8.83
N LEU M 66 -12.30 -50.23 7.96
CA LEU M 66 -12.32 -48.82 7.59
C LEU M 66 -13.26 -48.02 8.48
N VAL M 67 -13.42 -48.41 9.74
CA VAL M 67 -14.42 -47.87 10.64
C VAL M 67 -14.15 -46.40 11.01
N PHE M 68 -12.94 -45.93 10.82
CA PHE M 68 -12.62 -44.55 11.15
C PHE M 68 -13.11 -43.60 10.05
N ASP M 69 -12.81 -42.33 10.23
CA ASP M 69 -13.35 -41.29 9.37
C ASP M 69 -12.49 -41.11 8.13
N THR M 70 -13.17 -40.92 6.98
CA THR M 70 -12.48 -40.71 5.72
C THR M 70 -11.74 -39.38 5.66
N GLN M 71 -12.05 -38.44 6.55
CA GLN M 71 -11.20 -37.26 6.69
C GLN M 71 -9.85 -37.64 7.28
N LEU M 72 -9.85 -38.58 8.23
CA LEU M 72 -8.59 -39.09 8.75
C LEU M 72 -7.86 -39.95 7.73
N TYR M 73 -8.60 -40.63 6.86
CA TYR M 73 -7.92 -41.43 5.84
C TYR M 73 -7.35 -40.56 4.72
N GLY M 74 -8.20 -39.84 4.00
CA GLY M 74 -7.74 -38.96 2.94
C GLY M 74 -7.56 -39.61 1.58
N PHE M 75 -8.62 -40.17 1.06
CA PHE M 75 -8.56 -40.77 -0.26
C PHE M 75 -8.86 -39.74 -1.34
N PRO M 76 -8.33 -39.90 -2.55
CA PRO M 76 -8.65 -38.97 -3.64
C PRO M 76 -10.05 -39.22 -4.19
N GLY M 77 -10.40 -38.44 -5.21
CA GLY M 77 -11.75 -38.46 -5.75
C GLY M 77 -11.94 -39.30 -7.00
N THR M 78 -10.88 -39.57 -7.73
CA THR M 78 -11.01 -40.41 -8.91
C THR M 78 -10.67 -41.85 -8.60
N PHE M 79 -11.35 -42.76 -9.29
CA PHE M 79 -11.20 -44.18 -9.01
C PHE M 79 -9.82 -44.71 -9.37
N SER M 80 -9.19 -44.17 -10.42
CA SER M 80 -7.88 -44.65 -10.84
C SER M 80 -6.80 -44.24 -9.85
N GLN M 81 -6.83 -42.98 -9.42
CA GLN M 81 -5.89 -42.53 -8.39
C GLN M 81 -6.15 -43.21 -7.07
N TRP M 82 -7.42 -43.47 -6.75
CA TRP M 82 -7.74 -44.19 -5.51
C TRP M 82 -7.22 -45.61 -5.55
N GLU M 83 -7.34 -46.31 -6.68
CA GLU M 83 -6.91 -47.69 -6.72
C GLU M 83 -5.38 -47.81 -6.78
N GLN M 84 -4.68 -46.86 -7.41
CA GLN M 84 -3.23 -46.93 -7.34
C GLN M 84 -2.73 -46.51 -5.96
N PHE M 85 -3.45 -45.62 -5.27
CA PHE M 85 -3.11 -45.26 -3.90
C PHE M 85 -3.27 -46.46 -2.97
N MET M 86 -4.38 -47.19 -3.12
CA MET M 86 -4.59 -48.41 -2.35
C MET M 86 -3.53 -49.46 -2.69
N LYS M 87 -3.12 -49.53 -3.96
CA LYS M 87 -2.10 -50.47 -4.38
C LYS M 87 -0.77 -50.19 -3.71
N GLU M 88 -0.35 -48.93 -3.68
CA GLU M 88 0.95 -48.64 -3.09
C GLU M 88 0.94 -48.72 -1.57
N LYS M 89 -0.18 -48.37 -0.92
CA LYS M 89 -0.24 -48.53 0.53
C LYS M 89 -0.27 -49.99 0.94
N LEU M 90 -1.01 -50.82 0.19
CA LEU M 90 -0.95 -52.26 0.42
C LEU M 90 0.42 -52.84 0.10
N ARG M 91 1.16 -52.21 -0.82
CA ARG M 91 2.51 -52.64 -1.11
C ARG M 91 3.46 -52.37 0.06
N VAL M 92 3.31 -51.21 0.69
CA VAL M 92 4.14 -50.86 1.85
C VAL M 92 3.83 -51.79 3.03
N LEU M 93 2.54 -51.98 3.33
CA LEU M 93 2.17 -52.87 4.42
C LEU M 93 2.49 -54.33 4.09
N LYS M 94 2.45 -54.68 2.81
CA LYS M 94 2.88 -55.98 2.30
C LYS M 94 4.34 -56.24 2.64
N TYR M 95 5.20 -55.25 2.34
CA TYR M 95 6.62 -55.39 2.66
C TYR M 95 6.85 -55.47 4.16
N GLU M 96 6.06 -54.72 4.94
CA GLU M 96 6.22 -54.75 6.40
C GLU M 96 5.84 -56.12 6.99
N VAL M 97 4.69 -56.65 6.57
CA VAL M 97 4.24 -57.92 7.14
C VAL M 97 5.06 -59.08 6.60
N LEU M 98 5.65 -58.95 5.41
CA LEU M 98 6.54 -59.99 4.93
C LEU M 98 7.92 -59.87 5.54
N ARG M 99 8.30 -58.69 6.04
CA ARG M 99 9.47 -58.61 6.90
C ARG M 99 9.22 -59.37 8.19
N ILE M 100 8.09 -59.11 8.84
CA ILE M 100 7.90 -59.66 10.17
C ILE M 100 7.48 -61.13 10.14
N TYR M 101 6.97 -61.64 9.02
CA TYR M 101 6.68 -63.06 8.92
C TYR M 101 7.26 -63.63 7.63
N PRO M 102 8.04 -64.70 7.72
CA PRO M 102 8.51 -65.38 6.51
C PRO M 102 7.43 -66.27 5.92
N ILE M 103 7.46 -66.40 4.59
CA ILE M 103 6.48 -67.22 3.90
C ILE M 103 6.78 -68.71 4.05
N SER M 104 8.05 -69.06 4.24
CA SER M 104 8.46 -70.46 4.22
C SER M 104 7.96 -71.21 5.45
N THR M 105 8.14 -70.63 6.63
CA THR M 105 7.59 -71.24 7.83
C THR M 105 6.08 -71.07 7.89
N TYR M 106 5.58 -69.88 7.57
CA TYR M 106 4.15 -69.60 7.58
C TYR M 106 3.54 -69.77 6.20
N ASN M 107 3.78 -70.92 5.57
CA ASN M 107 3.19 -71.20 4.27
C ASN M 107 1.69 -71.46 4.36
N HIS M 108 1.24 -72.17 5.40
CA HIS M 108 -0.15 -72.61 5.44
C HIS M 108 -0.77 -72.46 6.82
N ASP M 109 -0.38 -71.44 7.56
CA ASP M 109 -0.94 -71.21 8.88
C ASP M 109 -2.09 -70.21 8.82
N ARG M 110 -2.91 -70.22 9.87
CA ARG M 110 -4.16 -69.49 9.87
C ARG M 110 -3.94 -68.05 10.31
N VAL M 111 -5.04 -67.32 10.49
CA VAL M 111 -5.01 -65.92 10.89
C VAL M 111 -6.31 -65.62 11.61
N ASN M 112 -6.33 -64.50 12.32
CA ASN M 112 -7.58 -63.85 12.68
C ASN M 112 -7.92 -62.86 11.57
N VAL M 113 -9.09 -63.06 10.96
CA VAL M 113 -9.60 -62.12 9.96
C VAL M 113 -9.84 -60.76 10.59
N PHE M 114 -10.22 -60.74 11.87
CA PHE M 114 -10.39 -59.50 12.62
C PHE M 114 -9.07 -58.76 12.75
N VAL M 115 -7.99 -59.48 13.07
CA VAL M 115 -6.67 -58.86 13.17
C VAL M 115 -6.19 -58.37 11.82
N ALA M 116 -6.52 -59.10 10.75
CA ALA M 116 -6.12 -58.67 9.41
C ALA M 116 -6.83 -57.38 9.00
N ASN M 117 -8.14 -57.32 9.23
CA ASN M 117 -8.90 -56.13 8.84
C ASN M 117 -8.55 -54.94 9.72
N ALA M 118 -8.39 -55.16 11.01
CA ALA M 118 -8.00 -54.06 11.89
C ALA M 118 -6.56 -53.65 11.64
N LEU M 119 -5.72 -54.57 11.14
CA LEU M 119 -4.35 -54.23 10.81
C LEU M 119 -4.28 -53.31 9.60
N VAL M 120 -5.02 -53.65 8.53
CA VAL M 120 -5.01 -52.78 7.36
C VAL M 120 -5.74 -51.49 7.65
N GLY M 121 -6.70 -51.50 8.57
CA GLY M 121 -7.37 -50.26 8.94
C GLY M 121 -6.50 -49.35 9.78
N ALA M 122 -5.75 -49.92 10.72
CA ALA M 122 -4.83 -49.12 11.52
C ALA M 122 -3.65 -48.64 10.69
N PHE M 123 -3.29 -49.38 9.64
CA PHE M 123 -2.22 -48.90 8.77
C PHE M 123 -2.72 -47.76 7.89
N LEU M 124 -3.96 -47.85 7.39
CA LEU M 124 -4.48 -46.76 6.59
C LEU M 124 -4.79 -45.53 7.43
N SER M 125 -5.18 -45.73 8.69
CA SER M 125 -5.49 -44.61 9.58
C SER M 125 -4.30 -44.17 10.41
N ASN M 126 -3.17 -44.87 10.30
CA ASN M 126 -1.90 -44.50 10.92
C ASN M 126 -2.03 -44.46 12.44
N GLN M 127 -2.52 -45.55 13.02
CA GLN M 127 -2.90 -45.59 14.43
C GLN M 127 -2.15 -46.68 15.19
N ALA M 128 -0.84 -46.80 14.95
CA ALA M 128 0.10 -47.61 15.73
C ALA M 128 -0.30 -49.09 15.76
N PHE M 129 -0.22 -49.69 14.58
CA PHE M 129 -0.65 -51.07 14.35
C PHE M 129 0.30 -52.11 14.92
N TYR M 130 1.47 -51.71 15.41
CA TYR M 130 2.53 -52.68 15.68
C TYR M 130 2.24 -53.55 16.90
N ASP M 131 1.48 -53.03 17.87
CA ASP M 131 1.04 -53.88 18.97
C ASP M 131 0.03 -54.92 18.49
N LEU M 132 -0.78 -54.55 17.50
CA LEU M 132 -1.73 -55.48 16.90
C LEU M 132 -1.03 -56.48 15.99
N LEU M 133 0.18 -56.17 15.55
CA LEU M 133 0.89 -57.00 14.57
C LEU M 133 1.21 -58.44 15.02
N PRO M 134 1.82 -58.72 16.20
CA PRO M 134 2.20 -60.11 16.48
C PRO M 134 1.04 -61.03 16.84
N LEU M 135 -0.19 -60.51 16.93
CA LEU M 135 -1.36 -61.33 17.16
C LEU M 135 -1.97 -61.84 15.86
N LEU M 136 -1.17 -61.88 14.79
CA LEU M 136 -1.71 -62.18 13.47
C LEU M 136 -1.99 -63.67 13.33
N ILE M 137 -0.96 -64.50 13.47
CA ILE M 137 -1.12 -65.94 13.38
C ILE M 137 -1.87 -66.45 14.60
N VAL M 138 -2.96 -67.16 14.36
CA VAL M 138 -3.87 -67.52 15.44
C VAL M 138 -3.33 -68.76 16.14
N ASN M 139 -3.78 -69.00 17.36
CA ASN M 139 -3.48 -70.17 18.16
C ASN M 139 -4.47 -71.29 17.83
N ASP M 140 -4.53 -72.28 18.73
CA ASP M 140 -5.40 -73.46 18.66
C ASP M 140 -6.85 -73.14 18.32
N THR M 141 -7.43 -72.14 18.95
CA THR M 141 -8.83 -71.78 18.70
C THR M 141 -8.89 -70.44 17.98
N MET M 142 -10.11 -69.98 17.74
CA MET M 142 -10.30 -68.76 16.96
C MET M 142 -10.47 -67.54 17.85
N ILE M 143 -11.13 -67.67 18.99
CA ILE M 143 -11.59 -66.51 19.74
C ILE M 143 -10.86 -66.33 21.08
N SER M 144 -10.16 -67.35 21.57
CA SER M 144 -9.45 -67.23 22.86
C SER M 144 -8.29 -66.25 22.79
N ASP M 145 -7.70 -66.09 21.61
CA ASP M 145 -6.71 -65.04 21.42
C ASP M 145 -7.35 -63.66 21.54
N LEU M 146 -8.64 -63.55 21.27
CA LEU M 146 -9.30 -62.26 21.42
C LEU M 146 -9.68 -62.03 22.87
N LEU M 147 -10.09 -63.11 23.56
CA LEU M 147 -10.45 -62.97 24.96
C LEU M 147 -9.23 -62.66 25.82
N GLY M 148 -8.18 -63.48 25.73
CA GLY M 148 -6.95 -63.11 26.38
C GLY M 148 -6.21 -62.17 25.45
N THR M 149 -6.37 -60.88 25.66
CA THR M 149 -5.92 -59.89 24.70
C THR M 149 -4.42 -59.67 24.81
N GLY M 150 -3.80 -59.41 23.66
CA GLY M 150 -2.41 -58.99 23.63
C GLY M 150 -2.30 -57.58 24.17
N ALA M 151 -2.92 -56.66 23.46
CA ALA M 151 -3.16 -55.31 23.95
C ALA M 151 -4.64 -55.02 23.73
N ALA M 152 -5.31 -54.54 24.77
CA ALA M 152 -6.71 -54.18 24.65
C ALA M 152 -6.82 -52.97 23.73
N LEU M 153 -7.53 -53.14 22.61
CA LEU M 153 -7.66 -52.10 21.60
C LEU M 153 -9.14 -51.83 21.38
N SER M 154 -9.72 -51.01 22.27
CA SER M 154 -11.17 -50.78 22.27
C SER M 154 -11.63 -49.90 21.11
N GLN M 155 -10.69 -49.28 20.39
CA GLN M 155 -11.03 -48.58 19.16
C GLN M 155 -11.40 -49.55 18.05
N PHE M 156 -11.05 -50.82 18.18
CA PHE M 156 -11.33 -51.86 17.21
C PHE M 156 -12.22 -52.96 17.76
N PHE M 157 -11.96 -53.43 18.97
CA PHE M 157 -12.71 -54.54 19.56
C PHE M 157 -12.48 -54.56 21.07
N GLN M 158 -13.54 -54.82 21.81
CA GLN M 158 -13.45 -54.93 23.25
C GLN M 158 -14.07 -56.25 23.70
N SER M 159 -13.57 -56.77 24.82
CA SER M 159 -14.05 -58.03 25.36
C SER M 159 -15.08 -57.79 26.44
N HIS M 160 -15.95 -58.78 26.64
CA HIS M 160 -17.01 -58.67 27.64
C HIS M 160 -17.21 -59.95 28.41
N GLY M 161 -16.15 -60.72 28.62
CA GLY M 161 -16.32 -61.96 29.37
C GLY M 161 -17.06 -63.03 28.61
N GLU M 162 -16.36 -63.64 27.64
CA GLU M 162 -16.76 -64.72 26.71
C GLU M 162 -17.61 -64.20 25.56
N VAL M 163 -17.77 -62.88 25.44
CA VAL M 163 -18.48 -62.27 24.32
C VAL M 163 -17.60 -61.16 23.76
N LEU M 164 -17.27 -61.26 22.48
CA LEU M 164 -16.43 -60.28 21.81
C LEU M 164 -17.29 -59.28 21.05
N GLU M 165 -17.08 -57.99 21.32
CA GLU M 165 -17.70 -56.92 20.56
C GLU M 165 -16.71 -56.39 19.53
N VAL M 166 -17.14 -56.35 18.26
CA VAL M 166 -16.37 -55.73 17.19
C VAL M 166 -17.27 -54.73 16.48
N ALA M 167 -16.63 -53.81 15.78
CA ALA M 167 -17.32 -52.76 15.03
C ALA M 167 -17.05 -52.99 13.54
N ALA M 168 -17.86 -53.84 12.91
CA ALA M 168 -17.77 -54.05 11.48
C ALA M 168 -18.31 -52.82 10.76
N GLY M 169 -17.51 -52.25 9.85
CA GLY M 169 -17.91 -51.04 9.16
C GLY M 169 -17.42 -51.04 7.72
N ARG M 170 -18.08 -50.22 6.91
CA ARG M 170 -17.67 -49.84 5.56
C ARG M 170 -17.56 -51.05 4.63
N LYS M 171 -18.71 -51.69 4.40
CA LYS M 171 -18.77 -52.67 3.31
C LYS M 171 -18.62 -51.97 1.96
N TYR M 172 -19.24 -50.81 1.81
CA TYR M 172 -19.11 -50.00 0.61
C TYR M 172 -18.39 -48.72 0.95
N LEU M 173 -17.99 -47.99 -0.10
CA LEU M 173 -17.34 -46.69 0.07
C LEU M 173 -17.83 -45.76 -1.02
N GLN M 174 -18.33 -44.61 -0.62
CA GLN M 174 -18.85 -43.62 -1.55
C GLN M 174 -17.73 -42.84 -2.22
N MET M 175 -17.82 -42.68 -3.52
CA MET M 175 -16.95 -41.77 -4.23
C MET M 175 -17.66 -40.43 -4.37
N ASN M 176 -16.88 -39.35 -4.50
CA ASN M 176 -17.42 -37.99 -4.43
C ASN M 176 -18.35 -37.64 -5.59
N ASN M 177 -18.28 -38.36 -6.71
CA ASN M 177 -19.22 -38.10 -7.81
C ASN M 177 -20.60 -38.68 -7.57
N TYR M 178 -20.79 -39.47 -6.51
CA TYR M 178 -22.12 -39.92 -6.12
C TYR M 178 -22.92 -38.74 -5.59
N SER M 179 -24.13 -38.57 -6.11
CA SER M 179 -24.91 -37.37 -5.81
C SER M 179 -26.37 -37.68 -5.56
N ASN M 180 -26.66 -38.87 -5.02
CA ASN M 180 -28.00 -39.32 -4.62
C ASN M 180 -28.97 -39.34 -5.80
N ASP M 181 -28.48 -39.61 -7.00
CA ASP M 181 -29.37 -39.82 -8.13
C ASP M 181 -30.11 -41.14 -7.96
N ASP M 182 -31.35 -41.18 -8.44
CA ASP M 182 -32.10 -42.41 -8.31
C ASP M 182 -31.61 -43.49 -9.26
N ASP M 183 -30.96 -43.09 -10.35
CA ASP M 183 -30.34 -44.04 -11.26
C ASP M 183 -29.00 -44.54 -10.72
N ASP M 184 -28.40 -43.83 -9.78
CA ASP M 184 -27.23 -44.32 -9.08
C ASP M 184 -27.60 -45.51 -8.20
N PRO M 185 -26.65 -46.41 -7.93
CA PRO M 185 -26.97 -47.58 -7.10
C PRO M 185 -27.13 -47.19 -5.66
N PRO M 186 -27.99 -47.89 -4.90
CA PRO M 186 -28.16 -47.60 -3.48
C PRO M 186 -26.94 -48.03 -2.67
N LEU M 187 -26.89 -47.56 -1.44
CA LEU M 187 -25.77 -47.85 -0.57
C LEU M 187 -26.17 -48.53 0.73
N PHE M 188 -27.43 -48.42 1.15
CA PHE M 188 -27.99 -49.11 2.33
C PHE M 188 -27.27 -48.73 3.63
N ALA M 189 -26.82 -47.48 3.70
CA ALA M 189 -26.12 -46.91 4.86
C ALA M 189 -24.89 -47.70 5.25
N LYS M 190 -24.21 -48.30 4.28
CA LYS M 190 -23.04 -49.12 4.52
C LYS M 190 -21.75 -48.34 4.32
N ASP M 191 -21.82 -47.03 4.19
CA ASP M 191 -20.65 -46.19 4.01
C ASP M 191 -20.44 -45.21 5.15
N LEU M 192 -21.17 -45.36 6.24
CA LEU M 192 -21.03 -44.44 7.37
C LEU M 192 -19.91 -44.94 8.29
N SER M 193 -19.73 -44.29 9.44
CA SER M 193 -18.64 -44.66 10.34
C SER M 193 -18.88 -46.03 10.98
N ASP M 194 -20.01 -46.18 11.66
CA ASP M 194 -20.36 -47.44 12.30
C ASP M 194 -21.86 -47.66 12.17
N TYR M 195 -22.25 -48.41 11.15
CA TYR M 195 -23.67 -48.66 10.91
C TYR M 195 -24.24 -49.65 11.93
N ALA M 196 -23.41 -50.55 12.44
CA ALA M 196 -23.88 -51.55 13.39
C ALA M 196 -22.72 -52.04 14.23
N LYS M 197 -23.02 -52.94 15.16
CA LYS M 197 -22.02 -53.59 15.99
C LYS M 197 -22.31 -55.09 16.02
N ALA M 198 -21.25 -55.90 15.93
CA ALA M 198 -21.37 -57.35 15.87
C ALA M 198 -20.82 -57.97 17.15
N PHE M 199 -21.50 -59.01 17.63
CA PHE M 199 -21.16 -59.66 18.89
C PHE M 199 -20.77 -61.11 18.61
N TYR M 200 -19.51 -61.34 18.28
CA TYR M 200 -19.02 -62.69 18.05
C TYR M 200 -18.74 -63.38 19.37
N SER M 201 -19.25 -64.60 19.52
CA SER M 201 -18.97 -65.44 20.67
C SER M 201 -19.22 -66.87 20.28
N ASP M 202 -19.23 -67.75 21.29
CA ASP M 202 -19.31 -69.18 21.00
C ASP M 202 -20.76 -69.62 20.80
N THR M 203 -21.59 -69.50 21.84
CA THR M 203 -22.91 -70.11 21.83
C THR M 203 -24.01 -69.09 22.05
N TYR M 204 -25.17 -69.39 21.45
CA TYR M 204 -26.32 -68.51 21.53
C TYR M 204 -26.91 -68.44 22.92
N GLU M 205 -26.71 -69.48 23.74
CA GLU M 205 -27.15 -69.42 25.13
C GLU M 205 -26.36 -68.38 25.92
N VAL M 206 -25.04 -68.36 25.75
CA VAL M 206 -24.20 -67.37 26.41
C VAL M 206 -24.50 -65.97 25.86
N LEU M 207 -24.76 -65.88 24.56
CA LEU M 207 -25.12 -64.60 23.97
C LEU M 207 -26.46 -64.07 24.46
N ASP M 208 -27.44 -64.95 24.69
CA ASP M 208 -28.71 -64.49 25.22
C ASP M 208 -28.64 -64.19 26.71
N ARG M 209 -27.76 -64.89 27.44
CA ARG M 209 -27.49 -64.50 28.82
C ARG M 209 -26.82 -63.13 28.87
N PHE M 210 -26.04 -62.79 27.85
CA PHE M 210 -25.51 -61.43 27.73
C PHE M 210 -26.61 -60.44 27.38
N PHE M 211 -27.53 -60.83 26.50
CA PHE M 211 -28.62 -59.96 26.09
C PHE M 211 -29.68 -59.77 27.17
N TRP M 212 -29.65 -60.58 28.24
CA TRP M 212 -30.44 -60.27 29.42
C TRP M 212 -30.09 -58.89 29.98
N THR M 213 -28.80 -58.54 29.98
CA THR M 213 -28.34 -57.25 30.50
C THR M 213 -28.11 -56.22 29.42
N HIS M 214 -27.81 -56.64 28.20
CA HIS M 214 -27.53 -55.70 27.12
C HIS M 214 -28.83 -55.06 26.63
N ASP M 215 -28.71 -53.84 26.10
CA ASP M 215 -29.84 -53.18 25.48
C ASP M 215 -30.22 -53.89 24.18
N SER M 216 -31.52 -53.86 23.88
CA SER M 216 -32.05 -54.39 22.64
C SER M 216 -33.11 -53.46 22.08
N SER M 217 -32.84 -52.15 22.11
CA SER M 217 -33.84 -51.19 21.70
C SER M 217 -33.98 -51.14 20.18
N ALA M 218 -32.87 -51.14 19.45
CA ALA M 218 -32.91 -51.02 18.01
C ALA M 218 -33.11 -52.35 17.30
N GLY M 219 -33.39 -53.42 18.02
CA GLY M 219 -33.54 -54.73 17.39
C GLY M 219 -32.20 -55.40 17.16
N VAL M 220 -32.24 -56.73 17.05
CA VAL M 220 -31.03 -57.53 16.89
C VAL M 220 -31.23 -58.51 15.74
N LEU M 221 -30.21 -58.67 14.90
CA LEU M 221 -30.31 -59.50 13.71
C LEU M 221 -29.25 -60.59 13.75
N VAL M 222 -29.62 -61.76 13.23
CA VAL M 222 -28.74 -62.93 13.31
C VAL M 222 -28.51 -63.34 11.86
N HIS M 223 -27.78 -64.41 11.61
CA HIS M 223 -27.73 -64.92 10.25
C HIS M 223 -28.12 -66.39 10.13
N TYR M 224 -27.82 -67.21 11.14
CA TYR M 224 -28.33 -68.58 11.36
C TYR M 224 -27.91 -69.63 10.34
N ASP M 225 -27.20 -69.26 9.26
CA ASP M 225 -26.88 -70.23 8.23
C ASP M 225 -25.42 -70.61 8.21
N LYS M 226 -24.56 -69.65 8.00
CA LYS M 226 -23.15 -69.86 7.81
C LYS M 226 -22.49 -68.52 8.05
N PRO M 227 -22.21 -68.19 9.30
CA PRO M 227 -21.74 -66.83 9.61
C PRO M 227 -20.32 -66.60 9.13
N THR M 228 -19.95 -65.32 9.09
CA THR M 228 -18.69 -64.93 8.48
C THR M 228 -17.50 -65.39 9.30
N ASN M 229 -17.52 -65.13 10.60
CA ASN M 229 -16.40 -65.46 11.46
C ASN M 229 -16.89 -66.04 12.78
N GLY M 230 -17.84 -66.96 12.71
CA GLY M 230 -18.43 -67.56 13.89
C GLY M 230 -19.77 -66.93 14.24
N ASN M 231 -20.48 -67.62 15.13
CA ASN M 231 -21.86 -67.26 15.48
C ASN M 231 -21.91 -65.92 16.18
N HIS M 232 -22.82 -65.06 15.73
CA HIS M 232 -22.83 -63.67 16.19
C HIS M 232 -24.22 -63.08 16.00
N TYR M 233 -24.30 -61.79 16.31
CA TYR M 233 -25.51 -61.00 16.15
C TYR M 233 -25.16 -59.67 15.52
N ILE M 234 -26.19 -58.91 15.16
CA ILE M 234 -26.03 -57.60 14.56
C ILE M 234 -26.84 -56.61 15.39
N LEU M 235 -26.18 -55.54 15.86
CA LEU M 235 -26.83 -54.49 16.63
C LEU M 235 -26.72 -53.19 15.83
N GLY M 236 -27.74 -52.89 15.04
CA GLY M 236 -27.74 -51.64 14.30
C GLY M 236 -27.94 -50.44 15.20
N THR M 237 -27.44 -49.31 14.73
CA THR M 237 -27.54 -48.06 15.47
C THR M 237 -28.56 -47.14 14.80
N LEU M 238 -28.66 -45.92 15.32
CA LEU M 238 -29.69 -44.98 14.91
C LEU M 238 -29.32 -44.18 13.67
N THR M 239 -28.23 -44.54 12.99
CA THR M 239 -27.95 -43.92 11.70
C THR M 239 -28.96 -44.39 10.67
N GLN M 240 -29.36 -43.47 9.79
CA GLN M 240 -30.44 -43.72 8.87
C GLN M 240 -29.95 -43.65 7.44
N MET M 241 -30.74 -44.18 6.52
CA MET M 241 -30.43 -44.13 5.10
C MET M 241 -31.19 -42.98 4.46
N VAL M 242 -30.48 -42.18 3.68
CA VAL M 242 -31.04 -40.96 3.10
C VAL M 242 -31.30 -41.11 1.60
N SER M 243 -30.63 -42.04 0.92
CA SER M 243 -30.56 -42.04 -0.54
C SER M 243 -31.88 -42.36 -1.21
N ALA M 244 -32.85 -42.92 -0.49
CA ALA M 244 -34.22 -42.98 -1.00
C ALA M 244 -34.89 -41.65 -0.72
N PRO M 245 -35.39 -40.95 -1.74
CA PRO M 245 -35.91 -39.59 -1.52
C PRO M 245 -37.21 -39.54 -0.74
N PRO M 246 -38.27 -40.40 -1.01
CA PRO M 246 -39.46 -40.27 -0.15
C PRO M 246 -39.27 -40.83 1.23
N HIS M 247 -38.65 -42.01 1.31
CA HIS M 247 -38.62 -42.77 2.56
C HIS M 247 -37.28 -42.58 3.26
N ILE M 248 -37.34 -42.51 4.59
CA ILE M 248 -36.15 -42.43 5.42
C ILE M 248 -36.19 -43.63 6.35
N ILE M 249 -35.30 -44.59 6.13
CA ILE M 249 -35.24 -45.80 6.94
C ILE M 249 -33.95 -45.79 7.72
N ASN M 250 -33.96 -46.50 8.85
CA ASN M 250 -32.80 -46.56 9.73
C ASN M 250 -31.86 -47.68 9.26
N ALA M 251 -30.89 -48.02 10.12
CA ALA M 251 -29.84 -48.95 9.71
C ALA M 251 -30.34 -50.38 9.65
N THR M 252 -31.13 -50.81 10.64
CA THR M 252 -31.56 -52.20 10.71
C THR M 252 -32.50 -52.55 9.57
N ASP M 253 -33.41 -51.64 9.22
CA ASP M 253 -34.27 -51.84 8.07
C ASP M 253 -33.47 -51.88 6.77
N ALA M 254 -32.38 -51.11 6.69
CA ALA M 254 -31.53 -51.11 5.51
C ALA M 254 -30.83 -52.45 5.33
N LEU M 255 -30.26 -52.98 6.43
CA LEU M 255 -29.60 -54.28 6.36
C LEU M 255 -30.59 -55.40 6.06
N LEU M 256 -31.78 -55.35 6.67
CA LEU M 256 -32.76 -56.40 6.42
C LEU M 256 -33.32 -56.30 5.01
N LEU M 257 -33.43 -55.10 4.47
CA LEU M 257 -33.92 -54.92 3.11
C LEU M 257 -32.90 -55.42 2.10
N GLU M 258 -31.62 -55.13 2.34
CA GLU M 258 -30.54 -55.65 1.49
C GLU M 258 -30.51 -57.17 1.51
N SER M 259 -30.64 -57.77 2.69
CA SER M 259 -30.58 -59.21 2.80
C SER M 259 -31.80 -59.89 2.16
N CYS M 260 -32.97 -59.28 2.30
CA CYS M 260 -34.17 -59.86 1.71
C CYS M 260 -34.17 -59.72 0.19
N LEU M 261 -33.62 -58.62 -0.33
CA LEU M 261 -33.51 -58.50 -1.78
C LEU M 261 -32.46 -59.45 -2.33
N GLU M 262 -31.41 -59.74 -1.54
CA GLU M 262 -30.45 -60.74 -1.95
C GLU M 262 -31.08 -62.13 -2.00
N GLN M 263 -31.96 -62.42 -1.04
CA GLN M 263 -32.67 -63.70 -1.07
C GLN M 263 -33.64 -63.78 -2.25
N PHE M 264 -34.31 -62.67 -2.56
CA PHE M 264 -35.15 -62.59 -3.74
C PHE M 264 -34.36 -62.81 -5.03
N ALA M 265 -33.12 -62.32 -5.08
CA ALA M 265 -32.27 -62.60 -6.23
C ALA M 265 -31.87 -64.07 -6.27
N ALA M 266 -31.59 -64.67 -5.11
CA ALA M 266 -31.16 -66.06 -5.08
C ALA M 266 -32.29 -67.01 -5.41
N ASN M 267 -33.54 -66.62 -5.12
CA ASN M 267 -34.67 -67.50 -5.38
C ASN M 267 -34.99 -67.60 -6.86
N VAL M 268 -34.59 -66.63 -7.67
CA VAL M 268 -34.82 -66.70 -9.10
C VAL M 268 -33.70 -67.44 -9.80
N ARG M 269 -32.46 -67.20 -9.39
CA ARG M 269 -31.30 -67.80 -10.02
C ARG M 269 -31.08 -69.26 -9.65
N ALA M 270 -31.90 -69.81 -8.75
CA ALA M 270 -31.78 -71.21 -8.36
C ALA M 270 -32.25 -72.09 -9.51
N ARG M 271 -31.33 -72.86 -10.08
CA ARG M 271 -31.62 -73.68 -11.24
C ARG M 271 -31.29 -75.15 -11.00
N SER M 272 -31.22 -75.56 -9.73
CA SER M 272 -30.96 -76.92 -9.25
C SER M 272 -29.62 -77.49 -9.73
N ALA M 273 -28.69 -76.65 -10.18
CA ALA M 273 -27.36 -77.13 -10.55
C ALA M 273 -26.23 -76.26 -10.03
N GLN M 274 -26.47 -74.99 -9.72
CA GLN M 274 -25.42 -74.10 -9.25
C GLN M 274 -25.45 -74.02 -7.74
N PRO M 275 -24.46 -74.54 -7.04
CA PRO M 275 -24.43 -74.35 -5.58
C PRO M 275 -23.91 -72.98 -5.24
N VAL M 276 -24.56 -72.37 -4.24
CA VAL M 276 -24.28 -70.99 -3.86
C VAL M 276 -23.48 -70.99 -2.56
N THR M 277 -23.03 -69.80 -2.16
CA THR M 277 -22.15 -69.68 -1.01
C THR M 277 -22.91 -69.66 0.32
N ARG M 278 -24.20 -69.37 0.31
CA ARG M 278 -25.04 -69.41 1.50
C ARG M 278 -26.40 -69.94 1.10
N LEU M 279 -26.95 -70.85 1.92
CA LEU M 279 -28.24 -71.46 1.60
C LEU M 279 -29.38 -70.47 1.68
N ASP M 280 -29.40 -69.63 2.70
CA ASP M 280 -30.33 -68.52 2.72
C ASP M 280 -29.61 -67.26 3.19
N GLN M 281 -30.32 -66.15 3.13
CA GLN M 281 -29.73 -64.85 3.35
C GLN M 281 -30.36 -64.05 4.48
N CYS M 282 -31.63 -64.30 4.80
CA CYS M 282 -32.38 -63.37 5.64
C CYS M 282 -31.91 -63.45 7.10
N TYR M 283 -32.31 -62.45 7.89
CA TYR M 283 -31.69 -62.21 9.18
C TYR M 283 -32.50 -62.69 10.38
N HIS M 284 -33.84 -62.59 10.30
CA HIS M 284 -34.74 -63.04 11.36
C HIS M 284 -34.51 -62.36 12.70
N LEU M 285 -34.95 -61.10 12.82
CA LEU M 285 -35.05 -60.33 14.06
C LEU M 285 -35.45 -61.18 15.26
N ARG M 286 -34.66 -61.10 16.33
CA ARG M 286 -34.72 -62.08 17.41
C ARG M 286 -35.35 -61.53 18.68
N TRP M 287 -34.86 -60.42 19.22
CA TRP M 287 -35.35 -59.93 20.50
C TRP M 287 -36.15 -58.63 20.40
N GLY M 288 -36.20 -58.00 19.24
CA GLY M 288 -36.94 -56.76 19.13
C GLY M 288 -38.44 -56.91 18.97
N ALA M 289 -38.93 -58.15 18.86
CA ALA M 289 -40.36 -58.35 18.64
C ALA M 289 -41.18 -58.05 19.90
N GLN M 290 -40.58 -58.23 21.08
CA GLN M 290 -41.23 -57.81 22.30
C GLN M 290 -41.03 -56.33 22.58
N TYR M 291 -40.23 -55.64 21.78
CA TYR M 291 -40.07 -54.19 21.89
C TYR M 291 -40.96 -53.43 20.92
N VAL M 292 -40.74 -53.60 19.62
CA VAL M 292 -41.57 -52.95 18.61
C VAL M 292 -42.81 -53.81 18.40
N GLY M 293 -43.80 -53.27 17.70
CA GLY M 293 -45.08 -53.95 17.59
C GLY M 293 -45.59 -54.09 16.17
N GLU M 294 -46.90 -54.34 16.06
CA GLU M 294 -47.57 -54.56 14.80
C GLU M 294 -47.59 -53.27 13.98
N ASP M 295 -47.61 -53.43 12.64
CA ASP M 295 -47.71 -52.35 11.66
C ASP M 295 -46.51 -51.41 11.77
N SER M 296 -45.33 -52.00 11.98
CA SER M 296 -44.08 -51.27 11.90
C SER M 296 -43.28 -51.81 10.73
N LEU M 297 -42.36 -50.97 10.26
CA LEU M 297 -41.62 -51.27 9.04
C LEU M 297 -40.69 -52.46 9.23
N THR M 298 -40.04 -52.53 10.40
CA THR M 298 -39.17 -53.65 10.70
C THR M 298 -39.94 -54.96 10.78
N TYR M 299 -41.15 -54.90 11.34
CA TYR M 299 -42.03 -56.08 11.40
C TYR M 299 -42.47 -56.52 10.01
N ARG M 300 -42.78 -55.56 9.15
CA ARG M 300 -43.22 -55.88 7.79
C ARG M 300 -42.08 -56.46 6.96
N LEU M 301 -40.88 -55.91 7.10
CA LEU M 301 -39.73 -56.50 6.43
C LEU M 301 -39.35 -57.85 7.03
N GLY M 302 -39.67 -58.07 8.31
CA GLY M 302 -39.48 -59.39 8.88
C GLY M 302 -40.43 -60.41 8.28
N VAL M 303 -41.66 -59.98 7.98
CA VAL M 303 -42.62 -60.84 7.29
C VAL M 303 -42.10 -61.18 5.88
N LEU M 304 -41.59 -60.17 5.18
CA LEU M 304 -41.07 -60.41 3.84
C LEU M 304 -39.81 -61.27 3.87
N SER M 305 -38.98 -61.13 4.90
CA SER M 305 -37.81 -61.99 5.01
C SER M 305 -38.19 -63.43 5.34
N LEU M 306 -39.24 -63.61 6.12
CA LEU M 306 -39.73 -64.96 6.38
C LEU M 306 -40.25 -65.62 5.11
N LEU M 307 -41.01 -64.86 4.31
CA LEU M 307 -41.51 -65.40 3.06
C LEU M 307 -40.38 -65.64 2.05
N ALA M 308 -39.34 -64.82 2.12
CA ALA M 308 -38.19 -64.99 1.24
C ALA M 308 -37.39 -66.23 1.60
N THR M 309 -37.20 -66.46 2.91
CA THR M 309 -36.54 -67.68 3.37
C THR M 309 -37.37 -68.91 3.03
N ASN M 310 -38.71 -68.77 3.06
CA ASN M 310 -39.57 -69.84 2.57
C ASN M 310 -39.37 -70.08 1.09
N GLY M 311 -39.15 -69.01 0.32
CA GLY M 311 -38.73 -69.18 -1.05
C GLY M 311 -39.68 -68.61 -2.07
N TYR M 312 -40.44 -67.60 -1.68
CA TYR M 312 -41.35 -66.97 -2.62
C TYR M 312 -40.57 -66.09 -3.61
N GLN M 313 -41.23 -65.74 -4.70
CA GLN M 313 -40.63 -64.93 -5.74
C GLN M 313 -41.55 -63.77 -6.06
N LEU M 314 -40.93 -62.64 -6.44
CA LEU M 314 -41.64 -61.38 -6.57
C LEU M 314 -42.46 -61.34 -7.86
N ALA M 315 -43.18 -60.23 -8.01
CA ALA M 315 -43.94 -59.99 -9.23
C ALA M 315 -43.08 -59.34 -10.30
N ARG M 316 -42.53 -58.19 -10.00
CA ARG M 316 -41.72 -57.51 -10.99
C ARG M 316 -40.34 -58.16 -11.07
N PRO M 317 -39.77 -58.28 -12.26
CA PRO M 317 -38.40 -58.79 -12.38
C PRO M 317 -37.41 -57.76 -11.85
N ILE M 318 -36.57 -58.20 -10.92
CA ILE M 318 -35.62 -57.31 -10.26
C ILE M 318 -34.49 -57.03 -11.23
N PRO M 319 -33.82 -55.88 -11.13
CA PRO M 319 -32.65 -55.65 -11.97
C PRO M 319 -31.43 -56.38 -11.43
N LYS M 320 -30.45 -56.57 -12.32
CA LYS M 320 -29.18 -57.12 -11.89
C LYS M 320 -28.42 -56.12 -11.04
N GLN M 321 -28.39 -54.86 -11.45
CA GLN M 321 -27.79 -53.79 -10.67
C GLN M 321 -28.91 -52.93 -10.12
N LEU M 322 -28.91 -52.74 -8.81
CA LEU M 322 -30.02 -52.06 -8.16
C LEU M 322 -29.92 -50.55 -8.34
N THR M 323 -31.08 -49.90 -8.29
CA THR M 323 -31.17 -48.45 -8.38
C THR M 323 -32.00 -47.93 -7.22
N ASN M 324 -31.73 -46.68 -6.84
CA ASN M 324 -32.54 -46.02 -5.82
C ASN M 324 -33.98 -45.81 -6.28
N ARG M 325 -34.18 -45.62 -7.58
CA ARG M 325 -35.52 -45.46 -8.14
C ARG M 325 -36.36 -46.71 -7.93
N TRP M 326 -35.85 -47.86 -8.35
CA TRP M 326 -36.57 -49.12 -8.18
C TRP M 326 -36.67 -49.51 -6.72
N LEU M 327 -35.65 -49.17 -5.91
CA LEU M 327 -35.71 -49.48 -4.49
C LEU M 327 -36.79 -48.68 -3.78
N SER M 328 -36.89 -47.38 -4.08
CA SER M 328 -37.94 -46.56 -3.49
C SER M 328 -39.31 -46.95 -3.99
N SER M 329 -39.40 -47.41 -5.25
CA SER M 329 -40.67 -47.93 -5.74
C SER M 329 -41.06 -49.20 -4.98
N PHE M 330 -40.07 -50.03 -4.64
CA PHE M 330 -40.35 -51.23 -3.86
C PHE M 330 -40.79 -50.90 -2.45
N VAL M 331 -40.19 -49.87 -1.85
CA VAL M 331 -40.57 -49.49 -0.48
C VAL M 331 -41.96 -48.86 -0.49
N SER M 332 -42.29 -48.09 -1.54
CA SER M 332 -43.63 -47.54 -1.68
C SER M 332 -44.66 -48.64 -1.90
N GLN M 333 -44.29 -49.71 -2.61
CA GLN M 333 -45.19 -50.84 -2.75
C GLN M 333 -45.35 -51.60 -1.45
N VAL M 334 -44.29 -51.69 -0.64
CA VAL M 334 -44.43 -52.52 0.56
C VAL M 334 -45.15 -51.75 1.66
N VAL M 335 -45.03 -50.43 1.73
CA VAL M 335 -45.94 -49.73 2.62
C VAL M 335 -47.11 -49.25 1.77
N SER M 336 -48.06 -50.13 1.47
CA SER M 336 -49.24 -49.70 0.73
C SER M 336 -50.54 -50.00 1.46
N ASP M 337 -50.93 -51.27 1.60
CA ASP M 337 -52.30 -51.67 1.94
C ASP M 337 -52.35 -53.20 1.97
N GLY M 338 -53.45 -53.73 2.52
CA GLY M 338 -53.83 -55.11 2.33
C GLY M 338 -52.92 -56.12 3.01
N ILE M 339 -52.97 -56.16 4.34
CA ILE M 339 -51.93 -56.69 5.24
C ILE M 339 -51.36 -58.06 4.91
N ASN M 340 -52.19 -59.04 4.59
CA ASN M 340 -51.68 -60.40 4.45
C ASN M 340 -52.68 -61.25 3.67
N GLU M 341 -52.15 -62.27 3.02
CA GLU M 341 -52.94 -63.38 2.50
C GLU M 341 -52.29 -64.72 2.77
N THR M 342 -51.04 -64.73 3.23
CA THR M 342 -50.30 -65.93 3.56
C THR M 342 -50.63 -66.36 4.99
N PRO M 343 -50.53 -67.66 5.30
CA PRO M 343 -50.80 -68.11 6.68
C PRO M 343 -49.58 -67.99 7.59
N LEU M 344 -48.56 -67.25 7.17
CA LEU M 344 -47.28 -67.23 7.84
C LEU M 344 -47.11 -65.95 8.64
N TRP M 345 -46.47 -66.07 9.80
CA TRP M 345 -46.24 -64.98 10.73
C TRP M 345 -44.88 -65.18 11.37
N PRO M 346 -44.12 -64.11 11.58
CA PRO M 346 -42.79 -64.26 12.18
C PRO M 346 -42.88 -64.59 13.66
N GLN M 347 -41.82 -65.22 14.16
CA GLN M 347 -41.77 -65.68 15.55
C GLN M 347 -40.44 -65.27 16.17
N GLU M 348 -40.41 -65.28 17.50
CA GLU M 348 -39.16 -65.07 18.23
C GLU M 348 -38.65 -66.34 18.89
N ARG M 349 -39.51 -67.34 19.10
CA ARG M 349 -39.07 -68.57 19.74
C ARG M 349 -38.19 -69.39 18.81
N TYR M 350 -38.52 -69.40 17.52
CA TYR M 350 -37.80 -70.17 16.52
C TYR M 350 -38.15 -69.60 15.16
N VAL M 351 -37.51 -70.12 14.12
CA VAL M 351 -37.84 -69.73 12.77
C VAL M 351 -38.62 -70.87 12.16
N GLN M 352 -39.40 -70.56 11.15
CA GLN M 352 -40.30 -71.55 10.58
C GLN M 352 -40.17 -71.57 9.06
N ILE M 353 -40.17 -72.79 8.51
CA ILE M 353 -40.16 -73.00 7.07
C ILE M 353 -41.34 -73.90 6.73
N ALA M 354 -41.74 -73.85 5.46
CA ALA M 354 -42.96 -74.50 5.03
C ALA M 354 -42.81 -76.01 5.03
N TYR M 355 -43.95 -76.69 5.12
CA TYR M 355 -43.96 -78.14 5.05
C TYR M 355 -43.62 -78.63 3.66
N ASP M 356 -43.97 -77.86 2.64
CA ASP M 356 -43.65 -78.18 1.26
C ASP M 356 -42.59 -77.24 0.67
N SER M 357 -41.71 -76.70 1.50
CA SER M 357 -40.68 -75.83 1.00
C SER M 357 -39.59 -76.64 0.30
N PRO M 358 -39.06 -76.15 -0.81
CA PRO M 358 -37.97 -76.85 -1.49
C PRO M 358 -36.63 -76.71 -0.79
N SER M 359 -36.52 -75.86 0.21
CA SER M 359 -35.25 -75.68 0.91
C SER M 359 -34.97 -76.88 1.82
N VAL M 360 -33.70 -77.23 1.94
CA VAL M 360 -33.25 -78.33 2.77
C VAL M 360 -32.31 -77.86 3.87
N VAL M 361 -32.45 -76.60 4.26
CA VAL M 361 -31.49 -75.99 5.15
C VAL M 361 -31.67 -76.45 6.59
N ASP M 362 -32.86 -76.95 6.94
CA ASP M 362 -33.08 -77.52 8.27
C ASP M 362 -32.33 -78.83 8.44
N GLY M 363 -32.19 -79.61 7.37
CA GLY M 363 -31.41 -80.82 7.42
C GLY M 363 -29.95 -80.53 7.15
N ALA M 364 -29.67 -79.38 6.56
CA ALA M 364 -28.29 -79.03 6.26
C ALA M 364 -27.52 -78.64 7.51
N THR M 365 -27.96 -77.56 8.17
CA THR M 365 -27.41 -77.16 9.46
C THR M 365 -28.46 -77.37 10.55
N GLN M 366 -27.99 -77.48 11.79
CA GLN M 366 -28.82 -78.06 12.84
C GLN M 366 -29.62 -77.03 13.63
N TYR M 367 -28.95 -76.07 14.26
CA TYR M 367 -29.58 -75.22 15.25
C TYR M 367 -30.34 -74.07 14.60
N GLY M 368 -31.52 -73.79 15.15
CA GLY M 368 -32.29 -72.61 14.79
C GLY M 368 -33.36 -72.82 13.74
N TYR M 369 -33.18 -73.76 12.84
CA TYR M 369 -34.08 -73.97 11.71
C TYR M 369 -35.05 -75.08 12.04
N VAL M 370 -36.34 -74.78 12.02
CA VAL M 370 -37.38 -75.71 12.45
C VAL M 370 -38.32 -75.98 11.30
N ARG M 371 -38.52 -77.25 10.98
CA ARG M 371 -39.53 -77.65 10.01
C ARG M 371 -40.90 -77.68 10.69
N ARG M 372 -41.89 -77.09 10.02
CA ARG M 372 -43.26 -77.08 10.53
C ARG M 372 -44.12 -78.05 9.75
N ASN M 373 -45.04 -78.71 10.44
CA ASN M 373 -45.89 -79.72 9.84
C ASN M 373 -47.32 -79.25 9.66
N GLN M 374 -47.82 -78.44 10.61
CA GLN M 374 -49.22 -78.08 10.62
C GLN M 374 -49.59 -77.06 9.55
N LEU M 375 -48.63 -76.30 9.05
CA LEU M 375 -48.92 -75.29 8.03
C LEU M 375 -48.62 -75.86 6.66
N ARG M 376 -49.58 -75.73 5.75
CA ARG M 376 -49.49 -76.33 4.43
C ARG M 376 -49.78 -75.26 3.39
N LEU M 377 -49.27 -75.48 2.18
CA LEU M 377 -49.43 -74.54 1.08
C LEU M 377 -49.97 -75.28 -0.14
N GLY M 378 -50.97 -74.69 -0.79
CA GLY M 378 -51.55 -75.25 -2.00
C GLY M 378 -50.87 -74.84 -3.28
N MET M 379 -49.57 -74.55 -3.23
CA MET M 379 -48.85 -73.99 -4.36
C MET M 379 -47.90 -75.02 -4.93
N ARG M 380 -47.20 -74.66 -6.00
CA ARG M 380 -46.42 -75.59 -6.78
C ARG M 380 -44.94 -75.53 -6.39
N ILE M 381 -44.11 -76.25 -7.14
CA ILE M 381 -42.76 -76.54 -6.73
C ILE M 381 -41.71 -75.99 -7.71
N SER M 382 -42.03 -75.89 -9.00
CA SER M 382 -41.02 -75.61 -10.02
C SER M 382 -40.57 -74.14 -9.98
N ALA M 383 -39.67 -73.80 -10.90
CA ALA M 383 -39.08 -72.47 -10.94
C ALA M 383 -40.01 -71.51 -11.68
N LEU M 384 -39.50 -70.34 -12.03
CA LEU M 384 -40.26 -69.36 -12.77
C LEU M 384 -39.32 -68.61 -13.70
N GLN M 385 -39.84 -68.26 -14.87
CA GLN M 385 -39.08 -67.54 -15.88
C GLN M 385 -39.84 -66.29 -16.31
N SER M 386 -39.09 -65.30 -16.77
CA SER M 386 -39.64 -64.03 -17.21
C SER M 386 -39.68 -63.97 -18.73
N LEU M 387 -40.57 -63.14 -19.25
CA LEU M 387 -40.72 -63.00 -20.69
C LEU M 387 -39.93 -61.80 -21.18
N SER M 388 -39.55 -61.84 -22.45
CA SER M 388 -38.66 -60.85 -23.04
C SER M 388 -39.47 -59.67 -23.55
N ASP M 389 -39.20 -58.49 -22.99
CA ASP M 389 -39.95 -57.29 -23.34
C ASP M 389 -39.62 -56.81 -24.76
N THR M 390 -40.61 -56.19 -25.39
CA THR M 390 -40.47 -55.58 -26.70
C THR M 390 -40.91 -54.13 -26.62
N PRO M 391 -40.25 -53.22 -27.34
CA PRO M 391 -40.65 -51.81 -27.33
C PRO M 391 -41.85 -51.49 -28.19
N ALA M 392 -42.37 -52.44 -28.94
CA ALA M 392 -43.49 -52.16 -29.83
C ALA M 392 -44.78 -52.74 -29.29
N PRO M 393 -45.92 -52.09 -29.52
CA PRO M 393 -47.19 -52.68 -29.11
C PRO M 393 -47.56 -53.87 -29.99
N VAL M 394 -48.08 -54.91 -29.35
CA VAL M 394 -48.30 -56.19 -30.00
C VAL M 394 -49.80 -56.46 -30.06
N GLN M 395 -50.21 -57.24 -31.05
CA GLN M 395 -51.61 -57.58 -31.24
C GLN M 395 -52.06 -58.64 -30.25
N TRP M 396 -53.38 -58.68 -30.02
CA TRP M 396 -54.01 -59.71 -29.20
C TRP M 396 -55.30 -60.12 -29.87
N LEU M 397 -55.69 -61.39 -29.67
CA LEU M 397 -56.94 -61.90 -30.22
C LEU M 397 -57.71 -62.60 -29.11
N PRO M 398 -58.97 -62.24 -28.88
CA PRO M 398 -59.72 -62.84 -27.77
C PRO M 398 -60.31 -64.20 -28.13
N GLN M 399 -60.68 -64.92 -27.08
CA GLN M 399 -61.38 -66.20 -27.19
C GLN M 399 -62.55 -66.17 -26.23
N TYR M 400 -63.71 -66.64 -26.68
CA TYR M 400 -64.95 -66.47 -25.94
C TYR M 400 -65.27 -67.71 -25.12
N THR M 401 -65.74 -67.48 -23.89
CA THR M 401 -66.19 -68.55 -23.01
C THR M 401 -67.68 -68.77 -23.19
N ILE M 402 -68.30 -69.51 -22.25
CA ILE M 402 -69.69 -69.90 -22.36
C ILE M 402 -70.61 -69.13 -21.42
N ASP M 403 -70.08 -68.27 -20.55
CA ASP M 403 -70.90 -67.46 -19.66
C ASP M 403 -71.23 -66.11 -20.30
N GLN M 404 -72.29 -65.49 -19.80
CA GLN M 404 -72.74 -64.22 -20.36
C GLN M 404 -73.34 -63.35 -19.28
N VAL M 405 -73.18 -62.04 -19.43
CA VAL M 405 -73.83 -61.05 -18.59
C VAL M 405 -74.49 -60.03 -19.49
N ALA M 406 -75.10 -59.02 -18.88
CA ALA M 406 -75.85 -58.01 -19.62
C ALA M 406 -74.92 -57.03 -20.33
N VAL M 407 -75.38 -56.57 -21.49
CA VAL M 407 -74.68 -55.49 -22.19
C VAL M 407 -74.79 -54.18 -21.42
N ASP M 408 -75.81 -54.02 -20.59
CA ASP M 408 -75.84 -52.87 -19.69
C ASP M 408 -74.78 -52.99 -18.60
N GLU M 409 -74.49 -54.21 -18.14
CA GLU M 409 -73.39 -54.43 -17.22
C GLU M 409 -72.06 -54.11 -17.88
N GLY M 410 -71.90 -54.50 -19.15
CA GLY M 410 -70.71 -54.14 -19.88
C GLY M 410 -70.58 -52.64 -20.09
N ASP M 411 -71.70 -51.97 -20.31
CA ASP M 411 -71.72 -50.51 -20.43
C ASP M 411 -71.33 -49.85 -19.12
N ALA M 412 -71.80 -50.39 -17.99
CA ALA M 412 -71.44 -49.85 -16.69
C ALA M 412 -69.95 -50.04 -16.40
N MET M 413 -69.40 -51.21 -16.75
CA MET M 413 -67.99 -51.45 -16.49
C MET M 413 -67.10 -50.62 -17.42
N VAL M 414 -67.51 -50.42 -18.67
CA VAL M 414 -66.70 -49.60 -19.54
C VAL M 414 -66.86 -48.11 -19.20
N SER M 415 -68.00 -47.72 -18.61
CA SER M 415 -68.11 -46.37 -18.10
C SER M 415 -67.25 -46.17 -16.87
N GLN M 416 -67.05 -47.22 -16.09
CA GLN M 416 -66.10 -47.16 -14.98
C GLN M 416 -64.67 -47.07 -15.47
N LEU M 417 -64.34 -47.84 -16.52
CA LEU M 417 -62.97 -47.95 -16.99
C LEU M 417 -62.66 -47.04 -18.18
N THR M 418 -63.52 -46.06 -18.44
CA THR M 418 -63.40 -45.19 -19.61
C THR M 418 -62.13 -44.34 -19.56
N GLN M 419 -61.35 -44.39 -20.63
CA GLN M 419 -60.30 -43.41 -20.91
C GLN M 419 -60.48 -42.87 -22.32
N LEU M 420 -61.72 -42.49 -22.63
CA LEU M 420 -62.02 -42.00 -23.97
C LEU M 420 -61.50 -40.60 -24.28
N PRO M 421 -61.71 -39.52 -23.43
CA PRO M 421 -61.33 -38.19 -23.91
C PRO M 421 -59.83 -37.92 -23.98
N LEU M 422 -59.23 -38.33 -25.09
CA LEU M 422 -57.88 -37.94 -25.46
C LEU M 422 -57.81 -37.82 -26.97
N ARG M 423 -56.95 -36.93 -27.44
CA ARG M 423 -56.87 -36.66 -28.86
C ARG M 423 -56.01 -37.72 -29.54
N PRO M 424 -56.50 -38.37 -30.58
CA PRO M 424 -55.68 -39.33 -31.33
C PRO M 424 -54.95 -38.66 -32.49
N ASP M 425 -53.96 -39.38 -33.00
CA ASP M 425 -53.32 -38.98 -34.24
C ASP M 425 -54.20 -39.39 -35.42
N TYR M 426 -54.33 -38.50 -36.38
CA TYR M 426 -55.34 -38.68 -37.42
C TYR M 426 -54.87 -39.63 -38.51
N GLY M 427 -53.80 -39.27 -39.21
CA GLY M 427 -53.32 -40.07 -40.33
C GLY M 427 -53.82 -39.56 -41.67
N SER M 428 -53.96 -40.48 -42.61
CA SER M 428 -54.42 -40.15 -43.96
C SER M 428 -55.39 -41.23 -44.44
N ILE M 429 -56.53 -40.80 -44.98
CA ILE M 429 -57.53 -41.78 -45.42
C ILE M 429 -57.22 -42.31 -46.81
N TRP M 430 -56.31 -41.68 -47.55
CA TRP M 430 -56.19 -41.97 -48.97
C TRP M 430 -54.79 -41.61 -49.44
N ILE M 431 -53.99 -42.62 -49.75
CA ILE M 431 -52.66 -42.43 -50.31
C ILE M 431 -52.65 -43.04 -51.70
N GLY M 432 -51.52 -42.86 -52.39
CA GLY M 432 -51.33 -43.39 -53.72
C GLY M 432 -51.35 -42.29 -54.76
N GLU M 433 -52.03 -42.54 -55.87
CA GLU M 433 -52.09 -41.62 -56.99
C GLU M 433 -53.53 -41.46 -57.45
N ALA M 434 -53.71 -40.69 -58.52
CA ALA M 434 -55.03 -40.49 -59.11
C ALA M 434 -55.45 -41.73 -59.89
N LEU M 435 -56.71 -41.72 -60.32
CA LEU M 435 -57.29 -42.86 -61.01
C LEU M 435 -57.73 -42.44 -62.41
N SER M 436 -57.44 -43.30 -63.37
CA SER M 436 -57.69 -43.02 -64.79
C SER M 436 -59.17 -43.20 -65.08
N TYR M 437 -59.90 -42.08 -65.16
CA TYR M 437 -61.31 -42.08 -65.52
C TYR M 437 -61.42 -41.29 -66.81
N TYR M 438 -61.46 -41.99 -67.94
CA TYR M 438 -61.36 -41.36 -69.25
C TYR M 438 -62.38 -41.95 -70.21
N VAL M 439 -62.81 -41.12 -71.15
CA VAL M 439 -63.64 -41.58 -72.27
C VAL M 439 -63.34 -40.68 -73.46
N ASP M 440 -63.26 -41.29 -74.63
CA ASP M 440 -63.01 -40.58 -75.88
C ASP M 440 -64.29 -40.42 -76.68
N TYR M 441 -64.25 -39.52 -77.64
CA TYR M 441 -65.37 -39.38 -78.56
C TYR M 441 -65.32 -40.46 -79.62
N ASN M 442 -66.45 -41.13 -79.81
CA ASN M 442 -66.64 -42.09 -80.89
C ASN M 442 -67.69 -41.52 -81.84
N ARG M 443 -67.40 -41.58 -83.13
CA ARG M 443 -68.28 -40.98 -84.13
C ARG M 443 -69.56 -41.79 -84.30
N SER M 444 -69.41 -43.10 -84.52
CA SER M 444 -70.55 -43.96 -84.83
C SER M 444 -71.11 -44.64 -83.58
N HIS M 445 -70.98 -44.03 -82.42
CA HIS M 445 -71.42 -44.70 -81.19
C HIS M 445 -72.92 -44.55 -80.98
N ARG M 446 -73.37 -43.34 -80.68
CA ARG M 446 -74.76 -43.01 -80.37
C ARG M 446 -74.95 -41.52 -80.64
N VAL M 447 -76.05 -40.96 -80.13
CA VAL M 447 -76.29 -39.52 -80.14
C VAL M 447 -77.23 -39.18 -78.98
N VAL M 448 -76.89 -38.13 -78.23
CA VAL M 448 -77.72 -37.62 -77.15
C VAL M 448 -77.82 -36.11 -77.29
N LEU M 449 -78.64 -35.50 -76.43
CA LEU M 449 -78.91 -34.07 -76.45
C LEU M 449 -78.39 -33.42 -75.19
N SER M 450 -78.38 -32.08 -75.19
CA SER M 450 -77.80 -31.33 -74.08
C SER M 450 -78.66 -31.41 -72.82
N SER M 451 -79.98 -31.39 -72.97
CA SER M 451 -80.89 -31.35 -71.83
C SER M 451 -80.94 -32.66 -71.05
N GLU M 452 -80.42 -33.74 -71.61
CA GLU M 452 -80.48 -35.04 -70.96
C GLU M 452 -79.45 -35.22 -69.86
N LEU M 453 -78.43 -34.35 -69.81
CA LEU M 453 -77.30 -34.57 -68.93
C LEU M 453 -77.66 -34.29 -67.47
N PRO M 454 -77.26 -35.15 -66.54
CA PRO M 454 -77.39 -34.80 -65.12
C PRO M 454 -76.32 -33.80 -64.72
N GLN M 455 -76.58 -33.11 -63.61
CA GLN M 455 -75.73 -31.99 -63.24
C GLN M 455 -75.17 -32.11 -61.83
N LEU M 456 -74.58 -31.02 -61.37
CA LEU M 456 -74.26 -30.87 -59.96
C LEU M 456 -75.55 -30.93 -59.14
N PRO M 457 -75.53 -31.55 -57.97
CA PRO M 457 -76.70 -31.47 -57.09
C PRO M 457 -76.88 -30.04 -56.58
N ASP M 458 -78.15 -29.67 -56.38
CA ASP M 458 -78.45 -28.31 -55.94
C ASP M 458 -78.05 -28.07 -54.50
N THR M 459 -77.87 -29.13 -53.72
CA THR M 459 -77.29 -29.04 -52.38
C THR M 459 -75.77 -29.18 -52.46
N TYR M 460 -75.16 -28.25 -53.19
CA TYR M 460 -73.71 -28.24 -53.37
C TYR M 460 -73.02 -27.27 -52.44
N PHE M 461 -73.63 -26.10 -52.20
CA PHE M 461 -73.02 -25.06 -51.39
C PHE M 461 -73.37 -25.20 -49.90
N ASP M 462 -73.65 -26.40 -49.44
CA ASP M 462 -73.94 -26.60 -48.04
C ASP M 462 -72.67 -26.48 -47.20
N GLY M 463 -72.85 -26.04 -45.96
CA GLY M 463 -71.76 -26.11 -45.00
C GLY M 463 -71.33 -27.53 -44.73
N ASP M 464 -72.27 -28.47 -44.77
CA ASP M 464 -71.92 -29.88 -44.59
C ASP M 464 -71.17 -30.43 -45.80
N GLU M 465 -71.51 -29.97 -47.00
CA GLU M 465 -70.77 -30.39 -48.19
C GLU M 465 -69.36 -29.82 -48.21
N GLN M 466 -69.23 -28.55 -47.81
CA GLN M 466 -67.91 -27.94 -47.66
C GLN M 466 -67.12 -28.62 -46.56
N TYR M 467 -67.79 -29.04 -45.49
CA TYR M 467 -67.18 -29.80 -44.42
C TYR M 467 -66.61 -31.12 -44.92
N GLY M 468 -67.40 -31.85 -45.71
CA GLY M 468 -66.94 -33.12 -46.23
C GLY M 468 -65.82 -32.99 -47.24
N ARG M 469 -65.91 -31.99 -48.14
CA ARG M 469 -64.86 -31.84 -49.14
C ARG M 469 -63.57 -31.31 -48.52
N SER M 470 -63.66 -30.49 -47.46
CA SER M 470 -62.47 -30.03 -46.77
C SER M 470 -61.85 -31.15 -45.95
N LEU M 471 -62.69 -32.01 -45.36
CA LEU M 471 -62.21 -33.19 -44.66
C LEU M 471 -61.45 -34.11 -45.60
N PHE M 472 -61.98 -34.31 -46.81
CA PHE M 472 -61.32 -35.18 -47.77
C PHE M 472 -60.01 -34.58 -48.27
N SER M 473 -60.05 -33.30 -48.65
CA SER M 473 -58.85 -32.66 -49.18
C SER M 473 -57.79 -32.41 -48.13
N LEU M 474 -58.16 -32.43 -46.85
CA LEU M 474 -57.17 -32.32 -45.80
C LEU M 474 -56.64 -33.67 -45.34
N ALA M 475 -57.49 -34.71 -45.35
CA ALA M 475 -57.02 -36.05 -45.02
C ALA M 475 -56.17 -36.67 -46.11
N ARG M 476 -56.32 -36.24 -47.36
CA ARG M 476 -55.65 -36.92 -48.45
C ARG M 476 -54.19 -36.47 -48.54
N LYS M 477 -53.32 -37.41 -48.91
CA LYS M 477 -51.87 -37.20 -48.87
C LYS M 477 -51.28 -37.26 -50.27
N VAL M 478 -50.51 -36.25 -50.65
CA VAL M 478 -49.94 -36.13 -51.98
C VAL M 478 -48.52 -35.57 -51.88
N GLY M 479 -47.94 -35.34 -53.05
CA GLY M 479 -46.83 -34.44 -53.24
C GLY M 479 -47.40 -33.14 -53.78
N ASP M 480 -47.36 -32.95 -55.09
CA ASP M 480 -48.04 -31.83 -55.73
C ASP M 480 -49.22 -32.34 -56.55
N ARG M 481 -50.42 -31.86 -56.17
CA ARG M 481 -51.65 -32.29 -56.84
C ARG M 481 -51.68 -31.83 -58.28
N SER M 482 -51.19 -30.61 -58.56
CA SER M 482 -51.15 -30.12 -59.93
C SER M 482 -50.17 -30.92 -60.78
N LEU M 483 -49.06 -31.37 -60.17
CA LEU M 483 -48.14 -32.29 -60.83
C LEU M 483 -48.83 -33.58 -61.22
N VAL M 484 -49.60 -34.15 -60.28
CA VAL M 484 -50.29 -35.43 -60.56
C VAL M 484 -51.34 -35.25 -61.65
N LYS M 485 -52.14 -34.17 -61.57
CA LYS M 485 -53.18 -33.91 -62.56
C LYS M 485 -52.60 -33.67 -63.95
N ASP M 486 -51.51 -32.91 -64.03
CA ASP M 486 -50.95 -32.60 -65.34
C ASP M 486 -50.27 -33.81 -65.96
N THR M 487 -49.58 -34.63 -65.14
CA THR M 487 -49.02 -35.87 -65.67
C THR M 487 -50.11 -36.81 -66.18
N ALA M 488 -51.22 -36.92 -65.44
CA ALA M 488 -52.33 -37.77 -65.89
C ALA M 488 -52.96 -37.25 -67.17
N VAL M 489 -53.14 -35.92 -67.29
CA VAL M 489 -53.82 -35.41 -68.46
C VAL M 489 -52.92 -35.45 -69.69
N LEU M 490 -51.59 -35.37 -69.51
CA LEU M 490 -50.72 -35.53 -70.69
C LEU M 490 -50.61 -36.99 -71.11
N LYS M 491 -50.53 -37.91 -70.15
CA LYS M 491 -50.49 -39.33 -70.48
C LYS M 491 -51.77 -39.80 -71.14
N HIS M 492 -52.91 -39.20 -70.81
CA HIS M 492 -54.13 -39.51 -71.55
C HIS M 492 -54.27 -38.66 -72.80
N ALA M 493 -53.53 -37.57 -72.92
CA ALA M 493 -53.66 -36.70 -74.07
C ALA M 493 -52.89 -37.22 -75.28
N TYR M 494 -51.78 -37.92 -75.04
CA TYR M 494 -50.96 -38.37 -76.17
C TYR M 494 -51.21 -39.82 -76.55
N GLN M 495 -52.45 -40.30 -76.49
CA GLN M 495 -52.71 -41.71 -76.75
C GLN M 495 -53.09 -42.02 -78.20
N ALA M 496 -54.23 -41.51 -78.66
CA ALA M 496 -54.83 -42.08 -79.86
C ALA M 496 -54.51 -41.22 -81.08
N ILE M 497 -55.18 -41.49 -82.20
CA ILE M 497 -54.95 -40.82 -83.48
C ILE M 497 -56.22 -40.12 -83.94
N ASP M 498 -56.05 -39.07 -84.72
CA ASP M 498 -57.17 -38.36 -85.30
C ASP M 498 -57.58 -38.99 -86.63
N PRO M 499 -58.83 -38.82 -87.08
CA PRO M 499 -59.23 -39.43 -88.36
C PRO M 499 -58.68 -38.75 -89.59
N ASN M 500 -58.13 -37.54 -89.47
CA ASN M 500 -57.58 -36.87 -90.66
C ASN M 500 -56.20 -37.41 -90.99
N THR M 501 -55.25 -37.25 -90.09
CA THR M 501 -53.89 -37.74 -90.31
C THR M 501 -53.77 -39.15 -89.75
N GLY M 502 -53.04 -39.99 -90.47
CA GLY M 502 -52.88 -41.36 -90.01
C GLY M 502 -51.93 -41.55 -88.87
N LYS M 503 -51.14 -40.53 -88.53
CA LYS M 503 -50.00 -40.77 -87.63
C LYS M 503 -50.40 -40.80 -86.16
N GLU M 504 -50.83 -39.67 -85.60
CA GLU M 504 -51.05 -39.50 -84.16
C GLU M 504 -51.70 -38.14 -83.92
N TYR M 505 -51.83 -37.78 -82.64
CA TYR M 505 -52.37 -36.48 -82.24
C TYR M 505 -51.36 -35.36 -82.43
N LEU M 506 -50.29 -35.39 -81.64
CA LEU M 506 -49.31 -34.33 -81.58
C LEU M 506 -47.91 -34.93 -81.65
N ARG M 507 -46.92 -34.05 -81.87
CA ARG M 507 -45.55 -34.49 -82.10
C ARG M 507 -44.60 -33.81 -81.13
N ALA M 508 -43.30 -33.95 -81.36
CA ALA M 508 -42.28 -33.29 -80.56
C ALA M 508 -42.05 -31.87 -81.06
N GLY M 509 -41.82 -30.97 -80.12
CA GLY M 509 -41.56 -29.58 -80.45
C GLY M 509 -42.78 -28.84 -80.95
N GLN M 510 -43.77 -28.68 -80.08
CA GLN M 510 -45.02 -28.08 -80.49
C GLN M 510 -45.14 -26.60 -80.12
N SER M 511 -44.17 -26.05 -79.37
CA SER M 511 -44.14 -24.66 -78.91
C SER M 511 -45.43 -24.30 -78.16
N VAL M 512 -45.59 -24.96 -77.03
CA VAL M 512 -46.84 -24.91 -76.28
C VAL M 512 -46.96 -23.63 -75.47
N ALA M 513 -48.15 -23.40 -74.92
CA ALA M 513 -48.38 -22.33 -73.97
C ALA M 513 -49.14 -22.87 -72.78
N TYR M 514 -49.04 -22.18 -71.66
CA TYR M 514 -49.69 -22.61 -70.45
C TYR M 514 -50.45 -21.43 -69.93
N PHE M 515 -51.55 -21.68 -69.28
CA PHE M 515 -52.39 -20.67 -68.66
C PHE M 515 -52.54 -20.96 -67.18
N GLY M 516 -52.58 -19.90 -66.38
CA GLY M 516 -52.88 -20.02 -64.97
C GLY M 516 -51.81 -20.68 -64.13
N ALA M 517 -50.59 -20.17 -64.16
CA ALA M 517 -49.52 -20.75 -63.37
C ALA M 517 -49.57 -20.24 -61.94
N SER M 518 -49.62 -21.17 -60.99
CA SER M 518 -49.62 -20.80 -59.58
C SER M 518 -48.25 -20.29 -59.16
N ALA M 519 -47.18 -20.93 -59.64
CA ALA M 519 -45.77 -20.58 -59.44
C ALA M 519 -45.31 -20.62 -57.98
N GLY M 520 -46.13 -21.16 -57.07
CA GLY M 520 -45.66 -21.39 -55.72
C GLY M 520 -45.70 -22.86 -55.37
N HIS M 521 -44.52 -23.49 -55.33
CA HIS M 521 -44.42 -24.91 -55.03
C HIS M 521 -43.21 -25.20 -54.15
N SER M 522 -42.83 -24.23 -53.31
CA SER M 522 -41.63 -24.27 -52.47
C SER M 522 -40.37 -24.53 -53.28
N GLY M 523 -40.13 -23.70 -54.30
CA GLY M 523 -39.01 -23.89 -55.19
C GLY M 523 -39.50 -24.17 -56.58
N ALA M 524 -38.70 -23.80 -57.59
CA ALA M 524 -39.01 -23.97 -59.02
C ALA M 524 -40.32 -23.26 -59.37
N ASP M 525 -40.25 -21.92 -59.31
CA ASP M 525 -41.44 -21.06 -59.31
C ASP M 525 -42.16 -21.07 -60.66
N GLN M 526 -42.87 -22.16 -60.90
CA GLN M 526 -43.62 -22.54 -62.09
C GLN M 526 -44.30 -23.85 -61.73
N PRO M 527 -45.27 -24.34 -62.51
CA PRO M 527 -45.76 -25.71 -62.27
C PRO M 527 -44.67 -26.75 -62.50
N LEU M 528 -44.70 -27.79 -61.68
CA LEU M 528 -43.61 -28.75 -61.56
C LEU M 528 -43.53 -29.74 -62.72
N VAL M 529 -44.36 -29.59 -63.76
CA VAL M 529 -44.26 -30.46 -64.92
C VAL M 529 -43.45 -29.87 -66.05
N ILE M 530 -43.08 -28.60 -65.95
CA ILE M 530 -42.47 -27.90 -67.08
C ILE M 530 -41.06 -28.42 -67.33
N GLU M 531 -40.23 -28.47 -66.29
CA GLU M 531 -38.88 -29.00 -66.46
C GLU M 531 -38.83 -30.50 -66.76
N PRO M 532 -39.55 -31.40 -66.05
CA PRO M 532 -39.49 -32.82 -66.46
C PRO M 532 -40.15 -33.10 -67.80
N TRP M 533 -41.15 -32.30 -68.18
CA TRP M 533 -41.78 -32.50 -69.47
C TRP M 533 -40.94 -31.94 -70.61
N MET M 534 -40.17 -30.89 -70.35
CA MET M 534 -39.21 -30.42 -71.34
C MET M 534 -38.05 -31.40 -71.48
N GLN M 535 -37.65 -32.03 -70.37
CA GLN M 535 -36.62 -33.04 -70.45
C GLN M 535 -37.13 -34.39 -70.95
N GLY M 536 -38.45 -34.57 -71.04
CA GLY M 536 -38.97 -35.85 -71.46
C GLY M 536 -38.96 -36.90 -70.38
N LYS M 537 -39.07 -36.49 -69.11
CA LYS M 537 -39.01 -37.43 -68.00
C LYS M 537 -40.32 -38.17 -67.79
N ILE M 538 -41.38 -37.81 -68.51
CA ILE M 538 -42.66 -38.51 -68.35
C ILE M 538 -42.62 -39.88 -69.05
N SER M 539 -41.80 -40.02 -70.09
CA SER M 539 -41.55 -41.25 -70.85
C SER M 539 -42.81 -41.80 -71.51
N GLY M 540 -43.77 -40.94 -71.82
CA GLY M 540 -44.92 -41.34 -72.60
C GLY M 540 -45.35 -40.20 -73.50
N VAL M 541 -44.55 -39.14 -73.52
CA VAL M 541 -44.90 -37.90 -74.19
C VAL M 541 -43.79 -37.55 -75.17
N PRO M 542 -44.07 -36.69 -76.14
CA PRO M 542 -42.99 -36.05 -76.89
C PRO M 542 -42.60 -34.73 -76.26
N PRO M 543 -41.31 -34.41 -76.21
CA PRO M 543 -40.87 -33.17 -75.57
C PRO M 543 -41.18 -31.96 -76.43
N PRO M 544 -41.61 -30.85 -75.83
CA PRO M 544 -41.91 -29.65 -76.62
C PRO M 544 -40.67 -28.88 -77.05
N SER M 545 -40.87 -27.70 -77.65
CA SER M 545 -39.77 -26.84 -78.04
C SER M 545 -39.68 -25.59 -77.19
N SER M 546 -40.80 -24.91 -76.98
CA SER M 546 -40.83 -23.71 -76.16
C SER M 546 -42.08 -23.71 -75.30
N VAL M 547 -41.96 -23.22 -74.07
CA VAL M 547 -43.03 -23.21 -73.10
C VAL M 547 -43.23 -21.77 -72.62
N ARG M 548 -44.46 -21.27 -72.73
CA ARG M 548 -44.83 -19.98 -72.18
C ARG M 548 -45.91 -20.19 -71.12
N GLN M 549 -45.74 -19.58 -69.97
CA GLN M 549 -46.71 -19.66 -68.89
C GLN M 549 -47.40 -18.32 -68.70
N PHE M 550 -48.73 -18.33 -68.76
CA PHE M 550 -49.55 -17.15 -68.60
C PHE M 550 -50.48 -17.32 -67.40
N GLY M 551 -51.13 -16.23 -67.03
CA GLY M 551 -51.98 -16.23 -65.85
C GLY M 551 -51.58 -15.16 -64.87
N TYR M 552 -52.51 -14.63 -64.01
CA TYR M 552 -52.06 -13.53 -63.16
C TYR M 552 -51.35 -13.90 -61.89
N ASP M 553 -50.68 -15.16 -61.85
CA ASP M 553 -49.80 -15.49 -60.73
C ASP M 553 -48.48 -16.09 -61.21
N VAL M 554 -48.00 -15.70 -62.37
CA VAL M 554 -46.79 -16.30 -62.91
C VAL M 554 -45.56 -15.67 -62.28
N ALA M 555 -44.40 -16.28 -62.53
CA ALA M 555 -43.11 -15.74 -62.12
C ALA M 555 -42.22 -15.36 -63.29
N LYS M 556 -42.32 -16.08 -64.42
CA LYS M 556 -41.48 -15.83 -65.58
C LYS M 556 -42.22 -15.16 -66.72
N GLY M 557 -43.51 -15.47 -66.89
CA GLY M 557 -44.29 -14.88 -67.97
C GLY M 557 -44.83 -13.52 -67.59
N ALA M 558 -46.01 -13.22 -68.13
CA ALA M 558 -46.73 -12.00 -67.84
C ALA M 558 -48.08 -12.31 -67.19
N ILE M 559 -48.59 -11.37 -66.41
CA ILE M 559 -49.87 -11.53 -65.74
C ILE M 559 -50.95 -10.83 -66.56
N VAL M 560 -51.92 -11.61 -67.00
CA VAL M 560 -52.95 -11.20 -67.95
C VAL M 560 -54.29 -11.71 -67.45
N ASP M 561 -55.32 -10.86 -67.49
CA ASP M 561 -56.68 -11.33 -67.31
C ASP M 561 -57.04 -12.27 -68.47
N LEU M 562 -57.22 -13.54 -68.15
CA LEU M 562 -57.50 -14.55 -69.16
C LEU M 562 -58.96 -14.58 -69.58
N ALA M 563 -59.86 -13.99 -68.79
CA ALA M 563 -61.27 -13.97 -69.14
C ALA M 563 -61.53 -13.02 -70.31
N ARG M 564 -61.12 -11.77 -70.17
CA ARG M 564 -61.21 -10.85 -71.28
C ARG M 564 -60.15 -11.20 -72.34
N PRO M 565 -60.49 -11.14 -73.62
CA PRO M 565 -59.54 -11.57 -74.64
C PRO M 565 -58.40 -10.58 -74.86
N PHE M 566 -57.23 -10.93 -74.35
CA PHE M 566 -56.01 -10.24 -74.74
C PHE M 566 -55.30 -11.06 -75.80
N PRO M 567 -55.09 -10.51 -76.99
CA PRO M 567 -54.38 -11.27 -78.02
C PRO M 567 -52.88 -11.29 -77.77
N SER M 568 -52.29 -12.47 -77.99
CA SER M 568 -50.86 -12.65 -77.89
C SER M 568 -50.44 -13.56 -79.03
N GLY M 569 -49.20 -14.06 -78.96
CA GLY M 569 -48.74 -14.98 -79.99
C GLY M 569 -49.51 -16.27 -79.95
N ASP M 570 -49.93 -16.73 -81.12
CA ASP M 570 -50.70 -17.96 -81.23
C ASP M 570 -49.75 -19.15 -81.20
N TYR M 571 -50.10 -20.15 -80.40
CA TYR M 571 -49.29 -21.34 -80.22
C TYR M 571 -50.10 -22.57 -80.61
N GLN M 572 -49.38 -23.61 -81.06
CA GLN M 572 -50.03 -24.83 -81.53
C GLN M 572 -50.78 -25.58 -80.44
N PHE M 573 -50.42 -25.38 -79.18
CA PHE M 573 -51.12 -26.02 -78.08
C PHE M 573 -51.13 -25.11 -76.86
N VAL M 574 -52.29 -24.91 -76.27
CA VAL M 574 -52.42 -24.14 -75.05
C VAL M 574 -53.12 -25.01 -74.00
N TYR M 575 -52.86 -24.68 -72.74
CA TYR M 575 -53.32 -25.48 -71.61
C TYR M 575 -53.85 -24.54 -70.55
N SER M 576 -55.15 -24.58 -70.30
CA SER M 576 -55.74 -23.77 -69.25
C SER M 576 -55.68 -24.51 -67.92
N ASP M 577 -55.62 -23.78 -66.85
CA ASP M 577 -55.75 -24.48 -65.58
C ASP M 577 -56.33 -23.48 -64.63
N VAL M 578 -56.75 -22.35 -65.19
CA VAL M 578 -57.38 -21.33 -64.37
C VAL M 578 -58.79 -21.77 -63.98
N ASP M 579 -59.13 -21.58 -62.71
CA ASP M 579 -60.44 -21.99 -62.24
C ASP M 579 -61.50 -20.95 -62.55
N GLN M 580 -62.69 -21.16 -62.05
CA GLN M 580 -63.73 -20.19 -62.25
C GLN M 580 -64.25 -19.81 -60.89
N VAL M 581 -63.38 -19.82 -59.89
CA VAL M 581 -63.84 -19.56 -58.53
C VAL M 581 -63.21 -18.29 -57.98
N VAL M 582 -61.89 -18.16 -58.14
CA VAL M 582 -61.17 -17.01 -57.62
C VAL M 582 -61.54 -15.76 -58.41
N ASP M 583 -61.57 -15.88 -59.74
CA ASP M 583 -62.06 -14.79 -60.57
C ASP M 583 -63.57 -14.63 -60.46
N GLY M 584 -64.29 -15.68 -60.03
CA GLY M 584 -65.71 -15.58 -59.80
C GLY M 584 -66.03 -15.03 -58.42
N HIS M 585 -67.32 -14.89 -58.16
CA HIS M 585 -67.80 -14.27 -56.93
C HIS M 585 -68.92 -15.10 -56.33
N ASP M 586 -68.71 -16.42 -56.30
CA ASP M 586 -69.59 -17.41 -55.68
C ASP M 586 -71.00 -17.36 -56.29
N ASP M 587 -71.05 -17.65 -57.58
CA ASP M 587 -72.33 -17.74 -58.29
C ASP M 587 -72.14 -18.65 -59.49
N LEU M 588 -73.15 -19.50 -59.71
CA LEU M 588 -73.11 -20.38 -60.87
C LEU M 588 -73.22 -19.61 -62.17
N SER M 589 -73.93 -18.47 -62.16
CA SER M 589 -74.05 -17.64 -63.34
C SER M 589 -72.71 -17.03 -63.74
N ILE M 590 -72.00 -16.46 -62.76
CA ILE M 590 -70.73 -15.84 -63.09
C ILE M 590 -69.67 -16.91 -63.34
N SER M 591 -69.84 -18.11 -62.76
CA SER M 591 -68.96 -19.23 -63.07
C SER M 591 -69.13 -19.67 -64.52
N SER M 592 -70.39 -19.79 -64.96
CA SER M 592 -70.69 -20.14 -66.34
C SER M 592 -70.20 -19.06 -67.30
N GLY M 593 -70.34 -17.79 -66.92
CA GLY M 593 -69.88 -16.72 -67.78
C GLY M 593 -68.37 -16.66 -67.91
N LEU M 594 -67.66 -16.98 -66.82
CA LEU M 594 -66.21 -17.08 -66.92
C LEU M 594 -65.78 -18.27 -67.75
N VAL M 595 -66.53 -19.38 -67.69
CA VAL M 595 -66.27 -20.51 -68.58
C VAL M 595 -66.47 -20.09 -70.04
N GLU M 596 -67.53 -19.32 -70.30
CA GLU M 596 -67.80 -18.77 -71.63
C GLU M 596 -66.64 -17.94 -72.15
N SER M 597 -66.22 -16.93 -71.37
CA SER M 597 -65.21 -15.99 -71.82
C SER M 597 -63.85 -16.65 -71.94
N LEU M 598 -63.50 -17.50 -70.97
CA LEU M 598 -62.20 -18.15 -70.97
C LEU M 598 -62.09 -19.14 -72.11
N LEU M 599 -63.17 -19.89 -72.37
CA LEU M 599 -63.16 -20.81 -73.49
C LEU M 599 -63.17 -20.08 -74.82
N ASP M 600 -63.83 -18.92 -74.89
CA ASP M 600 -63.81 -18.13 -76.12
C ASP M 600 -62.41 -17.60 -76.43
N SER M 601 -61.72 -17.08 -75.42
CA SER M 601 -60.35 -16.60 -75.62
C SER M 601 -59.41 -17.75 -75.95
N CYS M 602 -59.63 -18.91 -75.32
CA CYS M 602 -58.81 -20.08 -75.61
C CYS M 602 -59.04 -20.62 -77.01
N VAL M 603 -60.27 -20.51 -77.53
CA VAL M 603 -60.54 -20.91 -78.89
C VAL M 603 -59.92 -19.93 -79.87
N HIS M 604 -60.08 -18.63 -79.62
CA HIS M 604 -59.53 -17.63 -80.53
C HIS M 604 -58.02 -17.46 -80.42
N ALA M 605 -57.35 -18.13 -79.47
CA ALA M 605 -55.90 -18.05 -79.40
C ALA M 605 -55.25 -19.42 -79.51
N THR M 606 -55.64 -20.22 -80.51
CA THR M 606 -55.29 -21.64 -80.56
C THR M 606 -54.38 -22.01 -81.73
N ALA M 607 -54.14 -21.08 -82.69
CA ALA M 607 -53.36 -21.30 -83.91
C ALA M 607 -53.90 -22.50 -84.69
N PRO M 608 -54.96 -22.30 -85.47
CA PRO M 608 -55.90 -23.37 -85.83
C PRO M 608 -55.28 -24.56 -86.56
N GLY M 609 -55.86 -25.73 -86.34
CA GLY M 609 -55.21 -26.98 -86.59
C GLY M 609 -54.56 -27.59 -85.37
N GLY M 610 -54.62 -26.91 -84.22
CA GLY M 610 -54.04 -27.35 -82.98
C GLY M 610 -55.06 -27.89 -82.01
N SER M 611 -54.76 -27.79 -80.72
CA SER M 611 -55.58 -28.39 -79.69
C SER M 611 -55.48 -27.57 -78.42
N PHE M 612 -56.41 -27.81 -77.50
CA PHE M 612 -56.36 -27.19 -76.18
C PHE M 612 -57.04 -28.08 -75.16
N VAL M 613 -56.78 -27.77 -73.89
CA VAL M 613 -57.34 -28.50 -72.75
C VAL M 613 -58.04 -27.51 -71.85
N MET M 614 -59.28 -27.80 -71.50
CA MET M 614 -60.06 -27.00 -70.58
C MET M 614 -60.29 -27.75 -69.28
N LYS M 615 -60.36 -27.00 -68.18
CA LYS M 615 -60.88 -27.51 -66.93
C LYS M 615 -62.15 -26.74 -66.58
N ILE M 616 -63.16 -27.46 -66.11
CA ILE M 616 -64.47 -26.89 -65.83
C ILE M 616 -64.88 -27.32 -64.43
N ASN M 617 -64.98 -26.35 -63.53
CA ASN M 617 -65.45 -26.66 -62.17
C ASN M 617 -66.97 -26.70 -62.10
N PHE M 618 -67.64 -25.73 -62.72
CA PHE M 618 -69.09 -25.57 -62.59
C PHE M 618 -69.75 -25.55 -63.96
N PRO M 619 -70.09 -26.72 -64.51
CA PRO M 619 -70.83 -26.75 -65.77
C PRO M 619 -72.33 -26.65 -65.59
N THR M 620 -72.97 -25.85 -66.45
CA THR M 620 -74.41 -25.59 -66.38
C THR M 620 -75.01 -25.84 -67.76
N ARG M 621 -76.34 -25.66 -67.84
CA ARG M 621 -77.09 -25.82 -69.09
C ARG M 621 -76.53 -24.93 -70.19
N THR M 622 -76.25 -23.67 -69.85
CA THR M 622 -75.63 -22.74 -70.78
C THR M 622 -74.26 -23.21 -71.23
N VAL M 623 -73.49 -23.82 -70.33
CA VAL M 623 -72.15 -24.30 -70.64
C VAL M 623 -72.20 -25.44 -71.66
N TRP M 624 -72.98 -26.49 -71.34
CA TRP M 624 -73.06 -27.65 -72.22
C TRP M 624 -73.74 -27.31 -73.54
N HIS M 625 -74.83 -26.53 -73.49
CA HIS M 625 -75.53 -26.13 -74.69
C HIS M 625 -74.66 -25.26 -75.58
N TYR M 626 -73.87 -24.36 -74.98
CA TYR M 626 -72.98 -23.50 -75.75
C TYR M 626 -71.86 -24.28 -76.40
N ILE M 627 -71.24 -25.21 -75.66
CA ILE M 627 -70.11 -25.92 -76.27
C ILE M 627 -70.61 -26.91 -77.31
N GLU M 628 -71.83 -27.43 -77.15
CA GLU M 628 -72.40 -28.30 -78.17
C GLU M 628 -72.82 -27.52 -79.41
N GLN M 629 -73.33 -26.30 -79.24
CA GLN M 629 -73.74 -25.53 -80.42
C GLN M 629 -72.56 -24.86 -81.10
N LYS M 630 -71.45 -24.63 -80.40
CA LYS M 630 -70.36 -23.82 -80.93
C LYS M 630 -69.12 -24.66 -81.24
N ILE M 631 -68.59 -25.38 -80.26
CA ILE M 631 -67.25 -25.93 -80.37
C ILE M 631 -67.27 -27.26 -81.10
N LEU M 632 -68.13 -28.18 -80.66
CA LEU M 632 -68.38 -29.48 -81.27
C LEU M 632 -68.67 -29.44 -82.77
N PRO M 633 -69.30 -28.40 -83.34
CA PRO M 633 -69.23 -28.28 -84.81
C PRO M 633 -67.84 -27.93 -85.29
N ASN M 634 -67.16 -26.97 -84.67
CA ASN M 634 -65.93 -26.42 -85.20
C ASN M 634 -64.69 -27.17 -84.72
N VAL M 635 -64.83 -28.34 -84.12
CA VAL M 635 -63.70 -29.11 -83.65
C VAL M 635 -63.66 -30.42 -84.43
N THR M 636 -62.46 -31.01 -84.53
CA THR M 636 -62.30 -32.29 -85.20
C THR M 636 -62.64 -33.46 -84.28
N SER M 637 -62.02 -33.51 -83.11
CA SER M 637 -62.32 -34.51 -82.10
C SER M 637 -62.11 -33.90 -80.73
N TYR M 638 -62.45 -34.64 -79.69
CA TYR M 638 -62.28 -34.13 -78.34
C TYR M 638 -62.06 -35.28 -77.37
N MET M 639 -61.95 -34.93 -76.10
CA MET M 639 -61.62 -35.87 -75.04
C MET M 639 -62.02 -35.24 -73.71
N LEU M 640 -62.57 -36.04 -72.80
CA LEU M 640 -62.87 -35.57 -71.46
C LEU M 640 -62.47 -36.65 -70.47
N ILE M 641 -61.56 -36.31 -69.57
CA ILE M 641 -61.04 -37.24 -68.57
C ILE M 641 -61.22 -36.61 -67.20
N LYS M 642 -60.94 -37.41 -66.18
CA LYS M 642 -60.96 -36.93 -64.79
C LYS M 642 -60.05 -37.80 -63.95
N PRO M 643 -58.81 -37.36 -63.73
CA PRO M 643 -58.04 -37.93 -62.62
C PRO M 643 -58.60 -37.44 -61.30
N PHE M 644 -58.37 -38.23 -60.24
CA PHE M 644 -59.08 -38.05 -58.98
C PHE M 644 -58.12 -38.12 -57.81
N VAL M 645 -57.89 -36.98 -57.15
CA VAL M 645 -57.19 -36.97 -55.87
C VAL M 645 -58.04 -36.25 -54.83
N THR M 646 -58.96 -35.40 -55.28
CA THR M 646 -59.82 -34.60 -54.41
C THR M 646 -61.27 -34.80 -54.79
N ASN M 647 -62.15 -34.74 -53.78
CA ASN M 647 -63.57 -34.95 -53.98
C ASN M 647 -64.14 -33.66 -54.57
N ASN M 648 -64.32 -33.63 -55.89
CA ASN M 648 -64.79 -32.45 -56.56
C ASN M 648 -65.51 -32.84 -57.84
N VAL M 649 -66.21 -31.88 -58.44
CA VAL M 649 -67.01 -32.11 -59.62
C VAL M 649 -66.31 -31.65 -60.90
N GLU M 650 -65.02 -31.33 -60.82
CA GLU M 650 -64.34 -30.82 -61.99
C GLU M 650 -63.92 -31.95 -62.91
N VAL M 651 -63.92 -31.66 -64.22
CA VAL M 651 -63.45 -32.58 -65.25
C VAL M 651 -62.46 -31.82 -66.13
N PHE M 652 -61.71 -32.58 -66.91
CA PHE M 652 -60.69 -32.03 -67.80
C PHE M 652 -61.10 -32.28 -69.23
N PHE M 653 -61.56 -31.23 -69.90
CA PHE M 653 -62.01 -31.32 -71.28
C PHE M 653 -60.86 -31.00 -72.21
N VAL M 654 -60.61 -31.89 -73.17
CA VAL M 654 -59.51 -31.75 -74.11
C VAL M 654 -60.11 -31.68 -75.52
N ALA M 655 -59.63 -30.74 -76.32
CA ALA M 655 -60.06 -30.62 -77.70
C ALA M 655 -58.98 -31.14 -78.65
N PHE M 656 -59.37 -31.39 -79.89
CA PHE M 656 -58.44 -31.86 -80.92
C PHE M 656 -58.87 -31.31 -82.28
N GLY M 657 -57.93 -30.67 -82.98
CA GLY M 657 -58.22 -30.20 -84.32
C GLY M 657 -59.19 -29.05 -84.35
N VAL M 658 -58.77 -27.88 -83.91
CA VAL M 658 -59.66 -26.74 -83.81
C VAL M 658 -59.85 -26.10 -85.17
N HIS M 659 -61.01 -25.45 -85.32
CA HIS M 659 -61.40 -24.68 -86.51
C HIS M 659 -61.46 -25.55 -87.77
N GLN M 660 -62.08 -26.73 -87.65
CA GLN M 660 -62.53 -27.48 -88.81
C GLN M 660 -63.97 -27.93 -88.53
N GLN M 661 -64.86 -27.63 -89.47
CA GLN M 661 -66.27 -27.94 -89.29
C GLN M 661 -66.51 -29.44 -89.34
N SER M 662 -67.48 -29.89 -88.55
CA SER M 662 -67.77 -31.32 -88.42
C SER M 662 -69.14 -31.50 -87.80
N ALA M 663 -69.98 -32.33 -88.43
CA ALA M 663 -71.23 -32.74 -87.80
C ALA M 663 -70.91 -33.67 -86.64
N LEU M 664 -71.04 -33.16 -85.42
CA LEU M 664 -70.48 -33.84 -84.27
C LEU M 664 -71.22 -33.39 -83.01
N THR M 665 -71.84 -34.34 -82.32
CA THR M 665 -72.60 -34.03 -81.10
C THR M 665 -72.11 -34.89 -79.94
N TRP M 666 -72.83 -34.88 -78.83
CA TRP M 666 -72.53 -35.71 -77.68
C TRP M 666 -73.10 -37.10 -77.87
N THR M 667 -72.52 -38.07 -77.16
CA THR M 667 -72.87 -39.48 -77.32
C THR M 667 -73.21 -40.10 -75.97
N SER M 668 -73.88 -41.25 -76.06
CA SER M 668 -74.37 -41.94 -74.87
C SER M 668 -73.25 -42.56 -74.04
N GLY M 669 -72.09 -42.85 -74.63
CA GLY M 669 -70.97 -43.31 -73.83
C GLY M 669 -70.43 -42.21 -72.93
N VAL M 670 -70.33 -40.99 -73.47
CA VAL M 670 -70.03 -39.80 -72.66
C VAL M 670 -71.11 -39.58 -71.61
N TYR M 671 -72.36 -39.88 -71.98
CA TYR M 671 -73.46 -39.76 -71.03
C TYR M 671 -73.34 -40.74 -69.87
N PHE M 672 -73.01 -42.01 -70.16
CA PHE M 672 -72.81 -42.98 -69.08
C PHE M 672 -71.62 -42.61 -68.21
N PHE M 673 -70.56 -42.07 -68.82
CA PHE M 673 -69.40 -41.63 -68.06
C PHE M 673 -69.76 -40.49 -67.12
N LEU M 674 -70.57 -39.55 -67.59
CA LEU M 674 -70.92 -38.38 -66.78
C LEU M 674 -71.92 -38.74 -65.68
N VAL M 675 -72.86 -39.63 -65.99
CA VAL M 675 -73.79 -40.16 -64.98
C VAL M 675 -73.00 -40.86 -63.87
N ASP M 676 -72.05 -41.70 -64.26
CA ASP M 676 -71.32 -42.44 -63.25
C ASP M 676 -70.35 -41.53 -62.48
N HIS M 677 -69.87 -40.47 -63.11
CA HIS M 677 -69.03 -39.49 -62.43
C HIS M 677 -69.79 -38.73 -61.35
N PHE M 678 -70.95 -38.17 -61.71
CA PHE M 678 -71.76 -37.49 -60.70
C PHE M 678 -72.26 -38.45 -59.62
N TYR M 679 -72.52 -39.70 -59.98
CA TYR M 679 -72.98 -40.67 -59.00
C TYR M 679 -71.87 -41.04 -58.02
N ARG M 680 -70.64 -41.21 -58.51
CA ARG M 680 -69.56 -41.54 -57.59
C ARG M 680 -69.16 -40.33 -56.75
N TYR M 681 -69.37 -39.12 -57.28
CA TYR M 681 -69.23 -37.93 -56.47
C TYR M 681 -70.22 -37.93 -55.32
N GLU M 682 -71.47 -38.27 -55.62
CA GLU M 682 -72.52 -38.28 -54.59
C GLU M 682 -72.26 -39.34 -53.54
N THR M 683 -71.81 -40.53 -53.96
CA THR M 683 -71.54 -41.59 -53.01
C THR M 683 -70.35 -41.24 -52.12
N LEU M 684 -69.28 -40.72 -52.69
CA LEU M 684 -68.11 -40.44 -51.87
C LEU M 684 -68.34 -39.21 -50.99
N SER M 685 -69.21 -38.29 -51.42
CA SER M 685 -69.60 -37.19 -50.55
C SER M 685 -70.44 -37.67 -49.38
N ALA M 686 -71.32 -38.64 -49.63
CA ALA M 686 -72.09 -39.24 -48.53
C ALA M 686 -71.20 -40.02 -47.59
N ILE M 687 -70.10 -40.57 -48.11
CA ILE M 687 -69.12 -41.23 -47.24
C ILE M 687 -68.41 -40.20 -46.38
N SER M 688 -67.89 -39.13 -47.00
CA SER M 688 -67.12 -38.13 -46.28
C SER M 688 -67.96 -37.30 -45.34
N ARG M 689 -69.28 -37.27 -45.54
CA ARG M 689 -70.16 -36.50 -44.66
C ARG M 689 -70.30 -37.16 -43.29
N GLN M 690 -70.16 -38.48 -43.22
CA GLN M 690 -70.35 -39.19 -41.97
C GLN M 690 -69.11 -39.21 -41.09
N LEU M 691 -67.92 -39.14 -41.70
CA LEU M 691 -66.67 -39.27 -40.95
C LEU M 691 -66.45 -38.03 -40.09
N PRO M 692 -65.88 -38.19 -38.89
CA PRO M 692 -65.56 -37.02 -38.05
C PRO M 692 -64.42 -36.20 -38.63
N SER M 693 -64.13 -35.09 -37.95
CA SER M 693 -63.31 -34.02 -38.51
C SER M 693 -61.83 -34.38 -38.46
N PHE M 694 -60.97 -33.39 -38.73
CA PHE M 694 -59.54 -33.67 -38.77
C PHE M 694 -58.92 -33.66 -37.37
N GLY M 695 -58.94 -32.50 -36.72
CA GLY M 695 -58.30 -32.38 -35.42
C GLY M 695 -59.25 -32.44 -34.24
N TYR M 696 -59.98 -33.53 -34.07
CA TYR M 696 -60.96 -33.63 -33.00
C TYR M 696 -60.42 -34.47 -31.85
N VAL M 697 -61.20 -34.50 -30.77
CA VAL M 697 -60.97 -35.40 -29.64
C VAL M 697 -62.13 -36.38 -29.62
N ASP M 698 -61.80 -37.65 -29.37
CA ASP M 698 -62.83 -38.68 -29.35
C ASP M 698 -63.33 -38.89 -27.93
N ASP M 699 -64.61 -39.18 -27.80
CA ASP M 699 -65.21 -39.41 -26.49
C ASP M 699 -66.21 -40.55 -26.50
N GLY M 700 -66.17 -41.42 -27.51
CA GLY M 700 -67.13 -42.49 -27.61
C GLY M 700 -68.52 -42.06 -28.03
N SER M 701 -68.68 -40.84 -28.52
CA SER M 701 -69.99 -40.35 -28.94
C SER M 701 -70.32 -40.73 -30.37
N SER M 702 -69.34 -40.73 -31.27
CA SER M 702 -69.58 -41.05 -32.66
C SER M 702 -69.69 -42.56 -32.86
N VAL M 703 -70.32 -42.94 -33.98
CA VAL M 703 -70.50 -44.35 -34.28
C VAL M 703 -69.18 -44.97 -34.75
N THR M 704 -68.31 -44.17 -35.33
CA THR M 704 -66.98 -44.62 -35.74
C THR M 704 -65.94 -43.87 -34.92
N GLY M 705 -64.79 -44.48 -34.74
CA GLY M 705 -63.75 -43.89 -33.92
C GLY M 705 -62.99 -44.96 -33.17
N ILE M 706 -62.20 -44.51 -32.20
CA ILE M 706 -61.35 -45.39 -31.41
C ILE M 706 -61.96 -45.54 -30.02
N GLU M 707 -61.42 -46.53 -29.30
CA GLU M 707 -61.73 -46.67 -27.88
C GLU M 707 -60.54 -47.34 -27.20
N ILE M 708 -60.15 -46.80 -26.05
CA ILE M 708 -59.14 -47.42 -25.20
C ILE M 708 -59.65 -47.40 -23.76
N ILE M 709 -59.20 -48.39 -22.99
CA ILE M 709 -59.42 -48.42 -21.56
C ILE M 709 -58.11 -48.79 -20.88
N SER M 710 -58.05 -48.56 -19.58
CA SER M 710 -56.84 -48.79 -18.81
C SER M 710 -57.18 -49.49 -17.51
N ILE M 711 -56.65 -50.69 -17.33
CA ILE M 711 -56.74 -51.42 -16.07
C ILE M 711 -55.33 -51.80 -15.64
N GLU M 712 -55.19 -52.12 -14.36
CA GLU M 712 -53.93 -52.58 -13.82
C GLU M 712 -54.07 -54.03 -13.34
N ASN M 713 -53.00 -54.80 -13.52
CA ASN M 713 -53.01 -56.23 -13.17
C ASN M 713 -52.02 -56.56 -12.07
N PRO M 714 -52.47 -56.79 -10.85
CA PRO M 714 -51.53 -57.23 -9.81
C PRO M 714 -51.16 -58.69 -9.93
N GLY M 715 -49.94 -58.96 -10.40
CA GLY M 715 -49.34 -60.28 -10.50
C GLY M 715 -50.10 -61.19 -11.45
N PHE M 716 -49.89 -62.49 -11.25
CA PHE M 716 -50.66 -63.50 -11.98
C PHE M 716 -51.86 -63.94 -11.15
N SER M 717 -52.61 -62.97 -10.68
CA SER M 717 -53.81 -63.22 -9.91
C SER M 717 -54.99 -63.38 -10.84
N ASN M 718 -55.92 -64.25 -10.48
CA ASN M 718 -57.17 -64.40 -11.21
C ASN M 718 -58.01 -63.16 -10.95
N MET M 719 -58.03 -62.25 -11.93
CA MET M 719 -58.58 -60.93 -11.70
C MET M 719 -60.12 -60.97 -11.66
N THR M 720 -60.69 -59.84 -11.27
CA THR M 720 -62.07 -59.78 -10.82
C THR M 720 -63.05 -59.95 -11.98
N GLN M 721 -64.30 -60.21 -11.61
CA GLN M 721 -65.35 -60.31 -12.61
C GLN M 721 -65.68 -58.96 -13.22
N ALA M 722 -65.43 -57.87 -12.48
CA ALA M 722 -65.75 -56.53 -12.98
C ALA M 722 -64.87 -56.16 -14.15
N ALA M 723 -63.56 -56.38 -14.04
CA ALA M 723 -62.67 -56.12 -15.15
C ALA M 723 -62.90 -57.10 -16.30
N ARG M 724 -63.36 -58.32 -15.98
CA ARG M 724 -63.66 -59.29 -17.03
C ARG M 724 -64.88 -58.84 -17.84
N VAL M 725 -65.90 -58.33 -17.17
CA VAL M 725 -67.06 -57.75 -17.85
C VAL M 725 -66.65 -56.50 -18.63
N GLY M 726 -65.69 -55.72 -18.11
CA GLY M 726 -65.22 -54.56 -18.84
C GLY M 726 -64.51 -54.89 -20.13
N ILE M 727 -63.59 -55.87 -20.08
CA ILE M 727 -62.86 -56.26 -21.29
C ILE M 727 -63.79 -56.93 -22.29
N SER M 728 -64.69 -57.79 -21.80
CA SER M 728 -65.64 -58.43 -22.71
C SER M 728 -66.66 -57.45 -23.27
N GLY M 729 -66.98 -56.39 -22.53
CA GLY M 729 -67.84 -55.36 -23.06
C GLY M 729 -67.16 -54.53 -24.11
N LEU M 730 -65.85 -54.28 -23.96
CA LEU M 730 -65.12 -53.64 -25.04
C LEU M 730 -65.00 -54.57 -26.24
N CYS M 731 -64.93 -55.88 -26.02
CA CYS M 731 -64.93 -56.83 -27.13
C CYS M 731 -66.25 -56.80 -27.88
N ALA M 732 -67.37 -56.76 -27.15
CA ALA M 732 -68.68 -56.64 -27.78
C ALA M 732 -68.87 -55.28 -28.44
N ASN M 733 -68.19 -54.26 -27.93
CA ASN M 733 -68.23 -52.96 -28.58
C ASN M 733 -67.39 -52.93 -29.84
N VAL M 734 -66.30 -53.71 -29.88
CA VAL M 734 -65.37 -53.58 -30.99
C VAL M 734 -65.71 -54.52 -32.15
N GLY M 735 -66.33 -55.68 -31.87
CA GLY M 735 -66.78 -56.53 -32.94
C GLY M 735 -65.68 -57.12 -33.81
N ASN M 736 -64.92 -58.07 -33.23
CA ASN M 736 -63.85 -58.89 -33.80
C ASN M 736 -62.92 -58.20 -34.81
N ALA M 737 -62.54 -56.96 -34.50
CA ALA M 737 -61.55 -56.24 -35.29
C ALA M 737 -60.18 -56.37 -34.64
N ARG M 738 -59.18 -55.76 -35.27
CA ARG M 738 -57.83 -55.85 -34.73
C ARG M 738 -57.68 -54.98 -33.49
N LYS M 739 -56.80 -55.40 -32.60
CA LYS M 739 -56.57 -54.69 -31.36
C LYS M 739 -55.15 -54.93 -30.89
N SER M 740 -54.59 -53.93 -30.20
CA SER M 740 -53.24 -54.00 -29.70
C SER M 740 -53.22 -53.63 -28.23
N ILE M 741 -52.30 -54.24 -27.48
CA ILE M 741 -52.20 -54.04 -26.06
C ILE M 741 -50.81 -53.50 -25.73
N ALA M 742 -50.65 -53.06 -24.48
CA ALA M 742 -49.36 -52.61 -23.97
C ALA M 742 -49.31 -52.85 -22.46
N ILE M 743 -48.14 -53.26 -21.99
CA ILE M 743 -47.90 -53.58 -20.59
C ILE M 743 -46.70 -52.76 -20.13
N TYR M 744 -46.93 -51.85 -19.20
CA TYR M 744 -45.84 -51.01 -18.71
C TYR M 744 -46.21 -50.48 -17.34
N GLU M 745 -45.19 -50.21 -16.53
CA GLU M 745 -45.39 -49.63 -15.21
C GLU M 745 -45.84 -48.19 -15.35
N SER M 746 -47.12 -47.93 -15.15
CA SER M 746 -47.67 -46.57 -15.20
C SER M 746 -47.51 -45.95 -13.82
N HIS M 747 -46.39 -45.25 -13.64
CA HIS M 747 -46.20 -44.25 -12.59
C HIS M 747 -46.14 -44.90 -11.21
N GLY M 748 -45.69 -46.15 -11.15
CA GLY M 748 -45.67 -46.92 -9.93
C GLY M 748 -46.53 -48.17 -9.95
N ALA M 749 -47.25 -48.44 -11.03
CA ALA M 749 -48.11 -49.62 -11.11
C ALA M 749 -48.13 -50.12 -12.54
N ARG M 750 -48.03 -51.44 -12.71
CA ARG M 750 -48.10 -52.03 -14.04
C ARG M 750 -49.52 -51.94 -14.59
N VAL M 751 -49.65 -51.40 -15.79
CA VAL M 751 -50.96 -51.07 -16.35
C VAL M 751 -51.19 -51.92 -17.60
N LEU M 752 -52.44 -52.03 -17.98
CA LEU M 752 -52.87 -52.70 -19.20
C LEU M 752 -53.69 -51.75 -20.05
N THR M 753 -53.41 -51.73 -21.34
CA THR M 753 -54.17 -50.92 -22.29
C THR M 753 -54.78 -51.83 -23.34
N ILE M 754 -56.02 -51.52 -23.73
CA ILE M 754 -56.72 -52.28 -24.76
C ILE M 754 -57.09 -51.27 -25.84
N THR M 755 -56.35 -51.26 -26.94
CA THR M 755 -56.47 -50.23 -27.97
C THR M 755 -57.06 -50.83 -29.23
N SER M 756 -58.26 -50.37 -29.61
CA SER M 756 -58.85 -50.72 -30.89
C SER M 756 -59.86 -49.65 -31.28
N ARG M 757 -60.69 -49.96 -32.27
CA ARG M 757 -61.48 -48.96 -32.97
C ARG M 757 -62.90 -49.47 -33.19
N ARG M 758 -63.88 -48.58 -33.05
CA ARG M 758 -65.28 -48.94 -33.25
C ARG M 758 -65.73 -48.63 -34.69
N SER M 759 -66.85 -49.23 -35.07
CA SER M 759 -67.37 -49.14 -36.42
C SER M 759 -68.87 -49.33 -36.37
N PRO M 760 -69.62 -48.83 -37.37
CA PRO M 760 -71.07 -49.10 -37.39
C PRO M 760 -71.41 -50.55 -37.65
N ALA M 761 -70.54 -51.30 -38.33
CA ALA M 761 -70.75 -52.74 -38.44
C ALA M 761 -70.60 -53.41 -37.09
N SER M 762 -69.64 -52.96 -36.29
CA SER M 762 -69.54 -53.39 -34.90
C SER M 762 -70.75 -52.99 -34.09
N ALA M 763 -71.34 -51.83 -34.40
CA ALA M 763 -72.54 -51.39 -33.71
C ALA M 763 -73.72 -52.30 -34.01
N ARG M 764 -73.87 -52.70 -35.27
CA ARG M 764 -74.96 -53.61 -35.62
C ARG M 764 -74.70 -55.01 -35.08
N ARG M 765 -73.44 -55.43 -34.99
CA ARG M 765 -73.10 -56.68 -34.32
C ARG M 765 -73.46 -56.64 -32.83
N LYS M 766 -73.13 -55.52 -32.17
CA LYS M 766 -73.41 -55.39 -30.74
C LYS M 766 -74.92 -55.31 -30.48
N ALA M 767 -75.66 -54.68 -31.40
CA ALA M 767 -77.11 -54.67 -31.29
C ALA M 767 -77.73 -56.01 -31.66
N ARG M 768 -76.99 -56.88 -32.34
CA ARG M 768 -77.55 -58.17 -32.74
C ARG M 768 -77.72 -59.11 -31.56
N LEU M 769 -76.78 -59.11 -30.62
CA LEU M 769 -76.78 -60.10 -29.56
C LEU M 769 -77.32 -59.50 -28.26
N ARG M 770 -78.05 -60.33 -27.52
CA ARG M 770 -78.73 -59.88 -26.30
C ARG M 770 -77.73 -59.69 -25.17
N TYR M 771 -77.07 -60.76 -24.76
CA TYR M 771 -76.07 -60.72 -23.71
C TYR M 771 -74.68 -60.68 -24.31
N LEU M 772 -73.76 -60.03 -23.62
CA LEU M 772 -72.42 -60.16 -24.17
C LEU M 772 -71.74 -61.40 -23.60
N PRO M 773 -70.97 -62.13 -24.40
CA PRO M 773 -70.19 -63.24 -23.86
C PRO M 773 -68.97 -62.72 -23.13
N LEU M 774 -68.32 -63.62 -22.40
CA LEU M 774 -67.12 -63.23 -21.67
C LEU M 774 -65.96 -64.12 -22.13
N ILE M 775 -64.74 -63.68 -21.81
CA ILE M 775 -63.54 -64.17 -22.47
C ILE M 775 -62.69 -64.96 -21.49
N ASP M 776 -61.62 -65.54 -22.02
CA ASP M 776 -60.64 -66.22 -21.19
C ASP M 776 -59.65 -65.20 -20.64
N PRO M 777 -59.54 -65.06 -19.32
CA PRO M 777 -58.52 -64.16 -18.77
C PRO M 777 -57.10 -64.70 -18.85
N ARG M 778 -56.93 -65.98 -19.20
CA ARG M 778 -55.62 -66.63 -19.14
C ARG M 778 -54.65 -66.03 -20.16
N SER M 779 -55.14 -65.74 -21.37
CA SER M 779 -54.30 -65.17 -22.41
C SER M 779 -53.78 -63.78 -22.08
N LEU M 780 -54.41 -63.10 -21.12
CA LEU M 780 -53.90 -61.83 -20.63
C LEU M 780 -53.06 -62.02 -19.36
N GLU M 781 -53.38 -63.05 -18.57
CA GLU M 781 -52.67 -63.26 -17.31
C GLU M 781 -51.37 -64.04 -17.46
N VAL M 782 -51.08 -64.58 -18.64
CA VAL M 782 -49.80 -65.28 -18.81
C VAL M 782 -48.65 -64.27 -18.98
N GLN M 783 -48.91 -63.12 -19.59
CA GLN M 783 -47.84 -62.21 -20.00
C GLN M 783 -47.18 -61.52 -18.80
N ALA M 784 -45.84 -61.47 -18.83
CA ALA M 784 -45.06 -60.81 -17.81
C ALA M 784 -44.01 -59.88 -18.39
N ARG M 785 -44.05 -59.62 -19.69
CA ARG M 785 -43.08 -58.76 -20.34
C ARG M 785 -43.60 -57.34 -20.42
N THR M 786 -42.69 -56.41 -20.70
CA THR M 786 -43.01 -54.99 -20.69
C THR M 786 -43.22 -54.51 -22.12
N ILE M 787 -44.48 -54.38 -22.51
CA ILE M 787 -44.83 -53.93 -23.86
C ILE M 787 -44.94 -52.41 -23.81
N LEU M 788 -43.96 -51.73 -24.38
CA LEU M 788 -43.93 -50.28 -24.33
C LEU M 788 -45.03 -49.69 -25.23
N PRO M 789 -45.73 -48.67 -24.77
CA PRO M 789 -46.90 -48.19 -25.49
C PRO M 789 -46.51 -47.31 -26.68
N SER M 790 -47.53 -46.90 -27.41
CA SER M 790 -47.38 -45.95 -28.51
C SER M 790 -48.52 -44.95 -28.42
N ASN M 791 -48.37 -43.87 -29.19
CA ASN M 791 -49.41 -42.86 -29.25
C ASN M 791 -50.67 -43.41 -29.91
N PRO M 792 -51.85 -42.93 -29.53
CA PRO M 792 -53.07 -43.37 -30.21
C PRO M 792 -53.17 -42.78 -31.60
N VAL M 793 -53.32 -43.65 -32.59
CA VAL M 793 -53.49 -43.23 -33.97
C VAL M 793 -54.88 -43.66 -34.43
N LEU M 794 -55.47 -42.87 -35.32
CA LEU M 794 -56.77 -43.25 -35.86
C LEU M 794 -56.64 -44.36 -36.87
N PHE M 795 -55.51 -44.44 -37.56
CA PHE M 795 -55.31 -45.40 -38.65
C PHE M 795 -54.14 -46.30 -38.31
N ASP M 796 -54.43 -47.60 -38.17
CA ASP M 796 -53.38 -48.57 -37.92
C ASP M 796 -52.55 -48.79 -39.19
N ASN M 797 -53.22 -48.96 -40.32
CA ASN M 797 -52.52 -49.30 -41.55
C ASN M 797 -51.92 -48.05 -42.18
N ILE M 798 -50.69 -48.20 -42.68
CA ILE M 798 -49.95 -47.10 -43.27
C ILE M 798 -49.69 -47.31 -44.75
N ASN M 799 -49.24 -48.51 -45.14
CA ASN M 799 -48.90 -48.77 -46.52
C ASN M 799 -50.12 -48.92 -47.42
N GLY M 800 -51.28 -49.16 -46.84
CA GLY M 800 -52.51 -49.32 -47.61
C GLY M 800 -53.04 -50.75 -47.55
N ALA M 801 -54.31 -50.87 -47.85
CA ALA M 801 -54.98 -52.16 -47.85
C ALA M 801 -54.51 -53.02 -49.01
N SER M 802 -54.43 -54.32 -48.78
CA SER M 802 -54.05 -55.23 -49.85
C SER M 802 -55.23 -55.42 -50.80
N PRO M 803 -54.98 -55.82 -52.05
CA PRO M 803 -56.10 -56.13 -52.96
C PRO M 803 -56.98 -57.29 -52.50
N HIS M 804 -56.46 -58.19 -51.65
CA HIS M 804 -57.31 -59.23 -51.11
C HIS M 804 -58.27 -58.69 -50.06
N VAL M 805 -57.81 -57.72 -49.26
CA VAL M 805 -58.70 -56.99 -48.37
C VAL M 805 -59.73 -56.21 -49.18
N CYS M 806 -59.30 -55.67 -50.32
CA CYS M 806 -60.22 -54.94 -51.20
C CYS M 806 -61.30 -55.85 -51.78
N LEU M 807 -60.94 -57.06 -52.23
CA LEU M 807 -61.96 -57.97 -52.76
C LEU M 807 -62.89 -58.49 -51.67
N THR M 808 -62.35 -58.71 -50.46
CA THR M 808 -63.20 -59.06 -49.33
C THR M 808 -64.20 -57.95 -49.02
N MET M 809 -63.77 -56.69 -49.17
CA MET M 809 -64.67 -55.57 -48.94
C MET M 809 -65.72 -55.48 -50.03
N MET M 810 -65.30 -55.70 -51.30
CA MET M 810 -66.24 -55.81 -52.41
C MET M 810 -67.32 -56.83 -52.13
N TYR M 811 -66.90 -58.02 -51.71
CA TYR M 811 -67.81 -59.15 -51.55
C TYR M 811 -68.76 -58.92 -50.40
N ASN M 812 -68.22 -58.42 -49.28
CA ASN M 812 -69.04 -58.05 -48.14
C ASN M 812 -70.07 -57.00 -48.50
N PHE M 813 -69.68 -56.04 -49.34
CA PHE M 813 -70.62 -54.99 -49.73
C PHE M 813 -71.75 -55.53 -50.60
N GLU M 814 -71.43 -56.39 -51.57
CA GLU M 814 -72.55 -56.85 -52.42
C GLU M 814 -73.43 -57.84 -51.68
N VAL M 815 -72.89 -58.58 -50.71
CA VAL M 815 -73.75 -59.47 -49.91
C VAL M 815 -74.64 -58.66 -48.98
N SER M 816 -74.09 -57.60 -48.38
CA SER M 816 -74.90 -56.74 -47.52
C SER M 816 -75.95 -55.97 -48.30
N SER M 817 -75.66 -55.63 -49.56
CA SER M 817 -76.67 -54.98 -50.39
C SER M 817 -77.73 -55.96 -50.85
N ALA M 818 -77.36 -57.20 -51.17
CA ALA M 818 -78.32 -58.18 -51.65
C ALA M 818 -79.22 -58.71 -50.54
N VAL M 819 -78.72 -58.79 -49.31
CA VAL M 819 -79.54 -59.26 -48.21
C VAL M 819 -80.49 -58.16 -47.79
N TYR M 820 -81.63 -58.54 -47.23
CA TYR M 820 -82.63 -57.61 -46.71
C TYR M 820 -82.93 -57.93 -45.25
N ASP M 821 -83.83 -57.15 -44.67
CA ASP M 821 -84.17 -57.34 -43.26
C ASP M 821 -85.22 -58.42 -43.13
N GLY M 822 -85.10 -59.22 -42.07
CA GLY M 822 -86.03 -60.31 -41.82
C GLY M 822 -85.89 -61.42 -42.83
N ASP M 823 -84.78 -62.15 -42.79
CA ASP M 823 -84.50 -63.16 -43.80
C ASP M 823 -83.60 -64.23 -43.21
N VAL M 824 -83.94 -65.49 -43.50
CA VAL M 824 -83.05 -66.60 -43.20
C VAL M 824 -82.01 -66.70 -44.32
N VAL M 825 -80.76 -66.87 -43.93
CA VAL M 825 -79.66 -66.96 -44.88
C VAL M 825 -78.90 -68.26 -44.59
N LEU M 826 -77.99 -68.59 -45.51
CA LEU M 826 -77.05 -69.67 -45.29
C LEU M 826 -75.70 -69.29 -45.90
N ASP M 827 -74.66 -69.38 -45.08
CA ASP M 827 -73.31 -69.03 -45.48
C ASP M 827 -72.51 -70.31 -45.65
N LEU M 828 -72.10 -70.58 -46.89
CA LEU M 828 -71.26 -71.73 -47.19
C LEU M 828 -69.81 -71.31 -47.12
N GLY M 829 -69.04 -71.96 -46.25
CA GLY M 829 -67.67 -71.56 -46.02
C GLY M 829 -67.60 -70.25 -45.29
N THR M 830 -68.02 -70.25 -44.02
CA THR M 830 -68.10 -69.02 -43.24
C THR M 830 -66.73 -68.46 -42.90
N GLY M 831 -65.69 -69.28 -42.95
CA GLY M 831 -64.36 -68.85 -42.60
C GLY M 831 -64.13 -68.98 -41.10
N PRO M 832 -63.11 -68.31 -40.60
CA PRO M 832 -62.82 -68.36 -39.16
C PRO M 832 -63.86 -67.64 -38.33
N GLU M 833 -64.13 -66.38 -38.70
CA GLU M 833 -65.17 -65.57 -38.09
C GLU M 833 -66.02 -64.99 -39.21
N ALA M 834 -67.30 -65.34 -39.21
CA ALA M 834 -68.19 -65.01 -40.32
C ALA M 834 -68.52 -63.52 -40.32
N LYS M 835 -68.18 -62.85 -41.42
CA LYS M 835 -68.54 -61.44 -41.56
C LYS M 835 -70.00 -61.24 -41.87
N ILE M 836 -70.73 -62.31 -42.18
CA ILE M 836 -72.17 -62.26 -42.39
C ILE M 836 -72.91 -61.83 -41.14
N LEU M 837 -72.30 -62.01 -39.96
CA LEU M 837 -72.84 -61.45 -38.73
C LEU M 837 -72.78 -59.92 -38.75
N GLU M 838 -71.77 -59.37 -39.41
CA GLU M 838 -71.64 -57.93 -39.52
C GLU M 838 -72.35 -57.35 -40.74
N LEU M 839 -72.75 -58.18 -41.70
CA LEU M 839 -73.35 -57.64 -42.91
C LEU M 839 -74.86 -57.47 -42.77
N ILE M 840 -75.55 -58.50 -42.34
CA ILE M 840 -77.02 -58.57 -42.37
C ILE M 840 -77.62 -57.62 -41.34
N PRO M 841 -78.90 -57.25 -41.45
CA PRO M 841 -79.54 -56.51 -40.37
C PRO M 841 -79.66 -57.33 -39.09
N SER M 842 -79.94 -56.60 -38.00
CA SER M 842 -79.86 -57.17 -36.67
C SER M 842 -80.98 -58.15 -36.35
N THR M 843 -82.05 -58.17 -37.15
CA THR M 843 -83.21 -59.00 -36.85
C THR M 843 -83.28 -60.26 -37.68
N SER M 844 -82.41 -60.43 -38.64
CA SER M 844 -82.48 -61.58 -39.54
C SER M 844 -81.59 -62.71 -39.05
N PRO M 845 -82.09 -63.95 -38.97
CA PRO M 845 -81.27 -65.05 -38.47
C PRO M 845 -80.35 -65.61 -39.55
N VAL M 846 -79.51 -66.55 -39.12
CA VAL M 846 -78.58 -67.23 -40.02
C VAL M 846 -78.77 -68.74 -39.87
N THR M 847 -78.39 -69.46 -40.92
CA THR M 847 -78.13 -70.90 -40.87
C THR M 847 -76.78 -71.12 -41.55
N CYS M 848 -75.70 -70.88 -40.82
CA CYS M 848 -74.37 -70.85 -41.43
C CYS M 848 -73.53 -72.03 -40.93
N VAL M 849 -72.64 -72.50 -41.81
CA VAL M 849 -71.91 -73.73 -41.57
C VAL M 849 -70.63 -73.68 -42.40
N ASP M 850 -69.58 -74.32 -41.89
CA ASP M 850 -68.28 -74.35 -42.56
C ASP M 850 -67.55 -75.60 -42.08
N ILE M 851 -66.58 -76.04 -42.89
CA ILE M 851 -65.70 -77.12 -42.44
C ILE M 851 -64.77 -76.63 -41.34
N ARG M 852 -64.50 -75.34 -41.29
CA ARG M 852 -63.63 -74.79 -40.26
C ARG M 852 -64.40 -74.64 -38.95
N PRO M 853 -63.96 -75.25 -37.86
CA PRO M 853 -64.64 -75.06 -36.57
C PRO M 853 -64.36 -73.68 -36.00
N THR M 854 -65.43 -72.91 -35.80
CA THR M 854 -65.31 -71.52 -35.37
C THR M 854 -65.49 -71.40 -33.86
N ALA M 855 -65.14 -70.23 -33.33
CA ALA M 855 -65.27 -69.91 -31.92
C ALA M 855 -66.21 -68.72 -31.72
N GLN M 856 -67.31 -68.71 -32.45
CA GLN M 856 -68.31 -67.68 -32.29
C GLN M 856 -69.11 -67.93 -31.01
N PRO M 857 -69.66 -66.87 -30.40
CA PRO M 857 -70.41 -67.07 -29.14
C PRO M 857 -71.75 -67.74 -29.39
N ASN M 858 -71.84 -68.99 -28.96
CA ASN M 858 -73.07 -69.77 -29.11
C ASN M 858 -74.06 -69.38 -28.03
N GLY M 859 -75.30 -69.15 -28.44
CA GLY M 859 -76.32 -68.71 -27.49
C GLY M 859 -76.19 -67.25 -27.14
N CYS M 860 -77.12 -66.82 -26.27
CA CYS M 860 -77.34 -65.44 -25.84
C CYS M 860 -77.38 -64.46 -27.03
N TRP M 861 -78.35 -64.71 -27.90
CA TRP M 861 -78.63 -63.87 -29.06
C TRP M 861 -80.06 -63.34 -28.98
N ASN M 862 -80.30 -62.21 -29.65
CA ASN M 862 -81.68 -61.76 -29.81
C ASN M 862 -82.40 -62.58 -30.86
N VAL M 863 -81.92 -62.57 -32.10
CA VAL M 863 -82.38 -63.49 -33.13
C VAL M 863 -81.32 -64.58 -33.25
N ARG M 864 -81.79 -65.82 -33.44
CA ARG M 864 -80.94 -66.99 -33.23
C ARG M 864 -79.86 -67.11 -34.29
N THR M 865 -78.76 -67.77 -33.90
CA THR M 865 -77.69 -68.14 -34.80
C THR M 865 -77.50 -69.64 -34.76
N THR M 866 -76.64 -70.14 -35.65
CA THR M 866 -76.39 -71.58 -35.76
C THR M 866 -74.98 -71.78 -36.25
N PHE M 867 -74.19 -72.56 -35.51
CA PHE M 867 -72.80 -72.82 -35.84
C PHE M 867 -72.49 -74.29 -35.67
N LEU M 868 -71.98 -74.92 -36.73
CA LEU M 868 -71.65 -76.34 -36.72
C LEU M 868 -70.71 -76.62 -37.88
N GLU M 869 -70.28 -77.88 -37.97
CA GLU M 869 -69.42 -78.34 -39.05
C GLU M 869 -69.89 -79.71 -39.53
N LEU M 870 -70.09 -79.84 -40.85
CA LEU M 870 -70.61 -81.11 -41.37
C LEU M 870 -70.04 -81.53 -42.72
N ASP M 871 -68.94 -80.91 -43.19
CA ASP M 871 -68.37 -81.11 -44.53
C ASP M 871 -69.41 -80.79 -45.61
N TYR M 872 -69.67 -79.48 -45.71
CA TYR M 872 -70.82 -78.91 -46.43
C TYR M 872 -71.01 -79.40 -47.86
N LEU M 873 -69.93 -79.80 -48.54
CA LEU M 873 -70.05 -80.37 -49.88
C LEU M 873 -70.48 -81.83 -49.72
N SER M 874 -71.76 -82.00 -49.40
CA SER M 874 -72.40 -83.29 -49.17
C SER M 874 -73.91 -83.05 -49.19
N ASP M 875 -74.67 -84.08 -48.86
CA ASP M 875 -76.13 -84.02 -48.93
C ASP M 875 -76.73 -84.45 -47.60
N GLY M 876 -78.06 -84.44 -47.55
CA GLY M 876 -78.81 -84.91 -46.41
C GLY M 876 -79.05 -83.87 -45.33
N TRP M 877 -78.31 -82.78 -45.33
CA TRP M 877 -78.40 -81.79 -44.26
C TRP M 877 -79.24 -80.58 -44.61
N ILE M 878 -79.33 -80.23 -45.89
CA ILE M 878 -80.24 -79.17 -46.29
C ILE M 878 -81.68 -79.65 -46.27
N THR M 879 -81.89 -80.97 -46.31
CA THR M 879 -83.20 -81.53 -46.01
C THR M 879 -83.56 -81.34 -44.55
N GLY M 880 -82.57 -81.18 -43.68
CA GLY M 880 -82.81 -80.90 -42.29
C GLY M 880 -83.00 -79.42 -42.00
N VAL M 881 -82.05 -78.59 -42.42
CA VAL M 881 -82.07 -77.16 -42.15
C VAL M 881 -82.31 -76.41 -43.45
N ARG M 882 -83.19 -75.41 -43.41
CA ARG M 882 -83.63 -74.69 -44.59
C ARG M 882 -83.17 -73.24 -44.56
N GLY M 883 -83.24 -72.59 -45.72
CA GLY M 883 -82.88 -71.20 -45.86
C GLY M 883 -83.62 -70.52 -46.99
N ASP M 884 -83.19 -69.32 -47.36
CA ASP M 884 -83.82 -68.54 -48.42
C ASP M 884 -82.84 -68.05 -49.47
N ILE M 885 -81.63 -67.69 -49.09
CA ILE M 885 -80.65 -67.16 -50.02
C ILE M 885 -79.27 -67.71 -49.67
N VAL M 886 -78.54 -68.18 -50.69
CA VAL M 886 -77.27 -68.87 -50.51
C VAL M 886 -76.14 -67.88 -50.73
N THR M 887 -75.21 -67.81 -49.77
CA THR M 887 -74.01 -67.00 -49.88
C THR M 887 -72.80 -67.92 -49.73
N CYS M 888 -72.14 -68.22 -50.85
CA CYS M 888 -70.97 -69.09 -50.87
C CYS M 888 -69.80 -68.28 -51.41
N MET M 889 -69.04 -67.66 -50.52
CA MET M 889 -67.93 -66.80 -50.89
C MET M 889 -66.62 -67.53 -50.63
N LEU M 890 -65.82 -67.69 -51.69
CA LEU M 890 -64.45 -68.19 -51.70
C LEU M 890 -64.30 -69.65 -51.28
N SER M 891 -65.39 -70.35 -50.99
CA SER M 891 -65.31 -71.72 -50.53
C SER M 891 -65.35 -72.72 -51.67
N LEU M 892 -65.74 -72.28 -52.88
CA LEU M 892 -65.78 -73.17 -54.04
C LEU M 892 -64.38 -73.62 -54.43
N GLY M 893 -63.49 -72.66 -54.71
CA GLY M 893 -62.12 -73.00 -55.04
C GLY M 893 -61.36 -73.63 -53.90
N ALA M 894 -61.70 -73.25 -52.66
CA ALA M 894 -61.06 -73.85 -51.49
C ALA M 894 -61.42 -75.31 -51.36
N ALA M 895 -62.71 -75.64 -51.50
CA ALA M 895 -63.14 -77.04 -51.43
C ALA M 895 -62.65 -77.83 -52.63
N ALA M 896 -62.54 -77.20 -53.80
CA ALA M 896 -62.05 -77.90 -54.98
C ALA M 896 -60.56 -78.19 -54.87
N ALA M 897 -59.80 -77.27 -54.29
CA ALA M 897 -58.38 -77.52 -54.06
C ALA M 897 -58.17 -78.51 -52.91
N GLY M 898 -59.09 -78.55 -51.95
CA GLY M 898 -58.98 -79.51 -50.88
C GLY M 898 -59.31 -80.92 -51.33
N LYS M 899 -60.30 -81.07 -52.20
CA LYS M 899 -60.71 -82.38 -52.68
C LYS M 899 -60.10 -82.74 -54.03
N SER M 900 -59.22 -81.86 -54.56
CA SER M 900 -58.47 -82.09 -55.81
C SER M 900 -59.39 -82.35 -57.00
N MET M 901 -60.56 -81.71 -57.03
CA MET M 901 -61.57 -81.96 -58.03
C MET M 901 -61.88 -80.67 -58.78
N THR M 902 -62.49 -80.83 -59.96
CA THR M 902 -62.68 -79.70 -60.84
C THR M 902 -63.91 -78.90 -60.47
N PHE M 903 -63.98 -77.68 -61.02
CA PHE M 903 -65.11 -76.81 -60.76
C PHE M 903 -66.39 -77.35 -61.38
N ASP M 904 -66.29 -78.09 -62.47
CA ASP M 904 -67.48 -78.67 -63.09
C ASP M 904 -68.15 -79.68 -62.17
N ALA M 905 -67.36 -80.61 -61.63
CA ALA M 905 -67.88 -81.62 -60.72
C ALA M 905 -68.34 -81.02 -59.40
N ALA M 906 -67.56 -80.07 -58.86
CA ALA M 906 -67.94 -79.39 -57.62
C ALA M 906 -69.22 -78.59 -57.81
N PHE M 907 -69.37 -77.93 -58.95
CA PHE M 907 -70.52 -77.09 -59.18
C PHE M 907 -71.77 -77.91 -59.47
N GLN M 908 -71.62 -79.05 -60.14
CA GLN M 908 -72.79 -79.89 -60.39
C GLN M 908 -73.25 -80.58 -59.12
N GLN M 909 -72.31 -80.95 -58.24
CA GLN M 909 -72.68 -81.51 -56.94
C GLN M 909 -73.34 -80.44 -56.07
N LEU M 910 -72.82 -79.22 -56.11
CA LEU M 910 -73.38 -78.14 -55.31
C LEU M 910 -74.76 -77.73 -55.82
N VAL M 911 -74.96 -77.76 -57.14
CA VAL M 911 -76.28 -77.38 -57.64
C VAL M 911 -77.26 -78.53 -57.48
N ARG M 912 -76.76 -79.78 -57.37
CA ARG M 912 -77.63 -80.89 -56.99
C ARG M 912 -78.12 -80.74 -55.56
N VAL M 913 -77.22 -80.43 -54.63
CA VAL M 913 -77.66 -80.27 -53.25
C VAL M 913 -78.37 -78.93 -53.04
N LEU M 914 -78.33 -78.02 -54.00
CA LEU M 914 -79.22 -76.88 -53.97
C LEU M 914 -80.56 -77.14 -54.66
N THR M 915 -80.65 -78.15 -55.53
CA THR M 915 -81.97 -78.66 -55.88
C THR M 915 -82.59 -79.40 -54.71
N ARG M 916 -81.76 -79.95 -53.82
CA ARG M 916 -82.25 -80.42 -52.53
C ARG M 916 -82.73 -79.29 -51.64
N SER M 917 -82.28 -78.06 -51.86
CA SER M 917 -82.55 -76.95 -50.96
C SER M 917 -83.95 -76.40 -51.16
N THR M 918 -84.25 -75.33 -50.41
CA THR M 918 -85.52 -74.61 -50.53
C THR M 918 -85.32 -73.15 -50.91
N ALA M 919 -84.10 -72.75 -51.23
CA ALA M 919 -83.80 -71.36 -51.55
C ALA M 919 -84.27 -71.02 -52.95
N ASN M 920 -84.83 -69.82 -53.11
CA ASN M 920 -85.28 -69.36 -54.41
C ASN M 920 -84.22 -68.53 -55.13
N VAL M 921 -83.48 -67.72 -54.39
CA VAL M 921 -82.41 -66.91 -54.93
C VAL M 921 -81.10 -67.38 -54.31
N LEU M 922 -80.00 -67.10 -55.03
CA LEU M 922 -78.68 -67.49 -54.56
C LEU M 922 -77.64 -66.62 -55.24
N LEU M 923 -76.46 -66.60 -54.65
CA LEU M 923 -75.31 -65.89 -55.21
C LEU M 923 -74.05 -66.52 -54.64
N ILE M 924 -73.24 -67.12 -55.51
CA ILE M 924 -72.05 -67.84 -55.07
C ILE M 924 -70.83 -67.24 -55.74
N GLN M 925 -69.67 -67.48 -55.14
CA GLN M 925 -68.41 -66.98 -55.67
C GLN M 925 -67.86 -68.00 -56.66
N VAL M 926 -67.95 -67.68 -57.94
CA VAL M 926 -67.36 -68.51 -58.98
C VAL M 926 -66.09 -67.84 -59.46
N ASN M 927 -65.29 -68.59 -60.19
CA ASN M 927 -64.01 -68.08 -60.68
C ASN M 927 -64.06 -68.19 -62.20
N CYS M 928 -64.57 -67.15 -62.83
CA CYS M 928 -64.80 -67.16 -64.27
C CYS M 928 -64.10 -65.98 -64.93
N PRO M 929 -63.29 -66.20 -65.95
CA PRO M 929 -62.73 -65.08 -66.71
C PRO M 929 -63.81 -64.43 -67.57
N THR M 930 -63.89 -63.10 -67.47
CA THR M 930 -64.84 -62.36 -68.28
C THR M 930 -64.15 -61.70 -69.48
N ASP M 931 -63.05 -61.01 -69.23
CA ASP M 931 -62.27 -60.36 -70.26
C ASP M 931 -61.19 -61.34 -70.75
N VAL M 932 -60.42 -60.93 -71.76
CA VAL M 932 -59.22 -61.67 -72.14
C VAL M 932 -58.23 -61.61 -71.00
N ILE M 933 -57.74 -62.78 -70.60
CA ILE M 933 -56.90 -62.88 -69.40
C ILE M 933 -55.55 -62.22 -69.62
N ARG M 934 -55.02 -61.65 -68.54
CA ARG M 934 -54.00 -60.62 -68.61
C ARG M 934 -52.70 -61.02 -67.93
N THR M 935 -52.68 -62.14 -67.17
CA THR M 935 -51.62 -62.63 -66.29
C THR M 935 -51.00 -61.49 -65.47
N ILE M 936 -51.81 -60.99 -64.52
CA ILE M 936 -51.44 -59.90 -63.63
C ILE M 936 -50.17 -60.26 -62.86
N LYS M 937 -49.20 -59.34 -62.90
CA LYS M 937 -47.89 -59.57 -62.32
C LYS M 937 -47.97 -59.64 -60.80
N GLY M 938 -47.53 -60.76 -60.24
CA GLY M 938 -47.43 -60.92 -58.81
C GLY M 938 -48.72 -61.21 -58.08
N TYR M 939 -49.87 -61.19 -58.77
CA TYR M 939 -51.12 -61.53 -58.13
C TYR M 939 -51.86 -62.67 -58.81
N LEU M 940 -52.03 -62.62 -60.12
CA LEU M 940 -52.80 -63.63 -60.85
C LEU M 940 -52.10 -63.92 -62.17
N GLU M 941 -51.43 -65.06 -62.25
CA GLU M 941 -51.02 -65.53 -63.57
C GLU M 941 -52.02 -66.54 -64.10
N ILE M 942 -51.84 -66.93 -65.35
CA ILE M 942 -52.84 -67.68 -66.09
C ILE M 942 -52.28 -69.04 -66.45
N ASP M 943 -53.17 -69.90 -66.95
CA ASP M 943 -52.80 -71.23 -67.41
C ASP M 943 -53.83 -71.68 -68.44
N GLN M 944 -53.38 -71.81 -69.68
CA GLN M 944 -54.28 -72.21 -70.76
C GLN M 944 -54.66 -73.69 -70.65
N THR M 945 -53.66 -74.56 -70.68
CA THR M 945 -53.91 -75.99 -70.82
C THR M 945 -54.36 -76.61 -69.51
N ASN M 946 -53.50 -76.57 -68.49
CA ASN M 946 -53.81 -77.25 -67.24
C ASN M 946 -54.82 -76.50 -66.39
N LYS M 947 -55.14 -75.25 -66.75
CA LYS M 947 -56.31 -74.52 -66.26
C LYS M 947 -56.25 -74.31 -64.74
N ARG M 948 -55.24 -73.55 -64.31
CA ARG M 948 -55.07 -73.16 -62.91
C ARG M 948 -54.78 -71.67 -62.87
N TYR M 949 -54.69 -71.12 -61.66
CA TYR M 949 -54.38 -69.70 -61.48
C TYR M 949 -53.11 -69.43 -60.68
N LYS M 950 -52.96 -70.08 -59.52
CA LYS M 950 -51.75 -70.00 -58.67
C LYS M 950 -51.49 -68.57 -58.19
N PHE M 951 -52.32 -68.14 -57.25
CA PHE M 951 -52.03 -66.95 -56.46
C PHE M 951 -50.68 -67.08 -55.76
N PRO M 952 -49.71 -66.20 -56.02
CA PRO M 952 -48.43 -66.29 -55.31
C PRO M 952 -48.43 -65.59 -53.98
N LYS M 953 -49.32 -64.62 -53.75
CA LYS M 953 -49.33 -63.91 -52.48
C LYS M 953 -49.89 -64.78 -51.37
N PHE M 954 -51.04 -65.42 -51.61
CA PHE M 954 -51.57 -66.39 -50.67
C PHE M 954 -50.87 -67.74 -50.76
N GLY M 955 -50.10 -67.98 -51.80
CA GLY M 955 -49.59 -69.31 -52.05
C GLY M 955 -50.66 -70.33 -52.37
N ARG M 956 -51.77 -69.89 -52.94
CA ARG M 956 -52.92 -70.73 -53.19
C ARG M 956 -53.11 -70.91 -54.69
N ASP M 957 -53.87 -71.94 -55.06
CA ASP M 957 -54.08 -72.28 -56.44
C ASP M 957 -55.38 -73.05 -56.59
N GLU M 958 -56.11 -72.73 -57.66
CA GLU M 958 -57.36 -73.42 -57.96
C GLU M 958 -57.62 -73.31 -59.45
N PRO M 959 -58.45 -74.21 -60.02
CA PRO M 959 -58.85 -74.03 -61.41
C PRO M 959 -59.81 -72.88 -61.63
N TYR M 960 -60.34 -72.81 -62.85
CA TYR M 960 -61.39 -71.85 -63.18
C TYR M 960 -62.36 -72.52 -64.13
N SER M 961 -63.63 -72.21 -63.97
CA SER M 961 -64.64 -72.63 -64.92
C SER M 961 -65.21 -71.40 -65.63
N ASP M 962 -65.74 -71.62 -66.83
CA ASP M 962 -66.23 -70.51 -67.63
C ASP M 962 -67.75 -70.45 -67.68
N MET M 963 -68.24 -69.29 -68.13
CA MET M 963 -69.64 -68.93 -67.93
C MET M 963 -70.59 -69.74 -68.81
N ASP M 964 -70.15 -70.21 -69.98
CA ASP M 964 -71.05 -71.00 -70.80
C ASP M 964 -71.25 -72.40 -70.22
N SER M 965 -70.19 -73.01 -69.69
CA SER M 965 -70.34 -74.30 -69.00
C SER M 965 -71.14 -74.13 -67.71
N LEU M 966 -70.94 -73.00 -67.02
CA LEU M 966 -71.75 -72.69 -65.84
C LEU M 966 -73.22 -72.54 -66.22
N GLU M 967 -73.50 -71.92 -67.37
CA GLU M 967 -74.85 -71.80 -67.86
C GLU M 967 -75.44 -73.15 -68.23
N ARG M 968 -74.61 -74.04 -68.79
CA ARG M 968 -75.05 -75.39 -69.15
C ARG M 968 -75.47 -76.17 -67.92
N ILE M 969 -74.65 -76.14 -66.87
CA ILE M 969 -74.99 -76.85 -65.64
C ILE M 969 -76.19 -76.21 -64.94
N CYS M 970 -76.26 -74.87 -64.97
CA CYS M 970 -77.34 -74.17 -64.29
C CYS M 970 -78.68 -74.40 -64.99
N ARG M 971 -78.69 -74.47 -66.32
CA ARG M 971 -79.93 -74.75 -67.03
C ARG M 971 -80.27 -76.23 -67.06
N ALA M 972 -79.27 -77.10 -66.95
CA ALA M 972 -79.55 -78.53 -66.78
C ALA M 972 -80.18 -78.79 -65.41
N ALA M 973 -79.79 -78.03 -64.40
CA ALA M 973 -80.44 -78.16 -63.10
C ALA M 973 -81.81 -77.51 -63.09
N TRP M 974 -81.87 -76.20 -63.35
CA TRP M 974 -83.11 -75.45 -63.31
C TRP M 974 -83.49 -75.02 -64.71
N PRO M 975 -84.60 -75.51 -65.26
CA PRO M 975 -85.10 -74.98 -66.53
C PRO M 975 -85.91 -73.70 -66.39
N ASN M 976 -86.05 -73.16 -65.18
CA ASN M 976 -86.87 -71.98 -64.93
C ASN M 976 -86.04 -70.80 -64.46
N CYS M 977 -84.76 -70.98 -64.20
CA CYS M 977 -83.94 -69.97 -63.54
C CYS M 977 -83.63 -68.79 -64.46
N SER M 978 -83.37 -67.64 -63.85
CA SER M 978 -82.94 -66.43 -64.53
C SER M 978 -81.65 -65.93 -63.91
N ILE M 979 -80.60 -65.84 -64.71
CA ILE M 979 -79.27 -65.45 -64.25
C ILE M 979 -79.01 -64.00 -64.63
N THR M 980 -78.45 -63.24 -63.69
CA THR M 980 -77.99 -61.88 -63.94
C THR M 980 -76.58 -61.74 -63.40
N TRP M 981 -75.61 -61.60 -64.29
CA TRP M 981 -74.23 -61.32 -63.90
C TRP M 981 -74.14 -59.88 -63.43
N VAL M 982 -73.64 -59.67 -62.22
CA VAL M 982 -73.53 -58.31 -61.70
C VAL M 982 -72.36 -57.60 -62.37
N PRO M 983 -72.46 -56.30 -62.61
CA PRO M 983 -71.31 -55.56 -63.14
C PRO M 983 -70.33 -55.24 -62.02
N LEU M 984 -69.15 -54.81 -62.41
CA LEU M 984 -68.12 -54.45 -61.44
C LEU M 984 -68.44 -53.09 -60.86
N SER M 985 -68.16 -52.92 -59.56
CA SER M 985 -68.53 -51.73 -58.81
C SER M 985 -67.61 -50.58 -59.22
N TYR M 986 -67.86 -50.05 -60.41
CA TYR M 986 -67.09 -48.95 -60.97
C TYR M 986 -67.55 -47.61 -60.44
N ASP M 987 -68.66 -47.59 -59.71
CA ASP M 987 -69.21 -46.40 -59.08
C ASP M 987 -68.76 -46.21 -57.64
N LEU M 988 -67.96 -47.14 -57.10
CA LEU M 988 -67.35 -47.07 -55.77
C LEU M 988 -68.39 -46.98 -54.65
N ARG M 989 -69.45 -47.77 -54.78
CA ARG M 989 -70.48 -47.81 -53.73
C ARG M 989 -69.97 -48.52 -52.48
N TRP M 990 -69.05 -49.46 -52.65
CA TRP M 990 -68.51 -50.30 -51.59
C TRP M 990 -67.60 -49.57 -50.63
N THR M 991 -67.17 -48.35 -50.98
CA THR M 991 -66.07 -47.68 -50.32
C THR M 991 -66.42 -47.23 -48.90
N LYS M 992 -67.72 -47.14 -48.57
CA LYS M 992 -68.13 -46.76 -47.23
C LYS M 992 -67.79 -47.83 -46.21
N LEU M 993 -67.86 -49.11 -46.59
CA LEU M 993 -67.53 -50.17 -45.66
C LEU M 993 -66.03 -50.29 -45.44
N ALA M 994 -65.22 -49.71 -46.31
CA ALA M 994 -63.78 -49.65 -46.10
C ALA M 994 -63.38 -48.41 -45.33
N LEU M 995 -64.05 -47.28 -45.58
CA LEU M 995 -63.71 -46.06 -44.89
C LEU M 995 -64.18 -46.06 -43.45
N LEU M 996 -65.40 -46.57 -43.20
CA LEU M 996 -65.91 -46.56 -41.83
C LEU M 996 -65.22 -47.57 -40.93
N GLU M 997 -64.45 -48.51 -41.49
CA GLU M 997 -63.58 -49.36 -40.71
C GLU M 997 -62.19 -48.76 -40.51
N SER M 998 -61.99 -47.51 -40.97
CA SER M 998 -60.79 -46.70 -40.74
C SER M 998 -59.53 -47.38 -41.28
N THR M 999 -59.50 -47.52 -42.60
CA THR M 999 -58.37 -48.15 -43.28
C THR M 999 -58.13 -47.46 -44.63
N THR M 1000 -56.90 -47.01 -44.86
CA THR M 1000 -56.54 -46.39 -46.12
C THR M 1000 -56.41 -47.46 -47.22
N LEU M 1001 -56.37 -47.01 -48.47
CA LEU M 1001 -56.64 -47.89 -49.59
C LEU M 1001 -55.49 -48.11 -50.56
N SER M 1002 -54.66 -47.09 -50.82
CA SER M 1002 -53.48 -47.16 -51.69
C SER M 1002 -53.85 -47.57 -53.13
N SER M 1003 -54.49 -46.61 -53.82
CA SER M 1003 -55.25 -46.76 -55.06
C SER M 1003 -54.67 -47.65 -56.17
N ALA M 1004 -53.36 -47.88 -56.18
CA ALA M 1004 -52.83 -48.96 -57.01
C ALA M 1004 -53.43 -50.31 -56.63
N SER M 1005 -53.67 -50.51 -55.32
CA SER M 1005 -54.34 -51.71 -54.86
C SER M 1005 -55.77 -51.80 -55.36
N VAL M 1006 -56.49 -50.68 -55.45
CA VAL M 1006 -57.86 -50.78 -55.94
C VAL M 1006 -57.91 -50.91 -57.46
N ARG M 1007 -56.88 -50.42 -58.16
CA ARG M 1007 -56.79 -50.69 -59.60
C ARG M 1007 -56.55 -52.18 -59.85
N ILE M 1008 -55.62 -52.78 -59.09
CA ILE M 1008 -55.41 -54.23 -59.15
C ILE M 1008 -56.65 -54.99 -58.69
N ALA M 1009 -57.41 -54.40 -57.75
CA ALA M 1009 -58.64 -55.04 -57.28
C ALA M 1009 -59.71 -55.05 -58.36
N GLU M 1010 -59.81 -53.99 -59.16
CA GLU M 1010 -60.74 -54.00 -60.28
C GLU M 1010 -60.30 -55.02 -61.33
N LEU M 1011 -59.01 -55.01 -61.67
CA LEU M 1011 -58.47 -55.94 -62.68
C LEU M 1011 -58.56 -57.39 -62.22
N MET M 1012 -58.65 -57.63 -60.92
CA MET M 1012 -58.85 -58.95 -60.36
C MET M 1012 -60.32 -59.32 -60.24
N TYR M 1013 -61.19 -58.38 -59.84
CA TYR M 1013 -62.61 -58.65 -59.71
C TYR M 1013 -63.28 -58.93 -61.05
N LYS M 1014 -62.70 -58.45 -62.16
CA LYS M 1014 -63.23 -58.94 -63.43
C LYS M 1014 -62.80 -60.38 -63.76
N TYR M 1015 -62.07 -61.08 -62.88
CA TYR M 1015 -61.68 -62.45 -63.13
C TYR M 1015 -62.27 -63.47 -62.17
N MET M 1016 -62.90 -63.03 -61.07
CA MET M 1016 -63.83 -63.88 -60.32
C MET M 1016 -65.05 -63.08 -59.88
N PRO M 1017 -66.02 -62.91 -60.77
CA PRO M 1017 -67.26 -62.23 -60.40
C PRO M 1017 -68.25 -63.22 -59.80
N ILE M 1018 -69.43 -62.71 -59.44
CA ILE M 1018 -70.54 -63.52 -59.01
C ILE M 1018 -71.73 -63.19 -59.91
N MET M 1019 -72.86 -63.86 -59.64
CA MET M 1019 -74.09 -63.62 -60.37
C MET M 1019 -75.25 -63.74 -59.40
N ARG M 1020 -76.43 -63.32 -59.84
CA ARG M 1020 -77.66 -63.48 -59.08
C ARG M 1020 -78.60 -64.37 -59.88
N ILE M 1021 -79.02 -65.48 -59.28
CA ILE M 1021 -79.89 -66.44 -59.93
C ILE M 1021 -81.15 -66.61 -59.08
N ASP M 1022 -82.29 -66.23 -59.63
CA ASP M 1022 -83.57 -66.63 -59.07
C ASP M 1022 -83.93 -68.00 -59.62
N ILE M 1023 -84.73 -68.74 -58.85
CA ILE M 1023 -85.21 -70.03 -59.35
C ILE M 1023 -86.29 -69.82 -60.41
N HIS M 1024 -86.92 -68.65 -60.45
CA HIS M 1024 -87.89 -68.29 -61.46
C HIS M 1024 -87.29 -67.32 -62.47
N GLY M 1025 -88.05 -67.07 -63.53
CA GLY M 1025 -87.61 -66.18 -64.59
C GLY M 1025 -87.60 -66.82 -65.96
CA ALA N 2 -61.91 -0.82 -46.88
C ALA N 2 -60.69 -0.64 -45.99
N ASN N 3 -60.55 0.56 -45.43
CA ASN N 3 -59.40 0.91 -44.59
C ASN N 3 -59.87 1.51 -43.26
N VAL N 4 -59.86 0.68 -42.21
CA VAL N 4 -60.45 1.08 -40.93
C VAL N 4 -59.62 2.18 -40.25
N TRP N 5 -58.36 1.94 -40.05
CA TRP N 5 -57.38 3.03 -40.04
C TRP N 5 -56.17 2.70 -40.88
N GLY N 6 -55.70 1.47 -40.82
CA GLY N 6 -54.85 0.89 -41.85
C GLY N 6 -55.74 -0.08 -42.62
N VAL N 7 -55.34 -0.38 -43.86
CA VAL N 7 -56.24 -1.07 -44.76
C VAL N 7 -56.33 -2.55 -44.38
N ARG N 8 -57.50 -3.13 -44.59
CA ARG N 8 -57.73 -4.55 -44.41
C ARG N 8 -58.39 -5.09 -45.68
N LEU N 9 -58.09 -6.34 -46.00
CA LEU N 9 -58.61 -6.96 -47.21
C LEU N 9 -59.67 -7.95 -46.79
N ALA N 10 -60.91 -7.47 -46.67
CA ALA N 10 -61.93 -8.41 -46.27
C ALA N 10 -62.47 -9.19 -47.45
N ASP N 11 -63.28 -8.53 -48.30
CA ASP N 11 -63.88 -9.02 -49.55
C ASP N 11 -64.84 -10.19 -49.39
N SER N 12 -64.91 -10.74 -48.17
CA SER N 12 -65.62 -11.90 -47.66
C SER N 12 -65.16 -11.97 -46.22
N LEU N 13 -65.76 -12.89 -45.45
CA LEU N 13 -65.32 -13.04 -44.08
C LEU N 13 -65.51 -14.48 -43.64
N SER N 14 -64.51 -15.00 -42.92
CA SER N 14 -64.49 -16.39 -42.49
C SER N 14 -64.32 -16.44 -40.99
N SER N 15 -64.59 -17.62 -40.43
CA SER N 15 -64.53 -17.85 -39.00
C SER N 15 -64.45 -19.35 -38.77
N PRO N 16 -63.82 -19.79 -37.68
CA PRO N 16 -63.84 -21.23 -37.34
C PRO N 16 -65.22 -21.64 -36.88
N THR N 17 -65.81 -22.61 -37.58
CA THR N 17 -67.18 -23.03 -37.29
C THR N 17 -67.21 -24.19 -36.30
N ILE N 18 -66.58 -25.30 -36.66
CA ILE N 18 -66.56 -26.47 -35.80
C ILE N 18 -65.58 -26.22 -34.65
N GLU N 19 -65.89 -26.80 -33.49
CA GLU N 19 -65.22 -26.48 -32.24
C GLU N 19 -64.90 -27.74 -31.47
N THR N 20 -63.67 -27.85 -30.98
CA THR N 20 -63.33 -28.88 -30.01
C THR N 20 -63.96 -28.54 -28.67
N ARG N 21 -64.81 -29.41 -28.16
CA ARG N 21 -65.08 -29.37 -26.73
C ARG N 21 -63.86 -29.92 -26.01
N THR N 22 -63.51 -29.28 -24.90
CA THR N 22 -62.26 -29.61 -24.24
C THR N 22 -62.46 -30.68 -23.17
N ARG N 23 -61.39 -31.42 -22.91
CA ARG N 23 -61.38 -32.32 -21.77
C ARG N 23 -60.98 -31.54 -20.52
N HIS N 24 -60.95 -32.24 -19.40
CA HIS N 24 -60.57 -31.63 -18.15
C HIS N 24 -59.34 -32.33 -17.57
N TYR N 25 -58.99 -31.95 -16.35
CA TYR N 25 -57.83 -32.45 -15.64
C TYR N 25 -57.93 -33.93 -15.30
N THR N 26 -56.79 -34.62 -15.37
CA THR N 26 -56.57 -35.85 -14.63
C THR N 26 -55.18 -35.80 -13.99
N LEU N 27 -55.04 -36.49 -12.85
CA LEU N 27 -53.76 -36.46 -12.15
C LEU N 27 -52.72 -37.31 -12.86
N HIS N 28 -53.18 -38.31 -13.60
CA HIS N 28 -52.29 -39.05 -14.48
C HIS N 28 -51.68 -38.14 -15.54
N ASP N 29 -52.49 -37.24 -16.11
CA ASP N 29 -51.97 -36.26 -17.04
C ASP N 29 -51.07 -35.24 -16.34
N PHE N 30 -51.37 -34.94 -15.07
CA PHE N 30 -50.53 -34.03 -14.29
C PHE N 30 -49.13 -34.59 -14.12
N TYR N 31 -49.03 -35.87 -13.76
CA TYR N 31 -47.73 -36.50 -13.66
C TYR N 31 -47.08 -36.61 -15.03
N SER N 32 -47.88 -36.88 -16.07
CA SER N 32 -47.35 -37.07 -17.41
C SER N 32 -46.71 -35.80 -17.96
N ASP N 33 -47.34 -34.64 -17.74
CA ASP N 33 -46.74 -33.42 -18.24
C ASP N 33 -45.87 -32.71 -17.21
N LEU N 34 -45.83 -33.21 -15.97
CA LEU N 34 -44.81 -32.74 -15.04
C LEU N 34 -43.50 -33.48 -15.30
N ASP N 35 -43.58 -34.73 -15.73
CA ASP N 35 -42.41 -35.40 -16.27
C ASP N 35 -42.09 -34.78 -17.62
N ALA N 36 -41.00 -34.02 -17.68
CA ALA N 36 -40.64 -33.28 -18.89
C ALA N 36 -40.09 -34.26 -19.93
N SER N 37 -41.01 -34.88 -20.65
CA SER N 37 -40.63 -35.78 -21.72
C SER N 37 -40.11 -34.99 -22.92
N VAL N 38 -39.48 -35.73 -23.85
CA VAL N 38 -39.01 -35.11 -25.08
C VAL N 38 -40.20 -34.76 -25.97
N GLY N 39 -41.21 -35.62 -26.00
CA GLY N 39 -42.37 -35.37 -26.85
C GLY N 39 -43.25 -34.26 -26.33
N LYS N 40 -43.40 -34.16 -25.01
CA LYS N 40 -44.20 -33.11 -24.42
C LYS N 40 -43.61 -32.69 -23.08
N GLU N 41 -43.72 -31.40 -22.78
CA GLU N 41 -43.10 -30.79 -21.62
C GLU N 41 -43.78 -29.45 -21.42
N PRO N 42 -43.81 -28.92 -20.18
CA PRO N 42 -44.64 -27.73 -19.93
C PRO N 42 -44.10 -26.43 -20.50
N TRP N 43 -42.93 -26.42 -21.12
CA TRP N 43 -42.44 -25.24 -21.79
C TRP N 43 -42.30 -25.50 -23.28
N ARG N 44 -42.07 -24.41 -24.03
CA ARG N 44 -41.83 -24.48 -25.45
C ARG N 44 -41.00 -23.25 -25.81
N PRO N 45 -39.86 -23.43 -26.45
CA PRO N 45 -38.97 -22.30 -26.71
C PRO N 45 -39.39 -21.47 -27.90
N LEU N 46 -39.04 -20.19 -27.85
CA LEU N 46 -39.15 -19.27 -28.97
C LEU N 46 -37.76 -18.81 -29.36
N ARG N 47 -37.55 -18.59 -30.65
CA ARG N 47 -36.24 -18.25 -31.15
C ARG N 47 -36.29 -16.98 -31.97
N ASN N 48 -35.10 -16.47 -32.26
CA ASN N 48 -34.95 -15.32 -33.13
C ASN N 48 -35.28 -15.70 -34.57
N GLN N 49 -35.61 -14.71 -35.38
CA GLN N 49 -35.80 -14.96 -36.80
C GLN N 49 -34.54 -14.72 -37.61
N ARG N 50 -33.46 -14.26 -36.98
CA ARG N 50 -32.20 -13.99 -37.66
C ARG N 50 -31.12 -14.99 -37.30
N THR N 51 -30.96 -15.29 -36.02
CA THR N 51 -29.96 -16.25 -35.57
C THR N 51 -30.55 -17.60 -35.20
N ASN N 52 -31.89 -17.68 -35.08
CA ASN N 52 -32.61 -18.86 -34.58
C ASN N 52 -32.12 -19.30 -33.20
N GLU N 53 -31.73 -18.34 -32.39
CA GLU N 53 -31.28 -18.59 -31.02
C GLU N 53 -32.42 -18.34 -30.06
N ILE N 54 -32.52 -19.19 -29.04
CA ILE N 54 -33.64 -19.17 -28.12
C ILE N 54 -33.51 -17.94 -27.23
N VAL N 55 -34.40 -16.97 -27.41
CA VAL N 55 -34.38 -15.75 -26.61
C VAL N 55 -35.58 -15.63 -25.70
N ALA N 56 -36.59 -16.46 -25.87
CA ALA N 56 -37.76 -16.43 -25.01
C ALA N 56 -38.38 -17.82 -24.97
N VAL N 57 -39.11 -18.10 -23.90
CA VAL N 57 -39.80 -19.36 -23.75
C VAL N 57 -41.29 -19.10 -23.54
N GLN N 58 -42.10 -20.10 -23.84
CA GLN N 58 -43.53 -20.07 -23.60
C GLN N 58 -43.91 -21.25 -22.73
N LEU N 59 -44.58 -20.99 -21.63
CA LEU N 59 -45.01 -22.02 -20.72
C LEU N 59 -46.54 -21.98 -20.59
N PHE N 60 -47.09 -23.06 -20.06
CA PHE N 60 -48.53 -23.25 -20.04
C PHE N 60 -48.91 -24.07 -18.82
N ARG N 61 -50.09 -24.70 -18.87
CA ARG N 61 -50.96 -25.28 -17.83
C ARG N 61 -50.31 -25.87 -16.57
N PRO N 62 -49.22 -26.67 -16.62
CA PRO N 62 -48.67 -27.17 -15.34
C PRO N 62 -48.00 -26.12 -14.48
N LEU N 63 -47.69 -24.94 -15.01
CA LEU N 63 -47.10 -23.89 -14.17
C LEU N 63 -47.58 -22.53 -14.62
N GLN N 64 -48.08 -21.74 -13.69
CA GLN N 64 -48.44 -20.36 -13.96
C GLN N 64 -48.06 -19.44 -12.81
N GLY N 65 -47.60 -19.98 -11.69
CA GLY N 65 -47.41 -19.19 -10.50
C GLY N 65 -46.04 -18.57 -10.35
N LEU N 66 -45.49 -18.02 -11.43
CA LEU N 66 -44.18 -17.39 -11.38
C LEU N 66 -44.26 -15.90 -11.07
N VAL N 67 -45.26 -15.49 -10.29
CA VAL N 67 -45.59 -14.08 -10.07
C VAL N 67 -44.51 -13.35 -9.28
N PHE N 68 -43.64 -14.07 -8.58
CA PHE N 68 -42.61 -13.42 -7.80
C PHE N 68 -41.44 -13.01 -8.70
N ASP N 69 -40.40 -12.48 -8.08
CA ASP N 69 -39.31 -11.86 -8.81
C ASP N 69 -38.27 -12.90 -9.21
N THR N 70 -37.76 -12.76 -10.43
CA THR N 70 -36.74 -13.68 -10.93
C THR N 70 -35.40 -13.53 -10.22
N GLN N 71 -35.18 -12.43 -9.50
CA GLN N 71 -34.04 -12.38 -8.59
C GLN N 71 -34.23 -13.34 -7.43
N LEU N 72 -35.45 -13.46 -6.93
CA LEU N 72 -35.73 -14.45 -5.89
C LEU N 72 -35.69 -15.86 -6.45
N TYR N 73 -36.03 -16.04 -7.72
CA TYR N 73 -35.96 -17.38 -8.29
C TYR N 73 -34.51 -17.79 -8.59
N GLY N 74 -33.84 -17.07 -9.48
CA GLY N 74 -32.45 -17.38 -9.79
C GLY N 74 -32.25 -18.40 -10.89
N PHE N 75 -32.76 -18.13 -12.06
CA PHE N 75 -32.58 -19.04 -13.18
C PHE N 75 -31.30 -18.70 -13.94
N PRO N 76 -30.65 -19.67 -14.58
CA PRO N 76 -29.45 -19.37 -15.38
C PRO N 76 -29.81 -18.70 -16.70
N GLY N 77 -28.79 -18.44 -17.50
CA GLY N 77 -28.95 -17.67 -18.72
C GLY N 77 -29.07 -18.48 -19.99
N THR N 78 -28.59 -19.71 -19.99
CA THR N 78 -28.70 -20.55 -21.17
C THR N 78 -29.93 -21.44 -21.08
N PHE N 79 -30.53 -21.71 -22.23
CA PHE N 79 -31.77 -22.47 -22.28
C PHE N 79 -31.58 -23.92 -21.85
N SER N 80 -30.43 -24.53 -22.16
CA SER N 80 -30.20 -25.93 -21.81
C SER N 80 -30.03 -26.09 -20.29
N GLN N 81 -29.23 -25.22 -19.68
CA GLN N 81 -29.09 -25.25 -18.22
C GLN N 81 -30.38 -24.89 -17.53
N TRP N 82 -31.15 -23.97 -18.12
CA TRP N 82 -32.45 -23.62 -17.54
C TRP N 82 -33.42 -24.79 -17.60
N GLU N 83 -33.44 -25.52 -18.71
CA GLU N 83 -34.42 -26.60 -18.81
C GLU N 83 -34.00 -27.81 -17.97
N GLN N 84 -32.70 -28.07 -17.82
CA GLN N 84 -32.34 -29.16 -16.90
C GLN N 84 -32.54 -28.75 -15.45
N PHE N 85 -32.39 -27.46 -15.15
CA PHE N 85 -32.69 -26.96 -13.81
C PHE N 85 -34.16 -27.10 -13.48
N MET N 86 -35.02 -26.73 -14.43
CA MET N 86 -36.46 -26.93 -14.26
C MET N 86 -36.81 -28.41 -14.15
N LYS N 87 -36.10 -29.26 -14.90
CA LYS N 87 -36.34 -30.69 -14.84
C LYS N 87 -36.03 -31.26 -13.46
N GLU N 88 -34.89 -30.87 -12.88
CA GLU N 88 -34.55 -31.45 -11.58
C GLU N 88 -35.38 -30.86 -10.44
N LYS N 89 -35.78 -29.58 -10.54
CA LYS N 89 -36.64 -29.03 -9.49
C LYS N 89 -38.04 -29.63 -9.56
N LEU N 90 -38.57 -29.84 -10.78
CA LEU N 90 -39.83 -30.55 -10.91
C LEU N 90 -39.70 -32.01 -10.47
N ARG N 91 -38.50 -32.58 -10.59
CA ARG N 91 -38.29 -33.94 -10.11
C ARG N 91 -38.36 -34.02 -8.59
N VAL N 92 -37.78 -33.02 -7.90
CA VAL N 92 -37.83 -32.98 -6.44
C VAL N 92 -39.25 -32.78 -5.95
N LEU N 93 -39.96 -31.80 -6.54
CA LEU N 93 -41.35 -31.56 -6.14
C LEU N 93 -42.26 -32.72 -6.55
N LYS N 94 -41.91 -33.40 -7.64
CA LYS N 94 -42.58 -34.61 -8.10
C LYS N 94 -42.49 -35.71 -7.04
N TYR N 95 -41.28 -35.93 -6.50
CA TYR N 95 -41.11 -36.91 -5.45
C TYR N 95 -41.86 -36.53 -4.18
N GLU N 96 -41.89 -35.23 -3.87
CA GLU N 96 -42.59 -34.77 -2.67
C GLU N 96 -44.10 -34.98 -2.78
N VAL N 97 -44.69 -34.58 -3.92
CA VAL N 97 -46.13 -34.70 -4.06
C VAL N 97 -46.55 -36.15 -4.27
N LEU N 98 -45.67 -37.00 -4.79
CA LEU N 98 -45.99 -38.41 -4.88
C LEU N 98 -45.77 -39.12 -3.56
N ARG N 99 -44.95 -38.56 -2.67
CA ARG N 99 -44.95 -39.04 -1.29
C ARG N 99 -46.30 -38.74 -0.64
N ILE N 100 -46.75 -37.49 -0.75
CA ILE N 100 -47.93 -37.11 0.02
C ILE N 100 -49.23 -37.60 -0.61
N TYR N 101 -49.23 -37.95 -1.90
CA TYR N 101 -50.42 -38.54 -2.50
C TYR N 101 -50.06 -39.80 -3.27
N PRO N 102 -50.72 -40.92 -2.99
CA PRO N 102 -50.52 -42.12 -3.81
C PRO N 102 -51.28 -42.05 -5.12
N ILE N 103 -50.71 -42.68 -6.15
CA ILE N 103 -51.34 -42.66 -7.47
C ILE N 103 -52.51 -43.62 -7.53
N SER N 104 -52.50 -44.69 -6.71
CA SER N 104 -53.49 -45.75 -6.83
C SER N 104 -54.87 -45.28 -6.37
N THR N 105 -54.93 -44.61 -5.22
CA THR N 105 -56.19 -44.05 -4.78
C THR N 105 -56.56 -42.82 -5.59
N TYR N 106 -55.59 -41.94 -5.84
CA TYR N 106 -55.83 -40.73 -6.62
C TYR N 106 -55.45 -40.93 -8.09
N ASN N 107 -56.00 -41.98 -8.70
CA ASN N 107 -55.76 -42.22 -10.12
C ASN N 107 -56.48 -41.22 -11.00
N HIS N 108 -57.71 -40.84 -10.65
CA HIS N 108 -58.52 -40.04 -11.57
C HIS N 108 -59.29 -38.94 -10.84
N ASP N 109 -58.71 -38.38 -9.79
CA ASP N 109 -59.37 -37.31 -9.06
C ASP N 109 -58.89 -35.94 -9.55
N ARG N 110 -59.67 -34.91 -9.23
CA ARG N 110 -59.46 -33.59 -9.81
C ARG N 110 -58.45 -32.81 -8.99
N VAL N 111 -58.31 -31.53 -9.33
CA VAL N 111 -57.36 -30.64 -8.66
C VAL N 111 -57.89 -29.22 -8.81
N ASN N 112 -57.34 -28.31 -8.00
CA ASN N 112 -57.38 -26.90 -8.33
C ASN N 112 -56.13 -26.57 -9.13
N VAL N 113 -56.35 -26.06 -10.35
CA VAL N 113 -55.26 -25.58 -11.19
C VAL N 113 -54.54 -24.41 -10.52
N PHE N 114 -55.30 -23.61 -9.76
CA PHE N 114 -54.72 -22.51 -8.98
C PHE N 114 -53.77 -23.03 -7.92
N VAL N 115 -54.18 -24.09 -7.21
CA VAL N 115 -53.32 -24.69 -6.19
C VAL N 115 -52.10 -25.33 -6.82
N ALA N 116 -52.25 -25.92 -8.01
CA ALA N 116 -51.11 -26.53 -8.69
C ALA N 116 -50.08 -25.48 -9.11
N ASN N 117 -50.55 -24.38 -9.71
CA ASN N 117 -49.65 -23.34 -10.17
C ASN N 117 -49.01 -22.60 -9.01
N ALA N 118 -49.79 -22.30 -7.96
CA ALA N 118 -49.22 -21.65 -6.79
C ALA N 118 -48.31 -22.60 -6.02
N LEU N 119 -48.53 -23.91 -6.14
CA LEU N 119 -47.67 -24.88 -5.49
C LEU N 119 -46.30 -24.93 -6.15
N VAL N 120 -46.28 -25.00 -7.48
CA VAL N 120 -44.99 -25.03 -8.16
C VAL N 120 -44.30 -23.66 -8.06
N GLY N 121 -45.08 -22.58 -7.94
CA GLY N 121 -44.48 -21.27 -7.75
C GLY N 121 -43.89 -21.09 -6.37
N ALA N 122 -44.59 -21.57 -5.34
CA ALA N 122 -44.06 -21.50 -3.98
C ALA N 122 -42.88 -22.44 -3.79
N PHE N 123 -42.84 -23.53 -4.56
CA PHE N 123 -41.68 -24.41 -4.47
C PHE N 123 -40.47 -23.80 -5.17
N LEU N 124 -40.69 -23.13 -6.30
CA LEU N 124 -39.57 -22.48 -6.97
C LEU N 124 -39.10 -21.24 -6.21
N SER N 125 -40.00 -20.56 -5.52
CA SER N 125 -39.65 -19.37 -4.77
C SER N 125 -39.32 -19.67 -3.31
N ASN N 126 -39.48 -20.93 -2.89
CA ASN N 126 -39.11 -21.43 -1.56
C ASN N 126 -39.88 -20.69 -0.46
N GLN N 127 -41.20 -20.66 -0.59
CA GLN N 127 -42.06 -19.84 0.26
C GLN N 127 -43.09 -20.66 1.02
N ALA N 128 -42.65 -21.80 1.59
CA ALA N 128 -43.40 -22.61 2.55
C ALA N 128 -44.74 -23.10 1.97
N PHE N 129 -44.61 -23.96 0.96
CA PHE N 129 -45.74 -24.47 0.20
C PHE N 129 -46.57 -25.51 0.95
N TYR N 130 -46.14 -25.96 2.12
CA TYR N 130 -46.72 -27.15 2.71
C TYR N 130 -48.12 -26.90 3.26
N ASP N 131 -48.42 -25.68 3.69
CA ASP N 131 -49.80 -25.36 4.06
C ASP N 131 -50.71 -25.36 2.83
N LEU N 132 -50.17 -24.98 1.68
CA LEU N 132 -50.92 -25.02 0.44
C LEU N 132 -51.05 -26.44 -0.10
N LEU N 133 -50.20 -27.35 0.37
CA LEU N 133 -50.17 -28.71 -0.15
C LEU N 133 -51.45 -29.54 0.04
N PRO N 134 -52.07 -29.67 1.23
CA PRO N 134 -53.22 -30.58 1.33
C PRO N 134 -54.51 -30.06 0.69
N LEU N 135 -54.52 -28.84 0.16
CA LEU N 135 -55.66 -28.32 -0.58
C LEU N 135 -55.61 -28.68 -2.05
N LEU N 136 -54.85 -29.72 -2.41
CA LEU N 136 -54.60 -30.03 -3.80
C LEU N 136 -55.83 -30.66 -4.45
N ILE N 137 -56.24 -31.82 -3.93
CA ILE N 137 -57.41 -32.51 -4.45
C ILE N 137 -58.66 -31.73 -4.08
N VAL N 138 -59.47 -31.40 -5.09
CA VAL N 138 -60.58 -30.49 -4.89
C VAL N 138 -61.76 -31.27 -4.33
N ASN N 139 -62.71 -30.57 -3.74
CA ASN N 139 -63.96 -31.10 -3.23
C ASN N 139 -65.01 -31.10 -4.34
N ASP N 140 -66.27 -31.22 -3.93
CA ASP N 140 -67.46 -31.24 -4.79
C ASP N 140 -67.49 -30.14 -5.84
N THR N 141 -67.18 -28.91 -5.46
CA THR N 141 -67.19 -27.79 -6.39
C THR N 141 -65.77 -27.31 -6.65
N MET N 142 -65.66 -26.26 -7.46
CA MET N 142 -64.35 -25.78 -7.87
C MET N 142 -63.85 -24.64 -6.99
N ILE N 143 -64.74 -23.76 -6.54
CA ILE N 143 -64.33 -22.49 -5.97
C ILE N 143 -64.61 -22.40 -4.47
N SER N 144 -65.47 -23.26 -3.91
CA SER N 144 -65.80 -23.19 -2.50
C SER N 144 -64.62 -23.55 -1.62
N ASP N 145 -63.70 -24.38 -2.11
CA ASP N 145 -62.45 -24.63 -1.42
C ASP N 145 -61.60 -23.36 -1.37
N LEU N 146 -61.77 -22.46 -2.33
CA LEU N 146 -61.02 -21.22 -2.28
C LEU N 146 -61.68 -20.23 -1.35
N LEU N 147 -63.02 -20.22 -1.33
CA LEU N 147 -63.73 -19.31 -0.44
C LEU N 147 -63.53 -19.70 1.03
N GLY N 148 -63.81 -20.95 1.37
CA GLY N 148 -63.45 -21.40 2.69
C GLY N 148 -61.99 -21.82 2.65
N THR N 149 -61.11 -20.91 3.05
CA THR N 149 -59.69 -21.11 2.82
C THR N 149 -59.10 -22.06 3.86
N GLY N 150 -58.12 -22.84 3.41
CA GLY N 150 -57.34 -23.66 4.31
C GLY N 150 -56.44 -22.77 5.13
N ALA N 151 -55.52 -22.10 4.45
CA ALA N 151 -54.76 -21.00 5.01
C ALA N 151 -54.87 -19.85 4.03
N ALA N 152 -55.21 -18.67 4.54
CA ALA N 152 -55.30 -17.48 3.70
C ALA N 152 -53.90 -17.13 3.22
N LEU N 153 -53.70 -17.15 1.90
CA LEU N 153 -52.38 -16.90 1.31
C LEU N 153 -52.53 -15.75 0.33
N SER N 154 -52.48 -14.52 0.85
CA SER N 154 -52.74 -13.33 0.05
C SER N 154 -51.60 -12.99 -0.90
N GLN N 155 -50.45 -13.63 -0.74
CA GLN N 155 -49.38 -13.51 -1.71
C GLN N 155 -49.72 -14.21 -3.02
N PHE N 156 -50.70 -15.10 -3.01
CA PHE N 156 -51.14 -15.85 -4.19
C PHE N 156 -52.58 -15.56 -4.57
N PHE N 157 -53.48 -15.50 -3.59
CA PHE N 157 -54.91 -15.31 -3.86
C PHE N 157 -55.61 -14.89 -2.58
N GLN N 158 -56.52 -13.93 -2.71
CA GLN N 158 -57.31 -13.47 -1.58
C GLN N 158 -58.79 -13.54 -1.93
N SER N 159 -59.61 -13.74 -0.91
CA SER N 159 -61.05 -13.85 -1.09
C SER N 159 -61.71 -12.50 -0.81
N HIS N 160 -62.89 -12.32 -1.41
CA HIS N 160 -63.62 -11.07 -1.25
C HIS N 160 -65.11 -11.30 -1.10
N GLY N 161 -65.52 -12.41 -0.50
CA GLY N 161 -66.94 -12.63 -0.33
C GLY N 161 -67.65 -12.98 -1.61
N GLU N 162 -67.44 -14.23 -2.08
CA GLU N 162 -67.98 -14.87 -3.30
C GLU N 162 -67.24 -14.44 -4.55
N VAL N 163 -66.16 -13.66 -4.42
CA VAL N 163 -65.34 -13.26 -5.56
C VAL N 163 -63.88 -13.54 -5.18
N LEU N 164 -63.22 -14.37 -5.99
CA LEU N 164 -61.82 -14.73 -5.76
C LEU N 164 -60.91 -13.86 -6.61
N GLU N 165 -59.94 -13.22 -5.97
CA GLU N 165 -58.88 -12.50 -6.66
C GLU N 165 -57.64 -13.36 -6.73
N VAL N 166 -57.10 -13.53 -7.94
CA VAL N 166 -55.83 -14.20 -8.15
C VAL N 166 -54.94 -13.29 -8.98
N ALA N 167 -53.64 -13.56 -8.91
CA ALA N 167 -52.64 -12.79 -9.66
C ALA N 167 -51.99 -13.72 -10.67
N ALA N 168 -52.61 -13.82 -11.84
CA ALA N 168 -52.04 -14.59 -12.94
C ALA N 168 -50.85 -13.82 -13.52
N GLY N 169 -49.70 -14.48 -13.59
CA GLY N 169 -48.50 -13.82 -14.07
C GLY N 169 -47.62 -14.76 -14.86
N ARG N 170 -46.76 -14.16 -15.68
CA ARG N 170 -45.65 -14.81 -16.39
C ARG N 170 -46.13 -15.92 -17.32
N LYS N 171 -46.88 -15.50 -18.34
CA LYS N 171 -47.14 -16.42 -19.44
C LYS N 171 -45.86 -16.72 -20.21
N TYR N 172 -45.05 -15.69 -20.42
CA TYR N 172 -43.76 -15.85 -21.07
C TYR N 172 -42.65 -15.54 -20.06
N LEU N 173 -41.42 -15.87 -20.44
CA LEU N 173 -40.26 -15.59 -19.61
C LEU N 173 -39.11 -15.17 -20.51
N GLN N 174 -38.53 -14.02 -20.21
CA GLN N 174 -37.43 -13.48 -21.00
C GLN N 174 -36.12 -14.17 -20.65
N MET N 175 -35.36 -14.54 -21.66
CA MET N 175 -34.00 -14.98 -21.47
C MET N 175 -33.07 -13.79 -21.67
N ASN N 176 -31.89 -13.85 -21.04
CA ASN N 176 -31.00 -12.68 -20.98
C ASN N 176 -30.42 -12.28 -22.33
N ASN N 177 -30.42 -13.17 -23.33
CA ASN N 177 -29.95 -12.78 -24.65
C ASN N 177 -30.97 -11.98 -25.45
N TYR N 178 -32.20 -11.83 -24.94
CA TYR N 178 -33.17 -10.94 -25.55
C TYR N 178 -32.74 -9.50 -25.33
N SER N 179 -32.70 -8.72 -26.41
CA SER N 179 -32.13 -7.38 -26.35
C SER N 179 -32.97 -6.36 -27.11
N ASN N 180 -34.29 -6.57 -27.15
CA ASN N 180 -35.28 -5.67 -27.76
C ASN N 180 -35.00 -5.43 -29.25
N ASP N 181 -34.46 -6.43 -29.94
CA ASP N 181 -34.34 -6.34 -31.39
C ASP N 181 -35.72 -6.44 -32.02
N ASP N 182 -35.91 -5.74 -33.13
CA ASP N 182 -37.20 -5.79 -33.79
C ASP N 182 -37.44 -7.11 -34.48
N ASP N 183 -36.36 -7.82 -34.83
CA ASP N 183 -36.49 -9.16 -35.39
C ASP N 183 -36.76 -10.20 -34.30
N ASP N 184 -36.46 -9.87 -33.04
CA ASP N 184 -36.83 -10.73 -31.93
C ASP N 184 -38.35 -10.73 -31.77
N PRO N 185 -38.92 -11.82 -31.22
CA PRO N 185 -40.37 -11.86 -31.06
C PRO N 185 -40.84 -10.94 -29.95
N PRO N 186 -42.04 -10.38 -30.06
CA PRO N 186 -42.57 -9.52 -29.00
C PRO N 186 -42.95 -10.33 -27.77
N LEU N 187 -43.16 -9.61 -26.68
CA LEU N 187 -43.50 -10.24 -25.41
C LEU N 187 -44.82 -9.78 -24.82
N PHE N 188 -45.34 -8.62 -25.23
CA PHE N 188 -46.65 -8.10 -24.83
C PHE N 188 -46.78 -7.90 -23.33
N ALA N 189 -45.66 -7.53 -22.69
CA ALA N 189 -45.56 -7.27 -21.25
C ALA N 189 -46.02 -8.45 -20.40
N LYS N 190 -45.80 -9.66 -20.89
CA LYS N 190 -46.21 -10.87 -20.20
C LYS N 190 -45.09 -11.49 -19.39
N ASP N 191 -43.98 -10.79 -19.22
CA ASP N 191 -42.85 -11.28 -18.45
C ASP N 191 -42.56 -10.44 -17.21
N LEU N 192 -43.46 -9.53 -16.85
CA LEU N 192 -43.24 -8.69 -15.68
C LEU N 192 -43.76 -9.42 -14.45
N SER N 193 -43.75 -8.74 -13.29
CA SER N 193 -44.16 -9.36 -12.04
C SER N 193 -45.65 -9.67 -12.03
N ASP N 194 -46.47 -8.64 -12.23
CA ASP N 194 -47.93 -8.79 -12.24
C ASP N 194 -48.50 -7.85 -13.30
N TYR N 195 -48.72 -8.39 -14.49
CA TYR N 195 -49.24 -7.57 -15.58
C TYR N 195 -50.73 -7.26 -15.39
N ALA N 196 -51.45 -8.14 -14.72
CA ALA N 196 -52.89 -7.95 -14.52
C ALA N 196 -53.33 -8.75 -13.30
N LYS N 197 -54.62 -8.62 -12.99
CA LYS N 197 -55.27 -9.37 -11.92
C LYS N 197 -56.57 -9.95 -12.44
N ALA N 198 -56.84 -11.20 -12.07
CA ALA N 198 -58.03 -11.91 -12.53
C ALA N 198 -59.00 -12.13 -11.38
N PHE N 199 -60.29 -12.00 -11.67
CA PHE N 199 -61.35 -12.08 -10.66
C PHE N 199 -62.26 -13.26 -11.00
N TYR N 200 -61.87 -14.45 -10.55
CA TYR N 200 -62.70 -15.63 -10.77
C TYR N 200 -63.83 -15.68 -9.76
N SER N 201 -65.05 -15.89 -10.24
CA SER N 201 -66.21 -16.08 -9.39
C SER N 201 -67.27 -16.83 -10.19
N ASP N 202 -68.48 -16.89 -9.66
CA ASP N 202 -69.52 -17.71 -10.27
C ASP N 202 -70.22 -16.96 -11.40
N THR N 203 -70.90 -15.86 -11.07
CA THR N 203 -71.81 -15.21 -12.00
C THR N 203 -71.42 -13.76 -12.24
N TYR N 204 -71.73 -13.30 -13.47
CA TYR N 204 -71.42 -11.96 -13.90
C TYR N 204 -72.24 -10.91 -13.16
N GLU N 205 -73.43 -11.28 -12.67
CA GLU N 205 -74.22 -10.37 -11.85
C GLU N 205 -73.53 -10.06 -10.53
N VAL N 206 -73.01 -11.10 -9.86
CA VAL N 206 -72.28 -10.91 -8.62
C VAL N 206 -70.97 -10.17 -8.88
N LEU N 207 -70.32 -10.47 -10.00
CA LEU N 207 -69.10 -9.75 -10.35
C LEU N 207 -69.35 -8.27 -10.66
N ASP N 208 -70.47 -7.93 -11.27
CA ASP N 208 -70.77 -6.53 -11.52
C ASP N 208 -71.25 -5.82 -10.26
N ARG N 209 -71.90 -6.54 -9.34
CA ARG N 209 -72.20 -5.97 -8.04
C ARG N 209 -70.91 -5.70 -7.26
N PHE N 210 -69.88 -6.51 -7.49
CA PHE N 210 -68.56 -6.22 -6.94
C PHE N 210 -67.92 -5.02 -7.62
N PHE N 211 -68.08 -4.91 -8.94
CA PHE N 211 -67.51 -3.79 -9.69
C PHE N 211 -68.23 -2.48 -9.45
N TRP N 212 -69.40 -2.51 -8.82
CA TRP N 212 -69.99 -1.27 -8.30
C TRP N 212 -69.05 -0.57 -7.33
N THR N 213 -68.36 -1.34 -6.49
CA THR N 213 -67.46 -0.76 -5.49
C THR N 213 -66.00 -0.82 -5.93
N HIS N 214 -65.64 -1.76 -6.78
CA HIS N 214 -64.26 -1.89 -7.22
C HIS N 214 -63.89 -0.79 -8.21
N ASP N 215 -62.61 -0.46 -8.24
CA ASP N 215 -62.11 0.48 -9.23
C ASP N 215 -62.14 -0.13 -10.63
N SER N 216 -62.38 0.72 -11.63
CA SER N 216 -62.35 0.32 -13.02
C SER N 216 -61.65 1.38 -13.86
N SER N 217 -60.52 1.89 -13.35
CA SER N 217 -59.85 2.98 -14.03
C SER N 217 -59.10 2.50 -15.26
N ALA N 218 -58.39 1.38 -15.14
CA ALA N 218 -57.58 0.88 -16.25
C ALA N 218 -58.36 0.04 -17.24
N GLY N 219 -59.67 -0.04 -17.12
CA GLY N 219 -60.46 -0.90 -17.99
C GLY N 219 -60.48 -2.34 -17.54
N VAL N 220 -61.50 -3.07 -17.98
CA VAL N 220 -61.68 -4.46 -17.57
C VAL N 220 -61.97 -5.31 -18.81
N LEU N 221 -61.36 -6.48 -18.88
CA LEU N 221 -61.47 -7.33 -20.05
C LEU N 221 -62.02 -8.68 -19.66
N VAL N 222 -62.84 -9.26 -20.55
CA VAL N 222 -63.55 -10.50 -20.26
C VAL N 222 -63.08 -11.48 -21.33
N HIS N 223 -63.59 -12.70 -21.35
CA HIS N 223 -63.30 -13.57 -22.48
C HIS N 223 -64.56 -14.11 -23.16
N TYR N 224 -65.64 -14.36 -22.39
CA TYR N 224 -67.00 -14.63 -22.87
C TYR N 224 -67.21 -15.93 -23.66
N ASP N 225 -66.15 -16.68 -23.97
CA ASP N 225 -66.32 -17.86 -24.82
C ASP N 225 -66.16 -19.15 -24.04
N LYS N 226 -65.01 -19.36 -23.46
CA LYS N 226 -64.66 -20.60 -22.81
C LYS N 226 -63.48 -20.27 -21.90
N PRO N 227 -63.75 -19.79 -20.70
CA PRO N 227 -62.67 -19.27 -19.85
C PRO N 227 -61.80 -20.40 -19.32
N THR N 228 -60.63 -20.01 -18.81
CA THR N 228 -59.61 -20.97 -18.43
C THR N 228 -60.02 -21.76 -17.20
N ASN N 229 -60.47 -21.08 -16.16
CA ASN N 229 -60.83 -21.74 -14.91
C ASN N 229 -62.11 -21.16 -14.34
N GLY N 230 -63.11 -20.97 -15.19
CA GLY N 230 -64.36 -20.38 -14.77
C GLY N 230 -64.45 -18.91 -15.15
N ASN N 231 -65.67 -18.39 -15.08
CA ASN N 231 -65.99 -17.04 -15.54
C ASN N 231 -65.27 -15.99 -14.71
N HIS N 232 -64.63 -15.03 -15.39
CA HIS N 232 -63.76 -14.11 -14.71
C HIS N 232 -63.61 -12.84 -15.53
N TYR N 233 -62.75 -11.95 -15.03
CA TYR N 233 -62.41 -10.70 -15.68
C TYR N 233 -60.91 -10.51 -15.64
N ILE N 234 -60.44 -9.49 -16.34
CA ILE N 234 -59.03 -9.13 -16.38
C ILE N 234 -58.89 -7.67 -15.98
N LEU N 235 -58.06 -7.40 -14.98
CA LEU N 235 -57.79 -6.04 -14.52
C LEU N 235 -56.32 -5.75 -14.75
N GLY N 236 -55.99 -5.14 -15.89
CA GLY N 236 -54.62 -4.77 -16.16
C GLY N 236 -54.16 -3.62 -15.29
N THR N 237 -52.86 -3.57 -15.06
CA THR N 237 -52.24 -2.53 -14.26
C THR N 237 -51.49 -1.56 -15.15
N LEU N 238 -50.80 -0.62 -14.53
CA LEU N 238 -50.15 0.49 -15.21
C LEU N 238 -48.77 0.14 -15.75
N THR N 239 -48.38 -1.13 -15.71
CA THR N 239 -47.15 -1.54 -16.38
C THR N 239 -47.32 -1.46 -17.88
N GLN N 240 -46.26 -1.03 -18.56
CA GLN N 240 -46.34 -0.73 -19.98
C GLN N 240 -45.41 -1.65 -20.76
N MET N 241 -45.63 -1.71 -22.08
CA MET N 241 -44.79 -2.49 -22.96
C MET N 241 -43.77 -1.58 -23.62
N VAL N 242 -42.51 -1.98 -23.59
CA VAL N 242 -41.42 -1.16 -24.08
C VAL N 242 -40.86 -1.65 -25.41
N SER N 243 -41.06 -2.92 -25.76
CA SER N 243 -40.30 -3.57 -26.83
C SER N 243 -40.64 -3.03 -28.22
N ALA N 244 -41.75 -2.32 -28.38
CA ALA N 244 -41.99 -1.55 -29.59
C ALA N 244 -41.25 -0.23 -29.47
N PRO N 245 -40.33 0.10 -30.37
CA PRO N 245 -39.51 1.30 -30.17
C PRO N 245 -40.26 2.62 -30.34
N PRO N 246 -41.14 2.83 -31.39
CA PRO N 246 -41.84 4.12 -31.42
C PRO N 246 -42.94 4.24 -30.38
N HIS N 247 -43.73 3.19 -30.24
CA HIS N 247 -44.96 3.26 -29.46
C HIS N 247 -44.75 2.65 -28.08
N ILE N 248 -45.36 3.27 -27.08
CA ILE N 248 -45.36 2.77 -25.72
C ILE N 248 -46.80 2.54 -25.32
N ILE N 249 -47.18 1.28 -25.19
CA ILE N 249 -48.55 0.91 -24.84
C ILE N 249 -48.53 0.29 -23.45
N ASN N 250 -49.67 0.36 -22.78
CA ASN N 250 -49.79 -0.18 -21.43
C ASN N 250 -50.17 -1.65 -21.49
N ALA N 251 -50.58 -2.21 -20.35
CA ALA N 251 -50.80 -3.64 -20.25
C ALA N 251 -52.08 -4.07 -20.96
N THR N 252 -53.17 -3.33 -20.76
CA THR N 252 -54.46 -3.72 -21.31
C THR N 252 -54.46 -3.67 -22.83
N ASP N 253 -53.84 -2.65 -23.41
CA ASP N 253 -53.68 -2.59 -24.86
C ASP N 253 -52.82 -3.73 -25.38
N ALA N 254 -51.83 -4.15 -24.59
CA ALA N 254 -50.97 -5.26 -25.00
C ALA N 254 -51.74 -6.57 -25.05
N LEU N 255 -52.54 -6.84 -24.00
CA LEU N 255 -53.35 -8.05 -23.98
C LEU N 255 -54.41 -8.04 -25.07
N LEU N 256 -55.04 -6.89 -25.30
CA LEU N 256 -56.07 -6.83 -26.33
C LEU N 256 -55.47 -6.93 -27.72
N LEU N 257 -54.26 -6.42 -27.90
CA LEU N 257 -53.59 -6.52 -29.19
C LEU N 257 -53.17 -7.95 -29.48
N GLU N 258 -52.65 -8.65 -28.45
CA GLU N 258 -52.31 -10.07 -28.58
C GLU N 258 -53.53 -10.90 -28.93
N SER N 259 -54.65 -10.64 -28.25
CA SER N 259 -55.86 -11.42 -28.48
C SER N 259 -56.45 -11.14 -29.86
N CYS N 260 -56.40 -9.89 -30.30
CA CYS N 260 -56.95 -9.55 -31.61
C CYS N 260 -56.08 -10.10 -32.74
N LEU N 261 -54.76 -10.11 -32.55
CA LEU N 261 -53.90 -10.73 -33.55
C LEU N 261 -54.07 -12.24 -33.57
N GLU N 262 -54.36 -12.85 -32.42
CA GLU N 262 -54.68 -14.27 -32.40
C GLU N 262 -55.97 -14.56 -33.16
N GLN N 263 -56.96 -13.68 -33.03
CA GLN N 263 -58.19 -13.86 -33.78
C GLN N 263 -57.98 -13.66 -35.27
N PHE N 264 -57.12 -12.70 -35.64
CA PHE N 264 -56.74 -12.51 -37.04
C PHE N 264 -56.02 -13.73 -37.60
N ALA N 265 -55.22 -14.40 -36.78
CA ALA N 265 -54.60 -15.66 -37.21
C ALA N 265 -55.64 -16.75 -37.36
N ALA N 266 -56.62 -16.81 -36.45
CA ALA N 266 -57.62 -17.86 -36.51
C ALA N 266 -58.58 -17.68 -37.67
N ASN N 267 -58.79 -16.43 -38.10
CA ASN N 267 -59.73 -16.17 -39.19
C ASN N 267 -59.17 -16.58 -40.54
N VAL N 268 -57.86 -16.69 -40.68
CA VAL N 268 -57.27 -17.13 -41.93
C VAL N 268 -57.17 -18.65 -41.97
N ARG N 269 -56.79 -19.27 -40.87
CA ARG N 269 -56.60 -20.71 -40.81
C ARG N 269 -57.90 -21.49 -40.74
N ALA N 270 -59.05 -20.82 -40.67
CA ALA N 270 -60.34 -21.51 -40.65
C ALA N 270 -60.61 -22.10 -42.02
N ARG N 271 -60.65 -23.43 -42.09
CA ARG N 271 -60.83 -24.13 -43.36
C ARG N 271 -62.04 -25.06 -43.34
N SER N 272 -62.98 -24.82 -42.41
CA SER N 272 -64.24 -25.55 -42.23
C SER N 272 -64.04 -27.03 -41.94
N ALA N 273 -62.86 -27.45 -41.52
CA ALA N 273 -62.64 -28.84 -41.12
C ALA N 273 -61.84 -29.01 -39.84
N GLN N 274 -61.05 -28.02 -39.43
CA GLN N 274 -60.24 -28.13 -38.24
C GLN N 274 -60.94 -27.44 -37.08
N PRO N 275 -61.42 -28.17 -36.08
CA PRO N 275 -61.97 -27.50 -34.91
C PRO N 275 -60.87 -27.00 -33.99
N VAL N 276 -61.08 -25.79 -33.46
CA VAL N 276 -60.07 -25.10 -32.68
C VAL N 276 -60.47 -25.17 -31.21
N THR N 277 -59.57 -24.69 -30.35
CA THR N 277 -59.78 -24.82 -28.91
C THR N 277 -60.67 -23.71 -28.35
N ARG N 278 -60.83 -22.60 -29.05
CA ARG N 278 -61.72 -21.52 -28.65
C ARG N 278 -62.37 -20.95 -29.90
N LEU N 279 -63.68 -20.71 -29.82
CA LEU N 279 -64.42 -20.21 -30.98
C LEU N 279 -64.02 -18.80 -31.37
N ASP N 280 -63.85 -17.92 -30.39
CA ASP N 280 -63.25 -16.63 -30.66
C ASP N 280 -62.25 -16.30 -29.56
N GLN N 281 -61.55 -15.20 -29.76
CA GLN N 281 -60.42 -14.85 -28.92
C GLN N 281 -60.53 -13.50 -28.25
N CYS N 282 -61.29 -12.55 -28.82
CA CYS N 282 -61.20 -11.16 -28.39
C CYS N 282 -61.85 -10.97 -27.02
N TYR N 283 -61.56 -9.81 -26.41
CA TYR N 283 -61.82 -9.61 -24.99
C TYR N 283 -63.05 -8.79 -24.68
N HIS N 284 -63.36 -7.78 -25.51
CA HIS N 284 -64.53 -6.91 -25.36
C HIS N 284 -64.58 -6.18 -24.02
N LEU N 285 -63.76 -5.14 -23.88
CA LEU N 285 -63.79 -4.14 -22.81
C LEU N 285 -65.21 -3.81 -22.35
N ARG N 286 -65.43 -3.93 -21.04
CA ARG N 286 -66.77 -3.97 -20.48
C ARG N 286 -67.17 -2.68 -19.76
N TRP N 287 -66.39 -2.23 -18.78
CA TRP N 287 -66.78 -1.09 -17.97
C TRP N 287 -65.94 0.16 -18.20
N GLY N 288 -64.86 0.06 -18.98
CA GLY N 288 -64.03 1.23 -19.21
C GLY N 288 -64.55 2.20 -20.25
N ALA N 289 -65.64 1.86 -20.94
CA ALA N 289 -66.14 2.71 -22.01
C ALA N 289 -66.78 3.99 -21.46
N GLN N 290 -67.34 3.93 -20.25
CA GLN N 290 -67.81 5.13 -19.58
C GLN N 290 -66.69 5.90 -18.90
N TYR N 291 -65.47 5.35 -18.86
CA TYR N 291 -64.31 6.06 -18.32
C TYR N 291 -63.49 6.72 -19.41
N VAL N 292 -62.92 5.94 -20.33
CA VAL N 292 -62.14 6.49 -21.44
C VAL N 292 -63.12 6.86 -22.54
N GLY N 293 -62.63 7.59 -23.54
CA GLY N 293 -63.53 8.13 -24.55
C GLY N 293 -63.09 7.86 -25.98
N GLU N 294 -63.64 8.66 -26.90
CA GLU N 294 -63.39 8.51 -28.31
C GLU N 294 -61.95 8.90 -28.63
N ASP N 295 -61.43 8.28 -29.72
CA ASP N 295 -60.08 8.53 -30.26
C ASP N 295 -59.01 8.19 -29.23
N SER N 296 -59.23 7.10 -28.51
CA SER N 296 -58.21 6.54 -27.65
C SER N 296 -57.80 5.17 -28.20
N LEU N 297 -56.60 4.74 -27.81
CA LEU N 297 -56.00 3.55 -28.37
C LEU N 297 -56.77 2.30 -27.95
N THR N 298 -57.21 2.25 -26.69
CA THR N 298 -58.00 1.12 -26.21
C THR N 298 -59.33 1.03 -26.94
N TYR N 299 -59.95 2.18 -27.22
CA TYR N 299 -61.19 2.23 -27.98
C TYR N 299 -61.00 1.74 -29.40
N ARG N 300 -59.88 2.15 -30.02
CA ARG N 300 -59.61 1.75 -31.40
C ARG N 300 -59.30 0.25 -31.50
N LEU N 301 -58.55 -0.28 -30.54
CA LEU N 301 -58.33 -1.72 -30.50
C LEU N 301 -59.60 -2.48 -30.16
N GLY N 302 -60.52 -1.85 -29.42
CA GLY N 302 -61.82 -2.46 -29.19
C GLY N 302 -62.63 -2.55 -30.46
N VAL N 303 -62.52 -1.53 -31.32
CA VAL N 303 -63.17 -1.58 -32.63
C VAL N 303 -62.58 -2.71 -33.48
N LEU N 304 -61.25 -2.82 -33.47
CA LEU N 304 -60.61 -3.89 -34.24
C LEU N 304 -60.93 -5.27 -33.68
N SER N 305 -61.08 -5.39 -32.35
CA SER N 305 -61.45 -6.68 -31.78
C SER N 305 -62.89 -7.02 -32.10
N LEU N 306 -63.77 -6.02 -32.18
CA LEU N 306 -65.14 -6.28 -32.60
C LEU N 306 -65.20 -6.76 -34.05
N LEU N 307 -64.42 -6.12 -34.92
CA LEU N 307 -64.38 -6.56 -36.32
C LEU N 307 -63.74 -7.93 -36.47
N ALA N 308 -62.78 -8.23 -35.60
CA ALA N 308 -62.12 -9.53 -35.63
C ALA N 308 -63.05 -10.64 -35.16
N THR N 309 -63.83 -10.38 -34.11
CA THR N 309 -64.84 -11.32 -33.67
C THR N 309 -65.92 -11.51 -34.73
N ASN N 310 -66.24 -10.43 -35.46
CA ASN N 310 -67.12 -10.56 -36.61
C ASN N 310 -66.51 -11.45 -37.68
N GLY N 311 -65.20 -11.36 -37.87
CA GLY N 311 -64.52 -12.32 -38.72
C GLY N 311 -63.84 -11.72 -39.92
N TYR N 312 -63.46 -10.46 -39.84
CA TYR N 312 -62.75 -9.82 -40.94
C TYR N 312 -61.32 -10.33 -41.01
N GLN N 313 -60.70 -10.10 -42.17
CA GLN N 313 -59.33 -10.53 -42.40
C GLN N 313 -58.51 -9.35 -42.91
N LEU N 314 -57.23 -9.37 -42.56
CA LEU N 314 -56.37 -8.21 -42.77
C LEU N 314 -55.93 -8.10 -44.22
N ALA N 315 -55.19 -7.03 -44.52
CA ALA N 315 -54.63 -6.84 -45.84
C ALA N 315 -53.30 -7.58 -45.98
N ARG N 316 -52.35 -7.24 -45.14
CA ARG N 316 -51.04 -7.87 -45.25
C ARG N 316 -51.09 -9.27 -44.64
N PRO N 317 -50.42 -10.25 -45.25
CA PRO N 317 -50.36 -11.57 -44.64
C PRO N 317 -49.48 -11.54 -43.40
N ILE N 318 -50.04 -12.03 -42.29
CA ILE N 318 -49.36 -11.97 -41.01
C ILE N 318 -48.28 -13.05 -41.00
N PRO N 319 -47.20 -12.89 -40.25
CA PRO N 319 -46.23 -13.98 -40.14
C PRO N 319 -46.71 -15.05 -39.17
N LYS N 320 -46.11 -16.23 -39.32
CA LYS N 320 -46.38 -17.31 -38.36
C LYS N 320 -45.76 -16.98 -37.02
N GLN N 321 -44.53 -16.49 -37.01
CA GLN N 321 -43.86 -16.05 -35.79
C GLN N 321 -43.79 -14.54 -35.83
N LEU N 322 -44.29 -13.89 -34.78
CA LEU N 322 -44.42 -12.45 -34.77
C LEU N 322 -43.08 -11.77 -34.49
N THR N 323 -42.94 -10.55 -34.99
CA THR N 323 -41.76 -9.74 -34.74
C THR N 323 -42.17 -8.37 -34.24
N ASN N 324 -41.27 -7.75 -33.47
CA ASN N 324 -41.50 -6.38 -33.02
C ASN N 324 -41.54 -5.40 -34.18
N ARG N 325 -40.81 -5.68 -35.26
CA ARG N 325 -40.80 -4.83 -36.44
C ARG N 325 -42.18 -4.79 -37.09
N TRP N 326 -42.74 -5.96 -37.38
CA TRP N 326 -44.06 -6.03 -37.98
C TRP N 326 -45.15 -5.57 -37.02
N LEU N 327 -44.96 -5.81 -35.72
CA LEU N 327 -45.94 -5.36 -34.73
C LEU N 327 -45.99 -3.84 -34.65
N SER N 328 -44.82 -3.19 -34.61
CA SER N 328 -44.77 -1.74 -34.59
C SER N 328 -45.27 -1.14 -35.89
N SER N 329 -45.04 -1.82 -37.02
CA SER N 329 -45.61 -1.37 -38.28
C SER N 329 -47.14 -1.44 -38.24
N PHE N 330 -47.67 -2.49 -37.59
CA PHE N 330 -49.11 -2.63 -37.46
C PHE N 330 -49.69 -1.54 -36.56
N VAL N 331 -48.98 -1.19 -35.49
CA VAL N 331 -49.47 -0.15 -34.60
C VAL N 331 -49.39 1.23 -35.26
N SER N 332 -48.35 1.45 -36.07
CA SER N 332 -48.26 2.68 -36.85
C SER N 332 -49.36 2.76 -37.90
N GLN N 333 -49.74 1.62 -38.49
CA GLN N 333 -50.86 1.62 -39.41
C GLN N 333 -52.18 1.85 -38.70
N VAL N 334 -52.33 1.37 -37.46
CA VAL N 334 -53.63 1.50 -36.84
C VAL N 334 -53.80 2.89 -36.22
N VAL N 335 -52.73 3.54 -35.79
CA VAL N 335 -52.90 4.96 -35.47
C VAL N 335 -52.45 5.73 -36.71
N SER N 336 -53.30 5.84 -37.71
CA SER N 336 -52.96 6.64 -38.89
C SER N 336 -53.96 7.75 -39.19
N ASP N 337 -55.18 7.41 -39.62
CA ASP N 337 -56.11 8.33 -40.25
C ASP N 337 -57.36 7.56 -40.64
N GLY N 338 -58.40 8.32 -41.02
CA GLY N 338 -59.55 7.78 -41.73
C GLY N 338 -60.42 6.85 -40.91
N ILE N 339 -61.13 7.40 -39.92
CA ILE N 339 -61.69 6.72 -38.75
C ILE N 339 -62.46 5.42 -38.99
N ASN N 340 -63.35 5.37 -39.97
CA ASN N 340 -64.22 4.21 -40.11
C ASN N 340 -64.82 4.18 -41.49
N GLU N 341 -65.16 2.97 -41.94
CA GLU N 341 -66.04 2.76 -43.07
C GLU N 341 -67.05 1.66 -42.79
N THR N 342 -66.90 0.91 -41.71
CA THR N 342 -67.82 -0.14 -41.31
C THR N 342 -68.97 0.46 -40.51
N PRO N 343 -70.15 -0.19 -40.53
CA PRO N 343 -71.28 0.33 -39.75
C PRO N 343 -71.26 -0.14 -38.30
N LEU N 344 -70.13 -0.66 -37.84
CA LEU N 344 -70.05 -1.34 -36.54
C LEU N 344 -69.37 -0.44 -35.52
N TRP N 345 -69.84 -0.51 -34.28
CA TRP N 345 -69.36 0.29 -33.18
C TRP N 345 -69.42 -0.57 -31.92
N PRO N 346 -68.42 -0.47 -31.04
CA PRO N 346 -68.43 -1.29 -29.83
C PRO N 346 -69.47 -0.80 -28.83
N GLN N 347 -69.90 -1.72 -27.98
CA GLN N 347 -70.94 -1.44 -26.99
C GLN N 347 -70.52 -1.96 -25.62
N GLU N 348 -71.18 -1.43 -24.58
CA GLU N 348 -70.99 -1.95 -23.24
C GLU N 348 -72.18 -2.75 -22.74
N ARG N 349 -73.37 -2.56 -23.33
CA ARG N 349 -74.55 -3.29 -22.87
C ARG N 349 -74.47 -4.75 -23.26
N TYR N 350 -73.93 -5.03 -24.44
CA TYR N 350 -73.83 -6.39 -24.97
C TYR N 350 -72.80 -6.37 -26.09
N VAL N 351 -72.49 -7.56 -26.62
CA VAL N 351 -71.60 -7.65 -27.75
C VAL N 351 -72.47 -7.93 -28.97
N GLN N 352 -71.95 -7.59 -30.13
CA GLN N 352 -72.75 -7.70 -31.35
C GLN N 352 -71.96 -8.42 -32.44
N ILE N 353 -72.66 -9.30 -33.15
CA ILE N 353 -72.11 -10.00 -34.29
C ILE N 353 -73.03 -9.75 -35.48
N ALA N 354 -72.47 -9.94 -36.67
CA ALA N 354 -73.17 -9.57 -37.89
C ALA N 354 -74.35 -10.49 -38.16
N TYR N 355 -75.30 -9.97 -38.94
CA TYR N 355 -76.44 -10.77 -39.35
C TYR N 355 -76.03 -11.85 -40.34
N ASP N 356 -75.01 -11.60 -41.15
CA ASP N 356 -74.47 -12.57 -42.09
C ASP N 356 -73.10 -13.09 -41.67
N SER N 357 -72.81 -13.11 -40.38
CA SER N 357 -71.52 -13.60 -39.92
C SER N 357 -71.49 -15.12 -40.01
N PRO N 358 -70.36 -15.70 -40.43
CA PRO N 358 -70.26 -17.17 -40.46
C PRO N 358 -70.08 -17.80 -39.10
N SER N 359 -69.85 -17.02 -38.06
CA SER N 359 -69.67 -17.58 -36.73
C SER N 359 -70.99 -18.06 -36.16
N VAL N 360 -70.95 -19.14 -35.39
CA VAL N 360 -72.11 -19.73 -34.76
C VAL N 360 -71.99 -19.72 -33.24
N VAL N 361 -71.21 -18.78 -32.72
CA VAL N 361 -70.87 -18.80 -31.31
C VAL N 361 -72.01 -18.33 -30.43
N ASP N 362 -72.96 -17.58 -31.00
CA ASP N 362 -74.15 -17.19 -30.25
C ASP N 362 -75.08 -18.38 -29.99
N GLY N 363 -75.12 -19.32 -30.92
CA GLY N 363 -75.88 -20.54 -30.70
C GLY N 363 -75.06 -21.56 -29.97
N ALA N 364 -73.74 -21.39 -29.97
CA ALA N 364 -72.87 -22.35 -29.29
C ALA N 364 -72.96 -22.19 -27.78
N THR N 365 -72.55 -21.03 -27.28
CA THR N 365 -72.70 -20.70 -25.87
C THR N 365 -73.74 -19.59 -25.71
N GLN N 366 -74.30 -19.49 -24.52
CA GLN N 366 -75.56 -18.76 -24.34
C GLN N 366 -75.36 -17.29 -23.97
N TYR N 367 -74.71 -17.02 -22.86
CA TYR N 367 -74.71 -15.69 -22.27
C TYR N 367 -73.69 -14.78 -22.94
N GLY N 368 -74.10 -13.53 -23.15
CA GLY N 368 -73.21 -12.48 -23.59
C GLY N 368 -73.19 -12.22 -25.09
N TYR N 369 -73.45 -13.24 -25.91
CA TYR N 369 -73.32 -13.14 -27.36
C TYR N 369 -74.70 -12.89 -27.95
N VAL N 370 -74.85 -11.77 -28.67
CA VAL N 370 -76.13 -11.33 -29.18
C VAL N 370 -76.07 -11.24 -30.69
N ARG N 371 -77.00 -11.91 -31.37
CA ARG N 371 -77.15 -11.77 -32.80
C ARG N 371 -77.93 -10.49 -33.12
N ARG N 372 -77.44 -9.72 -34.07
CA ARG N 372 -78.10 -8.50 -34.49
C ARG N 372 -78.77 -8.70 -35.84
N ASN N 373 -79.93 -8.09 -36.02
CA ASN N 373 -80.72 -8.26 -37.24
C ASN N 373 -80.68 -7.01 -38.11
N GLN N 374 -80.66 -5.84 -37.49
CA GLN N 374 -80.82 -4.59 -38.23
C GLN N 374 -79.57 -4.20 -39.01
N LEU N 375 -78.40 -4.71 -38.65
CA LEU N 375 -77.18 -4.36 -39.34
C LEU N 375 -76.85 -5.46 -40.36
N ARG N 376 -76.60 -5.04 -41.60
CA ARG N 376 -76.38 -5.97 -42.70
C ARG N 376 -75.08 -5.60 -43.41
N LEU N 377 -74.50 -6.59 -44.08
CA LEU N 377 -73.25 -6.41 -44.79
C LEU N 377 -73.40 -6.91 -46.21
N GLY N 378 -72.91 -6.12 -47.17
CA GLY N 378 -72.94 -6.48 -48.57
C GLY N 378 -71.76 -7.28 -49.05
N MET N 379 -71.14 -8.06 -48.16
CA MET N 379 -69.90 -8.75 -48.46
C MET N 379 -70.16 -10.25 -48.57
N ARG N 380 -69.10 -11.00 -48.89
CA ARG N 380 -69.22 -12.41 -49.24
C ARG N 380 -68.90 -13.29 -48.05
N ILE N 381 -68.85 -14.60 -48.31
CA ILE N 381 -68.87 -15.60 -47.26
C ILE N 381 -67.61 -16.47 -47.24
N SER N 382 -66.98 -16.70 -48.39
CA SER N 382 -65.93 -17.71 -48.51
C SER N 382 -64.63 -17.25 -47.84
N ALA N 383 -63.61 -18.09 -47.92
CA ALA N 383 -62.33 -17.84 -47.28
C ALA N 383 -61.48 -16.94 -48.17
N LEU N 384 -60.20 -16.82 -47.84
CA LEU N 384 -59.27 -16.03 -48.64
C LEU N 384 -57.91 -16.70 -48.60
N GLN N 385 -57.20 -16.61 -49.72
CA GLN N 385 -55.88 -17.20 -49.86
C GLN N 385 -54.89 -16.14 -50.34
N SER N 386 -53.63 -16.34 -50.00
CA SER N 386 -52.55 -15.43 -50.36
C SER N 386 -51.75 -16.00 -51.53
N LEU N 387 -51.11 -15.10 -52.25
CA LEU N 387 -50.31 -15.50 -53.41
C LEU N 387 -48.84 -15.64 -53.01
N SER N 388 -48.13 -16.46 -53.78
CA SER N 388 -46.76 -16.82 -53.46
C SER N 388 -45.79 -15.79 -54.03
N ASP N 389 -45.04 -15.14 -53.16
CA ASP N 389 -44.13 -14.08 -53.58
C ASP N 389 -42.93 -14.63 -54.35
N THR N 390 -42.43 -13.83 -55.28
CA THR N 390 -41.24 -14.14 -56.05
C THR N 390 -40.24 -13.00 -55.90
N PRO N 391 -38.93 -13.30 -55.83
CA PRO N 391 -37.93 -12.24 -55.71
C PRO N 391 -37.61 -11.53 -57.01
N ALA N 392 -38.17 -11.95 -58.13
CA ALA N 392 -37.84 -11.35 -59.40
C ALA N 392 -38.99 -10.48 -59.90
N PRO N 393 -38.69 -9.39 -60.61
CA PRO N 393 -39.78 -8.59 -61.20
C PRO N 393 -40.41 -9.32 -62.37
N VAL N 394 -41.73 -9.24 -62.44
CA VAL N 394 -42.51 -10.03 -63.39
C VAL N 394 -43.17 -9.08 -64.39
N GLN N 395 -43.43 -9.60 -65.59
CA GLN N 395 -44.03 -8.82 -66.66
C GLN N 395 -45.54 -8.66 -66.43
N TRP N 396 -46.09 -7.61 -67.04
CA TRP N 396 -47.53 -7.36 -67.04
C TRP N 396 -47.94 -6.90 -68.43
N LEU N 397 -49.16 -7.22 -68.82
CA LEU N 397 -49.69 -6.79 -70.10
C LEU N 397 -51.07 -6.15 -69.88
N PRO N 398 -51.28 -4.93 -70.38
CA PRO N 398 -52.55 -4.24 -70.12
C PRO N 398 -53.65 -4.68 -71.08
N GLN N 399 -54.87 -4.37 -70.68
CA GLN N 399 -56.07 -4.59 -71.49
C GLN N 399 -56.90 -3.31 -71.44
N TYR N 400 -57.41 -2.89 -72.60
CA TYR N 400 -58.03 -1.58 -72.74
C TYR N 400 -59.54 -1.67 -72.60
N THR N 401 -60.12 -0.71 -71.88
CA THR N 401 -61.57 -0.60 -71.74
C THR N 401 -62.13 0.33 -72.82
N ILE N 402 -63.37 0.76 -72.65
CA ILE N 402 -64.07 1.55 -73.66
C ILE N 402 -64.20 3.01 -73.30
N ASP N 403 -63.78 3.43 -72.11
CA ASP N 403 -63.83 4.83 -71.73
C ASP N 403 -62.52 5.54 -72.08
N GLN N 404 -62.60 6.87 -72.19
CA GLN N 404 -61.43 7.65 -72.57
C GLN N 404 -61.46 9.00 -71.89
N VAL N 405 -60.28 9.53 -71.59
CA VAL N 405 -60.10 10.88 -71.09
C VAL N 405 -59.02 11.56 -71.93
N ALA N 406 -58.71 12.80 -71.58
CA ALA N 406 -57.76 13.59 -72.35
C ALA N 406 -56.32 13.14 -72.10
N VAL N 407 -55.51 13.26 -73.15
CA VAL N 407 -54.08 13.03 -73.01
C VAL N 407 -53.43 14.12 -72.15
N ASP N 408 -54.03 15.31 -72.09
CA ASP N 408 -53.57 16.32 -71.15
C ASP N 408 -53.88 15.91 -69.71
N GLU N 409 -55.01 15.23 -69.49
CA GLU N 409 -55.30 14.67 -68.17
C GLU N 409 -54.31 13.58 -67.80
N GLY N 410 -53.94 12.74 -68.78
CA GLY N 410 -52.90 11.75 -68.54
C GLY N 410 -51.55 12.38 -68.25
N ASP N 411 -51.25 13.49 -68.94
CA ASP N 411 -50.01 14.24 -68.68
C ASP N 411 -50.01 14.83 -67.28
N ALA N 412 -51.16 15.34 -66.84
CA ALA N 412 -51.27 15.89 -65.49
C ALA N 412 -51.09 14.82 -64.43
N MET N 413 -51.69 13.64 -64.65
CA MET N 413 -51.57 12.57 -63.66
C MET N 413 -50.17 11.98 -63.65
N VAL N 414 -49.50 11.90 -64.80
CA VAL N 414 -48.15 11.37 -64.77
C VAL N 414 -47.18 12.42 -64.25
N SER N 415 -47.51 13.71 -64.38
CA SER N 415 -46.70 14.74 -63.74
C SER N 415 -46.89 14.70 -62.22
N GLN N 416 -48.07 14.31 -61.77
CA GLN N 416 -48.28 14.10 -60.34
C GLN N 416 -47.52 12.88 -59.84
N LEU N 417 -47.51 11.80 -60.62
CA LEU N 417 -46.93 10.53 -60.20
C LEU N 417 -45.52 10.31 -60.71
N THR N 418 -44.86 11.38 -61.17
CA THR N 418 -43.53 11.28 -61.77
C THR N 418 -42.47 10.82 -60.78
N GLN N 419 -41.73 9.77 -61.15
CA GLN N 419 -40.48 9.41 -60.49
C GLN N 419 -39.39 9.25 -61.55
N LEU N 420 -39.32 10.25 -62.43
CA LEU N 420 -38.34 10.19 -63.52
C LEU N 420 -36.89 10.43 -63.10
N PRO N 421 -36.52 11.51 -62.32
CA PRO N 421 -35.08 11.76 -62.13
C PRO N 421 -34.36 10.76 -61.23
N LEU N 422 -33.95 9.64 -61.81
CA LEU N 422 -33.04 8.70 -61.19
C LEU N 422 -32.15 8.11 -62.28
N ARG N 423 -30.93 7.77 -61.90
CA ARG N 423 -29.97 7.26 -62.88
C ARG N 423 -30.23 5.79 -63.14
N PRO N 424 -30.38 5.38 -64.40
CA PRO N 424 -30.53 3.96 -64.71
C PRO N 424 -29.18 3.29 -64.99
N ASP N 425 -29.20 1.97 -64.97
CA ASP N 425 -28.05 1.21 -65.44
C ASP N 425 -28.07 1.17 -66.96
N TYR N 426 -26.90 1.35 -67.56
CA TYR N 426 -26.84 1.57 -69.00
C TYR N 426 -26.92 0.27 -69.78
N GLY N 427 -25.95 -0.61 -69.60
CA GLY N 427 -25.89 -1.84 -70.35
C GLY N 427 -24.96 -1.74 -71.55
N SER N 428 -25.27 -2.53 -72.58
CA SER N 428 -24.48 -2.55 -73.80
C SER N 428 -25.41 -2.61 -75.01
N ILE N 429 -25.15 -1.76 -76.00
CA ILE N 429 -26.01 -1.72 -77.17
C ILE N 429 -25.66 -2.81 -78.18
N TRP N 430 -24.50 -3.44 -78.05
CA TRP N 430 -23.98 -4.26 -79.14
C TRP N 430 -23.02 -5.29 -78.56
N ILE N 431 -23.43 -6.56 -78.57
CA ILE N 431 -22.59 -7.66 -78.16
C ILE N 431 -22.37 -8.56 -79.37
N GLY N 432 -21.54 -9.58 -79.17
CA GLY N 432 -21.24 -10.55 -80.21
C GLY N 432 -19.83 -10.35 -80.75
N GLU N 433 -19.70 -10.44 -82.06
CA GLU N 433 -18.41 -10.35 -82.73
C GLU N 433 -18.50 -9.39 -83.91
N ALA N 434 -17.39 -9.28 -84.64
CA ALA N 434 -17.35 -8.44 -85.83
C ALA N 434 -18.09 -9.11 -86.98
N LEU N 435 -18.26 -8.35 -88.06
CA LEU N 435 -19.01 -8.81 -89.21
C LEU N 435 -18.11 -8.83 -90.44
N SER N 436 -18.23 -9.90 -91.22
CA SER N 436 -17.38 -10.14 -92.37
C SER N 436 -17.84 -9.26 -93.53
N TYR N 437 -17.13 -8.15 -93.74
CA TYR N 437 -17.39 -7.25 -94.87
C TYR N 437 -16.12 -7.29 -95.73
N TYR N 438 -16.14 -8.09 -96.79
CA TYR N 438 -14.95 -8.35 -97.58
C TYR N 438 -15.26 -8.31 -99.06
N VAL N 439 -14.26 -7.91 -99.84
CA VAL N 439 -14.33 -8.00 -101.29
C VAL N 439 -12.90 -8.23 -101.81
N ASP N 440 -12.78 -9.09 -102.81
CA ASP N 440 -11.51 -9.41 -103.43
C ASP N 440 -11.38 -8.69 -104.76
N TYR N 441 -10.15 -8.64 -105.26
CA TYR N 441 -9.94 -8.10 -106.61
C TYR N 441 -10.26 -9.15 -107.65
N ASN N 442 -11.06 -8.75 -108.63
CA ASN N 442 -11.36 -9.57 -109.79
C ASN N 442 -10.75 -8.87 -111.01
N ARG N 443 -10.05 -9.65 -111.84
CA ARG N 443 -9.34 -9.06 -112.98
C ARG N 443 -10.32 -8.63 -114.08
N SER N 444 -11.20 -9.53 -114.48
CA SER N 444 -12.11 -9.29 -115.60
C SER N 444 -13.45 -8.73 -115.15
N HIS N 445 -13.51 -8.01 -114.02
CA HIS N 445 -14.79 -7.56 -113.52
C HIS N 445 -15.25 -6.28 -114.23
N ARG N 446 -14.56 -5.18 -113.95
CA ARG N 446 -14.88 -3.84 -114.47
C ARG N 446 -13.61 -3.01 -114.43
N VAL N 447 -13.75 -1.70 -114.56
CA VAL N 447 -12.66 -0.75 -114.36
C VAL N 447 -13.25 0.60 -113.96
N VAL N 448 -12.68 1.22 -112.92
CA VAL N 448 -13.07 2.54 -112.47
C VAL N 448 -11.80 3.38 -112.27
N LEU N 449 -12.00 4.66 -111.95
CA LEU N 449 -10.92 5.61 -111.79
C LEU N 449 -10.87 6.09 -110.34
N SER N 450 -9.78 6.81 -110.02
CA SER N 450 -9.55 7.23 -108.63
C SER N 450 -10.52 8.33 -108.20
N SER N 451 -10.83 9.26 -109.11
CA SER N 451 -11.65 10.41 -108.77
C SER N 451 -13.11 10.06 -108.51
N GLU N 452 -13.55 8.88 -108.90
CA GLU N 452 -14.94 8.49 -108.76
C GLU N 452 -15.31 8.06 -107.35
N LEU N 453 -14.32 7.81 -106.49
CA LEU N 453 -14.59 7.21 -105.18
C LEU N 453 -15.19 8.23 -104.22
N PRO N 454 -16.23 7.85 -103.49
CA PRO N 454 -16.70 8.69 -102.39
C PRO N 454 -15.77 8.61 -101.20
N GLN N 455 -15.85 9.62 -100.34
CA GLN N 455 -14.87 9.74 -99.27
C GLN N 455 -15.50 9.85 -97.90
N LEU N 456 -14.66 10.18 -96.92
CA LEU N 456 -15.15 10.59 -95.62
C LEU N 456 -16.00 11.85 -95.78
N PRO N 457 -17.08 11.98 -95.02
CA PRO N 457 -17.82 13.25 -95.02
C PRO N 457 -16.99 14.35 -94.40
N ASP N 458 -17.17 15.57 -94.91
CA ASP N 458 -16.40 16.71 -94.42
C ASP N 458 -16.80 17.12 -93.02
N THR N 459 -17.99 16.73 -92.58
CA THR N 459 -18.41 16.89 -91.19
C THR N 459 -18.00 15.66 -90.38
N TYR N 460 -16.69 15.42 -90.35
CA TYR N 460 -16.15 14.28 -89.62
C TYR N 460 -15.62 14.67 -88.25
N PHE N 461 -14.98 15.84 -88.15
CA PHE N 461 -14.37 16.29 -86.91
C PHE N 461 -15.32 17.07 -86.03
N ASP N 462 -16.62 16.82 -86.13
CA ASP N 462 -17.57 17.51 -85.27
C ASP N 462 -17.49 16.97 -83.86
N GLY N 463 -17.82 17.84 -82.90
CA GLY N 463 -18.01 17.38 -81.53
C GLY N 463 -19.16 16.41 -81.41
N ASP N 464 -20.20 16.57 -82.24
CA ASP N 464 -21.31 15.65 -82.24
C ASP N 464 -20.92 14.30 -82.84
N GLU N 465 -20.05 14.31 -83.86
CA GLU N 465 -19.57 13.06 -84.42
C GLU N 465 -18.65 12.33 -83.45
N GLN N 466 -17.78 13.07 -82.76
CA GLN N 466 -16.96 12.47 -81.72
C GLN N 466 -17.82 11.96 -80.56
N TYR N 467 -18.89 12.67 -80.26
CA TYR N 467 -19.85 12.25 -79.25
C TYR N 467 -20.50 10.92 -79.62
N GLY N 468 -20.93 10.79 -80.87
CA GLY N 468 -21.56 9.55 -81.30
C GLY N 468 -20.59 8.38 -81.37
N ARG N 469 -19.37 8.63 -81.87
CA ARG N 469 -18.42 7.53 -81.97
C ARG N 469 -17.90 7.11 -80.60
N SER N 470 -17.80 8.05 -79.65
CA SER N 470 -17.39 7.68 -78.30
C SER N 470 -18.52 6.97 -77.57
N LEU N 471 -19.77 7.37 -77.83
CA LEU N 471 -20.92 6.66 -77.29
C LEU N 471 -20.97 5.22 -77.78
N PHE N 472 -20.68 5.01 -79.08
CA PHE N 472 -20.70 3.67 -79.64
C PHE N 472 -19.56 2.83 -79.08
N SER N 473 -18.35 3.37 -79.08
CA SER N 473 -17.19 2.62 -78.62
C SER N 473 -17.19 2.41 -77.11
N LEU N 474 -17.96 3.18 -76.37
CA LEU N 474 -18.08 2.94 -74.94
C LEU N 474 -19.24 2.00 -74.62
N ALA N 475 -20.33 2.07 -75.38
CA ALA N 475 -21.44 1.14 -75.17
C ALA N 475 -21.12 -0.27 -75.64
N ARG N 476 -20.20 -0.43 -76.58
CA ARG N 476 -20.00 -1.74 -77.20
C ARG N 476 -19.14 -2.61 -76.28
N LYS N 477 -19.43 -3.90 -76.26
CA LYS N 477 -18.84 -4.84 -75.31
C LYS N 477 -18.00 -5.88 -76.05
N VAL N 478 -16.76 -6.07 -75.63
CA VAL N 478 -15.80 -6.96 -76.28
C VAL N 478 -14.97 -7.68 -75.22
N GLY N 479 -14.02 -8.46 -75.72
CA GLY N 479 -12.84 -8.87 -74.99
C GLY N 479 -11.71 -7.98 -75.42
N ASP N 480 -10.89 -8.43 -76.35
CA ASP N 480 -9.87 -7.58 -76.97
C ASP N 480 -10.25 -7.31 -78.42
N ARG N 481 -10.41 -6.02 -78.73
CA ARG N 481 -10.81 -5.62 -80.08
C ARG N 481 -9.72 -5.93 -81.09
N SER N 482 -8.45 -5.76 -80.72
CA SER N 482 -7.35 -6.08 -81.62
C SER N 482 -7.27 -7.57 -81.87
N LEU N 483 -7.59 -8.38 -80.85
CA LEU N 483 -7.72 -9.83 -81.03
C LEU N 483 -8.78 -10.17 -82.06
N VAL N 484 -9.96 -9.53 -81.94
CA VAL N 484 -11.06 -9.82 -82.87
C VAL N 484 -10.70 -9.39 -84.29
N LYS N 485 -10.12 -8.19 -84.45
CA LYS N 485 -9.73 -7.67 -85.76
C LYS N 485 -8.67 -8.54 -86.41
N ASP N 486 -7.66 -8.98 -85.64
CA ASP N 486 -6.59 -9.75 -86.24
C ASP N 486 -7.04 -11.16 -86.59
N THR N 487 -7.90 -11.78 -85.77
CA THR N 487 -8.47 -13.07 -86.13
C THR N 487 -9.31 -12.97 -87.40
N ALA N 488 -10.11 -11.91 -87.53
CA ALA N 488 -10.92 -11.73 -88.74
C ALA N 488 -10.05 -11.51 -89.97
N VAL N 489 -8.98 -10.72 -89.83
CA VAL N 489 -8.18 -10.41 -91.02
C VAL N 489 -7.33 -11.60 -91.42
N LEU N 490 -6.93 -12.46 -90.48
CA LEU N 490 -6.20 -13.66 -90.91
C LEU N 490 -7.13 -14.70 -91.51
N LYS N 491 -8.34 -14.86 -90.96
CA LYS N 491 -9.31 -15.79 -91.53
C LYS N 491 -9.76 -15.37 -92.92
N HIS N 492 -9.78 -14.06 -93.19
CA HIS N 492 -10.04 -13.64 -94.56
C HIS N 492 -8.78 -13.59 -95.40
N ALA N 493 -7.60 -13.59 -94.78
CA ALA N 493 -6.36 -13.49 -95.52
C ALA N 493 -5.95 -14.83 -96.12
N TYR N 494 -6.27 -15.94 -95.44
CA TYR N 494 -5.83 -17.24 -95.92
C TYR N 494 -6.89 -18.00 -96.72
N GLN N 495 -7.68 -17.30 -97.53
CA GLN N 495 -8.78 -17.98 -98.22
C GLN N 495 -8.42 -18.45 -99.64
N ALA N 496 -8.14 -17.52 -100.55
CA ALA N 496 -8.18 -17.87 -101.96
C ALA N 496 -6.77 -18.14 -102.49
N ILE N 497 -6.65 -18.25 -103.82
CA ILE N 497 -5.39 -18.58 -104.49
C ILE N 497 -4.99 -17.45 -105.43
N ASP N 498 -3.70 -17.33 -105.66
CA ASP N 498 -3.18 -16.35 -106.60
C ASP N 498 -3.15 -16.93 -108.02
N PRO N 499 -3.18 -16.10 -109.07
CA PRO N 499 -3.16 -16.65 -110.43
C PRO N 499 -1.81 -17.20 -110.89
N ASN N 500 -0.72 -16.91 -110.17
CA ASN N 500 0.57 -17.43 -110.58
C ASN N 500 0.74 -18.88 -110.15
N THR N 501 0.72 -19.12 -108.85
CA THR N 501 0.84 -20.47 -108.32
C THR N 501 -0.53 -21.10 -108.18
N GLY N 502 -0.63 -22.38 -108.49
CA GLY N 502 -1.90 -23.06 -108.39
C GLY N 502 -2.34 -23.40 -106.98
N LYS N 503 -1.43 -23.30 -106.00
CA LYS N 503 -1.73 -23.90 -104.71
C LYS N 503 -2.62 -23.03 -103.82
N GLU N 504 -2.11 -21.88 -103.38
CA GLU N 504 -2.77 -21.02 -102.37
C GLU N 504 -1.98 -19.72 -102.23
N TYR N 505 -2.38 -18.91 -101.25
CA TYR N 505 -1.71 -17.65 -100.95
C TYR N 505 -0.39 -17.87 -100.21
N LEU N 506 -0.47 -18.36 -98.98
CA LEU N 506 0.67 -18.49 -98.09
C LEU N 506 0.65 -19.87 -97.46
N ARG N 507 1.77 -20.22 -96.82
CA ARG N 507 1.95 -21.56 -96.28
C ARG N 507 2.31 -21.51 -94.80
N ALA N 508 2.73 -22.64 -94.25
CA ALA N 508 3.18 -22.72 -92.86
C ALA N 508 4.65 -22.32 -92.76
N GLY N 509 4.98 -21.63 -91.67
CA GLY N 509 6.34 -21.22 -91.44
C GLY N 509 6.81 -20.12 -92.37
N GLN N 510 6.20 -18.95 -92.26
CA GLN N 510 6.50 -17.85 -93.18
C GLN N 510 7.47 -16.83 -92.60
N SER N 511 7.83 -16.94 -91.32
CA SER N 511 8.75 -16.04 -90.61
C SER N 511 8.26 -14.59 -90.72
N VAL N 512 7.10 -14.36 -90.11
CA VAL N 512 6.38 -13.10 -90.27
C VAL N 512 6.98 -12.01 -89.41
N ALA N 513 6.51 -10.77 -89.65
CA ALA N 513 6.84 -9.65 -88.80
C ALA N 513 5.56 -8.88 -88.47
N TYR N 514 5.58 -8.19 -87.34
CA TYR N 514 4.45 -7.42 -86.84
C TYR N 514 4.89 -5.98 -86.62
N PHE N 515 4.01 -5.04 -86.94
CA PHE N 515 4.27 -3.63 -86.74
C PHE N 515 3.24 -3.07 -85.75
N GLY N 516 3.69 -2.14 -84.91
CA GLY N 516 2.78 -1.41 -84.05
C GLY N 516 2.16 -2.22 -82.92
N ALA N 517 2.98 -2.87 -82.09
CA ALA N 517 2.45 -3.65 -80.98
C ALA N 517 2.12 -2.76 -79.80
N SER N 518 0.87 -2.82 -79.33
CA SER N 518 0.48 -2.05 -78.16
C SER N 518 1.10 -2.62 -76.89
N ALA N 519 1.15 -3.95 -76.78
CA ALA N 519 1.78 -4.73 -75.71
C ALA N 519 1.15 -4.49 -74.33
N GLY N 520 0.02 -3.82 -74.25
CA GLY N 520 -0.70 -3.73 -73.00
C GLY N 520 -2.08 -4.36 -73.11
N HIS N 521 -2.25 -5.53 -72.52
CA HIS N 521 -3.51 -6.25 -72.59
C HIS N 521 -3.80 -6.96 -71.26
N SER N 522 -3.32 -6.37 -70.15
CA SER N 522 -3.40 -6.94 -68.80
C SER N 522 -2.80 -8.35 -68.74
N GLY N 523 -1.56 -8.48 -69.16
CA GLY N 523 -0.92 -9.78 -69.23
C GLY N 523 -0.60 -10.13 -70.66
N ALA N 524 0.45 -10.94 -70.86
CA ALA N 524 0.93 -11.37 -72.17
C ALA N 524 1.28 -10.16 -73.05
N ASP N 525 2.34 -9.47 -72.63
CA ASP N 525 2.67 -8.15 -73.13
C ASP N 525 3.12 -8.15 -74.60
N GLN N 526 2.14 -8.31 -75.47
CA GLN N 526 2.20 -8.44 -76.92
C GLN N 526 0.74 -8.51 -77.38
N PRO N 527 0.43 -8.38 -78.67
CA PRO N 527 -0.94 -8.65 -79.11
C PRO N 527 -1.33 -10.10 -78.89
N LEU N 528 -2.59 -10.30 -78.53
CA LEU N 528 -3.08 -11.58 -78.03
C LEU N 528 -3.28 -12.64 -79.11
N VAL N 529 -2.89 -12.37 -80.36
CA VAL N 529 -2.99 -13.38 -81.40
C VAL N 529 -1.69 -14.12 -81.64
N ILE N 530 -0.59 -13.67 -81.03
CA ILE N 530 0.73 -14.21 -81.36
C ILE N 530 0.87 -15.63 -80.84
N GLU N 531 0.55 -15.84 -79.56
CA GLU N 531 0.64 -17.20 -79.00
C GLU N 531 -0.41 -18.15 -79.57
N PRO N 532 -1.71 -17.83 -79.68
CA PRO N 532 -2.63 -18.80 -80.30
C PRO N 532 -2.39 -19.00 -81.79
N TRP N 533 -1.87 -17.99 -82.49
CA TRP N 533 -1.59 -18.17 -83.90
C TRP N 533 -0.31 -18.94 -84.12
N MET N 534 0.66 -18.83 -83.21
CA MET N 534 1.83 -19.70 -83.29
C MET N 534 1.47 -21.14 -82.94
N GLN N 535 0.54 -21.33 -82.01
CA GLN N 535 0.08 -22.67 -81.70
C GLN N 535 -0.91 -23.21 -82.71
N GLY N 536 -1.44 -22.36 -83.61
CA GLY N 536 -2.42 -22.83 -84.56
C GLY N 536 -3.81 -22.97 -83.97
N LYS N 537 -4.14 -22.16 -82.98
CA LYS N 537 -5.44 -22.25 -82.32
C LYS N 537 -6.55 -21.61 -83.12
N ILE N 538 -6.24 -20.91 -84.21
CA ILE N 538 -7.27 -20.28 -85.03
C ILE N 538 -8.01 -21.32 -85.87
N SER N 539 -7.35 -22.43 -86.21
CA SER N 539 -7.88 -23.58 -86.94
C SER N 539 -8.40 -23.22 -88.33
N GLY N 540 -7.85 -22.17 -88.93
CA GLY N 540 -8.12 -21.86 -90.31
C GLY N 540 -6.89 -21.29 -90.98
N VAL N 541 -5.78 -21.32 -90.26
CA VAL N 541 -4.55 -20.66 -90.68
C VAL N 541 -3.43 -21.70 -90.68
N PRO N 542 -2.34 -21.43 -91.38
CA PRO N 542 -1.11 -22.19 -91.15
C PRO N 542 -0.24 -21.50 -90.11
N PRO N 543 0.39 -22.27 -89.22
CA PRO N 543 1.22 -21.66 -88.18
C PRO N 543 2.53 -21.14 -88.72
N PRO N 544 2.99 -19.98 -88.26
CA PRO N 544 4.25 -19.43 -88.74
C PRO N 544 5.48 -20.11 -88.14
N SER N 545 6.67 -19.57 -88.42
CA SER N 545 7.91 -20.08 -87.87
C SER N 545 8.53 -19.13 -86.86
N SER N 546 8.61 -17.85 -87.20
CA SER N 546 9.16 -16.86 -86.30
C SER N 546 8.35 -15.57 -86.39
N VAL N 547 8.16 -14.91 -85.25
CA VAL N 547 7.35 -13.71 -85.15
C VAL N 547 8.21 -12.60 -84.55
N ARG N 548 8.28 -11.47 -85.24
CA ARG N 548 8.93 -10.28 -84.74
C ARG N 548 7.90 -9.16 -84.62
N GLN N 549 7.87 -8.49 -83.48
CA GLN N 549 6.95 -7.38 -83.27
C GLN N 549 7.73 -6.07 -83.21
N PHE N 550 7.34 -5.12 -84.04
CA PHE N 550 7.96 -3.81 -84.14
C PHE N 550 6.92 -2.74 -83.82
N GLY N 551 7.42 -1.51 -83.65
CA GLY N 551 6.56 -0.41 -83.25
C GLY N 551 7.06 0.27 -81.99
N TYR N 552 6.76 1.61 -81.79
CA TYR N 552 7.32 2.27 -80.61
C TYR N 552 6.58 2.05 -79.32
N ASP N 553 5.83 0.83 -79.15
CA ASP N 553 5.28 0.47 -77.85
C ASP N 553 5.44 -1.03 -77.58
N VAL N 554 6.50 -1.65 -78.08
CA VAL N 554 6.66 -3.09 -77.93
C VAL N 554 7.22 -3.41 -76.54
N ALA N 555 7.22 -4.69 -76.20
CA ALA N 555 7.86 -5.19 -74.99
C ALA N 555 9.03 -6.13 -75.26
N LYS N 556 8.98 -6.88 -76.34
CA LYS N 556 10.02 -7.84 -76.68
C LYS N 556 10.90 -7.40 -77.84
N GLY N 557 10.35 -6.68 -78.80
CA GLY N 557 11.11 -6.23 -79.94
C GLY N 557 11.86 -4.93 -79.66
N ALA N 558 12.00 -4.12 -80.70
CA ALA N 558 12.62 -2.81 -80.60
C ALA N 558 11.62 -1.74 -80.99
N ILE N 559 11.83 -0.53 -80.47
CA ILE N 559 10.97 0.61 -80.77
C ILE N 559 11.60 1.44 -81.86
N VAL N 560 10.89 1.56 -82.97
CA VAL N 560 11.38 2.16 -84.21
C VAL N 560 10.30 3.08 -84.76
N ASP N 561 10.69 4.28 -85.19
CA ASP N 561 9.80 5.10 -85.99
C ASP N 561 9.50 4.39 -87.31
N LEU N 562 8.26 3.98 -87.48
CA LEU N 562 7.86 3.23 -88.67
C LEU N 562 7.59 4.13 -89.87
N ALA N 563 7.40 5.42 -89.65
CA ALA N 563 7.15 6.33 -90.77
C ALA N 563 8.42 6.56 -91.57
N ARG N 564 9.49 6.99 -90.92
CA ARG N 564 10.77 7.10 -91.60
C ARG N 564 11.34 5.70 -91.86
N PRO N 565 11.91 5.46 -93.03
CA PRO N 565 12.38 4.11 -93.34
C PRO N 565 13.64 3.72 -92.59
N PHE N 566 13.47 2.86 -91.58
CA PHE N 566 14.60 2.17 -90.99
C PHE N 566 14.69 0.79 -91.59
N PRO N 567 15.80 0.44 -92.23
CA PRO N 567 15.92 -0.92 -92.78
C PRO N 567 16.24 -1.93 -91.69
N SER N 568 15.60 -3.08 -91.80
CA SER N 568 15.84 -4.21 -90.91
C SER N 568 15.81 -5.47 -91.75
N GLY N 569 15.76 -6.61 -91.09
CA GLY N 569 15.68 -7.87 -91.81
C GLY N 569 14.35 -7.98 -92.57
N ASP N 570 14.45 -8.40 -93.82
CA ASP N 570 13.27 -8.54 -94.66
C ASP N 570 12.59 -9.86 -94.37
N TYR N 571 11.27 -9.81 -94.21
CA TYR N 571 10.48 -10.98 -93.87
C TYR N 571 9.43 -11.20 -94.95
N GLN N 572 9.03 -12.46 -95.13
CA GLN N 572 8.08 -12.84 -96.17
C GLN N 572 6.71 -12.23 -95.97
N PHE N 573 6.34 -11.88 -94.74
CA PHE N 573 5.05 -11.27 -94.47
C PHE N 573 5.19 -10.28 -93.32
N VAL N 574 4.68 -9.06 -93.52
CA VAL N 574 4.65 -8.06 -92.47
C VAL N 574 3.22 -7.59 -92.29
N TYR N 575 2.93 -7.09 -91.10
CA TYR N 575 1.57 -6.73 -90.72
C TYR N 575 1.63 -5.40 -89.97
N SER N 576 1.06 -4.36 -90.58
CA SER N 576 1.00 -3.06 -89.94
C SER N 576 -0.24 -2.96 -89.06
N ASP N 577 -0.08 -2.37 -87.88
CA ASP N 577 -1.21 -2.18 -86.99
C ASP N 577 -1.21 -0.81 -86.34
N VAL N 578 -0.22 0.02 -86.60
CA VAL N 578 -0.14 1.35 -86.02
C VAL N 578 -0.97 2.31 -86.87
N ASP N 579 -1.71 3.19 -86.19
CA ASP N 579 -2.48 4.23 -86.87
C ASP N 579 -1.56 5.38 -87.32
N GLN N 580 -2.20 6.38 -87.92
CA GLN N 580 -1.55 7.65 -88.25
C GLN N 580 -2.14 8.80 -87.47
N VAL N 581 -2.86 8.51 -86.38
CA VAL N 581 -3.48 9.55 -85.56
C VAL N 581 -2.54 9.99 -84.45
N VAL N 582 -1.94 9.01 -83.75
CA VAL N 582 -1.04 9.32 -82.64
C VAL N 582 0.24 9.94 -83.17
N ASP N 583 0.81 9.36 -84.21
CA ASP N 583 1.95 9.96 -84.88
C ASP N 583 1.55 11.22 -85.66
N GLY N 584 0.28 11.36 -86.02
CA GLY N 584 -0.21 12.56 -86.67
C GLY N 584 -0.56 13.64 -85.67
N HIS N 585 -0.97 14.78 -86.21
CA HIS N 585 -1.24 15.96 -85.40
C HIS N 585 -2.55 16.59 -85.80
N ASP N 586 -3.58 15.74 -85.98
CA ASP N 586 -4.97 16.11 -86.28
C ASP N 586 -5.05 16.93 -87.58
N ASP N 587 -4.65 16.29 -88.67
CA ASP N 587 -4.77 16.89 -89.99
C ASP N 587 -4.85 15.79 -91.01
N LEU N 588 -5.73 15.97 -91.99
CA LEU N 588 -5.86 15.01 -93.08
C LEU N 588 -4.61 14.98 -93.94
N SER N 589 -3.93 16.12 -94.07
CA SER N 589 -2.70 16.17 -94.87
C SER N 589 -1.60 15.35 -94.21
N ILE N 590 -1.40 15.52 -92.90
CA ILE N 590 -0.34 14.78 -92.23
C ILE N 590 -0.75 13.31 -92.07
N SER N 591 -2.06 13.04 -92.02
CA SER N 591 -2.53 11.66 -91.99
C SER N 591 -2.22 10.97 -93.31
N SER N 592 -2.49 11.65 -94.43
CA SER N 592 -2.17 11.12 -95.74
C SER N 592 -0.67 10.95 -95.93
N GLY N 593 0.13 11.89 -95.41
CA GLY N 593 1.57 11.78 -95.54
C GLY N 593 2.14 10.65 -94.71
N LEU N 594 1.57 10.39 -93.54
CA LEU N 594 1.99 9.22 -92.77
C LEU N 594 1.58 7.93 -93.45
N VAL N 595 0.41 7.91 -94.11
CA VAL N 595 0.03 6.76 -94.92
C VAL N 595 1.04 6.53 -96.04
N GLU N 596 1.46 7.62 -96.70
CA GLU N 596 2.49 7.58 -97.74
C GLU N 596 3.78 6.95 -97.23
N SER N 597 4.33 7.51 -96.14
CA SER N 597 5.63 7.08 -95.66
C SER N 597 5.58 5.67 -95.09
N LEU N 598 4.51 5.35 -94.35
CA LEU N 598 4.40 4.04 -93.73
C LEU N 598 4.20 2.96 -94.78
N LEU N 599 3.40 3.24 -95.81
CA LEU N 599 3.21 2.29 -96.89
C LEU N 599 4.47 2.16 -97.73
N ASP N 600 5.24 3.24 -97.88
CA ASP N 600 6.49 3.15 -98.63
C ASP N 600 7.51 2.27 -97.90
N SER N 601 7.64 2.46 -96.58
CA SER N 601 8.55 1.61 -95.80
C SER N 601 8.08 0.17 -95.78
N CYS N 602 6.77 -0.04 -95.72
CA CYS N 602 6.22 -1.39 -95.72
C CYS N 602 6.40 -2.07 -97.07
N VAL N 603 6.39 -1.32 -98.16
CA VAL N 603 6.66 -1.89 -99.47
C VAL N 603 8.14 -2.22 -99.61
N HIS N 604 9.01 -1.30 -99.20
CA HIS N 604 10.44 -1.54 -99.32
C HIS N 604 10.98 -2.52 -98.29
N ALA N 605 10.19 -2.98 -97.33
CA ALA N 605 10.66 -3.99 -96.39
C ALA N 605 9.81 -5.25 -96.42
N THR N 606 9.54 -5.80 -97.62
CA THR N 606 8.53 -6.84 -97.78
C THR N 606 9.10 -8.18 -98.23
N ALA N 607 10.41 -8.26 -98.59
CA ALA N 607 11.09 -9.45 -99.12
C ALA N 607 10.34 -10.01 -100.32
N PRO N 608 10.57 -9.43 -101.51
CA PRO N 608 9.58 -9.46 -102.61
C PRO N 608 9.19 -10.86 -103.08
N GLY N 609 7.95 -10.96 -103.54
CA GLY N 609 7.26 -12.22 -103.65
C GLY N 609 6.36 -12.53 -102.48
N GLY N 610 6.32 -11.65 -101.48
CA GLY N 610 5.53 -11.82 -100.28
C GLY N 610 4.27 -10.97 -100.29
N SER N 611 3.81 -10.61 -99.09
CA SER N 611 2.55 -9.90 -98.94
C SER N 611 2.61 -9.02 -97.70
N PHE N 612 1.67 -8.08 -97.63
CA PHE N 612 1.53 -7.25 -96.43
C PHE N 612 0.08 -6.81 -96.28
N VAL N 613 -0.23 -6.33 -95.08
CA VAL N 613 -1.56 -5.85 -94.72
C VAL N 613 -1.42 -4.42 -94.20
N MET N 614 -2.22 -3.52 -94.76
CA MET N 614 -2.28 -2.13 -94.31
C MET N 614 -3.61 -1.84 -93.64
N LYS N 615 -3.57 -0.95 -92.67
CA LYS N 615 -4.77 -0.32 -92.14
C LYS N 615 -4.72 1.17 -92.44
N ILE N 616 -5.86 1.72 -92.85
CA ILE N 616 -5.93 3.11 -93.30
C ILE N 616 -7.11 3.75 -92.57
N ASN N 617 -6.82 4.71 -91.70
CA ASN N 617 -7.89 5.44 -91.03
C ASN N 617 -8.43 6.58 -91.88
N PHE N 618 -7.55 7.34 -92.53
CA PHE N 618 -7.94 8.55 -93.25
C PHE N 618 -7.44 8.49 -94.69
N PRO N 619 -8.21 7.90 -95.59
CA PRO N 619 -7.83 7.91 -97.01
C PRO N 619 -8.32 9.16 -97.74
N THR N 620 -7.44 9.71 -98.58
CA THR N 620 -7.72 10.93 -99.33
C THR N 620 -7.40 10.68 -100.80
N ARG N 621 -7.63 11.73 -101.62
CA ARG N 621 -7.37 11.70 -103.06
C ARG N 621 -5.93 11.30 -103.34
N THR N 622 -5.00 11.91 -102.61
CA THR N 622 -3.59 11.58 -102.73
C THR N 622 -3.31 10.12 -102.37
N VAL N 623 -4.03 9.60 -101.37
CA VAL N 623 -3.82 8.22 -100.93
C VAL N 623 -4.26 7.24 -102.01
N TRP N 624 -5.50 7.38 -102.49
CA TRP N 624 -6.03 6.46 -103.49
C TRP N 624 -5.30 6.61 -104.81
N HIS N 625 -5.04 7.85 -105.23
CA HIS N 625 -4.33 8.09 -106.49
C HIS N 625 -2.91 7.56 -106.42
N TYR N 626 -2.24 7.70 -105.28
CA TYR N 626 -0.89 7.20 -105.13
C TYR N 626 -0.85 5.67 -105.15
N ILE N 627 -1.76 5.01 -104.44
CA ILE N 627 -1.69 3.56 -104.41
C ILE N 627 -2.12 2.98 -105.75
N GLU N 628 -3.01 3.67 -106.47
CA GLU N 628 -3.37 3.19 -107.80
C GLU N 628 -2.26 3.44 -108.81
N GLN N 629 -1.51 4.53 -108.68
CA GLN N 629 -0.43 4.77 -109.63
C GLN N 629 0.83 3.97 -109.30
N LYS N 630 1.01 3.57 -108.04
CA LYS N 630 2.26 2.97 -107.61
C LYS N 630 2.13 1.49 -107.30
N ILE N 631 1.22 1.11 -106.42
CA ILE N 631 1.25 -0.23 -105.84
C ILE N 631 0.54 -1.23 -106.72
N LEU N 632 -0.70 -0.90 -107.12
CA LEU N 632 -1.53 -1.65 -108.06
C LEU N 632 -0.82 -2.04 -109.37
N PRO N 633 0.10 -1.24 -109.94
CA PRO N 633 0.95 -1.83 -110.97
C PRO N 633 1.92 -2.87 -110.43
N ASN N 634 2.59 -2.59 -109.32
CA ASN N 634 3.68 -3.43 -108.84
C ASN N 634 3.23 -4.56 -107.93
N VAL N 635 1.94 -4.83 -107.84
CA VAL N 635 1.43 -5.89 -106.99
C VAL N 635 0.77 -6.95 -107.89
N THR N 636 0.72 -8.18 -107.38
CA THR N 636 0.07 -9.26 -108.12
C THR N 636 -1.43 -9.26 -107.89
N SER N 637 -1.87 -9.27 -106.64
CA SER N 637 -3.28 -9.18 -106.30
C SER N 637 -3.40 -8.45 -104.98
N TYR N 638 -4.63 -8.17 -104.57
CA TYR N 638 -4.84 -7.48 -103.31
C TYR N 638 -6.19 -7.88 -102.72
N MET N 639 -6.51 -7.25 -101.60
CA MET N 639 -7.69 -7.56 -100.80
C MET N 639 -7.97 -6.38 -99.88
N LEU N 640 -9.25 -6.04 -99.72
CA LEU N 640 -9.63 -5.02 -98.76
C LEU N 640 -10.87 -5.49 -98.02
N ILE N 641 -10.77 -5.62 -96.71
CA ILE N 641 -11.85 -6.09 -95.86
C ILE N 641 -12.09 -5.07 -94.76
N LYS N 642 -13.16 -5.29 -94.01
CA LYS N 642 -13.47 -4.45 -92.85
C LYS N 642 -14.31 -5.26 -91.87
N PRO N 643 -13.69 -5.84 -90.86
CA PRO N 643 -14.46 -6.26 -89.69
C PRO N 643 -14.91 -5.05 -88.89
N PHE N 644 -16.00 -5.21 -88.14
CA PHE N 644 -16.71 -4.09 -87.56
C PHE N 644 -17.05 -4.35 -86.10
N VAL N 645 -16.38 -3.65 -85.19
CA VAL N 645 -16.80 -3.64 -83.78
C VAL N 645 -17.02 -2.20 -83.33
N THR N 646 -16.38 -1.24 -84.02
CA THR N 646 -16.43 0.17 -83.67
C THR N 646 -16.85 0.99 -84.87
N ASN N 647 -17.58 2.07 -84.60
CA ASN N 647 -18.09 2.94 -85.65
C ASN N 647 -16.95 3.81 -86.15
N ASN N 648 -16.32 3.41 -87.24
CA ASN N 648 -15.17 4.13 -87.76
C ASN N 648 -15.07 3.93 -89.26
N VAL N 649 -14.21 4.73 -89.89
CA VAL N 649 -14.05 4.71 -91.34
C VAL N 649 -12.83 3.92 -91.77
N GLU N 650 -12.21 3.17 -90.87
CA GLU N 650 -10.99 2.46 -91.23
C GLU N 650 -11.32 1.16 -91.97
N VAL N 651 -10.43 0.80 -92.89
CA VAL N 651 -10.50 -0.46 -93.62
C VAL N 651 -9.15 -1.14 -93.52
N PHE N 652 -9.13 -2.42 -93.86
CA PHE N 652 -7.93 -3.24 -93.79
C PHE N 652 -7.54 -3.66 -95.20
N PHE N 653 -6.51 -3.03 -95.73
CA PHE N 653 -6.02 -3.30 -97.07
C PHE N 653 -4.93 -4.36 -97.02
N VAL N 654 -5.10 -5.41 -97.81
CA VAL N 654 -4.18 -6.54 -97.85
C VAL N 654 -3.60 -6.62 -99.26
N ALA N 655 -2.29 -6.80 -99.36
CA ALA N 655 -1.62 -6.98 -100.65
C ALA N 655 -1.24 -8.44 -100.84
N PHE N 656 -0.94 -8.79 -102.09
CA PHE N 656 -0.52 -10.15 -102.44
C PHE N 656 0.46 -10.10 -103.59
N GLY N 657 1.63 -10.72 -103.42
CA GLY N 657 2.59 -10.80 -104.50
C GLY N 657 3.24 -9.48 -104.83
N VAL N 658 4.09 -8.99 -103.95
CA VAL N 658 4.68 -7.66 -104.12
C VAL N 658 5.82 -7.73 -105.13
N HIS N 659 6.06 -6.59 -105.77
CA HIS N 659 7.15 -6.37 -106.72
C HIS N 659 7.06 -7.30 -107.94
N GLN N 660 5.87 -7.43 -108.49
CA GLN N 660 5.68 -7.97 -109.84
C GLN N 660 4.75 -7.04 -110.60
N GLN N 661 5.18 -6.60 -111.78
CA GLN N 661 4.40 -5.65 -112.55
C GLN N 661 3.13 -6.30 -113.11
N SER N 662 2.07 -5.51 -113.18
CA SER N 662 0.76 -6.00 -113.60
C SER N 662 -0.11 -4.84 -114.00
N ALA N 663 -0.73 -4.91 -115.17
CA ALA N 663 -1.76 -3.96 -115.55
C ALA N 663 -2.99 -4.22 -114.70
N LEU N 664 -3.24 -3.35 -113.72
CA LEU N 664 -4.20 -3.67 -112.67
C LEU N 664 -4.68 -2.37 -112.04
N THR N 665 -6.00 -2.13 -112.12
CA THR N 665 -6.60 -0.93 -111.56
C THR N 665 -7.72 -1.27 -110.59
N TRP N 666 -8.48 -0.27 -110.17
CA TRP N 666 -9.64 -0.49 -109.30
C TRP N 666 -10.85 -0.89 -110.13
N THR N 667 -11.80 -1.55 -109.48
CA THR N 667 -12.97 -2.11 -110.16
C THR N 667 -14.25 -1.64 -109.48
N SER N 668 -15.35 -1.80 -110.23
CA SER N 668 -16.65 -1.32 -109.78
C SER N 668 -17.21 -2.14 -108.63
N GLY N 669 -16.80 -3.41 -108.46
CA GLY N 669 -17.21 -4.15 -107.29
C GLY N 669 -16.61 -3.59 -106.00
N VAL N 670 -15.33 -3.22 -106.06
CA VAL N 670 -14.68 -2.49 -104.97
C VAL N 670 -15.36 -1.15 -104.77
N TYR N 671 -15.82 -0.53 -105.87
CA TYR N 671 -16.53 0.74 -105.77
C TYR N 671 -17.86 0.59 -105.05
N PHE N 672 -18.64 -0.45 -105.38
CA PHE N 672 -19.91 -0.68 -104.68
C PHE N 672 -19.67 -1.01 -103.21
N PHE N 673 -18.60 -1.77 -102.91
CA PHE N 673 -18.26 -2.06 -101.53
C PHE N 673 -17.92 -0.80 -100.75
N LEU N 674 -17.18 0.11 -101.37
CA LEU N 674 -16.76 1.31 -100.67
C LEU N 674 -17.90 2.31 -100.52
N VAL N 675 -18.77 2.41 -101.53
CA VAL N 675 -19.99 3.22 -101.44
C VAL N 675 -20.86 2.72 -100.30
N ASP N 676 -21.05 1.40 -100.22
CA ASP N 676 -21.92 0.87 -99.19
C ASP N 676 -21.27 0.96 -97.81
N HIS N 677 -19.94 0.92 -97.75
CA HIS N 677 -19.24 1.09 -96.49
C HIS N 677 -19.40 2.50 -95.94
N PHE N 678 -19.14 3.52 -96.76
CA PHE N 678 -19.34 4.90 -96.30
C PHE N 678 -20.81 5.18 -96.01
N TYR N 679 -21.72 4.56 -96.76
CA TYR N 679 -23.14 4.78 -96.51
C TYR N 679 -23.59 4.16 -95.19
N ARG N 680 -23.09 2.96 -94.87
CA ARG N 680 -23.49 2.35 -93.60
C ARG N 680 -22.81 3.05 -92.44
N TYR N 681 -21.62 3.64 -92.67
CA TYR N 681 -21.02 4.51 -91.66
C TYR N 681 -21.91 5.70 -91.38
N GLU N 682 -22.42 6.34 -92.45
CA GLU N 682 -23.28 7.51 -92.28
C GLU N 682 -24.57 7.17 -91.58
N THR N 683 -25.18 6.04 -91.93
CA THR N 683 -26.44 5.65 -91.29
C THR N 683 -26.24 5.32 -89.82
N LEU N 684 -25.18 4.56 -89.49
CA LEU N 684 -25.00 4.19 -88.10
C LEU N 684 -24.52 5.38 -87.26
N SER N 685 -23.84 6.34 -87.88
CA SER N 685 -23.50 7.58 -87.18
C SER N 685 -24.73 8.42 -86.92
N ALA N 686 -25.68 8.45 -87.86
CA ALA N 686 -26.95 9.15 -87.63
C ALA N 686 -27.78 8.44 -86.57
N ILE N 687 -27.62 7.13 -86.44
CA ILE N 687 -28.28 6.40 -85.36
C ILE N 687 -27.65 6.77 -84.01
N SER N 688 -26.33 6.72 -83.92
CA SER N 688 -25.63 6.98 -82.66
C SER N 688 -25.69 8.43 -82.25
N ARG N 689 -25.98 9.34 -83.18
CA ARG N 689 -26.08 10.75 -82.85
C ARG N 689 -27.33 11.07 -82.05
N GLN N 690 -28.40 10.28 -82.22
CA GLN N 690 -29.66 10.55 -81.56
C GLN N 690 -29.73 9.97 -80.15
N LEU N 691 -28.99 8.90 -79.89
CA LEU N 691 -29.07 8.20 -78.61
C LEU N 691 -28.45 9.06 -77.51
N PRO N 692 -29.00 9.04 -76.29
CA PRO N 692 -28.37 9.76 -75.18
C PRO N 692 -27.05 9.13 -74.74
N SER N 693 -26.42 9.79 -73.78
CA SER N 693 -25.02 9.53 -73.45
C SER N 693 -24.87 8.25 -72.62
N PHE N 694 -23.68 8.04 -72.06
CA PHE N 694 -23.43 6.82 -71.31
C PHE N 694 -23.94 6.94 -69.88
N GLY N 695 -23.33 7.83 -69.10
CA GLY N 695 -23.67 7.97 -67.70
C GLY N 695 -24.61 9.11 -67.37
N TYR N 696 -25.82 9.13 -67.95
CA TYR N 696 -26.73 10.23 -67.73
C TYR N 696 -27.82 9.85 -66.75
N VAL N 697 -28.62 10.84 -66.39
CA VAL N 697 -29.84 10.66 -65.61
C VAL N 697 -31.02 11.00 -66.52
N ASP N 698 -32.06 10.17 -66.46
CA ASP N 698 -33.22 10.38 -67.31
C ASP N 698 -34.25 11.22 -66.56
N ASP N 699 -34.95 12.06 -67.31
CA ASP N 699 -35.99 12.91 -66.72
C ASP N 699 -37.21 13.04 -67.60
N GLY N 700 -37.40 12.14 -68.56
CA GLY N 700 -38.51 12.22 -69.48
C GLY N 700 -38.39 13.31 -70.52
N SER N 701 -37.20 13.89 -70.69
CA SER N 701 -37.01 14.95 -71.67
C SER N 701 -36.69 14.41 -73.06
N SER N 702 -35.94 13.31 -73.15
CA SER N 702 -35.58 12.76 -74.44
C SER N 702 -36.73 11.96 -75.03
N VAL N 703 -36.67 11.76 -76.34
CA VAL N 703 -37.72 11.01 -77.03
C VAL N 703 -37.58 9.51 -76.76
N THR N 704 -36.37 9.06 -76.48
CA THR N 704 -36.11 7.68 -76.11
C THR N 704 -35.58 7.64 -74.68
N GLY N 705 -35.82 6.53 -74.00
CA GLY N 705 -35.42 6.41 -72.61
C GLY N 705 -36.43 5.59 -71.85
N ILE N 706 -36.30 5.64 -70.52
CA ILE N 706 -37.14 4.86 -69.63
C ILE N 706 -38.16 5.77 -68.97
N GLU N 707 -39.15 5.16 -68.33
CA GLU N 707 -40.07 5.87 -67.47
C GLU N 707 -40.57 4.92 -66.40
N ILE N 708 -40.60 5.39 -65.16
CA ILE N 708 -41.20 4.65 -64.06
C ILE N 708 -42.07 5.61 -63.26
N ILE N 709 -43.11 5.07 -62.64
CA ILE N 709 -43.93 5.80 -61.69
C ILE N 709 -44.15 4.90 -60.48
N SER N 710 -44.60 5.52 -59.39
CA SER N 710 -44.80 4.81 -58.12
C SER N 710 -46.12 5.23 -57.51
N ILE N 711 -47.02 4.25 -57.35
CA ILE N 711 -48.26 4.44 -56.62
C ILE N 711 -48.35 3.37 -55.54
N GLU N 712 -49.20 3.61 -54.56
CA GLU N 712 -49.46 2.65 -53.50
C GLU N 712 -50.90 2.17 -53.58
N ASN N 713 -51.11 0.90 -53.27
CA ASN N 713 -52.44 0.29 -53.36
C ASN N 713 -52.94 -0.18 -52.00
N PRO N 714 -53.89 0.51 -51.40
CA PRO N 714 -54.45 0.02 -50.15
C PRO N 714 -55.48 -1.10 -50.38
N GLY N 715 -55.07 -2.33 -50.07
CA GLY N 715 -55.89 -3.52 -50.10
C GLY N 715 -56.39 -3.84 -51.50
N PHE N 716 -57.47 -4.61 -51.55
CA PHE N 716 -58.17 -4.88 -52.81
C PHE N 716 -59.32 -3.90 -52.99
N SER N 717 -58.99 -2.62 -52.85
CA SER N 717 -59.97 -1.55 -53.04
C SER N 717 -59.98 -1.15 -54.50
N ASN N 718 -61.16 -0.78 -54.98
CA ASN N 718 -61.31 -0.24 -56.33
C ASN N 718 -60.69 1.15 -56.32
N MET N 719 -59.48 1.26 -56.87
CA MET N 719 -58.70 2.48 -56.70
C MET N 719 -59.24 3.59 -57.59
N THR N 720 -58.70 4.79 -57.35
CA THR N 720 -59.31 6.02 -57.82
C THR N 720 -59.18 6.18 -59.34
N GLN N 721 -59.95 7.13 -59.87
CA GLN N 721 -59.85 7.43 -61.29
C GLN N 721 -58.56 8.16 -61.62
N ALA N 722 -57.98 8.86 -60.64
CA ALA N 722 -56.75 9.61 -60.87
C ALA N 722 -55.58 8.69 -61.16
N ALA N 723 -55.41 7.65 -60.35
CA ALA N 723 -54.36 6.66 -60.61
C ALA N 723 -54.66 5.85 -61.86
N ARG N 724 -55.94 5.67 -62.19
CA ARG N 724 -56.29 4.95 -63.41
C ARG N 724 -55.89 5.75 -64.65
N VAL N 725 -56.15 7.06 -64.61
CA VAL N 725 -55.69 7.95 -65.69
C VAL N 725 -54.17 8.00 -65.72
N GLY N 726 -53.51 7.92 -64.57
CA GLY N 726 -52.05 7.90 -64.56
C GLY N 726 -51.45 6.66 -65.21
N ILE N 727 -51.98 5.48 -64.85
CA ILE N 727 -51.46 4.24 -65.44
C ILE N 727 -51.80 4.17 -66.92
N SER N 728 -53.01 4.56 -67.30
CA SER N 728 -53.37 4.54 -68.71
C SER N 728 -52.62 5.61 -69.52
N GLY N 729 -52.24 6.71 -68.88
CA GLY N 729 -51.40 7.69 -69.55
C GLY N 729 -49.98 7.20 -69.74
N LEU N 730 -49.46 6.44 -68.78
CA LEU N 730 -48.17 5.80 -69.02
C LEU N 730 -48.28 4.72 -70.09
N CYS N 731 -49.43 4.06 -70.20
CA CYS N 731 -49.64 3.09 -71.28
C CYS N 731 -49.66 3.78 -72.64
N ALA N 732 -50.34 4.92 -72.74
CA ALA N 732 -50.34 5.71 -73.96
C ALA N 732 -48.97 6.31 -74.25
N ASN N 733 -48.18 6.56 -73.22
CA ASN N 733 -46.82 7.03 -73.41
C ASN N 733 -45.91 5.90 -73.87
N VAL N 734 -46.17 4.67 -73.44
CA VAL N 734 -45.22 3.60 -73.69
C VAL N 734 -45.51 2.88 -75.02
N GLY N 735 -46.78 2.82 -75.46
CA GLY N 735 -47.07 2.26 -76.76
C GLY N 735 -46.78 0.78 -76.91
N ASN N 736 -47.59 -0.05 -76.24
CA ASN N 736 -47.63 -1.53 -76.23
C ASN N 736 -46.28 -2.25 -76.29
N ALA N 737 -45.32 -1.74 -75.52
CA ALA N 737 -44.02 -2.39 -75.36
C ALA N 737 -44.04 -3.22 -74.07
N ARG N 738 -42.92 -3.89 -73.80
CA ARG N 738 -42.83 -4.72 -72.61
C ARG N 738 -42.70 -3.85 -71.37
N LYS N 739 -43.21 -4.37 -70.26
CA LYS N 739 -43.19 -3.65 -69.00
C LYS N 739 -43.17 -4.65 -67.85
N SER N 740 -42.55 -4.24 -66.76
CA SER N 740 -42.43 -5.07 -65.57
C SER N 740 -42.86 -4.29 -64.35
N ILE N 741 -43.45 -5.00 -63.38
CA ILE N 741 -43.97 -4.38 -62.17
C ILE N 741 -43.25 -4.98 -60.96
N ALA N 742 -43.48 -4.35 -59.81
CA ALA N 742 -42.97 -4.86 -58.54
C ALA N 742 -43.89 -4.42 -57.42
N ILE N 743 -44.10 -5.31 -56.46
CA ILE N 743 -44.99 -5.08 -55.32
C ILE N 743 -44.19 -5.35 -54.06
N TYR N 744 -43.98 -4.31 -53.26
CA TYR N 744 -43.22 -4.47 -52.03
C TYR N 744 -43.59 -3.35 -51.07
N GLU N 745 -43.46 -3.63 -49.78
CA GLU N 745 -43.72 -2.64 -48.76
C GLU N 745 -42.61 -1.59 -48.77
N SER N 746 -42.92 -0.42 -49.33
CA SER N 746 -41.96 0.69 -49.35
C SER N 746 -42.10 1.47 -48.06
N HIS N 747 -41.27 1.09 -47.08
CA HIS N 747 -40.94 1.92 -45.92
C HIS N 747 -42.13 2.08 -44.98
N GLY N 748 -43.03 1.10 -44.98
CA GLY N 748 -44.26 1.17 -44.22
C GLY N 748 -45.53 1.13 -45.05
N ALA N 749 -45.43 1.08 -46.38
CA ALA N 749 -46.60 1.04 -47.23
C ALA N 749 -46.30 0.20 -48.47
N ARG N 750 -47.24 -0.65 -48.86
CA ARG N 750 -47.08 -1.45 -50.05
C ARG N 750 -47.17 -0.58 -51.30
N VAL N 751 -46.17 -0.68 -52.17
CA VAL N 751 -46.05 0.24 -53.29
C VAL N 751 -46.17 -0.55 -54.59
N LEU N 752 -46.47 0.16 -55.67
CA LEU N 752 -46.52 -0.39 -57.01
C LEU N 752 -45.58 0.39 -57.92
N THR N 753 -44.84 -0.33 -58.75
CA THR N 753 -43.95 0.28 -59.72
C THR N 753 -44.35 -0.18 -61.10
N ILE N 754 -44.29 0.73 -62.07
CA ILE N 754 -44.59 0.43 -63.46
C ILE N 754 -43.35 0.81 -64.26
N THR N 755 -42.57 -0.18 -64.65
CA THR N 755 -41.26 0.05 -65.26
C THR N 755 -41.30 -0.35 -66.73
N SER N 756 -41.11 0.63 -67.62
CA SER N 756 -40.93 0.35 -69.04
C SER N 756 -40.19 1.52 -69.67
N ARG N 757 -40.20 1.56 -71.00
CA ARG N 757 -39.29 2.40 -71.77
C ARG N 757 -40.04 3.09 -72.92
N ARG N 758 -39.69 4.35 -73.18
CA ARG N 758 -40.31 5.11 -74.25
C ARG N 758 -39.49 5.02 -75.54
N SER N 759 -40.14 5.37 -76.64
CA SER N 759 -39.54 5.25 -77.97
C SER N 759 -40.19 6.29 -78.88
N PRO N 760 -39.51 6.70 -79.95
CA PRO N 760 -40.17 7.62 -80.90
C PRO N 760 -41.32 6.98 -81.66
N ALA N 761 -41.32 5.66 -81.85
CA ALA N 761 -42.49 5.00 -82.42
C ALA N 761 -43.67 5.07 -81.45
N SER N 762 -43.39 4.93 -80.15
CA SER N 762 -44.41 5.19 -79.14
C SER N 762 -44.86 6.64 -79.15
N ALA N 763 -43.95 7.57 -79.45
CA ALA N 763 -44.32 8.97 -79.53
C ALA N 763 -45.27 9.23 -80.69
N ARG N 764 -45.02 8.61 -81.84
CA ARG N 764 -45.92 8.78 -82.98
C ARG N 764 -47.24 8.07 -82.75
N ARG N 765 -47.22 6.94 -82.03
CA ARG N 765 -48.47 6.29 -81.62
C ARG N 765 -49.28 7.18 -80.69
N LYS N 766 -48.62 7.80 -79.71
CA LYS N 766 -49.31 8.67 -78.76
C LYS N 766 -49.84 9.93 -79.43
N ALA N 767 -49.11 10.44 -80.43
CA ALA N 767 -49.61 11.56 -81.21
C ALA N 767 -50.70 11.16 -82.18
N ARG N 768 -50.83 9.87 -82.48
CA ARG N 768 -51.84 9.43 -83.44
C ARG N 768 -53.25 9.53 -82.86
N LEU N 769 -53.42 9.22 -81.59
CA LEU N 769 -54.76 9.12 -81.01
C LEU N 769 -55.09 10.36 -80.20
N ARG N 770 -56.36 10.76 -80.27
CA ARG N 770 -56.82 11.99 -79.62
C ARG N 770 -56.93 11.82 -78.12
N TYR N 771 -57.79 10.93 -77.68
CA TYR N 771 -57.97 10.63 -76.26
C TYR N 771 -57.20 9.38 -75.89
N LEU N 772 -56.73 9.33 -74.65
CA LEU N 772 -56.15 8.04 -74.31
C LEU N 772 -57.22 7.11 -73.76
N PRO N 773 -57.17 5.83 -74.09
CA PRO N 773 -58.10 4.87 -73.49
C PRO N 773 -57.66 4.55 -72.08
N LEU N 774 -58.54 3.88 -71.34
CA LEU N 774 -58.23 3.48 -69.98
C LEU N 774 -58.36 1.98 -69.85
N ILE N 775 -57.79 1.45 -68.78
CA ILE N 775 -57.47 0.03 -68.68
C ILE N 775 -58.34 -0.63 -67.62
N ASP N 776 -58.21 -1.95 -67.53
CA ASP N 776 -58.87 -2.71 -66.48
C ASP N 776 -58.01 -2.66 -65.22
N PRO N 777 -58.52 -2.14 -64.10
CA PRO N 777 -57.75 -2.19 -62.85
C PRO N 777 -57.72 -3.56 -62.19
N ARG N 778 -58.52 -4.51 -62.68
CA ARG N 778 -58.66 -5.80 -62.01
C ARG N 778 -57.37 -6.61 -62.06
N SER N 779 -56.68 -6.58 -63.21
CA SER N 779 -55.43 -7.33 -63.37
C SER N 779 -54.31 -6.82 -62.46
N LEU N 780 -54.44 -5.60 -61.94
CA LEU N 780 -53.50 -5.11 -60.94
C LEU N 780 -54.03 -5.30 -59.52
N GLU N 781 -55.35 -5.31 -59.36
CA GLU N 781 -55.93 -5.43 -58.03
C GLU N 781 -56.09 -6.87 -57.56
N VAL N 782 -55.85 -7.86 -58.42
CA VAL N 782 -55.91 -9.24 -57.95
C VAL N 782 -54.67 -9.63 -57.15
N GLN N 783 -53.50 -9.06 -57.49
CA GLN N 783 -52.23 -9.53 -56.94
C GLN N 783 -52.07 -9.16 -55.46
N ALA N 784 -51.59 -10.13 -54.68
CA ALA N 784 -51.34 -9.94 -53.25
C ALA N 784 -49.96 -10.46 -52.85
N ARG N 785 -49.12 -10.82 -53.81
CA ARG N 785 -47.79 -11.34 -53.52
C ARG N 785 -46.77 -10.21 -53.55
N THR N 786 -45.60 -10.50 -52.99
CA THR N 786 -44.55 -9.50 -52.82
C THR N 786 -43.53 -9.68 -53.93
N ILE N 787 -43.61 -8.83 -54.95
CA ILE N 787 -42.69 -8.88 -56.07
C ILE N 787 -41.51 -7.96 -55.73
N LEU N 788 -40.37 -8.56 -55.41
CA LEU N 788 -39.21 -7.78 -55.01
C LEU N 788 -38.64 -7.01 -56.21
N PRO N 789 -38.25 -5.75 -56.02
CA PRO N 789 -37.86 -4.93 -57.16
C PRO N 789 -36.44 -5.22 -57.61
N SER N 790 -36.06 -4.55 -58.70
CA SER N 790 -34.70 -4.60 -59.20
C SER N 790 -34.28 -3.19 -59.57
N ASN N 791 -32.99 -3.01 -59.80
CA ASN N 791 -32.47 -1.74 -60.24
C ASN N 791 -32.98 -1.37 -61.63
N PRO N 792 -33.14 -0.09 -61.93
CA PRO N 792 -33.55 0.31 -63.28
C PRO N 792 -32.40 0.14 -64.26
N VAL N 793 -32.65 -0.64 -65.30
CA VAL N 793 -31.67 -0.83 -66.37
C VAL N 793 -32.23 -0.23 -67.65
N LEU N 794 -31.32 0.27 -68.50
CA LEU N 794 -31.76 0.81 -69.77
C LEU N 794 -32.12 -0.30 -70.75
N PHE N 795 -31.48 -1.46 -70.61
CA PHE N 795 -31.64 -2.55 -71.55
C PHE N 795 -32.18 -3.77 -70.82
N ASP N 796 -33.39 -4.19 -71.19
CA ASP N 796 -33.96 -5.39 -70.62
C ASP N 796 -33.27 -6.64 -71.14
N ASN N 797 -33.04 -6.69 -72.45
CA ASN N 797 -32.48 -7.89 -73.07
C ASN N 797 -30.97 -7.93 -72.87
N ILE N 798 -30.46 -9.12 -72.57
CA ILE N 798 -29.05 -9.31 -72.30
C ILE N 798 -28.39 -10.22 -73.33
N ASN N 799 -29.02 -11.35 -73.65
CA ASN N 799 -28.43 -12.31 -74.57
C ASN N 799 -28.48 -11.85 -76.02
N GLY N 800 -29.34 -10.88 -76.34
CA GLY N 800 -29.46 -10.38 -77.69
C GLY N 800 -30.81 -10.72 -78.30
N ALA N 801 -31.14 -9.96 -79.34
CA ALA N 801 -32.41 -10.16 -80.03
C ALA N 801 -32.36 -11.45 -80.85
N SER N 802 -33.50 -12.12 -80.95
CA SER N 802 -33.58 -13.32 -81.76
C SER N 802 -33.64 -12.93 -83.24
N PRO N 803 -33.25 -13.85 -84.14
CA PRO N 803 -33.39 -13.56 -85.58
C PRO N 803 -34.83 -13.34 -86.04
N HIS N 804 -35.82 -13.86 -85.30
CA HIS N 804 -37.20 -13.57 -85.65
C HIS N 804 -37.59 -12.14 -85.29
N VAL N 805 -37.07 -11.64 -84.16
CA VAL N 805 -37.19 -10.23 -83.84
C VAL N 805 -36.48 -9.38 -84.88
N CYS N 806 -35.34 -9.86 -85.36
CA CYS N 806 -34.60 -9.15 -86.41
C CYS N 806 -35.38 -9.08 -87.72
N LEU N 807 -36.03 -10.17 -88.14
CA LEU N 807 -36.81 -10.13 -89.38
C LEU N 807 -38.06 -9.27 -89.22
N THR N 808 -38.67 -9.30 -88.03
CA THR N 808 -39.79 -8.40 -87.76
C THR N 808 -39.35 -6.94 -87.85
N MET N 809 -38.13 -6.64 -87.39
CA MET N 809 -37.61 -5.28 -87.48
C MET N 809 -37.33 -4.90 -88.93
N MET N 810 -36.74 -5.84 -89.70
CA MET N 810 -36.56 -5.66 -91.14
C MET N 810 -37.87 -5.30 -91.83
N TYR N 811 -38.92 -6.08 -91.53
CA TYR N 811 -40.18 -5.95 -92.24
C TYR N 811 -40.88 -4.66 -91.86
N ASN N 812 -40.87 -4.33 -90.57
CA ASN N 812 -41.39 -3.06 -90.09
C ASN N 812 -40.68 -1.87 -90.72
N PHE N 813 -39.36 -1.99 -90.91
CA PHE N 813 -38.61 -0.89 -91.50
C PHE N 813 -38.97 -0.70 -92.97
N GLU N 814 -39.07 -1.79 -93.75
CA GLU N 814 -39.36 -1.56 -95.16
C GLU N 814 -40.82 -1.14 -95.36
N VAL N 815 -41.74 -1.54 -94.48
CA VAL N 815 -43.11 -1.06 -94.60
C VAL N 815 -43.20 0.42 -94.22
N SER N 816 -42.48 0.83 -93.17
CA SER N 816 -42.46 2.23 -92.79
C SER N 816 -41.77 3.10 -93.83
N SER N 817 -40.78 2.56 -94.54
CA SER N 817 -40.16 3.31 -95.62
C SER N 817 -41.06 3.39 -96.85
N ALA N 818 -41.78 2.31 -97.16
CA ALA N 818 -42.62 2.31 -98.35
C ALA N 818 -43.89 3.14 -98.16
N VAL N 819 -44.41 3.23 -96.94
CA VAL N 819 -45.61 4.02 -96.71
C VAL N 819 -45.22 5.50 -96.69
N TYR N 820 -46.17 6.36 -97.03
CA TYR N 820 -45.98 7.81 -97.00
C TYR N 820 -47.07 8.45 -96.15
N ASP N 821 -47.01 9.77 -96.04
CA ASP N 821 -47.96 10.49 -95.23
C ASP N 821 -49.25 10.74 -96.02
N GLY N 822 -50.37 10.65 -95.32
CA GLY N 822 -51.67 10.86 -95.95
C GLY N 822 -52.02 9.74 -96.91
N ASP N 823 -52.28 8.55 -96.39
CA ASP N 823 -52.51 7.39 -97.25
C ASP N 823 -53.39 6.39 -96.53
N VAL N 824 -54.35 5.85 -97.25
CA VAL N 824 -55.13 4.72 -96.76
C VAL N 824 -54.33 3.44 -97.03
N VAL N 825 -54.27 2.57 -96.01
CA VAL N 825 -53.53 1.33 -96.11
C VAL N 825 -54.48 0.19 -95.76
N LEU N 826 -54.01 -1.03 -96.00
CA LEU N 826 -54.69 -2.22 -95.53
C LEU N 826 -53.66 -3.25 -95.10
N ASP N 827 -53.82 -3.74 -93.87
CA ASP N 827 -52.91 -4.72 -93.29
C ASP N 827 -53.61 -6.07 -93.25
N LEU N 828 -53.09 -7.03 -94.01
CA LEU N 828 -53.61 -8.38 -94.03
C LEU N 828 -52.84 -9.20 -93.00
N GLY N 829 -53.57 -9.76 -92.04
CA GLY N 829 -52.94 -10.47 -90.95
C GLY N 829 -52.22 -9.51 -90.03
N THR N 830 -52.99 -8.69 -89.31
CA THR N 830 -52.41 -7.66 -88.45
C THR N 830 -51.71 -8.23 -87.24
N GLY N 831 -52.01 -9.46 -86.86
CA GLY N 831 -51.43 -10.06 -85.69
C GLY N 831 -52.21 -9.70 -84.45
N PRO N 832 -51.60 -9.89 -83.29
CA PRO N 832 -52.28 -9.55 -82.02
C PRO N 832 -52.43 -8.04 -81.84
N GLU N 833 -51.31 -7.33 -81.98
CA GLU N 833 -51.30 -5.87 -81.93
C GLU N 833 -50.53 -5.39 -83.15
N ALA N 834 -51.21 -4.63 -84.00
CA ALA N 834 -50.66 -4.24 -85.30
C ALA N 834 -49.56 -3.21 -85.13
N LYS N 835 -48.36 -3.54 -85.61
CA LYS N 835 -47.27 -2.57 -85.58
C LYS N 835 -47.40 -1.51 -86.65
N ILE N 836 -48.34 -1.67 -87.58
CA ILE N 836 -48.64 -0.67 -88.59
C ILE N 836 -49.15 0.62 -87.97
N LEU N 837 -49.70 0.55 -86.75
CA LEU N 837 -50.02 1.76 -86.00
C LEU N 837 -48.78 2.52 -85.60
N GLU N 838 -47.68 1.81 -85.38
CA GLU N 838 -46.42 2.43 -85.03
C GLU N 838 -45.57 2.78 -86.24
N LEU N 839 -45.87 2.23 -87.41
CA LEU N 839 -45.02 2.47 -88.57
C LEU N 839 -45.42 3.74 -89.32
N ILE N 840 -46.69 3.87 -89.67
CA ILE N 840 -47.18 4.90 -90.58
C ILE N 840 -47.12 6.28 -89.91
N PRO N 841 -47.17 7.37 -90.67
CA PRO N 841 -47.30 8.69 -90.04
C PRO N 841 -48.64 8.86 -89.34
N SER N 842 -48.69 9.89 -88.50
CA SER N 842 -49.79 10.08 -87.56
C SER N 842 -51.09 10.50 -88.23
N THR N 843 -51.04 10.97 -89.49
CA THR N 843 -52.22 11.50 -90.15
C THR N 843 -52.85 10.54 -91.14
N SER N 844 -52.23 9.41 -91.39
CA SER N 844 -52.73 8.48 -92.40
C SER N 844 -53.62 7.42 -91.77
N PRO N 845 -54.80 7.15 -92.31
CA PRO N 845 -55.69 6.16 -91.71
C PRO N 845 -55.32 4.74 -92.12
N VAL N 846 -56.03 3.78 -91.52
CA VAL N 846 -55.84 2.37 -91.81
C VAL N 846 -57.19 1.76 -92.18
N THR N 847 -57.13 0.66 -92.93
CA THR N 847 -58.24 -0.29 -93.10
C THR N 847 -57.66 -1.67 -92.86
N CYS N 848 -57.49 -2.05 -91.59
CA CYS N 848 -56.75 -3.25 -91.26
C CYS N 848 -57.68 -4.31 -90.68
N VAL N 849 -57.35 -5.58 -90.92
CA VAL N 849 -58.23 -6.69 -90.60
C VAL N 849 -57.38 -7.95 -90.46
N ASP N 850 -57.83 -8.86 -89.61
CA ASP N 850 -57.12 -10.10 -89.35
C ASP N 850 -58.13 -11.12 -88.85
N ILE N 851 -57.78 -12.41 -89.00
CA ILE N 851 -58.60 -13.45 -88.39
C ILE N 851 -58.47 -13.43 -86.88
N ARG N 852 -57.36 -12.91 -86.36
CA ARG N 852 -57.16 -12.84 -84.91
C ARG N 852 -57.94 -11.66 -84.34
N PRO N 853 -58.84 -11.87 -83.39
CA PRO N 853 -59.55 -10.75 -82.77
C PRO N 853 -58.63 -9.97 -81.83
N THR N 854 -58.44 -8.70 -82.12
CA THR N 854 -57.50 -7.87 -81.38
C THR N 854 -58.22 -7.05 -80.31
N ALA N 855 -57.43 -6.46 -79.41
CA ALA N 855 -57.92 -5.62 -78.34
C ALA N 855 -57.35 -4.21 -78.45
N GLN N 856 -57.31 -3.69 -79.67
CA GLN N 856 -56.87 -2.32 -79.90
C GLN N 856 -57.96 -1.35 -79.44
N PRO N 857 -57.59 -0.13 -79.04
CA PRO N 857 -58.60 0.84 -78.59
C PRO N 857 -59.45 1.36 -79.74
N ASN N 858 -60.70 0.93 -79.77
CA ASN N 858 -61.64 1.36 -80.81
C ASN N 858 -62.17 2.74 -80.48
N GLY N 859 -62.17 3.62 -81.47
CA GLY N 859 -62.60 4.98 -81.26
C GLY N 859 -61.57 5.82 -80.55
N CYS N 860 -61.93 7.09 -80.33
CA CYS N 860 -61.11 8.17 -79.81
C CYS N 860 -59.74 8.25 -80.50
N TRP N 861 -59.80 8.48 -81.81
CA TRP N 861 -58.63 8.66 -82.66
C TRP N 861 -58.68 10.03 -83.31
N ASN N 862 -57.51 10.54 -83.70
CA ASN N 862 -57.48 11.75 -84.53
C ASN N 862 -57.86 11.41 -85.97
N VAL N 863 -57.07 10.56 -86.62
CA VAL N 863 -57.44 9.97 -87.90
C VAL N 863 -57.94 8.57 -87.63
N ARG N 864 -58.99 8.17 -88.36
CA ARG N 864 -59.78 7.00 -87.98
C ARG N 864 -59.02 5.70 -88.16
N THR N 865 -59.39 4.70 -87.38
CA THR N 865 -58.91 3.34 -87.51
C THR N 865 -60.09 2.41 -87.74
N THR N 866 -59.78 1.14 -88.03
CA THR N 866 -60.80 0.15 -88.31
C THR N 866 -60.28 -1.22 -87.90
N PHE N 867 -61.04 -1.91 -87.04
CA PHE N 867 -60.64 -3.22 -86.53
C PHE N 867 -61.82 -4.17 -86.58
N LEU N 868 -61.64 -5.31 -87.23
CA LEU N 868 -62.69 -6.32 -87.37
C LEU N 868 -62.05 -7.63 -87.77
N GLU N 869 -62.89 -8.66 -87.89
CA GLU N 869 -62.44 -9.98 -88.32
C GLU N 869 -63.45 -10.57 -89.29
N LEU N 870 -62.96 -11.02 -90.45
CA LEU N 870 -63.89 -11.52 -91.47
C LEU N 870 -63.38 -12.72 -92.27
N ASP N 871 -62.31 -13.39 -91.82
CA ASP N 871 -61.62 -14.47 -92.55
C ASP N 871 -61.14 -13.97 -93.92
N TYR N 872 -60.11 -13.11 -93.84
CA TYR N 872 -59.64 -12.24 -94.93
C TYR N 872 -59.38 -12.96 -96.25
N LEU N 873 -59.03 -14.25 -96.23
CA LEU N 873 -58.86 -15.00 -97.47
C LEU N 873 -60.25 -15.41 -97.97
N SER N 874 -60.95 -14.42 -98.52
CA SER N 874 -62.30 -14.55 -99.04
C SER N 874 -62.56 -13.31 -99.90
N ASP N 875 -63.80 -13.16 -100.35
CA ASP N 875 -64.17 -12.09 -101.26
C ASP N 875 -65.38 -11.34 -100.70
N GLY N 876 -65.81 -10.31 -101.46
CA GLY N 876 -66.99 -9.56 -101.14
C GLY N 876 -66.77 -8.38 -100.21
N TRP N 877 -65.65 -8.34 -99.50
CA TRP N 877 -65.42 -7.31 -98.49
C TRP N 877 -64.53 -6.18 -98.97
N ILE N 878 -63.63 -6.44 -99.92
CA ILE N 878 -62.86 -5.36 -100.51
C ILE N 878 -63.71 -4.56 -101.48
N THR N 879 -64.82 -5.13 -101.95
CA THR N 879 -65.82 -4.34 -102.64
C THR N 879 -66.52 -3.37 -101.70
N GLY N 880 -66.52 -3.67 -100.40
CA GLY N 880 -67.06 -2.77 -99.40
C GLY N 880 -66.07 -1.71 -98.94
N VAL N 881 -64.89 -2.14 -98.50
CA VAL N 881 -63.88 -1.24 -97.95
C VAL N 881 -62.69 -1.20 -98.90
N ARG N 882 -62.19 0.00 -99.15
CA ARG N 882 -61.15 0.24 -100.15
C ARG N 882 -59.85 0.69 -99.49
N GLY N 883 -58.77 0.61 -100.27
CA GLY N 883 -57.46 1.04 -99.81
C GLY N 883 -56.58 1.50 -100.96
N ASP N 884 -55.28 1.67 -100.69
CA ASP N 884 -54.33 2.12 -101.69
C ASP N 884 -53.10 1.24 -101.79
N ILE N 885 -52.62 0.68 -100.68
CA ILE N 885 -51.41 -0.14 -100.68
C ILE N 885 -51.60 -1.31 -99.72
N VAL N 886 -51.25 -2.50 -100.18
CA VAL N 886 -51.51 -3.75 -99.45
C VAL N 886 -50.25 -4.14 -98.70
N THR N 887 -50.38 -4.39 -97.40
CA THR N 887 -49.29 -4.89 -96.56
C THR N 887 -49.74 -6.22 -95.96
N CYS N 888 -49.21 -7.32 -96.49
CA CYS N 888 -49.55 -8.67 -96.02
C CYS N 888 -48.25 -9.31 -95.54
N MET N 889 -47.96 -9.18 -94.25
CA MET N 889 -46.74 -9.69 -93.65
C MET N 889 -47.04 -10.95 -92.86
N LEU N 890 -46.40 -12.06 -93.23
CA LEU N 890 -46.36 -13.35 -92.55
C LEU N 890 -47.71 -14.06 -92.49
N SER N 891 -48.76 -13.51 -93.09
CA SER N 891 -50.07 -14.13 -93.03
C SER N 891 -50.32 -15.10 -94.17
N LEU N 892 -49.48 -15.07 -95.22
CA LEU N 892 -49.63 -15.98 -96.33
C LEU N 892 -49.36 -17.42 -95.92
N GLY N 893 -48.17 -17.67 -95.36
CA GLY N 893 -47.84 -19.00 -94.88
C GLY N 893 -48.69 -19.43 -93.70
N ALA N 894 -49.11 -18.48 -92.87
CA ALA N 894 -49.98 -18.79 -91.74
C ALA N 894 -51.34 -19.27 -92.21
N ALA N 895 -51.94 -18.55 -93.17
CA ALA N 895 -53.23 -18.95 -93.71
C ALA N 895 -53.13 -20.23 -94.53
N ALA N 896 -52.00 -20.44 -95.20
CA ALA N 896 -51.82 -21.66 -95.98
C ALA N 896 -51.65 -22.88 -95.08
N ALA N 897 -50.95 -22.71 -93.95
CA ALA N 897 -50.83 -23.80 -93.00
C ALA N 897 -52.13 -24.02 -92.24
N GLY N 898 -52.93 -22.96 -92.06
CA GLY N 898 -54.21 -23.14 -91.41
C GLY N 898 -55.23 -23.84 -92.29
N LYS N 899 -55.23 -23.53 -93.59
CA LYS N 899 -56.17 -24.12 -94.52
C LYS N 899 -55.59 -25.32 -95.27
N SER N 900 -54.35 -25.71 -94.95
CA SER N 900 -53.67 -26.89 -95.51
C SER N 900 -53.56 -26.84 -97.03
N MET N 901 -53.40 -25.64 -97.58
CA MET N 901 -53.41 -25.43 -99.02
C MET N 901 -52.09 -24.82 -99.46
N THR N 902 -51.82 -24.94 -100.76
CA THR N 902 -50.53 -24.56 -101.28
C THR N 902 -50.46 -23.05 -101.54
N PHE N 903 -49.22 -22.57 -101.69
CA PHE N 903 -48.99 -21.17 -101.96
C PHE N 903 -49.52 -20.75 -103.33
N ASP N 904 -49.54 -21.67 -104.29
CA ASP N 904 -50.06 -21.36 -105.62
C ASP N 904 -51.55 -21.04 -105.55
N ALA N 905 -52.33 -21.90 -104.88
CA ALA N 905 -53.77 -21.68 -104.76
C ALA N 905 -54.08 -20.48 -103.87
N ALA N 906 -53.34 -20.33 -102.77
CA ALA N 906 -53.54 -19.19 -101.88
C ALA N 906 -53.20 -17.88 -102.59
N PHE N 907 -52.14 -17.88 -103.39
CA PHE N 907 -51.70 -16.67 -104.06
C PHE N 907 -52.61 -16.31 -105.21
N GLN N 908 -53.14 -17.31 -105.92
CA GLN N 908 -54.06 -16.98 -107.02
C GLN N 908 -55.40 -16.50 -106.48
N GLN N 909 -55.85 -17.05 -105.35
CA GLN N 909 -57.06 -16.54 -104.70
C GLN N 909 -56.84 -15.12 -104.18
N LEU N 910 -55.68 -14.86 -103.61
CA LEU N 910 -55.38 -13.55 -103.06
C LEU N 910 -55.22 -12.52 -104.17
N VAL N 911 -54.64 -12.92 -105.31
CA VAL N 911 -54.49 -11.95 -106.38
C VAL N 911 -55.82 -11.77 -107.13
N ARG N 912 -56.71 -12.76 -107.04
CA ARG N 912 -58.07 -12.57 -107.54
C ARG N 912 -58.83 -11.54 -106.71
N VAL N 913 -58.76 -11.67 -105.39
CA VAL N 913 -59.45 -10.69 -104.55
C VAL N 913 -58.71 -9.36 -104.49
N LEU N 914 -57.47 -9.30 -104.98
CA LEU N 914 -56.85 -8.00 -105.22
C LEU N 914 -57.13 -7.44 -106.60
N THR N 915 -57.53 -8.27 -107.57
CA THR N 915 -58.18 -7.72 -108.75
C THR N 915 -59.56 -7.17 -108.40
N ARG N 916 -60.18 -7.72 -107.36
CA ARG N 916 -61.37 -7.09 -106.79
C ARG N 916 -61.06 -5.76 -106.12
N SER N 917 -59.80 -5.53 -105.71
CA SER N 917 -59.46 -4.37 -104.91
C SER N 917 -59.33 -3.11 -105.77
N THR N 918 -58.94 -2.02 -105.12
CA THR N 918 -58.70 -0.74 -105.79
C THR N 918 -57.27 -0.27 -105.61
N ALA N 919 -56.40 -1.08 -105.02
CA ALA N 919 -55.03 -0.67 -104.75
C ALA N 919 -54.20 -0.72 -106.02
N ASN N 920 -53.33 0.28 -106.18
CA ASN N 920 -52.44 0.33 -107.33
C ASN N 920 -51.08 -0.31 -107.05
N VAL N 921 -50.57 -0.11 -105.84
CA VAL N 921 -49.31 -0.69 -105.42
C VAL N 921 -49.59 -1.66 -104.28
N LEU N 922 -48.67 -2.60 -104.11
CA LEU N 922 -48.81 -3.61 -103.05
C LEU N 922 -47.44 -4.19 -102.75
N LEU N 923 -47.34 -4.81 -101.58
CA LEU N 923 -46.14 -5.50 -101.15
C LEU N 923 -46.54 -6.54 -100.11
N ILE N 924 -46.34 -7.81 -100.43
CA ILE N 924 -46.77 -8.90 -99.57
C ILE N 924 -45.56 -9.76 -99.21
N GLN N 925 -45.69 -10.49 -98.12
CA GLN N 925 -44.63 -11.38 -97.65
C GLN N 925 -44.79 -12.74 -98.32
N VAL N 926 -43.92 -13.02 -99.28
CA VAL N 926 -43.89 -14.31 -99.92
C VAL N 926 -42.71 -15.09 -99.36
N ASN N 927 -42.69 -16.39 -99.63
CA ASN N 927 -41.65 -17.26 -99.11
C ASN N 927 -40.98 -17.90 -100.33
N CYS N 928 -39.98 -17.22 -100.87
CA CYS N 928 -39.35 -17.63 -102.11
C CYS N 928 -37.85 -17.79 -101.91
N PRO N 929 -37.27 -18.92 -102.27
CA PRO N 929 -35.80 -19.04 -102.23
C PRO N 929 -35.18 -18.25 -103.37
N THR N 930 -34.19 -17.43 -103.03
CA THR N 930 -33.46 -16.66 -104.03
C THR N 930 -32.13 -17.30 -104.37
N ASP N 931 -31.36 -17.65 -103.36
CA ASP N 931 -30.07 -18.30 -103.53
C ASP N 931 -30.28 -19.82 -103.48
N VAL N 932 -29.20 -20.57 -103.70
CA VAL N 932 -29.23 -22.01 -103.46
C VAL N 932 -29.45 -22.26 -101.97
N ILE N 933 -30.44 -23.08 -101.65
CA ILE N 933 -30.87 -23.26 -100.28
C ILE N 933 -29.80 -23.99 -99.48
N ARG N 934 -29.71 -23.64 -98.19
CA ARG N 934 -28.53 -23.87 -97.39
C ARG N 934 -28.79 -24.78 -96.18
N THR N 935 -30.06 -25.08 -95.88
CA THR N 935 -30.57 -25.77 -94.69
C THR N 935 -29.88 -25.27 -93.41
N ILE N 936 -30.19 -24.02 -93.05
CA ILE N 936 -29.65 -23.36 -91.87
C ILE N 936 -29.91 -24.18 -90.61
N LYS N 937 -28.86 -24.41 -89.84
CA LYS N 937 -28.93 -25.27 -88.67
C LYS N 937 -29.77 -24.62 -87.58
N GLY N 938 -30.83 -25.32 -87.15
CA GLY N 938 -31.64 -24.90 -86.04
C GLY N 938 -32.64 -23.81 -86.33
N TYR N 939 -32.64 -23.24 -87.52
CA TYR N 939 -33.61 -22.22 -87.87
C TYR N 939 -34.42 -22.56 -89.11
N LEU N 940 -33.77 -22.96 -90.21
CA LEU N 940 -34.47 -23.22 -91.46
C LEU N 940 -33.84 -24.43 -92.13
N GLU N 941 -34.50 -25.57 -92.08
CA GLU N 941 -34.09 -26.67 -92.94
C GLU N 941 -34.96 -26.68 -94.20
N ILE N 942 -34.58 -27.54 -95.14
CA ILE N 942 -35.13 -27.50 -96.48
C ILE N 942 -35.87 -28.79 -96.76
N ASP N 943 -36.59 -28.80 -97.89
CA ASP N 943 -37.33 -29.97 -98.33
C ASP N 943 -37.49 -29.86 -99.85
N GLN N 944 -36.84 -30.78 -100.57
CA GLN N 944 -36.91 -30.77 -102.02
C GLN N 944 -38.26 -31.23 -102.51
N THR N 945 -38.64 -32.45 -102.16
CA THR N 945 -39.81 -33.09 -102.77
C THR N 945 -41.11 -32.57 -102.18
N ASN N 946 -41.32 -32.76 -100.88
CA ASN N 946 -42.58 -32.39 -100.28
C ASN N 946 -42.73 -30.90 -100.04
N LYS N 947 -41.64 -30.13 -100.21
CA LYS N 947 -41.65 -28.68 -100.35
C LYS N 947 -42.23 -27.98 -99.11
N ARG N 948 -41.51 -28.15 -97.99
CA ARG N 948 -41.84 -27.49 -96.72
C ARG N 948 -40.57 -26.89 -96.15
N TYR N 949 -40.71 -26.17 -95.04
CA TYR N 949 -39.55 -25.58 -94.37
C TYR N 949 -39.34 -26.04 -92.94
N LYS N 950 -40.39 -26.04 -92.12
CA LYS N 950 -40.38 -26.54 -90.74
C LYS N 950 -39.38 -25.77 -89.86
N PHE N 951 -39.78 -24.54 -89.52
CA PHE N 951 -39.11 -23.79 -88.46
C PHE N 951 -39.16 -24.58 -87.16
N PRO N 952 -38.01 -24.93 -86.57
CA PRO N 952 -38.04 -25.63 -85.28
C PRO N 952 -38.14 -24.71 -84.08
N LYS N 953 -37.74 -23.45 -84.21
CA LYS N 953 -37.82 -22.54 -83.07
C LYS N 953 -39.25 -22.14 -82.77
N PHE N 954 -39.99 -21.73 -83.79
CA PHE N 954 -41.42 -21.47 -83.63
C PHE N 954 -42.24 -22.75 -83.61
N GLY N 955 -41.67 -23.87 -84.02
CA GLY N 955 -42.47 -25.07 -84.20
C GLY N 955 -43.47 -24.95 -85.34
N ARG N 956 -43.16 -24.13 -86.34
CA ARG N 956 -44.09 -23.83 -87.42
C ARG N 956 -43.53 -24.40 -88.72
N ASP N 957 -44.42 -24.54 -89.70
CA ASP N 957 -44.05 -25.13 -90.98
C ASP N 957 -45.02 -24.63 -92.05
N GLU N 958 -44.46 -24.37 -93.22
CA GLU N 958 -45.25 -23.94 -94.37
C GLU N 958 -44.49 -24.29 -95.64
N PRO N 959 -45.19 -24.40 -96.78
CA PRO N 959 -44.47 -24.56 -98.05
C PRO N 959 -43.73 -23.33 -98.50
N TYR N 960 -43.23 -23.40 -99.74
CA TYR N 960 -42.62 -22.24 -100.38
C TYR N 960 -42.98 -22.27 -101.86
N SER N 961 -43.21 -21.09 -102.41
CA SER N 961 -43.38 -20.95 -103.84
C SER N 961 -42.22 -20.17 -104.42
N ASP N 962 -41.96 -20.36 -105.71
CA ASP N 962 -40.81 -19.75 -106.34
C ASP N 962 -41.21 -18.60 -107.27
N MET N 963 -40.21 -17.81 -107.64
CA MET N 963 -40.45 -16.50 -108.23
C MET N 963 -40.97 -16.59 -109.66
N ASP N 964 -40.62 -17.63 -110.40
CA ASP N 964 -41.13 -17.74 -111.77
C ASP N 964 -42.61 -18.10 -111.78
N SER N 965 -43.04 -19.00 -110.89
CA SER N 965 -44.47 -19.29 -110.76
C SER N 965 -45.23 -18.09 -110.22
N LEU N 966 -44.60 -17.35 -109.30
CA LEU N 966 -45.19 -16.11 -108.81
C LEU N 966 -45.35 -15.09 -109.93
N GLU N 967 -44.36 -15.03 -110.83
CA GLU N 967 -44.43 -14.15 -111.98
C GLU N 967 -45.51 -14.60 -112.95
N ARG N 968 -45.69 -15.92 -113.11
CA ARG N 968 -46.74 -16.46 -113.96
C ARG N 968 -48.12 -16.07 -113.47
N ILE N 969 -48.36 -16.22 -112.16
CA ILE N 969 -49.67 -15.87 -111.60
C ILE N 969 -49.86 -14.35 -111.63
N CYS N 970 -48.80 -13.59 -111.37
CA CYS N 970 -48.91 -12.14 -111.32
C CYS N 970 -49.16 -11.55 -112.71
N ARG N 971 -48.54 -12.12 -113.75
CA ARG N 971 -48.81 -11.65 -115.10
C ARG N 971 -50.10 -12.21 -115.68
N ALA N 972 -50.54 -13.37 -115.21
CA ALA N 972 -51.87 -13.84 -115.60
C ALA N 972 -52.96 -12.99 -115.00
N ALA N 973 -52.73 -12.43 -113.81
CA ALA N 973 -53.70 -11.51 -113.23
C ALA N 973 -53.60 -10.14 -113.88
N TRP N 974 -52.42 -9.51 -113.79
CA TRP N 974 -52.23 -8.17 -114.32
C TRP N 974 -51.30 -8.21 -115.51
N PRO N 975 -51.77 -7.88 -116.72
CA PRO N 975 -50.86 -7.75 -117.86
C PRO N 975 -50.14 -6.41 -117.92
N ASN N 976 -50.36 -5.51 -116.96
CA ASN N 976 -49.79 -4.18 -116.96
C ASN N 976 -48.80 -3.97 -115.82
N CYS N 977 -48.69 -4.91 -114.90
CA CYS N 977 -47.94 -4.70 -113.67
C CYS N 977 -46.43 -4.67 -113.90
N SER N 978 -45.74 -4.00 -112.99
CA SER N 978 -44.28 -3.94 -112.97
C SER N 978 -43.79 -4.36 -111.59
N ILE N 979 -42.98 -5.42 -111.56
CA ILE N 979 -42.49 -6.01 -110.31
C ILE N 979 -41.04 -5.59 -110.10
N THR N 980 -40.72 -5.20 -108.86
CA THR N 980 -39.35 -4.92 -108.45
C THR N 980 -39.07 -5.66 -107.15
N TRP N 981 -38.22 -6.68 -107.22
CA TRP N 981 -37.76 -7.37 -106.04
C TRP N 981 -36.79 -6.48 -105.28
N VAL N 982 -37.09 -6.25 -104.00
CA VAL N 982 -36.21 -5.38 -103.20
C VAL N 982 -34.93 -6.14 -102.85
N PRO N 983 -33.79 -5.47 -102.77
CA PRO N 983 -32.57 -6.14 -102.30
C PRO N 983 -32.57 -6.23 -100.78
N LEU N 984 -31.66 -7.04 -100.27
CA LEU N 984 -31.53 -7.20 -98.83
C LEU N 984 -30.82 -6.00 -98.25
N SER N 985 -31.26 -5.60 -97.05
CA SER N 985 -30.78 -4.37 -96.40
C SER N 985 -29.36 -4.61 -95.88
N TYR N 986 -28.41 -4.62 -96.82
CA TYR N 986 -27.00 -4.83 -96.52
C TYR N 986 -26.33 -3.55 -96.05
N ASP N 987 -27.02 -2.42 -96.15
CA ASP N 987 -26.55 -1.12 -95.72
C ASP N 987 -26.97 -0.76 -94.30
N LEU N 988 -27.75 -1.64 -93.64
CA LEU N 988 -28.16 -1.51 -92.24
C LEU N 988 -28.98 -0.25 -91.98
N ARG N 989 -29.90 0.07 -92.91
CA ARG N 989 -30.77 1.23 -92.73
C ARG N 989 -31.81 1.00 -91.64
N TRP N 990 -32.19 -0.27 -91.44
CA TRP N 990 -33.24 -0.68 -90.53
C TRP N 990 -32.84 -0.58 -89.06
N THR N 991 -31.55 -0.39 -88.78
CA THR N 991 -31.00 -0.57 -87.46
C THR N 991 -31.46 0.51 -86.47
N LYS N 992 -31.95 1.64 -86.98
CA LYS N 992 -32.44 2.71 -86.10
C LYS N 992 -33.72 2.29 -85.38
N LEU N 993 -34.58 1.50 -86.02
CA LEU N 993 -35.80 1.07 -85.37
C LEU N 993 -35.54 -0.01 -84.34
N ALA N 994 -34.38 -0.66 -84.38
CA ALA N 994 -33.99 -1.60 -83.35
C ALA N 994 -33.24 -0.92 -82.21
N LEU N 995 -32.42 0.07 -82.54
CA LEU N 995 -31.67 0.76 -81.49
C LEU N 995 -32.54 1.70 -80.69
N LEU N 996 -33.46 2.42 -81.33
CA LEU N 996 -34.30 3.36 -80.60
C LEU N 996 -35.35 2.67 -79.75
N GLU N 997 -35.58 1.38 -79.95
CA GLU N 997 -36.40 0.59 -79.03
C GLU N 997 -35.57 -0.03 -77.91
N SER N 998 -34.28 0.30 -77.84
CA SER N 998 -33.35 -0.06 -76.74
C SER N 998 -33.24 -1.58 -76.57
N THR N 999 -32.68 -2.21 -77.60
CA THR N 999 -32.50 -3.66 -77.60
C THR N 999 -31.20 -4.01 -78.31
N THR N 1000 -30.34 -4.77 -77.65
CA THR N 1000 -29.09 -5.22 -78.26
C THR N 1000 -29.36 -6.33 -79.27
N LEU N 1001 -28.36 -6.62 -80.09
CA LEU N 1001 -28.59 -7.35 -81.33
C LEU N 1001 -27.92 -8.72 -81.43
N SER N 1002 -26.71 -8.89 -80.89
CA SER N 1002 -25.96 -10.16 -80.86
C SER N 1002 -25.69 -10.67 -82.28
N SER N 1003 -24.77 -9.98 -82.96
CA SER N 1003 -24.51 -10.00 -84.39
C SER N 1003 -24.49 -11.35 -85.12
N ALA N 1004 -24.27 -12.45 -84.40
CA ALA N 1004 -24.55 -13.76 -84.97
C ALA N 1004 -26.02 -13.88 -85.37
N SER N 1005 -26.91 -13.29 -84.56
CA SER N 1005 -28.32 -13.25 -84.90
C SER N 1005 -28.59 -12.44 -86.17
N VAL N 1006 -27.86 -11.35 -86.39
CA VAL N 1006 -28.13 -10.58 -87.61
C VAL N 1006 -27.49 -11.24 -88.82
N ARG N 1007 -26.42 -12.02 -88.64
CA ARG N 1007 -25.89 -12.82 -89.74
C ARG N 1007 -26.89 -13.89 -90.16
N ILE N 1008 -27.47 -14.59 -89.17
CA ILE N 1008 -28.53 -15.56 -89.43
C ILE N 1008 -29.76 -14.85 -90.01
N ALA N 1009 -30.00 -13.61 -89.61
CA ALA N 1009 -31.13 -12.84 -90.14
C ALA N 1009 -30.95 -12.49 -91.60
N GLU N 1010 -29.72 -12.17 -92.01
CA GLU N 1010 -29.46 -11.95 -93.43
C GLU N 1010 -29.61 -13.24 -94.22
N LEU N 1011 -29.03 -14.34 -93.71
CA LEU N 1011 -29.12 -15.63 -94.37
C LEU N 1011 -30.55 -16.17 -94.44
N MET N 1012 -31.41 -15.70 -93.54
CA MET N 1012 -32.82 -16.04 -93.55
C MET N 1012 -33.63 -15.11 -94.45
N TYR N 1013 -33.34 -13.80 -94.42
CA TYR N 1013 -34.08 -12.83 -95.25
C TYR N 1013 -33.84 -13.03 -96.73
N LYS N 1014 -32.72 -13.65 -97.11
CA LYS N 1014 -32.64 -14.05 -98.52
C LYS N 1014 -33.50 -15.27 -98.87
N TYR N 1015 -34.28 -15.82 -97.94
CA TYR N 1015 -35.15 -16.96 -98.22
C TYR N 1015 -36.63 -16.67 -98.09
N MET N 1016 -37.03 -15.53 -97.52
CA MET N 1016 -38.38 -15.00 -97.71
C MET N 1016 -38.33 -13.47 -97.90
N PRO N 1017 -38.05 -13.03 -99.12
CA PRO N 1017 -38.06 -11.59 -99.41
C PRO N 1017 -39.48 -11.15 -99.78
N ILE N 1018 -39.61 -9.87 -100.09
CA ILE N 1018 -40.83 -9.30 -100.64
C ILE N 1018 -40.48 -8.60 -101.95
N MET N 1019 -41.51 -8.03 -102.58
CA MET N 1019 -41.33 -7.28 -103.81
C MET N 1019 -42.28 -6.09 -103.79
N ARG N 1020 -42.08 -5.18 -104.73
CA ARG N 1020 -42.99 -4.05 -104.92
C ARG N 1020 -43.59 -4.16 -106.32
N ILE N 1021 -44.92 -4.20 -106.37
CA ILE N 1021 -45.64 -4.33 -107.63
C ILE N 1021 -46.60 -3.15 -107.77
N ASP N 1022 -46.38 -2.33 -108.78
CA ASP N 1022 -47.37 -1.36 -109.20
C ASP N 1022 -48.32 -2.05 -110.18
N ILE N 1023 -49.55 -1.55 -110.26
CA ILE N 1023 -50.48 -2.10 -111.24
C ILE N 1023 -50.12 -1.61 -112.63
N HIS N 1024 -49.34 -0.53 -112.75
CA HIS N 1024 -48.86 -0.03 -114.03
C HIS N 1024 -47.39 -0.37 -114.19
N GLY N 1025 -46.89 -0.10 -115.40
CA GLY N 1025 -45.50 -0.38 -115.73
C GLY N 1025 -45.33 -1.28 -116.93
CA ALA O 2 6.22 22.96 -70.95
C ALA O 2 6.31 22.52 -69.49
N ASN O 3 7.03 23.29 -68.69
CA ASN O 3 7.25 22.97 -67.27
C ASN O 3 6.91 24.17 -66.39
N VAL O 4 5.73 24.14 -65.77
CA VAL O 4 5.22 25.31 -65.06
C VAL O 4 6.02 25.56 -63.77
N TRP O 5 6.13 24.58 -62.93
CA TRP O 5 7.30 24.46 -62.07
C TRP O 5 7.85 23.05 -62.08
N GLY O 6 6.97 22.05 -62.05
CA GLY O 6 7.29 20.71 -62.48
C GLY O 6 6.62 20.52 -63.82
N VAL O 7 7.12 19.56 -64.61
CA VAL O 7 6.74 19.49 -66.01
C VAL O 7 5.33 18.91 -66.13
N ARG O 8 4.60 19.39 -67.12
CA ARG O 8 3.30 18.85 -67.47
C ARG O 8 3.30 18.54 -68.95
N LEU O 9 2.54 17.52 -69.34
CA LEU O 9 2.49 17.06 -70.72
C LEU O 9 1.14 17.49 -71.28
N ALA O 10 1.08 18.71 -71.81
CA ALA O 10 -0.21 19.11 -72.34
C ALA O 10 -0.40 18.61 -73.76
N ASP O 11 0.30 19.24 -74.73
CA ASP O 11 0.35 18.91 -76.16
C ASP O 11 -0.99 19.05 -76.90
N SER O 12 -2.06 19.29 -76.14
CA SER O 12 -3.47 19.39 -76.46
C SER O 12 -4.11 19.59 -75.10
N LEU O 13 -5.42 19.84 -75.09
CA LEU O 13 -6.10 19.99 -73.82
C LEU O 13 -7.55 19.53 -73.94
N SER O 14 -8.00 18.80 -72.94
CA SER O 14 -9.33 18.21 -72.93
C SER O 14 -10.07 18.66 -71.68
N SER O 15 -11.39 18.44 -71.72
CA SER O 15 -12.28 18.85 -70.64
C SER O 15 -13.58 18.07 -70.78
N PRO O 16 -14.28 17.81 -69.68
CA PRO O 16 -15.60 17.18 -69.78
C PRO O 16 -16.61 18.15 -70.36
N THR O 17 -17.22 17.78 -71.48
CA THR O 17 -18.14 18.69 -72.17
C THR O 17 -19.58 18.48 -71.72
N ILE O 18 -20.10 17.27 -71.89
CA ILE O 18 -21.46 16.96 -71.50
C ILE O 18 -21.52 16.84 -69.98
N GLU O 19 -22.67 17.23 -69.41
CA GLU O 19 -22.84 17.40 -67.98
C GLU O 19 -24.14 16.81 -67.51
N THR O 20 -24.08 16.03 -66.43
CA THR O 20 -25.29 15.61 -65.74
C THR O 20 -25.89 16.79 -65.01
N ARG O 21 -27.12 17.16 -65.34
CA ARG O 21 -27.89 17.95 -64.40
C ARG O 21 -28.31 17.05 -63.25
N THR O 22 -28.25 17.58 -62.04
CA THR O 22 -28.43 16.75 -60.86
C THR O 22 -29.90 16.75 -60.43
N ARG O 23 -30.29 15.66 -59.78
CA ARG O 23 -31.58 15.62 -59.11
C ARG O 23 -31.46 16.25 -57.72
N HIS O 24 -32.57 16.29 -57.03
CA HIS O 24 -32.59 16.85 -55.69
C HIS O 24 -33.06 15.80 -54.69
N TYR O 25 -33.26 16.24 -53.45
CA TYR O 25 -33.65 15.40 -52.33
C TYR O 25 -35.04 14.80 -52.51
N THR O 26 -35.20 13.56 -52.04
CA THR O 26 -36.50 13.02 -51.65
C THR O 26 -36.34 12.28 -50.33
N LEU O 27 -37.41 12.27 -49.53
CA LEU O 27 -37.35 11.63 -48.23
C LEU O 27 -37.36 10.12 -48.36
N HIS O 28 -37.92 9.61 -49.45
CA HIS O 28 -37.80 8.19 -49.77
C HIS O 28 -36.34 7.82 -49.99
N ASP O 29 -35.59 8.67 -50.68
CA ASP O 29 -34.16 8.43 -50.85
C ASP O 29 -33.42 8.61 -49.53
N PHE O 30 -33.89 9.51 -48.67
CA PHE O 30 -33.30 9.70 -47.34
C PHE O 30 -33.39 8.42 -46.52
N TYR O 31 -34.57 7.81 -46.49
CA TYR O 31 -34.72 6.54 -45.79
C TYR O 31 -33.91 5.45 -46.48
N SER O 32 -33.86 5.48 -47.82
CA SER O 32 -33.16 4.44 -48.58
C SER O 32 -31.67 4.44 -48.31
N ASP O 33 -31.05 5.61 -48.23
CA ASP O 33 -29.62 5.64 -47.96
C ASP O 33 -29.30 5.80 -46.48
N LEU O 34 -30.31 6.00 -45.63
CA LEU O 34 -30.08 5.86 -44.21
C LEU O 34 -30.12 4.40 -43.80
N ASP O 35 -30.94 3.60 -44.47
CA ASP O 35 -30.84 2.16 -44.36
C ASP O 35 -29.57 1.71 -45.05
N ALA O 36 -28.57 1.30 -44.26
CA ALA O 36 -27.26 0.94 -44.78
C ALA O 36 -27.34 -0.40 -45.49
N SER O 37 -27.77 -0.35 -46.74
CA SER O 37 -27.84 -1.56 -47.57
C SER O 37 -26.44 -2.00 -47.97
N VAL O 38 -26.37 -3.23 -48.49
CA VAL O 38 -25.11 -3.74 -49.00
C VAL O 38 -24.75 -3.02 -50.30
N GLY O 39 -25.75 -2.76 -51.15
CA GLY O 39 -25.47 -2.12 -52.41
C GLY O 39 -25.13 -0.64 -52.27
N LYS O 40 -25.76 0.04 -51.33
CA LYS O 40 -25.46 1.44 -51.09
C LYS O 40 -25.61 1.76 -49.62
N GLU O 41 -24.76 2.67 -49.15
CA GLU O 41 -24.65 3.01 -47.74
C GLU O 41 -23.89 4.33 -47.65
N PRO O 42 -24.10 5.13 -46.60
CA PRO O 42 -23.54 6.49 -46.61
C PRO O 42 -22.02 6.57 -46.41
N TRP O 43 -21.34 5.46 -46.18
CA TRP O 43 -19.89 5.47 -46.12
C TRP O 43 -19.31 4.62 -47.23
N ARG O 44 -17.99 4.74 -47.40
CA ARG O 44 -17.25 3.96 -48.36
C ARG O 44 -15.82 3.86 -47.85
N PRO O 45 -15.28 2.66 -47.71
CA PRO O 45 -13.96 2.52 -47.08
C PRO O 45 -12.83 2.80 -48.06
N LEU O 46 -11.72 3.25 -47.49
CA LEU O 46 -10.45 3.38 -48.20
C LEU O 46 -9.44 2.44 -47.55
N ARG O 47 -8.55 1.89 -48.36
CA ARG O 47 -7.61 0.90 -47.87
C ARG O 47 -6.19 1.29 -48.21
N ASN O 48 -5.25 0.57 -47.61
CA ASN O 48 -3.84 0.74 -47.90
C ASN O 48 -3.54 0.19 -49.29
N GLN O 49 -2.43 0.65 -49.86
CA GLN O 49 -1.98 0.09 -51.12
C GLN O 49 -0.99 -1.04 -50.93
N ARG O 50 -0.58 -1.33 -49.69
CA ARG O 50 0.37 -2.39 -49.41
C ARG O 50 -0.28 -3.59 -48.73
N THR O 51 -1.11 -3.36 -47.72
CA THR O 51 -1.80 -4.43 -47.02
C THR O 51 -3.25 -4.58 -47.42
N ASN O 52 -3.81 -3.58 -48.14
CA ASN O 52 -5.23 -3.49 -48.49
C ASN O 52 -6.12 -3.54 -47.25
N GLU O 53 -5.63 -2.97 -46.14
CA GLU O 53 -6.37 -2.89 -44.90
C GLU O 53 -7.02 -1.53 -44.78
N ILE O 54 -8.25 -1.51 -44.27
CA ILE O 54 -9.04 -0.29 -44.23
C ILE O 54 -8.47 0.63 -43.17
N VAL O 55 -7.88 1.74 -43.60
CA VAL O 55 -7.29 2.71 -42.68
C VAL O 55 -8.03 4.03 -42.67
N ALA O 56 -8.94 4.26 -43.60
CA ALA O 56 -9.72 5.49 -43.64
C ALA O 56 -11.04 5.20 -44.31
N VAL O 57 -12.03 6.02 -44.00
CA VAL O 57 -13.35 5.91 -44.61
C VAL O 57 -13.72 7.23 -45.27
N GLN O 58 -14.63 7.16 -46.23
CA GLN O 58 -15.17 8.34 -46.88
C GLN O 58 -16.68 8.32 -46.74
N LEU O 59 -17.24 9.41 -46.23
CA LEU O 59 -18.66 9.54 -46.04
C LEU O 59 -19.17 10.73 -46.84
N PHE O 60 -20.49 10.76 -47.03
CA PHE O 60 -21.10 11.75 -47.92
C PHE O 60 -22.50 12.07 -47.41
N ARG O 61 -23.35 12.57 -48.30
CA ARG O 61 -24.60 13.32 -48.17
C ARG O 61 -25.51 13.03 -46.96
N PRO O 62 -25.79 11.77 -46.55
CA PRO O 62 -26.66 11.61 -45.37
C PRO O 62 -26.04 12.03 -44.05
N LEU O 63 -24.72 12.23 -43.97
CA LEU O 63 -24.12 12.69 -42.73
C LEU O 63 -22.95 13.61 -43.04
N GLN O 64 -22.94 14.78 -42.42
CA GLN O 64 -21.80 15.68 -42.51
C GLN O 64 -21.53 16.37 -41.18
N GLY O 65 -22.37 16.18 -40.18
CA GLY O 65 -22.28 16.95 -38.96
C GLY O 65 -21.43 16.33 -37.88
N LEU O 66 -20.26 15.79 -38.24
CA LEU O 66 -19.37 15.19 -37.28
C LEU O 66 -18.36 16.18 -36.72
N VAL O 67 -18.73 17.45 -36.63
CA VAL O 67 -17.81 18.54 -36.30
C VAL O 67 -17.28 18.46 -34.87
N PHE O 68 -17.94 17.71 -33.99
CA PHE O 68 -17.48 17.61 -32.62
C PHE O 68 -16.32 16.61 -32.52
N ASP O 69 -15.88 16.38 -31.29
CA ASP O 69 -14.68 15.61 -31.05
C ASP O 69 -14.99 14.12 -30.99
N THR O 70 -14.09 13.33 -31.58
CA THR O 70 -14.26 11.88 -31.59
C THR O 70 -14.07 11.26 -30.22
N GLN O 71 -13.63 12.03 -29.23
CA GLN O 71 -13.62 11.46 -27.89
C GLN O 71 -15.08 11.49 -27.56
N LEU O 72 -15.70 12.66 -27.70
CA LEU O 72 -17.09 12.74 -27.32
C LEU O 72 -17.93 11.72 -28.06
N TYR O 73 -17.55 11.37 -29.29
CA TYR O 73 -18.31 10.36 -30.01
C TYR O 73 -18.04 8.95 -29.48
N GLY O 74 -16.80 8.49 -29.59
CA GLY O 74 -16.45 7.18 -29.07
C GLY O 74 -16.66 6.03 -30.03
N PHE O 75 -16.02 6.08 -31.17
CA PHE O 75 -16.13 5.00 -32.14
C PHE O 75 -15.07 3.94 -31.87
N PRO O 76 -15.32 2.67 -32.21
CA PRO O 76 -14.30 1.62 -32.04
C PRO O 76 -13.20 1.73 -33.09
N GLY O 77 -12.28 0.79 -33.03
CA GLY O 77 -11.09 0.83 -33.88
C GLY O 77 -11.14 -0.03 -35.12
N THR O 78 -11.99 -1.05 -35.13
CA THR O 78 -12.10 -1.89 -36.30
C THR O 78 -13.25 -1.43 -37.18
N PHE O 79 -13.08 -1.60 -38.49
CA PHE O 79 -14.05 -1.12 -39.46
C PHE O 79 -15.38 -1.87 -39.37
N SER O 80 -15.34 -3.16 -39.06
CA SER O 80 -16.57 -3.96 -39.00
C SER O 80 -17.42 -3.56 -37.79
N GLN O 81 -16.78 -3.43 -36.62
CA GLN O 81 -17.48 -2.98 -35.43
C GLN O 81 -17.95 -1.54 -35.58
N TRP O 82 -17.16 -0.70 -36.26
CA TRP O 82 -17.57 0.67 -36.52
C TRP O 82 -18.79 0.73 -37.41
N GLU O 83 -18.83 -0.09 -38.46
CA GLU O 83 -19.95 -0.01 -39.38
C GLU O 83 -21.22 -0.63 -38.80
N GLN O 84 -21.10 -1.67 -37.96
CA GLN O 84 -22.32 -2.15 -37.32
C GLN O 84 -22.78 -1.20 -36.23
N PHE O 85 -21.85 -0.48 -35.59
CA PHE O 85 -22.21 0.54 -34.61
C PHE O 85 -22.96 1.69 -35.28
N MET O 86 -22.46 2.14 -36.44
CA MET O 86 -23.15 3.16 -37.20
C MET O 86 -24.51 2.66 -37.69
N LYS O 87 -24.60 1.38 -38.05
CA LYS O 87 -25.85 0.80 -38.49
C LYS O 87 -26.91 0.82 -37.39
N GLU O 88 -26.53 0.43 -36.17
CA GLU O 88 -27.54 0.38 -35.11
C GLU O 88 -27.90 1.77 -34.60
N LYS O 89 -26.94 2.71 -34.60
CA LYS O 89 -27.30 4.07 -34.18
C LYS O 89 -28.19 4.76 -35.21
N LEU O 90 -27.92 4.55 -36.51
CA LEU O 90 -28.82 5.03 -37.53
C LEU O 90 -30.16 4.33 -37.48
N ARG O 91 -30.20 3.08 -36.99
CA ARG O 91 -31.47 2.38 -36.83
C ARG O 91 -32.31 3.00 -35.72
N VAL O 92 -31.68 3.38 -34.62
CA VAL O 92 -32.40 4.03 -33.52
C VAL O 92 -32.92 5.41 -33.94
N LEU O 93 -32.07 6.21 -34.57
CA LEU O 93 -32.52 7.52 -35.04
C LEU O 93 -33.52 7.41 -36.17
N LYS O 94 -33.41 6.35 -36.97
CA LYS O 94 -34.37 6.00 -38.00
C LYS O 94 -35.75 5.77 -37.42
N TYR O 95 -35.82 4.97 -36.35
CA TYR O 95 -37.09 4.73 -35.68
C TYR O 95 -37.65 6.01 -35.05
N GLU O 96 -36.78 6.86 -34.51
CA GLU O 96 -37.23 8.10 -33.91
C GLU O 96 -37.82 9.06 -34.94
N VAL O 97 -37.12 9.25 -36.06
CA VAL O 97 -37.59 10.20 -37.06
C VAL O 97 -38.79 9.64 -37.82
N LEU O 98 -38.92 8.31 -37.90
CA LEU O 98 -40.13 7.76 -38.51
C LEU O 98 -41.29 7.74 -37.54
N ARG O 99 -41.03 7.79 -36.23
CA ARG O 99 -42.11 8.10 -35.30
C ARG O 99 -42.61 9.50 -35.54
N ILE O 100 -41.70 10.48 -35.58
CA ILE O 100 -42.15 11.87 -35.60
C ILE O 100 -42.64 12.30 -36.98
N TYR O 101 -42.28 11.59 -38.05
CA TYR O 101 -42.82 11.91 -39.36
C TYR O 101 -43.34 10.65 -40.05
N PRO O 102 -44.59 10.65 -40.50
CA PRO O 102 -45.07 9.52 -41.30
C PRO O 102 -44.59 9.59 -42.74
N ILE O 103 -44.40 8.41 -43.33
CA ILE O 103 -43.92 8.36 -44.71
C ILE O 103 -45.05 8.69 -45.70
N SER O 104 -46.30 8.42 -45.32
CA SER O 104 -47.41 8.54 -46.26
C SER O 104 -47.70 9.99 -46.61
N THR O 105 -47.77 10.86 -45.61
CA THR O 105 -47.93 12.28 -45.89
C THR O 105 -46.65 12.89 -46.43
N TYR O 106 -45.51 12.55 -45.83
CA TYR O 106 -44.22 13.06 -46.27
C TYR O 106 -43.52 12.09 -47.23
N ASN O 107 -44.23 11.68 -48.27
CA ASN O 107 -43.64 10.80 -49.27
C ASN O 107 -42.61 11.52 -50.13
N HIS O 108 -42.88 12.77 -50.50
CA HIS O 108 -42.03 13.43 -51.49
C HIS O 108 -41.75 14.89 -51.12
N ASP O 109 -41.64 15.19 -49.83
CA ASP O 109 -41.35 16.55 -49.40
C ASP O 109 -39.86 16.73 -49.16
N ARG O 110 -39.44 18.00 -49.13
CA ARG O 110 -38.02 18.33 -49.13
C ARG O 110 -37.48 18.33 -47.71
N VAL O 111 -36.24 18.79 -47.57
CA VAL O 111 -35.56 18.84 -46.28
C VAL O 111 -34.51 19.93 -46.37
N ASN O 112 -34.01 20.35 -45.20
CA ASN O 112 -32.73 21.02 -45.12
C ASN O 112 -31.66 19.95 -44.92
N VAL O 113 -30.71 19.89 -45.85
CA VAL O 113 -29.55 19.00 -45.73
C VAL O 113 -28.72 19.38 -44.50
N PHE O 114 -28.70 20.67 -44.18
CA PHE O 114 -28.02 21.16 -42.98
C PHE O 114 -28.68 20.60 -41.72
N VAL O 115 -30.01 20.62 -41.67
CA VAL O 115 -30.74 20.08 -40.53
C VAL O 115 -30.56 18.57 -40.45
N ALA O 116 -30.47 17.88 -41.58
CA ALA O 116 -30.26 16.44 -41.57
C ALA O 116 -28.88 16.08 -41.02
N ASN O 117 -27.85 16.78 -41.49
CA ASN O 117 -26.49 16.48 -41.06
C ASN O 117 -26.27 16.89 -39.61
N ALA O 118 -26.81 18.03 -39.19
CA ALA O 118 -26.70 18.44 -37.81
C ALA O 118 -27.57 17.57 -36.90
N LEU O 119 -28.63 16.98 -37.44
CA LEU O 119 -29.47 16.07 -36.67
C LEU O 119 -28.74 14.77 -36.38
N VAL O 120 -28.12 14.18 -37.40
CA VAL O 120 -27.38 12.95 -37.14
C VAL O 120 -26.12 13.22 -36.33
N GLY O 121 -25.56 14.42 -36.43
CA GLY O 121 -24.41 14.76 -35.61
C GLY O 121 -24.77 14.98 -34.16
N ALA O 122 -25.90 15.65 -33.91
CA ALA O 122 -26.35 15.84 -32.53
C ALA O 122 -26.84 14.54 -31.93
N PHE O 123 -27.32 13.61 -32.75
CA PHE O 123 -27.70 12.32 -32.21
C PHE O 123 -26.48 11.47 -31.88
N LEU O 124 -25.44 11.54 -32.71
CA LEU O 124 -24.23 10.80 -32.38
C LEU O 124 -23.47 11.42 -31.23
N SER O 125 -23.54 12.74 -31.07
CA SER O 125 -22.86 13.43 -29.99
C SER O 125 -23.73 13.61 -28.76
N ASN O 126 -25.01 13.22 -28.84
CA ASN O 126 -25.96 13.21 -27.72
C ASN O 126 -26.16 14.62 -27.16
N GLN O 127 -26.50 15.56 -28.04
CA GLN O 127 -26.52 16.97 -27.70
C GLN O 127 -27.90 17.59 -27.94
N ALA O 128 -28.95 16.89 -27.51
CA ALA O 128 -30.33 17.39 -27.43
C ALA O 128 -30.86 17.88 -28.78
N PHE O 129 -31.00 16.92 -29.69
CA PHE O 129 -31.38 17.16 -31.07
C PHE O 129 -32.86 17.51 -31.25
N TYR O 130 -33.67 17.42 -30.19
CA TYR O 130 -35.11 17.45 -30.38
C TYR O 130 -35.63 18.84 -30.74
N ASP O 131 -34.96 19.89 -30.29
CA ASP O 131 -35.32 21.22 -30.76
C ASP O 131 -35.00 21.40 -32.23
N LEU O 132 -33.93 20.76 -32.70
CA LEU O 132 -33.57 20.78 -34.11
C LEU O 132 -34.50 19.90 -34.94
N LEU O 133 -35.19 18.96 -34.29
CA LEU O 133 -36.02 17.99 -35.02
C LEU O 133 -37.18 18.57 -35.84
N PRO O 134 -38.08 19.43 -35.33
CA PRO O 134 -39.23 19.83 -36.16
C PRO O 134 -38.90 20.80 -37.29
N LEU O 135 -37.65 21.25 -37.40
CA LEU O 135 -37.22 22.09 -38.51
C LEU O 135 -36.75 21.26 -39.70
N LEU O 136 -37.17 20.00 -39.78
CA LEU O 136 -36.63 19.08 -40.77
C LEU O 136 -37.22 19.39 -42.15
N ILE O 137 -38.54 19.27 -42.28
CA ILE O 137 -39.20 19.55 -43.55
C ILE O 137 -39.15 21.05 -43.82
N VAL O 138 -38.64 21.41 -44.98
CA VAL O 138 -38.35 22.81 -45.27
C VAL O 138 -39.63 23.47 -45.75
N ASN O 139 -39.67 24.80 -45.67
CA ASN O 139 -40.75 25.64 -46.17
C ASN O 139 -40.51 25.97 -47.65
N ASP O 140 -41.21 27.01 -48.11
CA ASP O 140 -41.19 27.52 -49.49
C ASP O 140 -39.78 27.72 -50.04
N THR O 141 -38.88 28.30 -49.25
CA THR O 141 -37.51 28.55 -49.70
C THR O 141 -36.55 27.65 -48.95
N MET O 142 -35.26 27.82 -49.24
CA MET O 142 -34.25 26.94 -48.65
C MET O 142 -33.62 27.54 -47.40
N ILE O 143 -33.42 28.86 -47.38
CA ILE O 143 -32.56 29.48 -46.38
C ILE O 143 -33.33 30.34 -45.38
N SER O 144 -34.57 30.72 -45.68
CA SER O 144 -35.34 31.58 -44.77
C SER O 144 -35.69 30.86 -43.48
N ASP O 145 -35.82 29.54 -43.52
CA ASP O 145 -35.97 28.75 -42.31
C ASP O 145 -34.71 28.83 -41.45
N LEU O 146 -33.56 29.07 -42.06
CA LEU O 146 -32.35 29.20 -41.28
C LEU O 146 -32.22 30.60 -40.71
N LEU O 147 -32.66 31.59 -41.49
CA LEU O 147 -32.59 32.97 -41.02
C LEU O 147 -33.57 33.20 -39.87
N GLY O 148 -34.85 32.88 -40.08
CA GLY O 148 -35.76 32.91 -38.96
C GLY O 148 -35.62 31.59 -38.23
N THR O 149 -34.80 31.58 -37.18
CA THR O 149 -34.40 30.33 -36.56
C THR O 149 -35.50 29.80 -35.64
N GLY O 150 -35.60 28.48 -35.60
CA GLY O 150 -36.46 27.82 -34.64
C GLY O 150 -35.87 27.96 -33.25
N ALA O 151 -34.70 27.37 -33.07
CA ALA O 151 -33.85 27.63 -31.92
C ALA O 151 -32.47 27.94 -32.45
N ALA O 152 -31.89 29.05 -31.98
CA ALA O 152 -30.55 29.41 -32.38
C ALA O 152 -29.57 28.37 -31.83
N LEU O 153 -28.85 27.69 -32.72
CA LEU O 153 -27.95 26.61 -32.33
C LEU O 153 -26.57 26.95 -32.89
N SER O 154 -25.83 27.79 -32.16
CA SER O 154 -24.55 28.30 -32.63
C SER O 154 -23.45 27.26 -32.59
N GLN O 155 -23.67 26.13 -31.94
CA GLN O 155 -22.76 25.00 -32.03
C GLN O 155 -22.77 24.35 -33.39
N PHE O 156 -23.79 24.59 -34.19
CA PHE O 156 -23.94 24.05 -35.53
C PHE O 156 -23.98 25.12 -36.61
N PHE O 157 -24.71 26.21 -36.40
CA PHE O 157 -24.86 27.25 -37.40
C PHE O 157 -25.39 28.52 -36.74
N GLN O 158 -24.84 29.66 -37.14
CA GLN O 158 -25.29 30.94 -36.64
C GLN O 158 -25.64 31.86 -37.80
N SER O 159 -26.58 32.76 -37.55
CA SER O 159 -27.02 33.70 -38.58
C SER O 159 -26.29 35.02 -38.44
N HIS O 160 -26.21 35.76 -39.56
CA HIS O 160 -25.52 37.03 -39.57
C HIS O 160 -26.25 38.08 -40.39
N GLY O 161 -27.57 38.02 -40.45
CA GLY O 161 -28.30 39.01 -41.21
C GLY O 161 -28.15 38.83 -42.70
N GLU O 162 -28.84 37.81 -43.25
CA GLU O 162 -28.93 37.36 -44.65
C GLU O 162 -27.71 36.55 -45.06
N VAL O 163 -26.81 36.23 -44.14
CA VAL O 163 -25.65 35.38 -44.40
C VAL O 163 -25.61 34.30 -43.33
N LEU O 164 -25.66 33.04 -43.75
CA LEU O 164 -25.62 31.91 -42.83
C LEU O 164 -24.21 31.36 -42.73
N GLU O 165 -23.71 31.25 -41.50
CA GLU O 165 -22.46 30.59 -41.22
C GLU O 165 -22.71 29.17 -40.74
N VAL O 166 -22.08 28.20 -41.40
CA VAL O 166 -22.11 26.81 -40.97
C VAL O 166 -20.67 26.31 -40.84
N ALA O 167 -20.51 25.24 -40.08
CA ALA O 167 -19.21 24.61 -39.86
C ALA O 167 -19.24 23.22 -40.49
N ALA O 168 -18.93 23.16 -41.78
CA ALA O 168 -18.81 21.87 -42.46
C ALA O 168 -17.53 21.18 -42.00
N GLY O 169 -17.66 19.94 -41.53
CA GLY O 169 -16.51 19.22 -41.03
C GLY O 169 -16.59 17.74 -41.35
N ARG O 170 -15.42 17.11 -41.31
CA ARG O 170 -15.23 15.65 -41.34
C ARG O 170 -15.82 15.03 -42.61
N LYS O 171 -15.20 15.40 -43.74
CA LYS O 171 -15.47 14.66 -44.97
C LYS O 171 -14.91 13.24 -44.87
N TYR O 172 -13.74 13.10 -44.28
CA TYR O 172 -13.12 11.81 -44.05
C TYR O 172 -13.03 11.56 -42.55
N LEU O 173 -12.72 10.32 -42.19
CA LEU O 173 -12.55 9.95 -40.79
C LEU O 173 -11.39 8.97 -40.69
N GLN O 174 -10.43 9.28 -39.84
CA GLN O 174 -9.25 8.45 -39.66
C GLN O 174 -9.56 7.25 -38.77
N MET O 175 -9.12 6.08 -39.18
CA MET O 175 -9.14 4.91 -38.33
C MET O 175 -7.79 4.79 -37.64
N ASN O 176 -7.78 4.13 -36.47
CA ASN O 176 -6.59 4.14 -35.61
C ASN O 176 -5.40 3.38 -36.20
N ASN O 177 -5.61 2.51 -37.18
CA ASN O 177 -4.49 1.83 -37.82
C ASN O 177 -3.77 2.70 -38.84
N TYR O 178 -4.29 3.89 -39.14
CA TYR O 178 -3.58 4.85 -39.97
C TYR O 178 -2.38 5.40 -39.20
N SER O 179 -1.20 5.36 -39.82
CA SER O 179 0.02 5.69 -39.09
C SER O 179 0.96 6.55 -39.93
N ASN O 180 0.39 7.40 -40.80
CA ASN O 180 1.13 8.36 -41.63
C ASN O 180 2.14 7.70 -42.55
N ASP O 181 1.85 6.48 -43.00
CA ASP O 181 2.69 5.86 -44.01
C ASP O 181 2.50 6.56 -45.34
N ASP O 182 3.56 6.63 -46.13
CA ASP O 182 3.44 7.30 -47.42
C ASP O 182 2.65 6.48 -48.41
N ASP O 183 2.60 5.17 -48.21
CA ASP O 183 1.76 4.31 -49.04
C ASP O 183 0.29 4.37 -48.62
N ASP O 184 0.01 4.83 -47.40
CA ASP O 184 -1.35 5.10 -46.99
C ASP O 184 -1.92 6.29 -47.77
N PRO O 185 -3.24 6.34 -47.95
CA PRO O 185 -3.82 7.45 -48.71
C PRO O 185 -3.79 8.73 -47.91
N PRO O 186 -3.66 9.89 -48.57
CA PRO O 186 -3.67 11.17 -47.87
C PRO O 186 -5.05 11.51 -47.35
N LEU O 187 -5.09 12.49 -46.46
CA LEU O 187 -6.35 12.91 -45.85
C LEU O 187 -6.70 14.37 -46.07
N PHE O 188 -5.71 15.21 -46.41
CA PHE O 188 -5.91 16.63 -46.77
C PHE O 188 -6.55 17.44 -45.64
N ALA O 189 -6.22 17.07 -44.39
CA ALA O 189 -6.70 17.71 -43.16
C ALA O 189 -8.22 17.75 -43.07
N LYS O 190 -8.88 16.73 -43.62
CA LYS O 190 -10.33 16.67 -43.64
C LYS O 190 -10.89 15.83 -42.50
N ASP O 191 -10.05 15.45 -41.54
CA ASP O 191 -10.48 14.67 -40.40
C ASP O 191 -10.33 15.40 -39.07
N LEU O 192 -10.07 16.71 -39.10
CA LEU O 192 -9.91 17.47 -37.88
C LEU O 192 -11.29 17.96 -37.41
N SER O 193 -11.31 18.78 -36.36
CA SER O 193 -12.57 19.24 -35.80
C SER O 193 -13.30 20.19 -36.75
N ASP O 194 -12.63 21.27 -37.15
CA ASP O 194 -13.20 22.26 -38.06
C ASP O 194 -12.10 22.77 -38.98
N TYR O 195 -11.99 22.15 -40.16
CA TYR O 195 -10.95 22.55 -41.10
C TYR O 195 -11.27 23.89 -41.76
N ALA O 196 -12.55 24.22 -41.90
CA ALA O 196 -12.94 25.46 -42.55
C ALA O 196 -14.33 25.85 -42.08
N LYS O 197 -14.80 26.99 -42.58
CA LYS O 197 -16.15 27.49 -42.32
C LYS O 197 -16.77 27.93 -43.64
N ALA O 198 -18.04 27.61 -43.83
CA ALA O 198 -18.76 27.91 -45.07
C ALA O 198 -19.81 28.98 -44.82
N PHE O 199 -19.97 29.88 -45.77
CA PHE O 199 -20.88 31.02 -45.65
C PHE O 199 -21.95 30.91 -46.74
N TYR O 200 -23.01 30.17 -46.46
CA TYR O 200 -24.11 30.06 -47.41
C TYR O 200 -25.01 31.27 -47.32
N SER O 201 -25.32 31.86 -48.47
CA SER O 201 -26.27 32.96 -48.56
C SER O 201 -26.80 33.01 -49.98
N ASP O 202 -27.51 34.09 -50.31
CA ASP O 202 -28.18 34.17 -51.60
C ASP O 202 -27.24 34.64 -52.70
N THR O 203 -26.73 35.87 -52.57
CA THR O 203 -26.02 36.51 -53.68
C THR O 203 -24.62 36.92 -53.27
N TYR O 204 -23.74 36.90 -54.29
CA TYR O 204 -22.34 37.23 -54.10
C TYR O 204 -22.13 38.69 -53.77
N GLU O 205 -23.04 39.57 -54.18
CA GLU O 205 -22.96 40.97 -53.81
C GLU O 205 -23.17 41.16 -52.31
N VAL O 206 -24.18 40.48 -51.76
CA VAL O 206 -24.43 40.55 -50.32
C VAL O 206 -23.29 39.88 -49.55
N LEU O 207 -22.74 38.80 -50.10
CA LEU O 207 -21.62 38.13 -49.46
C LEU O 207 -20.35 38.99 -49.48
N ASP O 208 -20.12 39.76 -50.54
CA ASP O 208 -18.96 40.64 -50.56
C ASP O 208 -19.17 41.89 -49.71
N ARG O 209 -20.41 42.35 -49.57
CA ARG O 209 -20.71 43.40 -48.61
C ARG O 209 -20.48 42.90 -47.18
N PHE O 210 -20.69 41.60 -46.95
CA PHE O 210 -20.32 41.01 -45.66
C PHE O 210 -18.81 40.92 -45.52
N PHE O 211 -18.11 40.56 -46.60
CA PHE O 211 -16.66 40.45 -46.56
C PHE O 211 -15.94 41.78 -46.48
N TRP O 212 -16.65 42.90 -46.71
CA TRP O 212 -16.11 44.21 -46.36
C TRP O 212 -15.72 44.28 -44.88
N THR O 213 -16.55 43.71 -44.01
CA THR O 213 -16.30 43.74 -42.57
C THR O 213 -15.67 42.46 -42.05
N HIS O 214 -15.89 41.33 -42.73
CA HIS O 214 -15.34 40.06 -42.26
C HIS O 214 -13.84 39.99 -42.53
N ASP O 215 -13.14 39.21 -41.71
CA ASP O 215 -11.73 38.97 -41.94
C ASP O 215 -11.55 38.09 -43.18
N SER O 216 -10.43 38.32 -43.88
CA SER O 216 -10.03 37.53 -45.03
C SER O 216 -8.54 37.25 -44.99
N SER O 217 -8.03 36.89 -43.81
CA SER O 217 -6.59 36.72 -43.66
C SER O 217 -6.13 35.40 -44.27
N ALA O 218 -6.87 34.32 -44.04
CA ALA O 218 -6.45 33.01 -44.51
C ALA O 218 -6.88 32.73 -45.95
N GLY O 219 -7.42 33.70 -46.65
CA GLY O 219 -7.91 33.47 -48.01
C GLY O 219 -9.31 32.89 -48.01
N VAL O 220 -9.99 33.07 -49.13
CA VAL O 220 -11.39 32.62 -49.28
C VAL O 220 -11.52 31.87 -50.60
N LEU O 221 -12.24 30.76 -50.57
CA LEU O 221 -12.37 29.91 -51.75
C LEU O 221 -13.85 29.74 -52.11
N VAL O 222 -14.11 29.67 -53.42
CA VAL O 222 -15.48 29.63 -53.91
C VAL O 222 -15.58 28.33 -54.70
N HIS O 223 -16.72 28.05 -55.31
CA HIS O 223 -16.75 26.91 -56.22
C HIS O 223 -17.24 27.26 -57.63
N TYR O 224 -18.17 28.23 -57.74
CA TYR O 224 -18.57 28.91 -58.98
C TYR O 224 -19.28 28.04 -60.03
N ASP O 225 -19.41 26.73 -59.82
CA ASP O 225 -19.98 25.87 -60.85
C ASP O 225 -21.36 25.38 -60.49
N LYS O 226 -21.46 24.64 -59.40
CA LYS O 226 -22.67 23.97 -59.00
C LYS O 226 -22.49 23.64 -57.53
N PRO O 227 -22.79 24.59 -56.64
CA PRO O 227 -22.47 24.40 -55.23
C PRO O 227 -23.37 23.37 -54.58
N THR O 228 -22.93 22.92 -53.40
CA THR O 228 -23.58 21.80 -52.73
C THR O 228 -24.96 22.17 -52.23
N ASN O 229 -25.08 23.30 -51.53
CA ASN O 229 -26.35 23.70 -50.96
C ASN O 229 -26.57 25.19 -51.14
N GLY O 230 -26.31 25.69 -52.33
CA GLY O 230 -26.44 27.10 -52.62
C GLY O 230 -25.09 27.81 -52.61
N ASN O 231 -25.10 29.03 -53.15
CA ASN O 231 -23.89 29.80 -53.37
C ASN O 231 -23.23 30.17 -52.04
N HIS O 232 -21.92 29.95 -51.95
CA HIS O 232 -21.23 30.07 -50.67
C HIS O 232 -19.76 30.32 -50.91
N TYR O 233 -19.02 30.36 -49.81
CA TYR O 233 -17.58 30.54 -49.79
C TYR O 233 -16.97 29.55 -48.81
N ILE O 234 -15.65 29.48 -48.82
CA ILE O 234 -14.91 28.60 -47.92
C ILE O 234 -13.89 29.46 -47.19
N LEU O 235 -13.90 29.40 -45.85
CA LEU O 235 -12.95 30.12 -45.00
C LEU O 235 -12.14 29.09 -44.24
N GLY O 236 -10.98 28.72 -44.76
CA GLY O 236 -10.12 27.80 -44.06
C GLY O 236 -9.48 28.43 -42.84
N THR O 237 -9.13 27.59 -41.88
CA THR O 237 -8.51 28.03 -40.65
C THR O 237 -7.04 27.63 -40.64
N LEU O 238 -6.37 27.89 -39.52
CA LEU O 238 -4.93 27.72 -39.39
C LEU O 238 -4.51 26.30 -39.06
N THR O 239 -5.42 25.34 -39.11
CA THR O 239 -5.03 23.95 -38.99
C THR O 239 -4.27 23.50 -40.22
N GLN O 240 -3.26 22.69 -40.01
CA GLN O 240 -2.32 22.34 -41.07
C GLN O 240 -2.38 20.84 -41.34
N MET O 241 -1.83 20.44 -42.48
CA MET O 241 -1.75 19.03 -42.85
C MET O 241 -0.35 18.52 -42.52
N VAL O 242 -0.30 17.37 -41.85
CA VAL O 242 0.96 16.82 -41.36
C VAL O 242 1.41 15.61 -42.18
N SER O 243 0.49 14.92 -42.87
CA SER O 243 0.75 13.59 -43.41
C SER O 243 1.77 13.57 -44.53
N ALA O 244 2.07 14.71 -45.15
CA ALA O 244 3.23 14.81 -46.03
C ALA O 244 4.46 15.04 -45.17
N PRO O 245 5.47 14.18 -45.23
CA PRO O 245 6.61 14.29 -44.29
C PRO O 245 7.50 15.49 -44.56
N PRO O 246 7.92 15.84 -45.83
CA PRO O 246 8.76 17.03 -45.95
C PRO O 246 7.98 18.33 -45.78
N HIS O 247 6.82 18.41 -46.40
CA HIS O 247 6.08 19.66 -46.52
C HIS O 247 4.98 19.73 -45.48
N ILE O 248 4.78 20.93 -44.94
CA ILE O 248 3.70 21.20 -44.00
C ILE O 248 2.85 22.30 -44.62
N ILE O 249 1.64 21.95 -45.06
CA ILE O 249 0.74 22.90 -45.70
C ILE O 249 -0.46 23.11 -44.78
N ASN O 250 -1.09 24.26 -44.92
CA ASN O 250 -2.24 24.61 -44.10
C ASN O 250 -3.52 24.06 -44.73
N ALA O 251 -4.66 24.52 -44.23
CA ALA O 251 -5.94 23.94 -44.64
C ALA O 251 -6.34 24.37 -46.05
N THR O 252 -6.17 25.66 -46.37
CA THR O 252 -6.62 26.18 -47.65
C THR O 252 -5.83 25.60 -48.81
N ASP O 253 -4.51 25.45 -48.63
CA ASP O 253 -3.68 24.79 -49.63
C ASP O 253 -4.07 23.33 -49.79
N ALA O 254 -4.48 22.68 -48.70
CA ALA O 254 -4.90 21.28 -48.77
C ALA O 254 -6.18 21.12 -49.58
N LEU O 255 -7.17 21.99 -49.32
CA LEU O 255 -8.41 21.95 -50.09
C LEU O 255 -8.19 22.29 -51.55
N LEU O 256 -7.35 23.29 -51.82
CA LEU O 256 -7.11 23.67 -53.21
C LEU O 256 -6.31 22.61 -53.94
N LEU O 257 -5.41 21.91 -53.23
CA LEU O 257 -4.63 20.85 -53.85
C LEU O 257 -5.51 19.65 -54.17
N GLU O 258 -6.43 19.30 -53.25
CA GLU O 258 -7.40 18.23 -53.49
C GLU O 258 -8.28 18.55 -54.69
N SER O 259 -8.76 19.79 -54.76
CA SER O 259 -9.65 20.16 -55.86
C SER O 259 -8.93 20.19 -57.19
N CYS O 260 -7.68 20.66 -57.19
CA CYS O 260 -6.93 20.71 -58.44
C CYS O 260 -6.51 19.32 -58.91
N LEU O 261 -6.21 18.42 -57.99
CA LEU O 261 -5.93 17.04 -58.39
C LEU O 261 -7.19 16.34 -58.88
N GLU O 262 -8.35 16.70 -58.32
CA GLU O 262 -9.60 16.17 -58.84
C GLU O 262 -9.86 16.66 -60.26
N GLN O 263 -9.53 17.92 -60.53
CA GLN O 263 -9.69 18.43 -61.90
C GLN O 263 -8.70 17.78 -62.85
N PHE O 264 -7.48 17.52 -62.40
CA PHE O 264 -6.51 16.78 -63.18
C PHE O 264 -6.98 15.36 -63.49
N ALA O 265 -7.68 14.74 -62.54
CA ALA O 265 -8.28 13.43 -62.82
C ALA O 265 -9.41 13.54 -63.83
N ALA O 266 -10.22 14.59 -63.72
CA ALA O 266 -11.36 14.74 -64.62
C ALA O 266 -10.92 15.09 -66.04
N ASN O 267 -9.78 15.75 -66.18
CA ASN O 267 -9.31 16.14 -67.51
C ASN O 267 -8.79 14.96 -68.32
N VAL O 268 -8.38 13.88 -67.66
CA VAL O 268 -7.93 12.69 -68.37
C VAL O 268 -9.10 11.78 -68.72
N ARG O 269 -10.04 11.62 -67.79
CA ARG O 269 -11.16 10.72 -67.99
C ARG O 269 -12.24 11.28 -68.91
N ALA O 270 -12.09 12.52 -69.37
CA ALA O 270 -13.06 13.11 -70.29
C ALA O 270 -12.94 12.44 -71.65
N ARG O 271 -13.98 11.73 -72.06
CA ARG O 271 -13.97 10.97 -73.31
C ARG O 271 -15.11 11.37 -74.23
N SER O 272 -15.67 12.56 -74.03
CA SER O 272 -16.75 13.17 -74.81
C SER O 272 -18.03 12.34 -74.84
N ALA O 273 -18.20 11.41 -73.91
CA ALA O 273 -19.44 10.64 -73.82
C ALA O 273 -19.97 10.48 -72.41
N GLN O 274 -19.13 10.61 -71.37
CA GLN O 274 -19.57 10.42 -70.00
C GLN O 274 -19.82 11.78 -69.37
N PRO O 275 -21.06 12.13 -69.06
CA PRO O 275 -21.29 13.38 -68.34
C PRO O 275 -21.00 13.21 -66.86
N VAL O 276 -20.36 14.22 -66.29
CA VAL O 276 -19.88 14.18 -64.91
C VAL O 276 -20.80 15.02 -64.04
N THR O 277 -20.57 14.96 -62.73
CA THR O 277 -21.46 15.63 -61.79
C THR O 277 -21.13 17.11 -61.62
N ARG O 278 -19.92 17.55 -61.98
CA ARG O 278 -19.54 18.95 -61.93
C ARG O 278 -18.67 19.23 -63.15
N LEU O 279 -18.92 20.37 -63.81
CA LEU O 279 -18.18 20.71 -65.02
C LEU O 279 -16.72 21.02 -64.72
N ASP O 280 -16.45 21.76 -63.66
CA ASP O 280 -15.09 21.92 -63.19
C ASP O 280 -15.05 21.80 -61.68
N GLN O 281 -13.84 21.80 -61.14
CA GLN O 281 -13.63 21.50 -59.74
C GLN O 281 -12.92 22.58 -58.97
N CYS O 282 -12.11 23.43 -59.62
CA CYS O 282 -11.19 24.28 -58.90
C CYS O 282 -11.92 25.42 -58.19
N TYR O 283 -11.20 26.07 -57.28
CA TYR O 283 -11.84 26.94 -56.30
C TYR O 283 -11.72 28.42 -56.58
N HIS O 284 -10.59 28.86 -57.16
CA HIS O 284 -10.33 30.25 -57.53
C HIS O 284 -10.44 31.23 -56.35
N LEU O 285 -9.40 31.24 -55.51
CA LEU O 285 -9.16 32.24 -54.46
C LEU O 285 -9.57 33.65 -54.87
N ARG O 286 -10.38 34.28 -54.03
CA ARG O 286 -11.12 35.47 -54.41
C ARG O 286 -10.58 36.75 -53.79
N TRP O 287 -10.46 36.81 -52.46
CA TRP O 287 -10.08 38.04 -51.79
C TRP O 287 -8.69 38.00 -51.17
N GLY O 288 -8.04 36.84 -51.14
CA GLY O 288 -6.72 36.77 -50.53
C GLY O 288 -5.58 37.26 -51.40
N ALA O 289 -5.86 37.61 -52.66
CA ALA O 289 -4.78 38.01 -53.57
C ALA O 289 -4.24 39.39 -53.23
N GLN O 290 -5.07 40.25 -52.64
CA GLN O 290 -4.59 41.52 -52.13
C GLN O 290 -3.97 41.39 -50.74
N TYR O 291 -4.04 40.21 -50.13
CA TYR O 291 -3.38 39.95 -48.86
C TYR O 291 -2.02 39.26 -49.03
N VAL O 292 -2.02 38.05 -49.57
CA VAL O 292 -0.77 37.33 -49.83
C VAL O 292 -0.23 37.80 -51.17
N GLY O 293 1.02 37.45 -51.46
CA GLY O 293 1.67 37.98 -52.64
C GLY O 293 2.31 36.95 -53.53
N GLU O 294 3.24 37.41 -54.37
CA GLU O 294 3.92 36.58 -55.35
C GLU O 294 4.84 35.59 -54.64
N ASP O 295 5.06 34.44 -55.30
CA ASP O 295 5.96 33.36 -54.86
C ASP O 295 5.50 32.80 -53.51
N SER O 296 4.20 32.66 -53.36
CA SER O 296 3.63 31.94 -52.23
C SER O 296 2.94 30.70 -52.74
N LEU O 297 2.77 29.73 -51.82
CA LEU O 297 2.28 28.41 -52.20
C LEU O 297 0.83 28.47 -52.64
N THR O 298 0.02 29.28 -51.95
CA THR O 298 -1.38 29.44 -52.32
C THR O 298 -1.51 30.09 -53.70
N TYR O 299 -0.64 31.04 -54.00
CA TYR O 299 -0.61 31.68 -55.32
C TYR O 299 -0.22 30.70 -56.40
N ARG O 300 0.76 29.85 -56.12
CA ARG O 300 1.23 28.88 -57.10
C ARG O 300 0.17 27.80 -57.36
N LEU O 301 -0.51 27.35 -56.31
CA LEU O 301 -1.61 26.42 -56.50
C LEU O 301 -2.81 27.09 -57.18
N GLY O 302 -2.96 28.40 -57.00
CA GLY O 302 -3.97 29.13 -57.75
C GLY O 302 -3.66 29.17 -59.24
N VAL O 303 -2.38 29.29 -59.58
CA VAL O 303 -1.95 29.21 -60.98
C VAL O 303 -2.25 27.83 -61.55
N LEU O 304 -1.92 26.78 -60.78
CA LEU O 304 -2.20 25.43 -61.24
C LEU O 304 -3.69 25.14 -61.34
N SER O 305 -4.50 25.72 -60.46
CA SER O 305 -5.94 25.54 -60.55
C SER O 305 -6.52 26.28 -61.74
N LEU O 306 -5.95 27.44 -62.08
CA LEU O 306 -6.37 28.14 -63.29
C LEU O 306 -6.06 27.34 -64.54
N LEU O 307 -4.86 26.76 -64.59
CA LEU O 307 -4.49 25.94 -65.74
C LEU O 307 -5.31 24.66 -65.80
N ALA O 308 -5.69 24.12 -64.64
CA ALA O 308 -6.52 22.92 -64.58
C ALA O 308 -7.93 23.20 -65.06
N THR O 309 -8.49 24.34 -64.65
CA THR O 309 -9.80 24.76 -65.15
C THR O 309 -9.75 25.03 -66.64
N ASN O 310 -8.63 25.55 -67.13
CA ASN O 310 -8.43 25.67 -68.58
C ASN O 310 -8.41 24.31 -69.24
N GLY O 311 -7.83 23.31 -68.59
CA GLY O 311 -7.96 21.96 -69.07
C GLY O 311 -6.66 21.29 -69.43
N TYR O 312 -5.57 21.72 -68.82
CA TYR O 312 -4.28 21.10 -69.10
C TYR O 312 -4.20 19.74 -68.43
N GLN O 313 -3.24 18.94 -68.88
CA GLN O 313 -3.04 17.60 -68.35
C GLN O 313 -1.57 17.42 -67.96
N LEU O 314 -1.36 16.62 -66.92
CA LEU O 314 -0.05 16.52 -66.31
C LEU O 314 0.91 15.68 -67.14
N ALA O 315 2.15 15.59 -66.65
CA ALA O 315 3.15 14.74 -67.28
C ALA O 315 3.05 13.31 -66.78
N ARG O 316 3.20 13.13 -65.49
CA ARG O 316 3.16 11.78 -64.94
C ARG O 316 1.71 11.31 -64.86
N PRO O 317 1.44 10.04 -65.16
CA PRO O 317 0.09 9.51 -64.98
C PRO O 317 -0.23 9.38 -63.50
N ILE O 318 -1.36 9.98 -63.10
CA ILE O 318 -1.74 10.02 -61.69
C ILE O 318 -2.27 8.64 -61.31
N PRO O 319 -2.19 8.23 -60.06
CA PRO O 319 -2.81 6.98 -59.65
C PRO O 319 -4.30 7.14 -59.47
N LYS O 320 -4.99 6.00 -59.51
CA LYS O 320 -6.42 5.99 -59.20
C LYS O 320 -6.64 6.26 -57.72
N GLN O 321 -5.86 5.62 -56.86
CA GLN O 321 -5.91 5.86 -55.42
C GLN O 321 -4.65 6.61 -55.03
N LEU O 322 -4.82 7.75 -54.38
CA LEU O 322 -3.70 8.62 -54.11
C LEU O 322 -2.89 8.12 -52.92
N THR O 323 -1.60 8.46 -52.92
CA THR O 323 -0.70 8.13 -51.83
C THR O 323 0.02 9.39 -51.36
N ASN O 324 0.43 9.37 -50.08
CA ASN O 324 1.23 10.46 -49.53
C ASN O 324 2.58 10.55 -50.21
N ARG O 325 3.12 9.43 -50.66
CA ARG O 325 4.41 9.42 -51.36
C ARG O 325 4.33 10.20 -52.66
N TRP O 326 3.36 9.85 -53.51
CA TRP O 326 3.18 10.54 -54.78
C TRP O 326 2.73 11.99 -54.57
N LEU O 327 1.94 12.24 -53.53
CA LEU O 327 1.50 13.60 -53.24
C LEU O 327 2.67 14.49 -52.84
N SER O 328 3.54 14.00 -51.96
CA SER O 328 4.71 14.76 -51.56
C SER O 328 5.69 14.92 -52.70
N SER O 329 5.78 13.93 -53.59
CA SER O 329 6.59 14.09 -54.79
C SER O 329 6.04 15.20 -55.68
N PHE O 330 4.70 15.28 -55.76
CA PHE O 330 4.07 16.33 -56.55
C PHE O 330 4.30 17.71 -55.94
N VAL O 331 4.28 17.80 -54.62
CA VAL O 331 4.51 19.09 -53.96
C VAL O 331 5.97 19.49 -54.10
N SER O 332 6.89 18.52 -54.04
CA SER O 332 8.29 18.81 -54.28
C SER O 332 8.54 19.25 -55.72
N GLN O 333 7.80 18.67 -56.67
CA GLN O 333 7.91 19.14 -58.05
C GLN O 333 7.33 20.53 -58.24
N VAL O 334 6.27 20.86 -57.49
CA VAL O 334 5.65 22.15 -57.75
C VAL O 334 6.41 23.27 -57.05
N VAL O 335 7.04 23.01 -55.91
CA VAL O 335 7.98 24.02 -55.44
C VAL O 335 9.36 23.61 -55.91
N SER O 336 9.68 23.90 -57.18
CA SER O 336 11.03 23.61 -57.67
C SER O 336 11.75 24.84 -58.22
N ASP O 337 11.30 25.37 -59.36
CA ASP O 337 12.09 26.30 -60.18
C ASP O 337 11.27 26.66 -61.42
N GLY O 338 11.72 27.68 -62.13
CA GLY O 338 11.28 27.95 -63.50
C GLY O 338 9.86 28.42 -63.61
N ILE O 339 9.57 29.64 -63.15
CA ILE O 339 8.26 30.15 -62.75
C ILE O 339 7.09 29.92 -63.71
N ASN O 340 7.28 30.16 -65.00
CA ASN O 340 6.13 30.12 -65.90
C ASN O 340 6.62 29.99 -67.34
N GLU O 341 5.76 29.41 -68.17
CA GLU O 341 5.88 29.48 -69.61
C GLU O 341 4.53 29.75 -70.28
N THR O 342 3.44 29.67 -69.54
CA THR O 342 2.10 29.94 -70.02
C THR O 342 1.81 31.43 -69.97
N PRO O 343 0.93 31.94 -70.85
CA PRO O 343 0.59 33.37 -70.79
C PRO O 343 -0.51 33.69 -69.78
N LEU O 344 -0.81 32.76 -68.89
CA LEU O 344 -1.97 32.86 -68.01
C LEU O 344 -1.54 33.24 -66.61
N TRP O 345 -2.38 34.06 -65.96
CA TRP O 345 -2.14 34.58 -64.63
C TRP O 345 -3.48 34.66 -63.91
N PRO O 346 -3.52 34.34 -62.62
CA PRO O 346 -4.80 34.39 -61.90
C PRO O 346 -5.23 35.81 -61.64
N GLN O 347 -6.54 35.99 -61.46
CA GLN O 347 -7.14 37.29 -61.26
C GLN O 347 -8.10 37.26 -60.09
N GLU O 348 -8.42 38.44 -59.56
CA GLU O 348 -9.44 38.57 -58.54
C GLU O 348 -10.72 39.22 -59.07
N ARG O 349 -10.64 39.95 -60.18
CA ARG O 349 -11.83 40.61 -60.71
C ARG O 349 -12.79 39.61 -61.32
N TYR O 350 -12.25 38.58 -61.97
CA TYR O 350 -13.05 37.56 -62.65
C TYR O 350 -12.15 36.36 -62.87
N VAL O 351 -12.74 35.28 -63.39
CA VAL O 351 -11.96 34.12 -63.75
C VAL O 351 -11.85 34.11 -65.27
N GLN O 352 -10.83 33.45 -65.77
CA GLN O 352 -10.56 33.48 -67.20
C GLN O 352 -10.34 32.09 -67.75
N ILE O 353 -10.91 31.83 -68.92
CA ILE O 353 -10.73 30.59 -69.64
C ILE O 353 -10.21 30.92 -71.03
N ALA O 354 -9.60 29.94 -71.66
CA ALA O 354 -8.90 30.16 -72.92
C ALA O 354 -9.88 30.42 -74.05
N TYR O 355 -9.37 31.09 -75.09
CA TYR O 355 -10.16 31.33 -76.28
C TYR O 355 -10.41 30.05 -77.06
N ASP O 356 -9.47 29.11 -76.99
CA ASP O 356 -9.61 27.80 -77.63
C ASP O 356 -9.80 26.68 -76.62
N SER O 357 -10.38 26.98 -75.47
CA SER O 357 -10.60 25.94 -74.48
C SER O 357 -11.77 25.06 -74.90
N PRO O 358 -11.67 23.74 -74.69
CA PRO O 358 -12.80 22.86 -75.01
C PRO O 358 -13.94 22.93 -74.01
N SER O 359 -13.76 23.61 -72.89
CA SER O 359 -14.82 23.71 -71.90
C SER O 359 -15.91 24.66 -72.37
N VAL O 360 -17.15 24.34 -72.02
CA VAL O 360 -18.31 25.14 -72.38
C VAL O 360 -19.03 25.66 -71.13
N VAL O 361 -18.29 25.80 -70.04
CA VAL O 361 -18.91 26.11 -68.76
C VAL O 361 -19.33 27.57 -68.66
N ASP O 362 -18.75 28.44 -69.47
CA ASP O 362 -19.18 29.84 -69.51
C ASP O 362 -20.56 29.97 -70.16
N GLY O 363 -20.87 29.12 -71.12
CA GLY O 363 -22.19 29.12 -71.71
C GLY O 363 -23.13 28.25 -70.91
N ALA O 364 -22.57 27.36 -70.09
CA ALA O 364 -23.41 26.48 -69.28
C ALA O 364 -24.07 27.24 -68.13
N THR O 365 -23.26 27.77 -67.22
CA THR O 365 -23.75 28.63 -66.16
C THR O 365 -23.27 30.05 -66.39
N GLN O 366 -23.97 31.01 -65.78
CA GLN O 366 -23.87 32.40 -66.22
C GLN O 366 -22.81 33.19 -65.46
N TYR O 367 -22.94 33.30 -64.14
CA TYR O 367 -22.17 34.26 -63.37
C TYR O 367 -20.77 33.75 -63.05
N GLY O 368 -19.79 34.63 -63.16
CA GLY O 368 -18.45 34.36 -62.71
C GLY O 368 -17.48 33.89 -63.77
N TYR O 369 -17.96 33.20 -64.80
CA TYR O 369 -17.11 32.58 -65.81
C TYR O 369 -17.05 33.49 -67.02
N VAL O 370 -15.84 33.91 -67.39
CA VAL O 370 -15.63 34.90 -68.44
C VAL O 370 -14.78 34.28 -69.54
N ARG O 371 -15.27 34.35 -70.77
CA ARG O 371 -14.49 33.95 -71.93
C ARG O 371 -13.55 35.09 -72.32
N ARG O 372 -12.29 34.77 -72.56
CA ARG O 372 -11.31 35.75 -72.99
C ARG O 372 -10.99 35.59 -74.47
N ASN O 373 -10.79 36.71 -75.16
CA ASN O 373 -10.55 36.70 -76.59
C ASN O 373 -9.11 37.01 -76.94
N GLN O 374 -8.47 37.87 -76.16
CA GLN O 374 -7.14 38.36 -76.51
C GLN O 374 -6.04 37.34 -76.28
N LEU O 375 -6.26 36.35 -75.42
CA LEU O 375 -5.25 35.35 -75.14
C LEU O 375 -5.51 34.11 -75.99
N ARG O 376 -4.48 33.65 -76.68
CA ARG O 376 -4.60 32.55 -77.62
C ARG O 376 -3.54 31.51 -77.31
N LEU O 377 -3.81 30.27 -77.72
CA LEU O 377 -2.91 29.16 -77.46
C LEU O 377 -2.65 28.42 -78.77
N GLY O 378 -1.38 28.10 -79.02
CA GLY O 378 -0.97 27.36 -80.19
C GLY O 378 -1.00 25.87 -80.05
N MET O 379 -1.87 25.35 -79.19
CA MET O 379 -1.89 23.93 -78.86
C MET O 379 -3.12 23.26 -79.46
N ARG O 380 -3.23 21.96 -79.25
CA ARG O 380 -4.22 21.14 -79.94
C ARG O 380 -5.43 20.90 -79.06
N ILE O 381 -6.34 20.06 -79.55
CA ILE O 381 -7.68 19.95 -78.98
C ILE O 381 -7.99 18.56 -78.44
N SER O 382 -7.41 17.50 -79.00
CA SER O 382 -7.82 16.13 -78.71
C SER O 382 -7.37 15.70 -77.32
N ALA O 383 -7.69 14.45 -76.98
CA ALA O 383 -7.40 13.90 -75.66
C ALA O 383 -5.96 13.41 -75.62
N LEU O 384 -5.63 12.65 -74.56
CA LEU O 384 -4.30 12.07 -74.43
C LEU O 384 -4.43 10.72 -73.75
N GLN O 385 -3.58 9.79 -74.16
CA GLN O 385 -3.56 8.44 -73.63
C GLN O 385 -2.15 8.10 -73.14
N SER O 386 -2.09 7.18 -72.19
CA SER O 386 -0.83 6.74 -71.60
C SER O 386 -0.45 5.38 -72.15
N LEU O 387 0.85 5.10 -72.11
CA LEU O 387 1.35 3.83 -72.62
C LEU O 387 1.51 2.83 -71.47
N SER O 388 1.46 1.55 -71.83
CA SER O 388 1.44 0.47 -70.86
C SER O 388 2.87 0.08 -70.48
N ASP O 389 3.19 0.23 -69.19
CA ASP O 389 4.53 -0.04 -68.71
C ASP O 389 4.86 -1.53 -68.72
N THR O 390 6.13 -1.84 -68.94
CA THR O 390 6.65 -3.20 -68.89
C THR O 390 7.80 -3.26 -67.90
N PRO O 391 7.94 -4.36 -67.15
CA PRO O 391 9.05 -4.47 -66.20
C PRO O 391 10.38 -4.85 -66.83
N ALA O 392 10.42 -5.12 -68.12
CA ALA O 392 11.65 -5.55 -68.75
C ALA O 392 12.24 -4.43 -69.62
N PRO O 393 13.56 -4.34 -69.70
CA PRO O 393 14.16 -3.35 -70.60
C PRO O 393 13.97 -3.74 -72.06
N VAL O 394 13.64 -2.75 -72.88
CA VAL O 394 13.24 -2.99 -74.27
C VAL O 394 14.30 -2.39 -75.20
N GLN O 395 14.41 -2.97 -76.39
CA GLN O 395 15.37 -2.51 -77.37
C GLN O 395 14.92 -1.22 -78.05
N TRP O 396 15.89 -0.50 -78.61
CA TRP O 396 15.64 0.69 -79.39
C TRP O 396 16.58 0.69 -80.58
N LEU O 397 16.13 1.27 -81.69
CA LEU O 397 16.96 1.38 -82.89
C LEU O 397 16.93 2.82 -83.38
N PRO O 398 18.09 3.44 -83.58
CA PRO O 398 18.12 4.85 -83.99
C PRO O 398 17.90 5.04 -85.48
N GLN O 399 17.55 6.27 -85.83
CA GLN O 399 17.42 6.71 -87.21
C GLN O 399 18.15 8.03 -87.36
N TYR O 400 18.91 8.17 -88.44
CA TYR O 400 19.83 9.29 -88.60
C TYR O 400 19.21 10.41 -89.42
N THR O 401 19.45 11.65 -88.98
CA THR O 401 19.01 12.83 -89.70
C THR O 401 20.12 13.31 -90.64
N ILE O 402 19.99 14.53 -91.14
CA ILE O 402 20.90 15.07 -92.14
C ILE O 402 21.88 16.11 -91.59
N ASP O 403 21.74 16.49 -90.32
CA ASP O 403 22.66 17.45 -89.72
C ASP O 403 23.81 16.73 -89.04
N GLN O 404 24.91 17.46 -88.84
CA GLN O 404 26.11 16.86 -88.24
C GLN O 404 26.84 17.90 -87.41
N VAL O 405 27.48 17.42 -86.35
CA VAL O 405 28.38 18.23 -85.52
C VAL O 405 29.68 17.45 -85.36
N ALA O 406 30.61 18.04 -84.61
CA ALA O 406 31.93 17.46 -84.43
C ALA O 406 31.90 16.26 -83.50
N VAL O 407 32.77 15.29 -83.78
CA VAL O 407 32.97 14.18 -82.87
C VAL O 407 33.63 14.63 -81.58
N ASP O 408 34.36 15.74 -81.59
CA ASP O 408 34.84 16.32 -80.35
C ASP O 408 33.70 16.91 -79.54
N GLU O 409 32.68 17.46 -80.21
CA GLU O 409 31.47 17.90 -79.51
C GLU O 409 30.73 16.73 -78.90
N GLY O 410 30.67 15.62 -79.63
CA GLY O 410 30.08 14.41 -79.07
C GLY O 410 30.86 13.86 -77.90
N ASP O 411 32.19 13.96 -77.97
CA ASP O 411 33.06 13.57 -76.85
C ASP O 411 32.83 14.45 -75.64
N ALA O 412 32.65 15.75 -75.85
CA ALA O 412 32.39 16.67 -74.75
C ALA O 412 31.04 16.38 -74.10
N MET O 413 30.02 16.11 -74.91
CA MET O 413 28.70 15.84 -74.36
C MET O 413 28.66 14.49 -73.65
N VAL O 414 29.38 13.49 -74.15
CA VAL O 414 29.38 12.21 -73.46
C VAL O 414 30.26 12.27 -72.22
N SER O 415 31.26 13.16 -72.20
CA SER O 415 32.02 13.38 -70.98
C SER O 415 31.17 14.10 -69.94
N GLN O 416 30.25 14.95 -70.39
CA GLN O 416 29.29 15.56 -69.48
C GLN O 416 28.31 14.54 -68.93
N LEU O 417 27.84 13.64 -69.79
CA LEU O 417 26.78 12.69 -69.44
C LEU O 417 27.31 11.33 -69.03
N THR O 418 28.60 11.22 -68.73
CA THR O 418 29.24 9.95 -68.43
C THR O 418 28.71 9.33 -67.15
N GLN O 419 28.28 8.07 -67.25
CA GLN O 419 28.06 7.21 -66.09
C GLN O 419 28.82 5.89 -66.29
N LEU O 420 30.09 6.03 -66.68
CA LEU O 420 30.89 4.83 -66.95
C LEU O 420 31.33 4.06 -65.69
N PRO O 421 31.92 4.69 -64.62
CA PRO O 421 32.49 3.83 -63.55
C PRO O 421 31.46 3.12 -62.67
N LEU O 422 30.99 1.98 -63.15
CA LEU O 422 30.20 1.04 -62.36
C LEU O 422 30.54 -0.37 -62.81
N ARG O 423 30.46 -1.30 -61.88
CA ARG O 423 30.85 -2.67 -62.18
C ARG O 423 29.71 -3.39 -62.89
N PRO O 424 29.97 -4.01 -64.04
CA PRO O 424 28.94 -4.80 -64.71
C PRO O 424 28.98 -6.26 -64.29
N ASP O 425 27.90 -6.96 -64.60
CA ASP O 425 27.88 -8.41 -64.47
C ASP O 425 28.61 -9.02 -65.66
N TYR O 426 29.42 -10.03 -65.37
CA TYR O 426 30.34 -10.53 -66.38
C TYR O 426 29.66 -11.49 -67.35
N GLY O 427 29.17 -12.60 -66.85
CA GLY O 427 28.58 -13.63 -67.69
C GLY O 427 29.56 -14.74 -68.02
N SER O 428 29.35 -15.34 -69.18
CA SER O 428 30.19 -16.43 -69.66
C SER O 428 30.46 -16.27 -71.15
N ILE O 429 31.72 -16.40 -71.55
CA ILE O 429 32.06 -16.22 -72.96
C ILE O 429 31.82 -17.47 -73.77
N TRP O 430 31.60 -18.61 -73.13
CA TRP O 430 31.65 -19.88 -73.86
C TRP O 430 30.84 -20.92 -73.11
N ILE O 431 29.70 -21.30 -73.66
CA ILE O 431 28.87 -22.35 -73.11
C ILE O 431 28.82 -23.49 -74.13
N GLY O 432 28.16 -24.58 -73.74
CA GLY O 432 28.00 -25.74 -74.58
C GLY O 432 28.87 -26.89 -74.11
N GLU O 433 29.51 -27.57 -75.05
CA GLU O 433 30.33 -28.74 -74.77
C GLU O 433 31.66 -28.62 -75.50
N ALA O 434 32.47 -29.67 -75.37
CA ALA O 434 33.75 -29.73 -76.04
C ALA O 434 33.56 -30.01 -77.54
N LEU O 435 34.66 -29.91 -78.28
CA LEU O 435 34.63 -30.07 -79.72
C LEU O 435 35.51 -31.23 -80.13
N SER O 436 35.02 -32.03 -81.05
CA SER O 436 35.67 -33.26 -81.50
C SER O 436 36.81 -32.90 -82.43
N TYR O 437 38.04 -32.92 -81.91
CA TYR O 437 39.25 -32.70 -82.70
C TYR O 437 40.05 -33.99 -82.62
N TYR O 438 39.93 -34.84 -83.63
CA TYR O 438 40.49 -36.17 -83.57
C TYR O 438 41.17 -36.52 -84.89
N VAL O 439 42.20 -37.36 -84.80
CA VAL O 439 42.84 -37.95 -85.96
C VAL O 439 43.36 -39.32 -85.57
N ASP O 440 43.22 -40.28 -86.47
CA ASP O 440 43.67 -41.65 -86.27
C ASP O 440 44.97 -41.89 -87.04
N TYR O 441 45.64 -42.96 -86.68
CA TYR O 441 46.81 -43.37 -87.44
C TYR O 441 46.39 -44.12 -88.69
N ASN O 442 46.95 -43.70 -89.82
CA ASN O 442 46.80 -44.40 -91.09
C ASN O 442 48.16 -44.96 -91.48
N ARG O 443 48.18 -46.23 -91.89
CA ARG O 443 49.43 -46.90 -92.21
C ARG O 443 50.02 -46.38 -93.51
N SER O 444 49.22 -46.38 -94.57
CA SER O 444 49.70 -46.02 -95.90
C SER O 444 49.50 -44.55 -96.23
N HIS O 445 49.48 -43.68 -95.22
CA HIS O 445 49.20 -42.27 -95.50
C HIS O 445 50.44 -41.53 -95.99
N ARG O 446 51.41 -41.33 -95.11
CA ARG O 446 52.64 -40.58 -95.37
C ARG O 446 53.69 -41.06 -94.37
N VAL O 447 54.77 -40.29 -94.23
CA VAL O 447 55.78 -40.50 -93.20
C VAL O 447 56.47 -39.17 -92.92
N VAL O 448 56.62 -38.85 -91.63
CA VAL O 448 57.35 -37.65 -91.19
C VAL O 448 58.32 -38.06 -90.09
N LEU O 449 59.12 -37.10 -89.64
CA LEU O 449 60.15 -37.30 -88.64
C LEU O 449 59.83 -36.51 -87.39
N SER O 450 60.58 -36.79 -86.32
CA SER O 450 60.30 -36.18 -85.02
C SER O 450 60.66 -34.70 -84.99
N SER O 451 61.77 -34.32 -85.64
CA SER O 451 62.27 -32.96 -85.60
C SER O 451 61.40 -31.97 -86.36
N GLU O 452 60.49 -32.44 -87.20
CA GLU O 452 59.67 -31.57 -88.02
C GLU O 452 58.50 -30.95 -87.26
N LEU O 453 58.18 -31.47 -86.08
CA LEU O 453 56.95 -31.08 -85.39
C LEU O 453 57.09 -29.70 -84.76
N PRO O 454 56.08 -28.83 -84.91
CA PRO O 454 56.07 -27.59 -84.16
C PRO O 454 55.70 -27.84 -82.70
N GLN O 455 56.06 -26.89 -81.84
CA GLN O 455 55.93 -27.12 -80.42
C GLN O 455 55.12 -26.05 -79.71
N LEU O 456 55.16 -26.10 -78.39
CA LEU O 456 54.69 -24.99 -77.57
C LEU O 456 55.51 -23.74 -77.90
N PRO O 457 54.90 -22.57 -77.93
CA PRO O 457 55.68 -21.34 -78.07
C PRO O 457 56.51 -21.10 -76.82
N ASP O 458 57.70 -20.52 -77.03
CA ASP O 458 58.61 -20.27 -75.92
C ASP O 458 58.11 -19.20 -74.98
N THR O 459 57.20 -18.35 -75.45
CA THR O 459 56.50 -17.38 -74.59
C THR O 459 55.23 -18.03 -74.03
N TYR O 460 55.42 -19.11 -73.29
CA TYR O 460 54.32 -19.84 -72.68
C TYR O 460 54.11 -19.47 -71.22
N PHE O 461 55.20 -19.26 -70.48
CA PHE O 461 55.14 -18.98 -69.05
C PHE O 461 55.02 -17.49 -68.76
N ASP O 462 54.46 -16.71 -69.68
CA ASP O 462 54.28 -15.29 -69.41
C ASP O 462 53.16 -15.07 -68.42
N GLY O 463 53.27 -13.98 -67.67
CA GLY O 463 52.16 -13.54 -66.85
C GLY O 463 50.95 -13.16 -67.68
N ASP O 464 51.18 -12.64 -68.88
CA ASP O 464 50.07 -12.32 -69.78
C ASP O 464 49.42 -13.58 -70.34
N GLU O 465 50.21 -14.62 -70.59
CA GLU O 465 49.64 -15.89 -71.04
C GLU O 465 48.85 -16.57 -69.94
N GLN O 466 49.38 -16.53 -68.70
CA GLN O 466 48.63 -17.04 -67.57
C GLN O 466 47.38 -16.22 -67.31
N TYR O 467 47.45 -14.91 -67.55
CA TYR O 467 46.30 -14.03 -67.46
C TYR O 467 45.21 -14.43 -68.44
N GLY O 468 45.60 -14.67 -69.70
CA GLY O 468 44.62 -15.06 -70.70
C GLY O 468 44.02 -16.43 -70.46
N ARG O 469 44.86 -17.40 -70.05
CA ARG O 469 44.32 -18.75 -69.84
C ARG O 469 43.45 -18.80 -68.58
N SER O 470 43.77 -17.99 -67.56
CA SER O 470 42.92 -17.94 -66.37
C SER O 470 41.62 -17.20 -66.66
N LEU O 471 41.68 -16.16 -67.51
CA LEU O 471 40.48 -15.48 -67.96
C LEU O 471 39.56 -16.43 -68.71
N PHE O 472 40.13 -17.26 -69.58
CA PHE O 472 39.32 -18.20 -70.35
C PHE O 472 38.72 -19.29 -69.45
N SER O 473 39.55 -19.88 -68.59
CA SER O 473 39.08 -20.96 -67.73
C SER O 473 38.15 -20.47 -66.63
N LEU O 474 38.15 -19.18 -66.33
CA LEU O 474 37.19 -18.65 -65.38
C LEU O 474 35.91 -18.17 -66.04
N ALA O 475 36.01 -17.63 -67.26
CA ALA O 475 34.81 -17.23 -68.00
C ALA O 475 34.01 -18.42 -68.52
N ARG O 476 34.64 -19.57 -68.72
CA ARG O 476 33.96 -20.68 -69.38
C ARG O 476 33.08 -21.41 -68.38
N LYS O 477 31.93 -21.88 -68.86
CA LYS O 477 30.89 -22.46 -68.01
C LYS O 477 30.68 -23.93 -68.33
N VAL O 478 30.72 -24.78 -67.32
CA VAL O 478 30.63 -26.22 -67.47
C VAL O 478 29.78 -26.81 -66.33
N GLY O 479 29.71 -28.13 -66.34
CA GLY O 479 29.37 -28.92 -65.18
C GLY O 479 30.68 -29.45 -64.60
N ASP O 480 31.03 -30.68 -64.94
CA ASP O 480 32.35 -31.22 -64.61
C ASP O 480 33.18 -31.38 -65.87
N ARG O 481 34.32 -30.69 -65.89
CA ARG O 481 35.20 -30.72 -67.06
C ARG O 481 35.79 -32.10 -67.27
N SER O 482 36.15 -32.78 -66.18
CA SER O 482 36.70 -34.14 -66.30
C SER O 482 35.64 -35.11 -66.81
N LEU O 483 34.38 -34.90 -66.41
CA LEU O 483 33.26 -35.66 -66.98
C LEU O 483 33.18 -35.47 -68.49
N VAL O 484 33.26 -34.22 -68.94
CA VAL O 484 33.15 -33.93 -70.37
C VAL O 484 34.32 -34.54 -71.15
N LYS O 485 35.54 -34.37 -70.62
CA LYS O 485 36.74 -34.91 -71.27
C LYS O 485 36.71 -36.44 -71.35
N ASP O 486 36.28 -37.09 -70.27
CA ASP O 486 36.30 -38.54 -70.26
C ASP O 486 35.20 -39.11 -71.16
N THR O 487 34.03 -38.48 -71.19
CA THR O 487 33.00 -38.92 -72.12
C THR O 487 33.43 -38.76 -73.57
N ALA O 488 34.10 -37.63 -73.88
CA ALA O 488 34.59 -37.43 -75.25
C ALA O 488 35.67 -38.45 -75.61
N VAL O 489 36.58 -38.75 -74.68
CA VAL O 489 37.68 -39.64 -75.04
C VAL O 489 37.19 -41.08 -75.13
N LEU O 490 36.15 -41.47 -74.39
CA LEU O 490 35.63 -42.82 -74.56
C LEU O 490 34.80 -42.95 -75.84
N LYS O 491 34.01 -41.91 -76.17
CA LYS O 491 33.24 -41.94 -77.41
C LYS O 491 34.14 -41.94 -78.64
N HIS O 492 35.32 -41.31 -78.55
CA HIS O 492 36.27 -41.45 -79.65
C HIS O 492 37.14 -42.69 -79.53
N ALA O 493 37.19 -43.31 -78.35
CA ALA O 493 38.04 -44.47 -78.16
C ALA O 493 37.38 -45.74 -78.69
N TYR O 494 36.06 -45.82 -78.64
CA TYR O 494 35.39 -47.06 -79.06
C TYR O 494 34.85 -47.01 -80.48
N GLN O 495 35.56 -46.37 -81.40
CA GLN O 495 35.03 -46.20 -82.75
C GLN O 495 35.47 -47.29 -83.73
N ALA O 496 36.77 -47.37 -84.03
CA ALA O 496 37.18 -48.09 -85.23
C ALA O 496 37.67 -49.50 -84.87
N ILE O 497 38.29 -50.18 -85.83
CA ILE O 497 38.76 -51.55 -85.68
C ILE O 497 40.27 -51.60 -85.87
N ASP O 498 40.89 -52.61 -85.26
CA ASP O 498 42.31 -52.83 -85.43
C ASP O 498 42.57 -53.73 -86.64
N PRO O 499 43.76 -53.68 -87.27
CA PRO O 499 44.00 -54.54 -88.42
C PRO O 499 44.22 -56.01 -88.09
N ASN O 500 44.44 -56.37 -86.83
CA ASN O 500 44.64 -57.79 -86.50
C ASN O 500 43.30 -58.52 -86.42
N THR O 501 42.43 -58.11 -85.51
CA THR O 501 41.13 -58.73 -85.36
C THR O 501 40.11 -57.99 -86.22
N GLY O 502 39.21 -58.74 -86.82
CA GLY O 502 38.23 -58.12 -87.68
C GLY O 502 37.10 -57.42 -86.94
N LYS O 503 36.98 -57.63 -85.63
CA LYS O 503 35.75 -57.23 -84.96
C LYS O 503 35.73 -55.73 -84.60
N GLU O 504 36.58 -55.30 -83.67
CA GLU O 504 36.55 -53.96 -83.09
C GLU O 504 37.78 -53.77 -82.20
N TYR O 505 37.82 -52.65 -81.48
CA TYR O 505 38.90 -52.35 -80.54
C TYR O 505 38.76 -53.15 -79.25
N LEU O 506 37.72 -52.85 -78.47
CA LEU O 506 37.53 -53.40 -77.15
C LEU O 506 36.09 -53.88 -77.01
N ARG O 507 35.84 -54.64 -75.94
CA ARG O 507 34.55 -55.29 -75.75
C ARG O 507 33.96 -54.93 -74.39
N ALA O 508 32.91 -55.63 -74.00
CA ALA O 508 32.29 -55.44 -72.69
C ALA O 508 33.01 -56.27 -71.64
N GLY O 509 33.13 -55.70 -70.44
CA GLY O 509 33.77 -56.39 -69.34
C GLY O 509 35.28 -56.52 -69.51
N GLN O 510 35.97 -55.39 -69.51
CA GLN O 510 37.40 -55.39 -69.75
C GLN O 510 38.24 -55.32 -68.49
N SER O 511 37.63 -55.13 -67.32
CA SER O 511 38.29 -55.03 -66.02
C SER O 511 39.35 -53.93 -66.03
N VAL O 512 38.86 -52.71 -66.20
CA VAL O 512 39.72 -51.56 -66.45
C VAL O 512 40.37 -51.06 -65.16
N ALA O 513 41.33 -50.15 -65.32
CA ALA O 513 41.91 -49.43 -64.20
C ALA O 513 41.97 -47.94 -64.52
N TYR O 514 41.96 -47.13 -63.47
CA TYR O 514 41.96 -45.68 -63.58
C TYR O 514 43.15 -45.14 -62.80
N PHE O 515 43.79 -44.11 -63.34
CA PHE O 515 44.90 -43.44 -62.69
C PHE O 515 44.54 -41.99 -62.41
N GLY O 516 45.00 -41.48 -61.27
CA GLY O 516 44.86 -40.07 -60.97
C GLY O 516 43.45 -39.60 -60.68
N ALA O 517 42.78 -40.22 -59.72
CA ALA O 517 41.42 -39.80 -59.37
C ALA O 517 41.45 -38.60 -58.44
N SER O 518 40.76 -37.53 -58.85
CA SER O 518 40.67 -36.36 -58.00
C SER O 518 39.77 -36.61 -56.80
N ALA O 519 38.66 -37.31 -57.00
CA ALA O 519 37.70 -37.77 -56.00
C ALA O 519 36.99 -36.63 -55.27
N GLY O 520 37.14 -35.39 -55.71
CA GLY O 520 36.34 -34.31 -55.17
C GLY O 520 35.46 -33.67 -56.21
N HIS O 521 34.17 -33.95 -56.16
CA HIS O 521 33.22 -33.44 -57.13
C HIS O 521 31.90 -33.06 -56.48
N SER O 522 31.96 -32.66 -55.20
CA SER O 522 30.80 -32.36 -54.34
C SER O 522 29.83 -33.54 -54.28
N GLY O 523 30.33 -34.70 -53.90
CA GLY O 523 29.51 -35.91 -53.88
C GLY O 523 30.05 -36.91 -54.87
N ALA O 524 29.84 -38.21 -54.60
CA ALA O 524 30.31 -39.33 -55.42
C ALA O 524 31.83 -39.27 -55.59
N ASP O 525 32.51 -39.52 -54.47
CA ASP O 525 33.93 -39.24 -54.33
C ASP O 525 34.80 -40.16 -55.19
N GLN O 526 34.80 -39.88 -56.49
CA GLN O 526 35.44 -40.58 -57.59
C GLN O 526 35.17 -39.72 -58.82
N PRO O 527 35.82 -39.94 -59.96
CA PRO O 527 35.38 -39.25 -61.18
C PRO O 527 33.99 -39.67 -61.60
N LEU O 528 33.25 -38.70 -62.13
CA LEU O 528 31.81 -38.83 -62.35
C LEU O 528 31.45 -39.69 -63.54
N VAL O 529 32.40 -40.33 -64.20
CA VAL O 529 32.09 -41.22 -65.31
C VAL O 529 32.03 -42.67 -64.89
N ILE O 530 32.42 -43.00 -63.66
CA ILE O 530 32.57 -44.40 -63.27
C ILE O 530 31.21 -45.06 -63.13
N GLU O 531 30.30 -44.44 -62.39
CA GLU O 531 28.95 -45.00 -62.24
C GLU O 531 28.14 -44.98 -63.54
N PRO O 532 28.05 -43.87 -64.32
CA PRO O 532 27.29 -43.97 -65.57
C PRO O 532 27.95 -44.86 -66.62
N TRP O 533 29.27 -44.98 -66.60
CA TRP O 533 29.93 -45.85 -67.56
C TRP O 533 29.84 -47.32 -67.15
N MET O 534 29.76 -47.60 -65.86
CA MET O 534 29.47 -48.96 -65.42
C MET O 534 28.03 -49.33 -65.72
N GLN O 535 27.11 -48.38 -65.61
CA GLN O 535 25.73 -48.63 -65.98
C GLN O 535 25.49 -48.61 -67.48
N GLY O 536 26.45 -48.13 -68.26
CA GLY O 536 26.25 -48.03 -69.70
C GLY O 536 25.41 -46.85 -70.11
N LYS O 537 25.45 -45.77 -69.35
CA LYS O 537 24.64 -44.60 -69.64
C LYS O 537 25.21 -43.73 -70.76
N ILE O 538 26.41 -44.04 -71.24
CA ILE O 538 27.01 -43.26 -72.33
C ILE O 538 26.36 -43.60 -73.66
N SER O 539 25.85 -44.84 -73.79
CA SER O 539 25.12 -45.36 -74.96
C SER O 539 25.95 -45.35 -76.24
N GLY O 540 27.27 -45.43 -76.12
CA GLY O 540 28.13 -45.60 -77.26
C GLY O 540 29.31 -46.48 -76.90
N VAL O 541 29.27 -47.02 -75.69
CA VAL O 541 30.41 -47.75 -75.11
C VAL O 541 29.92 -49.12 -74.70
N PRO O 542 30.84 -50.07 -74.53
CA PRO O 542 30.50 -51.30 -73.81
C PRO O 542 30.80 -51.15 -72.32
N PRO O 543 29.94 -51.68 -71.45
CA PRO O 543 30.16 -51.54 -70.01
C PRO O 543 31.27 -52.45 -69.52
N PRO O 544 32.11 -51.97 -68.60
CA PRO O 544 33.20 -52.80 -68.09
C PRO O 544 32.74 -53.83 -67.07
N SER O 545 33.69 -54.53 -66.45
CA SER O 545 33.39 -55.50 -65.40
C SER O 545 33.84 -55.03 -64.03
N SER O 546 35.08 -54.54 -63.92
CA SER O 546 35.60 -54.05 -62.66
C SER O 546 36.41 -52.79 -62.91
N VAL O 547 36.31 -51.84 -61.99
CA VAL O 547 36.98 -50.54 -62.10
C VAL O 547 37.84 -50.34 -60.86
N ARG O 548 39.11 -50.06 -61.07
CA ARG O 548 40.03 -49.68 -60.00
C ARG O 548 40.55 -48.28 -60.26
N GLN O 549 40.50 -47.43 -59.23
CA GLN O 549 40.99 -46.07 -59.34
C GLN O 549 42.26 -45.91 -58.52
N PHE O 550 43.32 -45.44 -59.16
CA PHE O 550 44.62 -45.23 -58.54
C PHE O 550 44.99 -43.75 -58.64
N GLY O 551 46.06 -43.38 -57.94
CA GLY O 551 46.47 -42.00 -57.86
C GLY O 551 46.54 -41.49 -56.44
N TYR O 552 47.43 -40.46 -56.18
CA TYR O 552 47.57 -39.97 -54.82
C TYR O 552 46.52 -39.00 -54.33
N ASP O 553 45.18 -39.14 -54.86
CA ASP O 553 44.06 -38.41 -54.29
C ASP O 553 42.77 -39.22 -54.35
N VAL O 554 42.84 -40.54 -54.26
CA VAL O 554 41.66 -41.38 -54.39
C VAL O 554 40.90 -41.42 -53.08
N ALA O 555 39.69 -41.97 -53.12
CA ALA O 555 38.87 -42.22 -51.94
C ALA O 555 38.63 -43.70 -51.68
N LYS O 556 38.55 -44.52 -52.73
CA LYS O 556 38.28 -45.93 -52.59
C LYS O 556 39.50 -46.81 -52.84
N GLY O 557 40.38 -46.40 -53.74
CA GLY O 557 41.57 -47.18 -54.05
C GLY O 557 42.69 -46.91 -53.07
N ALA O 558 43.91 -47.00 -53.58
CA ALA O 558 45.12 -46.71 -52.82
C ALA O 558 45.86 -45.54 -53.45
N ILE O 559 46.64 -44.84 -52.63
CA ILE O 559 47.43 -43.70 -53.09
C ILE O 559 48.86 -44.16 -53.35
N VAL O 560 49.28 -44.01 -54.60
CA VAL O 560 50.54 -44.55 -55.10
C VAL O 560 51.21 -43.47 -55.94
N ASP O 561 52.52 -43.28 -55.75
CA ASP O 561 53.30 -42.50 -56.69
C ASP O 561 53.30 -43.20 -58.04
N LEU O 562 52.66 -42.57 -59.03
CA LEU O 562 52.54 -43.17 -60.35
C LEU O 562 53.78 -42.97 -61.21
N ALA O 563 54.65 -42.02 -60.84
CA ALA O 563 55.86 -41.80 -61.61
C ALA O 563 56.85 -42.94 -61.43
N ARG O 564 57.21 -43.24 -60.18
CA ARG O 564 58.03 -44.40 -59.92
C ARG O 564 57.23 -45.67 -60.11
N PRO O 565 57.81 -46.70 -60.72
CA PRO O 565 57.02 -47.90 -61.02
C PRO O 565 56.72 -48.75 -59.79
N PHE O 566 55.47 -48.68 -59.32
CA PHE O 566 54.99 -49.64 -58.36
C PHE O 566 54.20 -50.70 -59.10
N PRO O 567 54.58 -51.97 -59.02
CA PRO O 567 53.82 -53.02 -59.70
C PRO O 567 52.56 -53.36 -58.93
N SER O 568 51.47 -53.56 -59.68
CA SER O 568 50.20 -53.98 -59.13
C SER O 568 49.60 -54.98 -60.10
N GLY O 569 48.33 -55.31 -59.90
CA GLY O 569 47.65 -56.21 -60.81
C GLY O 569 47.53 -55.60 -62.20
N ASP O 570 47.85 -56.39 -63.20
CA ASP O 570 47.79 -55.94 -64.58
C ASP O 570 46.36 -56.04 -65.09
N TYR O 571 45.91 -54.97 -65.74
CA TYR O 571 44.55 -54.88 -66.24
C TYR O 571 44.58 -54.66 -67.75
N GLN O 572 43.53 -55.12 -68.42
CA GLN O 572 43.45 -55.05 -69.88
C GLN O 572 43.40 -53.62 -70.41
N PHE O 573 42.95 -52.66 -69.58
CA PHE O 573 42.90 -51.27 -70.01
C PHE O 573 43.16 -50.38 -68.80
N VAL O 574 44.08 -49.42 -68.96
CA VAL O 574 44.34 -48.44 -67.93
C VAL O 574 44.19 -47.05 -68.54
N TYR O 575 43.89 -46.09 -67.67
CA TYR O 575 43.56 -44.73 -68.10
C TYR O 575 44.28 -43.76 -67.17
N SER O 576 45.24 -43.03 -67.71
CA SER O 576 45.95 -42.01 -66.93
C SER O 576 45.19 -40.70 -66.99
N ASP O 577 45.12 -40.02 -65.85
CA ASP O 577 44.47 -38.72 -65.79
C ASP O 577 45.25 -37.72 -64.95
N VAL O 578 46.36 -38.12 -64.37
CA VAL O 578 47.16 -37.20 -63.55
C VAL O 578 48.10 -36.41 -64.46
N ASP O 579 48.24 -35.12 -64.17
CA ASP O 579 49.16 -34.27 -64.88
C ASP O 579 50.61 -34.49 -64.41
N GLN O 580 51.51 -33.74 -65.00
CA GLN O 580 52.90 -33.66 -64.55
C GLN O 580 53.25 -32.28 -64.03
N VAL O 581 52.24 -31.47 -63.70
CA VAL O 581 52.47 -30.12 -63.18
C VAL O 581 52.56 -30.13 -61.66
N VAL O 582 51.62 -30.81 -61.01
CA VAL O 582 51.59 -30.87 -59.55
C VAL O 582 52.75 -31.69 -59.04
N ASP O 583 53.00 -32.85 -59.64
CA ASP O 583 54.18 -33.64 -59.33
C ASP O 583 55.45 -32.98 -59.85
N GLY O 584 55.34 -32.10 -60.85
CA GLY O 584 56.48 -31.36 -61.35
C GLY O 584 56.74 -30.10 -60.52
N HIS O 585 57.79 -29.40 -60.91
CA HIS O 585 58.26 -28.24 -60.16
C HIS O 585 58.55 -27.08 -61.11
N ASP O 586 57.63 -26.86 -62.04
CA ASP O 586 57.64 -25.76 -63.01
C ASP O 586 58.92 -25.77 -63.85
N ASP O 587 59.09 -26.86 -64.61
CA ASP O 587 60.20 -26.97 -65.54
C ASP O 587 59.79 -27.93 -66.65
N LEU O 588 60.17 -27.56 -67.88
CA LEU O 588 59.89 -28.43 -69.02
C LEU O 588 60.70 -29.71 -68.95
N SER O 589 61.90 -29.66 -68.36
CA SER O 589 62.72 -30.85 -68.22
C SER O 589 62.08 -31.85 -67.26
N ILE O 590 61.63 -31.38 -66.09
CA ILE O 590 61.02 -32.29 -65.14
C ILE O 590 59.64 -32.71 -65.61
N SER O 591 58.97 -31.88 -66.42
CA SER O 591 57.71 -32.27 -67.02
C SER O 591 57.91 -33.40 -68.02
N SER O 592 58.93 -33.28 -68.87
CA SER O 592 59.28 -34.33 -69.81
C SER O 592 59.70 -35.61 -69.10
N GLY O 593 60.45 -35.48 -68.00
CA GLY O 593 60.88 -36.65 -67.26
C GLY O 593 59.73 -37.36 -66.57
N LEU O 594 58.75 -36.61 -66.07
CA LEU O 594 57.56 -37.23 -65.52
C LEU O 594 56.73 -37.91 -66.60
N VAL O 595 56.68 -37.32 -67.80
CA VAL O 595 56.03 -37.99 -68.94
C VAL O 595 56.74 -39.31 -69.25
N GLU O 596 58.08 -39.29 -69.23
CA GLU O 596 58.89 -40.49 -69.42
C GLU O 596 58.55 -41.58 -68.42
N SER O 597 58.62 -41.24 -67.13
CA SER O 597 58.44 -42.25 -66.08
C SER O 597 57.00 -42.74 -66.02
N LEU O 598 56.03 -41.83 -66.17
CA LEU O 598 54.63 -42.22 -66.08
C LEU O 598 54.24 -43.07 -67.27
N LEU O 599 54.73 -42.72 -68.46
CA LEU O 599 54.45 -43.54 -69.63
C LEU O 599 55.15 -44.88 -69.57
N ASP O 600 56.35 -44.93 -68.96
CA ASP O 600 57.05 -46.20 -68.80
C ASP O 600 56.29 -47.14 -67.86
N SER O 601 55.83 -46.61 -66.72
CA SER O 601 55.04 -47.42 -65.79
C SER O 601 53.72 -47.85 -66.41
N CYS O 602 53.11 -46.96 -67.20
CA CYS O 602 51.84 -47.29 -67.85
C CYS O 602 52.03 -48.34 -68.94
N VAL O 603 53.18 -48.35 -69.61
CA VAL O 603 53.46 -49.39 -70.59
C VAL O 603 53.74 -50.72 -69.89
N HIS O 604 54.54 -50.70 -68.83
CA HIS O 604 54.87 -51.93 -68.13
C HIS O 604 53.73 -52.46 -67.25
N ALA O 605 52.63 -51.73 -67.11
CA ALA O 605 51.49 -52.24 -66.35
C ALA O 605 50.22 -52.31 -67.20
N THR O 606 50.30 -52.89 -68.40
CA THR O 606 49.24 -52.77 -69.38
C THR O 606 48.55 -54.11 -69.71
N ALA O 607 49.09 -55.26 -69.23
CA ALA O 607 48.60 -56.61 -69.52
C ALA O 607 48.53 -56.85 -71.02
N PRO O 608 49.66 -57.19 -71.65
CA PRO O 608 49.87 -56.92 -73.09
C PRO O 608 48.87 -57.57 -74.02
N GLY O 609 48.63 -56.89 -75.14
CA GLY O 609 47.45 -57.11 -75.94
C GLY O 609 46.33 -56.14 -75.65
N GLY O 610 46.51 -55.24 -74.70
CA GLY O 610 45.53 -54.26 -74.30
C GLY O 610 45.83 -52.88 -74.84
N SER O 611 45.36 -51.87 -74.12
CA SER O 611 45.46 -50.48 -74.57
C SER O 611 45.56 -49.56 -73.38
N PHE O 612 45.98 -48.32 -73.65
CA PHE O 612 46.01 -47.28 -72.62
C PHE O 612 45.82 -45.92 -73.25
N VAL O 613 45.52 -44.94 -72.40
CA VAL O 613 45.30 -43.56 -72.80
C VAL O 613 46.23 -42.68 -71.99
N MET O 614 46.99 -41.82 -72.66
CA MET O 614 47.86 -40.86 -72.02
C MET O 614 47.33 -39.44 -72.23
N LYS O 615 47.57 -38.60 -71.24
CA LYS O 615 47.44 -37.15 -71.39
C LYS O 615 48.80 -36.51 -71.23
N ILE O 616 49.10 -35.54 -72.09
CA ILE O 616 50.41 -34.90 -72.14
C ILE O 616 50.19 -33.40 -72.13
N ASN O 617 50.61 -32.74 -71.06
CA ASN O 617 50.52 -31.28 -70.99
C ASN O 617 51.70 -30.61 -71.70
N PHE O 618 52.92 -31.11 -71.49
CA PHE O 618 54.12 -30.46 -71.97
C PHE O 618 54.96 -31.45 -72.78
N PRO O 619 54.69 -31.56 -74.08
CA PRO O 619 55.54 -32.40 -74.93
C PRO O 619 56.75 -31.66 -75.48
N THR O 620 57.90 -32.35 -75.47
CA THR O 620 59.17 -31.78 -75.90
C THR O 620 59.81 -32.73 -76.90
N ARG O 621 60.99 -32.33 -77.41
CA ARG O 621 61.77 -33.13 -78.37
C ARG O 621 62.06 -34.51 -77.82
N THR O 622 62.47 -34.57 -76.55
CA THR O 622 62.71 -35.85 -75.88
C THR O 622 61.44 -36.70 -75.81
N VAL O 623 60.29 -36.05 -75.59
CA VAL O 623 59.02 -36.76 -75.47
C VAL O 623 58.64 -37.41 -76.80
N TRP O 624 58.60 -36.60 -77.87
CA TRP O 624 58.20 -37.13 -79.18
C TRP O 624 59.22 -38.11 -79.72
N HIS O 625 60.51 -37.80 -79.58
CA HIS O 625 61.56 -38.69 -80.05
C HIS O 625 61.55 -40.01 -79.30
N TYR O 626 61.29 -39.97 -77.98
CA TYR O 626 61.24 -41.18 -77.18
C TYR O 626 60.04 -42.04 -77.55
N ILE O 627 58.86 -41.43 -77.71
CA ILE O 627 57.69 -42.27 -78.00
C ILE O 627 57.76 -42.81 -79.41
N GLU O 628 58.40 -42.07 -80.34
CA GLU O 628 58.59 -42.58 -81.69
C GLU O 628 59.63 -43.69 -81.73
N GLN O 629 60.69 -43.60 -80.92
CA GLN O 629 61.70 -44.66 -80.94
C GLN O 629 61.29 -45.87 -80.13
N LYS O 630 60.39 -45.71 -79.17
CA LYS O 630 60.07 -46.79 -78.23
C LYS O 630 58.70 -47.38 -78.45
N ILE O 631 57.66 -46.55 -78.40
CA ILE O 631 56.30 -47.06 -78.27
C ILE O 631 55.71 -47.43 -79.61
N LEU O 632 55.79 -46.51 -80.58
CA LEU O 632 55.39 -46.68 -81.97
C LEU O 632 55.97 -47.93 -82.65
N PRO O 633 57.18 -48.41 -82.33
CA PRO O 633 57.50 -49.78 -82.76
C PRO O 633 56.70 -50.84 -82.02
N ASN O 634 56.57 -50.72 -80.71
CA ASN O 634 56.01 -51.80 -79.91
C ASN O 634 54.50 -51.71 -79.74
N VAL O 635 53.82 -50.87 -80.52
CA VAL O 635 52.38 -50.73 -80.42
C VAL O 635 51.77 -51.17 -81.75
N THR O 636 50.51 -51.60 -81.71
CA THR O 636 49.80 -52.00 -82.91
C THR O 636 49.22 -50.80 -83.64
N SER O 637 48.44 -49.98 -82.95
CA SER O 637 47.90 -48.75 -83.51
C SER O 637 47.79 -47.73 -82.38
N TYR O 638 47.42 -46.51 -82.74
CA TYR O 638 47.27 -45.47 -81.74
C TYR O 638 46.23 -44.46 -82.18
N MET O 639 46.07 -43.43 -81.36
CA MET O 639 45.05 -42.41 -81.54
C MET O 639 45.44 -41.19 -80.71
N LEU O 640 45.23 -40.00 -81.26
CA LEU O 640 45.45 -38.78 -80.51
C LEU O 640 44.31 -37.81 -80.80
N ILE O 641 43.57 -37.44 -79.76
CA ILE O 641 42.42 -36.56 -79.88
C ILE O 641 42.62 -35.38 -78.93
N LYS O 642 41.73 -34.40 -79.04
CA LYS O 642 41.72 -33.26 -78.14
C LYS O 642 40.32 -32.68 -78.08
N PRO O 643 39.52 -33.04 -77.08
CA PRO O 643 38.35 -32.23 -76.74
C PRO O 643 38.79 -30.93 -76.10
N PHE O 644 37.94 -29.92 -76.22
CA PHE O 644 38.33 -28.54 -75.93
C PHE O 644 37.27 -27.85 -75.08
N VAL O 645 37.59 -27.59 -73.80
CA VAL O 645 36.76 -26.71 -72.99
C VAL O 645 37.63 -25.59 -72.41
N THR O 646 38.93 -25.82 -72.33
CA THR O 646 39.88 -24.87 -71.74
C THR O 646 41.01 -24.60 -72.72
N ASN O 647 41.52 -23.37 -72.68
CA ASN O 647 42.59 -22.94 -73.58
C ASN O 647 43.90 -23.51 -73.05
N ASN O 648 44.32 -24.64 -73.62
CA ASN O 648 45.53 -25.31 -73.15
C ASN O 648 46.15 -26.10 -74.30
N VAL O 649 47.38 -26.55 -74.07
CA VAL O 649 48.14 -27.26 -75.09
C VAL O 649 48.12 -28.76 -74.88
N GLU O 650 47.26 -29.27 -74.00
CA GLU O 650 47.26 -30.70 -73.73
C GLU O 650 46.47 -31.45 -74.80
N VAL O 651 46.92 -32.67 -75.07
CA VAL O 651 46.25 -33.59 -75.98
C VAL O 651 46.09 -34.92 -75.26
N PHE O 652 45.22 -35.76 -75.82
CA PHE O 652 44.92 -37.07 -75.25
C PHE O 652 45.41 -38.14 -76.20
N PHE O 653 46.51 -38.78 -75.83
CA PHE O 653 47.12 -39.83 -76.64
C PHE O 653 46.58 -41.18 -76.21
N VAL O 654 46.08 -41.96 -77.18
CA VAL O 654 45.49 -43.26 -76.93
C VAL O 654 46.32 -44.29 -77.68
N ALA O 655 46.64 -45.40 -77.02
CA ALA O 655 47.35 -46.51 -77.65
C ALA O 655 46.39 -47.65 -77.94
N PHE O 656 46.84 -48.57 -78.80
CA PHE O 656 46.06 -49.76 -79.14
C PHE O 656 46.99 -50.93 -79.42
N GLY O 657 46.75 -52.05 -78.76
CA GLY O 657 47.54 -53.23 -79.02
C GLY O 657 48.97 -53.13 -78.57
N VAL O 658 49.19 -53.14 -77.26
CA VAL O 658 50.54 -52.93 -76.73
C VAL O 658 51.35 -54.20 -76.83
N HIS O 659 52.68 -54.03 -76.90
CA HIS O 659 53.68 -55.10 -76.93
C HIS O 659 53.49 -56.03 -78.13
N GLN O 660 53.30 -55.44 -79.32
CA GLN O 660 53.48 -56.14 -80.58
C GLN O 660 54.31 -55.25 -81.49
N GLN O 661 55.39 -55.80 -82.02
CA GLN O 661 56.31 -55.03 -82.85
C GLN O 661 55.67 -54.66 -84.19
N SER O 662 56.00 -53.48 -84.69
CA SER O 662 55.40 -52.95 -85.91
C SER O 662 56.27 -51.83 -86.45
N ALA O 663 56.59 -51.89 -87.73
CA ALA O 663 57.23 -50.77 -88.40
C ALA O 663 56.20 -49.66 -88.55
N LEU O 664 56.33 -48.61 -87.73
CA LEU O 664 55.24 -47.65 -87.58
C LEU O 664 55.82 -46.33 -87.08
N THR O 665 55.63 -45.27 -87.85
CA THR O 665 56.13 -43.94 -87.49
C THR O 665 55.01 -42.92 -87.50
N TRP O 666 55.36 -41.64 -87.39
CA TRP O 666 54.39 -40.56 -87.47
C TRP O 666 54.11 -40.21 -88.92
N THR O 667 52.95 -39.61 -89.16
CA THR O 667 52.46 -39.31 -90.50
C THR O 667 52.09 -37.84 -90.64
N SER O 668 52.00 -37.42 -91.91
CA SER O 668 51.74 -36.03 -92.22
C SER O 668 50.33 -35.59 -91.87
N GLY O 669 49.36 -36.51 -91.80
CA GLY O 669 48.03 -36.13 -91.33
C GLY O 669 48.03 -35.77 -89.86
N VAL O 670 48.76 -36.53 -89.05
CA VAL O 670 49.02 -36.18 -87.65
C VAL O 670 49.77 -34.86 -87.58
N TYR O 671 50.68 -34.64 -88.53
CA TYR O 671 51.43 -33.39 -88.58
C TYR O 671 50.52 -32.19 -88.85
N PHE O 672 49.61 -32.31 -89.82
CA PHE O 672 48.67 -31.22 -90.09
C PHE O 672 47.73 -30.98 -88.92
N PHE O 673 47.33 -32.06 -88.23
CA PHE O 673 46.49 -31.92 -87.04
C PHE O 673 47.22 -31.17 -85.94
N LEU O 674 48.50 -31.47 -85.75
CA LEU O 674 49.26 -30.85 -84.67
C LEU O 674 49.61 -29.41 -84.98
N VAL O 675 49.93 -29.12 -86.26
CA VAL O 675 50.15 -27.75 -86.71
C VAL O 675 48.90 -26.92 -86.48
N ASP O 676 47.75 -27.46 -86.86
CA ASP O 676 46.52 -26.68 -86.72
C ASP O 676 46.10 -26.56 -85.26
N HIS O 677 46.46 -27.54 -84.43
CA HIS O 677 46.19 -27.47 -83.00
C HIS O 677 46.99 -26.35 -82.33
N PHE O 678 48.31 -26.33 -82.56
CA PHE O 678 49.12 -25.25 -81.99
C PHE O 678 48.74 -23.89 -82.57
N TYR O 679 48.33 -23.85 -83.84
CA TYR O 679 47.93 -22.59 -84.44
C TYR O 679 46.62 -22.07 -83.84
N ARG O 680 45.65 -22.96 -83.60
CA ARG O 680 44.40 -22.47 -83.02
C ARG O 680 44.59 -22.13 -81.55
N TYR O 681 45.55 -22.78 -80.88
CA TYR O 681 45.94 -22.35 -79.53
C TYR O 681 46.48 -20.94 -79.56
N GLU O 682 47.36 -20.65 -80.53
CA GLU O 682 47.97 -19.32 -80.62
C GLU O 682 46.92 -18.25 -80.94
N THR O 683 46.00 -18.56 -81.85
CA THR O 683 44.97 -17.58 -82.20
C THR O 683 44.02 -17.32 -81.03
N LEU O 684 43.59 -18.38 -80.34
CA LEU O 684 42.64 -18.15 -79.25
C LEU O 684 43.33 -17.52 -78.04
N SER O 685 44.63 -17.76 -77.87
CA SER O 685 45.38 -17.06 -76.84
C SER O 685 45.53 -15.59 -77.16
N ALA O 686 45.73 -15.25 -78.44
CA ALA O 686 45.78 -13.85 -78.85
C ALA O 686 44.42 -13.18 -78.70
N ILE O 687 43.33 -13.96 -78.84
CA ILE O 687 42.01 -13.43 -78.57
C ILE O 687 41.82 -13.15 -77.08
N SER O 688 42.15 -14.13 -76.24
CA SER O 688 41.94 -13.99 -74.80
C SER O 688 42.89 -12.99 -74.16
N ARG O 689 43.99 -12.66 -74.82
CA ARG O 689 44.93 -11.69 -74.27
C ARG O 689 44.39 -10.28 -74.34
N GLN O 690 43.52 -9.99 -75.30
CA GLN O 690 43.00 -8.64 -75.48
C GLN O 690 41.80 -8.34 -74.58
N LEU O 691 41.04 -9.36 -74.21
CA LEU O 691 39.81 -9.16 -73.45
C LEU O 691 40.14 -8.72 -72.02
N PRO O 692 39.34 -7.83 -71.42
CA PRO O 692 39.56 -7.46 -70.03
C PRO O 692 39.24 -8.59 -69.06
N SER O 693 39.48 -8.32 -67.78
CA SER O 693 39.57 -9.36 -66.76
C SER O 693 38.17 -9.83 -66.35
N PHE O 694 38.10 -10.59 -65.26
CA PHE O 694 36.80 -11.14 -64.84
C PHE O 694 36.02 -10.13 -64.01
N GLY O 695 36.54 -9.77 -62.83
CA GLY O 695 35.84 -8.88 -61.94
C GLY O 695 36.30 -7.44 -61.98
N TYR O 696 36.22 -6.78 -63.12
CA TYR O 696 36.71 -5.42 -63.23
C TYR O 696 35.56 -4.42 -63.22
N VAL O 697 35.94 -3.15 -63.18
CA VAL O 697 35.01 -2.04 -63.36
C VAL O 697 35.36 -1.35 -64.68
N ASP O 698 34.34 -0.99 -65.44
CA ASP O 698 34.57 -0.37 -66.73
C ASP O 698 34.54 1.14 -66.57
N ASP O 699 35.38 1.82 -67.36
CA ASP O 699 35.42 3.27 -67.31
C ASP O 699 35.59 3.90 -68.69
N GLY O 700 35.29 3.16 -69.75
CA GLY O 700 35.47 3.66 -71.10
C GLY O 700 36.91 3.75 -71.55
N SER O 701 37.83 3.11 -70.83
CA SER O 701 39.24 3.14 -71.21
C SER O 701 39.60 2.06 -72.22
N SER O 702 39.01 0.88 -72.11
CA SER O 702 39.33 -0.21 -73.01
C SER O 702 38.61 -0.03 -74.35
N VAL O 703 39.13 -0.71 -75.38
CA VAL O 703 38.54 -0.62 -76.70
C VAL O 703 37.25 -1.42 -76.78
N THR O 704 37.11 -2.45 -75.95
CA THR O 704 35.90 -3.24 -75.85
C THR O 704 35.32 -3.07 -74.46
N GLY O 705 34.01 -3.23 -74.34
CA GLY O 705 33.34 -3.03 -73.08
C GLY O 705 31.98 -2.42 -73.29
N ILE O 706 31.39 -1.95 -72.20
CA ILE O 706 30.06 -1.40 -72.21
C ILE O 706 30.13 0.11 -72.08
N GLU O 707 29.00 0.76 -72.33
CA GLU O 707 28.86 2.18 -72.05
C GLU O 707 27.40 2.47 -71.77
N ILE O 708 27.13 3.24 -70.71
CA ILE O 708 25.80 3.73 -70.40
C ILE O 708 25.90 5.21 -70.08
N ILE O 709 24.82 5.94 -70.36
CA ILE O 709 24.67 7.31 -69.94
C ILE O 709 23.28 7.48 -69.36
N SER O 710 23.08 8.58 -68.65
CA SER O 710 21.82 8.86 -67.97
C SER O 710 21.42 10.30 -68.19
N ILE O 711 20.27 10.51 -68.84
CA ILE O 711 19.66 11.82 -68.98
C ILE O 711 18.24 11.74 -68.47
N GLU O 712 17.67 12.89 -68.17
CA GLU O 712 16.28 13.00 -67.74
C GLU O 712 15.47 13.76 -68.78
N ASN O 713 14.22 13.35 -68.97
CA ASN O 713 13.36 13.96 -69.98
C ASN O 713 12.13 14.63 -69.36
N PRO O 714 12.10 15.95 -69.30
CA PRO O 714 10.89 16.60 -68.80
C PRO O 714 9.79 16.66 -69.84
N GLY O 715 8.77 15.82 -69.67
CA GLY O 715 7.57 15.76 -70.49
C GLY O 715 7.86 15.39 -71.94
N PHE O 716 6.91 15.76 -72.80
CA PHE O 716 7.11 15.62 -74.24
C PHE O 716 7.64 16.93 -74.83
N SER O 717 8.70 17.44 -74.21
CA SER O 717 9.34 18.66 -74.68
C SER O 717 10.40 18.30 -75.71
N ASN O 718 10.56 19.18 -76.68
CA ASN O 718 11.63 19.04 -77.67
C ASN O 718 12.93 19.33 -76.96
N MET O 719 13.68 18.29 -76.63
CA MET O 719 14.82 18.43 -75.74
C MET O 719 16.00 19.08 -76.46
N THR O 720 17.02 19.42 -75.67
CA THR O 720 18.05 20.34 -76.09
C THR O 720 18.98 19.73 -77.12
N GLN O 721 19.76 20.60 -77.77
CA GLN O 721 20.75 20.12 -78.72
C GLN O 721 21.90 19.43 -78.03
N ALA O 722 22.16 19.77 -76.76
CA ALA O 722 23.28 19.18 -76.02
C ALA O 722 23.05 17.69 -75.78
N ALA O 723 21.86 17.33 -75.30
CA ALA O 723 21.53 15.93 -75.12
C ALA O 723 21.41 15.20 -76.45
N ARG O 724 21.02 15.91 -77.51
CA ARG O 724 20.94 15.29 -78.83
C ARG O 724 22.34 14.94 -79.34
N VAL O 725 23.30 15.84 -79.15
CA VAL O 725 24.69 15.55 -79.49
C VAL O 725 25.24 14.45 -78.60
N GLY O 726 24.80 14.37 -77.34
CA GLY O 726 25.25 13.30 -76.46
C GLY O 726 24.77 11.92 -76.90
N ILE O 727 23.47 11.81 -77.24
CA ILE O 727 22.93 10.53 -77.68
C ILE O 727 23.51 10.13 -79.03
N SER O 728 23.63 11.09 -79.95
CA SER O 728 24.22 10.78 -81.25
C SER O 728 25.71 10.48 -81.15
N GLY O 729 26.41 11.05 -80.16
CA GLY O 729 27.78 10.70 -79.94
C GLY O 729 27.94 9.31 -79.37
N LEU O 730 27.01 8.89 -78.51
CA LEU O 730 27.02 7.50 -78.08
C LEU O 730 26.66 6.57 -79.23
N CYS O 731 25.81 7.02 -80.15
CA CYS O 731 25.51 6.21 -81.34
C CYS O 731 26.75 6.04 -82.22
N ALA O 732 27.50 7.13 -82.42
CA ALA O 732 28.75 7.06 -83.18
C ALA O 732 29.81 6.25 -82.43
N ASN O 733 29.74 6.24 -81.11
CA ASN O 733 30.64 5.41 -80.33
C ASN O 733 30.26 3.94 -80.41
N VAL O 734 28.97 3.63 -80.54
CA VAL O 734 28.53 2.25 -80.44
C VAL O 734 28.52 1.54 -81.79
N GLY O 735 28.30 2.26 -82.90
CA GLY O 735 28.41 1.66 -84.21
C GLY O 735 27.39 0.58 -84.50
N ASN O 736 26.12 0.99 -84.68
CA ASN O 736 24.93 0.23 -85.06
C ASN O 736 24.80 -1.17 -84.47
N ALA O 737 25.12 -1.31 -83.18
CA ALA O 737 24.93 -2.54 -82.45
C ALA O 737 23.61 -2.47 -81.69
N ARG O 738 23.29 -3.55 -80.98
CA ARG O 738 22.05 -3.58 -80.20
C ARG O 738 22.17 -2.71 -78.97
N LYS O 739 21.02 -2.16 -78.56
CA LYS O 739 20.98 -1.28 -77.40
C LYS O 739 19.61 -1.37 -76.76
N SER O 740 19.58 -1.18 -75.44
CA SER O 740 18.35 -1.24 -74.68
C SER O 740 18.23 -0.01 -73.81
N ILE O 741 16.99 0.43 -73.59
CA ILE O 741 16.71 1.63 -72.82
C ILE O 741 15.85 1.27 -71.62
N ALA O 742 15.70 2.24 -70.72
CA ALA O 742 14.82 2.10 -69.57
C ALA O 742 14.31 3.47 -69.15
N ILE O 743 13.05 3.53 -68.76
CA ILE O 743 12.38 4.76 -68.36
C ILE O 743 11.78 4.54 -66.99
N TYR O 744 12.27 5.27 -65.99
CA TYR O 744 11.78 5.12 -64.63
C TYR O 744 12.08 6.38 -63.86
N GLU O 745 11.24 6.65 -62.85
CA GLU O 745 11.45 7.80 -61.98
C GLU O 745 12.64 7.54 -61.09
N SER O 746 13.78 8.18 -61.40
CA SER O 746 14.98 8.05 -60.58
C SER O 746 14.91 9.10 -59.48
N HIS O 747 14.38 8.68 -58.33
CA HIS O 747 14.56 9.34 -57.04
C HIS O 747 13.84 10.69 -56.99
N GLY O 748 12.77 10.83 -57.77
CA GLY O 748 12.06 12.08 -57.91
C GLY O 748 12.04 12.66 -59.30
N ALA O 749 12.70 12.02 -60.27
CA ALA O 749 12.73 12.53 -61.64
C ALA O 749 12.78 11.35 -62.61
N ARG O 750 11.99 11.43 -63.67
CA ARG O 750 11.98 10.40 -64.69
C ARG O 750 13.29 10.44 -65.48
N VAL O 751 13.97 9.29 -65.58
CA VAL O 751 15.31 9.24 -66.13
C VAL O 751 15.28 8.38 -67.40
N LEU O 752 16.31 8.56 -68.23
CA LEU O 752 16.53 7.76 -69.43
C LEU O 752 17.90 7.12 -69.36
N THR O 753 17.97 5.86 -69.73
CA THR O 753 19.24 5.14 -69.79
C THR O 753 19.44 4.63 -71.21
N ILE O 754 20.67 4.68 -71.69
CA ILE O 754 21.03 4.18 -73.00
C ILE O 754 22.13 3.16 -72.79
N THR O 755 21.78 1.88 -72.85
CA THR O 755 22.69 0.80 -72.49
C THR O 755 23.09 0.01 -73.74
N SER O 756 24.38 0.05 -74.06
CA SER O 756 24.93 -0.81 -75.11
C SER O 756 26.42 -0.98 -74.86
N ARG O 757 27.12 -1.48 -75.87
CA ARG O 757 28.48 -2.00 -75.72
C ARG O 757 29.37 -1.54 -76.87
N ARG O 758 30.62 -1.22 -76.55
CA ARG O 758 31.58 -0.78 -77.56
C ARG O 758 32.41 -1.95 -78.08
N SER O 759 33.05 -1.74 -79.22
CA SER O 759 33.81 -2.77 -79.91
C SER O 759 34.88 -2.10 -80.75
N PRO O 760 35.98 -2.80 -81.06
CA PRO O 760 36.98 -2.20 -81.96
C PRO O 760 36.49 -2.00 -83.38
N ALA O 761 35.53 -2.80 -83.84
CA ALA O 761 34.90 -2.52 -85.13
C ALA O 761 34.11 -1.22 -85.07
N SER O 762 33.43 -0.98 -83.95
CA SER O 762 32.81 0.33 -83.73
C SER O 762 33.83 1.44 -83.65
N ALA O 763 35.02 1.14 -83.12
CA ALA O 763 36.07 2.16 -83.04
C ALA O 763 36.56 2.52 -84.44
N ARG O 764 36.72 1.54 -85.32
CA ARG O 764 37.16 1.84 -86.68
C ARG O 764 36.04 2.51 -87.47
N ARG O 765 34.79 2.18 -87.18
CA ARG O 765 33.66 2.92 -87.77
C ARG O 765 33.65 4.38 -87.33
N LYS O 766 33.87 4.62 -86.03
CA LYS O 766 33.87 5.98 -85.51
C LYS O 766 35.05 6.78 -86.03
N ALA O 767 36.20 6.12 -86.23
CA ALA O 767 37.33 6.78 -86.85
C ALA O 767 37.15 6.97 -88.35
N ARG O 768 36.21 6.25 -88.96
CA ARG O 768 36.03 6.38 -90.40
C ARG O 768 35.37 7.71 -90.78
N LEU O 769 34.43 8.17 -89.98
CA LEU O 769 33.64 9.34 -90.36
C LEU O 769 34.12 10.59 -89.63
N ARG O 770 34.09 11.72 -90.34
CA ARG O 770 34.60 12.97 -89.83
C ARG O 770 33.67 13.56 -88.78
N TYR O 771 32.46 13.89 -89.18
CA TYR O 771 31.45 14.44 -88.27
C TYR O 771 30.50 13.34 -87.84
N LEU O 772 29.99 13.47 -86.62
CA LEU O 772 28.96 12.48 -86.32
C LEU O 772 27.60 12.98 -86.77
N PRO O 773 26.75 12.12 -87.31
CA PRO O 773 25.38 12.54 -87.64
C PRO O 773 24.55 12.60 -86.38
N LEU O 774 23.37 13.19 -86.51
CA LEU O 774 22.46 13.30 -85.37
C LEU O 774 21.14 12.62 -85.71
N ILE O 775 20.36 12.34 -84.68
CA ILE O 775 19.27 11.38 -84.77
C ILE O 775 17.93 12.09 -84.63
N ASP O 776 16.86 11.32 -84.81
CA ASP O 776 15.52 11.82 -84.58
C ASP O 776 15.19 11.71 -83.10
N PRO O 777 14.89 12.82 -82.41
CA PRO O 777 14.46 12.74 -81.02
C PRO O 777 13.04 12.22 -80.83
N ARG O 778 12.26 12.10 -81.90
CA ARG O 778 10.85 11.78 -81.79
C ARG O 778 10.62 10.37 -81.26
N SER O 779 11.44 9.42 -81.72
CA SER O 779 11.32 8.03 -81.28
C SER O 779 11.62 7.84 -79.80
N LEU O 780 12.31 8.80 -79.18
CA LEU O 780 12.49 8.79 -77.73
C LEU O 780 11.46 9.64 -77.02
N GLU O 781 10.96 10.68 -77.68
CA GLU O 781 10.00 11.57 -77.04
C GLU O 781 8.56 11.09 -77.12
N VAL O 782 8.27 10.04 -77.87
CA VAL O 782 6.90 9.53 -77.90
C VAL O 782 6.59 8.72 -76.63
N GLN O 783 7.58 8.03 -76.06
CA GLN O 783 7.33 7.06 -74.99
C GLN O 783 6.93 7.74 -73.69
N ALA O 784 5.91 7.17 -73.04
CA ALA O 784 5.43 7.65 -71.75
C ALA O 784 5.23 6.52 -70.75
N ARG O 785 5.70 5.32 -71.06
CA ARG O 785 5.56 4.18 -70.18
C ARG O 785 6.80 4.01 -69.32
N THR O 786 6.65 3.22 -68.26
CA THR O 786 7.71 3.06 -67.26
C THR O 786 8.44 1.76 -67.54
N ILE O 787 9.61 1.87 -68.17
CA ILE O 787 10.44 0.71 -68.48
C ILE O 787 11.37 0.48 -67.31
N LEU O 788 11.09 -0.56 -66.53
CA LEU O 788 11.89 -0.83 -65.33
C LEU O 788 13.27 -1.32 -65.72
N PRO O 789 14.32 -0.84 -65.04
CA PRO O 789 15.68 -1.14 -65.47
C PRO O 789 16.12 -2.54 -65.05
N SER O 790 17.32 -2.89 -65.49
CA SER O 790 17.98 -4.13 -65.08
C SER O 790 19.42 -3.81 -64.77
N ASN O 791 20.09 -4.78 -64.14
CA ASN O 791 21.50 -4.65 -63.84
C ASN O 791 22.33 -4.63 -65.12
N PRO O 792 23.46 -3.93 -65.13
CA PRO O 792 24.33 -3.97 -66.31
C PRO O 792 25.05 -5.30 -66.41
N VAL O 793 24.88 -5.95 -67.55
CA VAL O 793 25.56 -7.21 -67.84
C VAL O 793 26.52 -6.99 -69.00
N LEU O 794 27.63 -7.72 -68.98
CA LEU O 794 28.57 -7.62 -70.09
C LEU O 794 28.05 -8.36 -71.32
N PHE O 795 27.26 -9.39 -71.12
CA PHE O 795 26.79 -10.24 -72.20
C PHE O 795 25.28 -10.21 -72.26
N ASP O 796 24.75 -9.70 -73.37
CA ASP O 796 23.30 -9.69 -73.57
C ASP O 796 22.79 -11.09 -73.86
N ASN O 797 23.47 -11.82 -74.73
CA ASN O 797 22.99 -13.12 -75.16
C ASN O 797 23.35 -14.18 -74.13
N ILE O 798 22.40 -15.08 -73.88
CA ILE O 798 22.55 -16.13 -72.88
C ILE O 798 22.56 -17.51 -73.51
N ASN O 799 21.60 -17.79 -74.40
CA ASN O 799 21.48 -19.12 -74.98
C ASN O 799 22.56 -19.41 -76.01
N GLY O 800 23.23 -18.39 -76.52
CA GLY O 800 24.27 -18.55 -77.51
C GLY O 800 23.88 -18.00 -78.87
N ALA O 801 24.90 -17.75 -79.67
CA ALA O 801 24.70 -17.21 -81.01
C ALA O 801 24.09 -18.28 -81.92
N SER O 802 23.23 -17.83 -82.84
CA SER O 802 22.65 -18.75 -83.80
C SER O 802 23.69 -19.09 -84.87
N PRO O 803 23.53 -20.24 -85.55
CA PRO O 803 24.44 -20.55 -86.66
C PRO O 803 24.39 -19.55 -87.82
N HIS O 804 23.30 -18.81 -87.97
CA HIS O 804 23.27 -17.77 -88.99
C HIS O 804 24.11 -16.57 -88.60
N VAL O 805 24.11 -16.23 -87.30
CA VAL O 805 25.04 -15.23 -86.78
C VAL O 805 26.48 -15.72 -86.96
N CYS O 806 26.69 -17.03 -86.76
CA CYS O 806 28.02 -17.62 -86.94
C CYS O 806 28.50 -17.51 -88.39
N LEU O 807 27.62 -17.80 -89.37
CA LEU O 807 28.03 -17.70 -90.77
C LEU O 807 28.25 -16.25 -91.18
N THR O 808 27.44 -15.33 -90.65
CA THR O 808 27.67 -13.91 -90.88
C THR O 808 29.03 -13.48 -90.33
N MET O 809 29.42 -14.03 -89.19
CA MET O 809 30.72 -13.72 -88.63
C MET O 809 31.85 -14.31 -89.46
N MET O 810 31.66 -15.55 -89.94
CA MET O 810 32.60 -16.17 -90.88
C MET O 810 32.81 -15.29 -92.09
N TYR O 811 31.71 -14.82 -92.68
CA TYR O 811 31.76 -14.10 -93.94
C TYR O 811 32.41 -12.73 -93.75
N ASN O 812 32.01 -12.04 -92.68
CA ASN O 812 32.64 -10.78 -92.31
C ASN O 812 34.13 -10.92 -92.09
N PHE O 813 34.55 -12.03 -91.47
CA PHE O 813 35.96 -12.22 -91.22
C PHE O 813 36.74 -12.44 -92.50
N GLU O 814 36.22 -13.27 -93.43
CA GLU O 814 37.02 -13.50 -94.62
C GLU O 814 37.01 -12.29 -95.54
N VAL O 815 35.95 -11.47 -95.52
CA VAL O 815 35.96 -10.24 -96.31
C VAL O 815 36.93 -9.22 -95.71
N SER O 816 36.96 -9.11 -94.39
CA SER O 816 37.91 -8.21 -93.73
C SER O 816 39.34 -8.66 -93.91
N SER O 817 39.57 -9.98 -93.99
CA SER O 817 40.92 -10.46 -94.26
C SER O 817 41.32 -10.25 -95.71
N ALA O 818 40.38 -10.43 -96.65
CA ALA O 818 40.71 -10.27 -98.06
C ALA O 818 40.89 -8.83 -98.47
N VAL O 819 40.19 -7.90 -97.83
CA VAL O 819 40.33 -6.48 -98.16
C VAL O 819 41.63 -5.97 -97.56
N TYR O 820 42.20 -4.94 -98.17
CA TYR O 820 43.40 -4.29 -97.69
C TYR O 820 43.14 -2.80 -97.53
N ASP O 821 44.17 -2.08 -97.09
CA ASP O 821 44.04 -0.66 -96.85
C ASP O 821 44.23 0.10 -98.16
N GLY O 822 43.45 1.17 -98.33
CA GLY O 822 43.53 1.98 -99.52
C GLY O 822 43.01 1.26 -100.75
N ASP O 823 41.70 1.01 -100.80
CA ASP O 823 41.13 0.21 -101.87
C ASP O 823 39.68 0.60 -102.09
N VAL O 824 39.31 0.74 -103.35
CA VAL O 824 37.90 0.89 -103.71
C VAL O 824 37.26 -0.49 -103.74
N VAL O 825 36.08 -0.60 -103.14
CA VAL O 825 35.36 -1.86 -103.08
C VAL O 825 33.96 -1.63 -103.66
N LEU O 826 33.26 -2.74 -103.86
CA LEU O 826 31.84 -2.69 -104.20
C LEU O 826 31.12 -3.83 -103.51
N ASP O 827 30.06 -3.49 -102.79
CA ASP O 827 29.27 -4.46 -102.03
C ASP O 827 27.94 -4.66 -102.76
N LEU O 828 27.72 -5.86 -103.25
CA LEU O 828 26.47 -6.23 -103.91
C LEU O 828 25.54 -6.81 -102.87
N GLY O 829 24.37 -6.20 -102.71
CA GLY O 829 23.46 -6.61 -101.67
C GLY O 829 23.99 -6.25 -100.30
N THR O 830 24.04 -4.94 -100.01
CA THR O 830 24.63 -4.47 -98.76
C THR O 830 23.78 -4.81 -97.54
N GLY O 831 22.50 -5.10 -97.75
CA GLY O 831 21.61 -5.39 -96.65
C GLY O 831 21.03 -4.11 -96.07
N PRO O 832 20.49 -4.20 -94.87
CA PRO O 832 19.92 -3.01 -94.22
C PRO O 832 20.99 -2.01 -93.80
N GLU O 833 21.98 -2.50 -93.06
CA GLU O 833 23.14 -1.71 -92.67
C GLU O 833 24.38 -2.50 -93.02
N ALA O 834 25.21 -1.93 -93.90
CA ALA O 834 26.34 -2.65 -94.46
C ALA O 834 27.43 -2.83 -93.43
N LYS O 835 27.79 -4.09 -93.16
CA LYS O 835 28.90 -4.37 -92.26
C LYS O 835 30.26 -4.12 -92.89
N ILE O 836 30.29 -3.89 -94.21
CA ILE O 836 31.51 -3.54 -94.91
C ILE O 836 32.07 -2.20 -94.42
N LEU O 837 31.23 -1.35 -93.83
CA LEU O 837 31.72 -0.15 -93.16
C LEU O 837 32.52 -0.50 -91.93
N GLU O 838 32.19 -1.61 -91.27
CA GLU O 838 32.92 -2.06 -90.10
C GLU O 838 34.08 -2.99 -90.44
N LEU O 839 34.12 -3.53 -91.66
CA LEU O 839 35.18 -4.49 -91.96
C LEU O 839 36.44 -3.82 -92.47
N ILE O 840 36.32 -2.93 -93.46
CA ILE O 840 37.46 -2.38 -94.19
C ILE O 840 38.24 -1.41 -93.31
N PRO O 841 39.50 -1.10 -93.65
CA PRO O 841 40.20 -0.03 -92.94
C PRO O 841 39.55 1.33 -93.15
N SER O 842 39.94 2.26 -92.29
CA SER O 842 39.27 3.56 -92.18
C SER O 842 39.55 4.48 -93.37
N THR O 843 40.56 4.18 -94.18
CA THR O 843 40.95 5.08 -95.26
C THR O 843 40.47 4.62 -96.63
N SER O 844 39.90 3.45 -96.73
CA SER O 844 39.51 2.91 -98.03
C SER O 844 38.05 3.24 -98.32
N PRO O 845 37.73 3.76 -99.51
CA PRO O 845 36.34 4.13 -99.83
C PRO O 845 35.52 2.91 -100.26
N VAL O 846 34.23 3.16 -100.46
CA VAL O 846 33.29 2.14 -100.93
C VAL O 846 32.58 2.65 -102.16
N THR O 847 32.08 1.70 -102.96
CA THR O 847 31.05 1.95 -103.98
C THR O 847 30.00 0.87 -103.79
N CYS O 848 29.12 1.05 -102.81
CA CYS O 848 28.20 -0.02 -102.42
C CYS O 848 26.77 0.34 -102.78
N VAL O 849 25.98 -0.70 -103.09
CA VAL O 849 24.65 -0.52 -103.64
C VAL O 849 23.84 -1.77 -103.33
N ASP O 850 22.54 -1.59 -103.17
CA ASP O 850 21.62 -2.68 -102.83
C ASP O 850 20.24 -2.28 -103.31
N ILE O 851 19.38 -3.29 -103.53
CA ILE O 851 17.97 -3.02 -103.81
C ILE O 851 17.27 -2.49 -102.57
N ARG O 852 17.78 -2.81 -101.39
CA ARG O 852 17.18 -2.35 -100.15
C ARG O 852 17.59 -0.91 -99.89
N PRO O 853 16.65 0.03 -99.74
CA PRO O 853 17.03 1.41 -99.41
C PRO O 853 17.47 1.54 -97.96
N THR O 854 18.70 1.96 -97.76
CA THR O 854 19.30 2.02 -96.44
C THR O 854 19.18 3.42 -95.84
N ALA O 855 19.45 3.51 -94.54
CA ALA O 855 19.44 4.77 -93.80
C ALA O 855 20.81 5.07 -93.20
N GLN O 856 21.85 4.83 -93.99
CA GLN O 856 23.20 5.16 -93.56
C GLN O 856 23.42 6.67 -93.64
N PRO O 857 24.32 7.21 -92.81
CA PRO O 857 24.54 8.68 -92.83
C PRO O 857 25.28 9.11 -94.08
N ASN O 858 24.55 9.80 -94.96
CA ASN O 858 25.12 10.29 -96.21
C ASN O 858 25.90 11.57 -95.93
N GLY O 859 27.11 11.65 -96.47
CA GLY O 859 27.97 12.80 -96.24
C GLY O 859 28.61 12.77 -94.87
N CYS O 860 29.40 13.81 -94.62
CA CYS O 860 30.27 13.99 -93.45
C CYS O 860 31.11 12.74 -93.15
N TRP O 861 31.94 12.39 -94.14
CA TRP O 861 32.87 11.28 -94.04
C TRP O 861 34.29 11.81 -94.25
N ASN O 862 35.26 11.06 -93.72
CA ASN O 862 36.66 11.36 -94.05
C ASN O 862 36.99 10.87 -95.45
N VAL O 863 36.88 9.57 -95.68
CA VAL O 863 36.95 9.01 -97.03
C VAL O 863 35.52 8.73 -97.46
N ARG O 864 35.23 8.99 -98.74
CA ARG O 864 33.85 9.10 -99.20
C ARG O 864 33.14 7.75 -99.21
N THR O 865 31.82 7.81 -99.08
CA THR O 865 30.95 6.66 -99.22
C THR O 865 29.94 6.92 -100.32
N THR O 866 29.17 5.90 -100.68
CA THR O 866 28.18 6.01 -101.75
C THR O 866 27.04 5.05 -101.44
N PHE O 867 25.82 5.58 -101.41
CA PHE O 867 24.64 4.78 -101.10
C PHE O 867 23.52 5.12 -102.08
N LEU O 868 22.99 4.10 -102.75
CA LEU O 868 21.92 4.29 -103.72
C LEU O 868 21.26 2.93 -103.97
N GLU O 869 20.23 2.95 -104.82
CA GLU O 869 19.52 1.73 -105.20
C GLU O 869 19.23 1.77 -106.70
N LEU O 870 19.59 0.69 -107.40
CA LEU O 870 19.41 0.69 -108.84
C LEU O 870 19.01 -0.65 -109.44
N ASP O 871 18.58 -1.62 -108.63
CA ASP O 871 18.30 -3.01 -109.04
C ASP O 871 19.54 -3.64 -109.68
N TYR O 872 20.52 -3.91 -108.80
CA TYR O 872 21.91 -4.21 -109.14
C TYR O 872 22.08 -5.33 -110.18
N LEU O 873 21.14 -6.27 -110.26
CA LEU O 873 21.21 -7.31 -111.29
C LEU O 873 20.70 -6.70 -112.59
N SER O 874 21.56 -5.87 -113.19
CA SER O 874 21.28 -5.16 -114.44
C SER O 874 22.63 -4.64 -114.94
N ASP O 875 22.59 -3.83 -115.99
CA ASP O 875 23.79 -3.34 -116.65
C ASP O 875 23.74 -1.81 -116.76
N GLY O 876 24.80 -1.25 -117.34
CA GLY O 876 24.88 0.16 -117.62
C GLY O 876 25.42 1.01 -116.49
N TRP O 877 25.45 0.49 -115.26
CA TRP O 877 25.84 1.29 -114.11
C TRP O 877 27.28 1.05 -113.67
N ILE O 878 27.83 -0.15 -113.93
CA ILE O 878 29.24 -0.36 -113.65
C ILE O 878 30.10 0.31 -114.69
N THR O 879 29.53 0.63 -115.86
CA THR O 879 30.20 1.52 -116.79
C THR O 879 30.28 2.94 -116.24
N GLY O 880 29.39 3.30 -115.32
CA GLY O 880 29.45 4.59 -114.67
C GLY O 880 30.37 4.61 -113.46
N VAL O 881 30.18 3.69 -112.53
CA VAL O 881 30.93 3.65 -111.29
C VAL O 881 31.84 2.41 -111.30
N ARG O 882 33.09 2.59 -110.89
CA ARG O 882 34.10 1.54 -110.98
C ARG O 882 34.55 1.10 -109.60
N GLY O 883 35.21 -0.05 -109.56
CA GLY O 883 35.75 -0.61 -108.34
C GLY O 883 36.97 -1.47 -108.57
N ASP O 884 37.38 -2.23 -107.54
CA ASP O 884 38.55 -3.09 -107.64
C ASP O 884 38.27 -4.52 -107.20
N ILE O 885 37.42 -4.72 -106.19
CA ILE O 885 37.14 -6.05 -105.68
C ILE O 885 35.65 -6.16 -105.34
N VAL O 886 35.04 -7.26 -105.78
CA VAL O 886 33.60 -7.45 -105.68
C VAL O 886 33.30 -8.29 -104.45
N THR O 887 32.39 -7.80 -103.59
CA THR O 887 31.91 -8.54 -102.43
C THR O 887 30.40 -8.69 -102.55
N CYS O 888 29.95 -9.89 -102.92
CA CYS O 888 28.53 -10.19 -103.08
C CYS O 888 28.17 -11.30 -102.10
N MET O 889 27.72 -10.92 -100.91
CA MET O 889 27.40 -11.86 -99.86
C MET O 889 25.89 -11.99 -99.73
N LEU O 890 25.39 -13.22 -99.90
CA LEU O 890 24.01 -13.66 -99.67
C LEU O 890 22.98 -13.03 -100.61
N SER O 891 23.40 -12.21 -101.56
CA SER O 891 22.46 -11.54 -102.44
C SER O 891 22.18 -12.34 -103.70
N LEU O 892 22.99 -13.36 -103.99
CA LEU O 892 22.77 -14.20 -105.16
C LEU O 892 21.49 -15.01 -105.03
N GLY O 893 21.38 -15.80 -103.96
CA GLY O 893 20.18 -16.57 -103.73
C GLY O 893 18.97 -15.71 -103.43
N ALA O 894 19.18 -14.55 -102.82
CA ALA O 894 18.08 -13.62 -102.54
C ALA O 894 17.51 -13.05 -103.84
N ALA O 895 18.38 -12.61 -104.75
CA ALA O 895 17.92 -12.09 -106.02
C ALA O 895 17.34 -13.19 -106.90
N ALA O 896 17.87 -14.42 -106.79
CA ALA O 896 17.34 -15.52 -107.59
C ALA O 896 15.96 -15.94 -107.09
N ALA O 897 15.74 -15.91 -105.77
CA ALA O 897 14.43 -16.20 -105.24
C ALA O 897 13.45 -15.06 -105.48
N GLY O 898 13.96 -13.83 -105.57
CA GLY O 898 13.09 -12.71 -105.87
C GLY O 898 12.65 -12.69 -107.33
N LYS O 899 13.55 -13.04 -108.24
CA LYS O 899 13.25 -13.05 -109.66
C LYS O 899 12.84 -14.43 -110.18
N SER O 900 12.75 -15.42 -109.29
CA SER O 900 12.30 -16.80 -109.60
C SER O 900 13.14 -17.45 -110.69
N MET O 901 14.44 -17.15 -110.73
CA MET O 901 15.33 -17.60 -111.77
C MET O 901 16.45 -18.43 -111.18
N THR O 902 17.10 -19.21 -112.05
CA THR O 902 18.08 -20.17 -111.58
C THR O 902 19.44 -19.51 -111.37
N PHE O 903 20.30 -20.23 -110.63
CA PHE O 903 21.63 -19.74 -110.36
C PHE O 903 22.48 -19.68 -111.61
N ASP O 904 22.22 -20.55 -112.59
CA ASP O 904 22.98 -20.52 -113.84
C ASP O 904 22.74 -19.23 -114.60
N ALA O 905 21.46 -18.85 -114.76
CA ALA O 905 21.12 -17.62 -115.47
C ALA O 905 21.54 -16.38 -114.68
N ALA O 906 21.34 -16.40 -113.35
CA ALA O 906 21.76 -15.28 -112.52
C ALA O 906 23.26 -15.11 -112.54
N PHE O 907 24.01 -16.22 -112.52
CA PHE O 907 25.45 -16.15 -112.46
C PHE O 907 26.04 -15.76 -113.82
N GLN O 908 25.41 -16.19 -114.91
CA GLN O 908 25.95 -15.78 -116.22
C GLN O 908 25.63 -14.30 -116.49
N GLN O 909 24.48 -13.82 -116.03
CA GLN O 909 24.18 -12.39 -116.12
C GLN O 909 25.13 -11.56 -115.25
N LEU O 910 25.42 -12.06 -114.05
CA LEU O 910 26.30 -11.35 -113.14
C LEU O 910 27.73 -11.35 -113.65
N VAL O 911 28.17 -12.45 -114.27
CA VAL O 911 29.54 -12.47 -114.77
C VAL O 911 29.63 -11.70 -116.08
N ARG O 912 28.51 -11.53 -116.78
CA ARG O 912 28.49 -10.63 -117.94
C ARG O 912 28.65 -9.18 -117.50
N VAL O 913 27.91 -8.77 -116.47
CA VAL O 913 28.05 -7.39 -116.02
C VAL O 913 29.33 -7.19 -115.20
N LEU O 914 30.02 -8.27 -114.82
CA LEU O 914 31.38 -8.13 -114.31
C LEU O 914 32.44 -8.16 -115.41
N THR O 915 32.14 -8.71 -116.58
CA THR O 915 32.97 -8.41 -117.74
C THR O 915 32.79 -6.95 -118.16
N ARG O 916 31.63 -6.37 -117.87
CA ARG O 916 31.48 -4.92 -117.99
C ARG O 916 32.31 -4.16 -116.95
N SER O 917 32.69 -4.80 -115.85
CA SER O 917 33.32 -4.11 -114.74
C SER O 917 34.81 -3.86 -115.02
N THR O 918 35.49 -3.30 -114.02
CA THR O 918 36.92 -3.05 -114.08
C THR O 918 37.67 -3.78 -112.97
N ALA O 919 37.00 -4.63 -112.20
CA ALA O 919 37.62 -5.31 -111.08
C ALA O 919 38.49 -6.47 -111.56
N ASN O 920 39.64 -6.62 -110.93
CA ASN O 920 40.54 -7.72 -111.27
C ASN O 920 40.32 -8.95 -110.39
N VAL O 921 40.03 -8.74 -109.12
CA VAL O 921 39.74 -9.81 -108.19
C VAL O 921 38.30 -9.68 -107.72
N LEU O 922 37.74 -10.80 -107.27
CA LEU O 922 36.37 -10.81 -106.79
C LEU O 922 36.18 -12.02 -105.89
N LEU O 923 35.12 -11.95 -105.09
CA LEU O 923 34.73 -13.05 -104.21
C LEU O 923 33.24 -12.89 -103.91
N ILE O 924 32.44 -13.86 -104.35
CA ILE O 924 31.00 -13.78 -104.21
C ILE O 924 30.51 -15.00 -103.42
N GLN O 925 29.33 -14.86 -102.83
CA GLN O 925 28.71 -15.92 -102.06
C GLN O 925 27.91 -16.82 -103.00
N VAL O 926 28.44 -17.99 -103.30
CA VAL O 926 27.73 -18.99 -104.08
C VAL O 926 27.21 -20.05 -103.13
N ASN O 927 26.30 -20.87 -103.65
CA ASN O 927 25.66 -21.90 -102.84
C ASN O 927 25.96 -23.23 -103.54
N CYS O 928 27.10 -23.81 -103.19
CA CYS O 928 27.61 -25.01 -103.86
C CYS O 928 27.85 -26.11 -102.85
N PRO O 929 27.30 -27.31 -103.05
CA PRO O 929 27.65 -28.44 -102.18
C PRO O 929 29.05 -28.92 -102.49
N THR O 930 29.85 -29.07 -101.44
CA THR O 930 31.20 -29.60 -101.58
C THR O 930 31.28 -31.07 -101.21
N ASP O 931 30.74 -31.42 -100.05
CA ASP O 931 30.71 -32.79 -99.57
C ASP O 931 29.40 -33.44 -100.05
N VAL O 932 29.24 -34.73 -99.75
CA VAL O 932 27.95 -35.39 -99.94
C VAL O 932 26.94 -34.77 -98.99
N ILE O 933 25.80 -34.35 -99.53
CA ILE O 933 24.82 -33.58 -98.78
C ILE O 933 24.17 -34.44 -97.70
N ARG O 934 23.84 -33.80 -96.58
CA ARG O 934 23.62 -34.47 -95.32
C ARG O 934 22.20 -34.30 -94.77
N THR O 935 21.41 -33.38 -95.38
CA THR O 935 20.09 -32.91 -94.93
C THR O 935 20.07 -32.64 -93.42
N ILE O 936 20.79 -31.59 -93.03
CA ILE O 936 20.90 -31.15 -91.64
C ILE O 936 19.53 -30.89 -91.04
N LYS O 937 19.28 -31.48 -89.87
CA LYS O 937 17.98 -31.43 -89.23
C LYS O 937 17.68 -30.03 -88.74
N GLY O 938 16.58 -29.46 -89.22
CA GLY O 938 16.11 -28.18 -88.74
C GLY O 938 16.82 -26.96 -89.29
N TYR O 939 17.87 -27.14 -90.07
CA TYR O 939 18.55 -26.00 -90.67
C TYR O 939 18.65 -26.09 -92.19
N LEU O 940 19.08 -27.22 -92.73
CA LEU O 940 19.29 -27.35 -94.18
C LEU O 940 18.85 -28.75 -94.60
N GLU O 941 17.69 -28.85 -95.23
CA GLU O 941 17.39 -30.10 -95.92
C GLU O 941 17.72 -29.97 -97.40
N ILE O 942 17.63 -31.08 -98.11
CA ILE O 942 18.16 -31.21 -99.45
C ILE O 942 17.03 -31.46 -100.43
N ASP O 943 17.37 -31.39 -101.71
CA ASP O 943 16.41 -31.66 -102.78
C ASP O 943 17.20 -32.09 -104.00
N GLN O 944 17.04 -33.36 -104.39
CA GLN O 944 17.76 -33.89 -105.54
C GLN O 944 17.21 -33.33 -106.85
N THR O 945 15.92 -33.57 -107.10
CA THR O 945 15.35 -33.30 -108.41
C THR O 945 15.06 -31.82 -108.61
N ASN O 946 14.19 -31.25 -107.79
CA ASN O 946 13.78 -29.87 -108.00
C ASN O 946 14.82 -28.86 -107.53
N LYS O 947 15.86 -29.32 -106.82
CA LYS O 947 17.10 -28.58 -106.58
C LYS O 947 16.85 -27.29 -105.81
N ARG O 948 16.38 -27.45 -104.56
CA ARG O 948 16.17 -26.34 -103.64
C ARG O 948 16.76 -26.72 -102.29
N TYR O 949 16.74 -25.79 -101.34
CA TYR O 949 17.26 -26.04 -100.00
C TYR O 949 16.22 -25.88 -98.89
N LYS O 950 15.48 -24.77 -98.89
CA LYS O 950 14.38 -24.50 -97.95
C LYS O 950 14.88 -24.46 -96.49
N PHE O 951 15.58 -23.38 -96.17
CA PHE O 951 15.85 -23.02 -94.78
C PHE O 951 14.55 -22.90 -94.00
N PRO O 952 14.33 -23.70 -92.95
CA PRO O 952 13.11 -23.53 -92.16
C PRO O 952 13.21 -22.48 -91.08
N LYS O 953 14.42 -22.14 -90.63
CA LYS O 953 14.56 -21.14 -89.58
C LYS O 953 14.27 -19.74 -90.11
N PHE O 954 14.89 -19.38 -91.23
CA PHE O 954 14.56 -18.13 -91.90
C PHE O 954 13.26 -18.19 -92.67
N GLY O 955 12.74 -19.39 -92.92
CA GLY O 955 11.62 -19.53 -93.84
C GLY O 955 11.97 -19.19 -95.28
N ARG O 956 13.24 -19.36 -95.65
CA ARG O 956 13.72 -18.97 -96.96
C ARG O 956 14.10 -20.20 -97.76
N ASP O 957 14.20 -20.02 -99.07
CA ASP O 957 14.48 -21.11 -99.98
C ASP O 957 15.11 -20.57 -101.25
N GLU O 958 16.10 -21.31 -101.75
CA GLU O 958 16.77 -20.95 -102.99
C GLU O 958 17.36 -22.21 -103.60
N PRO O 959 17.64 -22.22 -104.91
CA PRO O 959 18.36 -23.34 -105.50
C PRO O 959 19.82 -23.41 -105.10
N TYR O 960 20.54 -24.30 -105.77
CA TYR O 960 21.99 -24.40 -105.62
C TYR O 960 22.60 -24.73 -106.96
N SER O 961 23.75 -24.15 -107.24
CA SER O 961 24.53 -24.52 -108.41
C SER O 961 25.82 -25.19 -107.96
N ASP O 962 26.39 -26.01 -108.83
CA ASP O 962 27.57 -26.78 -108.48
C ASP O 962 28.83 -26.23 -109.16
N MET O 963 29.97 -26.69 -108.64
CA MET O 963 31.24 -26.04 -108.92
C MET O 963 31.73 -26.29 -110.34
N ASP O 964 31.37 -27.41 -110.96
CA ASP O 964 31.80 -27.63 -112.33
C ASP O 964 31.06 -26.75 -113.32
N SER O 965 29.75 -26.55 -113.11
CA SER O 965 29.00 -25.61 -113.93
C SER O 965 29.44 -24.18 -113.68
N LEU O 966 29.78 -23.87 -112.42
CA LEU O 966 30.35 -22.57 -112.10
C LEU O 966 31.68 -22.35 -112.80
N GLU O 967 32.50 -23.41 -112.87
CA GLU O 967 33.76 -23.35 -113.59
C GLU O 967 33.54 -23.18 -115.09
N ARG O 968 32.50 -23.82 -115.63
CA ARG O 968 32.17 -23.69 -117.04
C ARG O 968 31.80 -22.25 -117.39
N ILE O 969 30.93 -21.64 -116.57
CA ILE O 969 30.53 -20.25 -116.84
C ILE O 969 31.70 -19.29 -116.60
N CYS O 970 32.52 -19.57 -115.58
CA CYS O 970 33.63 -18.68 -115.27
C CYS O 970 34.72 -18.73 -116.33
N ARG O 971 34.99 -19.92 -116.90
CA ARG O 971 35.96 -20.01 -117.97
C ARG O 971 35.40 -19.59 -119.31
N ALA O 972 34.08 -19.70 -119.52
CA ALA O 972 33.48 -19.15 -120.71
C ALA O 972 33.52 -17.62 -120.70
N ALA O 973 33.43 -17.02 -119.51
CA ALA O 973 33.58 -15.57 -119.42
C ALA O 973 35.05 -15.17 -119.52
N TRP O 974 35.88 -15.65 -118.60
CA TRP O 974 37.29 -15.28 -118.56
C TRP O 974 38.15 -16.48 -118.93
N PRO O 975 38.87 -16.44 -120.05
CA PRO O 975 39.84 -17.49 -120.35
C PRO O 975 41.18 -17.33 -119.65
N ASN O 976 41.33 -16.29 -118.82
CA ASN O 976 42.60 -15.99 -118.15
C ASN O 976 42.51 -16.14 -116.64
N CYS O 977 41.31 -16.37 -116.10
CA CYS O 977 41.10 -16.31 -114.66
C CYS O 977 41.72 -17.50 -113.93
N SER O 978 42.02 -17.29 -112.65
CA SER O 978 42.51 -18.33 -111.75
C SER O 978 41.63 -18.36 -110.51
N ILE O 979 41.02 -19.51 -110.26
CA ILE O 979 40.08 -19.70 -109.17
C ILE O 979 40.77 -20.45 -108.03
N THR O 980 40.56 -19.98 -106.80
CA THR O 980 41.01 -20.67 -105.60
C THR O 980 39.85 -20.76 -104.63
N TRP O 981 39.34 -21.97 -104.42
CA TRP O 981 38.33 -22.22 -103.41
C TRP O 981 38.97 -22.13 -102.04
N VAL O 982 38.42 -21.28 -101.18
CA VAL O 982 38.99 -21.13 -99.83
C VAL O 982 38.61 -22.34 -98.99
N PRO O 983 39.47 -22.79 -98.08
CA PRO O 983 39.08 -23.86 -97.16
C PRO O 983 38.24 -23.30 -96.02
N LEU O 984 37.63 -24.22 -95.29
CA LEU O 984 36.81 -23.82 -94.15
C LEU O 984 37.71 -23.45 -92.98
N SER O 985 37.29 -22.43 -92.22
CA SER O 985 38.10 -21.86 -91.15
C SER O 985 38.11 -22.83 -89.96
N TYR O 986 38.86 -23.91 -90.11
CA TYR O 986 38.98 -24.94 -89.09
C TYR O 986 40.00 -24.56 -88.02
N ASP O 987 40.73 -23.47 -88.24
CA ASP O 987 41.71 -22.95 -87.31
C ASP O 987 41.15 -21.86 -86.38
N LEU O 988 39.87 -21.50 -86.57
CA LEU O 988 39.13 -20.56 -85.71
C LEU O 988 39.77 -19.17 -85.68
N ARG O 989 40.20 -18.70 -86.85
CA ARG O 989 40.76 -17.36 -86.95
C ARG O 989 39.69 -16.29 -86.80
N TRP O 990 38.47 -16.60 -87.19
CA TRP O 990 37.33 -15.68 -87.21
C TRP O 990 36.81 -15.34 -85.84
N THR O 991 37.23 -16.07 -84.81
CA THR O 991 36.60 -16.05 -83.51
C THR O 991 36.82 -14.73 -82.76
N LYS O 992 37.83 -13.96 -83.17
CA LYS O 992 38.09 -12.66 -82.53
C LYS O 992 36.99 -11.65 -82.83
N LEU O 993 36.40 -11.70 -84.03
CA LEU O 993 35.35 -10.77 -84.37
C LEU O 993 34.04 -11.13 -83.69
N ALA O 994 33.90 -12.36 -83.19
CA ALA O 994 32.75 -12.74 -82.40
C ALA O 994 32.97 -12.46 -80.91
N LEU O 995 34.19 -12.66 -80.43
CA LEU O 995 34.45 -12.43 -79.02
C LEU O 995 34.52 -10.95 -78.69
N LEU O 996 35.14 -10.15 -79.56
CA LEU O 996 35.26 -8.73 -79.26
C LEU O 996 33.95 -7.98 -79.41
N GLU O 997 32.93 -8.58 -80.01
CA GLU O 997 31.58 -8.05 -79.99
C GLU O 997 30.79 -8.54 -78.79
N SER O 998 31.42 -9.28 -77.89
CA SER O 998 30.87 -9.71 -76.58
C SER O 998 29.59 -10.55 -76.76
N THR O 999 29.78 -11.72 -77.37
CA THR O 999 28.68 -12.64 -77.61
C THR O 999 29.17 -14.07 -77.47
N THR O 1000 28.49 -14.85 -76.63
CA THR O 1000 28.82 -16.27 -76.46
C THR O 1000 28.36 -17.07 -77.68
N LEU O 1001 28.85 -18.31 -77.77
CA LEU O 1001 28.81 -19.03 -79.04
C LEU O 1001 27.98 -20.31 -79.05
N SER O 1002 27.95 -21.07 -77.95
CA SER O 1002 27.15 -22.30 -77.80
C SER O 1002 27.53 -23.35 -78.85
N SER O 1003 28.73 -23.93 -78.66
CA SER O 1003 29.52 -24.71 -79.60
C SER O 1003 28.79 -25.75 -80.47
N ALA O 1004 27.62 -26.21 -80.06
CA ALA O 1004 26.76 -26.94 -80.99
C ALA O 1004 26.41 -26.09 -82.20
N SER O 1005 26.19 -24.78 -81.96
CA SER O 1005 25.95 -23.85 -83.05
C SER O 1005 27.15 -23.73 -83.98
N VAL O 1006 28.38 -23.77 -83.45
CA VAL O 1006 29.51 -23.64 -84.35
C VAL O 1006 29.81 -24.96 -85.06
N ARG O 1007 29.43 -26.09 -84.47
CA ARG O 1007 29.50 -27.35 -85.21
C ARG O 1007 28.53 -27.37 -86.38
N ILE O 1008 27.29 -26.93 -86.14
CA ILE O 1008 26.31 -26.77 -87.22
C ILE O 1008 26.77 -25.72 -88.22
N ALA O 1009 27.50 -24.70 -87.75
CA ALA O 1009 28.03 -23.66 -88.63
C ALA O 1009 29.10 -24.21 -89.55
N GLU O 1010 29.95 -25.10 -89.06
CA GLU O 1010 30.93 -25.74 -89.93
C GLU O 1010 30.23 -26.65 -90.95
N LEU O 1011 29.28 -27.47 -90.48
CA LEU O 1011 28.55 -28.37 -91.36
C LEU O 1011 27.69 -27.63 -92.38
N MET O 1012 27.35 -26.38 -92.10
CA MET O 1012 26.64 -25.52 -93.04
C MET O 1012 27.59 -24.78 -93.98
N TYR O 1013 28.71 -24.28 -93.47
CA TYR O 1013 29.67 -23.54 -94.29
C TYR O 1013 30.34 -24.43 -95.33
N LYS O 1014 30.37 -25.75 -95.11
CA LYS O 1014 30.79 -26.58 -96.24
C LYS O 1014 29.72 -26.74 -97.32
N TYR O 1015 28.56 -26.08 -97.20
CA TYR O 1015 27.51 -26.18 -98.22
C TYR O 1015 27.21 -24.87 -98.94
N MET O 1016 27.71 -23.74 -98.45
CA MET O 1016 27.81 -22.53 -99.26
C MET O 1016 29.15 -21.82 -99.01
N PRO O 1017 30.21 -22.28 -99.67
CA PRO O 1017 31.50 -21.61 -99.56
C PRO O 1017 31.59 -20.47 -100.57
N ILE O 1018 32.75 -19.80 -100.58
CA ILE O 1018 33.09 -18.81 -101.58
C ILE O 1018 34.42 -19.22 -102.21
N MET O 1019 34.88 -18.40 -103.15
CA MET O 1019 36.15 -18.62 -103.82
C MET O 1019 36.81 -17.27 -104.07
N ARG O 1020 38.07 -17.30 -104.45
CA ARG O 1020 38.79 -16.10 -104.86
C ARG O 1020 39.21 -16.27 -106.31
N ILE O 1021 38.79 -15.34 -107.15
CA ILE O 1021 39.09 -15.38 -108.58
C ILE O 1021 39.81 -14.10 -108.96
N ASP O 1022 41.05 -14.22 -109.40
CA ASP O 1022 41.73 -13.14 -110.09
C ASP O 1022 41.36 -13.20 -111.56
N ILE O 1023 41.41 -12.05 -112.23
CA ILE O 1023 41.18 -12.05 -113.67
C ILE O 1023 42.39 -12.61 -114.42
N HIS O 1024 43.55 -12.65 -113.78
CA HIS O 1024 44.74 -13.25 -114.34
C HIS O 1024 45.03 -14.59 -113.68
N GLY O 1025 46.00 -15.30 -114.24
CA GLY O 1025 46.39 -16.61 -113.73
C GLY O 1025 46.32 -17.70 -114.77
N SER P 3 39.16 32.09 56.94
CA SER P 3 38.82 31.00 57.85
C SER P 3 37.48 31.29 58.51
N MET P 4 37.08 32.55 58.48
CA MET P 4 35.80 32.96 59.09
C MET P 4 34.64 32.41 58.29
N ILE P 5 34.68 32.60 56.97
CA ILE P 5 33.69 32.01 56.09
C ILE P 5 33.82 30.48 56.08
N LEU P 6 35.00 29.96 56.39
CA LEU P 6 35.12 28.51 56.58
C LEU P 6 34.36 28.06 57.80
N THR P 7 34.36 28.86 58.87
CA THR P 7 33.61 28.48 60.07
C THR P 7 32.11 28.50 59.83
N GLN P 8 31.61 29.52 59.11
CA GLN P 8 30.17 29.46 58.88
C GLN P 8 29.78 28.53 57.74
N PHE P 9 30.73 28.15 56.89
CA PHE P 9 30.41 27.33 55.73
C PHE P 9 31.28 26.08 55.70
N GLY P 10 31.41 25.48 56.88
CA GLY P 10 31.88 24.13 57.03
C GLY P 10 31.37 23.15 55.99
N PRO P 11 30.06 22.92 55.92
CA PRO P 11 29.56 21.95 54.95
C PRO P 11 29.29 22.50 53.55
N PHE P 12 28.92 23.78 53.47
CA PHE P 12 28.31 24.27 52.24
C PHE P 12 29.33 24.48 51.13
N ILE P 13 30.55 24.84 51.48
CA ILE P 13 31.53 25.19 50.48
C ILE P 13 32.00 23.96 49.71
N GLU P 14 31.88 22.77 50.29
CA GLU P 14 32.12 21.55 49.56
C GLU P 14 30.83 20.83 49.23
N SER P 15 29.68 21.40 49.59
CA SER P 15 28.45 20.93 48.97
C SER P 15 28.41 21.27 47.48
N ILE P 16 29.10 22.34 47.07
CA ILE P 16 29.05 22.82 45.70
C ILE P 16 30.41 22.79 45.02
N SER P 17 31.40 22.13 45.63
CA SER P 17 32.68 21.95 44.95
C SER P 17 32.91 20.49 44.58
N GLY P 18 31.86 19.68 44.56
CA GLY P 18 31.99 18.31 44.14
C GLY P 18 32.64 17.40 45.15
N ILE P 19 32.48 17.67 46.44
CA ILE P 19 33.08 16.84 47.50
C ILE P 19 32.01 16.12 48.29
N THR P 20 31.11 16.85 48.93
CA THR P 20 30.01 16.21 49.64
C THR P 20 28.72 16.43 48.88
N ASP P 21 27.73 15.62 49.21
CA ASP P 21 26.46 15.65 48.50
C ASP P 21 25.68 16.91 48.81
N GLN P 22 25.08 17.49 47.79
CA GLN P 22 24.31 18.72 47.95
C GLN P 22 22.93 18.40 48.48
N SER P 23 22.72 18.62 49.77
CA SER P 23 21.41 18.60 50.38
C SER P 23 20.79 19.99 50.31
N ASN P 24 19.51 20.08 50.63
CA ASN P 24 18.84 21.36 50.60
C ASN P 24 19.09 22.16 51.86
N ASP P 25 19.18 21.47 52.99
CA ASP P 25 19.20 22.13 54.30
C ASP P 25 20.45 22.98 54.47
N VAL P 26 21.58 22.51 53.96
CA VAL P 26 22.81 23.27 54.05
C VAL P 26 22.77 24.46 53.11
N PHE P 27 22.05 24.35 51.99
CA PHE P 27 21.84 25.46 51.07
C PHE P 27 21.03 26.57 51.75
N GLU P 28 20.01 26.19 52.52
CA GLU P 28 19.30 27.24 53.23
C GLU P 28 20.06 27.76 54.46
N ASN P 29 20.85 26.91 55.12
CA ASN P 29 21.74 27.40 56.17
C ASN P 29 22.70 28.44 55.62
N ALA P 30 23.20 28.19 54.40
CA ALA P 30 24.07 29.14 53.72
C ALA P 30 23.34 30.45 53.45
N ALA P 31 22.06 30.37 53.06
CA ALA P 31 21.31 31.59 52.80
C ALA P 31 21.06 32.39 54.09
N LYS P 32 20.80 31.69 55.19
CA LYS P 32 20.72 32.34 56.50
C LYS P 32 21.99 33.10 56.82
N ALA P 33 23.14 32.44 56.65
CA ALA P 33 24.41 33.11 56.93
C ALA P 33 24.72 34.20 55.92
N PHE P 34 24.16 34.11 54.71
CA PHE P 34 24.31 35.17 53.72
C PHE P 34 23.60 36.44 54.14
N SER P 35 22.36 36.30 54.59
CA SER P 35 21.61 37.52 54.91
C SER P 35 22.02 38.08 56.26
N MET P 36 22.11 37.23 57.27
CA MET P 36 22.45 37.67 58.63
C MET P 36 23.94 37.98 58.66
N PHE P 37 24.26 39.22 58.27
CA PHE P 37 25.58 39.57 57.79
C PHE P 37 25.69 41.08 57.54
N THR P 38 26.90 41.65 57.57
CA THR P 38 27.03 43.10 57.43
C THR P 38 28.34 43.46 56.72
N ARG P 39 28.54 44.78 56.56
CA ARG P 39 29.61 45.32 55.74
C ARG P 39 30.96 45.31 56.46
N SER P 40 30.95 45.48 57.78
CA SER P 40 32.19 45.31 58.52
C SER P 40 32.69 43.88 58.45
N ASP P 41 31.76 42.92 58.38
CA ASP P 41 32.13 41.53 58.21
C ASP P 41 32.72 41.27 56.83
N VAL P 42 32.18 41.97 55.80
CA VAL P 42 32.76 41.97 54.46
C VAL P 42 34.24 42.32 54.53
N TYR P 43 34.53 43.48 55.09
CA TYR P 43 35.91 43.90 54.96
C TYR P 43 36.84 43.28 55.99
N LYS P 44 36.33 42.73 57.08
CA LYS P 44 37.25 41.96 57.92
C LYS P 44 37.53 40.59 57.32
N ALA P 45 36.57 40.03 56.57
CA ALA P 45 36.88 38.87 55.76
C ALA P 45 37.91 39.19 54.69
N LEU P 46 37.85 40.41 54.14
CA LEU P 46 38.84 40.79 53.13
C LEU P 46 40.22 41.01 53.74
N ASP P 47 40.27 41.65 54.92
CA ASP P 47 41.54 41.84 55.60
C ASP P 47 42.10 40.53 56.16
N GLU P 48 41.27 39.49 56.26
CA GLU P 48 41.72 38.21 56.80
C GLU P 48 42.74 37.54 55.88
N ILE P 49 42.56 37.65 54.57
CA ILE P 49 43.39 36.90 53.63
C ILE P 49 44.73 37.60 53.43
N PRO P 50 45.83 36.86 53.31
CA PRO P 50 47.09 37.46 52.86
C PRO P 50 47.23 37.43 51.36
N PHE P 51 48.38 37.87 50.84
CA PHE P 51 48.64 37.88 49.41
C PHE P 51 50.09 37.53 49.17
N SER P 52 50.39 37.16 47.92
CA SER P 52 51.63 36.49 47.62
C SER P 52 52.50 37.26 46.64
N GLU P 53 52.78 38.53 46.92
CA GLU P 53 53.85 39.38 46.35
C GLU P 53 53.85 39.47 44.82
N ASP P 54 52.76 39.08 44.16
CA ASP P 54 52.56 39.43 42.76
C ASP P 54 51.33 40.29 42.57
N ALA P 55 50.46 40.33 43.57
CA ALA P 55 49.26 41.16 43.55
C ALA P 55 49.52 42.61 43.89
N MET P 56 50.61 42.91 44.59
CA MET P 56 50.79 44.24 45.15
C MET P 56 51.40 45.20 44.12
N LEU P 57 50.96 46.45 44.19
CA LEU P 57 51.40 47.51 43.31
C LEU P 57 51.25 48.83 44.05
N PRO P 58 52.11 49.81 43.77
CA PRO P 58 51.96 51.11 44.42
C PRO P 58 50.80 51.88 43.82
N ILE P 59 50.10 52.61 44.67
CA ILE P 59 48.95 53.41 44.29
C ILE P 59 49.24 54.86 44.64
N PRO P 60 49.14 55.79 43.71
CA PRO P 60 49.45 57.19 44.01
C PRO P 60 48.37 57.81 44.86
N PRO P 61 48.74 58.65 45.84
CA PRO P 61 47.75 59.35 46.66
C PRO P 61 47.07 60.51 45.96
N THR P 62 47.43 60.81 44.72
CA THR P 62 46.87 61.93 43.98
C THR P 62 45.44 61.69 43.51
N ILE P 63 44.89 60.50 43.75
CA ILE P 63 43.50 60.23 43.44
C ILE P 63 42.57 61.05 44.33
N TYR P 64 42.99 61.30 45.57
CA TYR P 64 42.06 61.61 46.65
C TYR P 64 41.88 63.10 46.88
N THR P 65 42.96 63.83 47.10
CA THR P 65 42.85 65.27 47.36
C THR P 65 42.54 65.99 46.04
N LYS P 66 41.36 66.60 45.98
CA LYS P 66 40.81 67.08 44.72
C LYS P 66 40.20 68.47 44.91
N PRO P 67 40.22 69.31 43.87
CA PRO P 67 39.61 70.65 43.98
C PRO P 67 38.09 70.63 43.98
N SER P 68 37.49 71.81 43.91
CA SER P 68 36.04 71.91 43.97
C SER P 68 35.41 71.99 42.58
N HIS P 69 34.12 71.73 42.54
CA HIS P 69 33.35 71.74 41.31
C HIS P 69 32.83 73.11 40.94
N ASP P 70 33.24 74.16 41.64
CA ASP P 70 32.71 75.50 41.38
C ASP P 70 33.15 76.04 40.03
N SER P 71 34.37 75.68 39.60
CA SER P 71 34.90 76.12 38.33
C SER P 71 34.55 75.19 37.19
N TYR P 72 33.72 74.18 37.43
CA TYR P 72 33.48 73.16 36.42
C TYR P 72 32.20 73.38 35.64
N TYR P 73 31.20 74.01 36.24
CA TYR P 73 29.94 74.26 35.57
C TYR P 73 29.72 75.75 35.41
N TYR P 74 28.80 76.11 34.53
CA TYR P 74 28.36 77.49 34.39
C TYR P 74 26.90 77.49 33.93
N ILE P 75 26.39 78.67 33.60
CA ILE P 75 24.99 78.85 33.25
C ILE P 75 24.89 79.40 31.84
N ASP P 76 24.00 78.81 31.04
CA ASP P 76 23.71 79.29 29.70
C ASP P 76 23.02 80.65 29.75
N ALA P 77 23.10 81.37 28.64
CA ALA P 77 22.36 82.62 28.48
C ALA P 77 20.86 82.41 28.56
N LEU P 78 20.38 81.24 28.14
CA LEU P 78 18.96 80.89 28.27
C LEU P 78 18.67 80.13 29.55
N ASN P 79 19.47 80.34 30.60
CA ASN P 79 19.30 79.76 31.94
C ASN P 79 19.29 78.23 31.88
N ARG P 80 20.43 77.68 31.50
CA ARG P 80 20.65 76.24 31.55
C ARG P 80 22.01 76.01 32.18
N VAL P 81 22.10 75.05 33.10
CA VAL P 81 23.40 74.72 33.66
C VAL P 81 24.19 73.94 32.62
N ARG P 82 25.44 74.34 32.42
CA ARG P 82 26.28 73.70 31.42
C ARG P 82 27.70 73.64 31.95
N ARG P 83 28.38 72.54 31.67
CA ARG P 83 29.73 72.30 32.13
C ARG P 83 30.74 73.09 31.32
N LYS P 84 31.76 73.62 32.00
CA LYS P 84 32.86 74.24 31.29
C LYS P 84 33.87 73.18 30.90
N THR P 85 34.28 73.21 29.64
CA THR P 85 35.18 72.21 29.11
C THR P 85 36.63 72.57 29.41
N TYR P 86 37.47 71.55 29.54
CA TYR P 86 38.87 71.75 29.81
C TYR P 86 39.79 71.12 28.78
N GLN P 87 39.48 69.91 28.35
CA GLN P 87 40.31 69.20 27.37
C GLN P 87 39.37 68.67 26.28
N GLY P 88 39.08 69.51 25.30
CA GLY P 88 38.26 69.13 24.18
C GLY P 88 36.77 69.19 24.48
N PRO P 89 35.95 69.13 23.42
CA PRO P 89 34.49 69.17 23.61
C PRO P 89 33.91 67.86 24.10
N ASP P 90 34.70 66.80 24.18
CA ASP P 90 34.27 65.56 24.79
C ASP P 90 34.33 65.63 26.31
N ASP P 91 35.07 66.60 26.86
CA ASP P 91 35.29 66.70 28.30
C ASP P 91 34.04 67.20 29.02
N VAL P 92 33.01 66.35 29.05
CA VAL P 92 31.80 66.73 29.75
C VAL P 92 31.19 65.55 30.51
N TYR P 93 31.51 65.45 31.79
CA TYR P 93 31.22 64.27 32.61
C TYR P 93 31.23 64.66 34.09
N VAL P 94 31.32 63.66 34.95
CA VAL P 94 31.43 63.81 36.39
C VAL P 94 32.89 63.78 36.77
N PRO P 95 33.40 64.77 37.50
CA PRO P 95 34.74 64.67 38.06
C PRO P 95 34.70 63.94 39.39
N ASN P 96 35.87 63.46 39.81
CA ASN P 96 36.00 62.75 41.08
C ASN P 96 36.38 63.71 42.21
N CYS P 97 35.51 64.67 42.51
CA CYS P 97 35.95 65.74 43.38
C CYS P 97 34.84 66.27 44.27
N SER P 98 35.20 66.57 45.52
CA SER P 98 34.46 67.47 46.42
C SER P 98 33.02 67.02 46.65
N ILE P 99 32.89 65.83 47.22
CA ILE P 99 31.60 65.25 47.55
C ILE P 99 31.33 65.31 49.04
N VAL P 100 32.36 65.58 49.86
CA VAL P 100 32.29 65.50 51.31
C VAL P 100 31.35 66.55 51.87
N GLU P 101 31.36 67.74 51.27
CA GLU P 101 30.74 68.91 51.86
C GLU P 101 29.36 69.17 51.31
N LEU P 102 28.77 68.20 50.63
CA LEU P 102 27.45 68.34 50.04
C LEU P 102 26.52 67.30 50.62
N LEU P 103 26.56 67.12 51.93
CA LEU P 103 25.86 66.00 52.52
C LEU P 103 25.43 66.37 53.94
N GLU P 104 24.33 65.79 54.38
CA GLU P 104 23.84 65.86 55.74
C GLU P 104 23.79 64.45 56.32
N PRO P 105 24.40 64.19 57.48
CA PRO P 105 24.47 62.82 57.98
C PRO P 105 23.12 62.27 58.38
N HIS P 106 22.95 60.96 58.16
CA HIS P 106 21.67 60.31 58.30
C HIS P 106 21.22 60.30 59.76
N GLU P 107 19.90 60.20 59.95
CA GLU P 107 19.31 60.31 61.28
C GLU P 107 19.70 59.12 62.17
N THR P 108 19.31 57.92 61.79
CA THR P 108 19.63 56.77 62.61
C THR P 108 20.95 56.12 62.24
N LEU P 109 21.70 56.72 61.34
CA LEU P 109 23.06 56.28 61.06
C LEU P 109 24.04 57.30 61.60
N THR P 110 25.31 56.91 61.67
CA THR P 110 26.33 57.77 62.25
C THR P 110 27.16 58.48 61.18
N SER P 111 27.78 57.73 60.28
CA SER P 111 28.79 58.28 59.39
C SER P 111 28.40 58.22 57.92
N TYR P 112 27.13 57.93 57.63
CA TYR P 112 26.62 57.94 56.26
C TYR P 112 25.50 58.96 56.16
N GLY P 113 25.09 59.28 54.94
CA GLY P 113 23.92 60.12 54.76
C GLY P 113 23.74 60.59 53.33
N ARG P 114 22.91 61.63 53.20
CA ARG P 114 22.45 62.18 51.94
C ARG P 114 22.67 63.69 52.00
N LEU P 115 22.39 64.38 50.89
CA LEU P 115 22.47 65.84 50.81
C LEU P 115 21.60 66.54 51.85
N SER P 116 22.03 67.74 52.24
CA SER P 116 21.14 68.63 52.97
C SER P 116 20.15 69.26 52.01
N GLU P 117 18.92 69.45 52.46
CA GLU P 117 17.81 69.80 51.58
C GLU P 117 17.73 71.28 51.25
N ALA P 118 18.30 72.14 52.12
CA ALA P 118 18.17 73.59 51.95
C ALA P 118 18.89 74.08 50.70
N ILE P 119 19.89 73.34 50.24
CA ILE P 119 20.47 73.54 48.91
C ILE P 119 19.38 73.44 47.85
N GLU P 120 18.54 72.42 47.96
CA GLU P 120 17.50 72.25 46.95
C GLU P 120 16.34 73.21 47.15
N ASN P 121 16.12 73.69 48.38
CA ASN P 121 15.22 74.82 48.56
C ASN P 121 15.72 76.05 47.83
N ARG P 122 17.01 76.36 47.96
CA ARG P 122 17.57 77.51 47.26
C ARG P 122 17.62 77.30 45.75
N ALA P 123 17.78 76.05 45.32
CA ALA P 123 17.77 75.75 43.90
C ALA P 123 16.39 75.91 43.30
N LYS P 124 15.36 75.49 44.05
CA LYS P 124 13.99 75.77 43.62
C LYS P 124 13.65 77.25 43.78
N ASP P 125 14.42 77.98 44.58
CA ASP P 125 14.35 79.43 44.58
C ASP P 125 15.19 80.05 43.47
N GLY P 126 16.12 79.30 42.91
CA GLY P 126 16.93 79.79 41.82
C GLY P 126 18.33 80.21 42.16
N ASP P 127 18.85 79.81 43.33
CA ASP P 127 20.24 80.09 43.67
C ASP P 127 21.15 79.30 42.74
N SER P 128 22.08 80.01 42.11
CA SER P 128 22.89 79.43 41.04
C SER P 128 23.83 78.35 41.57
N GLN P 129 24.57 78.65 42.63
CA GLN P 129 25.47 77.67 43.22
C GLN P 129 24.71 76.48 43.80
N ALA P 130 23.49 76.70 44.28
CA ALA P 130 22.68 75.60 44.77
C ALA P 130 22.23 74.70 43.64
N ARG P 131 21.93 75.29 42.48
CA ARG P 131 21.60 74.49 41.32
C ARG P 131 22.80 73.68 40.84
N ILE P 132 23.99 74.30 40.84
CA ILE P 132 25.21 73.59 40.46
C ILE P 132 25.48 72.43 41.43
N ALA P 133 25.24 72.68 42.72
CA ALA P 133 25.46 71.67 43.74
C ALA P 133 24.49 70.51 43.59
N THR P 134 23.20 70.79 43.32
CA THR P 134 22.27 69.69 43.22
C THR P 134 22.42 68.92 41.91
N THR P 135 22.87 69.58 40.84
CA THR P 135 23.22 68.87 39.62
C THR P 135 24.38 67.91 39.86
N TYR P 136 25.41 68.39 40.55
CA TYR P 136 26.58 67.55 40.81
C TYR P 136 26.24 66.38 41.72
N GLY P 137 25.46 66.66 42.77
CA GLY P 137 25.06 65.59 43.67
C GLY P 137 24.19 64.54 43.01
N ARG P 138 23.21 64.97 42.20
CA ARG P 138 22.33 63.99 41.59
C ARG P 138 22.99 63.26 40.42
N ILE P 139 23.97 63.88 39.75
CA ILE P 139 24.64 63.11 38.71
C ILE P 139 25.63 62.13 39.34
N ALA P 140 26.17 62.43 40.52
CA ALA P 140 26.98 61.44 41.21
C ALA P 140 26.11 60.32 41.76
N GLU P 141 24.90 60.68 42.20
CA GLU P 141 23.89 59.70 42.58
C GLU P 141 23.56 58.78 41.41
N SER P 142 23.44 59.35 40.21
CA SER P 142 23.11 58.55 39.03
C SER P 142 24.27 57.65 38.64
N GLN P 143 25.50 58.16 38.74
CA GLN P 143 26.65 57.34 38.41
C GLN P 143 26.83 56.20 39.39
N ALA P 144 26.51 56.42 40.65
CA ALA P 144 26.52 55.32 41.60
C ALA P 144 25.26 54.48 41.53
N ARG P 145 24.25 54.91 40.77
CA ARG P 145 23.00 54.16 40.67
C ARG P 145 23.12 52.95 39.75
N GLN P 146 24.13 52.91 38.90
CA GLN P 146 24.26 51.99 37.76
C GLN P 146 24.56 50.55 38.14
N ILE P 147 24.43 50.16 39.40
CA ILE P 147 24.87 48.87 39.91
C ILE P 147 23.64 48.07 40.31
N LYS P 148 23.64 46.78 39.97
CA LYS P 148 22.48 45.92 40.18
C LYS P 148 22.16 45.74 41.66
N ALA P 149 23.17 45.42 42.45
CA ALA P 149 23.00 44.83 43.76
C ALA P 149 23.99 45.50 44.71
N PRO P 150 24.04 45.17 46.00
CA PRO P 150 25.24 45.52 46.76
C PRO P 150 26.46 44.80 46.21
N LEU P 151 27.51 45.58 45.97
CA LEU P 151 28.77 45.05 45.44
C LEU P 151 29.43 44.11 46.44
N GLU P 152 29.18 44.34 47.73
CA GLU P 152 29.74 43.53 48.80
C GLU P 152 29.28 42.09 48.71
N LYS P 153 28.04 41.87 48.28
CA LYS P 153 27.54 40.51 48.18
C LYS P 153 28.17 39.80 47.00
N PHE P 154 28.51 40.53 45.94
CA PHE P 154 29.29 39.96 44.84
C PHE P 154 30.66 39.53 45.32
N VAL P 155 31.30 40.38 46.14
CA VAL P 155 32.61 40.05 46.70
C VAL P 155 32.52 38.83 47.62
N LEU P 156 31.44 38.74 48.39
CA LEU P 156 31.28 37.62 49.31
C LEU P 156 30.95 36.33 48.57
N ALA P 157 30.26 36.44 47.45
CA ALA P 157 30.07 35.28 46.59
C ALA P 157 31.39 34.82 46.02
N LEU P 158 32.27 35.77 45.66
CA LEU P 158 33.64 35.41 45.26
C LEU P 158 34.36 34.69 46.38
N LEU P 159 34.20 35.14 47.62
CA LEU P 159 34.91 34.53 48.73
C LEU P 159 34.42 33.11 49.01
N VAL P 160 33.10 32.94 49.10
CA VAL P 160 32.54 31.65 49.43
C VAL P 160 32.70 30.68 48.27
N ALA P 161 32.80 31.16 47.03
CA ALA P 161 33.10 30.24 45.95
C ALA P 161 34.57 29.88 45.95
N GLU P 162 35.43 30.88 46.09
CA GLU P 162 36.86 30.71 45.87
C GLU P 162 37.53 29.87 46.95
N ALA P 163 37.06 29.98 48.20
CA ALA P 163 37.79 29.32 49.28
C ALA P 163 37.64 27.80 49.30
N GLY P 164 36.85 27.22 48.40
CA GLY P 164 36.84 25.77 48.23
C GLY P 164 38.09 25.22 47.61
N GLY P 165 38.84 26.05 46.89
CA GLY P 165 40.15 25.64 46.42
C GLY P 165 40.19 25.02 45.03
N SER P 166 41.11 24.06 44.85
CA SER P 166 41.32 23.43 43.56
C SER P 166 40.12 22.57 43.17
N LEU P 167 39.94 22.39 41.87
CA LEU P 167 38.77 21.69 41.36
C LEU P 167 39.16 20.59 40.40
N TYR P 168 38.67 19.39 40.66
CA TYR P 168 38.95 18.24 39.83
C TYR P 168 38.16 18.32 38.55
N ASP P 169 38.74 17.81 37.46
CA ASP P 169 38.11 17.78 36.16
C ASP P 169 37.88 16.33 35.78
N PRO P 170 36.65 15.88 35.56
CA PRO P 170 36.43 14.48 35.17
C PRO P 170 36.89 14.15 33.77
N VAL P 171 37.15 15.14 32.93
CA VAL P 171 37.69 14.86 31.61
C VAL P 171 39.21 14.76 31.66
N LEU P 172 39.86 15.69 32.34
CA LEU P 172 41.32 15.73 32.37
C LEU P 172 41.94 14.99 33.54
N GLN P 173 41.12 14.55 34.50
CA GLN P 173 41.56 13.82 35.69
C GLN P 173 42.62 14.56 36.50
N LYS P 174 42.53 15.90 36.52
CA LYS P 174 43.47 16.73 37.25
C LYS P 174 42.73 17.78 38.04
N TYR P 175 43.42 18.36 39.01
CA TYR P 175 42.98 19.60 39.58
C TYR P 175 43.35 20.75 38.65
N ASP P 176 42.68 21.89 38.82
CA ASP P 176 43.05 23.05 38.03
C ASP P 176 44.36 23.64 38.55
N GLU P 177 44.91 24.56 37.76
CA GLU P 177 46.18 25.21 38.10
C GLU P 177 46.05 26.72 38.10
N ILE P 178 44.83 27.22 38.19
CA ILE P 178 44.59 28.65 38.38
C ILE P 178 45.07 29.04 39.78
N PRO P 179 45.63 30.23 39.97
CA PRO P 179 46.00 30.66 41.33
C PRO P 179 44.77 31.01 42.14
N GLY P 180 44.96 31.05 43.46
CA GLY P 180 43.89 31.29 44.41
C GLY P 180 43.74 32.74 44.78
N LEU P 181 43.24 32.98 46.00
CA LEU P 181 43.00 34.33 46.49
C LEU P 181 44.24 35.18 46.56
N SER P 182 45.39 34.60 46.85
CA SER P 182 46.54 35.39 47.26
C SER P 182 47.30 36.03 46.11
N HIS P 183 46.69 36.17 44.92
CA HIS P 183 47.41 36.64 43.75
C HIS P 183 46.71 37.73 42.98
N ASN P 184 45.51 38.14 43.38
CA ASN P 184 44.75 39.13 42.61
C ASN P 184 45.01 40.55 43.09
N CYS P 185 45.53 41.37 42.18
CA CYS P 185 45.50 42.81 42.39
C CYS P 185 44.11 43.46 42.59
N PRO P 186 42.98 42.98 42.03
CA PRO P 186 41.72 43.67 42.36
C PRO P 186 41.27 43.53 43.80
N LEU P 187 41.36 42.34 44.41
CA LEU P 187 40.92 42.21 45.80
C LEU P 187 41.81 43.00 46.75
N TRP P 188 43.13 42.85 46.62
CA TRP P 188 44.05 43.54 47.52
C TRP P 188 43.97 45.04 47.33
N CYS P 189 43.98 45.51 46.09
CA CYS P 189 43.86 46.94 45.85
C CYS P 189 42.50 47.46 46.25
N PHE P 190 41.45 46.65 46.10
CA PHE P 190 40.10 47.04 46.48
C PHE P 190 40.01 47.27 47.98
N ARG P 191 40.47 46.31 48.77
CA ARG P 191 40.42 46.50 50.20
C ARG P 191 41.42 47.54 50.66
N GLU P 192 42.49 47.79 49.90
CA GLU P 192 43.39 48.89 50.21
C GLU P 192 42.71 50.24 50.05
N ILE P 193 41.95 50.41 48.96
CA ILE P 193 41.22 51.64 48.72
C ILE P 193 40.19 51.86 49.82
N CYS P 194 39.48 50.80 50.20
CA CYS P 194 38.43 50.96 51.21
C CYS P 194 39.02 51.24 52.59
N ARG P 195 40.16 50.59 52.91
CA ARG P 195 40.83 50.88 54.18
C ARG P 195 41.34 52.31 54.23
N HIS P 196 41.89 52.83 53.13
CA HIS P 196 42.44 54.17 53.23
C HIS P 196 41.36 55.22 53.21
N ILE P 197 40.30 55.01 52.43
CA ILE P 197 39.23 56.00 52.36
C ILE P 197 38.46 56.05 53.67
N SER P 198 38.12 54.89 54.23
CA SER P 198 37.47 54.87 55.53
C SER P 198 38.40 55.32 56.63
N GLY P 199 39.65 54.84 56.62
CA GLY P 199 40.62 55.23 57.60
C GLY P 199 40.35 54.61 58.96
N PRO P 200 40.71 55.32 60.02
CA PRO P 200 40.43 54.83 61.38
C PRO P 200 38.99 55.00 61.82
N LEU P 201 38.10 55.46 60.93
CA LEU P 201 36.70 55.61 61.24
C LEU P 201 36.06 54.24 61.48
N PRO P 202 35.00 54.17 62.30
CA PRO P 202 34.49 52.85 62.70
C PRO P 202 33.78 52.10 61.58
N ASP P 203 33.09 52.81 60.70
CA ASP P 203 32.51 52.16 59.53
C ASP P 203 33.60 51.81 58.53
N ARG P 204 33.25 50.98 57.57
CA ARG P 204 34.29 50.66 56.61
C ARG P 204 33.86 50.81 55.15
N ALA P 205 32.61 50.48 54.83
CA ALA P 205 32.14 50.52 53.44
C ALA P 205 32.03 51.95 52.95
N PRO P 206 32.67 52.32 51.84
CA PRO P 206 32.65 53.72 51.40
C PRO P 206 31.28 54.19 50.92
N TYR P 207 30.42 53.29 50.46
CA TYR P 207 29.04 53.65 50.21
C TYR P 207 28.17 52.42 50.39
N LEU P 208 26.87 52.66 50.58
CA LEU P 208 25.90 51.58 50.60
C LEU P 208 24.93 51.76 49.45
N TYR P 209 24.65 50.66 48.76
CA TYR P 209 23.63 50.69 47.73
C TYR P 209 22.25 50.60 48.35
N LEU P 210 21.31 51.35 47.82
CA LEU P 210 19.95 51.35 48.34
C LEU P 210 19.01 51.73 47.22
N SER P 211 17.81 51.12 47.23
CA SER P 211 16.76 51.48 46.28
C SER P 211 16.33 52.93 46.44
N ALA P 212 16.29 53.42 47.68
CA ALA P 212 16.01 54.83 47.91
C ALA P 212 17.17 55.73 47.53
N GLY P 213 18.36 55.18 47.35
CA GLY P 213 19.50 55.94 46.86
C GLY P 213 20.76 55.69 47.65
N VAL P 214 21.90 55.89 47.00
CA VAL P 214 23.18 55.61 47.62
C VAL P 214 23.50 56.66 48.67
N PHE P 215 24.13 56.24 49.76
CA PHE P 215 24.63 57.14 50.79
C PHE P 215 26.15 57.07 50.78
N TRP P 216 26.80 58.20 51.10
CA TRP P 216 28.25 58.27 51.08
C TRP P 216 28.83 58.33 52.49
N LEU P 217 30.06 57.87 52.61
CA LEU P 217 30.81 57.98 53.86
C LEU P 217 31.46 59.35 53.93
N MET P 218 31.51 59.92 55.13
CA MET P 218 32.11 61.25 55.29
C MET P 218 33.51 61.09 55.84
N SER P 219 34.44 60.74 54.96
CA SER P 219 35.82 61.09 55.20
C SER P 219 36.17 62.23 54.27
N PRO P 220 37.07 63.13 54.67
CA PRO P 220 37.35 64.29 53.81
C PRO P 220 38.05 63.94 52.51
N ARG P 221 38.60 62.75 52.38
CA ARG P 221 39.33 62.34 51.20
C ARG P 221 38.44 61.66 50.16
N MET P 222 37.12 61.63 50.38
CA MET P 222 36.24 60.89 49.49
C MET P 222 36.07 61.61 48.15
N THR P 223 36.24 60.87 47.06
CA THR P 223 36.00 61.34 45.72
C THR P 223 34.67 60.79 45.22
N SER P 224 34.13 61.45 44.19
CA SER P 224 32.79 61.07 43.72
C SER P 224 32.83 59.89 42.77
N ALA P 225 33.90 59.73 42.00
CA ALA P 225 33.98 58.64 41.03
C ALA P 225 34.62 57.40 41.62
N ILE P 226 34.49 57.18 42.91
CA ILE P 226 34.93 55.90 43.49
C ILE P 226 34.00 54.72 43.19
N PRO P 227 32.66 54.80 43.04
CA PRO P 227 31.90 53.56 42.67
C PRO P 227 32.22 52.95 41.32
N PRO P 228 32.52 53.70 40.24
CA PRO P 228 32.89 52.97 39.02
C PRO P 228 34.26 52.34 39.10
N LEU P 229 35.17 52.93 39.88
CA LEU P 229 36.45 52.29 40.12
C LEU P 229 36.28 50.99 40.88
N LEU P 230 35.44 51.00 41.92
CA LEU P 230 35.18 49.78 42.68
C LEU P 230 34.45 48.74 41.83
N SER P 231 33.62 49.20 40.90
CA SER P 231 32.94 48.27 40.01
C SER P 231 33.90 47.62 39.05
N ASP P 232 34.87 48.38 38.53
CA ASP P 232 35.86 47.79 37.64
C ASP P 232 36.76 46.82 38.40
N LEU P 233 37.07 47.15 39.66
CA LEU P 233 37.84 46.23 40.50
C LEU P 233 37.10 44.93 40.72
N VAL P 234 35.81 44.99 41.03
CA VAL P 234 35.11 43.73 41.28
C VAL P 234 34.84 42.99 39.96
N ASN P 235 34.76 43.70 38.83
CA ASN P 235 34.63 43.03 37.54
C ASN P 235 35.86 42.20 37.21
N LEU P 236 37.04 42.82 37.28
CA LEU P 236 38.26 42.08 37.02
C LEU P 236 38.51 41.02 38.09
N ALA P 237 38.01 41.27 39.30
CA ALA P 237 38.11 40.30 40.39
C ALA P 237 37.35 39.03 40.08
N ILE P 238 36.15 39.16 39.50
CA ILE P 238 35.44 37.96 39.07
C ILE P 238 36.13 37.32 37.87
N LEU P 239 36.41 38.12 36.85
CA LEU P 239 36.79 37.60 35.54
C LEU P 239 38.18 37.01 35.53
N GLN P 240 39.01 37.24 36.55
CA GLN P 240 40.18 36.40 36.70
C GLN P 240 39.80 34.95 36.97
N GLN P 241 39.20 34.74 38.13
CA GLN P 241 39.02 33.43 38.73
C GLN P 241 37.84 32.68 38.15
N THR P 242 37.09 33.30 37.25
CA THR P 242 36.03 32.62 36.53
C THR P 242 36.34 32.43 35.05
N ALA P 243 37.46 32.95 34.56
CA ALA P 243 37.82 32.74 33.16
C ALA P 243 39.30 32.44 32.95
N GLY P 244 40.12 32.45 33.98
CA GLY P 244 41.51 32.10 33.83
C GLY P 244 42.37 33.14 33.14
N LEU P 245 42.14 34.41 33.45
CA LEU P 245 43.05 35.46 33.02
C LEU P 245 44.40 35.28 33.70
N ASP P 246 45.46 35.67 33.01
CA ASP P 246 46.76 35.70 33.68
C ASP P 246 46.81 36.89 34.64
N PRO P 247 47.62 36.82 35.70
CA PRO P 247 47.66 37.95 36.64
C PRO P 247 48.23 39.23 36.04
N SER P 248 49.08 39.11 35.02
CA SER P 248 49.81 40.25 34.51
C SER P 248 48.91 41.23 33.78
N LEU P 249 48.04 40.73 32.89
CA LEU P 249 47.16 41.64 32.17
C LEU P 249 46.09 42.21 33.08
N VAL P 250 45.78 41.54 34.19
CA VAL P 250 44.88 42.12 35.16
C VAL P 250 45.58 43.26 35.89
N ARG P 251 46.88 43.12 36.15
CA ARG P 251 47.66 44.24 36.68
C ARG P 251 47.68 45.43 35.73
N LEU P 252 47.80 45.14 34.43
CA LEU P 252 47.67 46.16 33.39
C LEU P 252 46.31 46.86 33.44
N GLY P 253 45.24 46.07 33.51
CA GLY P 253 43.90 46.65 33.48
C GLY P 253 43.59 47.48 34.70
N VAL P 254 44.02 47.01 35.88
CA VAL P 254 43.79 47.81 37.07
C VAL P 254 44.70 49.01 37.11
N GLN P 255 45.85 48.97 36.43
CA GLN P 255 46.66 50.17 36.28
C GLN P 255 45.93 51.21 35.44
N ILE P 256 45.25 50.75 34.38
CA ILE P 256 44.44 51.65 33.56
C ILE P 256 43.30 52.25 34.40
N CYS P 257 42.67 51.43 35.24
CA CYS P 257 41.56 51.91 36.03
C CYS P 257 42.01 52.89 37.11
N LEU P 258 43.17 52.64 37.73
CA LEU P 258 43.65 53.55 38.77
C LEU P 258 44.13 54.86 38.18
N HIS P 259 44.76 54.81 37.00
CA HIS P 259 45.11 56.04 36.31
C HIS P 259 43.87 56.77 35.82
N ALA P 260 42.78 56.05 35.57
CA ALA P 260 41.52 56.68 35.20
C ALA P 260 40.90 57.42 36.36
N ALA P 261 40.87 56.78 37.53
CA ALA P 261 40.33 57.45 38.71
C ALA P 261 41.26 58.56 39.20
N ALA P 262 42.54 58.50 38.83
CA ALA P 262 43.46 59.58 39.17
C ALA P 262 43.37 60.75 38.21
N SER P 263 42.58 60.65 37.15
CA SER P 263 42.60 61.65 36.09
C SER P 263 41.78 62.87 36.50
N SER P 264 41.55 63.77 35.54
CA SER P 264 40.67 64.92 35.78
C SER P 264 39.24 64.45 35.96
N SER P 265 38.71 63.75 34.98
CA SER P 265 37.42 63.10 35.10
C SER P 265 37.56 61.66 34.63
N TYR P 266 36.83 60.77 35.29
CA TYR P 266 37.00 59.34 35.10
C TYR P 266 36.47 58.90 33.74
N ALA P 267 35.19 59.19 33.47
CA ALA P 267 34.51 58.62 32.31
C ALA P 267 35.04 59.19 31.00
N TRP P 268 35.57 60.41 31.01
CA TRP P 268 36.17 60.95 29.80
C TRP P 268 37.42 60.19 29.41
N PHE P 269 38.26 59.90 30.40
CA PHE P 269 39.44 59.09 30.15
C PHE P 269 39.07 57.68 29.74
N ILE P 270 37.95 57.16 30.27
CA ILE P 270 37.52 55.83 29.86
C ILE P 270 37.07 55.83 28.41
N LEU P 271 36.35 56.87 27.98
CA LEU P 271 35.92 56.93 26.59
C LEU P 271 37.11 57.11 25.66
N LYS P 272 38.06 57.95 26.04
CA LYS P 272 39.20 58.14 25.16
C LYS P 272 40.22 57.02 25.25
N THR P 273 40.11 56.13 26.22
CA THR P 273 41.13 55.10 26.38
C THR P 273 40.74 53.77 25.76
N LYS P 274 39.50 53.64 25.26
CA LYS P 274 38.86 52.35 25.00
C LYS P 274 39.51 51.53 23.90
N SER P 275 40.46 52.08 23.16
CA SER P 275 41.06 51.37 22.05
C SER P 275 42.54 51.15 22.29
N ILE P 276 42.92 50.69 23.46
CA ILE P 276 44.30 50.28 23.73
C ILE P 276 44.45 48.78 23.67
N PHE P 277 43.57 48.05 24.36
CA PHE P 277 43.58 46.59 24.27
C PHE P 277 43.33 46.04 22.87
N PRO P 278 42.41 46.55 22.04
CA PRO P 278 42.34 46.01 20.68
C PRO P 278 43.50 46.44 19.80
N GLN P 279 43.93 47.69 19.91
CA GLN P 279 44.86 48.24 18.94
C GLN P 279 46.24 47.63 19.05
N ASN P 280 46.65 47.28 20.26
CA ASN P 280 47.99 46.74 20.47
C ASN P 280 48.03 45.23 20.50
N THR P 281 46.89 44.55 20.63
CA THR P 281 46.86 43.10 20.63
C THR P 281 46.13 42.55 19.41
N LEU P 282 44.88 42.95 19.21
CA LEU P 282 44.11 42.42 18.09
C LEU P 282 44.58 43.01 16.77
N HIS P 283 44.79 44.31 16.72
CA HIS P 283 45.12 44.99 15.47
C HIS P 283 46.59 44.92 15.12
N SER P 284 47.38 44.04 15.75
CA SER P 284 48.79 43.90 15.40
C SER P 284 49.23 42.46 15.43
N MET P 285 48.30 41.52 15.45
CA MET P 285 48.58 40.13 15.76
C MET P 285 49.04 39.37 14.52
N TYR P 286 49.83 38.32 14.75
CA TYR P 286 50.35 37.41 13.73
C TYR P 286 51.18 38.14 12.69
N GLU P 287 52.30 38.69 13.13
CA GLU P 287 53.20 39.38 12.23
C GLU P 287 53.83 38.41 11.24
N SER P 288 54.43 37.34 11.73
CA SER P 288 55.06 36.35 10.87
C SER P 288 54.82 34.97 11.47
N LEU P 289 53.78 34.30 11.00
CA LEU P 289 53.46 32.98 11.52
C LEU P 289 54.31 31.93 10.82
N GLU P 290 54.09 30.68 11.21
CA GLU P 290 54.67 29.55 10.50
C GLU P 290 53.69 28.43 10.24
N GLY P 291 52.59 28.35 10.98
CA GLY P 291 51.65 27.26 10.81
C GLY P 291 50.41 27.49 11.63
N GLY P 292 49.53 26.51 11.58
CA GLY P 292 48.23 26.60 12.21
C GLY P 292 47.22 25.88 11.36
N TYR P 293 45.96 25.99 11.75
CA TYR P 293 44.88 25.34 11.03
C TYR P 293 43.68 26.28 10.98
N CYS P 294 43.31 26.70 9.78
CA CYS P 294 42.22 27.65 9.58
C CYS P 294 41.01 26.95 9.00
N PRO P 295 39.81 27.47 9.23
CA PRO P 295 38.62 26.88 8.61
C PRO P 295 38.59 27.12 7.11
N ASN P 296 37.79 26.29 6.44
CA ASN P 296 37.54 26.41 5.01
C ASN P 296 36.03 26.48 4.85
N LEU P 297 35.51 27.66 4.56
CA LEU P 297 34.09 27.86 4.34
C LEU P 297 33.81 28.18 2.87
N GLU P 298 32.53 28.34 2.56
CA GLU P 298 32.11 28.82 1.25
C GLU P 298 30.74 29.48 1.40
N TRP P 299 30.71 30.80 1.29
CA TRP P 299 29.48 31.53 1.01
C TRP P 299 28.94 31.01 -0.31
N LEU P 300 27.80 30.32 -0.28
CA LEU P 300 27.35 29.50 -1.39
C LEU P 300 26.82 30.36 -2.55
N GLU P 301 26.26 29.70 -3.55
CA GLU P 301 25.87 30.38 -4.78
C GLU P 301 24.64 31.28 -4.63
N PRO P 302 23.54 30.88 -3.91
CA PRO P 302 22.56 31.92 -3.55
C PRO P 302 23.15 32.91 -2.57
N ARG P 303 23.38 34.14 -3.01
CA ARG P 303 24.12 35.13 -2.23
C ARG P 303 23.29 35.80 -1.15
N SER P 304 22.16 35.21 -0.76
CA SER P 304 21.39 35.67 0.39
C SER P 304 20.92 34.50 1.22
N ASP P 305 21.55 33.33 1.08
CA ASP P 305 21.04 32.14 1.75
C ASP P 305 21.44 32.09 3.21
N TYR P 306 22.67 32.54 3.53
CA TYR P 306 23.34 32.33 4.81
C TYR P 306 23.40 30.85 5.16
N LYS P 307 23.67 30.03 4.15
CA LYS P 307 23.83 28.60 4.30
C LYS P 307 25.28 28.24 3.97
N PHE P 308 25.93 27.53 4.88
CA PHE P 308 27.36 27.30 4.82
C PHE P 308 27.67 25.82 4.82
N MET P 309 28.51 25.39 3.87
CA MET P 309 29.07 24.05 3.87
C MET P 309 30.53 24.15 4.28
N TYR P 310 30.85 23.60 5.44
CA TYR P 310 32.17 23.71 6.05
C TYR P 310 33.09 22.66 5.42
N MET P 311 34.08 23.12 4.67
CA MET P 311 34.91 22.22 3.90
C MET P 311 35.95 21.49 4.74
N GLY P 312 36.23 21.95 5.95
CA GLY P 312 37.14 21.26 6.83
C GLY P 312 38.33 22.12 7.18
N ALA P 313 39.31 21.50 7.84
CA ALA P 313 40.50 22.21 8.27
C ALA P 313 41.42 22.49 7.09
N MET P 314 42.32 23.45 7.28
CA MET P 314 43.28 23.79 6.27
C MET P 314 44.54 24.31 6.94
N PRO P 315 45.71 23.73 6.63
CA PRO P 315 46.94 24.22 7.24
C PRO P 315 47.37 25.56 6.66
N LEU P 316 48.09 26.31 7.48
CA LEU P 316 48.50 27.66 7.12
C LEU P 316 49.88 27.66 6.48
N SER P 317 50.29 28.83 6.00
CA SER P 317 51.62 29.00 5.42
C SER P 317 52.05 30.44 5.63
N THR P 318 53.35 30.67 5.45
CA THR P 318 53.97 31.93 5.79
C THR P 318 53.59 33.08 4.87
N LYS P 319 52.97 32.80 3.74
CA LYS P 319 52.45 33.88 2.92
C LYS P 319 51.16 34.46 3.46
N TYR P 320 50.59 33.86 4.50
CA TYR P 320 49.43 34.40 5.19
C TYR P 320 49.81 35.26 6.38
N ALA P 321 50.97 35.91 6.32
CA ALA P 321 51.35 36.84 7.36
C ALA P 321 50.51 38.10 7.28
N ARG P 322 50.66 38.96 8.29
CA ARG P 322 49.88 40.19 8.34
C ARG P 322 50.41 41.15 7.29
N SER P 323 49.69 41.26 6.18
CA SER P 323 49.97 42.27 5.17
C SER P 323 49.21 43.55 5.42
N ALA P 324 48.48 43.64 6.52
CA ALA P 324 47.85 44.87 6.94
C ALA P 324 48.92 45.92 7.26
N PRO P 325 48.61 47.22 7.09
CA PRO P 325 49.64 48.24 7.34
C PRO P 325 50.03 48.39 8.80
N SER P 326 50.91 49.35 9.06
CA SER P 326 51.57 49.43 10.35
C SER P 326 50.63 49.92 11.44
N ASN P 327 51.04 49.63 12.66
CA ASN P 327 50.28 50.01 13.84
C ASN P 327 51.19 50.68 14.86
N ASP P 328 52.39 51.10 14.43
CA ASP P 328 53.33 51.71 15.34
C ASP P 328 52.89 53.11 15.72
N LYS P 329 52.60 53.95 14.72
CA LYS P 329 52.58 55.39 14.93
C LYS P 329 51.42 55.82 15.82
N LYS P 330 50.19 55.52 15.40
CA LYS P 330 49.02 56.01 16.11
C LYS P 330 48.88 55.37 17.49
N ALA P 331 49.27 54.10 17.62
CA ALA P 331 49.17 53.44 18.91
C ALA P 331 50.21 53.98 19.89
N ARG P 332 51.43 54.23 19.43
CA ARG P 332 52.42 54.80 20.34
C ARG P 332 52.12 56.26 20.64
N GLU P 333 51.45 56.97 19.74
CA GLU P 333 51.04 58.33 20.06
C GLU P 333 49.91 58.33 21.08
N LEU P 334 49.02 57.34 21.01
CA LEU P 334 47.97 57.22 22.02
C LEU P 334 48.55 56.86 23.37
N GLY P 335 49.56 55.98 23.38
CA GLY P 335 50.20 55.64 24.64
C GLY P 335 50.99 56.79 25.24
N GLU P 336 51.60 57.61 24.38
CA GLU P 336 52.33 58.77 24.88
C GLU P 336 51.37 59.86 25.37
N LYS P 337 50.21 59.98 24.72
CA LYS P 337 49.34 61.13 24.94
C LYS P 337 48.75 61.13 26.34
N TYR P 338 48.45 59.97 26.89
CA TYR P 338 47.81 59.88 28.19
C TYR P 338 48.74 59.31 29.25
N GLY P 339 50.05 59.44 29.06
CA GLY P 339 51.02 59.01 30.05
C GLY P 339 51.11 57.50 30.23
N LEU P 340 50.70 56.73 29.23
CA LEU P 340 50.61 55.29 29.40
C LEU P 340 51.50 54.57 28.41
N SER P 341 52.74 55.03 28.27
CA SER P 341 53.65 54.40 27.33
C SER P 341 54.06 53.00 27.77
N SER P 342 54.04 52.74 29.07
CA SER P 342 54.52 51.47 29.60
C SER P 342 53.60 50.32 29.22
N VAL P 343 52.29 50.51 29.35
CA VAL P 343 51.34 49.44 29.06
C VAL P 343 51.31 49.13 27.56
N VAL P 344 51.45 50.18 26.73
CA VAL P 344 51.49 49.99 25.29
C VAL P 344 52.77 49.28 24.88
N SER P 345 53.88 49.63 25.53
CA SER P 345 55.15 48.97 25.24
C SER P 345 55.11 47.50 25.63
N GLU P 346 54.43 47.17 26.73
CA GLU P 346 54.30 45.78 27.14
C GLU P 346 53.44 44.99 26.17
N LEU P 347 52.32 45.57 25.74
CA LEU P 347 51.44 44.87 24.81
C LEU P 347 52.11 44.65 23.47
N ARG P 348 52.79 45.67 22.95
CA ARG P 348 53.51 45.54 21.69
C ARG P 348 54.75 44.68 21.83
N ARG P 349 55.25 44.47 23.05
CA ARG P 349 56.25 43.44 23.28
C ARG P 349 55.63 42.06 23.09
N ARG P 350 54.63 41.74 23.91
CA ARG P 350 54.21 40.35 24.02
C ARG P 350 53.40 39.89 22.81
N THR P 351 52.74 40.81 22.08
CA THR P 351 52.03 40.44 20.87
C THR P 351 52.97 39.92 19.79
N LYS P 352 54.20 40.44 19.74
CA LYS P 352 55.21 39.96 18.80
C LYS P 352 55.64 38.53 19.11
N THR P 353 55.53 38.10 20.36
CA THR P 353 56.09 36.81 20.78
C THR P 353 55.27 35.61 20.35
N TYR P 354 54.13 35.79 19.70
CA TYR P 354 53.28 34.68 19.31
C TYR P 354 53.22 34.57 17.80
N SER P 355 53.38 33.36 17.27
CA SER P 355 53.36 33.17 15.83
C SER P 355 52.68 31.86 15.43
N LYS P 356 51.84 31.30 16.29
CA LYS P 356 51.17 30.04 15.96
C LYS P 356 49.68 30.20 16.25
N HIS P 357 48.86 29.92 15.25
CA HIS P 357 47.42 30.06 15.39
C HIS P 357 46.87 28.84 16.12
N ASP P 358 47.01 28.86 17.44
CA ASP P 358 46.49 27.78 18.27
C ASP P 358 45.60 28.36 19.36
N PHE P 359 45.29 27.53 20.36
CA PHE P 359 44.42 27.98 21.43
C PHE P 359 45.10 29.01 22.33
N THR P 360 46.42 28.98 22.42
CA THR P 360 47.13 29.86 23.34
C THR P 360 47.07 31.30 22.87
N SER P 361 47.31 31.53 21.58
CA SER P 361 47.32 32.88 21.04
C SER P 361 45.92 33.49 21.06
N VAL P 362 44.91 32.71 20.67
CA VAL P 362 43.55 33.24 20.66
C VAL P 362 43.04 33.42 22.10
N ARG P 363 43.53 32.61 23.04
CA ARG P 363 43.28 32.81 24.46
C ARG P 363 43.85 34.11 24.95
N TYR P 364 45.08 34.41 24.53
CA TYR P 364 45.72 35.65 24.93
C TYR P 364 44.97 36.86 24.39
N ILE P 365 44.45 36.74 23.17
CA ILE P 365 43.63 37.81 22.60
C ILE P 365 42.33 37.93 23.40
N ARG P 366 41.77 36.80 23.85
CA ARG P 366 40.58 36.84 24.70
C ARG P 366 40.86 37.54 26.02
N ASP P 367 42.04 37.30 26.58
CA ASP P 367 42.43 37.96 27.83
C ASP P 367 42.58 39.46 27.64
N ALA P 368 43.18 39.86 26.51
CA ALA P 368 43.34 41.27 26.20
C ALA P 368 41.99 41.94 26.01
N MET P 369 41.03 41.23 25.39
CA MET P 369 39.70 41.80 25.24
C MET P 369 38.99 41.92 26.58
N ALA P 370 39.21 40.96 27.48
CA ALA P 370 38.50 40.98 28.74
C ALA P 370 39.04 42.05 29.68
N CYS P 371 40.33 42.36 29.61
CA CYS P 371 40.93 43.24 30.60
C CYS P 371 40.63 44.73 30.42
N THR P 372 39.70 45.11 29.55
CA THR P 372 39.29 46.51 29.49
C THR P 372 38.15 46.78 30.47
N SER P 373 37.82 48.05 30.62
CA SER P 373 36.87 48.49 31.62
C SER P 373 35.43 48.26 31.16
N GLY P 374 34.52 48.24 32.13
CA GLY P 374 33.14 47.95 31.83
C GLY P 374 32.13 48.88 32.48
N ILE P 375 32.47 50.16 32.61
CA ILE P 375 31.55 51.12 33.21
C ILE P 375 30.54 51.59 32.19
N PHE P 376 29.54 52.33 32.66
CA PHE P 376 28.50 52.90 31.81
C PHE P 376 28.66 54.41 31.83
N LEU P 377 28.84 55.01 30.66
CA LEU P 377 29.15 56.44 30.57
C LEU P 377 27.89 57.24 30.85
N VAL P 378 27.88 57.96 31.96
CA VAL P 378 26.72 58.71 32.43
C VAL P 378 27.06 60.19 32.40
N ARG P 379 26.19 60.98 31.77
CA ARG P 379 26.33 62.42 31.76
C ARG P 379 24.94 63.06 31.78
N THR P 380 24.92 64.38 31.86
CA THR P 380 23.67 65.13 31.92
C THR P 380 22.96 65.07 30.57
N PRO P 381 21.64 64.85 30.56
CA PRO P 381 20.90 64.76 29.28
C PRO P 381 20.96 66.01 28.42
N THR P 382 21.01 67.18 29.05
CA THR P 382 21.13 68.43 28.30
C THR P 382 22.47 68.49 27.57
N GLU P 383 23.50 67.89 28.17
CA GLU P 383 24.81 67.87 27.54
C GLU P 383 24.82 66.97 26.31
N THR P 384 24.09 65.86 26.35
CA THR P 384 23.91 65.02 25.18
C THR P 384 23.18 65.77 24.09
N VAL P 385 21.97 66.26 24.38
CA VAL P 385 21.17 66.88 23.34
C VAL P 385 21.69 68.26 22.91
N LEU P 386 22.72 68.78 23.56
CA LEU P 386 23.44 69.91 23.03
C LEU P 386 24.81 69.53 22.50
N GLN P 387 25.22 68.27 22.60
CA GLN P 387 26.44 67.82 21.92
C GLN P 387 26.13 67.18 20.57
N GLU P 388 25.42 66.06 20.57
CA GLU P 388 25.32 65.30 19.33
C GLU P 388 24.17 65.74 18.44
N TYR P 389 23.19 66.45 18.99
CA TYR P 389 22.07 66.92 18.17
C TYR P 389 22.28 68.33 17.68
N THR P 390 23.53 68.77 17.66
CA THR P 390 23.93 70.09 17.18
C THR P 390 24.92 69.94 16.03
N GLN P 391 24.73 68.90 15.23
CA GLN P 391 25.69 68.57 14.18
C GLN P 391 25.02 68.57 12.82
N SER P 392 25.75 69.06 11.83
CA SER P 392 25.33 69.06 10.44
C SER P 392 26.38 68.38 9.59
N PRO P 393 25.98 67.67 8.54
CA PRO P 393 26.95 66.99 7.70
C PRO P 393 27.73 67.96 6.82
N GLU P 394 28.83 67.45 6.28
CA GLU P 394 29.76 68.25 5.49
C GLU P 394 29.58 67.86 4.03
N ILE P 395 28.59 68.47 3.38
CA ILE P 395 28.28 68.18 1.98
C ILE P 395 29.13 69.13 1.16
N LYS P 396 30.31 68.65 0.75
CA LYS P 396 31.23 69.50 0.01
C LYS P 396 30.79 69.69 -1.43
N VAL P 397 30.22 68.67 -2.04
CA VAL P 397 29.69 68.85 -3.39
C VAL P 397 28.18 68.67 -3.30
N PRO P 398 27.42 69.74 -3.11
CA PRO P 398 25.97 69.62 -3.14
C PRO P 398 25.48 69.62 -4.58
N ILE P 399 24.21 69.31 -4.73
CA ILE P 399 23.58 69.40 -6.05
C ILE P 399 23.42 70.85 -6.41
N PRO P 400 23.88 71.29 -7.58
CA PRO P 400 23.66 72.68 -8.00
C PRO P 400 22.19 72.95 -8.22
N GLN P 401 21.80 74.21 -8.00
CA GLN P 401 20.40 74.59 -8.05
C GLN P 401 19.85 74.62 -9.48
N LYS P 402 20.72 74.57 -10.49
CA LYS P 402 20.24 74.49 -11.87
C LYS P 402 19.73 73.10 -12.23
N ASP P 403 19.99 72.09 -11.42
CA ASP P 403 19.75 70.71 -11.80
C ASP P 403 18.41 70.18 -11.30
N TRP P 404 17.64 70.98 -10.60
CA TRP P 404 16.30 70.57 -10.20
C TRP P 404 15.28 71.24 -11.11
N THR P 405 14.15 70.57 -11.30
CA THR P 405 13.07 71.12 -12.11
C THR P 405 12.26 72.14 -11.33
N GLY P 406 11.23 72.64 -11.96
CA GLY P 406 10.18 73.34 -11.26
C GLY P 406 9.48 72.37 -10.34
N PRO P 407 9.03 72.85 -9.18
CA PRO P 407 8.53 71.95 -8.13
C PRO P 407 7.17 71.41 -8.48
N ILE P 408 6.83 70.31 -7.83
CA ILE P 408 5.50 69.72 -7.89
C ILE P 408 5.02 69.67 -6.45
N GLY P 409 4.16 70.61 -6.08
CA GLY P 409 3.83 70.79 -4.69
C GLY P 409 5.00 71.43 -3.98
N GLU P 410 5.63 70.68 -3.08
CA GLU P 410 6.79 71.18 -2.36
C GLU P 410 8.11 70.68 -2.91
N ILE P 411 8.10 69.73 -3.83
CA ILE P 411 9.29 68.95 -4.16
C ILE P 411 9.69 69.22 -5.60
N ARG P 412 10.92 69.70 -5.80
CA ARG P 412 11.49 69.77 -7.13
C ARG P 412 12.01 68.38 -7.52
N ILE P 413 12.12 68.15 -8.82
CA ILE P 413 12.48 66.85 -9.35
C ILE P 413 13.84 66.98 -10.01
N LEU P 414 14.67 65.93 -9.89
CA LEU P 414 15.97 65.94 -10.54
C LEU P 414 15.83 65.86 -12.06
N LYS P 415 16.54 66.74 -12.78
CA LYS P 415 16.82 66.48 -14.18
C LYS P 415 17.67 65.22 -14.29
N ASP P 416 17.44 64.44 -15.33
CA ASP P 416 18.21 63.22 -15.50
C ASP P 416 19.51 63.44 -16.26
N THR P 417 19.70 64.61 -16.84
CA THR P 417 21.00 64.96 -17.41
C THR P 417 21.89 65.69 -16.42
N THR P 418 21.97 65.16 -15.21
CA THR P 418 22.63 65.81 -14.09
C THR P 418 23.97 65.14 -13.83
N SER P 419 25.03 65.94 -13.75
CA SER P 419 26.37 65.41 -13.48
C SER P 419 26.55 64.96 -12.04
N SER P 420 25.62 65.28 -11.15
CA SER P 420 25.74 64.92 -9.76
C SER P 420 25.52 63.42 -9.57
N ILE P 421 25.94 62.95 -8.39
CA ILE P 421 25.91 61.52 -8.08
C ILE P 421 24.49 61.07 -7.78
N ALA P 422 23.65 61.96 -7.25
CA ALA P 422 22.34 61.59 -6.72
C ALA P 422 21.34 61.12 -7.76
N ARG P 423 21.68 61.18 -9.06
CA ARG P 423 20.84 60.62 -10.11
C ARG P 423 20.64 59.12 -9.91
N TYR P 424 21.71 58.42 -9.51
CA TYR P 424 21.63 56.98 -9.32
C TYR P 424 20.77 56.63 -8.12
N LEU P 425 20.85 57.44 -7.07
CA LEU P 425 19.98 57.25 -5.93
C LEU P 425 18.53 57.48 -6.32
N TYR P 426 18.30 58.54 -7.12
CA TYR P 426 16.97 58.83 -7.64
C TYR P 426 16.42 57.66 -8.45
N ARG P 427 17.27 57.06 -9.30
CA ARG P 427 16.85 55.97 -10.15
C ARG P 427 16.52 54.72 -9.35
N THR P 428 17.33 54.42 -8.34
CA THR P 428 17.07 53.25 -7.51
C THR P 428 15.77 53.38 -6.74
N TRP P 429 15.57 54.51 -6.06
CA TRP P 429 14.34 54.65 -5.29
C TRP P 429 13.13 54.81 -6.20
N TYR P 430 13.32 55.36 -7.40
CA TYR P 430 12.26 55.48 -8.39
C TYR P 430 11.76 54.11 -8.82
N LEU P 431 12.68 53.27 -9.30
CA LEU P 431 12.31 51.94 -9.77
C LEU P 431 11.78 51.08 -8.62
N ALA P 432 12.34 51.27 -7.43
CA ALA P 432 11.92 50.48 -6.28
C ALA P 432 10.51 50.87 -5.84
N ALA P 433 10.18 52.16 -5.89
CA ALA P 433 8.82 52.58 -5.57
C ALA P 433 7.82 52.10 -6.62
N ALA P 434 8.24 52.10 -7.89
CA ALA P 434 7.38 51.64 -8.97
C ALA P 434 7.02 50.18 -8.81
N ARG P 435 8.02 49.32 -8.72
CA ARG P 435 7.70 47.91 -8.58
C ARG P 435 7.36 47.53 -7.14
N MET P 436 7.42 48.46 -6.20
CA MET P 436 6.80 48.22 -4.90
C MET P 436 5.30 48.39 -5.00
N ALA P 437 4.85 49.49 -5.61
CA ALA P 437 3.41 49.70 -5.77
C ALA P 437 2.81 48.78 -6.81
N ALA P 438 3.64 48.16 -7.65
CA ALA P 438 3.13 47.21 -8.63
C ALA P 438 2.64 45.91 -7.97
N GLN P 439 3.22 45.53 -6.83
CA GLN P 439 2.75 44.25 -6.29
C GLN P 439 1.46 44.46 -5.50
N PRO P 440 0.49 43.54 -5.63
CA PRO P 440 -0.74 43.65 -4.85
C PRO P 440 -0.62 43.15 -3.43
N ARG P 441 0.57 42.70 -3.00
CA ARG P 441 0.76 42.30 -1.62
C ARG P 441 0.75 43.48 -0.67
N THR P 442 1.04 44.68 -1.18
CA THR P 442 0.88 45.88 -0.38
C THR P 442 -0.58 46.26 -0.20
N TRP P 443 -1.47 45.69 -1.00
CA TRP P 443 -2.88 46.09 -1.00
C TRP P 443 -3.77 45.12 -0.25
N ASP P 444 -3.19 44.25 0.55
CA ASP P 444 -3.97 43.46 1.47
C ASP P 444 -4.41 44.37 2.61
N PRO P 445 -5.71 44.48 2.90
CA PRO P 445 -6.13 45.27 4.06
C PRO P 445 -5.78 44.61 5.37
N LEU P 446 -5.55 43.30 5.39
CA LEU P 446 -4.99 42.67 6.57
C LEU P 446 -3.56 43.11 6.79
N PHE P 447 -2.80 43.28 5.70
CA PHE P 447 -1.46 43.84 5.77
C PHE P 447 -1.48 45.30 6.21
N GLN P 448 -2.52 46.03 5.80
CA GLN P 448 -2.75 47.37 6.31
C GLN P 448 -2.94 47.37 7.80
N ALA P 449 -3.72 46.42 8.31
CA ALA P 449 -3.96 46.34 9.75
C ALA P 449 -2.70 45.93 10.50
N ILE P 450 -1.88 45.05 9.89
CA ILE P 450 -0.59 44.68 10.47
C ILE P 450 0.30 45.90 10.62
N MET P 451 0.45 46.66 9.54
CA MET P 451 1.37 47.80 9.57
C MET P 451 0.84 48.94 10.44
N ARG P 452 -0.48 49.08 10.54
CA ARG P 452 -1.03 50.04 11.49
C ARG P 452 -0.76 49.58 12.92
N SER P 453 -0.82 48.28 13.17
CA SER P 453 -0.42 47.76 14.47
C SER P 453 1.08 47.71 14.67
N GLN P 454 1.86 47.97 13.63
CA GLN P 454 3.30 47.76 13.71
C GLN P 454 3.97 48.79 14.59
N TYR P 455 3.57 50.06 14.47
CA TYR P 455 4.16 51.10 15.30
C TYR P 455 3.51 51.21 16.67
N VAL P 456 2.76 50.19 17.09
CA VAL P 456 2.45 50.00 18.52
C VAL P 456 3.58 49.13 19.05
N THR P 457 4.71 49.78 19.33
CA THR P 457 5.93 49.22 19.93
C THR P 457 6.88 50.39 20.23
N ALA P 458 8.08 50.03 20.71
CA ALA P 458 9.29 50.86 20.62
C ALA P 458 9.21 52.12 21.48
N ARG P 459 8.59 51.99 22.66
CA ARG P 459 8.53 53.01 23.71
C ARG P 459 7.89 54.31 23.20
N GLY P 460 6.61 54.18 22.85
CA GLY P 460 5.84 55.33 22.42
C GLY P 460 5.64 56.34 23.53
N GLY P 461 5.92 57.59 23.21
CA GLY P 461 5.82 58.68 24.16
C GLY P 461 5.27 59.93 23.53
N SER P 462 5.51 61.07 24.17
CA SER P 462 4.98 62.39 23.78
C SER P 462 3.45 62.42 23.64
N GLY P 463 2.73 61.58 24.40
CA GLY P 463 1.27 61.60 24.34
C GLY P 463 0.70 62.85 24.94
N ALA P 464 1.42 63.44 25.91
CA ALA P 464 1.03 64.71 26.48
C ALA P 464 1.04 65.80 25.42
N THR P 465 2.13 65.91 24.67
CA THR P 465 2.29 66.94 23.67
C THR P 465 1.36 66.72 22.50
N LEU P 466 1.05 65.44 22.22
CA LEU P 466 -0.01 65.13 21.28
C LEU P 466 -1.34 65.68 21.76
N ARG P 467 -1.70 65.44 23.03
CA ARG P 467 -3.03 65.87 23.43
C ARG P 467 -3.12 67.39 23.63
N GLU P 468 -2.01 68.09 23.88
CA GLU P 468 -2.19 69.53 23.94
C GLU P 468 -2.01 70.22 22.59
N SER P 469 -1.28 69.63 21.64
CA SER P 469 -1.35 70.15 20.28
C SER P 469 -2.73 69.90 19.67
N LEU P 470 -3.33 68.77 20.04
CA LEU P 470 -4.67 68.45 19.60
C LEU P 470 -5.69 69.34 20.30
N TYR P 471 -5.39 69.76 21.53
CA TYR P 471 -6.17 70.79 22.21
C TYR P 471 -6.03 72.14 21.52
N ALA P 472 -4.83 72.43 20.99
CA ALA P 472 -4.60 73.69 20.31
C ALA P 472 -5.32 73.76 18.98
N ILE P 473 -5.51 72.64 18.29
CA ILE P 473 -6.16 72.65 16.99
C ILE P 473 -7.68 72.43 17.11
N ASN P 474 -8.24 72.59 18.31
CA ASN P 474 -9.67 72.78 18.57
C ASN P 474 -10.52 71.59 18.11
N VAL P 475 -10.36 70.48 18.82
CA VAL P 475 -11.27 69.36 18.66
C VAL P 475 -11.73 68.92 20.05
N SER P 476 -12.93 68.35 20.12
CA SER P 476 -13.40 67.72 21.34
C SER P 476 -12.54 66.50 21.65
N LEU P 477 -12.51 66.13 22.93
CA LEU P 477 -11.49 65.20 23.33
C LEU P 477 -11.95 64.26 24.43
N PRO P 478 -11.96 62.96 24.20
CA PRO P 478 -12.25 62.00 25.29
C PRO P 478 -11.04 61.83 26.20
N ASP P 479 -11.24 62.13 27.48
CA ASP P 479 -10.14 62.04 28.43
C ASP P 479 -10.06 60.68 29.11
N PHE P 480 -11.18 59.96 29.17
CA PHE P 480 -11.30 58.62 29.78
C PHE P 480 -10.85 58.65 31.24
N LYS P 481 -11.67 59.31 32.06
CA LYS P 481 -11.35 59.51 33.47
C LYS P 481 -11.32 58.20 34.23
N GLY P 482 -10.35 58.08 35.14
CA GLY P 482 -10.27 56.94 36.03
C GLY P 482 -9.68 55.68 35.43
N LEU P 483 -8.57 55.81 34.71
CA LEU P 483 -7.88 54.66 34.16
C LEU P 483 -6.39 54.74 34.48
N PRO P 484 -5.77 53.61 34.88
CA PRO P 484 -4.49 53.68 35.61
C PRO P 484 -3.24 54.14 34.86
N VAL P 485 -2.89 53.52 33.73
CA VAL P 485 -1.58 53.73 33.14
C VAL P 485 -1.68 54.72 31.99
N LYS P 486 -2.85 54.71 31.36
CA LYS P 486 -3.18 55.19 30.01
C LYS P 486 -2.57 56.51 29.55
N ALA P 487 -2.33 57.43 30.50
CA ALA P 487 -1.75 58.73 30.15
C ALA P 487 -0.35 58.60 29.57
N ALA P 488 0.41 57.60 30.02
CA ALA P 488 1.76 57.37 29.52
C ALA P 488 1.80 56.30 28.42
N THR P 489 0.74 56.16 27.64
CA THR P 489 0.64 55.10 26.66
C THR P 489 0.43 55.65 25.26
N LYS P 490 1.06 54.98 24.29
CA LYS P 490 0.83 55.20 22.87
C LYS P 490 -0.51 54.65 22.40
N ILE P 491 -1.09 53.71 23.15
CA ILE P 491 -2.39 53.16 22.80
C ILE P 491 -3.46 54.22 22.98
N PHE P 492 -3.29 55.09 23.97
CA PHE P 492 -4.17 56.24 24.13
C PHE P 492 -3.97 57.24 22.99
N GLN P 493 -2.72 57.38 22.52
CA GLN P 493 -2.45 58.23 21.36
C GLN P 493 -3.22 57.75 20.14
N ALA P 494 -3.24 56.44 19.92
CA ALA P 494 -4.05 55.89 18.84
C ALA P 494 -5.54 56.02 19.11
N ALA P 495 -5.93 55.88 20.38
CA ALA P 495 -7.35 55.87 20.72
C ALA P 495 -8.00 57.23 20.56
N GLN P 496 -7.23 58.30 20.73
CA GLN P 496 -7.82 59.62 20.59
C GLN P 496 -8.07 60.01 19.14
N LEU P 497 -7.40 59.36 18.20
CA LEU P 497 -7.56 59.67 16.79
C LEU P 497 -8.12 58.47 16.05
N ALA P 498 -9.13 57.84 16.64
CA ALA P 498 -9.77 56.69 16.03
C ALA P 498 -10.98 57.06 15.19
N ASN P 499 -11.35 58.34 15.14
CA ASN P 499 -12.57 58.77 14.47
C ASN P 499 -12.35 60.03 13.66
N LEU P 500 -11.11 60.32 13.30
CA LEU P 500 -10.85 61.69 12.92
C LEU P 500 -10.46 61.80 11.45
N PRO P 501 -10.90 62.84 10.76
CA PRO P 501 -10.51 63.02 9.36
C PRO P 501 -9.05 63.39 9.25
N PHE P 502 -8.48 63.08 8.07
CA PHE P 502 -7.06 63.27 7.87
C PHE P 502 -6.69 64.74 7.75
N SER P 503 -7.51 65.52 7.03
CA SER P 503 -7.23 66.94 6.88
C SER P 503 -7.46 67.71 8.18
N HIS P 504 -8.17 67.11 9.14
CA HIS P 504 -8.31 67.68 10.47
C HIS P 504 -7.21 67.24 11.41
N THR P 505 -6.36 66.31 10.98
CA THR P 505 -5.25 65.85 11.79
C THR P 505 -3.88 66.12 11.17
N SER P 506 -3.84 66.68 9.96
CA SER P 506 -2.58 66.90 9.28
C SER P 506 -1.75 68.01 9.93
N VAL P 507 -2.39 68.90 10.70
CA VAL P 507 -1.62 69.89 11.45
C VAL P 507 -0.91 69.23 12.62
N ALA P 508 -1.54 68.23 13.23
CA ALA P 508 -1.09 67.64 14.48
C ALA P 508 0.13 66.74 14.34
N ILE P 509 0.75 66.66 13.15
CA ILE P 509 2.01 65.94 12.99
C ILE P 509 3.21 66.84 13.22
N LEU P 510 3.00 68.04 13.78
CA LEU P 510 4.06 69.02 13.97
C LEU P 510 4.46 69.18 15.43
N ALA P 511 4.02 68.28 16.31
CA ALA P 511 4.38 68.38 17.71
C ALA P 511 5.81 67.92 17.95
N ASP P 512 6.28 68.10 19.18
CA ASP P 512 7.67 67.77 19.49
C ASP P 512 7.78 66.33 20.01
N THR P 513 8.92 65.99 20.58
CA THR P 513 9.37 64.61 20.66
C THR P 513 10.08 64.35 21.97
N SER P 514 9.70 63.28 22.67
CA SER P 514 10.28 63.01 23.97
C SER P 514 11.63 62.31 23.82
N MET P 515 12.47 62.48 24.85
CA MET P 515 13.82 61.92 24.87
C MET P 515 13.89 60.76 25.86
N GLY P 516 13.99 59.55 25.34
CA GLY P 516 14.25 58.38 26.16
C GLY P 516 15.72 58.05 26.09
N LEU P 517 16.30 57.75 27.25
CA LEU P 517 17.74 57.63 27.37
C LEU P 517 18.15 56.21 27.72
N ARG P 518 19.26 55.77 27.14
CA ARG P 518 19.91 54.52 27.52
C ARG P 518 21.38 54.80 27.75
N ASN P 519 22.07 53.82 28.31
CA ASN P 519 23.50 53.88 28.48
C ASN P 519 24.14 52.67 27.80
N GLN P 520 25.42 52.80 27.51
CA GLN P 520 26.12 51.79 26.72
C GLN P 520 27.42 51.41 27.41
N VAL P 521 28.00 50.31 26.96
CA VAL P 521 29.32 49.88 27.40
C VAL P 521 30.35 50.60 26.54
N GLN P 522 31.14 51.46 27.18
CA GLN P 522 32.26 52.17 26.58
C GLN P 522 31.86 53.08 25.42
N ARG P 523 30.60 53.48 25.35
CA ARG P 523 30.10 54.34 24.29
C ARG P 523 29.25 55.44 24.91
N ARG P 524 29.06 56.51 24.14
CA ARG P 524 28.26 57.62 24.59
C ARG P 524 26.79 57.18 24.75
N PRO P 525 26.08 57.76 25.71
CA PRO P 525 24.70 57.32 25.98
C PRO P 525 23.77 57.64 24.82
N ARG P 526 23.26 56.57 24.20
CA ARG P 526 22.30 56.71 23.12
C ARG P 526 20.97 57.26 23.65
N SER P 527 20.22 57.88 22.76
CA SER P 527 18.97 58.55 23.12
C SER P 527 17.91 58.14 22.11
N ILE P 528 17.10 57.16 22.47
CA ILE P 528 15.97 56.77 21.64
C ILE P 528 14.91 57.88 21.71
N MET P 529 14.12 58.01 20.66
CA MET P 529 13.02 58.93 20.70
C MET P 529 11.84 58.29 19.98
N PRO P 530 10.65 58.43 20.50
CA PRO P 530 9.48 58.00 19.73
C PRO P 530 8.99 59.10 18.80
N LEU P 531 7.85 58.86 18.16
CA LEU P 531 7.10 59.88 17.45
C LEU P 531 5.63 59.64 17.76
N ASN P 532 4.81 60.67 17.63
CA ASN P 532 3.41 60.40 17.90
C ASN P 532 2.76 59.66 16.73
N VAL P 533 1.63 59.02 17.00
CA VAL P 533 1.01 58.09 16.06
C VAL P 533 0.58 58.65 14.70
N PRO P 534 0.23 59.97 14.50
CA PRO P 534 -0.09 60.36 13.12
C PRO P 534 1.14 60.49 12.25
N GLN P 535 2.27 60.91 12.81
CA GLN P 535 3.44 61.01 11.95
C GLN P 535 4.14 59.67 11.79
N GLN P 536 3.99 58.76 12.75
CA GLN P 536 4.38 57.38 12.49
C GLN P 536 3.45 56.74 11.46
N GLN P 537 2.19 57.18 11.43
CA GLN P 537 1.27 56.65 10.45
C GLN P 537 1.57 57.18 9.06
N VAL P 538 1.95 58.46 8.94
CA VAL P 538 2.15 59.04 7.61
C VAL P 538 3.53 58.72 7.06
N SER P 539 4.41 58.13 7.87
CA SER P 539 5.77 57.79 7.46
C SER P 539 5.85 56.40 6.83
N ALA P 540 4.75 55.90 6.27
CA ALA P 540 4.70 54.50 5.85
C ALA P 540 5.48 54.21 4.57
N PRO P 541 5.18 54.84 3.40
CA PRO P 541 5.73 54.31 2.13
C PRO P 541 7.23 54.43 2.02
N HIS P 542 7.81 55.35 2.80
CA HIS P 542 9.24 55.37 3.08
C HIS P 542 9.74 54.01 3.57
N THR P 543 9.15 53.49 4.65
CA THR P 543 9.64 52.20 5.13
C THR P 543 9.13 51.04 4.28
N LEU P 544 8.07 51.23 3.49
CA LEU P 544 7.68 50.25 2.49
C LEU P 544 8.81 50.03 1.48
N THR P 545 9.30 51.12 0.90
CA THR P 545 10.34 50.98 -0.11
C THR P 545 11.68 50.60 0.52
N ALA P 546 11.88 50.97 1.79
CA ALA P 546 13.10 50.55 2.48
C ALA P 546 13.11 49.04 2.71
N ASP P 547 11.98 48.49 3.17
CA ASP P 547 11.85 47.05 3.30
C ASP P 547 11.92 46.36 1.95
N TYR P 548 11.47 47.04 0.89
CA TYR P 548 11.61 46.50 -0.45
C TYR P 548 13.07 46.37 -0.84
N ILE P 549 13.88 47.38 -0.54
CA ILE P 549 15.31 47.32 -0.86
C ILE P 549 15.99 46.22 -0.06
N ASN P 550 15.68 46.14 1.24
CA ASN P 550 16.38 45.18 2.07
C ASN P 550 15.91 43.74 1.90
N TYR P 551 14.77 43.51 1.26
CA TYR P 551 14.36 42.13 1.03
C TYR P 551 14.46 41.70 -0.43
N HIS P 552 14.30 42.61 -1.38
CA HIS P 552 14.33 42.24 -2.79
C HIS P 552 15.55 42.79 -3.52
N MET P 553 15.79 44.09 -3.47
CA MET P 553 16.64 44.73 -4.47
C MET P 553 18.12 44.54 -4.17
N ASN P 554 18.58 45.07 -3.04
CA ASN P 554 19.97 44.87 -2.68
C ASN P 554 20.12 43.74 -1.69
N LEU P 555 19.05 43.49 -0.92
CA LEU P 555 18.78 42.27 -0.14
C LEU P 555 19.99 41.80 0.69
N SER P 556 20.66 42.77 1.33
CA SER P 556 21.95 42.49 1.95
C SER P 556 21.78 41.68 3.24
N THR P 557 21.09 42.22 4.23
CA THR P 557 20.79 41.49 5.45
C THR P 557 19.56 42.09 6.10
N THR P 558 19.28 41.67 7.34
CA THR P 558 18.19 42.18 8.16
C THR P 558 18.28 43.68 8.43
N VAL P 567 25.21 34.67 11.31
CA VAL P 567 25.76 35.81 12.03
C VAL P 567 27.21 35.53 12.37
N ILE P 568 27.41 34.43 13.08
CA ILE P 568 28.76 34.09 13.52
C ILE P 568 29.64 33.59 12.36
N PRO P 569 29.22 32.62 11.53
CA PRO P 569 30.17 32.14 10.53
C PRO P 569 30.26 33.04 9.31
N LEU P 570 29.42 34.09 9.25
CA LEU P 570 29.73 35.25 8.43
C LEU P 570 31.12 35.77 8.74
N GLY P 571 31.38 36.09 10.01
CA GLY P 571 32.69 36.56 10.39
C GLY P 571 33.76 35.48 10.31
N VAL P 572 33.36 34.22 10.47
CA VAL P 572 34.33 33.15 10.27
C VAL P 572 34.75 33.06 8.79
N TYR P 573 33.81 33.31 7.87
CA TYR P 573 34.16 33.35 6.45
C TYR P 573 34.93 34.62 6.12
N ALA P 574 34.62 35.73 6.76
CA ALA P 574 35.26 36.99 6.43
C ALA P 574 36.70 37.03 6.93
N SER P 575 36.96 36.49 8.11
CA SER P 575 38.31 36.54 8.65
C SER P 575 39.18 35.40 8.18
N SER P 576 38.64 34.49 7.37
CA SER P 576 39.39 33.34 6.88
C SER P 576 40.55 33.82 5.99
N PRO P 577 41.74 33.25 6.16
CA PRO P 577 43.00 33.96 5.82
C PRO P 577 43.18 34.35 4.36
N PRO P 578 42.81 33.54 3.34
CA PRO P 578 43.00 34.05 1.97
C PRO P 578 42.02 35.15 1.63
N ASN P 579 40.82 35.07 2.18
CA ASN P 579 39.89 36.17 2.11
C ASN P 579 40.35 37.30 3.01
N GLN P 580 39.87 38.49 2.71
CA GLN P 580 40.23 39.66 3.51
C GLN P 580 38.99 40.50 3.72
N SER P 581 38.90 41.08 4.90
CA SER P 581 37.75 41.86 5.30
C SER P 581 38.15 43.30 5.55
N ILE P 582 37.21 44.22 5.33
CA ILE P 582 37.38 45.62 5.68
C ILE P 582 36.18 46.03 6.52
N ASN P 583 36.44 46.51 7.72
CA ASN P 583 35.39 46.97 8.61
C ASN P 583 35.10 48.43 8.32
N ILE P 584 33.88 48.73 7.91
CA ILE P 584 33.47 50.08 7.57
C ILE P 584 32.28 50.47 8.43
N ASP P 585 32.45 51.51 9.23
CA ASP P 585 31.37 52.12 9.99
C ASP P 585 31.10 53.52 9.44
N ILE P 586 30.18 54.23 10.08
CA ILE P 586 30.10 55.68 10.02
C ILE P 586 30.06 56.19 11.45
N SER P 587 30.76 57.28 11.70
CA SER P 587 30.51 58.09 12.88
C SER P 587 29.18 58.81 12.70
N ALA P 588 28.23 58.55 13.60
CA ALA P 588 27.02 59.36 13.79
C ALA P 588 26.16 59.42 12.52
N CYS P 589 25.57 58.27 12.21
CA CYS P 589 24.73 58.12 11.02
C CYS P 589 23.55 59.09 11.02
N ASP P 590 22.87 59.24 12.16
CA ASP P 590 21.62 60.00 12.19
C ASP P 590 21.83 61.50 12.02
N ALA P 591 23.04 62.00 12.25
CA ALA P 591 23.34 63.40 12.01
C ALA P 591 23.71 63.67 10.56
N SER P 592 23.62 62.67 9.70
CA SER P 592 23.95 62.82 8.30
C SER P 592 22.74 62.81 7.39
N ILE P 593 21.70 62.05 7.71
CA ILE P 593 20.52 62.01 6.85
C ILE P 593 19.72 63.28 7.13
N THR P 594 19.91 64.27 6.27
CA THR P 594 19.19 65.52 6.33
C THR P 594 18.38 65.68 5.05
N TRP P 595 17.72 66.81 4.93
CA TRP P 595 16.95 67.09 3.74
C TRP P 595 17.79 67.71 2.64
N ASP P 596 19.01 68.15 2.97
CA ASP P 596 19.87 68.86 2.01
C ASP P 596 20.21 67.98 0.81
N PHE P 597 20.74 66.80 1.06
CA PHE P 597 21.14 65.94 -0.05
C PHE P 597 20.32 64.66 -0.17
N PHE P 598 19.81 64.12 0.93
CA PHE P 598 19.09 62.86 0.84
C PHE P 598 17.59 63.04 0.66
N LEU P 599 16.92 63.63 1.64
CA LEU P 599 15.49 63.47 1.77
C LEU P 599 14.71 64.18 0.68
N SER P 600 15.32 65.21 0.07
CA SER P 600 14.75 65.79 -1.14
C SER P 600 14.71 64.77 -2.27
N VAL P 601 15.84 64.09 -2.51
CA VAL P 601 15.91 63.10 -3.59
C VAL P 601 15.04 61.89 -3.26
N ILE P 602 15.00 61.51 -1.98
CA ILE P 602 14.21 60.37 -1.54
C ILE P 602 12.72 60.63 -1.74
N MET P 603 12.27 61.81 -1.33
CA MET P 603 10.85 62.13 -1.49
C MET P 603 10.50 62.36 -2.95
N ALA P 604 11.41 62.90 -3.75
CA ALA P 604 11.16 63.07 -5.18
C ALA P 604 11.02 61.74 -5.89
N ALA P 605 11.92 60.80 -5.58
CA ALA P 605 11.89 59.51 -6.25
C ALA P 605 10.74 58.65 -5.76
N ILE P 606 10.37 58.75 -4.48
CA ILE P 606 9.22 57.98 -4.03
C ILE P 606 7.92 58.64 -4.47
N HIS P 607 7.95 59.93 -4.79
CA HIS P 607 6.78 60.58 -5.34
C HIS P 607 6.59 60.21 -6.80
N GLU P 608 7.68 60.10 -7.55
CA GLU P 608 7.57 59.87 -8.99
C GLU P 608 7.57 58.39 -9.37
N GLY P 609 8.15 57.52 -8.54
CA GLY P 609 8.15 56.11 -8.85
C GLY P 609 6.76 55.52 -8.76
N VAL P 610 5.99 55.96 -7.77
CA VAL P 610 4.61 55.50 -7.68
C VAL P 610 3.72 56.19 -8.70
N ALA P 611 4.19 57.32 -9.27
CA ALA P 611 3.35 58.22 -10.07
C ALA P 611 2.82 57.58 -11.36
N SER P 612 3.53 56.59 -11.88
CA SER P 612 3.00 55.84 -13.02
C SER P 612 1.87 54.92 -12.57
N SER P 613 2.09 54.16 -11.49
CA SER P 613 1.08 53.21 -11.04
C SER P 613 -0.01 53.89 -10.24
N SER P 614 0.27 55.04 -9.64
CA SER P 614 -0.73 55.75 -8.85
C SER P 614 -1.38 56.81 -9.72
N ILE P 615 -2.71 56.70 -9.88
CA ILE P 615 -3.49 57.64 -10.65
C ILE P 615 -4.62 58.16 -9.79
N GLY P 616 -5.38 57.25 -9.20
CA GLY P 616 -6.50 57.59 -8.35
C GLY P 616 -6.66 56.66 -7.16
N LYS P 617 -5.59 55.98 -6.80
CA LYS P 617 -5.64 55.05 -5.68
C LYS P 617 -5.71 55.79 -4.35
N PRO P 618 -6.63 55.42 -3.46
CA PRO P 618 -6.57 55.93 -2.08
C PRO P 618 -5.92 54.95 -1.12
N PHE P 619 -5.12 55.48 -0.19
CA PHE P 619 -4.59 54.75 0.96
C PHE P 619 -5.59 54.89 2.12
N MET P 620 -5.41 54.08 3.17
CA MET P 620 -6.25 54.19 4.34
C MET P 620 -6.05 55.53 5.04
N GLY P 621 -7.15 56.13 5.47
CA GLY P 621 -7.05 57.43 6.10
C GLY P 621 -6.97 58.65 5.20
N VAL P 622 -6.14 58.62 4.17
CA VAL P 622 -5.84 59.80 3.38
C VAL P 622 -6.66 59.80 2.09
N PRO P 623 -7.32 60.90 1.76
CA PRO P 623 -7.93 61.05 0.43
C PRO P 623 -6.97 61.61 -0.59
N ALA P 624 -7.48 61.94 -1.78
CA ALA P 624 -6.69 62.56 -2.83
C ALA P 624 -6.66 64.08 -2.69
N SER P 625 -5.89 64.74 -3.55
CA SER P 625 -5.77 66.20 -3.58
C SER P 625 -5.20 66.62 -4.94
N ILE P 626 -4.78 67.89 -5.03
CA ILE P 626 -4.19 68.43 -6.25
C ILE P 626 -3.21 69.54 -5.86
N VAL P 627 -2.11 69.66 -6.61
CA VAL P 627 -1.18 70.77 -6.54
C VAL P 627 -0.86 71.21 -7.97
N ASN P 628 -0.02 72.23 -8.09
CA ASN P 628 0.42 72.70 -9.40
C ASN P 628 1.86 72.29 -9.67
N ASP P 629 2.37 72.65 -10.84
CA ASP P 629 3.80 72.44 -11.09
C ASP P 629 4.39 73.47 -12.04
N GLU P 630 5.65 73.80 -11.78
CA GLU P 630 6.52 74.52 -12.70
C GLU P 630 7.40 73.53 -13.47
N SER P 631 7.08 72.24 -13.39
CA SER P 631 7.87 71.19 -14.02
C SER P 631 7.81 71.20 -15.54
N VAL P 632 6.86 71.93 -16.12
CA VAL P 632 6.67 72.05 -17.56
C VAL P 632 6.92 73.51 -17.88
N VAL P 633 8.06 74.02 -17.38
CA VAL P 633 8.46 75.41 -17.12
C VAL P 633 8.02 76.46 -18.16
N GLY P 634 7.83 76.05 -19.41
CA GLY P 634 7.19 76.94 -20.37
C GLY P 634 5.76 77.31 -19.99
N VAL P 635 5.04 76.38 -19.34
CA VAL P 635 3.66 76.59 -18.94
C VAL P 635 3.53 76.24 -17.45
N ARG P 636 2.30 76.30 -16.96
CA ARG P 636 2.00 75.89 -15.58
C ARG P 636 0.59 75.33 -15.54
N ALA P 637 0.44 74.14 -14.97
CA ALA P 637 -0.85 73.50 -14.85
C ALA P 637 -0.99 72.89 -13.46
N ALA P 638 -2.10 72.21 -13.22
CA ALA P 638 -2.34 71.56 -11.95
C ALA P 638 -2.90 70.17 -12.20
N ARG P 639 -2.26 69.16 -11.60
CA ARG P 639 -2.58 67.76 -11.85
C ARG P 639 -2.90 67.06 -10.53
N PRO P 640 -3.88 66.15 -10.52
CA PRO P 640 -4.36 65.59 -9.26
C PRO P 640 -3.34 64.68 -8.60
N ILE P 641 -3.54 64.46 -7.31
CA ILE P 641 -2.53 63.88 -6.44
C ILE P 641 -3.13 62.69 -5.70
N SER P 642 -2.50 61.53 -5.85
CA SER P 642 -2.96 60.28 -5.26
C SER P 642 -2.42 60.12 -3.84
N GLY P 643 -2.95 59.10 -3.16
CA GLY P 643 -2.77 59.00 -1.71
C GLY P 643 -1.35 58.71 -1.27
N MET P 644 -0.62 57.93 -2.07
CA MET P 644 0.82 57.78 -1.86
C MET P 644 1.50 59.14 -1.94
N GLN P 645 1.24 59.87 -3.03
CA GLN P 645 1.82 61.19 -3.21
C GLN P 645 1.31 62.18 -2.18
N ASN P 646 0.10 61.95 -1.66
CA ASN P 646 -0.41 62.79 -0.58
C ASN P 646 0.39 62.59 0.70
N MET P 647 0.67 61.33 1.05
CA MET P 647 1.47 61.06 2.24
C MET P 647 2.88 61.57 2.08
N ILE P 648 3.43 61.46 0.87
CA ILE P 648 4.77 61.97 0.61
C ILE P 648 4.79 63.50 0.64
N GLN P 649 3.72 64.12 0.17
CA GLN P 649 3.58 65.57 0.24
C GLN P 649 3.48 66.05 1.68
N HIS P 650 2.88 65.24 2.56
CA HIS P 650 2.84 65.63 3.96
C HIS P 650 4.15 65.35 4.67
N LEU P 651 4.86 64.28 4.29
CA LEU P 651 6.18 64.01 4.85
C LEU P 651 7.21 65.03 4.41
N SER P 652 6.98 65.67 3.26
CA SER P 652 7.96 66.56 2.65
C SER P 652 8.24 67.76 3.54
N LYS P 653 7.20 68.42 4.04
CA LYS P 653 7.42 69.59 4.87
C LYS P 653 7.96 69.21 6.24
N LEU P 654 7.67 67.99 6.71
CA LEU P 654 8.17 67.58 8.02
C LEU P 654 9.67 67.31 7.98
N TYR P 655 10.13 66.60 6.95
CA TYR P 655 11.57 66.35 6.84
C TYR P 655 12.32 67.55 6.28
N LYS P 656 11.65 68.39 5.51
CA LYS P 656 12.24 69.63 5.02
C LYS P 656 12.38 70.65 6.13
N ARG P 657 11.51 70.59 7.14
CA ARG P 657 11.44 71.63 8.14
C ARG P 657 12.49 71.45 9.22
N GLY P 658 12.61 70.25 9.76
CA GLY P 658 13.39 70.00 10.94
C GLY P 658 12.51 69.56 12.10
N PHE P 659 13.16 69.05 13.12
CA PHE P 659 12.48 68.40 14.22
C PHE P 659 12.61 69.20 15.50
N SER P 660 11.54 69.22 16.28
CA SER P 660 11.52 69.86 17.59
C SER P 660 11.56 68.79 18.67
N TYR P 661 12.44 68.96 19.64
CA TYR P 661 12.69 67.96 20.69
C TYR P 661 12.48 68.61 22.05
N ARG P 662 11.51 68.12 22.82
CA ARG P 662 11.41 68.58 24.19
C ARG P 662 12.55 67.95 24.98
N VAL P 663 13.06 68.68 25.96
CA VAL P 663 14.11 68.18 26.83
C VAL P 663 13.70 68.42 28.27
N ASN P 664 13.62 67.35 29.06
CA ASN P 664 13.35 67.47 30.48
C ASN P 664 14.10 66.36 31.19
N ASP P 665 14.95 66.73 32.14
CA ASP P 665 15.67 65.72 32.90
C ASP P 665 15.20 65.72 34.35
N SER P 666 15.64 64.71 35.07
CA SER P 666 15.43 64.61 36.50
C SER P 666 16.66 65.02 37.30
N PHE P 667 17.73 65.42 36.62
CA PHE P 667 19.02 65.60 37.28
C PHE P 667 19.42 67.05 37.44
N SER P 668 18.97 67.94 36.55
CA SER P 668 19.19 69.36 36.71
C SER P 668 17.87 70.04 37.00
N PRO P 669 17.81 70.96 37.96
CA PRO P 669 16.51 71.35 38.50
C PRO P 669 15.72 72.30 37.59
N GLY P 670 14.76 71.74 36.87
CA GLY P 670 13.94 72.53 35.99
C GLY P 670 14.69 73.20 34.85
N ASN P 671 15.18 72.41 33.90
CA ASN P 671 15.75 72.93 32.67
C ASN P 671 14.96 72.30 31.53
N ASP P 672 13.94 73.02 31.07
CA ASP P 672 13.08 72.55 29.99
C ASP P 672 13.25 73.50 28.82
N PHE P 673 13.35 72.92 27.62
CA PHE P 673 13.54 73.70 26.40
C PHE P 673 13.26 72.80 25.21
N THR P 674 12.85 73.43 24.12
CA THR P 674 12.73 72.77 22.82
C THR P 674 13.60 73.53 21.83
N HIS P 675 14.14 72.80 20.85
CA HIS P 675 14.92 73.45 19.82
C HIS P 675 14.86 72.63 18.55
N MET P 676 15.39 73.23 17.48
CA MET P 676 15.39 72.61 16.17
C MET P 676 16.58 71.69 16.00
N THR P 677 16.36 70.54 15.39
CA THR P 677 17.41 69.57 15.18
C THR P 677 17.12 68.83 13.87
N THR P 678 18.11 68.77 12.99
CA THR P 678 17.96 68.19 11.66
C THR P 678 18.47 66.76 11.60
N THR P 679 18.32 65.98 12.66
CA THR P 679 18.76 64.60 12.67
C THR P 679 17.55 63.69 12.57
N PHE P 680 17.65 62.70 11.68
CA PHE P 680 16.66 61.66 11.55
C PHE P 680 16.56 60.86 12.85
N PRO P 681 15.35 60.49 13.30
CA PRO P 681 15.22 59.92 14.65
C PRO P 681 15.75 58.50 14.74
N SER P 682 16.32 58.19 15.91
CA SER P 682 16.85 56.85 16.14
C SER P 682 15.73 55.85 16.38
N GLY P 683 14.63 56.29 16.99
CA GLY P 683 13.50 55.40 17.17
C GLY P 683 12.37 55.68 16.22
N SER P 684 12.26 54.86 15.18
CA SER P 684 11.13 54.91 14.27
C SER P 684 11.03 53.55 13.60
N THR P 685 9.90 53.34 12.94
CA THR P 685 9.76 52.13 12.12
C THR P 685 10.71 52.18 10.92
N ALA P 686 10.96 53.38 10.40
CA ALA P 686 11.73 53.57 9.19
C ALA P 686 13.20 53.88 9.47
N THR P 687 13.74 53.47 10.63
CA THR P 687 15.10 53.89 10.97
C THR P 687 16.15 52.99 10.33
N SER P 688 16.20 51.74 10.78
CA SER P 688 17.34 50.91 10.49
C SER P 688 17.32 50.41 9.06
N THR P 689 16.12 50.14 8.55
CA THR P 689 15.96 49.67 7.18
C THR P 689 16.38 50.75 6.19
N GLU P 690 16.02 52.00 6.46
CA GLU P 690 16.43 53.10 5.59
C GLU P 690 17.94 53.30 5.65
N HIS P 691 18.53 53.18 6.84
CA HIS P 691 19.98 53.31 6.95
C HIS P 691 20.71 52.23 6.16
N THR P 692 20.25 50.98 6.26
CA THR P 692 20.83 49.90 5.47
C THR P 692 20.69 50.14 3.98
N ALA P 693 19.51 50.61 3.57
CA ALA P 693 19.28 50.88 2.15
C ALA P 693 20.18 51.98 1.64
N ASN P 694 20.44 53.00 2.47
CA ASN P 694 21.32 54.07 2.04
C ASN P 694 22.77 53.62 1.95
N ASN P 695 23.21 52.78 2.91
CA ASN P 695 24.57 52.22 2.85
C ASN P 695 24.76 51.41 1.58
N SER P 696 23.77 50.56 1.27
CA SER P 696 23.86 49.70 0.10
C SER P 696 23.88 50.50 -1.19
N THR P 697 23.03 51.52 -1.27
CA THR P 697 22.96 52.33 -2.49
C THR P 697 24.22 53.16 -2.68
N MET P 698 24.80 53.70 -1.59
CA MET P 698 26.01 54.48 -1.73
C MET P 698 27.19 53.61 -2.14
N MET P 699 27.27 52.39 -1.60
CA MET P 699 28.31 51.48 -2.03
C MET P 699 28.10 51.05 -3.48
N GLU P 700 26.84 50.97 -3.91
CA GLU P 700 26.55 50.65 -5.30
C GLU P 700 26.98 51.77 -6.23
N THR P 701 26.70 53.02 -5.86
CA THR P 701 27.08 54.17 -6.67
C THR P 701 28.59 54.29 -6.76
N PHE P 702 29.27 54.06 -5.65
CA PHE P 702 30.72 53.93 -5.57
C PHE P 702 31.21 52.96 -6.63
N LEU P 703 30.81 51.69 -6.50
CA LEU P 703 31.30 50.61 -7.35
C LEU P 703 30.86 50.74 -8.80
N THR P 704 29.80 51.47 -9.07
CA THR P 704 29.34 51.61 -10.44
C THR P 704 30.10 52.71 -11.17
N VAL P 705 30.03 53.94 -10.66
CA VAL P 705 30.53 55.08 -11.43
C VAL P 705 31.73 55.75 -10.76
N TRP P 706 31.76 55.83 -9.43
CA TRP P 706 32.67 56.79 -8.84
C TRP P 706 34.07 56.22 -8.70
N GLY P 707 34.20 54.91 -8.83
CA GLY P 707 35.48 54.25 -8.78
C GLY P 707 36.37 54.57 -9.97
N PRO P 708 36.00 54.10 -11.17
CA PRO P 708 36.88 54.33 -12.33
C PRO P 708 36.89 55.76 -12.83
N GLU P 709 36.05 56.62 -12.27
CA GLU P 709 36.08 58.03 -12.56
C GLU P 709 37.19 58.75 -11.79
N HIS P 710 37.81 58.10 -10.81
CA HIS P 710 38.70 58.82 -9.92
C HIS P 710 39.97 58.06 -9.53
N THR P 711 40.53 57.24 -10.43
CA THR P 711 41.79 56.57 -10.14
C THR P 711 42.65 56.52 -11.39
N ASP P 712 43.84 55.95 -11.25
CA ASP P 712 44.69 55.89 -12.43
C ASP P 712 45.04 54.46 -12.83
N ASP P 713 45.59 53.66 -11.92
CA ASP P 713 46.19 52.39 -12.30
C ASP P 713 45.12 51.36 -12.63
N PRO P 714 45.45 50.36 -13.45
CA PRO P 714 44.49 49.26 -13.69
C PRO P 714 44.28 48.37 -12.50
N ASP P 715 45.08 48.50 -11.45
CA ASP P 715 45.04 47.54 -10.35
C ASP P 715 43.78 47.70 -9.52
N VAL P 716 43.52 48.90 -9.01
CA VAL P 716 42.38 49.04 -8.12
C VAL P 716 41.07 49.02 -8.90
N LEU P 717 41.07 49.48 -10.16
CA LEU P 717 39.85 49.40 -10.94
C LEU P 717 39.58 47.98 -11.39
N ARG P 718 40.64 47.25 -11.75
CA ARG P 718 40.51 45.85 -12.08
C ARG P 718 40.07 45.03 -10.88
N LEU P 719 40.44 45.48 -9.68
CA LEU P 719 39.84 44.93 -8.47
C LEU P 719 38.34 45.20 -8.46
N MET P 720 37.97 46.49 -8.39
CA MET P 720 36.58 46.83 -8.05
C MET P 720 35.58 46.52 -9.15
N LYS P 721 36.03 46.16 -10.35
CA LYS P 721 35.10 45.62 -11.34
C LYS P 721 34.48 44.31 -10.86
N SER P 722 35.26 43.50 -10.15
CA SER P 722 34.81 42.18 -9.72
C SER P 722 34.31 42.17 -8.29
N LEU P 723 33.97 43.33 -7.73
CA LEU P 723 33.68 43.45 -6.31
C LEU P 723 32.32 44.09 -6.07
N THR P 724 31.27 43.62 -6.73
CA THR P 724 29.98 44.28 -6.66
C THR P 724 29.27 44.02 -5.33
N ILE P 725 28.20 44.79 -5.08
CA ILE P 725 27.48 44.72 -3.82
C ILE P 725 26.67 43.44 -3.69
N GLN P 726 26.31 42.81 -4.80
CA GLN P 726 25.58 41.56 -4.74
C GLN P 726 26.46 40.40 -4.35
N ARG P 727 27.77 40.58 -4.34
CA ARG P 727 28.67 39.51 -4.00
C ARG P 727 29.53 39.77 -2.78
N ASN P 728 29.74 41.02 -2.39
CA ASN P 728 30.81 41.29 -1.44
C ASN P 728 30.47 42.24 -0.31
N TYR P 729 29.25 42.76 -0.22
CA TYR P 729 28.96 43.84 0.71
C TYR P 729 27.76 43.46 1.57
N VAL P 730 27.88 43.70 2.87
CA VAL P 730 26.77 43.55 3.80
C VAL P 730 26.78 44.75 4.73
N CYS P 731 25.61 45.21 5.12
CA CYS P 731 25.52 46.41 5.93
C CYS P 731 24.27 46.36 6.79
N GLN P 732 24.42 46.72 8.07
CA GLN P 732 23.26 46.87 8.95
C GLN P 732 23.45 48.14 9.76
N GLY P 733 22.91 49.24 9.23
CA GLY P 733 22.92 50.49 9.96
C GLY P 733 24.29 51.10 10.03
N ASP P 734 24.91 50.99 11.19
CA ASP P 734 26.26 51.51 11.39
C ASP P 734 27.27 50.74 10.53
N ASP P 735 27.39 49.43 10.75
CA ASP P 735 28.53 48.72 10.21
C ASP P 735 28.32 48.28 8.77
N GLY P 736 29.41 48.28 8.02
CA GLY P 736 29.47 47.62 6.74
C GLY P 736 30.69 46.73 6.70
N LEU P 737 30.83 45.99 5.61
CA LEU P 737 31.84 44.94 5.59
C LEU P 737 32.18 44.60 4.14
N MET P 738 33.48 44.59 3.83
CA MET P 738 33.93 44.05 2.56
C MET P 738 34.18 42.57 2.66
N ILE P 739 33.84 41.85 1.61
CA ILE P 739 34.39 40.52 1.36
C ILE P 739 35.32 40.64 0.17
N ILE P 740 36.61 40.51 0.42
CA ILE P 740 37.59 40.51 -0.65
C ILE P 740 37.96 39.06 -0.91
N ASP P 741 37.59 38.57 -2.09
CA ASP P 741 37.81 37.18 -2.42
C ASP P 741 39.29 36.91 -2.66
N GLY P 742 39.82 35.90 -1.98
CA GLY P 742 41.19 35.48 -2.24
C GLY P 742 41.28 34.81 -3.60
N ASN P 743 42.21 35.26 -4.42
CA ASN P 743 42.37 34.73 -5.77
C ASN P 743 43.21 33.45 -5.72
N THR P 744 43.64 33.01 -6.91
CA THR P 744 44.49 31.85 -6.97
C THR P 744 45.89 32.11 -6.43
N ALA P 745 46.31 33.38 -6.40
CA ALA P 745 47.58 33.73 -5.79
C ALA P 745 47.48 33.91 -4.28
N GLY P 746 46.29 33.74 -3.71
CA GLY P 746 46.14 33.82 -2.26
C GLY P 746 45.56 35.12 -1.79
N LYS P 747 46.26 35.78 -0.87
CA LYS P 747 45.85 37.09 -0.41
C LYS P 747 46.04 38.11 -1.53
N VAL P 748 45.05 39.00 -1.68
CA VAL P 748 45.16 40.13 -2.58
C VAL P 748 46.27 41.05 -2.06
N ASN P 749 47.00 41.68 -2.99
CA ASN P 749 48.02 42.67 -2.65
C ASN P 749 47.40 43.80 -1.84
N SER P 750 48.14 44.26 -0.84
CA SER P 750 47.56 45.14 0.16
C SER P 750 47.51 46.59 -0.31
N GLU P 751 48.50 47.00 -1.09
CA GLU P 751 48.69 48.42 -1.43
C GLU P 751 47.54 48.94 -2.27
N THR P 752 47.00 48.08 -3.14
CA THR P 752 45.79 48.42 -3.87
C THR P 752 44.63 48.67 -2.93
N ILE P 753 44.56 47.89 -1.84
CA ILE P 753 43.44 48.02 -0.93
C ILE P 753 43.57 49.28 -0.11
N GLN P 754 44.79 49.68 0.23
CA GLN P 754 44.95 50.95 0.94
C GLN P 754 44.65 52.15 0.05
N LYS P 755 45.06 52.09 -1.23
CA LYS P 755 44.65 53.12 -2.19
C LYS P 755 43.13 53.18 -2.29
N MET P 756 42.48 52.01 -2.31
CA MET P 756 41.02 51.96 -2.39
C MET P 756 40.37 52.57 -1.16
N LEU P 757 40.89 52.27 0.03
CA LEU P 757 40.21 52.74 1.24
C LEU P 757 40.43 54.22 1.47
N GLU P 758 41.58 54.78 1.08
CA GLU P 758 41.67 56.24 1.16
C GLU P 758 40.75 56.90 0.15
N LEU P 759 40.48 56.21 -0.97
CA LEU P 759 39.47 56.68 -1.90
C LEU P 759 38.05 56.58 -1.31
N ILE P 760 37.76 55.56 -0.49
CA ILE P 760 36.46 55.52 0.20
C ILE P 760 36.35 56.65 1.22
N SER P 761 37.47 56.98 1.89
CA SER P 761 37.45 58.11 2.82
C SER P 761 37.19 59.43 2.10
N LYS P 762 37.72 59.56 0.88
CA LYS P 762 37.38 60.71 0.04
C LYS P 762 35.89 60.74 -0.29
N TYR P 763 35.32 59.56 -0.60
CA TYR P 763 33.89 59.45 -0.87
C TYR P 763 33.05 59.89 0.32
N GLY P 764 33.54 59.59 1.53
CA GLY P 764 32.84 60.04 2.72
C GLY P 764 32.92 61.53 2.92
N GLU P 765 34.12 62.10 2.82
CA GLU P 765 34.23 63.52 3.10
C GLU P 765 33.62 64.42 2.02
N GLU P 766 33.33 63.90 0.82
CA GLU P 766 32.93 64.87 -0.19
C GLU P 766 31.43 65.11 -0.31
N PHE P 767 30.56 64.31 0.29
CA PHE P 767 29.14 64.69 0.27
C PHE P 767 28.42 64.31 1.57
N GLY P 768 29.08 64.55 2.70
CA GLY P 768 28.40 64.39 3.98
C GLY P 768 28.33 62.97 4.48
N TRP P 769 29.50 62.37 4.68
CA TRP P 769 29.62 61.10 5.37
C TRP P 769 30.94 61.12 6.13
N LYS P 770 31.18 60.08 6.91
CA LYS P 770 32.52 59.87 7.47
C LYS P 770 32.69 58.37 7.70
N TYR P 771 33.30 57.70 6.73
CA TYR P 771 33.50 56.26 6.82
C TYR P 771 34.65 55.98 7.76
N ASP P 772 34.32 55.47 8.94
CA ASP P 772 35.35 54.96 9.85
C ASP P 772 35.86 53.65 9.25
N ILE P 773 37.00 53.71 8.59
CA ILE P 773 37.54 52.60 7.83
C ILE P 773 38.63 51.94 8.65
N ALA P 774 38.53 50.63 8.83
CA ALA P 774 39.49 49.88 9.64
C ALA P 774 39.91 48.63 8.89
N TYR P 775 41.06 48.69 8.23
CA TYR P 775 41.67 47.54 7.57
C TYR P 775 42.74 46.99 8.51
N ASP P 776 42.51 45.78 9.02
CA ASP P 776 43.34 45.26 10.08
C ASP P 776 43.69 43.79 9.96
N GLY P 777 43.29 43.12 8.88
CA GLY P 777 43.48 41.69 8.77
C GLY P 777 42.52 40.85 9.60
N THR P 778 41.64 41.48 10.37
CA THR P 778 40.64 40.83 11.21
C THR P 778 39.27 41.35 10.80
N ALA P 779 38.25 41.02 11.58
CA ALA P 779 36.90 41.41 11.21
C ALA P 779 36.02 41.63 12.43
N GLU P 780 35.23 42.70 12.38
CA GLU P 780 34.15 42.90 13.33
C GLU P 780 32.85 43.08 12.58
N TYR P 781 31.76 42.64 13.21
CA TYR P 781 30.43 42.76 12.62
C TYR P 781 29.42 42.61 13.74
N LEU P 782 28.63 43.66 13.96
CA LEU P 782 27.74 43.79 15.12
C LEU P 782 28.49 43.59 16.43
N LYS P 783 29.69 44.17 16.48
CA LYS P 783 30.63 44.08 17.61
C LYS P 783 30.94 42.64 17.98
N LEU P 784 31.31 41.85 16.97
CA LEU P 784 31.72 40.46 17.14
C LEU P 784 33.02 40.26 16.39
N TYR P 785 34.09 39.91 17.10
CA TYR P 785 35.43 39.90 16.54
C TYR P 785 35.83 38.52 16.07
N PHE P 786 36.46 38.47 14.90
CA PHE P 786 36.82 37.22 14.24
C PHE P 786 38.25 37.32 13.72
N ILE P 787 39.08 36.36 14.06
CA ILE P 787 40.46 36.31 13.58
C ILE P 787 40.73 34.92 13.05
N PHE P 788 41.06 34.85 11.75
CA PHE P 788 41.44 33.62 11.04
C PHE P 788 40.34 32.57 11.15
N GLY P 789 39.09 33.01 11.10
CA GLY P 789 38.00 32.09 11.32
C GLY P 789 37.89 31.60 12.75
N CYS P 790 38.02 32.50 13.71
CA CYS P 790 37.82 32.13 15.11
C CYS P 790 37.19 33.29 15.84
N ARG P 791 36.08 33.02 16.52
CA ARG P 791 35.31 34.06 17.18
C ARG P 791 35.99 34.46 18.49
N ILE P 792 35.96 35.75 18.78
CA ILE P 792 36.43 36.29 20.05
C ILE P 792 35.22 36.66 20.88
N PRO P 793 34.99 36.00 22.01
CA PRO P 793 33.98 36.49 22.93
C PRO P 793 34.44 37.74 23.64
N ASN P 794 33.89 38.89 23.29
CA ASN P 794 34.14 40.10 24.05
C ASN P 794 33.42 39.99 25.39
N LEU P 795 34.16 40.20 26.47
CA LEU P 795 33.59 40.10 27.80
C LEU P 795 33.34 41.45 28.44
N SER P 796 33.73 42.53 27.78
CA SER P 796 33.43 43.86 28.28
C SER P 796 31.95 44.16 28.15
N ARG P 797 31.37 43.83 27.01
CA ARG P 797 30.00 44.19 26.70
C ARG P 797 28.96 43.32 27.39
N HIS P 798 29.37 42.47 28.31
CA HIS P 798 28.46 41.81 29.23
C HIS P 798 29.03 41.92 30.64
N PRO P 799 28.93 43.09 31.26
CA PRO P 799 29.43 43.21 32.63
C PRO P 799 28.43 42.62 33.61
N ILE P 800 28.98 42.07 34.68
CA ILE P 800 28.15 41.41 35.68
C ILE P 800 27.45 42.44 36.56
N VAL P 801 28.20 43.45 36.99
CA VAL P 801 27.77 44.31 38.08
C VAL P 801 26.87 45.43 37.58
N GLY P 802 27.18 46.00 36.42
CA GLY P 802 26.50 47.21 35.98
C GLY P 802 25.11 46.95 35.42
N LYS P 803 24.24 47.93 35.62
CA LYS P 803 22.91 47.94 35.03
C LYS P 803 22.59 49.36 34.57
N GLU P 804 22.11 49.50 33.34
CA GLU P 804 21.81 50.83 32.80
C GLU P 804 20.53 51.37 33.40
N ARG P 805 20.64 52.43 34.19
CA ARG P 805 19.49 53.13 34.76
C ARG P 805 19.67 54.61 34.46
N ALA P 806 19.24 55.02 33.27
CA ALA P 806 19.36 56.42 32.88
C ALA P 806 18.37 57.32 33.58
N ASN P 807 17.37 56.76 34.24
CA ASN P 807 16.40 57.52 35.02
C ASN P 807 16.58 57.24 36.50
N SER P 808 16.29 58.25 37.31
CA SER P 808 16.34 58.11 38.76
C SER P 808 15.04 57.58 39.33
N SER P 809 14.15 57.06 38.49
CA SER P 809 12.92 56.45 38.97
C SER P 809 13.22 55.21 39.78
N ALA P 810 12.47 55.03 40.88
CA ALA P 810 12.76 54.00 41.86
C ALA P 810 12.56 52.61 41.28
N GLU P 811 13.32 51.66 41.83
CA GLU P 811 13.53 50.38 41.17
C GLU P 811 12.62 49.29 41.72
N GLU P 812 12.40 48.28 40.89
CA GLU P 812 11.49 47.20 41.22
C GLU P 812 12.12 46.32 42.30
N PRO P 813 11.33 45.85 43.25
CA PRO P 813 11.90 45.08 44.36
C PRO P 813 12.38 43.67 44.01
N TRP P 814 12.66 42.91 45.07
CA TRP P 814 13.51 41.72 45.00
C TRP P 814 13.16 40.59 44.00
N PRO P 815 11.89 40.31 43.55
CA PRO P 815 11.72 39.05 42.79
C PRO P 815 12.23 39.02 41.34
N ALA P 816 13.06 39.98 40.92
CA ALA P 816 13.58 39.99 39.56
C ALA P 816 15.08 40.21 39.45
N ILE P 817 15.74 40.68 40.50
CA ILE P 817 17.20 40.76 40.52
C ILE P 817 17.81 39.38 40.37
N LEU P 818 17.15 38.38 40.95
CA LEU P 818 17.48 36.98 40.76
C LEU P 818 17.37 36.55 39.30
N ASP P 819 16.42 37.12 38.55
CA ASP P 819 16.31 36.80 37.13
C ASP P 819 17.44 37.44 36.34
N GLN P 820 17.85 38.64 36.74
CA GLN P 820 19.05 39.17 36.08
C GLN P 820 20.31 38.42 36.49
N ILE P 821 20.33 37.77 37.64
CA ILE P 821 21.41 36.86 37.95
C ILE P 821 21.39 35.67 36.99
N MET P 822 20.19 35.16 36.68
CA MET P 822 20.06 34.14 35.65
C MET P 822 20.56 34.63 34.29
N GLY P 823 20.30 35.89 33.98
CA GLY P 823 20.81 36.46 32.74
C GLY P 823 22.33 36.59 32.73
N ILE P 824 22.91 36.92 33.89
CA ILE P 824 24.36 36.93 34.05
C ILE P 824 24.93 35.53 33.82
N PHE P 825 24.22 34.52 34.32
CA PHE P 825 24.64 33.15 34.14
C PHE P 825 24.62 32.75 32.68
N PHE P 826 23.57 33.13 31.96
CA PHE P 826 23.51 32.75 30.55
C PHE P 826 24.50 33.53 29.70
N ASN P 827 24.79 34.78 30.09
CA ASN P 827 25.84 35.54 29.42
C ASN P 827 27.20 34.88 29.64
N GLY P 828 27.43 34.37 30.84
CA GLY P 828 28.65 33.63 31.09
C GLY P 828 28.68 32.30 30.36
N VAL P 829 27.49 31.75 30.10
CA VAL P 829 27.39 30.51 29.33
C VAL P 829 27.81 30.74 27.88
N HIS P 830 27.27 31.78 27.25
CA HIS P 830 27.46 31.96 25.81
C HIS P 830 28.88 32.37 25.44
N ASP P 831 29.77 32.60 26.41
CA ASP P 831 31.17 32.86 26.14
C ASP P 831 32.01 31.82 26.87
N GLY P 832 33.27 31.72 26.44
CA GLY P 832 34.13 30.61 26.83
C GLY P 832 34.77 30.74 28.19
N LEU P 833 34.00 30.48 29.25
CA LEU P 833 34.45 30.69 30.61
C LEU P 833 34.71 29.35 31.30
N GLN P 834 35.67 29.35 32.22
CA GLN P 834 36.10 28.14 32.91
C GLN P 834 34.97 27.60 33.77
N TRP P 835 34.50 26.39 33.44
CA TRP P 835 33.19 25.95 33.86
C TRP P 835 33.16 25.44 35.29
N GLN P 836 34.26 24.78 35.72
CA GLN P 836 34.46 24.39 37.12
C GLN P 836 34.29 25.56 38.06
N ARG P 837 34.75 26.73 37.64
CA ARG P 837 34.79 27.91 38.48
C ARG P 837 33.73 28.92 38.12
N TRP P 838 33.06 28.75 36.99
CA TRP P 838 31.88 29.58 36.72
C TRP P 838 30.63 29.04 37.38
N ILE P 839 30.42 27.73 37.32
CA ILE P 839 29.18 27.16 37.84
C ILE P 839 29.13 27.30 39.36
N ARG P 840 30.25 27.06 40.04
CA ARG P 840 30.28 27.17 41.50
C ARG P 840 30.09 28.60 41.95
N TYR P 841 30.65 29.56 41.22
CA TYR P 841 30.39 30.96 41.53
C TYR P 841 28.95 31.33 41.26
N SER P 842 28.34 30.70 40.28
CA SER P 842 26.92 30.93 40.02
C SER P 842 26.06 30.37 41.14
N TRP P 843 26.47 29.23 41.71
CA TRP P 843 25.82 28.73 42.93
C TRP P 843 25.93 29.73 44.06
N ALA P 844 27.11 30.35 44.19
CA ALA P 844 27.34 31.31 45.26
C ALA P 844 26.43 32.52 45.14
N LEU P 845 26.35 33.12 43.94
CA LEU P 845 25.44 34.24 43.70
C LEU P 845 23.99 33.84 43.88
N CYS P 846 23.64 32.68 43.32
CA CYS P 846 22.28 32.15 43.33
C CYS P 846 21.77 31.97 44.75
N CYS P 847 22.59 31.39 45.63
CA CYS P 847 22.18 31.26 47.01
C CYS P 847 22.31 32.56 47.76
N ALA P 848 23.17 33.47 47.28
CA ALA P 848 23.32 34.76 47.94
C ALA P 848 22.09 35.62 47.78
N PHE P 849 21.32 35.42 46.72
CA PHE P 849 20.09 36.19 46.54
C PHE P 849 18.85 35.34 46.76
N SER P 850 18.87 34.46 47.74
CA SER P 850 17.71 33.63 48.02
C SER P 850 16.76 34.28 49.03
N ARG P 851 17.25 34.61 50.21
CA ARG P 851 16.37 35.05 51.27
C ARG P 851 16.10 36.56 51.17
N GLN P 852 15.04 36.98 51.84
CA GLN P 852 14.55 38.32 51.53
C GLN P 852 14.33 39.22 52.73
N ARG P 853 13.85 38.68 53.86
CA ARG P 853 13.59 39.42 55.11
C ARG P 853 12.56 40.54 54.88
N THR P 854 11.31 40.10 54.73
CA THR P 854 10.22 41.06 54.53
C THR P 854 9.91 41.85 55.80
N MET P 855 9.06 42.85 55.63
CA MET P 855 8.55 43.69 56.70
C MET P 855 7.03 43.72 56.67
N THR P 856 6.40 42.56 56.50
CA THR P 856 4.95 42.49 56.49
C THR P 856 4.41 42.60 57.92
N GLY P 857 3.10 42.86 58.02
CA GLY P 857 2.50 43.14 59.30
C GLY P 857 2.41 41.91 60.19
N GLU P 858 2.73 42.13 61.48
CA GLU P 858 2.58 41.21 62.61
C GLU P 858 3.58 40.05 62.58
N SER P 859 4.33 39.90 61.49
CA SER P 859 5.21 38.75 61.34
C SER P 859 6.48 39.13 60.60
N VAL P 860 7.59 38.56 61.04
CA VAL P 860 8.86 38.63 60.34
C VAL P 860 8.92 37.42 59.42
N GLY P 861 8.55 37.62 58.16
CA GLY P 861 8.51 36.53 57.21
C GLY P 861 9.83 36.37 56.46
N TYR P 862 10.17 35.12 56.18
CA TYR P 862 11.36 34.78 55.42
C TYR P 862 10.91 34.09 54.14
N LEU P 863 11.27 34.69 53.01
CA LEU P 863 10.91 34.14 51.71
C LEU P 863 12.11 33.38 51.15
N GLN P 864 11.93 32.09 50.96
CA GLN P 864 13.03 31.17 50.71
C GLN P 864 12.80 30.40 49.42
N TYR P 865 13.68 30.61 48.45
CA TYR P 865 13.53 29.64 47.38
C TYR P 865 14.43 28.44 47.65
N PRO P 866 13.95 27.23 47.38
CA PRO P 866 14.85 26.08 47.32
C PRO P 866 15.74 26.18 46.09
N MET P 867 16.73 25.30 46.03
CA MET P 867 17.58 25.22 44.84
C MET P 867 16.80 24.76 43.62
N TRP P 868 15.67 24.07 43.83
CA TRP P 868 15.03 23.34 42.75
C TRP P 868 14.34 24.24 41.75
N SER P 869 13.93 25.45 42.15
CA SER P 869 13.45 26.42 41.17
C SER P 869 14.54 26.79 40.18
N PHE P 870 15.76 26.96 40.68
CA PHE P 870 16.87 27.27 39.80
C PHE P 870 17.27 26.09 38.96
N VAL P 871 17.17 24.88 39.51
CA VAL P 871 17.46 23.69 38.72
C VAL P 871 16.43 23.54 37.60
N TYR P 872 15.19 23.95 37.86
CA TYR P 872 14.21 24.06 36.79
C TYR P 872 14.60 25.13 35.79
N TRP P 873 15.26 26.18 36.24
CA TRP P 873 15.64 27.25 35.32
C TRP P 873 16.99 27.01 34.65
N GLY P 874 17.57 25.84 34.80
CA GLY P 874 18.78 25.49 34.08
C GLY P 874 20.08 25.62 34.84
N LEU P 875 20.08 25.40 36.14
CA LEU P 875 21.33 25.35 36.89
C LEU P 875 21.84 23.92 36.90
N PRO P 876 23.03 23.65 36.39
CA PRO P 876 23.54 22.28 36.36
C PRO P 876 23.98 21.82 37.73
N LEU P 877 23.41 20.72 38.19
CA LEU P 877 23.76 20.15 39.48
C LEU P 877 25.17 19.55 39.45
N VAL P 878 25.88 19.67 40.57
CA VAL P 878 27.26 19.22 40.62
C VAL P 878 27.31 17.76 41.02
N LYS P 879 26.81 17.44 42.21
CA LYS P 879 26.90 16.08 42.72
C LYS P 879 25.70 15.82 43.61
N VAL P 880 24.80 14.98 43.14
CA VAL P 880 23.49 14.80 43.76
C VAL P 880 23.26 13.32 44.03
N PHE P 881 22.82 13.03 45.26
CA PHE P 881 22.44 11.68 45.73
C PHE P 881 23.63 10.72 45.72
N GLY P 882 24.82 11.23 46.01
CA GLY P 882 26.00 10.39 46.04
C GLY P 882 26.57 10.01 44.69
N SER P 883 26.34 10.82 43.67
CA SER P 883 26.80 10.52 42.32
C SER P 883 28.24 10.98 42.16
N ASP P 884 28.72 10.97 40.93
CA ASP P 884 30.04 11.50 40.65
C ASP P 884 29.98 13.03 40.55
N PRO P 885 31.05 13.73 40.90
CA PRO P 885 31.01 15.19 40.83
C PRO P 885 31.10 15.69 39.40
N TRP P 886 30.52 16.88 39.17
CA TRP P 886 30.49 17.57 37.88
C TRP P 886 29.89 16.70 36.80
N ILE P 887 28.72 16.14 37.12
CA ILE P 887 28.24 14.95 36.44
C ILE P 887 27.62 15.29 35.09
N PHE P 888 26.91 16.41 34.98
CA PHE P 888 26.36 16.79 33.69
C PHE P 888 26.58 18.26 33.42
N SER P 889 26.28 18.69 32.20
CA SER P 889 26.61 20.01 31.72
C SER P 889 25.46 20.99 31.93
N TRP P 890 25.71 22.23 31.52
CA TRP P 890 24.73 23.31 31.60
C TRP P 890 23.99 23.48 30.30
N TYR P 891 24.05 22.50 29.41
CA TYR P 891 23.28 22.56 28.18
C TYR P 891 21.88 22.00 28.36
N MET P 892 21.38 21.95 29.58
CA MET P 892 20.05 21.46 29.80
C MET P 892 19.03 22.50 29.37
N PRO P 893 17.99 22.09 28.65
CA PRO P 893 16.88 23.00 28.39
C PRO P 893 16.16 23.38 29.67
N THR P 894 16.05 24.67 29.91
CA THR P 894 15.63 25.22 31.19
C THR P 894 14.13 25.00 31.35
N GLY P 895 13.77 23.78 31.72
CA GLY P 895 12.37 23.47 31.88
C GLY P 895 12.19 21.99 32.14
N ASP P 896 10.97 21.52 31.84
CA ASP P 896 10.60 20.14 32.09
C ASP P 896 11.46 19.17 31.28
N LEU P 897 11.91 19.60 30.10
CA LEU P 897 12.77 18.78 29.26
C LEU P 897 14.08 18.45 29.94
N GLY P 898 14.82 19.49 30.34
CA GLY P 898 16.11 19.25 30.96
C GLY P 898 15.98 18.60 32.33
N MET P 899 14.93 18.99 33.07
CA MET P 899 14.55 18.32 34.31
C MET P 899 14.42 16.82 34.10
N TYR P 900 13.67 16.44 33.07
CA TYR P 900 13.51 15.05 32.69
C TYR P 900 14.83 14.41 32.31
N SER P 901 15.66 15.14 31.58
CA SER P 901 16.91 14.61 31.06
C SER P 901 17.83 14.17 32.18
N TRP P 902 18.16 15.09 33.09
CA TRP P 902 19.09 14.71 34.14
C TRP P 902 18.44 13.83 35.19
N ILE P 903 17.11 13.86 35.35
CA ILE P 903 16.56 12.94 36.34
C ILE P 903 16.60 11.52 35.78
N SER P 904 16.46 11.36 34.48
CA SER P 904 16.43 10.04 33.90
C SER P 904 17.81 9.53 33.55
N LEU P 905 18.82 10.39 33.58
CA LEU P 905 20.19 9.88 33.52
C LEU P 905 20.54 9.06 34.75
N ILE P 906 20.06 9.47 35.93
CA ILE P 906 20.59 8.99 37.20
C ILE P 906 19.55 8.28 38.05
N ARG P 907 18.31 8.15 37.58
CA ARG P 907 17.19 7.49 38.24
C ARG P 907 17.43 6.14 38.95
N PRO P 908 18.22 5.18 38.43
CA PRO P 908 18.48 3.99 39.27
C PRO P 908 19.43 4.26 40.41
N LEU P 909 20.44 5.10 40.21
CA LEU P 909 21.26 5.57 41.32
C LEU P 909 20.42 6.37 42.30
N MET P 910 19.43 7.10 41.79
CA MET P 910 18.46 7.78 42.65
C MET P 910 17.73 6.78 43.53
N THR P 911 17.22 5.69 42.93
CA THR P 911 16.49 4.68 43.67
C THR P 911 17.35 3.98 44.72
N ARG P 912 18.63 3.79 44.42
CA ARG P 912 19.53 3.25 45.44
C ARG P 912 19.72 4.25 46.59
N TRP P 913 19.82 5.54 46.27
CA TRP P 913 19.85 6.55 47.34
C TRP P 913 18.51 6.64 48.06
N MET P 914 17.43 6.22 47.40
CA MET P 914 16.11 6.24 48.01
C MET P 914 15.97 5.16 49.05
N VAL P 915 16.44 3.95 48.72
CA VAL P 915 16.37 2.85 49.67
C VAL P 915 17.41 3.05 50.77
N ALA P 916 18.46 3.82 50.52
CA ALA P 916 19.23 4.37 51.62
C ALA P 916 18.38 5.38 52.37
N ASN P 917 18.48 5.34 53.71
CA ASN P 917 17.56 6.03 54.62
C ASN P 917 16.12 5.69 54.24
N GLY P 918 15.83 4.39 54.39
CA GLY P 918 14.74 3.70 53.73
C GLY P 918 13.35 4.28 53.77
N TYR P 919 12.89 4.71 52.59
CA TYR P 919 11.55 5.23 52.39
C TYR P 919 10.89 4.29 51.39
N VAL P 920 10.31 3.21 51.90
CA VAL P 920 9.88 2.09 51.08
C VAL P 920 8.38 1.91 51.25
N THR P 921 7.68 1.69 50.13
CA THR P 921 6.27 1.34 50.16
C THR P 921 6.02 0.39 48.99
N ASP P 922 5.34 -0.74 49.27
CA ASP P 922 5.37 -1.91 48.41
C ASP P 922 4.75 -1.72 47.03
N LYS P 923 4.14 -0.57 46.75
CA LYS P 923 3.60 -0.30 45.41
C LYS P 923 4.75 -0.13 44.42
N CYS P 924 4.88 -1.09 43.50
CA CYS P 924 5.93 -1.06 42.50
C CYS P 924 5.60 -0.01 41.46
N SER P 925 6.17 1.18 41.61
CA SER P 925 6.00 2.22 40.62
C SER P 925 6.74 1.84 39.33
N PRO P 926 6.26 2.30 38.19
CA PRO P 926 6.97 1.99 36.94
C PRO P 926 8.26 2.74 36.78
N VAL P 927 8.50 3.77 37.60
CA VAL P 927 9.61 4.68 37.41
C VAL P 927 10.65 4.55 38.53
N PHE P 928 10.21 4.27 39.76
CA PHE P 928 11.14 4.08 40.85
C PHE P 928 10.99 2.76 41.57
N GLY P 929 9.99 1.95 41.23
CA GLY P 929 9.88 0.62 41.79
C GLY P 929 9.40 0.58 43.22
N ASN P 930 10.19 -0.03 44.10
CA ASN P 930 9.76 -0.20 45.48
C ASN P 930 9.82 1.09 46.27
N ALA P 931 10.70 2.00 45.89
CA ALA P 931 10.85 3.25 46.64
C ALA P 931 9.69 4.18 46.34
N ASP P 932 9.31 4.97 47.34
CA ASP P 932 8.23 5.94 47.17
C ASP P 932 8.77 7.19 46.48
N TYR P 933 7.98 8.26 46.45
CA TYR P 933 8.52 9.57 46.16
C TYR P 933 7.92 10.70 46.97
N ARG P 934 6.72 10.53 47.51
CA ARG P 934 5.96 11.64 48.06
C ARG P 934 6.49 12.12 49.39
N LYS P 935 7.01 11.22 50.20
CA LYS P 935 7.54 11.64 51.50
C LYS P 935 8.86 12.37 51.34
N CYS P 936 9.82 11.73 50.66
CA CYS P 936 11.16 12.26 50.57
C CYS P 936 11.23 13.53 49.73
N PHE P 937 10.55 13.55 48.57
CA PHE P 937 10.66 14.70 47.70
C PHE P 937 9.99 15.92 48.27
N ASN P 938 9.10 15.75 49.24
CA ASN P 938 8.60 16.84 50.06
C ASN P 938 9.50 17.15 51.24
N GLU P 939 10.17 16.14 51.78
CA GLU P 939 11.19 16.40 52.80
C GLU P 939 12.38 17.13 52.22
N LEU P 940 12.77 16.77 51.00
CA LEU P 940 13.81 17.49 50.28
C LEU P 940 13.30 18.76 49.63
N LYS P 941 12.00 19.02 49.75
CA LYS P 941 11.21 20.03 49.06
C LYS P 941 11.60 20.16 47.59
N LEU P 942 11.76 19.00 46.93
CA LEU P 942 11.90 18.98 45.48
C LEU P 942 10.68 19.61 44.82
N TYR P 943 9.50 19.21 45.28
CA TYR P 943 8.26 19.74 44.72
C TYR P 943 8.09 21.21 45.02
N GLN P 944 8.54 21.67 46.19
CA GLN P 944 8.27 23.05 46.59
C GLN P 944 8.95 24.02 45.66
N GLY P 945 10.27 23.88 45.46
CA GLY P 945 10.97 24.69 44.49
C GLY P 945 10.51 24.43 43.07
N TYR P 946 10.18 23.17 42.76
CA TYR P 946 9.82 22.80 41.40
C TYR P 946 8.53 23.48 40.95
N TYR P 947 7.57 23.63 41.85
CA TYR P 947 6.35 24.36 41.53
C TYR P 947 6.48 25.85 41.78
N MET P 948 7.36 26.28 42.69
CA MET P 948 7.61 27.71 42.85
C MET P 948 8.22 28.34 41.62
N ALA P 949 8.91 27.54 40.80
CA ALA P 949 9.56 28.09 39.61
C ALA P 949 8.55 28.61 38.59
N GLN P 950 7.35 28.04 38.52
CA GLN P 950 6.38 28.50 37.54
C GLN P 950 5.50 29.63 38.05
N LEU P 951 5.69 30.08 39.29
CA LEU P 951 4.95 31.23 39.77
C LEU P 951 5.39 32.47 39.01
N PRO P 952 4.45 33.35 38.65
CA PRO P 952 4.82 34.57 37.93
C PRO P 952 5.57 35.53 38.84
N ARG P 953 6.61 36.11 38.29
CA ARG P 953 7.41 37.04 39.05
C ARG P 953 6.93 38.47 38.76
N ASN P 954 7.41 39.40 39.60
CA ASN P 954 7.09 40.83 39.76
C ASN P 954 5.66 41.23 39.37
N PRO P 955 4.63 40.60 39.95
CA PRO P 955 3.28 40.74 39.39
C PRO P 955 2.69 42.07 39.82
N LYS P 956 2.51 42.97 38.87
CA LYS P 956 1.69 44.14 39.08
C LYS P 956 0.36 43.93 38.38
N LYS P 957 -0.72 44.33 39.03
CA LYS P 957 -2.05 44.15 38.50
C LYS P 957 -2.80 45.48 38.58
N SER P 958 -3.82 45.61 37.73
CA SER P 958 -4.72 46.75 37.83
C SER P 958 -5.49 46.67 39.15
N GLY P 959 -6.36 45.67 39.29
CA GLY P 959 -6.98 45.31 40.54
C GLY P 959 -7.94 46.31 41.16
N ARG P 960 -8.10 47.50 40.59
CA ARG P 960 -8.83 48.57 41.27
C ARG P 960 -10.31 48.62 40.94
N ALA P 961 -10.77 47.75 40.03
CA ALA P 961 -12.15 47.71 39.52
C ALA P 961 -12.56 49.06 38.93
N ALA P 962 -11.88 49.40 37.83
CA ALA P 962 -12.11 50.65 37.09
C ALA P 962 -13.55 50.70 36.57
N PRO P 963 -14.07 51.90 36.31
CA PRO P 963 -15.42 52.00 35.72
C PRO P 963 -15.52 51.33 34.35
N ARG P 964 -16.56 50.54 34.18
CA ARG P 964 -16.62 49.63 33.05
C ARG P 964 -17.11 50.30 31.77
N GLU P 965 -17.91 51.35 31.88
CA GLU P 965 -18.44 52.01 30.69
C GLU P 965 -17.35 52.76 29.95
N VAL P 966 -16.47 53.42 30.68
CA VAL P 966 -15.41 54.21 30.07
C VAL P 966 -14.35 53.29 29.46
N ARG P 967 -14.09 52.14 30.09
CA ARG P 967 -13.20 51.14 29.49
C ARG P 967 -13.86 50.51 28.28
N GLU P 968 -15.19 50.37 28.29
CA GLU P 968 -15.87 49.75 27.17
C GLU P 968 -15.86 50.65 25.94
N GLN P 969 -16.09 51.96 26.15
CA GLN P 969 -15.96 52.87 25.02
C GLN P 969 -14.51 53.04 24.60
N PHE P 970 -13.57 52.83 25.53
CA PHE P 970 -12.16 52.80 25.16
C PHE P 970 -11.85 51.61 24.27
N THR P 971 -12.39 50.44 24.61
CA THR P 971 -12.19 49.23 23.81
C THR P 971 -12.84 49.38 22.43
N GLN P 972 -14.00 50.04 22.38
CA GLN P 972 -14.66 50.28 21.10
C GLN P 972 -13.86 51.24 20.23
N ALA P 973 -13.32 52.31 20.84
CA ALA P 973 -12.45 53.22 20.10
C ALA P 973 -11.19 52.52 19.64
N LEU P 974 -10.70 51.59 20.45
CA LEU P 974 -9.52 50.82 20.07
C LEU P 974 -9.83 49.90 18.89
N SER P 975 -11.03 49.33 18.86
CA SER P 975 -11.43 48.47 17.75
C SER P 975 -11.69 49.30 16.49
N ASP P 976 -12.18 50.53 16.66
CA ASP P 976 -12.29 51.44 15.53
C ASP P 976 -10.92 51.78 14.97
N TYR P 977 -9.92 51.92 15.85
CA TYR P 977 -8.56 52.07 15.36
C TYR P 977 -8.08 50.81 14.65
N LEU P 978 -8.52 49.65 15.13
CA LEU P 978 -8.16 48.38 14.51
C LEU P 978 -8.76 48.22 13.12
N MET P 979 -9.82 48.94 12.81
CA MET P 979 -10.54 48.77 11.56
C MET P 979 -10.23 49.93 10.62
N GLN P 980 -10.13 49.62 9.33
CA GLN P 980 -10.20 50.64 8.29
C GLN P 980 -11.15 50.16 7.21
N ASN P 981 -11.27 48.85 7.09
CA ASN P 981 -12.18 48.20 6.17
C ASN P 981 -13.11 47.29 6.96
N PRO P 982 -14.42 47.45 6.87
CA PRO P 982 -15.33 46.49 7.52
C PRO P 982 -15.38 45.13 6.85
N GLU P 983 -14.69 44.94 5.72
CA GLU P 983 -14.56 43.60 5.15
C GLU P 983 -13.74 42.69 6.07
N LEU P 984 -12.75 43.26 6.77
CA LEU P 984 -12.08 42.55 7.85
C LEU P 984 -13.05 42.07 8.90
N LYS P 985 -13.95 42.96 9.33
CA LYS P 985 -14.97 42.63 10.30
C LYS P 985 -15.90 41.55 9.79
N SER P 986 -16.21 41.59 8.49
CA SER P 986 -17.09 40.59 7.89
C SER P 986 -16.44 39.22 7.92
N ARG P 987 -15.16 39.17 7.56
CA ARG P 987 -14.42 37.90 7.57
C ARG P 987 -14.30 37.34 8.98
N VAL P 988 -13.95 38.18 9.95
CA VAL P 988 -13.73 37.63 11.28
C VAL P 988 -15.04 37.34 12.00
N LEU P 989 -16.13 38.07 11.73
CA LEU P 989 -17.40 37.72 12.34
C LEU P 989 -17.99 36.48 11.69
N ARG P 990 -17.75 36.29 10.40
CA ARG P 990 -18.12 35.04 9.75
C ARG P 990 -17.35 33.87 10.36
N GLY P 991 -16.06 34.08 10.64
CA GLY P 991 -15.28 33.05 11.30
C GLY P 991 -15.71 32.81 12.73
N ARG P 992 -16.16 33.85 13.43
CA ARG P 992 -16.73 33.68 14.77
C ARG P 992 -17.99 32.83 14.73
N SER P 993 -18.84 33.05 13.72
CA SER P 993 -20.02 32.21 13.53
C SER P 993 -19.62 30.76 13.28
N GLU P 994 -18.61 30.55 12.41
CA GLU P 994 -18.13 29.19 12.15
C GLU P 994 -17.53 28.55 13.39
N TRP P 995 -16.89 29.36 14.23
CA TRP P 995 -16.25 28.84 15.43
C TRP P 995 -17.30 28.44 16.46
N GLU P 996 -18.29 29.30 16.69
CA GLU P 996 -19.38 28.99 17.59
C GLU P 996 -20.23 27.84 17.09
N LYS P 997 -20.22 27.58 15.78
CA LYS P 997 -20.76 26.30 15.31
C LYS P 997 -19.87 25.15 15.75
N TYR P 998 -18.63 25.14 15.28
CA TYR P 998 -17.84 23.91 15.29
C TYR P 998 -16.67 23.94 16.26
N GLY P 999 -15.76 24.91 16.12
CA GLY P 999 -14.47 24.82 16.78
C GLY P 999 -14.48 25.08 18.27
N ALA P 1000 -15.51 25.76 18.77
CA ALA P 1000 -15.60 26.08 20.18
C ALA P 1000 -15.79 24.83 21.02
N GLY P 1001 -15.56 24.97 22.32
CA GLY P 1001 -15.52 23.79 23.16
C GLY P 1001 -14.13 23.27 23.36
N ILE P 1002 -13.72 22.36 22.49
CA ILE P 1002 -12.63 21.41 22.72
C ILE P 1002 -11.23 22.02 22.80
N ILE P 1003 -11.10 23.33 22.69
CA ILE P 1003 -9.80 23.97 22.84
C ILE P 1003 -9.69 24.80 24.13
N HIS P 1004 -10.81 25.29 24.68
CA HIS P 1004 -10.94 26.07 25.92
C HIS P 1004 -10.31 27.47 25.82
N ASN P 1005 -9.62 27.76 24.71
CA ASN P 1005 -8.97 29.04 24.51
C ASN P 1005 -8.66 29.25 23.03
N PRO P 1006 -9.56 29.83 22.25
CA PRO P 1006 -9.21 30.22 20.88
C PRO P 1006 -8.42 31.52 20.87
N PRO P 1007 -7.25 31.53 20.24
CA PRO P 1007 -6.63 32.82 19.93
C PRO P 1007 -7.39 33.49 18.79
N SER P 1008 -7.75 34.74 19.01
CA SER P 1008 -8.60 35.45 18.07
C SER P 1008 -7.96 36.80 17.76
N LEU P 1009 -8.71 37.63 17.06
CA LEU P 1009 -8.29 39.00 16.75
C LEU P 1009 -9.11 40.04 17.49
N PHE P 1010 -10.14 39.63 18.25
CA PHE P 1010 -10.92 40.57 19.05
C PHE P 1010 -10.73 40.39 20.54
N ASP P 1011 -9.97 39.38 20.96
CA ASP P 1011 -9.26 39.45 22.23
C ASP P 1011 -8.11 40.44 22.15
N VAL P 1012 -7.73 40.83 20.93
CA VAL P 1012 -6.57 41.72 20.75
C VAL P 1012 -6.80 43.13 21.26
N PRO P 1013 -8.00 43.74 21.17
CA PRO P 1013 -8.21 44.94 21.99
C PRO P 1013 -8.13 44.68 23.49
N HIS P 1014 -8.67 43.56 23.95
CA HIS P 1014 -8.54 43.17 25.35
C HIS P 1014 -7.09 42.92 25.71
N LYS P 1015 -6.33 42.31 24.80
CA LYS P 1015 -4.91 42.07 25.06
C LYS P 1015 -4.10 43.36 25.02
N TRP P 1016 -4.49 44.32 24.17
CA TRP P 1016 -3.81 45.61 24.14
C TRP P 1016 -4.06 46.38 25.43
N TYR P 1017 -5.28 46.28 25.97
CA TYR P 1017 -5.56 46.90 27.26
C TYR P 1017 -4.76 46.22 28.37
N GLN P 1018 -4.71 44.89 28.35
CA GLN P 1018 -3.97 44.15 29.38
C GLN P 1018 -2.48 44.45 29.33
N GLY P 1019 -1.94 44.62 28.13
CA GLY P 1019 -0.54 44.99 27.99
C GLY P 1019 -0.30 46.45 28.35
N ALA P 1020 -1.29 47.31 28.11
CA ALA P 1020 -1.15 48.71 28.50
C ALA P 1020 -1.25 48.90 30.00
N GLN P 1021 -1.89 47.97 30.71
CA GLN P 1021 -2.04 48.10 32.16
C GLN P 1021 -0.89 47.46 32.94
N GLU P 1022 0.30 47.39 32.36
CA GLU P 1022 1.45 46.78 33.03
C GLU P 1022 2.58 47.77 33.29
N ALA P 1023 2.24 49.02 33.53
CA ALA P 1023 3.25 50.02 33.89
C ALA P 1023 2.70 50.95 34.97
N ALA P 1024 1.77 50.45 35.78
CA ALA P 1024 1.22 51.27 36.85
C ALA P 1024 2.18 51.42 38.02
N THR P 1025 3.16 50.51 38.12
CA THR P 1025 4.13 50.30 39.21
C THR P 1025 3.52 50.49 40.61
N ALA P 1026 2.30 49.98 40.80
CA ALA P 1026 1.65 50.04 42.10
C ALA P 1026 2.36 49.12 43.08
N THR P 1027 2.22 49.43 44.36
CA THR P 1027 3.18 48.98 45.34
C THR P 1027 2.64 47.92 46.30
N ARG P 1028 1.58 48.21 47.04
CA ARG P 1028 1.35 47.44 48.26
C ARG P 1028 0.63 46.12 48.00
N GLU P 1029 -0.59 46.21 47.46
CA GLU P 1029 -1.58 45.15 47.67
C GLU P 1029 -1.25 43.89 46.88
N GLU P 1030 -0.96 44.04 45.59
CA GLU P 1030 -0.64 42.86 44.79
C GLU P 1030 0.71 42.27 45.16
N LEU P 1031 1.62 43.07 45.72
CA LEU P 1031 2.88 42.53 46.23
C LEU P 1031 2.63 41.68 47.46
N ALA P 1032 1.73 42.14 48.34
CA ALA P 1032 1.34 41.34 49.50
C ALA P 1032 0.62 40.07 49.07
N GLU P 1033 -0.17 40.16 47.99
CA GLU P 1033 -0.85 38.98 47.47
C GLU P 1033 0.13 37.99 46.88
N MET P 1034 1.18 38.48 46.23
CA MET P 1034 2.23 37.59 45.73
C MET P 1034 2.98 36.95 46.89
N ASP P 1035 3.19 37.70 47.97
CA ASP P 1035 3.90 37.16 49.12
C ASP P 1035 3.11 36.03 49.78
N GLU P 1036 1.82 36.25 50.02
CA GLU P 1036 1.01 35.19 50.60
C GLU P 1036 0.80 34.05 49.61
N THR P 1037 0.86 34.34 48.30
CA THR P 1037 0.80 33.30 47.29
C THR P 1037 2.02 32.39 47.39
N LEU P 1038 3.20 32.97 47.59
CA LEU P 1038 4.40 32.18 47.79
C LEU P 1038 4.32 31.39 49.10
N MET P 1039 3.75 31.99 50.15
CA MET P 1039 3.66 31.30 51.43
C MET P 1039 2.72 30.10 51.37
N ARG P 1040 1.54 30.28 50.75
CA ARG P 1040 0.61 29.16 50.61
C ARG P 1040 1.06 28.18 49.55
N ALA P 1041 1.96 28.58 48.65
CA ALA P 1041 2.59 27.59 47.80
C ALA P 1041 3.63 26.80 48.57
N ARG P 1042 4.26 27.43 49.56
CA ARG P 1042 5.31 26.77 50.33
C ARG P 1042 4.73 25.76 51.31
N LYS P 1043 3.66 26.12 52.00
CA LYS P 1043 3.09 25.20 52.99
C LYS P 1043 2.32 24.06 52.37
N HIS P 1044 1.92 24.18 51.11
CA HIS P 1044 1.09 23.17 50.46
C HIS P 1044 1.93 21.96 50.08
N SER P 1045 1.55 20.80 50.58
CA SER P 1045 2.22 19.55 50.23
C SER P 1045 1.60 18.97 48.96
N TYR P 1046 2.45 18.42 48.10
CA TYR P 1046 2.10 18.09 46.73
C TYR P 1046 2.06 16.58 46.50
N SER P 1047 1.36 16.18 45.45
CA SER P 1047 1.14 14.76 45.16
C SER P 1047 2.19 14.20 44.21
N SER P 1048 2.26 14.72 43.00
CA SER P 1048 3.18 14.20 42.00
C SER P 1048 3.65 15.36 41.12
N PHE P 1049 4.33 15.04 40.04
CA PHE P 1049 4.94 16.05 39.19
C PHE P 1049 3.91 16.64 38.24
N SER P 1050 4.41 17.40 37.27
CA SER P 1050 3.57 17.94 36.22
C SER P 1050 3.08 16.83 35.30
N LYS P 1051 2.00 17.12 34.58
CA LYS P 1051 1.44 16.14 33.66
C LYS P 1051 2.36 15.90 32.48
N LEU P 1052 3.04 16.95 32.02
CA LEU P 1052 4.08 16.83 31.01
C LEU P 1052 5.18 15.89 31.48
N LEU P 1053 5.64 16.12 32.71
CA LEU P 1053 6.78 15.37 33.21
C LEU P 1053 6.41 13.94 33.54
N GLU P 1054 5.20 13.72 34.08
CA GLU P 1054 4.74 12.36 34.33
C GLU P 1054 4.50 11.60 33.04
N ALA P 1055 4.05 12.30 32.00
CA ALA P 1055 3.94 11.67 30.70
C ALA P 1055 5.30 11.32 30.13
N TYR P 1056 6.32 12.14 30.44
CA TYR P 1056 7.67 11.87 29.94
C TYR P 1056 8.33 10.71 30.67
N LEU P 1057 8.06 10.53 31.97
CA LEU P 1057 8.80 9.56 32.77
C LEU P 1057 8.52 8.11 32.41
N LEU P 1058 7.64 7.81 31.47
CA LEU P 1058 7.54 6.43 31.01
C LEU P 1058 8.57 6.10 29.94
N VAL P 1059 9.18 7.11 29.34
CA VAL P 1059 10.10 6.92 28.23
C VAL P 1059 11.49 6.65 28.79
N LYS P 1060 12.13 5.62 28.28
CA LYS P 1060 13.53 5.36 28.58
C LYS P 1060 14.34 5.49 27.31
N TRP P 1061 15.66 5.40 27.45
CA TRP P 1061 16.55 5.48 26.31
C TRP P 1061 17.77 4.60 26.57
N ARG P 1062 18.73 4.64 25.66
CA ARG P 1062 19.93 3.82 25.76
C ARG P 1062 21.03 4.45 24.89
N MET P 1063 22.16 4.77 25.50
CA MET P 1063 23.27 5.40 24.79
C MET P 1063 24.41 4.42 24.58
N CYS P 1064 25.08 4.57 23.45
CA CYS P 1064 26.23 3.80 22.97
C CYS P 1064 26.66 4.40 21.65
N GLU P 1065 27.93 4.14 21.28
CA GLU P 1065 28.63 4.70 20.12
C GLU P 1065 28.54 6.21 20.05
N ALA P 1066 29.38 6.88 20.85
CA ALA P 1066 29.68 8.29 20.67
C ALA P 1066 29.94 8.63 19.20
N ARG P 1067 29.33 9.74 18.77
CA ARG P 1067 29.30 10.13 17.37
C ARG P 1067 30.71 10.39 16.83
N GLU P 1068 30.88 10.16 15.52
CA GLU P 1068 32.07 10.56 14.81
C GLU P 1068 32.27 12.07 14.92
N PRO P 1069 33.52 12.57 14.84
CA PRO P 1069 33.75 14.00 15.00
C PRO P 1069 33.17 14.82 13.86
N SER P 1070 32.78 16.04 14.18
CA SER P 1070 32.21 16.96 13.22
C SER P 1070 33.25 17.89 12.62
N VAL P 1071 34.10 18.47 13.46
CA VAL P 1071 35.18 19.33 13.00
C VAL P 1071 36.49 18.81 13.58
N ASP P 1072 37.59 19.32 13.04
CA ASP P 1072 38.91 18.96 13.55
C ASP P 1072 39.14 19.69 14.87
N LEU P 1073 39.64 18.95 15.86
CA LEU P 1073 39.86 19.55 17.17
C LEU P 1073 41.09 20.44 17.20
N ARG P 1074 42.03 20.26 16.27
CA ARG P 1074 43.25 21.05 16.28
C ARG P 1074 43.06 22.45 15.72
N LEU P 1075 41.86 22.82 15.38
CA LEU P 1075 41.52 24.16 14.95
C LEU P 1075 40.94 24.93 16.11
N PRO P 1076 41.39 26.13 16.39
CA PRO P 1076 40.68 26.96 17.36
C PRO P 1076 39.38 27.48 16.81
N LEU P 1077 38.26 26.91 17.27
CA LEU P 1077 36.96 27.34 16.77
C LEU P 1077 36.55 28.66 17.39
N CYS P 1078 36.51 28.72 18.72
CA CYS P 1078 36.18 29.92 19.44
C CYS P 1078 37.20 30.11 20.55
N ALA P 1079 37.35 31.34 21.01
CA ALA P 1079 38.30 31.59 22.08
C ALA P 1079 37.70 31.19 23.42
N GLY P 1080 38.55 30.68 24.29
CA GLY P 1080 38.11 30.25 25.59
C GLY P 1080 37.62 28.82 25.67
N ILE P 1081 37.66 28.07 24.58
CA ILE P 1081 37.30 26.66 24.58
C ILE P 1081 38.45 25.85 23.97
N ASP P 1082 38.81 24.74 24.63
CA ASP P 1082 40.01 23.94 24.38
C ASP P 1082 39.88 22.62 25.14
N PRO P 1083 40.86 21.71 25.12
CA PRO P 1083 40.84 20.65 26.16
C PRO P 1083 40.87 21.14 27.59
N LEU P 1084 41.43 22.32 27.88
CA LEU P 1084 41.44 22.82 29.24
C LEU P 1084 40.04 23.23 29.70
N ASN P 1085 39.29 23.90 28.84
CA ASN P 1085 37.87 24.14 29.05
C ASN P 1085 37.10 23.02 28.38
N SER P 1086 37.12 21.87 29.06
CA SER P 1086 36.94 20.57 28.41
C SER P 1086 35.52 20.38 27.91
N ASP P 1087 34.54 20.60 28.78
CA ASP P 1087 33.16 20.28 28.48
C ASP P 1087 32.58 21.05 27.29
N PRO P 1088 32.56 22.40 27.26
CA PRO P 1088 31.85 23.04 26.14
C PRO P 1088 32.61 22.94 24.83
N PHE P 1089 33.94 22.87 24.89
CA PHE P 1089 34.73 22.66 23.69
C PHE P 1089 34.48 21.28 23.11
N LEU P 1090 34.39 20.29 23.98
CA LEU P 1090 34.18 18.94 23.51
C LEU P 1090 32.79 18.77 22.95
N LYS P 1091 31.81 19.50 23.49
CA LYS P 1091 30.49 19.56 22.88
C LYS P 1091 30.54 20.25 21.52
N MET P 1092 31.33 21.32 21.40
CA MET P 1092 31.44 22.02 20.13
C MET P 1092 32.07 21.15 19.06
N VAL P 1093 33.05 20.33 19.45
CA VAL P 1093 33.70 19.44 18.49
C VAL P 1093 32.76 18.30 18.12
N SER P 1094 32.07 17.72 19.10
CA SER P 1094 31.22 16.57 18.84
C SER P 1094 29.98 16.95 18.05
N VAL P 1095 29.30 18.01 18.45
CA VAL P 1095 28.04 18.38 17.83
C VAL P 1095 28.28 19.14 16.54
N GLY P 1096 29.11 20.17 16.59
CA GLY P 1096 29.40 20.98 15.44
C GLY P 1096 28.68 22.31 15.49
N PRO P 1097 29.31 23.37 14.99
CA PRO P 1097 28.70 24.70 15.04
C PRO P 1097 27.57 24.82 14.02
N MET P 1098 26.72 25.83 14.27
CA MET P 1098 25.41 25.89 13.61
C MET P 1098 25.52 26.19 12.12
N LEU P 1099 26.40 27.11 11.74
CA LEU P 1099 26.69 27.50 10.36
C LEU P 1099 25.48 28.09 9.63
N GLN P 1100 24.50 28.60 10.37
CA GLN P 1100 23.33 29.24 9.79
C GLN P 1100 23.12 30.59 10.46
N SER P 1101 22.34 31.44 9.81
CA SER P 1101 21.98 32.71 10.42
C SER P 1101 20.96 32.53 11.53
N THR P 1102 20.10 31.51 11.39
CA THR P 1102 19.02 31.04 12.26
C THR P 1102 17.82 31.98 12.31
N ARG P 1103 17.98 33.21 11.81
CA ARG P 1103 16.79 34.00 11.52
C ARG P 1103 16.07 33.37 10.34
N LYS P 1104 16.83 32.96 9.33
CA LYS P 1104 16.26 32.27 8.19
C LYS P 1104 15.71 30.91 8.58
N TYR P 1105 16.45 30.14 9.38
CA TYR P 1105 16.01 28.79 9.71
C TYR P 1105 14.78 28.81 10.60
N PHE P 1106 14.80 29.61 11.65
CA PHE P 1106 13.61 29.66 12.49
C PHE P 1106 12.48 30.44 11.84
N ALA P 1107 12.74 31.21 10.79
CA ALA P 1107 11.65 31.76 10.00
C ALA P 1107 11.05 30.72 9.08
N GLN P 1108 11.82 29.70 8.69
CA GLN P 1108 11.24 28.56 8.00
C GLN P 1108 10.29 27.77 8.89
N THR P 1109 10.46 27.87 10.21
CA THR P 1109 9.63 27.10 11.13
C THR P 1109 8.23 27.69 11.23
N LEU P 1110 8.10 29.02 11.24
CA LEU P 1110 6.81 29.67 11.42
C LEU P 1110 5.88 29.39 10.25
N PHE P 1111 4.73 28.77 10.55
CA PHE P 1111 3.89 28.18 9.52
C PHE P 1111 3.17 29.23 8.68
N MET P 1112 2.75 30.33 9.29
CA MET P 1112 2.20 31.43 8.51
C MET P 1112 3.31 32.04 7.64
N ALA P 1113 2.93 32.50 6.46
CA ALA P 1113 3.92 32.98 5.49
C ALA P 1113 4.56 34.29 5.96
N LYS P 1114 3.77 35.34 6.14
CA LYS P 1114 4.30 36.60 6.65
C LYS P 1114 4.51 36.56 8.15
N THR P 1115 3.79 35.64 8.82
CA THR P 1115 3.91 35.25 10.24
C THR P 1115 4.03 36.43 11.21
N VAL P 1116 3.36 37.54 10.92
CA VAL P 1116 3.26 38.64 11.86
C VAL P 1116 1.79 38.99 12.05
N SER P 1117 1.37 39.19 13.30
CA SER P 1117 0.06 39.76 13.56
C SER P 1117 0.04 40.72 14.74
N GLY P 1118 1.05 40.74 15.60
CA GLY P 1118 1.01 41.51 16.82
C GLY P 1118 0.43 40.77 18.02
N LEU P 1119 0.35 39.43 17.96
CA LEU P 1119 -0.29 38.68 19.02
C LEU P 1119 0.40 37.35 19.32
N ASP P 1120 1.71 37.26 19.07
CA ASP P 1120 2.53 36.05 19.25
C ASP P 1120 2.02 34.89 18.40
N VAL P 1121 2.30 34.97 17.11
CA VAL P 1121 1.98 33.98 16.07
C VAL P 1121 2.37 32.53 16.40
N ASN P 1122 3.30 32.34 17.34
CA ASN P 1122 3.57 31.01 17.86
C ASN P 1122 2.33 30.39 18.50
N ALA P 1123 1.53 31.22 19.18
CA ALA P 1123 0.26 30.74 19.72
C ALA P 1123 -0.70 30.37 18.61
N ILE P 1124 -0.67 31.11 17.48
CA ILE P 1124 -1.51 30.78 16.32
C ILE P 1124 -1.16 29.40 15.78
N ASP P 1125 0.12 29.20 15.43
CA ASP P 1125 0.55 27.94 14.82
C ASP P 1125 0.39 26.77 15.79
N SER P 1126 0.66 27.00 17.07
CA SER P 1126 0.53 25.93 18.04
C SER P 1126 -0.93 25.55 18.23
N ALA P 1127 -1.82 26.54 18.24
CA ALA P 1127 -3.24 26.23 18.38
C ALA P 1127 -3.78 25.53 17.14
N LEU P 1128 -3.29 25.93 15.96
CA LEU P 1128 -3.69 25.27 14.72
C LEU P 1128 -3.29 23.80 14.74
N LEU P 1129 -2.07 23.51 15.18
CA LEU P 1129 -1.63 22.12 15.23
C LEU P 1129 -2.33 21.35 16.35
N ARG P 1130 -2.73 22.03 17.42
CA ARG P 1130 -3.50 21.35 18.46
C ARG P 1130 -4.87 20.95 17.94
N LEU P 1131 -5.53 21.87 17.22
CA LEU P 1131 -6.80 21.53 16.59
C LEU P 1131 -6.61 20.44 15.54
N ARG P 1132 -5.45 20.43 14.89
CA ARG P 1132 -5.16 19.41 13.89
C ARG P 1132 -5.11 18.02 14.50
N THR P 1133 -4.38 17.87 15.60
CA THR P 1133 -4.26 16.55 16.20
C THR P 1133 -5.50 16.12 16.97
N LEU P 1134 -6.32 17.05 17.41
CA LEU P 1134 -7.49 16.73 18.21
C LEU P 1134 -8.75 16.63 17.35
N GLY P 1135 -8.70 15.77 16.34
CA GLY P 1135 -9.84 15.56 15.47
C GLY P 1135 -10.18 16.75 14.61
N ALA P 1136 -11.33 17.40 14.87
CA ALA P 1136 -11.65 18.74 14.41
C ALA P 1136 -11.68 18.90 12.89
N ASP P 1137 -12.80 18.48 12.29
CA ASP P 1137 -13.10 18.63 10.86
C ASP P 1137 -12.75 20.03 10.33
N LYS P 1138 -12.47 20.07 9.01
CA LYS P 1138 -11.77 21.16 8.34
C LYS P 1138 -12.38 22.52 8.58
N LYS P 1139 -13.71 22.60 8.72
CA LYS P 1139 -14.36 23.88 8.92
C LYS P 1139 -14.00 24.51 10.26
N ALA P 1140 -13.67 23.69 11.26
CA ALA P 1140 -13.18 24.24 12.52
C ALA P 1140 -11.77 24.79 12.36
N LEU P 1141 -10.93 24.14 11.56
CA LEU P 1141 -9.60 24.66 11.28
C LEU P 1141 -9.67 25.97 10.52
N THR P 1142 -10.60 26.06 9.56
CA THR P 1142 -10.81 27.31 8.86
C THR P 1142 -11.31 28.39 9.79
N ALA P 1143 -12.15 28.03 10.76
CA ALA P 1143 -12.66 29.03 11.71
C ALA P 1143 -11.55 29.55 12.61
N GLN P 1144 -10.65 28.66 13.04
CA GLN P 1144 -9.49 29.10 13.80
C GLN P 1144 -8.59 29.99 12.96
N LEU P 1145 -8.52 29.73 11.66
CA LEU P 1145 -7.73 30.63 10.82
C LEU P 1145 -8.50 31.88 10.43
N LEU P 1146 -9.83 31.83 10.46
CA LEU P 1146 -10.66 32.98 10.16
C LEU P 1146 -10.80 33.93 11.34
N MET P 1147 -10.39 33.49 12.52
CA MET P 1147 -10.02 34.43 13.58
C MET P 1147 -9.01 35.44 13.08
N VAL P 1148 -7.99 34.98 12.35
CA VAL P 1148 -7.11 35.90 11.66
C VAL P 1148 -7.81 36.47 10.43
N GLY P 1149 -8.53 35.61 9.69
CA GLY P 1149 -9.37 36.05 8.60
C GLY P 1149 -8.60 36.59 7.41
N LEU P 1150 -7.87 35.71 6.73
CA LEU P 1150 -6.98 36.13 5.66
C LEU P 1150 -7.77 36.64 4.47
N GLN P 1151 -8.52 35.74 3.80
CA GLN P 1151 -9.61 36.15 2.93
C GLN P 1151 -10.75 35.14 2.93
N GLU P 1152 -10.58 34.00 3.64
CA GLU P 1152 -11.32 32.74 3.76
C GLU P 1152 -11.13 31.78 2.58
N SER P 1153 -10.66 32.25 1.43
CA SER P 1153 -10.48 31.26 0.37
C SER P 1153 -9.12 30.60 0.52
N GLU P 1154 -8.06 31.40 0.60
CA GLU P 1154 -6.77 30.82 0.90
C GLU P 1154 -6.63 30.44 2.36
N ALA P 1155 -7.48 30.97 3.24
CA ALA P 1155 -7.50 30.48 4.61
C ALA P 1155 -8.07 29.07 4.66
N ASP P 1156 -9.12 28.85 3.86
CA ASP P 1156 -9.64 27.51 3.65
C ASP P 1156 -8.59 26.60 3.02
N ALA P 1157 -7.79 27.15 2.12
CA ALA P 1157 -6.73 26.36 1.49
C ALA P 1157 -5.60 26.00 2.47
N LEU P 1158 -5.19 26.95 3.32
CA LEU P 1158 -4.15 26.65 4.30
C LEU P 1158 -4.64 25.66 5.35
N ALA P 1159 -5.92 25.78 5.74
CA ALA P 1159 -6.47 24.83 6.69
C ALA P 1159 -6.68 23.47 6.05
N GLY P 1160 -6.83 23.40 4.73
CA GLY P 1160 -6.80 22.11 4.10
C GLY P 1160 -5.40 21.55 3.99
N LYS P 1161 -4.40 22.43 3.82
CA LYS P 1161 -3.02 21.97 3.67
C LYS P 1161 -2.49 21.36 4.95
N ILE P 1162 -2.79 21.99 6.09
CA ILE P 1162 -2.15 21.67 7.37
C ILE P 1162 -2.37 20.23 7.80
N MET P 1163 -3.46 19.59 7.34
CA MET P 1163 -3.81 18.24 7.78
C MET P 1163 -2.84 17.20 7.27
N LEU P 1164 -2.67 17.12 5.95
CA LEU P 1164 -2.02 15.98 5.35
C LEU P 1164 -0.51 16.14 5.22
N GLN P 1165 0.00 17.36 5.35
CA GLN P 1165 1.42 17.62 5.21
C GLN P 1165 2.13 17.26 6.51
N ASP P 1166 3.24 16.51 6.40
CA ASP P 1166 4.02 16.21 7.59
C ASP P 1166 4.94 17.40 7.90
N VAL P 1167 4.73 17.99 9.07
CA VAL P 1167 5.41 19.22 9.43
C VAL P 1167 6.84 18.93 9.88
N ASN P 1168 7.63 19.97 10.04
CA ASN P 1168 8.98 19.86 10.56
C ASN P 1168 8.96 19.36 12.00
N THR P 1169 10.11 18.84 12.44
CA THR P 1169 10.27 18.38 13.82
C THR P 1169 10.07 19.51 14.82
N VAL P 1170 10.58 20.69 14.50
CA VAL P 1170 10.51 21.83 15.40
C VAL P 1170 9.09 22.38 15.50
N GLN P 1171 8.23 22.06 14.53
CA GLN P 1171 6.83 22.50 14.55
C GLN P 1171 6.10 21.95 15.75
N LEU P 1172 6.23 20.65 15.98
CA LEU P 1172 5.47 19.95 17.01
C LEU P 1172 5.96 20.25 18.42
N ALA P 1173 7.06 21.00 18.56
CA ALA P 1173 7.47 21.50 19.86
C ALA P 1173 6.42 22.44 20.43
N ARG P 1174 5.83 23.28 19.58
CA ARG P 1174 4.89 24.28 20.05
C ARG P 1174 3.56 23.66 20.45
N VAL P 1175 3.27 22.45 19.95
CA VAL P 1175 2.10 21.69 20.38
C VAL P 1175 2.21 21.37 21.86
N VAL P 1176 3.39 20.95 22.28
CA VAL P 1176 3.61 20.43 23.62
C VAL P 1176 4.27 21.53 24.42
N ASN P 1177 4.25 22.75 23.85
CA ASN P 1177 4.84 23.96 24.41
C ASN P 1177 6.33 23.79 24.70
N LEU P 1178 7.02 23.05 23.85
CA LEU P 1178 8.45 22.89 23.92
C LEU P 1178 9.12 24.03 23.15
N ALA P 1179 10.35 24.34 23.55
CA ALA P 1179 11.11 25.35 22.84
C ALA P 1179 12.57 24.98 22.91
N VAL P 1180 13.29 25.29 21.83
CA VAL P 1180 14.74 25.18 21.81
C VAL P 1180 15.30 26.24 22.74
N PRO P 1181 16.10 25.89 23.73
CA PRO P 1181 16.67 26.90 24.63
C PRO P 1181 17.78 27.68 23.94
N ASP P 1182 18.18 28.76 24.59
CA ASP P 1182 19.04 29.74 23.93
C ASP P 1182 20.46 29.24 23.72
N THR P 1183 20.91 28.28 24.52
CA THR P 1183 22.29 27.84 24.47
C THR P 1183 22.62 27.02 23.25
N TRP P 1184 21.63 26.54 22.51
CA TRP P 1184 21.91 25.53 21.50
C TRP P 1184 22.26 26.11 20.15
N MET P 1185 21.91 27.38 19.88
CA MET P 1185 22.09 27.92 18.54
C MET P 1185 23.53 28.22 18.20
N SER P 1186 24.46 28.10 19.14
CA SER P 1186 25.86 28.05 18.74
C SER P 1186 26.15 26.73 18.05
N LEU P 1187 25.51 25.66 18.49
CA LEU P 1187 25.72 24.33 17.95
C LEU P 1187 24.78 24.05 16.78
N ASP P 1188 25.17 23.11 15.93
CA ASP P 1188 24.29 22.59 14.90
C ASP P 1188 23.35 21.56 15.53
N PHE P 1189 22.07 21.89 15.66
CA PHE P 1189 21.16 20.97 16.32
C PHE P 1189 20.41 20.06 15.35
N ASP P 1190 20.03 20.57 14.18
CA ASP P 1190 19.15 19.86 13.25
C ASP P 1190 19.80 18.57 12.76
N THR P 1191 21.12 18.59 12.61
CA THR P 1191 21.93 17.39 12.41
C THR P 1191 21.58 16.27 13.38
N MET P 1192 21.72 16.52 14.68
CA MET P 1192 21.56 15.43 15.62
C MET P 1192 20.11 15.13 15.90
N PHE P 1193 19.20 16.05 15.55
CA PHE P 1193 17.79 15.70 15.58
C PHE P 1193 17.44 14.70 14.48
N LYS P 1194 17.64 15.08 13.21
CA LYS P 1194 17.12 14.27 12.13
C LYS P 1194 18.08 13.19 11.67
N HIS P 1195 19.21 13.00 12.34
CA HIS P 1195 20.11 11.94 11.91
C HIS P 1195 20.52 10.96 13.01
N HIS P 1196 20.50 11.36 14.27
CA HIS P 1196 21.14 10.54 15.29
C HIS P 1196 20.22 10.03 16.38
N VAL P 1197 19.41 10.89 16.98
CA VAL P 1197 18.37 10.38 17.86
C VAL P 1197 17.32 9.71 17.00
N LYS P 1198 16.95 8.49 17.37
CA LYS P 1198 16.16 7.67 16.47
C LYS P 1198 15.38 6.65 17.27
N LEU P 1199 14.41 6.05 16.60
CA LEU P 1199 13.66 4.94 17.13
C LEU P 1199 14.11 3.70 16.37
N LEU P 1200 13.48 2.56 16.68
CA LEU P 1200 13.91 1.22 16.28
C LEU P 1200 15.36 1.04 16.70
N PRO P 1201 15.61 0.81 18.00
CA PRO P 1201 16.99 0.73 18.50
C PRO P 1201 17.74 -0.47 17.95
N LYS P 1202 19.04 -0.50 18.24
CA LYS P 1202 19.92 -1.53 17.71
C LYS P 1202 19.63 -2.91 18.29
N ASP P 1203 18.86 -3.00 19.36
CA ASP P 1203 18.31 -4.29 19.75
C ASP P 1203 17.27 -4.78 18.75
N GLY P 1204 16.58 -3.86 18.07
CA GLY P 1204 15.55 -4.20 17.13
C GLY P 1204 14.22 -3.57 17.51
N ARG P 1205 13.14 -4.26 17.16
CA ARG P 1205 11.80 -3.82 17.45
C ARG P 1205 11.30 -4.49 18.71
N HIS P 1206 10.36 -3.86 19.41
CA HIS P 1206 10.03 -4.34 20.74
C HIS P 1206 8.55 -4.45 21.05
N LEU P 1207 7.65 -3.90 20.21
CA LEU P 1207 6.19 -3.86 20.33
C LEU P 1207 5.72 -2.94 21.45
N ASN P 1208 6.65 -2.44 22.24
CA ASN P 1208 6.45 -1.31 23.11
C ASN P 1208 7.10 -0.07 22.53
N THR P 1209 8.13 -0.25 21.71
CA THR P 1209 8.70 0.81 20.89
C THR P 1209 7.97 0.96 19.57
N ASP P 1210 6.64 1.04 19.64
CA ASP P 1210 5.81 1.15 18.46
C ASP P 1210 5.02 2.45 18.49
N ILE P 1211 4.61 2.90 17.32
CA ILE P 1211 3.79 4.10 17.18
C ILE P 1211 2.64 3.75 16.24
N PRO P 1212 1.40 4.08 16.59
CA PRO P 1212 0.27 3.86 15.69
C PRO P 1212 0.38 4.67 14.42
N PRO P 1213 -0.30 4.26 13.34
CA PRO P 1213 -0.12 4.98 12.07
C PRO P 1213 -0.69 6.38 12.05
N ARG P 1214 -1.86 6.58 12.64
CA ARG P 1214 -2.31 7.93 12.91
C ARG P 1214 -1.43 8.51 14.03
N MET P 1215 -1.41 9.85 14.10
CA MET P 1215 -0.77 10.65 15.15
C MET P 1215 0.72 10.33 15.27
N GLY P 1216 1.42 10.49 14.15
CA GLY P 1216 2.87 10.41 14.12
C GLY P 1216 3.51 11.75 14.41
N TRP P 1217 2.81 12.61 15.13
CA TRP P 1217 3.41 13.81 15.68
C TRP P 1217 4.31 13.52 16.88
N LEU P 1218 4.23 12.31 17.44
CA LEU P 1218 5.06 11.94 18.58
C LEU P 1218 6.54 11.85 18.21
N ARG P 1219 6.85 11.64 16.93
CA ARG P 1219 8.21 11.35 16.51
C ARG P 1219 9.13 12.53 16.78
N ALA P 1220 8.60 13.74 16.59
CA ALA P 1220 9.33 14.96 16.86
C ALA P 1220 9.69 15.07 18.34
N ILE P 1221 8.72 14.78 19.21
CA ILE P 1221 8.93 14.93 20.64
C ILE P 1221 9.86 13.86 21.16
N LEU P 1222 9.81 12.67 20.57
CA LEU P 1222 10.79 11.63 20.92
C LEU P 1222 12.20 12.05 20.51
N ARG P 1223 12.32 12.72 19.35
CA ARG P 1223 13.61 13.28 18.96
C ARG P 1223 14.09 14.35 19.92
N PHE P 1224 13.18 15.22 20.38
CA PHE P 1224 13.55 16.28 21.32
C PHE P 1224 14.05 15.70 22.64
N LEU P 1225 13.28 14.76 23.21
CA LEU P 1225 13.63 14.23 24.52
C LEU P 1225 14.90 13.39 24.46
N GLY P 1226 15.05 12.59 23.39
CA GLY P 1226 16.29 11.87 23.20
C GLY P 1226 17.48 12.77 23.00
N ALA P 1227 17.28 13.91 22.35
CA ALA P 1227 18.37 14.87 22.17
C ALA P 1227 18.79 15.48 23.50
N GLY P 1228 17.79 15.83 24.32
CA GLY P 1228 18.09 16.37 25.64
C GLY P 1228 18.84 15.39 26.51
N MET P 1229 18.40 14.12 26.51
CA MET P 1229 19.11 13.12 27.30
C MET P 1229 20.50 12.84 26.73
N ALA P 1230 20.66 12.92 25.41
CA ALA P 1230 21.96 12.65 24.81
C ALA P 1230 22.94 13.76 25.08
N MET P 1231 22.47 14.98 25.32
CA MET P 1231 23.39 16.10 25.34
C MET P 1231 23.60 16.72 26.71
N THR P 1232 22.66 16.60 27.66
CA THR P 1232 22.84 17.25 28.96
C THR P 1232 24.01 16.70 29.75
N ALA P 1233 24.31 15.41 29.61
CA ALA P 1233 25.47 14.83 30.24
C ALA P 1233 26.75 15.39 29.64
N THR P 1234 27.82 15.37 30.42
CA THR P 1234 29.12 15.76 29.90
C THR P 1234 29.62 14.72 28.91
N GLY P 1235 30.64 15.08 28.16
CA GLY P 1235 31.19 14.18 27.18
C GLY P 1235 30.55 14.33 25.81
N VAL P 1236 30.97 13.44 24.92
CA VAL P 1236 30.57 13.50 23.52
C VAL P 1236 29.07 13.28 23.39
N ALA P 1237 28.44 14.01 22.48
CA ALA P 1237 27.02 13.84 22.25
C ALA P 1237 26.78 12.50 21.57
N VAL P 1238 26.70 11.47 22.40
CA VAL P 1238 26.53 10.10 21.96
C VAL P 1238 25.16 9.92 21.33
N ASP P 1239 25.08 9.04 20.33
CA ASP P 1239 23.78 8.68 19.77
C ASP P 1239 22.97 7.91 20.81
N ILE P 1240 21.65 8.01 20.69
CA ILE P 1240 20.74 7.57 21.74
C ILE P 1240 19.61 6.77 21.10
N TYR P 1241 19.27 5.64 21.71
CA TYR P 1241 18.34 4.67 21.14
C TYR P 1241 17.20 4.43 22.12
N LEU P 1242 16.05 4.02 21.60
CA LEU P 1242 14.82 4.03 22.39
C LEU P 1242 14.68 2.73 23.18
N GLU P 1243 14.95 2.79 24.48
CA GLU P 1243 14.41 1.77 25.37
C GLU P 1243 12.93 2.07 25.59
N ASP P 1244 12.16 1.03 25.92
CA ASP P 1244 10.70 1.03 25.77
C ASP P 1244 10.01 2.08 26.64
N ILE P 1245 8.73 2.32 26.34
CA ILE P 1245 8.01 3.45 26.87
C ILE P 1245 6.90 3.03 27.83
N HIS P 1246 6.83 1.74 28.16
CA HIS P 1246 6.07 1.16 29.27
C HIS P 1246 4.54 1.16 29.08
N GLY P 1247 4.04 1.88 28.08
CA GLY P 1247 2.61 1.95 27.96
C GLY P 1247 2.13 1.71 26.55
N GLY P 1248 3.05 1.70 25.62
CA GLY P 1248 2.63 1.74 24.23
C GLY P 1248 2.36 3.16 23.77
N GLY P 1249 2.61 3.38 22.48
CA GLY P 1249 2.40 4.69 21.90
C GLY P 1249 0.96 5.14 21.94
N ARG P 1250 0.03 4.19 21.89
CA ARG P 1250 -1.40 4.50 21.97
C ARG P 1250 -1.76 5.12 23.31
N SER P 1251 -1.40 4.44 24.41
CA SER P 1251 -1.72 4.95 25.74
C SER P 1251 -0.95 6.22 26.05
N LEU P 1252 0.30 6.29 25.57
CA LEU P 1252 1.13 7.47 25.82
C LEU P 1252 0.59 8.70 25.12
N GLY P 1253 0.32 8.59 23.82
CA GLY P 1253 -0.27 9.70 23.11
C GLY P 1253 -1.69 10.00 23.55
N GLN P 1254 -2.38 9.01 24.09
CA GLN P 1254 -3.69 9.26 24.70
C GLN P 1254 -3.55 10.12 25.94
N ARG P 1255 -2.47 9.92 26.71
CA ARG P 1255 -2.22 10.79 27.85
C ARG P 1255 -1.93 12.22 27.39
N PHE P 1256 -1.20 12.35 26.27
CA PHE P 1256 -0.99 13.70 25.75
C PHE P 1256 -2.28 14.34 25.22
N MET P 1257 -3.16 13.53 24.64
CA MET P 1257 -4.50 13.99 24.30
C MET P 1257 -5.24 14.51 25.53
N THR P 1258 -5.17 13.77 26.63
CA THR P 1258 -5.87 14.19 27.84
C THR P 1258 -5.23 15.45 28.45
N TRP P 1259 -3.93 15.66 28.23
CA TRP P 1259 -3.38 16.94 28.65
C TRP P 1259 -3.87 18.08 27.78
N MET P 1260 -3.93 17.85 26.46
CA MET P 1260 -4.38 18.92 25.58
C MET P 1260 -5.89 19.06 25.52
N ARG P 1261 -6.65 18.25 26.27
CA ARG P 1261 -8.07 18.52 26.42
C ARG P 1261 -8.28 19.89 27.06
N GLN P 1262 -7.44 20.25 28.02
CA GLN P 1262 -7.42 21.62 28.49
C GLN P 1262 -6.42 22.43 27.68
N GLU P 1263 -6.32 23.71 28.01
CA GLU P 1263 -5.42 24.61 27.32
C GLU P 1263 -3.97 24.33 27.67
N ALA Q 2 -33.09 80.64 -12.72
CA ALA Q 2 -31.87 80.34 -13.45
C ALA Q 2 -30.84 79.73 -12.53
N TYR Q 3 -29.59 79.68 -12.98
CA TYR Q 3 -28.50 79.09 -12.21
C TYR Q 3 -27.18 79.65 -12.72
N ILE Q 4 -26.23 79.84 -11.81
CA ILE Q 4 -24.90 80.31 -12.19
C ILE Q 4 -23.89 79.75 -11.21
N ALA Q 5 -22.70 79.45 -11.70
CA ALA Q 5 -21.62 78.93 -10.88
C ALA Q 5 -20.92 80.07 -10.15
N VAL Q 6 -20.06 79.70 -9.20
CA VAL Q 6 -19.23 80.65 -8.49
C VAL Q 6 -17.95 79.92 -8.09
N PRO Q 7 -16.79 80.54 -8.21
CA PRO Q 7 -15.53 79.86 -7.90
C PRO Q 7 -15.05 79.98 -6.45
N ALA Q 8 -15.93 79.66 -5.50
CA ALA Q 8 -15.57 79.61 -4.09
C ALA Q 8 -16.59 78.76 -3.35
N VAL Q 9 -16.30 78.51 -2.08
CA VAL Q 9 -17.29 77.89 -1.20
C VAL Q 9 -18.38 78.91 -0.92
N VAL Q 10 -19.62 78.45 -0.82
CA VAL Q 10 -20.75 79.35 -0.68
C VAL Q 10 -21.75 78.71 0.28
N ASP Q 11 -22.37 79.56 1.11
CA ASP Q 11 -23.30 79.14 2.12
C ASP Q 11 -24.57 79.97 1.98
N SER Q 12 -25.68 79.43 2.50
CA SER Q 12 -26.89 80.23 2.61
C SER Q 12 -26.80 81.24 3.75
N ARG Q 13 -25.87 81.05 4.68
CA ARG Q 13 -25.83 81.86 5.90
C ARG Q 13 -24.91 83.07 5.79
N SER Q 14 -23.61 82.82 5.61
CA SER Q 14 -22.62 83.87 5.76
C SER Q 14 -22.23 84.52 4.43
N SER Q 15 -22.57 83.89 3.30
CA SER Q 15 -22.19 84.44 2.01
C SER Q 15 -22.95 85.73 1.70
N GLU Q 16 -24.14 85.89 2.28
CA GLU Q 16 -24.84 87.16 2.17
C GLU Q 16 -24.15 88.25 2.98
N ALA Q 17 -23.56 87.88 4.11
CA ALA Q 17 -22.78 88.84 4.89
C ALA Q 17 -21.51 89.24 4.16
N ILE Q 18 -20.88 88.29 3.45
CA ILE Q 18 -19.65 88.63 2.74
C ILE Q 18 -19.98 89.44 1.49
N GLY Q 19 -21.06 89.09 0.78
CA GLY Q 19 -21.36 89.77 -0.46
C GLY Q 19 -20.45 89.32 -1.58
N LEU Q 20 -20.61 88.05 -2.00
CA LEU Q 20 -19.64 87.40 -2.87
C LEU Q 20 -19.66 87.95 -4.29
N LEU Q 21 -20.80 88.45 -4.76
CA LEU Q 21 -20.91 88.87 -6.16
C LEU Q 21 -20.06 90.10 -6.44
N GLU Q 22 -20.16 91.10 -5.56
CA GLU Q 22 -19.27 92.25 -5.65
C GLU Q 22 -17.85 91.88 -5.25
N SER Q 23 -17.68 90.82 -4.48
CA SER Q 23 -16.34 90.35 -4.13
C SER Q 23 -15.62 89.78 -5.33
N PHE Q 24 -16.33 89.05 -6.18
CA PHE Q 24 -15.81 88.61 -7.47
C PHE Q 24 -15.98 89.66 -8.55
N GLY Q 25 -16.54 90.81 -8.24
CA GLY Q 25 -16.47 91.97 -9.10
C GLY Q 25 -17.72 92.32 -9.85
N VAL Q 26 -18.85 91.71 -9.53
CA VAL Q 26 -20.09 92.02 -10.24
C VAL Q 26 -20.67 93.32 -9.70
N ASP Q 27 -20.97 94.25 -10.59
CA ASP Q 27 -21.69 95.46 -10.21
C ASP Q 27 -23.14 95.08 -9.95
N ALA Q 28 -23.43 94.62 -8.73
CA ALA Q 28 -24.79 94.31 -8.33
C ALA Q 28 -25.20 95.20 -7.16
N GLY Q 29 -24.77 96.46 -7.21
CA GLY Q 29 -25.10 97.42 -6.17
C GLY Q 29 -26.56 97.75 -6.07
N SER Q 30 -27.32 97.57 -7.15
CA SER Q 30 -28.77 97.61 -7.07
C SER Q 30 -29.27 96.36 -6.35
N ASP Q 31 -30.05 96.58 -5.29
CA ASP Q 31 -30.51 95.50 -4.43
C ASP Q 31 -31.61 94.73 -5.15
N ALA Q 32 -31.21 93.87 -6.08
CA ALA Q 32 -32.17 93.09 -6.83
C ALA Q 32 -32.71 91.91 -6.04
N ASN Q 33 -31.97 91.48 -5.01
CA ASN Q 33 -32.23 90.45 -4.00
C ASN Q 33 -33.05 89.25 -4.48
N ASP Q 34 -32.71 88.71 -5.65
CA ASP Q 34 -33.32 87.48 -6.12
C ASP Q 34 -32.27 86.40 -6.34
N VAL Q 35 -31.21 86.45 -5.55
CA VAL Q 35 -30.16 85.45 -5.66
C VAL Q 35 -30.07 84.68 -4.35
N SER Q 36 -30.72 83.52 -4.29
CA SER Q 36 -30.71 82.71 -3.08
C SER Q 36 -29.39 81.93 -3.01
N TYR Q 37 -28.56 82.24 -2.03
CA TYR Q 37 -27.25 81.60 -1.93
C TYR Q 37 -27.44 80.16 -1.42
N GLN Q 38 -26.77 79.22 -2.06
CA GLN Q 38 -26.91 77.81 -1.72
C GLN Q 38 -25.83 77.39 -0.75
N ASP Q 39 -26.12 76.37 0.06
CA ASP Q 39 -25.15 75.87 1.02
C ASP Q 39 -24.30 74.81 0.34
N HIS Q 40 -23.07 75.17 -0.01
CA HIS Q 40 -22.17 74.25 -0.68
C HIS Q 40 -20.90 74.07 0.13
N ASP Q 41 -21.05 73.94 1.44
CA ASP Q 41 -19.90 73.64 2.28
C ASP Q 41 -19.79 72.17 2.63
N TYR Q 42 -20.92 71.50 2.85
CA TYR Q 42 -20.89 70.09 3.19
C TYR Q 42 -20.48 69.23 2.01
N VAL Q 43 -20.64 69.73 0.79
CA VAL Q 43 -20.32 68.95 -0.40
C VAL Q 43 -18.83 68.67 -0.47
N VAL Q 44 -18.00 69.59 0.04
CA VAL Q 44 -16.57 69.38 0.11
C VAL Q 44 -16.24 68.29 1.11
N ASP Q 45 -16.93 68.28 2.25
CA ASP Q 45 -16.72 67.25 3.27
C ASP Q 45 -17.16 65.89 2.77
N GLN Q 46 -18.33 65.83 2.10
CA GLN Q 46 -18.79 64.60 1.46
C GLN Q 46 -17.80 64.11 0.43
N LEU Q 47 -17.25 65.04 -0.36
CA LEU Q 47 -16.29 64.72 -1.40
C LEU Q 47 -15.04 64.08 -0.84
N GLN Q 48 -14.38 64.77 0.10
CA GLN Q 48 -13.15 64.27 0.71
C GLN Q 48 -13.40 63.00 1.52
N TYR Q 49 -14.61 62.80 2.01
CA TYR Q 49 -14.92 61.49 2.56
C TYR Q 49 -15.00 60.44 1.46
N MET Q 50 -15.47 60.81 0.27
CA MET Q 50 -15.65 59.84 -0.81
C MET Q 50 -14.41 59.63 -1.66
N LEU Q 51 -13.33 60.37 -1.45
CA LEU Q 51 -12.13 60.06 -2.22
C LEU Q 51 -11.44 58.79 -1.74
N ASP Q 52 -11.86 58.22 -0.61
CA ASP Q 52 -11.16 57.06 -0.07
C ASP Q 52 -11.62 55.74 -0.67
N GLY Q 53 -12.60 55.75 -1.57
CA GLY Q 53 -13.10 54.51 -2.12
C GLY Q 53 -13.35 54.58 -3.61
N TYR Q 54 -13.01 55.71 -4.22
CA TYR Q 54 -13.19 55.87 -5.66
C TYR Q 54 -12.06 56.71 -6.22
N GLU Q 55 -11.98 56.72 -7.54
CA GLU Q 55 -11.16 57.66 -8.26
C GLU Q 55 -11.76 59.06 -8.13
N ALA Q 56 -10.93 60.08 -8.30
CA ALA Q 56 -11.46 61.44 -8.35
C ALA Q 56 -12.32 61.64 -9.60
N GLY Q 57 -11.93 61.01 -10.71
CA GLY Q 57 -12.50 61.34 -12.00
C GLY Q 57 -13.97 60.98 -12.12
N ASP Q 58 -14.32 59.76 -11.73
CA ASP Q 58 -15.73 59.34 -11.86
C ASP Q 58 -16.62 60.04 -10.85
N VAL Q 59 -16.07 60.45 -9.70
CA VAL Q 59 -16.86 61.19 -8.73
C VAL Q 59 -17.15 62.59 -9.25
N ILE Q 60 -16.16 63.23 -9.90
CA ILE Q 60 -16.42 64.52 -10.53
C ILE Q 60 -17.41 64.37 -11.69
N ASP Q 61 -17.25 63.31 -12.49
CA ASP Q 61 -18.13 63.07 -13.62
C ASP Q 61 -19.55 62.77 -13.18
N ALA Q 62 -19.71 62.20 -11.99
CA ALA Q 62 -21.03 62.09 -11.40
C ALA Q 62 -21.55 63.47 -10.99
N LEU Q 63 -20.76 64.16 -10.17
CA LEU Q 63 -21.15 65.41 -9.52
C LEU Q 63 -21.48 66.54 -10.49
N VAL Q 64 -21.03 66.44 -11.74
CA VAL Q 64 -21.33 67.51 -12.68
C VAL Q 64 -22.80 67.50 -13.10
N TYR Q 65 -23.46 66.34 -13.07
CA TYR Q 65 -24.81 66.26 -13.60
C TYR Q 65 -25.90 66.72 -12.63
N ARG Q 66 -25.54 67.16 -11.44
CA ARG Q 66 -26.55 67.40 -10.41
C ARG Q 66 -27.32 68.67 -10.69
N ASN Q 67 -28.62 68.55 -10.87
CA ASN Q 67 -29.49 69.71 -10.92
C ASN Q 67 -29.60 70.26 -9.51
N TRP Q 68 -28.83 71.31 -9.23
CA TRP Q 68 -28.87 71.94 -7.91
C TRP Q 68 -30.16 72.70 -7.68
N LEU Q 69 -30.85 73.09 -8.75
CA LEU Q 69 -32.16 73.69 -8.59
C LEU Q 69 -33.20 72.66 -8.16
N HIS Q 70 -33.12 71.45 -8.71
CA HIS Q 70 -34.08 70.42 -8.36
C HIS Q 70 -33.76 69.89 -6.96
N HIS Q 71 -34.80 69.76 -6.14
CA HIS Q 71 -34.63 69.48 -4.72
C HIS Q 71 -34.77 67.99 -4.44
N SER Q 72 -33.88 67.48 -3.59
CA SER Q 72 -33.90 66.08 -3.19
C SER Q 72 -33.27 65.94 -1.81
N VAL Q 73 -33.29 64.72 -1.29
CA VAL Q 73 -32.86 64.44 0.08
C VAL Q 73 -32.63 62.94 0.19
N TYR Q 74 -31.86 62.52 1.20
CA TYR Q 74 -31.64 61.11 1.45
C TYR Q 74 -32.49 60.59 2.58
N CYS Q 75 -32.31 59.31 2.87
CA CYS Q 75 -32.71 58.72 4.14
C CYS Q 75 -31.81 57.51 4.34
N LEU Q 76 -30.95 57.56 5.35
CA LEU Q 76 -30.03 56.47 5.62
C LEU Q 76 -30.80 55.26 6.12
N LEU Q 77 -30.38 54.10 5.65
CA LEU Q 77 -31.00 52.92 6.23
C LEU Q 77 -29.96 52.08 6.96
N PRO Q 78 -30.35 51.46 8.07
CA PRO Q 78 -29.45 50.57 8.80
C PRO Q 78 -29.28 49.26 8.05
N PRO Q 79 -28.35 48.39 8.43
CA PRO Q 79 -28.15 47.14 7.68
C PRO Q 79 -29.31 46.16 7.85
N LYS Q 80 -29.21 45.06 7.08
CA LYS Q 80 -30.27 44.06 7.01
C LYS Q 80 -30.46 43.31 8.31
N SER Q 81 -29.36 43.01 9.02
CA SER Q 81 -29.44 42.31 10.29
C SER Q 81 -29.94 43.17 11.43
N GLN Q 82 -30.33 44.41 11.15
CA GLN Q 82 -30.88 45.31 12.14
C GLN Q 82 -32.37 45.57 11.94
N LEU Q 83 -32.80 45.73 10.69
CA LEU Q 83 -34.04 46.42 10.39
C LEU Q 83 -35.25 45.65 10.87
N LEU Q 84 -35.13 44.33 10.95
CA LEU Q 84 -36.17 43.52 11.54
C LEU Q 84 -36.32 43.80 13.02
N GLU Q 85 -35.19 43.93 13.73
CA GLU Q 85 -35.25 44.26 15.15
C GLU Q 85 -35.72 45.69 15.36
N TYR Q 86 -35.49 46.57 14.40
CA TYR Q 86 -36.08 47.89 14.53
C TYR Q 86 -37.58 47.85 14.34
N TRP Q 87 -38.05 47.09 13.36
CA TRP Q 87 -39.50 47.04 13.12
C TRP Q 87 -40.22 46.20 14.16
N LYS Q 88 -39.47 45.41 14.94
CA LYS Q 88 -40.06 44.63 16.02
C LYS Q 88 -40.60 45.54 17.11
N SER Q 89 -39.75 46.38 17.67
CA SER Q 89 -40.23 47.38 18.62
C SER Q 89 -40.91 48.51 17.86
N ASN Q 90 -42.07 48.93 18.36
CA ASN Q 90 -42.98 49.87 17.69
C ASN Q 90 -43.31 49.40 16.28
N PRO Q 91 -44.19 48.40 16.11
CA PRO Q 91 -44.58 47.98 14.76
C PRO Q 91 -45.57 48.90 14.06
N SER Q 92 -45.78 50.11 14.55
CA SER Q 92 -46.67 51.04 13.87
C SER Q 92 -46.07 51.53 12.57
N VAL Q 93 -44.81 52.00 12.62
CA VAL Q 93 -44.15 52.52 11.42
C VAL Q 93 -43.56 51.32 10.70
N ILE Q 94 -44.38 50.71 9.84
CA ILE Q 94 -43.96 49.67 8.91
C ILE Q 94 -44.58 50.03 7.57
N PRO Q 95 -43.82 50.12 6.48
CA PRO Q 95 -44.41 50.39 5.17
C PRO Q 95 -45.24 49.21 4.69
N ASP Q 96 -46.08 49.44 3.68
CA ASP Q 96 -46.92 48.36 3.21
C ASP Q 96 -46.26 47.52 2.13
N ASN Q 97 -45.01 47.81 1.81
CA ASN Q 97 -44.27 47.07 0.80
C ASN Q 97 -43.57 45.84 1.38
N VAL Q 98 -43.86 45.45 2.62
CA VAL Q 98 -42.95 44.54 3.30
C VAL Q 98 -43.21 43.07 2.90
N ASP Q 99 -44.29 42.47 3.41
CA ASP Q 99 -44.89 41.19 3.05
C ASP Q 99 -46.10 41.02 3.96
N ARG Q 100 -47.16 40.37 3.47
CA ARG Q 100 -48.27 39.98 4.32
C ARG Q 100 -47.81 38.97 5.35
N ARG Q 101 -47.01 38.00 4.92
CA ARG Q 101 -46.52 36.96 5.80
C ARG Q 101 -45.51 37.51 6.80
N LEU Q 102 -44.67 38.45 6.38
CA LEU Q 102 -43.71 39.03 7.31
C LEU Q 102 -44.35 39.99 8.30
N ARG Q 103 -45.40 40.69 7.89
CA ARG Q 103 -46.16 41.50 8.84
C ARG Q 103 -46.89 40.64 9.86
N LYS Q 104 -47.47 39.53 9.41
CA LYS Q 104 -48.08 38.59 10.35
C LYS Q 104 -47.05 37.98 11.28
N ARG Q 105 -45.82 37.82 10.78
CA ARG Q 105 -44.75 37.29 11.61
C ARG Q 105 -44.28 38.32 12.63
N LEU Q 106 -44.26 39.60 12.26
CA LEU Q 106 -43.61 40.62 13.08
C LEU Q 106 -44.60 41.53 13.81
N MET Q 107 -45.90 41.26 13.73
CA MET Q 107 -46.85 42.10 14.44
C MET Q 107 -46.90 41.78 15.93
N LEU Q 108 -46.80 40.50 16.30
CA LEU Q 108 -47.12 40.07 17.66
C LEU Q 108 -45.98 40.37 18.62
N LYS Q 109 -46.20 40.04 19.89
CA LYS Q 109 -45.35 40.46 21.00
C LYS Q 109 -44.15 39.54 21.23
N LYS Q 110 -44.29 38.26 20.91
CA LYS Q 110 -43.36 37.22 21.36
C LYS Q 110 -41.96 37.44 20.81
N ASP Q 111 -40.95 37.03 21.60
CA ASP Q 111 -39.56 37.37 21.34
C ASP Q 111 -39.02 36.76 20.07
N LEU Q 112 -39.58 35.62 19.64
CA LEU Q 112 -39.36 34.97 18.32
C LEU Q 112 -37.88 34.72 18.01
N ARG Q 113 -37.09 34.46 19.05
CA ARG Q 113 -35.65 34.35 18.87
C ARG Q 113 -35.28 33.06 18.17
N LYS Q 114 -35.91 31.95 18.53
CA LYS Q 114 -35.59 30.65 17.94
C LYS Q 114 -36.88 29.99 17.46
N ASP Q 115 -37.16 30.16 16.17
CA ASP Q 115 -38.27 29.50 15.50
C ASP Q 115 -37.95 29.50 14.01
N ASP Q 116 -38.05 28.33 13.37
CA ASP Q 116 -37.63 28.15 11.98
C ASP Q 116 -38.44 28.99 11.01
N GLU Q 117 -39.66 29.36 11.37
CA GLU Q 117 -40.45 30.29 10.57
C GLU Q 117 -39.74 31.64 10.46
N TYR Q 118 -39.35 32.21 11.59
CA TYR Q 118 -38.69 33.52 11.55
C TYR Q 118 -37.29 33.42 10.94
N ASN Q 119 -36.62 32.27 11.09
CA ASN Q 119 -35.30 32.12 10.51
C ASN Q 119 -35.37 32.01 8.99
N GLN Q 120 -36.34 31.26 8.46
CA GLN Q 120 -36.46 31.19 7.01
C GLN Q 120 -37.01 32.49 6.43
N LEU Q 121 -37.77 33.26 7.22
CA LEU Q 121 -38.20 34.56 6.69
C LEU Q 121 -37.08 35.59 6.70
N ALA Q 122 -36.28 35.61 7.77
CA ALA Q 122 -35.17 36.56 7.85
C ALA Q 122 -34.09 36.22 6.85
N ARG Q 123 -33.81 34.94 6.64
CA ARG Q 123 -32.95 34.53 5.54
C ARG Q 123 -33.59 34.84 4.19
N ALA Q 124 -34.92 34.75 4.12
CA ALA Q 124 -35.65 35.10 2.92
C ALA Q 124 -35.81 36.60 2.74
N PHE Q 125 -35.37 37.41 3.70
CA PHE Q 125 -35.61 38.83 3.63
C PHE Q 125 -34.66 39.51 2.65
N LYS Q 126 -35.17 40.48 1.93
CA LYS Q 126 -34.41 41.31 1.00
C LYS Q 126 -34.63 42.76 1.40
N ILE Q 127 -33.61 43.61 1.27
CA ILE Q 127 -33.77 45.00 1.66
C ILE Q 127 -34.21 45.87 0.50
N SER Q 128 -33.97 45.44 -0.74
CA SER Q 128 -34.24 46.29 -1.88
C SER Q 128 -35.64 46.09 -2.46
N ASP Q 129 -36.30 44.97 -2.16
CA ASP Q 129 -37.68 44.83 -2.63
C ASP Q 129 -38.65 45.65 -1.80
N VAL Q 130 -38.29 45.98 -0.57
CA VAL Q 130 -39.14 46.81 0.27
C VAL Q 130 -39.03 48.26 -0.15
N TYR Q 131 -37.80 48.76 -0.24
CA TYR Q 131 -37.55 50.14 -0.61
C TYR Q 131 -36.89 50.17 -1.99
N ALA Q 132 -37.59 50.78 -2.94
CA ALA Q 132 -37.28 50.65 -4.36
C ALA Q 132 -35.96 51.27 -4.84
N PRO Q 133 -35.54 52.53 -4.43
CA PRO Q 133 -34.26 53.04 -4.95
C PRO Q 133 -33.03 52.24 -4.52
N LEU Q 134 -32.68 52.26 -3.22
CA LEU Q 134 -31.59 51.48 -2.58
C LEU Q 134 -30.30 51.50 -3.39
N ILE Q 135 -29.52 52.59 -3.28
CA ILE Q 135 -28.59 52.97 -4.35
C ILE Q 135 -27.52 51.88 -4.60
N SER Q 136 -26.66 51.59 -3.60
CA SER Q 136 -26.23 50.27 -3.12
C SER Q 136 -25.09 50.48 -2.13
N SER Q 137 -24.47 49.38 -1.71
CA SER Q 137 -23.17 49.46 -1.06
C SER Q 137 -22.14 50.13 -1.98
N THR Q 138 -21.84 49.50 -3.12
CA THR Q 138 -20.89 50.03 -4.10
C THR Q 138 -21.65 50.19 -5.42
N THR Q 139 -21.98 51.42 -5.77
CA THR Q 139 -23.07 51.66 -6.71
C THR Q 139 -22.65 52.19 -8.06
N SER Q 140 -21.33 52.33 -8.32
CA SER Q 140 -20.78 53.01 -9.49
C SER Q 140 -21.38 54.41 -9.57
N PRO Q 141 -20.91 55.36 -8.76
CA PRO Q 141 -21.72 56.53 -8.36
C PRO Q 141 -22.13 57.51 -9.44
N MET Q 142 -21.88 57.20 -10.71
CA MET Q 142 -22.49 57.94 -11.81
C MET Q 142 -24.00 57.95 -11.68
N THR Q 143 -24.59 56.79 -11.41
CA THR Q 143 -26.04 56.63 -11.55
C THR Q 143 -26.81 57.33 -10.44
N MET Q 144 -26.18 57.53 -9.27
CA MET Q 144 -26.90 58.08 -8.13
C MET Q 144 -27.27 59.53 -8.32
N ILE Q 145 -26.58 60.22 -9.22
CA ILE Q 145 -26.95 61.59 -9.51
C ILE Q 145 -28.26 61.65 -10.26
N GLN Q 146 -28.44 60.76 -11.23
CA GLN Q 146 -29.71 60.70 -11.92
C GLN Q 146 -30.81 60.15 -11.03
N ASN Q 147 -30.44 59.27 -10.11
CA ASN Q 147 -31.42 58.78 -9.13
C ASN Q 147 -31.91 59.91 -8.23
N LEU Q 148 -30.99 60.78 -7.78
CA LEU Q 148 -31.41 61.96 -7.02
C LEU Q 148 -32.11 62.98 -7.90
N ASN Q 149 -31.85 62.97 -9.20
CA ASN Q 149 -32.57 63.89 -10.08
C ASN Q 149 -34.02 63.45 -10.26
N GLN Q 150 -34.27 62.14 -10.29
CA GLN Q 150 -35.62 61.66 -10.47
C GLN Q 150 -36.48 61.92 -9.24
N GLY Q 151 -36.12 61.32 -8.13
CA GLY Q 151 -36.97 61.37 -6.96
C GLY Q 151 -36.63 62.50 -6.02
N GLU Q 152 -37.64 62.88 -5.24
CA GLU Q 152 -37.43 63.84 -4.16
C GLU Q 152 -36.77 63.23 -2.94
N ILE Q 153 -36.73 61.90 -2.85
CA ILE Q 153 -36.03 61.22 -1.76
C ILE Q 153 -35.48 59.91 -2.29
N VAL Q 154 -34.22 59.63 -1.94
CA VAL Q 154 -33.50 58.46 -2.41
C VAL Q 154 -32.94 57.74 -1.19
N TYR Q 155 -33.15 56.43 -1.12
CA TYR Q 155 -32.81 55.66 0.06
C TYR Q 155 -31.47 54.97 -0.11
N THR Q 156 -30.72 54.88 0.99
CA THR Q 156 -29.40 54.26 0.94
C THR Q 156 -29.11 53.58 2.26
N THR Q 157 -28.13 52.68 2.21
CA THR Q 157 -27.52 52.13 3.41
C THR Q 157 -26.08 52.59 3.57
N THR Q 158 -25.55 53.31 2.61
CA THR Q 158 -24.15 53.70 2.59
C THR Q 158 -24.02 55.15 3.03
N ASP Q 159 -23.03 55.40 3.88
CA ASP Q 159 -22.79 56.76 4.37
C ASP Q 159 -22.36 57.68 3.23
N ARG Q 160 -21.46 57.22 2.37
CA ARG Q 160 -20.79 58.10 1.42
C ARG Q 160 -21.73 58.41 0.23
N VAL Q 161 -22.04 59.70 0.06
CA VAL Q 161 -23.00 60.15 -0.95
C VAL Q 161 -22.56 61.53 -1.47
N ILE Q 162 -22.74 61.75 -2.77
CA ILE Q 162 -22.94 63.08 -3.31
C ILE Q 162 -24.42 63.42 -3.15
N GLY Q 163 -24.73 64.49 -2.44
CA GLY Q 163 -26.11 64.89 -2.37
C GLY Q 163 -26.39 65.76 -1.15
N ALA Q 164 -27.67 66.10 -1.02
CA ALA Q 164 -28.08 67.22 -0.20
C ALA Q 164 -27.96 66.96 1.30
N ARG Q 165 -28.76 66.06 1.83
CA ARG Q 165 -28.76 65.88 3.28
C ARG Q 165 -28.97 64.42 3.58
N VAL Q 166 -28.16 63.87 4.47
CA VAL Q 166 -28.41 62.54 5.01
C VAL Q 166 -29.36 62.67 6.19
N LEU Q 167 -30.39 61.85 6.21
CA LEU Q 167 -31.35 61.82 7.30
C LEU Q 167 -31.46 60.40 7.82
N LEU Q 168 -31.74 60.28 9.10
CA LEU Q 168 -31.75 58.98 9.75
C LEU Q 168 -33.18 58.45 9.85
N TYR Q 169 -33.33 57.17 9.55
CA TYR Q 169 -34.64 56.53 9.49
C TYR Q 169 -35.13 56.10 10.85
N ALA Q 170 -34.23 55.99 11.82
CA ALA Q 170 -34.50 55.39 13.12
C ALA Q 170 -33.73 56.17 14.18
N PRO Q 171 -33.87 55.87 15.47
CA PRO Q 171 -32.94 56.43 16.45
C PRO Q 171 -31.51 55.93 16.27
N ARG Q 172 -30.59 56.67 16.87
CA ARG Q 172 -29.16 56.50 16.68
C ARG Q 172 -28.63 55.22 17.32
N LYS Q 173 -29.28 54.77 18.40
CA LYS Q 173 -28.85 53.60 19.17
C LYS Q 173 -28.86 52.31 18.37
N TYR Q 174 -29.57 52.27 17.25
CA TYR Q 174 -29.72 51.10 16.43
C TYR Q 174 -28.66 50.99 15.34
N TYR Q 175 -27.69 51.87 15.31
CA TYR Q 175 -26.88 52.06 14.12
C TYR Q 175 -25.49 51.45 14.27
N ALA Q 176 -24.70 51.59 13.22
CA ALA Q 176 -23.27 51.30 13.24
C ALA Q 176 -22.52 52.59 13.59
N SER Q 177 -21.21 52.60 13.36
CA SER Q 177 -20.40 53.78 13.63
C SER Q 177 -20.70 54.87 12.61
N THR Q 178 -21.34 55.94 13.09
CA THR Q 178 -21.75 57.13 12.31
C THR Q 178 -22.50 56.81 11.02
N ARG Q 196 -39.24 72.45 0.19
CA ARG Q 196 -38.65 72.70 1.49
C ARG Q 196 -37.88 74.03 1.45
N VAL Q 197 -36.88 74.10 0.59
CA VAL Q 197 -36.01 75.27 0.46
C VAL Q 197 -36.67 76.36 -0.36
N PRO Q 198 -36.47 77.63 -0.02
CA PRO Q 198 -36.98 78.72 -0.85
C PRO Q 198 -36.11 78.96 -2.08
N HIS Q 199 -36.76 79.21 -3.20
CA HIS Q 199 -36.10 79.41 -4.49
C HIS Q 199 -36.48 80.76 -5.05
N SER Q 200 -35.46 81.58 -5.31
CA SER Q 200 -35.66 82.84 -6.02
C SER Q 200 -35.52 82.58 -7.52
N ARG Q 201 -35.40 83.65 -8.31
CA ARG Q 201 -35.26 83.48 -9.74
C ARG Q 201 -33.83 83.18 -10.14
N PHE Q 202 -32.87 83.74 -9.43
CA PHE Q 202 -31.47 83.39 -9.62
C PHE Q 202 -30.96 82.65 -8.40
N ASN Q 203 -29.87 81.93 -8.60
CA ASN Q 203 -29.07 81.46 -7.48
C ASN Q 203 -27.63 81.25 -7.93
N VAL Q 204 -26.69 81.47 -7.02
CA VAL Q 204 -25.32 81.13 -7.25
C VAL Q 204 -25.02 79.82 -6.54
N GLY Q 205 -23.85 79.26 -6.83
CA GLY Q 205 -23.41 78.07 -6.14
C GLY Q 205 -22.31 77.39 -6.89
N THR Q 206 -21.28 76.93 -6.18
CA THR Q 206 -20.21 76.19 -6.83
C THR Q 206 -20.69 74.81 -7.22
N PHE Q 207 -19.82 74.06 -7.88
CA PHE Q 207 -20.10 72.81 -8.58
C PHE Q 207 -21.27 72.99 -9.55
N PRO Q 208 -20.97 73.54 -10.75
CA PRO Q 208 -22.12 73.74 -11.64
C PRO Q 208 -22.65 72.47 -12.26
N SER Q 209 -23.63 72.63 -13.15
CA SER Q 209 -24.24 71.48 -13.78
C SER Q 209 -24.38 71.68 -15.26
N ILE Q 210 -24.20 70.62 -16.03
CA ILE Q 210 -24.44 70.75 -17.43
C ILE Q 210 -25.85 70.34 -17.72
N ALA Q 211 -26.52 69.78 -16.74
CA ALA Q 211 -27.86 69.26 -16.95
C ALA Q 211 -28.87 70.31 -17.30
N THR Q 212 -28.78 71.42 -16.58
CA THR Q 212 -29.75 72.46 -16.80
C THR Q 212 -29.61 73.04 -18.17
N PRO Q 213 -30.73 73.22 -18.85
CA PRO Q 213 -30.63 73.89 -20.14
C PRO Q 213 -30.13 75.27 -19.87
N LYS Q 214 -30.66 75.88 -18.81
CA LYS Q 214 -30.20 77.20 -18.46
C LYS Q 214 -29.26 77.07 -17.31
N CYS Q 215 -28.01 77.36 -17.54
CA CYS Q 215 -27.03 77.34 -16.48
C CYS Q 215 -25.96 78.27 -16.97
N SER Q 216 -25.10 78.72 -16.10
CA SER Q 216 -23.99 79.52 -16.56
C SER Q 216 -22.81 79.21 -15.67
N VAL Q 217 -21.61 79.52 -16.13
CA VAL Q 217 -20.43 79.35 -15.30
C VAL Q 217 -19.66 80.64 -15.18
N MET Q 218 -19.44 81.12 -13.98
CA MET Q 218 -18.69 82.35 -13.74
C MET Q 218 -17.23 82.11 -14.06
N SER Q 219 -16.82 82.51 -15.27
CA SER Q 219 -15.42 82.46 -15.64
C SER Q 219 -14.76 83.82 -15.34
N GLY Q 220 -13.55 84.00 -15.85
CA GLY Q 220 -12.82 85.23 -15.64
C GLY Q 220 -11.69 85.05 -14.66
N VAL Q 221 -11.92 84.25 -13.62
CA VAL Q 221 -10.89 83.97 -12.64
C VAL Q 221 -9.89 82.99 -13.23
N ASP Q 222 -8.62 83.15 -12.85
CA ASP Q 222 -7.61 82.15 -13.14
C ASP Q 222 -7.94 80.85 -12.40
N ILE Q 223 -7.52 79.75 -12.99
CA ILE Q 223 -7.64 78.45 -12.32
C ILE Q 223 -6.42 78.15 -11.46
N GLU Q 224 -5.26 78.73 -11.81
CA GLU Q 224 -4.08 78.61 -10.97
C GLU Q 224 -4.23 79.32 -9.63
N SER Q 225 -5.14 80.29 -9.53
CA SER Q 225 -5.26 81.11 -8.34
C SER Q 225 -6.52 80.84 -7.54
N ILE Q 226 -7.09 79.65 -7.68
CA ILE Q 226 -8.24 79.29 -6.84
C ILE Q 226 -7.72 78.97 -5.43
N PRO Q 227 -8.29 79.54 -4.38
CA PRO Q 227 -7.80 79.27 -3.02
C PRO Q 227 -8.04 77.83 -2.55
N ASN Q 228 -9.27 77.34 -2.63
CA ASN Q 228 -9.53 75.96 -2.29
C ASN Q 228 -8.95 75.04 -3.36
N GLU Q 229 -8.60 73.83 -2.97
CA GLU Q 229 -8.02 72.89 -3.91
C GLU Q 229 -9.02 71.88 -4.44
N PHE Q 230 -10.05 71.52 -3.68
CA PHE Q 230 -11.09 70.65 -4.21
C PHE Q 230 -11.85 71.32 -5.34
N ILE Q 231 -12.20 72.59 -5.14
CA ILE Q 231 -12.84 73.39 -6.19
C ILE Q 231 -11.91 73.56 -7.37
N LYS Q 232 -10.61 73.65 -7.10
CA LYS Q 232 -9.61 73.78 -8.17
C LYS Q 232 -9.54 72.53 -9.02
N LEU Q 233 -9.53 71.36 -8.37
CA LEU Q 233 -9.53 70.08 -9.09
C LEU Q 233 -10.79 69.91 -9.90
N PHE Q 234 -11.93 70.29 -9.31
CA PHE Q 234 -13.21 70.19 -9.99
C PHE Q 234 -13.25 71.06 -11.23
N TYR Q 235 -12.74 72.28 -11.11
CA TYR Q 235 -12.78 73.18 -12.26
C TYR Q 235 -11.80 72.77 -13.33
N GLN Q 236 -10.66 72.17 -12.93
CA GLN Q 236 -9.73 71.63 -13.90
C GLN Q 236 -10.37 70.52 -14.72
N ARG Q 237 -11.09 69.62 -14.04
CA ARG Q 237 -11.76 68.54 -14.77
C ARG Q 237 -12.87 69.06 -15.67
N VAL Q 238 -13.71 69.97 -15.16
CA VAL Q 238 -14.83 70.47 -15.94
C VAL Q 238 -14.37 71.37 -17.08
N LYS Q 239 -13.20 71.99 -16.97
CA LYS Q 239 -12.69 72.72 -18.12
C LYS Q 239 -11.90 71.84 -19.06
N SER Q 240 -11.44 70.69 -18.61
CA SER Q 240 -10.74 69.78 -19.50
C SER Q 240 -11.65 68.81 -20.22
N ILE Q 241 -12.93 68.70 -19.81
CA ILE Q 241 -13.90 67.88 -20.55
C ILE Q 241 -15.17 68.69 -20.71
N HIS Q 242 -15.72 68.68 -21.95
CA HIS Q 242 -16.93 69.40 -22.37
C HIS Q 242 -16.92 70.87 -21.94
N ALA Q 243 -15.77 71.51 -22.14
CA ALA Q 243 -15.71 72.96 -22.06
C ALA Q 243 -16.36 73.63 -23.27
N ASN Q 244 -16.64 72.87 -24.32
CA ASN Q 244 -17.37 73.38 -25.47
C ASN Q 244 -18.80 73.76 -25.08
N ILE Q 245 -19.49 72.89 -24.35
CA ILE Q 245 -20.89 73.12 -24.02
C ILE Q 245 -21.09 73.97 -22.78
N LEU Q 246 -20.02 74.45 -22.16
CA LEU Q 246 -20.17 75.32 -21.02
C LEU Q 246 -20.54 76.73 -21.48
N ASN Q 247 -20.86 77.58 -20.51
CA ASN Q 247 -21.29 78.96 -20.78
C ASN Q 247 -20.48 79.90 -19.89
N ASP Q 248 -19.32 80.31 -20.38
CA ASP Q 248 -18.45 81.22 -19.66
C ASP Q 248 -18.92 82.65 -19.87
N ILE Q 249 -19.27 83.34 -18.78
CA ILE Q 249 -19.74 84.70 -18.88
C ILE Q 249 -18.91 85.61 -17.99
N SER Q 250 -18.80 86.87 -18.41
CA SER Q 250 -17.97 87.87 -17.76
C SER Q 250 -18.73 88.46 -16.57
N PRO Q 251 -18.05 89.25 -15.71
CA PRO Q 251 -18.81 90.00 -14.69
C PRO Q 251 -19.82 90.99 -15.26
N GLN Q 252 -19.56 91.56 -16.43
CA GLN Q 252 -20.49 92.52 -17.02
C GLN Q 252 -21.78 91.82 -17.45
N ILE Q 253 -21.66 90.59 -17.95
CA ILE Q 253 -22.84 89.79 -18.30
C ILE Q 253 -23.65 89.48 -17.05
N VAL Q 254 -22.97 89.19 -15.95
CA VAL Q 254 -23.67 88.89 -14.70
C VAL Q 254 -24.39 90.13 -14.18
N SER Q 255 -23.74 91.29 -14.24
CA SER Q 255 -24.36 92.54 -13.80
C SER Q 255 -25.55 92.91 -14.67
N ASP Q 256 -25.45 92.65 -15.97
CA ASP Q 256 -26.58 92.92 -16.86
C ASP Q 256 -27.71 91.93 -16.65
N MET Q 257 -27.40 90.70 -16.23
CA MET Q 257 -28.47 89.79 -15.86
C MET Q 257 -29.11 90.18 -14.54
N ILE Q 258 -28.35 90.80 -13.64
CA ILE Q 258 -28.91 91.32 -12.41
C ILE Q 258 -29.86 92.48 -12.71
N ASN Q 259 -29.46 93.38 -13.60
CA ASN Q 259 -30.35 94.44 -14.00
C ASN Q 259 -30.43 94.59 -15.50
N HIS Q 289 -19.54 91.48 12.76
CA HIS Q 289 -18.43 90.54 12.62
C HIS Q 289 -17.87 90.55 11.21
N VAL Q 290 -16.73 91.22 11.03
CA VAL Q 290 -16.09 91.35 9.74
C VAL Q 290 -14.72 90.71 9.81
N ASP Q 291 -14.25 90.17 8.70
CA ASP Q 291 -13.14 89.24 8.78
C ASP Q 291 -11.82 89.92 8.46
N VAL Q 292 -10.77 89.40 9.07
CA VAL Q 292 -9.41 89.77 8.80
C VAL Q 292 -8.81 88.57 8.06
N TYR Q 293 -7.75 88.84 7.28
CA TYR Q 293 -6.90 87.90 6.53
C TYR Q 293 -7.60 87.35 5.30
N ARG Q 294 -8.74 87.90 4.90
CA ARG Q 294 -9.35 87.55 3.63
C ARG Q 294 -9.49 88.84 2.84
N VAL Q 295 -8.43 89.21 2.17
CA VAL Q 295 -8.40 90.43 1.38
C VAL Q 295 -8.83 90.08 -0.04
N ASP Q 296 -9.44 91.03 -0.72
CA ASP Q 296 -9.66 90.91 -2.15
C ASP Q 296 -8.38 91.25 -2.88
N VAL Q 297 -8.12 90.55 -3.97
CA VAL Q 297 -6.81 90.61 -4.62
C VAL Q 297 -6.99 90.51 -6.13
N VAL Q 298 -6.22 91.32 -6.87
CA VAL Q 298 -6.37 91.45 -8.32
C VAL Q 298 -5.03 91.26 -9.01
N ASN Q 299 -5.01 91.50 -10.32
CA ASN Q 299 -3.85 91.25 -11.16
C ASN Q 299 -3.83 92.29 -12.27
N VAL Q 300 -2.68 92.91 -12.47
CA VAL Q 300 -2.57 94.08 -13.34
C VAL Q 300 -2.00 93.66 -14.68
N LEU Q 301 -2.12 94.56 -15.65
CA LEU Q 301 -1.93 94.27 -17.07
C LEU Q 301 -1.03 95.30 -17.74
N PHE Q 302 0.10 95.62 -17.12
CA PHE Q 302 0.89 96.72 -17.66
C PHE Q 302 1.86 96.22 -18.74
N GLU Q 303 2.64 97.16 -19.27
CA GLU Q 303 3.68 96.86 -20.24
C GLU Q 303 4.77 97.91 -20.11
N VAL Q 304 5.87 97.70 -20.82
CA VAL Q 304 7.00 98.62 -20.80
C VAL Q 304 7.12 99.31 -22.16
N VAL Q 305 7.19 100.63 -22.13
CA VAL Q 305 7.37 101.46 -23.31
C VAL Q 305 8.48 102.47 -23.03
N ASP Q 306 8.73 103.35 -23.99
CA ASP Q 306 9.61 104.47 -23.73
C ASP Q 306 9.15 105.71 -24.50
N VAL Q 307 9.74 106.84 -24.14
CA VAL Q 307 9.53 108.10 -24.85
C VAL Q 307 10.92 108.65 -25.15
N ALA Q 308 11.87 107.72 -25.27
CA ALA Q 308 13.31 108.04 -25.33
C ALA Q 308 13.71 108.84 -26.56
N ASP Q 309 12.91 108.82 -27.62
CA ASP Q 309 13.22 109.57 -28.83
C ASP Q 309 12.04 110.47 -29.24
N GLY Q 310 11.32 111.00 -28.27
CA GLY Q 310 10.15 111.81 -28.58
C GLY Q 310 8.99 111.05 -29.16
N LEU Q 311 8.93 109.74 -28.92
CA LEU Q 311 7.91 108.91 -29.53
C LEU Q 311 7.58 107.77 -28.58
N ARG Q 312 6.30 107.42 -28.51
CA ARG Q 312 5.89 106.17 -27.89
C ARG Q 312 6.47 105.01 -28.67
N SER Q 313 6.86 103.95 -27.95
CA SER Q 313 7.30 102.72 -28.60
C SER Q 313 7.12 101.56 -27.64
N VAL Q 314 6.30 100.61 -28.03
CA VAL Q 314 6.01 99.43 -27.21
C VAL Q 314 7.09 98.39 -27.45
N SER Q 315 7.73 97.95 -26.36
CA SER Q 315 8.71 96.87 -26.45
C SER Q 315 8.14 95.53 -25.96
N ARG Q 316 7.73 95.45 -24.70
CA ARG Q 316 7.33 94.18 -24.12
C ARG Q 316 6.13 94.37 -23.20
N LYS Q 317 5.42 93.27 -22.94
CA LYS Q 317 4.19 93.26 -22.15
C LYS Q 317 4.35 92.34 -20.95
N LEU Q 318 3.79 92.74 -19.80
CA LEU Q 318 4.03 92.05 -18.53
C LEU Q 318 2.74 91.80 -17.77
N ILE Q 319 2.83 90.91 -16.77
CA ILE Q 319 1.73 90.55 -15.87
C ILE Q 319 2.29 90.49 -14.47
N MET Q 320 1.73 91.26 -13.54
CA MET Q 320 2.16 91.21 -12.13
C MET Q 320 1.04 90.62 -11.29
N HIS Q 321 1.17 89.34 -10.95
CA HIS Q 321 0.09 88.57 -10.36
C HIS Q 321 -0.21 88.99 -8.93
N THR Q 322 -1.43 88.63 -8.49
CA THR Q 322 -1.99 88.67 -7.12
C THR Q 322 -1.56 89.87 -6.29
N VAL Q 323 -1.78 91.06 -6.84
CA VAL Q 323 -1.54 92.29 -6.09
C VAL Q 323 -2.85 92.69 -5.40
N PRO Q 324 -2.84 93.04 -4.12
CA PRO Q 324 -4.10 93.26 -3.40
C PRO Q 324 -4.73 94.60 -3.73
N VAL Q 325 -6.05 94.58 -3.89
CA VAL Q 325 -6.79 95.74 -4.39
C VAL Q 325 -6.80 96.89 -3.39
N CYS Q 326 -6.57 96.61 -2.10
CA CYS Q 326 -6.60 97.66 -1.08
C CYS Q 326 -5.43 98.61 -1.25
N ILE Q 327 -4.27 98.09 -1.61
CA ILE Q 327 -3.09 98.91 -1.83
C ILE Q 327 -3.25 99.71 -3.11
N LEU Q 328 -3.92 99.14 -4.11
CA LEU Q 328 -4.18 99.85 -5.35
C LEU Q 328 -5.10 101.03 -5.11
N GLU Q 329 -6.20 100.80 -4.41
CA GLU Q 329 -7.17 101.86 -4.16
C GLU Q 329 -6.69 102.84 -3.11
N LEU Q 330 -5.70 102.48 -2.28
CA LEU Q 330 -5.14 103.44 -1.35
C LEU Q 330 -3.92 104.16 -1.90
N LEU Q 331 -3.32 103.66 -2.98
CA LEU Q 331 -2.29 104.43 -3.66
C LEU Q 331 -2.85 105.24 -4.81
N GLY Q 332 -4.01 104.85 -5.33
CA GLY Q 332 -4.62 105.57 -6.43
C GLY Q 332 -3.96 105.32 -7.77
N ILE Q 333 -4.05 104.09 -8.25
CA ILE Q 333 -3.44 103.70 -9.51
C ILE Q 333 -4.52 103.62 -10.58
N GLU Q 334 -4.29 104.30 -11.70
CA GLU Q 334 -5.22 104.32 -12.82
C GLU Q 334 -4.48 103.88 -14.09
N ILE Q 335 -5.14 104.05 -15.23
CA ILE Q 335 -4.67 103.48 -16.49
C ILE Q 335 -3.47 104.23 -17.06
N ALA Q 336 -3.26 105.49 -16.66
CA ALA Q 336 -2.41 106.43 -17.38
C ALA Q 336 -0.92 106.07 -17.30
N ASP Q 337 -0.12 106.82 -18.05
CA ASP Q 337 1.32 106.61 -18.15
C ASP Q 337 2.02 107.02 -16.86
N TYR Q 338 2.89 106.15 -16.36
CA TYR Q 338 3.62 106.39 -15.13
C TYR Q 338 5.12 106.38 -15.39
N CYS Q 339 5.87 106.94 -14.43
CA CYS Q 339 7.32 106.86 -14.40
C CYS Q 339 7.72 106.27 -13.07
N ILE Q 340 8.43 105.13 -13.11
CA ILE Q 340 8.65 104.36 -11.89
C ILE Q 340 10.02 104.60 -11.24
N ARG Q 341 10.99 105.12 -11.97
CA ARG Q 341 12.31 105.36 -11.42
C ARG Q 341 12.63 106.83 -11.55
N GLN Q 342 12.80 107.50 -10.41
CA GLN Q 342 13.12 108.92 -10.46
C GLN Q 342 14.58 109.13 -10.84
N GLU Q 343 14.89 110.37 -11.23
CA GLU Q 343 16.10 110.68 -12.00
C GLU Q 343 17.40 110.60 -11.21
N ASP Q 344 17.36 110.27 -9.91
CA ASP Q 344 18.60 110.05 -9.19
C ASP Q 344 19.25 108.72 -9.60
N GLY Q 345 18.45 107.75 -10.01
CA GLY Q 345 18.87 106.39 -10.23
C GLY Q 345 18.13 105.39 -9.38
N MET Q 346 17.42 105.85 -8.37
CA MET Q 346 16.67 105.01 -7.44
C MET Q 346 15.19 105.04 -7.83
N PHE Q 347 14.49 103.98 -7.46
CA PHE Q 347 13.05 103.86 -7.70
C PHE Q 347 12.27 104.97 -7.01
N THR Q 348 11.07 105.20 -7.50
CA THR Q 348 10.12 106.08 -6.83
C THR Q 348 9.45 105.41 -5.64
N ASP Q 349 9.69 104.10 -5.46
CA ASP Q 349 9.45 103.29 -4.27
C ASP Q 349 7.98 102.98 -4.00
N TRP Q 350 7.06 103.67 -4.69
CA TRP Q 350 5.70 103.19 -4.67
C TRP Q 350 5.56 102.00 -5.60
N PHE Q 351 6.31 102.00 -6.71
CA PHE Q 351 6.34 100.84 -7.57
C PHE Q 351 7.10 99.70 -6.93
N LEU Q 352 8.16 100.03 -6.16
CA LEU Q 352 8.85 99.03 -5.38
C LEU Q 352 7.89 98.40 -4.38
N LEU Q 353 7.06 99.22 -3.73
CA LEU Q 353 6.04 98.70 -2.84
C LEU Q 353 5.01 97.86 -3.60
N LEU Q 354 4.66 98.30 -4.81
CA LEU Q 354 3.63 97.65 -5.59
C LEU Q 354 4.03 96.26 -6.03
N THR Q 355 5.29 96.08 -6.45
CA THR Q 355 5.79 94.75 -6.73
C THR Q 355 6.26 94.02 -5.47
N MET Q 356 6.40 94.73 -4.37
CA MET Q 356 6.98 94.15 -3.18
C MET Q 356 5.92 93.39 -2.39
N LEU Q 357 4.72 93.96 -2.31
CA LEU Q 357 3.63 93.26 -1.66
C LEU Q 357 3.06 92.13 -2.51
N SER Q 358 3.24 92.20 -3.82
CA SER Q 358 2.75 91.18 -4.74
C SER Q 358 3.88 90.22 -5.07
N ASP Q 359 3.60 89.26 -5.95
CA ASP Q 359 4.65 88.45 -6.53
C ASP Q 359 4.92 88.91 -7.97
N GLY Q 360 5.72 88.12 -8.68
CA GLY Q 360 6.46 88.61 -9.82
C GLY Q 360 5.74 88.63 -11.15
N LEU Q 361 6.53 88.43 -12.21
CA LEU Q 361 6.18 88.86 -13.56
C LEU Q 361 6.13 87.68 -14.51
N THR Q 362 5.06 87.62 -15.29
CA THR Q 362 4.91 86.66 -16.37
C THR Q 362 4.88 87.42 -17.68
N ASP Q 363 5.76 87.06 -18.60
CA ASP Q 363 5.75 87.65 -19.93
C ASP Q 363 4.62 87.03 -20.74
N ARG Q 364 3.86 87.88 -21.42
CA ARG Q 364 2.66 87.43 -22.11
C ARG Q 364 2.94 86.64 -23.38
N ARG Q 365 4.16 86.66 -23.88
CA ARG Q 365 4.48 85.92 -25.11
C ARG Q 365 5.16 84.59 -24.85
N THR Q 366 5.81 84.43 -23.70
CA THR Q 366 6.51 83.19 -23.39
C THR Q 366 5.91 82.43 -22.21
N HIS Q 367 5.07 83.09 -21.41
CA HIS Q 367 4.49 82.54 -20.17
C HIS Q 367 5.56 82.05 -19.20
N CYS Q 368 6.70 82.71 -19.17
CA CYS Q 368 7.83 82.29 -18.36
C CYS Q 368 8.06 83.29 -17.23
N GLN Q 369 9.06 82.99 -16.41
CA GLN Q 369 9.45 83.89 -15.34
C GLN Q 369 10.12 85.13 -15.92
N TYR Q 370 10.08 86.21 -15.15
CA TYR Q 370 10.74 87.44 -15.54
C TYR Q 370 11.05 88.27 -14.32
N LEU Q 371 12.31 88.66 -14.17
CA LEU Q 371 12.79 89.42 -13.01
C LEU Q 371 13.58 90.61 -13.54
N ILE Q 372 13.08 91.83 -13.29
CA ILE Q 372 13.58 93.00 -14.00
C ILE Q 372 14.97 93.38 -13.52
N ASN Q 373 15.63 94.23 -14.28
CA ASN Q 373 16.87 94.85 -13.89
C ASN Q 373 16.58 96.01 -12.95
N PRO Q 374 17.16 96.03 -11.75
CA PRO Q 374 17.11 97.23 -10.91
C PRO Q 374 18.23 98.23 -11.17
N SER Q 375 18.99 98.08 -12.24
CA SER Q 375 20.03 99.04 -12.59
C SER Q 375 19.64 99.85 -13.82
N SER Q 376 20.34 100.95 -14.02
CA SER Q 376 20.12 101.83 -15.15
C SER Q 376 21.06 101.53 -16.31
N MET Q 377 21.47 100.29 -16.45
CA MET Q 377 22.32 99.88 -17.54
C MET Q 377 21.49 99.60 -18.80
N PRO Q 378 22.06 99.79 -19.99
CA PRO Q 378 21.25 99.74 -21.23
C PRO Q 378 21.07 98.37 -21.90
N PRO Q 379 21.25 97.18 -21.23
CA PRO Q 379 20.52 96.02 -21.79
C PRO Q 379 19.02 96.22 -21.83
N ASP Q 380 18.39 96.43 -20.67
CA ASP Q 380 17.06 97.04 -20.64
C ASP Q 380 16.88 97.75 -19.31
N VAL Q 381 16.05 98.79 -19.33
CA VAL Q 381 15.52 99.41 -18.14
C VAL Q 381 14.02 99.47 -18.28
N ILE Q 382 13.36 100.07 -17.30
CA ILE Q 382 11.94 100.37 -17.40
C ILE Q 382 11.76 101.80 -16.94
N LEU Q 383 11.46 102.69 -17.88
CA LEU Q 383 11.19 104.08 -17.55
C LEU Q 383 9.70 104.35 -17.46
N ASN Q 384 8.96 104.04 -18.52
CA ASN Q 384 7.52 104.26 -18.57
C ASN Q 384 6.79 102.93 -18.50
N ILE Q 385 5.69 102.91 -17.75
CA ILE Q 385 4.72 101.82 -17.80
C ILE Q 385 3.35 102.43 -18.03
N SER Q 386 2.40 101.57 -18.37
CA SER Q 386 1.00 101.97 -18.47
C SER Q 386 0.16 100.73 -18.16
N ILE Q 387 -0.48 100.75 -17.00
CA ILE Q 387 -1.36 99.65 -16.61
C ILE Q 387 -2.62 99.70 -17.46
N THR Q 388 -2.97 98.57 -18.08
CA THR Q 388 -4.05 98.55 -19.05
C THR Q 388 -5.25 97.71 -18.63
N GLY Q 389 -5.41 97.45 -17.33
CA GLY Q 389 -6.62 96.79 -16.88
C GLY Q 389 -6.33 95.78 -15.80
N PHE Q 390 -7.42 95.21 -15.27
CA PHE Q 390 -7.37 94.14 -14.28
C PHE Q 390 -8.02 92.90 -14.88
N ILE Q 391 -7.66 91.72 -14.41
CA ILE Q 391 -8.13 90.48 -15.01
C ILE Q 391 -8.92 89.60 -14.03
N ASN Q 392 -8.49 89.49 -12.76
CA ASN Q 392 -9.26 88.68 -11.84
C ASN Q 392 -9.50 89.43 -10.54
N ARG Q 393 -10.44 88.89 -9.76
CA ARG Q 393 -10.99 89.58 -8.60
C ARG Q 393 -11.27 88.57 -7.48
N HIS Q 394 -10.49 87.50 -7.41
CA HIS Q 394 -10.74 86.52 -6.37
C HIS Q 394 -10.20 87.03 -5.03
N THR Q 395 -10.53 86.30 -3.97
CA THR Q 395 -10.06 86.62 -2.63
C THR Q 395 -9.29 85.43 -2.08
N ILE Q 396 -8.21 85.70 -1.36
CA ILE Q 396 -7.39 84.65 -0.79
C ILE Q 396 -7.30 84.82 0.71
N ASP Q 397 -6.95 83.73 1.39
CA ASP Q 397 -6.47 83.84 2.75
C ASP Q 397 -5.09 84.48 2.74
N VAL Q 398 -4.79 85.21 3.82
CA VAL Q 398 -3.52 85.89 3.95
C VAL Q 398 -2.57 85.12 4.86
N MET Q 399 -3.06 84.67 6.01
CA MET Q 399 -2.25 83.91 6.95
C MET Q 399 -1.93 82.53 6.41
N PRO Q 400 -0.65 82.16 6.28
CA PRO Q 400 -0.32 80.82 5.76
C PRO Q 400 -0.60 79.70 6.75
N ASP Q 401 -0.26 78.48 6.36
CA ASP Q 401 -0.55 77.31 7.19
C ASP Q 401 0.41 77.18 8.37
N VAL Q 402 1.67 77.56 8.19
CA VAL Q 402 2.70 77.16 9.15
C VAL Q 402 2.68 78.02 10.41
N TYR Q 403 2.32 79.29 10.29
CA TYR Q 403 2.39 80.21 11.43
C TYR Q 403 1.22 79.93 12.35
N ASP Q 404 1.44 79.09 13.35
CA ASP Q 404 0.38 78.65 14.24
C ASP Q 404 0.67 78.94 15.71
N PHE Q 405 1.84 79.47 16.02
CA PHE Q 405 2.17 79.88 17.38
C PHE Q 405 2.93 81.18 17.34
N ILE Q 406 2.89 81.92 18.44
CA ILE Q 406 3.70 83.13 18.57
C ILE Q 406 5.11 82.70 18.93
N LYS Q 407 6.02 82.81 17.97
CA LYS Q 407 7.44 82.48 18.16
C LYS Q 407 8.20 83.25 17.10
N PRO Q 408 9.54 83.39 17.24
CA PRO Q 408 10.29 84.19 16.25
C PRO Q 408 10.19 83.71 14.81
N ILE Q 409 10.45 84.64 13.91
CA ILE Q 409 10.28 84.42 12.47
C ILE Q 409 11.60 84.73 11.78
N GLY Q 410 12.10 83.78 11.01
CA GLY Q 410 13.29 83.99 10.21
C GLY Q 410 12.99 84.00 8.73
N ALA Q 411 13.64 84.87 7.98
CA ALA Q 411 13.49 84.88 6.53
C ALA Q 411 14.85 84.95 5.87
N VAL Q 412 15.07 84.09 4.89
CA VAL Q 412 16.30 84.12 4.12
C VAL Q 412 16.00 84.82 2.80
N LEU Q 413 16.98 85.56 2.31
CA LEU Q 413 16.85 86.34 1.10
C LEU Q 413 18.08 86.11 0.25
N PRO Q 414 17.99 86.32 -1.05
CA PRO Q 414 19.20 86.43 -1.86
C PRO Q 414 19.98 87.68 -1.50
N LYS Q 415 21.22 87.71 -1.96
CA LYS Q 415 22.20 88.66 -1.46
C LYS Q 415 21.93 90.09 -1.92
N GLY Q 416 21.36 90.27 -3.10
CA GLY Q 416 21.04 91.60 -3.56
C GLY Q 416 19.62 91.99 -3.26
N SER Q 417 19.04 91.45 -2.20
CA SER Q 417 17.71 91.84 -1.80
C SER Q 417 17.73 93.25 -1.21
N PHE Q 418 16.58 93.92 -1.28
CA PHE Q 418 16.49 95.35 -0.98
C PHE Q 418 16.31 95.60 0.51
N LYS Q 419 17.32 95.18 1.27
CA LYS Q 419 17.22 95.14 2.73
C LYS Q 419 17.18 96.55 3.31
N SER Q 420 18.06 97.41 2.84
CA SER Q 420 18.13 98.79 3.33
C SER Q 420 16.85 99.54 3.04
N THR Q 421 16.34 99.42 1.81
CA THR Q 421 15.15 100.16 1.45
C THR Q 421 13.90 99.58 2.10
N ILE Q 422 13.85 98.27 2.31
CA ILE Q 422 12.67 97.74 2.97
C ILE Q 422 12.71 98.05 4.46
N MET Q 423 13.90 98.19 5.04
CA MET Q 423 13.98 98.68 6.41
C MET Q 423 13.56 100.14 6.51
N ARG Q 424 13.88 100.93 5.48
CA ARG Q 424 13.44 102.33 5.48
C ARG Q 424 11.95 102.45 5.27
N VAL Q 425 11.36 101.51 4.53
CA VAL Q 425 9.92 101.55 4.32
C VAL Q 425 9.18 101.11 5.58
N LEU Q 426 9.66 100.05 6.24
CA LEU Q 426 9.02 99.66 7.50
C LEU Q 426 9.29 100.66 8.61
N ASP Q 427 10.37 101.45 8.50
CA ASP Q 427 10.61 102.55 9.41
C ASP Q 427 9.52 103.61 9.32
N SER Q 428 8.90 103.77 8.15
CA SER Q 428 7.95 104.84 7.92
C SER Q 428 6.50 104.34 7.97
N ILE Q 429 6.22 103.34 8.80
CA ILE Q 429 4.88 102.78 8.90
C ILE Q 429 4.19 103.40 10.10
N SER Q 430 3.03 104.01 9.85
CA SER Q 430 2.19 104.60 10.89
C SER Q 430 0.75 104.42 10.44
N VAL Q 431 -0.02 103.59 11.14
CA VAL Q 431 -1.40 103.32 10.78
C VAL Q 431 -2.38 103.70 11.89
N LEU Q 432 -2.12 103.28 13.13
CA LEU Q 432 -3.05 103.49 14.23
C LEU Q 432 -2.41 104.23 15.38
N GLY Q 433 -1.43 105.08 15.09
CA GLY Q 433 -0.59 105.56 16.15
C GLY Q 433 0.36 104.50 16.66
N VAL Q 434 0.58 103.45 15.87
CA VAL Q 434 1.44 102.35 16.24
C VAL Q 434 2.27 101.98 15.02
N LYS Q 435 3.51 101.58 15.26
CA LYS Q 435 4.40 101.07 14.23
C LYS Q 435 4.37 99.56 14.30
N ILE Q 436 3.89 98.93 13.23
CA ILE Q 436 3.71 97.48 13.25
C ILE Q 436 5.07 96.79 13.15
N MET Q 437 5.95 97.29 12.30
CA MET Q 437 7.33 96.79 12.22
C MET Q 437 8.29 97.95 12.43
N PRO Q 438 8.68 98.24 13.66
CA PRO Q 438 9.76 99.19 13.89
C PRO Q 438 11.11 98.65 13.43
N ARG Q 439 12.05 99.57 13.27
CA ARG Q 439 13.44 99.22 12.99
C ARG Q 439 14.12 98.61 14.21
N ALA Q 440 13.57 98.83 15.40
CA ALA Q 440 14.27 98.54 16.64
C ALA Q 440 14.47 97.04 16.88
N HIS Q 441 13.64 96.19 16.30
CA HIS Q 441 13.79 94.76 16.53
C HIS Q 441 13.77 93.98 15.23
N VAL Q 442 14.32 94.57 14.18
CA VAL Q 442 14.57 93.84 12.93
C VAL Q 442 16.07 93.56 12.85
N VAL Q 443 16.42 92.42 12.29
CA VAL Q 443 17.79 91.91 12.31
C VAL Q 443 18.35 91.92 10.89
N ASP Q 444 19.40 92.70 10.69
CA ASP Q 444 20.16 92.69 9.45
C ASP Q 444 20.88 91.35 9.30
N SER Q 445 21.18 90.99 8.05
CA SER Q 445 21.77 89.70 7.76
C SER Q 445 23.17 89.55 8.33
N ASP Q 446 23.90 90.64 8.48
CA ASP Q 446 25.25 90.56 9.01
C ASP Q 446 25.38 91.17 10.40
N GLU Q 447 24.28 91.20 11.17
CA GLU Q 447 24.40 91.55 12.58
C GLU Q 447 25.20 90.49 13.32
N VAL Q 448 24.95 89.21 13.00
CA VAL Q 448 25.82 88.18 13.51
C VAL Q 448 27.16 88.23 12.76
N GLY Q 449 27.16 88.71 11.52
CA GLY Q 449 28.36 88.63 10.71
C GLY Q 449 29.39 89.71 10.99
N GLU Q 450 29.03 90.74 11.73
CA GLU Q 450 29.93 91.84 12.04
C GLU Q 450 30.54 91.75 13.42
N GLN Q 451 30.02 90.88 14.28
CA GLN Q 451 30.48 90.80 15.65
C GLN Q 451 31.61 89.81 15.85
N MET Q 452 32.13 89.22 14.79
CA MET Q 452 33.34 88.42 14.92
C MET Q 452 34.51 89.33 15.27
N GLU Q 453 35.25 88.96 16.28
CA GLU Q 453 36.54 89.62 16.48
C GLU Q 453 37.54 89.41 15.34
N PRO Q 454 37.47 88.38 14.47
CA PRO Q 454 38.18 88.52 13.19
C PRO Q 454 37.38 89.19 12.09
N THR Q 455 36.11 89.54 12.34
CA THR Q 455 35.20 90.20 11.38
C THR Q 455 35.08 89.37 10.10
N PHE Q 456 34.32 88.27 10.22
CA PHE Q 456 34.29 87.06 9.37
C PHE Q 456 34.49 87.27 7.86
N GLU Q 457 34.01 88.40 7.35
CA GLU Q 457 34.40 88.84 6.01
C GLU Q 457 35.92 88.95 5.88
N HIS Q 458 36.63 89.36 6.94
CA HIS Q 458 38.08 89.32 6.89
C HIS Q 458 38.65 87.91 7.07
N ALA Q 459 37.80 86.95 7.43
CA ALA Q 459 38.24 85.57 7.40
C ALA Q 459 38.02 84.92 6.04
N VAL Q 460 37.10 85.45 5.24
CA VAL Q 460 36.96 84.96 3.87
C VAL Q 460 37.79 85.80 2.90
N MET Q 461 38.27 86.97 3.33
CA MET Q 461 39.34 87.65 2.59
C MET Q 461 40.67 86.90 2.65
N GLU Q 462 40.78 85.90 3.54
CA GLU Q 462 41.98 85.10 3.74
C GLU Q 462 42.13 83.96 2.72
N ILE Q 463 41.06 83.65 1.98
CA ILE Q 463 40.94 82.38 1.26
C ILE Q 463 41.88 82.27 0.07
N TYR Q 464 42.56 83.35 -0.33
CA TYR Q 464 43.33 83.36 -1.57
C TYR Q 464 44.59 82.52 -1.53
N LYS Q 465 45.01 82.03 -0.36
CA LYS Q 465 46.21 81.22 -0.26
C LYS Q 465 45.94 79.73 -0.31
N GLY Q 466 44.69 79.31 -0.53
CA GLY Q 466 44.42 77.90 -0.65
C GLY Q 466 44.98 77.29 -1.92
N ILE Q 467 45.18 78.10 -2.95
CA ILE Q 467 45.70 77.65 -4.23
C ILE Q 467 46.92 78.50 -4.55
N ALA Q 468 48.03 77.84 -4.89
CA ALA Q 468 49.33 78.50 -5.00
C ALA Q 468 49.38 79.49 -6.15
N GLY Q 469 48.67 79.22 -7.24
CA GLY Q 469 48.67 80.15 -8.34
C GLY Q 469 47.80 81.37 -8.16
N VAL Q 470 47.06 81.45 -7.06
CA VAL Q 470 46.09 82.52 -6.90
C VAL Q 470 46.73 83.70 -6.17
N ASP Q 471 47.12 83.47 -4.91
CA ASP Q 471 47.87 84.31 -3.97
C ASP Q 471 47.64 85.82 -4.07
N SER Q 472 46.38 86.21 -4.28
CA SER Q 472 45.89 87.58 -4.29
C SER Q 472 44.37 87.56 -4.38
N LEU Q 473 43.74 88.54 -3.74
CA LEU Q 473 42.30 88.62 -3.75
C LEU Q 473 41.76 89.03 -5.12
N ASP Q 474 42.40 90.01 -5.77
CA ASP Q 474 41.93 90.42 -7.09
C ASP Q 474 42.24 89.35 -8.14
N ASP Q 475 43.33 88.62 -7.96
CA ASP Q 475 43.60 87.47 -8.82
C ASP Q 475 42.56 86.39 -8.63
N LEU Q 476 42.06 86.23 -7.40
CA LEU Q 476 40.97 85.29 -7.14
C LEU Q 476 39.70 85.72 -7.85
N THR Q 477 39.36 87.01 -7.76
CA THR Q 477 38.14 87.50 -8.40
C THR Q 477 38.23 87.43 -9.92
N LYS Q 478 39.43 87.61 -10.47
CA LYS Q 478 39.59 87.42 -11.90
C LYS Q 478 39.55 85.93 -12.26
N TRP Q 479 39.94 85.07 -11.32
CA TRP Q 479 40.18 83.66 -11.60
C TRP Q 479 38.92 82.81 -11.49
N VAL Q 480 37.95 83.23 -10.68
CA VAL Q 480 36.75 82.42 -10.52
C VAL Q 480 35.80 82.60 -11.71
N LEU Q 481 35.76 83.78 -12.30
CA LEU Q 481 34.76 84.10 -13.32
C LEU Q 481 35.30 83.81 -14.71
N ASN Q 482 34.39 83.51 -15.65
CA ASN Q 482 34.79 83.22 -17.03
C ASN Q 482 35.07 84.49 -17.84
N SER Q 483 35.25 85.64 -17.19
CA SER Q 483 35.36 86.99 -17.75
C SER Q 483 34.10 87.44 -18.49
N ASP Q 484 32.96 86.76 -18.28
CA ASP Q 484 31.66 87.24 -18.73
C ASP Q 484 30.71 87.46 -17.55
N LEU Q 485 31.24 87.39 -16.33
CA LEU Q 485 30.58 87.40 -15.02
C LEU Q 485 29.72 86.16 -14.77
N VAL Q 486 29.80 85.16 -15.64
CA VAL Q 486 29.39 83.80 -15.31
C VAL Q 486 30.64 83.09 -14.79
N PRO Q 487 30.56 82.38 -13.67
CA PRO Q 487 31.76 81.75 -13.13
C PRO Q 487 32.11 80.44 -13.82
N HIS Q 488 33.39 80.13 -13.76
CA HIS Q 488 33.85 78.77 -13.95
C HIS Q 488 33.16 77.86 -12.96
N ASP Q 489 32.80 76.66 -13.40
CA ASP Q 489 32.25 75.69 -12.46
C ASP Q 489 33.33 75.17 -11.52
N ASP Q 490 34.51 74.88 -12.05
CA ASP Q 490 35.53 74.17 -11.30
C ASP Q 490 36.21 75.08 -10.27
N ARG Q 491 36.47 76.33 -10.65
CA ARG Q 491 37.15 77.24 -9.74
C ARG Q 491 36.24 77.59 -8.57
N LEU Q 492 34.97 77.86 -8.85
CA LEU Q 492 33.99 78.10 -7.80
C LEU Q 492 33.73 76.85 -6.96
N GLY Q 493 33.83 75.67 -7.57
CA GLY Q 493 33.69 74.44 -6.81
C GLY Q 493 34.83 74.23 -5.83
N GLN Q 494 36.06 74.47 -6.28
CA GLN Q 494 37.21 74.38 -5.39
C GLN Q 494 37.15 75.44 -4.30
N LEU Q 495 36.63 76.62 -4.63
CA LEU Q 495 36.46 77.65 -3.63
C LEU Q 495 35.43 77.23 -2.59
N PHE Q 496 34.38 76.52 -3.02
CA PHE Q 496 33.42 76.04 -2.03
C PHE Q 496 34.00 74.90 -1.20
N GLN Q 497 34.87 74.08 -1.81
CA GLN Q 497 35.59 73.05 -1.07
C GLN Q 497 36.42 73.66 0.05
N ALA Q 498 37.02 74.81 -0.22
CA ALA Q 498 37.75 75.51 0.83
C ALA Q 498 36.82 76.29 1.74
N PHE Q 499 35.66 76.71 1.23
CA PHE Q 499 34.82 77.69 1.91
C PHE Q 499 33.94 77.05 2.97
N LEU Q 500 33.50 75.82 2.72
CA LEU Q 500 32.61 75.15 3.67
C LEU Q 500 33.18 74.92 5.08
N PRO Q 501 34.47 74.57 5.29
CA PRO Q 501 34.94 74.49 6.69
C PRO Q 501 34.95 75.81 7.41
N LEU Q 502 35.20 76.93 6.71
CA LEU Q 502 34.99 78.22 7.34
C LEU Q 502 33.52 78.52 7.50
N ALA Q 503 32.68 77.95 6.64
CA ALA Q 503 31.26 78.23 6.69
C ALA Q 503 30.54 77.45 7.78
N LYS Q 504 31.16 76.41 8.32
CA LYS Q 504 30.49 75.58 9.31
C LYS Q 504 31.13 75.62 10.69
N ASP Q 505 32.47 75.63 10.76
CA ASP Q 505 33.14 75.33 12.01
C ASP Q 505 32.99 76.44 13.05
N LEU Q 506 32.98 77.69 12.61
CA LEU Q 506 32.78 78.78 13.56
C LEU Q 506 31.42 79.44 13.46
N LEU Q 507 30.86 79.52 12.24
CA LEU Q 507 29.64 80.26 12.02
C LEU Q 507 28.46 79.64 12.76
N ALA Q 508 28.32 78.33 12.70
CA ALA Q 508 27.21 77.67 13.37
C ALA Q 508 27.27 77.79 14.90
N PRO Q 509 28.43 77.56 15.61
CA PRO Q 509 28.42 77.83 17.06
C PRO Q 509 28.20 79.28 17.42
N MET Q 510 28.89 80.22 16.77
CA MET Q 510 28.73 81.59 17.26
C MET Q 510 27.40 82.19 16.82
N ALA Q 511 26.84 81.72 15.71
CA ALA Q 511 25.52 82.17 15.32
C ALA Q 511 24.45 81.56 16.21
N ARG Q 512 24.67 80.34 16.70
CA ARG Q 512 23.76 79.78 17.69
C ARG Q 512 23.82 80.57 18.98
N GLN Q 513 25.02 81.03 19.37
CA GLN Q 513 25.16 81.89 20.54
C GLN Q 513 24.39 83.19 20.35
N PHE Q 514 24.54 83.82 19.19
CA PHE Q 514 23.86 85.09 18.93
C PHE Q 514 22.34 84.90 18.85
N TYR Q 515 21.89 83.79 18.28
CA TYR Q 515 20.46 83.59 18.15
C TYR Q 515 19.83 83.25 19.48
N ASP Q 516 20.57 82.59 20.36
CA ASP Q 516 20.05 82.34 21.71
C ASP Q 516 20.04 83.61 22.54
N ASN Q 517 21.04 84.48 22.33
CA ASN Q 517 21.03 85.78 23.00
C ASN Q 517 19.86 86.63 22.53
N SER Q 518 19.52 86.55 21.24
CA SER Q 518 18.37 87.27 20.73
C SER Q 518 17.07 86.64 21.21
N MET Q 519 17.05 85.31 21.37
CA MET Q 519 15.89 84.63 21.96
C MET Q 519 15.67 85.05 23.39
N SER Q 520 16.74 85.36 24.11
CA SER Q 520 16.62 85.82 25.49
C SER Q 520 15.95 87.19 25.58
N GLU Q 521 15.99 87.97 24.50
CA GLU Q 521 15.45 89.32 24.50
C GLU Q 521 14.43 89.49 23.37
N GLY Q 522 13.20 89.07 23.63
CA GLY Q 522 12.11 89.30 22.71
C GLY Q 522 12.10 88.35 21.53
N ARG Q 523 10.96 88.30 20.87
CA ARG Q 523 10.86 87.62 19.58
C ARG Q 523 10.95 88.66 18.48
N LEU Q 524 11.72 88.34 17.44
CA LEU Q 524 12.09 89.33 16.45
C LEU Q 524 11.90 88.81 15.03
N LEU Q 525 12.38 89.57 14.06
CA LEU Q 525 12.40 89.17 12.65
C LEU Q 525 13.85 89.09 12.21
N THR Q 526 14.36 87.88 12.03
CA THR Q 526 15.78 87.66 11.80
C THR Q 526 16.01 87.32 10.34
N PHE Q 527 16.69 88.22 9.63
CA PHE Q 527 17.10 87.98 8.25
C PHE Q 527 18.53 87.47 8.24
N ALA Q 528 18.81 86.58 7.30
CA ALA Q 528 20.18 86.18 7.00
C ALA Q 528 20.19 85.58 5.60
N HIS Q 529 21.33 85.05 5.21
CA HIS Q 529 21.45 84.34 3.95
C HIS Q 529 21.78 82.89 4.22
N ALA Q 530 21.54 82.05 3.20
CA ALA Q 530 22.00 80.67 3.14
C ALA Q 530 21.44 79.83 4.30
N ASP Q 531 20.14 79.53 4.18
CA ASP Q 531 19.23 78.96 5.18
C ASP Q 531 19.80 77.92 6.14
N SER Q 532 20.74 77.08 5.65
CA SER Q 532 21.37 76.09 6.53
C SER Q 532 22.21 76.72 7.62
N GLU Q 533 22.58 77.99 7.52
CA GLU Q 533 23.08 78.72 8.68
C GLU Q 533 22.03 78.76 9.78
N LEU Q 534 20.79 79.05 9.41
CA LEU Q 534 19.69 79.03 10.37
C LEU Q 534 19.29 77.61 10.74
N LEU Q 535 19.73 76.62 9.97
CA LEU Q 535 19.33 75.26 10.29
C LEU Q 535 20.33 74.53 11.20
N ASN Q 536 21.63 74.67 10.96
CA ASN Q 536 22.58 73.96 11.81
C ASN Q 536 22.75 74.65 13.17
N ALA Q 537 22.90 75.96 13.17
CA ALA Q 537 22.66 76.72 14.38
C ALA Q 537 21.20 76.59 14.72
N ASN Q 538 20.91 75.97 15.87
CA ASN Q 538 19.57 75.46 16.14
C ASN Q 538 18.59 76.58 16.40
N TYR Q 539 18.21 77.27 15.33
CA TYR Q 539 17.40 78.47 15.44
C TYR Q 539 15.95 78.09 15.65
N PHE Q 540 15.46 78.29 16.87
CA PHE Q 540 14.05 78.08 17.14
C PHE Q 540 13.22 79.16 16.43
N GLY Q 541 12.07 78.75 15.90
CA GLY Q 541 11.20 79.71 15.26
C GLY Q 541 10.80 79.37 13.83
N HIS Q 542 9.74 79.99 13.34
CA HIS Q 542 9.27 79.75 11.98
C HIS Q 542 10.23 80.38 10.99
N LEU Q 543 11.03 79.58 10.30
CA LEU Q 543 11.79 80.15 9.21
C LEU Q 543 11.10 79.82 7.89
N LEU Q 544 11.15 80.78 6.98
CA LEU Q 544 10.53 80.64 5.67
C LEU Q 544 11.43 81.30 4.64
N ARG Q 545 11.45 80.75 3.44
CA ARG Q 545 12.47 81.05 2.46
C ARG Q 545 11.90 81.87 1.32
N LEU Q 546 12.17 83.17 1.34
CA LEU Q 546 11.53 84.08 0.41
C LEU Q 546 12.54 84.66 -0.56
N LYS Q 547 12.03 85.31 -1.60
CA LYS Q 547 12.90 85.98 -2.56
C LYS Q 547 12.21 87.21 -3.12
N ILE Q 548 13.01 88.04 -3.77
CA ILE Q 548 12.55 89.25 -4.45
C ILE Q 548 11.99 88.82 -5.80
N PRO Q 549 11.07 89.58 -6.39
CA PRO Q 549 10.71 89.36 -7.80
C PRO Q 549 11.68 90.01 -8.79
N TYR Q 550 12.87 90.36 -8.34
CA TYR Q 550 13.88 91.01 -9.15
C TYR Q 550 15.08 90.11 -9.34
N ILE Q 551 16.05 90.58 -10.11
CA ILE Q 551 17.37 89.96 -10.20
C ILE Q 551 18.29 90.69 -9.22
N THR Q 552 19.20 89.93 -8.59
CA THR Q 552 19.95 90.39 -7.44
C THR Q 552 21.42 90.62 -7.71
N GLU Q 553 21.98 89.97 -8.73
CA GLU Q 553 23.41 90.04 -8.95
C GLU Q 553 23.84 91.39 -9.47
N VAL Q 554 23.02 92.01 -10.31
CA VAL Q 554 23.34 93.36 -10.75
C VAL Q 554 23.19 94.35 -9.59
N ASN Q 555 22.36 94.04 -8.59
CA ASN Q 555 22.36 94.83 -7.37
C ASN Q 555 23.66 94.66 -6.62
N LEU Q 556 24.24 93.45 -6.64
CA LEU Q 556 25.58 93.29 -6.07
C LEU Q 556 26.62 94.09 -6.85
N MET Q 557 26.46 94.19 -8.17
CA MET Q 557 27.47 94.89 -8.95
C MET Q 557 27.36 96.41 -8.91
N ILE Q 558 26.19 96.97 -8.61
CA ILE Q 558 26.07 98.42 -8.61
C ILE Q 558 26.42 99.04 -7.24
N ARG Q 559 26.22 98.30 -6.15
CA ARG Q 559 26.45 98.80 -4.79
C ARG Q 559 27.90 99.22 -4.54
N LYS Q 560 28.09 100.53 -4.40
CA LYS Q 560 29.39 101.15 -4.19
C LYS Q 560 29.70 101.19 -2.69
N ASN Q 561 31.01 101.23 -2.38
CA ASN Q 561 31.57 101.39 -1.04
C ASN Q 561 31.25 100.22 -0.14
N ARG Q 562 30.98 99.05 -0.71
CA ARG Q 562 30.82 97.84 0.05
C ARG Q 562 32.19 97.22 0.31
N GLU Q 563 32.31 96.54 1.44
CA GLU Q 563 33.58 95.96 1.87
C GLU Q 563 34.07 94.90 0.87
N GLY Q 564 35.37 94.95 0.58
CA GLY Q 564 35.94 94.07 -0.40
C GLY Q 564 35.72 94.60 -1.80
N GLY Q 565 36.12 93.79 -2.77
CA GLY Q 565 35.99 94.15 -4.16
C GLY Q 565 34.55 94.10 -4.63
N GLU Q 566 34.32 94.70 -5.79
CA GLU Q 566 33.00 94.66 -6.39
C GLU Q 566 32.68 93.28 -6.93
N LEU Q 567 33.71 92.51 -7.29
CA LEU Q 567 33.52 91.13 -7.69
C LEU Q 567 33.50 90.19 -6.51
N PHE Q 568 34.16 90.58 -5.41
CA PHE Q 568 34.14 89.84 -4.16
C PHE Q 568 32.72 89.60 -3.68
N GLN Q 569 31.87 90.62 -3.79
CA GLN Q 569 30.48 90.51 -3.37
C GLN Q 569 29.74 89.51 -4.23
N LEU Q 570 29.99 89.51 -5.54
CA LEU Q 570 29.28 88.61 -6.43
C LEU Q 570 29.70 87.17 -6.20
N VAL Q 571 31.01 86.93 -6.02
CA VAL Q 571 31.55 85.60 -5.75
C VAL Q 571 30.98 85.07 -4.45
N LEU Q 572 30.98 85.91 -3.41
CA LEU Q 572 30.48 85.49 -2.11
C LEU Q 572 28.98 85.21 -2.17
N SER Q 573 28.25 85.99 -2.98
CA SER Q 573 26.81 85.75 -3.14
C SER Q 573 26.55 84.41 -3.80
N TYR Q 574 27.39 84.05 -4.78
CA TYR Q 574 27.32 82.71 -5.36
C TYR Q 574 27.59 81.64 -4.31
N LEU Q 575 28.57 81.89 -3.43
CA LEU Q 575 28.87 80.91 -2.39
C LEU Q 575 27.72 80.77 -1.40
N TYR Q 576 27.03 81.89 -1.10
CA TYR Q 576 25.87 81.82 -0.21
C TYR Q 576 24.74 81.00 -0.85
N LYS Q 577 24.48 81.20 -2.14
CA LYS Q 577 23.44 80.40 -2.76
C LYS Q 577 23.89 78.97 -3.03
N MET Q 578 25.19 78.69 -2.97
CA MET Q 578 25.62 77.29 -2.95
C MET Q 578 25.28 76.64 -1.61
N TYR Q 579 25.62 77.32 -0.51
CA TYR Q 579 25.41 76.75 0.81
C TYR Q 579 23.92 76.58 1.14
N ALA Q 580 23.05 77.27 0.42
CA ALA Q 580 21.61 77.08 0.58
C ALA Q 580 21.18 75.71 0.07
N THR Q 581 20.00 75.29 0.51
CA THR Q 581 19.36 74.05 0.09
C THR Q 581 18.59 74.26 -1.22
N SER Q 582 17.72 73.31 -1.56
CA SER Q 582 17.00 73.35 -2.82
C SER Q 582 15.51 73.48 -2.61
N ALA Q 583 15.08 74.43 -1.79
CA ALA Q 583 13.70 74.50 -1.33
C ALA Q 583 12.84 75.42 -2.19
N GLN Q 584 11.64 75.73 -1.68
CA GLN Q 584 10.71 76.62 -2.36
C GLN Q 584 11.12 78.07 -2.15
N PRO Q 585 11.22 78.87 -3.20
CA PRO Q 585 11.53 80.28 -3.03
C PRO Q 585 10.35 81.13 -2.57
N LYS Q 586 9.10 80.68 -2.75
CA LYS Q 586 7.97 80.99 -1.89
C LYS Q 586 7.47 82.45 -1.97
N TRP Q 587 8.12 83.34 -2.75
CA TRP Q 587 7.56 84.64 -3.15
C TRP Q 587 7.19 85.63 -2.04
N PHE Q 588 8.14 86.42 -1.51
CA PHE Q 588 8.07 87.32 -0.33
C PHE Q 588 6.74 88.01 -0.02
N GLY Q 589 5.95 88.30 -1.05
CA GLY Q 589 4.61 88.86 -0.89
C GLY Q 589 3.70 88.06 0.02
N SER Q 590 3.91 86.75 0.12
CA SER Q 590 3.17 85.91 1.07
C SER Q 590 3.40 86.31 2.52
N LEU Q 591 4.58 86.86 2.81
CA LEU Q 591 4.83 87.43 4.14
C LEU Q 591 4.40 88.88 4.22
N LEU Q 592 4.64 89.64 3.16
CA LEU Q 592 4.46 91.08 3.27
C LEU Q 592 2.98 91.46 3.28
N ARG Q 593 2.12 90.68 2.63
CA ARG Q 593 0.68 90.91 2.72
C ARG Q 593 0.18 90.69 4.14
N LEU Q 594 0.76 89.72 4.84
CA LEU Q 594 0.48 89.55 6.26
C LEU Q 594 1.00 90.73 7.07
N LEU Q 595 2.13 91.30 6.66
CA LEU Q 595 2.69 92.42 7.41
C LEU Q 595 1.83 93.67 7.29
N ILE Q 596 1.31 93.97 6.11
CA ILE Q 596 0.70 95.26 5.83
C ILE Q 596 -0.82 95.18 5.72
N CYS Q 597 -1.32 94.29 4.86
CA CYS Q 597 -2.72 94.27 4.44
C CYS Q 597 -3.80 94.25 5.53
N PRO Q 598 -3.68 93.53 6.67
CA PRO Q 598 -4.80 93.53 7.61
C PRO Q 598 -5.01 94.84 8.34
N TRP Q 599 -3.94 95.60 8.56
CA TRP Q 599 -4.08 96.84 9.33
C TRP Q 599 -4.76 97.93 8.52
N LEU Q 600 -4.83 97.79 7.20
CA LEU Q 600 -5.70 98.66 6.41
C LEU Q 600 -7.16 98.39 6.75
N HIS Q 601 -7.54 97.13 6.93
CA HIS Q 601 -8.91 96.81 7.28
C HIS Q 601 -9.23 97.23 8.71
N MET Q 602 -8.25 97.11 9.61
CA MET Q 602 -8.45 97.59 10.97
C MET Q 602 -8.52 99.12 10.99
N GLU Q 603 -7.84 99.77 10.06
CA GLU Q 603 -7.98 101.20 9.89
C GLU Q 603 -9.38 101.56 9.40
N LYS Q 604 -9.92 100.74 8.49
CA LYS Q 604 -11.28 100.95 8.01
C LYS Q 604 -12.30 100.75 9.13
N LEU Q 605 -12.03 99.81 10.03
CA LEU Q 605 -13.04 99.46 11.04
C LEU Q 605 -12.95 100.33 12.29
N ILE Q 606 -11.76 100.73 12.71
CA ILE Q 606 -11.60 101.49 13.93
C ILE Q 606 -11.04 102.86 13.54
N GLY Q 607 -11.54 103.40 12.44
CA GLY Q 607 -11.20 104.76 12.10
C GLY Q 607 -11.78 105.81 13.04
N GLU Q 608 -12.78 105.46 13.85
CA GLU Q 608 -13.48 106.44 14.65
C GLU Q 608 -13.61 106.10 16.13
N ALA Q 609 -13.46 104.85 16.55
CA ALA Q 609 -13.62 104.52 17.95
C ALA Q 609 -12.41 104.98 18.75
N ASP Q 610 -12.60 105.09 20.05
CA ASP Q 610 -11.51 105.64 20.84
C ASP Q 610 -10.49 104.57 21.22
N PRO Q 611 -9.24 104.96 21.46
CA PRO Q 611 -8.24 104.00 21.97
C PRO Q 611 -8.60 103.41 23.31
N ALA Q 612 -9.34 104.14 24.13
CA ALA Q 612 -9.77 103.68 25.44
C ALA Q 612 -10.79 102.56 25.39
N SER Q 613 -11.30 102.22 24.20
CA SER Q 613 -12.08 101.02 24.03
C SER Q 613 -11.52 100.07 22.99
N THR Q 614 -10.57 100.51 22.16
CA THR Q 614 -10.07 99.59 21.15
C THR Q 614 -8.68 99.02 21.45
N SER Q 615 -7.91 99.62 22.35
CA SER Q 615 -6.57 99.09 22.54
C SER Q 615 -6.60 97.92 23.53
N ALA Q 616 -5.58 97.07 23.44
CA ALA Q 616 -5.45 95.96 24.36
C ALA Q 616 -4.00 95.56 24.44
N GLU Q 617 -3.66 94.86 25.53
CA GLU Q 617 -2.30 94.45 25.79
C GLU Q 617 -2.35 93.15 26.57
N ILE Q 618 -1.40 92.26 26.30
CA ILE Q 618 -1.33 90.95 26.96
C ILE Q 618 0.13 90.69 27.29
N GLY Q 619 0.41 90.27 28.52
CA GLY Q 619 1.78 89.86 28.80
C GLY Q 619 1.98 89.34 30.21
N TRP Q 620 3.25 89.10 30.53
CA TRP Q 620 3.64 88.41 31.75
C TRP Q 620 3.61 89.33 32.95
N HIS Q 621 3.26 88.76 34.10
CA HIS Q 621 2.86 89.51 35.28
C HIS Q 621 3.68 89.08 36.49
N VAL Q 622 3.94 90.02 37.39
CA VAL Q 622 4.66 89.76 38.64
C VAL Q 622 3.95 90.55 39.74
N PRO Q 623 3.75 89.98 40.95
CA PRO Q 623 2.81 90.60 41.91
C PRO Q 623 3.35 91.66 42.88
N ARG Q 624 4.65 91.83 43.05
CA ARG Q 624 5.11 92.72 44.12
C ARG Q 624 6.46 93.34 43.79
N GLU Q 625 6.75 94.46 44.46
CA GLU Q 625 7.94 95.26 44.21
C GLU Q 625 9.07 94.89 45.18
N GLN Q 626 10.23 94.56 44.63
CA GLN Q 626 11.47 94.50 45.38
C GLN Q 626 12.52 95.26 44.58
N LEU Q 627 13.43 95.92 45.30
CA LEU Q 627 14.49 96.77 44.75
C LEU Q 627 13.96 97.86 43.81
N ASP Q 637 0.88 94.99 39.57
CA ASP Q 637 1.70 96.19 39.75
C ASP Q 637 2.94 96.16 38.86
N GLY Q 638 3.50 94.96 38.69
CA GLY Q 638 4.61 94.74 37.79
C GLY Q 638 4.16 93.89 36.62
N PHE Q 639 4.80 94.09 35.47
CA PHE Q 639 4.26 93.57 34.22
C PHE Q 639 5.36 93.47 33.17
N ILE Q 640 5.17 92.58 32.21
CA ILE Q 640 6.04 92.42 31.04
C ILE Q 640 5.17 92.54 29.79
N PRO Q 641 5.34 93.55 28.96
CA PRO Q 641 4.46 93.69 27.79
C PRO Q 641 4.82 92.76 26.64
N TYR Q 642 4.03 91.73 26.42
CA TYR Q 642 4.36 90.71 25.42
C TYR Q 642 3.82 91.08 24.03
N VAL Q 643 2.50 91.15 23.89
CA VAL Q 643 1.88 91.35 22.59
C VAL Q 643 0.85 92.46 22.70
N SER Q 644 0.69 93.25 21.64
CA SER Q 644 -0.28 94.35 21.59
C SER Q 644 -1.32 94.05 20.53
N ILE Q 645 -2.59 94.16 20.90
CA ILE Q 645 -3.71 93.88 20.02
C ILE Q 645 -4.63 95.09 20.02
N ARG Q 646 -5.09 95.50 18.85
CA ARG Q 646 -6.15 96.50 18.73
C ARG Q 646 -7.32 95.88 17.98
N ALA Q 647 -8.51 96.00 18.56
CA ALA Q 647 -9.69 95.25 18.16
C ALA Q 647 -10.91 96.06 18.51
N PRO Q 648 -12.06 95.79 17.90
CA PRO Q 648 -13.29 96.43 18.36
C PRO Q 648 -13.75 95.91 19.71
N ARG Q 649 -14.65 96.67 20.34
CA ARG Q 649 -15.12 96.36 21.69
C ARG Q 649 -15.92 95.07 21.73
N LEU Q 650 -16.68 94.79 20.67
CA LEU Q 650 -17.43 93.54 20.48
C LEU Q 650 -16.51 92.34 20.22
N VAL Q 651 -15.19 92.52 20.24
CA VAL Q 651 -14.24 91.41 20.27
C VAL Q 651 -13.50 91.36 21.60
N ILE Q 652 -13.13 92.53 22.14
CA ILE Q 652 -12.34 92.60 23.36
C ILE Q 652 -13.18 92.14 24.55
N GLU Q 653 -14.49 92.38 24.54
CA GLU Q 653 -15.31 91.97 25.66
C GLU Q 653 -15.51 90.46 25.74
N GLU Q 654 -15.20 89.71 24.68
CA GLU Q 654 -15.13 88.26 24.75
C GLU Q 654 -13.71 87.76 24.88
N LEU Q 655 -12.72 88.54 24.45
CA LEU Q 655 -11.33 88.18 24.69
C LEU Q 655 -10.89 88.53 26.10
N MET Q 656 -11.77 89.14 26.88
CA MET Q 656 -11.50 89.41 28.29
C MET Q 656 -11.36 88.12 29.08
N GLU Q 657 -12.39 87.28 29.03
CA GLU Q 657 -12.57 86.17 29.96
C GLU Q 657 -11.90 84.89 29.53
N LYS Q 658 -11.13 84.90 28.44
CA LYS Q 658 -10.47 83.69 28.01
C LYS Q 658 -9.28 83.38 28.90
N ASN Q 659 -8.94 82.09 29.00
CA ASN Q 659 -7.95 81.63 29.96
C ASN Q 659 -6.55 81.97 29.45
N TRP Q 660 -6.22 83.26 29.57
CA TRP Q 660 -4.85 83.68 29.31
C TRP Q 660 -3.91 83.16 30.39
N GLY Q 661 -4.36 83.18 31.64
CA GLY Q 661 -3.57 82.71 32.75
C GLY Q 661 -3.43 81.20 32.78
N GLN Q 662 -2.69 80.67 31.80
CA GLN Q 662 -2.55 79.23 31.62
C GLN Q 662 -1.08 78.87 31.50
N TYR Q 663 -0.28 79.78 30.93
CA TYR Q 663 1.05 79.43 30.47
C TYR Q 663 2.10 80.02 31.41
N HIS Q 664 3.30 79.45 31.35
CA HIS Q 664 4.35 79.76 32.31
C HIS Q 664 5.66 80.05 31.61
N ALA Q 665 6.34 81.09 32.06
CA ALA Q 665 7.67 81.43 31.58
C ALA Q 665 8.55 81.80 32.76
N GLN Q 666 9.85 81.81 32.51
CA GLN Q 666 10.86 82.11 33.52
C GLN Q 666 11.43 83.49 33.17
N VAL Q 667 11.00 84.49 33.89
CA VAL Q 667 11.31 85.88 33.58
C VAL Q 667 12.53 86.32 34.37
N ILE Q 668 13.31 87.24 33.81
CA ILE Q 668 14.58 87.71 34.37
C ILE Q 668 14.52 89.23 34.43
N VAL Q 669 14.80 89.81 35.60
CA VAL Q 669 14.77 91.26 35.80
C VAL Q 669 16.14 91.72 36.26
N THR Q 670 16.67 92.75 35.59
CA THR Q 670 17.97 93.36 35.84
C THR Q 670 17.78 94.84 36.19
N ASP Q 671 18.87 95.61 36.23
CA ASP Q 671 18.76 97.04 36.55
C ASP Q 671 19.61 97.91 35.61
N GLN Q 672 18.98 98.38 34.54
CA GLN Q 672 19.53 99.44 33.70
C GLN Q 672 18.38 100.16 33.03
N LEU Q 673 18.59 101.43 32.72
CA LEU Q 673 17.53 102.23 32.12
C LEU Q 673 17.46 101.98 30.62
N VAL Q 674 16.28 102.22 30.06
CA VAL Q 674 16.15 102.32 28.61
C VAL Q 674 16.43 103.77 28.22
N VAL Q 675 16.86 103.97 26.97
CA VAL Q 675 17.02 105.32 26.47
C VAL Q 675 15.67 105.98 26.20
N GLY Q 676 14.60 105.19 26.09
CA GLY Q 676 13.26 105.73 25.97
C GLY Q 676 12.81 106.40 27.26
N GLU Q 677 11.84 107.30 27.10
CA GLU Q 677 11.41 108.18 28.17
C GLU Q 677 10.62 107.55 29.34
N PRO Q 678 9.85 106.45 29.22
CA PRO Q 678 9.32 105.84 30.45
C PRO Q 678 10.40 105.02 31.14
N ARG Q 679 10.09 104.61 32.37
CA ARG Q 679 10.94 103.66 33.06
C ARG Q 679 10.72 102.28 32.43
N ARG Q 680 11.75 101.78 31.76
CA ARG Q 680 11.70 100.42 31.23
C ARG Q 680 13.08 99.81 31.41
N VAL Q 681 13.12 98.64 32.02
CA VAL Q 681 14.36 97.86 32.08
C VAL Q 681 14.26 96.76 31.04
N SER Q 682 15.39 96.46 30.41
CA SER Q 682 15.44 95.42 29.38
C SER Q 682 15.34 94.06 30.07
N ALA Q 683 14.11 93.63 30.30
CA ALA Q 683 13.86 92.36 30.96
C ALA Q 683 14.18 91.20 30.02
N LYS Q 684 14.35 90.02 30.61
CA LYS Q 684 14.60 88.81 29.85
C LYS Q 684 13.61 87.75 30.32
N ALA Q 685 13.28 86.82 29.42
CA ALA Q 685 12.29 85.79 29.75
C ALA Q 685 12.51 84.59 28.86
N VAL Q 686 12.36 83.40 29.45
CA VAL Q 686 12.44 82.13 28.74
C VAL Q 686 11.22 81.29 29.15
N ILE Q 687 10.50 80.77 28.17
CA ILE Q 687 9.27 80.04 28.43
C ILE Q 687 9.59 78.60 28.80
N LYS Q 688 9.02 78.14 29.91
CA LYS Q 688 9.20 76.77 30.39
C LYS Q 688 7.94 75.92 30.20
N GLY Q 689 7.14 76.24 29.18
CA GLY Q 689 5.94 75.48 28.92
C GLY Q 689 5.75 75.18 27.44
N ASN Q 690 4.57 75.51 26.92
CA ASN Q 690 4.31 75.43 25.50
C ASN Q 690 4.38 76.84 24.90
N HIS Q 691 3.94 76.98 23.66
CA HIS Q 691 3.90 78.27 23.02
C HIS Q 691 2.46 78.65 22.71
N LEU Q 692 2.21 79.94 22.61
CA LEU Q 692 0.85 80.46 22.56
C LEU Q 692 0.28 80.33 21.17
N PRO Q 693 -0.86 79.67 20.99
CA PRO Q 693 -1.43 79.51 19.65
C PRO Q 693 -2.09 80.77 19.14
N VAL Q 694 -1.91 80.99 17.83
CA VAL Q 694 -2.48 82.17 17.18
C VAL Q 694 -3.98 82.03 16.93
N LYS Q 695 -4.52 80.83 17.11
CA LYS Q 695 -5.97 80.64 17.04
C LYS Q 695 -6.67 81.37 18.17
N LEU Q 696 -5.99 81.53 19.31
CA LEU Q 696 -6.62 81.97 20.54
C LEU Q 696 -6.97 83.45 20.47
N ILE Q 697 -6.32 84.20 19.59
CA ILE Q 697 -6.59 85.62 19.51
C ILE Q 697 -7.95 85.82 18.85
N SER Q 698 -8.01 85.56 17.53
CA SER Q 698 -9.20 85.76 16.70
C SER Q 698 -8.84 85.42 15.27
N ARG Q 699 -9.86 85.44 14.42
CA ARG Q 699 -9.72 85.77 13.02
C ARG Q 699 -10.33 87.12 12.71
N PHE Q 700 -10.91 87.77 13.73
CA PHE Q 700 -11.57 89.06 13.62
C PHE Q 700 -10.70 90.23 14.03
N ALA Q 701 -9.47 89.99 14.45
CA ALA Q 701 -8.59 91.06 14.90
C ALA Q 701 -7.15 90.73 14.56
N CYS Q 702 -6.31 91.76 14.54
CA CYS Q 702 -4.92 91.63 14.16
C CYS Q 702 -4.02 92.21 15.25
N PHE Q 703 -2.80 91.71 15.29
CA PHE Q 703 -1.88 91.91 16.41
C PHE Q 703 -0.53 92.30 15.87
N THR Q 704 0.35 92.80 16.73
CA THR Q 704 1.70 93.08 16.32
C THR Q 704 2.52 91.79 16.34
N LEU Q 705 3.20 91.52 15.23
CA LEU Q 705 3.77 90.20 14.99
C LEU Q 705 5.00 89.98 15.87
N THR Q 706 6.02 90.80 15.68
CA THR Q 706 7.23 90.73 16.47
C THR Q 706 7.33 91.98 17.33
N SER Q 707 7.82 91.81 18.55
CA SER Q 707 7.94 92.94 19.46
C SER Q 707 9.03 92.63 20.48
N LYS Q 708 9.48 93.70 21.12
CA LYS Q 708 10.53 93.64 22.14
C LYS Q 708 9.91 94.03 23.48
N TYR Q 709 10.04 93.16 24.47
CA TYR Q 709 9.41 93.44 25.75
C TYR Q 709 10.34 94.17 26.71
N GLU Q 710 9.72 94.84 27.67
CA GLU Q 710 10.40 95.74 28.61
C GLU Q 710 9.75 95.52 29.98
N MET Q 711 9.91 96.49 30.87
CA MET Q 711 9.13 96.54 32.11
C MET Q 711 7.64 96.58 31.77
N GLY Q 722 17.56 93.34 40.73
CA GLY Q 722 16.55 92.29 40.65
C GLY Q 722 17.14 90.93 40.29
N ALA Q 723 16.28 89.95 40.04
CA ALA Q 723 16.70 88.59 39.76
C ALA Q 723 15.58 87.85 39.04
N ALA Q 724 15.69 86.53 38.97
CA ALA Q 724 14.70 85.70 38.29
C ALA Q 724 13.46 85.53 39.15
N TYR Q 725 12.29 85.56 38.52
CA TYR Q 725 11.02 85.59 39.27
C TYR Q 725 10.12 84.40 38.98
N ASN Q 726 10.00 83.96 37.72
CA ASN Q 726 9.30 82.74 37.30
C ASN Q 726 7.81 82.78 37.67
N ALA Q 727 7.09 83.67 37.00
CA ALA Q 727 5.66 83.81 37.23
C ALA Q 727 4.89 83.63 35.92
N ARG Q 728 3.57 83.81 35.98
CA ARG Q 728 2.68 83.56 34.86
C ARG Q 728 2.03 84.87 34.40
N LEU Q 729 1.31 84.78 33.27
CA LEU Q 729 0.71 85.95 32.65
C LEU Q 729 -0.79 86.01 32.94
N ALA Q 730 -1.41 87.08 32.46
CA ALA Q 730 -2.85 87.26 32.47
C ALA Q 730 -3.21 88.26 31.38
N PHE Q 731 -4.48 88.65 31.34
CA PHE Q 731 -4.97 89.65 30.40
C PHE Q 731 -4.98 91.02 31.06
N ARG Q 732 -4.57 92.03 30.30
CA ARG Q 732 -4.66 93.42 30.71
C ARG Q 732 -5.88 94.06 30.10
N SER Q 733 -6.79 94.52 30.95
CA SER Q 733 -8.11 94.95 30.53
C SER Q 733 -8.08 96.35 29.92
N ASP Q 734 -9.17 96.69 29.25
CA ASP Q 734 -9.44 98.07 28.83
C ASP Q 734 -10.94 98.29 28.70
N GLY R 180 121.15 17.41 26.57
CA GLY R 180 122.46 16.82 26.63
C GLY R 180 122.46 15.42 27.23
N TYR R 181 123.67 14.85 27.36
CA TYR R 181 123.91 13.52 27.92
C TYR R 181 123.15 12.44 27.15
N GLN R 182 123.55 12.29 25.89
CA GLN R 182 122.96 11.28 25.02
C GLN R 182 123.93 10.13 24.82
N CYS R 183 123.36 8.98 24.45
CA CYS R 183 124.14 7.83 24.04
C CYS R 183 124.00 7.66 22.54
N HIS R 184 125.14 7.48 21.86
CA HIS R 184 125.11 7.26 20.42
C HIS R 184 124.46 5.92 20.09
N VAL R 185 124.73 4.90 20.90
CA VAL R 185 123.92 3.69 20.87
C VAL R 185 122.52 4.05 21.35
N CYS R 186 121.51 3.56 20.62
CA CYS R 186 120.09 3.57 20.96
C CYS R 186 119.46 4.95 21.10
N SER R 187 120.23 6.02 20.85
CA SER R 187 119.77 7.41 20.84
C SER R 187 119.04 7.81 22.12
N ALA R 188 119.43 7.24 23.24
CA ALA R 188 118.81 7.62 24.50
C ALA R 188 119.31 9.00 24.91
N VAL R 189 118.50 9.69 25.69
CA VAL R 189 118.91 10.93 26.33
C VAL R 189 118.86 10.71 27.84
N LEU R 190 119.85 11.25 28.53
CA LEU R 190 120.01 11.00 29.95
C LEU R 190 120.32 12.32 30.64
N PHE R 191 120.73 12.22 31.89
CA PHE R 191 121.04 13.37 32.72
C PHE R 191 122.46 13.36 33.27
N SER R 192 123.05 12.20 33.52
CA SER R 192 124.28 12.12 34.27
C SER R 192 125.28 11.19 33.60
N PRO R 193 126.57 11.50 33.70
CA PRO R 193 127.58 10.52 33.30
C PRO R 193 127.63 9.33 34.26
N LEU R 194 127.10 9.49 35.47
CA LEU R 194 127.07 8.38 36.42
C LEU R 194 126.11 7.29 35.96
N ASP R 195 124.92 7.67 35.49
CA ASP R 195 124.02 6.64 34.99
C ASP R 195 124.12 6.46 33.48
N LEU R 196 125.01 7.19 32.80
CA LEU R 196 125.36 6.82 31.43
C LEU R 196 125.97 5.42 31.39
N ASP R 197 126.82 5.10 32.36
CA ASP R 197 127.38 3.76 32.45
C ASP R 197 126.29 2.74 32.78
N ALA R 198 125.34 3.12 33.63
CA ALA R 198 124.23 2.25 33.94
C ALA R 198 123.34 1.99 32.74
N HIS R 199 123.25 2.96 31.82
CA HIS R 199 122.49 2.74 30.62
C HIS R 199 123.24 1.85 29.64
N VAL R 200 124.53 2.10 29.42
CA VAL R 200 125.26 1.30 28.43
C VAL R 200 125.60 -0.09 28.93
N ALA R 201 125.46 -0.35 30.23
CA ALA R 201 125.54 -1.72 30.72
C ALA R 201 124.44 -2.60 30.14
N SER R 202 123.28 -2.01 29.83
CA SER R 202 122.22 -2.75 29.17
C SER R 202 122.60 -3.10 27.74
N HIS R 203 123.46 -2.31 27.12
CA HIS R 203 123.92 -2.67 25.78
C HIS R 203 125.12 -3.60 25.82
N GLY R 204 125.81 -3.68 26.94
CA GLY R 204 126.81 -4.71 27.15
C GLY R 204 128.23 -4.22 27.24
N LEU R 205 128.52 -3.03 26.72
CA LEU R 205 129.82 -2.43 26.92
C LEU R 205 129.80 -1.66 28.24
N HIS R 206 130.84 -1.83 29.03
CA HIS R 206 130.85 -1.32 30.40
C HIS R 206 131.95 -0.29 30.58
N GLY R 207 131.75 0.57 31.57
CA GLY R 207 132.71 1.61 31.88
C GLY R 207 133.56 1.30 33.10
N ASN R 208 133.33 2.04 34.19
CA ASN R 208 134.11 1.88 35.41
C ASN R 208 133.24 1.55 36.60
N GLN R 217 116.39 1.14 38.47
CA GLN R 217 117.65 0.43 38.36
C GLN R 217 117.43 -1.03 37.99
N ARG R 218 116.25 -1.52 38.31
CA ARG R 218 115.89 -2.91 38.07
C ARG R 218 114.83 -2.95 36.99
N HIS R 219 115.22 -3.36 35.80
CA HIS R 219 114.31 -3.37 34.66
C HIS R 219 114.49 -4.66 33.90
N ILE R 220 113.37 -5.32 33.58
CA ILE R 220 113.45 -6.52 32.76
C ILE R 220 113.71 -6.16 31.31
N THR R 221 112.98 -5.17 30.79
CA THR R 221 113.25 -4.71 29.43
C THR R 221 113.04 -3.20 29.33
N GLU R 222 113.56 -2.64 28.25
CA GLU R 222 113.36 -1.23 27.95
C GLU R 222 113.39 -1.07 26.44
N PHE R 223 112.44 -0.30 25.92
CA PHE R 223 112.38 -0.01 24.50
C PHE R 223 112.53 1.48 24.31
N ILE R 224 113.03 1.87 23.13
CA ILE R 224 113.10 3.28 22.79
C ILE R 224 112.56 3.47 21.38
N SER R 225 111.67 4.43 21.21
CA SER R 225 111.03 4.65 19.93
C SER R 225 111.96 5.40 18.98
N SER R 226 111.48 5.65 17.78
CA SER R 226 112.30 6.28 16.75
C SER R 226 111.71 7.54 16.16
N TRP R 227 110.42 7.78 16.33
CA TRP R 227 109.83 9.03 15.89
C TRP R 227 109.49 9.98 17.03
N GLN R 228 109.24 9.46 18.21
CA GLN R 228 108.88 10.29 19.34
C GLN R 228 109.92 10.14 20.45
N ASN R 229 110.08 11.21 21.22
CA ASN R 229 110.97 11.20 22.38
C ASN R 229 110.15 10.79 23.61
N HIS R 230 109.79 9.52 23.64
CA HIS R 230 108.97 8.97 24.72
C HIS R 230 109.28 7.49 24.90
N PRO R 231 110.36 7.17 25.60
CA PRO R 231 110.72 5.77 25.80
C PRO R 231 109.83 5.13 26.86
N ILE R 232 109.73 3.81 26.76
CA ILE R 232 108.98 3.01 27.71
C ILE R 232 109.95 2.03 28.36
N VAL R 233 109.92 1.97 29.69
CA VAL R 233 110.75 1.05 30.43
C VAL R 233 109.83 0.16 31.26
N GLN R 234 110.29 -1.06 31.55
CA GLN R 234 109.49 -2.08 32.20
C GLN R 234 110.05 -2.34 33.59
N VAL R 235 109.30 -1.94 34.60
CA VAL R 235 109.76 -2.04 35.98
C VAL R 235 109.52 -3.48 36.44
N SER R 236 110.04 -3.84 37.61
CA SER R 236 109.90 -5.18 38.15
C SER R 236 108.49 -5.38 38.71
N ALA R 237 108.33 -6.45 39.50
CA ALA R 237 107.00 -6.90 39.91
C ALA R 237 106.35 -5.94 40.89
N ASP R 238 106.93 -5.79 42.08
CA ASP R 238 106.26 -5.10 43.17
C ASP R 238 107.20 -4.13 43.87
N VAL R 239 107.90 -3.31 43.10
CA VAL R 239 108.78 -2.29 43.67
C VAL R 239 107.97 -1.01 43.83
N GLU R 240 107.79 -0.58 45.08
CA GLU R 240 107.04 0.63 45.40
C GLU R 240 107.84 1.87 45.00
N ASN R 241 107.12 2.97 44.76
CA ASN R 241 107.65 4.30 44.45
C ASN R 241 108.40 4.31 43.11
N ARG R 242 107.68 3.98 42.04
CA ARG R 242 108.23 4.06 40.69
C ARG R 242 108.16 5.49 40.17
N LYS R 243 108.95 5.76 39.13
CA LYS R 243 109.01 7.07 38.51
C LYS R 243 108.46 6.97 37.09
N THR R 244 107.13 7.08 36.98
CA THR R 244 106.37 7.01 35.71
C THR R 244 106.69 5.75 34.91
N ALA R 245 106.98 4.66 35.61
CA ALA R 245 107.42 3.41 34.99
C ALA R 245 106.24 2.46 34.87
N GLN R 246 106.42 1.43 34.05
CA GLN R 246 105.30 0.57 33.67
C GLN R 246 105.45 -0.83 34.28
N LEU R 247 104.35 -1.32 34.85
CA LEU R 247 104.34 -2.51 35.69
C LEU R 247 104.34 -3.79 34.87
N LEU R 248 104.87 -4.86 35.45
CA LEU R 248 104.92 -6.17 34.86
C LEU R 248 104.07 -7.13 35.69
N HIS R 249 103.07 -7.73 35.08
CA HIS R 249 102.13 -8.57 35.80
C HIS R 249 102.36 -10.06 35.60
N ALA R 250 103.20 -10.45 34.66
CA ALA R 250 103.48 -11.87 34.45
C ALA R 250 104.34 -12.38 35.59
N ASP R 251 103.77 -13.22 36.45
CA ASP R 251 104.44 -13.67 37.65
C ASP R 251 105.52 -14.67 37.35
N THR R 252 106.74 -14.19 37.11
CA THR R 252 107.83 -15.05 36.74
C THR R 252 108.35 -15.84 37.94
N PRO R 253 109.01 -16.96 37.69
CA PRO R 253 109.86 -17.57 38.71
C PRO R 253 111.29 -17.06 38.60
N ARG R 254 111.98 -17.08 39.75
CA ARG R 254 113.36 -16.62 39.83
C ARG R 254 114.28 -17.78 39.51
N LEU R 255 114.88 -17.75 38.32
CA LEU R 255 115.75 -18.86 37.89
C LEU R 255 117.21 -18.56 38.19
N VAL R 256 117.74 -17.47 37.65
CA VAL R 256 119.13 -17.11 37.87
C VAL R 256 119.25 -16.54 39.28
N THR R 257 119.85 -17.33 40.16
CA THR R 257 120.15 -16.86 41.52
C THR R 257 121.48 -17.45 41.95
N TRP R 258 122.27 -16.63 42.64
CA TRP R 258 123.69 -16.87 42.76
C TRP R 258 124.07 -17.50 44.09
N ASP R 259 125.16 -18.25 44.07
CA ASP R 259 125.75 -18.87 45.25
C ASP R 259 127.19 -18.40 45.31
N ALA R 260 127.40 -17.27 46.00
CA ALA R 260 128.74 -16.75 46.22
C ALA R 260 129.17 -17.22 47.61
N GLY R 261 129.62 -18.46 47.69
CA GLY R 261 130.01 -18.99 48.98
C GLY R 261 130.56 -20.39 48.86
N LEU R 262 130.65 -21.05 50.01
CA LEU R 262 131.12 -22.43 50.04
C LEU R 262 130.05 -23.34 49.46
N CYS R 263 130.47 -24.26 48.60
CA CYS R 263 129.55 -25.07 47.80
C CYS R 263 129.68 -26.52 48.23
N THR R 264 128.97 -26.88 49.30
CA THR R 264 128.85 -28.27 49.71
C THR R 264 127.60 -28.39 50.55
N SER R 265 127.15 -29.64 50.74
CA SER R 265 125.91 -29.91 51.45
C SER R 265 126.12 -30.83 52.65
N PHE R 266 127.35 -31.15 52.99
CA PHE R 266 127.61 -31.98 54.15
C PHE R 266 128.43 -31.17 55.14
N LYS R 267 128.34 -31.56 56.42
CA LYS R 267 129.16 -30.93 57.43
C LYS R 267 129.55 -31.96 58.46
N ILE R 268 130.73 -31.76 59.06
CA ILE R 268 131.21 -32.61 60.14
C ILE R 268 130.97 -31.88 61.45
N VAL R 269 130.26 -32.52 62.36
CA VAL R 269 130.02 -31.92 63.66
C VAL R 269 130.79 -32.70 64.72
N PRO R 270 131.23 -32.05 65.79
CA PRO R 270 131.72 -32.79 66.95
C PRO R 270 130.56 -33.34 67.74
N ILE R 271 130.72 -34.54 68.26
CA ILE R 271 129.70 -35.21 69.05
C ILE R 271 130.07 -35.25 70.53
N VAL R 272 131.25 -35.77 70.83
CA VAL R 272 131.78 -35.67 72.19
C VAL R 272 133.09 -34.90 72.16
N PRO R 273 133.14 -33.71 72.75
CA PRO R 273 134.39 -32.96 72.78
C PRO R 273 135.39 -33.59 73.74
N ALA R 274 136.64 -33.17 73.58
CA ALA R 274 137.72 -33.73 74.39
C ALA R 274 138.87 -32.75 74.47
N GLN R 275 139.38 -32.54 75.68
CA GLN R 275 140.67 -31.91 75.85
C GLN R 275 141.77 -32.85 75.37
N VAL R 276 142.86 -32.29 74.88
CA VAL R 276 143.91 -33.13 74.31
C VAL R 276 145.23 -32.89 75.03
N PRO R 277 146.09 -33.90 75.13
CA PRO R 277 147.47 -33.67 75.58
C PRO R 277 148.34 -33.22 74.41
N GLN R 278 148.15 -31.97 74.02
CA GLN R 278 148.84 -31.41 72.87
C GLN R 278 150.32 -31.27 73.16
N ASP R 279 151.14 -31.68 72.20
CA ASP R 279 152.57 -31.75 72.43
C ASP R 279 153.38 -30.66 71.72
N VAL R 280 152.73 -29.81 70.92
CA VAL R 280 153.46 -28.78 70.18
C VAL R 280 152.51 -27.64 69.86
N LEU R 281 153.03 -26.42 69.91
CA LEU R 281 152.39 -25.28 69.29
C LEU R 281 153.38 -24.33 68.62
N ALA R 282 154.68 -24.48 68.87
CA ALA R 282 155.69 -23.47 68.56
C ALA R 282 155.94 -23.31 67.07
N TYR R 283 156.11 -22.05 66.65
CA TYR R 283 156.28 -21.66 65.26
C TYR R 283 157.68 -21.09 65.04
N THR R 284 158.33 -21.53 63.97
CA THR R 284 159.64 -21.01 63.58
C THR R 284 159.46 -19.65 62.91
N PHE R 285 159.16 -18.64 63.73
CA PHE R 285 158.91 -17.27 63.31
C PHE R 285 159.72 -16.34 64.20
N PHE R 286 159.83 -15.08 63.79
CA PHE R 286 160.59 -14.07 64.53
C PHE R 286 160.03 -13.81 65.92
N THR R 287 158.88 -13.15 66.01
CA THR R 287 158.33 -12.84 67.33
C THR R 287 156.86 -13.24 67.48
N SER R 288 156.06 -13.04 66.45
CA SER R 288 154.60 -13.11 66.59
C SER R 288 154.11 -14.47 66.14
N SER R 289 154.05 -15.41 67.09
CA SER R 289 153.55 -16.74 66.78
C SER R 289 152.04 -16.69 66.54
N TYR R 290 151.55 -17.74 65.88
CA TYR R 290 150.17 -17.83 65.42
C TYR R 290 149.42 -18.86 66.25
N ALA R 291 148.22 -19.21 65.81
CA ALA R 291 147.41 -20.21 66.48
C ALA R 291 147.22 -21.43 65.57
N ILE R 292 147.32 -22.62 66.18
CA ILE R 292 146.98 -23.85 65.49
C ILE R 292 145.52 -23.82 65.10
N GLN R 293 145.24 -24.06 63.82
CA GLN R 293 143.89 -23.91 63.31
C GLN R 293 143.56 -25.11 62.44
N SER R 294 142.48 -25.82 62.78
CA SER R 294 142.24 -27.13 62.21
C SER R 294 141.04 -27.15 61.28
N PRO R 295 141.12 -27.90 60.18
CA PRO R 295 139.96 -28.02 59.28
C PRO R 295 138.90 -28.97 59.80
N PHE R 296 139.24 -29.85 60.69
CA PHE R 296 138.31 -30.81 61.23
C PHE R 296 138.06 -30.50 62.69
N PRO R 297 136.93 -30.90 63.25
CA PRO R 297 136.77 -30.78 64.70
C PRO R 297 137.70 -31.74 65.42
N GLU R 298 138.41 -31.22 66.42
CA GLU R 298 139.44 -31.93 67.17
C GLU R 298 138.87 -32.81 68.27
N ALA R 299 137.56 -33.05 68.26
CA ALA R 299 136.88 -33.73 69.34
C ALA R 299 137.18 -35.22 69.33
N ALA R 300 136.61 -35.91 70.31
CA ALA R 300 136.85 -37.35 70.45
C ALA R 300 136.12 -38.13 69.36
N VAL R 301 134.81 -37.93 69.26
CA VAL R 301 133.99 -38.62 68.29
C VAL R 301 133.27 -37.59 67.43
N SER R 302 133.38 -37.74 66.12
CA SER R 302 132.74 -36.82 65.18
C SER R 302 132.14 -37.61 64.03
N ARG R 303 131.06 -37.09 63.48
CA ARG R 303 130.42 -37.73 62.34
C ARG R 303 129.71 -36.69 61.50
N ILE R 304 129.21 -37.11 60.35
CA ILE R 304 128.66 -36.22 59.34
C ILE R 304 127.15 -36.28 59.40
N VAL R 305 126.51 -35.11 59.47
CA VAL R 305 125.10 -34.98 59.19
C VAL R 305 124.94 -34.21 57.90
N VAL R 306 123.72 -34.16 57.42
CA VAL R 306 123.40 -33.36 56.25
C VAL R 306 122.80 -32.04 56.72
N HIS R 307 123.15 -30.97 56.03
CA HIS R 307 122.58 -29.66 56.21
C HIS R 307 122.49 -29.03 54.83
N THR R 308 121.47 -28.23 54.62
CA THR R 308 121.41 -27.53 53.34
C THR R 308 122.35 -26.33 53.44
N ARG R 309 123.61 -26.62 53.10
CA ARG R 309 124.78 -25.82 52.71
C ARG R 309 125.46 -24.99 53.78
N TRP R 310 124.81 -24.70 54.92
CA TRP R 310 125.40 -24.32 56.21
C TRP R 310 126.54 -23.29 56.25
N ALA R 311 126.96 -22.77 55.11
CA ALA R 311 128.12 -21.89 55.05
C ALA R 311 128.04 -20.85 53.95
N SER R 312 126.96 -20.79 53.18
CA SER R 312 127.01 -20.12 51.89
C SER R 312 126.29 -18.78 51.92
N ASN R 313 126.90 -17.80 51.25
CA ASN R 313 126.42 -16.42 51.22
C ASN R 313 125.62 -16.21 49.94
N VAL R 314 124.40 -16.71 49.96
CA VAL R 314 123.50 -16.64 48.82
C VAL R 314 122.83 -15.28 48.81
N ASP R 315 122.17 -14.94 47.71
CA ASP R 315 121.43 -13.68 47.63
C ASP R 315 119.93 -13.85 47.74
N PHE R 316 119.39 -14.95 47.22
CA PHE R 316 117.95 -15.20 47.24
C PHE R 316 117.74 -16.59 47.78
N ASP R 317 117.10 -16.68 48.95
CA ASP R 317 116.86 -17.98 49.55
C ASP R 317 115.74 -18.69 48.80
N ARG R 318 116.04 -19.90 48.34
CA ARG R 318 114.99 -20.85 47.99
C ARG R 318 114.69 -21.61 49.27
N ASP R 319 113.88 -20.99 50.13
CA ASP R 319 113.70 -21.50 51.49
C ASP R 319 112.83 -22.75 51.48
N SER R 320 113.39 -23.86 51.01
CA SER R 320 112.83 -25.18 51.21
C SER R 320 114.04 -26.06 51.45
N SER R 321 114.45 -26.15 52.71
CA SER R 321 115.73 -26.73 53.06
C SER R 321 115.53 -27.99 53.88
N VAL R 322 116.61 -28.74 54.04
CA VAL R 322 116.67 -29.82 55.01
C VAL R 322 117.81 -29.52 55.97
N ILE R 323 117.50 -29.57 57.27
CA ILE R 323 118.47 -29.38 58.33
C ILE R 323 118.15 -30.41 59.40
N MET R 324 119.12 -31.23 59.76
CA MET R 324 118.91 -32.17 60.84
C MET R 324 119.97 -31.99 61.92
N ALA R 325 119.56 -32.27 63.16
CA ALA R 325 120.46 -32.19 64.29
C ALA R 325 121.47 -33.34 64.23
N PRO R 326 122.57 -33.24 64.97
CA PRO R 326 123.40 -34.41 65.18
C PRO R 326 122.62 -35.49 65.89
N PRO R 327 122.90 -36.76 65.59
CA PRO R 327 122.01 -37.85 65.98
C PRO R 327 122.06 -38.22 67.46
N THR R 328 122.69 -37.44 68.32
CA THR R 328 122.40 -37.52 69.74
C THR R 328 121.10 -36.83 70.09
N GLU R 329 120.53 -36.06 69.17
CA GLU R 329 119.25 -35.43 69.34
C GLU R 329 118.22 -36.13 68.44
N ASN R 330 116.97 -35.71 68.61
CA ASN R 330 115.88 -36.35 67.89
C ASN R 330 115.88 -35.91 66.43
N ASN R 331 115.54 -36.84 65.56
CA ASN R 331 115.58 -36.60 64.12
C ASN R 331 114.31 -37.12 63.48
N ILE R 332 113.17 -36.71 64.04
CA ILE R 332 111.90 -37.33 63.69
C ILE R 332 110.99 -36.38 62.92
N HIS R 333 111.29 -35.09 62.89
CA HIS R 333 110.46 -34.14 62.14
C HIS R 333 110.61 -34.33 60.64
N LEU R 334 111.73 -34.90 60.20
CA LEU R 334 111.94 -35.21 58.80
C LEU R 334 111.05 -36.33 58.31
N PHE R 335 110.41 -37.08 59.20
CA PHE R 335 109.44 -38.07 58.80
C PHE R 335 108.03 -37.71 59.22
N LYS R 336 107.89 -36.87 60.24
CA LYS R 336 106.58 -36.31 60.56
C LYS R 336 106.15 -35.24 59.57
N GLN R 337 107.08 -34.76 58.72
CA GLN R 337 106.84 -33.62 57.84
C GLN R 337 105.66 -33.85 56.89
N LEU R 338 105.49 -35.06 56.42
CA LEU R 338 104.44 -35.47 55.53
C LEU R 338 103.26 -36.07 56.33
N LEU R 339 102.43 -36.85 55.66
CA LEU R 339 101.03 -37.17 55.93
C LEU R 339 100.53 -37.48 57.33
N ASN R 340 101.38 -37.88 58.28
CA ASN R 340 100.86 -38.32 59.57
C ASN R 340 100.32 -37.14 60.37
N THR R 341 99.09 -36.75 60.04
CA THR R 341 98.44 -35.63 60.70
C THR R 341 98.03 -35.98 62.12
N GLU R 342 97.16 -36.98 62.27
CA GLU R 342 96.83 -37.48 63.60
C GLU R 342 97.99 -38.36 64.08
N THR R 343 98.48 -38.07 65.27
CA THR R 343 99.54 -38.85 65.89
C THR R 343 99.17 -39.07 67.34
N LEU R 344 99.13 -40.33 67.74
CA LEU R 344 98.98 -40.63 69.16
C LEU R 344 100.23 -40.27 69.92
N SER R 345 101.38 -40.30 69.27
CA SER R 345 102.66 -39.94 69.86
C SER R 345 103.23 -38.73 69.12
N VAL R 346 103.50 -37.66 69.86
CA VAL R 346 104.09 -36.48 69.27
C VAL R 346 105.55 -36.72 68.91
N ARG R 347 106.18 -37.72 69.52
CA ARG R 347 107.50 -38.19 69.08
C ARG R 347 107.35 -39.43 68.22
N GLY R 348 106.70 -39.28 67.06
CA GLY R 348 106.29 -40.43 66.28
C GLY R 348 106.48 -40.24 64.79
N ALA R 349 106.29 -41.35 64.06
CA ALA R 349 106.40 -41.38 62.60
C ALA R 349 105.68 -42.60 62.08
N ASN R 350 104.81 -42.42 61.09
CA ASN R 350 104.04 -43.51 60.52
C ASN R 350 104.98 -44.44 59.75
N PRO R 351 104.98 -45.74 60.07
CA PRO R 351 105.85 -46.66 59.34
C PRO R 351 105.47 -46.89 57.90
N LEU R 352 104.23 -46.62 57.51
CA LEU R 352 103.86 -46.80 56.12
C LEU R 352 104.27 -45.63 55.26
N MET R 353 104.48 -44.47 55.86
CA MET R 353 104.77 -43.25 55.11
C MET R 353 106.25 -43.04 54.82
N PHE R 354 107.12 -43.98 55.21
CA PHE R 354 108.58 -43.79 55.19
C PHE R 354 109.10 -43.42 53.81
N ARG R 355 108.65 -44.14 52.78
CA ARG R 355 109.15 -43.94 51.43
C ARG R 355 108.77 -42.56 50.91
N ALA R 356 107.52 -42.16 51.11
CA ALA R 356 107.08 -40.84 50.68
C ALA R 356 107.76 -39.73 51.48
N ASN R 357 108.03 -39.98 52.76
CA ASN R 357 108.75 -39.04 53.61
C ASN R 357 110.13 -38.74 53.06
N VAL R 358 110.93 -39.79 52.88
CA VAL R 358 112.31 -39.61 52.47
C VAL R 358 112.38 -39.14 51.03
N LEU R 359 111.36 -39.45 50.25
CA LEU R 359 111.35 -39.02 48.87
C LEU R 359 111.03 -37.53 48.77
N HIS R 360 110.08 -37.03 49.56
CA HIS R 360 109.79 -35.61 49.53
C HIS R 360 110.90 -34.79 50.16
N MET R 361 111.56 -35.35 51.18
CA MET R 361 112.77 -34.74 51.72
C MET R 361 113.84 -34.65 50.64
N LEU R 362 113.95 -35.68 49.82
CA LEU R 362 114.95 -35.68 48.77
C LEU R 362 114.64 -34.66 47.69
N LEU R 363 113.36 -34.46 47.38
CA LEU R 363 112.99 -33.44 46.41
C LEU R 363 113.24 -32.04 46.96
N GLU R 364 112.99 -31.82 48.25
CA GLU R 364 113.32 -30.52 48.83
C GLU R 364 114.82 -30.29 48.84
N PHE R 365 115.60 -31.37 49.01
CA PHE R 365 117.04 -31.27 48.97
C PHE R 365 117.54 -30.86 47.58
N VAL R 366 117.01 -31.51 46.55
CA VAL R 366 117.46 -31.16 45.21
C VAL R 366 116.87 -29.83 44.75
N LEU R 367 115.74 -29.38 45.31
CA LEU R 367 115.27 -28.04 45.00
C LEU R 367 116.19 -27.00 45.60
N ASP R 368 116.64 -27.23 46.82
CA ASP R 368 117.45 -26.19 47.43
C ASP R 368 118.90 -26.27 47.02
N ASN R 369 119.35 -27.38 46.45
CA ASN R 369 120.73 -27.39 45.98
C ASN R 369 120.91 -26.57 44.70
N LEU R 370 119.81 -26.23 44.05
CA LEU R 370 119.74 -25.54 42.77
C LEU R 370 120.14 -24.09 42.95
N TYR R 371 121.40 -23.78 42.68
CA TYR R 371 121.88 -22.40 42.61
C TYR R 371 122.99 -22.30 41.58
N LEU R 372 123.53 -21.10 41.45
CA LEU R 372 124.54 -20.77 40.44
C LEU R 372 125.80 -20.35 41.16
N ASN R 373 126.92 -21.01 40.86
CA ASN R 373 128.18 -20.66 41.50
C ASN R 373 128.68 -19.32 41.00
N ARG R 374 129.39 -18.61 41.88
CA ARG R 374 129.77 -17.23 41.62
C ARG R 374 131.25 -17.04 41.86
N HIS R 375 131.92 -16.42 40.89
CA HIS R 375 133.30 -16.01 41.07
C HIS R 375 133.39 -14.90 42.11
N THR R 376 134.43 -14.96 42.95
CA THR R 376 134.54 -14.02 44.06
C THR R 376 135.91 -13.38 44.23
N GLY R 377 136.96 -13.90 43.63
CA GLY R 377 138.25 -13.27 43.81
C GLY R 377 139.19 -14.10 44.66
N PHE R 378 140.48 -13.94 44.42
CA PHE R 378 141.50 -14.75 45.07
C PHE R 378 142.36 -13.86 45.96
N SER R 379 143.38 -14.49 46.54
CA SER R 379 144.44 -13.79 47.28
C SER R 379 145.63 -14.72 47.37
N GLN R 380 146.76 -14.31 46.79
CA GLN R 380 147.95 -15.12 46.80
C GLN R 380 148.62 -15.09 48.17
N ASP R 381 148.99 -16.24 48.69
CA ASP R 381 149.69 -16.31 49.96
C ASP R 381 151.09 -16.88 49.77
N HIS R 382 151.84 -16.94 50.87
CA HIS R 382 153.13 -17.59 50.90
C HIS R 382 153.27 -18.37 52.20
N THR R 383 152.20 -19.06 52.58
CA THR R 383 152.24 -20.02 53.67
C THR R 383 153.20 -21.15 53.31
N PRO R 384 154.11 -21.54 54.20
CA PRO R 384 155.18 -22.49 53.82
C PRO R 384 154.71 -23.92 53.55
N PHE R 385 153.42 -24.21 53.64
CA PHE R 385 152.89 -25.49 53.19
C PHE R 385 152.11 -25.34 51.88
N THR R 386 151.12 -24.46 51.85
CA THR R 386 150.43 -24.10 50.61
C THR R 386 151.09 -22.84 50.08
N GLU R 387 152.10 -23.04 49.24
CA GLU R 387 152.98 -21.95 48.81
C GLU R 387 152.57 -21.47 47.43
N GLY R 388 152.26 -20.17 47.33
CA GLY R 388 152.02 -19.53 46.07
C GLY R 388 150.68 -19.80 45.43
N ALA R 389 149.85 -20.67 46.00
CA ALA R 389 148.57 -20.99 45.39
C ALA R 389 147.58 -19.85 45.60
N ASN R 390 146.92 -19.44 44.53
CA ASN R 390 145.98 -18.32 44.58
C ASN R 390 144.70 -18.79 45.25
N LEU R 391 144.64 -18.63 46.57
CA LEU R 391 143.51 -19.10 47.34
C LEU R 391 142.41 -18.04 47.34
N ARG R 392 141.16 -18.48 47.29
CA ARG R 392 140.08 -17.53 47.18
C ARG R 392 139.77 -16.90 48.53
N SER R 393 138.83 -15.98 48.54
CA SER R 393 138.38 -15.35 49.77
C SER R 393 136.86 -15.23 49.76
N LEU R 394 136.25 -15.53 50.89
CA LEU R 394 134.82 -15.37 51.03
C LEU R 394 134.48 -13.88 51.14
N PRO R 395 133.28 -13.48 50.72
CA PRO R 395 132.89 -12.08 50.89
C PRO R 395 132.66 -11.73 52.35
N GLY R 396 133.09 -10.53 52.73
CA GLY R 396 133.09 -10.13 54.11
C GLY R 396 134.48 -10.23 54.70
N PRO R 397 134.69 -9.70 55.91
CA PRO R 397 136.03 -9.74 56.52
C PRO R 397 136.30 -11.05 57.26
N ASP R 398 135.51 -12.08 56.98
CA ASP R 398 135.54 -13.34 57.71
C ASP R 398 136.51 -14.35 57.11
N ALA R 399 137.15 -14.01 55.99
CA ALA R 399 137.80 -14.98 55.11
C ALA R 399 138.98 -15.69 55.78
N GLU R 400 139.65 -15.00 56.70
CA GLU R 400 140.77 -15.59 57.42
C GLU R 400 140.33 -16.74 58.30
N LYS R 401 139.09 -16.71 58.79
CA LYS R 401 138.52 -17.91 59.39
C LYS R 401 138.34 -19.00 58.34
N TRP R 402 137.88 -18.62 57.15
CA TRP R 402 137.39 -19.60 56.19
C TRP R 402 138.49 -20.40 55.49
N TYR R 403 139.72 -19.87 55.45
CA TYR R 403 140.80 -20.57 54.74
C TYR R 403 141.03 -21.98 55.30
N SER R 404 141.07 -22.11 56.62
CA SER R 404 141.40 -23.39 57.22
C SER R 404 140.26 -24.39 57.08
N ILE R 405 139.02 -23.93 57.32
CA ILE R 405 137.88 -24.82 57.21
C ILE R 405 137.63 -25.23 55.76
N MET R 406 138.10 -24.44 54.79
CA MET R 406 138.00 -24.88 53.39
C MET R 406 139.13 -25.82 53.00
N TYR R 407 140.37 -25.46 53.32
CA TYR R 407 141.53 -26.10 52.72
C TYR R 407 142.24 -26.95 53.76
N PRO R 408 142.10 -28.28 53.70
CA PRO R 408 142.70 -29.12 54.74
C PRO R 408 144.21 -29.17 54.68
N THR R 409 144.81 -28.89 53.53
CA THR R 409 146.26 -28.89 53.46
C THR R 409 146.88 -27.58 53.92
N ARG R 410 146.08 -26.63 54.39
CA ARG R 410 146.62 -25.36 54.86
C ARG R 410 147.42 -25.56 56.15
N MET R 411 146.88 -26.32 57.09
CA MET R 411 147.63 -26.81 58.23
C MET R 411 148.79 -27.69 57.76
N GLY R 412 149.96 -27.51 58.36
CA GLY R 412 151.07 -28.41 58.16
C GLY R 412 150.94 -29.68 58.96
N THR R 413 152.08 -30.24 59.36
CA THR R 413 152.13 -31.49 60.11
C THR R 413 152.86 -31.22 61.43
N PRO R 414 152.15 -30.73 62.44
CA PRO R 414 152.81 -30.41 63.71
C PRO R 414 153.31 -31.60 64.51
N ASN R 415 152.46 -32.58 64.80
CA ASN R 415 152.83 -33.66 65.71
C ASN R 415 152.27 -34.97 65.16
N VAL R 416 152.19 -35.98 66.02
CA VAL R 416 151.57 -37.25 65.65
C VAL R 416 150.08 -37.17 65.96
N SER R 417 149.26 -37.21 64.91
CA SER R 417 147.81 -37.24 65.04
C SER R 417 147.21 -37.80 63.75
N LYS R 418 145.91 -38.10 63.81
CA LYS R 418 145.20 -38.61 62.66
C LYS R 418 145.17 -37.58 61.54
N ILE R 419 144.79 -36.35 61.88
CA ILE R 419 144.75 -35.25 60.92
C ILE R 419 146.16 -34.96 60.41
N CYS R 420 147.14 -35.06 61.30
CA CYS R 420 148.51 -34.67 60.96
C CYS R 420 149.14 -35.65 59.98
N ASN R 421 149.12 -36.94 60.29
CA ASN R 421 149.69 -37.87 59.33
C ASN R 421 148.79 -38.08 58.12
N PHE R 422 147.50 -37.70 58.21
CA PHE R 422 146.67 -37.69 57.02
C PHE R 422 147.10 -36.62 56.04
N VAL R 423 147.37 -35.41 56.54
CA VAL R 423 147.91 -34.35 55.68
C VAL R 423 149.30 -34.73 55.17
N ALA R 424 150.09 -35.42 56.01
CA ALA R 424 151.39 -35.92 55.57
C ALA R 424 151.26 -36.97 54.48
N SER R 425 150.15 -37.72 54.49
CA SER R 425 149.92 -38.71 53.46
C SER R 425 149.50 -38.06 52.15
N CYS R 426 148.58 -37.10 52.21
CA CYS R 426 148.04 -36.55 50.98
C CYS R 426 149.03 -35.58 50.33
N VAL R 427 148.75 -35.22 49.09
CA VAL R 427 149.61 -34.35 48.31
C VAL R 427 149.07 -32.93 48.37
N ARG R 428 149.88 -31.97 47.91
CA ARG R 428 149.68 -30.57 48.26
C ARG R 428 149.71 -29.58 47.10
N ASN R 429 149.96 -30.02 45.87
CA ASN R 429 149.99 -29.06 44.78
C ASN R 429 148.60 -28.64 44.32
N ARG R 430 147.61 -29.50 44.50
CA ARG R 430 146.26 -29.27 43.97
C ARG R 430 145.36 -28.58 45.01
N VAL R 431 145.80 -27.40 45.43
CA VAL R 431 145.03 -26.57 46.36
C VAL R 431 144.71 -25.26 45.66
N GLY R 432 143.50 -24.76 45.88
CA GLY R 432 143.10 -23.50 45.30
C GLY R 432 142.80 -23.58 43.82
N ARG R 433 143.57 -22.84 43.03
CA ARG R 433 143.28 -22.64 41.62
C ARG R 433 143.75 -23.84 40.80
N PHE R 434 143.03 -24.13 39.71
CA PHE R 434 143.51 -25.07 38.71
C PHE R 434 143.80 -24.39 37.38
N ASP R 435 142.82 -23.71 36.79
CA ASP R 435 143.07 -22.85 35.64
C ASP R 435 142.03 -21.74 35.54
N ARG R 436 142.45 -20.64 34.96
CA ARG R 436 141.63 -19.46 34.78
C ARG R 436 140.98 -19.49 33.39
N ALA R 437 140.39 -18.37 32.99
CA ALA R 437 139.89 -18.19 31.64
C ALA R 437 140.73 -17.16 30.90
N GLN R 438 140.81 -17.31 29.58
CA GLN R 438 141.53 -16.34 28.77
C GLN R 438 140.76 -15.06 28.56
N MET R 439 139.44 -15.10 28.59
CA MET R 439 138.64 -13.89 28.57
C MET R 439 138.55 -13.34 29.98
N MET R 440 138.63 -12.02 30.10
CA MET R 440 138.67 -11.40 31.41
C MET R 440 138.17 -9.97 31.30
N ASN R 441 138.08 -9.33 32.46
CA ASN R 441 137.73 -7.92 32.57
C ASN R 441 138.70 -7.31 33.57
N GLY R 442 139.70 -6.60 33.07
CA GLY R 442 140.80 -6.15 33.90
C GLY R 442 141.61 -7.33 34.38
N ALA R 443 141.65 -7.54 35.69
CA ALA R 443 142.19 -8.78 36.23
C ALA R 443 141.08 -9.73 36.68
N MET R 444 139.86 -9.24 36.81
CA MET R 444 138.73 -10.09 37.15
C MET R 444 138.42 -10.98 35.96
N SER R 445 138.75 -12.27 36.08
CA SER R 445 138.57 -13.21 34.99
C SER R 445 137.10 -13.54 34.79
N GLU R 446 136.82 -14.22 33.68
CA GLU R 446 135.45 -14.59 33.37
C GLU R 446 135.02 -15.82 34.16
N TRP R 447 135.89 -16.83 34.26
CA TRP R 447 135.56 -18.01 35.04
C TRP R 447 136.84 -18.69 35.47
N VAL R 448 136.70 -19.54 36.50
CA VAL R 448 137.83 -20.23 37.09
C VAL R 448 137.28 -21.42 37.86
N ASP R 449 138.06 -22.50 37.92
CA ASP R 449 137.73 -23.61 38.79
C ASP R 449 138.60 -23.57 40.04
N VAL R 450 138.12 -24.19 41.10
CA VAL R 450 138.82 -24.18 42.38
C VAL R 450 138.98 -25.59 42.93
N PHE R 451 140.00 -25.75 43.76
CA PHE R 451 140.20 -26.97 44.56
C PHE R 451 139.69 -26.69 45.97
N GLU R 452 138.40 -26.81 46.18
CA GLU R 452 137.87 -26.53 47.50
C GLU R 452 137.05 -27.72 47.99
N THR R 453 136.69 -27.67 49.27
CA THR R 453 135.91 -28.75 49.84
C THR R 453 134.47 -28.67 49.33
N SER R 454 133.99 -29.78 48.80
CA SER R 454 132.77 -29.87 48.01
C SER R 454 132.54 -31.33 47.71
N ASP R 455 131.28 -31.72 47.65
CA ASP R 455 130.97 -33.09 47.27
C ASP R 455 130.51 -33.19 45.83
N ALA R 456 130.74 -34.40 45.28
CA ALA R 456 130.43 -34.70 43.89
C ALA R 456 128.96 -34.57 43.59
N LEU R 457 128.12 -34.84 44.59
CA LEU R 457 126.68 -34.71 44.42
C LEU R 457 126.28 -33.26 44.13
N THR R 458 126.69 -32.34 44.99
CA THR R 458 126.33 -30.94 44.81
C THR R 458 126.97 -30.37 43.55
N VAL R 459 128.24 -30.71 43.27
CA VAL R 459 128.84 -30.11 42.09
C VAL R 459 128.28 -30.73 40.82
N SER R 460 127.78 -31.97 40.90
CA SER R 460 127.15 -32.59 39.74
C SER R 460 125.76 -32.01 39.48
N ILE R 461 125.00 -31.77 40.54
CA ILE R 461 123.67 -31.16 40.38
C ILE R 461 123.80 -29.74 39.85
N ARG R 462 124.79 -29.00 40.35
CA ARG R 462 124.96 -27.63 39.86
C ARG R 462 125.55 -27.62 38.46
N GLY R 463 126.33 -28.63 38.10
CA GLY R 463 126.76 -28.75 36.70
C GLY R 463 125.61 -29.08 35.77
N ARG R 464 124.69 -29.94 36.22
CA ARG R 464 123.53 -30.26 35.39
C ARG R 464 122.60 -29.07 35.25
N TRP R 465 122.45 -28.29 36.32
CA TRP R 465 121.64 -27.08 36.26
C TRP R 465 122.29 -26.04 35.35
N MET R 466 123.63 -25.99 35.38
CA MET R 466 124.37 -25.11 34.49
C MET R 466 124.18 -25.49 33.05
N ALA R 467 124.29 -26.79 32.74
CA ALA R 467 124.12 -27.26 31.38
C ALA R 467 122.71 -27.01 30.89
N ARG R 468 121.72 -27.27 31.76
CA ARG R 468 120.33 -27.06 31.42
C ARG R 468 120.01 -25.59 31.18
N LEU R 469 120.67 -24.71 31.90
CA LEU R 469 120.29 -23.31 31.78
C LEU R 469 121.08 -22.60 30.69
N ALA R 470 122.34 -22.97 30.51
CA ALA R 470 123.13 -22.44 29.41
C ALA R 470 122.83 -23.15 28.09
N ARG R 471 121.99 -24.18 28.12
CA ARG R 471 121.39 -24.72 26.92
C ARG R 471 120.70 -23.62 26.12
N MET R 472 119.79 -22.90 26.77
CA MET R 472 118.85 -21.99 26.13
C MET R 472 119.22 -20.52 26.30
N ASN R 473 120.36 -20.13 25.75
CA ASN R 473 120.66 -18.71 25.53
C ASN R 473 120.13 -18.25 24.16
N ILE R 474 119.78 -16.98 24.07
CA ILE R 474 119.30 -16.38 22.82
C ILE R 474 120.04 -15.08 22.58
N ASN R 475 120.61 -14.91 21.39
CA ASN R 475 121.22 -13.61 21.22
C ASN R 475 120.17 -12.57 20.82
N PRO R 476 120.46 -11.28 21.04
CA PRO R 476 119.53 -10.25 20.58
C PRO R 476 119.32 -10.19 19.08
N THR R 477 120.17 -10.83 18.28
CA THR R 477 119.91 -10.96 16.85
C THR R 477 118.67 -11.82 16.60
N GLU R 478 118.61 -12.97 17.26
CA GLU R 478 117.39 -13.79 17.19
C GLU R 478 116.21 -13.07 17.79
N ILE R 479 116.44 -12.27 18.85
CA ILE R 479 115.35 -11.49 19.44
C ILE R 479 114.77 -10.51 18.43
N GLU R 480 115.63 -9.79 17.71
CA GLU R 480 115.11 -8.77 16.81
C GLU R 480 114.54 -9.36 15.53
N TRP R 481 115.07 -10.52 15.10
CA TRP R 481 114.40 -11.28 14.04
C TRP R 481 112.97 -11.63 14.42
N ALA R 482 112.80 -12.17 15.64
CA ALA R 482 111.48 -12.63 16.08
C ALA R 482 110.53 -11.47 16.27
N LEU R 483 111.00 -10.36 16.85
CA LEU R 483 110.11 -9.23 17.05
C LEU R 483 109.78 -8.53 15.74
N THR R 484 110.71 -8.55 14.77
CA THR R 484 110.43 -8.00 13.46
C THR R 484 109.31 -8.76 12.77
N GLU R 485 109.41 -10.09 12.75
CA GLU R 485 108.38 -10.86 12.08
C GLU R 485 107.06 -10.81 12.85
N CYS R 486 107.13 -10.62 14.18
CA CYS R 486 105.89 -10.40 14.93
C CYS R 486 105.23 -9.10 14.52
N ALA R 487 106.03 -8.06 14.29
CA ALA R 487 105.45 -6.81 13.83
C ALA R 487 104.96 -6.88 12.40
N GLN R 488 105.41 -7.90 11.64
CA GLN R 488 104.81 -8.29 10.36
C GLN R 488 104.98 -7.20 9.29
N GLY R 489 106.21 -6.72 9.14
CA GLY R 489 106.52 -5.78 8.10
C GLY R 489 106.04 -4.36 8.34
N TYR R 490 105.27 -4.10 9.39
CA TYR R 490 104.86 -2.74 9.67
C TYR R 490 105.92 -1.99 10.46
N VAL R 491 106.71 -2.69 11.26
CA VAL R 491 107.72 -2.11 12.12
C VAL R 491 108.92 -3.03 12.09
N THR R 492 110.10 -2.48 11.83
CA THR R 492 111.31 -3.27 12.02
C THR R 492 112.02 -2.85 13.30
N VAL R 493 112.63 -3.81 13.97
CA VAL R 493 113.28 -3.56 15.24
C VAL R 493 114.75 -3.91 15.10
N THR R 494 115.54 -3.40 16.05
CA THR R 494 116.94 -3.76 16.13
C THR R 494 117.39 -3.65 17.57
N SER R 495 118.54 -4.25 17.85
CA SER R 495 119.03 -4.35 19.22
C SER R 495 120.53 -4.63 19.21
N PRO R 496 121.37 -3.61 19.04
CA PRO R 496 122.80 -3.85 18.94
C PRO R 496 123.39 -4.20 20.29
N TYR R 497 124.64 -4.67 20.25
CA TYR R 497 125.26 -5.24 21.44
C TYR R 497 126.77 -5.27 21.24
N ALA R 498 127.48 -5.26 22.32
CA ALA R 498 128.91 -5.46 22.25
C ALA R 498 129.21 -6.95 22.14
N PRO R 499 130.23 -7.33 21.37
CA PRO R 499 130.58 -8.76 21.25
C PRO R 499 131.16 -9.30 22.55
N SER R 500 130.49 -10.30 23.11
CA SER R 500 130.85 -10.83 24.41
C SER R 500 130.28 -12.23 24.58
N VAL R 501 130.97 -13.03 25.39
CA VAL R 501 130.49 -14.34 25.77
C VAL R 501 129.80 -14.28 27.14
N ASN R 502 130.09 -13.24 27.92
CA ASN R 502 129.65 -13.12 29.31
C ASN R 502 128.13 -13.07 29.43
N ARG R 503 127.47 -12.43 28.48
CA ARG R 503 126.02 -12.31 28.56
C ARG R 503 125.36 -13.67 28.31
N LEU R 504 124.16 -13.80 28.86
CA LEU R 504 123.27 -14.91 28.60
C LEU R 504 121.88 -14.48 29.03
N MET R 505 120.91 -14.88 28.25
CA MET R 505 119.53 -14.68 28.68
C MET R 505 118.78 -15.99 28.46
N PRO R 506 118.30 -16.61 29.52
CA PRO R 506 117.68 -17.92 29.39
C PRO R 506 116.24 -17.84 28.87
N TYR R 507 116.02 -18.10 27.58
CA TYR R 507 114.66 -17.98 27.06
C TYR R 507 114.26 -19.01 25.99
N ARG R 508 115.13 -19.92 25.55
CA ARG R 508 114.81 -20.73 24.36
C ARG R 508 114.16 -22.04 24.75
N ILE R 509 112.83 -22.05 24.73
CA ILE R 509 112.13 -23.30 25.04
C ILE R 509 112.07 -24.18 23.80
N SER R 510 111.64 -25.42 23.98
CA SER R 510 111.36 -26.29 22.86
C SER R 510 109.87 -26.24 22.51
N ASN R 511 109.49 -27.00 21.49
CA ASN R 511 108.15 -26.87 20.93
C ASN R 511 107.11 -27.55 21.80
N ALA R 512 107.44 -28.72 22.36
CA ALA R 512 106.49 -29.47 23.16
C ALA R 512 106.18 -28.80 24.48
N GLU R 513 107.01 -27.84 24.89
CA GLU R 513 106.79 -27.06 26.11
C GLU R 513 105.46 -26.33 26.05
N ARG R 514 105.24 -25.57 24.98
CA ARG R 514 104.01 -24.81 24.81
C ARG R 514 102.80 -25.73 24.75
N GLN R 515 102.98 -26.92 24.19
CA GLN R 515 101.86 -27.85 24.03
C GLN R 515 101.45 -28.43 25.38
N ILE R 516 102.43 -28.91 26.16
CA ILE R 516 102.14 -29.46 27.48
C ILE R 516 101.57 -28.38 28.41
N SER R 517 102.13 -27.18 28.35
CA SER R 517 101.63 -26.10 29.17
C SER R 517 100.26 -25.65 28.73
N GLN R 518 100.00 -25.66 27.43
CA GLN R 518 98.68 -25.28 26.93
C GLN R 518 97.63 -26.29 27.36
N ILE R 519 98.01 -27.56 27.45
CA ILE R 519 97.11 -28.57 28.01
C ILE R 519 96.74 -28.20 29.44
N ILE R 520 97.73 -27.83 30.24
CA ILE R 520 97.45 -27.49 31.65
C ILE R 520 96.60 -26.23 31.76
N ARG R 521 96.90 -25.23 30.92
CA ARG R 521 96.12 -24.01 30.86
C ARG R 521 94.71 -24.24 30.34
N VAL R 522 94.47 -25.32 29.60
CA VAL R 522 93.08 -25.70 29.35
C VAL R 522 92.48 -26.31 30.60
N MET R 523 93.25 -27.15 31.28
CA MET R 523 92.74 -27.96 32.39
C MET R 523 92.24 -27.12 33.55
N ASN R 524 92.81 -25.93 33.76
CA ASN R 524 92.38 -25.19 34.95
C ASN R 524 90.99 -24.59 34.86
N ILE R 525 90.35 -24.63 33.70
CA ILE R 525 89.05 -24.00 33.54
C ILE R 525 87.96 -24.81 34.22
N GLY R 526 87.74 -26.03 33.74
CA GLY R 526 86.72 -26.89 34.30
C GLY R 526 85.31 -26.37 34.14
N ASN R 527 84.97 -25.87 32.95
CA ASN R 527 83.65 -25.33 32.59
C ASN R 527 83.25 -24.16 33.48
N ASN R 528 84.23 -23.46 34.05
CA ASN R 528 83.99 -22.24 34.78
C ASN R 528 84.09 -21.09 33.79
N ALA R 529 83.05 -20.28 33.72
CA ALA R 529 83.06 -19.17 32.79
C ALA R 529 83.63 -17.90 33.41
N THR R 530 83.73 -17.85 34.74
CA THR R 530 84.34 -16.72 35.41
C THR R 530 85.82 -16.61 35.07
N VAL R 531 86.51 -17.74 34.95
CA VAL R 531 87.94 -17.71 34.68
C VAL R 531 88.27 -17.47 33.22
N ILE R 532 87.26 -17.34 32.34
CA ILE R 532 87.50 -17.02 30.94
C ILE R 532 86.82 -15.75 30.50
N GLN R 533 85.89 -15.19 31.27
CA GLN R 533 85.35 -13.88 30.91
C GLN R 533 86.36 -12.72 30.85
N PRO R 534 87.33 -12.53 31.78
CA PRO R 534 88.14 -11.32 31.66
C PRO R 534 89.12 -11.40 30.52
N VAL R 535 89.44 -12.60 30.05
CA VAL R 535 90.26 -12.76 28.85
C VAL R 535 89.56 -12.14 27.65
N LEU R 536 88.29 -12.48 27.47
CA LEU R 536 87.53 -11.90 26.37
C LEU R 536 87.28 -10.42 26.59
N GLN R 537 87.19 -9.98 27.85
CA GLN R 537 87.06 -8.55 28.11
C GLN R 537 88.33 -7.80 27.71
N ASP R 538 89.50 -8.36 28.02
CA ASP R 538 90.76 -7.74 27.66
C ASP R 538 90.92 -7.67 26.16
N ILE R 539 90.57 -8.75 25.47
CA ILE R 539 90.73 -8.75 24.02
C ILE R 539 89.73 -7.82 23.36
N SER R 540 88.54 -7.69 23.93
CA SER R 540 87.54 -6.75 23.41
C SER R 540 88.03 -5.32 23.52
N VAL R 541 88.45 -4.92 24.72
CA VAL R 541 88.88 -3.53 24.89
C VAL R 541 90.20 -3.27 24.17
N LEU R 542 91.04 -4.29 23.99
CA LEU R 542 92.31 -4.08 23.33
C LEU R 542 92.14 -3.95 21.83
N LEU R 543 91.32 -4.82 21.23
CA LEU R 543 91.04 -4.70 19.80
C LEU R 543 90.32 -3.40 19.49
N GLN R 544 89.47 -2.93 20.40
CA GLN R 544 88.80 -1.66 20.19
C GLN R 544 89.80 -0.51 20.26
N ARG R 545 90.63 -0.47 21.29
CA ARG R 545 91.57 0.64 21.45
C ARG R 545 92.74 0.56 20.48
N ILE R 546 92.90 -0.54 19.74
CA ILE R 546 93.89 -0.57 18.66
C ILE R 546 93.27 -0.36 17.28
N SER R 547 91.95 -0.58 17.12
CA SER R 547 91.35 -0.55 15.80
C SER R 547 91.23 0.86 15.26
N PRO R 548 91.43 1.04 13.96
CA PRO R 548 91.14 2.34 13.35
C PRO R 548 89.67 2.57 13.21
N LEU R 549 88.87 1.52 13.28
CA LEU R 549 87.43 1.61 13.02
C LEU R 549 86.72 2.18 14.24
N GLN R 550 85.98 3.25 14.03
CA GLN R 550 84.98 3.70 14.98
C GLN R 550 83.63 3.68 14.31
N ILE R 551 82.58 3.52 15.11
CA ILE R 551 81.23 3.38 14.61
C ILE R 551 80.44 4.62 14.95
N ASP R 552 79.81 5.21 13.95
CA ASP R 552 78.65 6.02 14.27
C ASP R 552 77.39 5.31 13.83
N PRO R 553 76.42 5.14 14.72
CA PRO R 553 75.12 4.61 14.31
C PRO R 553 74.25 5.63 13.59
N THR R 554 74.72 6.87 13.43
CA THR R 554 73.92 7.90 12.80
C THR R 554 73.84 7.78 11.29
N ILE R 555 74.57 6.83 10.69
CA ILE R 555 74.47 6.57 9.26
C ILE R 555 73.07 6.09 8.92
N ILE R 556 72.48 5.29 9.80
CA ILE R 556 71.15 4.74 9.56
C ILE R 556 70.10 5.84 9.68
N SER R 557 70.29 6.76 10.62
CA SER R 557 69.42 7.93 10.71
C SER R 557 69.61 8.84 9.51
N ASN R 558 70.83 8.92 8.99
CA ASN R 558 71.11 9.70 7.79
C ASN R 558 70.38 9.13 6.58
N THR R 559 70.28 7.81 6.50
CA THR R 559 69.54 7.20 5.40
C THR R 559 68.04 7.38 5.56
N MET R 560 67.50 7.06 6.73
CA MET R 560 66.05 7.03 6.87
C MET R 560 65.47 8.42 7.10
N SER R 561 65.91 9.07 8.19
CA SER R 561 65.61 10.41 8.70
C SER R 561 64.24 10.53 9.34
N THR R 562 63.35 9.53 9.22
CA THR R 562 62.09 9.30 9.97
C THR R 562 61.26 10.58 10.25
N VAL R 563 60.86 11.24 9.16
CA VAL R 563 60.20 12.54 9.28
C VAL R 563 58.81 12.45 9.89
N SER R 564 58.21 11.27 9.93
CA SER R 564 56.86 11.08 10.48
C SER R 564 56.89 9.99 11.54
N GLU R 565 56.41 10.30 12.73
CA GLU R 565 56.37 9.32 13.81
C GLU R 565 55.09 9.33 14.63
N SER R 566 54.24 10.35 14.52
CA SER R 566 53.06 10.48 15.37
C SER R 566 51.84 9.76 14.81
N THR R 567 51.99 8.99 13.72
CA THR R 567 50.85 8.29 13.16
C THR R 567 50.46 7.10 14.05
N THR R 568 49.20 6.69 13.92
CA THR R 568 48.67 5.62 14.74
C THR R 568 47.99 4.51 13.94
N GLN R 569 47.94 4.59 12.61
CA GLN R 569 47.35 3.52 11.83
C GLN R 569 48.24 2.28 11.83
N THR R 570 49.54 2.50 11.81
CA THR R 570 50.58 1.49 11.68
C THR R 570 51.89 2.23 11.91
N LEU R 571 53.00 1.54 11.74
CA LEU R 571 54.29 2.20 11.71
C LEU R 571 54.87 2.04 10.31
N SER R 572 55.66 3.02 9.90
CA SER R 572 56.41 2.89 8.67
C SER R 572 57.44 1.77 8.82
N PRO R 573 57.79 1.10 7.72
CA PRO R 573 58.92 0.16 7.77
C PRO R 573 60.24 0.82 8.16
N ALA R 574 60.46 2.06 7.72
CA ALA R 574 61.65 2.80 8.11
C ALA R 574 61.65 3.08 9.60
N SER R 575 60.54 3.61 10.11
CA SER R 575 60.39 3.87 11.54
C SER R 575 60.45 2.59 12.35
N SER R 576 59.99 1.49 11.77
CA SER R 576 60.00 0.22 12.47
C SER R 576 61.41 -0.32 12.64
N ILE R 577 62.22 -0.22 11.58
CA ILE R 577 63.59 -0.71 11.74
C ILE R 577 64.41 0.24 12.59
N LEU R 578 64.05 1.54 12.61
CA LEU R 578 64.78 2.45 13.49
C LEU R 578 64.45 2.17 14.96
N GLY R 579 63.19 1.92 15.27
CA GLY R 579 62.83 1.54 16.62
C GLY R 579 63.35 0.16 16.99
N LYS R 580 63.51 -0.71 16.00
CA LYS R 580 64.01 -2.05 16.29
C LYS R 580 65.50 -2.03 16.56
N LEU R 581 66.24 -1.21 15.82
CA LEU R 581 67.67 -1.13 16.03
C LEU R 581 68.01 -0.34 17.29
N ARG R 582 67.27 0.74 17.56
CA ARG R 582 67.59 1.73 18.58
C ARG R 582 69.03 2.20 18.45
N PRO R 583 69.35 3.04 17.45
CA PRO R 583 70.73 3.50 17.29
C PRO R 583 71.19 4.48 18.36
N SER R 584 70.32 4.88 19.29
CA SER R 584 70.76 5.67 20.43
C SER R 584 71.61 4.86 21.41
N ASN R 585 71.56 3.53 21.33
CA ASN R 585 72.54 2.70 22.02
C ASN R 585 73.92 2.95 21.43
N SER R 586 74.93 2.94 22.30
CA SER R 586 76.32 3.12 21.88
C SER R 586 77.24 2.06 22.45
N ASP R 587 76.70 1.07 23.14
CA ASP R 587 77.48 -0.10 23.55
C ASP R 587 77.68 -1.01 22.36
N PHE R 588 78.92 -1.46 22.15
CA PHE R 588 79.22 -2.38 21.06
C PHE R 588 80.25 -3.44 21.47
N SER R 589 80.24 -3.83 22.74
CA SER R 589 81.22 -4.80 23.21
C SER R 589 80.96 -6.20 22.68
N SER R 590 79.71 -6.51 22.34
CA SER R 590 79.38 -7.83 21.81
C SER R 590 80.03 -8.07 20.46
N PHE R 591 80.17 -7.02 19.66
CA PHE R 591 80.89 -7.10 18.40
C PHE R 591 82.35 -7.48 18.64
N ARG R 592 82.97 -6.87 19.66
CA ARG R 592 84.37 -7.11 19.92
C ARG R 592 84.60 -8.51 20.49
N VAL R 593 83.68 -8.97 21.35
CA VAL R 593 83.81 -10.31 21.91
C VAL R 593 83.56 -11.36 20.84
N ALA R 594 82.62 -11.09 19.94
CA ALA R 594 82.37 -11.99 18.82
C ALA R 594 83.58 -12.04 17.89
N LEU R 595 84.28 -10.93 17.73
CA LEU R 595 85.54 -10.97 17.01
C LEU R 595 86.59 -11.73 17.79
N ALA R 596 86.57 -11.64 19.12
CA ALA R 596 87.58 -12.27 19.94
C ALA R 596 87.45 -13.78 19.98
N GLY R 597 86.23 -14.29 19.76
CA GLY R 597 85.99 -15.72 19.90
C GLY R 597 86.69 -16.59 18.86
N TRP R 598 87.20 -15.97 17.80
CA TRP R 598 87.87 -16.71 16.75
C TRP R 598 89.20 -17.27 17.22
N LEU R 599 89.83 -16.59 18.18
CA LEU R 599 91.02 -17.13 18.82
C LEU R 599 90.67 -18.33 19.67
N TYR R 600 89.45 -18.39 20.19
CA TYR R 600 89.10 -19.33 21.24
C TYR R 600 87.91 -20.18 20.85
N ASN R 601 87.87 -20.56 19.57
CA ASN R 601 87.05 -21.65 19.07
C ASN R 601 87.06 -22.89 19.97
N GLY R 602 88.23 -23.24 20.50
CA GLY R 602 88.40 -24.55 21.11
C GLY R 602 87.68 -24.74 22.43
N VAL R 603 87.65 -23.71 23.27
CA VAL R 603 87.14 -23.88 24.62
C VAL R 603 85.82 -23.15 24.85
N VAL R 604 85.52 -22.12 24.08
CA VAL R 604 84.33 -21.32 24.33
C VAL R 604 83.65 -21.06 22.99
N THR R 605 82.33 -21.15 22.97
CA THR R 605 81.60 -20.99 21.72
C THR R 605 80.67 -19.79 21.81
N THR R 606 80.40 -19.20 20.67
CA THR R 606 79.64 -17.96 20.57
C THR R 606 78.30 -18.28 19.92
N VAL R 607 77.23 -18.25 20.71
CA VAL R 607 75.91 -18.46 20.20
C VAL R 607 75.10 -17.20 20.41
N ILE R 608 73.93 -17.17 19.80
CA ILE R 608 73.08 -16.00 19.77
C ILE R 608 72.00 -16.14 20.83
N ASP R 609 71.71 -15.03 21.51
CA ASP R 609 70.69 -15.00 22.55
C ASP R 609 69.33 -15.32 21.96
N ASP R 610 68.53 -16.10 22.71
CA ASP R 610 67.21 -16.47 22.22
C ASP R 610 66.21 -15.33 22.29
N SER R 611 66.50 -14.30 23.08
CA SER R 611 65.64 -13.12 23.09
C SER R 611 65.71 -12.39 21.75
N SER R 612 66.85 -12.48 21.07
CA SER R 612 66.98 -11.96 19.73
C SER R 612 66.35 -12.86 18.68
N TYR R 613 66.00 -14.10 19.02
CA TYR R 613 65.18 -14.89 18.13
C TYR R 613 63.75 -14.37 18.18
N PRO R 614 62.99 -14.51 17.09
CA PRO R 614 61.59 -14.07 17.11
C PRO R 614 60.76 -14.90 18.05
N LYS R 615 60.11 -14.23 18.99
CA LYS R 615 59.42 -14.90 20.07
C LYS R 615 58.16 -15.59 19.55
N ASP R 616 57.78 -16.66 20.25
CA ASP R 616 56.59 -17.48 19.97
C ASP R 616 56.60 -18.06 18.57
N GLY R 617 57.79 -18.30 18.01
CA GLY R 617 57.86 -18.62 16.60
C GLY R 617 57.90 -17.35 15.78
N GLY R 618 56.76 -16.96 15.24
CA GLY R 618 56.67 -15.74 14.46
C GLY R 618 56.35 -16.03 13.01
N SER R 619 55.31 -15.41 12.49
CA SER R 619 54.92 -15.62 11.10
C SER R 619 55.50 -14.53 10.21
N VAL R 620 55.52 -14.81 8.91
CA VAL R 620 55.92 -13.81 7.93
C VAL R 620 54.87 -12.74 7.71
N THR R 621 53.67 -12.92 8.25
CA THR R 621 52.62 -11.92 8.12
C THR R 621 52.90 -10.65 8.90
N SER R 622 53.89 -10.67 9.80
CA SER R 622 54.15 -9.55 10.70
C SER R 622 55.43 -8.85 10.34
N LEU R 623 55.36 -7.52 10.33
CA LEU R 623 56.41 -6.65 9.83
C LEU R 623 57.67 -6.77 10.68
N GLU R 624 57.54 -6.58 11.99
CA GLU R 624 58.71 -6.62 12.85
C GLU R 624 59.28 -8.02 12.99
N ASN R 625 58.49 -9.06 12.75
CA ASN R 625 59.08 -10.39 12.71
C ASN R 625 59.92 -10.57 11.46
N LEU R 626 59.48 -9.98 10.34
CA LEU R 626 60.34 -9.98 9.16
C LEU R 626 61.62 -9.20 9.40
N TRP R 627 61.50 -8.08 10.12
CA TRP R 627 62.70 -7.31 10.45
C TRP R 627 63.63 -8.10 11.36
N ASP R 628 63.06 -8.85 12.31
CA ASP R 628 63.86 -9.65 13.21
C ASP R 628 64.57 -10.76 12.46
N PHE R 629 63.91 -11.32 11.45
CA PHE R 629 64.58 -12.27 10.57
C PHE R 629 65.75 -11.65 9.85
N PHE R 630 65.59 -10.41 9.39
CA PHE R 630 66.69 -9.72 8.72
C PHE R 630 67.86 -9.48 9.67
N ILE R 631 67.56 -9.06 10.90
CA ILE R 631 68.60 -8.78 11.89
C ILE R 631 69.38 -10.04 12.22
N LEU R 632 68.67 -11.14 12.45
CA LEU R 632 69.32 -12.40 12.78
C LEU R 632 70.15 -12.94 11.61
N ALA R 633 69.57 -12.91 10.41
CA ALA R 633 70.26 -13.47 9.26
C ALA R 633 71.46 -12.64 8.85
N LEU R 634 71.44 -11.34 9.13
CA LEU R 634 72.61 -10.54 8.84
C LEU R 634 73.66 -10.70 9.93
N ALA R 635 73.23 -10.87 11.18
CA ALA R 635 74.19 -10.91 12.28
C ALA R 635 74.90 -12.24 12.39
N LEU R 636 74.27 -13.30 11.91
CA LEU R 636 74.72 -14.66 12.20
C LEU R 636 76.15 -15.04 11.81
N PRO R 637 76.68 -14.78 10.58
CA PRO R 637 77.92 -15.47 10.17
C PRO R 637 79.21 -15.03 10.85
N LEU R 638 79.15 -14.17 11.87
CA LEU R 638 80.36 -13.80 12.59
C LEU R 638 80.61 -14.68 13.81
N THR R 639 79.77 -15.68 14.05
CA THR R 639 79.85 -16.47 15.25
C THR R 639 80.66 -17.74 15.03
N THR R 640 81.22 -18.26 16.12
CA THR R 640 81.97 -19.50 16.11
C THR R 640 81.10 -20.73 16.20
N ASP R 641 79.79 -20.56 16.17
CA ASP R 641 78.87 -21.68 16.31
C ASP R 641 78.89 -22.53 15.05
N PRO R 642 78.95 -23.85 15.17
CA PRO R 642 79.05 -24.67 13.95
C PRO R 642 77.77 -24.77 13.16
N CYS R 643 76.62 -24.90 13.82
CA CYS R 643 75.35 -25.13 13.14
C CYS R 643 74.62 -23.85 12.79
N ALA R 644 75.34 -22.73 12.71
CA ALA R 644 74.76 -21.45 12.30
C ALA R 644 73.97 -21.47 10.99
N PRO R 645 74.41 -22.10 9.89
CA PRO R 645 73.53 -22.11 8.70
C PRO R 645 72.24 -22.86 8.89
N VAL R 646 72.24 -23.92 9.71
CA VAL R 646 71.01 -24.65 9.95
C VAL R 646 70.07 -23.82 10.82
N LYS R 647 70.63 -23.04 11.75
CA LYS R 647 69.84 -22.06 12.48
C LYS R 647 69.19 -21.05 11.54
N ALA R 648 69.97 -20.57 10.56
CA ALA R 648 69.47 -19.60 9.60
C ALA R 648 68.35 -20.16 8.75
N PHE R 649 68.46 -21.44 8.39
CA PHE R 649 67.45 -22.03 7.51
C PHE R 649 66.16 -22.31 8.26
N MET R 650 66.26 -22.91 9.44
CA MET R 650 65.05 -23.22 10.19
C MET R 650 64.38 -21.96 10.74
N THR R 651 65.12 -20.85 10.85
CA THR R 651 64.50 -19.59 11.23
C THR R 651 63.48 -19.13 10.19
N LEU R 652 63.84 -19.21 8.91
CA LEU R 652 62.89 -18.89 7.86
C LEU R 652 61.79 -19.93 7.77
N ALA R 653 62.12 -21.20 8.02
CA ALA R 653 61.09 -22.25 7.99
C ALA R 653 60.02 -22.00 9.06
N ASN R 654 60.44 -21.61 10.25
CA ASN R 654 59.50 -21.27 11.29
C ASN R 654 58.80 -19.95 11.05
N MET R 655 59.42 -19.04 10.30
CA MET R 655 58.67 -17.90 9.81
C MET R 655 57.57 -18.34 8.86
N MET R 656 57.80 -19.41 8.12
CA MET R 656 56.91 -19.82 7.04
C MET R 656 56.20 -21.12 7.34
N VAL R 657 55.92 -21.39 8.61
CA VAL R 657 54.98 -22.45 8.95
C VAL R 657 53.62 -22.16 8.30
N GLY R 658 53.09 -23.15 7.60
CA GLY R 658 51.74 -23.06 7.10
C GLY R 658 51.60 -22.52 5.70
N PHE R 659 52.67 -22.01 5.11
CA PHE R 659 52.60 -21.54 3.73
C PHE R 659 53.39 -22.40 2.77
N GLU R 660 54.58 -22.84 3.18
CA GLU R 660 55.41 -23.71 2.36
C GLU R 660 55.95 -24.81 3.26
N THR R 661 55.83 -26.06 2.82
CA THR R 661 56.20 -27.20 3.64
C THR R 661 57.44 -27.89 3.07
N ILE R 662 58.20 -28.51 3.97
CA ILE R 662 59.45 -29.19 3.62
C ILE R 662 59.29 -30.64 4.01
N PRO R 663 60.07 -31.58 3.46
CA PRO R 663 59.92 -32.97 3.88
C PRO R 663 60.40 -33.19 5.32
N MET R 664 59.91 -34.28 5.91
CA MET R 664 60.11 -34.61 7.31
C MET R 664 61.03 -35.80 7.47
N ASP R 665 61.56 -35.95 8.69
CA ASP R 665 62.25 -37.16 9.06
C ASP R 665 61.27 -38.20 9.62
N ASN R 666 60.60 -37.86 10.71
CA ASN R 666 59.67 -38.77 11.35
C ASN R 666 58.53 -37.96 11.96
N GLN R 667 57.64 -38.65 12.67
CA GLN R 667 56.56 -37.94 13.35
C GLN R 667 56.91 -37.60 14.79
N ILE R 668 58.13 -37.13 15.02
CA ILE R 668 58.56 -36.67 16.34
C ILE R 668 58.77 -35.17 16.33
N TYR R 669 59.69 -34.68 15.52
CA TYR R 669 59.90 -33.26 15.37
C TYR R 669 59.22 -32.81 14.09
N THR R 670 58.22 -31.95 14.23
CA THR R 670 57.52 -31.44 13.07
C THR R 670 58.32 -30.30 12.43
N GLN R 671 57.71 -29.62 11.48
CA GLN R 671 58.35 -28.49 10.81
C GLN R 671 58.47 -27.29 11.73
N SER R 672 57.59 -27.16 12.72
CA SER R 672 57.47 -25.94 13.49
C SER R 672 58.25 -25.97 14.80
N ARG R 673 59.28 -26.79 14.90
CA ARG R 673 60.17 -26.70 16.05
C ARG R 673 61.03 -25.45 15.95
N ARG R 674 61.42 -24.91 17.09
CA ARG R 674 62.16 -23.65 17.10
C ARG R 674 63.57 -23.85 16.58
N ALA R 675 64.13 -22.78 16.02
CA ALA R 675 65.50 -22.82 15.54
C ALA R 675 66.51 -22.83 16.67
N SER R 676 66.11 -22.44 17.88
CA SER R 676 67.02 -22.39 19.01
C SER R 676 67.45 -23.77 19.47
N ALA R 677 66.66 -24.81 19.18
CA ALA R 677 67.00 -26.15 19.63
C ALA R 677 68.13 -26.77 18.83
N PHE R 678 68.48 -26.19 17.69
CA PHE R 678 69.51 -26.76 16.84
C PHE R 678 70.86 -26.32 17.35
N SER R 679 71.56 -27.19 18.06
CA SER R 679 72.94 -26.93 18.47
C SER R 679 73.90 -27.98 17.95
N THR R 680 73.63 -29.23 18.23
CA THR R 680 74.48 -30.32 17.83
C THR R 680 74.32 -30.58 16.34
N PRO R 681 75.29 -31.26 15.72
CA PRO R 681 75.12 -31.65 14.32
C PRO R 681 74.31 -32.93 14.12
N HIS R 682 73.67 -33.48 15.14
CA HIS R 682 72.79 -34.61 14.89
C HIS R 682 71.35 -34.19 14.70
N THR R 683 71.09 -32.90 14.50
CA THR R 683 69.73 -32.44 14.33
C THR R 683 69.54 -31.73 12.99
N TRP R 684 70.45 -31.90 12.08
CA TRP R 684 70.30 -31.25 10.79
C TRP R 684 69.38 -32.07 9.91
N PRO R 685 68.36 -31.46 9.32
CA PRO R 685 67.47 -32.22 8.44
C PRO R 685 68.16 -32.60 7.15
N ARG R 686 67.77 -33.75 6.61
CA ARG R 686 68.44 -34.28 5.42
C ARG R 686 68.10 -33.45 4.18
N CYS R 687 66.95 -32.77 4.21
CA CYS R 687 66.62 -31.83 3.16
C CYS R 687 67.54 -30.63 3.17
N PHE R 688 68.11 -30.29 4.33
CA PHE R 688 69.10 -29.22 4.32
C PHE R 688 70.39 -29.65 3.65
N MET R 689 70.80 -30.90 3.83
CA MET R 689 72.03 -31.33 3.18
C MET R 689 71.81 -31.53 1.69
N ASN R 690 70.75 -32.23 1.29
CA ASN R 690 70.50 -32.48 -0.12
C ASN R 690 69.48 -31.48 -0.64
N ILE R 691 69.90 -30.70 -1.63
CA ILE R 691 69.11 -29.61 -2.19
C ILE R 691 67.84 -30.13 -2.86
N GLN R 692 67.91 -31.32 -3.47
CA GLN R 692 66.83 -31.83 -4.30
C GLN R 692 65.62 -32.30 -3.50
N LEU R 693 65.72 -32.39 -2.18
CA LEU R 693 64.58 -32.82 -1.38
C LEU R 693 63.51 -31.74 -1.29
N ILE R 694 63.89 -30.46 -1.26
CA ILE R 694 62.89 -29.40 -1.32
C ILE R 694 62.47 -29.26 -2.78
N SER R 695 61.24 -29.61 -3.08
CA SER R 695 60.76 -29.46 -4.44
C SER R 695 60.54 -27.98 -4.74
N PRO R 696 60.95 -27.51 -5.92
CA PRO R 696 60.77 -26.09 -6.23
C PRO R 696 59.40 -25.79 -6.80
N ILE R 697 58.36 -26.38 -6.25
CA ILE R 697 57.00 -26.05 -6.64
C ILE R 697 56.09 -25.85 -5.44
N ASP R 698 56.43 -26.38 -4.27
CA ASP R 698 55.68 -26.13 -3.05
C ASP R 698 56.36 -25.15 -2.12
N ALA R 699 57.69 -25.22 -2.00
CA ALA R 699 58.45 -24.31 -1.18
C ALA R 699 59.54 -23.60 -2.00
N PRO R 700 59.15 -22.65 -2.88
CA PRO R 700 60.15 -22.00 -3.71
C PRO R 700 61.12 -21.13 -2.95
N ILE R 701 60.63 -20.21 -2.12
CA ILE R 701 61.53 -19.28 -1.46
C ILE R 701 62.34 -19.97 -0.37
N LEU R 702 61.82 -21.07 0.19
CA LEU R 702 62.66 -21.90 1.05
C LEU R 702 63.76 -22.58 0.25
N ARG R 703 63.43 -23.05 -0.96
CA ARG R 703 64.43 -23.69 -1.81
C ARG R 703 65.54 -22.72 -2.16
N GLN R 704 65.18 -21.49 -2.52
CA GLN R 704 66.21 -20.52 -2.83
C GLN R 704 66.96 -20.04 -1.60
N TRP R 705 66.31 -20.01 -0.44
CA TRP R 705 67.02 -19.68 0.78
C TRP R 705 68.10 -20.70 1.06
N ALA R 706 67.74 -21.99 1.09
CA ALA R 706 68.73 -23.06 1.29
C ALA R 706 69.80 -23.05 0.22
N GLU R 707 69.42 -22.71 -1.01
CA GLU R 707 70.38 -22.58 -2.09
C GLU R 707 71.40 -21.48 -1.81
N ILE R 708 70.94 -20.33 -1.34
CA ILE R 708 71.82 -19.20 -1.07
C ILE R 708 72.70 -19.49 0.14
N ILE R 709 72.16 -20.23 1.12
CA ILE R 709 72.96 -20.67 2.26
C ILE R 709 74.12 -21.55 1.81
N HIS R 710 73.84 -22.50 0.92
CA HIS R 710 74.88 -23.43 0.51
C HIS R 710 75.92 -22.76 -0.37
N ARG R 711 75.48 -21.91 -1.30
CA ARG R 711 76.47 -21.39 -2.23
C ARG R 711 77.20 -20.16 -1.70
N TYR R 712 76.55 -19.33 -0.89
CA TYR R 712 77.06 -18.01 -0.56
C TYR R 712 77.57 -17.88 0.86
N TRP R 713 77.70 -18.97 1.59
CA TRP R 713 78.23 -18.89 2.93
C TRP R 713 79.73 -18.62 2.86
N PRO R 714 80.25 -17.74 3.72
CA PRO R 714 81.68 -17.43 3.70
C PRO R 714 82.53 -18.64 4.12
N ASN R 715 83.49 -18.97 3.28
CA ASN R 715 84.32 -20.14 3.57
C ASN R 715 85.41 -19.78 4.59
N PRO R 716 85.96 -20.76 5.29
CA PRO R 716 87.09 -20.48 6.17
C PRO R 716 88.38 -20.30 5.38
N SER R 717 89.38 -19.77 6.08
CA SER R 717 90.70 -19.56 5.52
C SER R 717 91.71 -19.59 6.66
N GLN R 718 92.95 -19.23 6.36
CA GLN R 718 93.98 -19.24 7.39
C GLN R 718 95.06 -18.23 7.03
N ILE R 719 95.72 -17.71 8.07
CA ILE R 719 96.96 -16.94 7.94
C ILE R 719 97.94 -17.45 8.99
N ARG R 720 99.12 -16.84 9.03
CA ARG R 720 100.18 -17.25 9.94
C ARG R 720 100.60 -16.10 10.84
N TYR R 721 101.46 -16.42 11.80
CA TYR R 721 101.80 -15.51 12.89
C TYR R 721 102.97 -16.10 13.65
N GLY R 722 103.78 -15.23 14.23
CA GLY R 722 104.86 -15.64 15.13
C GLY R 722 105.96 -16.41 14.42
N THR R 723 106.97 -16.78 15.19
CA THR R 723 107.99 -17.64 14.61
C THR R 723 108.18 -18.90 15.44
N PRO R 724 107.92 -20.07 14.84
CA PRO R 724 108.10 -21.31 15.59
C PRO R 724 109.55 -21.65 15.84
N ASN R 725 110.49 -21.13 15.03
CA ASN R 725 111.87 -21.58 15.13
C ASN R 725 112.54 -21.12 16.43
N VAL R 726 112.24 -19.90 16.87
CA VAL R 726 112.76 -19.40 18.14
C VAL R 726 111.67 -19.09 19.14
N PHE R 727 110.42 -19.43 18.84
CA PHE R 727 109.36 -19.36 19.83
C PHE R 727 108.83 -20.70 20.28
N GLY R 728 108.59 -21.62 19.34
CA GLY R 728 107.62 -22.68 19.57
C GLY R 728 106.23 -22.13 19.36
N SER R 729 105.25 -23.00 19.52
CA SER R 729 103.87 -22.54 19.39
C SER R 729 102.97 -23.45 20.21
N ALA R 730 101.94 -22.87 20.79
CA ALA R 730 100.94 -23.63 21.52
C ALA R 730 99.86 -24.18 20.59
N ASN R 731 100.11 -24.23 19.29
CA ASN R 731 99.19 -24.88 18.38
C ASN R 731 99.17 -26.38 18.64
N LEU R 732 97.98 -26.94 18.76
CA LEU R 732 97.81 -28.34 19.09
C LEU R 732 97.27 -29.15 17.92
N PHE R 733 96.25 -28.67 17.24
CA PHE R 733 95.66 -29.39 16.14
C PHE R 733 95.84 -28.71 14.80
N THR R 734 96.08 -27.42 14.79
CA THR R 734 96.49 -26.73 13.59
C THR R 734 97.95 -27.03 13.32
N PRO R 735 98.45 -26.70 12.12
CA PRO R 735 99.89 -26.67 11.93
C PRO R 735 100.53 -25.64 12.85
N PRO R 736 101.78 -25.85 13.24
CA PRO R 736 102.35 -25.07 14.36
C PRO R 736 102.79 -23.66 14.02
N GLU R 737 102.31 -23.10 12.94
CA GLU R 737 102.63 -21.72 12.62
C GLU R 737 101.47 -20.93 12.07
N VAL R 738 100.28 -21.51 11.96
CA VAL R 738 99.19 -20.89 11.21
C VAL R 738 97.99 -20.68 12.13
N LEU R 739 97.01 -19.97 11.61
CA LEU R 739 95.89 -19.50 12.41
C LEU R 739 94.63 -19.59 11.59
N LEU R 740 93.71 -20.46 12.00
CA LEU R 740 92.45 -20.58 11.30
C LEU R 740 91.56 -19.39 11.62
N LEU R 741 90.66 -19.09 10.69
CA LEU R 741 89.63 -18.09 10.89
C LEU R 741 88.54 -18.38 9.89
N PRO R 742 87.27 -18.28 10.27
CA PRO R 742 86.19 -18.77 9.40
C PRO R 742 85.83 -17.86 8.24
N ILE R 743 86.57 -16.79 7.97
CA ILE R 743 86.26 -15.90 6.87
C ILE R 743 87.52 -15.66 6.06
N ASP R 744 87.38 -15.63 4.74
CA ASP R 744 88.47 -15.33 3.82
C ASP R 744 89.09 -13.97 4.12
N HIS R 745 90.41 -13.92 4.17
CA HIS R 745 91.15 -12.68 4.34
C HIS R 745 91.54 -12.10 2.99
N GLN R 746 92.43 -11.11 3.00
CA GLN R 746 92.82 -10.36 1.82
C GLN R 746 94.05 -9.54 2.18
N PRO R 747 95.03 -9.39 1.29
CA PRO R 747 96.06 -8.39 1.52
C PRO R 747 95.49 -6.98 1.49
N ALA R 748 96.04 -6.12 2.32
CA ALA R 748 95.38 -4.87 2.66
C ALA R 748 95.48 -3.85 1.53
N ASN R 749 94.41 -3.09 1.35
CA ASN R 749 94.40 -1.95 0.44
C ASN R 749 93.31 -1.00 0.90
N VAL R 750 93.68 0.26 1.12
CA VAL R 750 92.73 1.19 1.71
C VAL R 750 91.73 1.70 0.66
N THR R 751 92.10 1.73 -0.61
CA THR R 751 91.30 2.40 -1.62
C THR R 751 90.33 1.44 -2.32
N THR R 752 90.08 0.28 -1.73
CA THR R 752 89.17 -0.68 -2.34
C THR R 752 87.74 -0.14 -2.36
N PRO R 753 86.94 -0.48 -3.37
CA PRO R 753 85.60 0.08 -3.47
C PRO R 753 84.69 -0.39 -2.37
N THR R 754 83.84 0.52 -1.92
CA THR R 754 82.88 0.24 -0.85
C THR R 754 81.90 -0.84 -1.27
N LEU R 755 81.33 -0.71 -2.46
CA LEU R 755 80.46 -1.72 -3.01
C LEU R 755 81.30 -2.71 -3.78
N ASP R 756 81.30 -3.96 -3.34
CA ASP R 756 82.10 -5.00 -3.98
C ASP R 756 81.50 -6.32 -3.57
N PHE R 757 81.12 -7.13 -4.54
CA PHE R 757 80.53 -8.42 -4.20
C PHE R 757 81.55 -9.53 -4.25
N THR R 758 82.81 -9.20 -4.56
CA THR R 758 83.90 -10.10 -4.24
C THR R 758 84.01 -10.27 -2.73
N ASN R 759 83.76 -9.19 -1.99
CA ASN R 759 83.71 -9.26 -0.54
C ASN R 759 82.54 -10.14 -0.10
N GLU R 760 82.86 -11.12 0.73
CA GLU R 760 81.89 -12.15 1.09
C GLU R 760 80.77 -11.60 1.95
N LEU R 761 81.09 -10.66 2.84
CA LEU R 761 80.07 -10.13 3.73
C LEU R 761 79.09 -9.23 3.00
N THR R 762 79.60 -8.42 2.08
CA THR R 762 78.71 -7.59 1.26
C THR R 762 77.88 -8.45 0.33
N ASN R 763 78.48 -9.52 -0.19
CA ASN R 763 77.75 -10.50 -1.00
C ASN R 763 76.62 -11.11 -0.19
N TRP R 764 76.91 -11.48 1.06
CA TRP R 764 75.92 -12.08 1.95
C TRP R 764 74.76 -11.13 2.21
N ARG R 765 75.09 -9.87 2.52
CA ARG R 765 74.05 -8.90 2.82
C ARG R 765 73.19 -8.60 1.60
N ALA R 766 73.82 -8.53 0.43
CA ALA R 766 73.08 -8.25 -0.79
C ALA R 766 72.14 -9.39 -1.14
N ARG R 767 72.60 -10.63 -0.98
CA ARG R 767 71.74 -11.76 -1.31
C ARG R 767 70.59 -11.90 -0.32
N VAL R 768 70.84 -11.64 0.97
CA VAL R 768 69.77 -11.69 1.97
C VAL R 768 68.72 -10.62 1.69
N CYS R 769 69.19 -9.42 1.34
CA CYS R 769 68.27 -8.33 1.02
C CYS R 769 67.42 -8.66 -0.19
N GLU R 770 68.04 -9.11 -1.29
CA GLU R 770 67.23 -9.35 -2.47
C GLU R 770 66.36 -10.60 -2.35
N LEU R 771 66.70 -11.52 -1.45
CA LEU R 771 65.75 -12.58 -1.17
C LEU R 771 64.54 -12.04 -0.42
N MET R 772 64.74 -11.13 0.53
CA MET R 772 63.57 -10.59 1.21
C MET R 772 62.75 -9.70 0.29
N LYS R 773 63.41 -9.08 -0.70
CA LYS R 773 62.70 -8.36 -1.75
C LYS R 773 61.82 -9.31 -2.55
N ASN R 774 62.38 -10.47 -2.90
CA ASN R 774 61.61 -11.52 -3.58
C ASN R 774 60.46 -12.01 -2.71
N LEU R 775 60.65 -12.02 -1.39
CA LEU R 775 59.58 -12.44 -0.49
C LEU R 775 58.44 -11.43 -0.50
N VAL R 776 58.76 -10.15 -0.36
CA VAL R 776 57.72 -9.14 -0.19
C VAL R 776 57.02 -8.81 -1.50
N ASP R 777 57.67 -9.09 -2.63
CA ASP R 777 57.35 -8.57 -3.97
C ASP R 777 55.87 -8.62 -4.33
N ASN R 778 55.25 -9.80 -4.31
CA ASN R 778 53.94 -9.94 -4.90
C ASN R 778 52.79 -9.94 -3.90
N GLN R 779 53.09 -9.99 -2.60
CA GLN R 779 52.10 -10.01 -1.50
C GLN R 779 51.14 -11.19 -1.66
N ARG R 780 51.72 -12.36 -1.87
CA ARG R 780 50.97 -13.60 -1.80
C ARG R 780 51.22 -14.32 -0.49
N TYR R 781 52.07 -13.76 0.36
CA TYR R 781 52.36 -14.37 1.63
C TYR R 781 51.55 -13.76 2.76
N GLN R 782 51.47 -12.44 2.81
CA GLN R 782 50.73 -11.78 3.86
C GLN R 782 49.40 -11.26 3.32
N PRO R 783 48.31 -11.65 3.91
CA PRO R 783 47.10 -10.84 3.79
C PRO R 783 47.04 -9.89 4.96
N GLY R 784 46.00 -9.08 5.05
CA GLY R 784 45.78 -8.23 6.19
C GLY R 784 46.37 -6.84 6.06
N TRP R 785 47.48 -6.70 5.35
CA TRP R 785 48.06 -5.37 5.13
C TRP R 785 47.18 -4.63 4.16
N THR R 786 46.34 -3.74 4.68
CA THR R 786 45.38 -3.03 3.85
C THR R 786 46.05 -2.04 2.90
N GLN R 787 47.25 -1.59 3.24
CA GLN R 787 48.05 -0.78 2.33
C GLN R 787 49.02 -1.68 1.58
N SER R 788 49.22 -1.37 0.31
CA SER R 788 50.21 -2.08 -0.50
C SER R 788 51.59 -1.59 -0.06
N LEU R 789 52.09 -2.20 1.00
CA LEU R 789 53.32 -1.76 1.64
C LEU R 789 54.57 -2.25 0.93
N VAL R 790 54.41 -2.88 -0.23
CA VAL R 790 55.55 -3.52 -0.88
C VAL R 790 56.53 -2.48 -1.40
N SER R 791 56.02 -1.32 -1.84
CA SER R 791 56.89 -0.30 -2.44
C SER R 791 57.80 0.33 -1.39
N SER R 792 57.21 0.80 -0.28
CA SER R 792 57.99 1.34 0.81
C SER R 792 58.87 0.28 1.47
N MET R 793 58.38 -0.96 1.53
CA MET R 793 59.13 -2.03 2.18
C MET R 793 60.39 -2.36 1.40
N ARG R 794 60.27 -2.58 0.09
CA ARG R 794 61.47 -2.84 -0.69
C ARG R 794 62.32 -1.59 -0.88
N GLY R 795 61.74 -0.40 -0.73
CA GLY R 795 62.55 0.80 -0.82
C GLY R 795 63.48 0.96 0.36
N THR R 796 62.94 0.83 1.59
CA THR R 796 63.80 0.88 2.75
C THR R 796 64.70 -0.35 2.83
N LEU R 797 64.28 -1.45 2.22
CA LEU R 797 65.14 -2.61 2.12
C LEU R 797 66.34 -2.34 1.22
N GLY R 798 66.12 -1.69 0.07
CA GLY R 798 67.23 -1.39 -0.81
C GLY R 798 68.15 -0.33 -0.27
N LYS R 799 67.59 0.61 0.50
CA LYS R 799 68.41 1.58 1.21
C LYS R 799 69.29 0.89 2.24
N LEU R 800 68.76 -0.13 2.91
CA LEU R 800 69.61 -0.92 3.79
C LEU R 800 70.61 -1.76 3.01
N LYS R 801 70.21 -2.24 1.83
CA LYS R 801 71.00 -3.13 1.00
C LYS R 801 72.28 -2.48 0.54
N LEU R 802 72.17 -1.46 -0.29
CA LEU R 802 73.36 -0.74 -0.73
C LEU R 802 73.50 0.48 0.17
N ILE R 803 74.55 0.45 0.97
CA ILE R 803 74.82 1.48 1.97
C ILE R 803 76.33 1.49 2.17
N LYS R 804 76.90 2.66 2.35
CA LYS R 804 78.33 2.70 2.63
C LYS R 804 78.57 2.22 4.05
N SER R 805 79.40 1.20 4.16
CA SER R 805 79.74 0.60 5.45
C SER R 805 81.08 -0.07 5.29
N MET R 806 82.10 0.48 5.92
CA MET R 806 83.43 -0.07 5.76
C MET R 806 83.70 -1.26 6.64
N THR R 807 82.74 -1.68 7.47
CA THR R 807 82.94 -2.82 8.34
C THR R 807 83.21 -4.15 7.62
N PRO R 808 82.53 -4.51 6.51
CA PRO R 808 82.97 -5.74 5.81
C PRO R 808 84.35 -5.62 5.18
N MET R 809 84.70 -4.43 4.70
CA MET R 809 86.04 -4.22 4.17
C MET R 809 87.09 -4.38 5.25
N TYR R 810 86.81 -3.83 6.44
CA TYR R 810 87.72 -3.92 7.57
C TYR R 810 87.87 -5.36 8.04
N LEU R 811 86.75 -6.06 8.20
CA LEU R 811 86.81 -7.45 8.62
C LEU R 811 87.38 -8.36 7.56
N GLN R 812 87.38 -7.93 6.30
CA GLN R 812 88.07 -8.71 5.29
C GLN R 812 89.58 -8.51 5.39
N GLN R 813 90.02 -7.27 5.54
CA GLN R 813 91.44 -6.98 5.34
C GLN R 813 92.20 -6.68 6.61
N LEU R 814 91.74 -5.75 7.43
CA LEU R 814 92.60 -5.16 8.45
C LEU R 814 92.40 -5.78 9.83
N ALA R 815 91.19 -6.23 10.14
CA ALA R 815 90.97 -6.96 11.39
C ALA R 815 91.80 -8.24 11.54
N PRO R 816 91.96 -9.13 10.56
CA PRO R 816 92.79 -10.32 10.83
C PRO R 816 94.26 -10.02 10.96
N VAL R 817 94.75 -8.94 10.36
CA VAL R 817 96.15 -8.54 10.53
C VAL R 817 96.40 -8.12 11.97
N GLU R 818 95.52 -7.29 12.52
CA GLU R 818 95.64 -6.90 13.90
C GLU R 818 95.44 -8.07 14.84
N LEU R 819 94.58 -9.01 14.44
CA LEU R 819 94.37 -10.22 15.23
C LEU R 819 95.64 -11.07 15.30
N ALA R 820 96.33 -11.19 14.17
CA ALA R 820 97.59 -11.93 14.15
C ALA R 820 98.68 -11.17 14.88
N VAL R 821 98.56 -9.85 14.97
CA VAL R 821 99.49 -9.11 15.81
C VAL R 821 99.26 -9.42 17.28
N ILE R 822 97.99 -9.51 17.69
CA ILE R 822 97.66 -9.76 19.09
C ILE R 822 98.10 -11.16 19.51
N ALA R 823 97.89 -12.14 18.62
CA ALA R 823 97.94 -13.56 18.99
C ALA R 823 99.22 -14.08 19.67
N PRO R 824 100.45 -13.72 19.28
CA PRO R 824 101.59 -14.18 20.07
C PRO R 824 101.80 -13.40 21.35
N MET R 825 101.31 -12.17 21.43
CA MET R 825 101.54 -11.32 22.60
C MET R 825 100.56 -11.60 23.73
N LEU R 826 99.73 -12.62 23.60
CA LEU R 826 98.68 -12.87 24.57
C LEU R 826 99.19 -13.84 25.64
N PRO R 827 98.80 -13.65 26.90
CA PRO R 827 99.30 -14.56 27.95
C PRO R 827 98.74 -15.97 27.87
N PHE R 828 97.50 -16.13 27.47
CA PHE R 828 96.85 -17.43 27.36
C PHE R 828 96.71 -17.73 25.87
N PRO R 829 97.70 -18.37 25.27
CA PRO R 829 97.85 -18.35 23.81
C PRO R 829 96.82 -19.25 23.14
N PRO R 830 96.35 -18.86 21.95
CA PRO R 830 95.13 -19.45 21.40
C PRO R 830 95.35 -20.83 20.82
N PHE R 831 94.34 -21.67 21.01
CA PHE R 831 94.24 -22.96 20.36
C PHE R 831 92.88 -23.01 19.69
N GLN R 832 92.83 -23.59 18.51
CA GLN R 832 91.63 -23.56 17.72
C GLN R 832 91.29 -24.95 17.21
N VAL R 833 90.07 -25.06 16.73
CA VAL R 833 89.44 -26.28 16.27
C VAL R 833 88.97 -25.94 14.86
N PRO R 834 89.15 -26.79 13.86
CA PRO R 834 88.94 -26.38 12.46
C PRO R 834 87.51 -25.99 12.12
N TYR R 835 87.37 -24.76 11.63
CA TYR R 835 86.09 -24.24 11.17
C TYR R 835 85.65 -24.99 9.93
N VAL R 836 84.53 -25.68 10.03
CA VAL R 836 83.99 -26.46 8.93
C VAL R 836 82.73 -25.77 8.41
N ARG R 837 82.57 -25.77 7.10
CA ARG R 837 81.50 -24.98 6.51
C ARG R 837 80.18 -25.74 6.53
N LEU R 838 80.12 -26.87 5.82
CA LEU R 838 78.89 -27.64 5.74
C LEU R 838 79.04 -29.14 5.90
N ASP R 839 80.25 -29.68 5.88
CA ASP R 839 80.41 -31.14 5.92
C ASP R 839 80.07 -31.66 7.31
N ARG R 840 78.89 -32.29 7.39
CA ARG R 840 78.31 -32.72 8.66
C ARG R 840 79.15 -33.79 9.33
N ASP R 841 79.86 -34.61 8.56
CA ASP R 841 80.68 -35.65 9.15
C ASP R 841 81.93 -35.08 9.81
N ARG R 842 82.49 -34.02 9.24
CA ARG R 842 83.74 -33.46 9.75
C ARG R 842 83.52 -32.39 10.79
N VAL R 843 82.32 -32.27 11.34
CA VAL R 843 82.07 -31.29 12.39
C VAL R 843 82.65 -31.82 13.70
N PRO R 844 83.44 -31.02 14.41
CA PRO R 844 83.88 -31.42 15.74
C PRO R 844 82.78 -31.24 16.76
N THR R 845 82.83 -32.05 17.83
CA THR R 845 81.80 -31.90 18.86
C THR R 845 82.29 -31.96 20.30
N MET R 846 83.42 -32.58 20.63
CA MET R 846 83.83 -32.77 22.02
C MET R 846 85.35 -32.75 22.10
N VAL R 847 85.89 -32.01 23.06
CA VAL R 847 87.33 -31.91 23.25
C VAL R 847 87.69 -32.50 24.60
N GLY R 848 88.50 -33.55 24.61
CA GLY R 848 88.86 -34.21 25.85
C GLY R 848 90.34 -34.21 26.18
N VAL R 849 90.66 -34.49 27.43
CA VAL R 849 92.05 -34.57 27.89
C VAL R 849 92.22 -35.89 28.64
N THR R 850 93.23 -36.67 28.25
CA THR R 850 93.56 -37.93 28.90
C THR R 850 94.92 -37.81 29.56
N ARG R 851 95.01 -38.25 30.81
CA ARG R 851 96.26 -38.24 31.55
C ARG R 851 96.91 -39.61 31.65
N GLN R 852 96.20 -40.68 31.30
CA GLN R 852 96.79 -42.00 31.35
C GLN R 852 97.66 -42.23 30.11
N SER R 853 98.36 -43.35 30.09
CA SER R 853 99.22 -43.66 28.97
C SER R 853 98.43 -44.33 27.85
N ARG R 854 99.10 -44.53 26.73
CA ARG R 854 98.43 -45.03 25.53
C ARG R 854 98.13 -46.52 25.63
N ASP R 855 99.05 -47.31 26.16
CA ASP R 855 98.87 -48.75 26.21
C ASP R 855 98.24 -49.23 27.51
N THR R 856 97.66 -48.33 28.28
CA THR R 856 97.13 -48.67 29.59
C THR R 856 95.62 -48.66 29.57
N ILE R 857 95.03 -49.56 30.36
CA ILE R 857 93.58 -49.71 30.45
C ILE R 857 93.21 -49.56 31.92
N THR R 858 92.62 -48.42 32.26
CA THR R 858 92.20 -48.09 33.62
C THR R 858 90.73 -47.76 33.61
N GLN R 859 90.27 -47.21 34.73
CA GLN R 859 88.92 -46.69 34.81
C GLN R 859 88.79 -45.50 33.86
N PRO R 860 87.69 -45.39 33.13
CA PRO R 860 87.54 -44.26 32.21
C PRO R 860 87.31 -42.96 32.94
N ALA R 861 88.33 -42.11 32.96
CA ALA R 861 88.27 -40.83 33.63
C ALA R 861 88.05 -39.77 32.55
N LEU R 862 86.80 -39.51 32.24
CA LEU R 862 86.48 -38.50 31.23
C LEU R 862 86.78 -37.11 31.76
N SER R 863 87.46 -36.31 30.94
CA SER R 863 87.78 -34.95 31.33
C SER R 863 86.51 -34.12 31.40
N LEU R 864 86.39 -33.34 32.46
CA LEU R 864 85.17 -32.64 32.78
C LEU R 864 84.88 -31.46 31.86
N SER R 865 85.80 -31.11 30.97
CA SER R 865 85.51 -30.12 29.94
C SER R 865 84.55 -30.65 28.90
N THR R 866 84.42 -31.96 28.78
CA THR R 866 83.55 -32.57 27.79
C THR R 866 82.08 -32.49 28.15
N THR R 867 81.75 -32.07 29.37
CA THR R 867 80.38 -32.19 29.86
C THR R 867 79.44 -31.12 29.31
N ASN R 868 79.95 -30.15 28.55
CA ASN R 868 79.10 -29.16 27.93
C ASN R 868 78.30 -29.77 26.77
N THR R 869 77.25 -29.07 26.36
CA THR R 869 76.45 -29.53 25.24
C THR R 869 77.20 -29.41 23.93
N THR R 870 77.65 -28.20 23.61
CA THR R 870 78.41 -27.97 22.40
C THR R 870 79.86 -28.36 22.63
N VAL R 871 80.73 -27.96 21.70
CA VAL R 871 82.14 -28.25 21.86
C VAL R 871 82.80 -27.25 22.81
N GLY R 872 82.32 -26.01 22.84
CA GLY R 872 82.92 -25.01 23.68
C GLY R 872 81.99 -24.63 24.80
N VAL R 873 82.50 -23.91 25.80
CA VAL R 873 81.64 -23.38 26.86
C VAL R 873 80.69 -22.37 26.24
N PRO R 874 79.39 -22.48 26.46
CA PRO R 874 78.45 -21.61 25.76
C PRO R 874 78.46 -20.20 26.31
N LEU R 875 78.39 -19.22 25.41
CA LEU R 875 78.11 -17.86 25.80
C LEU R 875 77.07 -17.29 24.85
N ALA R 876 76.03 -16.68 25.41
CA ALA R 876 75.07 -15.98 24.57
C ALA R 876 75.66 -14.67 24.09
N LEU R 877 74.99 -14.06 23.15
CA LEU R 877 75.52 -12.87 22.51
C LEU R 877 74.35 -12.17 21.81
N ASP R 878 74.47 -10.85 21.67
CA ASP R 878 73.37 -10.07 21.15
C ASP R 878 73.47 -9.91 19.64
N ALA R 879 72.38 -10.18 18.94
CA ALA R 879 72.41 -10.12 17.48
C ALA R 879 72.31 -8.70 16.96
N ARG R 880 71.63 -7.83 17.70
CA ARG R 880 71.42 -6.46 17.24
C ARG R 880 72.73 -5.70 17.15
N ALA R 881 73.59 -5.86 18.16
CA ALA R 881 74.85 -5.13 18.17
C ALA R 881 75.74 -5.58 17.03
N ILE R 882 75.72 -6.88 16.72
CA ILE R 882 76.43 -7.41 15.56
C ILE R 882 75.89 -6.79 14.28
N THR R 883 74.56 -6.70 14.16
CA THR R 883 73.94 -6.18 12.96
C THR R 883 74.31 -4.72 12.73
N VAL R 884 74.15 -3.89 13.76
CA VAL R 884 74.36 -2.46 13.55
C VAL R 884 75.85 -2.14 13.47
N ALA R 885 76.71 -2.90 14.14
CA ALA R 885 78.15 -2.68 14.00
C ALA R 885 78.64 -3.16 12.65
N LEU R 886 78.01 -4.20 12.10
CA LEU R 886 78.32 -4.60 10.73
C LEU R 886 77.80 -3.58 9.75
N LEU R 887 76.67 -2.97 10.06
CA LEU R 887 75.94 -2.13 9.14
C LEU R 887 76.47 -0.71 9.09
N SER R 888 77.14 -0.26 10.14
CA SER R 888 77.70 1.08 10.15
C SER R 888 79.11 1.02 10.71
N GLY R 889 80.05 1.61 9.98
CA GLY R 889 81.44 1.63 10.39
C GLY R 889 82.30 2.38 9.40
N LYS R 890 83.19 3.22 9.89
CA LYS R 890 83.95 4.09 9.01
C LYS R 890 85.39 4.21 9.49
N TYR R 891 86.25 4.57 8.56
CA TYR R 891 87.65 4.89 8.80
C TYR R 891 87.78 6.36 9.13
N PRO R 892 88.84 6.77 9.82
CA PRO R 892 89.12 8.19 9.96
C PRO R 892 89.50 8.79 8.61
N PRO R 893 89.13 10.05 8.36
CA PRO R 893 89.26 10.61 7.01
C PRO R 893 90.67 11.02 6.60
N ASP R 894 91.70 10.64 7.34
CA ASP R 894 93.06 10.79 6.85
C ASP R 894 93.91 9.59 7.26
N LEU R 895 93.35 8.40 7.06
CA LEU R 895 94.00 7.18 7.52
C LEU R 895 95.25 6.90 6.73
N VAL R 896 96.35 6.70 7.45
CA VAL R 896 97.59 6.17 6.89
C VAL R 896 97.95 4.93 7.70
N THR R 897 97.99 3.79 7.02
CA THR R 897 98.09 2.50 7.68
C THR R 897 99.38 2.38 8.48
N ASN R 898 100.49 2.83 7.90
CA ASN R 898 101.81 2.65 8.51
C ASN R 898 101.93 3.41 9.81
N VAL R 899 101.61 4.70 9.80
CA VAL R 899 101.82 5.49 11.00
C VAL R 899 100.76 5.17 12.04
N TRP R 900 99.51 4.91 11.62
CA TRP R 900 98.46 4.60 12.59
C TRP R 900 98.75 3.27 13.27
N TYR R 901 99.17 2.27 12.50
CA TYR R 901 99.48 0.99 13.10
C TYR R 901 100.68 1.08 14.01
N ALA R 902 101.81 1.59 13.50
CA ALA R 902 103.06 1.63 14.27
C ALA R 902 102.91 2.41 15.56
N ASP R 903 102.11 3.49 15.53
CA ASP R 903 101.81 4.19 16.77
C ASP R 903 100.93 3.34 17.69
N ALA R 904 99.98 2.59 17.14
CA ALA R 904 99.16 1.75 18.01
C ALA R 904 99.89 0.50 18.46
N ILE R 905 100.92 0.09 17.73
CA ILE R 905 101.59 -1.18 17.98
C ILE R 905 102.64 -1.01 19.05
N TYR R 906 103.40 0.09 18.98
CA TYR R 906 104.63 0.24 19.75
C TYR R 906 104.49 0.15 21.27
N PRO R 907 103.55 0.83 21.95
CA PRO R 907 103.47 0.63 23.40
C PRO R 907 102.90 -0.73 23.76
N MET R 908 102.08 -1.29 22.88
CA MET R 908 101.56 -2.62 23.12
C MET R 908 102.66 -3.67 23.09
N TYR R 909 103.62 -3.53 22.17
CA TYR R 909 104.80 -4.39 22.24
C TYR R 909 105.71 -4.00 23.39
N ALA R 910 105.67 -2.75 23.84
CA ALA R 910 106.47 -2.37 25.00
C ALA R 910 105.99 -3.05 26.25
N ASP R 911 104.71 -3.38 26.32
CA ASP R 911 104.20 -4.21 27.40
C ASP R 911 104.07 -5.66 26.96
N THR R 912 105.21 -6.28 26.67
CA THR R 912 105.19 -7.68 26.27
C THR R 912 105.54 -8.56 27.46
N GLU R 913 104.98 -9.77 27.46
CA GLU R 913 105.11 -10.67 28.60
C GLU R 913 105.38 -12.09 28.13
N VAL R 914 105.81 -12.25 26.88
CA VAL R 914 106.07 -13.58 26.35
C VAL R 914 107.28 -14.22 27.00
N PHE R 915 108.20 -13.44 27.52
CA PHE R 915 109.46 -13.98 28.03
C PHE R 915 109.24 -14.68 29.37
N SER R 916 108.55 -14.00 30.29
CA SER R 916 108.12 -14.63 31.54
C SER R 916 107.17 -15.78 31.29
N ASN R 917 106.39 -15.70 30.21
CA ASN R 917 105.55 -16.82 29.80
C ASN R 917 106.41 -18.04 29.47
N LEU R 918 107.54 -17.83 28.77
CA LEU R 918 108.43 -18.95 28.47
C LEU R 918 109.10 -19.49 29.72
N GLN R 919 109.41 -18.60 30.67
CA GLN R 919 109.99 -19.04 31.95
C GLN R 919 109.03 -19.94 32.71
N ARG R 920 107.78 -19.49 32.82
CA ARG R 920 106.76 -20.30 33.49
C ARG R 920 106.49 -21.59 32.74
N ASP R 921 106.66 -21.58 31.43
CA ASP R 921 106.50 -22.79 30.64
C ASP R 921 107.57 -23.82 31.00
N VAL R 922 108.82 -23.37 31.09
CA VAL R 922 109.92 -24.27 31.48
C VAL R 922 109.65 -24.88 32.84
N ILE R 923 109.33 -24.04 33.82
CA ILE R 923 109.13 -24.54 35.18
C ILE R 923 107.90 -25.44 35.27
N THR R 924 106.86 -25.13 34.50
CA THR R 924 105.64 -25.93 34.49
C THR R 924 105.89 -27.33 33.95
N CYS R 925 106.55 -27.43 32.79
CA CYS R 925 106.75 -28.74 32.20
C CYS R 925 107.73 -29.58 33.01
N GLU R 926 108.73 -28.94 33.61
CA GLU R 926 109.66 -29.68 34.48
C GLU R 926 108.93 -30.22 35.70
N ALA R 927 108.02 -29.42 36.26
CA ALA R 927 107.27 -29.87 37.42
C ALA R 927 106.33 -31.01 37.08
N VAL R 928 105.74 -30.97 35.88
CA VAL R 928 104.85 -32.06 35.44
C VAL R 928 105.63 -33.36 35.29
N GLN R 929 106.83 -33.30 34.71
CA GLN R 929 107.60 -34.52 34.51
C GLN R 929 108.07 -35.09 35.85
N THR R 930 108.46 -34.23 36.79
CA THR R 930 108.82 -34.71 38.12
C THR R 930 107.62 -35.28 38.85
N LEU R 931 106.42 -34.74 38.62
CA LEU R 931 105.26 -35.31 39.28
C LEU R 931 104.95 -36.69 38.73
N VAL R 932 105.13 -36.87 37.42
CA VAL R 932 104.99 -38.20 36.79
C VAL R 932 105.93 -39.20 37.44
N THR R 933 107.21 -38.83 37.52
CA THR R 933 108.23 -39.74 38.06
C THR R 933 107.97 -40.07 39.52
N LEU R 934 107.59 -39.07 40.33
CA LEU R 934 107.34 -39.28 41.74
C LEU R 934 106.11 -40.14 42.01
N VAL R 935 105.02 -39.92 41.27
CA VAL R 935 103.85 -40.74 41.53
C VAL R 935 104.09 -42.16 41.04
N ALA R 936 104.97 -42.32 40.05
CA ALA R 936 105.36 -43.66 39.64
C ALA R 936 106.23 -44.33 40.69
N GLN R 937 107.05 -43.56 41.41
CA GLN R 937 107.82 -44.14 42.50
C GLN R 937 106.93 -44.60 43.64
N ILE R 938 105.94 -43.78 44.00
CA ILE R 938 105.21 -44.07 45.24
C ILE R 938 104.03 -45.02 45.00
N SER R 939 103.32 -44.90 43.90
CA SER R 939 102.14 -45.72 43.68
C SER R 939 102.50 -46.90 42.81
N GLU R 940 101.49 -47.63 42.34
CA GLU R 940 101.68 -48.64 41.31
C GLU R 940 101.13 -48.06 40.00
N THR R 941 102.01 -47.91 39.03
CA THR R 941 101.64 -47.54 37.67
C THR R 941 102.33 -48.51 36.73
N GLN R 942 102.30 -48.19 35.45
CA GLN R 942 103.01 -48.98 34.45
C GLN R 942 104.11 -48.18 33.77
N TYR R 943 104.59 -47.13 34.42
CA TYR R 943 105.72 -46.34 33.93
C TYR R 943 106.85 -46.46 34.93
N PRO R 944 107.76 -47.42 34.78
CA PRO R 944 108.86 -47.53 35.73
C PRO R 944 110.09 -46.79 35.26
N VAL R 945 110.82 -46.20 36.20
CA VAL R 945 112.20 -45.78 35.97
C VAL R 945 113.05 -46.29 37.13
N ASP R 946 113.55 -47.51 36.99
CA ASP R 946 114.71 -48.10 37.65
C ASP R 946 114.56 -48.42 39.14
N ARG R 947 113.55 -47.85 39.80
CA ARG R 947 113.15 -48.12 41.19
C ARG R 947 114.33 -48.27 42.16
N TYR R 948 115.09 -47.19 42.32
CA TYR R 948 116.35 -47.26 43.07
C TYR R 948 116.11 -47.57 44.54
N LEU R 949 115.33 -46.75 45.22
CA LEU R 949 114.95 -47.05 46.59
C LEU R 949 113.70 -47.90 46.56
N ASP R 950 113.83 -49.12 47.06
CA ASP R 950 112.72 -50.06 47.06
C ASP R 950 112.63 -50.69 48.45
N TRP R 951 113.78 -50.85 49.08
CA TRP R 951 113.84 -51.58 50.34
C TRP R 951 113.23 -50.81 51.49
N ILE R 952 113.07 -49.50 51.35
CA ILE R 952 112.30 -48.71 52.31
C ILE R 952 110.84 -49.14 52.23
N PRO R 953 110.20 -49.46 53.36
CA PRO R 953 108.83 -49.98 53.30
C PRO R 953 107.84 -48.90 52.92
N SER R 954 106.79 -49.33 52.22
CA SER R 954 105.81 -48.40 51.67
C SER R 954 104.46 -49.09 51.60
N LEU R 955 103.57 -48.52 50.79
CA LEU R 955 102.21 -49.01 50.64
C LEU R 955 101.71 -48.58 49.27
N ARG R 956 100.70 -49.28 48.77
CA ARG R 956 100.06 -48.83 47.55
C ARG R 956 99.26 -47.58 47.85
N ALA R 957 99.45 -46.55 47.04
CA ALA R 957 98.86 -45.27 47.32
C ALA R 957 97.44 -45.22 46.78
N SER R 958 96.50 -44.74 47.59
CA SER R 958 95.18 -44.53 47.07
C SER R 958 95.10 -43.17 46.39
N ALA R 959 93.92 -42.84 45.87
CA ALA R 959 93.76 -41.60 45.13
C ALA R 959 93.87 -40.40 46.06
N ALA R 960 93.30 -40.50 47.25
CA ALA R 960 93.38 -39.41 48.23
C ALA R 960 94.81 -39.22 48.71
N THR R 961 95.49 -40.32 49.01
CA THR R 961 96.88 -40.25 49.46
C THR R 961 97.78 -39.68 48.37
N ALA R 962 97.56 -40.09 47.12
CA ALA R 962 98.34 -39.58 46.01
C ALA R 962 98.06 -38.11 45.77
N ALA R 963 96.81 -37.69 45.95
CA ALA R 963 96.47 -36.28 45.76
C ALA R 963 97.13 -35.41 46.81
N THR R 964 97.12 -35.87 48.06
CA THR R 964 97.80 -35.15 49.13
C THR R 964 99.29 -35.05 48.87
N PHE R 965 99.92 -36.17 48.49
CA PHE R 965 101.35 -36.20 48.26
C PHE R 965 101.75 -35.30 47.10
N ALA R 966 100.97 -35.34 46.02
CA ALA R 966 101.20 -34.46 44.89
C ALA R 966 101.01 -33.00 45.28
N GLU R 967 100.12 -32.70 46.23
CA GLU R 967 99.99 -31.33 46.69
C GLU R 967 101.20 -30.90 47.49
N TRP R 968 101.77 -31.80 48.32
CA TRP R 968 103.01 -31.49 49.03
C TRP R 968 104.10 -31.11 48.05
N VAL R 969 104.24 -31.90 46.99
CA VAL R 969 105.24 -31.64 45.96
C VAL R 969 104.96 -30.33 45.23
N ASN R 970 103.68 -30.05 44.99
CA ASN R 970 103.29 -28.84 44.29
C ASN R 970 103.62 -27.60 45.10
N THR R 971 103.20 -27.55 46.36
CA THR R 971 103.49 -26.38 47.16
C THR R 971 104.97 -26.26 47.48
N SER R 972 105.71 -27.39 47.44
CA SER R 972 107.15 -27.33 47.61
C SER R 972 107.81 -26.60 46.45
N MET R 973 107.48 -26.98 45.20
CA MET R 973 108.03 -26.23 44.06
C MET R 973 107.51 -24.81 44.00
N LYS R 974 106.27 -24.58 44.44
CA LYS R 974 105.69 -23.25 44.35
C LYS R 974 106.42 -22.28 45.26
N THR R 975 106.66 -22.69 46.51
CA THR R 975 107.45 -21.85 47.39
C THR R 975 108.94 -21.90 47.06
N ALA R 976 109.40 -22.87 46.29
CA ALA R 976 110.81 -22.87 45.91
C ALA R 976 111.09 -21.88 44.80
N PHE R 977 110.20 -21.77 43.84
CA PHE R 977 110.40 -20.87 42.71
C PHE R 977 109.69 -19.54 42.86
N ASP R 978 108.98 -19.33 43.98
CA ASP R 978 108.32 -18.07 44.33
C ASP R 978 107.28 -17.69 43.28
N LEU R 979 106.25 -18.51 43.22
CA LEU R 979 105.14 -18.29 42.30
C LEU R 979 103.86 -18.08 43.08
N SER R 980 103.01 -17.20 42.58
CA SER R 980 101.65 -17.06 43.05
C SER R 980 100.65 -17.54 42.01
N ASP R 981 101.13 -18.00 40.87
CA ASP R 981 100.27 -18.46 39.78
C ASP R 981 99.80 -19.89 40.07
N MET R 982 99.28 -20.54 39.04
CA MET R 982 98.96 -21.95 39.09
C MET R 982 100.18 -22.78 38.77
N LEU R 983 100.17 -24.03 39.27
CA LEU R 983 101.17 -25.01 38.90
C LEU R 983 100.54 -26.37 39.17
N LEU R 984 100.09 -27.02 38.11
CA LEU R 984 99.48 -28.38 38.10
C LEU R 984 98.34 -28.55 39.12
N GLU R 985 97.70 -27.48 39.53
CA GLU R 985 96.56 -27.54 40.44
C GLU R 985 95.30 -28.15 39.84
N PRO R 986 94.97 -27.97 38.54
CA PRO R 986 93.94 -28.85 37.98
C PRO R 986 94.36 -30.30 37.87
N LEU R 987 95.64 -30.56 37.67
CA LEU R 987 96.13 -31.93 37.61
C LEU R 987 96.05 -32.62 38.97
N LEU R 988 96.07 -31.84 40.06
CA LEU R 988 95.95 -32.41 41.41
C LEU R 988 94.60 -33.07 41.61
N SER R 989 93.53 -32.47 41.10
CA SER R 989 92.20 -33.02 41.27
C SER R 989 92.00 -34.23 40.37
N GLY R 990 91.34 -35.25 40.90
CA GLY R 990 90.97 -36.37 40.06
C GLY R 990 92.08 -37.29 39.64
N ASP R 991 92.57 -38.11 40.58
CA ASP R 991 93.49 -39.23 40.34
C ASP R 991 94.82 -38.79 39.74
N PRO R 992 95.74 -38.23 40.53
CA PRO R 992 97.06 -37.87 40.01
C PRO R 992 97.96 -39.05 39.67
N ARG R 993 97.53 -40.28 39.89
CA ARG R 993 98.24 -41.43 39.34
C ARG R 993 98.09 -41.38 37.83
N MET R 994 99.08 -40.83 37.16
CA MET R 994 98.98 -40.69 35.72
C MET R 994 100.34 -40.96 35.09
N THR R 995 100.34 -41.11 33.78
CA THR R 995 101.57 -41.34 33.06
C THR R 995 101.84 -40.30 31.98
N GLN R 996 100.87 -40.00 31.13
CA GLN R 996 101.16 -39.18 29.97
C GLN R 996 100.03 -38.23 29.65
N LEU R 997 100.34 -36.94 29.56
CA LEU R 997 99.36 -35.96 29.14
C LEU R 997 99.06 -36.09 27.66
N ALA R 998 97.80 -35.81 27.29
CA ALA R 998 97.36 -35.82 25.91
C ALA R 998 96.08 -35.03 25.80
N ILE R 999 95.94 -34.29 24.70
CA ILE R 999 94.70 -33.61 24.37
C ILE R 999 94.20 -34.16 23.04
N GLN R 1000 92.88 -34.29 22.92
CA GLN R 1000 92.28 -34.83 21.72
C GLN R 1000 90.87 -34.27 21.59
N TYR R 1001 90.38 -34.19 20.36
CA TYR R 1001 88.97 -33.97 20.14
C TYR R 1001 88.45 -35.05 19.21
N GLN R 1002 87.13 -35.21 19.20
CA GLN R 1002 86.51 -36.17 18.32
C GLN R 1002 85.81 -35.44 17.18
N GLN R 1003 85.88 -36.06 16.02
CA GLN R 1003 85.06 -35.71 14.88
C GLN R 1003 83.65 -36.23 15.12
N TYR R 1004 82.71 -35.88 14.24
CA TYR R 1004 81.32 -36.26 14.45
C TYR R 1004 81.11 -37.75 14.29
N ASN R 1005 81.72 -38.36 13.28
CA ASN R 1005 81.54 -39.78 13.04
C ASN R 1005 82.70 -40.62 13.58
N GLY R 1006 83.32 -40.18 14.68
CA GLY R 1006 84.14 -41.06 15.48
C GLY R 1006 85.61 -41.08 15.14
N ARG R 1007 86.02 -40.53 13.99
CA ARG R 1007 87.43 -40.49 13.65
C ARG R 1007 88.10 -39.41 14.49
N THR R 1008 88.46 -39.80 15.71
CA THR R 1008 89.07 -38.87 16.64
C THR R 1008 90.47 -38.49 16.22
N PHE R 1009 90.87 -37.27 16.56
CA PHE R 1009 92.21 -36.80 16.31
C PHE R 1009 92.92 -36.69 17.65
N ASN R 1010 93.97 -37.48 17.84
CA ASN R 1010 94.69 -37.53 19.10
C ASN R 1010 96.05 -36.87 18.91
N VAL R 1011 96.41 -35.96 19.81
CA VAL R 1011 97.71 -35.33 19.82
C VAL R 1011 98.37 -35.60 21.16
N ILE R 1012 99.48 -36.33 21.13
CA ILE R 1012 100.31 -36.58 22.30
C ILE R 1012 101.59 -35.77 22.11
N PRO R 1013 101.89 -34.81 22.97
CA PRO R 1013 103.16 -34.10 22.87
C PRO R 1013 104.31 -34.98 23.31
N GLU R 1014 105.46 -34.79 22.68
CA GLU R 1014 106.66 -35.50 23.06
C GLU R 1014 107.09 -35.08 24.46
N MET R 1015 107.69 -36.00 25.19
CA MET R 1015 108.12 -35.69 26.53
C MET R 1015 109.61 -35.39 26.54
N PRO R 1016 110.03 -34.14 26.71
CA PRO R 1016 111.46 -33.82 26.69
C PRO R 1016 112.13 -34.28 27.97
N GLY R 1017 113.45 -34.33 27.93
CA GLY R 1017 114.20 -34.78 29.08
C GLY R 1017 114.30 -33.74 30.17
N SER R 1018 113.95 -34.10 31.41
CA SER R 1018 114.10 -33.18 32.53
C SER R 1018 115.54 -33.11 32.98
N VAL R 1019 115.78 -32.22 33.95
CA VAL R 1019 116.98 -32.23 34.76
C VAL R 1019 116.65 -32.45 36.23
N ILE R 1020 115.54 -31.90 36.70
CA ILE R 1020 115.15 -32.08 38.10
C ILE R 1020 114.82 -33.55 38.39
N ALA R 1021 114.16 -34.21 37.44
CA ALA R 1021 113.73 -35.59 37.65
C ALA R 1021 114.92 -36.54 37.70
N ASP R 1022 115.82 -36.48 36.72
CA ASP R 1022 116.93 -37.41 36.81
C ASP R 1022 118.00 -36.96 37.80
N CYS R 1023 117.96 -35.71 38.25
CA CYS R 1023 118.74 -35.35 39.43
C CYS R 1023 118.20 -36.06 40.67
N VAL R 1024 116.86 -36.10 40.81
CA VAL R 1024 116.24 -36.86 41.88
C VAL R 1024 116.64 -38.33 41.80
N GLN R 1025 116.64 -38.88 40.60
CA GLN R 1025 116.99 -40.29 40.44
C GLN R 1025 118.46 -40.55 40.74
N LEU R 1026 119.32 -39.61 40.35
CA LEU R 1026 120.74 -39.68 40.68
C LEU R 1026 120.96 -39.69 42.18
N THR R 1027 120.43 -38.68 42.87
CA THR R 1027 120.65 -38.62 44.31
C THR R 1027 119.88 -39.69 45.07
N ALA R 1028 118.87 -40.30 44.45
CA ALA R 1028 118.22 -41.43 45.09
C ALA R 1028 119.08 -42.67 45.03
N GLU R 1029 119.74 -42.87 43.89
CA GLU R 1029 120.75 -43.93 43.78
C GLU R 1029 121.90 -43.69 44.76
N VAL R 1030 122.32 -42.43 44.89
CA VAL R 1030 123.36 -42.09 45.84
C VAL R 1030 122.85 -42.27 47.27
N PHE R 1031 121.56 -42.11 47.50
CA PHE R 1031 121.03 -42.38 48.84
C PHE R 1031 120.98 -43.87 49.13
N ASN R 1032 120.69 -44.67 48.10
CA ASN R 1032 120.73 -46.13 48.23
C ASN R 1032 122.12 -46.59 48.61
N HIS R 1033 123.14 -45.95 48.08
CA HIS R 1033 124.49 -46.38 48.41
C HIS R 1033 125.12 -45.67 49.60
N GLU R 1034 124.63 -44.46 49.96
CA GLU R 1034 124.98 -43.79 51.22
C GLU R 1034 123.68 -43.32 51.85
N TYR R 1035 123.04 -44.24 52.55
CA TYR R 1035 121.77 -44.06 53.23
C TYR R 1035 121.93 -43.61 54.68
N ASN R 1036 123.07 -43.94 55.31
CA ASN R 1036 123.30 -43.60 56.71
C ASN R 1036 123.40 -42.10 56.93
N LEU R 1037 123.87 -41.37 55.94
CA LEU R 1037 124.24 -39.98 56.17
C LEU R 1037 123.05 -39.05 56.19
N PHE R 1038 121.84 -39.54 55.94
CA PHE R 1038 120.65 -38.72 56.10
C PHE R 1038 119.84 -39.13 57.31
N GLY R 1039 120.31 -40.09 58.08
CA GLY R 1039 119.66 -40.47 59.32
C GLY R 1039 118.89 -41.77 59.30
N ILE R 1040 119.08 -42.62 58.30
CA ILE R 1040 118.37 -43.88 58.20
C ILE R 1040 119.39 -45.00 58.16
N ALA R 1041 119.17 -46.03 58.97
CA ALA R 1041 119.91 -47.27 58.87
C ALA R 1041 119.01 -48.36 58.28
N ARG R 1042 119.64 -49.37 57.68
CA ARG R 1042 118.92 -50.38 56.92
C ARG R 1042 118.84 -51.68 57.71
N GLY R 1043 118.30 -52.71 57.06
CA GLY R 1043 118.21 -54.03 57.65
C GLY R 1043 117.12 -54.06 58.67
N ASP R 1044 117.38 -54.71 59.81
CA ASP R 1044 116.44 -54.71 60.90
C ASP R 1044 117.19 -54.87 62.20
N ILE R 1045 116.45 -54.88 63.30
CA ILE R 1045 117.03 -54.91 64.63
C ILE R 1045 116.75 -56.24 65.28
N ILE R 1046 117.70 -56.70 66.08
CA ILE R 1046 117.49 -57.79 67.03
C ILE R 1046 117.44 -57.14 68.40
N ILE R 1047 116.58 -57.67 69.26
CA ILE R 1047 116.28 -57.02 70.53
C ILE R 1047 116.59 -58.01 71.65
N GLY R 1048 117.43 -57.59 72.59
CA GLY R 1048 117.53 -58.36 73.80
C GLY R 1048 118.89 -58.31 74.45
N ARG R 1049 118.93 -58.86 75.65
CA ARG R 1049 120.01 -58.65 76.60
C ARG R 1049 121.30 -59.30 76.16
N VAL R 1050 122.36 -58.50 76.06
CA VAL R 1050 123.73 -58.96 75.96
C VAL R 1050 124.55 -58.12 76.91
N GLN R 1051 125.23 -58.75 77.85
CA GLN R 1051 126.16 -58.02 78.71
C GLN R 1051 127.54 -58.62 78.58
N SER R 1052 128.54 -57.74 78.50
CA SER R 1052 129.92 -58.15 78.29
C SER R 1052 130.83 -56.98 78.61
N THR R 1053 132.13 -57.25 78.62
CA THR R 1053 133.13 -56.20 78.71
C THR R 1053 133.96 -56.07 77.44
N HIS R 1054 133.82 -56.99 76.50
CA HIS R 1054 134.47 -56.86 75.19
C HIS R 1054 133.60 -55.90 74.38
N LEU R 1055 133.90 -54.61 74.49
CA LEU R 1055 133.14 -53.60 73.79
C LEU R 1055 133.42 -53.68 72.29
N TRP R 1056 132.39 -53.42 71.48
CA TRP R 1056 132.57 -53.61 70.06
C TRP R 1056 131.84 -52.58 69.20
N SER R 1057 131.38 -51.48 69.79
CA SER R 1057 130.61 -50.39 69.17
C SER R 1057 129.30 -50.89 68.57
N PRO R 1058 128.26 -51.13 69.38
CA PRO R 1058 127.07 -51.80 68.87
C PRO R 1058 126.21 -51.06 67.86
N LEU R 1059 126.73 -50.99 66.65
CA LEU R 1059 125.91 -50.83 65.46
C LEU R 1059 126.39 -51.75 64.34
N ALA R 1060 127.59 -52.30 64.45
CA ALA R 1060 128.17 -53.18 63.43
C ALA R 1060 128.35 -54.57 64.00
N PRO R 1061 127.36 -55.45 63.86
CA PRO R 1061 127.32 -56.68 64.66
C PRO R 1061 128.31 -57.73 64.17
N PRO R 1062 129.02 -58.36 65.09
CA PRO R 1062 129.85 -59.50 64.73
C PRO R 1062 128.97 -60.70 64.43
N PRO R 1063 129.45 -61.64 63.60
CA PRO R 1063 128.59 -62.77 63.20
C PRO R 1063 128.38 -63.78 64.30
N ASP R 1064 129.11 -63.69 65.41
CA ASP R 1064 128.95 -64.61 66.53
C ASP R 1064 127.59 -64.47 67.22
N LEU R 1065 126.86 -63.38 66.96
CA LEU R 1065 125.60 -63.12 67.64
C LEU R 1065 124.39 -63.31 66.75
N VAL R 1066 124.34 -62.67 65.60
CA VAL R 1066 123.10 -62.51 64.86
C VAL R 1066 122.74 -63.79 64.12
N PHE R 1067 121.49 -63.87 63.68
CA PHE R 1067 120.99 -65.03 62.95
C PHE R 1067 120.11 -64.53 61.81
N ASP R 1068 119.45 -65.47 61.13
CA ASP R 1068 118.62 -65.11 60.00
C ASP R 1068 117.47 -66.10 59.87
N ARG R 1069 116.84 -66.11 58.71
CA ARG R 1069 115.84 -67.13 58.42
C ARG R 1069 116.49 -68.48 58.13
N ASP R 1070 117.73 -68.46 57.62
CA ASP R 1070 118.44 -69.68 57.33
C ASP R 1070 118.95 -70.39 58.57
N THR R 1071 119.04 -69.68 59.68
CA THR R 1071 119.63 -70.22 60.91
C THR R 1071 118.76 -71.33 61.48
N PRO R 1072 119.34 -72.47 61.86
CA PRO R 1072 118.55 -73.52 62.48
C PRO R 1072 118.01 -73.10 63.84
N GLY R 1073 116.76 -73.46 64.10
CA GLY R 1073 116.13 -73.18 65.35
C GLY R 1073 115.24 -71.95 65.35
N VAL R 1074 115.26 -71.16 64.29
CA VAL R 1074 114.44 -69.97 64.23
C VAL R 1074 112.97 -70.35 64.08
N HIS R 1075 112.09 -69.47 64.52
CA HIS R 1075 110.65 -69.68 64.40
C HIS R 1075 110.03 -68.43 63.81
N ILE R 1076 109.48 -68.56 62.62
CA ILE R 1076 108.98 -67.45 61.83
C ILE R 1076 107.50 -67.28 62.16
N PHE R 1077 107.05 -66.04 62.26
CA PHE R 1077 105.69 -65.74 62.63
C PHE R 1077 105.00 -64.94 61.54
N GLY R 1078 103.90 -65.46 61.03
CA GLY R 1078 103.02 -64.71 60.15
C GLY R 1078 102.14 -63.78 60.96
N ARG R 1079 101.08 -63.28 60.31
CA ARG R 1079 100.22 -62.28 60.94
C ARG R 1079 99.46 -62.85 62.13
N ASP R 1080 98.87 -64.04 61.99
CA ASP R 1080 98.13 -64.61 63.11
C ASP R 1080 99.08 -65.22 64.13
N CYS R 1081 98.82 -64.95 65.41
CA CYS R 1081 99.65 -65.47 66.49
C CYS R 1081 98.77 -65.53 67.74
N ARG R 1082 98.41 -66.74 68.14
CA ARG R 1082 97.55 -66.94 69.29
C ARG R 1082 98.43 -67.25 70.50
N ILE R 1083 98.04 -66.70 71.66
CA ILE R 1083 98.76 -66.91 72.91
C ILE R 1083 97.87 -67.68 73.87
N SER R 1084 98.32 -68.85 74.27
CA SER R 1084 97.64 -69.68 75.27
C SER R 1084 98.53 -69.77 76.50
N PHE R 1085 98.00 -69.33 77.64
CA PHE R 1085 98.71 -69.55 78.89
C PHE R 1085 98.72 -71.03 79.23
N GLY R 1086 99.84 -71.48 79.80
CA GLY R 1086 99.80 -72.80 80.40
C GLY R 1086 99.37 -72.66 81.84
N MET R 1087 98.07 -72.83 82.08
CA MET R 1087 97.52 -72.47 83.38
C MET R 1087 97.67 -73.61 84.37
N ASN R 1088 97.96 -73.25 85.62
CA ASN R 1088 98.06 -74.15 86.76
C ASN R 1088 99.15 -75.21 86.53
N GLY R 1089 100.37 -74.70 86.37
CA GLY R 1089 101.55 -75.53 86.33
C GLY R 1089 102.26 -75.57 85.00
N ALA R 1090 101.57 -75.29 83.91
CA ALA R 1090 102.14 -75.49 82.58
C ALA R 1090 102.81 -74.21 82.09
N ALA R 1091 103.19 -74.18 80.82
CA ALA R 1091 103.97 -73.09 80.26
C ALA R 1091 103.18 -72.33 79.20
N PRO R 1092 103.26 -70.99 79.18
CA PRO R 1092 102.54 -70.22 78.18
C PRO R 1092 103.25 -70.22 76.84
N MET R 1093 102.45 -70.18 75.76
CA MET R 1093 102.88 -70.53 74.42
C MET R 1093 102.45 -69.49 73.38
N ILE R 1094 103.16 -69.50 72.25
CA ILE R 1094 102.86 -68.71 71.06
C ILE R 1094 102.74 -69.70 69.91
N ARG R 1095 102.07 -69.29 68.83
CA ARG R 1095 101.87 -70.15 67.67
C ARG R 1095 102.75 -69.69 66.50
N ASP R 1096 103.56 -70.62 65.99
CA ASP R 1096 104.31 -70.43 64.75
C ASP R 1096 103.34 -70.31 63.57
N GLU R 1097 103.85 -69.80 62.44
CA GLU R 1097 103.01 -69.67 61.27
C GLU R 1097 102.64 -71.01 60.66
N THR R 1098 103.51 -72.01 60.80
CA THR R 1098 103.22 -73.27 60.13
C THR R 1098 102.24 -74.13 60.91
N GLY R 1099 101.88 -73.75 62.13
CA GLY R 1099 100.96 -74.49 62.95
C GLY R 1099 101.54 -75.02 64.24
N MET R 1100 102.84 -74.91 64.42
CA MET R 1100 103.45 -75.41 65.65
C MET R 1100 103.21 -74.42 66.79
N MET R 1101 103.44 -74.90 68.01
CA MET R 1101 103.48 -74.06 69.20
C MET R 1101 104.89 -74.09 69.75
N VAL R 1102 105.38 -72.93 70.15
CA VAL R 1102 106.76 -72.84 70.63
C VAL R 1102 106.74 -71.97 71.89
N PRO R 1103 107.50 -72.30 72.93
CA PRO R 1103 107.51 -71.46 74.13
C PRO R 1103 108.26 -70.15 73.96
N PHE R 1104 108.43 -69.41 75.07
CA PHE R 1104 108.82 -68.00 75.02
C PHE R 1104 110.33 -67.79 75.03
N GLU R 1105 111.09 -68.72 74.46
CA GLU R 1105 112.54 -68.57 74.41
C GLU R 1105 113.03 -69.03 73.04
N GLY R 1106 114.20 -68.54 72.66
CA GLY R 1106 114.79 -68.95 71.40
C GLY R 1106 114.89 -67.84 70.38
N ASN R 1107 115.08 -68.22 69.13
CA ASN R 1107 115.26 -67.26 68.03
C ASN R 1107 113.94 -67.07 67.32
N TRP R 1108 113.43 -65.84 67.31
CA TRP R 1108 112.22 -65.51 66.58
C TRP R 1108 112.54 -64.41 65.58
N ILE R 1109 111.68 -64.29 64.56
CA ILE R 1109 111.66 -63.09 63.73
C ILE R 1109 110.22 -62.61 63.63
N PHE R 1110 110.06 -61.29 63.62
CA PHE R 1110 108.80 -60.59 63.40
C PHE R 1110 108.95 -59.62 62.24
N PRO R 1111 107.87 -59.31 61.53
CA PRO R 1111 107.76 -58.00 60.91
C PRO R 1111 107.25 -56.99 61.94
N LEU R 1112 107.34 -55.71 61.58
CA LEU R 1112 106.98 -54.65 62.51
C LEU R 1112 105.49 -54.60 62.78
N ALA R 1113 104.69 -55.09 61.83
CA ALA R 1113 103.24 -55.09 61.99
C ALA R 1113 102.80 -55.95 63.17
N LEU R 1114 103.53 -57.04 63.44
CA LEU R 1114 103.19 -57.93 64.55
C LEU R 1114 103.25 -57.21 65.89
N TRP R 1115 104.31 -56.44 66.11
CA TRP R 1115 104.36 -55.64 67.31
C TRP R 1115 103.37 -54.49 67.26
N GLN R 1116 103.13 -53.95 66.07
CA GLN R 1116 102.31 -52.76 65.95
C GLN R 1116 100.85 -53.04 66.23
N MET R 1117 100.38 -54.27 66.01
CA MET R 1117 98.96 -54.54 66.16
C MET R 1117 98.51 -54.50 67.62
N ASN R 1118 99.17 -55.25 68.50
CA ASN R 1118 98.98 -55.00 69.95
C ASN R 1118 100.31 -54.98 70.68
N THR R 1119 100.96 -53.82 70.60
CA THR R 1119 102.06 -53.48 71.49
C THR R 1119 101.73 -53.62 72.97
N ARG R 1120 100.49 -53.32 73.39
CA ARG R 1120 100.16 -53.35 74.81
C ARG R 1120 100.15 -54.78 75.32
N TYR R 1121 99.36 -55.64 74.68
CA TYR R 1121 99.27 -57.04 75.08
C TYR R 1121 100.60 -57.74 74.92
N PHE R 1122 101.32 -57.48 73.82
CA PHE R 1122 102.61 -58.14 73.64
C PHE R 1122 103.64 -57.63 74.62
N ASN R 1123 103.57 -56.35 75.00
CA ASN R 1123 104.50 -55.81 75.98
C ASN R 1123 104.29 -56.47 77.33
N GLN R 1124 103.03 -56.54 77.76
CA GLN R 1124 102.70 -57.16 79.03
C GLN R 1124 103.05 -58.65 79.05
N GLN R 1125 102.97 -59.32 77.91
CA GLN R 1125 103.35 -60.72 77.92
C GLN R 1125 104.85 -60.93 77.82
N PHE R 1126 105.59 -60.02 77.19
CA PHE R 1126 106.94 -60.35 76.74
C PHE R 1126 108.07 -59.67 77.49
N ASP R 1127 107.81 -58.53 78.16
CA ASP R 1127 108.91 -57.78 78.76
C ASP R 1127 109.59 -58.56 79.88
N ALA R 1128 108.80 -59.27 80.69
CA ALA R 1128 109.36 -60.05 81.79
C ALA R 1128 110.18 -61.23 81.30
N TRP R 1129 109.85 -61.75 80.14
CA TRP R 1129 110.69 -62.79 79.56
C TRP R 1129 111.96 -62.21 78.98
N ILE R 1130 111.93 -60.96 78.52
CA ILE R 1130 113.18 -60.35 78.07
C ILE R 1130 114.07 -59.97 79.25
N LYS R 1131 113.49 -59.78 80.44
CA LYS R 1131 114.25 -59.33 81.63
C LYS R 1131 115.40 -60.28 81.98
N THR R 1132 115.08 -61.51 82.30
CA THR R 1132 116.12 -62.47 82.67
C THR R 1132 116.14 -63.70 81.78
N GLY R 1133 114.98 -64.16 81.32
CA GLY R 1133 114.94 -65.27 80.40
C GLY R 1133 115.54 -64.90 79.05
N GLU R 1134 115.94 -65.92 78.31
CA GLU R 1134 116.54 -65.70 77.02
C GLU R 1134 115.46 -65.64 75.96
N LEU R 1135 115.64 -64.72 75.00
CA LEU R 1135 114.65 -64.45 73.97
C LEU R 1135 115.25 -63.60 72.87
N ARG R 1136 115.07 -64.00 71.61
CA ARG R 1136 115.51 -63.20 70.48
C ARG R 1136 114.30 -62.80 69.65
N ILE R 1137 114.16 -61.50 69.39
CA ILE R 1137 113.08 -60.97 68.58
C ILE R 1137 113.71 -60.09 67.52
N ARG R 1138 113.61 -60.51 66.27
CA ARG R 1138 114.17 -59.76 65.15
C ARG R 1138 113.02 -59.12 64.39
N ILE R 1139 112.82 -57.83 64.59
CA ILE R 1139 111.68 -57.13 64.03
C ILE R 1139 112.06 -56.57 62.65
N GLU R 1140 111.53 -57.19 61.60
CA GLU R 1140 111.84 -56.80 60.23
C GLU R 1140 111.10 -55.52 59.87
N MET R 1141 111.84 -54.49 59.48
CA MET R 1141 111.22 -53.28 58.95
C MET R 1141 111.92 -52.66 57.75
N GLY R 1142 113.22 -52.90 57.52
CA GLY R 1142 113.88 -52.23 56.42
C GLY R 1142 114.48 -50.90 56.85
N ALA R 1143 113.76 -49.82 56.65
CA ALA R 1143 114.24 -48.47 56.95
C ALA R 1143 113.74 -47.99 58.29
N TYR R 1144 114.57 -47.22 58.97
CA TYR R 1144 114.18 -46.63 60.24
C TYR R 1144 115.06 -45.47 60.60
N PRO R 1145 114.52 -44.41 61.20
CA PRO R 1145 115.35 -43.39 61.82
C PRO R 1145 115.79 -43.86 63.19
N TYR R 1146 116.71 -43.12 63.79
CA TYR R 1146 117.35 -43.55 65.02
C TYR R 1146 117.94 -42.36 65.74
N MET R 1147 118.49 -42.63 66.92
CA MET R 1147 119.27 -41.64 67.63
C MET R 1147 120.33 -42.35 68.47
N LEU R 1148 121.31 -41.57 68.91
CA LEU R 1148 122.47 -42.11 69.63
C LEU R 1148 122.42 -41.75 71.10
N HIS R 1149 123.05 -42.59 71.91
CA HIS R 1149 123.25 -42.32 73.34
C HIS R 1149 124.62 -42.91 73.71
N TYR R 1150 125.60 -42.04 73.89
CA TYR R 1150 126.91 -42.54 74.26
C TYR R 1150 126.99 -42.72 75.77
N TYR R 1151 127.98 -43.47 76.22
CA TYR R 1151 128.13 -43.71 77.65
C TYR R 1151 129.59 -43.86 78.02
N ASP R 1152 129.84 -43.81 79.31
CA ASP R 1152 131.17 -44.03 79.85
C ASP R 1152 131.45 -45.52 79.89
N PRO R 1153 132.48 -46.01 79.21
CA PRO R 1153 132.74 -47.46 79.23
C PRO R 1153 133.29 -47.97 80.53
N ARG R 1154 133.85 -47.11 81.39
CA ARG R 1154 134.49 -47.57 82.61
C ARG R 1154 133.57 -47.46 83.82
N GLN R 1155 132.27 -47.30 83.59
CA GLN R 1155 131.28 -47.31 84.66
C GLN R 1155 130.16 -48.28 84.29
N TYR R 1156 129.25 -48.48 85.23
CA TYR R 1156 128.11 -49.34 84.98
C TYR R 1156 127.13 -48.66 84.04
N ALA R 1157 126.45 -49.46 83.24
CA ALA R 1157 125.45 -48.94 82.33
C ALA R 1157 124.37 -49.99 82.13
N ASN R 1158 123.15 -49.51 81.90
CA ASN R 1158 122.02 -50.36 81.56
C ASN R 1158 121.16 -49.62 80.55
N ALA R 1159 120.50 -50.38 79.68
CA ALA R 1159 119.66 -49.81 78.65
C ALA R 1159 118.21 -50.26 78.74
N TRP R 1160 117.79 -50.84 79.86
CA TRP R 1160 116.46 -51.42 79.88
C TRP R 1160 115.39 -50.35 79.95
N ASN R 1161 115.65 -49.26 80.67
CA ASN R 1161 114.65 -48.21 80.78
C ASN R 1161 114.41 -47.51 79.46
N LEU R 1162 115.50 -47.21 78.73
CA LEU R 1162 115.38 -46.61 77.42
C LEU R 1162 114.75 -47.58 76.42
N THR R 1163 115.16 -48.85 76.47
CA THR R 1163 114.64 -49.87 75.57
C THR R 1163 113.14 -50.08 75.79
N SER R 1164 112.74 -50.27 77.04
CA SER R 1164 111.34 -50.48 77.37
C SER R 1164 110.50 -49.24 77.10
N ALA R 1165 111.08 -48.05 77.27
CA ALA R 1165 110.36 -46.82 76.96
C ALA R 1165 110.06 -46.73 75.48
N TRP R 1166 111.05 -47.03 74.63
CA TRP R 1166 110.80 -47.05 73.19
C TRP R 1166 109.81 -48.13 72.81
N LEU R 1167 109.95 -49.30 73.46
CA LEU R 1167 109.14 -50.46 73.15
C LEU R 1167 107.68 -50.26 73.50
N GLU R 1168 107.38 -49.52 74.57
CA GLU R 1168 105.99 -49.17 74.82
C GLU R 1168 105.56 -47.97 73.99
N GLU R 1169 106.50 -47.09 73.65
CA GLU R 1169 106.17 -45.86 72.93
C GLU R 1169 105.79 -46.15 71.49
N ILE R 1170 106.17 -47.31 70.97
CA ILE R 1170 105.60 -47.80 69.72
C ILE R 1170 104.10 -47.92 69.87
N THR R 1171 103.37 -47.29 68.97
CA THR R 1171 101.91 -47.22 68.99
C THR R 1171 101.37 -47.80 67.69
N PRO R 1172 100.11 -48.29 67.67
CA PRO R 1172 99.56 -48.90 66.46
C PRO R 1172 99.39 -48.02 65.23
N THR R 1173 99.71 -46.74 65.32
CA THR R 1173 99.73 -45.87 64.16
C THR R 1173 101.14 -45.47 63.75
N SER R 1174 102.02 -45.28 64.72
CA SER R 1174 103.22 -44.52 64.50
C SER R 1174 104.41 -45.17 65.19
N ILE R 1175 105.61 -44.78 64.77
CA ILE R 1175 106.85 -45.36 65.28
C ILE R 1175 107.78 -44.25 65.77
N PRO R 1176 108.25 -44.32 67.01
CA PRO R 1176 109.38 -43.49 67.43
C PRO R 1176 110.69 -44.13 67.02
N SER R 1177 111.70 -43.28 66.80
CA SER R 1177 112.98 -43.73 66.27
C SER R 1177 113.74 -44.56 67.30
N VAL R 1178 114.70 -45.33 66.81
CA VAL R 1178 115.32 -46.40 67.58
C VAL R 1178 116.46 -45.82 68.40
N PRO R 1179 116.44 -45.94 69.72
CA PRO R 1179 117.60 -45.53 70.51
C PRO R 1179 118.64 -46.62 70.54
N PHE R 1180 119.90 -46.21 70.49
CA PHE R 1180 121.03 -47.13 70.62
C PHE R 1180 121.89 -46.69 71.79
N MET R 1181 122.86 -47.54 72.14
CA MET R 1181 123.74 -47.28 73.28
C MET R 1181 125.12 -47.80 72.93
N VAL R 1182 125.96 -46.92 72.38
CA VAL R 1182 127.31 -47.33 71.95
C VAL R 1182 128.32 -46.55 72.77
N PRO R 1183 129.52 -47.11 73.04
CA PRO R 1183 130.44 -46.42 73.94
C PRO R 1183 131.25 -45.33 73.30
N ILE R 1184 132.21 -44.80 74.07
CA ILE R 1184 133.04 -43.69 73.65
C ILE R 1184 134.47 -44.20 73.49
N SER R 1185 135.07 -43.92 72.35
CA SER R 1185 136.44 -44.33 72.08
C SER R 1185 137.41 -43.54 72.96
N SER R 1186 138.59 -44.11 73.16
CA SER R 1186 139.61 -43.52 74.00
C SER R 1186 140.93 -43.49 73.24
N ASP R 1187 141.91 -42.81 73.83
CA ASP R 1187 143.26 -42.80 73.33
C ASP R 1187 144.21 -43.60 74.20
N HIS R 1188 143.70 -44.24 75.25
CA HIS R 1188 144.55 -44.82 76.28
C HIS R 1188 143.80 -45.95 76.94
N ASP R 1189 144.49 -46.63 77.85
CA ASP R 1189 143.91 -47.75 78.57
C ASP R 1189 142.90 -47.25 79.59
N ILE R 1190 141.65 -47.68 79.45
CA ILE R 1190 140.61 -47.38 80.42
C ILE R 1190 140.18 -48.69 81.06
N SER R 1191 139.39 -48.58 82.13
CA SER R 1191 138.97 -49.75 82.88
C SER R 1191 137.86 -50.49 82.14
N SER R 1192 137.44 -51.60 82.70
CA SER R 1192 136.44 -52.48 82.09
C SER R 1192 135.32 -52.70 83.10
N ALA R 1193 134.15 -52.14 82.82
CA ALA R 1193 132.98 -52.25 83.66
C ALA R 1193 131.83 -52.85 82.86
N PRO R 1194 130.95 -53.64 83.51
CA PRO R 1194 129.89 -54.30 82.75
C PRO R 1194 128.80 -53.33 82.30
N ALA R 1195 128.35 -53.53 81.07
CA ALA R 1195 127.24 -52.78 80.51
C ALA R 1195 126.32 -53.75 79.79
N VAL R 1196 125.04 -53.40 79.73
CA VAL R 1196 124.02 -54.31 79.22
C VAL R 1196 123.41 -53.70 77.98
N GLN R 1197 123.52 -54.40 76.85
CA GLN R 1197 122.97 -53.95 75.59
C GLN R 1197 121.67 -54.65 75.28
N TYR R 1198 120.80 -53.98 74.54
CA TYR R 1198 119.57 -54.66 74.14
C TYR R 1198 119.29 -54.60 72.66
N ILE R 1199 119.59 -53.48 72.00
CA ILE R 1199 119.14 -53.24 70.63
C ILE R 1199 120.36 -53.00 69.76
N ILE R 1200 120.61 -53.90 68.81
CA ILE R 1200 121.62 -53.68 67.77
C ILE R 1200 120.99 -53.99 66.43
N SER R 1201 121.67 -53.55 65.37
CA SER R 1201 121.23 -53.82 64.02
C SER R 1201 121.77 -55.18 63.55
N THR R 1202 121.53 -55.52 62.30
CA THR R 1202 122.01 -56.76 61.72
C THR R 1202 123.01 -56.54 60.60
N GLU R 1203 122.87 -55.46 59.84
CA GLU R 1203 123.85 -55.13 58.82
C GLU R 1203 124.58 -53.86 59.22
N TYR R 1204 125.64 -53.57 58.47
CA TYR R 1204 126.56 -52.50 58.84
C TYR R 1204 125.93 -51.14 58.61
N ASN R 1205 126.08 -50.24 59.59
CA ASN R 1205 125.49 -48.92 59.48
C ASN R 1205 126.42 -47.82 59.97
N ASP R 1206 127.71 -48.08 60.13
CA ASP R 1206 128.65 -47.07 60.63
C ASP R 1206 129.30 -46.28 59.52
N ARG R 1207 128.63 -46.12 58.38
CA ARG R 1207 129.21 -45.31 57.30
C ARG R 1207 129.21 -43.84 57.67
N SER R 1208 128.28 -43.42 58.51
CA SER R 1208 128.17 -42.01 58.84
C SER R 1208 129.27 -41.52 59.77
N LEU R 1209 129.99 -42.42 60.42
CA LEU R 1209 131.05 -42.01 61.32
C LEU R 1209 132.24 -41.49 60.54
N PHE R 1210 132.79 -40.36 60.97
CA PHE R 1210 133.95 -39.81 60.29
C PHE R 1210 135.25 -40.42 60.80
N CYS R 1211 135.59 -40.15 62.06
CA CYS R 1211 136.78 -40.71 62.69
C CYS R 1211 136.61 -40.59 64.19
N THR R 1212 137.53 -41.20 64.93
CA THR R 1212 137.53 -41.16 66.38
C THR R 1212 138.88 -40.67 66.88
N ASN R 1213 138.85 -39.69 67.77
CA ASN R 1213 140.02 -39.16 68.48
C ASN R 1213 141.05 -38.62 67.50
N SER R 1214 140.65 -37.58 66.78
CA SER R 1214 141.41 -37.09 65.63
C SER R 1214 142.74 -36.46 66.02
N SER R 1215 142.78 -35.77 67.16
CA SER R 1215 144.01 -35.13 67.58
C SER R 1215 144.99 -36.10 68.22
N SER R 1216 144.60 -37.32 68.44
CA SER R 1216 145.36 -38.28 69.19
C SER R 1216 146.26 -39.11 68.29
N PRO R 1217 147.22 -39.82 68.87
CA PRO R 1217 147.84 -40.96 68.16
C PRO R 1217 146.93 -42.17 68.09
N GLN R 1218 147.52 -43.33 67.77
CA GLN R 1218 146.80 -44.59 67.52
C GLN R 1218 145.80 -44.92 68.62
N THR R 1219 144.65 -45.45 68.20
CA THR R 1219 143.49 -45.54 69.07
C THR R 1219 143.46 -46.86 69.81
N ILE R 1220 143.54 -46.79 71.13
CA ILE R 1220 143.37 -47.95 71.97
C ILE R 1220 141.90 -47.95 72.40
N ALA R 1221 141.46 -49.06 73.01
CA ALA R 1221 140.14 -49.69 72.90
C ALA R 1221 138.94 -48.79 72.71
N GLY R 1222 138.13 -49.12 71.72
CA GLY R 1222 137.09 -48.27 71.21
C GLY R 1222 136.91 -48.57 69.75
N PRO R 1223 135.92 -47.98 69.12
CA PRO R 1223 135.79 -48.13 67.67
C PRO R 1223 136.89 -47.41 66.90
N ASP R 1224 137.75 -48.18 66.24
CA ASP R 1224 138.83 -47.61 65.45
C ASP R 1224 138.28 -47.13 64.12
N LYS R 1225 138.65 -45.91 63.74
CA LYS R 1225 138.32 -45.36 62.43
C LYS R 1225 139.30 -44.24 62.13
N HIS R 1226 140.10 -44.40 61.08
CA HIS R 1226 140.97 -43.33 60.65
C HIS R 1226 140.17 -42.35 59.80
N ILE R 1227 140.87 -41.37 59.26
CA ILE R 1227 140.27 -40.41 58.32
C ILE R 1227 139.88 -41.16 57.06
N PRO R 1228 138.67 -40.97 56.52
CA PRO R 1228 138.26 -41.76 55.35
C PRO R 1228 139.02 -41.38 54.09
N VAL R 1229 139.95 -42.27 53.74
CA VAL R 1229 140.88 -42.03 52.64
C VAL R 1229 140.18 -42.08 51.29
N GLU R 1230 139.05 -42.81 51.20
CA GLU R 1230 138.31 -42.86 49.96
C GLU R 1230 137.63 -41.53 49.67
N ARG R 1231 137.26 -40.81 50.71
CA ARG R 1231 136.47 -39.60 50.52
C ARG R 1231 137.31 -38.43 50.05
N TYR R 1232 138.60 -38.43 50.33
CA TYR R 1232 139.49 -37.48 49.68
C TYR R 1232 140.30 -38.21 48.59
N ASN R 1233 139.55 -38.69 47.60
CA ASN R 1233 140.13 -39.46 46.50
C ASN R 1233 141.10 -38.62 45.68
N ILE R 1234 140.78 -37.33 45.50
CA ILE R 1234 141.57 -36.45 44.64
C ILE R 1234 142.93 -36.18 45.26
N LEU R 1235 143.00 -36.15 46.59
CA LEU R 1235 144.29 -35.94 47.24
C LEU R 1235 145.08 -37.22 47.37
N THR R 1236 144.46 -38.27 47.90
CA THR R 1236 145.21 -39.43 48.35
C THR R 1236 145.68 -40.31 47.19
N ASN R 1237 144.91 -40.41 46.13
CA ASN R 1237 145.38 -41.09 44.95
C ASN R 1237 146.42 -40.20 44.27
N PRO R 1238 147.67 -40.65 44.14
CA PRO R 1238 148.70 -39.77 43.57
C PRO R 1238 148.58 -39.56 42.07
N ASP R 1239 147.80 -40.36 41.36
CA ASP R 1239 147.68 -40.16 39.91
C ASP R 1239 146.23 -40.12 39.45
N ALA R 1240 145.29 -39.77 40.31
CA ALA R 1240 143.92 -39.60 39.88
C ALA R 1240 143.80 -38.34 39.01
N PRO R 1241 142.99 -38.38 37.95
CA PRO R 1241 142.68 -37.16 37.25
C PRO R 1241 141.80 -36.27 38.11
N PRO R 1242 141.98 -34.95 38.07
CA PRO R 1242 141.25 -34.08 38.99
C PRO R 1242 139.77 -33.90 38.68
N THR R 1243 139.23 -34.60 37.68
CA THR R 1243 137.83 -34.43 37.30
C THR R 1243 136.99 -35.67 37.51
N GLN R 1244 137.58 -36.81 37.86
CA GLN R 1244 136.81 -38.04 38.00
C GLN R 1244 136.00 -38.02 39.29
N ILE R 1245 134.91 -38.78 39.27
CA ILE R 1245 134.07 -38.98 40.45
C ILE R 1245 133.77 -40.46 40.58
N GLN R 1246 133.45 -40.87 41.81
CA GLN R 1246 132.92 -42.21 42.08
C GLN R 1246 131.50 -42.12 42.62
N LEU R 1247 130.83 -41.02 42.28
CA LEU R 1247 129.56 -40.61 42.88
C LEU R 1247 128.42 -41.65 42.91
N PRO R 1248 128.23 -42.53 41.91
CA PRO R 1248 127.22 -43.58 42.12
C PRO R 1248 127.58 -44.55 43.23
N GLU R 1249 128.87 -44.83 43.44
CA GLU R 1249 129.24 -45.76 44.49
C GLU R 1249 129.26 -45.08 45.85
N VAL R 1250 130.12 -44.07 46.02
CA VAL R 1250 130.21 -43.35 47.28
C VAL R 1250 130.47 -41.89 46.98
N VAL R 1251 129.78 -41.01 47.71
CA VAL R 1251 130.03 -39.59 47.61
C VAL R 1251 131.37 -39.29 48.29
N ASP R 1252 132.09 -38.33 47.76
CA ASP R 1252 133.38 -37.92 48.33
C ASP R 1252 133.27 -36.47 48.79
N LEU R 1253 134.40 -35.90 49.19
CA LEU R 1253 134.48 -34.47 49.45
C LEU R 1253 135.76 -33.95 48.84
N TYR R 1254 135.86 -32.61 48.77
CA TYR R 1254 137.02 -31.88 48.22
C TYR R 1254 137.25 -32.25 46.76
N ASN R 1255 136.39 -31.75 45.90
CA ASN R 1255 136.68 -31.89 44.48
C ASN R 1255 136.68 -30.53 43.79
N VAL R 1256 136.74 -30.56 42.47
CA VAL R 1256 136.88 -29.35 41.65
C VAL R 1256 135.51 -28.86 41.24
N VAL R 1257 135.23 -27.61 41.54
CA VAL R 1257 134.01 -26.95 41.11
C VAL R 1257 134.44 -25.64 40.45
N THR R 1258 133.64 -25.16 39.50
CA THR R 1258 134.03 -24.07 38.62
C THR R 1258 133.15 -22.86 38.87
N ARG R 1259 133.75 -21.76 39.29
CA ARG R 1259 133.01 -20.54 39.58
C ARG R 1259 132.91 -19.69 38.32
N TYR R 1260 131.73 -19.08 38.14
CA TYR R 1260 131.46 -18.25 36.97
C TYR R 1260 131.23 -16.82 37.38
N ALA R 1261 131.31 -15.93 36.39
CA ALA R 1261 131.02 -14.51 36.58
C ALA R 1261 130.06 -14.04 35.50
N TYR R 1262 128.98 -14.79 35.31
CA TYR R 1262 127.99 -14.45 34.29
C TYR R 1262 127.21 -13.20 34.69
N GLU R 1263 126.57 -12.61 33.70
CA GLU R 1263 125.70 -11.46 33.92
C GLU R 1263 124.49 -11.58 33.01
N THR R 1264 123.39 -10.98 33.44
CA THR R 1264 122.15 -11.00 32.66
C THR R 1264 121.75 -9.58 32.33
N PRO R 1265 121.90 -9.14 31.09
CA PRO R 1265 121.44 -7.81 30.72
C PRO R 1265 119.94 -7.80 30.56
N PRO R 1266 119.31 -6.63 30.67
CA PRO R 1266 117.90 -6.52 30.29
C PRO R 1266 117.74 -6.55 28.78
N ILE R 1267 116.49 -6.66 28.36
CA ILE R 1267 116.16 -6.79 26.94
C ILE R 1267 115.99 -5.39 26.35
N THR R 1268 116.82 -5.06 25.38
CA THR R 1268 116.76 -3.74 24.76
C THR R 1268 116.30 -3.87 23.31
N ALA R 1269 115.69 -2.81 22.81
CA ALA R 1269 115.28 -2.79 21.41
C ALA R 1269 115.12 -1.35 20.95
N VAL R 1270 115.71 -1.05 19.79
CA VAL R 1270 115.48 0.20 19.09
C VAL R 1270 114.50 -0.10 17.97
N VAL R 1271 113.36 0.56 18.02
CA VAL R 1271 112.17 0.13 17.31
C VAL R 1271 111.74 1.24 16.37
N MET R 1272 111.83 0.98 15.06
CA MET R 1272 111.64 2.02 14.05
C MET R 1272 110.58 1.62 13.03
N GLY R 1273 109.86 2.62 12.53
CA GLY R 1273 108.78 2.34 11.61
C GLY R 1273 109.26 2.23 10.18
N VAL R 1274 108.46 1.55 9.38
CA VAL R 1274 108.76 1.40 7.96
C VAL R 1274 108.22 2.64 7.26
N PRO R 1275 108.68 2.97 6.04
CA PRO R 1275 108.02 4.07 5.34
C PRO R 1275 106.73 3.62 4.67
N GLY S 180 42.25 -72.84 101.37
CA GLY S 180 41.05 -73.15 100.60
C GLY S 180 40.80 -74.64 100.50
N TYR S 181 39.54 -75.00 100.25
CA TYR S 181 39.14 -76.39 100.07
C TYR S 181 38.59 -76.59 98.67
N GLN S 182 38.59 -77.84 98.22
CA GLN S 182 37.93 -78.21 96.98
C GLN S 182 37.60 -79.69 97.01
N CYS S 183 36.44 -80.04 96.46
CA CYS S 183 36.04 -81.43 96.37
C CYS S 183 36.49 -81.99 95.03
N HIS S 184 36.69 -83.31 94.99
CA HIS S 184 37.22 -83.94 93.80
C HIS S 184 36.13 -84.35 92.81
N VAL S 185 34.91 -84.60 93.27
CA VAL S 185 33.86 -85.01 92.37
C VAL S 185 33.35 -83.86 91.52
N CYS S 186 33.52 -82.63 91.97
CA CYS S 186 33.29 -81.43 91.21
C CYS S 186 34.63 -80.71 91.11
N SER S 187 34.60 -79.45 90.71
CA SER S 187 35.75 -78.57 90.87
C SER S 187 35.40 -77.34 91.70
N ALA S 188 34.44 -77.47 92.62
CA ALA S 188 34.02 -76.32 93.39
C ALA S 188 35.06 -75.99 94.45
N VAL S 189 35.30 -74.72 94.63
CA VAL S 189 36.22 -74.26 95.67
C VAL S 189 35.43 -74.06 96.95
N LEU S 190 35.86 -74.69 98.03
CA LEU S 190 35.15 -74.65 99.29
C LEU S 190 36.01 -73.99 100.36
N PHE S 191 35.39 -73.68 101.49
CA PHE S 191 36.10 -73.05 102.59
C PHE S 191 36.02 -73.82 103.90
N SER S 192 34.86 -74.23 104.28
CA SER S 192 34.64 -74.85 105.57
C SER S 192 34.57 -76.36 105.46
N PRO S 193 35.04 -77.08 106.49
CA PRO S 193 34.87 -78.54 106.47
C PRO S 193 33.41 -78.96 106.59
N LEU S 194 32.62 -78.21 107.36
CA LEU S 194 31.18 -78.44 107.36
C LEU S 194 30.58 -78.10 105.99
N ASP S 195 31.19 -77.16 105.26
CA ASP S 195 30.71 -76.87 103.92
C ASP S 195 31.03 -78.02 102.96
N LEU S 196 32.17 -78.69 103.17
CA LEU S 196 32.49 -79.87 102.38
C LEU S 196 31.52 -81.01 102.68
N ASP S 197 31.20 -81.20 103.97
CA ASP S 197 30.25 -82.21 104.38
C ASP S 197 28.86 -81.91 103.84
N ALA S 198 28.52 -80.64 103.72
CA ALA S 198 27.23 -80.27 103.15
C ALA S 198 27.22 -80.49 101.65
N HIS S 199 28.34 -80.23 100.98
CA HIS S 199 28.35 -80.30 99.53
C HIS S 199 28.37 -81.74 99.02
N VAL S 200 29.04 -82.65 99.74
CA VAL S 200 29.09 -84.04 99.26
C VAL S 200 27.75 -84.75 99.39
N ALA S 201 26.81 -84.22 100.17
CA ALA S 201 25.49 -84.81 100.25
C ALA S 201 24.70 -84.62 98.96
N SER S 202 25.07 -83.65 98.13
CA SER S 202 24.44 -83.49 96.84
C SER S 202 24.77 -84.67 95.93
N HIS S 203 26.00 -85.15 96.00
CA HIS S 203 26.39 -86.35 95.27
C HIS S 203 26.05 -87.62 96.02
N GLY S 204 25.63 -87.51 97.28
CA GLY S 204 25.12 -88.67 97.97
C GLY S 204 26.17 -89.36 98.81
N LEU S 205 26.92 -88.56 99.56
CA LEU S 205 27.95 -89.07 100.45
C LEU S 205 27.56 -88.76 101.89
N HIS S 206 28.37 -89.25 102.82
CA HIS S 206 28.05 -89.13 104.24
C HIS S 206 29.31 -88.90 105.05
N GLY S 207 29.17 -88.11 106.11
CA GLY S 207 30.28 -87.87 107.01
C GLY S 207 29.78 -87.35 108.35
N ASN S 208 30.67 -87.43 109.35
CA ASN S 208 30.37 -86.92 110.67
C ASN S 208 30.48 -85.40 110.66
N ARG S 218 18.80 -78.33 99.74
CA ARG S 218 18.85 -76.92 100.12
C ARG S 218 18.53 -76.03 98.94
N HIS S 219 19.24 -76.23 97.85
CA HIS S 219 18.95 -75.59 96.59
C HIS S 219 18.12 -76.53 95.73
N ILE S 220 17.91 -76.18 94.47
CA ILE S 220 17.20 -77.06 93.56
C ILE S 220 18.09 -77.62 92.46
N THR S 221 19.09 -76.87 91.98
CA THR S 221 20.07 -77.43 91.07
C THR S 221 21.39 -76.67 91.22
N GLU S 222 22.48 -77.35 90.93
CA GLU S 222 23.83 -76.82 91.14
C GLU S 222 24.67 -77.20 89.94
N PHE S 223 25.11 -76.21 89.18
CA PHE S 223 25.95 -76.48 88.02
C PHE S 223 27.34 -75.94 88.25
N ILE S 224 28.29 -76.49 87.52
CA ILE S 224 29.65 -75.98 87.55
C ILE S 224 30.26 -76.16 86.17
N SER S 225 30.93 -75.12 85.69
CA SER S 225 31.52 -75.09 84.36
C SER S 225 32.85 -75.85 84.36
N SER S 226 33.65 -75.68 83.31
CA SER S 226 34.96 -76.32 83.28
C SER S 226 36.07 -75.42 82.78
N TRP S 227 35.79 -74.19 82.41
CA TRP S 227 36.86 -73.26 82.05
C TRP S 227 36.91 -72.03 82.92
N GLN S 228 35.78 -71.57 83.42
CA GLN S 228 35.68 -70.39 84.26
C GLN S 228 35.30 -70.77 85.68
N ASN S 229 35.58 -69.86 86.61
CA ASN S 229 35.15 -70.04 87.99
C ASN S 229 33.89 -69.22 88.24
N HIS S 230 32.78 -69.69 87.70
CA HIS S 230 31.48 -69.06 87.90
C HIS S 230 30.41 -70.12 88.08
N PRO S 231 30.35 -70.75 89.27
CA PRO S 231 29.32 -71.76 89.49
C PRO S 231 27.97 -71.10 89.76
N ILE S 232 26.92 -71.74 89.26
CA ILE S 232 25.58 -71.19 89.35
C ILE S 232 24.67 -72.19 90.06
N VAL S 233 23.90 -71.71 91.03
CA VAL S 233 22.90 -72.54 91.68
C VAL S 233 21.53 -71.93 91.44
N GLN S 234 20.48 -72.56 91.97
CA GLN S 234 19.14 -72.06 91.78
C GLN S 234 18.33 -72.37 93.04
N VAL S 235 17.37 -71.50 93.35
CA VAL S 235 16.64 -71.54 94.61
C VAL S 235 15.17 -71.25 94.31
N SER S 236 14.30 -71.68 95.22
CA SER S 236 12.86 -71.58 95.03
C SER S 236 12.41 -70.13 95.08
N ALA S 237 11.18 -69.90 94.60
CA ALA S 237 10.72 -68.55 94.31
C ALA S 237 10.39 -67.75 95.57
N ASP S 238 9.74 -68.36 96.55
CA ASP S 238 9.22 -67.60 97.68
C ASP S 238 10.31 -67.17 98.65
N VAL S 239 11.42 -67.91 98.68
CA VAL S 239 12.49 -67.61 99.62
C VAL S 239 13.19 -66.34 99.20
N GLU S 240 13.33 -65.41 100.14
CA GLU S 240 14.02 -64.15 99.91
C GLU S 240 15.53 -64.37 100.00
N ASN S 241 16.28 -63.26 100.01
CA ASN S 241 17.73 -63.22 100.25
C ASN S 241 18.48 -64.02 99.18
N ARG S 242 18.29 -63.61 97.94
CA ARG S 242 19.04 -64.20 96.85
C ARG S 242 20.47 -63.65 96.88
N LYS S 243 21.44 -64.55 96.87
CA LYS S 243 22.85 -64.19 96.95
C LYS S 243 23.55 -64.94 95.84
N THR S 244 23.54 -64.36 94.63
CA THR S 244 24.02 -64.97 93.39
C THR S 244 23.35 -66.34 93.19
N ALA S 245 22.05 -66.27 92.95
CA ALA S 245 21.25 -67.46 92.72
C ALA S 245 20.17 -67.14 91.72
N GLN S 246 19.69 -68.16 91.05
CA GLN S 246 18.57 -68.00 90.13
C GLN S 246 17.32 -68.60 90.76
N LEU S 247 16.20 -68.42 90.08
CA LEU S 247 14.91 -68.69 90.67
C LEU S 247 14.17 -69.76 89.88
N LEU S 248 13.21 -70.38 90.55
CA LEU S 248 12.25 -71.29 89.92
C LEU S 248 10.99 -70.47 89.68
N HIS S 249 10.96 -69.74 88.56
CA HIS S 249 9.77 -68.98 88.23
C HIS S 249 8.60 -69.87 87.82
N ALA S 250 8.88 -71.11 87.45
CA ALA S 250 7.80 -72.05 87.15
C ALA S 250 7.14 -72.52 88.45
N ASP S 251 5.81 -72.49 88.47
CA ASP S 251 5.05 -72.92 89.62
C ASP S 251 5.06 -74.44 89.69
N THR S 252 6.09 -74.99 90.33
CA THR S 252 6.19 -76.43 90.49
C THR S 252 5.20 -76.91 91.55
N PRO S 253 4.73 -78.14 91.45
CA PRO S 253 3.94 -78.74 92.52
C PRO S 253 4.86 -79.30 93.61
N ARG S 254 4.23 -79.94 94.59
CA ARG S 254 4.93 -80.55 95.72
C ARG S 254 4.57 -82.02 95.72
N LEU S 255 5.34 -82.81 94.98
CA LEU S 255 5.05 -84.22 94.84
C LEU S 255 5.50 -85.01 96.06
N VAL S 256 6.54 -84.54 96.75
CA VAL S 256 7.22 -85.32 97.75
C VAL S 256 6.95 -84.67 99.10
N THR S 257 6.02 -85.25 99.86
CA THR S 257 5.68 -84.80 101.20
C THR S 257 5.76 -85.97 102.16
N TRP S 258 6.05 -85.68 103.42
CA TRP S 258 6.36 -86.71 104.40
C TRP S 258 5.56 -86.52 105.68
N ASP S 259 5.33 -87.62 106.37
CA ASP S 259 4.70 -87.61 107.68
C ASP S 259 5.43 -88.55 108.62
N ALA S 260 5.69 -88.08 109.83
CA ALA S 260 6.40 -88.87 110.81
C ALA S 260 5.48 -89.55 111.82
N GLY S 261 4.24 -89.10 111.95
CA GLY S 261 3.32 -89.66 112.93
C GLY S 261 2.72 -90.98 112.47
N LEU S 262 1.50 -91.23 112.92
CA LEU S 262 0.82 -92.44 112.48
C LEU S 262 0.19 -92.20 111.10
N CYS S 263 -0.48 -93.23 110.60
CA CYS S 263 -1.02 -93.18 109.26
C CYS S 263 -2.53 -93.25 109.21
N THR S 264 -3.19 -93.67 110.29
CA THR S 264 -4.62 -93.91 110.24
C THR S 264 -5.41 -92.61 110.17
N SER S 265 -6.71 -92.74 109.94
CA SER S 265 -7.59 -91.58 109.94
C SER S 265 -8.93 -91.85 110.60
N PHE S 266 -9.09 -92.97 111.30
CA PHE S 266 -10.35 -93.35 111.92
C PHE S 266 -10.13 -93.36 113.42
N LYS S 267 -10.39 -92.23 114.06
CA LYS S 267 -10.11 -92.06 115.47
C LYS S 267 -11.33 -92.47 116.29
N ILE S 268 -11.07 -93.20 117.38
CA ILE S 268 -12.14 -93.54 118.30
C ILE S 268 -12.49 -92.30 119.11
N VAL S 269 -13.78 -92.04 119.26
CA VAL S 269 -14.19 -91.04 120.25
C VAL S 269 -15.12 -91.71 121.26
N PRO S 270 -15.05 -91.33 122.53
CA PRO S 270 -16.08 -91.73 123.48
C PRO S 270 -17.19 -90.69 123.49
N ILE S 271 -18.36 -91.12 123.95
CA ILE S 271 -19.51 -90.22 123.96
C ILE S 271 -20.01 -90.01 125.38
N VAL S 272 -20.42 -91.07 126.05
CA VAL S 272 -20.92 -90.98 127.42
C VAL S 272 -19.85 -91.57 128.34
N PRO S 273 -19.10 -90.76 129.06
CA PRO S 273 -18.06 -91.28 129.94
C PRO S 273 -18.66 -91.85 131.21
N ALA S 274 -17.88 -92.74 131.83
CA ALA S 274 -18.27 -93.38 133.08
C ALA S 274 -17.01 -93.85 133.78
N GLN S 275 -17.19 -94.45 134.95
CA GLN S 275 -16.09 -95.06 135.67
C GLN S 275 -16.64 -96.27 136.44
N VAL S 276 -15.82 -97.32 136.51
CA VAL S 276 -16.25 -98.60 137.06
C VAL S 276 -15.29 -98.93 138.18
N PRO S 277 -15.72 -99.58 139.26
CA PRO S 277 -14.75 -100.17 140.20
C PRO S 277 -14.21 -101.48 139.65
N GLN S 278 -12.88 -101.63 139.74
CA GLN S 278 -12.21 -102.84 139.30
C GLN S 278 -11.30 -103.33 140.43
N ASP S 279 -10.57 -104.41 140.17
CA ASP S 279 -9.78 -105.07 141.21
C ASP S 279 -8.31 -104.71 141.14
N VAL S 280 -7.70 -104.81 139.98
CA VAL S 280 -6.29 -104.47 139.84
C VAL S 280 -6.18 -103.02 139.44
N LEU S 281 -5.26 -102.29 140.07
CA LEU S 281 -5.15 -100.85 139.89
C LEU S 281 -3.93 -100.43 139.09
N ALA S 282 -2.77 -101.02 139.34
CA ALA S 282 -1.55 -100.62 138.65
C ALA S 282 -0.59 -101.79 138.60
N TYR S 283 0.51 -101.59 137.87
CA TYR S 283 1.50 -102.63 137.69
C TYR S 283 2.50 -102.61 138.85
N THR S 284 3.17 -103.74 139.03
CA THR S 284 3.93 -104.01 140.26
C THR S 284 5.42 -104.17 139.96
N PHE S 285 6.18 -103.11 140.21
CA PHE S 285 7.61 -103.20 140.42
C PHE S 285 7.84 -103.61 141.89
N PHE S 286 9.10 -103.84 142.25
CA PHE S 286 9.52 -103.99 143.63
C PHE S 286 8.99 -102.87 144.51
N THR S 287 9.31 -101.64 144.15
CA THR S 287 8.83 -100.48 144.89
C THR S 287 7.91 -99.60 144.09
N SER S 288 8.26 -99.32 142.85
CA SER S 288 7.50 -98.40 142.02
C SER S 288 6.22 -99.04 141.53
N SER S 289 5.37 -98.22 140.90
CA SER S 289 4.09 -98.66 140.39
C SER S 289 3.88 -98.00 139.04
N TYR S 290 3.44 -98.77 138.06
CA TYR S 290 3.22 -98.26 136.71
C TYR S 290 1.73 -98.29 136.40
N ALA S 291 1.22 -97.17 135.89
CA ALA S 291 -0.20 -96.99 135.69
C ALA S 291 -0.69 -97.79 134.49
N ILE S 292 -1.99 -98.06 134.49
CA ILE S 292 -2.64 -98.85 133.44
C ILE S 292 -3.42 -97.90 132.56
N GLN S 293 -3.03 -97.80 131.29
CA GLN S 293 -3.76 -96.97 130.35
C GLN S 293 -4.10 -97.79 129.12
N SER S 294 -5.30 -97.61 128.62
CA SER S 294 -5.91 -98.45 127.61
C SER S 294 -5.73 -97.86 126.21
N PRO S 295 -5.61 -98.70 125.18
CA PRO S 295 -5.64 -98.19 123.82
C PRO S 295 -6.98 -97.66 123.41
N PHE S 296 -8.03 -98.09 124.05
CA PHE S 296 -9.35 -97.67 123.65
C PHE S 296 -9.92 -96.73 124.70
N PRO S 297 -10.63 -95.68 124.28
CA PRO S 297 -11.23 -94.76 125.26
C PRO S 297 -12.26 -95.46 126.14
N GLU S 298 -12.09 -95.28 127.44
CA GLU S 298 -12.89 -95.96 128.45
C GLU S 298 -14.14 -95.13 128.73
N ALA S 299 -15.30 -95.66 128.36
CA ALA S 299 -16.56 -94.96 128.53
C ALA S 299 -17.69 -95.97 128.52
N ALA S 300 -18.92 -95.46 128.60
CA ALA S 300 -20.08 -96.34 128.48
C ALA S 300 -20.36 -96.66 127.02
N VAL S 301 -20.28 -95.66 126.14
CA VAL S 301 -20.38 -95.87 124.71
C VAL S 301 -19.21 -95.17 124.03
N SER S 302 -18.82 -95.71 122.87
CA SER S 302 -17.70 -95.19 122.12
C SER S 302 -17.85 -95.63 120.67
N ARG S 303 -17.34 -94.80 119.76
CA ARG S 303 -17.57 -95.04 118.35
C ARG S 303 -16.43 -94.45 117.53
N ILE S 304 -16.54 -94.64 116.22
CA ILE S 304 -15.52 -94.22 115.27
C ILE S 304 -16.06 -93.01 114.52
N VAL S 305 -15.34 -91.90 114.58
CA VAL S 305 -15.55 -90.82 113.64
C VAL S 305 -14.30 -90.75 112.80
N VAL S 306 -14.28 -89.85 111.82
CA VAL S 306 -13.20 -89.80 110.86
C VAL S 306 -12.52 -88.44 110.92
N HIS S 307 -11.32 -88.42 111.49
CA HIS S 307 -10.46 -87.25 111.51
C HIS S 307 -9.35 -87.47 110.50
N THR S 308 -9.18 -86.51 109.60
CA THR S 308 -8.04 -86.59 108.71
C THR S 308 -6.78 -86.23 109.47
N ARG S 309 -5.92 -87.23 109.70
CA ARG S 309 -4.57 -87.07 110.24
C ARG S 309 -4.58 -86.47 111.64
N TRP S 310 -5.21 -87.17 112.57
CA TRP S 310 -5.14 -86.74 113.96
C TRP S 310 -3.82 -87.11 114.61
N ALA S 311 -3.15 -88.14 114.12
CA ALA S 311 -1.83 -88.53 114.62
C ALA S 311 -0.86 -88.39 113.46
N SER S 312 -0.30 -87.19 113.31
CA SER S 312 0.45 -86.87 112.10
C SER S 312 1.39 -85.71 112.36
N ASN S 313 2.66 -85.89 112.08
CA ASN S 313 3.64 -84.82 112.12
C ASN S 313 4.12 -84.62 110.69
N VAL S 314 3.44 -83.77 109.96
CA VAL S 314 3.71 -83.63 108.55
C VAL S 314 4.94 -82.76 108.35
N ASP S 315 5.59 -82.95 107.21
CA ASP S 315 6.63 -82.04 106.77
C ASP S 315 6.04 -80.85 106.04
N PHE S 316 4.89 -81.03 105.41
CA PHE S 316 4.17 -79.97 104.72
C PHE S 316 2.75 -80.42 104.54
N ASP S 317 1.79 -79.70 105.09
CA ASP S 317 0.41 -80.17 104.99
C ASP S 317 -0.17 -79.82 103.62
N ARG S 318 -1.23 -80.54 103.27
CA ARG S 318 -1.99 -80.20 102.08
C ARG S 318 -3.11 -79.22 102.38
N ASP S 319 -3.53 -79.15 103.65
CA ASP S 319 -4.67 -78.38 104.14
C ASP S 319 -5.93 -78.72 103.35
N SER S 320 -6.33 -79.98 103.45
CA SER S 320 -7.57 -80.46 102.88
C SER S 320 -8.22 -81.42 103.87
N SER S 321 -8.24 -81.03 105.14
CA SER S 321 -8.65 -81.92 106.21
C SER S 321 -10.16 -82.15 106.18
N VAL S 322 -10.55 -83.33 106.65
CA VAL S 322 -11.96 -83.70 106.79
C VAL S 322 -12.15 -84.15 108.22
N ILE S 323 -13.05 -83.47 108.94
CA ILE S 323 -13.17 -83.62 110.38
C ILE S 323 -14.60 -84.01 110.70
N MET S 324 -14.80 -85.21 111.21
CA MET S 324 -16.11 -85.64 111.68
C MET S 324 -16.26 -85.31 113.15
N ALA S 325 -17.14 -84.37 113.45
CA ALA S 325 -17.60 -84.20 114.82
C ALA S 325 -18.44 -85.42 115.20
N PRO S 326 -18.50 -85.77 116.49
CA PRO S 326 -19.29 -86.93 116.92
C PRO S 326 -20.77 -86.70 116.68
N PRO S 327 -21.56 -87.77 116.55
CA PRO S 327 -22.97 -87.62 116.14
C PRO S 327 -23.88 -86.97 117.16
N THR S 328 -23.39 -86.65 118.36
CA THR S 328 -24.15 -85.77 119.23
C THR S 328 -24.04 -84.33 118.81
N GLU S 329 -23.07 -83.99 117.98
CA GLU S 329 -22.91 -82.66 117.43
C GLU S 329 -23.40 -82.64 115.99
N ASN S 330 -23.14 -81.54 115.30
CA ASN S 330 -23.64 -81.33 113.96
C ASN S 330 -22.56 -81.57 112.92
N ASN S 331 -22.98 -82.02 111.74
CA ASN S 331 -22.07 -82.21 110.62
C ASN S 331 -22.68 -81.69 109.32
N ILE S 332 -23.79 -80.95 109.40
CA ILE S 332 -24.50 -80.59 108.18
C ILE S 332 -23.79 -79.46 107.45
N HIS S 333 -22.89 -78.74 108.13
CA HIS S 333 -22.05 -77.75 107.45
C HIS S 333 -21.09 -78.42 106.48
N LEU S 334 -20.66 -79.64 106.82
CA LEU S 334 -19.79 -80.44 105.97
C LEU S 334 -20.47 -80.93 104.71
N PHE S 335 -21.78 -80.77 104.59
CA PHE S 335 -22.42 -80.92 103.30
C PHE S 335 -22.90 -79.60 102.73
N LYS S 336 -23.09 -78.60 103.59
CA LYS S 336 -23.61 -77.32 103.12
C LYS S 336 -22.58 -76.57 102.29
N GLN S 337 -21.28 -76.76 102.57
CA GLN S 337 -20.31 -75.79 102.05
C GLN S 337 -20.06 -75.87 100.48
N LEU S 338 -20.87 -76.56 99.68
CA LEU S 338 -20.55 -76.72 98.27
C LEU S 338 -21.51 -76.00 97.33
N LEU S 339 -22.80 -76.29 97.39
CA LEU S 339 -23.76 -75.60 96.52
C LEU S 339 -24.99 -75.18 97.30
N ASN S 340 -24.76 -74.53 98.42
CA ASN S 340 -25.83 -74.04 99.28
C ASN S 340 -25.62 -72.60 99.68
N THR S 341 -24.89 -71.83 98.87
CA THR S 341 -24.54 -70.46 99.19
C THR S 341 -25.63 -69.48 98.82
N GLU S 342 -26.86 -69.94 98.71
CA GLU S 342 -27.98 -69.15 98.23
C GLU S 342 -29.23 -69.33 99.07
N THR S 343 -29.31 -70.36 99.90
CA THR S 343 -30.51 -70.66 100.66
C THR S 343 -30.43 -70.05 102.05
N LEU S 344 -31.59 -69.98 102.69
CA LEU S 344 -31.70 -69.59 104.08
C LEU S 344 -31.54 -70.85 104.94
N SER S 345 -31.87 -70.74 106.24
CA SER S 345 -31.92 -71.85 107.19
C SER S 345 -30.57 -72.54 107.30
N VAL S 346 -29.63 -71.82 107.93
CA VAL S 346 -28.21 -72.14 108.05
C VAL S 346 -27.90 -73.55 108.55
N ARG S 347 -28.88 -74.21 109.15
CA ARG S 347 -28.80 -75.61 109.55
C ARG S 347 -29.29 -76.55 108.45
N GLY S 348 -29.12 -76.20 107.18
CA GLY S 348 -29.71 -76.96 106.10
C GLY S 348 -28.74 -77.29 104.99
N ALA S 349 -29.14 -78.27 104.16
CA ALA S 349 -28.41 -78.60 102.94
C ALA S 349 -29.38 -79.18 101.92
N ASN S 350 -29.15 -78.86 100.65
CA ASN S 350 -30.04 -79.26 99.57
C ASN S 350 -30.02 -80.77 99.41
N PRO S 351 -31.18 -81.42 99.34
CA PRO S 351 -31.19 -82.85 99.05
C PRO S 351 -30.71 -83.21 97.67
N LEU S 352 -30.75 -82.30 96.69
CA LEU S 352 -30.28 -82.64 95.36
C LEU S 352 -28.78 -82.59 95.23
N MET S 353 -28.09 -81.92 96.16
CA MET S 353 -26.65 -81.73 96.07
C MET S 353 -25.87 -82.83 96.79
N PHE S 354 -26.53 -83.88 97.26
CA PHE S 354 -25.89 -84.88 98.12
C PHE S 354 -24.76 -85.61 97.42
N ARG S 355 -24.96 -86.00 96.17
CA ARG S 355 -23.95 -86.78 95.48
C ARG S 355 -22.71 -85.95 95.20
N ALA S 356 -22.90 -84.69 94.82
CA ALA S 356 -21.78 -83.79 94.60
C ALA S 356 -21.02 -83.51 95.89
N ASN S 357 -21.76 -83.37 96.99
CA ASN S 357 -21.13 -83.19 98.30
C ASN S 357 -20.27 -84.38 98.67
N VAL S 358 -20.82 -85.60 98.50
CA VAL S 358 -20.11 -86.80 98.93
C VAL S 358 -18.90 -87.05 98.05
N LEU S 359 -19.03 -86.81 96.75
CA LEU S 359 -17.89 -86.98 95.85
C LEU S 359 -16.78 -85.99 96.16
N HIS S 360 -17.14 -84.75 96.46
CA HIS S 360 -16.11 -83.77 96.75
C HIS S 360 -15.46 -84.03 98.10
N MET S 361 -16.19 -84.54 99.08
CA MET S 361 -15.51 -84.81 100.34
C MET S 361 -14.65 -86.06 100.26
N LEU S 362 -15.05 -87.06 99.47
CA LEU S 362 -14.16 -88.20 99.22
C LEU S 362 -12.91 -87.77 98.49
N LEU S 363 -13.07 -86.88 97.51
CA LEU S 363 -11.94 -86.35 96.77
C LEU S 363 -11.01 -85.58 97.69
N GLU S 364 -11.56 -84.73 98.55
CA GLU S 364 -10.76 -83.98 99.49
C GLU S 364 -10.06 -84.89 100.49
N PHE S 365 -10.72 -85.99 100.86
CA PHE S 365 -10.14 -86.97 101.76
C PHE S 365 -8.88 -87.61 101.17
N VAL S 366 -9.04 -88.28 100.02
CA VAL S 366 -7.90 -88.95 99.42
C VAL S 366 -6.88 -87.96 98.88
N LEU S 367 -7.29 -86.74 98.58
CA LEU S 367 -6.44 -85.71 98.03
C LEU S 367 -5.77 -84.90 99.12
N ASP S 368 -6.14 -85.13 100.36
CA ASP S 368 -5.29 -84.74 101.47
C ASP S 368 -4.32 -85.86 101.78
N ASN S 369 -4.81 -87.11 101.74
CA ASN S 369 -4.16 -88.27 102.34
C ASN S 369 -2.76 -88.58 101.80
N LEU S 370 -2.37 -88.04 100.65
CA LEU S 370 -1.18 -88.49 99.94
C LEU S 370 0.06 -87.97 100.67
N TYR S 371 0.73 -88.90 101.35
CA TYR S 371 1.99 -88.63 102.02
C TYR S 371 2.81 -89.89 101.95
N LEU S 372 4.07 -89.79 102.36
CA LEU S 372 4.98 -90.92 102.36
C LEU S 372 5.44 -91.14 103.79
N ASN S 373 5.54 -92.40 104.20
CA ASN S 373 5.79 -92.72 105.60
C ASN S 373 7.29 -92.73 105.87
N ARG S 374 7.72 -91.89 106.81
CA ARG S 374 9.13 -91.66 107.08
C ARG S 374 9.59 -92.50 108.27
N HIS S 375 10.68 -93.23 108.08
CA HIS S 375 11.27 -94.01 109.15
C HIS S 375 11.91 -93.10 110.18
N THR S 376 11.80 -93.47 111.46
CA THR S 376 12.35 -92.62 112.50
C THR S 376 12.97 -93.36 113.68
N GLY S 377 13.24 -94.66 113.57
CA GLY S 377 13.95 -95.36 114.62
C GLY S 377 13.03 -96.14 115.54
N PHE S 378 13.65 -96.77 116.55
CA PHE S 378 12.92 -97.67 117.43
C PHE S 378 13.46 -97.53 118.85
N SER S 379 13.01 -98.44 119.71
CA SER S 379 13.43 -98.51 121.10
C SER S 379 13.06 -99.90 121.60
N GLN S 380 14.05 -100.63 122.10
CA GLN S 380 13.79 -101.99 122.57
C GLN S 380 13.10 -101.96 123.93
N ASP S 381 12.12 -102.83 124.11
CA ASP S 381 11.32 -102.88 125.32
C ASP S 381 11.44 -104.24 125.97
N HIS S 382 11.41 -104.25 127.31
CA HIS S 382 11.32 -105.46 128.10
C HIS S 382 10.17 -105.38 129.07
N THR S 383 9.07 -104.76 128.64
CA THR S 383 7.80 -104.89 129.33
C THR S 383 7.40 -106.35 129.36
N PRO S 384 6.96 -106.90 130.53
CA PRO S 384 6.76 -108.35 130.67
C PRO S 384 5.74 -109.02 129.77
N PHE S 385 4.99 -108.24 129.00
CA PHE S 385 4.03 -108.78 128.04
C PHE S 385 4.45 -108.54 126.60
N THR S 386 5.55 -107.83 126.38
CA THR S 386 6.08 -107.61 125.03
C THR S 386 7.60 -107.75 125.15
N GLU S 387 8.09 -108.95 124.90
CA GLU S 387 9.48 -109.28 125.16
C GLU S 387 10.30 -109.04 123.89
N GLY S 388 11.16 -108.04 123.93
CA GLY S 388 12.14 -107.82 122.88
C GLY S 388 11.62 -107.21 121.61
N ALA S 389 10.31 -107.16 121.40
CA ALA S 389 9.76 -106.55 120.20
C ALA S 389 9.99 -105.05 120.25
N ASN S 390 10.33 -104.48 119.11
CA ASN S 390 10.86 -103.14 119.06
C ASN S 390 9.74 -102.16 118.72
N LEU S 391 9.38 -101.35 119.70
CA LEU S 391 8.38 -100.32 119.51
C LEU S 391 8.92 -99.22 118.63
N ARG S 392 8.02 -98.62 117.85
CA ARG S 392 8.40 -97.48 117.02
C ARG S 392 8.68 -96.27 117.89
N SER S 393 9.82 -95.63 117.68
CA SER S 393 10.05 -94.36 118.34
C SER S 393 9.23 -93.28 117.65
N LEU S 394 8.96 -92.20 118.39
CA LEU S 394 8.22 -91.12 117.77
C LEU S 394 8.89 -89.78 118.05
N PRO S 395 8.87 -88.87 117.09
CA PRO S 395 9.36 -87.52 117.35
C PRO S 395 8.36 -86.74 118.20
N GLY S 396 8.89 -85.74 118.88
CA GLY S 396 8.08 -84.92 119.76
C GLY S 396 8.51 -85.08 121.21
N PRO S 397 7.79 -84.43 122.13
CA PRO S 397 8.14 -84.52 123.55
C PRO S 397 7.94 -85.89 124.16
N ASP S 398 6.74 -86.47 124.04
CA ASP S 398 6.43 -87.74 124.68
C ASP S 398 6.36 -88.87 123.66
N ALA S 399 6.60 -90.09 124.12
CA ALA S 399 6.40 -91.27 123.31
C ALA S 399 5.68 -92.34 124.13
N GLU S 400 5.88 -92.29 125.45
CA GLU S 400 5.27 -93.26 126.35
C GLU S 400 3.76 -93.12 126.41
N LYS S 401 3.25 -91.94 126.08
CA LYS S 401 1.82 -91.80 125.85
C LYS S 401 1.40 -92.56 124.60
N TRP S 402 2.11 -92.33 123.49
CA TRP S 402 1.72 -92.89 122.19
C TRP S 402 1.83 -94.39 122.12
N TYR S 403 2.69 -94.99 122.96
CA TYR S 403 2.97 -96.42 122.87
C TYR S 403 1.72 -97.27 123.12
N SER S 404 0.95 -96.92 124.15
CA SER S 404 -0.24 -97.68 124.48
C SER S 404 -1.34 -97.44 123.46
N ILE S 405 -1.38 -96.25 122.86
CA ILE S 405 -2.36 -95.97 121.82
C ILE S 405 -2.04 -96.78 120.57
N MET S 406 -0.77 -96.91 120.24
CA MET S 406 -0.38 -97.63 119.04
C MET S 406 -0.53 -99.13 119.21
N TYR S 407 -0.06 -99.68 120.33
CA TYR S 407 0.06 -101.13 120.43
C TYR S 407 -0.90 -101.64 121.50
N PRO S 408 -2.05 -102.20 121.12
CA PRO S 408 -3.00 -102.67 122.13
C PRO S 408 -2.53 -103.92 122.83
N THR S 409 -1.57 -104.64 122.27
CA THR S 409 -1.07 -105.85 122.91
C THR S 409 -0.27 -105.53 124.16
N ARG S 410 0.33 -104.34 124.24
CA ARG S 410 1.30 -104.04 125.29
C ARG S 410 0.63 -103.99 126.67
N MET S 411 -0.49 -103.29 126.78
CA MET S 411 -1.30 -103.41 127.98
C MET S 411 -1.90 -104.80 128.04
N GLY S 412 -1.61 -105.54 129.10
CA GLY S 412 -2.08 -106.89 129.25
C GLY S 412 -3.50 -106.99 129.76
N THR S 413 -3.74 -108.00 130.60
CA THR S 413 -5.06 -108.30 131.12
C THR S 413 -5.05 -108.21 132.65
N PRO S 414 -5.08 -107.01 133.23
CA PRO S 414 -5.18 -106.94 134.69
C PRO S 414 -6.59 -107.25 135.17
N ASN S 415 -7.60 -106.69 134.50
CA ASN S 415 -8.98 -106.78 134.94
C ASN S 415 -9.74 -107.78 134.08
N VAL S 416 -11.05 -107.81 134.24
CA VAL S 416 -11.93 -108.66 133.46
C VAL S 416 -12.90 -107.71 132.76
N SER S 417 -12.67 -107.44 131.49
CA SER S 417 -13.55 -106.58 130.71
C SER S 417 -13.50 -107.01 129.26
N LYS S 418 -14.21 -106.25 128.42
CA LYS S 418 -14.22 -106.53 126.98
C LYS S 418 -12.85 -106.25 126.37
N ILE S 419 -12.22 -105.15 126.79
CA ILE S 419 -10.86 -104.85 126.35
C ILE S 419 -9.89 -105.90 126.84
N CYS S 420 -10.09 -106.37 128.08
CA CYS S 420 -9.17 -107.33 128.69
C CYS S 420 -9.24 -108.67 127.99
N ASN S 421 -10.43 -109.25 127.85
CA ASN S 421 -10.48 -110.54 127.19
C ASN S 421 -10.29 -110.43 125.68
N PHE S 422 -10.43 -109.24 125.10
CA PHE S 422 -10.06 -109.08 123.70
C PHE S 422 -8.55 -109.15 123.52
N VAL S 423 -7.80 -108.44 124.37
CA VAL S 423 -6.34 -108.48 124.29
C VAL S 423 -5.83 -109.87 124.63
N ALA S 424 -6.50 -110.57 125.55
CA ALA S 424 -6.18 -111.97 125.78
C ALA S 424 -6.50 -112.83 124.56
N SER S 425 -7.52 -112.44 123.77
CA SER S 425 -7.83 -113.16 122.55
C SER S 425 -6.90 -112.81 121.40
N CYS S 426 -6.14 -111.73 121.52
CA CYS S 426 -5.20 -111.38 120.45
C CYS S 426 -4.00 -112.33 120.44
N VAL S 427 -3.25 -112.30 119.35
CA VAL S 427 -1.98 -113.03 119.27
C VAL S 427 -0.91 -112.21 119.96
N ARG S 428 0.26 -112.79 120.18
CA ARG S 428 1.27 -112.18 121.04
C ARG S 428 2.44 -111.58 120.29
N ASN S 429 3.13 -112.36 119.44
CA ASN S 429 4.38 -111.88 118.86
C ASN S 429 4.18 -110.85 117.75
N ARG S 430 3.03 -110.88 117.08
CA ARG S 430 2.80 -109.98 115.96
C ARG S 430 2.58 -108.56 116.45
N VAL S 431 3.68 -107.83 116.67
CA VAL S 431 3.62 -106.46 117.17
C VAL S 431 4.92 -105.78 116.80
N GLY S 432 4.83 -104.47 116.53
CA GLY S 432 6.02 -103.67 116.32
C GLY S 432 6.73 -103.92 115.01
N ARG S 433 8.06 -103.86 115.04
CA ARG S 433 8.88 -103.99 113.84
C ARG S 433 8.85 -105.43 113.32
N PHE S 434 8.66 -105.57 112.02
CA PHE S 434 8.52 -106.88 111.39
C PHE S 434 9.66 -107.21 110.45
N ASP S 435 10.11 -106.27 109.63
CA ASP S 435 11.11 -106.54 108.60
C ASP S 435 11.79 -105.23 108.25
N ARG S 436 12.90 -105.33 107.53
CA ARG S 436 13.65 -104.17 107.09
C ARG S 436 14.34 -104.51 105.77
N ALA S 437 15.21 -103.61 105.31
CA ALA S 437 16.14 -103.93 104.24
C ALA S 437 17.36 -104.63 104.81
N GLN S 438 17.92 -105.56 104.02
CA GLN S 438 19.11 -106.28 104.46
C GLN S 438 20.33 -105.36 104.51
N MET S 439 20.60 -104.64 103.43
CA MET S 439 21.64 -103.64 103.49
C MET S 439 21.11 -102.38 104.15
N MET S 440 22.02 -101.58 104.70
CA MET S 440 21.64 -100.50 105.60
C MET S 440 22.26 -99.17 105.19
N ASN S 441 22.15 -98.17 106.08
CA ASN S 441 22.76 -96.86 105.89
C ASN S 441 23.30 -96.41 107.23
N GLY S 442 24.60 -96.60 107.44
CA GLY S 442 25.21 -96.24 108.70
C GLY S 442 24.78 -97.19 109.81
N ALA S 443 23.92 -96.70 110.69
CA ALA S 443 23.39 -97.50 111.77
C ALA S 443 21.90 -97.77 111.63
N MET S 444 21.26 -97.20 110.62
CA MET S 444 19.82 -97.37 110.44
C MET S 444 19.54 -97.88 109.04
N SER S 445 18.38 -98.51 108.90
CA SER S 445 17.96 -99.06 107.62
C SER S 445 17.45 -97.93 106.72
N GLU S 446 17.12 -98.30 105.49
CA GLU S 446 16.52 -97.35 104.56
C GLU S 446 15.04 -97.61 104.32
N TRP S 447 14.56 -98.83 104.54
CA TRP S 447 13.13 -99.06 104.63
C TRP S 447 12.90 -100.20 105.59
N VAL S 448 11.67 -100.27 106.09
CA VAL S 448 11.35 -101.07 107.26
C VAL S 448 9.96 -101.64 107.06
N ASP S 449 9.60 -102.64 107.86
CA ASP S 449 8.23 -103.10 107.96
C ASP S 449 7.86 -103.15 109.43
N VAL S 450 6.75 -102.52 109.79
CA VAL S 450 6.31 -102.45 111.17
C VAL S 450 4.84 -102.82 111.26
N PHE S 451 4.44 -103.18 112.47
CA PHE S 451 3.04 -103.28 112.85
C PHE S 451 2.72 -102.08 113.72
N GLU S 452 1.54 -101.49 113.51
CA GLU S 452 1.03 -100.40 114.33
C GLU S 452 -0.44 -100.23 113.98
N THR S 453 -1.10 -99.31 114.68
CA THR S 453 -2.46 -98.99 114.32
C THR S 453 -2.49 -98.16 113.04
N SER S 454 -3.53 -98.35 112.27
CA SER S 454 -3.49 -98.00 110.85
C SER S 454 -4.91 -98.07 110.31
N ASP S 455 -5.00 -98.04 108.98
CA ASP S 455 -6.14 -98.59 108.27
C ASP S 455 -5.72 -98.99 106.87
N ALA S 456 -6.34 -100.10 106.41
CA ALA S 456 -6.05 -100.71 105.12
C ALA S 456 -6.28 -99.74 103.98
N LEU S 457 -7.31 -98.91 104.12
CA LEU S 457 -7.63 -97.89 103.13
C LEU S 457 -6.45 -96.94 102.91
N THR S 458 -5.97 -96.30 103.98
CA THR S 458 -4.93 -95.30 103.82
C THR S 458 -3.61 -95.95 103.42
N VAL S 459 -3.31 -97.15 103.94
CA VAL S 459 -2.03 -97.74 103.57
C VAL S 459 -2.06 -98.23 102.12
N SER S 460 -3.24 -98.59 101.61
CA SER S 460 -3.34 -98.92 100.19
C SER S 460 -3.22 -97.68 99.32
N ILE S 461 -3.80 -96.57 99.77
CA ILE S 461 -3.68 -95.31 99.03
C ILE S 461 -2.23 -94.86 98.96
N ARG S 462 -1.53 -94.95 100.07
CA ARG S 462 -0.14 -94.50 100.07
C ARG S 462 0.76 -95.47 99.34
N GLY S 463 0.40 -96.75 99.28
CA GLY S 463 1.10 -97.67 98.41
C GLY S 463 0.91 -97.36 96.93
N ARG S 464 -0.31 -96.99 96.55
CA ARG S 464 -0.57 -96.64 95.15
C ARG S 464 0.15 -95.35 94.78
N TRP S 465 0.15 -94.37 95.68
CA TRP S 465 0.90 -93.14 95.42
C TRP S 465 2.39 -93.40 95.39
N MET S 466 2.86 -94.38 96.19
CA MET S 466 4.27 -94.75 96.16
C MET S 466 4.64 -95.38 94.83
N ALA S 467 3.76 -96.22 94.28
CA ALA S 467 4.03 -96.82 92.98
C ALA S 467 4.01 -95.77 91.88
N ARG S 468 3.07 -94.82 91.96
CA ARG S 468 3.02 -93.72 91.00
C ARG S 468 4.29 -92.90 91.04
N LEU S 469 4.83 -92.69 92.23
CA LEU S 469 6.08 -91.95 92.35
C LEU S 469 7.25 -92.77 91.83
N ALA S 470 7.32 -94.05 92.18
CA ALA S 470 8.43 -94.90 91.82
C ALA S 470 8.47 -95.22 90.34
N ARG S 471 7.38 -94.98 89.63
CA ARG S 471 7.45 -95.04 88.17
C ARG S 471 7.96 -93.74 87.55
N MET S 472 8.68 -92.90 88.28
CA MET S 472 9.23 -91.66 87.72
C MET S 472 10.74 -91.49 87.96
N ASN S 473 11.42 -92.53 88.42
CA ASN S 473 12.85 -92.39 88.70
C ASN S 473 13.63 -92.34 87.40
N ILE S 474 14.65 -91.46 87.37
CA ILE S 474 15.57 -91.38 86.25
C ILE S 474 16.99 -91.38 86.80
N ASN S 475 17.82 -92.27 86.29
CA ASN S 475 19.22 -92.28 86.68
C ASN S 475 19.92 -91.04 86.13
N PRO S 476 20.83 -90.43 86.92
CA PRO S 476 21.49 -89.20 86.46
C PRO S 476 22.39 -89.39 85.26
N THR S 477 22.83 -90.62 84.97
CA THR S 477 23.50 -90.88 83.71
C THR S 477 22.55 -90.67 82.53
N GLU S 478 21.31 -91.11 82.67
CA GLU S 478 20.30 -90.83 81.66
C GLU S 478 20.01 -89.33 81.59
N ILE S 479 20.05 -88.65 82.74
CA ILE S 479 19.85 -87.21 82.76
C ILE S 479 20.91 -86.50 81.94
N GLU S 480 22.18 -86.86 82.16
CA GLU S 480 23.24 -86.17 81.44
C GLU S 480 23.29 -86.60 79.98
N TRP S 481 22.80 -87.81 79.67
CA TRP S 481 22.57 -88.18 78.28
C TRP S 481 21.63 -87.21 77.60
N ALA S 482 20.47 -86.98 78.20
CA ALA S 482 19.48 -86.11 77.57
C ALA S 482 19.93 -84.65 77.56
N LEU S 483 20.69 -84.23 78.57
CA LEU S 483 21.23 -82.87 78.55
C LEU S 483 22.26 -82.71 77.44
N THR S 484 23.05 -83.75 77.18
CA THR S 484 23.95 -83.72 76.04
C THR S 484 23.18 -83.65 74.72
N GLU S 485 22.07 -84.40 74.65
CA GLU S 485 21.27 -84.41 73.43
C GLU S 485 20.59 -83.07 73.19
N CYS S 486 20.18 -82.39 74.25
CA CYS S 486 19.68 -81.03 74.10
C CYS S 486 20.80 -80.01 73.97
N ALA S 487 22.05 -80.41 74.18
CA ALA S 487 23.16 -79.52 73.88
C ALA S 487 23.57 -79.57 72.43
N GLN S 488 23.40 -80.74 71.79
CA GLN S 488 23.73 -80.98 70.37
C GLN S 488 25.21 -80.72 70.09
N GLY S 489 26.07 -81.39 70.86
CA GLY S 489 27.46 -81.51 70.52
C GLY S 489 28.32 -80.27 70.68
N TYR S 490 27.74 -79.09 70.90
CA TYR S 490 28.57 -77.92 71.10
C TYR S 490 29.14 -77.85 72.50
N VAL S 491 28.57 -78.63 73.43
CA VAL S 491 29.03 -78.67 74.81
C VAL S 491 28.55 -79.99 75.37
N THR S 492 29.25 -80.51 76.37
CA THR S 492 28.85 -81.77 76.97
C THR S 492 28.76 -81.61 78.48
N VAL S 493 28.00 -82.52 79.09
CA VAL S 493 27.75 -82.48 80.52
C VAL S 493 28.14 -83.83 81.10
N THR S 494 28.27 -83.87 82.42
CA THR S 494 28.36 -85.11 83.16
C THR S 494 27.85 -84.84 84.56
N SER S 495 27.38 -85.89 85.21
CA SER S 495 26.87 -85.82 86.58
C SER S 495 27.35 -87.03 87.34
N PRO S 496 28.57 -86.99 87.87
CA PRO S 496 29.12 -88.15 88.55
C PRO S 496 28.50 -88.35 89.92
N TYR S 497 28.39 -89.61 90.33
CA TYR S 497 27.59 -89.95 91.50
C TYR S 497 28.08 -91.26 92.09
N ALA S 498 27.67 -91.49 93.32
CA ALA S 498 27.96 -92.62 94.19
C ALA S 498 26.88 -93.67 94.09
N PRO S 499 27.22 -94.94 94.25
CA PRO S 499 26.19 -95.98 94.20
C PRO S 499 25.32 -96.04 95.44
N SER S 500 24.08 -95.58 95.28
CA SER S 500 23.08 -95.63 96.33
C SER S 500 21.85 -96.37 95.83
N VAL S 501 20.90 -96.56 96.73
CA VAL S 501 19.58 -97.11 96.39
C VAL S 501 18.47 -96.14 96.74
N ASN S 502 18.52 -95.53 97.91
CA ASN S 502 17.43 -94.66 98.35
C ASN S 502 17.45 -93.27 97.71
N ARG S 503 18.34 -93.00 96.76
CA ARG S 503 18.23 -91.76 96.01
C ARG S 503 16.98 -91.78 95.15
N LEU S 504 16.46 -90.60 94.85
CA LEU S 504 15.11 -90.51 94.32
C LEU S 504 14.94 -89.16 93.64
N MET S 505 14.55 -89.17 92.38
CA MET S 505 14.07 -87.95 91.78
C MET S 505 12.94 -88.30 90.83
N PRO S 506 11.74 -87.82 91.09
CA PRO S 506 10.61 -88.18 90.24
C PRO S 506 10.52 -87.33 88.98
N TYR S 507 10.92 -87.88 87.82
CA TYR S 507 10.85 -87.10 86.60
C TYR S 507 10.45 -87.86 85.35
N ARG S 508 10.26 -89.17 85.40
CA ARG S 508 10.05 -89.95 84.19
C ARG S 508 8.57 -89.95 83.85
N ILE S 509 8.22 -89.35 82.71
CA ILE S 509 6.86 -89.30 82.23
C ILE S 509 6.82 -89.86 80.82
N SER S 510 5.62 -89.92 80.25
CA SER S 510 5.43 -90.42 78.91
C SER S 510 5.11 -89.28 77.95
N ASN S 511 4.79 -89.64 76.71
CA ASN S 511 4.44 -88.65 75.69
C ASN S 511 3.07 -88.04 75.98
N ALA S 512 2.18 -88.82 76.59
CA ALA S 512 0.78 -88.44 76.68
C ALA S 512 0.57 -87.25 77.60
N GLU S 513 1.35 -87.18 78.67
CA GLU S 513 1.20 -86.06 79.60
C GLU S 513 1.70 -84.76 78.97
N ARG S 514 2.77 -84.85 78.18
CA ARG S 514 3.24 -83.68 77.44
C ARG S 514 2.20 -83.22 76.44
N GLN S 515 1.55 -84.19 75.78
CA GLN S 515 0.54 -83.85 74.78
C GLN S 515 -0.67 -83.19 75.42
N ILE S 516 -1.11 -83.70 76.56
CA ILE S 516 -2.26 -83.10 77.21
C ILE S 516 -1.90 -81.77 77.85
N SER S 517 -0.67 -81.60 78.31
CA SER S 517 -0.30 -80.27 78.81
C SER S 517 -0.20 -79.27 77.68
N GLN S 518 0.20 -79.73 76.49
CA GLN S 518 0.16 -78.87 75.33
C GLN S 518 -1.27 -78.49 74.95
N ILE S 519 -2.21 -79.44 75.09
CA ILE S 519 -3.58 -79.11 74.70
C ILE S 519 -4.22 -78.19 75.73
N ILE S 520 -3.83 -78.29 77.00
CA ILE S 520 -4.29 -77.31 77.99
C ILE S 520 -3.74 -75.94 77.67
N ARG S 521 -2.43 -75.87 77.40
CA ARG S 521 -1.80 -74.60 77.16
C ARG S 521 -2.23 -73.95 75.85
N VAL S 522 -2.79 -74.71 74.91
CA VAL S 522 -3.29 -74.07 73.70
C VAL S 522 -4.78 -73.76 73.79
N MET S 523 -5.53 -74.48 74.63
CA MET S 523 -6.87 -74.03 74.98
C MET S 523 -6.81 -72.75 75.79
N ASN S 524 -5.70 -72.56 76.52
CA ASN S 524 -5.43 -71.37 77.33
C ASN S 524 -5.48 -70.09 76.53
N ILE S 525 -4.99 -70.12 75.28
CA ILE S 525 -4.72 -68.90 74.51
C ILE S 525 -5.99 -68.10 74.30
N GLY S 526 -7.11 -68.81 74.10
CA GLY S 526 -8.43 -68.23 74.27
C GLY S 526 -8.75 -67.10 73.35
N ASN S 527 -8.09 -67.06 72.19
CA ASN S 527 -8.20 -66.00 71.19
C ASN S 527 -7.87 -64.64 71.80
N ASN S 528 -6.79 -64.59 72.57
CA ASN S 528 -6.33 -63.42 73.29
C ASN S 528 -4.91 -63.09 72.83
N ALA S 529 -4.64 -61.79 72.66
CA ALA S 529 -3.34 -61.35 72.17
C ALA S 529 -2.36 -61.03 73.29
N THR S 530 -2.86 -60.57 74.43
CA THR S 530 -2.01 -60.27 75.59
C THR S 530 -1.37 -61.54 76.14
N VAL S 531 -2.05 -62.66 75.97
CA VAL S 531 -1.61 -63.95 76.51
C VAL S 531 -0.33 -64.45 75.83
N ILE S 532 -0.11 -64.11 74.56
CA ILE S 532 1.01 -64.72 73.85
C ILE S 532 2.26 -63.83 73.79
N GLN S 533 2.07 -62.52 73.74
CA GLN S 533 3.20 -61.61 73.48
C GLN S 533 4.32 -61.50 74.51
N PRO S 534 4.15 -61.79 75.83
CA PRO S 534 5.36 -61.82 76.66
C PRO S 534 6.29 -62.96 76.30
N VAL S 535 5.73 -64.12 75.95
CA VAL S 535 6.53 -65.28 75.56
C VAL S 535 7.30 -64.96 74.29
N LEU S 536 6.61 -64.39 73.30
CA LEU S 536 7.22 -64.07 72.02
C LEU S 536 8.25 -62.96 72.17
N GLN S 537 7.96 -61.96 73.00
CA GLN S 537 8.88 -60.85 73.18
C GLN S 537 10.14 -61.29 73.93
N ASP S 538 9.96 -62.16 74.92
CA ASP S 538 11.12 -62.58 75.70
C ASP S 538 11.98 -63.56 74.92
N ILE S 539 11.38 -64.40 74.09
CA ILE S 539 12.21 -65.24 73.24
C ILE S 539 12.85 -64.42 72.13
N SER S 540 12.24 -63.28 71.75
CA SER S 540 12.88 -62.35 70.82
C SER S 540 14.13 -61.74 71.42
N VAL S 541 14.03 -61.25 72.66
CA VAL S 541 15.18 -60.71 73.36
C VAL S 541 16.25 -61.78 73.57
N LEU S 542 15.82 -63.02 73.81
CA LEU S 542 16.77 -64.11 74.00
C LEU S 542 17.52 -64.43 72.72
N LEU S 543 16.83 -64.39 71.58
CA LEU S 543 17.50 -64.55 70.30
C LEU S 543 18.47 -63.41 70.05
N GLN S 544 18.08 -62.19 70.42
CA GLN S 544 18.94 -61.02 70.24
C GLN S 544 20.21 -61.14 71.07
N ARG S 545 20.12 -61.75 72.24
CA ARG S 545 21.30 -61.88 73.08
C ARG S 545 22.09 -63.15 72.82
N ILE S 546 21.50 -64.16 72.17
CA ILE S 546 22.26 -65.36 71.84
C ILE S 546 22.92 -65.26 70.47
N SER S 547 22.46 -64.34 69.62
CA SER S 547 22.89 -64.35 68.22
C SER S 547 24.30 -63.78 68.09
N PRO S 548 25.20 -64.47 67.39
CA PRO S 548 26.46 -63.82 67.02
C PRO S 548 26.27 -62.76 65.96
N LEU S 549 25.17 -62.81 65.21
CA LEU S 549 24.95 -61.88 64.11
C LEU S 549 24.49 -60.53 64.64
N GLN S 550 25.33 -59.52 64.51
CA GLN S 550 24.92 -58.16 64.79
C GLN S 550 24.61 -57.45 63.47
N ILE S 551 23.82 -56.39 63.57
CA ILE S 551 23.29 -55.72 62.39
C ILE S 551 23.56 -54.23 62.51
N ASP S 552 24.21 -53.67 61.50
CA ASP S 552 24.27 -52.22 61.35
C ASP S 552 23.79 -51.84 59.95
N PRO S 553 23.10 -50.72 59.80
CA PRO S 553 22.72 -50.24 58.47
C PRO S 553 23.83 -49.48 57.76
N THR S 554 24.98 -49.31 58.42
CA THR S 554 26.04 -48.57 57.78
C THR S 554 26.76 -49.37 56.71
N ILE S 555 26.51 -50.67 56.60
CA ILE S 555 26.99 -51.39 55.42
C ILE S 555 26.28 -50.87 54.17
N ILE S 556 24.96 -50.70 54.28
CA ILE S 556 24.18 -50.10 53.20
C ILE S 556 24.60 -48.66 52.98
N SER S 557 24.89 -47.94 54.07
CA SER S 557 25.29 -46.54 53.95
C SER S 557 26.65 -46.40 53.28
N ASN S 558 27.60 -47.27 53.61
CA ASN S 558 28.91 -47.24 52.96
C ASN S 558 28.86 -47.79 51.55
N THR S 559 27.90 -48.65 51.22
CA THR S 559 27.83 -49.14 49.86
C THR S 559 27.20 -48.09 48.95
N MET S 560 26.05 -47.56 49.35
CA MET S 560 25.39 -46.51 48.60
C MET S 560 26.13 -45.19 48.81
N SER S 561 27.12 -44.91 47.97
CA SER S 561 27.89 -43.67 48.08
C SER S 561 27.15 -42.54 47.35
N THR S 562 26.01 -42.17 47.91
CA THR S 562 25.20 -41.08 47.38
C THR S 562 24.69 -40.28 48.57
N VAL S 563 25.39 -39.20 48.88
CA VAL S 563 25.12 -38.38 50.04
C VAL S 563 25.05 -36.94 49.54
N SER S 564 24.83 -36.00 50.48
CA SER S 564 24.71 -34.56 50.23
C SER S 564 23.55 -34.28 49.26
N GLU S 565 22.36 -34.58 49.76
CA GLU S 565 21.13 -34.39 49.00
C GLU S 565 20.86 -32.90 48.83
N SER S 566 21.14 -32.39 47.64
CA SER S 566 20.74 -31.04 47.31
C SER S 566 19.23 -30.99 47.14
N THR S 567 18.65 -29.82 47.46
CA THR S 567 17.24 -29.58 47.16
C THR S 567 17.02 -29.57 45.65
N THR S 568 18.00 -29.08 44.89
CA THR S 568 18.00 -29.27 43.45
C THR S 568 18.24 -30.74 43.19
N GLN S 569 17.15 -31.47 42.96
CA GLN S 569 17.20 -32.92 42.83
C GLN S 569 16.66 -33.33 41.47
N THR S 570 17.23 -34.41 40.94
CA THR S 570 16.79 -35.03 39.70
C THR S 570 16.29 -36.44 39.98
N LEU S 571 15.62 -36.60 41.12
CA LEU S 571 15.10 -37.86 41.67
C LEU S 571 16.15 -38.98 41.64
N SER S 572 17.20 -38.76 42.39
CA SER S 572 18.31 -39.72 42.45
C SER S 572 17.89 -40.99 43.18
N PRO S 573 17.92 -42.14 42.51
CA PRO S 573 17.32 -43.34 43.09
C PRO S 573 18.10 -43.93 44.24
N ALA S 574 19.41 -43.71 44.26
CA ALA S 574 20.24 -44.21 45.36
C ALA S 574 19.91 -43.48 46.65
N SER S 575 19.83 -42.15 46.59
CA SER S 575 19.42 -41.40 47.76
C SER S 575 17.95 -41.63 48.09
N SER S 576 17.15 -41.97 47.07
CA SER S 576 15.75 -42.29 47.30
C SER S 576 15.61 -43.57 48.14
N ILE S 577 16.39 -44.59 47.80
CA ILE S 577 16.31 -45.81 48.61
C ILE S 577 17.02 -45.62 49.95
N LEU S 578 17.97 -44.68 50.06
CA LEU S 578 18.54 -44.41 51.37
C LEU S 578 17.52 -43.75 52.29
N GLY S 579 16.79 -42.76 51.78
CA GLY S 579 15.71 -42.17 52.55
C GLY S 579 14.56 -43.12 52.79
N LYS S 580 14.39 -44.12 51.92
CA LYS S 580 13.29 -45.04 52.11
C LYS S 580 13.64 -46.13 53.12
N LEU S 581 14.88 -46.60 53.11
CA LEU S 581 15.33 -47.60 54.07
C LEU S 581 15.58 -47.03 55.45
N ARG S 582 15.88 -45.72 55.56
CA ARG S 582 16.10 -45.01 56.82
C ARG S 582 17.16 -45.67 57.68
N PRO S 583 18.44 -45.52 57.38
CA PRO S 583 19.48 -46.14 58.20
C PRO S 583 19.73 -45.45 59.53
N SER S 584 18.88 -44.51 59.92
CA SER S 584 19.00 -43.91 61.25
C SER S 584 18.52 -44.86 62.34
N ASN S 585 17.52 -45.67 62.04
CA ASN S 585 16.93 -46.56 63.04
C ASN S 585 17.85 -47.74 63.31
N SER S 586 17.75 -48.28 64.53
CA SER S 586 18.45 -49.48 64.94
C SER S 586 17.53 -50.40 65.72
N ASP S 587 16.29 -50.52 65.27
CA ASP S 587 15.29 -51.38 65.89
C ASP S 587 15.04 -52.57 64.97
N PHE S 588 15.25 -53.78 65.51
CA PHE S 588 15.15 -55.00 64.73
C PHE S 588 14.35 -56.07 65.45
N SER S 589 13.50 -55.63 66.38
CA SER S 589 12.61 -56.55 67.08
C SER S 589 11.63 -57.20 66.14
N SER S 590 11.27 -56.53 65.04
CA SER S 590 10.42 -57.12 64.03
C SER S 590 11.11 -58.33 63.39
N PHE S 591 12.41 -58.22 63.12
CA PHE S 591 13.17 -59.33 62.55
C PHE S 591 13.34 -60.46 63.55
N ARG S 592 13.55 -60.12 64.81
CA ARG S 592 13.74 -61.18 65.79
C ARG S 592 12.42 -61.91 66.08
N VAL S 593 11.30 -61.19 66.11
CA VAL S 593 10.04 -61.89 66.32
C VAL S 593 9.63 -62.65 65.07
N ALA S 594 10.09 -62.21 63.88
CA ALA S 594 9.82 -62.99 62.68
C ALA S 594 10.61 -64.29 62.70
N LEU S 595 11.83 -64.26 63.26
CA LEU S 595 12.53 -65.51 63.52
C LEU S 595 11.82 -66.35 64.57
N ALA S 596 11.25 -65.72 65.59
CA ALA S 596 10.67 -66.50 66.68
C ALA S 596 9.33 -67.12 66.33
N GLY S 597 8.62 -66.54 65.36
CA GLY S 597 7.29 -67.03 65.02
C GLY S 597 7.26 -68.39 64.36
N TRP S 598 8.40 -68.85 63.85
CA TRP S 598 8.48 -70.18 63.24
C TRP S 598 8.23 -71.27 64.26
N LEU S 599 8.53 -71.00 65.53
CA LEU S 599 8.29 -71.98 66.57
C LEU S 599 6.80 -72.12 66.86
N TYR S 600 6.08 -71.02 66.85
CA TYR S 600 4.67 -71.01 67.22
C TYR S 600 3.78 -70.69 66.02
N ASN S 601 4.20 -71.19 64.85
CA ASN S 601 3.36 -71.30 63.66
C ASN S 601 1.91 -71.67 63.93
N GLY S 602 1.69 -72.70 64.76
CA GLY S 602 0.35 -73.22 64.94
C GLY S 602 -0.57 -72.31 65.71
N VAL S 603 -0.05 -71.52 66.64
CA VAL S 603 -0.90 -70.66 67.45
C VAL S 603 -1.06 -69.31 66.79
N VAL S 604 0.05 -68.67 66.46
CA VAL S 604 0.05 -67.32 65.90
C VAL S 604 0.66 -67.39 64.50
N THR S 605 0.13 -66.58 63.60
CA THR S 605 0.73 -66.41 62.28
C THR S 605 1.51 -65.11 62.24
N THR S 606 2.26 -64.91 61.16
CA THR S 606 3.05 -63.71 60.96
C THR S 606 2.71 -63.12 59.60
N VAL S 607 2.19 -61.90 59.58
CA VAL S 607 1.89 -61.21 58.32
C VAL S 607 2.56 -59.85 58.34
N ILE S 608 2.30 -59.03 57.33
CA ILE S 608 2.97 -57.76 57.12
C ILE S 608 1.92 -56.65 57.15
N ASP S 609 2.25 -55.55 57.82
CA ASP S 609 1.40 -54.37 57.84
C ASP S 609 1.17 -53.84 56.43
N ASP S 610 -0.05 -53.34 56.19
CA ASP S 610 -0.39 -52.85 54.86
C ASP S 610 0.25 -51.51 54.55
N SER S 611 0.78 -50.81 55.56
CA SER S 611 1.57 -49.62 55.31
C SER S 611 2.85 -49.95 54.57
N SER S 612 3.36 -51.18 54.72
CA SER S 612 4.50 -51.62 53.96
C SER S 612 4.17 -51.91 52.51
N TYR S 613 2.90 -51.99 52.16
CA TYR S 613 2.51 -52.18 50.77
C TYR S 613 2.59 -50.85 50.06
N PRO S 614 2.59 -50.85 48.72
CA PRO S 614 2.44 -49.58 47.99
C PRO S 614 1.11 -48.94 48.31
N LYS S 615 1.16 -47.64 48.61
CA LYS S 615 -0.06 -46.89 48.90
C LYS S 615 -0.92 -46.84 47.66
N ASP S 616 -2.24 -46.97 47.89
CA ASP S 616 -3.36 -46.95 46.92
C ASP S 616 -3.02 -47.57 45.57
N GLY S 617 -2.52 -48.80 45.63
CA GLY S 617 -2.12 -49.52 44.44
C GLY S 617 -0.67 -49.33 44.05
N GLY S 618 -0.34 -48.17 43.51
CA GLY S 618 1.02 -47.94 43.07
C GLY S 618 1.26 -48.43 41.66
N SER S 619 1.76 -47.56 40.80
CA SER S 619 2.00 -47.88 39.41
C SER S 619 3.49 -47.94 39.14
N VAL S 620 3.86 -48.65 38.07
CA VAL S 620 5.27 -48.83 37.72
C VAL S 620 5.94 -47.58 37.22
N THR S 621 5.20 -46.50 36.98
CA THR S 621 5.82 -45.25 36.57
C THR S 621 6.55 -44.59 37.73
N SER S 622 6.23 -44.95 38.96
CA SER S 622 6.73 -44.27 40.15
C SER S 622 7.92 -45.00 40.75
N LEU S 623 9.01 -44.24 40.93
CA LEU S 623 10.24 -44.79 41.45
C LEU S 623 10.10 -45.27 42.88
N GLU S 624 9.39 -44.50 43.70
CA GLU S 624 9.26 -44.84 45.10
C GLU S 624 8.39 -46.07 45.29
N ASN S 625 7.35 -46.21 44.48
CA ASN S 625 6.56 -47.42 44.51
C ASN S 625 7.34 -48.63 43.99
N LEU S 626 8.27 -48.39 43.06
CA LEU S 626 9.13 -49.46 42.59
C LEU S 626 10.06 -49.95 43.71
N TRP S 627 10.73 -49.03 44.40
CA TRP S 627 11.56 -49.41 45.54
C TRP S 627 10.74 -50.04 46.65
N ASP S 628 9.49 -49.60 46.80
CA ASP S 628 8.60 -50.16 47.81
C ASP S 628 8.30 -51.61 47.50
N PHE S 629 8.03 -51.92 46.22
CA PHE S 629 7.83 -53.31 45.81
C PHE S 629 9.09 -54.13 46.05
N PHE S 630 10.26 -53.52 45.86
CA PHE S 630 11.52 -54.21 46.10
C PHE S 630 11.66 -54.62 47.55
N ILE S 631 11.53 -53.64 48.45
CA ILE S 631 11.65 -53.88 49.89
C ILE S 631 10.63 -54.92 50.32
N LEU S 632 9.43 -54.83 49.78
CA LEU S 632 8.36 -55.75 50.12
C LEU S 632 8.71 -57.17 49.73
N ALA S 633 9.01 -57.39 48.46
CA ALA S 633 9.26 -58.73 47.95
C ALA S 633 10.54 -59.35 48.50
N LEU S 634 11.50 -58.54 48.94
CA LEU S 634 12.59 -59.15 49.69
C LEU S 634 12.19 -59.49 51.11
N ALA S 635 11.22 -58.78 51.68
CA ALA S 635 10.87 -59.09 53.06
C ALA S 635 9.91 -60.27 53.20
N LEU S 636 9.14 -60.58 52.14
CA LEU S 636 8.07 -61.58 52.21
C LEU S 636 8.45 -62.97 52.75
N PRO S 637 9.50 -63.66 52.27
CA PRO S 637 9.55 -65.12 52.51
C PRO S 637 9.88 -65.54 53.93
N LEU S 638 10.21 -64.63 54.82
CA LEU S 638 10.55 -65.03 56.18
C LEU S 638 9.33 -65.24 57.06
N THR S 639 8.14 -64.91 56.58
CA THR S 639 6.96 -64.95 57.42
C THR S 639 6.27 -66.31 57.33
N THR S 640 5.50 -66.62 58.37
CA THR S 640 4.78 -67.89 58.47
C THR S 640 3.45 -67.87 57.72
N ASP S 641 3.15 -66.80 57.03
CA ASP S 641 1.89 -66.72 56.32
C ASP S 641 1.91 -67.65 55.12
N PRO S 642 0.91 -68.52 54.96
CA PRO S 642 0.99 -69.53 53.90
C PRO S 642 0.76 -68.98 52.51
N CYS S 643 -0.05 -67.92 52.36
CA CYS S 643 -0.34 -67.36 51.05
C CYS S 643 0.57 -66.18 50.70
N ALA S 644 1.72 -66.10 51.36
CA ALA S 644 2.71 -65.08 51.01
C ALA S 644 3.24 -65.14 49.57
N PRO S 645 3.48 -66.29 48.92
CA PRO S 645 3.82 -66.23 47.50
C PRO S 645 2.71 -65.71 46.63
N VAL S 646 1.47 -66.03 46.97
CA VAL S 646 0.33 -65.53 46.21
C VAL S 646 0.24 -64.02 46.35
N LYS S 647 0.52 -63.51 47.55
CA LYS S 647 0.51 -62.07 47.75
C LYS S 647 1.68 -61.40 47.02
N ALA S 648 2.81 -62.08 46.97
CA ALA S 648 3.96 -61.55 46.23
C ALA S 648 3.71 -61.50 44.74
N PHE S 649 2.94 -62.46 44.21
CA PHE S 649 2.57 -62.39 42.80
C PHE S 649 1.55 -61.28 42.57
N MET S 650 0.55 -61.21 43.45
CA MET S 650 -0.56 -60.31 43.23
C MET S 650 -0.15 -58.85 43.41
N THR S 651 0.92 -58.59 44.17
CA THR S 651 1.40 -57.23 44.32
C THR S 651 1.94 -56.68 43.01
N LEU S 652 2.71 -57.50 42.29
CA LEU S 652 3.19 -57.06 40.99
C LEU S 652 2.06 -57.06 39.96
N ALA S 653 1.08 -57.97 40.13
CA ALA S 653 -0.08 -57.97 39.24
C ALA S 653 -0.88 -56.69 39.37
N ASN S 654 -1.03 -56.20 40.60
CA ASN S 654 -1.67 -54.92 40.84
C ASN S 654 -0.76 -53.77 40.41
N MET S 655 0.55 -53.96 40.51
CA MET S 655 1.52 -52.95 40.12
C MET S 655 1.50 -52.70 38.62
N MET S 656 1.17 -53.73 37.84
CA MET S 656 1.18 -53.66 36.39
C MET S 656 -0.23 -53.51 35.83
N VAL S 657 -1.08 -52.71 36.46
CA VAL S 657 -2.39 -52.43 35.89
C VAL S 657 -2.26 -51.26 34.92
N GLY S 658 -2.40 -51.55 33.64
CA GLY S 658 -2.26 -50.56 32.58
C GLY S 658 -1.38 -50.99 31.44
N PHE S 659 -0.49 -51.96 31.66
CA PHE S 659 0.42 -52.40 30.61
C PHE S 659 0.29 -53.87 30.28
N GLU S 660 0.14 -54.72 31.28
CA GLU S 660 0.04 -56.16 31.08
C GLU S 660 -1.12 -56.69 31.90
N THR S 661 -1.92 -57.57 31.30
CA THR S 661 -3.09 -58.12 31.97
C THR S 661 -3.01 -59.64 32.05
N ILE S 662 -3.86 -60.21 32.89
CA ILE S 662 -3.92 -61.65 33.07
C ILE S 662 -5.36 -62.09 32.81
N PRO S 663 -5.56 -63.36 32.45
CA PRO S 663 -6.92 -63.90 32.46
C PRO S 663 -7.46 -63.97 33.87
N MET S 664 -8.79 -63.88 33.98
CA MET S 664 -9.46 -63.63 35.24
C MET S 664 -10.56 -64.65 35.46
N ASP S 665 -10.97 -64.78 36.72
CA ASP S 665 -11.90 -65.84 37.09
C ASP S 665 -13.33 -65.46 36.79
N ASN S 666 -13.84 -64.43 37.43
CA ASN S 666 -15.24 -64.06 37.29
C ASN S 666 -15.36 -62.64 36.76
N GLN S 667 -16.58 -62.14 36.77
CA GLN S 667 -16.83 -60.73 36.47
C GLN S 667 -16.69 -59.84 37.69
N ILE S 668 -16.61 -60.42 38.87
CA ILE S 668 -16.69 -59.63 40.10
C ILE S 668 -15.38 -58.91 40.37
N TYR S 669 -14.28 -59.66 40.43
CA TYR S 669 -13.01 -59.10 40.86
C TYR S 669 -12.37 -58.31 39.72
N THR S 670 -11.21 -57.73 40.02
CA THR S 670 -10.44 -56.95 39.07
C THR S 670 -8.98 -57.22 39.36
N GLN S 671 -8.16 -57.24 38.31
CA GLN S 671 -6.72 -57.30 38.46
C GLN S 671 -6.19 -56.16 39.31
N SER S 672 -6.80 -54.98 39.22
CA SER S 672 -6.49 -53.88 40.14
C SER S 672 -7.19 -54.09 41.48
N ARG S 673 -6.78 -55.14 42.18
CA ARG S 673 -7.21 -55.41 43.52
C ARG S 673 -5.98 -55.34 44.42
N ARG S 674 -6.14 -54.74 45.60
CA ARG S 674 -5.04 -54.65 46.53
C ARG S 674 -4.72 -56.04 47.08
N ALA S 675 -3.43 -56.31 47.25
CA ALA S 675 -2.96 -57.62 47.63
C ALA S 675 -3.19 -57.94 49.10
N SER S 676 -3.71 -56.99 49.89
CA SER S 676 -4.01 -57.28 51.28
C SER S 676 -5.16 -58.26 51.41
N ALA S 677 -6.05 -58.30 50.43
CA ALA S 677 -7.25 -59.11 50.55
C ALA S 677 -6.99 -60.61 50.37
N PHE S 678 -5.96 -60.98 49.61
CA PHE S 678 -5.69 -62.38 49.31
C PHE S 678 -4.99 -63.01 50.51
N SER S 679 -5.77 -63.27 51.55
CA SER S 679 -5.24 -63.72 52.83
C SER S 679 -5.58 -65.17 53.13
N THR S 680 -6.30 -65.86 52.25
CA THR S 680 -6.86 -67.16 52.53
C THR S 680 -6.87 -67.92 51.20
N PRO S 681 -6.53 -69.21 51.18
CA PRO S 681 -6.41 -69.94 49.91
C PRO S 681 -7.67 -70.08 49.07
N HIS S 682 -8.84 -69.64 49.52
CA HIS S 682 -9.98 -69.72 48.61
C HIS S 682 -10.02 -68.59 47.60
N THR S 683 -9.05 -67.68 47.63
CA THR S 683 -9.01 -66.56 46.71
C THR S 683 -7.85 -66.65 45.73
N TRP S 684 -7.16 -67.78 45.67
CA TRP S 684 -5.95 -67.85 44.86
C TRP S 684 -6.31 -67.92 43.38
N PRO S 685 -5.58 -67.22 42.52
CA PRO S 685 -5.90 -67.25 41.09
C PRO S 685 -5.33 -68.48 40.40
N ARG S 686 -6.15 -69.06 39.52
CA ARG S 686 -5.73 -70.24 38.80
C ARG S 686 -4.64 -69.94 37.79
N CYS S 687 -4.51 -68.68 37.36
CA CYS S 687 -3.35 -68.30 36.58
C CYS S 687 -2.07 -68.41 37.39
N PHE S 688 -2.13 -68.09 38.69
CA PHE S 688 -0.97 -68.36 39.52
C PHE S 688 -0.82 -69.85 39.76
N MET S 689 -1.92 -70.60 39.73
CA MET S 689 -1.81 -72.04 39.88
C MET S 689 -1.16 -72.72 38.67
N ASN S 690 -1.29 -72.13 37.48
CA ASN S 690 -0.75 -72.75 36.27
C ASN S 690 -0.10 -71.69 35.38
N ILE S 691 1.19 -71.91 35.07
CA ILE S 691 2.00 -70.94 34.34
C ILE S 691 1.46 -70.70 32.93
N GLN S 692 0.98 -71.77 32.28
CA GLN S 692 0.58 -71.72 30.87
C GLN S 692 -0.60 -70.80 30.61
N LEU S 693 -1.36 -70.45 31.65
CA LEU S 693 -2.45 -69.51 31.48
C LEU S 693 -1.94 -68.10 31.22
N ILE S 694 -0.74 -67.76 31.66
CA ILE S 694 -0.14 -66.47 31.33
C ILE S 694 0.66 -66.63 30.05
N SER S 695 0.27 -65.93 29.02
CA SER S 695 1.05 -65.98 27.80
C SER S 695 2.21 -65.01 27.90
N PRO S 696 3.38 -65.38 27.36
CA PRO S 696 4.49 -64.43 27.34
C PRO S 696 4.25 -63.24 26.44
N ILE S 697 3.44 -63.37 25.39
CA ILE S 697 3.09 -62.19 24.60
C ILE S 697 2.05 -61.34 25.32
N ASP S 698 1.28 -61.92 26.24
CA ASP S 698 0.35 -61.11 27.00
C ASP S 698 1.07 -60.33 28.09
N ALA S 699 1.94 -61.00 28.85
CA ALA S 699 2.56 -60.41 30.02
C ALA S 699 3.91 -61.05 30.24
N PRO S 700 4.95 -60.53 29.59
CA PRO S 700 6.28 -61.12 29.78
C PRO S 700 6.84 -60.96 31.17
N ILE S 701 6.71 -59.77 31.77
CA ILE S 701 7.22 -59.55 33.12
C ILE S 701 6.48 -60.40 34.13
N LEU S 702 5.16 -60.50 33.98
CA LEU S 702 4.39 -61.29 34.93
C LEU S 702 4.62 -62.77 34.74
N ARG S 703 4.89 -63.22 33.52
CA ARG S 703 5.24 -64.62 33.33
C ARG S 703 6.60 -64.93 33.94
N GLN S 704 7.55 -64.00 33.83
CA GLN S 704 8.84 -64.17 34.49
C GLN S 704 8.69 -64.20 36.00
N TRP S 705 7.78 -63.39 36.54
CA TRP S 705 7.60 -63.34 37.98
C TRP S 705 6.92 -64.61 38.49
N ALA S 706 5.93 -65.12 37.76
CA ALA S 706 5.31 -66.38 38.14
C ALA S 706 6.30 -67.53 38.04
N GLU S 707 7.17 -67.48 37.02
CA GLU S 707 8.19 -68.51 36.86
C GLU S 707 9.20 -68.47 37.99
N ILE S 708 9.62 -67.27 38.39
CA ILE S 708 10.64 -67.14 39.41
C ILE S 708 10.07 -67.48 40.78
N ILE S 709 8.75 -67.29 40.98
CA ILE S 709 8.14 -67.76 42.22
C ILE S 709 8.05 -69.27 42.24
N HIS S 710 7.54 -69.86 41.16
CA HIS S 710 7.33 -71.30 41.17
C HIS S 710 8.63 -72.10 41.13
N ARG S 711 9.75 -71.49 40.76
CA ARG S 711 11.00 -72.23 40.85
C ARG S 711 11.87 -71.83 42.04
N TYR S 712 12.06 -70.55 42.31
CA TYR S 712 13.12 -70.15 43.23
C TYR S 712 12.64 -69.86 44.64
N TRP S 713 11.36 -70.12 44.92
CA TRP S 713 10.85 -69.94 46.27
C TRP S 713 11.50 -70.94 47.22
N PRO S 714 11.90 -70.51 48.41
CA PRO S 714 12.66 -71.38 49.30
C PRO S 714 11.84 -72.54 49.83
N ASN S 715 12.54 -73.53 50.29
CA ASN S 715 11.90 -74.79 50.61
C ASN S 715 11.90 -75.04 52.10
N PRO S 716 10.79 -75.51 52.66
CA PRO S 716 10.76 -75.86 54.07
C PRO S 716 11.60 -77.09 54.34
N SER S 717 11.94 -77.30 55.60
CA SER S 717 12.75 -78.44 55.98
C SER S 717 12.45 -78.78 57.44
N GLN S 718 13.27 -79.66 58.00
CA GLN S 718 13.09 -80.09 59.38
C GLN S 718 14.46 -80.31 59.99
N ILE S 719 14.55 -80.16 61.31
CA ILE S 719 15.82 -80.24 62.01
C ILE S 719 15.61 -80.91 63.36
N ARG S 720 16.63 -81.61 63.83
CA ARG S 720 16.59 -82.45 65.01
C ARG S 720 16.74 -81.61 66.28
N TYR S 721 16.05 -82.03 67.33
CA TYR S 721 16.22 -81.45 68.66
C TYR S 721 15.73 -82.44 69.70
N GLY S 722 16.15 -82.21 70.94
CA GLY S 722 15.63 -82.88 72.11
C GLY S 722 15.77 -84.38 72.13
N THR S 723 15.05 -85.04 73.04
CA THR S 723 14.95 -86.47 72.92
C THR S 723 13.58 -86.92 73.37
N PRO S 724 13.01 -87.93 72.71
CA PRO S 724 11.83 -88.61 73.25
C PRO S 724 12.17 -89.73 74.22
N ASN S 725 13.44 -89.93 74.55
CA ASN S 725 13.83 -91.08 75.35
C ASN S 725 13.38 -90.92 76.80
N VAL S 726 13.73 -89.80 77.42
CA VAL S 726 13.23 -89.48 78.75
C VAL S 726 12.38 -88.21 78.74
N PHE S 727 12.71 -87.24 77.90
CA PHE S 727 11.97 -85.98 77.93
C PHE S 727 10.62 -86.08 77.24
N GLY S 728 10.48 -87.02 76.29
CA GLY S 728 9.30 -87.01 75.47
C GLY S 728 9.30 -85.80 74.55
N SER S 729 8.10 -85.47 74.08
CA SER S 729 7.95 -84.28 73.26
C SER S 729 6.51 -83.82 73.30
N ALA S 730 6.29 -82.55 73.00
CA ALA S 730 4.95 -82.01 72.85
C ALA S 730 4.56 -81.84 71.39
N ASN S 731 5.22 -82.57 70.49
CA ASN S 731 4.85 -82.53 69.10
C ASN S 731 3.54 -83.26 68.91
N LEU S 732 2.50 -82.53 68.51
CA LEU S 732 1.18 -83.13 68.37
C LEU S 732 0.93 -83.64 66.96
N PHE S 733 0.97 -82.76 65.97
CA PHE S 733 0.65 -83.16 64.61
C PHE S 733 1.87 -83.60 63.82
N THR S 734 3.04 -83.53 64.41
CA THR S 734 4.30 -83.83 63.77
C THR S 734 4.97 -84.98 64.51
N PRO S 735 5.92 -85.69 63.88
CA PRO S 735 6.68 -86.68 64.61
C PRO S 735 7.55 -86.02 65.67
N PRO S 736 7.82 -86.71 66.78
CA PRO S 736 8.42 -86.05 67.95
C PRO S 736 9.90 -85.74 67.83
N GLU S 737 10.49 -85.85 66.65
CA GLU S 737 11.93 -85.69 66.49
C GLU S 737 12.32 -84.39 65.81
N VAL S 738 11.46 -83.85 64.95
CA VAL S 738 11.88 -82.86 63.99
C VAL S 738 11.27 -81.51 64.33
N LEU S 739 11.94 -80.46 63.88
CA LEU S 739 11.49 -79.09 64.09
C LEU S 739 11.19 -78.50 62.72
N LEU S 740 9.92 -78.26 62.46
CA LEU S 740 9.51 -77.89 61.12
C LEU S 740 9.85 -76.43 60.86
N LEU S 741 10.81 -76.21 59.99
CA LEU S 741 11.25 -74.88 59.62
C LEU S 741 10.84 -74.54 58.20
N PRO S 742 10.42 -73.31 57.92
CA PRO S 742 10.09 -72.92 56.55
C PRO S 742 11.29 -72.59 55.68
N ILE S 743 12.50 -72.96 56.09
CA ILE S 743 13.70 -72.64 55.35
C ILE S 743 14.61 -73.87 55.39
N ASP S 744 15.43 -74.02 54.35
CA ASP S 744 16.36 -75.12 54.29
C ASP S 744 17.58 -74.82 55.14
N HIS S 745 18.12 -75.85 55.77
CA HIS S 745 19.25 -75.71 56.67
C HIS S 745 20.50 -76.33 56.04
N GLN S 746 21.55 -76.41 56.82
CA GLN S 746 22.89 -76.72 56.36
C GLN S 746 23.72 -77.01 57.58
N PRO S 747 24.74 -77.88 57.49
CA PRO S 747 25.67 -78.02 58.62
C PRO S 747 26.46 -76.76 58.89
N ALA S 748 26.97 -76.65 60.11
CA ALA S 748 27.53 -75.41 60.61
C ALA S 748 28.86 -75.12 59.93
N ASN S 749 28.86 -74.14 59.05
CA ASN S 749 30.06 -73.70 58.37
C ASN S 749 30.23 -72.20 58.58
N VAL S 750 31.47 -71.78 58.63
CA VAL S 750 31.80 -70.36 58.74
C VAL S 750 32.45 -69.86 57.46
N THR S 751 33.41 -70.60 56.93
CA THR S 751 34.07 -70.18 55.70
C THR S 751 33.31 -70.73 54.50
N THR S 752 32.74 -69.80 53.73
CA THR S 752 32.06 -70.05 52.48
C THR S 752 31.94 -68.70 51.77
N PRO S 753 31.79 -68.68 50.45
CA PRO S 753 31.60 -67.40 49.76
C PRO S 753 30.34 -66.68 50.21
N THR S 754 30.49 -65.36 50.40
CA THR S 754 29.35 -64.49 50.64
C THR S 754 28.38 -64.54 49.48
N LEU S 755 28.92 -64.56 48.26
CA LEU S 755 28.14 -64.80 47.06
C LEU S 755 28.04 -66.30 46.86
N ASP S 756 27.07 -66.92 47.50
CA ASP S 756 26.77 -68.32 47.27
C ASP S 756 25.37 -68.40 46.71
N PHE S 757 25.16 -69.29 45.75
CA PHE S 757 23.84 -69.49 45.20
C PHE S 757 23.23 -70.82 45.62
N THR S 758 23.99 -71.64 46.33
CA THR S 758 23.39 -72.73 47.08
C THR S 758 22.47 -72.19 48.17
N ASN S 759 22.85 -71.06 48.76
CA ASN S 759 22.00 -70.34 49.69
C ASN S 759 20.74 -69.87 48.99
N GLU S 760 19.59 -70.36 49.45
CA GLU S 760 18.31 -70.03 48.83
C GLU S 760 17.96 -68.56 48.98
N LEU S 761 18.36 -67.95 50.10
CA LEU S 761 18.05 -66.54 50.33
C LEU S 761 18.85 -65.66 49.38
N THR S 762 20.14 -65.93 49.23
CA THR S 762 20.97 -65.13 48.35
C THR S 762 20.58 -65.36 46.90
N ASN S 763 20.20 -66.60 46.56
CA ASN S 763 19.64 -66.89 45.26
C ASN S 763 18.39 -66.07 45.01
N TRP S 764 17.49 -66.01 46.00
CA TRP S 764 16.25 -65.28 45.86
C TRP S 764 16.48 -63.79 45.68
N ARG S 765 17.41 -63.24 46.46
CA ARG S 765 17.67 -61.81 46.39
C ARG S 765 18.31 -61.44 45.05
N ALA S 766 19.27 -62.25 44.60
CA ALA S 766 19.94 -61.98 43.34
C ALA S 766 18.98 -62.07 42.17
N ARG S 767 18.08 -63.06 42.20
CA ARG S 767 17.17 -63.21 41.08
C ARG S 767 16.05 -62.18 41.09
N VAL S 768 15.61 -61.73 42.27
CA VAL S 768 14.61 -60.66 42.31
C VAL S 768 15.21 -59.33 41.85
N CYS S 769 16.47 -59.06 42.25
CA CYS S 769 17.17 -57.89 41.74
C CYS S 769 17.33 -57.96 40.23
N GLU S 770 17.63 -59.15 39.70
CA GLU S 770 17.75 -59.29 38.27
C GLU S 770 16.41 -59.10 37.57
N LEU S 771 15.31 -59.52 38.21
CA LEU S 771 14.01 -59.33 37.57
C LEU S 771 13.60 -57.87 37.55
N MET S 772 13.89 -57.14 38.61
CA MET S 772 13.49 -55.74 38.58
C MET S 772 14.41 -54.93 37.68
N LYS S 773 15.66 -55.38 37.54
CA LYS S 773 16.54 -54.90 36.48
C LYS S 773 15.91 -55.15 35.12
N ASN S 774 15.34 -56.34 34.91
CA ASN S 774 14.67 -56.65 33.66
C ASN S 774 13.43 -55.81 33.45
N LEU S 775 12.78 -55.41 34.55
CA LEU S 775 11.66 -54.50 34.44
C LEU S 775 12.12 -53.14 33.95
N VAL S 776 13.28 -52.70 34.43
CA VAL S 776 13.73 -51.35 34.07
C VAL S 776 14.27 -51.32 32.64
N ASP S 777 14.79 -52.46 32.13
CA ASP S 777 15.65 -52.58 30.95
C ASP S 777 15.40 -51.63 29.78
N ASN S 778 14.20 -51.70 29.21
CA ASN S 778 13.92 -51.03 27.95
C ASN S 778 13.23 -49.69 28.13
N GLN S 779 12.94 -49.30 29.38
CA GLN S 779 12.26 -48.10 29.85
C GLN S 779 10.76 -48.11 29.52
N ARG S 780 10.27 -49.15 28.82
CA ARG S 780 8.96 -49.13 28.14
C ARG S 780 7.81 -48.99 29.11
N TYR S 781 7.89 -49.58 30.30
CA TYR S 781 6.78 -49.54 31.23
C TYR S 781 6.58 -48.18 31.89
N GLN S 782 7.46 -47.23 31.66
CA GLN S 782 7.26 -45.94 32.27
C GLN S 782 7.60 -44.84 31.28
N PRO S 783 6.68 -43.98 31.01
CA PRO S 783 7.06 -42.68 30.45
C PRO S 783 7.29 -41.73 31.60
N GLY S 784 7.54 -40.46 31.30
CA GLY S 784 7.64 -39.46 32.33
C GLY S 784 8.99 -39.36 32.99
N TRP S 785 9.76 -40.44 33.00
CA TRP S 785 11.14 -40.34 33.46
C TRP S 785 11.90 -39.71 32.30
N THR S 786 11.97 -38.38 32.35
CA THR S 786 12.49 -37.63 31.22
C THR S 786 14.00 -37.78 31.09
N GLN S 787 14.68 -38.08 32.18
CA GLN S 787 16.07 -38.49 32.11
C GLN S 787 16.16 -39.99 31.93
N SER S 788 17.29 -40.44 31.43
CA SER S 788 17.52 -41.87 31.20
C SER S 788 18.14 -42.46 32.46
N LEU S 789 17.28 -42.84 33.41
CA LEU S 789 17.73 -43.34 34.69
C LEU S 789 18.08 -44.82 34.68
N VAL S 790 18.12 -45.45 33.50
CA VAL S 790 18.31 -46.90 33.45
C VAL S 790 19.72 -47.28 33.85
N SER S 791 20.71 -46.43 33.54
CA SER S 791 22.09 -46.72 33.89
C SER S 791 22.30 -46.64 35.39
N SER S 792 21.83 -45.56 36.02
CA SER S 792 21.94 -45.41 37.46
C SER S 792 21.12 -46.46 38.19
N MET S 793 19.98 -46.85 37.60
CA MET S 793 19.13 -47.87 38.19
C MET S 793 19.82 -49.22 38.24
N ARG S 794 20.34 -49.65 37.09
CA ARG S 794 21.05 -50.91 36.99
C ARG S 794 22.30 -50.88 37.86
N GLY S 795 22.93 -49.71 37.98
CA GLY S 795 24.07 -49.58 38.87
C GLY S 795 23.73 -49.81 40.32
N THR S 796 22.71 -49.13 40.83
CA THR S 796 22.41 -49.26 42.25
C THR S 796 21.78 -50.62 42.57
N LEU S 797 21.09 -51.23 41.61
CA LEU S 797 20.55 -52.56 41.88
C LEU S 797 21.65 -53.61 41.87
N GLY S 798 22.64 -53.47 40.99
CA GLY S 798 23.77 -54.39 41.03
C GLY S 798 24.63 -54.19 42.26
N LYS S 799 24.76 -52.93 42.70
CA LYS S 799 25.46 -52.64 43.94
C LYS S 799 24.73 -53.21 45.14
N LEU S 800 23.41 -53.31 45.06
CA LEU S 800 22.69 -53.98 46.12
C LEU S 800 22.91 -55.48 46.07
N LYS S 801 22.91 -56.06 44.86
CA LYS S 801 23.02 -57.51 44.72
C LYS S 801 24.38 -58.01 45.17
N LEU S 802 25.43 -57.23 44.93
CA LEU S 802 26.76 -57.57 45.43
C LEU S 802 26.95 -56.87 46.77
N ILE S 803 26.82 -57.61 47.86
CA ILE S 803 26.85 -56.99 49.17
C ILE S 803 27.42 -57.99 50.18
N LYS S 804 28.03 -57.46 51.23
CA LYS S 804 28.75 -58.22 52.24
C LYS S 804 27.82 -58.97 53.19
N SER S 805 26.51 -58.75 53.10
CA SER S 805 25.55 -59.07 54.15
C SER S 805 25.50 -60.57 54.45
N MET S 806 25.97 -60.94 55.64
CA MET S 806 26.07 -62.34 56.03
C MET S 806 24.84 -62.82 56.75
N THR S 807 23.80 -62.00 56.83
CA THR S 807 22.52 -62.43 57.39
C THR S 807 21.88 -63.65 56.69
N PRO S 808 21.86 -63.78 55.34
CA PRO S 808 21.30 -65.02 54.77
C PRO S 808 22.11 -66.25 55.11
N MET S 809 23.41 -66.10 55.25
CA MET S 809 24.26 -67.20 55.66
C MET S 809 24.02 -67.58 57.10
N TYR S 810 23.78 -66.59 57.96
CA TYR S 810 23.41 -66.86 59.34
C TYR S 810 22.11 -67.62 59.43
N LEU S 811 21.10 -67.16 58.69
CA LEU S 811 19.80 -67.80 58.71
C LEU S 811 19.85 -69.19 58.11
N GLN S 812 20.79 -69.44 57.19
CA GLN S 812 20.87 -70.79 56.66
C GLN S 812 21.54 -71.75 57.65
N GLN S 813 22.69 -71.37 58.22
CA GLN S 813 23.44 -72.33 59.04
C GLN S 813 23.19 -72.19 60.53
N LEU S 814 23.38 -71.01 61.11
CA LEU S 814 23.52 -70.97 62.56
C LEU S 814 22.19 -70.95 63.29
N ALA S 815 21.26 -70.14 62.80
CA ALA S 815 19.96 -69.97 63.45
C ALA S 815 19.12 -71.24 63.67
N PRO S 816 19.07 -72.24 62.77
CA PRO S 816 18.32 -73.46 63.12
C PRO S 816 18.89 -74.21 64.30
N VAL S 817 20.21 -74.22 64.45
CA VAL S 817 20.83 -74.88 65.58
C VAL S 817 20.48 -74.15 66.86
N GLU S 818 20.43 -72.82 66.81
CA GLU S 818 20.07 -72.05 68.00
C GLU S 818 18.62 -72.28 68.39
N LEU S 819 17.73 -72.36 67.41
CA LEU S 819 16.33 -72.65 67.74
C LEU S 819 16.18 -74.06 68.29
N ALA S 820 16.96 -75.01 67.77
CA ALA S 820 16.92 -76.36 68.31
C ALA S 820 17.48 -76.43 69.73
N VAL S 821 18.41 -75.53 70.07
CA VAL S 821 18.94 -75.51 71.43
C VAL S 821 17.93 -74.89 72.38
N ILE S 822 17.32 -73.78 71.98
CA ILE S 822 16.41 -73.06 72.86
C ILE S 822 15.11 -73.84 73.06
N ALA S 823 14.67 -74.57 72.03
CA ALA S 823 13.35 -75.19 72.02
C ALA S 823 13.01 -76.16 73.17
N PRO S 824 13.90 -77.02 73.68
CA PRO S 824 13.48 -77.82 74.84
C PRO S 824 13.39 -77.03 76.13
N MET S 825 14.03 -75.87 76.24
CA MET S 825 14.02 -75.09 77.46
C MET S 825 12.80 -74.18 77.60
N LEU S 826 11.77 -74.41 76.84
CA LEU S 826 10.75 -73.38 76.87
C LEU S 826 9.63 -73.71 77.83
N PRO S 827 9.03 -72.69 78.45
CA PRO S 827 7.84 -72.94 79.28
C PRO S 827 6.62 -73.27 78.46
N PHE S 828 6.62 -72.95 77.17
CA PHE S 828 5.54 -73.29 76.24
C PHE S 828 6.22 -73.95 75.06
N PRO S 829 6.27 -75.29 75.04
CA PRO S 829 7.03 -75.98 74.00
C PRO S 829 6.34 -75.82 72.65
N PRO S 830 7.08 -75.90 71.54
CA PRO S 830 6.57 -75.38 70.26
C PRO S 830 5.42 -76.18 69.69
N PHE S 831 4.54 -75.47 69.01
CA PHE S 831 3.28 -76.00 68.51
C PHE S 831 3.21 -75.68 67.03
N GLN S 832 3.45 -76.66 66.18
CA GLN S 832 3.70 -76.39 64.77
C GLN S 832 2.72 -77.13 63.87
N VAL S 833 2.34 -76.46 62.79
CA VAL S 833 1.40 -76.95 61.79
C VAL S 833 2.28 -77.07 60.54
N PRO S 834 2.05 -78.02 59.64
CA PRO S 834 3.04 -78.26 58.56
C PRO S 834 3.10 -77.15 57.53
N TYR S 835 4.32 -76.78 57.17
CA TYR S 835 4.56 -75.83 56.09
C TYR S 835 4.38 -76.52 54.75
N VAL S 836 3.84 -75.79 53.80
CA VAL S 836 3.77 -76.25 52.41
C VAL S 836 4.35 -75.16 51.53
N ARG S 837 4.89 -75.57 50.40
CA ARG S 837 5.47 -74.58 49.50
C ARG S 837 4.40 -73.94 48.63
N LEU S 838 3.76 -74.73 47.76
CA LEU S 838 2.82 -74.15 46.82
C LEU S 838 1.58 -75.00 46.56
N ASP S 839 1.34 -76.08 47.29
CA ASP S 839 0.11 -76.81 47.07
C ASP S 839 -1.05 -76.02 47.64
N ARG S 840 -2.14 -75.97 46.88
CA ARG S 840 -3.36 -75.34 47.38
C ARG S 840 -4.06 -76.25 48.39
N ASP S 841 -4.02 -77.55 48.17
CA ASP S 841 -4.86 -78.46 48.96
C ASP S 841 -4.29 -78.73 50.34
N ARG S 842 -2.98 -78.61 50.52
CA ARG S 842 -2.37 -78.98 51.79
C ARG S 842 -2.15 -77.79 52.72
N VAL S 843 -2.79 -76.66 52.47
CA VAL S 843 -2.66 -75.49 53.34
C VAL S 843 -3.64 -75.66 54.49
N PRO S 844 -3.18 -75.62 55.73
CA PRO S 844 -4.12 -75.61 56.85
C PRO S 844 -4.75 -74.24 57.02
N THR S 845 -6.03 -74.23 57.37
CA THR S 845 -6.75 -72.98 57.62
C THR S 845 -7.38 -72.88 59.00
N MET S 846 -7.73 -73.99 59.63
CA MET S 846 -8.47 -73.94 60.88
C MET S 846 -7.90 -74.95 61.86
N VAL S 847 -7.75 -74.53 63.11
CA VAL S 847 -7.27 -75.39 64.18
C VAL S 847 -8.31 -75.38 65.29
N GLY S 848 -8.81 -76.56 65.65
CA GLY S 848 -9.83 -76.65 66.67
C GLY S 848 -9.59 -77.82 67.59
N VAL S 849 -10.21 -77.73 68.77
CA VAL S 849 -10.04 -78.70 69.84
C VAL S 849 -11.41 -79.24 70.22
N THR S 850 -11.56 -80.56 70.21
CA THR S 850 -12.82 -81.21 70.57
C THR S 850 -12.72 -81.76 71.98
N ARG S 851 -13.86 -81.75 72.68
CA ARG S 851 -13.93 -82.27 74.03
C ARG S 851 -14.70 -83.57 74.14
N GLN S 852 -15.51 -83.91 73.15
CA GLN S 852 -16.36 -85.07 73.25
C GLN S 852 -15.64 -86.30 72.72
N SER S 853 -16.31 -87.43 72.81
CA SER S 853 -15.76 -88.68 72.29
C SER S 853 -16.07 -88.82 70.80
N ARG S 854 -15.47 -89.84 70.20
CA ARG S 854 -15.70 -90.06 68.78
C ARG S 854 -17.07 -90.68 68.52
N ASP S 855 -17.58 -91.48 69.45
CA ASP S 855 -18.77 -92.27 69.16
C ASP S 855 -20.07 -91.47 69.29
N THR S 856 -20.15 -90.58 70.26
CA THR S 856 -21.38 -89.85 70.49
C THR S 856 -21.53 -88.69 69.51
N ILE S 857 -22.74 -88.15 69.46
CA ILE S 857 -23.04 -86.96 68.69
C ILE S 857 -23.60 -85.92 69.65
N THR S 858 -23.26 -84.66 69.42
CA THR S 858 -23.77 -83.56 70.22
C THR S 858 -23.72 -82.29 69.38
N GLN S 859 -24.17 -81.19 69.98
CA GLN S 859 -24.12 -79.91 69.32
C GLN S 859 -22.66 -79.49 69.13
N PRO S 860 -22.33 -78.83 68.04
CA PRO S 860 -20.92 -78.55 67.78
C PRO S 860 -20.39 -77.38 68.60
N ALA S 861 -19.65 -77.68 69.66
CA ALA S 861 -19.06 -76.64 70.48
C ALA S 861 -17.66 -76.38 69.93
N LEU S 862 -17.60 -75.51 68.92
CA LEU S 862 -16.33 -75.22 68.27
C LEU S 862 -15.41 -74.46 69.21
N SER S 863 -14.15 -74.86 69.22
CA SER S 863 -13.15 -74.17 70.01
C SER S 863 -12.89 -72.78 69.43
N LEU S 864 -12.42 -71.89 70.29
CA LEU S 864 -12.44 -70.48 69.96
C LEU S 864 -11.27 -70.06 69.11
N SER S 865 -10.28 -70.93 68.92
CA SER S 865 -9.22 -70.64 67.98
C SER S 865 -9.70 -70.74 66.54
N THR S 866 -10.80 -71.46 66.30
CA THR S 866 -11.34 -71.61 64.96
C THR S 866 -11.87 -70.29 64.43
N THR S 867 -12.34 -69.41 65.29
CA THR S 867 -13.00 -68.18 64.86
C THR S 867 -11.97 -67.11 64.51
N ASN S 868 -11.20 -67.41 63.47
CA ASN S 868 -10.17 -66.53 62.96
C ASN S 868 -10.16 -66.62 61.46
N THR S 869 -9.84 -65.50 60.81
CA THR S 869 -9.71 -65.49 59.36
C THR S 869 -8.55 -66.37 58.91
N THR S 870 -7.39 -66.15 59.49
CA THR S 870 -6.24 -66.99 59.22
C THR S 870 -6.26 -68.19 60.16
N VAL S 871 -5.14 -68.92 60.22
CA VAL S 871 -5.07 -70.11 61.04
C VAL S 871 -4.98 -69.75 62.52
N GLY S 872 -4.49 -68.55 62.84
CA GLY S 872 -4.34 -68.19 64.23
C GLY S 872 -4.68 -66.75 64.50
N VAL S 873 -3.96 -66.11 65.41
CA VAL S 873 -4.15 -64.69 65.65
C VAL S 873 -3.16 -63.94 64.78
N PRO S 874 -3.53 -62.80 64.21
CA PRO S 874 -2.64 -62.09 63.29
C PRO S 874 -1.53 -61.36 64.04
N LEU S 875 -0.56 -60.91 63.27
CA LEU S 875 0.62 -60.23 63.81
C LEU S 875 1.25 -59.44 62.69
N ALA S 876 1.11 -58.13 62.72
CA ALA S 876 1.72 -57.32 61.67
C ALA S 876 3.22 -57.20 61.91
N LEU S 877 3.93 -56.75 60.87
CA LEU S 877 5.38 -56.62 60.95
C LEU S 877 5.82 -55.35 60.23
N ASP S 878 7.12 -55.12 60.27
CA ASP S 878 7.75 -53.99 59.58
C ASP S 878 8.63 -54.59 58.49
N ALA S 879 8.13 -54.56 57.26
CA ALA S 879 8.86 -55.12 56.14
C ALA S 879 10.13 -54.33 55.85
N ARG S 880 10.13 -53.04 56.16
CA ARG S 880 11.35 -52.25 56.12
C ARG S 880 12.41 -52.84 57.04
N ALA S 881 12.01 -53.18 58.26
CA ALA S 881 12.95 -53.71 59.24
C ALA S 881 13.46 -55.09 58.84
N ILE S 882 12.56 -55.94 58.34
CA ILE S 882 12.94 -57.26 57.82
C ILE S 882 13.96 -57.11 56.70
N THR S 883 13.69 -56.18 55.78
CA THR S 883 14.55 -56.00 54.62
C THR S 883 15.92 -55.48 55.00
N VAL S 884 15.99 -54.50 55.90
CA VAL S 884 17.29 -53.95 56.25
C VAL S 884 18.08 -54.92 57.11
N ALA S 885 17.40 -55.75 57.91
CA ALA S 885 18.11 -56.76 58.69
C ALA S 885 18.64 -57.87 57.79
N LEU S 886 17.87 -58.23 56.76
CA LEU S 886 18.37 -59.23 55.81
C LEU S 886 19.45 -58.66 54.93
N LEU S 887 19.39 -57.36 54.66
CA LEU S 887 20.24 -56.71 53.70
C LEU S 887 21.54 -56.20 54.31
N SER S 888 21.64 -56.18 55.63
CA SER S 888 22.89 -55.79 56.25
C SER S 888 23.03 -56.50 57.59
N GLY S 889 24.26 -56.91 57.89
CA GLY S 889 24.53 -57.63 59.12
C GLY S 889 25.77 -58.49 58.99
N LYS S 890 26.60 -58.53 60.03
CA LYS S 890 27.89 -59.19 59.92
C LYS S 890 28.26 -59.84 61.24
N TYR S 891 29.42 -60.46 61.26
CA TYR S 891 29.93 -61.28 62.34
C TYR S 891 31.01 -60.55 63.12
N PRO S 892 31.24 -60.94 64.37
CA PRO S 892 32.46 -60.52 65.04
C PRO S 892 33.66 -61.21 64.42
N PRO S 893 34.76 -60.47 64.20
CA PRO S 893 35.90 -61.02 63.46
C PRO S 893 36.79 -61.95 64.27
N ASP S 894 36.35 -62.46 65.42
CA ASP S 894 37.09 -63.49 66.12
C ASP S 894 36.28 -64.76 66.32
N LEU S 895 35.29 -64.99 65.46
CA LEU S 895 34.22 -65.92 65.77
C LEU S 895 34.71 -67.36 65.71
N VAL S 896 34.72 -68.02 66.86
CA VAL S 896 34.87 -69.46 66.95
C VAL S 896 33.58 -70.00 67.53
N THR S 897 32.92 -70.89 66.77
CA THR S 897 31.58 -71.32 67.15
C THR S 897 31.60 -72.16 68.41
N ASN S 898 32.63 -73.00 68.56
CA ASN S 898 32.71 -73.87 69.74
C ASN S 898 32.87 -73.05 71.01
N VAL S 899 33.78 -72.07 70.99
CA VAL S 899 33.99 -71.22 72.15
C VAL S 899 32.77 -70.35 72.40
N TRP S 900 32.18 -69.81 71.33
CA TRP S 900 31.05 -68.89 71.47
C TRP S 900 29.84 -69.59 72.07
N TYR S 901 29.41 -70.69 71.47
CA TYR S 901 28.25 -71.38 72.01
C TYR S 901 28.57 -72.10 73.30
N ALA S 902 29.85 -72.40 73.58
CA ALA S 902 30.19 -72.99 74.87
C ALA S 902 30.00 -71.98 76.00
N ASP S 903 30.48 -70.75 75.79
CA ASP S 903 30.20 -69.72 76.78
C ASP S 903 28.74 -69.31 76.79
N ALA S 904 28.04 -69.46 75.67
CA ALA S 904 26.71 -68.90 75.55
C ALA S 904 25.63 -69.82 76.10
N ILE S 905 25.68 -71.09 75.74
CA ILE S 905 24.59 -72.00 76.07
C ILE S 905 24.67 -72.41 77.54
N TYR S 906 25.85 -72.28 78.15
CA TYR S 906 26.03 -72.74 79.52
C TYR S 906 25.20 -72.01 80.57
N PRO S 907 25.14 -70.67 80.66
CA PRO S 907 24.27 -70.09 81.68
C PRO S 907 22.80 -70.16 81.32
N MET S 908 22.48 -70.38 80.06
CA MET S 908 21.09 -70.61 79.68
C MET S 908 20.57 -71.90 80.29
N TYR S 909 21.39 -72.95 80.27
CA TYR S 909 20.98 -74.19 80.91
C TYR S 909 21.01 -74.09 82.42
N ALA S 910 21.77 -73.16 82.99
CA ALA S 910 21.75 -72.95 84.43
C ALA S 910 20.41 -72.44 84.92
N ASP S 911 19.63 -71.84 84.04
CA ASP S 911 18.25 -71.47 84.32
C ASP S 911 17.29 -72.44 83.63
N THR S 912 17.55 -73.74 83.69
CA THR S 912 16.56 -74.70 83.20
C THR S 912 15.46 -74.89 84.23
N GLU S 913 14.22 -74.94 83.74
CA GLU S 913 13.04 -75.22 84.55
C GLU S 913 12.19 -76.24 83.82
N VAL S 914 12.83 -77.01 82.92
CA VAL S 914 12.21 -78.13 82.22
C VAL S 914 11.76 -79.17 83.21
N PHE S 915 12.56 -79.38 84.25
CA PHE S 915 12.30 -80.50 85.14
C PHE S 915 11.08 -80.23 86.01
N SER S 916 10.89 -78.98 86.38
CA SER S 916 9.69 -78.60 87.12
C SER S 916 8.46 -78.74 86.24
N ASN S 917 8.58 -78.44 84.95
CA ASN S 917 7.45 -78.60 84.05
C ASN S 917 7.12 -80.07 83.83
N LEU S 918 8.14 -80.93 83.79
CA LEU S 918 7.92 -82.37 83.75
C LEU S 918 7.24 -82.87 85.01
N GLN S 919 7.53 -82.27 86.16
CA GLN S 919 6.72 -82.59 87.33
C GLN S 919 5.30 -82.03 87.22
N ARG S 920 5.14 -80.92 86.52
CA ARG S 920 3.86 -80.22 86.48
C ARG S 920 2.86 -80.97 85.61
N ASP S 921 3.34 -81.56 84.52
CA ASP S 921 2.46 -82.17 83.54
C ASP S 921 1.78 -83.41 84.10
N VAL S 922 2.41 -84.06 85.08
CA VAL S 922 1.77 -85.15 85.82
C VAL S 922 0.50 -84.66 86.49
N ILE S 923 0.61 -83.55 87.20
CA ILE S 923 -0.52 -82.99 87.94
C ILE S 923 -1.62 -82.57 86.97
N THR S 924 -1.22 -82.03 85.82
CA THR S 924 -2.20 -81.63 84.80
C THR S 924 -2.98 -82.84 84.28
N CYS S 925 -2.26 -83.90 83.92
CA CYS S 925 -2.91 -85.07 83.32
C CYS S 925 -3.77 -85.82 84.33
N GLU S 926 -3.28 -85.95 85.56
CA GLU S 926 -4.06 -86.58 86.61
C GLU S 926 -5.31 -85.77 86.92
N ALA S 927 -5.20 -84.44 86.87
CA ALA S 927 -6.37 -83.60 87.11
C ALA S 927 -7.41 -83.77 86.01
N VAL S 928 -6.96 -83.95 84.77
CA VAL S 928 -7.90 -84.16 83.66
C VAL S 928 -8.69 -85.45 83.86
N GLN S 929 -7.99 -86.55 84.17
CA GLN S 929 -8.71 -87.81 84.29
C GLN S 929 -9.59 -87.86 85.54
N THR S 930 -9.17 -87.22 86.63
CA THR S 930 -10.06 -87.10 87.78
C THR S 930 -11.26 -86.25 87.47
N LEU S 931 -11.10 -85.24 86.62
CA LEU S 931 -12.23 -84.39 86.27
C LEU S 931 -13.25 -85.16 85.46
N VAL S 932 -12.80 -85.96 84.50
CA VAL S 932 -13.79 -86.69 83.69
C VAL S 932 -14.43 -87.79 84.53
N THR S 933 -13.66 -88.44 85.43
CA THR S 933 -14.22 -89.50 86.27
C THR S 933 -15.24 -88.95 87.24
N LEU S 934 -14.99 -87.78 87.83
CA LEU S 934 -15.94 -87.24 88.80
C LEU S 934 -17.14 -86.58 88.13
N VAL S 935 -16.96 -85.97 86.97
CA VAL S 935 -18.10 -85.31 86.35
C VAL S 935 -19.05 -86.34 85.73
N ALA S 936 -18.50 -87.46 85.25
CA ALA S 936 -19.38 -88.49 84.70
C ALA S 936 -20.22 -89.20 85.76
N GLN S 937 -19.92 -89.02 87.04
CA GLN S 937 -20.76 -89.60 88.07
C GLN S 937 -22.07 -88.84 88.23
N ILE S 938 -22.08 -87.54 87.94
CA ILE S 938 -23.26 -86.72 88.21
C ILE S 938 -23.94 -86.24 86.94
N SER S 939 -23.24 -86.11 85.83
CA SER S 939 -23.88 -85.64 84.61
C SER S 939 -24.44 -86.84 83.85
N GLU S 940 -24.90 -86.60 82.62
CA GLU S 940 -25.19 -87.68 81.69
C GLU S 940 -24.06 -87.73 80.67
N THR S 941 -23.36 -88.85 80.62
CA THR S 941 -22.19 -89.00 79.77
C THR S 941 -21.98 -90.49 79.54
N GLN S 942 -21.74 -90.88 78.29
CA GLN S 942 -21.37 -92.25 78.00
C GLN S 942 -19.87 -92.48 78.16
N TYR S 943 -19.32 -92.07 79.30
CA TYR S 943 -17.95 -92.42 79.68
C TYR S 943 -18.06 -93.44 80.79
N PRO S 944 -18.02 -94.71 80.48
CA PRO S 944 -18.38 -95.74 81.47
C PRO S 944 -17.28 -95.99 82.49
N VAL S 945 -17.51 -95.55 83.72
CA VAL S 945 -16.73 -96.14 84.80
C VAL S 945 -17.65 -96.58 85.96
N ASP S 946 -18.23 -97.75 85.79
CA ASP S 946 -18.56 -98.73 86.82
C ASP S 946 -19.59 -98.36 87.88
N ARG S 947 -19.99 -97.08 87.98
CA ARG S 947 -21.16 -96.60 88.74
C ARG S 947 -21.21 -97.12 90.18
N TYR S 948 -20.25 -96.69 90.98
CA TYR S 948 -20.12 -97.25 92.33
C TYR S 948 -21.26 -96.79 93.23
N LEU S 949 -21.41 -95.50 93.44
CA LEU S 949 -22.51 -94.98 94.22
C LEU S 949 -23.53 -94.38 93.27
N ASP S 950 -24.74 -94.89 93.32
CA ASP S 950 -25.87 -94.34 92.61
C ASP S 950 -27.06 -94.10 93.50
N TRP S 951 -27.13 -94.74 94.66
CA TRP S 951 -28.29 -94.65 95.53
C TRP S 951 -28.36 -93.32 96.26
N ILE S 952 -27.27 -92.57 96.32
CA ILE S 952 -27.27 -91.23 96.87
C ILE S 952 -28.05 -90.33 95.91
N PRO S 953 -29.10 -89.64 96.38
CA PRO S 953 -30.01 -88.94 95.47
C PRO S 953 -29.37 -87.71 94.84
N SER S 954 -29.26 -87.75 93.52
CA SER S 954 -28.66 -86.70 92.72
C SER S 954 -29.69 -86.13 91.76
N LEU S 955 -29.20 -85.35 90.81
CA LEU S 955 -30.05 -84.64 89.86
C LEU S 955 -29.37 -84.66 88.50
N ARG S 956 -30.14 -84.31 87.47
CA ARG S 956 -29.58 -84.13 86.13
C ARG S 956 -28.74 -82.87 86.14
N ALA S 957 -27.43 -83.04 86.18
CA ALA S 957 -26.53 -81.90 86.27
C ALA S 957 -26.48 -81.16 84.94
N SER S 958 -26.66 -79.85 85.00
CA SER S 958 -26.57 -79.02 83.81
C SER S 958 -25.20 -78.36 83.74
N ALA S 959 -25.06 -77.45 82.79
CA ALA S 959 -23.76 -76.85 82.50
C ALA S 959 -23.27 -75.97 83.64
N ALA S 960 -24.17 -75.19 84.25
CA ALA S 960 -23.76 -74.30 85.32
C ALA S 960 -23.39 -75.06 86.58
N THR S 961 -24.18 -76.09 86.91
CA THR S 961 -23.91 -76.88 88.10
C THR S 961 -22.61 -77.67 87.95
N ALA S 962 -22.40 -78.25 86.77
CA ALA S 962 -21.15 -78.95 86.49
C ALA S 962 -19.97 -77.99 86.50
N ALA S 963 -20.18 -76.75 86.04
CA ALA S 963 -19.14 -75.76 86.03
C ALA S 963 -18.71 -75.39 87.45
N THR S 964 -19.69 -75.17 88.33
CA THR S 964 -19.40 -74.90 89.73
C THR S 964 -18.66 -76.06 90.37
N PHE S 965 -19.16 -77.29 90.19
CA PHE S 965 -18.58 -78.46 90.83
C PHE S 965 -17.16 -78.71 90.36
N ALA S 966 -16.91 -78.54 89.07
CA ALA S 966 -15.56 -78.68 88.56
C ALA S 966 -14.66 -77.57 89.04
N GLU S 967 -15.21 -76.37 89.29
CA GLU S 967 -14.41 -75.30 89.87
C GLU S 967 -13.98 -75.63 91.29
N TRP S 968 -14.88 -76.25 92.07
CA TRP S 968 -14.54 -76.69 93.42
C TRP S 968 -13.44 -77.75 93.38
N VAL S 969 -13.57 -78.71 92.46
CA VAL S 969 -12.56 -79.74 92.28
C VAL S 969 -11.21 -79.13 91.92
N ASN S 970 -11.24 -78.14 91.01
CA ASN S 970 -10.03 -77.47 90.56
C ASN S 970 -9.34 -76.74 91.69
N THR S 971 -10.10 -75.95 92.44
CA THR S 971 -9.46 -75.13 93.46
C THR S 971 -9.00 -75.97 94.65
N SER S 972 -9.66 -77.10 94.91
CA SER S 972 -9.18 -77.99 95.95
C SER S 972 -7.89 -78.67 95.52
N MET S 973 -7.80 -79.07 94.24
CA MET S 973 -6.57 -79.64 93.70
C MET S 973 -5.41 -78.68 93.81
N LYS S 974 -5.66 -77.41 93.46
CA LYS S 974 -4.62 -76.39 93.48
C LYS S 974 -4.14 -76.10 94.89
N THR S 975 -5.10 -75.92 95.82
CA THR S 975 -4.69 -75.58 97.17
C THR S 975 -4.07 -76.77 97.90
N ALA S 976 -4.31 -77.99 97.43
CA ALA S 976 -3.56 -79.11 97.97
C ALA S 976 -2.12 -79.06 97.48
N PHE S 977 -1.93 -79.05 96.16
CA PHE S 977 -0.57 -79.21 95.67
C PHE S 977 0.21 -77.92 95.58
N ASP S 978 -0.29 -76.82 96.15
CA ASP S 978 0.36 -75.50 96.15
C ASP S 978 0.59 -75.02 94.72
N LEU S 979 -0.52 -74.76 94.04
CA LEU S 979 -0.49 -74.22 92.68
C LEU S 979 -1.29 -72.93 92.67
N SER S 980 -0.67 -71.86 92.17
CA SER S 980 -1.33 -70.58 92.05
C SER S 980 -1.59 -70.17 90.61
N ASP S 981 -0.87 -70.75 89.65
CA ASP S 981 -1.11 -70.47 88.24
C ASP S 981 -2.24 -71.36 87.72
N MET S 982 -2.35 -71.52 86.41
CA MET S 982 -3.48 -72.19 85.80
C MET S 982 -3.43 -73.70 85.98
N LEU S 983 -4.62 -74.29 86.08
CA LEU S 983 -4.80 -75.73 86.01
C LEU S 983 -6.27 -75.94 85.66
N LEU S 984 -6.52 -76.44 84.45
CA LEU S 984 -7.83 -76.87 83.95
C LEU S 984 -8.88 -75.78 83.73
N GLU S 985 -8.64 -74.54 84.15
CA GLU S 985 -9.72 -73.57 83.96
C GLU S 985 -10.05 -73.13 82.52
N PRO S 986 -9.14 -73.21 81.52
CA PRO S 986 -9.65 -73.15 80.14
C PRO S 986 -10.66 -74.24 79.80
N LEU S 987 -10.51 -75.41 80.41
CA LEU S 987 -11.52 -76.45 80.23
C LEU S 987 -12.73 -76.19 81.11
N LEU S 988 -12.56 -75.43 82.20
CA LEU S 988 -13.72 -74.95 82.96
C LEU S 988 -14.56 -73.99 82.16
N SER S 989 -13.94 -73.24 81.25
CA SER S 989 -14.71 -72.28 80.47
C SER S 989 -15.59 -72.93 79.42
N GLY S 990 -16.83 -73.21 79.77
CA GLY S 990 -17.78 -73.60 78.75
C GLY S 990 -18.03 -75.09 78.63
N ASP S 991 -19.14 -75.58 79.21
CA ASP S 991 -19.62 -76.97 79.17
C ASP S 991 -18.55 -77.95 79.62
N PRO S 992 -18.30 -78.06 80.93
CA PRO S 992 -17.19 -78.89 81.40
C PRO S 992 -17.44 -80.38 81.31
N ARG S 993 -18.68 -80.83 81.17
CA ARG S 993 -18.93 -82.25 81.02
C ARG S 993 -18.51 -82.66 79.62
N MET S 994 -17.67 -83.69 79.55
CA MET S 994 -16.98 -84.06 78.32
C MET S 994 -16.37 -85.45 78.53
N THR S 995 -15.67 -85.94 77.51
CA THR S 995 -15.04 -87.24 77.60
C THR S 995 -13.53 -87.17 77.50
N GLN S 996 -12.97 -86.63 76.43
CA GLN S 996 -11.53 -86.68 76.25
C GLN S 996 -11.08 -85.55 75.33
N LEU S 997 -9.78 -85.27 75.38
CA LEU S 997 -9.19 -84.19 74.64
C LEU S 997 -8.71 -84.67 73.27
N ALA S 998 -8.90 -83.83 72.26
CA ALA S 998 -8.41 -84.09 70.92
C ALA S 998 -8.34 -82.77 70.16
N ILE S 999 -7.30 -82.63 69.34
CA ILE S 999 -7.09 -81.44 68.54
C ILE S 999 -6.96 -81.85 67.09
N GLN S 1000 -7.46 -81.01 66.18
CA GLN S 1000 -7.35 -81.28 64.76
C GLN S 1000 -7.08 -79.99 64.00
N TYR S 1001 -6.43 -80.14 62.86
CA TYR S 1001 -6.49 -79.14 61.81
C TYR S 1001 -7.06 -79.79 60.56
N GLN S 1002 -7.37 -78.95 59.59
CA GLN S 1002 -7.81 -79.45 58.29
C GLN S 1002 -7.04 -78.72 57.20
N GLN S 1003 -6.43 -79.49 56.31
CA GLN S 1003 -5.91 -78.89 55.10
C GLN S 1003 -7.07 -78.60 54.17
N TYR S 1004 -6.79 -77.76 53.17
CA TYR S 1004 -7.86 -77.00 52.53
C TYR S 1004 -8.79 -77.88 51.69
N ASN S 1005 -8.31 -79.00 51.16
CA ASN S 1005 -9.16 -79.82 50.29
C ASN S 1005 -10.32 -80.46 51.03
N GLY S 1006 -10.18 -80.69 52.33
CA GLY S 1006 -11.27 -81.24 53.11
C GLY S 1006 -10.78 -82.31 54.08
N ARG S 1007 -9.53 -82.72 53.90
CA ARG S 1007 -8.96 -83.74 54.75
C ARG S 1007 -8.66 -83.17 56.12
N THR S 1008 -9.01 -83.92 57.15
CA THR S 1008 -8.77 -83.53 58.53
C THR S 1008 -7.79 -84.51 59.17
N PHE S 1009 -7.23 -84.09 60.29
CA PHE S 1009 -6.26 -84.91 61.02
C PHE S 1009 -6.45 -84.63 62.50
N ASN S 1010 -7.15 -85.51 63.20
CA ASN S 1010 -7.23 -85.34 64.65
C ASN S 1010 -6.13 -86.13 65.34
N VAL S 1011 -5.78 -85.68 66.54
CA VAL S 1011 -4.84 -86.39 67.40
C VAL S 1011 -5.53 -86.66 68.72
N ILE S 1012 -5.77 -87.92 69.02
CA ILE S 1012 -6.33 -88.37 70.28
C ILE S 1012 -5.19 -88.94 71.10
N PRO S 1013 -4.72 -88.26 72.13
CA PRO S 1013 -3.70 -88.84 73.00
C PRO S 1013 -4.26 -89.96 73.83
N GLU S 1014 -3.81 -91.19 73.57
CA GLU S 1014 -4.10 -92.29 74.47
C GLU S 1014 -3.45 -92.01 75.80
N MET S 1015 -4.13 -92.34 76.88
CA MET S 1015 -3.68 -91.81 78.13
C MET S 1015 -3.70 -92.90 79.19
N PRO S 1016 -2.65 -93.00 80.01
CA PRO S 1016 -2.53 -94.15 80.92
C PRO S 1016 -3.46 -94.14 82.12
N GLY S 1017 -3.22 -95.06 83.04
CA GLY S 1017 -3.90 -95.04 84.31
C GLY S 1017 -3.61 -93.78 85.11
N SER S 1018 -4.53 -93.47 86.01
CA SER S 1018 -4.48 -92.26 86.82
C SER S 1018 -4.70 -92.65 88.26
N VAL S 1019 -3.64 -92.58 89.07
CA VAL S 1019 -3.63 -93.15 90.41
C VAL S 1019 -4.56 -92.39 91.35
N ILE S 1020 -4.68 -91.07 91.16
CA ILE S 1020 -5.58 -90.27 92.00
C ILE S 1020 -7.03 -90.68 91.78
N ALA S 1021 -7.45 -90.77 90.52
CA ALA S 1021 -8.82 -91.18 90.24
C ALA S 1021 -9.07 -92.63 90.60
N ASP S 1022 -8.05 -93.48 90.47
CA ASP S 1022 -8.20 -94.88 90.89
C ASP S 1022 -8.40 -94.99 92.39
N CYS S 1023 -7.70 -94.15 93.16
CA CYS S 1023 -7.92 -94.13 94.60
C CYS S 1023 -9.27 -93.54 94.96
N VAL S 1024 -9.74 -92.56 94.19
CA VAL S 1024 -11.10 -92.04 94.39
C VAL S 1024 -12.13 -93.13 94.17
N GLN S 1025 -11.93 -93.94 93.12
CA GLN S 1025 -12.82 -95.05 92.85
C GLN S 1025 -12.76 -96.08 93.95
N LEU S 1026 -11.58 -96.29 94.52
CA LEU S 1026 -11.43 -97.20 95.65
C LEU S 1026 -12.18 -96.69 96.87
N THR S 1027 -12.09 -95.39 97.13
CA THR S 1027 -12.76 -94.82 98.29
C THR S 1027 -14.27 -94.83 98.13
N ALA S 1028 -14.76 -94.61 96.92
CA ALA S 1028 -16.20 -94.68 96.69
C ALA S 1028 -16.69 -96.11 96.83
N GLU S 1029 -15.91 -97.07 96.33
CA GLU S 1029 -16.28 -98.47 96.43
C GLU S 1029 -16.30 -98.93 97.87
N VAL S 1030 -15.34 -98.50 98.67
CA VAL S 1030 -15.37 -98.91 100.06
C VAL S 1030 -16.40 -98.12 100.84
N PHE S 1031 -16.76 -96.92 100.38
CA PHE S 1031 -17.76 -96.13 101.09
C PHE S 1031 -19.14 -96.70 100.87
N ASN S 1032 -19.33 -97.42 99.74
CA ASN S 1032 -20.55 -98.19 99.50
C ASN S 1032 -20.87 -99.14 100.65
N HIS S 1033 -19.85 -99.71 101.29
CA HIS S 1033 -20.07 -100.45 102.50
C HIS S 1033 -19.93 -99.59 103.74
N GLU S 1034 -18.96 -98.69 103.77
CA GLU S 1034 -18.66 -97.85 104.94
C GLU S 1034 -19.43 -96.54 104.90
N TYR S 1035 -20.72 -96.61 104.60
CA TYR S 1035 -21.53 -95.42 104.55
C TYR S 1035 -21.78 -94.85 105.94
N ASN S 1036 -21.81 -95.71 106.97
CA ASN S 1036 -22.10 -95.27 108.33
C ASN S 1036 -21.00 -94.39 108.89
N LEU S 1037 -19.78 -94.58 108.43
CA LEU S 1037 -18.66 -94.07 109.19
C LEU S 1037 -18.32 -92.64 108.86
N PHE S 1038 -18.87 -92.10 107.78
CA PHE S 1038 -18.76 -90.68 107.52
C PHE S 1038 -20.00 -89.95 108.00
N GLY S 1039 -20.93 -90.64 108.64
CA GLY S 1039 -22.11 -90.01 109.19
C GLY S 1039 -23.36 -90.13 108.36
N ILE S 1040 -23.48 -91.17 107.53
CA ILE S 1040 -24.59 -91.32 106.60
C ILE S 1040 -25.30 -92.63 106.90
N ALA S 1041 -26.62 -92.59 106.96
CA ALA S 1041 -27.42 -93.81 107.00
C ALA S 1041 -28.13 -93.98 105.66
N ARG S 1042 -28.14 -95.21 105.16
CA ARG S 1042 -28.86 -95.50 103.93
C ARG S 1042 -30.29 -95.92 104.26
N GLY S 1043 -31.01 -96.34 103.23
CA GLY S 1043 -32.40 -96.68 103.40
C GLY S 1043 -33.21 -95.42 103.59
N ASP S 1044 -34.20 -95.46 104.46
CA ASP S 1044 -34.98 -94.27 104.76
C ASP S 1044 -35.54 -94.39 106.16
N ILE S 1045 -36.49 -93.53 106.50
CA ILE S 1045 -37.01 -93.43 107.85
C ILE S 1045 -38.52 -93.63 107.85
N ILE S 1046 -39.05 -93.96 109.02
CA ILE S 1046 -40.48 -94.08 109.25
C ILE S 1046 -40.83 -93.26 110.46
N ILE S 1047 -41.81 -92.37 110.32
CA ILE S 1047 -42.28 -91.55 111.42
C ILE S 1047 -43.51 -92.21 112.03
N GLY S 1048 -43.45 -92.50 113.32
CA GLY S 1048 -44.58 -93.12 113.98
C GLY S 1048 -44.44 -93.15 115.49
N ARG S 1049 -45.56 -93.08 116.20
CA ARG S 1049 -45.53 -93.08 117.65
C ARG S 1049 -45.26 -94.47 118.18
N VAL S 1050 -44.17 -94.63 118.91
CA VAL S 1050 -43.86 -95.87 119.60
C VAL S 1050 -43.70 -95.54 121.08
N GLN S 1051 -44.65 -95.99 121.87
CA GLN S 1051 -44.66 -95.75 123.31
C GLN S 1051 -44.48 -97.10 123.99
N SER S 1052 -43.26 -97.37 124.45
CA SER S 1052 -42.99 -98.62 125.12
C SER S 1052 -41.81 -98.46 126.07
N THR S 1053 -41.54 -99.53 126.82
CA THR S 1053 -40.41 -99.58 127.73
C THR S 1053 -39.34 -100.55 127.24
N HIS S 1054 -39.29 -100.82 125.95
CA HIS S 1054 -38.28 -101.70 125.41
C HIS S 1054 -37.04 -100.92 125.04
N LEU S 1055 -35.92 -101.62 124.93
CA LEU S 1055 -34.61 -101.04 124.70
C LEU S 1055 -34.09 -101.63 123.40
N TRP S 1056 -34.29 -100.94 122.28
CA TRP S 1056 -33.88 -101.54 121.02
C TRP S 1056 -33.17 -100.62 120.04
N SER S 1057 -32.82 -99.38 120.43
CA SER S 1057 -31.92 -98.48 119.69
C SER S 1057 -32.35 -98.19 118.25
N PRO S 1058 -33.21 -97.20 118.03
CA PRO S 1058 -33.79 -96.96 116.68
C PRO S 1058 -32.83 -96.64 115.54
N LEU S 1059 -31.53 -96.65 115.80
CA LEU S 1059 -30.55 -96.78 114.73
C LEU S 1059 -30.74 -98.09 113.98
N ALA S 1060 -31.17 -99.15 114.65
CA ALA S 1060 -31.37 -100.46 114.04
C ALA S 1060 -32.69 -101.06 114.50
N PRO S 1061 -33.68 -101.17 113.63
CA PRO S 1061 -35.01 -101.64 114.05
C PRO S 1061 -35.18 -103.13 113.85
N PRO S 1062 -36.09 -103.75 114.60
CA PRO S 1062 -36.51 -105.14 114.30
C PRO S 1062 -37.59 -105.17 113.24
N PRO S 1063 -37.72 -106.26 112.49
CA PRO S 1063 -38.63 -106.25 111.33
C PRO S 1063 -40.11 -106.36 111.67
N ASP S 1064 -40.53 -106.22 112.92
CA ASP S 1064 -41.96 -106.25 113.22
C ASP S 1064 -42.63 -104.89 113.09
N LEU S 1065 -41.87 -103.83 112.85
CA LEU S 1065 -42.44 -102.48 112.78
C LEU S 1065 -42.35 -101.82 111.42
N VAL S 1066 -41.30 -102.09 110.64
CA VAL S 1066 -41.14 -101.42 109.36
C VAL S 1066 -42.06 -102.05 108.33
N PHE S 1067 -42.20 -101.38 107.18
CA PHE S 1067 -43.06 -101.86 106.11
C PHE S 1067 -42.45 -101.42 104.79
N ASP S 1068 -43.08 -101.83 103.70
CA ASP S 1068 -42.57 -101.50 102.38
C ASP S 1068 -43.74 -101.40 101.41
N ARG S 1069 -43.43 -101.48 100.12
CA ARG S 1069 -44.45 -101.58 99.09
C ARG S 1069 -45.08 -102.96 99.03
N ASP S 1070 -44.46 -103.96 99.66
CA ASP S 1070 -44.96 -105.32 99.64
C ASP S 1070 -45.92 -105.62 100.77
N THR S 1071 -45.93 -104.81 101.81
CA THR S 1071 -46.87 -104.98 102.90
C THR S 1071 -48.27 -104.63 102.40
N PRO S 1072 -49.26 -105.48 102.64
CA PRO S 1072 -50.59 -105.24 102.06
C PRO S 1072 -51.31 -104.07 102.72
N GLY S 1073 -52.13 -103.40 101.91
CA GLY S 1073 -52.92 -102.29 102.41
C GLY S 1073 -52.13 -101.05 102.72
N VAL S 1074 -50.98 -100.87 102.10
CA VAL S 1074 -50.11 -99.72 102.36
C VAL S 1074 -50.27 -98.75 101.19
N HIS S 1075 -50.68 -97.53 101.50
CA HIS S 1075 -50.97 -96.54 100.48
C HIS S 1075 -49.71 -95.78 100.10
N ILE S 1076 -49.57 -95.52 98.80
CA ILE S 1076 -48.37 -94.96 98.20
C ILE S 1076 -48.79 -93.75 97.40
N PHE S 1077 -48.14 -92.61 97.62
CA PHE S 1077 -48.58 -91.37 97.02
C PHE S 1077 -47.56 -90.82 96.04
N GLY S 1078 -48.04 -90.10 95.03
CA GLY S 1078 -47.20 -89.46 94.04
C GLY S 1078 -47.45 -87.97 94.05
N ARG S 1079 -47.21 -87.29 92.92
CA ARG S 1079 -47.30 -85.83 92.92
C ARG S 1079 -48.74 -85.36 93.07
N ASP S 1080 -49.69 -86.11 92.52
CA ASP S 1080 -51.10 -85.82 92.74
C ASP S 1080 -51.46 -86.26 94.15
N CYS S 1081 -51.25 -85.36 95.11
CA CYS S 1081 -51.59 -85.61 96.51
C CYS S 1081 -52.43 -84.44 97.00
N ARG S 1082 -53.72 -84.52 96.75
CA ARG S 1082 -54.67 -83.57 97.28
C ARG S 1082 -55.26 -84.11 98.57
N ILE S 1083 -55.70 -83.20 99.43
CA ILE S 1083 -56.63 -83.56 100.49
C ILE S 1083 -57.83 -82.63 100.39
N SER S 1084 -58.95 -83.06 100.94
CA SER S 1084 -60.15 -82.25 101.00
C SER S 1084 -60.77 -82.41 102.38
N PHE S 1085 -61.39 -81.35 102.87
CA PHE S 1085 -61.98 -81.39 104.19
C PHE S 1085 -63.33 -82.10 104.11
N GLY S 1086 -63.56 -83.03 105.03
CA GLY S 1086 -64.86 -83.64 105.10
C GLY S 1086 -65.77 -82.81 105.98
N MET S 1087 -66.60 -81.97 105.37
CA MET S 1087 -67.40 -81.04 106.15
C MET S 1087 -68.54 -81.78 106.84
N ASN S 1088 -68.87 -81.31 108.04
CA ASN S 1088 -69.97 -81.81 108.87
C ASN S 1088 -69.74 -83.27 109.26
N GLY S 1089 -68.64 -83.50 109.97
CA GLY S 1089 -68.43 -84.76 110.64
C GLY S 1089 -67.69 -85.80 109.84
N ALA S 1090 -67.27 -85.50 108.62
CA ALA S 1090 -66.60 -86.49 107.80
C ALA S 1090 -65.09 -86.35 107.94
N ALA S 1091 -64.39 -87.46 107.72
CA ALA S 1091 -62.96 -87.44 107.83
C ALA S 1091 -62.34 -86.80 106.59
N PRO S 1092 -61.26 -86.03 106.74
CA PRO S 1092 -60.56 -85.53 105.55
C PRO S 1092 -59.79 -86.65 104.89
N MET S 1093 -59.87 -86.69 103.56
CA MET S 1093 -59.32 -87.81 102.81
C MET S 1093 -58.27 -87.32 101.81
N ILE S 1094 -57.33 -88.22 101.48
CA ILE S 1094 -56.15 -87.87 100.70
C ILE S 1094 -56.09 -88.74 99.45
N ARG S 1095 -55.61 -88.14 98.35
CA ARG S 1095 -55.53 -88.79 97.05
C ARG S 1095 -54.45 -89.87 97.01
N ASP S 1096 -54.80 -91.03 96.47
CA ASP S 1096 -53.88 -92.14 96.22
C ASP S 1096 -53.24 -91.98 94.85
N GLU S 1097 -52.17 -92.74 94.61
CA GLU S 1097 -51.66 -92.88 93.26
C GLU S 1097 -52.62 -93.68 92.37
N THR S 1098 -53.46 -94.51 92.96
CA THR S 1098 -54.44 -95.28 92.19
C THR S 1098 -55.74 -94.52 92.01
N GLY S 1099 -55.82 -93.28 92.47
CA GLY S 1099 -57.02 -92.50 92.33
C GLY S 1099 -57.97 -92.57 93.50
N MET S 1100 -57.59 -93.22 94.59
CA MET S 1100 -58.50 -93.40 95.71
C MET S 1100 -58.37 -92.28 96.71
N MET S 1101 -59.49 -91.96 97.35
CA MET S 1101 -59.50 -91.06 98.50
C MET S 1101 -59.50 -91.92 99.76
N VAL S 1102 -58.52 -91.70 100.63
CA VAL S 1102 -58.39 -92.53 101.83
C VAL S 1102 -58.23 -91.64 103.04
N PRO S 1103 -58.73 -92.02 104.22
CA PRO S 1103 -58.59 -91.16 105.40
C PRO S 1103 -57.19 -91.23 105.99
N PHE S 1104 -56.98 -90.39 107.00
CA PHE S 1104 -55.68 -90.30 107.67
C PHE S 1104 -55.46 -91.52 108.54
N GLU S 1105 -54.79 -92.54 108.00
CA GLU S 1105 -54.74 -93.83 108.68
C GLU S 1105 -53.62 -94.67 108.11
N GLY S 1106 -52.92 -95.39 108.99
CA GLY S 1106 -52.10 -96.51 108.57
C GLY S 1106 -50.74 -96.12 108.02
N ASN S 1107 -50.18 -97.06 107.27
CA ASN S 1107 -48.82 -96.95 106.74
C ASN S 1107 -48.85 -96.18 105.42
N TRP S 1108 -48.13 -95.07 105.36
CA TRP S 1108 -48.00 -94.30 104.13
C TRP S 1108 -46.55 -94.23 103.72
N ILE S 1109 -46.33 -93.93 102.43
CA ILE S 1109 -44.99 -93.86 101.86
C ILE S 1109 -44.86 -92.55 101.09
N PHE S 1110 -43.92 -91.70 101.50
CA PHE S 1110 -43.69 -90.44 100.81
C PHE S 1110 -42.29 -90.41 100.24
N PRO S 1111 -42.07 -89.74 99.13
CA PRO S 1111 -40.76 -89.16 98.87
C PRO S 1111 -40.57 -87.82 99.57
N LEU S 1112 -39.30 -87.48 99.76
CA LEU S 1112 -38.94 -86.21 100.38
C LEU S 1112 -39.40 -85.04 99.54
N ALA S 1113 -39.34 -85.17 98.21
CA ALA S 1113 -39.82 -84.13 97.32
C ALA S 1113 -41.30 -83.89 97.51
N LEU S 1114 -42.06 -84.96 97.73
CA LEU S 1114 -43.47 -84.81 98.05
C LEU S 1114 -43.66 -84.12 99.39
N TRP S 1115 -42.82 -84.42 100.38
CA TRP S 1115 -43.03 -83.82 101.69
C TRP S 1115 -42.73 -82.33 101.69
N GLN S 1116 -41.61 -81.92 101.10
CA GLN S 1116 -41.31 -80.50 101.07
C GLN S 1116 -41.76 -79.83 99.78
N MET S 1117 -42.72 -80.43 99.08
CA MET S 1117 -43.54 -79.68 98.15
C MET S 1117 -44.21 -78.48 98.83
N ASN S 1118 -44.90 -78.72 99.95
CA ASN S 1118 -45.36 -77.64 100.84
C ASN S 1118 -45.39 -78.14 102.28
N THR S 1119 -44.27 -77.88 102.96
CA THR S 1119 -44.08 -78.36 104.31
C THR S 1119 -44.96 -77.63 105.31
N ARG S 1120 -45.27 -76.36 105.07
CA ARG S 1120 -46.13 -75.62 105.99
C ARG S 1120 -47.53 -76.22 105.99
N TYR S 1121 -48.04 -76.51 104.80
CA TYR S 1121 -49.34 -77.14 104.65
C TYR S 1121 -49.35 -78.53 105.26
N PHE S 1122 -48.27 -79.31 105.06
CA PHE S 1122 -48.28 -80.66 105.59
C PHE S 1122 -48.12 -80.68 107.10
N ASN S 1123 -47.39 -79.72 107.68
CA ASN S 1123 -47.37 -79.56 109.13
C ASN S 1123 -48.77 -79.27 109.65
N GLN S 1124 -49.37 -78.19 109.14
CA GLN S 1124 -50.65 -77.69 109.63
C GLN S 1124 -51.77 -78.73 109.48
N GLN S 1125 -51.64 -79.63 108.51
CA GLN S 1125 -52.63 -80.68 108.36
C GLN S 1125 -52.27 -81.97 109.09
N PHE S 1126 -51.01 -82.26 109.39
CA PHE S 1126 -50.63 -83.59 109.79
C PHE S 1126 -50.09 -83.71 111.22
N ASP S 1127 -49.79 -82.60 111.89
CA ASP S 1127 -49.01 -82.67 113.14
C ASP S 1127 -49.77 -83.39 114.25
N ALA S 1128 -51.03 -83.05 114.46
CA ALA S 1128 -51.80 -83.68 115.53
C ALA S 1128 -52.10 -85.14 115.19
N TRP S 1129 -52.24 -85.46 113.91
CA TRP S 1129 -52.48 -86.84 113.52
C TRP S 1129 -51.25 -87.70 113.73
N ILE S 1130 -50.06 -87.12 113.54
CA ILE S 1130 -48.85 -87.87 113.82
C ILE S 1130 -48.65 -88.01 115.33
N LYS S 1131 -48.95 -86.96 116.08
CA LYS S 1131 -48.72 -86.98 117.52
C LYS S 1131 -49.67 -87.93 118.22
N THR S 1132 -50.96 -87.66 118.18
CA THR S 1132 -51.91 -88.41 118.97
C THR S 1132 -52.68 -89.44 118.17
N GLY S 1133 -53.03 -89.12 116.94
CA GLY S 1133 -53.69 -90.09 116.09
C GLY S 1133 -52.75 -91.19 115.64
N GLU S 1134 -53.33 -92.18 114.98
CA GLU S 1134 -52.57 -93.31 114.46
C GLU S 1134 -52.27 -93.05 112.98
N LEU S 1135 -50.99 -92.85 112.67
CA LEU S 1135 -50.58 -92.49 111.33
C LEU S 1135 -49.12 -92.84 111.16
N ARG S 1136 -48.78 -93.47 110.04
CA ARG S 1136 -47.41 -93.92 109.80
C ARG S 1136 -46.97 -93.46 108.42
N ILE S 1137 -45.79 -92.86 108.34
CA ILE S 1137 -45.26 -92.30 107.11
C ILE S 1137 -43.84 -92.81 106.91
N ARG S 1138 -43.57 -93.44 105.78
CA ARG S 1138 -42.21 -93.80 105.40
C ARG S 1138 -41.72 -92.79 104.37
N ILE S 1139 -40.84 -91.88 104.80
CA ILE S 1139 -40.32 -90.86 103.89
C ILE S 1139 -39.14 -91.44 103.13
N GLU S 1140 -39.33 -91.73 101.85
CA GLU S 1140 -38.26 -92.26 101.02
C GLU S 1140 -37.21 -91.19 100.75
N MET S 1141 -35.99 -91.45 101.14
CA MET S 1141 -34.90 -90.50 100.92
C MET S 1141 -33.69 -91.11 100.25
N GLY S 1142 -33.34 -92.34 100.59
CA GLY S 1142 -32.12 -92.95 100.10
C GLY S 1142 -30.94 -92.67 101.00
N ALA S 1143 -30.50 -91.41 101.03
CA ALA S 1143 -29.39 -91.01 101.88
C ALA S 1143 -29.81 -89.82 102.72
N TYR S 1144 -29.21 -89.73 103.92
CA TYR S 1144 -29.42 -88.58 104.79
C TYR S 1144 -28.34 -88.50 105.86
N PRO S 1145 -27.90 -87.31 106.20
CA PRO S 1145 -27.12 -87.13 107.42
C PRO S 1145 -28.06 -87.16 108.62
N TYR S 1146 -27.48 -87.37 109.80
CA TYR S 1146 -28.31 -87.52 110.98
C TYR S 1146 -27.63 -86.87 112.17
N MET S 1147 -28.26 -87.04 113.33
CA MET S 1147 -27.81 -86.47 114.59
C MET S 1147 -28.41 -87.29 115.71
N LEU S 1148 -27.66 -87.48 116.78
CA LEU S 1148 -28.09 -88.30 117.90
C LEU S 1148 -28.34 -87.45 119.13
N HIS S 1149 -29.22 -87.94 120.01
CA HIS S 1149 -29.48 -87.34 121.31
C HIS S 1149 -29.75 -88.49 122.26
N TYR S 1150 -28.99 -88.58 123.34
CA TYR S 1150 -29.15 -89.73 124.21
C TYR S 1150 -30.06 -89.39 125.38
N TYR S 1151 -30.31 -90.39 126.21
CA TYR S 1151 -31.13 -90.21 127.39
C TYR S 1151 -30.81 -91.31 128.38
N ASP S 1152 -30.97 -90.98 129.65
CA ASP S 1152 -30.97 -91.98 130.70
C ASP S 1152 -32.30 -92.72 130.63
N PRO S 1153 -32.30 -94.02 130.40
CA PRO S 1153 -33.57 -94.71 130.16
C PRO S 1153 -34.32 -95.10 131.42
N ARG S 1154 -33.99 -94.51 132.56
CA ARG S 1154 -34.72 -94.77 133.79
C ARG S 1154 -35.58 -93.58 134.22
N GLN S 1155 -35.88 -92.67 133.30
CA GLN S 1155 -36.83 -91.60 133.53
C GLN S 1155 -37.77 -91.50 132.35
N TYR S 1156 -38.75 -90.62 132.49
CA TYR S 1156 -39.67 -90.33 131.39
C TYR S 1156 -38.92 -89.64 130.25
N ALA S 1157 -39.38 -89.89 129.03
CA ALA S 1157 -38.63 -89.47 127.86
C ALA S 1157 -39.56 -89.30 126.68
N ASN S 1158 -39.38 -88.21 125.92
CA ASN S 1158 -40.21 -87.90 124.78
C ASN S 1158 -39.35 -87.22 123.73
N ALA S 1159 -39.81 -87.30 122.47
CA ALA S 1159 -39.05 -86.76 121.35
C ALA S 1159 -39.88 -85.89 120.42
N TRP S 1160 -41.07 -85.44 120.87
CA TRP S 1160 -41.89 -84.64 119.96
C TRP S 1160 -41.28 -83.27 119.72
N ASN S 1161 -40.60 -82.71 120.71
CA ASN S 1161 -39.97 -81.40 120.53
C ASN S 1161 -38.91 -81.46 119.44
N LEU S 1162 -38.03 -82.46 119.50
CA LEU S 1162 -37.00 -82.64 118.48
C LEU S 1162 -37.61 -82.98 117.12
N THR S 1163 -38.57 -83.91 117.11
CA THR S 1163 -39.14 -84.39 115.85
C THR S 1163 -39.94 -83.31 115.16
N SER S 1164 -40.81 -82.63 115.89
CA SER S 1164 -41.62 -81.57 115.32
C SER S 1164 -40.79 -80.35 114.99
N ALA S 1165 -39.70 -80.11 115.72
CA ALA S 1165 -38.82 -79.02 115.34
C ALA S 1165 -38.14 -79.32 114.01
N TRP S 1166 -37.75 -80.59 113.81
CA TRP S 1166 -37.15 -80.99 112.54
C TRP S 1166 -38.15 -80.89 111.40
N LEU S 1167 -39.36 -81.41 111.62
CA LEU S 1167 -40.42 -81.33 110.62
C LEU S 1167 -40.86 -79.90 110.37
N GLU S 1168 -40.67 -79.03 111.35
CA GLU S 1168 -40.98 -77.63 111.16
C GLU S 1168 -39.90 -76.93 110.34
N GLU S 1169 -38.64 -77.25 110.59
CA GLU S 1169 -37.56 -76.61 109.84
C GLU S 1169 -37.20 -77.36 108.58
N ILE S 1170 -38.05 -78.29 108.13
CA ILE S 1170 -38.05 -78.65 106.71
C ILE S 1170 -38.33 -77.39 105.90
N THR S 1171 -37.59 -77.19 104.83
CA THR S 1171 -37.73 -75.98 104.04
C THR S 1171 -37.72 -76.35 102.56
N PRO S 1172 -38.35 -75.54 101.70
CA PRO S 1172 -38.45 -75.90 100.27
C PRO S 1172 -37.15 -76.01 99.50
N THR S 1173 -36.00 -75.66 100.08
CA THR S 1173 -34.74 -75.80 99.38
C THR S 1173 -33.82 -76.85 100.00
N SER S 1174 -33.68 -76.85 101.31
CA SER S 1174 -32.65 -77.64 101.96
C SER S 1174 -33.28 -78.62 102.95
N ILE S 1175 -32.48 -79.57 103.40
CA ILE S 1175 -32.95 -80.52 104.42
C ILE S 1175 -32.15 -80.26 105.69
N PRO S 1176 -32.77 -80.34 106.85
CA PRO S 1176 -32.02 -80.35 108.11
C PRO S 1176 -31.74 -81.78 108.56
N SER S 1177 -30.70 -81.92 109.37
CA SER S 1177 -30.23 -83.24 109.79
C SER S 1177 -31.24 -83.93 110.67
N VAL S 1178 -31.27 -85.25 110.60
CA VAL S 1178 -32.35 -86.05 111.17
C VAL S 1178 -32.01 -86.34 112.63
N PRO S 1179 -32.82 -85.95 113.58
CA PRO S 1179 -32.53 -86.26 114.97
C PRO S 1179 -33.07 -87.63 115.37
N PHE S 1180 -32.22 -88.46 115.96
CA PHE S 1180 -32.66 -89.73 116.52
C PHE S 1180 -32.77 -89.60 118.02
N MET S 1181 -32.97 -90.73 118.70
CA MET S 1181 -33.03 -90.75 120.15
C MET S 1181 -32.63 -92.15 120.61
N VAL S 1182 -31.39 -92.28 121.07
CA VAL S 1182 -30.82 -93.60 121.36
C VAL S 1182 -30.58 -93.73 122.85
N PRO S 1183 -30.93 -94.85 123.47
CA PRO S 1183 -30.63 -95.03 124.89
C PRO S 1183 -29.17 -95.33 125.18
N ILE S 1184 -28.88 -95.56 126.45
CA ILE S 1184 -27.53 -95.76 126.94
C ILE S 1184 -27.47 -97.13 127.58
N SER S 1185 -26.48 -97.94 127.19
CA SER S 1185 -26.30 -99.25 127.78
C SER S 1185 -25.48 -99.15 129.06
N SER S 1186 -25.69 -100.13 129.95
CA SER S 1186 -24.95 -100.20 131.20
C SER S 1186 -24.91 -101.65 131.64
N ASP S 1187 -24.14 -101.92 132.69
CA ASP S 1187 -24.02 -103.31 133.13
C ASP S 1187 -25.04 -103.68 134.20
N HIS S 1188 -25.21 -102.84 135.22
CA HIS S 1188 -26.20 -103.09 136.25
C HIS S 1188 -27.60 -102.93 135.67
N ASP S 1189 -28.56 -103.65 136.24
CA ASP S 1189 -29.91 -103.51 135.75
C ASP S 1189 -30.49 -102.17 136.15
N ILE S 1190 -31.41 -101.66 135.33
CA ILE S 1190 -31.89 -100.30 135.49
C ILE S 1190 -33.38 -100.31 135.79
N SER S 1191 -33.93 -99.12 136.00
CA SER S 1191 -35.36 -98.97 136.22
C SER S 1191 -36.06 -98.82 134.88
N SER S 1192 -37.05 -99.67 134.64
CA SER S 1192 -37.80 -99.63 133.39
C SER S 1192 -38.72 -98.43 133.39
N ALA S 1193 -38.52 -97.52 132.44
CA ALA S 1193 -39.26 -96.27 132.35
C ALA S 1193 -39.77 -96.07 130.94
N PRO S 1194 -40.94 -95.44 130.79
CA PRO S 1194 -41.52 -95.29 129.45
C PRO S 1194 -40.76 -94.25 128.61
N ALA S 1195 -40.44 -94.65 127.39
CA ALA S 1195 -39.81 -93.77 126.41
C ALA S 1195 -40.66 -93.77 125.16
N VAL S 1196 -40.83 -92.59 124.57
CA VAL S 1196 -41.75 -92.38 123.46
C VAL S 1196 -40.94 -91.91 122.26
N GLN S 1197 -40.77 -92.77 121.27
CA GLN S 1197 -39.92 -92.50 120.12
C GLN S 1197 -40.76 -92.31 118.88
N TYR S 1198 -40.30 -91.41 118.01
CA TYR S 1198 -41.02 -91.01 116.81
C TYR S 1198 -40.25 -91.22 115.51
N ILE S 1199 -38.93 -91.31 115.56
CA ILE S 1199 -38.11 -91.48 114.36
C ILE S 1199 -37.41 -92.83 114.46
N ILE S 1200 -37.63 -93.68 113.47
CA ILE S 1200 -36.90 -94.94 113.36
C ILE S 1200 -36.28 -95.01 111.98
N SER S 1201 -35.25 -95.82 111.86
CA SER S 1201 -34.68 -96.12 110.57
C SER S 1201 -35.41 -97.32 109.98
N THR S 1202 -34.95 -97.80 108.83
CA THR S 1202 -35.55 -98.99 108.22
C THR S 1202 -34.58 -100.14 108.04
N GLU S 1203 -33.31 -99.88 107.77
CA GLU S 1203 -32.32 -100.93 107.70
C GLU S 1203 -31.22 -100.66 108.72
N TYR S 1204 -30.33 -101.63 108.85
CA TYR S 1204 -29.30 -101.60 109.87
C TYR S 1204 -28.30 -100.50 109.61
N ASN S 1205 -28.03 -99.68 110.63
CA ASN S 1205 -27.12 -98.56 110.47
C ASN S 1205 -26.18 -98.43 111.65
N ASP S 1206 -25.82 -99.56 112.26
CA ASP S 1206 -25.07 -99.59 113.51
C ASP S 1206 -23.68 -100.16 113.28
N ARG S 1207 -23.02 -99.67 112.24
CA ARG S 1207 -21.63 -100.02 112.00
C ARG S 1207 -20.69 -99.02 112.66
N SER S 1208 -21.15 -97.78 112.84
CA SER S 1208 -20.30 -96.71 113.33
C SER S 1208 -19.93 -96.87 114.79
N LEU S 1209 -20.70 -97.65 115.54
CA LEU S 1209 -20.39 -97.89 116.95
C LEU S 1209 -19.15 -98.77 117.06
N PHE S 1210 -18.44 -98.62 118.18
CA PHE S 1210 -17.21 -99.35 118.42
C PHE S 1210 -17.32 -100.34 119.57
N CYS S 1211 -17.75 -99.90 120.74
CA CYS S 1211 -17.91 -100.81 121.87
C CYS S 1211 -18.94 -100.26 122.84
N THR S 1212 -19.40 -101.13 123.73
CA THR S 1212 -20.43 -100.79 124.71
C THR S 1212 -19.92 -101.16 126.10
N ASN S 1213 -19.79 -100.17 126.98
CA ASN S 1213 -19.44 -100.32 128.39
C ASN S 1213 -18.09 -101.02 128.55
N SER S 1214 -17.05 -100.28 128.14
CA SER S 1214 -15.74 -100.83 127.86
C SER S 1214 -15.12 -101.54 129.05
N SER S 1215 -15.37 -101.07 130.26
CA SER S 1215 -14.80 -101.68 131.45
C SER S 1215 -15.79 -102.59 132.15
N SER S 1216 -16.77 -103.11 131.43
CA SER S 1216 -17.69 -104.04 132.05
C SER S 1216 -17.49 -105.43 131.45
N PRO S 1217 -17.70 -106.48 132.24
CA PRO S 1217 -17.61 -107.83 131.67
C PRO S 1217 -18.79 -108.18 130.79
N GLN S 1218 -20.01 -107.83 131.18
CA GLN S 1218 -21.20 -108.17 130.42
C GLN S 1218 -22.11 -106.95 130.36
N THR S 1219 -22.24 -106.36 129.17
CA THR S 1219 -23.23 -105.32 128.96
C THR S 1219 -24.62 -105.95 128.99
N ILE S 1220 -25.37 -105.70 130.06
CA ILE S 1220 -26.63 -106.41 130.27
C ILE S 1220 -27.80 -105.61 129.73
N ALA S 1221 -27.99 -104.40 130.22
CA ALA S 1221 -29.15 -103.62 129.84
C ALA S 1221 -28.90 -102.89 128.52
N GLY S 1222 -29.94 -102.84 127.69
CA GLY S 1222 -29.91 -102.06 126.47
C GLY S 1222 -29.17 -102.76 125.35
N PRO S 1223 -28.69 -101.98 124.38
CA PRO S 1223 -27.99 -102.56 123.23
C PRO S 1223 -26.59 -103.01 123.62
N ASP S 1224 -26.31 -104.28 123.39
CA ASP S 1224 -24.97 -104.83 123.56
C ASP S 1224 -24.28 -104.87 122.20
N LYS S 1225 -23.00 -104.55 122.21
CA LYS S 1225 -22.16 -104.74 121.04
C LYS S 1225 -20.74 -104.98 121.54
N HIS S 1226 -20.22 -106.17 121.28
CA HIS S 1226 -18.86 -106.46 121.70
C HIS S 1226 -17.88 -105.72 120.80
N ILE S 1227 -16.62 -105.81 121.19
CA ILE S 1227 -15.52 -105.19 120.44
C ILE S 1227 -15.36 -105.89 119.10
N PRO S 1228 -15.15 -105.17 117.99
CA PRO S 1228 -15.17 -105.83 116.68
C PRO S 1228 -13.95 -106.68 116.42
N VAL S 1229 -14.16 -108.00 116.50
CA VAL S 1229 -13.12 -108.97 116.19
C VAL S 1229 -12.82 -108.95 114.70
N GLU S 1230 -13.84 -108.71 113.88
CA GLU S 1230 -13.75 -108.77 112.42
C GLU S 1230 -12.87 -107.68 111.82
N ARG S 1231 -12.51 -106.65 112.59
CA ARG S 1231 -11.67 -105.61 112.06
C ARG S 1231 -10.20 -105.84 112.35
N TYR S 1232 -9.87 -106.66 113.34
CA TYR S 1232 -8.49 -106.96 113.65
C TYR S 1232 -8.21 -108.39 113.21
N ASN S 1233 -7.90 -108.54 111.92
CA ASN S 1233 -7.74 -109.86 111.37
C ASN S 1233 -6.42 -110.48 111.80
N ILE S 1234 -5.37 -109.66 111.86
CA ILE S 1234 -4.03 -110.18 112.14
C ILE S 1234 -3.94 -110.62 113.60
N LEU S 1235 -4.61 -109.91 114.50
CA LEU S 1235 -4.56 -110.27 115.91
C LEU S 1235 -5.46 -111.44 116.25
N THR S 1236 -6.52 -111.67 115.48
CA THR S 1236 -7.52 -112.65 115.85
C THR S 1236 -7.52 -113.89 114.97
N ASN S 1237 -6.85 -113.87 113.84
CA ASN S 1237 -6.67 -115.08 113.06
C ASN S 1237 -5.22 -115.49 113.16
N PRO S 1238 -4.92 -116.67 113.71
CA PRO S 1238 -3.54 -117.16 113.67
C PRO S 1238 -3.10 -117.61 112.30
N ASP S 1239 -4.03 -117.81 111.36
CA ASP S 1239 -3.70 -118.30 110.04
C ASP S 1239 -3.78 -117.22 108.97
N ALA S 1240 -4.03 -115.97 109.35
CA ALA S 1240 -4.12 -114.90 108.37
C ALA S 1240 -2.74 -114.57 107.84
N PRO S 1241 -2.58 -114.41 106.53
CA PRO S 1241 -1.33 -113.88 106.01
C PRO S 1241 -1.16 -112.43 106.46
N PRO S 1242 0.09 -111.96 106.57
CA PRO S 1242 0.30 -110.61 107.09
C PRO S 1242 -0.23 -109.50 106.20
N THR S 1243 0.03 -109.55 104.90
CA THR S 1243 -0.45 -108.52 104.00
C THR S 1243 -1.86 -108.78 103.50
N GLN S 1244 -2.66 -109.56 104.23
CA GLN S 1244 -4.03 -109.80 103.84
C GLN S 1244 -4.86 -108.56 104.14
N ILE S 1245 -5.70 -108.18 103.19
CA ILE S 1245 -6.72 -107.16 103.37
C ILE S 1245 -8.04 -107.69 102.83
N GLN S 1246 -9.14 -107.20 103.38
CA GLN S 1246 -10.46 -107.48 102.83
C GLN S 1246 -11.14 -106.18 102.40
N LEU S 1247 -10.31 -105.20 102.05
CA LEU S 1247 -10.55 -103.80 101.77
C LEU S 1247 -11.88 -103.41 101.09
N PRO S 1248 -12.37 -104.10 100.04
CA PRO S 1248 -13.71 -103.72 99.55
C PRO S 1248 -14.83 -104.03 100.51
N GLU S 1249 -14.69 -105.07 101.33
CA GLU S 1249 -15.78 -105.47 102.20
C GLU S 1249 -15.84 -104.60 103.44
N VAL S 1250 -14.79 -104.63 104.27
CA VAL S 1250 -14.73 -103.84 105.48
C VAL S 1250 -13.29 -103.36 105.67
N VAL S 1251 -13.13 -102.13 106.15
CA VAL S 1251 -11.81 -101.60 106.42
C VAL S 1251 -11.31 -102.20 107.73
N ASP S 1252 -10.00 -102.42 107.80
CA ASP S 1252 -9.37 -102.86 109.03
C ASP S 1252 -8.69 -101.69 109.72
N LEU S 1253 -8.26 -101.96 110.94
CA LEU S 1253 -7.22 -101.18 111.59
C LEU S 1253 -6.15 -102.18 112.01
N TYR S 1254 -4.99 -101.66 112.42
CA TYR S 1254 -3.80 -102.46 112.74
C TYR S 1254 -3.38 -103.32 111.54
N ASN S 1255 -2.92 -102.63 110.52
CA ASN S 1255 -2.44 -103.30 109.33
C ASN S 1255 -0.93 -103.26 109.30
N VAL S 1256 -0.37 -103.65 108.16
CA VAL S 1256 1.06 -103.81 107.97
C VAL S 1256 1.52 -102.64 107.14
N VAL S 1257 2.05 -101.63 107.79
CA VAL S 1257 2.48 -100.42 107.11
C VAL S 1257 3.99 -100.47 106.94
N THR S 1258 4.46 -99.87 105.85
CA THR S 1258 5.84 -100.01 105.39
C THR S 1258 6.44 -98.61 105.27
N ARG S 1259 7.30 -98.26 106.21
CA ARG S 1259 7.86 -96.91 106.28
C ARG S 1259 9.22 -96.85 105.60
N TYR S 1260 9.54 -95.67 105.06
CA TYR S 1260 10.66 -95.46 104.16
C TYR S 1260 11.59 -94.39 104.70
N ALA S 1261 12.73 -94.25 104.05
CA ALA S 1261 13.65 -93.14 104.30
C ALA S 1261 14.46 -92.91 103.02
N TYR S 1262 14.05 -91.93 102.22
CA TYR S 1262 14.74 -91.66 100.97
C TYR S 1262 15.61 -90.42 101.09
N GLU S 1263 16.15 -90.01 99.95
CA GLU S 1263 16.94 -88.80 99.84
C GLU S 1263 16.71 -88.25 98.45
N THR S 1264 16.34 -86.97 98.38
CA THR S 1264 16.15 -86.30 97.10
C THR S 1264 17.26 -85.27 96.93
N PRO S 1265 18.25 -85.54 96.08
CA PRO S 1265 19.33 -84.58 95.88
C PRO S 1265 18.93 -83.53 94.87
N PRO S 1266 19.55 -82.36 94.91
CA PRO S 1266 19.40 -81.42 93.79
C PRO S 1266 20.13 -81.92 92.56
N ILE S 1267 19.79 -81.34 91.42
CA ILE S 1267 20.33 -81.80 90.15
C ILE S 1267 21.70 -81.17 89.94
N THR S 1268 22.72 -82.00 89.78
CA THR S 1268 24.08 -81.53 89.58
C THR S 1268 24.56 -81.82 88.17
N ALA S 1269 25.53 -81.03 87.71
CA ALA S 1269 26.11 -81.23 86.40
C ALA S 1269 27.48 -80.57 86.33
N VAL S 1270 28.47 -81.35 85.91
CA VAL S 1270 29.77 -80.82 85.51
C VAL S 1270 29.77 -80.74 84.00
N VAL S 1271 30.00 -79.54 83.48
CA VAL S 1271 29.77 -79.23 82.07
C VAL S 1271 31.11 -78.95 81.41
N MET S 1272 31.55 -79.85 80.54
CA MET S 1272 32.82 -79.69 79.85
C MET S 1272 32.59 -79.11 78.45
N GLY S 1273 33.53 -78.31 78.00
CA GLY S 1273 33.50 -77.83 76.63
C GLY S 1273 33.97 -78.91 75.67
N VAL S 1274 33.99 -78.55 74.40
CA VAL S 1274 34.45 -79.49 73.39
C VAL S 1274 35.29 -78.72 72.38
N PRO S 1275 36.39 -79.28 71.88
CA PRO S 1275 37.16 -78.62 70.83
C PRO S 1275 36.41 -78.58 69.52
N GLY T 180 -91.30 -33.27 85.61
CA GLY T 180 -92.52 -32.75 85.03
C GLY T 180 -93.35 -33.83 84.37
N TYR T 181 -94.59 -33.48 83.99
CA TYR T 181 -95.50 -34.45 83.39
C TYR T 181 -95.85 -34.01 81.97
N GLN T 182 -96.66 -34.84 81.32
CA GLN T 182 -96.74 -34.86 79.87
C GLN T 182 -98.17 -34.83 79.37
N CYS T 183 -98.30 -34.61 78.07
CA CYS T 183 -99.54 -34.78 77.34
C CYS T 183 -99.45 -36.05 76.52
N HIS T 184 -100.33 -37.02 76.79
CA HIS T 184 -100.27 -38.29 76.08
C HIS T 184 -100.70 -38.20 74.62
N VAL T 185 -101.29 -37.07 74.21
CA VAL T 185 -101.70 -36.93 72.82
C VAL T 185 -100.49 -36.72 71.92
N CYS T 186 -99.69 -35.70 72.21
CA CYS T 186 -98.62 -35.29 71.31
C CYS T 186 -97.23 -35.36 71.93
N SER T 187 -97.12 -35.97 73.13
CA SER T 187 -95.85 -36.14 73.83
C SER T 187 -95.14 -34.81 74.09
N ALA T 188 -95.89 -33.82 74.54
CA ALA T 188 -95.32 -32.55 74.96
C ALA T 188 -95.30 -32.46 76.47
N VAL T 189 -94.27 -31.81 77.00
CA VAL T 189 -94.05 -31.72 78.43
C VAL T 189 -94.66 -30.43 78.94
N LEU T 190 -95.55 -30.53 79.92
CA LEU T 190 -96.22 -29.40 80.52
C LEU T 190 -95.92 -29.35 82.01
N PHE T 191 -96.33 -28.27 82.65
CA PHE T 191 -96.13 -28.10 84.08
C PHE T 191 -97.41 -27.81 84.84
N SER T 192 -98.29 -27.03 84.29
CA SER T 192 -99.49 -26.68 85.03
C SER T 192 -100.72 -27.24 84.35
N PRO T 193 -101.72 -27.68 85.13
CA PRO T 193 -102.88 -28.34 84.52
C PRO T 193 -103.72 -27.40 83.68
N LEU T 194 -103.68 -26.10 83.97
CA LEU T 194 -104.35 -25.13 83.10
C LEU T 194 -103.70 -25.11 81.72
N ASP T 195 -102.36 -25.18 81.69
CA ASP T 195 -101.67 -25.21 80.42
C ASP T 195 -101.89 -26.53 79.70
N LEU T 196 -102.04 -27.62 80.44
CA LEU T 196 -102.43 -28.88 79.81
C LEU T 196 -103.82 -28.79 79.22
N ASP T 197 -104.73 -28.09 79.89
CA ASP T 197 -106.10 -28.02 79.39
C ASP T 197 -106.18 -27.12 78.16
N ALA T 198 -105.38 -26.06 78.13
CA ALA T 198 -105.29 -25.25 76.92
C ALA T 198 -104.66 -26.04 75.78
N HIS T 199 -103.64 -26.86 76.08
CA HIS T 199 -102.98 -27.67 75.06
C HIS T 199 -103.92 -28.74 74.51
N VAL T 200 -104.72 -29.36 75.36
CA VAL T 200 -105.58 -30.42 74.88
C VAL T 200 -106.83 -29.84 74.23
N ALA T 201 -107.19 -28.59 74.56
CA ALA T 201 -108.23 -27.93 73.79
C ALA T 201 -107.71 -27.52 72.42
N SER T 202 -106.42 -27.21 72.33
CA SER T 202 -105.79 -27.03 71.03
C SER T 202 -105.80 -28.31 70.21
N HIS T 203 -105.67 -29.46 70.88
CA HIS T 203 -105.88 -30.72 70.17
C HIS T 203 -107.32 -30.87 69.72
N GLY T 204 -108.26 -30.54 70.59
CA GLY T 204 -109.66 -30.65 70.21
C GLY T 204 -110.54 -31.25 71.30
N LEU T 205 -109.94 -31.55 72.44
CA LEU T 205 -110.67 -32.10 73.57
C LEU T 205 -111.17 -30.95 74.44
N HIS T 206 -111.66 -31.27 75.64
CA HIS T 206 -112.22 -30.26 76.53
C HIS T 206 -111.88 -30.58 77.98
N GLY T 207 -111.74 -29.54 78.77
CA GLY T 207 -111.48 -29.68 80.19
C GLY T 207 -112.64 -29.28 81.06
N HIS T 219 -101.88 -18.59 69.87
CA HIS T 219 -101.00 -18.44 68.71
C HIS T 219 -101.50 -19.28 67.52
N ILE T 220 -100.59 -19.64 66.61
CA ILE T 220 -100.97 -20.08 65.28
C ILE T 220 -100.61 -21.53 65.01
N THR T 221 -99.43 -21.98 65.44
CA THR T 221 -99.06 -23.37 65.12
C THR T 221 -98.13 -23.96 66.16
N GLU T 222 -98.06 -25.29 66.16
CA GLU T 222 -97.29 -26.07 67.13
C GLU T 222 -96.54 -27.18 66.42
N PHE T 223 -95.33 -27.49 66.90
CA PHE T 223 -94.50 -28.52 66.29
C PHE T 223 -93.68 -29.22 67.36
N ILE T 224 -93.53 -30.53 67.22
CA ILE T 224 -92.83 -31.36 68.20
C ILE T 224 -91.88 -32.29 67.44
N SER T 225 -90.58 -32.12 67.66
CA SER T 225 -89.61 -33.03 67.06
C SER T 225 -89.47 -34.28 67.92
N SER T 226 -89.55 -35.44 67.29
CA SER T 226 -89.60 -36.69 68.04
C SER T 226 -88.24 -37.17 68.53
N TRP T 227 -87.19 -36.34 68.48
CA TRP T 227 -85.94 -36.78 69.08
C TRP T 227 -85.17 -35.66 69.77
N GLN T 228 -85.76 -34.49 69.98
CA GLN T 228 -85.20 -33.48 70.87
C GLN T 228 -86.32 -32.57 71.33
N ASN T 229 -86.16 -32.00 72.52
CA ASN T 229 -87.25 -31.26 73.15
C ASN T 229 -87.14 -29.76 72.88
N HIS T 230 -87.12 -29.41 71.61
CA HIS T 230 -87.08 -28.01 71.20
C HIS T 230 -88.30 -27.73 70.33
N PRO T 231 -89.47 -27.54 70.93
CA PRO T 231 -90.68 -27.33 70.14
C PRO T 231 -90.71 -25.92 69.57
N ILE T 232 -91.49 -25.77 68.51
CA ILE T 232 -91.60 -24.50 67.81
C ILE T 232 -93.04 -24.07 67.81
N VAL T 233 -93.30 -22.86 68.28
CA VAL T 233 -94.57 -22.19 68.07
C VAL T 233 -94.30 -20.92 67.30
N GLN T 234 -95.25 -20.53 66.46
CA GLN T 234 -95.12 -19.34 65.65
C GLN T 234 -96.27 -18.41 65.98
N VAL T 235 -95.95 -17.17 66.35
CA VAL T 235 -96.93 -16.24 66.87
C VAL T 235 -96.92 -15.01 65.96
N SER T 236 -98.01 -14.25 66.00
CA SER T 236 -98.20 -13.09 65.15
C SER T 236 -97.18 -12.00 65.47
N ALA T 237 -96.98 -11.10 64.51
CA ALA T 237 -95.85 -10.19 64.53
C ALA T 237 -96.11 -8.90 65.29
N ASP T 238 -97.11 -8.87 66.16
CA ASP T 238 -97.34 -7.67 66.97
C ASP T 238 -97.28 -7.89 68.48
N VAL T 239 -97.23 -9.15 68.94
CA VAL T 239 -97.09 -9.42 70.36
C VAL T 239 -95.63 -9.21 70.76
N GLU T 240 -95.35 -9.22 72.06
CA GLU T 240 -94.04 -8.79 72.55
C GLU T 240 -93.21 -9.87 73.23
N ASN T 241 -93.67 -11.11 73.30
CA ASN T 241 -92.83 -12.18 73.83
C ASN T 241 -92.19 -12.97 72.69
N ARG T 242 -91.26 -12.28 72.02
CA ARG T 242 -90.50 -12.89 70.93
C ARG T 242 -89.63 -14.04 71.43
N LYS T 243 -89.16 -13.95 72.68
CA LYS T 243 -88.28 -14.96 73.22
C LYS T 243 -89.04 -16.27 73.40
N THR T 244 -88.43 -17.36 72.91
CA THR T 244 -89.04 -18.68 72.76
C THR T 244 -90.35 -18.59 71.98
N ALA T 245 -90.29 -17.89 70.84
CA ALA T 245 -91.43 -17.78 69.95
C ALA T 245 -90.93 -17.45 68.56
N GLN T 246 -91.76 -17.71 67.56
CA GLN T 246 -91.44 -17.44 66.17
C GLN T 246 -92.48 -16.53 65.56
N LEU T 247 -92.09 -15.88 64.47
CA LEU T 247 -92.85 -14.79 63.90
C LEU T 247 -93.51 -15.22 62.60
N LEU T 248 -94.63 -14.57 62.31
CA LEU T 248 -95.39 -14.78 61.08
C LEU T 248 -95.29 -13.50 60.28
N HIS T 249 -94.26 -13.42 59.43
CA HIS T 249 -94.00 -12.18 58.69
C HIS T 249 -94.97 -11.97 57.55
N ALA T 250 -95.71 -13.00 57.16
CA ALA T 250 -96.72 -12.82 56.14
C ALA T 250 -97.90 -12.04 56.71
N ASP T 251 -98.22 -10.92 56.06
CA ASP T 251 -99.36 -10.08 56.44
C ASP T 251 -100.62 -10.85 56.05
N THR T 252 -101.07 -11.71 56.95
CA THR T 252 -102.22 -12.51 56.62
C THR T 252 -103.50 -11.69 56.75
N PRO T 253 -104.49 -11.94 55.90
CA PRO T 253 -105.78 -11.30 56.08
C PRO T 253 -106.58 -11.99 57.17
N ARG T 254 -107.57 -11.25 57.69
CA ARG T 254 -108.39 -11.72 58.79
C ARG T 254 -109.65 -12.36 58.21
N LEU T 255 -109.63 -13.68 58.09
CA LEU T 255 -110.68 -14.41 57.39
C LEU T 255 -111.91 -14.62 58.27
N VAL T 256 -111.77 -15.38 59.34
CA VAL T 256 -112.90 -15.72 60.18
C VAL T 256 -113.06 -14.67 61.26
N THR T 257 -114.30 -14.20 61.41
CA THR T 257 -114.68 -13.21 62.40
C THR T 257 -115.91 -13.74 63.14
N TRP T 258 -116.47 -12.90 63.99
CA TRP T 258 -117.70 -13.26 64.68
C TRP T 258 -118.53 -12.01 64.90
N ASP T 259 -119.80 -12.22 65.23
CA ASP T 259 -120.67 -11.12 65.64
C ASP T 259 -121.74 -11.67 66.56
N ALA T 260 -121.86 -11.06 67.73
CA ALA T 260 -122.96 -11.37 68.63
C ALA T 260 -124.13 -10.42 68.49
N GLY T 261 -123.94 -9.32 67.77
CA GLY T 261 -125.00 -8.35 67.58
C GLY T 261 -126.06 -8.83 66.60
N LEU T 262 -126.96 -7.90 66.27
CA LEU T 262 -128.03 -8.22 65.33
C LEU T 262 -127.48 -8.34 63.92
N CYS T 263 -128.17 -9.13 63.12
CA CYS T 263 -127.80 -9.29 61.71
C CYS T 263 -128.65 -8.40 60.83
N THR T 264 -128.59 -7.10 61.11
CA THR T 264 -129.37 -6.11 60.36
C THR T 264 -128.53 -4.86 60.15
N SER T 265 -129.01 -4.04 59.22
CA SER T 265 -128.40 -2.74 58.98
C SER T 265 -129.42 -1.65 58.71
N PHE T 266 -130.70 -1.94 58.81
CA PHE T 266 -131.75 -0.96 58.55
C PHE T 266 -132.47 -0.73 59.87
N LYS T 267 -132.18 0.38 60.54
CA LYS T 267 -132.88 0.72 61.75
C LYS T 267 -133.84 1.87 61.50
N ILE T 268 -134.90 1.93 62.29
CA ILE T 268 -135.97 2.88 62.12
C ILE T 268 -135.74 4.05 63.07
N VAL T 269 -135.70 5.25 62.54
CA VAL T 269 -135.59 6.42 63.41
C VAL T 269 -136.90 7.21 63.38
N PRO T 270 -137.30 7.78 64.49
CA PRO T 270 -138.36 8.78 64.45
C PRO T 270 -137.78 10.13 64.12
N ILE T 271 -138.64 11.02 63.65
CA ILE T 271 -138.25 12.40 63.39
C ILE T 271 -139.03 13.37 64.27
N VAL T 272 -140.35 13.31 64.22
CA VAL T 272 -141.20 14.19 65.02
C VAL T 272 -141.72 13.40 66.21
N PRO T 273 -141.19 13.61 67.41
CA PRO T 273 -141.70 12.89 68.57
C PRO T 273 -143.04 13.44 69.02
N ALA T 274 -143.79 12.60 69.73
CA ALA T 274 -145.13 12.97 70.14
C ALA T 274 -145.51 12.18 71.39
N GLN T 275 -146.56 12.67 72.06
CA GLN T 275 -147.13 12.02 73.22
C GLN T 275 -148.63 11.90 73.02
N VAL T 276 -149.24 10.98 73.75
CA VAL T 276 -150.63 10.63 73.47
C VAL T 276 -151.32 10.20 74.77
N PRO T 277 -152.59 10.55 74.96
CA PRO T 277 -153.34 9.95 76.07
C PRO T 277 -153.63 8.49 75.81
N GLN T 278 -153.21 7.65 76.74
CA GLN T 278 -153.38 6.21 76.62
C GLN T 278 -154.27 5.70 77.74
N ASP T 279 -155.03 4.66 77.43
CA ASP T 279 -155.86 4.02 78.43
C ASP T 279 -155.02 3.14 79.34
N VAL T 280 -154.39 2.12 78.79
CA VAL T 280 -153.63 1.14 79.56
C VAL T 280 -152.17 1.48 79.42
N LEU T 281 -151.50 1.68 80.55
CA LEU T 281 -150.08 1.93 80.53
C LEU T 281 -149.33 1.23 81.66
N ALA T 282 -150.00 0.41 82.46
CA ALA T 282 -149.39 -0.34 83.53
C ALA T 282 -149.79 -1.80 83.41
N TYR T 283 -149.10 -2.67 84.15
CA TYR T 283 -149.27 -4.11 84.04
C TYR T 283 -149.85 -4.70 85.32
N THR T 284 -150.77 -5.64 85.15
CA THR T 284 -151.47 -6.24 86.28
C THR T 284 -150.60 -7.29 86.96
N PHE T 285 -150.43 -7.15 88.27
CA PHE T 285 -149.73 -8.13 89.08
C PHE T 285 -150.35 -8.17 90.47
N PHE T 286 -149.61 -8.72 91.42
CA PHE T 286 -149.98 -8.60 92.82
C PHE T 286 -149.61 -7.23 93.35
N THR T 287 -148.31 -6.92 93.36
CA THR T 287 -147.80 -5.65 93.85
C THR T 287 -146.93 -4.97 92.80
N SER T 288 -146.22 -5.76 92.02
CA SER T 288 -145.28 -5.23 91.06
C SER T 288 -146.02 -4.61 89.86
N SER T 289 -145.28 -3.87 89.06
CA SER T 289 -145.85 -3.21 87.88
C SER T 289 -144.70 -2.88 86.95
N TYR T 290 -144.68 -3.51 85.77
CA TYR T 290 -143.67 -3.20 84.79
C TYR T 290 -144.22 -2.20 83.78
N ALA T 291 -143.30 -1.44 83.18
CA ALA T 291 -143.66 -0.45 82.19
C ALA T 291 -143.66 -1.10 80.80
N ILE T 292 -143.99 -0.31 79.80
CA ILE T 292 -144.20 -0.80 78.44
C ILE T 292 -142.97 -0.50 77.60
N GLN T 293 -142.40 -1.54 76.99
CA GLN T 293 -141.25 -1.39 76.10
C GLN T 293 -141.75 -1.48 74.67
N SER T 294 -141.60 -0.39 73.91
CA SER T 294 -142.19 -0.48 72.59
C SER T 294 -141.15 -0.95 71.56
N PRO T 295 -141.55 -1.82 70.62
CA PRO T 295 -140.61 -2.27 69.60
C PRO T 295 -140.32 -1.22 68.56
N PHE T 296 -141.17 -0.20 68.45
CA PHE T 296 -141.01 0.81 67.44
C PHE T 296 -141.22 2.16 68.09
N PRO T 297 -140.49 3.19 67.65
CA PRO T 297 -140.62 4.52 68.26
C PRO T 297 -141.98 5.12 67.95
N GLU T 298 -142.74 5.44 68.99
CA GLU T 298 -143.98 6.15 68.79
C GLU T 298 -143.68 7.60 68.45
N ALA T 299 -144.29 8.07 67.36
CA ALA T 299 -143.94 9.35 66.76
C ALA T 299 -145.02 9.68 65.74
N ALA T 300 -145.11 10.97 65.42
CA ALA T 300 -146.03 11.41 64.37
C ALA T 300 -145.56 10.92 63.00
N VAL T 301 -144.26 10.76 62.82
CA VAL T 301 -143.70 10.26 61.58
C VAL T 301 -142.50 9.39 61.92
N SER T 302 -142.32 8.31 61.17
CA SER T 302 -141.24 7.37 61.43
C SER T 302 -140.82 6.75 60.11
N ARG T 303 -139.53 6.79 59.83
CA ARG T 303 -139.02 6.30 58.56
C ARG T 303 -137.71 5.59 58.78
N ILE T 304 -137.35 4.75 57.81
CA ILE T 304 -136.23 3.85 57.94
C ILE T 304 -134.99 4.52 57.36
N VAL T 305 -133.90 4.50 58.12
CA VAL T 305 -132.61 4.91 57.59
C VAL T 305 -131.67 3.74 57.65
N VAL T 306 -130.43 3.94 57.20
CA VAL T 306 -129.50 2.85 56.96
C VAL T 306 -128.27 3.07 57.82
N HIS T 307 -128.09 2.21 58.81
CA HIS T 307 -126.94 2.26 59.69
C HIS T 307 -126.37 0.86 59.77
N THR T 308 -125.19 0.65 59.19
CA THR T 308 -124.60 -0.68 59.17
C THR T 308 -124.07 -1.02 60.56
N ARG T 309 -124.55 -2.14 61.10
CA ARG T 309 -124.18 -2.68 62.41
C ARG T 309 -124.46 -1.68 63.54
N TRP T 310 -125.72 -1.27 63.64
CA TRP T 310 -126.09 -0.43 64.78
C TRP T 310 -126.22 -1.25 66.05
N ALA T 311 -126.52 -2.53 65.92
CA ALA T 311 -126.49 -3.47 67.03
C ALA T 311 -125.34 -4.43 66.75
N SER T 312 -124.20 -4.15 67.34
CA SER T 312 -122.95 -4.76 66.91
C SER T 312 -122.12 -5.18 68.12
N ASN T 313 -121.68 -6.43 68.13
CA ASN T 313 -120.77 -6.96 69.15
C ASN T 313 -119.77 -7.82 68.39
N VAL T 314 -118.64 -7.23 68.05
CA VAL T 314 -117.73 -7.76 67.05
C VAL T 314 -116.34 -7.91 67.66
N ASP T 315 -115.74 -9.09 67.47
CA ASP T 315 -114.41 -9.35 68.01
C ASP T 315 -113.35 -8.55 67.27
N PHE T 316 -113.52 -8.36 65.96
CA PHE T 316 -112.53 -7.67 65.16
C PHE T 316 -113.26 -7.00 64.00
N ASP T 317 -113.39 -5.69 64.06
CA ASP T 317 -114.27 -5.00 63.14
C ASP T 317 -113.60 -4.73 61.80
N ARG T 318 -114.39 -4.86 60.73
CA ARG T 318 -113.96 -4.33 59.43
C ARG T 318 -113.98 -2.81 59.44
N ASP T 319 -114.94 -2.24 60.19
CA ASP T 319 -115.19 -0.84 60.57
C ASP T 319 -114.84 0.21 59.51
N SER T 320 -115.15 -0.12 58.26
CA SER T 320 -115.40 0.86 57.23
C SER T 320 -116.89 0.67 56.98
N SER T 321 -117.68 1.60 57.50
CA SER T 321 -119.11 1.38 57.59
C SER T 321 -119.87 2.44 56.82
N VAL T 322 -121.13 2.14 56.55
CA VAL T 322 -122.04 3.05 55.85
C VAL T 322 -123.05 3.55 56.88
N ILE T 323 -122.91 4.80 57.26
CA ILE T 323 -123.72 5.42 58.29
C ILE T 323 -124.50 6.54 57.64
N MET T 324 -125.81 6.58 57.87
CA MET T 324 -126.66 7.60 57.28
C MET T 324 -127.35 8.38 58.38
N ALA T 325 -127.30 9.70 58.29
CA ALA T 325 -128.06 10.56 59.17
C ALA T 325 -129.54 10.47 58.82
N PRO T 326 -130.43 10.92 59.71
CA PRO T 326 -131.83 11.06 59.33
C PRO T 326 -131.98 12.04 58.18
N PRO T 327 -133.02 11.87 57.36
CA PRO T 327 -133.13 12.63 56.10
C PRO T 327 -133.43 14.12 56.28
N THR T 328 -133.65 14.59 57.50
CA THR T 328 -133.68 16.03 57.72
C THR T 328 -132.29 16.63 57.66
N GLU T 329 -131.25 15.82 57.85
CA GLU T 329 -129.87 16.28 57.72
C GLU T 329 -129.31 15.86 56.37
N ASN T 330 -128.28 16.57 55.93
CA ASN T 330 -127.71 16.35 54.61
C ASN T 330 -126.89 15.07 54.61
N ASN T 331 -127.30 14.12 53.77
CA ASN T 331 -126.56 12.89 53.57
C ASN T 331 -125.66 12.95 52.35
N ILE T 332 -125.17 14.16 52.03
CA ILE T 332 -124.51 14.38 50.76
C ILE T 332 -123.07 13.89 50.77
N HIS T 333 -122.48 13.65 51.95
CA HIS T 333 -121.09 13.23 52.01
C HIS T 333 -120.89 11.83 51.47
N LEU T 334 -121.92 10.98 51.61
CA LEU T 334 -121.91 9.66 51.01
C LEU T 334 -121.88 9.75 49.49
N PHE T 335 -122.53 10.76 48.93
CA PHE T 335 -122.59 10.88 47.49
C PHE T 335 -121.47 11.73 46.92
N LYS T 336 -120.68 12.37 47.77
CA LYS T 336 -119.56 13.18 47.27
C LYS T 336 -118.20 12.70 47.75
N GLN T 337 -118.12 11.58 48.46
CA GLN T 337 -116.86 11.27 49.12
C GLN T 337 -115.78 10.75 48.18
N LEU T 338 -116.09 10.41 46.94
CA LEU T 338 -115.02 9.79 46.18
C LEU T 338 -114.27 10.77 45.27
N LEU T 339 -114.91 11.32 44.24
CA LEU T 339 -114.04 11.81 43.17
C LEU T 339 -113.84 13.32 43.17
N ASN T 340 -114.86 14.12 43.45
CA ASN T 340 -114.66 15.58 43.41
C ASN T 340 -113.85 16.01 44.63
N THR T 341 -112.53 15.85 44.51
CA THR T 341 -111.61 16.25 45.57
C THR T 341 -111.63 17.76 45.78
N GLU T 342 -111.74 18.51 44.70
CA GLU T 342 -112.09 19.92 44.76
C GLU T 342 -113.51 20.08 44.22
N THR T 343 -114.25 21.00 44.82
CA THR T 343 -115.61 21.25 44.43
C THR T 343 -115.85 22.73 44.70
N LEU T 344 -116.63 23.39 43.84
CA LEU T 344 -116.88 24.82 43.97
C LEU T 344 -117.72 25.16 45.18
N SER T 345 -118.38 24.18 45.79
CA SER T 345 -119.01 24.34 47.09
C SER T 345 -118.68 23.12 47.94
N VAL T 346 -118.76 23.29 49.26
CA VAL T 346 -118.43 22.20 50.16
C VAL T 346 -119.71 21.47 50.57
N ARG T 347 -120.81 21.74 49.87
CA ARG T 347 -122.07 21.05 50.10
C ARG T 347 -122.70 20.64 48.78
N GLY T 348 -121.91 20.10 47.88
CA GLY T 348 -122.40 19.73 46.58
C GLY T 348 -121.79 18.42 46.11
N ALA T 349 -122.54 17.70 45.29
CA ALA T 349 -122.10 16.43 44.74
C ALA T 349 -122.23 16.45 43.22
N ASN T 350 -121.19 15.99 42.55
CA ASN T 350 -121.10 16.09 41.10
C ASN T 350 -122.11 15.13 40.50
N PRO T 351 -123.00 15.61 39.62
CA PRO T 351 -123.95 14.70 38.95
C PRO T 351 -123.34 13.78 37.95
N LEU T 352 -122.04 13.90 37.68
CA LEU T 352 -121.43 13.06 36.67
C LEU T 352 -120.88 11.77 37.26
N MET T 353 -120.56 11.74 38.56
CA MET T 353 -120.08 10.53 39.20
C MET T 353 -121.00 10.06 40.31
N PHE T 354 -122.32 10.30 40.15
CA PHE T 354 -123.32 9.70 41.03
C PHE T 354 -123.19 8.19 41.05
N ARG T 355 -122.97 7.59 39.89
CA ARG T 355 -122.93 6.13 39.80
C ARG T 355 -121.68 5.57 40.46
N ALA T 356 -120.53 6.24 40.27
CA ALA T 356 -119.31 5.77 40.90
C ALA T 356 -119.38 5.88 42.41
N ASN T 357 -119.99 6.97 42.90
CA ASN T 357 -120.16 7.13 44.33
C ASN T 357 -121.08 6.07 44.90
N VAL T 358 -122.20 5.79 44.22
CA VAL T 358 -123.15 4.84 44.79
C VAL T 358 -122.61 3.42 44.64
N LEU T 359 -121.75 3.16 43.66
CA LEU T 359 -121.12 1.84 43.58
C LEU T 359 -120.12 1.63 44.69
N HIS T 360 -119.32 2.66 45.01
CA HIS T 360 -118.38 2.50 46.10
C HIS T 360 -119.10 2.35 47.43
N MET T 361 -120.18 3.10 47.62
CA MET T 361 -120.96 2.96 48.83
C MET T 361 -121.64 1.60 48.90
N LEU T 362 -122.08 1.05 47.77
CA LEU T 362 -122.78 -0.21 47.76
C LEU T 362 -121.82 -1.37 48.00
N LEU T 363 -120.64 -1.32 47.35
CA LEU T 363 -119.55 -2.24 47.66
C LEU T 363 -119.18 -2.17 49.12
N GLU T 364 -119.16 -0.96 49.69
CA GLU T 364 -118.82 -0.81 51.10
C GLU T 364 -119.88 -1.44 51.99
N PHE T 365 -121.15 -1.30 51.60
CA PHE T 365 -122.23 -1.86 52.40
C PHE T 365 -122.22 -3.37 52.39
N VAL T 366 -122.01 -3.97 51.22
CA VAL T 366 -121.96 -5.43 51.19
C VAL T 366 -120.65 -5.95 51.75
N LEU T 367 -119.60 -5.16 51.70
CA LEU T 367 -118.29 -5.63 52.10
C LEU T 367 -118.08 -5.51 53.59
N ASP T 368 -118.76 -4.59 54.26
CA ASP T 368 -118.59 -4.47 55.69
C ASP T 368 -119.28 -5.58 56.45
N ASN T 369 -120.36 -6.13 55.91
CA ASN T 369 -121.13 -7.12 56.66
C ASN T 369 -120.51 -8.51 56.67
N LEU T 370 -119.24 -8.66 56.31
CA LEU T 370 -118.63 -9.97 56.29
C LEU T 370 -118.35 -10.45 57.70
N TYR T 371 -119.33 -11.10 58.31
CA TYR T 371 -119.16 -11.62 59.66
C TYR T 371 -119.86 -12.97 59.77
N LEU T 372 -119.77 -13.54 60.95
CA LEU T 372 -120.35 -14.83 61.29
C LEU T 372 -121.36 -14.59 62.42
N ASN T 373 -121.82 -15.68 63.02
CA ASN T 373 -122.96 -15.58 63.93
C ASN T 373 -122.69 -16.39 65.19
N ARG T 374 -122.89 -15.76 66.34
CA ARG T 374 -122.58 -16.37 67.62
C ARG T 374 -123.78 -17.07 68.22
N HIS T 375 -123.52 -18.17 68.91
CA HIS T 375 -124.51 -18.80 69.78
C HIS T 375 -124.24 -18.31 71.19
N THR T 376 -125.05 -17.35 71.64
CA THR T 376 -124.72 -16.61 72.85
C THR T 376 -125.54 -17.04 74.07
N GLY T 377 -126.55 -17.88 73.91
CA GLY T 377 -127.32 -18.36 75.04
C GLY T 377 -128.73 -17.80 75.05
N PHE T 378 -129.56 -18.42 75.88
CA PHE T 378 -130.98 -18.13 75.90
C PHE T 378 -131.49 -18.08 77.32
N SER T 379 -132.78 -17.76 77.45
CA SER T 379 -133.46 -17.73 78.73
C SER T 379 -134.94 -17.91 78.48
N GLN T 380 -135.54 -18.89 79.15
CA GLN T 380 -136.94 -19.21 78.92
C GLN T 380 -137.83 -18.13 79.53
N ASP T 381 -138.91 -17.81 78.82
CA ASP T 381 -139.82 -16.75 79.22
C ASP T 381 -141.16 -17.34 79.63
N HIS T 382 -141.88 -16.58 80.45
CA HIS T 382 -143.26 -16.89 80.79
C HIS T 382 -144.11 -15.63 80.81
N THR T 383 -143.72 -14.64 80.01
CA THR T 383 -144.59 -13.52 79.69
C THR T 383 -145.86 -14.06 79.06
N PRO T 384 -147.04 -13.54 79.42
CA PRO T 384 -148.30 -14.10 78.90
C PRO T 384 -148.52 -13.91 77.40
N PHE T 385 -147.64 -13.22 76.69
CA PHE T 385 -147.73 -13.12 75.24
C PHE T 385 -146.59 -13.85 74.53
N THR T 386 -145.77 -14.59 75.27
CA THR T 386 -144.74 -15.43 74.69
C THR T 386 -144.54 -16.60 75.66
N GLU T 387 -145.17 -17.73 75.36
CA GLU T 387 -145.23 -18.83 76.30
C GLU T 387 -144.08 -19.79 76.05
N GLY T 388 -143.14 -19.84 77.00
CA GLY T 388 -142.12 -20.88 77.01
C GLY T 388 -141.08 -20.82 75.93
N ALA T 389 -141.07 -19.78 75.10
CA ALA T 389 -140.08 -19.71 74.04
C ALA T 389 -138.74 -19.24 74.59
N ASN T 390 -137.68 -19.65 73.91
CA ASN T 390 -136.35 -19.18 74.26
C ASN T 390 -136.08 -17.85 73.57
N LEU T 391 -135.69 -16.86 74.36
CA LEU T 391 -135.31 -15.57 73.84
C LEU T 391 -133.80 -15.43 73.93
N ARG T 392 -133.20 -14.75 72.96
CA ARG T 392 -131.76 -14.62 72.95
C ARG T 392 -131.31 -13.61 73.99
N SER T 393 -130.21 -13.92 74.67
CA SER T 393 -129.67 -13.10 75.74
C SER T 393 -128.37 -12.45 75.26
N LEU T 394 -128.43 -11.15 75.01
CA LEU T 394 -127.29 -10.42 74.46
C LEU T 394 -126.15 -10.35 75.47
N PRO T 395 -124.90 -10.39 75.00
CA PRO T 395 -123.76 -10.17 75.91
C PRO T 395 -123.59 -8.70 76.30
N GLY T 396 -124.36 -8.28 77.28
CA GLY T 396 -124.30 -6.93 77.77
C GLY T 396 -124.59 -6.85 79.25
N PRO T 397 -125.01 -5.66 79.72
CA PRO T 397 -125.47 -5.55 81.11
C PRO T 397 -126.75 -6.32 81.37
N ASP T 398 -127.76 -6.12 80.52
CA ASP T 398 -128.95 -6.95 80.50
C ASP T 398 -129.52 -6.95 79.09
N ALA T 399 -130.40 -7.91 78.84
CA ALA T 399 -131.14 -7.92 77.58
C ALA T 399 -132.45 -7.16 77.70
N GLU T 400 -132.75 -6.63 78.88
CA GLU T 400 -134.03 -5.98 79.12
C GLU T 400 -134.16 -4.64 78.40
N LYS T 401 -133.05 -4.06 77.97
CA LYS T 401 -133.10 -2.96 77.03
C LYS T 401 -133.04 -3.43 75.58
N TRP T 402 -133.28 -4.72 75.33
CA TRP T 402 -133.23 -5.21 73.96
C TRP T 402 -134.36 -6.13 73.57
N TYR T 403 -135.12 -6.69 74.52
CA TYR T 403 -136.10 -7.73 74.19
C TYR T 403 -137.19 -7.21 73.26
N SER T 404 -137.63 -5.98 73.47
CA SER T 404 -138.64 -5.40 72.61
C SER T 404 -138.10 -5.17 71.21
N ILE T 405 -136.81 -4.89 71.08
CA ILE T 405 -136.22 -4.73 69.75
C ILE T 405 -136.08 -6.09 69.07
N MET T 406 -135.68 -7.11 69.84
CA MET T 406 -135.48 -8.44 69.29
C MET T 406 -136.79 -9.08 68.85
N TYR T 407 -137.85 -8.92 69.65
CA TYR T 407 -139.10 -9.64 69.45
C TYR T 407 -140.26 -8.68 69.61
N PRO T 408 -140.82 -8.17 68.51
CA PRO T 408 -141.87 -7.16 68.62
C PRO T 408 -143.19 -7.70 69.10
N THR T 409 -143.42 -9.00 69.01
CA THR T 409 -144.68 -9.55 69.46
C THR T 409 -144.67 -9.90 70.93
N ARG T 410 -143.64 -9.50 71.68
CA ARG T 410 -143.69 -9.68 73.13
C ARG T 410 -144.73 -8.75 73.75
N MET T 411 -144.85 -7.54 73.21
CA MET T 411 -145.95 -6.66 73.58
C MET T 411 -147.28 -7.26 73.17
N GLY T 412 -148.22 -7.29 74.10
CA GLY T 412 -149.56 -7.73 73.77
C GLY T 412 -150.41 -6.65 73.14
N THR T 413 -151.67 -6.55 73.58
CA THR T 413 -152.62 -5.57 73.08
C THR T 413 -153.05 -4.69 74.23
N PRO T 414 -152.30 -3.63 74.55
CA PRO T 414 -152.71 -2.75 75.65
C PRO T 414 -153.90 -1.88 75.32
N ASN T 415 -153.94 -1.28 74.14
CA ASN T 415 -155.06 -0.40 73.80
C ASN T 415 -155.30 -0.49 72.29
N VAL T 416 -156.01 0.50 71.75
CA VAL T 416 -156.26 0.60 70.32
C VAL T 416 -155.20 1.51 69.73
N SER T 417 -154.29 0.93 68.96
CA SER T 417 -153.26 1.73 68.30
C SER T 417 -152.78 0.97 67.07
N LYS T 418 -151.93 1.63 66.29
CA LYS T 418 -151.45 1.02 65.05
C LYS T 418 -150.49 -0.12 65.32
N ILE T 419 -149.56 0.08 66.24
CA ILE T 419 -148.65 -0.99 66.66
C ILE T 419 -149.46 -2.11 67.31
N CYS T 420 -150.46 -1.76 68.09
CA CYS T 420 -151.22 -2.74 68.86
C CYS T 420 -152.06 -3.63 67.96
N ASN T 421 -152.78 -3.04 67.01
CA ASN T 421 -153.56 -3.92 66.14
C ASN T 421 -152.71 -4.54 65.05
N PHE T 422 -151.50 -4.02 64.79
CA PHE T 422 -150.56 -4.77 63.97
C PHE T 422 -150.15 -6.07 64.64
N VAL T 423 -149.81 -6.00 65.93
CA VAL T 423 -149.47 -7.20 66.68
C VAL T 423 -150.69 -8.11 66.84
N ALA T 424 -151.88 -7.52 66.95
CA ALA T 424 -153.09 -8.32 67.02
C ALA T 424 -153.38 -9.06 65.72
N SER T 425 -153.05 -8.45 64.58
CA SER T 425 -153.14 -9.17 63.32
C SER T 425 -152.04 -10.20 63.19
N CYS T 426 -150.89 -9.96 63.82
CA CYS T 426 -149.73 -10.84 63.73
C CYS T 426 -149.99 -12.20 64.39
N VAL T 427 -149.07 -13.13 64.17
CA VAL T 427 -149.19 -14.49 64.67
C VAL T 427 -148.37 -14.65 65.94
N ARG T 428 -148.55 -15.78 66.62
CA ARG T 428 -148.03 -15.97 67.96
C ARG T 428 -146.91 -17.00 68.06
N ASN T 429 -147.10 -18.22 67.56
CA ASN T 429 -146.26 -19.33 67.96
C ASN T 429 -144.86 -19.33 67.35
N ARG T 430 -144.61 -18.51 66.33
CA ARG T 430 -143.32 -18.53 65.65
C ARG T 430 -142.19 -17.98 66.52
N VAL T 431 -142.51 -17.15 67.51
CA VAL T 431 -141.55 -16.28 68.20
C VAL T 431 -140.47 -17.10 68.91
N GLY T 432 -139.23 -16.62 68.82
CA GLY T 432 -138.17 -17.19 69.62
C GLY T 432 -137.21 -18.09 68.89
N ARG T 433 -136.91 -19.25 69.48
CA ARG T 433 -135.90 -20.17 68.99
C ARG T 433 -136.56 -21.33 68.25
N PHE T 434 -136.14 -21.55 67.01
CA PHE T 434 -136.82 -22.51 66.15
C PHE T 434 -136.25 -23.92 66.30
N ASP T 435 -134.97 -24.10 66.01
CA ASP T 435 -134.39 -25.44 66.03
C ASP T 435 -132.91 -25.38 66.31
N ARG T 436 -132.44 -26.31 67.12
CA ARG T 436 -131.06 -26.35 67.55
C ARG T 436 -130.33 -27.52 66.90
N ALA T 437 -129.08 -27.72 67.30
CA ALA T 437 -128.30 -28.85 66.82
C ALA T 437 -128.75 -30.13 67.50
N GLN T 438 -128.12 -31.24 67.13
CA GLN T 438 -128.30 -32.49 67.86
C GLN T 438 -126.99 -33.05 68.35
N MET T 439 -125.87 -32.41 68.07
CA MET T 439 -124.61 -32.69 68.74
C MET T 439 -124.16 -31.40 69.43
N MET T 440 -123.56 -31.56 70.60
CA MET T 440 -123.24 -30.42 71.45
C MET T 440 -122.26 -30.87 72.49
N ASN T 441 -121.63 -29.90 73.16
CA ASN T 441 -120.86 -30.19 74.36
C ASN T 441 -121.61 -29.70 75.58
N GLY T 442 -121.61 -30.52 76.63
CA GLY T 442 -122.30 -30.20 77.85
C GLY T 442 -123.79 -30.09 77.67
N ALA T 443 -124.28 -28.85 77.70
CA ALA T 443 -125.67 -28.55 77.38
C ALA T 443 -125.78 -27.31 76.51
N MET T 444 -124.73 -26.94 75.79
CA MET T 444 -124.74 -25.79 74.91
C MET T 444 -124.63 -26.26 73.47
N SER T 445 -125.67 -26.01 72.69
CA SER T 445 -125.75 -26.50 71.32
C SER T 445 -124.73 -25.82 70.42
N GLU T 446 -124.38 -26.50 69.33
CA GLU T 446 -123.40 -25.95 68.40
C GLU T 446 -124.02 -24.90 67.50
N TRP T 447 -125.03 -25.28 66.72
CA TRP T 447 -125.73 -24.35 65.85
C TRP T 447 -127.19 -24.29 66.26
N VAL T 448 -127.86 -23.22 65.81
CA VAL T 448 -129.26 -23.02 66.13
C VAL T 448 -129.82 -22.08 65.08
N ASP T 449 -131.15 -22.02 64.97
CA ASP T 449 -131.76 -20.93 64.23
C ASP T 449 -132.87 -20.31 65.05
N VAL T 450 -132.96 -18.99 65.00
CA VAL T 450 -133.96 -18.23 65.72
C VAL T 450 -134.60 -17.26 64.74
N PHE T 451 -135.58 -16.52 65.23
CA PHE T 451 -136.27 -15.51 64.43
C PHE T 451 -135.92 -14.16 65.04
N GLU T 452 -134.90 -13.51 64.52
CA GLU T 452 -134.55 -12.17 64.98
C GLU T 452 -135.08 -11.14 64.01
N THR T 453 -135.37 -9.95 64.52
CA THR T 453 -135.57 -8.80 63.65
C THR T 453 -134.26 -8.49 62.97
N SER T 454 -134.17 -8.80 61.68
CA SER T 454 -132.89 -8.75 61.00
C SER T 454 -133.11 -8.59 59.52
N ASP T 455 -132.11 -8.03 58.85
CA ASP T 455 -132.18 -7.79 57.42
C ASP T 455 -132.07 -9.12 56.66
N ALA T 456 -133.06 -9.40 55.80
CA ALA T 456 -133.00 -10.58 54.96
C ALA T 456 -131.84 -10.51 53.99
N LEU T 457 -131.56 -9.30 53.49
CA LEU T 457 -130.39 -9.05 52.66
C LEU T 457 -129.10 -9.42 53.38
N THR T 458 -129.00 -9.02 54.65
CA THR T 458 -127.77 -9.26 55.38
C THR T 458 -127.63 -10.73 55.78
N VAL T 459 -128.74 -11.39 56.11
CA VAL T 459 -128.61 -12.81 56.42
C VAL T 459 -128.31 -13.59 55.16
N SER T 460 -128.75 -13.11 54.00
CA SER T 460 -128.39 -13.76 52.75
C SER T 460 -126.91 -13.61 52.46
N ILE T 461 -126.39 -12.40 52.66
CA ILE T 461 -124.96 -12.15 52.43
C ILE T 461 -124.10 -12.99 53.35
N ARG T 462 -124.46 -13.03 54.64
CA ARG T 462 -123.63 -13.78 55.57
C ARG T 462 -123.80 -15.27 55.39
N GLY T 463 -124.95 -15.74 54.91
CA GLY T 463 -125.08 -17.14 54.57
C GLY T 463 -124.23 -17.52 53.37
N ARG T 464 -124.16 -16.65 52.37
CA ARG T 464 -123.34 -16.95 51.22
C ARG T 464 -121.85 -16.87 51.56
N TRP T 465 -121.50 -15.97 52.48
CA TRP T 465 -120.13 -15.93 52.97
C TRP T 465 -119.80 -17.17 53.77
N MET T 466 -120.77 -17.69 54.52
CA MET T 466 -120.59 -18.94 55.24
C MET T 466 -120.39 -20.11 54.30
N ALA T 467 -121.10 -20.10 53.16
CA ALA T 467 -120.93 -21.16 52.18
C ALA T 467 -119.57 -21.10 51.51
N ARG T 468 -119.13 -19.89 51.13
CA ARG T 468 -117.81 -19.72 50.53
C ARG T 468 -116.71 -20.07 51.52
N LEU T 469 -116.94 -19.82 52.79
CA LEU T 469 -115.99 -20.23 53.81
C LEU T 469 -115.95 -21.74 53.97
N ALA T 470 -117.12 -22.37 54.03
CA ALA T 470 -117.21 -23.80 54.29
C ALA T 470 -116.76 -24.63 53.10
N ARG T 471 -116.66 -24.05 51.91
CA ARG T 471 -116.05 -24.76 50.80
C ARG T 471 -114.56 -25.04 51.02
N MET T 472 -113.87 -24.29 51.87
CA MET T 472 -112.42 -24.31 51.89
C MET T 472 -111.77 -25.12 53.01
N ASN T 473 -112.54 -25.78 53.87
CA ASN T 473 -111.88 -26.39 55.02
C ASN T 473 -111.24 -27.72 54.64
N ILE T 474 -110.28 -28.14 55.48
CA ILE T 474 -109.64 -29.44 55.36
C ILE T 474 -109.61 -30.07 56.75
N ASN T 475 -109.27 -31.35 56.78
CA ASN T 475 -108.93 -32.00 58.04
C ASN T 475 -107.42 -32.15 58.16
N PRO T 476 -106.89 -32.33 59.36
CA PRO T 476 -105.43 -32.52 59.49
C PRO T 476 -104.89 -33.82 58.90
N THR T 477 -105.73 -34.76 58.49
CA THR T 477 -105.24 -35.90 57.72
C THR T 477 -104.65 -35.43 56.39
N GLU T 478 -105.29 -34.43 55.78
CA GLU T 478 -104.76 -33.89 54.54
C GLU T 478 -103.51 -33.06 54.78
N ILE T 479 -103.39 -32.42 55.94
CA ILE T 479 -102.15 -31.69 56.18
C ILE T 479 -101.02 -32.66 56.47
N GLU T 480 -101.34 -33.85 57.01
CA GLU T 480 -100.32 -34.87 57.21
C GLU T 480 -99.85 -35.43 55.89
N TRP T 481 -100.79 -35.76 54.99
CA TRP T 481 -100.44 -36.20 53.65
C TRP T 481 -99.62 -35.15 52.92
N ALA T 482 -100.01 -33.88 53.07
CA ALA T 482 -99.35 -32.80 52.34
C ALA T 482 -97.92 -32.63 52.80
N LEU T 483 -97.71 -32.52 54.11
CA LEU T 483 -96.35 -32.32 54.60
C LEU T 483 -95.49 -33.56 54.39
N THR T 484 -96.11 -34.75 54.47
CA THR T 484 -95.37 -35.98 54.24
C THR T 484 -94.86 -36.07 52.81
N GLU T 485 -95.70 -35.72 51.84
CA GLU T 485 -95.26 -35.79 50.46
C GLU T 485 -94.31 -34.63 50.12
N CYS T 486 -94.51 -33.45 50.72
CA CYS T 486 -93.60 -32.35 50.46
C CYS T 486 -92.24 -32.54 51.11
N ALA T 487 -92.14 -33.39 52.13
CA ALA T 487 -90.85 -33.62 52.76
C ALA T 487 -89.98 -34.62 52.02
N GLN T 488 -90.41 -35.08 50.84
CA GLN T 488 -89.67 -35.99 49.97
C GLN T 488 -89.32 -37.31 50.66
N GLY T 489 -90.16 -37.74 51.61
CA GLY T 489 -89.98 -39.00 52.27
C GLY T 489 -88.83 -39.06 53.26
N TYR T 490 -88.07 -37.99 53.44
CA TYR T 490 -86.96 -38.05 54.37
C TYR T 490 -87.43 -37.98 55.81
N VAL T 491 -88.60 -37.40 56.05
CA VAL T 491 -89.12 -37.25 57.39
C VAL T 491 -90.63 -37.15 57.27
N THR T 492 -91.34 -37.66 58.28
CA THR T 492 -92.78 -37.77 58.20
C THR T 492 -93.43 -37.04 59.37
N VAL T 493 -94.65 -36.60 59.15
CA VAL T 493 -95.40 -35.85 60.15
C VAL T 493 -96.59 -36.68 60.59
N THR T 494 -97.25 -36.21 61.64
CA THR T 494 -98.55 -36.73 62.03
C THR T 494 -99.31 -35.63 62.75
N SER T 495 -100.62 -35.75 62.76
CA SER T 495 -101.50 -34.76 63.38
C SER T 495 -102.70 -35.49 63.97
N PRO T 496 -102.58 -35.98 65.20
CA PRO T 496 -103.70 -36.66 65.84
C PRO T 496 -104.76 -35.64 66.24
N TYR T 497 -106.00 -36.12 66.30
CA TYR T 497 -107.14 -35.23 66.53
C TYR T 497 -108.33 -36.06 66.93
N ALA T 498 -109.12 -35.52 67.85
CA ALA T 498 -110.38 -36.16 68.20
C ALA T 498 -111.37 -35.94 67.08
N PRO T 499 -112.29 -36.88 66.89
CA PRO T 499 -113.35 -36.64 65.90
C PRO T 499 -114.33 -35.58 66.36
N SER T 500 -114.21 -34.39 65.76
CA SER T 500 -115.11 -33.28 65.95
C SER T 500 -115.69 -32.87 64.60
N VAL T 501 -116.72 -32.04 64.65
CA VAL T 501 -117.46 -31.65 63.46
C VAL T 501 -117.17 -30.22 63.04
N ASN T 502 -117.36 -29.27 63.95
CA ASN T 502 -117.38 -27.87 63.57
C ASN T 502 -116.00 -27.21 63.55
N ARG T 503 -114.92 -27.99 63.51
CA ARG T 503 -113.62 -27.41 63.31
C ARG T 503 -113.50 -26.87 61.90
N LEU T 504 -112.64 -25.88 61.72
CA LEU T 504 -112.65 -25.10 60.49
C LEU T 504 -111.26 -24.53 60.25
N MET T 505 -110.76 -24.72 59.04
CA MET T 505 -109.45 -24.21 58.64
C MET T 505 -109.48 -23.96 57.14
N PRO T 506 -109.94 -22.79 56.73
CA PRO T 506 -110.28 -22.59 55.31
C PRO T 506 -109.06 -22.39 54.45
N TYR T 507 -108.64 -23.46 53.79
CA TYR T 507 -107.30 -23.47 53.22
C TYR T 507 -107.33 -23.88 51.75
N ARG T 508 -108.32 -24.66 51.35
CA ARG T 508 -108.31 -25.26 50.01
C ARG T 508 -108.64 -24.22 48.95
N ILE T 509 -107.80 -24.17 47.91
CA ILE T 509 -107.94 -23.23 46.81
C ILE T 509 -108.09 -24.01 45.52
N SER T 510 -108.21 -23.30 44.39
CA SER T 510 -108.12 -23.89 43.07
C SER T 510 -106.72 -23.69 42.52
N ASN T 511 -106.45 -24.34 41.38
CA ASN T 511 -105.19 -24.08 40.70
C ASN T 511 -105.17 -22.67 40.13
N ALA T 512 -106.31 -22.23 39.63
CA ALA T 512 -106.37 -21.02 38.81
C ALA T 512 -106.12 -19.78 39.63
N GLU T 513 -106.53 -19.78 40.90
CA GLU T 513 -106.28 -18.57 41.65
C GLU T 513 -104.85 -18.52 42.17
N ARG T 514 -104.19 -19.67 42.35
CA ARG T 514 -102.75 -19.64 42.59
C ARG T 514 -102.05 -19.10 41.35
N GLN T 515 -102.59 -19.41 40.16
CA GLN T 515 -102.04 -18.85 38.93
C GLN T 515 -102.23 -17.35 38.86
N ILE T 516 -103.43 -16.85 39.20
CA ILE T 516 -103.73 -15.42 39.12
C ILE T 516 -102.85 -14.63 40.09
N SER T 517 -102.64 -15.16 41.29
CA SER T 517 -101.78 -14.48 42.25
C SER T 517 -100.33 -14.50 41.79
N GLN T 518 -99.91 -15.57 41.11
CA GLN T 518 -98.58 -15.59 40.51
C GLN T 518 -98.46 -14.51 39.43
N ILE T 519 -99.54 -14.27 38.69
CA ILE T 519 -99.52 -13.23 37.66
C ILE T 519 -99.40 -11.85 38.29
N ILE T 520 -100.09 -11.64 39.41
CA ILE T 520 -100.02 -10.35 40.10
C ILE T 520 -98.62 -10.10 40.62
N ARG T 521 -97.95 -11.15 41.10
CA ARG T 521 -96.61 -10.97 41.64
C ARG T 521 -95.57 -10.73 40.54
N VAL T 522 -95.70 -11.45 39.42
CA VAL T 522 -94.78 -11.19 38.31
C VAL T 522 -95.08 -9.83 37.66
N MET T 523 -96.30 -9.32 37.81
CA MET T 523 -96.58 -7.97 37.37
C MET T 523 -95.97 -6.95 38.34
N ASN T 524 -95.90 -7.29 39.62
CA ASN T 524 -95.26 -6.43 40.60
C ASN T 524 -93.76 -6.31 40.36
N ILE T 525 -93.15 -7.37 39.82
CA ILE T 525 -91.70 -7.38 39.61
C ILE T 525 -91.27 -6.24 38.68
N GLY T 526 -91.86 -6.16 37.49
CA GLY T 526 -91.98 -4.92 36.73
C GLY T 526 -90.68 -4.22 36.37
N ASN T 527 -89.62 -4.98 36.11
CA ASN T 527 -88.26 -4.48 35.86
C ASN T 527 -87.78 -3.57 36.99
N ASN T 528 -87.71 -4.17 38.17
CA ASN T 528 -87.13 -3.54 39.35
C ASN T 528 -86.27 -4.58 40.02
N ALA T 529 -84.96 -4.42 39.95
CA ALA T 529 -84.07 -5.41 40.55
C ALA T 529 -84.06 -5.33 42.06
N THR T 530 -84.48 -4.18 42.62
CA THR T 530 -84.46 -4.00 44.06
C THR T 530 -85.51 -4.89 44.74
N VAL T 531 -86.62 -5.18 44.05
CA VAL T 531 -87.64 -6.00 44.69
C VAL T 531 -87.42 -7.49 44.48
N ILE T 532 -86.44 -7.88 43.67
CA ILE T 532 -86.13 -9.30 43.50
C ILE T 532 -84.81 -9.69 44.14
N GLN T 533 -83.91 -8.74 44.38
CA GLN T 533 -82.63 -9.03 45.03
C GLN T 533 -82.71 -9.70 46.41
N PRO T 534 -83.51 -9.24 47.38
CA PRO T 534 -83.48 -9.90 48.69
C PRO T 534 -84.06 -11.28 48.67
N VAL T 535 -84.91 -11.58 47.70
CA VAL T 535 -85.41 -12.93 47.51
C VAL T 535 -84.26 -13.87 47.18
N LEU T 536 -83.43 -13.49 46.20
CA LEU T 536 -82.30 -14.30 45.79
C LEU T 536 -81.28 -14.42 46.92
N GLN T 537 -81.07 -13.34 47.66
CA GLN T 537 -80.13 -13.40 48.77
C GLN T 537 -80.62 -14.31 49.89
N ASP T 538 -81.92 -14.27 50.19
CA ASP T 538 -82.46 -15.12 51.24
C ASP T 538 -82.41 -16.58 50.84
N ILE T 539 -82.65 -16.88 49.56
CA ILE T 539 -82.53 -18.26 49.09
C ILE T 539 -81.08 -18.72 49.18
N SER T 540 -80.14 -17.84 48.86
CA SER T 540 -78.72 -18.20 48.91
C SER T 540 -78.28 -18.50 50.33
N VAL T 541 -78.67 -17.65 51.28
CA VAL T 541 -78.25 -17.84 52.66
C VAL T 541 -78.94 -19.05 53.28
N LEU T 542 -80.20 -19.27 52.92
CA LEU T 542 -80.93 -20.43 53.42
C LEU T 542 -80.32 -21.73 52.91
N LEU T 543 -79.95 -21.77 51.64
CA LEU T 543 -79.29 -22.96 51.12
C LEU T 543 -77.88 -23.13 51.70
N GLN T 544 -77.22 -22.02 52.05
CA GLN T 544 -75.96 -22.12 52.79
C GLN T 544 -76.15 -22.84 54.10
N ARG T 545 -77.20 -22.49 54.83
CA ARG T 545 -77.38 -23.12 56.14
C ARG T 545 -77.88 -24.55 56.02
N ILE T 546 -78.59 -24.89 54.94
CA ILE T 546 -79.11 -26.24 54.81
C ILE T 546 -78.04 -27.20 54.33
N SER T 547 -77.28 -26.80 53.32
CA SER T 547 -76.55 -27.73 52.46
C SER T 547 -75.42 -28.42 53.22
N PRO T 548 -75.24 -29.73 53.04
CA PRO T 548 -74.11 -30.40 53.69
C PRO T 548 -72.79 -30.03 53.07
N LEU T 549 -72.79 -29.59 51.83
CA LEU T 549 -71.57 -29.28 51.12
C LEU T 549 -70.92 -28.02 51.67
N GLN T 550 -69.66 -28.13 52.08
CA GLN T 550 -68.85 -26.99 52.42
C GLN T 550 -67.67 -26.92 51.47
N ILE T 551 -67.15 -25.72 51.27
CA ILE T 551 -66.21 -25.42 50.20
C ILE T 551 -64.93 -24.88 50.81
N ASP T 552 -63.80 -25.51 50.51
CA ASP T 552 -62.54 -24.94 50.93
C ASP T 552 -61.61 -24.78 49.75
N PRO T 553 -60.70 -23.81 49.79
CA PRO T 553 -59.66 -23.72 48.76
C PRO T 553 -58.44 -24.57 49.04
N THR T 554 -58.45 -25.31 50.15
CA THR T 554 -57.27 -26.05 50.55
C THR T 554 -56.99 -27.23 49.63
N ILE T 555 -58.00 -27.73 48.92
CA ILE T 555 -57.79 -28.79 47.94
C ILE T 555 -56.88 -28.30 46.82
N ILE T 556 -57.18 -27.14 46.26
CA ILE T 556 -56.29 -26.50 45.30
C ILE T 556 -54.95 -26.21 45.94
N SER T 557 -54.97 -25.72 47.19
CA SER T 557 -53.77 -25.21 47.84
C SER T 557 -52.74 -26.31 48.09
N ASN T 558 -53.19 -27.51 48.43
CA ASN T 558 -52.23 -28.59 48.60
C ASN T 558 -52.08 -29.44 47.35
N THR T 559 -52.97 -29.31 46.38
CA THR T 559 -52.85 -30.14 45.19
C THR T 559 -51.88 -29.55 44.19
N MET T 560 -51.89 -28.23 44.02
CA MET T 560 -51.21 -27.64 42.87
C MET T 560 -49.69 -27.64 42.97
N SER T 561 -49.13 -26.90 43.92
CA SER T 561 -47.70 -26.65 43.92
C SER T 561 -47.28 -26.14 45.28
N THR T 562 -45.98 -25.86 45.41
CA THR T 562 -45.39 -25.32 46.62
C THR T 562 -44.62 -24.02 46.42
N VAL T 563 -44.24 -23.69 45.19
CA VAL T 563 -43.34 -22.58 44.83
C VAL T 563 -42.03 -22.64 45.61
N GLN T 569 -40.17 -13.98 34.52
CA GLN T 569 -39.48 -14.61 35.62
C GLN T 569 -40.09 -16.01 35.85
N THR T 570 -39.85 -16.88 34.87
CA THR T 570 -40.20 -18.31 34.88
C THR T 570 -41.66 -18.55 35.27
N LEU T 571 -42.56 -18.10 34.40
CA LEU T 571 -43.98 -18.09 34.72
C LEU T 571 -44.54 -19.50 34.76
N SER T 572 -44.54 -20.11 35.94
CA SER T 572 -45.06 -21.45 36.09
C SER T 572 -46.57 -21.45 35.93
N PRO T 573 -47.13 -22.41 35.20
CA PRO T 573 -48.58 -22.42 34.97
C PRO T 573 -49.37 -22.70 36.22
N ALA T 574 -48.83 -23.53 37.12
CA ALA T 574 -49.49 -23.79 38.38
C ALA T 574 -49.54 -22.54 39.25
N SER T 575 -48.44 -21.79 39.29
CA SER T 575 -48.43 -20.52 40.03
C SER T 575 -49.34 -19.49 39.38
N SER T 576 -49.43 -19.51 38.05
CA SER T 576 -50.29 -18.57 37.34
C SER T 576 -51.75 -18.83 37.64
N ILE T 577 -52.16 -20.10 37.61
CA ILE T 577 -53.54 -20.39 37.95
C ILE T 577 -53.78 -20.28 39.45
N LEU T 578 -52.73 -20.37 40.27
CA LEU T 578 -52.90 -20.12 41.70
C LEU T 578 -53.23 -18.65 41.95
N GLY T 579 -52.47 -17.75 41.35
CA GLY T 579 -52.79 -16.34 41.41
C GLY T 579 -54.06 -15.97 40.69
N LYS T 580 -54.49 -16.77 39.73
CA LYS T 580 -55.73 -16.44 39.03
C LYS T 580 -56.94 -16.88 39.82
N LEU T 581 -56.89 -18.07 40.41
CA LEU T 581 -58.00 -18.57 41.19
C LEU T 581 -58.13 -17.83 42.52
N ARG T 582 -57.01 -17.30 43.05
CA ARG T 582 -56.95 -16.54 44.30
C ARG T 582 -57.57 -17.31 45.45
N PRO T 583 -56.93 -18.37 45.95
CA PRO T 583 -57.56 -19.19 46.98
C PRO T 583 -57.64 -18.52 48.33
N SER T 584 -56.93 -17.40 48.53
CA SER T 584 -57.06 -16.65 49.78
C SER T 584 -58.45 -16.05 49.93
N ASN T 585 -59.12 -15.76 48.82
CA ASN T 585 -60.52 -15.36 48.88
C ASN T 585 -61.38 -16.56 49.25
N SER T 586 -62.37 -16.31 50.11
CA SER T 586 -63.38 -17.30 50.48
C SER T 586 -64.72 -16.56 50.45
N ASP T 587 -65.34 -16.52 49.29
CA ASP T 587 -66.61 -15.82 49.12
C ASP T 587 -67.38 -16.54 48.02
N PHE T 588 -68.55 -17.07 48.36
CA PHE T 588 -69.27 -17.94 47.46
C PHE T 588 -70.74 -17.58 47.42
N SER T 589 -71.03 -16.28 47.28
CA SER T 589 -72.40 -15.84 47.12
C SER T 589 -72.91 -16.16 45.72
N SER T 590 -72.08 -15.92 44.70
CA SER T 590 -72.51 -16.01 43.31
C SER T 590 -72.84 -17.45 42.92
N PHE T 591 -72.19 -18.42 43.56
CA PHE T 591 -72.48 -19.82 43.30
C PHE T 591 -73.91 -20.16 43.67
N ARG T 592 -74.33 -19.78 44.86
CA ARG T 592 -75.70 -20.07 45.26
C ARG T 592 -76.73 -19.15 44.63
N VAL T 593 -76.32 -17.96 44.17
CA VAL T 593 -77.23 -17.16 43.36
C VAL T 593 -77.50 -17.85 42.03
N ALA T 594 -76.45 -18.40 41.41
CA ALA T 594 -76.61 -19.19 40.20
C ALA T 594 -77.41 -20.46 40.46
N LEU T 595 -77.29 -21.02 41.65
CA LEU T 595 -78.12 -22.16 42.01
C LEU T 595 -79.58 -21.76 42.11
N ALA T 596 -79.85 -20.61 42.73
CA ALA T 596 -81.23 -20.17 42.94
C ALA T 596 -81.89 -19.69 41.67
N GLY T 597 -81.11 -19.30 40.66
CA GLY T 597 -81.68 -18.83 39.41
C GLY T 597 -82.47 -19.87 38.63
N TRP T 598 -82.23 -21.15 38.93
CA TRP T 598 -82.92 -22.23 38.24
C TRP T 598 -84.41 -22.23 38.54
N LEU T 599 -84.78 -21.78 39.73
CA LEU T 599 -86.20 -21.65 40.05
C LEU T 599 -86.82 -20.47 39.34
N TYR T 600 -86.10 -19.36 39.25
CA TYR T 600 -86.66 -18.11 38.78
C TYR T 600 -86.07 -17.73 37.43
N ASN T 601 -85.91 -18.73 36.56
CA ASN T 601 -85.72 -18.55 35.12
C ASN T 601 -86.56 -17.43 34.54
N GLY T 602 -87.88 -17.48 34.76
CA GLY T 602 -88.79 -16.70 33.96
C GLY T 602 -88.79 -15.21 34.24
N VAL T 603 -88.20 -14.79 35.35
CA VAL T 603 -88.15 -13.38 35.68
C VAL T 603 -86.73 -12.82 35.64
N VAL T 604 -85.73 -13.61 35.98
CA VAL T 604 -84.36 -13.12 36.06
C VAL T 604 -83.49 -14.16 35.38
N THR T 605 -82.46 -13.70 34.69
CA THR T 605 -81.53 -14.60 34.03
C THR T 605 -80.16 -14.42 34.63
N THR T 606 -79.31 -15.43 34.45
CA THR T 606 -77.97 -15.44 35.00
C THR T 606 -76.99 -15.42 33.84
N VAL T 607 -76.26 -14.33 33.70
CA VAL T 607 -75.27 -14.18 32.65
C VAL T 607 -73.94 -13.83 33.32
N ILE T 608 -72.86 -14.27 32.75
CA ILE T 608 -71.56 -14.06 33.37
C ILE T 608 -71.02 -12.69 32.97
N ASP T 609 -70.40 -11.99 33.93
CA ASP T 609 -69.83 -10.66 33.77
C ASP T 609 -68.82 -10.62 32.63
N ASP T 610 -68.75 -9.45 31.97
CA ASP T 610 -67.78 -9.31 30.90
C ASP T 610 -66.35 -9.18 31.41
N SER T 611 -66.19 -8.79 32.68
CA SER T 611 -64.86 -8.78 33.28
C SER T 611 -64.31 -10.19 33.44
N SER T 612 -65.18 -11.18 33.58
CA SER T 612 -64.76 -12.57 33.63
C SER T 612 -64.30 -13.08 32.26
N TYR T 613 -64.70 -12.42 31.18
CA TYR T 613 -64.21 -12.76 29.86
C TYR T 613 -62.75 -12.32 29.75
N PRO T 614 -61.97 -12.91 28.84
CA PRO T 614 -60.55 -12.55 28.75
C PRO T 614 -60.37 -11.13 28.28
N LYS T 615 -59.20 -10.57 28.63
CA LYS T 615 -58.90 -9.19 28.33
C LYS T 615 -58.77 -8.99 26.84
N ASP T 616 -59.43 -7.94 26.33
CA ASP T 616 -59.50 -7.40 24.96
C ASP T 616 -59.39 -8.45 23.87
N GLY T 617 -60.21 -9.49 23.97
CA GLY T 617 -60.15 -10.60 23.06
C GLY T 617 -59.20 -11.68 23.53
N GLY T 618 -57.90 -11.42 23.43
CA GLY T 618 -56.90 -12.38 23.81
C GLY T 618 -56.36 -13.13 22.61
N SER T 619 -55.44 -14.04 22.91
CA SER T 619 -54.83 -14.88 21.89
C SER T 619 -54.37 -16.17 22.54
N VAL T 620 -54.32 -17.24 21.75
CA VAL T 620 -53.94 -18.55 22.28
C VAL T 620 -52.47 -18.62 22.63
N THR T 621 -51.66 -17.67 22.17
CA THR T 621 -50.29 -17.57 22.65
C THR T 621 -50.22 -17.17 24.12
N SER T 622 -51.24 -16.47 24.62
CA SER T 622 -51.20 -15.88 25.95
C SER T 622 -51.63 -16.91 26.99
N LEU T 623 -50.74 -17.17 27.94
CA LEU T 623 -50.92 -18.21 28.93
C LEU T 623 -52.08 -17.91 29.87
N GLU T 624 -52.10 -16.70 30.42
CA GLU T 624 -53.16 -16.33 31.34
C GLU T 624 -54.50 -16.21 30.63
N ASN T 625 -54.51 -15.92 29.34
CA ASN T 625 -55.78 -15.89 28.63
C ASN T 625 -56.28 -17.29 28.34
N LEU T 626 -55.37 -18.25 28.17
CA LEU T 626 -55.78 -19.64 28.14
C LEU T 626 -56.40 -20.06 29.46
N TRP T 627 -55.79 -19.60 30.57
CA TRP T 627 -56.37 -19.91 31.88
C TRP T 627 -57.74 -19.26 32.04
N ASP T 628 -57.92 -18.05 31.51
CA ASP T 628 -59.23 -17.41 31.60
C ASP T 628 -60.26 -18.16 30.76
N PHE T 629 -59.84 -18.73 29.64
CA PHE T 629 -60.75 -19.59 28.87
C PHE T 629 -61.13 -20.82 29.68
N PHE T 630 -60.18 -21.37 30.44
CA PHE T 630 -60.48 -22.53 31.30
C PHE T 630 -61.50 -22.17 32.37
N ILE T 631 -61.33 -20.99 32.98
CA ILE T 631 -62.25 -20.51 34.01
C ILE T 631 -63.65 -20.36 33.44
N LEU T 632 -63.76 -19.69 32.30
CA LEU T 632 -65.06 -19.44 31.71
C LEU T 632 -65.72 -20.74 31.23
N ALA T 633 -64.92 -21.65 30.67
CA ALA T 633 -65.49 -22.87 30.13
C ALA T 633 -65.96 -23.79 31.23
N LEU T 634 -65.31 -23.78 32.38
CA LEU T 634 -65.87 -24.55 33.49
C LEU T 634 -67.03 -23.83 34.16
N ALA T 635 -67.12 -22.51 34.05
CA ALA T 635 -68.18 -21.83 34.79
C ALA T 635 -69.49 -21.69 34.01
N LEU T 636 -69.44 -21.71 32.68
CA LEU T 636 -70.64 -21.46 31.88
C LEU T 636 -71.83 -22.41 32.04
N PRO T 637 -71.69 -23.74 32.14
CA PRO T 637 -72.90 -24.58 32.08
C PRO T 637 -73.83 -24.49 33.28
N LEU T 638 -73.51 -23.74 34.33
CA LEU T 638 -74.44 -23.62 35.43
C LEU T 638 -75.48 -22.53 35.24
N THR T 639 -75.24 -21.60 34.31
CA THR T 639 -76.07 -20.42 34.22
C THR T 639 -77.38 -20.72 33.49
N THR T 640 -78.34 -19.81 33.64
CA THR T 640 -79.66 -19.94 33.07
C THR T 640 -79.76 -19.33 31.68
N ASP T 641 -78.65 -18.91 31.12
CA ASP T 641 -78.65 -18.29 29.81
C ASP T 641 -78.73 -19.37 28.75
N PRO T 642 -79.69 -19.32 27.84
CA PRO T 642 -79.74 -20.34 26.79
C PRO T 642 -78.61 -20.25 25.79
N CYS T 643 -78.07 -19.06 25.52
CA CYS T 643 -77.01 -18.90 24.54
C CYS T 643 -75.62 -19.13 25.11
N ALA T 644 -75.52 -19.70 26.30
CA ALA T 644 -74.21 -20.04 26.88
C ALA T 644 -73.36 -21.02 26.05
N PRO T 645 -73.90 -22.04 25.35
CA PRO T 645 -73.02 -22.80 24.45
C PRO T 645 -72.49 -22.00 23.27
N VAL T 646 -73.30 -21.09 22.73
CA VAL T 646 -72.82 -20.22 21.67
C VAL T 646 -71.71 -19.32 22.20
N LYS T 647 -71.84 -18.86 23.44
CA LYS T 647 -70.78 -18.10 24.07
C LYS T 647 -69.52 -18.93 24.24
N ALA T 648 -69.69 -20.20 24.64
CA ALA T 648 -68.55 -21.09 24.85
C ALA T 648 -67.81 -21.37 23.55
N PHE T 649 -68.53 -21.48 22.45
CA PHE T 649 -67.86 -21.66 21.16
C PHE T 649 -67.20 -20.37 20.71
N MET T 650 -67.88 -19.24 20.86
CA MET T 650 -67.41 -18.02 20.25
C MET T 650 -66.24 -17.42 21.02
N THR T 651 -66.12 -17.66 22.33
CA THR T 651 -64.96 -17.13 23.01
C THR T 651 -63.70 -17.90 22.64
N LEU T 652 -63.83 -19.19 22.29
CA LEU T 652 -62.68 -19.90 21.76
C LEU T 652 -62.37 -19.42 20.35
N ALA T 653 -63.40 -19.08 19.57
CA ALA T 653 -63.18 -18.53 18.24
C ALA T 653 -62.43 -17.20 18.29
N ASN T 654 -62.83 -16.33 19.21
CA ASN T 654 -62.14 -15.06 19.40
C ASN T 654 -60.74 -15.25 19.94
N MET T 655 -60.55 -16.25 20.80
CA MET T 655 -59.21 -16.54 21.29
C MET T 655 -58.33 -17.09 20.18
N MET T 656 -58.93 -17.76 19.19
CA MET T 656 -58.20 -18.49 18.18
C MET T 656 -57.89 -17.64 16.95
N VAL T 657 -58.71 -16.62 16.67
CA VAL T 657 -58.79 -16.00 15.34
C VAL T 657 -57.47 -15.39 14.93
N GLY T 658 -57.05 -15.71 13.71
CA GLY T 658 -55.70 -15.44 13.22
C GLY T 658 -54.94 -16.71 12.86
N PHE T 659 -55.33 -17.84 13.45
CA PHE T 659 -54.68 -19.11 13.15
C PHE T 659 -55.59 -20.05 12.37
N GLU T 660 -56.81 -20.26 12.86
CA GLU T 660 -57.80 -21.10 12.20
C GLU T 660 -59.02 -20.25 11.88
N THR T 661 -59.46 -20.27 10.63
CA THR T 661 -60.59 -19.46 10.22
C THR T 661 -61.84 -20.32 10.10
N ILE T 662 -62.99 -19.69 10.32
CA ILE T 662 -64.28 -20.34 10.10
C ILE T 662 -65.08 -19.48 9.15
N PRO T 663 -66.04 -20.04 8.42
CA PRO T 663 -66.95 -19.20 7.63
C PRO T 663 -68.07 -18.64 8.49
N MET T 664 -68.54 -17.47 8.09
CA MET T 664 -69.67 -16.80 8.73
C MET T 664 -70.84 -16.74 7.75
N ASP T 665 -71.91 -16.06 8.15
CA ASP T 665 -73.03 -15.91 7.23
C ASP T 665 -72.88 -14.69 6.32
N ASN T 666 -72.33 -13.59 6.84
CA ASN T 666 -72.15 -12.40 6.02
C ASN T 666 -70.71 -11.93 6.06
N GLN T 667 -70.47 -10.73 5.56
CA GLN T 667 -69.18 -10.08 5.63
C GLN T 667 -69.15 -8.96 6.67
N ILE T 668 -70.29 -8.66 7.28
CA ILE T 668 -70.37 -7.53 8.20
C ILE T 668 -69.76 -7.90 9.55
N TYR T 669 -70.31 -8.90 10.21
CA TYR T 669 -69.77 -9.38 11.48
C TYR T 669 -68.70 -10.40 11.18
N THR T 670 -67.45 -10.04 11.45
CA THR T 670 -66.36 -10.99 11.23
C THR T 670 -66.27 -11.98 12.39
N GLN T 671 -65.23 -12.82 12.35
CA GLN T 671 -65.03 -13.81 13.41
C GLN T 671 -64.65 -13.14 14.72
N SER T 672 -63.91 -12.03 14.66
CA SER T 672 -63.46 -11.39 15.88
C SER T 672 -64.51 -10.47 16.47
N ARG T 673 -65.72 -10.99 16.67
CA ARG T 673 -66.76 -10.30 17.40
C ARG T 673 -66.80 -10.90 18.80
N ARG T 674 -66.84 -10.04 19.81
CA ARG T 674 -66.70 -10.46 21.20
C ARG T 674 -67.88 -11.31 21.65
N ALA T 675 -67.60 -12.33 22.46
CA ALA T 675 -68.62 -13.25 22.96
C ALA T 675 -69.61 -12.59 23.92
N SER T 676 -69.37 -11.36 24.35
CA SER T 676 -70.36 -10.64 25.14
C SER T 676 -71.63 -10.38 24.33
N ALA T 677 -71.47 -9.99 23.07
CA ALA T 677 -72.60 -9.53 22.27
C ALA T 677 -73.55 -10.66 21.91
N PHE T 678 -73.08 -11.90 21.90
CA PHE T 678 -73.92 -13.03 21.54
C PHE T 678 -74.80 -13.35 22.74
N SER T 679 -75.89 -12.59 22.85
CA SER T 679 -76.86 -12.74 23.92
C SER T 679 -78.21 -13.22 23.43
N THR T 680 -78.58 -12.83 22.26
CA THR T 680 -79.86 -13.19 21.67
C THR T 680 -79.69 -14.41 20.79
N PRO T 681 -80.76 -15.19 20.56
CA PRO T 681 -80.63 -16.36 19.69
C PRO T 681 -80.39 -16.02 18.23
N HIS T 682 -80.80 -14.84 17.77
CA HIS T 682 -80.69 -14.56 16.34
C HIS T 682 -79.27 -14.30 15.89
N THR T 683 -78.33 -14.13 16.81
CA THR T 683 -76.94 -13.93 16.44
C THR T 683 -76.18 -15.24 16.38
N TRP T 684 -76.85 -16.37 16.43
CA TRP T 684 -76.11 -17.63 16.48
C TRP T 684 -75.60 -17.98 15.10
N PRO T 685 -74.33 -18.31 14.95
CA PRO T 685 -73.77 -18.52 13.62
C PRO T 685 -74.19 -19.84 13.01
N ARG T 686 -74.41 -19.81 11.70
CA ARG T 686 -74.78 -20.99 10.93
C ARG T 686 -73.70 -22.04 10.98
N CYS T 687 -72.44 -21.60 11.07
CA CYS T 687 -71.29 -22.48 11.24
C CYS T 687 -71.37 -23.29 12.52
N PHE T 688 -72.04 -22.75 13.53
CA PHE T 688 -72.26 -23.47 14.78
C PHE T 688 -73.58 -24.23 14.76
N MET T 689 -74.55 -23.78 13.95
CA MET T 689 -75.81 -24.49 13.83
C MET T 689 -75.62 -25.81 13.09
N ASN T 690 -74.71 -25.85 12.13
CA ASN T 690 -74.43 -27.06 11.36
C ASN T 690 -72.96 -27.38 11.46
N ILE T 691 -72.65 -28.63 11.81
CA ILE T 691 -71.28 -29.01 12.16
C ILE T 691 -70.40 -29.09 10.91
N GLN T 692 -70.96 -29.56 9.80
CA GLN T 692 -70.17 -29.85 8.60
C GLN T 692 -69.65 -28.61 7.88
N LEU T 693 -69.95 -27.42 8.37
CA LEU T 693 -69.39 -26.22 7.76
C LEU T 693 -67.94 -25.99 8.18
N ILE T 694 -67.53 -26.48 9.34
CA ILE T 694 -66.14 -26.36 9.76
C ILE T 694 -65.34 -27.39 8.98
N SER T 695 -64.45 -26.92 8.11
CA SER T 695 -63.52 -27.83 7.47
C SER T 695 -62.46 -28.22 8.48
N PRO T 696 -62.29 -29.50 8.78
CA PRO T 696 -61.28 -29.90 9.78
C PRO T 696 -59.86 -29.74 9.30
N ILE T 697 -59.64 -29.56 7.99
CA ILE T 697 -58.30 -29.27 7.53
C ILE T 697 -57.90 -27.86 7.90
N ASP T 698 -58.87 -26.96 8.06
CA ASP T 698 -58.56 -25.62 8.54
C ASP T 698 -58.64 -25.56 10.05
N ALA T 699 -59.75 -26.00 10.63
CA ALA T 699 -60.00 -25.84 12.07
C ALA T 699 -60.27 -27.20 12.70
N PRO T 700 -59.22 -28.03 12.92
CA PRO T 700 -59.45 -29.35 13.53
C PRO T 700 -59.90 -29.27 14.98
N ILE T 701 -59.21 -28.49 15.81
CA ILE T 701 -59.62 -28.43 17.21
C ILE T 701 -60.86 -27.59 17.41
N LEU T 702 -61.17 -26.68 16.50
CA LEU T 702 -62.44 -25.96 16.61
C LEU T 702 -63.59 -26.86 16.21
N ARG T 703 -63.38 -27.71 15.20
CA ARG T 703 -64.32 -28.78 14.90
C ARG T 703 -64.50 -29.70 16.10
N GLN T 704 -63.40 -30.02 16.78
CA GLN T 704 -63.47 -30.81 17.99
C GLN T 704 -64.30 -30.13 19.07
N TRP T 705 -64.07 -28.83 19.28
CA TRP T 705 -64.77 -28.11 20.33
C TRP T 705 -66.26 -28.00 20.03
N ALA T 706 -66.61 -27.80 18.76
CA ALA T 706 -68.02 -27.80 18.38
C ALA T 706 -68.65 -29.16 18.60
N GLU T 707 -67.88 -30.24 18.37
CA GLU T 707 -68.39 -31.57 18.65
C GLU T 707 -68.56 -31.79 20.15
N ILE T 708 -67.65 -31.26 20.96
CA ILE T 708 -67.75 -31.40 22.41
C ILE T 708 -68.97 -30.64 22.93
N ILE T 709 -69.25 -29.47 22.35
CA ILE T 709 -70.45 -28.72 22.72
C ILE T 709 -71.70 -29.49 22.35
N HIS T 710 -71.77 -29.98 21.12
CA HIS T 710 -72.98 -30.66 20.69
C HIS T 710 -73.13 -32.07 21.24
N ARG T 711 -72.09 -32.61 21.88
CA ARG T 711 -72.19 -33.95 22.43
C ARG T 711 -72.32 -33.96 23.95
N TYR T 712 -71.39 -33.31 24.65
CA TYR T 712 -71.26 -33.50 26.08
C TYR T 712 -71.82 -32.35 26.90
N TRP T 713 -72.62 -31.48 26.30
CA TRP T 713 -73.33 -30.48 27.05
C TRP T 713 -74.45 -31.15 27.85
N PRO T 714 -74.76 -30.66 29.04
CA PRO T 714 -75.79 -31.28 29.87
C PRO T 714 -77.19 -31.23 29.27
N ASN T 715 -78.05 -32.07 29.81
CA ASN T 715 -79.42 -32.21 29.34
C ASN T 715 -80.38 -31.64 30.36
N PRO T 716 -81.36 -30.84 29.93
CA PRO T 716 -82.39 -30.39 30.86
C PRO T 716 -83.25 -31.55 31.31
N SER T 717 -83.58 -31.55 32.61
CA SER T 717 -84.40 -32.59 33.19
C SER T 717 -85.41 -31.95 34.11
N GLN T 718 -86.22 -32.79 34.76
CA GLN T 718 -87.21 -32.30 35.71
C GLN T 718 -87.32 -33.25 36.87
N ILE T 719 -87.76 -32.70 38.00
CA ILE T 719 -88.10 -33.49 39.17
C ILE T 719 -89.36 -32.89 39.77
N ARG T 720 -90.19 -33.72 40.37
CA ARG T 720 -91.45 -33.25 40.90
C ARG T 720 -91.29 -32.74 42.33
N TYR T 721 -92.32 -32.07 42.81
CA TYR T 721 -92.35 -31.54 44.17
C TYR T 721 -93.81 -31.36 44.56
N GLY T 722 -94.02 -30.81 45.76
CA GLY T 722 -95.30 -30.32 46.19
C GLY T 722 -96.41 -31.36 46.30
N THR T 723 -97.61 -30.90 46.62
CA THR T 723 -98.79 -31.77 46.63
C THR T 723 -99.88 -31.07 45.83
N PRO T 724 -100.06 -31.43 44.56
CA PRO T 724 -101.12 -30.78 43.76
C PRO T 724 -102.53 -31.13 44.19
N ASN T 725 -102.73 -32.10 45.09
CA ASN T 725 -104.08 -32.40 45.50
C ASN T 725 -104.66 -31.35 46.44
N VAL T 726 -103.81 -30.71 47.26
CA VAL T 726 -104.28 -29.74 48.25
C VAL T 726 -103.59 -28.38 48.10
N PHE T 727 -102.45 -28.32 47.44
CA PHE T 727 -101.71 -27.06 47.41
C PHE T 727 -101.84 -26.34 46.09
N GLY T 728 -102.62 -26.85 45.18
CA GLY T 728 -102.84 -26.17 43.93
C GLY T 728 -101.67 -26.03 43.01
N SER T 729 -101.90 -25.46 41.86
CA SER T 729 -100.88 -25.39 40.83
C SER T 729 -100.92 -24.04 40.11
N ALA T 730 -99.92 -23.21 40.44
CA ALA T 730 -99.38 -22.14 39.63
C ALA T 730 -98.19 -22.58 38.82
N ASN T 731 -98.13 -23.84 38.45
CA ASN T 731 -97.20 -24.23 37.40
C ASN T 731 -97.85 -23.73 36.12
N LEU T 732 -97.49 -22.50 35.71
CA LEU T 732 -98.12 -21.83 34.58
C LEU T 732 -97.74 -22.50 33.26
N PHE T 733 -96.45 -22.49 32.93
CA PHE T 733 -96.01 -22.99 31.64
C PHE T 733 -95.32 -24.33 31.75
N THR T 734 -95.50 -25.01 32.87
CA THR T 734 -95.04 -26.37 33.10
C THR T 734 -96.23 -27.19 33.54
N PRO T 735 -96.18 -28.51 33.37
CA PRO T 735 -97.23 -29.35 33.91
C PRO T 735 -97.30 -29.25 35.42
N PRO T 736 -98.49 -29.51 36.02
CA PRO T 736 -98.79 -28.96 37.35
C PRO T 736 -98.06 -29.55 38.55
N GLU T 737 -96.99 -30.31 38.37
CA GLU T 737 -96.33 -30.87 39.54
C GLU T 737 -94.80 -30.90 39.45
N VAL T 738 -94.20 -30.33 38.40
CA VAL T 738 -92.80 -30.61 38.10
C VAL T 738 -91.98 -29.34 38.27
N LEU T 739 -90.66 -29.52 38.31
CA LEU T 739 -89.69 -28.45 38.49
C LEU T 739 -88.58 -28.67 37.49
N LEU T 740 -88.42 -27.77 36.53
CA LEU T 740 -87.45 -27.98 35.48
C LEU T 740 -86.05 -27.67 35.96
N LEU T 741 -85.11 -28.50 35.56
CA LEU T 741 -83.70 -28.37 35.88
C LEU T 741 -82.90 -28.34 34.59
N PRO T 742 -81.69 -27.78 34.61
CA PRO T 742 -80.83 -27.88 33.43
C PRO T 742 -79.88 -29.06 33.47
N ILE T 743 -79.84 -29.81 34.56
CA ILE T 743 -78.82 -30.83 34.80
C ILE T 743 -79.51 -32.17 34.97
N ASP T 744 -78.94 -33.20 34.37
CA ASP T 744 -79.35 -34.57 34.66
C ASP T 744 -79.08 -34.89 36.13
N HIS T 745 -80.09 -35.41 36.81
CA HIS T 745 -79.97 -35.79 38.20
C HIS T 745 -80.24 -37.27 38.37
N GLN T 746 -79.77 -37.81 39.49
CA GLN T 746 -79.84 -39.22 39.81
C GLN T 746 -80.33 -39.40 41.22
N PRO T 747 -80.85 -40.58 41.57
CA PRO T 747 -81.12 -40.87 42.99
C PRO T 747 -79.82 -40.91 43.78
N ALA T 748 -79.89 -40.44 45.02
CA ALA T 748 -78.70 -40.11 45.79
C ALA T 748 -78.13 -41.35 46.47
N ASN T 749 -76.85 -41.64 46.20
CA ASN T 749 -76.08 -42.54 47.03
C ASN T 749 -74.83 -41.82 47.52
N VAL T 750 -74.44 -42.09 48.76
CA VAL T 750 -73.25 -41.42 49.26
C VAL T 750 -72.00 -42.21 48.91
N THR T 751 -72.14 -43.47 48.54
CA THR T 751 -71.00 -44.26 48.07
C THR T 751 -71.15 -44.46 46.56
N THR T 752 -70.20 -43.89 45.84
CA THR T 752 -70.06 -43.98 44.39
C THR T 752 -68.68 -43.44 44.06
N PRO T 753 -68.09 -43.85 42.93
CA PRO T 753 -66.81 -43.26 42.53
C PRO T 753 -66.92 -41.76 42.28
N THR T 754 -65.93 -41.04 42.84
CA THR T 754 -65.83 -39.61 42.64
C THR T 754 -65.62 -39.28 41.16
N LEU T 755 -64.78 -40.06 40.49
CA LEU T 755 -64.42 -39.81 39.11
C LEU T 755 -65.35 -40.53 38.14
N ASP T 756 -66.66 -40.42 38.34
CA ASP T 756 -67.59 -41.07 37.43
C ASP T 756 -67.67 -40.24 36.15
N PHE T 757 -67.39 -40.86 35.02
CA PHE T 757 -67.55 -40.13 33.77
C PHE T 757 -68.92 -40.33 33.15
N THR T 758 -69.76 -41.15 33.79
CA THR T 758 -71.19 -41.09 33.52
C THR T 758 -71.79 -39.80 34.05
N ASN T 759 -71.23 -39.28 35.14
CA ASN T 759 -71.61 -37.98 35.68
C ASN T 759 -71.35 -36.88 34.65
N GLU T 760 -72.34 -36.01 34.51
CA GLU T 760 -72.36 -35.07 33.39
C GLU T 760 -71.32 -33.97 33.58
N LEU T 761 -71.27 -33.39 34.78
CA LEU T 761 -70.35 -32.29 35.01
C LEU T 761 -68.91 -32.77 35.05
N THR T 762 -68.69 -33.96 35.61
CA THR T 762 -67.35 -34.53 35.62
C THR T 762 -66.90 -34.88 34.22
N ASN T 763 -67.82 -35.38 33.40
CA ASN T 763 -67.53 -35.64 32.00
C ASN T 763 -67.20 -34.35 31.27
N TRP T 764 -67.91 -33.27 31.59
CA TRP T 764 -67.62 -31.97 30.98
C TRP T 764 -66.24 -31.47 31.35
N ARG T 765 -65.88 -31.61 32.63
CA ARG T 765 -64.56 -31.20 33.10
C ARG T 765 -63.46 -31.99 32.41
N ALA T 766 -63.67 -33.30 32.25
CA ALA T 766 -62.67 -34.15 31.62
C ALA T 766 -62.48 -33.80 30.15
N ARG T 767 -63.59 -33.54 29.44
CA ARG T 767 -63.48 -33.22 28.02
C ARG T 767 -62.82 -31.88 27.79
N VAL T 768 -63.13 -30.89 28.64
CA VAL T 768 -62.51 -29.57 28.46
C VAL T 768 -61.02 -29.64 28.79
N CYS T 769 -60.65 -30.39 29.83
CA CYS T 769 -59.24 -30.53 30.17
C CYS T 769 -58.46 -31.24 29.08
N GLU T 770 -59.01 -32.32 28.50
CA GLU T 770 -58.25 -33.00 27.46
C GLU T 770 -58.23 -32.21 26.17
N LEU T 771 -59.24 -31.37 25.92
CA LEU T 771 -59.18 -30.57 24.72
C LEU T 771 -58.14 -29.47 24.84
N MET T 772 -58.01 -28.86 26.03
CA MET T 772 -56.95 -27.89 26.23
C MET T 772 -55.58 -28.57 26.21
N LYS T 773 -55.52 -29.83 26.66
CA LYS T 773 -54.29 -30.63 26.57
C LYS T 773 -53.88 -30.82 25.12
N ASN T 774 -54.81 -31.25 24.28
CA ASN T 774 -54.51 -31.45 22.87
C ASN T 774 -54.31 -30.13 22.13
N LEU T 775 -54.81 -29.03 22.68
CA LEU T 775 -54.50 -27.72 22.13
C LEU T 775 -53.03 -27.38 22.37
N VAL T 776 -52.58 -27.55 23.61
CA VAL T 776 -51.22 -27.15 23.97
C VAL T 776 -50.20 -28.24 23.66
N ASP T 777 -50.65 -29.36 23.10
CA ASP T 777 -49.78 -30.48 22.75
C ASP T 777 -48.67 -30.08 21.77
N ASN T 778 -49.03 -29.50 20.64
CA ASN T 778 -48.09 -29.38 19.54
C ASN T 778 -47.09 -28.23 19.69
N GLN T 779 -47.42 -27.22 20.50
CA GLN T 779 -46.86 -25.87 20.56
C GLN T 779 -47.19 -25.06 19.30
N ARG T 780 -47.92 -25.66 18.34
CA ARG T 780 -48.11 -25.10 17.01
C ARG T 780 -48.91 -23.80 17.06
N TYR T 781 -49.74 -23.63 18.07
CA TYR T 781 -50.50 -22.39 18.20
C TYR T 781 -49.90 -21.47 19.24
N GLN T 782 -48.71 -21.76 19.72
CA GLN T 782 -48.04 -20.92 20.72
C GLN T 782 -46.62 -20.60 20.27
N PRO T 783 -46.44 -19.58 19.45
CA PRO T 783 -45.12 -18.99 19.29
C PRO T 783 -44.72 -18.19 20.52
N GLY T 784 -43.48 -17.73 20.52
CA GLY T 784 -42.97 -16.88 21.58
C GLY T 784 -42.52 -17.60 22.82
N TRP T 785 -43.05 -18.78 23.10
CA TRP T 785 -42.63 -19.56 24.27
C TRP T 785 -41.25 -20.13 23.99
N THR T 786 -40.22 -19.49 24.55
CA THR T 786 -38.86 -19.94 24.33
C THR T 786 -38.47 -21.11 25.22
N GLN T 787 -39.39 -21.64 26.02
CA GLN T 787 -39.15 -22.80 26.85
C GLN T 787 -40.18 -23.87 26.51
N SER T 788 -39.94 -25.07 27.03
CA SER T 788 -40.86 -26.18 26.79
C SER T 788 -41.90 -26.15 27.90
N LEU T 789 -42.95 -25.37 27.68
CA LEU T 789 -44.06 -25.30 28.62
C LEU T 789 -45.04 -26.44 28.46
N VAL T 790 -44.84 -27.29 27.46
CA VAL T 790 -45.83 -28.33 27.17
C VAL T 790 -45.87 -29.38 28.27
N SER T 791 -44.72 -29.68 28.89
CA SER T 791 -44.68 -30.70 29.94
C SER T 791 -45.42 -30.23 31.19
N SER T 792 -45.07 -29.05 31.69
CA SER T 792 -45.71 -28.56 32.91
C SER T 792 -47.16 -28.18 32.67
N MET T 793 -47.48 -27.68 31.48
CA MET T 793 -48.86 -27.35 31.16
C MET T 793 -49.72 -28.61 31.07
N ARG T 794 -49.19 -29.65 30.43
CA ARG T 794 -49.91 -30.92 30.36
C ARG T 794 -50.06 -31.55 31.73
N GLY T 795 -49.05 -31.37 32.59
CA GLY T 795 -49.13 -31.92 33.93
C GLY T 795 -50.17 -31.22 34.78
N THR T 796 -50.23 -29.89 34.72
CA THR T 796 -51.22 -29.21 35.53
C THR T 796 -52.62 -29.38 34.97
N LEU T 797 -52.77 -29.60 33.66
CA LEU T 797 -54.09 -29.89 33.13
C LEU T 797 -54.54 -31.30 33.52
N GLY T 798 -53.61 -32.26 33.51
CA GLY T 798 -53.93 -33.58 34.02
C GLY T 798 -54.27 -33.59 35.50
N LYS T 799 -53.62 -32.70 36.26
CA LYS T 799 -53.93 -32.58 37.68
C LYS T 799 -55.32 -31.97 37.90
N LEU T 800 -55.64 -30.91 37.16
CA LEU T 800 -56.97 -30.32 37.27
C LEU T 800 -58.05 -31.25 36.78
N LYS T 801 -57.72 -32.16 35.86
CA LYS T 801 -58.67 -33.21 35.50
C LYS T 801 -58.85 -34.18 36.66
N LEU T 802 -57.75 -34.75 37.14
CA LEU T 802 -57.84 -35.76 38.18
C LEU T 802 -57.66 -35.16 39.57
N ILE T 803 -58.34 -34.06 39.82
CA ILE T 803 -58.56 -33.56 41.17
C ILE T 803 -59.89 -34.11 41.65
N LYS T 804 -60.03 -34.31 42.96
CA LYS T 804 -61.30 -34.77 43.48
C LYS T 804 -62.19 -33.56 43.78
N SER T 805 -63.49 -33.79 43.69
CA SER T 805 -64.49 -32.77 43.99
C SER T 805 -65.81 -33.49 44.15
N MET T 806 -66.44 -33.34 45.29
CA MET T 806 -67.75 -33.91 45.50
C MET T 806 -68.85 -32.94 45.11
N THR T 807 -68.48 -31.79 44.53
CA THR T 807 -69.46 -30.81 44.06
C THR T 807 -70.28 -31.29 42.85
N PRO T 808 -69.71 -31.90 41.78
CA PRO T 808 -70.60 -32.36 40.69
C PRO T 808 -71.50 -33.49 41.10
N MET T 809 -71.00 -34.37 41.97
CA MET T 809 -71.83 -35.44 42.53
C MET T 809 -72.93 -34.86 43.42
N TYR T 810 -72.60 -33.80 44.14
CA TYR T 810 -73.58 -33.11 44.97
C TYR T 810 -74.69 -32.50 44.11
N LEU T 811 -74.31 -31.86 43.02
CA LEU T 811 -75.30 -31.30 42.11
C LEU T 811 -76.09 -32.40 41.41
N GLN T 812 -75.47 -33.55 41.21
CA GLN T 812 -76.16 -34.66 40.57
C GLN T 812 -77.19 -35.28 41.49
N GLN T 813 -76.95 -35.27 42.80
CA GLN T 813 -77.80 -36.02 43.71
C GLN T 813 -78.60 -35.15 44.66
N LEU T 814 -77.94 -34.35 45.48
CA LEU T 814 -78.59 -33.86 46.70
C LEU T 814 -79.24 -32.51 46.49
N ALA T 815 -78.54 -31.59 45.83
CA ALA T 815 -79.07 -30.26 45.54
C ALA T 815 -80.43 -30.22 44.83
N PRO T 816 -80.75 -31.06 43.83
CA PRO T 816 -82.13 -31.01 43.32
C PRO T 816 -83.16 -31.52 44.30
N VAL T 817 -82.80 -32.50 45.12
CA VAL T 817 -83.70 -32.97 46.16
C VAL T 817 -83.96 -31.87 47.18
N GLU T 818 -82.91 -31.11 47.51
CA GLU T 818 -83.08 -29.98 48.43
C GLU T 818 -83.96 -28.91 47.84
N LEU T 819 -83.76 -28.57 46.56
CA LEU T 819 -84.61 -27.56 45.94
C LEU T 819 -86.05 -28.04 45.88
N ALA T 820 -86.26 -29.34 45.71
CA ALA T 820 -87.60 -29.89 45.80
C ALA T 820 -88.17 -29.77 47.21
N VAL T 821 -87.32 -29.86 48.22
CA VAL T 821 -87.80 -29.72 49.59
C VAL T 821 -88.20 -28.28 49.89
N ILE T 822 -87.38 -27.32 49.47
CA ILE T 822 -87.68 -25.91 49.76
C ILE T 822 -88.88 -25.43 48.94
N ALA T 823 -88.98 -25.85 47.67
CA ALA T 823 -89.90 -25.39 46.64
C ALA T 823 -91.36 -25.07 47.02
N PRO T 824 -92.06 -25.82 47.88
CA PRO T 824 -93.42 -25.39 48.22
C PRO T 824 -93.49 -24.30 49.28
N MET T 825 -92.42 -24.02 50.01
CA MET T 825 -92.46 -23.12 51.14
C MET T 825 -91.99 -21.72 50.80
N LEU T 826 -92.29 -21.27 49.66
CA LEU T 826 -91.72 -20.00 49.24
C LEU T 826 -92.68 -18.84 49.47
N PRO T 827 -92.14 -17.69 49.85
CA PRO T 827 -92.93 -16.45 49.76
C PRO T 827 -93.20 -16.03 48.34
N PHE T 828 -92.39 -16.48 47.39
CA PHE T 828 -92.63 -16.22 45.97
C PHE T 828 -92.49 -17.56 45.25
N PRO T 829 -93.59 -18.12 44.74
CA PRO T 829 -93.56 -19.48 44.20
C PRO T 829 -92.74 -19.56 42.93
N PRO T 830 -92.21 -20.73 42.59
CA PRO T 830 -91.27 -20.82 41.46
C PRO T 830 -91.94 -20.56 40.14
N PHE T 831 -91.23 -19.84 39.27
CA PHE T 831 -91.76 -19.36 38.01
C PHE T 831 -90.76 -19.76 36.93
N GLN T 832 -91.10 -20.78 36.15
CA GLN T 832 -90.17 -21.39 35.24
C GLN T 832 -90.64 -21.26 33.79
N VAL T 833 -89.66 -21.26 32.90
CA VAL T 833 -89.85 -21.18 31.45
C VAL T 833 -88.94 -22.28 30.91
N PRO T 834 -89.41 -23.13 29.97
CA PRO T 834 -88.71 -24.40 29.72
C PRO T 834 -87.33 -24.24 29.09
N TYR T 835 -86.39 -25.01 29.63
CA TYR T 835 -85.03 -25.06 29.11
C TYR T 835 -85.00 -25.91 27.85
N VAL T 836 -84.14 -25.52 26.91
CA VAL T 836 -83.78 -26.37 25.79
C VAL T 836 -82.28 -26.50 25.78
N ARG T 837 -81.79 -27.62 25.24
CA ARG T 837 -80.35 -27.81 25.20
C ARG T 837 -79.72 -26.95 24.12
N LEU T 838 -80.05 -27.22 22.86
CA LEU T 838 -79.47 -26.46 21.75
C LEU T 838 -80.45 -26.10 20.66
N ASP T 839 -81.71 -26.52 20.77
CA ASP T 839 -82.73 -26.23 19.76
C ASP T 839 -82.96 -24.73 19.68
N ARG T 840 -82.57 -24.12 18.56
CA ARG T 840 -82.70 -22.67 18.43
C ARG T 840 -84.15 -22.24 18.38
N ASP T 841 -84.98 -22.97 17.63
CA ASP T 841 -86.35 -22.54 17.37
C ASP T 841 -87.27 -22.63 18.59
N ARG T 842 -86.80 -23.18 19.70
CA ARG T 842 -87.61 -23.25 20.92
C ARG T 842 -86.91 -22.56 22.08
N VAL T 843 -86.14 -21.53 21.80
CA VAL T 843 -85.51 -20.71 22.83
C VAL T 843 -86.47 -19.57 23.16
N PRO T 844 -86.85 -19.39 24.42
CA PRO T 844 -87.71 -18.27 24.78
C PRO T 844 -86.96 -16.95 24.72
N THR T 845 -87.65 -15.91 24.25
CA THR T 845 -87.08 -14.57 24.22
C THR T 845 -87.95 -13.52 24.89
N MET T 846 -89.26 -13.70 24.94
CA MET T 846 -90.19 -12.67 25.39
C MET T 846 -91.11 -13.25 26.45
N VAL T 847 -91.47 -12.43 27.43
CA VAL T 847 -92.51 -12.76 28.40
C VAL T 847 -93.45 -11.58 28.50
N GLY T 848 -94.71 -11.79 28.18
CA GLY T 848 -95.70 -10.73 28.19
C GLY T 848 -96.87 -11.07 29.11
N VAL T 849 -97.48 -10.03 29.65
CA VAL T 849 -98.67 -10.14 30.48
C VAL T 849 -99.74 -9.23 29.90
N THR T 850 -100.88 -9.81 29.54
CA THR T 850 -101.94 -9.10 28.84
C THR T 850 -103.18 -9.05 29.71
N ARG T 851 -103.69 -7.84 29.94
CA ARG T 851 -104.90 -7.66 30.73
C ARG T 851 -106.17 -7.71 29.91
N GLN T 852 -106.07 -7.87 28.60
CA GLN T 852 -107.22 -7.79 27.72
C GLN T 852 -107.71 -9.19 27.33
N SER T 853 -108.90 -9.22 26.75
CA SER T 853 -109.55 -10.48 26.40
C SER T 853 -108.99 -11.03 25.09
N ARG T 854 -109.67 -12.03 24.56
CA ARG T 854 -109.28 -12.65 23.31
C ARG T 854 -110.09 -12.15 22.12
N ASP T 855 -111.39 -11.96 22.29
CA ASP T 855 -112.26 -11.71 21.15
C ASP T 855 -112.17 -10.29 20.61
N THR T 856 -111.86 -9.31 21.45
CA THR T 856 -111.84 -7.93 21.01
C THR T 856 -110.44 -7.51 20.60
N ILE T 857 -110.37 -6.72 19.53
CA ILE T 857 -109.11 -6.21 19.00
C ILE T 857 -109.01 -4.77 19.51
N THR T 858 -108.30 -4.60 20.60
CA THR T 858 -108.22 -3.32 21.27
C THR T 858 -106.90 -2.65 20.98
N GLN T 859 -106.64 -1.55 21.68
CA GLN T 859 -105.36 -0.88 21.61
C GLN T 859 -104.27 -1.78 22.20
N PRO T 860 -103.07 -1.80 21.61
CA PRO T 860 -102.01 -2.68 22.14
C PRO T 860 -101.21 -2.02 23.24
N ALA T 861 -100.99 -2.77 24.32
CA ALA T 861 -100.22 -2.27 25.44
C ALA T 861 -99.41 -3.42 26.01
N LEU T 862 -98.14 -3.50 25.59
CA LEU T 862 -97.27 -4.57 26.05
C LEU T 862 -96.77 -4.31 27.45
N SER T 863 -96.73 -5.36 28.26
CA SER T 863 -96.31 -5.26 29.65
C SER T 863 -94.82 -4.93 29.74
N LEU T 864 -94.41 -4.53 30.93
CA LEU T 864 -93.05 -4.03 31.12
C LEU T 864 -92.00 -5.13 31.08
N SER T 865 -92.40 -6.38 31.30
CA SER T 865 -91.45 -7.48 31.21
C SER T 865 -90.98 -7.73 29.79
N THR T 866 -91.73 -7.26 28.81
CA THR T 866 -91.34 -7.37 27.41
C THR T 866 -90.16 -6.47 27.07
N THR T 867 -89.83 -5.51 27.92
CA THR T 867 -88.79 -4.54 27.64
C THR T 867 -87.46 -4.97 28.23
N ASN T 868 -87.01 -6.15 27.83
CA ASN T 868 -85.70 -6.64 28.20
C ASN T 868 -85.06 -7.30 26.99
N THR T 869 -83.73 -7.29 26.96
CA THR T 869 -83.03 -7.95 25.87
C THR T 869 -83.11 -9.46 26.01
N THR T 870 -82.78 -9.98 27.18
CA THR T 870 -82.94 -11.38 27.47
C THR T 870 -84.38 -11.57 27.95
N VAL T 871 -84.78 -12.82 28.23
CA VAL T 871 -86.16 -13.14 28.59
C VAL T 871 -86.54 -12.55 29.94
N GLY T 872 -85.57 -12.20 30.78
CA GLY T 872 -85.89 -11.58 32.04
C GLY T 872 -84.90 -10.50 32.43
N VAL T 873 -84.76 -10.25 33.73
CA VAL T 873 -83.80 -9.27 34.21
C VAL T 873 -82.41 -9.90 34.16
N PRO T 874 -81.39 -9.19 33.67
CA PRO T 874 -80.03 -9.74 33.69
C PRO T 874 -79.32 -9.43 34.99
N LEU T 875 -78.43 -10.35 35.36
CA LEU T 875 -77.50 -10.12 36.46
C LEU T 875 -76.16 -10.72 36.10
N ALA T 876 -75.09 -9.98 36.37
CA ALA T 876 -73.75 -10.51 36.16
C ALA T 876 -73.28 -11.25 37.40
N LEU T 877 -72.41 -12.23 37.20
CA LEU T 877 -71.80 -12.94 38.32
C LEU T 877 -70.43 -13.44 37.92
N ASP T 878 -69.67 -13.92 38.91
CA ASP T 878 -68.23 -14.07 38.80
C ASP T 878 -67.84 -15.51 38.48
N ALA T 879 -67.33 -15.69 37.25
CA ALA T 879 -66.98 -17.03 36.76
C ALA T 879 -65.86 -17.66 37.54
N ARG T 880 -64.94 -16.86 38.06
CA ARG T 880 -63.86 -17.37 38.90
C ARG T 880 -64.41 -18.04 40.14
N ALA T 881 -65.36 -17.38 40.81
CA ALA T 881 -65.95 -17.94 42.01
C ALA T 881 -66.79 -19.16 41.69
N ILE T 882 -67.50 -19.14 40.55
CA ILE T 882 -68.27 -20.29 40.10
C ILE T 882 -67.38 -21.50 39.91
N THR T 883 -66.26 -21.33 39.22
CA THR T 883 -65.45 -22.50 38.92
C THR T 883 -64.62 -22.94 40.11
N VAL T 884 -64.31 -22.06 41.06
CA VAL T 884 -63.57 -22.58 42.20
C VAL T 884 -64.52 -23.29 43.16
N ALA T 885 -65.78 -22.86 43.22
CA ALA T 885 -66.77 -23.60 43.98
C ALA T 885 -67.05 -24.95 43.34
N LEU T 886 -67.08 -24.99 42.00
CA LEU T 886 -67.27 -26.25 41.30
C LEU T 886 -66.04 -27.13 41.45
N LEU T 887 -64.87 -26.52 41.55
CA LEU T 887 -63.62 -27.27 41.55
C LEU T 887 -63.34 -27.88 42.91
N SER T 888 -63.80 -27.27 44.00
CA SER T 888 -63.52 -27.80 45.32
C SER T 888 -64.77 -27.81 46.17
N GLY T 889 -65.09 -28.98 46.71
CA GLY T 889 -66.18 -29.12 47.65
C GLY T 889 -66.19 -30.51 48.26
N LYS T 890 -66.28 -30.59 49.58
CA LYS T 890 -66.21 -31.86 50.28
C LYS T 890 -67.36 -31.96 51.27
N TYR T 891 -67.60 -33.16 51.72
CA TYR T 891 -68.66 -33.45 52.66
C TYR T 891 -68.11 -33.51 54.07
N PRO T 892 -68.97 -33.41 55.08
CA PRO T 892 -68.54 -33.80 56.42
C PRO T 892 -68.28 -35.29 56.46
N PRO T 893 -67.19 -35.72 57.11
CA PRO T 893 -66.74 -37.11 56.99
C PRO T 893 -67.51 -38.12 57.82
N ASP T 894 -68.70 -37.79 58.32
CA ASP T 894 -69.57 -38.82 58.89
C ASP T 894 -71.00 -38.59 58.45
N LEU T 895 -71.17 -38.21 57.18
CA LEU T 895 -72.43 -37.69 56.70
C LEU T 895 -73.48 -38.79 56.60
N VAL T 896 -74.61 -38.58 57.27
CA VAL T 896 -75.74 -39.50 57.21
C VAL T 896 -76.94 -38.69 56.75
N THR T 897 -77.56 -39.14 55.66
CA THR T 897 -78.59 -38.35 54.99
C THR T 897 -79.83 -38.21 55.85
N ASN T 898 -80.28 -39.32 56.47
CA ASN T 898 -81.50 -39.30 57.25
C ASN T 898 -81.39 -38.37 58.45
N VAL T 899 -80.27 -38.47 59.18
CA VAL T 899 -80.03 -37.61 60.33
C VAL T 899 -79.92 -36.15 59.89
N TRP T 900 -79.06 -35.87 58.90
CA TRP T 900 -78.77 -34.50 58.52
C TRP T 900 -80.00 -33.81 57.93
N TYR T 901 -80.65 -34.45 56.96
CA TYR T 901 -81.81 -33.82 56.35
C TYR T 901 -83.01 -33.81 57.27
N ALA T 902 -83.11 -34.73 58.23
CA ALA T 902 -84.23 -34.65 59.18
C ALA T 902 -84.06 -33.45 60.09
N ASP T 903 -82.88 -33.29 60.68
CA ASP T 903 -82.63 -32.15 61.54
C ASP T 903 -82.61 -30.84 60.78
N ALA T 904 -82.35 -30.86 59.48
CA ALA T 904 -82.38 -29.62 58.72
C ALA T 904 -83.79 -29.26 58.27
N ILE T 905 -84.60 -30.25 57.88
CA ILE T 905 -85.91 -29.96 57.34
C ILE T 905 -86.90 -29.66 58.47
N TYR T 906 -86.64 -30.14 59.69
CA TYR T 906 -87.56 -29.90 60.80
C TYR T 906 -87.84 -28.42 61.13
N PRO T 907 -86.85 -27.54 61.31
CA PRO T 907 -87.22 -26.16 61.69
C PRO T 907 -87.84 -25.36 60.55
N MET T 908 -87.58 -25.71 59.30
CA MET T 908 -88.22 -25.00 58.19
C MET T 908 -89.70 -25.31 58.13
N TYR T 909 -90.05 -26.59 58.04
CA TYR T 909 -91.46 -26.98 58.05
C TYR T 909 -92.12 -26.74 59.39
N ALA T 910 -91.33 -26.55 60.44
CA ALA T 910 -91.84 -26.07 61.71
C ALA T 910 -92.08 -24.58 61.72
N ASP T 911 -91.75 -23.86 60.64
CA ASP T 911 -91.85 -22.41 60.66
C ASP T 911 -92.10 -21.90 59.25
N THR T 912 -93.38 -21.74 58.90
CA THR T 912 -93.74 -21.37 57.55
C THR T 912 -94.99 -20.50 57.57
N GLU T 913 -95.36 -20.02 56.38
CA GLU T 913 -96.47 -19.08 56.24
C GLU T 913 -97.34 -19.38 55.02
N VAL T 914 -97.27 -20.62 54.50
CA VAL T 914 -97.88 -20.93 53.23
C VAL T 914 -99.40 -20.88 53.30
N PHE T 915 -99.98 -21.04 54.49
CA PHE T 915 -101.43 -20.99 54.58
C PHE T 915 -101.91 -19.55 54.52
N SER T 916 -101.14 -18.65 55.11
CA SER T 916 -101.37 -17.23 54.93
C SER T 916 -101.22 -16.85 53.47
N ASN T 917 -100.28 -17.48 52.77
CA ASN T 917 -100.13 -17.25 51.34
C ASN T 917 -101.35 -17.73 50.57
N LEU T 918 -101.88 -18.90 50.92
CA LEU T 918 -103.07 -19.43 50.26
C LEU T 918 -104.27 -18.52 50.50
N GLN T 919 -104.42 -18.01 51.72
CA GLN T 919 -105.55 -17.16 52.03
C GLN T 919 -105.42 -15.80 51.36
N ARG T 920 -104.19 -15.29 51.24
CA ARG T 920 -104.00 -14.07 50.46
C ARG T 920 -104.34 -14.29 48.99
N ASP T 921 -104.06 -15.50 48.47
CA ASP T 921 -104.42 -15.76 47.08
C ASP T 921 -105.93 -15.84 46.88
N VAL T 922 -106.64 -16.36 47.89
CA VAL T 922 -108.12 -16.37 47.84
C VAL T 922 -108.65 -14.94 47.76
N ILE T 923 -108.22 -14.09 48.69
CA ILE T 923 -108.63 -12.68 48.67
C ILE T 923 -108.17 -11.97 47.39
N THR T 924 -107.03 -12.38 46.84
CA THR T 924 -106.52 -11.80 45.61
C THR T 924 -107.44 -12.08 44.43
N CYS T 925 -107.87 -13.35 44.31
CA CYS T 925 -108.77 -13.74 43.22
C CYS T 925 -110.12 -13.06 43.34
N GLU T 926 -110.67 -13.02 44.57
CA GLU T 926 -111.91 -12.30 44.81
C GLU T 926 -111.77 -10.83 44.45
N ALA T 927 -110.62 -10.25 44.76
CA ALA T 927 -110.35 -8.86 44.51
C ALA T 927 -110.31 -8.56 43.02
N VAL T 928 -109.68 -9.43 42.24
CA VAL T 928 -109.59 -9.24 40.80
C VAL T 928 -110.96 -9.31 40.16
N GLN T 929 -111.80 -10.25 40.60
CA GLN T 929 -113.13 -10.35 40.02
C GLN T 929 -114.00 -9.15 40.38
N THR T 930 -113.89 -8.68 41.62
CA THR T 930 -114.65 -7.48 42.02
C THR T 930 -114.17 -6.26 41.26
N LEU T 931 -112.86 -6.18 41.00
CA LEU T 931 -112.33 -5.04 40.26
C LEU T 931 -112.83 -5.03 38.83
N VAL T 932 -112.81 -6.18 38.17
CA VAL T 932 -113.20 -6.17 36.76
C VAL T 932 -114.70 -5.95 36.63
N THR T 933 -115.49 -6.43 37.61
CA THR T 933 -116.93 -6.19 37.57
C THR T 933 -117.25 -4.71 37.78
N LEU T 934 -116.64 -4.09 38.79
CA LEU T 934 -117.01 -2.72 39.09
C LEU T 934 -116.39 -1.71 38.13
N VAL T 935 -115.25 -2.02 37.53
CA VAL T 935 -114.70 -1.12 36.52
C VAL T 935 -115.47 -1.26 35.22
N ALA T 936 -115.86 -2.48 34.85
CA ALA T 936 -116.73 -2.64 33.69
C ALA T 936 -118.14 -2.14 33.95
N GLN T 937 -118.50 -1.84 35.20
CA GLN T 937 -119.81 -1.30 35.48
C GLN T 937 -120.01 0.11 34.91
N ILE T 938 -118.97 0.95 34.91
CA ILE T 938 -119.15 2.34 34.52
C ILE T 938 -118.46 2.68 33.21
N SER T 939 -117.91 1.69 32.51
CA SER T 939 -117.18 2.04 31.30
C SER T 939 -117.73 1.29 30.09
N GLU T 940 -117.04 1.38 28.97
CA GLU T 940 -117.44 0.71 27.74
C GLU T 940 -116.58 -0.54 27.60
N THR T 941 -117.08 -1.66 28.07
CA THR T 941 -116.35 -2.91 28.06
C THR T 941 -117.34 -4.04 27.82
N GLN T 942 -116.97 -4.94 26.90
CA GLN T 942 -117.73 -6.08 26.40
C GLN T 942 -117.95 -7.18 27.43
N TYR T 943 -117.47 -7.02 28.65
CA TYR T 943 -117.58 -8.05 29.66
C TYR T 943 -119.05 -8.26 30.03
N PRO T 944 -119.46 -9.49 30.30
CA PRO T 944 -120.82 -9.72 30.78
C PRO T 944 -121.02 -9.17 32.18
N VAL T 945 -121.73 -8.06 32.24
CA VAL T 945 -121.76 -7.20 33.42
C VAL T 945 -123.22 -7.00 33.78
N ASP T 946 -124.10 -7.38 32.84
CA ASP T 946 -125.54 -7.64 32.90
C ASP T 946 -126.40 -6.62 33.64
N ARG T 947 -125.87 -5.40 33.84
CA ARG T 947 -126.62 -4.14 33.85
C ARG T 947 -127.73 -4.09 34.92
N TYR T 948 -127.33 -4.12 36.19
CA TYR T 948 -128.34 -4.09 37.23
C TYR T 948 -128.73 -2.69 37.64
N LEU T 949 -127.96 -1.67 37.24
CA LEU T 949 -128.44 -0.30 37.33
C LEU T 949 -127.92 0.46 36.12
N ASP T 950 -128.82 1.14 35.44
CA ASP T 950 -128.47 1.99 34.32
C ASP T 950 -129.10 3.37 34.40
N TRP T 951 -130.18 3.52 35.18
CA TRP T 951 -130.89 4.78 35.24
C TRP T 951 -130.11 5.86 35.95
N ILE T 952 -129.16 5.48 36.79
CA ILE T 952 -128.31 6.47 37.49
C ILE T 952 -127.40 7.14 36.48
N PRO T 953 -127.33 8.47 36.44
CA PRO T 953 -126.50 9.14 35.44
C PRO T 953 -125.03 8.97 35.73
N SER T 954 -124.26 8.80 34.65
CA SER T 954 -122.82 8.67 34.75
C SER T 954 -122.21 9.04 33.41
N LEU T 955 -121.18 9.87 33.44
CA LEU T 955 -120.46 10.14 32.21
C LEU T 955 -119.63 8.92 31.84
N ARG T 956 -119.16 8.90 30.60
CA ARG T 956 -118.32 7.83 30.13
C ARG T 956 -116.99 7.82 30.87
N ALA T 957 -116.61 6.65 31.38
CA ALA T 957 -115.37 6.55 32.12
C ALA T 957 -114.18 6.65 31.19
N SER T 958 -113.08 7.15 31.75
CA SER T 958 -111.81 7.18 31.02
C SER T 958 -110.76 6.43 31.82
N ALA T 959 -109.52 6.45 31.32
CA ALA T 959 -108.46 5.72 31.97
C ALA T 959 -108.13 6.30 33.34
N ALA T 960 -108.08 7.62 33.45
CA ALA T 960 -107.71 8.25 34.72
C ALA T 960 -108.80 8.07 35.77
N THR T 961 -110.07 8.22 35.35
CA THR T 961 -111.18 8.05 36.27
C THR T 961 -111.29 6.60 36.73
N ALA T 962 -111.10 5.66 35.81
CA ALA T 962 -111.09 4.25 36.18
C ALA T 962 -109.92 3.93 37.10
N ALA T 963 -108.79 4.59 36.90
CA ALA T 963 -107.62 4.36 37.74
C ALA T 963 -107.87 4.83 39.17
N THR T 964 -108.44 6.03 39.31
CA THR T 964 -108.82 6.53 40.63
C THR T 964 -109.80 5.61 41.31
N PHE T 965 -110.88 5.26 40.60
CA PHE T 965 -111.96 4.46 41.17
C PHE T 965 -111.47 3.07 41.60
N ALA T 966 -110.59 2.49 40.82
CA ALA T 966 -110.02 1.20 41.20
C ALA T 966 -109.08 1.34 42.38
N GLU T 967 -108.39 2.48 42.51
CA GLU T 967 -107.58 2.69 43.71
C GLU T 967 -108.45 2.82 44.95
N TRP T 968 -109.62 3.45 44.82
CA TRP T 968 -110.54 3.56 45.94
C TRP T 968 -111.02 2.18 46.37
N VAL T 969 -111.39 1.34 45.40
CA VAL T 969 -111.79 -0.03 45.68
C VAL T 969 -110.67 -0.79 46.35
N ASN T 970 -109.44 -0.58 45.89
CA ASN T 970 -108.28 -1.26 46.44
C ASN T 970 -108.03 -0.88 47.89
N THR T 971 -108.00 0.42 48.17
CA THR T 971 -107.64 0.83 49.51
C THR T 971 -108.77 0.55 50.51
N SER T 972 -110.03 0.57 50.05
CA SER T 972 -111.12 0.18 50.93
C SER T 972 -111.06 -1.30 51.28
N MET T 973 -110.75 -2.13 50.28
CA MET T 973 -110.65 -3.57 50.54
C MET T 973 -109.45 -3.90 51.41
N LYS T 974 -108.34 -3.18 51.23
CA LYS T 974 -107.16 -3.44 52.04
C LYS T 974 -107.38 -3.06 53.50
N THR T 975 -107.89 -1.84 53.73
CA THR T 975 -108.15 -1.42 55.10
C THR T 975 -109.26 -2.22 55.76
N ALA T 976 -110.14 -2.83 54.98
CA ALA T 976 -111.10 -3.75 55.58
C ALA T 976 -110.44 -5.06 55.94
N PHE T 977 -109.65 -5.64 55.04
CA PHE T 977 -109.13 -6.98 55.24
C PHE T 977 -107.82 -7.01 56.00
N ASP T 978 -107.38 -5.88 56.54
CA ASP T 978 -106.22 -5.77 57.43
C ASP T 978 -104.94 -6.18 56.71
N LEU T 979 -104.63 -5.44 55.66
CA LEU T 979 -103.44 -5.68 54.86
C LEU T 979 -102.61 -4.41 54.78
N SER T 980 -101.31 -4.60 54.64
CA SER T 980 -100.38 -3.49 54.47
C SER T 980 -99.45 -3.71 53.28
N ASP T 981 -99.73 -4.72 52.47
CA ASP T 981 -98.84 -5.11 51.39
C ASP T 981 -99.62 -5.12 50.08
N MET T 982 -99.01 -5.67 49.04
CA MET T 982 -99.59 -5.60 47.70
C MET T 982 -100.88 -6.39 47.59
N LEU T 983 -101.86 -5.77 46.95
CA LEU T 983 -103.13 -6.39 46.58
C LEU T 983 -103.73 -5.48 45.52
N LEU T 984 -103.94 -5.99 44.31
CA LEU T 984 -104.47 -5.26 43.16
C LEU T 984 -103.63 -4.06 42.75
N GLU T 985 -102.47 -3.87 43.32
CA GLU T 985 -101.69 -2.65 43.17
C GLU T 985 -101.00 -2.53 41.80
N PRO T 986 -100.34 -3.55 41.22
CA PRO T 986 -99.74 -3.34 39.89
C PRO T 986 -100.74 -3.20 38.79
N LEU T 987 -102.00 -3.58 39.00
CA LEU T 987 -103.03 -3.36 38.00
C LEU T 987 -103.39 -1.88 37.83
N LEU T 988 -102.95 -1.02 38.75
CA LEU T 988 -103.18 0.40 38.67
C LEU T 988 -102.11 1.12 37.85
N SER T 989 -101.38 0.41 37.01
CA SER T 989 -100.29 1.01 36.23
C SER T 989 -100.77 1.40 34.84
N GLY T 990 -101.80 2.22 34.81
CA GLY T 990 -102.32 2.69 33.55
C GLY T 990 -103.34 1.76 32.93
N ASP T 991 -104.54 2.30 32.63
CA ASP T 991 -105.68 1.63 32.01
C ASP T 991 -106.10 0.40 32.77
N PRO T 992 -106.76 0.53 33.94
CA PRO T 992 -107.28 -0.66 34.62
C PRO T 992 -108.57 -1.18 34.02
N ARG T 993 -109.06 -0.59 32.94
CA ARG T 993 -110.23 -1.11 32.25
C ARG T 993 -109.84 -2.39 31.55
N MET T 994 -109.99 -3.51 32.23
CA MET T 994 -109.48 -4.78 31.75
C MET T 994 -110.59 -5.82 31.80
N THR T 995 -110.28 -6.99 31.23
CA THR T 995 -111.22 -8.09 31.17
C THR T 995 -110.74 -9.31 31.93
N GLN T 996 -109.54 -9.81 31.64
CA GLN T 996 -109.04 -11.02 32.26
C GLN T 996 -107.52 -11.03 32.18
N LEU T 997 -106.92 -11.79 33.08
CA LEU T 997 -105.47 -11.88 33.12
C LEU T 997 -104.99 -12.93 32.13
N ALA T 998 -103.82 -12.68 31.56
CA ALA T 998 -103.26 -13.59 30.57
C ALA T 998 -101.75 -13.43 30.56
N ILE T 999 -101.05 -14.55 30.48
CA ILE T 999 -99.59 -14.55 30.37
C ILE T 999 -99.21 -15.44 29.19
N GLN T 1000 -98.13 -15.07 28.52
CA GLN T 1000 -97.62 -15.87 27.41
C GLN T 1000 -96.13 -15.63 27.27
N TYR T 1001 -95.43 -16.63 26.74
CA TYR T 1001 -94.07 -16.42 26.28
C TYR T 1001 -93.98 -16.79 24.80
N GLN T 1002 -92.78 -16.57 24.25
CA GLN T 1002 -92.61 -16.63 22.82
C GLN T 1002 -91.26 -17.29 22.52
N GLN T 1003 -91.27 -18.21 21.57
CA GLN T 1003 -90.08 -18.94 21.15
C GLN T 1003 -89.18 -18.09 20.27
N TYR T 1004 -88.28 -18.74 19.54
CA TYR T 1004 -87.55 -18.00 18.52
C TYR T 1004 -88.26 -18.04 17.17
N ASN T 1005 -88.94 -19.14 16.84
CA ASN T 1005 -89.48 -19.28 15.49
C ASN T 1005 -90.68 -18.36 15.26
N GLY T 1006 -91.53 -18.22 16.26
CA GLY T 1006 -92.69 -17.38 16.09
C GLY T 1006 -93.92 -17.91 16.79
N ARG T 1007 -93.83 -19.12 17.33
CA ARG T 1007 -94.94 -19.66 18.10
C ARG T 1007 -95.03 -18.96 19.44
N THR T 1008 -96.26 -18.63 19.83
CA THR T 1008 -96.53 -18.03 21.12
C THR T 1008 -97.38 -18.99 21.94
N PHE T 1009 -97.08 -19.09 23.22
CA PHE T 1009 -97.75 -20.04 24.10
C PHE T 1009 -98.58 -19.27 25.12
N ASN T 1010 -99.85 -19.07 24.81
CA ASN T 1010 -100.76 -18.37 25.70
C ASN T 1010 -101.33 -19.32 26.74
N VAL T 1011 -101.38 -18.87 27.98
CA VAL T 1011 -102.05 -19.58 29.06
C VAL T 1011 -102.98 -18.60 29.76
N ILE T 1012 -104.28 -18.89 29.73
CA ILE T 1012 -105.27 -18.09 30.42
C ILE T 1012 -105.94 -18.97 31.47
N PRO T 1013 -105.81 -18.66 32.75
CA PRO T 1013 -106.50 -19.45 33.77
C PRO T 1013 -107.99 -19.21 33.74
N GLU T 1014 -108.73 -20.16 34.30
CA GLU T 1014 -110.18 -20.04 34.37
C GLU T 1014 -110.57 -19.03 35.45
N MET T 1015 -111.85 -18.85 35.63
CA MET T 1015 -112.35 -17.82 36.55
C MET T 1015 -113.59 -18.33 37.27
N PRO T 1016 -113.46 -18.75 38.52
CA PRO T 1016 -114.63 -19.14 39.30
C PRO T 1016 -115.43 -17.92 39.72
N GLY T 1017 -116.68 -18.16 40.10
CA GLY T 1017 -117.56 -17.08 40.51
C GLY T 1017 -117.21 -16.57 41.89
N SER T 1018 -116.85 -15.29 42.00
CA SER T 1018 -116.43 -14.75 43.28
C SER T 1018 -117.66 -14.28 44.06
N VAL T 1019 -117.75 -14.75 45.31
CA VAL T 1019 -118.94 -14.53 46.12
C VAL T 1019 -119.10 -13.07 46.51
N ILE T 1020 -117.99 -12.32 46.62
CA ILE T 1020 -118.08 -10.91 46.96
C ILE T 1020 -118.77 -10.13 45.84
N ALA T 1021 -118.27 -10.27 44.61
CA ALA T 1021 -118.87 -9.56 43.48
C ALA T 1021 -120.27 -10.06 43.18
N ASP T 1022 -120.53 -11.35 43.42
CA ASP T 1022 -121.88 -11.86 43.21
C ASP T 1022 -122.85 -11.26 44.22
N CYS T 1023 -122.43 -11.09 45.47
CA CYS T 1023 -123.27 -10.42 46.44
C CYS T 1023 -123.43 -8.94 46.13
N VAL T 1024 -122.40 -8.32 45.54
CA VAL T 1024 -122.53 -6.95 45.03
C VAL T 1024 -123.65 -6.87 44.01
N GLN T 1025 -123.66 -7.81 43.07
CA GLN T 1025 -124.69 -7.86 42.05
C GLN T 1025 -126.07 -8.05 42.66
N LEU T 1026 -126.15 -8.91 43.69
CA LEU T 1026 -127.39 -9.15 44.41
C LEU T 1026 -127.92 -7.88 45.04
N THR T 1027 -127.09 -7.21 45.85
CA THR T 1027 -127.56 -6.05 46.56
C THR T 1027 -127.79 -4.86 45.64
N ALA T 1028 -127.10 -4.82 44.51
CA ALA T 1028 -127.35 -3.76 43.54
C ALA T 1028 -128.70 -3.95 42.86
N GLU T 1029 -129.04 -5.19 42.51
CA GLU T 1029 -130.33 -5.44 41.86
C GLU T 1029 -131.48 -5.21 42.83
N VAL T 1030 -131.34 -5.67 44.07
CA VAL T 1030 -132.41 -5.41 45.03
C VAL T 1030 -132.43 -3.96 45.46
N PHE T 1031 -131.35 -3.21 45.26
CA PHE T 1031 -131.41 -1.77 45.49
C PHE T 1031 -132.14 -1.07 44.35
N ASN T 1032 -131.96 -1.58 43.12
CA ASN T 1032 -132.74 -1.09 41.98
C ASN T 1032 -134.22 -1.27 42.23
N HIS T 1033 -134.60 -2.34 42.92
CA HIS T 1033 -135.98 -2.41 43.39
C HIS T 1033 -136.24 -1.41 44.51
N GLU T 1034 -135.55 -1.55 45.64
CA GLU T 1034 -135.77 -0.70 46.81
C GLU T 1034 -134.67 0.36 46.87
N TYR T 1035 -134.85 1.41 46.08
CA TYR T 1035 -133.90 2.50 45.95
C TYR T 1035 -134.03 3.56 47.03
N ASN T 1036 -135.23 3.76 47.57
CA ASN T 1036 -135.53 4.86 48.49
C ASN T 1036 -134.77 4.77 49.81
N LEU T 1037 -134.27 3.61 50.16
CA LEU T 1037 -133.72 3.43 51.50
C LEU T 1037 -132.35 4.06 51.64
N PHE T 1038 -131.54 4.06 50.59
CA PHE T 1038 -130.21 4.66 50.67
C PHE T 1038 -130.22 6.15 50.33
N GLY T 1039 -131.37 6.81 50.44
CA GLY T 1039 -131.40 8.24 50.29
C GLY T 1039 -131.32 8.75 48.87
N ILE T 1040 -131.63 7.91 47.89
CA ILE T 1040 -131.66 8.36 46.51
C ILE T 1040 -133.11 8.39 46.05
N ALA T 1041 -133.38 9.23 45.06
CA ALA T 1041 -134.71 9.38 44.51
C ALA T 1041 -134.67 9.17 43.01
N ARG T 1042 -135.53 8.29 42.51
CA ARG T 1042 -135.63 8.12 41.08
C ARG T 1042 -136.52 9.21 40.48
N GLY T 1043 -136.72 9.12 39.17
CA GLY T 1043 -137.52 10.09 38.47
C GLY T 1043 -136.79 11.43 38.41
N ASP T 1044 -137.58 12.49 38.45
CA ASP T 1044 -137.04 13.83 38.43
C ASP T 1044 -138.07 14.77 39.03
N ILE T 1045 -137.85 16.08 38.84
CA ILE T 1045 -138.59 17.08 39.60
C ILE T 1045 -139.32 18.04 38.68
N ILE T 1046 -140.33 18.69 39.25
CA ILE T 1046 -141.06 19.79 38.64
C ILE T 1046 -140.87 21.00 39.52
N ILE T 1047 -140.52 22.13 38.91
CA ILE T 1047 -140.39 23.38 39.64
C ILE T 1047 -141.55 24.27 39.23
N GLY T 1048 -142.50 24.47 40.14
CA GLY T 1048 -143.68 25.26 39.84
C GLY T 1048 -144.49 25.64 41.05
N ARG T 1049 -145.13 26.80 41.01
CA ARG T 1049 -145.82 27.34 42.17
C ARG T 1049 -147.12 26.61 42.44
N VAL T 1050 -147.33 26.20 43.68
CA VAL T 1050 -148.58 25.62 44.15
C VAL T 1050 -148.97 26.33 45.43
N GLN T 1051 -150.08 27.06 45.40
CA GLN T 1051 -150.59 27.80 46.54
C GLN T 1051 -151.99 27.26 46.85
N SER T 1052 -152.07 26.25 47.71
CA SER T 1052 -153.34 25.64 48.06
C SER T 1052 -153.26 25.04 49.45
N THR T 1053 -154.44 24.81 50.03
CA THR T 1053 -154.55 24.22 51.36
C THR T 1053 -154.53 22.70 51.34
N HIS T 1054 -154.26 22.09 50.20
CA HIS T 1054 -154.28 20.64 50.09
C HIS T 1054 -152.94 20.06 50.50
N LEU T 1055 -152.93 19.30 51.59
CA LEU T 1055 -151.82 18.40 51.88
C LEU T 1055 -151.98 17.20 50.97
N TRP T 1056 -150.88 16.76 50.36
CA TRP T 1056 -151.01 15.54 49.57
C TRP T 1056 -149.77 14.64 49.57
N SER T 1057 -148.79 14.85 50.48
CA SER T 1057 -147.49 14.18 50.53
C SER T 1057 -146.67 14.42 49.26
N PRO T 1058 -145.96 15.57 49.16
CA PRO T 1058 -145.16 15.90 47.96
C PRO T 1058 -144.22 14.86 47.35
N LEU T 1059 -143.96 13.74 48.00
CA LEU T 1059 -143.26 12.65 47.34
C LEU T 1059 -144.18 11.71 46.59
N ALA T 1060 -145.45 12.04 46.43
CA ALA T 1060 -146.43 11.13 45.82
C ALA T 1060 -147.33 11.92 44.88
N PRO T 1061 -146.92 12.13 43.64
CA PRO T 1061 -147.56 13.12 42.77
C PRO T 1061 -148.91 12.66 42.24
N PRO T 1062 -149.91 13.53 42.29
CA PRO T 1062 -151.20 13.26 41.65
C PRO T 1062 -151.07 13.43 40.15
N PRO T 1063 -151.98 12.83 39.36
CA PRO T 1063 -151.82 12.90 37.90
C PRO T 1063 -152.11 14.27 37.30
N ASP T 1064 -152.90 15.12 37.96
CA ASP T 1064 -153.29 16.36 37.32
C ASP T 1064 -152.20 17.41 37.31
N LEU T 1065 -151.11 17.22 38.05
CA LEU T 1065 -150.06 18.22 38.13
C LEU T 1065 -148.87 17.93 37.24
N VAL T 1066 -148.40 16.69 37.21
CA VAL T 1066 -147.16 16.38 36.51
C VAL T 1066 -147.41 16.24 35.03
N PHE T 1067 -146.36 16.41 34.24
CA PHE T 1067 -146.41 16.28 32.80
C PHE T 1067 -145.20 15.46 32.34
N ASP T 1068 -145.07 15.31 31.03
CA ASP T 1068 -143.98 14.51 30.49
C ASP T 1068 -143.57 15.11 29.14
N ARG T 1069 -142.86 14.32 28.35
CA ARG T 1069 -142.54 14.71 26.99
C ARG T 1069 -143.71 14.55 26.04
N ASP T 1070 -144.74 13.81 26.44
CA ASP T 1070 -145.84 13.49 25.55
C ASP T 1070 -147.12 14.25 25.89
N THR T 1071 -147.10 15.07 26.92
CA THR T 1071 -148.24 15.92 27.22
C THR T 1071 -148.38 16.97 26.14
N PRO T 1072 -149.59 17.19 25.60
CA PRO T 1072 -149.74 18.16 24.50
C PRO T 1072 -149.53 19.60 24.94
N GLY T 1073 -148.82 20.35 24.10
CA GLY T 1073 -148.50 21.72 24.40
C GLY T 1073 -147.31 21.90 25.30
N VAL T 1074 -146.37 20.97 25.27
CA VAL T 1074 -145.19 20.99 26.15
C VAL T 1074 -143.95 21.01 25.28
N HIS T 1075 -143.06 21.96 25.54
CA HIS T 1075 -141.88 22.17 24.72
C HIS T 1075 -140.66 21.51 25.35
N ILE T 1076 -140.03 20.64 24.58
CA ILE T 1076 -138.79 19.98 24.99
C ILE T 1076 -137.63 20.84 24.54
N PHE T 1077 -136.66 21.08 25.41
CA PHE T 1077 -135.56 21.98 25.11
C PHE T 1077 -134.25 21.21 25.04
N GLY T 1078 -133.61 21.26 23.88
CA GLY T 1078 -132.30 20.68 23.68
C GLY T 1078 -131.21 21.62 24.12
N ARG T 1079 -130.03 21.51 23.49
CA ARG T 1079 -128.88 22.26 23.97
C ARG T 1079 -128.98 23.74 23.64
N ASP T 1080 -129.39 24.11 22.43
CA ASP T 1080 -129.22 25.49 22.00
C ASP T 1080 -130.30 26.44 22.53
N CYS T 1081 -130.56 26.40 23.83
CA CYS T 1081 -131.44 27.38 24.44
C CYS T 1081 -130.68 28.69 24.60
N ARG T 1082 -131.19 29.74 23.98
CA ARG T 1082 -130.63 31.07 24.13
C ARG T 1082 -131.80 32.02 24.25
N ILE T 1083 -131.55 33.19 24.83
CA ILE T 1083 -132.64 34.08 25.24
C ILE T 1083 -132.49 35.39 24.49
N SER T 1084 -133.52 35.75 23.72
CA SER T 1084 -133.64 37.06 23.11
C SER T 1084 -134.55 37.93 23.95
N PHE T 1085 -134.24 39.22 24.00
CA PHE T 1085 -135.07 40.16 24.75
C PHE T 1085 -136.10 40.79 23.83
N GLY T 1086 -137.33 40.87 24.32
CA GLY T 1086 -138.37 41.55 23.58
C GLY T 1086 -138.24 43.05 23.72
N MET T 1087 -137.81 43.71 22.65
CA MET T 1087 -137.67 45.17 22.67
C MET T 1087 -139.03 45.83 22.72
N ASN T 1088 -139.06 46.99 23.39
CA ASN T 1088 -140.25 47.83 23.54
C ASN T 1088 -141.41 47.08 24.17
N GLY T 1089 -141.14 46.41 25.28
CA GLY T 1089 -142.19 45.73 25.99
C GLY T 1089 -142.64 44.42 25.39
N ALA T 1090 -141.98 43.95 24.34
CA ALA T 1090 -142.32 42.64 23.82
C ALA T 1090 -141.82 41.56 24.76
N ALA T 1091 -142.40 40.38 24.65
CA ALA T 1091 -142.07 39.31 25.57
C ALA T 1091 -140.70 38.73 25.23
N PRO T 1092 -139.85 38.49 26.22
CA PRO T 1092 -138.57 37.85 25.95
C PRO T 1092 -138.75 36.39 25.61
N MET T 1093 -137.95 35.93 24.64
CA MET T 1093 -138.16 34.65 23.98
C MET T 1093 -136.98 33.73 24.24
N ILE T 1094 -137.19 32.44 24.06
CA ILE T 1094 -136.14 31.45 24.22
C ILE T 1094 -136.19 30.47 23.06
N ARG T 1095 -135.01 30.01 22.65
CA ARG T 1095 -134.87 29.16 21.47
C ARG T 1095 -135.17 27.71 21.79
N ASP T 1096 -136.11 27.13 21.05
CA ASP T 1096 -136.31 25.69 21.02
C ASP T 1096 -135.43 25.09 19.94
N GLU T 1097 -135.06 23.82 20.11
CA GLU T 1097 -134.25 23.16 19.09
C GLU T 1097 -135.04 22.89 17.83
N THR T 1098 -136.36 22.96 17.87
CA THR T 1098 -137.18 22.92 16.67
C THR T 1098 -137.27 24.27 15.97
N GLY T 1099 -136.47 25.25 16.38
CA GLY T 1099 -136.47 26.55 15.75
C GLY T 1099 -137.70 27.39 16.04
N MET T 1100 -138.48 27.02 17.04
CA MET T 1100 -139.70 27.74 17.39
C MET T 1100 -139.41 28.52 18.66
N MET T 1101 -139.12 29.80 18.52
CA MET T 1101 -138.90 30.66 19.69
C MET T 1101 -140.19 30.78 20.48
N VAL T 1102 -140.10 30.51 21.78
CA VAL T 1102 -141.28 30.51 22.64
C VAL T 1102 -141.07 31.52 23.77
N PRO T 1103 -142.14 32.13 24.27
CA PRO T 1103 -142.01 33.01 25.43
C PRO T 1103 -142.02 32.24 26.75
N PHE T 1104 -142.02 32.96 27.86
CA PHE T 1104 -141.70 32.38 29.17
C PHE T 1104 -142.95 31.84 29.88
N GLU T 1105 -143.64 30.91 29.23
CA GLU T 1105 -144.83 30.30 29.82
C GLU T 1105 -144.80 28.80 29.53
N GLY T 1106 -145.93 28.15 29.77
CA GLY T 1106 -146.07 26.74 29.44
C GLY T 1106 -145.35 25.85 30.44
N ASN T 1107 -145.00 24.66 29.96
CA ASN T 1107 -144.31 23.68 30.77
C ASN T 1107 -143.08 23.22 30.01
N TRP T 1108 -141.93 23.27 30.66
CA TRP T 1108 -140.66 23.10 29.97
C TRP T 1108 -139.93 21.88 30.50
N ILE T 1109 -139.06 21.34 29.66
CA ILE T 1109 -138.22 20.20 30.00
C ILE T 1109 -136.79 20.54 29.63
N PHE T 1110 -135.98 20.87 30.63
CA PHE T 1110 -134.54 21.06 30.53
C PHE T 1110 -133.83 19.82 31.02
N PRO T 1111 -132.79 19.37 30.34
CA PRO T 1111 -131.79 18.54 31.00
C PRO T 1111 -131.05 19.36 32.02
N LEU T 1112 -130.53 18.69 33.05
CA LEU T 1112 -129.79 19.36 34.11
C LEU T 1112 -128.49 19.95 33.60
N ALA T 1113 -127.99 19.43 32.47
CA ALA T 1113 -126.75 19.93 31.89
C ALA T 1113 -126.85 21.40 31.52
N LEU T 1114 -128.02 21.85 31.03
CA LEU T 1114 -128.17 23.24 30.60
C LEU T 1114 -128.12 24.20 31.78
N TRP T 1115 -128.89 23.90 32.82
CA TRP T 1115 -128.91 24.73 34.00
C TRP T 1115 -127.56 24.70 34.70
N GLN T 1116 -126.89 23.55 34.68
CA GLN T 1116 -125.55 23.46 35.22
C GLN T 1116 -124.55 24.24 34.38
N MET T 1117 -124.80 24.36 33.08
CA MET T 1117 -123.97 25.22 32.22
C MET T 1117 -124.11 26.68 32.62
N ASN T 1118 -125.34 27.18 32.67
CA ASN T 1118 -125.50 28.62 32.68
C ASN T 1118 -126.51 29.06 33.73
N THR T 1119 -126.39 28.54 34.96
CA THR T 1119 -127.31 28.93 36.02
C THR T 1119 -127.19 30.40 36.42
N ARG T 1120 -125.98 30.97 36.38
CA ARG T 1120 -125.85 32.36 36.76
C ARG T 1120 -126.41 33.29 35.71
N TYR T 1121 -126.43 32.88 34.45
CA TYR T 1121 -127.16 33.65 33.46
C TYR T 1121 -128.65 33.41 33.56
N PHE T 1122 -129.07 32.18 33.86
CA PHE T 1122 -130.47 31.81 33.75
C PHE T 1122 -131.29 32.30 34.93
N ASN T 1123 -130.67 32.46 36.10
CA ASN T 1123 -131.45 32.69 37.31
C ASN T 1123 -132.09 34.08 37.33
N GLN T 1124 -131.34 35.10 36.90
CA GLN T 1124 -131.91 36.43 36.81
C GLN T 1124 -132.99 36.49 35.75
N GLN T 1125 -132.87 35.67 34.72
CA GLN T 1125 -133.91 35.57 33.72
C GLN T 1125 -135.15 34.86 34.22
N PHE T 1126 -135.00 33.89 35.12
CA PHE T 1126 -136.07 32.94 35.37
C PHE T 1126 -136.76 33.06 36.72
N ASP T 1127 -136.13 33.72 37.72
CA ASP T 1127 -136.65 33.64 39.09
C ASP T 1127 -137.97 34.36 39.26
N ALA T 1128 -138.11 35.54 38.68
CA ALA T 1128 -139.36 36.28 38.82
C ALA T 1128 -140.50 35.59 38.07
N TRP T 1129 -140.18 34.92 36.97
CA TRP T 1129 -141.21 34.23 36.22
C TRP T 1129 -141.65 32.96 36.94
N ILE T 1130 -140.71 32.25 37.57
CA ILE T 1130 -141.12 31.06 38.31
C ILE T 1130 -141.78 31.44 39.64
N LYS T 1131 -141.50 32.61 40.18
CA LYS T 1131 -142.19 33.04 41.39
C LYS T 1131 -143.60 33.51 41.08
N THR T 1132 -143.75 34.39 40.08
CA THR T 1132 -145.02 35.05 39.82
C THR T 1132 -145.74 34.49 38.61
N GLY T 1133 -145.07 34.41 37.47
CA GLY T 1133 -145.73 34.01 36.24
C GLY T 1133 -146.05 32.53 36.19
N GLU T 1134 -146.78 32.16 35.14
CA GLU T 1134 -147.20 30.78 34.94
C GLU T 1134 -146.11 30.05 34.19
N LEU T 1135 -145.39 29.19 34.89
CA LEU T 1135 -144.24 28.50 34.33
C LEU T 1135 -143.95 27.28 35.18
N ARG T 1136 -143.63 26.16 34.52
CA ARG T 1136 -143.18 24.97 35.21
C ARG T 1136 -142.04 24.35 34.42
N ILE T 1137 -141.08 23.78 35.14
CA ILE T 1137 -139.85 23.29 34.53
C ILE T 1137 -139.62 21.85 35.00
N ARG T 1138 -139.41 20.94 34.07
CA ARG T 1138 -138.99 19.59 34.39
C ARG T 1138 -137.50 19.48 34.16
N ILE T 1139 -136.73 19.29 35.23
CA ILE T 1139 -135.30 19.07 35.14
C ILE T 1139 -135.05 17.60 35.37
N GLU T 1140 -134.57 16.88 34.34
CA GLU T 1140 -134.34 15.46 34.48
C GLU T 1140 -132.92 15.20 34.95
N MET T 1141 -132.79 14.30 35.93
CA MET T 1141 -131.50 13.77 36.30
C MET T 1141 -131.51 12.30 36.67
N GLY T 1142 -132.65 11.64 36.74
CA GLY T 1142 -132.67 10.26 37.18
C GLY T 1142 -132.44 10.09 38.66
N ALA T 1143 -131.22 10.35 39.14
CA ALA T 1143 -130.85 10.16 40.53
C ALA T 1143 -130.50 11.50 41.15
N TYR T 1144 -130.93 11.71 42.40
CA TYR T 1144 -130.53 12.90 43.14
C TYR T 1144 -130.75 12.66 44.61
N PRO T 1145 -129.88 13.17 45.48
CA PRO T 1145 -130.13 13.09 46.92
C PRO T 1145 -131.30 13.98 47.32
N TYR T 1146 -131.96 13.60 48.40
CA TYR T 1146 -133.10 14.36 48.89
C TYR T 1146 -132.91 14.67 50.38
N MET T 1147 -133.59 15.71 50.81
CA MET T 1147 -133.52 16.15 52.20
C MET T 1147 -134.85 16.82 52.51
N LEU T 1148 -135.47 16.42 53.61
CA LEU T 1148 -136.85 16.79 53.87
C LEU T 1148 -136.94 18.02 54.78
N HIS T 1149 -138.12 18.61 54.80
CA HIS T 1149 -138.47 19.68 55.72
C HIS T 1149 -139.91 19.47 56.13
N TYR T 1150 -140.16 19.49 57.43
CA TYR T 1150 -141.47 19.23 57.98
C TYR T 1150 -142.06 20.54 58.47
N TYR T 1151 -143.19 20.93 57.91
CA TYR T 1151 -143.80 22.20 58.27
C TYR T 1151 -145.08 21.99 59.04
N ASP T 1152 -145.68 23.11 59.40
CA ASP T 1152 -146.89 23.12 60.18
C ASP T 1152 -148.07 23.29 59.23
N PRO T 1153 -149.03 22.38 59.21
CA PRO T 1153 -150.16 22.55 58.28
C PRO T 1153 -151.10 23.68 58.66
N ARG T 1154 -151.29 23.97 59.94
CA ARG T 1154 -152.22 25.05 60.33
C ARG T 1154 -151.53 26.40 60.46
N GLN T 1155 -150.31 26.54 59.95
CA GLN T 1155 -149.68 27.85 59.88
C GLN T 1155 -149.28 28.15 58.44
N TYR T 1156 -149.21 29.43 58.12
CA TYR T 1156 -148.77 29.85 56.81
C TYR T 1156 -147.28 29.57 56.66
N ALA T 1157 -146.90 29.16 55.46
CA ALA T 1157 -145.53 28.75 55.21
C ALA T 1157 -145.24 28.78 53.72
N ASN T 1158 -143.97 29.01 53.38
CA ASN T 1158 -143.55 29.19 52.01
C ASN T 1158 -142.27 28.39 51.79
N ALA T 1159 -142.04 28.01 50.53
CA ALA T 1159 -140.85 27.27 50.15
C ALA T 1159 -139.89 28.09 49.31
N TRP T 1160 -140.10 29.40 49.21
CA TRP T 1160 -139.39 30.16 48.18
C TRP T 1160 -137.92 30.37 48.56
N ASN T 1161 -137.64 30.62 49.83
CA ASN T 1161 -136.26 30.83 50.27
C ASN T 1161 -135.43 29.57 50.08
N LEU T 1162 -136.00 28.41 50.37
CA LEU T 1162 -135.26 27.16 50.27
C LEU T 1162 -135.12 26.72 48.81
N THR T 1163 -136.20 26.92 48.04
CA THR T 1163 -136.18 26.75 46.59
C THR T 1163 -135.05 27.57 45.97
N SER T 1164 -134.95 28.83 46.39
CA SER T 1164 -133.90 29.70 45.92
C SER T 1164 -132.53 29.19 46.33
N ALA T 1165 -132.38 28.80 47.60
CA ALA T 1165 -131.09 28.39 48.15
C ALA T 1165 -130.53 27.20 47.40
N TRP T 1166 -131.39 26.28 46.99
CA TRP T 1166 -130.96 25.25 46.06
C TRP T 1166 -130.58 25.86 44.70
N LEU T 1167 -131.48 26.66 44.12
CA LEU T 1167 -131.30 27.16 42.76
C LEU T 1167 -130.11 28.09 42.58
N GLU T 1168 -129.59 28.66 43.66
CA GLU T 1168 -128.45 29.56 43.61
C GLU T 1168 -127.27 29.09 44.44
N GLU T 1169 -127.36 27.94 45.09
CA GLU T 1169 -126.16 27.26 45.50
C GLU T 1169 -125.79 26.15 44.53
N ILE T 1170 -126.56 26.00 43.45
CA ILE T 1170 -126.11 25.13 42.37
C ILE T 1170 -124.93 25.77 41.66
N THR T 1171 -124.17 24.96 40.94
CA THR T 1171 -122.85 25.34 40.46
C THR T 1171 -122.53 24.46 39.25
N PRO T 1172 -121.58 24.87 38.38
CA PRO T 1172 -121.28 24.03 37.22
C PRO T 1172 -120.51 22.75 37.50
N THR T 1173 -120.26 22.42 38.75
CA THR T 1173 -119.58 21.17 39.04
C THR T 1173 -120.36 20.23 39.94
N SER T 1174 -121.41 20.67 40.62
CA SER T 1174 -122.05 19.80 41.59
C SER T 1174 -123.47 20.27 41.86
N ILE T 1175 -124.20 19.44 42.60
CA ILE T 1175 -125.60 19.69 42.93
C ILE T 1175 -125.70 19.66 44.46
N PRO T 1176 -126.20 20.72 45.08
CA PRO T 1176 -126.57 20.60 46.50
C PRO T 1176 -127.85 19.81 46.63
N SER T 1177 -127.99 19.15 47.78
CA SER T 1177 -129.09 18.22 47.99
C SER T 1177 -130.43 18.92 47.95
N VAL T 1178 -131.37 18.34 47.22
CA VAL T 1178 -132.62 19.02 46.88
C VAL T 1178 -133.52 19.06 48.11
N PRO T 1179 -133.98 20.24 48.51
CA PRO T 1179 -134.87 20.32 49.66
C PRO T 1179 -136.29 19.96 49.28
N PHE T 1180 -137.02 19.45 50.27
CA PHE T 1180 -138.41 19.04 50.07
C PHE T 1180 -139.21 19.45 51.28
N MET T 1181 -140.37 20.03 51.03
CA MET T 1181 -141.18 20.64 52.07
C MET T 1181 -142.46 19.83 52.19
N VAL T 1182 -142.49 18.88 53.12
CA VAL T 1182 -143.60 17.94 53.23
C VAL T 1182 -144.25 18.10 54.60
N PRO T 1183 -145.57 17.92 54.71
CA PRO T 1183 -146.25 18.22 55.97
C PRO T 1183 -146.09 17.15 57.04
N ILE T 1184 -146.81 17.35 58.14
CA ILE T 1184 -146.79 16.47 59.29
C ILE T 1184 -148.20 15.98 59.52
N SER T 1185 -148.37 14.66 59.66
CA SER T 1185 -149.69 14.11 59.92
C SER T 1185 -150.15 14.43 61.33
N SER T 1186 -151.42 14.16 61.61
CA SER T 1186 -152.00 14.47 62.91
C SER T 1186 -153.07 13.45 63.24
N ASP T 1187 -153.71 13.65 64.40
CA ASP T 1187 -154.70 12.70 64.90
C ASP T 1187 -156.02 13.37 65.25
N HIS T 1188 -156.17 14.66 64.96
CA HIS T 1188 -157.44 15.35 65.10
C HIS T 1188 -157.51 16.35 63.96
N ASP T 1189 -158.64 17.04 63.84
CA ASP T 1189 -158.81 17.94 62.71
C ASP T 1189 -157.93 19.18 62.86
N ILE T 1190 -157.37 19.61 61.75
CA ILE T 1190 -156.36 20.66 61.71
C ILE T 1190 -156.92 21.84 60.95
N SER T 1191 -156.65 23.04 61.44
CA SER T 1191 -157.07 24.26 60.79
C SER T 1191 -156.45 24.36 59.40
N SER T 1192 -157.32 24.48 58.39
CA SER T 1192 -156.88 24.52 57.01
C SER T 1192 -156.18 25.83 56.72
N ALA T 1193 -154.84 25.79 56.66
CA ALA T 1193 -154.07 26.98 56.34
C ALA T 1193 -153.22 26.73 55.09
N PRO T 1194 -153.14 27.71 54.19
CA PRO T 1194 -152.44 27.48 52.93
C PRO T 1194 -150.93 27.47 53.09
N ALA T 1195 -150.29 26.85 52.11
CA ALA T 1195 -148.83 26.81 52.05
C ALA T 1195 -148.42 26.87 50.60
N VAL T 1196 -147.20 27.34 50.37
CA VAL T 1196 -146.70 27.56 49.02
C VAL T 1196 -145.49 26.66 48.82
N GLN T 1197 -145.61 25.72 47.88
CA GLN T 1197 -144.55 24.78 47.57
C GLN T 1197 -144.10 24.95 46.12
N TYR T 1198 -142.92 24.41 45.82
CA TYR T 1198 -142.40 24.54 44.47
C TYR T 1198 -141.81 23.28 43.85
N ILE T 1199 -141.35 22.31 44.63
CA ILE T 1199 -140.61 21.18 44.08
C ILE T 1199 -141.34 19.89 44.46
N ILE T 1200 -141.78 19.15 43.44
CA ILE T 1200 -142.40 17.86 43.63
C ILE T 1200 -141.68 16.84 42.77
N SER T 1201 -141.78 15.57 43.15
CA SER T 1201 -141.26 14.52 42.29
C SER T 1201 -142.27 14.17 41.21
N THR T 1202 -141.78 13.54 40.14
CA THR T 1202 -142.63 13.10 39.05
C THR T 1202 -143.11 11.68 39.20
N GLU T 1203 -142.61 10.94 40.17
CA GLU T 1203 -143.13 9.62 40.46
C GLU T 1203 -143.02 9.39 41.97
N TYR T 1204 -143.44 8.22 42.39
CA TYR T 1204 -143.56 7.92 43.81
C TYR T 1204 -142.19 7.74 44.44
N ASN T 1205 -142.05 8.23 45.65
CA ASN T 1205 -140.76 8.25 46.31
C ASN T 1205 -140.87 7.79 47.75
N ASP T 1206 -142.09 7.66 48.26
CA ASP T 1206 -142.33 7.52 49.70
C ASP T 1206 -142.31 6.04 50.09
N ARG T 1207 -141.17 5.40 49.84
CA ARG T 1207 -140.93 4.07 50.37
C ARG T 1207 -140.06 4.09 51.61
N SER T 1208 -139.43 5.22 51.92
CA SER T 1208 -138.61 5.32 53.11
C SER T 1208 -139.44 5.35 54.38
N LEU T 1209 -140.69 5.78 54.29
CA LEU T 1209 -141.56 5.91 55.45
C LEU T 1209 -141.87 4.56 56.05
N PHE T 1210 -141.92 4.50 57.39
CA PHE T 1210 -142.37 3.30 58.07
C PHE T 1210 -143.79 3.44 58.59
N CYS T 1211 -144.05 4.44 59.43
CA CYS T 1211 -145.38 4.61 59.97
C CYS T 1211 -145.59 6.08 60.32
N THR T 1212 -146.87 6.47 60.32
CA THR T 1212 -147.29 7.82 60.69
C THR T 1212 -148.27 7.72 61.83
N ASN T 1213 -148.00 8.46 62.91
CA ASN T 1213 -148.78 8.49 64.14
C ASN T 1213 -148.95 7.09 64.71
N SER T 1214 -147.80 6.54 65.13
CA SER T 1214 -147.72 5.13 65.49
C SER T 1214 -148.52 4.83 66.75
N SER T 1215 -148.56 5.75 67.70
CA SER T 1215 -149.36 5.59 68.90
C SER T 1215 -150.68 6.34 68.74
N SER T 1216 -151.52 5.81 67.86
CA SER T 1216 -152.78 6.45 67.53
C SER T 1216 -153.74 5.41 66.98
N PRO T 1217 -155.04 5.59 67.16
CA PRO T 1217 -155.99 4.65 66.53
C PRO T 1217 -156.04 4.81 65.02
N GLN T 1218 -155.93 6.03 64.51
CA GLN T 1218 -155.83 6.27 63.09
C GLN T 1218 -155.17 7.62 62.89
N THR T 1219 -155.12 8.06 61.63
CA THR T 1219 -154.53 9.34 61.26
C THR T 1219 -155.54 10.09 60.41
N ILE T 1220 -156.06 11.20 60.93
CA ILE T 1220 -157.13 11.92 60.23
C ILE T 1220 -156.56 12.68 59.04
N ALA T 1221 -155.70 13.65 59.30
CA ALA T 1221 -155.10 14.45 58.26
C ALA T 1221 -153.61 14.18 58.19
N GLY T 1222 -153.07 14.26 56.98
CA GLY T 1222 -151.67 14.02 56.77
C GLY T 1222 -151.44 12.91 55.77
N PRO T 1223 -150.19 12.69 55.40
CA PRO T 1223 -149.85 11.51 54.61
C PRO T 1223 -149.99 10.25 55.43
N ASP T 1224 -151.03 9.46 55.16
CA ASP T 1224 -151.34 8.31 55.98
C ASP T 1224 -150.62 7.07 55.47
N LYS T 1225 -150.07 6.30 56.40
CA LYS T 1225 -149.61 4.95 56.11
C LYS T 1225 -149.58 4.16 57.40
N HIS T 1226 -150.06 2.92 57.35
CA HIS T 1226 -149.97 2.01 58.48
C HIS T 1226 -148.61 1.34 58.51
N ILE T 1227 -148.47 0.32 59.33
CA ILE T 1227 -147.25 -0.49 59.38
C ILE T 1227 -147.12 -1.26 58.08
N PRO T 1228 -145.93 -1.32 57.46
CA PRO T 1228 -145.81 -2.11 56.23
C PRO T 1228 -145.90 -3.61 56.52
N VAL T 1229 -147.06 -4.15 56.17
CA VAL T 1229 -147.37 -5.54 56.44
C VAL T 1229 -146.54 -6.46 55.56
N GLU T 1230 -146.26 -6.02 54.33
CA GLU T 1230 -145.54 -6.83 53.37
C GLU T 1230 -144.08 -7.05 53.75
N ARG T 1231 -143.50 -6.17 54.56
CA ARG T 1231 -142.12 -6.37 54.96
C ARG T 1231 -142.00 -7.38 56.09
N TYR T 1232 -143.07 -7.62 56.84
CA TYR T 1232 -143.11 -8.69 57.82
C TYR T 1232 -143.95 -9.83 57.27
N ASN T 1233 -143.36 -10.59 56.33
CA ASN T 1233 -144.12 -11.58 55.59
C ASN T 1233 -144.48 -12.77 56.45
N ILE T 1234 -143.48 -13.41 57.07
CA ILE T 1234 -143.71 -14.64 57.82
C ILE T 1234 -144.50 -14.42 59.09
N LEU T 1235 -144.71 -13.18 59.51
CA LEU T 1235 -145.65 -12.93 60.60
C LEU T 1235 -147.08 -12.81 60.09
N THR T 1236 -147.28 -12.08 59.00
CA THR T 1236 -148.65 -11.87 58.56
C THR T 1236 -149.19 -13.02 57.74
N ASN T 1237 -148.38 -13.96 57.38
CA ASN T 1237 -148.85 -15.01 56.50
C ASN T 1237 -149.34 -16.20 57.32
N PRO T 1238 -150.57 -16.67 57.08
CA PRO T 1238 -150.98 -17.93 57.69
C PRO T 1238 -150.21 -19.13 57.17
N ASP T 1239 -149.92 -19.19 55.88
CA ASP T 1239 -149.12 -20.29 55.33
C ASP T 1239 -147.82 -19.72 54.75
N ALA T 1240 -146.85 -19.56 55.63
CA ALA T 1240 -145.51 -19.17 55.22
C ALA T 1240 -144.54 -20.30 55.56
N PRO T 1241 -143.69 -20.69 54.62
CA PRO T 1241 -142.50 -21.43 54.98
C PRO T 1241 -141.65 -20.60 55.91
N PRO T 1242 -140.99 -21.22 56.89
CA PRO T 1242 -140.18 -20.44 57.82
C PRO T 1242 -138.93 -19.84 57.20
N THR T 1243 -138.52 -20.33 56.04
CA THR T 1243 -137.38 -19.77 55.32
C THR T 1243 -137.80 -18.96 54.11
N GLN T 1244 -139.09 -18.67 53.97
CA GLN T 1244 -139.59 -17.97 52.80
C GLN T 1244 -139.21 -16.50 52.87
N ILE T 1245 -138.59 -16.01 51.80
CA ILE T 1245 -138.34 -14.59 51.59
C ILE T 1245 -138.74 -14.26 50.17
N GLN T 1246 -138.93 -12.97 49.92
CA GLN T 1246 -138.85 -12.44 48.57
C GLN T 1246 -137.63 -11.53 48.54
N LEU T 1247 -136.60 -11.98 47.85
CA LEU T 1247 -135.37 -11.21 47.90
C LEU T 1247 -135.33 -10.02 46.94
N PRO T 1248 -135.69 -10.14 45.65
CA PRO T 1248 -135.59 -8.92 44.81
C PRO T 1248 -136.67 -7.90 45.10
N GLU T 1249 -137.92 -8.33 45.27
CA GLU T 1249 -139.07 -7.44 45.15
C GLU T 1249 -139.10 -6.39 46.26
N VAL T 1250 -139.22 -6.82 47.50
CA VAL T 1250 -139.08 -5.92 48.64
C VAL T 1250 -138.29 -6.65 49.73
N VAL T 1251 -137.37 -5.92 50.36
CA VAL T 1251 -136.49 -6.54 51.34
C VAL T 1251 -137.27 -6.84 52.61
N ASP T 1252 -136.93 -7.95 53.25
CA ASP T 1252 -137.67 -8.45 54.39
C ASP T 1252 -136.91 -8.18 55.68
N LEU T 1253 -137.66 -7.93 56.74
CA LEU T 1253 -137.11 -7.91 58.08
C LEU T 1253 -137.79 -9.00 58.89
N TYR T 1254 -137.13 -9.41 59.97
CA TYR T 1254 -137.58 -10.49 60.86
C TYR T 1254 -137.75 -11.80 60.09
N ASN T 1255 -136.63 -12.39 59.75
CA ASN T 1255 -136.68 -13.76 59.25
C ASN T 1255 -135.88 -14.69 60.14
N VAL T 1256 -135.72 -15.92 59.68
CA VAL T 1256 -134.88 -16.90 60.36
C VAL T 1256 -133.41 -16.55 60.11
N VAL T 1257 -132.56 -16.83 61.09
CA VAL T 1257 -131.13 -16.66 60.94
C VAL T 1257 -130.44 -17.76 61.72
N THR T 1258 -129.39 -18.33 61.14
CA THR T 1258 -128.70 -19.46 61.73
C THR T 1258 -127.50 -18.96 62.51
N ARG T 1259 -127.56 -19.11 63.83
CA ARG T 1259 -126.43 -18.78 64.68
C ARG T 1259 -125.53 -20.00 64.84
N TYR T 1260 -124.23 -19.76 64.93
CA TYR T 1260 -123.24 -20.82 64.97
C TYR T 1260 -122.39 -20.72 66.22
N ALA T 1261 -121.52 -21.73 66.37
CA ALA T 1261 -120.45 -21.69 67.37
C ALA T 1261 -119.37 -22.64 66.88
N TYR T 1262 -118.31 -22.08 66.30
CA TYR T 1262 -117.21 -22.88 65.77
C TYR T 1262 -115.99 -22.75 66.67
N GLU T 1263 -114.90 -23.38 66.21
CA GLU T 1263 -113.60 -23.25 66.83
C GLU T 1263 -112.56 -23.10 65.74
N THR T 1264 -111.48 -22.42 66.06
CA THR T 1264 -110.33 -22.31 65.16
C THR T 1264 -109.16 -22.99 65.85
N PRO T 1265 -108.95 -24.28 65.63
CA PRO T 1265 -107.80 -24.95 66.20
C PRO T 1265 -106.54 -24.59 65.45
N PRO T 1266 -105.45 -24.32 66.16
CA PRO T 1266 -104.19 -23.99 65.49
C PRO T 1266 -103.57 -25.21 64.85
N ILE T 1267 -102.56 -24.96 64.02
CA ILE T 1267 -101.96 -25.99 63.19
C ILE T 1267 -101.04 -26.85 64.07
N THR T 1268 -101.53 -28.02 64.45
CA THR T 1268 -100.77 -28.96 65.24
C THR T 1268 -100.10 -29.97 64.32
N ALA T 1269 -98.85 -30.28 64.61
CA ALA T 1269 -98.11 -31.24 63.80
C ALA T 1269 -97.00 -31.85 64.63
N VAL T 1270 -96.91 -33.18 64.62
CA VAL T 1270 -95.85 -33.90 65.30
C VAL T 1270 -95.02 -34.60 64.23
N VAL T 1271 -93.71 -34.40 64.26
CA VAL T 1271 -92.82 -34.78 63.17
C VAL T 1271 -91.98 -35.96 63.62
N MET T 1272 -91.95 -37.01 62.81
CA MET T 1272 -91.20 -38.23 63.13
C MET T 1272 -90.16 -38.51 62.06
N GLY T 1273 -88.92 -38.73 62.48
CA GLY T 1273 -87.86 -39.02 61.53
C GLY T 1273 -87.84 -40.49 61.12
N VAL T 1274 -87.51 -40.73 59.85
CA VAL T 1274 -87.53 -42.06 59.27
C VAL T 1274 -86.10 -42.45 58.93
N PRO T 1275 -85.60 -43.60 59.41
CA PRO T 1275 -84.27 -44.11 59.06
C PRO T 1275 -84.24 -44.66 57.64
N GLY U 180 -96.44 81.15 4.31
CA GLY U 180 -95.78 82.30 3.72
C GLY U 180 -96.28 82.59 2.32
N TYR U 181 -95.77 83.66 1.72
CA TYR U 181 -96.15 84.00 0.36
C TYR U 181 -95.51 83.04 -0.64
N GLN U 182 -96.15 82.87 -1.79
CA GLN U 182 -95.60 81.98 -2.79
C GLN U 182 -96.05 82.40 -4.19
N CYS U 183 -95.14 82.25 -5.15
CA CYS U 183 -95.41 82.57 -6.55
C CYS U 183 -96.07 81.39 -7.24
N HIS U 184 -97.04 81.69 -8.11
CA HIS U 184 -97.72 80.63 -8.83
C HIS U 184 -96.95 80.12 -10.03
N VAL U 185 -96.02 80.90 -10.55
CA VAL U 185 -95.39 80.56 -11.82
C VAL U 185 -94.33 79.49 -11.63
N CYS U 186 -93.30 79.78 -10.86
CA CYS U 186 -92.20 78.85 -10.66
C CYS U 186 -92.25 78.18 -9.29
N SER U 187 -93.35 78.34 -8.56
CA SER U 187 -93.57 77.75 -7.23
C SER U 187 -92.49 78.17 -6.23
N ALA U 188 -92.05 79.42 -6.30
CA ALA U 188 -91.11 79.91 -5.30
C ALA U 188 -91.84 80.19 -4.00
N VAL U 189 -91.07 80.44 -2.94
CA VAL U 189 -91.62 80.77 -1.63
C VAL U 189 -91.09 82.14 -1.24
N LEU U 190 -91.99 83.06 -0.97
CA LEU U 190 -91.63 84.45 -0.73
C LEU U 190 -92.14 84.92 0.63
N PHE U 191 -91.73 86.13 1.00
CA PHE U 191 -92.00 86.70 2.31
C PHE U 191 -92.81 87.98 2.26
N SER U 192 -92.55 88.85 1.30
CA SER U 192 -93.07 90.20 1.28
C SER U 192 -93.51 90.55 -0.14
N PRO U 193 -94.47 91.49 -0.29
CA PRO U 193 -94.91 91.88 -1.64
C PRO U 193 -93.84 92.58 -2.44
N LEU U 194 -92.85 93.20 -1.79
CA LEU U 194 -91.65 93.62 -2.49
C LEU U 194 -90.96 92.44 -3.14
N ASP U 195 -90.87 91.33 -2.42
CA ASP U 195 -90.26 90.13 -2.99
C ASP U 195 -91.15 89.52 -4.07
N LEU U 196 -92.46 89.70 -3.95
CA LEU U 196 -93.36 89.27 -5.01
C LEU U 196 -93.09 90.03 -6.31
N ASP U 197 -92.95 91.35 -6.19
CA ASP U 197 -92.66 92.20 -7.35
C ASP U 197 -91.30 91.83 -7.95
N ALA U 198 -90.29 91.73 -7.09
CA ALA U 198 -88.94 91.43 -7.55
C ALA U 198 -88.80 90.01 -8.06
N HIS U 199 -89.72 89.12 -7.70
CA HIS U 199 -89.66 87.78 -8.24
C HIS U 199 -90.38 87.68 -9.57
N VAL U 200 -91.53 88.33 -9.70
CA VAL U 200 -92.24 88.25 -10.98
C VAL U 200 -91.58 89.09 -12.04
N ALA U 201 -90.74 90.07 -11.65
CA ALA U 201 -89.96 90.80 -12.64
C ALA U 201 -88.94 89.90 -13.33
N SER U 202 -88.50 88.84 -12.67
CA SER U 202 -87.66 87.85 -13.33
C SER U 202 -88.46 87.03 -14.33
N HIS U 203 -89.73 86.80 -14.05
CA HIS U 203 -90.57 86.08 -15.01
C HIS U 203 -90.97 86.96 -16.18
N GLY U 204 -90.98 88.27 -16.00
CA GLY U 204 -91.23 89.16 -17.12
C GLY U 204 -92.47 90.01 -16.92
N LEU U 205 -93.51 89.43 -16.34
CA LEU U 205 -94.70 90.19 -16.05
C LEU U 205 -94.47 91.10 -14.86
N HIS U 206 -95.38 92.06 -14.69
CA HIS U 206 -95.25 93.02 -13.61
C HIS U 206 -96.59 93.60 -13.21
N ARG U 218 -80.56 91.97 -9.71
CA ARG U 218 -79.13 91.78 -9.47
C ARG U 218 -78.76 90.32 -9.59
N HIS U 219 -79.76 89.45 -9.56
CA HIS U 219 -79.51 88.04 -9.80
C HIS U 219 -79.23 87.79 -11.27
N ILE U 220 -78.33 86.86 -11.54
CA ILE U 220 -77.99 86.48 -12.90
C ILE U 220 -78.80 85.28 -13.35
N THR U 221 -78.90 84.25 -12.53
CA THR U 221 -79.82 83.16 -12.80
C THR U 221 -80.50 82.70 -11.52
N GLU U 222 -81.68 82.10 -11.69
CA GLU U 222 -82.53 81.69 -10.57
C GLU U 222 -83.14 80.34 -10.94
N PHE U 223 -82.57 79.27 -10.42
CA PHE U 223 -83.10 77.94 -10.66
C PHE U 223 -83.85 77.45 -9.43
N ILE U 224 -84.97 76.78 -9.67
CA ILE U 224 -85.72 76.13 -8.60
C ILE U 224 -85.87 74.66 -8.96
N SER U 225 -85.68 73.79 -7.97
CA SER U 225 -85.88 72.38 -8.19
C SER U 225 -87.36 72.03 -8.11
N SER U 226 -87.66 70.74 -8.19
CA SER U 226 -89.03 70.28 -8.20
C SER U 226 -89.33 69.26 -7.11
N TRP U 227 -88.36 68.91 -6.28
CA TRP U 227 -88.66 67.96 -5.22
C TRP U 227 -87.96 68.31 -3.91
N GLN U 228 -87.33 69.47 -3.83
CA GLN U 228 -86.88 70.01 -2.56
C GLN U 228 -86.74 71.52 -2.73
N ASN U 229 -87.01 72.25 -1.66
CA ASN U 229 -87.06 73.72 -1.75
C ASN U 229 -85.68 74.33 -1.51
N HIS U 230 -84.76 73.98 -2.40
CA HIS U 230 -83.37 74.43 -2.32
C HIS U 230 -83.02 75.12 -3.63
N PRO U 231 -83.48 76.35 -3.84
CA PRO U 231 -83.16 77.05 -5.08
C PRO U 231 -81.74 77.58 -5.05
N ILE U 232 -81.21 77.83 -6.23
CA ILE U 232 -79.84 78.32 -6.39
C ILE U 232 -79.90 79.62 -7.18
N VAL U 233 -79.23 80.64 -6.69
CA VAL U 233 -79.06 81.87 -7.44
C VAL U 233 -77.57 82.10 -7.63
N GLN U 234 -77.23 82.79 -8.72
CA GLN U 234 -75.86 83.20 -8.98
C GLN U 234 -75.75 84.71 -8.90
N VAL U 235 -74.83 85.18 -8.10
CA VAL U 235 -74.57 86.60 -7.96
C VAL U 235 -73.16 86.87 -8.48
N SER U 236 -72.95 88.08 -8.97
CA SER U 236 -71.66 88.41 -9.57
C SER U 236 -70.62 88.62 -8.49
N ALA U 237 -69.37 88.82 -8.93
CA ALA U 237 -68.27 88.97 -8.00
C ALA U 237 -68.11 90.39 -7.46
N ASP U 238 -68.96 91.33 -7.87
CA ASP U 238 -68.73 92.71 -7.46
C ASP U 238 -69.15 92.97 -6.01
N VAL U 239 -70.28 92.42 -5.59
CA VAL U 239 -70.73 92.62 -4.21
C VAL U 239 -69.94 91.72 -3.28
N GLU U 240 -69.85 92.12 -2.02
CA GLU U 240 -69.19 91.32 -1.00
C GLU U 240 -70.19 90.56 -0.13
N ASN U 241 -71.27 91.23 0.29
CA ASN U 241 -72.36 90.57 1.01
C ASN U 241 -73.10 89.68 0.04
N ARG U 242 -72.83 88.37 0.11
CA ARG U 242 -73.30 87.45 -0.90
C ARG U 242 -73.80 86.15 -0.28
N LYS U 243 -74.31 86.22 0.96
CA LYS U 243 -74.55 85.03 1.76
C LYS U 243 -75.68 84.18 1.19
N THR U 244 -75.44 82.88 1.16
CA THR U 244 -76.28 81.86 0.51
C THR U 244 -76.55 82.25 -0.95
N ALA U 245 -75.47 82.29 -1.71
CA ALA U 245 -75.50 82.54 -3.15
C ALA U 245 -74.19 82.02 -3.72
N GLN U 246 -74.15 81.86 -5.03
CA GLN U 246 -72.95 81.37 -5.71
C GLN U 246 -72.52 82.37 -6.76
N LEU U 247 -71.37 82.09 -7.38
CA LEU U 247 -70.61 83.10 -8.07
C LEU U 247 -70.53 82.82 -9.57
N LEU U 248 -70.28 83.88 -10.32
CA LEU U 248 -70.02 83.81 -11.75
C LEU U 248 -68.52 84.04 -11.94
N HIS U 249 -67.77 82.95 -12.00
CA HIS U 249 -66.31 83.03 -11.99
C HIS U 249 -65.75 83.54 -13.30
N ALA U 250 -66.41 83.23 -14.42
CA ALA U 250 -65.84 83.46 -15.73
C ALA U 250 -65.77 84.94 -16.05
N ASP U 251 -64.82 85.29 -16.89
CA ASP U 251 -64.56 86.70 -17.20
C ASP U 251 -65.67 87.20 -18.10
N THR U 252 -66.75 87.62 -17.50
CA THR U 252 -67.89 88.07 -18.27
C THR U 252 -67.67 89.50 -18.73
N PRO U 253 -67.83 89.80 -20.01
CA PRO U 253 -67.75 91.18 -20.47
C PRO U 253 -69.06 91.90 -20.22
N ARG U 254 -69.03 93.21 -20.42
CA ARG U 254 -70.19 94.06 -20.26
C ARG U 254 -70.77 94.33 -21.64
N LEU U 255 -71.82 93.59 -21.99
CA LEU U 255 -72.36 93.71 -23.34
C LEU U 255 -73.31 94.90 -23.46
N VAL U 256 -74.42 94.86 -22.75
CA VAL U 256 -75.45 95.88 -22.92
C VAL U 256 -75.17 97.03 -21.95
N THR U 257 -75.20 98.25 -22.48
CA THR U 257 -74.88 99.46 -21.75
C THR U 257 -75.82 100.56 -22.19
N TRP U 258 -76.31 101.34 -21.24
CA TRP U 258 -77.34 102.33 -21.52
C TRP U 258 -76.78 103.74 -21.39
N ASP U 259 -77.51 104.67 -21.98
CA ASP U 259 -77.13 106.08 -21.95
C ASP U 259 -78.40 106.93 -21.95
N ALA U 260 -78.38 107.99 -21.15
CA ALA U 260 -79.51 108.89 -21.03
C ALA U 260 -79.27 110.26 -21.64
N GLY U 261 -78.01 110.66 -21.80
CA GLY U 261 -77.70 111.96 -22.33
C GLY U 261 -77.81 112.01 -23.84
N LEU U 262 -77.20 113.04 -24.42
CA LEU U 262 -77.14 113.16 -25.86
C LEU U 262 -76.21 112.11 -26.44
N CYS U 263 -76.50 111.69 -27.66
CA CYS U 263 -75.66 110.75 -28.38
C CYS U 263 -74.74 111.44 -29.37
N THR U 264 -74.63 112.76 -29.30
CA THR U 264 -73.67 113.45 -30.14
C THR U 264 -72.26 113.22 -29.65
N SER U 265 -71.30 113.47 -30.54
CA SER U 265 -69.90 113.41 -30.14
C SER U 265 -69.11 114.56 -30.75
N PHE U 266 -69.76 115.69 -30.97
CA PHE U 266 -69.10 116.90 -31.43
C PHE U 266 -69.73 118.06 -30.71
N LYS U 267 -68.91 118.85 -30.00
CA LYS U 267 -69.42 120.02 -29.32
C LYS U 267 -68.76 121.26 -29.91
N ILE U 268 -69.40 122.41 -29.69
CA ILE U 268 -69.04 123.65 -30.35
C ILE U 268 -68.58 124.62 -29.28
N VAL U 269 -67.29 124.95 -29.28
CA VAL U 269 -66.77 125.90 -28.31
C VAL U 269 -66.77 127.29 -28.92
N PRO U 270 -66.81 128.34 -28.11
CA PRO U 270 -66.29 129.62 -28.53
C PRO U 270 -64.80 129.70 -28.20
N ILE U 271 -64.11 130.57 -28.91
CA ILE U 271 -62.69 130.78 -28.69
C ILE U 271 -62.41 132.16 -28.13
N VAL U 272 -62.74 133.20 -28.88
CA VAL U 272 -62.60 134.57 -28.39
C VAL U 272 -64.00 135.11 -28.12
N PRO U 273 -64.30 135.51 -26.88
CA PRO U 273 -65.64 135.96 -26.54
C PRO U 273 -65.92 137.34 -27.11
N ALA U 274 -67.21 137.66 -27.20
CA ALA U 274 -67.65 138.95 -27.69
C ALA U 274 -69.05 139.23 -27.18
N GLN U 275 -69.43 140.50 -27.25
CA GLN U 275 -70.76 140.94 -26.86
C GLN U 275 -71.11 142.17 -27.68
N VAL U 276 -72.39 142.34 -27.95
CA VAL U 276 -72.85 143.36 -28.90
C VAL U 276 -73.92 144.19 -28.22
N PRO U 277 -74.24 145.38 -28.78
CA PRO U 277 -75.46 146.06 -28.35
C PRO U 277 -76.71 145.35 -28.84
N GLN U 278 -77.37 144.66 -27.92
CA GLN U 278 -78.55 143.88 -28.23
C GLN U 278 -79.75 144.78 -28.42
N ASP U 279 -80.63 144.42 -29.34
CA ASP U 279 -81.85 145.18 -29.56
C ASP U 279 -82.97 144.72 -28.61
N VAL U 280 -83.37 143.46 -28.74
CA VAL U 280 -84.47 142.92 -27.93
C VAL U 280 -83.86 141.97 -26.89
N LEU U 281 -84.18 142.22 -25.63
CA LEU U 281 -83.47 141.58 -24.53
C LEU U 281 -84.15 140.30 -24.07
N ALA U 282 -85.42 140.39 -23.67
CA ALA U 282 -86.12 139.25 -23.09
C ALA U 282 -87.56 139.25 -23.59
N TYR U 283 -88.23 138.13 -23.37
CA TYR U 283 -89.63 137.97 -23.77
C TYR U 283 -90.52 138.16 -22.55
N THR U 284 -91.58 138.94 -22.72
CA THR U 284 -92.49 139.29 -21.63
C THR U 284 -93.81 138.56 -21.83
N PHE U 285 -94.17 137.71 -20.86
CA PHE U 285 -95.38 136.91 -20.99
C PHE U 285 -96.61 137.71 -20.56
N PHE U 286 -96.71 138.00 -19.26
CA PHE U 286 -97.51 139.12 -18.76
C PHE U 286 -96.65 140.11 -17.99
N THR U 287 -95.95 139.62 -16.98
CA THR U 287 -94.98 140.38 -16.22
C THR U 287 -93.63 139.70 -16.15
N SER U 288 -93.57 138.38 -16.29
CA SER U 288 -92.31 137.67 -16.21
C SER U 288 -91.51 137.85 -17.48
N SER U 289 -90.19 138.01 -17.31
CA SER U 289 -89.28 138.18 -18.42
C SER U 289 -88.45 136.92 -18.57
N TYR U 290 -88.38 136.40 -19.80
CA TYR U 290 -87.57 135.22 -20.10
C TYR U 290 -86.43 135.65 -21.00
N ALA U 291 -85.20 135.52 -20.51
CA ALA U 291 -84.04 135.95 -21.27
C ALA U 291 -83.79 135.02 -22.46
N ILE U 292 -83.23 135.59 -23.52
CA ILE U 292 -82.97 134.84 -24.74
C ILE U 292 -81.73 133.97 -24.52
N GLN U 293 -81.87 132.68 -24.75
CA GLN U 293 -80.76 131.75 -24.60
C GLN U 293 -80.44 131.14 -25.95
N SER U 294 -79.27 131.47 -26.49
CA SER U 294 -78.84 130.90 -27.75
C SER U 294 -78.58 129.40 -27.58
N PRO U 295 -78.87 128.60 -28.61
CA PRO U 295 -78.75 127.15 -28.47
C PRO U 295 -77.32 126.62 -28.42
N PHE U 296 -76.32 127.46 -28.63
CA PHE U 296 -74.90 127.13 -28.71
C PHE U 296 -74.19 128.49 -28.60
N PRO U 297 -72.85 128.61 -28.56
CA PRO U 297 -72.25 129.94 -28.33
C PRO U 297 -72.49 130.92 -29.48
N GLU U 298 -72.17 132.18 -29.17
CA GLU U 298 -72.52 133.32 -30.02
C GLU U 298 -71.35 134.29 -30.14
N ALA U 299 -70.15 133.86 -29.79
CA ALA U 299 -69.01 134.75 -29.60
C ALA U 299 -68.40 135.16 -30.94
N ALA U 300 -67.20 135.75 -30.87
CA ALA U 300 -66.58 136.33 -32.05
C ALA U 300 -66.14 135.27 -33.05
N VAL U 301 -65.43 134.25 -32.56
CA VAL U 301 -65.00 133.15 -33.41
C VAL U 301 -65.36 131.85 -32.71
N SER U 302 -66.15 131.02 -33.39
CA SER U 302 -66.61 129.75 -32.87
C SER U 302 -66.15 128.63 -33.79
N ARG U 303 -65.80 127.49 -33.21
CA ARG U 303 -65.39 126.35 -34.02
C ARG U 303 -65.69 125.07 -33.27
N ILE U 304 -65.80 123.98 -34.03
CA ILE U 304 -66.22 122.69 -33.50
C ILE U 304 -65.00 121.93 -33.02
N VAL U 305 -65.07 121.44 -31.78
CA VAL U 305 -64.05 120.53 -31.27
C VAL U 305 -64.70 119.17 -31.08
N VAL U 306 -63.92 118.19 -30.65
CA VAL U 306 -64.35 116.80 -30.62
C VAL U 306 -64.21 116.27 -29.20
N HIS U 307 -65.35 116.05 -28.56
CA HIS U 307 -65.41 115.35 -27.29
C HIS U 307 -66.31 114.14 -27.47
N THR U 308 -65.98 113.05 -26.78
CA THR U 308 -66.78 111.84 -26.81
C THR U 308 -67.62 111.79 -25.55
N ARG U 309 -68.94 111.86 -25.71
CA ARG U 309 -69.92 111.88 -24.62
C ARG U 309 -69.72 113.06 -23.67
N TRP U 310 -69.84 114.27 -24.22
CA TRP U 310 -69.84 115.44 -23.36
C TRP U 310 -71.20 115.71 -22.75
N ALA U 311 -72.27 115.13 -23.30
CA ALA U 311 -73.59 115.21 -22.70
C ALA U 311 -74.10 113.78 -22.58
N SER U 312 -73.74 113.10 -21.50
CA SER U 312 -74.10 111.72 -21.31
C SER U 312 -74.31 111.45 -19.83
N ASN U 313 -75.32 110.66 -19.52
CA ASN U 313 -75.64 110.27 -18.16
C ASN U 313 -75.52 108.76 -18.06
N VAL U 314 -74.39 108.25 -18.53
CA VAL U 314 -74.18 106.82 -18.71
C VAL U 314 -74.21 106.08 -17.38
N ASP U 315 -74.77 104.87 -17.39
CA ASP U 315 -74.74 104.04 -16.20
C ASP U 315 -73.36 103.44 -15.96
N PHE U 316 -72.59 103.23 -17.02
CA PHE U 316 -71.37 102.45 -16.92
C PHE U 316 -70.48 102.86 -18.10
N ASP U 317 -69.43 103.60 -17.82
CA ASP U 317 -68.56 104.04 -18.90
C ASP U 317 -67.69 102.89 -19.38
N ARG U 318 -67.11 103.08 -20.56
CA ARG U 318 -66.15 102.12 -21.07
C ARG U 318 -64.72 102.60 -20.88
N ASP U 319 -64.56 103.87 -20.47
CA ASP U 319 -63.28 104.54 -20.23
C ASP U 319 -62.36 104.44 -21.44
N SER U 320 -62.87 104.95 -22.55
CA SER U 320 -62.13 104.93 -23.79
C SER U 320 -62.31 106.22 -24.57
N SER U 321 -62.71 107.28 -23.89
CA SER U 321 -63.06 108.52 -24.57
C SER U 321 -61.82 109.22 -25.11
N VAL U 322 -61.94 109.74 -26.31
CA VAL U 322 -60.95 110.67 -26.84
C VAL U 322 -61.48 112.07 -26.58
N ILE U 323 -60.61 112.94 -26.06
CA ILE U 323 -60.98 114.29 -25.69
C ILE U 323 -59.88 115.21 -26.20
N MET U 324 -60.19 116.05 -27.16
CA MET U 324 -59.21 116.98 -27.68
C MET U 324 -59.58 118.40 -27.27
N ALA U 325 -58.55 119.17 -26.94
CA ALA U 325 -58.71 120.54 -26.48
C ALA U 325 -59.03 121.43 -27.68
N PRO U 326 -59.47 122.67 -27.43
CA PRO U 326 -59.53 123.63 -28.51
C PRO U 326 -58.15 123.91 -29.07
N PRO U 327 -58.05 124.23 -30.36
CA PRO U 327 -56.74 124.29 -31.01
C PRO U 327 -55.93 125.53 -30.73
N THR U 328 -56.28 126.33 -29.72
CA THR U 328 -55.35 127.34 -29.26
C THR U 328 -54.14 126.70 -28.59
N GLU U 329 -54.37 125.63 -27.84
CA GLU U 329 -53.32 124.80 -27.31
C GLU U 329 -53.30 123.49 -28.08
N ASN U 330 -52.19 122.77 -27.97
CA ASN U 330 -52.04 121.56 -28.75
C ASN U 330 -52.84 120.41 -28.16
N ASN U 331 -52.75 119.25 -28.81
CA ASN U 331 -53.23 118.03 -28.19
C ASN U 331 -52.27 116.87 -28.47
N ILE U 332 -51.03 117.17 -28.82
CA ILE U 332 -50.12 116.23 -29.46
C ILE U 332 -49.60 115.16 -28.52
N HIS U 333 -49.98 115.24 -27.24
CA HIS U 333 -49.87 114.08 -26.35
C HIS U 333 -50.65 112.88 -26.89
N LEU U 334 -51.75 113.15 -27.61
CA LEU U 334 -52.56 112.12 -28.22
C LEU U 334 -51.77 111.35 -29.26
N PHE U 335 -50.84 112.00 -29.95
CA PHE U 335 -49.98 111.30 -30.89
C PHE U 335 -48.71 110.81 -30.23
N LYS U 336 -48.31 111.47 -29.15
CA LYS U 336 -47.10 111.10 -28.44
C LYS U 336 -47.27 109.77 -27.72
N GLN U 337 -48.49 109.45 -27.29
CA GLN U 337 -48.71 108.41 -26.30
C GLN U 337 -48.54 106.98 -26.81
N LEU U 338 -48.33 106.76 -28.10
CA LEU U 338 -48.66 105.45 -28.64
C LEU U 338 -47.46 104.61 -29.07
N LEU U 339 -46.62 105.10 -29.97
CA LEU U 339 -45.37 104.40 -30.30
C LEU U 339 -44.14 105.29 -30.25
N ASN U 340 -44.23 106.46 -29.66
CA ASN U 340 -43.05 107.28 -29.36
C ASN U 340 -42.42 106.76 -28.08
N THR U 341 -41.79 105.59 -28.21
CA THR U 341 -41.45 104.70 -27.11
C THR U 341 -40.21 105.12 -26.33
N GLU U 342 -39.54 106.20 -26.73
CA GLU U 342 -38.47 106.78 -25.94
C GLU U 342 -38.53 108.28 -25.88
N THR U 343 -39.42 108.91 -26.64
CA THR U 343 -39.08 110.10 -27.39
C THR U 343 -38.94 111.33 -26.51
N LEU U 344 -37.76 111.94 -26.59
CA LEU U 344 -37.45 113.20 -25.95
C LEU U 344 -38.26 114.33 -26.59
N SER U 345 -38.15 115.52 -25.98
CA SER U 345 -38.82 116.75 -26.43
C SER U 345 -40.33 116.54 -26.50
N VAL U 346 -40.92 116.49 -25.30
CA VAL U 346 -42.33 116.16 -25.01
C VAL U 346 -43.32 116.89 -25.91
N ARG U 347 -42.96 118.06 -26.40
CA ARG U 347 -43.77 118.77 -27.38
C ARG U 347 -43.54 118.28 -28.81
N GLY U 348 -43.10 117.05 -29.04
CA GLY U 348 -42.94 116.53 -30.38
C GLY U 348 -43.67 115.23 -30.59
N ALA U 349 -43.87 114.88 -31.86
CA ALA U 349 -44.47 113.61 -32.24
C ALA U 349 -43.90 113.16 -33.58
N ASN U 350 -43.84 111.83 -33.76
CA ASN U 350 -43.04 111.22 -34.83
C ASN U 350 -43.60 111.57 -36.19
N PRO U 351 -42.75 111.92 -37.16
CA PRO U 351 -43.17 111.88 -38.56
C PRO U 351 -43.57 110.52 -39.07
N LEU U 352 -43.27 109.44 -38.37
CA LEU U 352 -43.51 108.10 -38.91
C LEU U 352 -44.65 107.37 -38.21
N MET U 353 -45.17 107.87 -37.10
CA MET U 353 -46.19 107.16 -36.35
C MET U 353 -47.59 107.72 -36.56
N PHE U 354 -47.78 108.58 -37.57
CA PHE U 354 -49.06 109.24 -37.75
C PHE U 354 -50.19 108.27 -38.05
N ARG U 355 -49.92 107.25 -38.87
CA ARG U 355 -50.98 106.32 -39.26
C ARG U 355 -51.40 105.46 -38.09
N ALA U 356 -50.44 104.98 -37.31
CA ALA U 356 -50.76 104.20 -36.12
C ALA U 356 -51.52 105.05 -35.10
N ASN U 357 -51.13 106.31 -34.95
CA ASN U 357 -51.80 107.21 -34.03
C ASN U 357 -53.25 107.45 -34.42
N VAL U 358 -53.47 107.75 -35.70
CA VAL U 358 -54.81 108.06 -36.18
C VAL U 358 -55.70 106.83 -36.12
N LEU U 359 -55.16 105.66 -36.44
CA LEU U 359 -55.96 104.45 -36.40
C LEU U 359 -56.31 104.06 -34.97
N HIS U 360 -55.39 104.27 -34.03
CA HIS U 360 -55.73 104.00 -32.63
C HIS U 360 -56.72 105.01 -32.09
N MET U 361 -56.62 106.28 -32.52
CA MET U 361 -57.60 107.27 -32.09
C MET U 361 -58.99 106.94 -32.62
N LEU U 362 -59.07 106.49 -33.87
CA LEU U 362 -60.37 106.12 -34.42
C LEU U 362 -60.92 104.88 -33.76
N LEU U 363 -60.05 103.95 -33.36
CA LEU U 363 -60.49 102.80 -32.59
C LEU U 363 -61.08 103.22 -31.25
N GLU U 364 -60.41 104.14 -30.56
CA GLU U 364 -60.94 104.66 -29.30
C GLU U 364 -62.25 105.40 -29.52
N PHE U 365 -62.35 106.13 -30.64
CA PHE U 365 -63.50 106.97 -30.89
C PHE U 365 -64.74 106.13 -31.18
N VAL U 366 -64.59 105.08 -31.99
CA VAL U 366 -65.73 104.19 -32.17
C VAL U 366 -65.97 103.40 -30.91
N LEU U 367 -64.92 103.13 -30.13
CA LEU U 367 -65.01 102.21 -29.03
C LEU U 367 -65.69 102.81 -27.82
N ASP U 368 -65.65 104.13 -27.67
CA ASP U 368 -66.35 104.79 -26.57
C ASP U 368 -67.69 105.35 -27.01
N ASN U 369 -68.37 104.62 -27.88
CA ASN U 369 -69.72 104.96 -28.26
C ASN U 369 -70.66 103.78 -28.21
N LEU U 370 -70.18 102.60 -27.83
CA LEU U 370 -70.97 101.38 -27.78
C LEU U 370 -71.94 101.45 -26.62
N TYR U 371 -73.06 102.12 -26.85
CA TYR U 371 -74.09 102.27 -25.83
C TYR U 371 -75.45 102.08 -26.47
N LEU U 372 -76.48 102.21 -25.66
CA LEU U 372 -77.84 102.18 -26.13
C LEU U 372 -78.48 103.52 -25.77
N ASN U 373 -79.78 103.64 -25.96
CA ASN U 373 -80.46 104.92 -25.83
C ASN U 373 -81.70 104.76 -24.95
N ARG U 374 -81.65 105.30 -23.74
CA ARG U 374 -82.74 105.14 -22.78
C ARG U 374 -83.93 106.00 -23.18
N HIS U 375 -85.14 105.51 -22.89
CA HIS U 375 -86.38 106.18 -23.30
C HIS U 375 -86.57 107.51 -22.58
N THR U 376 -86.18 107.59 -21.31
CA THR U 376 -85.91 108.78 -20.49
C THR U 376 -87.04 109.80 -20.30
N GLY U 377 -88.22 109.58 -20.87
CA GLY U 377 -89.38 110.35 -20.52
C GLY U 377 -89.42 111.74 -21.17
N PHE U 378 -90.63 112.24 -21.35
CA PHE U 378 -90.87 113.44 -22.15
C PHE U 378 -91.56 114.57 -21.38
N SER U 379 -91.92 115.64 -22.09
CA SER U 379 -92.61 116.79 -21.53
C SER U 379 -93.22 117.60 -22.66
N GLN U 380 -94.38 118.20 -22.39
CA GLN U 380 -95.10 119.00 -23.37
C GLN U 380 -94.83 120.49 -23.16
N ASP U 381 -94.78 121.22 -24.27
CA ASP U 381 -94.54 122.66 -24.24
C ASP U 381 -95.71 123.38 -24.88
N HIS U 382 -95.89 124.65 -24.50
CA HIS U 382 -96.83 125.55 -25.13
C HIS U 382 -96.22 126.92 -25.34
N THR U 383 -94.89 126.96 -25.46
CA THR U 383 -94.20 128.15 -25.92
C THR U 383 -94.70 128.51 -27.32
N PRO U 384 -94.94 129.79 -27.60
CA PRO U 384 -95.42 130.16 -28.95
C PRO U 384 -94.40 129.98 -30.06
N PHE U 385 -93.17 129.57 -29.75
CA PHE U 385 -92.16 129.36 -30.78
C PHE U 385 -92.00 127.90 -31.17
N THR U 386 -92.55 126.97 -30.40
CA THR U 386 -92.85 125.63 -30.88
C THR U 386 -94.05 125.11 -30.08
N GLU U 387 -95.13 124.82 -30.78
CA GLU U 387 -96.42 124.58 -30.13
C GLU U 387 -96.79 123.11 -30.22
N GLY U 388 -97.10 122.53 -29.06
CA GLY U 388 -97.53 121.15 -29.00
C GLY U 388 -96.43 120.12 -29.12
N ALA U 389 -95.19 120.53 -29.35
CA ALA U 389 -94.11 119.58 -29.49
C ALA U 389 -93.75 118.98 -28.14
N ASN U 390 -93.63 117.67 -28.10
CA ASN U 390 -93.36 116.96 -26.87
C ASN U 390 -91.85 116.76 -26.78
N LEU U 391 -91.18 117.64 -26.05
CA LEU U 391 -89.74 117.64 -25.97
C LEU U 391 -89.24 116.48 -25.11
N ARG U 392 -87.95 116.20 -25.20
CA ARG U 392 -87.34 115.13 -24.44
C ARG U 392 -86.66 115.72 -23.22
N SER U 393 -87.06 115.25 -22.04
CA SER U 393 -86.46 115.71 -20.80
C SER U 393 -85.15 114.96 -20.54
N LEU U 394 -84.55 115.23 -19.39
CA LEU U 394 -83.29 114.62 -19.00
C LEU U 394 -83.30 114.29 -17.51
N PRO U 395 -82.55 113.29 -17.08
CA PRO U 395 -82.39 113.07 -15.65
C PRO U 395 -81.47 114.11 -15.04
N GLY U 396 -81.80 114.51 -13.81
CA GLY U 396 -81.10 115.58 -13.14
C GLY U 396 -82.00 116.80 -13.01
N PRO U 397 -81.78 117.60 -11.96
CA PRO U 397 -82.63 118.78 -11.73
C PRO U 397 -82.28 119.96 -12.61
N ASP U 398 -82.47 119.80 -13.92
CA ASP U 398 -82.25 120.87 -14.89
C ASP U 398 -82.97 120.50 -16.18
N ALA U 399 -83.86 121.38 -16.64
CA ALA U 399 -84.61 121.12 -17.86
C ALA U 399 -84.42 122.20 -18.92
N GLU U 400 -84.54 123.47 -18.54
CA GLU U 400 -84.76 124.53 -19.52
C GLU U 400 -83.53 124.79 -20.39
N LYS U 401 -82.37 124.92 -19.77
CA LYS U 401 -81.18 125.21 -20.55
C LYS U 401 -80.73 124.01 -21.38
N TRP U 402 -81.00 122.80 -20.90
CA TRP U 402 -80.75 121.62 -21.71
C TRP U 402 -81.67 121.56 -22.90
N TYR U 403 -82.92 122.01 -22.72
CA TYR U 403 -83.85 122.10 -23.85
C TYR U 403 -83.34 123.10 -24.88
N SER U 404 -82.76 124.21 -24.40
CA SER U 404 -82.20 125.20 -25.31
C SER U 404 -81.01 124.64 -26.08
N ILE U 405 -80.16 123.86 -25.41
CA ILE U 405 -79.02 123.25 -26.10
C ILE U 405 -79.48 122.19 -27.09
N MET U 406 -80.48 121.38 -26.70
CA MET U 406 -80.94 120.28 -27.54
C MET U 406 -81.67 120.78 -28.78
N TYR U 407 -82.76 121.51 -28.58
CA TYR U 407 -83.59 121.86 -29.71
C TYR U 407 -83.22 123.25 -30.17
N PRO U 408 -82.60 123.40 -31.33
CA PRO U 408 -82.02 124.69 -31.71
C PRO U 408 -83.06 125.70 -32.16
N THR U 409 -84.13 125.24 -32.79
CA THR U 409 -85.12 126.16 -33.32
C THR U 409 -86.15 126.57 -32.30
N ARG U 410 -85.96 126.21 -31.03
CA ARG U 410 -86.92 126.60 -30.02
C ARG U 410 -86.89 128.10 -29.76
N MET U 411 -85.70 128.69 -29.74
CA MET U 411 -85.64 130.14 -29.60
C MET U 411 -86.10 130.80 -30.89
N GLY U 412 -86.76 131.93 -30.76
CA GLY U 412 -87.32 132.62 -31.90
C GLY U 412 -86.28 133.41 -32.67
N THR U 413 -86.76 134.36 -33.46
CA THR U 413 -85.92 135.24 -34.26
C THR U 413 -86.16 136.69 -33.84
N PRO U 414 -85.59 137.13 -32.73
CA PRO U 414 -85.90 138.48 -32.26
C PRO U 414 -85.16 139.57 -33.01
N ASN U 415 -83.93 139.30 -33.45
CA ASN U 415 -83.02 140.38 -33.80
C ASN U 415 -82.30 140.15 -35.11
N VAL U 416 -81.32 140.98 -35.42
CA VAL U 416 -80.62 140.92 -36.70
C VAL U 416 -79.30 140.19 -36.44
N SER U 417 -79.34 138.88 -36.59
CA SER U 417 -78.19 138.04 -36.30
C SER U 417 -78.06 136.97 -37.38
N LYS U 418 -76.87 136.40 -37.47
CA LYS U 418 -76.71 135.19 -38.27
C LYS U 418 -77.46 134.05 -37.63
N ILE U 419 -77.52 134.04 -36.30
CA ILE U 419 -78.31 133.06 -35.57
C ILE U 419 -79.78 133.20 -35.91
N CYS U 420 -80.28 134.43 -35.85
CA CYS U 420 -81.70 134.67 -36.09
C CYS U 420 -82.05 134.48 -37.56
N ASN U 421 -81.11 134.79 -38.45
CA ASN U 421 -81.31 134.51 -39.87
C ASN U 421 -81.38 133.01 -40.12
N PHE U 422 -80.56 132.24 -39.40
CA PHE U 422 -80.61 130.80 -39.55
C PHE U 422 -81.92 130.23 -39.04
N VAL U 423 -82.37 130.69 -37.87
CA VAL U 423 -83.60 130.16 -37.28
C VAL U 423 -84.81 130.60 -38.09
N ALA U 424 -84.74 131.76 -38.74
CA ALA U 424 -85.79 132.15 -39.67
C ALA U 424 -85.78 131.26 -40.91
N SER U 425 -84.59 130.87 -41.35
CA SER U 425 -84.51 129.96 -42.49
C SER U 425 -84.90 128.54 -42.12
N CYS U 426 -84.92 128.20 -40.83
CA CYS U 426 -85.32 126.88 -40.38
C CYS U 426 -86.80 126.60 -40.68
N VAL U 427 -87.18 125.35 -40.53
CA VAL U 427 -88.58 124.95 -40.62
C VAL U 427 -89.11 124.66 -39.22
N ARG U 428 -90.41 124.39 -39.14
CA ARG U 428 -91.11 124.47 -37.87
C ARG U 428 -91.38 123.12 -37.23
N ASN U 429 -92.03 122.20 -37.94
CA ASN U 429 -92.63 121.06 -37.28
C ASN U 429 -91.61 120.01 -36.84
N ARG U 430 -90.48 119.91 -37.52
CA ARG U 430 -89.54 118.82 -37.26
C ARG U 430 -88.79 119.10 -35.96
N VAL U 431 -89.45 118.78 -34.84
CA VAL U 431 -88.96 119.06 -33.51
C VAL U 431 -89.67 118.14 -32.54
N GLY U 432 -88.93 117.61 -31.56
CA GLY U 432 -89.53 116.72 -30.58
C GLY U 432 -89.84 115.35 -31.15
N ARG U 433 -90.76 114.64 -30.49
CA ARG U 433 -91.13 113.31 -30.94
C ARG U 433 -92.17 113.39 -32.05
N PHE U 434 -92.18 112.35 -32.87
CA PHE U 434 -93.22 112.21 -33.89
C PHE U 434 -93.68 110.78 -34.10
N ASP U 435 -92.96 109.77 -33.61
CA ASP U 435 -93.36 108.39 -33.82
C ASP U 435 -92.94 107.58 -32.60
N ARG U 436 -93.73 106.56 -32.28
CA ARG U 436 -93.52 105.78 -31.09
C ARG U 436 -94.02 104.36 -31.33
N ALA U 437 -93.99 103.55 -30.28
CA ALA U 437 -94.48 102.19 -30.37
C ALA U 437 -96.00 102.16 -30.38
N GLN U 438 -96.55 100.97 -30.58
CA GLN U 438 -97.96 100.71 -30.38
C GLN U 438 -98.24 100.03 -29.05
N MET U 439 -97.31 99.20 -28.57
CA MET U 439 -97.41 98.60 -27.25
C MET U 439 -96.60 99.39 -26.24
N MET U 440 -96.90 99.17 -24.97
CA MET U 440 -96.31 99.93 -23.88
C MET U 440 -96.54 99.18 -22.58
N ASN U 441 -95.97 99.72 -21.51
CA ASN U 441 -96.48 99.45 -20.18
C ASN U 441 -96.98 100.74 -19.56
N GLY U 442 -98.08 100.64 -18.81
CA GLY U 442 -98.70 101.78 -18.18
C GLY U 442 -99.18 102.80 -19.20
N ALA U 443 -98.44 103.91 -19.29
CA ALA U 443 -98.67 104.91 -20.32
C ALA U 443 -97.35 105.39 -20.92
N MET U 444 -96.29 104.61 -20.80
CA MET U 444 -95.00 104.97 -21.37
C MET U 444 -94.58 103.87 -22.34
N SER U 445 -94.23 104.27 -23.56
CA SER U 445 -94.03 103.35 -24.66
C SER U 445 -92.67 102.66 -24.55
N GLU U 446 -92.32 101.88 -25.58
CA GLU U 446 -91.09 101.11 -25.59
C GLU U 446 -90.01 101.68 -26.50
N TRP U 447 -90.38 102.23 -27.64
CA TRP U 447 -89.43 102.91 -28.49
C TRP U 447 -90.10 104.15 -29.06
N VAL U 448 -89.29 105.20 -29.25
CA VAL U 448 -89.72 106.46 -29.84
C VAL U 448 -88.60 106.95 -30.76
N ASP U 449 -88.90 108.01 -31.50
CA ASP U 449 -87.84 108.74 -32.20
C ASP U 449 -88.09 110.24 -32.05
N VAL U 450 -87.01 111.01 -32.08
CA VAL U 450 -87.10 112.45 -31.92
C VAL U 450 -86.23 113.15 -32.96
N PHE U 451 -86.46 114.45 -33.10
CA PHE U 451 -85.58 115.34 -33.85
C PHE U 451 -84.74 116.08 -32.85
N GLU U 452 -83.60 115.51 -32.45
CA GLU U 452 -82.75 116.21 -31.50
C GLU U 452 -81.34 116.29 -32.05
N THR U 453 -80.52 117.11 -31.41
CA THR U 453 -79.17 117.33 -31.90
C THR U 453 -78.28 116.13 -31.57
N SER U 454 -77.51 115.72 -32.56
CA SER U 454 -76.79 114.45 -32.55
C SER U 454 -75.81 114.51 -33.71
N ASP U 455 -75.22 113.36 -34.02
CA ASP U 455 -74.39 113.22 -35.20
C ASP U 455 -74.68 111.90 -35.90
N ALA U 456 -74.74 111.98 -37.24
CA ALA U 456 -75.04 110.83 -38.09
C ALA U 456 -74.05 109.70 -37.91
N LEU U 457 -72.79 110.04 -37.65
CA LEU U 457 -71.76 109.03 -37.46
C LEU U 457 -72.04 108.17 -36.24
N THR U 458 -72.21 108.82 -35.09
CA THR U 458 -72.40 108.05 -33.86
C THR U 458 -73.77 107.38 -33.83
N VAL U 459 -74.79 107.98 -34.46
CA VAL U 459 -76.06 107.25 -34.47
C VAL U 459 -76.00 106.07 -35.43
N SER U 460 -75.12 106.12 -36.44
CA SER U 460 -74.89 104.95 -37.26
C SER U 460 -74.17 103.87 -36.48
N ILE U 461 -73.25 104.27 -35.60
CA ILE U 461 -72.55 103.31 -34.74
C ILE U 461 -73.53 102.64 -33.79
N ARG U 462 -74.43 103.43 -33.20
CA ARG U 462 -75.44 102.88 -32.31
C ARG U 462 -76.38 101.95 -33.06
N GLY U 463 -76.72 102.29 -34.30
CA GLY U 463 -77.57 101.44 -35.10
C GLY U 463 -76.93 100.11 -35.43
N ARG U 464 -75.63 100.13 -35.74
CA ARG U 464 -74.95 98.88 -36.08
C ARG U 464 -74.75 98.02 -34.84
N TRP U 465 -74.50 98.64 -33.68
CA TRP U 465 -74.39 97.87 -32.46
C TRP U 465 -75.73 97.27 -32.05
N MET U 466 -76.80 98.02 -32.27
CA MET U 466 -78.15 97.49 -32.08
C MET U 466 -78.42 96.33 -33.02
N ALA U 467 -77.94 96.42 -34.25
CA ALA U 467 -78.15 95.35 -35.22
C ALA U 467 -77.41 94.09 -34.82
N ARG U 468 -76.20 94.25 -34.28
CA ARG U 468 -75.45 93.08 -33.82
C ARG U 468 -76.16 92.43 -32.64
N LEU U 469 -76.69 93.23 -31.73
CA LEU U 469 -77.40 92.64 -30.60
C LEU U 469 -78.72 92.00 -31.04
N ALA U 470 -79.40 92.59 -32.02
CA ALA U 470 -80.67 92.05 -32.47
C ALA U 470 -80.47 90.77 -33.24
N ARG U 471 -79.33 90.61 -33.90
CA ARG U 471 -79.02 89.30 -34.44
C ARG U 471 -78.53 88.36 -33.34
N MET U 472 -78.07 88.91 -32.23
CA MET U 472 -77.50 88.09 -31.17
C MET U 472 -78.55 87.45 -30.27
N ASN U 473 -79.75 88.04 -30.18
CA ASN U 473 -80.68 87.60 -29.13
C ASN U 473 -81.38 86.28 -29.47
N ILE U 474 -81.96 85.66 -28.44
CA ILE U 474 -82.91 84.56 -28.55
C ILE U 474 -84.05 84.79 -27.58
N ASN U 475 -85.12 84.03 -27.74
CA ASN U 475 -86.23 83.98 -26.80
C ASN U 475 -85.94 82.95 -25.71
N PRO U 476 -86.59 83.01 -24.54
CA PRO U 476 -86.20 82.08 -23.47
C PRO U 476 -86.68 80.67 -23.68
N THR U 477 -87.57 80.43 -24.63
CA THR U 477 -88.11 79.10 -24.80
C THR U 477 -87.16 78.15 -25.52
N GLU U 478 -86.02 78.64 -25.99
CA GLU U 478 -85.01 77.76 -26.55
C GLU U 478 -84.03 77.28 -25.50
N ILE U 479 -84.03 77.91 -24.32
CA ILE U 479 -83.12 77.51 -23.25
C ILE U 479 -83.45 76.10 -22.77
N GLU U 480 -84.73 75.83 -22.53
CA GLU U 480 -85.09 74.51 -22.08
C GLU U 480 -84.99 73.50 -23.22
N TRP U 481 -85.18 73.94 -24.45
CA TRP U 481 -84.98 73.07 -25.61
C TRP U 481 -83.51 72.67 -25.76
N ALA U 482 -82.60 73.53 -25.29
CA ALA U 482 -81.21 73.14 -25.23
C ALA U 482 -80.96 72.18 -24.07
N LEU U 483 -81.40 72.57 -22.88
CA LEU U 483 -80.99 71.85 -21.67
C LEU U 483 -81.62 70.48 -21.56
N THR U 484 -82.78 70.28 -22.19
CA THR U 484 -83.52 69.03 -22.09
C THR U 484 -82.71 67.84 -22.60
N GLU U 485 -81.96 68.04 -23.67
CA GLU U 485 -81.05 66.99 -24.14
C GLU U 485 -79.60 67.34 -23.90
N CYS U 486 -79.30 68.53 -23.37
CA CYS U 486 -77.98 68.75 -22.81
C CYS U 486 -77.74 67.82 -21.64
N ALA U 487 -78.77 67.58 -20.84
CA ALA U 487 -78.79 66.44 -19.92
C ALA U 487 -79.83 65.48 -20.48
N GLN U 488 -79.39 64.57 -21.34
CA GLN U 488 -80.31 63.82 -22.19
C GLN U 488 -81.15 62.86 -21.37
N GLY U 489 -82.47 62.96 -21.56
CA GLY U 489 -83.43 62.03 -21.00
C GLY U 489 -83.56 61.93 -19.49
N TYR U 490 -82.77 62.69 -18.73
CA TYR U 490 -82.70 62.52 -17.29
C TYR U 490 -83.19 63.72 -16.51
N VAL U 491 -83.18 64.90 -17.09
CA VAL U 491 -83.60 66.13 -16.45
C VAL U 491 -84.40 66.93 -17.48
N THR U 492 -85.63 67.27 -17.16
CA THR U 492 -86.41 68.16 -18.00
C THR U 492 -86.58 69.51 -17.29
N VAL U 493 -86.54 70.57 -18.06
CA VAL U 493 -86.61 71.93 -17.53
C VAL U 493 -87.67 72.71 -18.28
N THR U 494 -88.31 73.63 -17.58
CA THR U 494 -89.25 74.55 -18.19
C THR U 494 -88.89 75.96 -17.77
N SER U 495 -89.06 76.89 -18.71
CA SER U 495 -88.91 78.31 -18.42
C SER U 495 -90.22 78.99 -18.80
N PRO U 496 -91.19 79.01 -17.90
CA PRO U 496 -92.44 79.72 -18.18
C PRO U 496 -92.21 81.22 -18.11
N TYR U 497 -92.79 81.93 -19.07
CA TYR U 497 -92.55 83.37 -19.21
C TYR U 497 -93.80 84.04 -19.75
N ALA U 498 -93.81 85.30 -19.67
CA ALA U 498 -94.90 86.15 -20.12
C ALA U 498 -94.70 86.54 -21.58
N PRO U 499 -95.78 86.66 -22.33
CA PRO U 499 -95.65 87.12 -23.72
C PRO U 499 -95.24 88.57 -23.82
N SER U 500 -93.99 88.79 -24.25
CA SER U 500 -93.44 90.13 -24.36
C SER U 500 -92.55 90.20 -25.59
N VAL U 501 -92.19 91.43 -25.96
CA VAL U 501 -91.37 91.70 -27.13
C VAL U 501 -90.04 92.33 -26.76
N ASN U 502 -90.05 93.31 -25.84
CA ASN U 502 -88.85 94.07 -25.50
C ASN U 502 -87.85 93.28 -24.65
N ARG U 503 -88.11 92.02 -24.34
CA ARG U 503 -87.07 91.17 -23.79
C ARG U 503 -85.96 90.99 -24.81
N LEU U 504 -84.74 90.84 -24.31
CA LEU U 504 -83.61 90.48 -25.17
C LEU U 504 -82.63 89.67 -24.34
N MET U 505 -82.27 88.50 -24.86
CA MET U 505 -81.28 87.64 -24.24
C MET U 505 -80.23 87.36 -25.31
N PRO U 506 -79.19 88.17 -25.38
CA PRO U 506 -78.20 88.02 -26.45
C PRO U 506 -77.31 86.81 -26.27
N TYR U 507 -77.58 85.73 -27.01
CA TYR U 507 -76.81 84.50 -26.84
C TYR U 507 -76.46 83.75 -28.12
N ARG U 508 -77.18 83.93 -29.22
CA ARG U 508 -76.97 83.07 -30.38
C ARG U 508 -75.74 83.48 -31.16
N ILE U 509 -74.82 82.53 -31.38
CA ILE U 509 -73.69 82.74 -32.25
C ILE U 509 -73.70 81.69 -33.33
N SER U 510 -72.72 81.74 -34.24
CA SER U 510 -72.51 80.69 -35.21
C SER U 510 -71.44 79.73 -34.72
N ASN U 511 -71.25 78.64 -35.46
CA ASN U 511 -70.24 77.64 -35.09
C ASN U 511 -68.83 78.18 -35.27
N ALA U 512 -68.62 78.99 -36.31
CA ALA U 512 -67.27 79.40 -36.68
C ALA U 512 -66.65 80.30 -35.63
N GLU U 513 -67.47 81.11 -34.95
CA GLU U 513 -66.96 81.98 -33.91
C GLU U 513 -66.44 81.18 -32.73
N ARG U 514 -67.18 80.15 -32.33
CA ARG U 514 -66.74 79.31 -31.24
C ARG U 514 -65.52 78.49 -31.63
N GLN U 515 -65.40 78.13 -32.91
CA GLN U 515 -64.21 77.41 -33.35
C GLN U 515 -62.97 78.29 -33.35
N ILE U 516 -63.11 79.55 -33.79
CA ILE U 516 -62.03 80.52 -33.71
C ILE U 516 -61.60 80.72 -32.27
N SER U 517 -62.57 80.83 -31.36
CA SER U 517 -62.29 80.95 -29.94
C SER U 517 -61.52 79.74 -29.43
N GLN U 518 -61.91 78.54 -29.85
CA GLN U 518 -61.23 77.33 -29.42
C GLN U 518 -59.78 77.31 -29.87
N ILE U 519 -59.52 77.84 -31.07
CA ILE U 519 -58.14 77.99 -31.54
C ILE U 519 -57.37 78.96 -30.64
N ILE U 520 -58.03 80.04 -30.20
CA ILE U 520 -57.37 80.99 -29.29
C ILE U 520 -57.01 80.32 -27.97
N ARG U 521 -57.88 79.46 -27.47
CA ARG U 521 -57.60 78.77 -26.21
C ARG U 521 -56.49 77.72 -26.37
N VAL U 522 -56.38 77.12 -27.56
CA VAL U 522 -55.24 76.23 -27.84
C VAL U 522 -53.94 77.01 -27.79
N MET U 523 -53.95 78.21 -28.38
CA MET U 523 -52.79 79.10 -28.28
C MET U 523 -52.50 79.48 -26.83
N ASN U 524 -53.56 79.67 -26.03
CA ASN U 524 -53.41 80.02 -24.62
C ASN U 524 -52.68 78.92 -23.86
N ILE U 525 -52.94 77.67 -24.22
CA ILE U 525 -52.13 76.59 -23.67
C ILE U 525 -50.69 76.69 -24.19
N GLY U 526 -50.53 76.56 -25.51
CA GLY U 526 -49.29 76.87 -26.22
C GLY U 526 -48.00 76.25 -25.70
N ASN U 527 -48.02 74.94 -25.43
CA ASN U 527 -46.89 74.18 -24.88
C ASN U 527 -46.42 74.78 -23.55
N ASN U 528 -47.31 74.74 -22.56
CA ASN U 528 -46.94 75.04 -21.20
C ASN U 528 -47.62 74.04 -20.29
N ALA U 529 -46.83 73.37 -19.45
CA ALA U 529 -47.38 72.41 -18.50
C ALA U 529 -48.09 73.08 -17.35
N THR U 530 -47.89 74.39 -17.15
CA THR U 530 -48.49 75.07 -16.01
C THR U 530 -49.99 75.20 -16.18
N VAL U 531 -50.44 75.61 -17.36
CA VAL U 531 -51.81 76.07 -17.56
C VAL U 531 -52.73 74.91 -17.90
N ILE U 532 -52.26 73.69 -17.70
CA ILE U 532 -53.06 72.52 -18.02
C ILE U 532 -53.38 71.66 -16.79
N GLN U 533 -52.55 71.68 -15.76
CA GLN U 533 -52.73 70.89 -14.55
C GLN U 533 -53.99 71.21 -13.73
N PRO U 534 -54.38 72.47 -13.48
CA PRO U 534 -55.60 72.69 -12.70
C PRO U 534 -56.85 72.24 -13.41
N VAL U 535 -56.89 72.32 -14.74
CA VAL U 535 -58.04 71.88 -15.50
C VAL U 535 -58.22 70.38 -15.37
N LEU U 536 -57.13 69.62 -15.47
CA LEU U 536 -57.24 68.17 -15.44
C LEU U 536 -57.54 67.68 -14.03
N GLN U 537 -56.88 68.26 -13.03
CA GLN U 537 -57.20 67.91 -11.64
C GLN U 537 -58.63 68.30 -11.27
N ASP U 538 -59.10 69.40 -11.87
CA ASP U 538 -60.45 69.89 -11.68
C ASP U 538 -61.48 68.90 -12.21
N ILE U 539 -61.30 68.45 -13.45
CA ILE U 539 -62.25 67.52 -14.04
C ILE U 539 -62.19 66.17 -13.33
N SER U 540 -61.00 65.79 -12.85
CA SER U 540 -60.87 64.53 -12.11
C SER U 540 -61.66 64.58 -10.81
N VAL U 541 -61.53 65.68 -10.05
CA VAL U 541 -62.27 65.74 -8.80
C VAL U 541 -63.76 65.98 -9.02
N LEU U 542 -64.15 66.59 -10.14
CA LEU U 542 -65.58 66.71 -10.41
C LEU U 542 -66.21 65.36 -10.74
N LEU U 543 -65.53 64.56 -11.56
CA LEU U 543 -66.03 63.22 -11.85
C LEU U 543 -66.02 62.34 -10.61
N GLN U 544 -65.00 62.52 -9.77
CA GLN U 544 -64.95 61.79 -8.50
C GLN U 544 -66.10 62.21 -7.59
N ARG U 545 -66.49 63.46 -7.65
CA ARG U 545 -67.57 63.95 -6.83
C ARG U 545 -68.93 63.47 -7.33
N ILE U 546 -69.09 63.31 -8.63
CA ILE U 546 -70.41 62.97 -9.16
C ILE U 546 -70.65 61.46 -9.29
N SER U 547 -69.59 60.66 -9.47
CA SER U 547 -69.76 59.29 -9.94
C SER U 547 -70.43 58.40 -8.90
N PRO U 548 -71.37 57.56 -9.32
CA PRO U 548 -72.17 56.81 -8.34
C PRO U 548 -71.42 55.71 -7.63
N LEU U 549 -70.43 55.09 -8.27
CA LEU U 549 -69.74 54.00 -7.61
C LEU U 549 -68.79 54.54 -6.54
N GLN U 550 -68.17 53.60 -5.85
CA GLN U 550 -67.08 53.93 -4.94
C GLN U 550 -66.05 52.83 -5.03
N ILE U 551 -64.80 53.22 -4.90
CA ILE U 551 -63.68 52.32 -5.04
C ILE U 551 -63.24 51.90 -3.65
N ASP U 552 -63.07 50.60 -3.42
CA ASP U 552 -62.36 50.16 -2.24
C ASP U 552 -61.53 48.92 -2.52
N PRO U 553 -60.34 48.82 -1.94
CA PRO U 553 -59.58 47.57 -1.97
C PRO U 553 -60.00 46.56 -0.91
N THR U 554 -61.17 46.74 -0.30
CA THR U 554 -61.63 45.72 0.63
C THR U 554 -62.07 44.46 -0.09
N ILE U 555 -62.45 44.58 -1.37
CA ILE U 555 -62.68 43.41 -2.19
C ILE U 555 -61.39 42.63 -2.37
N ILE U 556 -60.30 43.36 -2.63
CA ILE U 556 -58.96 42.76 -2.69
C ILE U 556 -58.60 42.09 -1.38
N SER U 557 -58.85 42.76 -0.26
CA SER U 557 -58.49 42.20 1.04
C SER U 557 -59.31 40.97 1.38
N ASN U 558 -60.62 40.99 1.08
CA ASN U 558 -61.47 39.84 1.33
C ASN U 558 -61.11 38.68 0.42
N THR U 559 -60.67 38.96 -0.79
CA THR U 559 -60.32 37.89 -1.71
C THR U 559 -58.97 37.27 -1.33
N MET U 560 -58.02 38.10 -0.96
CA MET U 560 -56.64 37.68 -0.83
C MET U 560 -56.23 37.35 0.60
N SER U 561 -57.03 37.75 1.60
CA SER U 561 -56.77 37.34 2.97
C SER U 561 -57.25 35.93 3.24
N THR U 562 -58.02 35.36 2.31
CA THR U 562 -58.28 33.93 2.34
C THR U 562 -56.99 33.14 2.18
N VAL U 563 -56.36 33.28 1.01
CA VAL U 563 -55.26 32.42 0.60
C VAL U 563 -54.02 32.66 1.44
N SER U 564 -53.24 31.60 1.60
CA SER U 564 -51.98 31.67 2.33
C SER U 564 -51.05 30.58 1.80
N GLU U 565 -49.81 30.62 2.26
CA GLU U 565 -48.79 29.69 1.85
C GLU U 565 -48.35 28.86 3.04
N SER U 566 -47.93 27.63 2.78
CA SER U 566 -47.40 26.76 3.83
C SER U 566 -46.10 27.34 4.39
N THR U 567 -45.79 26.94 5.61
CA THR U 567 -44.77 27.58 6.42
C THR U 567 -43.37 27.09 6.12
N THR U 568 -43.11 26.52 4.96
CA THR U 568 -41.77 26.05 4.61
C THR U 568 -41.30 26.63 3.28
N GLN U 569 -42.05 27.57 2.71
CA GLN U 569 -41.84 27.99 1.33
C GLN U 569 -41.33 29.43 1.28
N THR U 570 -40.40 29.67 0.35
CA THR U 570 -39.68 30.94 0.31
C THR U 570 -40.42 32.03 -0.43
N LEU U 571 -41.45 31.70 -1.19
CA LEU U 571 -42.13 32.71 -1.98
C LEU U 571 -43.57 32.30 -2.20
N SER U 572 -44.46 33.30 -2.22
CA SER U 572 -45.87 33.10 -2.43
C SER U 572 -46.40 34.15 -3.39
N PRO U 573 -47.06 33.73 -4.47
CA PRO U 573 -47.57 34.68 -5.44
C PRO U 573 -48.70 35.53 -4.91
N ALA U 574 -49.47 35.02 -3.94
CA ALA U 574 -50.58 35.76 -3.37
C ALA U 574 -50.06 36.96 -2.57
N SER U 575 -49.12 36.70 -1.67
CA SER U 575 -48.46 37.76 -0.93
C SER U 575 -47.67 38.67 -1.86
N SER U 576 -47.18 38.14 -2.98
CA SER U 576 -46.46 38.95 -3.95
C SER U 576 -47.37 39.99 -4.58
N ILE U 577 -48.56 39.58 -5.03
CA ILE U 577 -49.46 40.55 -5.65
C ILE U 577 -50.05 41.49 -4.60
N LEU U 578 -50.12 41.06 -3.33
CA LEU U 578 -50.57 41.99 -2.30
C LEU U 578 -49.52 43.08 -2.07
N GLY U 579 -48.24 42.70 -2.06
CA GLY U 579 -47.19 43.69 -1.92
C GLY U 579 -47.06 44.59 -3.13
N LYS U 580 -47.37 44.07 -4.33
CA LYS U 580 -47.25 44.91 -5.51
C LYS U 580 -48.44 45.85 -5.66
N LEU U 581 -49.64 45.40 -5.30
CA LEU U 581 -50.79 46.26 -5.44
C LEU U 581 -50.83 47.32 -4.35
N ARG U 582 -50.33 47.01 -3.14
CA ARG U 582 -50.42 47.85 -1.95
C ARG U 582 -51.86 48.28 -1.71
N PRO U 583 -52.77 47.37 -1.34
CA PRO U 583 -54.19 47.75 -1.23
C PRO U 583 -54.51 48.56 0.01
N SER U 584 -53.53 48.84 0.87
CA SER U 584 -53.77 49.74 1.99
C SER U 584 -53.92 51.17 1.52
N ASN U 585 -53.33 51.51 0.37
CA ASN U 585 -53.43 52.87 -0.13
C ASN U 585 -54.82 53.12 -0.70
N SER U 586 -55.29 54.36 -0.56
CA SER U 586 -56.53 54.82 -1.17
C SER U 586 -56.22 56.13 -1.88
N ASP U 587 -55.74 56.03 -3.11
CA ASP U 587 -55.45 57.19 -3.94
C ASP U 587 -55.84 56.84 -5.36
N PHE U 588 -56.84 57.55 -5.89
CA PHE U 588 -57.41 57.17 -7.18
C PHE U 588 -57.63 58.39 -8.06
N SER U 589 -56.77 59.39 -7.93
CA SER U 589 -56.85 60.56 -8.79
C SER U 589 -56.41 60.24 -10.20
N SER U 590 -55.45 59.32 -10.35
CA SER U 590 -54.89 58.99 -11.65
C SER U 590 -55.94 58.40 -12.59
N PHE U 591 -56.89 57.66 -12.03
CA PHE U 591 -57.96 57.05 -12.81
C PHE U 591 -58.89 58.09 -13.39
N ARG U 592 -59.31 59.06 -12.57
CA ARG U 592 -60.18 60.12 -13.04
C ARG U 592 -59.46 61.06 -14.00
N VAL U 593 -58.14 61.23 -13.81
CA VAL U 593 -57.36 62.00 -14.76
C VAL U 593 -57.33 61.30 -16.11
N ALA U 594 -57.18 59.97 -16.11
CA ALA U 594 -57.24 59.21 -17.34
C ALA U 594 -58.63 59.25 -17.98
N LEU U 595 -59.67 59.39 -17.16
CA LEU U 595 -61.00 59.66 -17.70
C LEU U 595 -61.04 60.99 -18.42
N ALA U 596 -60.44 62.03 -17.85
CA ALA U 596 -60.48 63.33 -18.50
C ALA U 596 -59.58 63.40 -19.73
N GLY U 597 -58.58 62.52 -19.82
CA GLY U 597 -57.72 62.48 -20.98
C GLY U 597 -58.45 62.13 -22.27
N TRP U 598 -59.54 61.39 -22.16
CA TRP U 598 -60.38 61.09 -23.32
C TRP U 598 -61.01 62.36 -23.86
N LEU U 599 -61.46 63.23 -22.97
CA LEU U 599 -61.99 64.52 -23.39
C LEU U 599 -60.90 65.39 -23.97
N TYR U 600 -59.69 65.28 -23.44
CA TYR U 600 -58.67 66.20 -23.95
C TYR U 600 -57.54 65.48 -24.66
N ASN U 601 -57.95 64.55 -25.53
CA ASN U 601 -57.11 63.99 -26.58
C ASN U 601 -56.28 65.03 -27.32
N GLY U 602 -56.87 66.18 -27.64
CA GLY U 602 -56.25 67.08 -28.60
C GLY U 602 -54.98 67.75 -28.09
N VAL U 603 -54.99 68.24 -26.86
CA VAL U 603 -53.82 68.93 -26.35
C VAL U 603 -52.87 67.92 -25.74
N VAL U 604 -53.32 67.21 -24.72
CA VAL U 604 -52.45 66.34 -23.97
C VAL U 604 -52.71 64.91 -24.38
N THR U 605 -51.75 64.05 -24.06
CA THR U 605 -51.93 62.61 -24.19
C THR U 605 -51.53 61.95 -22.89
N THR U 606 -52.10 60.77 -22.66
CA THR U 606 -51.92 60.05 -21.42
C THR U 606 -51.08 58.83 -21.68
N VAL U 607 -49.94 58.72 -21.00
CA VAL U 607 -49.08 57.57 -21.13
C VAL U 607 -48.80 56.99 -19.74
N ILE U 608 -48.46 55.71 -19.71
CA ILE U 608 -48.15 55.04 -18.47
C ILE U 608 -46.74 55.41 -18.04
N ASP U 609 -46.58 55.65 -16.74
CA ASP U 609 -45.32 56.07 -16.12
C ASP U 609 -44.20 55.06 -16.41
N ASP U 610 -42.99 55.58 -16.52
CA ASP U 610 -41.83 54.75 -16.82
C ASP U 610 -41.50 53.84 -15.65
N SER U 611 -41.59 54.35 -14.42
CA SER U 611 -41.20 53.57 -13.26
C SER U 611 -42.18 52.46 -12.92
N SER U 612 -43.33 52.41 -13.60
CA SER U 612 -44.25 51.29 -13.46
C SER U 612 -43.89 50.12 -14.37
N TYR U 613 -42.99 50.33 -15.33
CA TYR U 613 -42.51 49.25 -16.18
C TYR U 613 -41.62 48.31 -15.38
N PRO U 614 -41.40 47.08 -15.84
CA PRO U 614 -40.55 46.16 -15.08
C PRO U 614 -39.10 46.60 -15.03
N LYS U 615 -38.46 46.25 -13.91
CA LYS U 615 -37.08 46.65 -13.66
C LYS U 615 -36.14 45.88 -14.57
N ASP U 616 -35.23 46.62 -15.24
CA ASP U 616 -34.16 46.08 -16.08
C ASP U 616 -34.67 45.17 -17.19
N GLY U 617 -35.83 45.52 -17.76
CA GLY U 617 -36.42 44.72 -18.79
C GLY U 617 -37.21 43.52 -18.31
N GLY U 618 -37.05 43.12 -17.05
CA GLY U 618 -37.78 42.00 -16.50
C GLY U 618 -37.29 40.68 -17.07
N SER U 619 -37.92 39.62 -16.59
CA SER U 619 -37.71 38.28 -17.10
C SER U 619 -38.92 37.44 -16.77
N VAL U 620 -39.11 36.38 -17.56
CA VAL U 620 -40.14 35.40 -17.25
C VAL U 620 -39.70 34.51 -16.10
N THR U 621 -38.42 34.53 -15.75
CA THR U 621 -37.94 33.80 -14.59
C THR U 621 -38.22 34.52 -13.28
N SER U 622 -38.72 35.75 -13.30
CA SER U 622 -38.86 36.57 -12.10
C SER U 622 -40.33 36.93 -11.89
N LEU U 623 -40.88 36.42 -10.80
CA LEU U 623 -42.32 36.46 -10.54
C LEU U 623 -42.83 37.88 -10.36
N GLU U 624 -42.04 38.74 -9.75
CA GLU U 624 -42.44 40.13 -9.58
C GLU U 624 -42.55 40.82 -10.93
N ASN U 625 -41.69 40.46 -11.88
CA ASN U 625 -41.81 41.01 -13.22
C ASN U 625 -43.01 40.42 -13.94
N LEU U 626 -43.38 39.18 -13.64
CA LEU U 626 -44.66 38.64 -14.14
C LEU U 626 -45.84 39.45 -13.64
N TRP U 627 -45.85 39.78 -12.35
CA TRP U 627 -46.95 40.59 -11.82
C TRP U 627 -46.94 41.98 -12.42
N ASP U 628 -45.76 42.53 -12.64
CA ASP U 628 -45.63 43.82 -13.32
C ASP U 628 -46.23 43.76 -14.70
N PHE U 629 -46.04 42.64 -15.40
CA PHE U 629 -46.64 42.48 -16.71
C PHE U 629 -48.15 42.42 -16.62
N PHE U 630 -48.67 41.74 -15.60
CA PHE U 630 -50.12 41.68 -15.43
C PHE U 630 -50.71 43.07 -15.20
N ILE U 631 -50.05 43.85 -14.34
CA ILE U 631 -50.51 45.20 -14.05
C ILE U 631 -50.46 46.08 -15.29
N LEU U 632 -49.37 46.01 -16.05
CA LEU U 632 -49.27 46.87 -17.22
C LEU U 632 -50.23 46.44 -18.31
N ALA U 633 -50.41 45.14 -18.50
CA ALA U 633 -51.28 44.65 -19.56
C ALA U 633 -52.74 44.90 -19.24
N LEU U 634 -53.07 44.98 -17.97
CA LEU U 634 -54.43 45.40 -17.67
C LEU U 634 -54.57 46.91 -17.79
N ALA U 635 -53.50 47.66 -17.49
CA ALA U 635 -53.66 49.10 -17.35
C ALA U 635 -53.66 49.84 -18.67
N LEU U 636 -52.90 49.34 -19.65
CA LEU U 636 -52.74 50.05 -20.93
C LEU U 636 -54.00 50.43 -21.71
N PRO U 637 -55.10 49.61 -21.82
CA PRO U 637 -56.19 50.00 -22.73
C PRO U 637 -57.05 51.20 -22.33
N LEU U 638 -56.69 51.95 -21.30
CA LEU U 638 -57.44 53.15 -20.95
C LEU U 638 -56.71 54.44 -21.30
N THR U 639 -55.51 54.35 -21.85
CA THR U 639 -54.72 55.54 -22.14
C THR U 639 -55.03 56.06 -23.53
N THR U 640 -54.77 57.34 -23.73
CA THR U 640 -54.95 57.98 -25.03
C THR U 640 -53.74 57.79 -25.94
N ASP U 641 -52.77 57.02 -25.51
CA ASP U 641 -51.59 56.72 -26.30
C ASP U 641 -51.98 55.87 -27.50
N PRO U 642 -51.65 56.28 -28.73
CA PRO U 642 -51.94 55.43 -29.88
C PRO U 642 -51.11 54.17 -29.93
N CYS U 643 -49.83 54.23 -29.55
CA CYS U 643 -48.96 53.06 -29.63
C CYS U 643 -48.98 52.22 -28.35
N ALA U 644 -50.01 52.38 -27.54
CA ALA U 644 -50.17 51.53 -26.37
C ALA U 644 -50.25 50.03 -26.66
N PRO U 645 -50.91 49.54 -27.73
CA PRO U 645 -50.81 48.09 -27.99
C PRO U 645 -49.43 47.65 -28.45
N VAL U 646 -48.68 48.53 -29.11
CA VAL U 646 -47.30 48.23 -29.44
C VAL U 646 -46.49 48.06 -28.17
N LYS U 647 -46.75 48.93 -27.19
CA LYS U 647 -46.11 48.78 -25.88
C LYS U 647 -46.54 47.49 -25.19
N ALA U 648 -47.81 47.12 -25.35
CA ALA U 648 -48.33 45.88 -24.75
C ALA U 648 -47.67 44.66 -25.35
N PHE U 649 -47.37 44.71 -26.64
CA PHE U 649 -46.63 43.62 -27.27
C PHE U 649 -45.18 43.59 -26.78
N MET U 650 -44.54 44.75 -26.75
CA MET U 650 -43.13 44.81 -26.41
C MET U 650 -42.84 44.47 -24.97
N THR U 651 -43.79 44.64 -24.06
CA THR U 651 -43.49 44.36 -22.66
C THR U 651 -43.34 42.86 -22.42
N LEU U 652 -44.20 42.06 -23.04
CA LEU U 652 -43.99 40.62 -23.03
C LEU U 652 -42.76 40.23 -23.82
N ALA U 653 -42.49 40.97 -24.91
CA ALA U 653 -41.34 40.66 -25.75
C ALA U 653 -40.02 40.86 -25.01
N ASN U 654 -39.95 41.90 -24.16
CA ASN U 654 -38.71 42.20 -23.43
C ASN U 654 -38.39 41.11 -22.43
N MET U 655 -39.39 40.45 -21.86
CA MET U 655 -39.10 39.40 -20.91
C MET U 655 -38.93 38.06 -21.60
N MET U 656 -39.52 37.89 -22.78
CA MET U 656 -39.29 36.69 -23.55
C MET U 656 -38.09 36.86 -24.49
N VAL U 657 -37.26 37.88 -24.25
CA VAL U 657 -35.92 37.90 -24.82
C VAL U 657 -35.15 36.67 -24.36
N GLY U 658 -34.75 35.83 -25.32
CA GLY U 658 -33.83 34.76 -25.05
C GLY U 658 -34.43 33.38 -24.94
N PHE U 659 -35.76 33.26 -24.91
CA PHE U 659 -36.39 31.96 -25.01
C PHE U 659 -37.10 31.81 -26.35
N GLU U 660 -37.84 32.82 -26.77
CA GLU U 660 -38.57 32.81 -28.03
C GLU U 660 -38.24 34.09 -28.78
N THR U 661 -37.85 33.95 -30.04
CA THR U 661 -37.34 35.07 -30.82
C THR U 661 -38.32 35.45 -31.92
N ILE U 662 -38.16 36.69 -32.40
CA ILE U 662 -38.98 37.21 -33.49
C ILE U 662 -38.08 37.92 -34.50
N PRO U 663 -38.44 37.88 -35.78
CA PRO U 663 -37.57 38.45 -36.80
C PRO U 663 -37.60 39.98 -36.80
N MET U 664 -36.48 40.56 -37.22
CA MET U 664 -36.26 42.00 -37.21
C MET U 664 -36.30 42.55 -38.63
N ASP U 665 -36.10 43.86 -38.73
CA ASP U 665 -36.08 44.52 -40.03
C ASP U 665 -34.68 44.92 -40.49
N ASN U 666 -33.76 45.21 -39.57
CA ASN U 666 -32.41 45.56 -39.95
C ASN U 666 -31.44 45.15 -38.86
N GLN U 667 -30.15 45.25 -39.16
CA GLN U 667 -29.14 44.87 -38.18
C GLN U 667 -28.71 46.04 -37.33
N ILE U 668 -29.69 46.76 -36.77
CA ILE U 668 -29.35 47.86 -35.87
C ILE U 668 -30.18 47.87 -34.60
N TYR U 669 -31.34 47.22 -34.57
CA TYR U 669 -32.20 47.18 -33.39
C TYR U 669 -32.27 45.74 -32.92
N THR U 670 -31.55 45.43 -31.86
CA THR U 670 -31.79 44.19 -31.14
C THR U 670 -33.20 44.25 -30.57
N GLN U 671 -33.88 43.10 -30.59
CA GLN U 671 -35.24 42.96 -30.09
C GLN U 671 -35.39 43.33 -28.62
N SER U 672 -34.31 43.25 -27.85
CA SER U 672 -34.35 43.51 -26.42
C SER U 672 -34.41 44.99 -26.05
N ARG U 673 -34.68 45.89 -26.99
CA ARG U 673 -34.94 47.27 -26.60
C ARG U 673 -36.27 47.36 -25.88
N ARG U 674 -36.40 48.39 -25.07
CA ARG U 674 -37.48 48.44 -24.09
C ARG U 674 -38.78 48.92 -24.73
N ALA U 675 -39.87 48.70 -24.00
CA ALA U 675 -41.17 49.17 -24.43
C ALA U 675 -41.35 50.67 -24.25
N SER U 676 -40.44 51.34 -23.56
CA SER U 676 -40.59 52.77 -23.31
C SER U 676 -40.40 53.57 -24.58
N ALA U 677 -39.36 53.24 -25.36
CA ALA U 677 -38.96 54.06 -26.50
C ALA U 677 -39.95 54.01 -27.64
N PHE U 678 -40.80 52.99 -27.70
CA PHE U 678 -41.79 52.91 -28.75
C PHE U 678 -42.87 53.94 -28.50
N SER U 679 -42.73 55.10 -29.11
CA SER U 679 -43.66 56.20 -28.95
C SER U 679 -44.29 56.64 -30.25
N THR U 680 -43.53 56.63 -31.32
CA THR U 680 -43.97 57.16 -32.60
C THR U 680 -44.90 56.17 -33.30
N PRO U 681 -45.65 56.64 -34.30
CA PRO U 681 -46.32 55.69 -35.20
C PRO U 681 -45.33 54.85 -36.00
N HIS U 682 -44.19 55.42 -36.35
CA HIS U 682 -43.13 54.61 -36.91
C HIS U 682 -42.42 53.89 -35.77
N THR U 683 -41.37 53.13 -36.15
CA THR U 683 -40.75 52.10 -35.32
C THR U 683 -41.76 51.09 -34.79
N TRP U 684 -42.79 50.83 -35.56
CA TRP U 684 -43.62 49.68 -35.24
C TRP U 684 -43.12 48.50 -36.04
N PRO U 685 -42.94 47.34 -35.42
CA PRO U 685 -42.26 46.25 -36.10
C PRO U 685 -43.15 45.57 -37.12
N ARG U 686 -42.50 44.98 -38.12
CA ARG U 686 -43.21 44.29 -39.18
C ARG U 686 -43.90 43.04 -38.64
N CYS U 687 -43.29 42.39 -37.64
CA CYS U 687 -43.87 41.18 -37.07
C CYS U 687 -45.09 41.47 -36.21
N PHE U 688 -45.25 42.69 -35.72
CA PHE U 688 -46.50 43.06 -35.07
C PHE U 688 -47.49 43.62 -36.07
N MET U 689 -47.00 44.26 -37.11
CA MET U 689 -47.90 44.79 -38.13
C MET U 689 -48.56 43.67 -38.92
N ASN U 690 -47.86 42.55 -39.09
CA ASN U 690 -48.41 41.40 -39.81
C ASN U 690 -48.23 40.17 -38.94
N ILE U 691 -49.30 39.41 -38.78
CA ILE U 691 -49.32 38.29 -37.85
C ILE U 691 -48.47 37.14 -38.35
N GLN U 692 -48.53 36.88 -39.66
CA GLN U 692 -47.99 35.66 -40.25
C GLN U 692 -46.48 35.56 -40.21
N LEU U 693 -45.79 36.64 -39.85
CA LEU U 693 -44.33 36.64 -39.80
C LEU U 693 -43.80 36.19 -38.45
N ILE U 694 -44.64 35.63 -37.59
CA ILE U 694 -44.18 35.06 -36.33
C ILE U 694 -44.48 33.57 -36.36
N SER U 695 -43.43 32.76 -36.28
CA SER U 695 -43.58 31.32 -36.32
C SER U 695 -44.23 30.83 -35.04
N PRO U 696 -45.38 30.17 -35.10
CA PRO U 696 -45.99 29.65 -33.88
C PRO U 696 -45.23 28.49 -33.30
N ILE U 697 -44.40 27.82 -34.10
CA ILE U 697 -43.51 26.79 -33.59
C ILE U 697 -42.46 27.41 -32.68
N ASP U 698 -42.03 28.63 -32.99
CA ASP U 698 -40.88 29.22 -32.30
C ASP U 698 -41.28 30.18 -31.20
N ALA U 699 -42.27 31.03 -31.44
CA ALA U 699 -42.80 31.91 -30.41
C ALA U 699 -44.30 31.71 -30.30
N PRO U 700 -44.73 30.61 -29.68
CA PRO U 700 -46.17 30.35 -29.60
C PRO U 700 -46.88 31.32 -28.69
N ILE U 701 -46.26 31.71 -27.59
CA ILE U 701 -46.95 32.62 -26.70
C ILE U 701 -46.93 34.05 -27.26
N LEU U 702 -45.92 34.40 -28.08
CA LEU U 702 -45.95 35.70 -28.75
C LEU U 702 -47.01 35.72 -29.82
N ARG U 703 -47.14 34.61 -30.56
CA ARG U 703 -48.17 34.49 -31.57
C ARG U 703 -49.56 34.59 -30.95
N GLN U 704 -49.76 33.95 -29.80
CA GLN U 704 -51.03 34.03 -29.11
C GLN U 704 -51.29 35.44 -28.57
N TRP U 705 -50.25 36.10 -28.07
CA TRP U 705 -50.41 37.47 -27.58
C TRP U 705 -50.76 38.43 -28.71
N ALA U 706 -50.17 38.19 -29.88
CA ALA U 706 -50.53 38.96 -31.06
C ALA U 706 -51.96 38.69 -31.48
N GLU U 707 -52.41 37.44 -31.32
CA GLU U 707 -53.81 37.11 -31.60
C GLU U 707 -54.75 37.86 -30.67
N ILE U 708 -54.40 37.90 -29.38
CA ILE U 708 -55.25 38.55 -28.38
C ILE U 708 -55.31 40.04 -28.63
N ILE U 709 -54.18 40.65 -28.99
CA ILE U 709 -54.19 42.07 -29.34
C ILE U 709 -55.01 42.31 -30.59
N HIS U 710 -54.77 41.54 -31.65
CA HIS U 710 -55.39 41.85 -32.92
C HIS U 710 -56.83 41.40 -33.02
N ARG U 711 -57.33 40.68 -32.04
CA ARG U 711 -58.74 40.31 -32.06
C ARG U 711 -59.54 40.94 -30.94
N TYR U 712 -58.95 41.15 -29.76
CA TYR U 712 -59.72 41.46 -28.56
C TYR U 712 -59.41 42.84 -27.99
N TRP U 713 -58.69 43.68 -28.72
CA TRP U 713 -58.48 45.05 -28.30
C TRP U 713 -59.78 45.84 -28.44
N PRO U 714 -60.03 46.80 -27.56
CA PRO U 714 -61.29 47.56 -27.62
C PRO U 714 -61.41 48.42 -28.87
N ASN U 715 -62.60 48.99 -29.03
CA ASN U 715 -62.97 49.68 -30.24
C ASN U 715 -63.40 51.10 -29.92
N PRO U 716 -63.06 52.06 -30.78
CA PRO U 716 -63.55 53.42 -30.57
C PRO U 716 -65.02 53.54 -30.96
N SER U 717 -65.71 54.47 -30.30
CA SER U 717 -67.12 54.71 -30.54
C SER U 717 -67.45 56.14 -30.16
N GLN U 718 -68.59 56.63 -30.64
CA GLN U 718 -68.92 58.03 -30.50
C GLN U 718 -70.36 58.18 -30.03
N ILE U 719 -70.61 59.26 -29.27
CA ILE U 719 -71.90 59.49 -28.65
C ILE U 719 -72.36 60.92 -28.91
N ARG U 720 -73.64 61.14 -28.67
CA ARG U 720 -74.28 62.43 -28.86
C ARG U 720 -74.26 63.23 -27.57
N TYR U 721 -74.10 64.55 -27.69
CA TYR U 721 -74.03 65.42 -26.52
C TYR U 721 -74.48 66.82 -26.91
N GLY U 722 -74.90 67.57 -25.90
CA GLY U 722 -75.32 68.96 -25.91
C GLY U 722 -76.37 69.22 -26.97
N THR U 723 -76.33 70.43 -27.52
CA THR U 723 -77.04 70.63 -28.75
C THR U 723 -76.29 71.65 -29.61
N PRO U 724 -76.25 71.43 -30.92
CA PRO U 724 -75.80 72.49 -31.83
C PRO U 724 -76.94 73.37 -32.35
N ASN U 725 -78.14 73.23 -31.79
CA ASN U 725 -79.26 74.01 -32.27
C ASN U 725 -79.11 75.47 -31.91
N VAL U 726 -78.76 75.75 -30.65
CA VAL U 726 -78.52 77.11 -30.20
C VAL U 726 -77.10 77.30 -29.70
N PHE U 727 -76.52 76.30 -29.04
CA PHE U 727 -75.23 76.49 -28.39
C PHE U 727 -74.07 76.49 -29.37
N GLY U 728 -74.26 75.98 -30.57
CA GLY U 728 -73.14 75.83 -31.44
C GLY U 728 -72.26 74.68 -30.98
N SER U 729 -71.03 74.66 -31.50
CA SER U 729 -70.08 73.64 -31.08
C SER U 729 -68.68 74.14 -31.36
N ALA U 730 -67.77 73.86 -30.42
CA ALA U 730 -66.36 74.13 -30.60
C ALA U 730 -65.63 72.97 -31.27
N ASN U 731 -66.35 72.08 -31.93
CA ASN U 731 -65.72 70.95 -32.59
C ASN U 731 -64.99 71.42 -33.84
N LEU U 732 -63.89 70.75 -34.16
CA LEU U 732 -63.02 71.16 -35.25
C LEU U 732 -62.96 70.14 -36.37
N PHE U 733 -62.61 68.89 -36.08
CA PHE U 733 -62.30 67.94 -37.13
C PHE U 733 -63.35 66.87 -37.34
N THR U 734 -64.31 66.77 -36.44
CA THR U 734 -65.38 65.80 -36.52
C THR U 734 -66.69 66.58 -36.64
N PRO U 735 -67.80 65.95 -37.04
CA PRO U 735 -69.07 66.67 -37.11
C PRO U 735 -69.50 67.13 -35.72
N PRO U 736 -70.20 68.27 -35.64
CA PRO U 736 -70.18 69.07 -34.39
C PRO U 736 -70.95 68.48 -33.22
N GLU U 737 -71.57 67.32 -33.36
CA GLU U 737 -72.40 66.79 -32.30
C GLU U 737 -71.90 65.47 -31.71
N VAL U 738 -70.75 64.98 -32.16
CA VAL U 738 -70.22 63.71 -31.69
C VAL U 738 -68.87 63.93 -31.03
N LEU U 739 -68.64 63.26 -29.92
CA LEU U 739 -67.33 63.19 -29.31
C LEU U 739 -66.85 61.75 -29.39
N LEU U 740 -65.53 61.59 -29.44
CA LEU U 740 -64.99 60.27 -29.68
C LEU U 740 -64.52 59.65 -28.38
N LEU U 741 -64.46 58.34 -28.37
CA LEU U 741 -64.24 57.64 -27.13
C LEU U 741 -63.70 56.26 -27.46
N PRO U 742 -62.52 55.89 -26.97
CA PRO U 742 -61.87 54.66 -27.42
C PRO U 742 -62.48 53.37 -26.90
N ILE U 743 -63.63 53.40 -26.23
CA ILE U 743 -64.29 52.23 -25.68
C ILE U 743 -65.68 52.15 -26.29
N ASP U 744 -66.18 50.92 -26.45
CA ASP U 744 -67.59 50.70 -26.77
C ASP U 744 -68.47 51.31 -25.69
N HIS U 745 -69.62 51.83 -26.11
CA HIS U 745 -70.63 52.31 -25.20
C HIS U 745 -71.94 51.57 -25.46
N GLN U 746 -72.69 51.37 -24.39
CA GLN U 746 -73.88 50.54 -24.39
C GLN U 746 -75.05 51.34 -23.86
N PRO U 747 -76.29 50.90 -24.12
CA PRO U 747 -77.45 51.56 -23.50
C PRO U 747 -77.46 51.42 -21.99
N ALA U 748 -78.21 52.32 -21.36
CA ALA U 748 -78.19 52.46 -19.91
C ALA U 748 -78.91 51.29 -19.25
N ASN U 749 -78.19 50.57 -18.39
CA ASN U 749 -78.78 49.45 -17.68
C ASN U 749 -77.90 49.12 -16.47
N VAL U 750 -78.54 48.78 -15.36
CA VAL U 750 -77.81 48.38 -14.17
C VAL U 750 -78.01 46.90 -13.85
N THR U 751 -79.03 46.25 -14.40
CA THR U 751 -79.08 44.81 -14.29
C THR U 751 -78.23 44.25 -15.42
N THR U 752 -77.33 43.35 -15.06
CA THR U 752 -76.27 42.87 -15.94
C THR U 752 -75.65 41.65 -15.28
N PRO U 753 -75.01 40.80 -16.07
CA PRO U 753 -74.09 39.84 -15.47
C PRO U 753 -72.92 40.57 -14.85
N THR U 754 -72.45 40.05 -13.72
CA THR U 754 -71.32 40.67 -13.03
C THR U 754 -70.06 40.55 -13.85
N LEU U 755 -69.78 39.36 -14.36
CA LEU U 755 -68.82 39.18 -15.42
C LEU U 755 -69.58 38.79 -16.68
N ASP U 756 -69.19 39.37 -17.80
CA ASP U 756 -69.93 39.22 -19.04
C ASP U 756 -68.99 39.54 -20.18
N PHE U 757 -68.70 38.54 -21.02
CA PHE U 757 -67.61 38.70 -21.98
C PHE U 757 -67.99 39.53 -23.19
N THR U 758 -69.25 39.95 -23.29
CA THR U 758 -69.62 40.97 -24.27
C THR U 758 -68.92 42.29 -23.96
N ASN U 759 -68.72 42.59 -22.68
CA ASN U 759 -67.93 43.75 -22.28
C ASN U 759 -66.49 43.59 -22.73
N GLU U 760 -65.97 44.63 -23.37
CA GLU U 760 -64.63 44.57 -23.93
C GLU U 760 -63.57 44.48 -22.85
N LEU U 761 -63.74 45.24 -21.77
CA LEU U 761 -62.71 45.26 -20.74
C LEU U 761 -62.74 43.99 -19.90
N THR U 762 -63.94 43.47 -19.64
CA THR U 762 -64.05 42.20 -18.94
C THR U 762 -63.48 41.07 -19.77
N ASN U 763 -63.76 41.10 -21.08
CA ASN U 763 -63.15 40.15 -22.00
C ASN U 763 -61.63 40.28 -22.02
N TRP U 764 -61.13 41.52 -21.94
CA TRP U 764 -59.70 41.76 -21.97
C TRP U 764 -59.01 41.20 -20.73
N ARG U 765 -59.62 41.41 -19.56
CA ARG U 765 -59.10 40.85 -18.32
C ARG U 765 -59.11 39.34 -18.36
N ALA U 766 -60.19 38.75 -18.88
CA ALA U 766 -60.28 37.30 -18.96
C ALA U 766 -59.22 36.72 -19.88
N ARG U 767 -58.97 37.37 -21.02
CA ARG U 767 -58.00 36.83 -21.96
C ARG U 767 -56.58 37.00 -21.47
N VAL U 768 -56.26 38.10 -20.77
CA VAL U 768 -54.91 38.23 -20.27
C VAL U 768 -54.68 37.27 -19.11
N CYS U 769 -55.74 36.96 -18.34
CA CYS U 769 -55.62 35.92 -17.32
C CYS U 769 -55.40 34.56 -17.95
N GLU U 770 -56.08 34.29 -19.07
CA GLU U 770 -55.88 33.01 -19.74
C GLU U 770 -54.48 32.90 -20.34
N LEU U 771 -53.93 34.02 -20.80
CA LEU U 771 -52.62 33.94 -21.43
C LEU U 771 -51.53 33.77 -20.38
N MET U 772 -51.63 34.48 -19.26
CA MET U 772 -50.63 34.24 -18.22
C MET U 772 -50.83 32.89 -17.54
N LYS U 773 -52.06 32.37 -17.58
CA LYS U 773 -52.33 31.01 -17.15
C LYS U 773 -51.59 30.02 -18.03
N ASN U 774 -51.59 30.27 -19.35
CA ASN U 774 -50.82 29.45 -20.27
C ASN U 774 -49.32 29.59 -20.03
N LEU U 775 -48.89 30.80 -19.69
CA LEU U 775 -47.48 31.08 -19.49
C LEU U 775 -46.94 30.37 -18.25
N VAL U 776 -47.75 30.27 -17.21
CA VAL U 776 -47.28 29.55 -16.03
C VAL U 776 -47.57 28.05 -16.15
N ASP U 777 -48.55 27.67 -16.97
CA ASP U 777 -48.77 26.26 -17.30
C ASP U 777 -47.56 25.67 -18.00
N ASN U 778 -46.93 26.45 -18.86
CA ASN U 778 -45.66 26.01 -19.43
C ASN U 778 -44.57 26.32 -18.40
N GLN U 779 -44.17 25.29 -17.66
CA GLN U 779 -43.11 25.38 -16.65
C GLN U 779 -41.74 25.60 -17.27
N ARG U 780 -41.61 25.43 -18.59
CA ARG U 780 -40.37 25.80 -19.29
C ARG U 780 -40.06 27.28 -19.15
N TYR U 781 -41.09 28.10 -19.00
CA TYR U 781 -40.92 29.54 -19.01
C TYR U 781 -40.27 30.07 -17.73
N GLN U 782 -40.33 29.34 -16.62
CA GLN U 782 -39.81 29.83 -15.33
C GLN U 782 -38.82 28.85 -14.70
N PRO U 783 -37.75 28.48 -15.41
CA PRO U 783 -36.96 27.30 -15.04
C PRO U 783 -36.04 27.49 -13.84
N GLY U 784 -36.21 28.54 -13.06
CA GLY U 784 -35.41 28.74 -11.87
C GLY U 784 -36.11 28.31 -10.59
N TRP U 785 -37.42 28.09 -10.68
CA TRP U 785 -38.20 27.72 -9.50
C TRP U 785 -37.95 26.26 -9.19
N THR U 786 -37.28 25.99 -8.08
CA THR U 786 -37.09 24.60 -7.67
C THR U 786 -38.35 23.98 -7.10
N GLN U 787 -39.38 24.78 -6.83
CA GLN U 787 -40.63 24.30 -6.28
C GLN U 787 -41.73 24.45 -7.32
N SER U 788 -42.61 23.46 -7.40
CA SER U 788 -43.76 23.53 -8.31
C SER U 788 -44.76 24.54 -7.77
N LEU U 789 -44.78 25.73 -8.35
CA LEU U 789 -45.68 26.80 -7.92
C LEU U 789 -46.87 26.95 -8.85
N VAL U 790 -47.07 25.99 -9.77
CA VAL U 790 -48.00 26.20 -10.87
C VAL U 790 -49.44 26.17 -10.37
N SER U 791 -49.73 25.33 -9.37
CA SER U 791 -51.10 25.22 -8.88
C SER U 791 -51.53 26.46 -8.12
N SER U 792 -50.63 26.98 -7.26
CA SER U 792 -50.94 28.18 -6.51
C SER U 792 -51.03 29.40 -7.43
N MET U 793 -50.18 29.45 -8.45
CA MET U 793 -50.22 30.58 -9.37
C MET U 793 -51.50 30.56 -10.20
N ARG U 794 -51.92 29.38 -10.66
CA ARG U 794 -53.18 29.28 -11.37
C ARG U 794 -54.36 29.58 -10.46
N GLY U 795 -54.24 29.27 -9.17
CA GLY U 795 -55.29 29.64 -8.24
C GLY U 795 -55.43 31.14 -8.11
N THR U 796 -54.30 31.83 -7.98
CA THR U 796 -54.31 33.29 -7.93
C THR U 796 -54.85 33.89 -9.22
N LEU U 797 -54.48 33.32 -10.37
CA LEU U 797 -54.93 33.87 -11.64
C LEU U 797 -56.42 33.65 -11.87
N GLY U 798 -56.93 32.45 -11.55
CA GLY U 798 -58.35 32.21 -11.76
C GLY U 798 -59.21 33.00 -10.79
N LYS U 799 -58.78 33.08 -9.53
CA LYS U 799 -59.50 33.88 -8.55
C LYS U 799 -59.41 35.36 -8.87
N LEU U 800 -58.31 35.79 -9.49
CA LEU U 800 -58.15 37.18 -9.88
C LEU U 800 -58.96 37.50 -11.13
N LYS U 801 -59.20 36.50 -11.97
CA LYS U 801 -60.09 36.69 -13.10
C LYS U 801 -61.53 36.84 -12.64
N LEU U 802 -61.93 36.01 -11.66
CA LEU U 802 -63.33 35.95 -11.25
C LEU U 802 -63.70 36.98 -10.19
N ILE U 803 -62.99 38.10 -10.13
CA ILE U 803 -63.33 39.15 -9.18
C ILE U 803 -64.63 39.81 -9.59
N LYS U 804 -65.58 39.87 -8.66
CA LYS U 804 -66.80 40.65 -8.92
C LYS U 804 -66.42 42.12 -8.93
N SER U 805 -66.65 42.78 -10.05
CA SER U 805 -66.26 44.17 -10.25
C SER U 805 -67.14 44.75 -11.35
N MET U 806 -68.02 45.66 -10.97
CA MET U 806 -68.88 46.34 -11.92
C MET U 806 -68.25 47.62 -12.44
N THR U 807 -66.98 47.88 -12.12
CA THR U 807 -66.25 48.97 -12.74
C THR U 807 -66.13 48.90 -14.25
N PRO U 808 -65.82 47.75 -14.90
CA PRO U 808 -65.84 47.77 -16.37
C PRO U 808 -67.24 47.91 -16.93
N MET U 809 -68.27 47.47 -16.21
CA MET U 809 -69.63 47.75 -16.65
C MET U 809 -69.94 49.23 -16.55
N TYR U 810 -69.40 49.90 -15.53
CA TYR U 810 -69.58 51.33 -15.37
C TYR U 810 -68.91 52.10 -16.49
N LEU U 811 -67.65 51.79 -16.76
CA LEU U 811 -66.95 52.40 -17.87
C LEU U 811 -67.54 52.01 -19.21
N GLN U 812 -68.25 50.89 -19.26
CA GLN U 812 -68.93 50.48 -20.47
C GLN U 812 -70.13 51.39 -20.74
N GLN U 813 -70.95 51.65 -19.73
CA GLN U 813 -72.24 52.25 -20.07
C GLN U 813 -72.76 53.36 -19.16
N LEU U 814 -71.99 53.87 -18.23
CA LEU U 814 -72.49 55.03 -17.49
C LEU U 814 -71.55 56.20 -17.52
N ALA U 815 -70.25 55.96 -17.48
CA ALA U 815 -69.27 57.02 -17.68
C ALA U 815 -69.42 57.78 -19.01
N PRO U 816 -69.78 57.18 -20.16
CA PRO U 816 -70.09 58.03 -21.33
C PRO U 816 -71.23 58.99 -21.11
N VAL U 817 -72.24 58.61 -20.32
CA VAL U 817 -73.32 59.53 -20.01
C VAL U 817 -72.80 60.68 -19.16
N GLU U 818 -71.91 60.37 -18.21
CA GLU U 818 -71.29 61.39 -17.37
C GLU U 818 -70.51 62.40 -18.20
N LEU U 819 -69.70 61.89 -19.12
CA LEU U 819 -68.87 62.80 -19.91
C LEU U 819 -69.71 63.59 -20.89
N ALA U 820 -70.77 62.99 -21.42
CA ALA U 820 -71.66 63.70 -22.33
C ALA U 820 -72.44 64.80 -21.63
N VAL U 821 -72.77 64.60 -20.35
CA VAL U 821 -73.48 65.65 -19.63
C VAL U 821 -72.53 66.76 -19.22
N ILE U 822 -71.33 66.40 -18.73
CA ILE U 822 -70.43 67.41 -18.19
C ILE U 822 -69.80 68.24 -19.31
N ALA U 823 -69.54 67.63 -20.46
CA ALA U 823 -68.75 68.25 -21.53
C ALA U 823 -69.24 69.60 -22.07
N PRO U 824 -70.53 69.89 -22.24
CA PRO U 824 -70.89 71.26 -22.64
C PRO U 824 -70.82 72.27 -21.51
N MET U 825 -70.55 71.86 -20.27
CA MET U 825 -70.48 72.79 -19.16
C MET U 825 -69.06 73.24 -18.87
N LEU U 826 -68.19 73.22 -19.83
CA LEU U 826 -66.84 73.49 -19.39
C LEU U 826 -66.34 74.85 -19.85
N PRO U 827 -65.47 75.49 -19.08
CA PRO U 827 -64.85 76.73 -19.55
C PRO U 827 -63.93 76.50 -20.72
N PHE U 828 -63.27 75.36 -20.78
CA PHE U 828 -62.42 74.98 -21.90
C PHE U 828 -63.06 73.80 -22.60
N PRO U 829 -63.91 74.04 -23.60
CA PRO U 829 -64.70 72.95 -24.16
C PRO U 829 -63.84 72.03 -25.02
N PRO U 830 -64.12 70.74 -25.01
CA PRO U 830 -63.16 69.77 -25.52
C PRO U 830 -63.17 69.69 -27.03
N PHE U 831 -62.02 69.26 -27.54
CA PHE U 831 -61.85 68.93 -28.95
C PHE U 831 -60.93 67.73 -29.00
N GLN U 832 -61.15 66.85 -29.96
CA GLN U 832 -60.42 65.61 -30.02
C GLN U 832 -59.91 65.34 -31.42
N VAL U 833 -58.91 64.47 -31.48
CA VAL U 833 -58.23 64.09 -32.70
C VAL U 833 -58.36 62.57 -32.79
N PRO U 834 -58.90 62.02 -33.89
CA PRO U 834 -59.60 60.74 -33.81
C PRO U 834 -58.76 59.53 -33.44
N TYR U 835 -59.36 58.63 -32.66
CA TYR U 835 -58.72 57.43 -32.18
C TYR U 835 -58.71 56.35 -33.25
N VAL U 836 -57.75 55.45 -33.13
CA VAL U 836 -57.58 54.32 -34.04
C VAL U 836 -57.37 53.07 -33.21
N ARG U 837 -57.71 51.91 -33.77
CA ARG U 837 -57.56 50.68 -32.99
C ARG U 837 -56.15 50.12 -33.06
N LEU U 838 -55.74 49.64 -34.24
CA LEU U 838 -54.44 49.03 -34.46
C LEU U 838 -53.87 49.47 -35.81
N ASP U 839 -53.95 50.75 -36.08
CA ASP U 839 -54.12 51.28 -37.43
C ASP U 839 -52.98 52.24 -37.70
N ARG U 840 -52.07 51.85 -38.60
CA ARG U 840 -50.76 52.49 -38.67
C ARG U 840 -50.81 53.89 -39.25
N ASP U 841 -51.14 54.03 -40.55
CA ASP U 841 -50.96 55.33 -41.18
C ASP U 841 -52.10 56.29 -40.84
N ARG U 842 -53.20 55.77 -40.31
CA ARG U 842 -54.28 56.61 -39.81
C ARG U 842 -53.95 57.27 -38.46
N VAL U 843 -52.78 57.02 -37.86
CA VAL U 843 -52.47 57.67 -36.57
C VAL U 843 -52.09 59.12 -36.82
N PRO U 844 -52.68 60.07 -36.10
CA PRO U 844 -52.18 61.45 -36.14
C PRO U 844 -50.86 61.59 -35.41
N THR U 845 -50.00 62.46 -35.94
CA THR U 845 -48.68 62.67 -35.35
C THR U 845 -48.53 64.06 -34.76
N MET U 846 -48.66 65.10 -35.57
CA MET U 846 -48.44 66.47 -35.14
C MET U 846 -49.74 67.24 -35.20
N VAL U 847 -49.90 68.19 -34.29
CA VAL U 847 -51.07 69.06 -34.25
C VAL U 847 -50.57 70.49 -34.38
N GLY U 848 -50.86 71.12 -35.51
CA GLY U 848 -50.32 72.44 -35.77
C GLY U 848 -51.37 73.49 -36.01
N VAL U 849 -50.99 74.76 -35.82
CA VAL U 849 -51.91 75.87 -35.99
C VAL U 849 -51.17 76.98 -36.71
N THR U 850 -51.85 77.67 -37.63
CA THR U 850 -51.25 78.65 -38.51
C THR U 850 -51.91 80.00 -38.36
N ARG U 851 -51.11 81.05 -38.44
CA ARG U 851 -51.60 82.41 -38.50
C ARG U 851 -51.48 82.99 -39.89
N GLN U 852 -51.47 82.13 -40.91
CA GLN U 852 -51.14 82.55 -42.26
C GLN U 852 -52.11 81.94 -43.24
N SER U 853 -52.50 82.71 -44.26
CA SER U 853 -53.35 82.21 -45.32
C SER U 853 -52.64 81.17 -46.16
N ARG U 854 -53.42 80.33 -46.82
CA ARG U 854 -52.84 79.20 -47.55
C ARG U 854 -52.16 79.65 -48.84
N ASP U 855 -52.63 80.74 -49.45
CA ASP U 855 -52.29 81.02 -50.84
C ASP U 855 -50.87 81.51 -51.03
N THR U 856 -50.36 82.30 -50.10
CA THR U 856 -49.08 82.98 -50.27
C THR U 856 -48.05 82.46 -49.27
N ILE U 857 -46.86 82.14 -49.76
CA ILE U 857 -45.80 81.62 -48.91
C ILE U 857 -45.17 82.77 -48.12
N THR U 858 -44.54 82.40 -47.01
CA THR U 858 -43.80 83.33 -46.16
C THR U 858 -42.79 82.51 -45.36
N GLN U 859 -42.23 83.11 -44.33
CA GLN U 859 -41.42 82.36 -43.39
C GLN U 859 -42.30 81.33 -42.69
N PRO U 860 -41.83 80.09 -42.57
CA PRO U 860 -42.67 79.03 -41.98
C PRO U 860 -42.86 79.24 -40.48
N ALA U 861 -44.12 79.39 -40.08
CA ALA U 861 -44.43 79.75 -38.70
C ALA U 861 -44.19 78.59 -37.76
N LEU U 862 -44.93 77.49 -37.95
CA LEU U 862 -44.69 76.18 -37.31
C LEU U 862 -44.76 76.29 -35.78
N SER U 863 -45.98 76.49 -35.30
CA SER U 863 -46.27 76.94 -33.94
C SER U 863 -45.84 75.93 -32.87
N LEU U 864 -46.07 76.35 -31.62
CA LEU U 864 -45.39 75.76 -30.46
C LEU U 864 -45.87 74.37 -30.13
N SER U 865 -47.11 74.02 -30.47
CA SER U 865 -47.64 72.71 -30.15
C SER U 865 -46.95 71.60 -30.92
N THR U 866 -46.37 71.91 -32.08
CA THR U 866 -45.71 70.92 -32.91
C THR U 866 -44.41 70.43 -32.32
N THR U 867 -43.82 71.14 -31.37
CA THR U 867 -42.52 70.76 -30.85
C THR U 867 -42.59 69.59 -29.88
N ASN U 868 -43.77 69.10 -29.55
CA ASN U 868 -43.87 67.90 -28.74
C ASN U 868 -43.53 66.69 -29.58
N THR U 869 -42.90 65.70 -28.94
CA THR U 869 -42.49 64.48 -29.65
C THR U 869 -43.70 63.66 -30.06
N THR U 870 -44.57 63.36 -29.10
CA THR U 870 -45.85 62.73 -29.39
C THR U 870 -46.87 63.75 -29.88
N VAL U 871 -48.15 63.36 -29.87
CA VAL U 871 -49.22 64.22 -30.37
C VAL U 871 -49.37 65.50 -29.54
N GLY U 872 -48.95 65.51 -28.29
CA GLY U 872 -49.01 66.74 -27.53
C GLY U 872 -48.21 66.71 -26.25
N VAL U 873 -48.66 67.48 -25.27
CA VAL U 873 -47.98 67.54 -23.98
C VAL U 873 -48.19 66.21 -23.27
N PRO U 874 -47.13 65.50 -22.92
CA PRO U 874 -47.29 64.18 -22.31
C PRO U 874 -47.78 64.31 -20.88
N LEU U 875 -48.20 63.17 -20.34
CA LEU U 875 -48.77 63.11 -19.00
C LEU U 875 -48.60 61.69 -18.50
N ALA U 876 -47.79 61.52 -17.46
CA ALA U 876 -47.50 60.22 -16.93
C ALA U 876 -48.57 59.82 -15.93
N LEU U 877 -49.01 58.57 -16.00
CA LEU U 877 -50.02 58.04 -15.10
C LEU U 877 -49.50 56.76 -14.46
N ASP U 878 -49.83 56.60 -13.19
CA ASP U 878 -49.45 55.39 -12.45
C ASP U 878 -50.39 54.26 -12.86
N ALA U 879 -49.83 53.16 -13.32
CA ALA U 879 -50.62 52.01 -13.76
C ALA U 879 -51.27 51.28 -12.59
N ARG U 880 -50.68 51.40 -11.41
CA ARG U 880 -51.16 50.67 -10.23
C ARG U 880 -52.57 51.08 -9.86
N ALA U 881 -52.79 52.39 -9.73
CA ALA U 881 -54.10 52.91 -9.35
C ALA U 881 -55.14 52.59 -10.42
N ILE U 882 -54.74 52.61 -11.70
CA ILE U 882 -55.62 52.25 -12.80
C ILE U 882 -56.10 50.83 -12.65
N THR U 883 -55.18 49.91 -12.36
CA THR U 883 -55.55 48.50 -12.27
C THR U 883 -56.41 48.22 -11.05
N VAL U 884 -56.05 48.76 -9.89
CA VAL U 884 -56.84 48.42 -8.71
C VAL U 884 -58.20 49.10 -8.75
N ALA U 885 -58.28 50.26 -9.41
CA ALA U 885 -59.58 50.91 -9.59
C ALA U 885 -60.43 50.14 -10.59
N LEU U 886 -59.81 49.59 -11.63
CA LEU U 886 -60.57 48.80 -12.58
C LEU U 886 -61.03 47.49 -11.96
N LEU U 887 -60.20 46.93 -11.09
CA LEU U 887 -60.42 45.58 -10.63
C LEU U 887 -61.32 45.55 -9.40
N SER U 888 -61.45 46.66 -8.69
CA SER U 888 -62.30 46.70 -7.50
C SER U 888 -63.21 47.91 -7.56
N GLY U 889 -64.51 47.69 -7.44
CA GLY U 889 -65.48 48.77 -7.45
C GLY U 889 -66.90 48.29 -7.42
N LYS U 890 -67.81 49.07 -6.85
CA LYS U 890 -69.16 48.62 -6.64
C LYS U 890 -70.09 49.81 -6.51
N TYR U 891 -71.36 49.56 -6.66
CA TYR U 891 -72.40 50.57 -6.50
C TYR U 891 -72.92 50.53 -5.07
N PRO U 892 -73.52 51.61 -4.59
CA PRO U 892 -74.32 51.52 -3.38
C PRO U 892 -75.56 50.69 -3.63
N PRO U 893 -75.97 49.89 -2.65
CA PRO U 893 -77.01 48.87 -2.90
C PRO U 893 -78.43 49.40 -2.95
N ASP U 894 -78.66 50.70 -3.05
CA ASP U 894 -79.98 51.22 -3.42
C ASP U 894 -79.77 52.26 -4.51
N LEU U 895 -79.65 51.78 -5.74
CA LEU U 895 -79.37 52.65 -6.87
C LEU U 895 -80.65 52.80 -7.67
N VAL U 896 -81.12 54.03 -7.75
CA VAL U 896 -82.01 54.45 -8.83
C VAL U 896 -81.22 55.48 -9.61
N THR U 897 -80.88 55.14 -10.86
CA THR U 897 -80.03 56.01 -11.65
C THR U 897 -80.70 57.33 -11.98
N ASN U 898 -82.03 57.34 -12.00
CA ASN U 898 -82.76 58.57 -12.24
C ASN U 898 -82.61 59.53 -11.07
N VAL U 899 -82.80 59.02 -9.84
CA VAL U 899 -82.67 59.85 -8.64
C VAL U 899 -81.24 60.33 -8.49
N TRP U 900 -80.28 59.42 -8.69
CA TRP U 900 -78.87 59.77 -8.54
C TRP U 900 -78.45 60.84 -9.52
N TYR U 901 -78.85 60.70 -10.78
CA TYR U 901 -78.41 61.71 -11.74
C TYR U 901 -79.21 63.00 -11.61
N ALA U 902 -80.45 62.94 -11.12
CA ALA U 902 -81.21 64.17 -10.93
C ALA U 902 -80.58 65.03 -9.85
N ASP U 903 -80.26 64.42 -8.71
CA ASP U 903 -79.57 65.18 -7.69
C ASP U 903 -78.08 65.35 -8.00
N ALA U 904 -77.58 64.70 -9.05
CA ALA U 904 -76.23 64.98 -9.49
C ALA U 904 -76.17 66.18 -10.43
N ILE U 905 -77.23 66.43 -11.20
CA ILE U 905 -77.14 67.40 -12.27
C ILE U 905 -77.85 68.71 -11.94
N TYR U 906 -78.83 68.70 -11.04
CA TYR U 906 -79.38 69.97 -10.56
C TYR U 906 -78.34 70.88 -9.89
N PRO U 907 -77.40 70.40 -9.06
CA PRO U 907 -76.32 71.32 -8.66
C PRO U 907 -75.36 71.70 -9.79
N MET U 908 -75.03 70.77 -10.68
CA MET U 908 -74.05 71.05 -11.72
C MET U 908 -74.58 72.05 -12.73
N TYR U 909 -75.85 71.98 -13.07
CA TYR U 909 -76.39 73.02 -13.92
C TYR U 909 -76.76 74.25 -13.14
N ALA U 910 -77.01 74.09 -11.83
CA ALA U 910 -77.30 75.23 -10.97
C ALA U 910 -76.11 76.18 -10.91
N ASP U 911 -74.90 75.63 -10.92
CA ASP U 911 -73.71 76.46 -11.16
C ASP U 911 -73.25 76.22 -12.60
N THR U 912 -73.83 76.97 -13.53
CA THR U 912 -73.32 77.01 -14.89
C THR U 912 -72.78 78.40 -15.21
N GLU U 913 -71.96 78.45 -16.25
CA GLU U 913 -71.38 79.70 -16.72
C GLU U 913 -71.32 79.73 -18.24
N VAL U 914 -71.97 78.77 -18.88
CA VAL U 914 -71.91 78.57 -20.33
C VAL U 914 -72.47 79.76 -21.07
N PHE U 915 -73.41 80.49 -20.45
CA PHE U 915 -74.01 81.65 -21.08
C PHE U 915 -73.02 82.79 -21.24
N SER U 916 -72.31 83.14 -20.17
CA SER U 916 -71.30 84.17 -20.29
C SER U 916 -70.09 83.70 -21.07
N ASN U 917 -69.77 82.42 -20.98
CA ASN U 917 -68.73 81.83 -21.81
C ASN U 917 -69.07 81.96 -23.28
N LEU U 918 -70.35 81.81 -23.60
CA LEU U 918 -70.84 82.01 -24.94
C LEU U 918 -70.79 83.48 -25.33
N GLN U 919 -71.02 84.36 -24.36
CA GLN U 919 -70.96 85.80 -24.64
C GLN U 919 -69.54 86.27 -24.93
N ARG U 920 -68.55 85.57 -24.39
CA ARG U 920 -67.15 85.97 -24.57
C ARG U 920 -66.69 85.84 -26.03
N ASP U 921 -67.26 84.88 -26.76
CA ASP U 921 -66.68 84.48 -28.02
C ASP U 921 -66.97 85.46 -29.14
N VAL U 922 -68.07 86.22 -29.03
CA VAL U 922 -68.36 87.30 -29.97
C VAL U 922 -67.25 88.33 -29.96
N ILE U 923 -66.87 88.76 -28.76
CA ILE U 923 -65.83 89.77 -28.60
C ILE U 923 -64.48 89.22 -29.00
N THR U 924 -64.23 87.93 -28.72
CA THR U 924 -63.02 87.28 -29.22
C THR U 924 -62.93 87.30 -30.74
N CYS U 925 -64.02 86.91 -31.42
CA CYS U 925 -64.02 86.86 -32.89
C CYS U 925 -63.88 88.25 -33.50
N GLU U 926 -64.64 89.22 -32.98
CA GLU U 926 -64.58 90.58 -33.49
C GLU U 926 -63.21 91.20 -33.24
N ALA U 927 -62.54 90.81 -32.15
CA ALA U 927 -61.22 91.33 -31.86
C ALA U 927 -60.19 90.77 -32.82
N VAL U 928 -60.35 89.49 -33.21
CA VAL U 928 -59.50 88.91 -34.26
C VAL U 928 -59.63 89.68 -35.56
N GLN U 929 -60.88 90.00 -35.93
CA GLN U 929 -61.13 90.79 -37.13
C GLN U 929 -60.48 92.17 -37.06
N THR U 930 -60.64 92.86 -35.92
CA THR U 930 -60.09 94.20 -35.82
C THR U 930 -58.58 94.19 -35.84
N LEU U 931 -57.97 93.14 -35.27
CA LEU U 931 -56.52 93.02 -35.33
C LEU U 931 -56.05 92.83 -36.76
N VAL U 932 -56.68 91.91 -37.51
CA VAL U 932 -56.17 91.65 -38.85
C VAL U 932 -56.45 92.83 -39.77
N THR U 933 -57.56 93.54 -39.54
CA THR U 933 -57.88 94.70 -40.37
C THR U 933 -56.92 95.86 -40.10
N LEU U 934 -56.66 96.16 -38.83
CA LEU U 934 -55.81 97.30 -38.52
C LEU U 934 -54.35 97.02 -38.84
N VAL U 935 -53.89 95.78 -38.67
CA VAL U 935 -52.51 95.48 -39.05
C VAL U 935 -52.37 95.49 -40.56
N ALA U 936 -53.41 95.06 -41.30
CA ALA U 936 -53.37 95.20 -42.75
C ALA U 936 -53.41 96.65 -43.17
N GLN U 937 -53.99 97.52 -42.35
CA GLN U 937 -53.88 98.95 -42.62
C GLN U 937 -52.46 99.45 -42.44
N ILE U 938 -51.80 99.08 -41.34
CA ILE U 938 -50.51 99.68 -41.06
C ILE U 938 -49.35 99.05 -41.80
N SER U 939 -49.51 97.85 -42.37
CA SER U 939 -48.40 97.21 -43.06
C SER U 939 -48.92 96.48 -44.29
N GLU U 940 -48.01 95.77 -44.97
CA GLU U 940 -48.43 94.92 -46.07
C GLU U 940 -49.15 93.70 -45.53
N THR U 941 -50.20 93.29 -46.23
CA THR U 941 -50.88 92.05 -45.93
C THR U 941 -51.57 91.62 -47.22
N GLN U 942 -51.59 90.31 -47.48
CA GLN U 942 -52.33 89.74 -48.59
C GLN U 942 -53.84 89.97 -48.46
N TYR U 943 -54.32 90.28 -47.25
CA TYR U 943 -55.74 90.38 -46.96
C TYR U 943 -56.42 91.45 -47.81
N PRO U 944 -57.51 91.12 -48.50
CA PRO U 944 -58.22 92.12 -49.31
C PRO U 944 -58.89 93.16 -48.44
N VAL U 945 -58.39 94.38 -48.48
CA VAL U 945 -58.86 95.42 -47.60
C VAL U 945 -59.14 96.67 -48.41
N ASP U 946 -60.05 97.51 -47.90
CA ASP U 946 -60.60 98.60 -48.67
C ASP U 946 -59.64 99.78 -48.82
N ARG U 947 -58.76 100.00 -47.84
CA ARG U 947 -57.66 100.98 -47.87
C ARG U 947 -58.20 102.41 -48.10
N TYR U 948 -58.84 102.91 -47.05
CA TYR U 948 -59.43 104.24 -47.11
C TYR U 948 -58.41 105.36 -46.95
N LEU U 949 -57.55 105.27 -45.93
CA LEU U 949 -56.62 106.36 -45.65
C LEU U 949 -55.20 105.95 -46.07
N ASP U 950 -54.58 106.79 -46.89
CA ASP U 950 -53.21 106.59 -47.34
C ASP U 950 -52.34 107.82 -47.22
N TRP U 951 -52.90 109.01 -47.37
CA TRP U 951 -52.16 110.26 -47.37
C TRP U 951 -51.50 110.54 -46.04
N ILE U 952 -52.02 109.96 -44.96
CA ILE U 952 -51.31 109.96 -43.68
C ILE U 952 -50.05 109.10 -43.82
N PRO U 953 -48.87 109.63 -43.52
CA PRO U 953 -47.65 108.83 -43.68
C PRO U 953 -47.51 107.76 -42.61
N SER U 954 -46.75 106.73 -42.96
CA SER U 954 -46.48 105.60 -42.09
C SER U 954 -45.06 105.12 -42.37
N LEU U 955 -44.72 103.93 -41.88
CA LEU U 955 -43.45 103.33 -42.24
C LEU U 955 -43.64 101.87 -42.62
N ARG U 956 -42.54 101.29 -43.10
CA ARG U 956 -42.44 99.87 -43.39
C ARG U 956 -42.44 99.14 -42.05
N ALA U 957 -43.59 98.63 -41.65
CA ALA U 957 -43.80 98.15 -40.29
C ALA U 957 -43.13 96.81 -40.09
N SER U 958 -42.33 96.69 -39.05
CA SER U 958 -41.63 95.46 -38.73
C SER U 958 -42.33 94.73 -37.60
N ALA U 959 -41.70 93.66 -37.13
CA ALA U 959 -42.35 92.73 -36.21
C ALA U 959 -42.60 93.36 -34.86
N ALA U 960 -41.60 94.06 -34.32
CA ALA U 960 -41.74 94.68 -33.00
C ALA U 960 -42.77 95.79 -33.02
N THR U 961 -42.78 96.58 -34.09
CA THR U 961 -43.73 97.67 -34.23
C THR U 961 -45.16 97.14 -34.33
N ALA U 962 -45.36 96.11 -35.15
CA ALA U 962 -46.67 95.52 -35.30
C ALA U 962 -47.12 94.86 -33.99
N ALA U 963 -46.18 94.27 -33.25
CA ALA U 963 -46.53 93.63 -32.00
C ALA U 963 -46.97 94.64 -30.95
N THR U 964 -46.25 95.77 -30.87
CA THR U 964 -46.66 96.85 -29.97
C THR U 964 -48.04 97.38 -30.32
N PHE U 965 -48.25 97.72 -31.60
CA PHE U 965 -49.51 98.34 -32.01
C PHE U 965 -50.70 97.40 -31.82
N ALA U 966 -50.49 96.12 -32.10
CA ALA U 966 -51.53 95.14 -31.84
C ALA U 966 -51.77 94.97 -30.36
N GLU U 967 -50.76 95.15 -29.51
CA GLU U 967 -51.04 95.08 -28.08
C GLU U 967 -51.78 96.32 -27.59
N TRP U 968 -51.52 97.49 -28.18
CA TRP U 968 -52.31 98.67 -27.86
C TRP U 968 -53.77 98.46 -28.21
N VAL U 969 -54.02 97.83 -29.36
CA VAL U 969 -55.38 97.45 -29.75
C VAL U 969 -55.97 96.47 -28.74
N ASN U 970 -55.17 95.49 -28.32
CA ASN U 970 -55.65 94.44 -27.42
C ASN U 970 -56.01 95.02 -26.06
N THR U 971 -55.13 95.83 -25.48
CA THR U 971 -55.42 96.41 -24.18
C THR U 971 -56.49 97.47 -24.26
N SER U 972 -56.67 98.11 -25.42
CA SER U 972 -57.77 99.03 -25.57
C SER U 972 -59.10 98.31 -25.55
N MET U 973 -59.18 97.19 -26.26
CA MET U 973 -60.39 96.36 -26.25
C MET U 973 -60.66 95.79 -24.87
N LYS U 974 -59.61 95.33 -24.19
CA LYS U 974 -59.77 94.67 -22.91
C LYS U 974 -60.21 95.66 -21.83
N THR U 975 -59.60 96.84 -21.78
CA THR U 975 -60.03 97.83 -20.80
C THR U 975 -61.37 98.43 -21.17
N ALA U 976 -61.72 98.45 -22.45
CA ALA U 976 -63.01 99.01 -22.83
C ALA U 976 -64.16 98.10 -22.49
N PHE U 977 -63.94 96.78 -22.52
CA PHE U 977 -65.03 95.89 -22.14
C PHE U 977 -64.86 95.31 -20.75
N ASP U 978 -63.79 95.70 -20.06
CA ASP U 978 -63.47 95.26 -18.69
C ASP U 978 -63.37 93.74 -18.60
N LEU U 979 -62.75 93.12 -19.60
CA LEU U 979 -62.24 91.78 -19.40
C LEU U 979 -61.02 91.86 -18.49
N SER U 980 -60.81 90.82 -17.71
CA SER U 980 -59.66 90.75 -16.82
C SER U 980 -58.73 89.59 -17.14
N ASP U 981 -59.21 88.55 -17.81
CA ASP U 981 -58.39 87.37 -18.04
C ASP U 981 -57.45 87.59 -19.23
N MET U 982 -58.01 87.69 -20.42
CA MET U 982 -57.23 87.69 -21.65
C MET U 982 -58.14 87.95 -22.83
N LEU U 983 -57.50 88.24 -23.95
CA LEU U 983 -57.94 87.99 -25.32
C LEU U 983 -56.74 88.27 -26.21
N LEU U 984 -56.54 87.41 -27.20
CA LEU U 984 -55.48 87.51 -28.20
C LEU U 984 -54.08 87.47 -27.61
N GLU U 985 -53.91 86.98 -26.38
CA GLU U 985 -52.62 87.15 -25.71
C GLU U 985 -51.49 86.31 -26.29
N PRO U 986 -51.66 85.04 -26.69
CA PRO U 986 -50.58 84.39 -27.43
C PRO U 986 -50.58 84.75 -28.89
N LEU U 987 -51.67 85.33 -29.37
CA LEU U 987 -51.68 85.89 -30.71
C LEU U 987 -50.85 87.15 -30.78
N LEU U 988 -50.61 87.77 -29.63
CA LEU U 988 -49.59 88.81 -29.48
C LEU U 988 -48.23 88.19 -29.20
N SER U 989 -47.81 87.26 -30.05
CA SER U 989 -46.50 86.65 -29.96
C SER U 989 -46.11 86.19 -31.35
N GLY U 990 -44.82 86.25 -31.64
CA GLY U 990 -44.38 86.07 -32.99
C GLY U 990 -44.68 87.31 -33.80
N ASP U 991 -44.68 87.15 -35.11
CA ASP U 991 -44.99 88.27 -35.98
C ASP U 991 -46.49 88.34 -36.21
N PRO U 992 -47.16 89.41 -35.79
CA PRO U 992 -48.62 89.48 -35.91
C PRO U 992 -49.14 89.99 -37.25
N ARG U 993 -48.28 90.17 -38.26
CA ARG U 993 -48.79 90.49 -39.58
C ARG U 993 -49.44 89.25 -40.16
N MET U 994 -50.75 89.12 -39.99
CA MET U 994 -51.39 87.82 -40.12
C MET U 994 -52.63 87.92 -41.00
N THR U 995 -53.29 86.79 -41.16
CA THR U 995 -54.46 86.60 -41.99
C THR U 995 -55.43 85.76 -41.20
N GLN U 996 -56.39 85.13 -41.90
CA GLN U 996 -57.35 84.25 -41.25
C GLN U 996 -56.68 83.04 -40.61
N LEU U 997 -57.34 82.48 -39.61
CA LEU U 997 -56.77 81.42 -38.80
C LEU U 997 -57.06 80.05 -39.39
N ALA U 998 -56.25 79.08 -38.99
CA ALA U 998 -56.42 77.69 -39.39
C ALA U 998 -55.65 76.80 -38.42
N ILE U 999 -56.26 75.68 -38.05
CA ILE U 999 -55.61 74.66 -37.25
C ILE U 999 -55.74 73.33 -37.99
N GLN U 1000 -54.73 72.48 -37.85
CA GLN U 1000 -54.66 71.26 -38.63
C GLN U 1000 -53.87 70.20 -37.88
N TYR U 1001 -54.01 68.96 -38.34
CA TYR U 1001 -53.12 67.89 -37.92
C TYR U 1001 -52.70 67.11 -39.16
N GLN U 1002 -51.76 66.19 -38.95
CA GLN U 1002 -51.34 65.31 -40.02
C GLN U 1002 -51.28 63.88 -39.52
N GLN U 1003 -51.58 62.95 -40.42
CA GLN U 1003 -51.53 61.52 -40.14
C GLN U 1003 -50.09 61.04 -40.31
N TYR U 1004 -49.89 59.72 -40.37
CA TYR U 1004 -48.56 59.23 -40.64
C TYR U 1004 -48.19 59.36 -42.10
N ASN U 1005 -49.10 58.98 -42.99
CA ASN U 1005 -48.76 58.94 -44.41
C ASN U 1005 -48.97 60.28 -45.11
N GLY U 1006 -48.47 61.35 -44.51
CA GLY U 1006 -48.44 62.67 -45.14
C GLY U 1006 -49.77 63.36 -45.32
N ARG U 1007 -50.89 62.72 -45.01
CA ARG U 1007 -52.18 63.34 -45.20
C ARG U 1007 -52.41 64.38 -44.12
N THR U 1008 -52.79 65.59 -44.54
CA THR U 1008 -53.01 66.70 -43.63
C THR U 1008 -54.45 67.16 -43.77
N PHE U 1009 -55.12 67.30 -42.64
CA PHE U 1009 -56.52 67.74 -42.61
C PHE U 1009 -56.55 69.10 -41.93
N ASN U 1010 -56.83 70.16 -42.69
CA ASN U 1010 -56.98 71.46 -42.08
C ASN U 1010 -58.44 71.84 -41.95
N VAL U 1011 -58.73 72.77 -41.04
CA VAL U 1011 -60.05 73.38 -40.96
C VAL U 1011 -59.85 74.89 -40.95
N ILE U 1012 -60.65 75.58 -41.77
CA ILE U 1012 -60.59 77.03 -41.87
C ILE U 1012 -62.01 77.53 -41.65
N PRO U 1013 -62.33 78.06 -40.48
CA PRO U 1013 -63.67 78.62 -40.27
C PRO U 1013 -63.84 79.91 -41.05
N GLU U 1014 -64.94 80.00 -41.78
CA GLU U 1014 -65.21 81.17 -42.60
C GLU U 1014 -65.56 82.35 -41.70
N MET U 1015 -65.43 83.54 -42.25
CA MET U 1015 -65.47 84.72 -41.40
C MET U 1015 -66.90 85.25 -41.32
N PRO U 1016 -67.43 85.46 -40.13
CA PRO U 1016 -68.73 86.11 -40.01
C PRO U 1016 -68.60 87.62 -40.17
N GLY U 1017 -69.69 88.36 -39.92
CA GLY U 1017 -69.66 89.80 -40.10
C GLY U 1017 -68.73 90.49 -39.11
N SER U 1018 -68.45 91.75 -39.42
CA SER U 1018 -67.37 92.51 -38.80
C SER U 1018 -67.89 93.84 -38.31
N VAL U 1019 -68.45 93.86 -37.11
CA VAL U 1019 -69.20 95.02 -36.64
C VAL U 1019 -68.26 96.16 -36.27
N ILE U 1020 -67.37 95.93 -35.31
CA ILE U 1020 -66.44 96.96 -34.89
C ILE U 1020 -65.47 97.28 -36.03
N ALA U 1021 -65.15 96.28 -36.85
CA ALA U 1021 -64.21 96.49 -37.95
C ALA U 1021 -64.79 97.41 -39.02
N ASP U 1022 -66.00 97.14 -39.49
CA ASP U 1022 -66.52 98.05 -40.50
C ASP U 1022 -67.05 99.34 -39.91
N CYS U 1023 -67.29 99.39 -38.60
CA CYS U 1023 -67.51 100.69 -37.98
C CYS U 1023 -66.24 101.54 -38.01
N VAL U 1024 -65.09 100.92 -37.74
CA VAL U 1024 -63.79 101.58 -37.89
C VAL U 1024 -63.62 102.04 -39.33
N GLN U 1025 -63.99 101.20 -40.29
CA GLN U 1025 -63.84 101.58 -41.69
C GLN U 1025 -64.82 102.69 -42.07
N LEU U 1026 -66.01 102.69 -41.50
CA LEU U 1026 -66.99 103.73 -41.79
C LEU U 1026 -66.52 105.07 -41.25
N THR U 1027 -66.05 105.09 -40.01
CA THR U 1027 -65.56 106.36 -39.47
C THR U 1027 -64.23 106.77 -40.09
N ALA U 1028 -63.46 105.83 -40.63
CA ALA U 1028 -62.24 106.20 -41.34
C ALA U 1028 -62.58 106.82 -42.68
N GLU U 1029 -63.57 106.29 -43.38
CA GLU U 1029 -64.02 106.89 -44.62
C GLU U 1029 -64.64 108.25 -44.38
N VAL U 1030 -65.30 108.43 -43.23
CA VAL U 1030 -65.79 109.75 -42.88
C VAL U 1030 -64.63 110.67 -42.53
N PHE U 1031 -63.57 110.13 -41.91
CA PHE U 1031 -62.41 110.94 -41.55
C PHE U 1031 -61.63 111.40 -42.77
N ASN U 1032 -61.73 110.64 -43.86
CA ASN U 1032 -61.14 111.03 -45.14
C ASN U 1032 -61.60 112.41 -45.60
N HIS U 1033 -62.82 112.81 -45.23
CA HIS U 1033 -63.28 114.18 -45.40
C HIS U 1033 -63.16 115.00 -44.12
N GLU U 1034 -63.29 114.38 -42.95
CA GLU U 1034 -63.35 115.07 -41.68
C GLU U 1034 -61.98 115.20 -41.02
N TYR U 1035 -60.94 115.27 -41.83
CA TYR U 1035 -59.58 115.43 -41.33
C TYR U 1035 -59.41 116.69 -40.49
N ASN U 1036 -60.08 117.80 -40.87
CA ASN U 1036 -59.94 119.07 -40.15
C ASN U 1036 -60.45 118.99 -38.72
N LEU U 1037 -61.49 118.19 -38.49
CA LEU U 1037 -62.19 118.26 -37.22
C LEU U 1037 -61.42 117.55 -36.13
N PHE U 1038 -60.65 116.53 -36.46
CA PHE U 1038 -59.86 115.82 -35.47
C PHE U 1038 -58.46 116.41 -35.32
N GLY U 1039 -58.28 117.66 -35.71
CA GLY U 1039 -57.00 118.34 -35.52
C GLY U 1039 -55.93 117.94 -36.51
N ILE U 1040 -56.31 117.58 -37.73
CA ILE U 1040 -55.37 117.15 -38.77
C ILE U 1040 -55.54 118.05 -39.97
N ALA U 1041 -54.41 118.41 -40.59
CA ALA U 1041 -54.42 119.17 -41.83
C ALA U 1041 -53.86 118.32 -42.95
N ARG U 1042 -54.50 118.37 -44.12
CA ARG U 1042 -53.93 117.74 -45.29
C ARG U 1042 -52.89 118.65 -45.93
N GLY U 1043 -52.37 118.20 -47.07
CA GLY U 1043 -51.47 119.01 -47.85
C GLY U 1043 -50.12 119.15 -47.18
N ASP U 1044 -49.48 120.28 -47.44
CA ASP U 1044 -48.19 120.57 -46.84
C ASP U 1044 -48.12 122.07 -46.55
N ILE U 1045 -46.92 122.57 -46.29
CA ILE U 1045 -46.74 123.92 -45.81
C ILE U 1045 -45.71 124.68 -46.64
N ILE U 1046 -45.68 125.98 -46.43
CA ILE U 1046 -44.64 126.86 -46.96
C ILE U 1046 -44.07 127.64 -45.78
N ILE U 1047 -42.76 127.76 -45.70
CA ILE U 1047 -42.13 128.70 -44.80
C ILE U 1047 -41.58 129.82 -45.66
N GLY U 1048 -42.02 131.05 -45.39
CA GLY U 1048 -41.50 132.18 -46.14
C GLY U 1048 -42.07 133.52 -45.79
N ARG U 1049 -41.25 134.58 -45.90
CA ARG U 1049 -41.66 135.92 -45.50
C ARG U 1049 -42.74 136.45 -46.42
N VAL U 1050 -43.87 136.84 -45.83
CA VAL U 1050 -44.92 137.55 -46.54
C VAL U 1050 -45.63 138.46 -45.54
N GLN U 1051 -45.96 139.66 -45.99
CA GLN U 1051 -46.70 140.60 -45.17
C GLN U 1051 -47.46 141.57 -46.06
N SER U 1052 -48.67 141.90 -45.63
CA SER U 1052 -49.40 143.11 -46.00
C SER U 1052 -50.63 143.19 -45.10
N THR U 1053 -51.47 144.19 -45.37
CA THR U 1053 -52.66 144.43 -44.58
C THR U 1053 -53.88 143.81 -45.27
N HIS U 1054 -53.90 142.49 -45.28
CA HIS U 1054 -55.02 141.77 -45.88
C HIS U 1054 -55.77 140.98 -44.82
N LEU U 1055 -56.90 140.42 -45.23
CA LEU U 1055 -57.85 139.79 -44.32
C LEU U 1055 -57.86 138.27 -44.40
N TRP U 1056 -57.07 137.68 -45.27
CA TRP U 1056 -57.51 136.48 -45.97
C TRP U 1056 -57.33 135.16 -45.22
N SER U 1057 -57.00 135.18 -43.91
CA SER U 1057 -56.86 133.97 -43.07
C SER U 1057 -55.83 132.96 -43.57
N PRO U 1058 -54.56 133.08 -43.14
CA PRO U 1058 -53.48 132.20 -43.63
C PRO U 1058 -53.64 130.69 -43.53
N LEU U 1059 -54.73 130.21 -42.94
CA LEU U 1059 -55.07 128.80 -43.01
C LEU U 1059 -55.66 128.40 -44.37
N ALA U 1060 -56.02 129.37 -45.21
CA ALA U 1060 -56.67 129.11 -46.50
C ALA U 1060 -56.05 130.00 -47.57
N PRO U 1061 -55.07 129.48 -48.31
CA PRO U 1061 -54.31 130.32 -49.24
C PRO U 1061 -55.08 130.66 -50.50
N PRO U 1062 -54.77 131.81 -51.13
CA PRO U 1062 -55.36 132.15 -52.42
C PRO U 1062 -54.51 131.63 -53.57
N PRO U 1063 -55.05 131.55 -54.79
CA PRO U 1063 -54.24 131.06 -55.92
C PRO U 1063 -53.19 132.03 -56.40
N ASP U 1064 -53.17 133.28 -55.92
CA ASP U 1064 -52.04 134.17 -56.17
C ASP U 1064 -50.79 133.65 -55.48
N LEU U 1065 -50.98 132.88 -54.41
CA LEU U 1065 -50.00 132.19 -53.61
C LEU U 1065 -49.81 130.79 -54.18
N VAL U 1066 -49.57 129.80 -53.32
CA VAL U 1066 -48.70 128.63 -53.40
C VAL U 1066 -48.44 128.03 -54.78
N PHE U 1067 -47.15 127.87 -55.08
CA PHE U 1067 -46.67 127.18 -56.27
C PHE U 1067 -46.80 125.68 -56.09
N ASP U 1068 -47.12 125.00 -57.18
CA ASP U 1068 -47.30 123.56 -57.16
C ASP U 1068 -45.98 122.86 -57.47
N ARG U 1069 -46.08 121.57 -57.78
CA ARG U 1069 -44.94 120.84 -58.29
C ARG U 1069 -44.54 121.34 -59.67
N ASP U 1070 -45.52 121.70 -60.50
CA ASP U 1070 -45.29 121.99 -61.91
C ASP U 1070 -45.11 123.48 -62.20
N THR U 1071 -44.87 124.27 -61.16
CA THR U 1071 -44.57 125.69 -61.37
C THR U 1071 -43.17 125.82 -61.96
N PRO U 1072 -42.99 126.67 -62.98
CA PRO U 1072 -41.65 126.88 -63.54
C PRO U 1072 -40.71 127.55 -62.56
N GLY U 1073 -39.46 127.11 -62.59
CA GLY U 1073 -38.42 127.61 -61.70
C GLY U 1073 -38.25 126.83 -60.42
N VAL U 1074 -39.09 125.84 -60.17
CA VAL U 1074 -39.09 125.14 -58.89
C VAL U 1074 -38.03 124.05 -58.92
N HIS U 1075 -37.15 124.07 -57.92
CA HIS U 1075 -36.09 123.09 -57.80
C HIS U 1075 -36.48 122.06 -56.75
N ILE U 1076 -36.91 120.90 -57.20
CA ILE U 1076 -37.28 119.80 -56.32
C ILE U 1076 -36.02 119.11 -55.82
N PHE U 1077 -35.89 118.94 -54.51
CA PHE U 1077 -34.69 118.37 -53.93
C PHE U 1077 -34.97 117.03 -53.27
N GLY U 1078 -33.91 116.25 -53.07
CA GLY U 1078 -33.97 114.96 -52.43
C GLY U 1078 -32.80 114.73 -51.48
N ARG U 1079 -32.51 113.46 -51.19
CA ARG U 1079 -31.40 113.05 -50.33
C ARG U 1079 -30.04 113.55 -50.83
N ASP U 1080 -29.93 113.82 -52.13
CA ASP U 1080 -28.71 114.36 -52.74
C ASP U 1080 -28.70 115.89 -52.61
N CYS U 1081 -28.73 116.37 -51.36
CA CYS U 1081 -28.73 117.80 -51.07
C CYS U 1081 -27.47 118.13 -50.27
N ARG U 1082 -26.58 118.93 -50.86
CA ARG U 1082 -25.25 119.17 -50.34
C ARG U 1082 -24.93 120.65 -50.52
N ILE U 1083 -24.42 121.29 -49.47
CA ILE U 1083 -24.30 122.73 -49.39
C ILE U 1083 -22.82 123.13 -49.46
N SER U 1084 -22.50 124.06 -50.35
CA SER U 1084 -21.16 124.59 -50.49
C SER U 1084 -21.18 126.11 -50.58
N PHE U 1085 -20.10 126.73 -50.13
CA PHE U 1085 -19.90 128.17 -50.31
C PHE U 1085 -18.41 128.45 -50.38
N GLY U 1086 -18.07 129.55 -51.05
CA GLY U 1086 -16.68 129.83 -51.39
C GLY U 1086 -16.22 131.20 -50.93
N MET U 1087 -14.93 131.43 -51.12
CA MET U 1087 -14.27 132.66 -50.71
C MET U 1087 -14.69 133.81 -51.63
N ASN U 1088 -14.52 135.03 -51.11
CA ASN U 1088 -14.57 136.28 -51.86
C ASN U 1088 -15.94 136.55 -52.47
N GLY U 1089 -16.94 136.62 -51.58
CA GLY U 1089 -18.28 136.98 -51.98
C GLY U 1089 -19.02 135.91 -52.73
N ALA U 1090 -18.51 134.68 -52.73
CA ALA U 1090 -19.16 133.59 -53.44
C ALA U 1090 -20.42 133.17 -52.69
N ALA U 1091 -21.54 133.17 -53.40
CA ALA U 1091 -22.82 132.87 -52.79
C ALA U 1091 -22.88 131.40 -52.39
N PRO U 1092 -23.62 131.07 -51.33
CA PRO U 1092 -23.73 129.67 -50.92
C PRO U 1092 -24.56 128.87 -51.91
N MET U 1093 -23.98 127.78 -52.38
CA MET U 1093 -24.60 126.89 -53.33
C MET U 1093 -25.18 125.67 -52.62
N ILE U 1094 -26.10 124.99 -53.30
CA ILE U 1094 -26.76 123.81 -52.76
C ILE U 1094 -27.08 122.84 -53.90
N ARG U 1095 -26.90 121.55 -53.63
CA ARG U 1095 -26.93 120.55 -54.69
C ARG U 1095 -28.36 120.24 -55.10
N ASP U 1096 -28.62 120.35 -56.42
CA ASP U 1096 -29.88 119.98 -57.02
C ASP U 1096 -30.11 118.48 -56.93
N GLU U 1097 -31.36 118.07 -57.15
CA GLU U 1097 -31.63 116.67 -57.45
C GLU U 1097 -30.91 116.23 -58.71
N THR U 1098 -30.89 117.08 -59.73
CA THR U 1098 -30.30 116.72 -61.01
C THR U 1098 -29.05 117.51 -61.34
N GLY U 1099 -29.13 118.83 -61.38
CA GLY U 1099 -28.15 119.64 -62.08
C GLY U 1099 -27.13 120.32 -61.21
N MET U 1100 -26.58 121.40 -61.75
CA MET U 1100 -25.55 122.21 -61.10
C MET U 1100 -26.10 122.85 -59.84
N MET U 1101 -25.20 123.15 -58.91
CA MET U 1101 -25.60 123.74 -57.64
C MET U 1101 -26.18 125.14 -57.83
N VAL U 1102 -27.18 125.46 -57.00
CA VAL U 1102 -28.01 126.63 -57.20
C VAL U 1102 -27.92 127.55 -55.98
N PRO U 1103 -28.18 128.85 -56.11
CA PRO U 1103 -28.19 129.74 -54.95
C PRO U 1103 -29.50 129.64 -54.17
N PHE U 1104 -29.60 130.47 -53.15
CA PHE U 1104 -30.72 130.44 -52.20
C PHE U 1104 -31.81 131.44 -52.56
N GLU U 1105 -32.30 131.43 -53.80
CA GLU U 1105 -33.24 132.48 -54.24
C GLU U 1105 -34.37 131.90 -55.06
N GLY U 1106 -34.98 130.80 -54.61
CA GLY U 1106 -35.97 130.13 -55.41
C GLY U 1106 -37.08 129.50 -54.60
N ASN U 1107 -38.10 129.06 -55.33
CA ASN U 1107 -39.15 128.22 -54.78
C ASN U 1107 -38.70 126.77 -54.88
N TRP U 1108 -38.76 126.04 -53.77
CA TRP U 1108 -38.26 124.67 -53.74
C TRP U 1108 -39.30 123.74 -53.14
N ILE U 1109 -38.96 122.45 -53.14
CA ILE U 1109 -39.75 121.40 -52.53
C ILE U 1109 -38.85 120.59 -51.62
N PHE U 1110 -39.19 120.50 -50.34
CA PHE U 1110 -38.54 119.55 -49.44
C PHE U 1110 -39.54 118.52 -49.00
N PRO U 1111 -39.20 117.24 -49.01
CA PRO U 1111 -39.80 116.33 -48.05
C PRO U 1111 -39.18 116.58 -46.69
N LEU U 1112 -39.94 116.26 -45.63
CA LEU U 1112 -39.57 116.66 -44.29
C LEU U 1112 -38.35 115.94 -43.77
N ALA U 1113 -38.08 114.73 -44.29
CA ALA U 1113 -36.90 113.98 -43.87
C ALA U 1113 -35.62 114.71 -44.19
N LEU U 1114 -35.62 115.50 -45.27
CA LEU U 1114 -34.44 116.28 -45.65
C LEU U 1114 -34.10 117.31 -44.59
N TRP U 1115 -35.11 117.97 -44.03
CA TRP U 1115 -34.87 118.87 -42.91
C TRP U 1115 -34.47 118.09 -41.68
N GLN U 1116 -35.09 116.92 -41.51
CA GLN U 1116 -34.91 116.10 -40.33
C GLN U 1116 -33.56 115.41 -40.29
N MET U 1117 -32.77 115.51 -41.38
CA MET U 1117 -31.43 114.93 -41.41
C MET U 1117 -30.55 115.46 -40.29
N ASN U 1118 -30.24 116.76 -40.30
CA ASN U 1118 -29.89 117.42 -39.04
C ASN U 1118 -30.42 118.85 -39.07
N THR U 1119 -31.67 118.99 -38.61
CA THR U 1119 -32.28 120.25 -38.22
C THR U 1119 -31.34 121.30 -37.61
N ARG U 1120 -30.46 120.90 -36.69
CA ARG U 1120 -29.55 121.84 -36.05
C ARG U 1120 -28.57 122.46 -37.06
N TYR U 1121 -28.07 121.66 -37.99
CA TYR U 1121 -27.20 122.22 -39.02
C TYR U 1121 -28.00 123.05 -40.01
N PHE U 1122 -29.19 122.56 -40.38
CA PHE U 1122 -29.95 123.18 -41.46
C PHE U 1122 -30.44 124.56 -41.07
N ASN U 1123 -31.03 124.70 -39.89
CA ASN U 1123 -31.62 126.01 -39.55
C ASN U 1123 -30.54 127.07 -39.31
N GLN U 1124 -29.39 126.65 -38.77
CA GLN U 1124 -28.24 127.54 -38.70
C GLN U 1124 -27.78 127.96 -40.09
N GLN U 1125 -27.92 127.09 -41.07
CA GLN U 1125 -27.57 127.52 -42.41
C GLN U 1125 -28.63 128.44 -43.03
N PHE U 1126 -29.91 128.17 -42.79
CA PHE U 1126 -30.96 128.72 -43.64
C PHE U 1126 -31.70 129.92 -43.04
N ASP U 1127 -31.70 130.11 -41.72
CA ASP U 1127 -32.72 130.95 -41.07
C ASP U 1127 -32.63 132.42 -41.45
N ALA U 1128 -31.44 132.95 -41.71
CA ALA U 1128 -31.34 134.36 -42.08
C ALA U 1128 -31.93 134.60 -43.45
N TRP U 1129 -31.70 133.67 -44.38
CA TRP U 1129 -32.31 133.75 -45.70
C TRP U 1129 -33.80 133.50 -45.62
N ILE U 1130 -34.25 132.73 -44.63
CA ILE U 1130 -35.68 132.61 -44.41
C ILE U 1130 -36.26 133.94 -43.94
N LYS U 1131 -35.55 134.62 -43.05
CA LYS U 1131 -36.04 135.85 -42.44
C LYS U 1131 -36.11 136.99 -43.45
N THR U 1132 -34.98 137.34 -44.05
CA THR U 1132 -34.96 138.50 -44.91
C THR U 1132 -34.77 138.19 -46.39
N GLY U 1133 -34.30 137.00 -46.73
CA GLY U 1133 -34.09 136.68 -48.12
C GLY U 1133 -35.32 136.10 -48.77
N GLU U 1134 -35.35 136.14 -50.09
CA GLU U 1134 -36.45 135.60 -50.86
C GLU U 1134 -36.21 134.10 -51.03
N LEU U 1135 -36.79 133.32 -50.12
CA LEU U 1135 -36.59 131.87 -50.12
C LEU U 1135 -37.88 131.24 -49.61
N ARG U 1136 -38.74 130.83 -50.54
CA ARG U 1136 -40.01 130.20 -50.21
C ARG U 1136 -39.82 128.69 -50.30
N ILE U 1137 -39.59 128.07 -49.15
CA ILE U 1137 -39.40 126.64 -49.08
C ILE U 1137 -40.75 125.95 -48.86
N ARG U 1138 -40.91 124.74 -49.39
CA ARG U 1138 -42.14 123.98 -49.23
C ARG U 1138 -41.79 122.63 -48.63
N ILE U 1139 -41.87 122.53 -47.30
CA ILE U 1139 -41.76 121.25 -46.63
C ILE U 1139 -42.98 120.43 -46.98
N GLU U 1140 -42.80 119.13 -47.25
CA GLU U 1140 -43.90 118.23 -47.52
C GLU U 1140 -44.18 117.37 -46.30
N MET U 1141 -45.45 117.29 -45.91
CA MET U 1141 -45.88 116.30 -44.93
C MET U 1141 -46.92 115.34 -45.47
N GLY U 1142 -48.02 115.86 -46.00
CA GLY U 1142 -49.23 115.06 -46.14
C GLY U 1142 -50.13 115.26 -44.95
N ALA U 1143 -49.64 114.93 -43.75
CA ALA U 1143 -50.45 115.04 -42.54
C ALA U 1143 -49.62 115.64 -41.43
N TYR U 1144 -50.27 116.47 -40.60
CA TYR U 1144 -49.65 117.08 -39.42
C TYR U 1144 -50.69 117.64 -38.47
N PRO U 1145 -50.45 117.58 -37.17
CA PRO U 1145 -51.31 118.29 -36.22
C PRO U 1145 -50.93 119.76 -36.18
N TYR U 1146 -51.84 120.56 -35.63
CA TYR U 1146 -51.64 122.00 -35.70
C TYR U 1146 -52.25 122.66 -34.47
N MET U 1147 -51.72 123.84 -34.14
CA MET U 1147 -52.32 124.73 -33.15
C MET U 1147 -52.56 126.08 -33.80
N LEU U 1148 -53.28 126.94 -33.09
CA LEU U 1148 -53.64 128.24 -33.61
C LEU U 1148 -53.26 129.33 -32.61
N HIS U 1149 -53.10 130.55 -33.12
CA HIS U 1149 -52.84 131.72 -32.29
C HIS U 1149 -53.53 132.90 -32.94
N TYR U 1150 -54.57 133.42 -32.28
CA TYR U 1150 -55.25 134.56 -32.88
C TYR U 1150 -54.51 135.84 -32.54
N TYR U 1151 -54.90 136.93 -33.20
CA TYR U 1151 -54.35 138.23 -32.86
C TYR U 1151 -55.33 139.33 -33.25
N ASP U 1152 -54.99 140.54 -32.85
CA ASP U 1152 -55.71 141.73 -33.24
C ASP U 1152 -55.05 142.32 -34.48
N PRO U 1153 -55.74 142.37 -35.62
CA PRO U 1153 -55.16 143.01 -36.81
C PRO U 1153 -55.26 144.52 -36.80
N ARG U 1154 -55.70 145.15 -35.72
CA ARG U 1154 -55.61 146.60 -35.61
C ARG U 1154 -54.20 147.06 -35.31
N GLN U 1155 -53.30 146.15 -34.95
CA GLN U 1155 -51.95 146.49 -34.53
C GLN U 1155 -50.96 145.57 -35.25
N TYR U 1156 -49.69 145.68 -34.88
CA TYR U 1156 -48.62 145.03 -35.61
C TYR U 1156 -48.36 143.62 -35.08
N ALA U 1157 -48.11 142.70 -35.99
CA ALA U 1157 -47.90 141.31 -35.63
C ALA U 1157 -46.69 140.76 -36.38
N ASN U 1158 -46.15 139.68 -35.83
CA ASN U 1158 -44.98 139.01 -36.37
C ASN U 1158 -45.08 137.54 -36.00
N ALA U 1159 -44.43 136.69 -36.78
CA ALA U 1159 -44.45 135.25 -36.56
C ALA U 1159 -43.11 134.67 -36.16
N TRP U 1160 -42.02 135.46 -36.26
CA TRP U 1160 -40.70 134.88 -36.35
C TRP U 1160 -40.29 134.17 -35.08
N ASN U 1161 -40.76 134.64 -33.94
CA ASN U 1161 -40.49 133.95 -32.68
C ASN U 1161 -41.17 132.58 -32.67
N LEU U 1162 -42.41 132.53 -33.13
CA LEU U 1162 -43.16 131.28 -33.15
C LEU U 1162 -42.56 130.30 -34.15
N THR U 1163 -42.27 130.79 -35.37
CA THR U 1163 -41.74 129.93 -36.41
C THR U 1163 -40.33 129.48 -36.08
N SER U 1164 -39.54 130.32 -35.43
CA SER U 1164 -38.22 129.90 -35.01
C SER U 1164 -38.29 128.92 -33.87
N ALA U 1165 -39.29 129.06 -32.99
CA ALA U 1165 -39.48 128.09 -31.93
C ALA U 1165 -39.80 126.73 -32.52
N TRP U 1166 -40.61 126.71 -33.57
CA TRP U 1166 -40.94 125.46 -34.25
C TRP U 1166 -39.72 124.87 -34.95
N LEU U 1167 -38.99 125.70 -35.71
CA LEU U 1167 -37.83 125.26 -36.48
C LEU U 1167 -36.61 124.96 -35.61
N GLU U 1168 -36.63 125.33 -34.35
CA GLU U 1168 -35.59 124.83 -33.44
C GLU U 1168 -36.05 123.58 -32.72
N GLU U 1169 -37.34 123.52 -32.38
CA GLU U 1169 -37.86 122.39 -31.63
C GLU U 1169 -37.95 121.13 -32.47
N ILE U 1170 -37.97 121.25 -33.81
CA ILE U 1170 -37.94 120.10 -34.69
C ILE U 1170 -36.64 119.30 -34.49
N THR U 1171 -36.74 117.98 -34.60
CA THR U 1171 -35.70 117.08 -34.15
C THR U 1171 -35.75 115.83 -35.01
N PRO U 1172 -34.64 115.06 -35.10
CA PRO U 1172 -34.71 113.81 -35.87
C PRO U 1172 -35.32 112.63 -35.14
N THR U 1173 -36.37 112.87 -34.38
CA THR U 1173 -37.30 111.82 -33.98
C THR U 1173 -38.75 112.25 -34.06
N SER U 1174 -39.05 113.53 -33.89
CA SER U 1174 -40.43 113.94 -33.64
C SER U 1174 -40.64 115.35 -34.18
N ILE U 1175 -41.91 115.75 -34.25
CA ILE U 1175 -42.30 117.02 -34.84
C ILE U 1175 -43.15 117.81 -33.86
N PRO U 1176 -42.80 119.05 -33.54
CA PRO U 1176 -43.74 119.93 -32.87
C PRO U 1176 -44.80 120.42 -33.84
N SER U 1177 -46.03 120.49 -33.37
CA SER U 1177 -47.14 120.86 -34.25
C SER U 1177 -47.05 122.31 -34.66
N VAL U 1178 -47.72 122.62 -35.76
CA VAL U 1178 -47.43 123.82 -36.55
C VAL U 1178 -48.26 124.97 -35.99
N PRO U 1179 -47.65 126.09 -35.62
CA PRO U 1179 -48.42 127.26 -35.21
C PRO U 1179 -48.97 128.01 -36.41
N PHE U 1180 -49.93 128.88 -36.14
CA PHE U 1180 -50.52 129.74 -37.16
C PHE U 1180 -50.90 131.07 -36.54
N MET U 1181 -51.26 132.02 -37.40
CA MET U 1181 -51.72 133.33 -36.98
C MET U 1181 -52.94 133.75 -37.77
N VAL U 1182 -53.99 132.94 -37.73
CA VAL U 1182 -55.23 133.40 -38.34
C VAL U 1182 -55.82 134.54 -37.50
N PRO U 1183 -56.22 135.64 -38.11
CA PRO U 1183 -56.64 136.82 -37.34
C PRO U 1183 -58.11 136.75 -36.97
N ILE U 1184 -58.47 137.62 -36.04
CA ILE U 1184 -59.84 137.71 -35.55
C ILE U 1184 -60.64 138.61 -36.49
N SER U 1185 -61.81 138.13 -36.89
CA SER U 1185 -62.71 138.92 -37.73
C SER U 1185 -63.60 139.78 -36.85
N SER U 1186 -63.88 140.99 -37.33
CA SER U 1186 -64.68 141.96 -36.59
C SER U 1186 -65.91 142.31 -37.38
N ASP U 1187 -66.98 142.68 -36.67
CA ASP U 1187 -68.22 143.04 -37.36
C ASP U 1187 -68.23 144.49 -37.82
N HIS U 1188 -67.65 145.38 -37.04
CA HIS U 1188 -67.46 146.76 -37.45
C HIS U 1188 -66.08 146.90 -38.07
N ASP U 1189 -65.92 147.94 -38.89
CA ASP U 1189 -64.67 148.08 -39.64
C ASP U 1189 -63.53 148.50 -38.72
N ILE U 1190 -62.33 148.05 -39.06
CA ILE U 1190 -61.14 148.32 -38.27
C ILE U 1190 -60.07 148.88 -39.20
N SER U 1191 -59.07 149.49 -38.58
CA SER U 1191 -57.98 150.04 -39.35
C SER U 1191 -57.04 148.93 -39.81
N SER U 1192 -56.16 149.27 -40.72
CA SER U 1192 -55.21 148.34 -41.31
C SER U 1192 -53.86 148.52 -40.65
N ALA U 1193 -53.24 147.40 -40.28
CA ALA U 1193 -51.93 147.40 -39.66
C ALA U 1193 -51.17 146.17 -40.15
N PRO U 1194 -49.88 146.30 -40.45
CA PRO U 1194 -49.16 145.20 -41.08
C PRO U 1194 -48.88 144.06 -40.13
N ALA U 1195 -48.72 142.88 -40.70
CA ALA U 1195 -48.47 141.67 -39.95
C ALA U 1195 -47.62 140.75 -40.79
N VAL U 1196 -46.52 140.28 -40.23
CA VAL U 1196 -45.55 139.47 -40.97
C VAL U 1196 -45.85 138.01 -40.73
N GLN U 1197 -46.12 137.28 -41.81
CA GLN U 1197 -46.44 135.86 -41.75
C GLN U 1197 -45.30 135.05 -42.35
N TYR U 1198 -44.99 133.92 -41.75
CA TYR U 1198 -44.00 133.02 -42.32
C TYR U 1198 -44.54 131.64 -42.62
N ILE U 1199 -45.37 131.09 -41.75
CA ILE U 1199 -45.81 129.71 -41.83
C ILE U 1199 -47.26 129.69 -42.30
N ILE U 1200 -47.60 128.69 -43.13
CA ILE U 1200 -48.84 128.71 -43.90
C ILE U 1200 -49.12 127.34 -44.50
N SER U 1201 -50.40 126.95 -44.59
CA SER U 1201 -50.74 125.71 -45.27
C SER U 1201 -50.90 125.96 -46.76
N THR U 1202 -51.14 124.88 -47.52
CA THR U 1202 -51.16 124.94 -48.97
C THR U 1202 -52.47 124.46 -49.57
N GLU U 1203 -53.56 124.44 -48.80
CA GLU U 1203 -54.86 124.02 -49.31
C GLU U 1203 -55.93 124.60 -48.42
N TYR U 1204 -57.18 124.46 -48.86
CA TYR U 1204 -58.31 125.00 -48.09
C TYR U 1204 -58.55 124.13 -46.88
N ASN U 1205 -57.98 124.54 -45.77
CA ASN U 1205 -57.93 123.74 -44.56
C ASN U 1205 -59.10 124.03 -43.64
N ASP U 1206 -60.05 124.83 -44.09
CA ASP U 1206 -61.07 125.41 -43.23
C ASP U 1206 -62.30 124.53 -43.23
N ARG U 1207 -62.42 123.71 -42.20
CA ARG U 1207 -63.70 123.06 -41.94
C ARG U 1207 -64.07 123.03 -40.47
N SER U 1208 -63.10 123.11 -39.54
CA SER U 1208 -63.41 123.07 -38.12
C SER U 1208 -64.11 124.33 -37.65
N LEU U 1209 -63.96 125.44 -38.36
CA LEU U 1209 -64.62 126.68 -38.01
C LEU U 1209 -66.13 126.53 -38.14
N PHE U 1210 -66.86 127.11 -37.20
CA PHE U 1210 -68.32 127.12 -37.29
C PHE U 1210 -68.84 128.40 -37.94
N CYS U 1211 -68.64 129.54 -37.27
CA CYS U 1211 -69.15 130.82 -37.72
C CYS U 1211 -68.42 131.91 -36.97
N THR U 1212 -68.33 133.07 -37.58
CA THR U 1212 -67.57 134.19 -37.04
C THR U 1212 -68.51 135.37 -36.80
N ASN U 1213 -68.45 135.91 -35.58
CA ASN U 1213 -69.28 137.02 -35.11
C ASN U 1213 -70.77 136.68 -35.26
N SER U 1214 -71.17 135.61 -34.58
CA SER U 1214 -72.50 135.05 -34.78
C SER U 1214 -73.60 135.94 -34.22
N SER U 1215 -73.28 136.77 -33.21
CA SER U 1215 -74.29 137.67 -32.68
C SER U 1215 -74.58 138.81 -33.64
N SER U 1216 -73.60 139.18 -34.46
CA SER U 1216 -73.72 140.29 -35.36
C SER U 1216 -74.66 139.96 -36.52
N PRO U 1217 -75.19 140.97 -37.22
CA PRO U 1217 -75.89 140.67 -38.47
C PRO U 1217 -74.95 140.22 -39.57
N GLN U 1218 -73.78 140.83 -39.71
CA GLN U 1218 -72.83 140.41 -40.73
C GLN U 1218 -71.44 140.84 -40.30
N THR U 1219 -70.45 140.25 -40.96
CA THR U 1219 -69.05 140.56 -40.70
C THR U 1219 -68.50 141.37 -41.87
N ILE U 1220 -67.85 142.49 -41.57
CA ILE U 1220 -67.34 143.34 -42.64
C ILE U 1220 -65.88 143.03 -42.98
N ALA U 1221 -65.11 142.47 -42.06
CA ALA U 1221 -63.69 142.32 -42.30
C ALA U 1221 -63.16 141.08 -41.59
N GLY U 1222 -62.17 140.46 -42.20
CA GLY U 1222 -61.59 139.25 -41.68
C GLY U 1222 -62.16 138.03 -42.35
N PRO U 1223 -61.71 136.85 -41.93
CA PRO U 1223 -62.31 135.62 -42.45
C PRO U 1223 -63.71 135.43 -41.95
N ASP U 1224 -64.63 135.13 -42.86
CA ASP U 1224 -66.01 134.96 -42.47
C ASP U 1224 -66.71 133.95 -43.35
N LYS U 1225 -67.23 132.90 -42.74
CA LYS U 1225 -68.27 132.11 -43.34
C LYS U 1225 -69.45 132.10 -42.40
N HIS U 1226 -70.64 131.93 -42.98
CA HIS U 1226 -71.86 131.96 -42.20
C HIS U 1226 -72.03 130.66 -41.45
N ILE U 1227 -73.20 130.54 -40.82
CA ILE U 1227 -73.56 129.31 -40.12
C ILE U 1227 -73.76 128.19 -41.15
N PRO U 1228 -73.20 127.01 -40.93
CA PRO U 1228 -73.24 125.98 -41.98
C PRO U 1228 -74.63 125.37 -42.14
N VAL U 1229 -74.88 124.86 -43.34
CA VAL U 1229 -76.18 124.32 -43.70
C VAL U 1229 -75.99 122.91 -44.25
N GLU U 1230 -74.79 122.65 -44.77
CA GLU U 1230 -74.46 121.38 -45.37
C GLU U 1230 -74.40 120.26 -44.35
N ARG U 1231 -74.22 120.60 -43.07
CA ARG U 1231 -74.35 119.65 -41.98
C ARG U 1231 -75.63 119.86 -41.20
N TYR U 1232 -76.46 120.82 -41.58
CA TYR U 1232 -77.78 121.01 -41.01
C TYR U 1232 -78.85 120.81 -42.08
N ASN U 1233 -78.57 119.87 -42.99
CA ASN U 1233 -79.40 119.60 -44.18
C ASN U 1233 -80.86 119.35 -43.85
N ILE U 1234 -81.14 118.41 -42.94
CA ILE U 1234 -82.45 117.72 -42.98
C ILE U 1234 -83.59 118.54 -42.42
N LEU U 1235 -83.38 119.80 -42.06
CA LEU U 1235 -84.52 120.70 -41.89
C LEU U 1235 -84.53 121.86 -42.85
N THR U 1236 -83.35 122.35 -43.24
CA THR U 1236 -83.27 123.53 -44.09
C THR U 1236 -83.80 123.22 -45.49
N ASN U 1237 -83.27 122.19 -46.11
CA ASN U 1237 -83.84 121.65 -47.33
C ASN U 1237 -85.18 121.02 -46.97
N PRO U 1238 -86.30 121.57 -47.43
CA PRO U 1238 -87.60 121.06 -46.97
C PRO U 1238 -87.97 119.71 -47.53
N ASP U 1239 -87.41 119.33 -48.67
CA ASP U 1239 -87.81 118.13 -49.36
C ASP U 1239 -87.07 116.89 -48.89
N ALA U 1240 -86.15 117.03 -47.96
CA ALA U 1240 -85.43 115.87 -47.48
C ALA U 1240 -86.31 115.04 -46.55
N PRO U 1241 -86.23 113.71 -46.63
CA PRO U 1241 -86.99 112.87 -45.71
C PRO U 1241 -86.41 112.92 -44.31
N PRO U 1242 -87.14 112.46 -43.30
CA PRO U 1242 -86.58 112.49 -41.93
C PRO U 1242 -85.40 111.56 -41.73
N THR U 1243 -85.30 110.48 -42.50
CA THR U 1243 -84.18 109.56 -42.37
C THR U 1243 -83.04 109.89 -43.30
N GLN U 1244 -82.99 111.11 -43.82
CA GLN U 1244 -81.98 111.46 -44.80
C GLN U 1244 -80.62 111.65 -44.13
N ILE U 1245 -79.59 111.05 -44.70
CA ILE U 1245 -78.21 111.34 -44.35
C ILE U 1245 -77.43 111.57 -45.64
N GLN U 1246 -76.33 112.29 -45.50
CA GLN U 1246 -75.34 112.42 -46.57
C GLN U 1246 -73.97 112.03 -46.04
N LEU U 1247 -73.98 111.13 -45.05
CA LEU U 1247 -72.86 110.82 -44.15
C LEU U 1247 -71.47 110.60 -44.77
N PRO U 1248 -71.28 109.81 -45.85
CA PRO U 1248 -69.90 109.40 -46.19
C PRO U 1248 -68.98 110.52 -46.65
N GLU U 1249 -69.50 111.69 -47.02
CA GLU U 1249 -68.64 112.79 -47.41
C GLU U 1249 -68.74 114.01 -46.51
N VAL U 1250 -69.80 114.14 -45.72
CA VAL U 1250 -69.86 115.15 -44.66
C VAL U 1250 -70.77 114.63 -43.56
N VAL U 1251 -70.37 114.86 -42.32
CA VAL U 1251 -71.19 114.40 -41.20
C VAL U 1251 -72.40 115.32 -41.06
N ASP U 1252 -73.50 114.74 -40.63
CA ASP U 1252 -74.75 115.46 -40.42
C ASP U 1252 -74.94 115.66 -38.92
N LEU U 1253 -75.40 116.84 -38.55
CA LEU U 1253 -75.78 117.11 -37.18
C LEU U 1253 -77.29 117.23 -37.10
N TYR U 1254 -77.82 117.09 -35.88
CA TYR U 1254 -79.26 117.15 -35.60
C TYR U 1254 -80.02 116.08 -36.39
N ASN U 1255 -79.77 114.83 -36.02
CA ASN U 1255 -80.34 113.70 -36.74
C ASN U 1255 -81.53 113.13 -35.98
N VAL U 1256 -82.03 112.00 -36.46
CA VAL U 1256 -83.16 111.31 -35.85
C VAL U 1256 -82.63 110.09 -35.11
N VAL U 1257 -82.66 110.14 -33.79
CA VAL U 1257 -82.23 109.05 -32.97
C VAL U 1257 -83.47 108.29 -32.53
N THR U 1258 -83.30 107.02 -32.18
CA THR U 1258 -84.41 106.14 -31.81
C THR U 1258 -84.17 105.63 -30.39
N ARG U 1259 -84.80 106.28 -29.42
CA ARG U 1259 -84.62 105.90 -28.03
C ARG U 1259 -85.34 104.59 -27.73
N TYR U 1260 -84.78 103.82 -26.78
CA TYR U 1260 -85.25 102.48 -26.47
C TYR U 1260 -85.59 102.36 -24.99
N ALA U 1261 -86.32 101.30 -24.65
CA ALA U 1261 -86.65 101.00 -23.27
C ALA U 1261 -86.59 99.50 -23.01
N TYR U 1262 -85.55 98.84 -23.51
CA TYR U 1262 -85.47 97.40 -23.37
C TYR U 1262 -85.05 97.03 -21.94
N GLU U 1263 -85.15 95.73 -21.64
CA GLU U 1263 -84.75 95.23 -20.34
C GLU U 1263 -84.31 93.78 -20.49
N THR U 1264 -83.53 93.32 -19.51
CA THR U 1264 -82.95 91.98 -19.55
C THR U 1264 -83.38 91.20 -18.31
N PRO U 1265 -84.31 90.28 -18.43
CA PRO U 1265 -84.62 89.38 -17.32
C PRO U 1265 -83.48 88.41 -17.09
N PRO U 1266 -83.34 87.89 -15.88
CA PRO U 1266 -82.38 86.82 -15.64
C PRO U 1266 -82.89 85.51 -16.21
N ILE U 1267 -82.02 84.51 -16.22
CA ILE U 1267 -82.36 83.20 -16.74
C ILE U 1267 -82.94 82.35 -15.63
N THR U 1268 -84.21 82.03 -15.72
CA THR U 1268 -84.84 81.16 -14.73
C THR U 1268 -85.28 79.86 -15.38
N ALA U 1269 -85.36 78.82 -14.55
CA ALA U 1269 -85.72 77.49 -15.04
C ALA U 1269 -86.27 76.66 -13.90
N VAL U 1270 -87.41 76.03 -14.13
CA VAL U 1270 -87.96 75.07 -13.18
C VAL U 1270 -87.41 73.72 -13.59
N VAL U 1271 -86.42 73.25 -12.87
CA VAL U 1271 -85.79 71.96 -13.15
C VAL U 1271 -86.73 70.86 -12.66
N MET U 1272 -87.36 70.16 -13.58
CA MET U 1272 -88.38 69.19 -13.24
C MET U 1272 -87.78 67.78 -13.28
N GLY U 1273 -88.17 66.95 -12.33
CA GLY U 1273 -87.67 65.59 -12.28
C GLY U 1273 -88.25 64.75 -13.40
N VAL U 1274 -87.40 64.25 -14.29
CA VAL U 1274 -87.81 63.22 -15.23
C VAL U 1274 -88.13 61.98 -14.42
N PRO U 1275 -89.40 61.57 -14.33
CA PRO U 1275 -89.94 60.65 -13.33
C PRO U 1275 -89.40 59.23 -13.36
N GLY V 180 37.42 114.74 -30.64
CA GLY V 180 37.65 113.38 -31.07
C GLY V 180 38.23 113.29 -32.47
N TYR V 181 39.54 113.13 -32.56
CA TYR V 181 40.21 113.19 -33.85
C TYR V 181 40.02 111.86 -34.58
N GLN V 182 40.30 111.88 -35.88
CA GLN V 182 39.85 110.78 -36.74
C GLN V 182 40.71 110.69 -37.98
N CYS V 183 41.47 109.60 -38.11
CA CYS V 183 42.31 109.38 -39.28
C CYS V 183 41.49 108.85 -40.44
N HIS V 184 41.92 109.17 -41.67
CA HIS V 184 41.20 108.72 -42.85
C HIS V 184 41.83 107.51 -43.51
N VAL V 185 43.11 107.24 -43.28
CA VAL V 185 43.78 106.15 -43.98
C VAL V 185 43.38 104.80 -43.41
N CYS V 186 43.72 104.57 -42.15
CA CYS V 186 43.26 103.36 -41.48
C CYS V 186 41.78 103.40 -41.18
N SER V 187 41.27 104.60 -40.89
CA SER V 187 39.98 104.86 -40.26
C SER V 187 39.90 104.20 -38.88
N ALA V 188 40.76 104.68 -37.98
CA ALA V 188 40.62 104.42 -36.56
C ALA V 188 40.60 105.75 -35.82
N VAL V 189 39.96 105.75 -34.67
CA VAL V 189 39.79 106.98 -33.91
C VAL V 189 41.10 107.32 -33.21
N LEU V 190 41.40 108.61 -33.11
CA LEU V 190 42.58 109.10 -32.40
C LEU V 190 42.15 110.15 -31.39
N PHE V 191 42.81 110.16 -30.24
CA PHE V 191 42.43 111.11 -29.19
C PHE V 191 43.29 112.36 -29.16
N SER V 192 44.47 112.34 -29.78
CA SER V 192 45.39 113.45 -29.70
C SER V 192 46.14 113.57 -31.02
N PRO V 193 46.50 114.78 -31.44
CA PRO V 193 47.23 114.91 -32.71
C PRO V 193 48.65 114.36 -32.63
N LEU V 194 49.21 114.28 -31.42
CA LEU V 194 50.45 113.54 -31.20
C LEU V 194 50.28 112.09 -31.62
N ASP V 195 49.19 111.47 -31.19
CA ASP V 195 48.95 110.10 -31.58
C ASP V 195 48.55 109.99 -33.04
N LEU V 196 48.00 111.05 -33.62
CA LEU V 196 47.77 111.05 -35.06
C LEU V 196 49.09 111.06 -35.81
N ASP V 197 50.07 111.82 -35.32
CA ASP V 197 51.41 111.83 -35.88
C ASP V 197 52.06 110.45 -35.76
N ALA V 198 51.92 109.82 -34.60
CA ALA V 198 52.46 108.47 -34.41
C ALA V 198 51.78 107.46 -35.32
N HIS V 199 50.48 107.64 -35.54
CA HIS V 199 49.73 106.68 -36.34
C HIS V 199 50.03 106.82 -37.83
N VAL V 200 50.18 108.05 -38.31
CA VAL V 200 50.53 108.20 -39.72
C VAL V 200 52.00 107.86 -39.93
N ALA V 201 52.84 107.95 -38.90
CA ALA V 201 54.18 107.42 -39.02
C ALA V 201 54.16 105.90 -39.10
N SER V 202 53.22 105.27 -38.41
CA SER V 202 53.03 103.82 -38.55
C SER V 202 52.51 103.46 -39.93
N HIS V 203 51.73 104.36 -40.54
CA HIS V 203 51.41 104.17 -41.95
C HIS V 203 52.64 104.34 -42.83
N GLY V 204 53.54 105.25 -42.46
CA GLY V 204 54.63 105.64 -43.31
C GLY V 204 54.56 107.07 -43.80
N LEU V 205 53.83 107.94 -43.11
CA LEU V 205 53.64 109.32 -43.52
C LEU V 205 54.36 110.25 -42.54
N HIS V 206 54.25 111.54 -42.80
CA HIS V 206 54.86 112.55 -41.93
C HIS V 206 53.95 113.76 -41.81
N ARG V 218 57.81 100.01 -29.88
CA ARG V 218 56.62 99.38 -29.33
C ARG V 218 55.48 99.46 -30.35
N HIS V 219 54.30 98.95 -29.98
CA HIS V 219 53.12 98.84 -30.83
C HIS V 219 53.43 98.02 -32.09
N ILE V 220 53.67 96.73 -31.87
CA ILE V 220 54.22 95.89 -32.93
C ILE V 220 53.18 95.49 -33.99
N THR V 221 51.89 95.48 -33.69
CA THR V 221 50.92 95.29 -34.76
C THR V 221 49.65 96.08 -34.48
N GLU V 222 48.93 96.43 -35.56
CA GLU V 222 47.93 97.49 -35.54
C GLU V 222 46.64 97.09 -36.25
N PHE V 223 46.07 95.95 -35.90
CA PHE V 223 44.91 95.46 -36.63
C PHE V 223 43.64 96.17 -36.15
N ILE V 224 42.89 96.74 -37.09
CA ILE V 224 41.60 97.32 -36.77
C ILE V 224 40.55 96.69 -37.66
N SER V 225 39.33 96.60 -37.14
CA SER V 225 38.26 95.90 -37.81
C SER V 225 37.46 96.84 -38.72
N SER V 226 36.36 96.35 -39.24
CA SER V 226 35.51 97.10 -40.14
C SER V 226 34.05 97.14 -39.72
N TRP V 227 33.65 96.36 -38.72
CA TRP V 227 32.28 96.35 -38.25
C TRP V 227 32.14 96.75 -36.80
N GLN V 228 33.25 97.00 -36.10
CA GLN V 228 33.16 97.31 -34.68
C GLN V 228 34.31 98.21 -34.30
N ASN V 229 34.09 99.01 -33.26
CA ASN V 229 35.13 99.89 -32.72
C ASN V 229 35.88 99.14 -31.63
N HIS V 230 36.72 98.21 -32.06
CA HIS V 230 37.54 97.42 -31.16
C HIS V 230 38.88 97.11 -31.79
N PRO V 231 39.80 98.06 -31.77
CA PRO V 231 41.15 97.78 -32.26
C PRO V 231 41.92 96.93 -31.27
N ILE V 232 42.97 96.27 -31.79
CA ILE V 232 43.85 95.43 -30.98
C ILE V 232 45.28 95.77 -31.35
N VAL V 233 46.10 96.06 -30.36
CA VAL V 233 47.53 96.24 -30.55
C VAL V 233 48.26 95.19 -29.73
N GLN V 234 49.29 94.60 -30.31
CA GLN V 234 50.21 93.80 -29.52
C GLN V 234 51.41 94.63 -29.08
N VAL V 235 52.00 94.22 -27.97
CA VAL V 235 53.27 94.74 -27.52
C VAL V 235 54.09 93.52 -27.08
N SER V 236 55.40 93.67 -27.12
CA SER V 236 56.28 92.58 -26.72
C SER V 236 56.13 92.29 -25.23
N ALA V 237 56.41 91.04 -24.85
CA ALA V 237 56.14 90.59 -23.50
C ALA V 237 57.10 91.17 -22.46
N ASP V 238 58.16 91.85 -22.89
CA ASP V 238 59.21 92.31 -21.99
C ASP V 238 58.97 93.76 -21.58
N VAL V 239 57.84 93.98 -20.92
CA VAL V 239 57.45 95.27 -20.40
C VAL V 239 57.13 95.11 -18.92
N GLU V 240 56.67 96.19 -18.29
CA GLU V 240 56.29 96.14 -16.89
C GLU V 240 54.90 96.67 -16.58
N ASN V 241 54.23 97.37 -17.49
CA ASN V 241 52.90 97.89 -17.19
C ASN V 241 51.83 97.28 -18.08
N ARG V 242 51.92 97.49 -19.39
CA ARG V 242 51.00 97.02 -20.46
C ARG V 242 49.51 97.10 -20.08
N LYS V 243 49.06 98.33 -19.85
CA LYS V 243 47.62 98.57 -19.70
C LYS V 243 46.95 98.51 -21.08
N THR V 244 45.96 97.63 -21.22
CA THR V 244 45.14 97.44 -22.43
C THR V 244 46.02 97.10 -23.64
N ALA V 245 46.60 95.90 -23.58
CA ALA V 245 47.57 95.49 -24.58
C ALA V 245 47.38 94.01 -24.89
N GLN V 246 48.33 93.46 -25.65
CA GLN V 246 48.35 92.05 -26.02
C GLN V 246 49.80 91.61 -26.07
N LEU V 247 50.09 90.40 -25.61
CA LEU V 247 51.46 89.95 -25.43
C LEU V 247 52.11 89.64 -26.78
N LEU V 248 53.38 89.25 -26.70
CA LEU V 248 54.06 88.51 -27.77
C LEU V 248 54.96 87.53 -27.05
N HIS V 249 54.47 86.31 -26.85
CA HIS V 249 55.22 85.30 -26.11
C HIS V 249 56.39 84.74 -26.91
N ALA V 250 56.32 84.81 -28.23
CA ALA V 250 57.24 84.09 -29.10
C ALA V 250 58.65 84.65 -28.98
N ASP V 251 59.60 83.77 -28.66
CA ASP V 251 60.94 84.17 -28.29
C ASP V 251 61.70 84.61 -29.54
N THR V 252 61.44 85.84 -29.94
CA THR V 252 62.04 86.41 -31.13
C THR V 252 63.49 86.79 -30.87
N PRO V 253 64.31 86.80 -31.90
CA PRO V 253 65.63 87.42 -31.79
C PRO V 253 65.51 88.92 -32.02
N ARG V 254 66.64 89.61 -31.91
CA ARG V 254 66.71 91.04 -32.15
C ARG V 254 67.62 91.25 -33.35
N LEU V 255 67.07 91.18 -34.56
CA LEU V 255 67.89 91.34 -35.75
C LEU V 255 68.30 92.79 -35.98
N VAL V 256 67.33 93.71 -35.91
CA VAL V 256 67.58 95.10 -36.31
C VAL V 256 68.39 95.80 -35.22
N THR V 257 69.65 96.07 -35.52
CA THR V 257 70.61 96.61 -34.56
C THR V 257 71.39 97.74 -35.22
N TRP V 258 71.17 98.96 -34.75
CA TRP V 258 71.81 100.12 -35.32
C TRP V 258 73.18 100.36 -34.68
N ASP V 259 73.92 101.28 -35.28
CA ASP V 259 75.25 101.65 -34.80
C ASP V 259 75.56 103.02 -35.37
N ALA V 260 75.76 104.00 -34.51
CA ALA V 260 76.15 105.34 -34.92
C ALA V 260 77.62 105.62 -34.74
N GLY V 261 78.37 104.67 -34.18
CA GLY V 261 79.77 104.92 -33.88
C GLY V 261 80.71 104.67 -35.05
N LEU V 262 81.75 103.89 -34.80
CA LEU V 262 82.76 103.61 -35.82
C LEU V 262 82.84 102.13 -36.11
N CYS V 263 83.20 101.81 -37.36
CA CYS V 263 83.31 100.44 -37.84
C CYS V 263 84.75 99.97 -37.64
N THR V 264 85.17 99.97 -36.38
CA THR V 264 86.56 99.63 -36.08
C THR V 264 86.60 98.71 -34.88
N SER V 265 87.30 97.59 -35.02
CA SER V 265 87.59 96.73 -33.89
C SER V 265 89.08 96.72 -33.58
N PHE V 266 89.87 97.55 -34.24
CA PHE V 266 91.31 97.64 -34.04
C PHE V 266 91.62 99.04 -33.55
N LYS V 267 91.54 99.27 -32.24
CA LYS V 267 92.02 100.52 -31.70
C LYS V 267 93.54 100.49 -31.64
N ILE V 268 94.15 101.63 -31.93
CA ILE V 268 95.60 101.76 -31.92
C ILE V 268 96.02 102.38 -30.59
N VAL V 269 96.92 101.71 -29.87
CA VAL V 269 97.27 102.15 -28.53
C VAL V 269 98.76 102.44 -28.41
N PRO V 270 99.15 103.37 -27.54
CA PRO V 270 100.56 103.56 -27.25
C PRO V 270 101.04 102.64 -26.16
N ILE V 271 102.33 102.31 -26.22
CA ILE V 271 102.97 101.44 -25.25
C ILE V 271 104.07 102.16 -24.48
N VAL V 272 104.99 102.79 -25.20
CA VAL V 272 106.10 103.47 -24.56
C VAL V 272 105.95 104.97 -24.74
N PRO V 273 105.49 105.70 -23.74
CA PRO V 273 105.23 107.13 -23.92
C PRO V 273 106.52 107.93 -23.91
N ALA V 274 106.55 108.97 -24.75
CA ALA V 274 107.70 109.85 -24.85
C ALA V 274 107.25 111.16 -25.46
N GLN V 275 108.16 112.14 -25.46
CA GLN V 275 107.87 113.44 -26.06
C GLN V 275 109.17 114.03 -26.60
N VAL V 276 109.06 115.20 -27.20
CA VAL V 276 110.12 115.74 -28.04
C VAL V 276 109.86 117.25 -28.15
N PRO V 277 110.86 118.09 -28.38
CA PRO V 277 110.57 119.50 -28.66
C PRO V 277 109.89 119.68 -30.01
N GLN V 278 108.69 120.24 -29.97
CA GLN V 278 107.95 120.64 -31.16
C GLN V 278 108.37 122.04 -31.58
N ASP V 279 108.58 122.23 -32.87
CA ASP V 279 108.95 123.56 -33.34
C ASP V 279 107.72 124.43 -33.53
N VAL V 280 106.74 123.94 -34.26
CA VAL V 280 105.47 124.62 -34.38
C VAL V 280 104.57 124.08 -33.27
N LEU V 281 103.86 124.98 -32.60
CA LEU V 281 103.09 124.62 -31.42
C LEU V 281 101.59 124.69 -31.61
N ALA V 282 101.08 125.66 -32.37
CA ALA V 282 99.64 125.83 -32.49
C ALA V 282 99.32 126.41 -33.86
N TYR V 283 98.03 126.63 -34.09
CA TYR V 283 97.54 127.36 -35.26
C TYR V 283 96.97 128.69 -34.79
N THR V 284 97.43 129.78 -35.39
CA THR V 284 97.00 131.12 -35.03
C THR V 284 96.14 131.66 -36.16
N PHE V 285 94.91 132.01 -35.85
CA PHE V 285 93.98 132.45 -36.91
C PHE V 285 93.99 133.98 -37.04
N PHE V 286 93.46 134.68 -36.04
CA PHE V 286 93.64 136.12 -35.90
C PHE V 286 94.38 136.43 -34.62
N THR V 287 93.80 136.07 -33.49
CA THR V 287 94.43 136.09 -32.18
C THR V 287 94.28 134.78 -31.45
N SER V 288 93.28 133.98 -31.77
CA SER V 288 93.08 132.72 -31.09
C SER V 288 94.12 131.70 -31.53
N SER V 289 94.52 130.86 -30.59
CA SER V 289 95.50 129.80 -30.83
C SER V 289 94.79 128.47 -30.73
N TYR V 290 94.76 127.72 -31.83
CA TYR V 290 94.11 126.42 -31.86
C TYR V 290 95.17 125.35 -31.59
N ALA V 291 94.86 124.47 -30.65
CA ALA V 291 95.80 123.43 -30.25
C ALA V 291 95.97 122.40 -31.36
N ILE V 292 97.12 121.75 -31.35
CA ILE V 292 97.43 120.72 -32.34
C ILE V 292 97.35 119.37 -31.64
N GLN V 293 96.52 118.48 -32.17
CA GLN V 293 96.45 117.11 -31.70
C GLN V 293 96.56 116.18 -32.88
N SER V 294 96.99 114.97 -32.61
CA SER V 294 97.29 114.04 -33.68
C SER V 294 96.20 112.97 -33.81
N PRO V 295 95.94 112.52 -35.04
CA PRO V 295 95.10 111.32 -35.18
C PRO V 295 95.75 110.08 -34.66
N PHE V 296 97.07 110.04 -34.61
CA PHE V 296 97.65 108.84 -34.06
C PHE V 296 98.06 109.08 -32.62
N PRO V 297 97.85 108.10 -31.74
CA PRO V 297 98.24 108.26 -30.33
C PRO V 297 99.74 108.42 -30.18
N GLU V 298 100.15 109.61 -29.72
CA GLU V 298 101.53 110.04 -29.84
C GLU V 298 102.39 109.47 -28.72
N ALA V 299 103.35 108.64 -29.09
CA ALA V 299 104.30 108.06 -28.14
C ALA V 299 105.51 107.56 -28.92
N ALA V 300 106.43 106.89 -28.20
CA ALA V 300 107.60 106.35 -28.87
C ALA V 300 107.28 105.04 -29.56
N VAL V 301 106.71 104.08 -28.84
CA VAL V 301 106.40 102.76 -29.37
C VAL V 301 104.91 102.51 -29.22
N SER V 302 104.24 102.18 -30.33
CA SER V 302 102.81 101.94 -30.34
C SER V 302 102.52 100.78 -31.28
N ARG V 303 101.47 100.02 -30.96
CA ARG V 303 101.14 98.85 -31.74
C ARG V 303 99.64 98.59 -31.66
N ILE V 304 99.16 97.72 -32.53
CA ILE V 304 97.72 97.52 -32.71
C ILE V 304 97.22 96.47 -31.73
N VAL V 305 96.14 96.77 -31.04
CA VAL V 305 95.41 95.79 -30.26
C VAL V 305 94.01 95.69 -30.84
N VAL V 306 93.18 94.83 -30.26
CA VAL V 306 91.85 94.55 -30.78
C VAL V 306 90.84 94.80 -29.68
N HIS V 307 89.86 95.65 -29.95
CA HIS V 307 88.78 95.93 -29.03
C HIS V 307 87.50 95.99 -29.84
N THR V 308 86.61 95.04 -29.64
CA THR V 308 85.31 95.08 -30.28
C THR V 308 84.54 96.29 -29.79
N ARG V 309 84.30 97.24 -30.69
CA ARG V 309 83.46 98.42 -30.47
C ARG V 309 84.01 99.33 -29.37
N TRP V 310 85.25 99.80 -29.56
CA TRP V 310 85.77 100.82 -28.68
C TRP V 310 85.21 102.19 -29.03
N ALA V 311 84.62 102.35 -30.21
CA ALA V 311 84.12 103.63 -30.69
C ALA V 311 82.73 103.47 -31.29
N SER V 312 81.83 102.83 -30.56
CA SER V 312 80.49 102.56 -31.07
C SER V 312 79.44 103.09 -30.12
N ASN V 313 78.60 103.99 -30.61
CA ASN V 313 77.33 104.25 -29.95
C ASN V 313 76.38 103.13 -30.37
N VAL V 314 75.86 102.41 -29.41
CA VAL V 314 75.09 101.26 -29.78
C VAL V 314 73.62 101.28 -29.52
N ASP V 315 72.82 100.97 -30.53
CA ASP V 315 71.41 100.93 -30.31
C ASP V 315 71.03 99.86 -29.30
N PHE V 316 71.61 98.68 -29.39
CA PHE V 316 71.30 97.63 -28.45
C PHE V 316 72.49 96.74 -28.36
N ASP V 317 72.90 96.34 -27.17
CA ASP V 317 74.11 95.57 -27.10
C ASP V 317 73.96 94.08 -27.18
N ARG V 318 74.68 93.50 -28.12
CA ARG V 318 74.73 92.08 -28.27
C ARG V 318 75.84 91.99 -27.28
N ASP V 319 75.55 91.45 -26.12
CA ASP V 319 76.51 91.51 -25.05
C ASP V 319 77.65 90.52 -25.01
N SER V 320 78.45 90.48 -26.06
CA SER V 320 79.61 89.63 -26.06
C SER V 320 80.61 90.30 -26.95
N SER V 321 81.85 90.37 -26.50
CA SER V 321 82.86 90.99 -27.32
C SER V 321 84.25 90.53 -26.95
N VAL V 322 85.14 90.78 -27.89
CA VAL V 322 86.50 90.41 -27.71
C VAL V 322 87.22 91.66 -27.31
N ILE V 323 88.01 91.57 -26.26
CA ILE V 323 88.73 92.71 -25.77
C ILE V 323 90.12 92.28 -25.37
N MET V 324 91.07 92.67 -26.17
CA MET V 324 92.46 92.29 -25.96
C MET V 324 93.09 93.21 -24.92
N ALA V 325 94.01 92.64 -24.16
CA ALA V 325 94.81 93.43 -23.25
C ALA V 325 95.81 94.25 -24.05
N PRO V 326 96.38 95.29 -23.45
CA PRO V 326 97.66 95.80 -23.92
C PRO V 326 98.70 94.70 -23.85
N PRO V 327 99.57 94.61 -24.86
CA PRO V 327 100.38 93.39 -25.01
C PRO V 327 101.47 93.22 -23.97
N THR V 328 101.76 94.25 -23.18
CA THR V 328 102.60 94.06 -22.02
C THR V 328 101.83 93.44 -20.86
N GLU V 329 100.52 93.44 -20.92
CA GLU V 329 99.68 92.91 -19.86
C GLU V 329 99.19 91.52 -20.24
N ASN V 330 98.87 90.72 -19.24
CA ASN V 330 98.38 89.37 -19.41
C ASN V 330 97.07 89.32 -20.19
N ASN V 331 96.94 88.35 -21.09
CA ASN V 331 95.69 88.11 -21.78
C ASN V 331 95.42 86.62 -21.99
N ILE V 332 95.99 85.76 -21.13
CA ILE V 332 95.84 84.32 -21.25
C ILE V 332 94.42 83.89 -20.92
N HIS V 333 93.67 84.71 -20.18
CA HIS V 333 92.26 84.46 -19.93
C HIS V 333 91.46 84.36 -21.23
N LEU V 334 91.83 85.16 -22.23
CA LEU V 334 91.17 85.10 -23.53
C LEU V 334 91.53 83.86 -24.32
N PHE V 335 92.56 83.13 -23.93
CA PHE V 335 92.86 81.87 -24.59
C PHE V 335 92.53 80.67 -23.71
N LYS V 336 92.13 80.88 -22.48
CA LYS V 336 91.88 79.76 -21.59
C LYS V 336 90.45 79.66 -21.09
N GLN V 337 89.61 80.65 -21.39
CA GLN V 337 88.29 80.71 -20.79
C GLN V 337 87.34 79.62 -21.25
N LEU V 338 87.70 78.84 -22.28
CA LEU V 338 86.76 77.88 -22.87
C LEU V 338 86.75 76.53 -22.16
N LEU V 339 87.85 75.78 -22.24
CA LEU V 339 87.81 74.38 -21.82
C LEU V 339 88.90 74.08 -20.81
N ASN V 340 89.02 74.94 -19.81
CA ASN V 340 90.07 74.86 -18.82
C ASN V 340 89.51 75.03 -17.42
N THR V 341 88.47 74.27 -17.10
CA THR V 341 88.16 73.95 -15.71
C THR V 341 89.13 72.95 -15.13
N GLU V 342 90.04 72.44 -15.94
CA GLU V 342 91.01 71.44 -15.57
C GLU V 342 92.34 72.04 -15.13
N THR V 343 92.65 73.23 -15.62
CA THR V 343 93.98 73.81 -15.45
C THR V 343 94.21 74.23 -14.01
N LEU V 344 95.46 74.61 -13.73
CA LEU V 344 95.92 74.87 -12.39
C LEU V 344 96.27 76.34 -12.19
N SER V 345 97.12 76.88 -13.04
CA SER V 345 97.53 78.27 -12.91
C SER V 345 96.43 79.19 -13.39
N VAL V 346 96.39 80.40 -12.83
CA VAL V 346 95.51 81.42 -13.35
C VAL V 346 96.05 81.97 -14.65
N ARG V 347 97.34 81.77 -14.92
CA ARG V 347 97.96 82.24 -16.15
C ARG V 347 98.31 81.09 -17.10
N GLY V 348 97.67 79.94 -16.93
CA GLY V 348 97.96 78.78 -17.75
C GLY V 348 97.05 78.64 -18.96
N ALA V 349 97.52 77.87 -19.94
CA ALA V 349 96.75 77.62 -21.15
C ALA V 349 97.05 76.23 -21.67
N ASN V 350 96.03 75.40 -21.76
CA ASN V 350 96.16 74.03 -22.25
C ASN V 350 96.62 74.06 -23.69
N PRO V 351 97.69 73.33 -24.03
CA PRO V 351 98.10 73.23 -25.43
C PRO V 351 97.17 72.46 -26.30
N LEU V 352 96.30 71.64 -25.72
CA LEU V 352 95.46 70.79 -26.54
C LEU V 352 94.14 71.45 -26.89
N MET V 353 93.84 72.60 -26.29
CA MET V 353 92.59 73.31 -26.55
C MET V 353 92.79 74.54 -27.41
N PHE V 354 93.99 74.72 -27.99
CA PHE V 354 94.38 75.96 -28.67
C PHE V 354 93.42 76.33 -29.81
N ARG V 355 93.23 75.43 -30.76
CA ARG V 355 92.47 75.75 -31.96
C ARG V 355 90.98 75.93 -31.64
N ALA V 356 90.48 75.18 -30.66
CA ALA V 356 89.09 75.36 -30.26
C ALA V 356 88.88 76.72 -29.60
N ASN V 357 89.85 77.18 -28.79
CA ASN V 357 89.79 78.53 -28.23
C ASN V 357 89.76 79.58 -29.32
N VAL V 358 90.63 79.42 -30.31
CA VAL V 358 90.72 80.40 -31.39
C VAL V 358 89.45 80.44 -32.21
N LEU V 359 88.87 79.27 -32.51
CA LEU V 359 87.64 79.25 -33.31
C LEU V 359 86.48 79.86 -32.55
N HIS V 360 86.44 79.63 -31.24
CA HIS V 360 85.43 80.24 -30.39
C HIS V 360 85.53 81.74 -30.40
N MET V 361 86.74 82.26 -30.21
CA MET V 361 86.94 83.71 -30.13
C MET V 361 86.63 84.39 -31.47
N LEU V 362 87.00 83.76 -32.58
CA LEU V 362 86.66 84.32 -33.89
C LEU V 362 85.16 84.32 -34.12
N LEU V 363 84.47 83.28 -33.66
CA LEU V 363 83.02 83.25 -33.77
C LEU V 363 82.37 84.37 -32.98
N GLU V 364 82.84 84.64 -31.77
CA GLU V 364 82.23 85.73 -31.04
C GLU V 364 82.63 87.10 -31.57
N PHE V 365 83.79 87.20 -32.21
CA PHE V 365 84.16 88.46 -32.86
C PHE V 365 83.19 88.79 -33.97
N VAL V 366 83.00 87.85 -34.90
CA VAL V 366 82.07 88.10 -35.99
C VAL V 366 80.63 88.14 -35.49
N LEU V 367 80.35 87.56 -34.33
CA LEU V 367 79.02 87.64 -33.75
C LEU V 367 78.75 89.02 -33.17
N ASP V 368 79.73 89.61 -32.48
CA ASP V 368 79.55 90.97 -31.99
C ASP V 368 79.52 91.99 -33.10
N ASN V 369 80.09 91.66 -34.26
CA ASN V 369 80.11 92.64 -35.33
C ASN V 369 78.86 92.59 -36.22
N LEU V 370 77.71 92.16 -35.69
CA LEU V 370 76.48 92.01 -36.46
C LEU V 370 75.55 93.21 -36.31
N TYR V 371 76.06 94.40 -36.61
CA TYR V 371 75.28 95.62 -36.44
C TYR V 371 75.14 96.36 -37.77
N LEU V 372 74.04 97.09 -37.90
CA LEU V 372 73.82 97.97 -39.05
C LEU V 372 74.25 99.38 -38.72
N ASN V 373 74.68 100.11 -39.75
CA ASN V 373 75.28 101.42 -39.54
C ASN V 373 74.24 102.52 -39.66
N ARG V 374 74.17 103.38 -38.65
CA ARG V 374 73.15 104.42 -38.58
C ARG V 374 73.66 105.69 -39.25
N HIS V 375 72.80 106.29 -40.08
CA HIS V 375 73.08 107.59 -40.64
C HIS V 375 72.95 108.67 -39.59
N THR V 376 73.79 109.70 -39.69
CA THR V 376 73.80 110.75 -38.68
C THR V 376 74.02 112.11 -39.33
N GLY V 377 73.94 113.15 -38.50
CA GLY V 377 74.09 114.49 -39.00
C GLY V 377 75.52 114.84 -39.37
N PHE V 378 75.66 115.88 -40.16
CA PHE V 378 76.94 116.24 -40.76
C PHE V 378 77.40 117.61 -40.27
N SER V 379 78.48 118.09 -40.88
CA SER V 379 79.07 119.38 -40.53
C SER V 379 79.96 119.86 -41.67
N GLN V 380 79.73 121.08 -42.12
CA GLN V 380 80.55 121.71 -43.16
C GLN V 380 81.39 122.80 -42.51
N ASP V 381 82.70 122.59 -42.46
CA ASP V 381 83.58 123.62 -41.94
C ASP V 381 84.39 124.23 -43.08
N HIS V 382 85.30 125.10 -42.72
CA HIS V 382 86.36 125.56 -43.62
C HIS V 382 87.66 125.45 -42.85
N THR V 383 88.18 124.28 -42.82
CA THR V 383 89.49 124.07 -42.27
C THR V 383 90.51 124.20 -43.39
N PRO V 384 91.59 124.96 -43.21
CA PRO V 384 92.54 125.20 -44.31
C PRO V 384 93.29 123.97 -44.80
N PHE V 385 93.17 122.83 -44.13
CA PHE V 385 93.69 121.57 -44.66
C PHE V 385 92.59 120.65 -45.16
N THR V 386 91.33 120.96 -44.91
CA THR V 386 90.22 120.12 -45.36
C THR V 386 89.04 121.05 -45.60
N GLU V 387 88.83 121.44 -46.86
CA GLU V 387 87.81 122.41 -47.21
C GLU V 387 86.63 121.73 -47.88
N GLY V 388 85.42 122.11 -47.47
CA GLY V 388 84.22 121.66 -48.12
C GLY V 388 83.78 120.24 -47.81
N ALA V 389 84.60 119.47 -47.09
CA ALA V 389 84.27 118.08 -46.79
C ALA V 389 83.23 118.06 -45.68
N ASN V 390 82.04 117.60 -46.02
CA ASN V 390 80.94 117.58 -45.06
C ASN V 390 81.17 116.46 -44.04
N LEU V 391 81.93 116.76 -43.00
CA LEU V 391 82.26 115.75 -42.02
C LEU V 391 81.04 115.43 -41.17
N ARG V 392 80.94 114.19 -40.74
CA ARG V 392 79.78 113.73 -39.99
C ARG V 392 79.86 114.23 -38.55
N SER V 393 78.88 113.82 -37.74
CA SER V 393 78.85 114.25 -36.34
C SER V 393 78.25 113.14 -35.50
N LEU V 394 79.01 112.68 -34.50
CA LEU V 394 78.51 111.65 -33.60
C LEU V 394 77.44 112.24 -32.68
N PRO V 395 76.55 111.41 -32.17
CA PRO V 395 75.58 111.92 -31.18
C PRO V 395 76.19 112.18 -29.81
N GLY V 396 77.02 113.22 -29.73
CA GLY V 396 77.71 113.56 -28.52
C GLY V 396 78.25 114.98 -28.61
N PRO V 397 78.77 115.50 -27.51
CA PRO V 397 79.16 116.92 -27.50
C PRO V 397 80.54 117.25 -28.07
N ASP V 398 81.51 116.35 -27.96
CA ASP V 398 82.91 116.71 -28.28
C ASP V 398 83.32 116.34 -29.70
N ALA V 399 82.52 116.79 -30.67
CA ALA V 399 82.73 116.43 -32.08
C ALA V 399 84.01 117.02 -32.63
N GLU V 400 84.46 118.18 -32.11
CA GLU V 400 85.70 118.79 -32.58
C GLU V 400 86.90 117.91 -32.26
N LYS V 401 86.84 117.13 -31.18
CA LYS V 401 87.91 116.17 -30.92
C LYS V 401 87.60 114.76 -31.40
N TRP V 402 86.36 114.47 -31.82
CA TRP V 402 86.18 113.25 -32.60
C TRP V 402 86.74 113.40 -34.00
N TYR V 403 86.77 114.63 -34.53
CA TYR V 403 87.21 114.86 -35.91
C TYR V 403 88.68 114.51 -36.10
N SER V 404 89.51 114.70 -35.08
CA SER V 404 90.92 114.39 -35.19
C SER V 404 91.14 112.89 -35.29
N ILE V 405 90.47 112.12 -34.42
CA ILE V 405 90.64 110.68 -34.45
C ILE V 405 89.93 110.07 -35.65
N MET V 406 88.95 110.75 -36.22
CA MET V 406 88.32 110.17 -37.39
C MET V 406 89.09 110.48 -38.66
N TYR V 407 89.57 111.71 -38.82
CA TYR V 407 90.15 112.12 -40.08
C TYR V 407 91.63 112.43 -39.92
N PRO V 408 92.52 111.60 -40.47
CA PRO V 408 93.94 111.90 -40.37
C PRO V 408 94.38 113.03 -41.27
N THR V 409 93.65 113.32 -42.33
CA THR V 409 94.02 114.41 -43.21
C THR V 409 93.55 115.76 -42.71
N ARG V 410 92.78 115.80 -41.62
CA ARG V 410 92.38 117.08 -41.06
C ARG V 410 93.56 117.81 -40.47
N MET V 411 94.44 117.10 -39.77
CA MET V 411 95.67 117.68 -39.29
C MET V 411 96.61 117.94 -40.47
N GLY V 412 97.23 119.11 -40.47
CA GLY V 412 98.23 119.44 -41.47
C GLY V 412 99.59 118.88 -41.11
N THR V 413 100.62 119.43 -41.77
CA THR V 413 102.00 118.98 -41.58
C THR V 413 102.89 120.15 -41.15
N PRO V 414 102.89 120.49 -39.87
CA PRO V 414 103.82 121.53 -39.41
C PRO V 414 105.25 121.04 -39.27
N ASN V 415 105.43 119.89 -38.64
CA ASN V 415 106.73 119.47 -38.17
C ASN V 415 107.41 118.51 -39.15
N VAL V 416 108.49 117.90 -38.68
CA VAL V 416 109.22 116.91 -39.46
C VAL V 416 109.09 115.59 -38.69
N SER V 417 107.94 115.39 -38.08
CA SER V 417 107.66 114.10 -37.47
C SER V 417 107.36 113.06 -38.54
N LYS V 418 107.35 111.79 -38.14
CA LYS V 418 107.04 110.72 -39.08
C LYS V 418 105.58 110.80 -39.52
N ILE V 419 104.69 111.19 -38.60
CA ILE V 419 103.30 111.41 -38.97
C ILE V 419 103.21 112.60 -39.93
N CYS V 420 104.06 113.59 -39.74
CA CYS V 420 104.08 114.72 -40.66
C CYS V 420 104.55 114.31 -42.04
N ASN V 421 105.52 113.38 -42.11
CA ASN V 421 105.94 112.84 -43.41
C ASN V 421 104.82 112.03 -44.04
N PHE V 422 104.08 111.29 -43.22
CA PHE V 422 102.98 110.49 -43.74
C PHE V 422 101.87 111.36 -44.30
N VAL V 423 101.47 112.40 -43.55
CA VAL V 423 100.40 113.28 -44.00
C VAL V 423 100.89 114.17 -45.14
N ALA V 424 102.20 114.40 -45.23
CA ALA V 424 102.76 115.04 -46.43
C ALA V 424 102.62 114.11 -47.62
N SER V 425 102.73 112.81 -47.40
CA SER V 425 102.46 111.83 -48.44
C SER V 425 100.97 111.46 -48.46
N CYS V 426 100.12 112.48 -48.53
CA CYS V 426 98.67 112.27 -48.59
C CYS V 426 98.05 113.19 -49.63
N VAL V 427 96.90 112.73 -50.14
CA VAL V 427 95.96 113.47 -50.98
C VAL V 427 95.02 114.31 -50.13
N ARG V 428 94.21 115.16 -50.77
CA ARG V 428 93.25 115.97 -50.04
C ARG V 428 91.81 115.47 -50.12
N ASN V 429 91.26 115.35 -51.34
CA ASN V 429 89.80 115.36 -51.45
C ASN V 429 89.13 114.03 -51.08
N ARG V 430 89.85 112.92 -51.04
CA ARG V 430 89.24 111.67 -50.57
C ARG V 430 89.07 111.75 -49.06
N VAL V 431 88.00 112.42 -48.63
CA VAL V 431 87.78 112.70 -47.23
C VAL V 431 86.30 113.04 -47.05
N GLY V 432 85.76 112.70 -45.88
CA GLY V 432 84.42 113.13 -45.53
C GLY V 432 83.35 112.41 -46.31
N ARG V 433 82.29 113.15 -46.65
CA ARG V 433 81.18 112.58 -47.41
C ARG V 433 81.58 112.43 -48.87
N PHE V 434 81.36 111.24 -49.42
CA PHE V 434 81.68 110.96 -50.81
C PHE V 434 80.46 111.02 -51.71
N ASP V 435 79.45 110.21 -51.41
CA ASP V 435 78.24 110.14 -52.22
C ASP V 435 77.08 109.82 -51.31
N ARG V 436 75.91 110.33 -51.66
CA ARG V 436 74.72 110.17 -50.85
C ARG V 436 73.59 109.66 -51.72
N ALA V 437 72.41 109.54 -51.11
CA ALA V 437 71.22 109.25 -51.88
C ALA V 437 70.84 110.45 -52.72
N GLN V 438 70.33 110.19 -53.92
CA GLN V 438 69.76 111.27 -54.71
C GLN V 438 68.45 111.74 -54.11
N MET V 439 67.68 110.82 -53.54
CA MET V 439 66.42 111.19 -52.92
C MET V 439 66.65 111.67 -51.50
N MET V 440 65.59 112.23 -50.90
CA MET V 440 65.66 112.85 -49.59
C MET V 440 64.35 112.57 -48.85
N ASN V 441 64.33 112.92 -47.57
CA ASN V 441 63.09 112.94 -46.81
C ASN V 441 62.93 114.25 -46.06
N GLY V 442 63.46 115.33 -46.62
CA GLY V 442 63.52 116.58 -45.90
C GLY V 442 64.94 117.10 -45.82
N ALA V 443 65.51 117.08 -44.62
CA ALA V 443 66.85 117.64 -44.42
C ALA V 443 67.91 116.74 -45.02
N MET V 444 68.05 115.52 -44.52
CA MET V 444 69.17 114.66 -44.87
C MET V 444 68.72 113.52 -45.76
N SER V 445 69.69 112.77 -46.27
CA SER V 445 69.44 111.73 -47.25
C SER V 445 69.02 110.45 -46.54
N GLU V 446 68.88 109.36 -47.31
CA GLU V 446 68.58 108.05 -46.76
C GLU V 446 69.83 107.19 -46.60
N TRP V 447 70.65 107.12 -47.64
CA TRP V 447 71.91 106.41 -47.55
C TRP V 447 73.03 107.35 -47.97
N VAL V 448 74.25 106.96 -47.62
CA VAL V 448 75.43 107.77 -47.86
C VAL V 448 76.63 106.84 -47.74
N ASP V 449 77.73 107.19 -48.40
CA ASP V 449 79.00 106.58 -48.06
C ASP V 449 80.00 107.67 -47.70
N VAL V 450 80.87 107.36 -46.74
CA VAL V 450 81.82 108.35 -46.24
C VAL V 450 83.20 107.75 -46.24
N PHE V 451 84.19 108.63 -46.34
CA PHE V 451 85.54 108.30 -45.92
C PHE V 451 85.64 108.51 -44.42
N GLU V 452 86.11 107.48 -43.71
CA GLU V 452 86.44 107.58 -42.29
C GLU V 452 87.30 106.38 -41.95
N THR V 453 87.86 106.40 -40.75
CA THR V 453 88.69 105.29 -40.32
C THR V 453 87.82 104.11 -39.91
N SER V 454 88.25 102.93 -40.34
CA SER V 454 87.53 101.69 -40.16
C SER V 454 88.48 100.58 -40.55
N ASP V 455 88.01 99.35 -40.65
CA ASP V 455 88.75 98.30 -41.31
C ASP V 455 87.84 97.56 -42.28
N ALA V 456 88.50 97.04 -43.35
CA ALA V 456 87.82 96.36 -44.44
C ALA V 456 87.08 95.13 -43.97
N LEU V 457 87.56 94.50 -42.90
CA LEU V 457 86.88 93.35 -42.32
C LEU V 457 85.50 93.74 -41.82
N THR V 458 85.43 94.75 -40.95
CA THR V 458 84.16 95.17 -40.36
C THR V 458 83.23 95.73 -41.41
N VAL V 459 83.77 96.54 -42.34
CA VAL V 459 82.96 97.10 -43.42
C VAL V 459 82.39 95.99 -44.30
N SER V 460 83.20 94.97 -44.59
CA SER V 460 82.78 93.88 -45.46
C SER V 460 81.71 93.03 -44.81
N ILE V 461 81.92 92.63 -43.56
CA ILE V 461 80.98 91.70 -42.98
C ILE V 461 79.71 92.40 -42.52
N ARG V 462 79.77 93.70 -42.20
CA ARG V 462 78.53 94.42 -42.00
C ARG V 462 77.78 94.61 -43.30
N GLY V 463 78.51 94.77 -44.42
CA GLY V 463 77.85 94.78 -45.72
C GLY V 463 77.19 93.45 -46.04
N ARG V 464 77.83 92.35 -45.64
CA ARG V 464 77.28 91.03 -45.92
C ARG V 464 76.03 90.77 -45.07
N TRP V 465 76.07 91.17 -43.80
CA TRP V 465 74.90 91.04 -42.96
C TRP V 465 73.76 91.93 -43.44
N MET V 466 74.09 93.13 -43.92
CA MET V 466 73.09 94.02 -44.47
C MET V 466 72.46 93.43 -45.72
N ALA V 467 73.27 92.79 -46.57
CA ALA V 467 72.74 92.22 -47.81
C ALA V 467 71.83 91.04 -47.52
N ARG V 468 72.22 90.17 -46.57
CA ARG V 468 71.37 89.05 -46.23
C ARG V 468 70.06 89.52 -45.60
N LEU V 469 70.14 90.54 -44.75
CA LEU V 469 68.93 91.06 -44.13
C LEU V 469 68.04 91.77 -45.15
N ALA V 470 68.66 92.43 -46.14
CA ALA V 470 67.89 93.12 -47.17
C ALA V 470 67.27 92.17 -48.16
N ARG V 471 67.79 90.97 -48.30
CA ARG V 471 67.14 89.99 -49.17
C ARG V 471 66.21 89.08 -48.40
N MET V 472 65.55 89.66 -47.40
CA MET V 472 64.46 89.03 -46.69
C MET V 472 63.19 89.88 -46.76
N ASN V 473 63.31 91.12 -47.24
CA ASN V 473 62.23 92.10 -47.20
C ASN V 473 61.10 91.72 -48.15
N ILE V 474 59.86 91.80 -47.65
CA ILE V 474 58.69 91.73 -48.51
C ILE V 474 57.72 92.83 -48.11
N ASN V 475 57.03 93.39 -49.09
CA ASN V 475 56.11 94.49 -48.87
C ASN V 475 54.80 93.99 -48.24
N PRO V 476 54.04 94.88 -47.58
CA PRO V 476 52.78 94.43 -46.94
C PRO V 476 51.69 94.00 -47.91
N THR V 477 51.84 94.27 -49.21
CA THR V 477 50.89 93.77 -50.18
C THR V 477 50.90 92.25 -50.22
N GLU V 478 52.09 91.66 -50.14
CA GLU V 478 52.18 90.21 -50.07
C GLU V 478 51.66 89.69 -48.74
N ILE V 479 51.78 90.50 -47.68
CA ILE V 479 51.23 90.12 -46.38
C ILE V 479 49.72 90.02 -46.44
N GLU V 480 49.08 91.00 -47.08
CA GLU V 480 47.63 90.97 -47.12
C GLU V 480 47.12 89.97 -48.15
N TRP V 481 47.89 89.72 -49.22
CA TRP V 481 47.60 88.57 -50.07
C TRP V 481 47.61 87.27 -49.29
N ALA V 482 48.64 87.08 -48.46
CA ALA V 482 48.81 85.85 -47.72
C ALA V 482 47.69 85.65 -46.72
N LEU V 483 47.29 86.72 -46.05
CA LEU V 483 46.24 86.55 -45.06
C LEU V 483 44.86 86.41 -45.71
N THR V 484 44.63 87.02 -46.87
CA THR V 484 43.39 86.75 -47.59
C THR V 484 43.31 85.31 -48.06
N GLU V 485 44.45 84.72 -48.43
CA GLU V 485 44.45 83.28 -48.69
C GLU V 485 44.17 82.51 -47.43
N CYS V 486 44.88 82.84 -46.34
CA CYS V 486 44.82 82.08 -45.10
C CYS V 486 43.45 82.14 -44.45
N ALA V 487 42.67 83.17 -44.75
CA ALA V 487 41.33 83.31 -44.22
C ALA V 487 40.31 82.35 -44.81
N GLN V 488 40.71 81.53 -45.79
CA GLN V 488 39.84 80.59 -46.51
C GLN V 488 38.66 81.31 -47.15
N GLY V 489 38.92 82.51 -47.64
CA GLY V 489 37.90 83.28 -48.32
C GLY V 489 36.77 83.77 -47.43
N TYR V 490 37.02 83.92 -46.13
CA TYR V 490 36.01 84.44 -45.22
C TYR V 490 36.32 85.85 -44.73
N VAL V 491 37.54 86.35 -44.96
CA VAL V 491 37.99 87.63 -44.46
C VAL V 491 38.88 88.26 -45.53
N THR V 492 38.55 89.48 -45.96
CA THR V 492 39.37 90.21 -46.92
C THR V 492 40.18 91.25 -46.15
N VAL V 493 41.45 90.97 -45.98
CA VAL V 493 42.31 91.90 -45.28
C VAL V 493 42.96 92.82 -46.30
N THR V 494 43.35 94.01 -45.87
CA THR V 494 44.14 94.90 -46.71
C THR V 494 45.08 95.71 -45.82
N SER V 495 46.14 96.21 -46.43
CA SER V 495 47.16 96.97 -45.71
C SER V 495 47.63 98.12 -46.57
N PRO V 496 46.97 99.27 -46.49
CA PRO V 496 47.34 100.41 -47.32
C PRO V 496 48.60 101.09 -46.80
N TYR V 497 49.36 101.66 -47.74
CA TYR V 497 50.62 102.27 -47.39
C TYR V 497 51.03 103.24 -48.50
N ALA V 498 51.73 104.28 -48.11
CA ALA V 498 52.30 105.18 -49.09
C ALA V 498 53.60 104.60 -49.62
N PRO V 499 53.90 104.82 -50.90
CA PRO V 499 55.14 104.29 -51.47
C PRO V 499 56.36 105.04 -50.96
N SER V 500 57.28 104.30 -50.36
CA SER V 500 58.60 104.80 -50.03
C SER V 500 59.59 103.68 -50.31
N VAL V 501 60.87 103.96 -50.09
CA VAL V 501 61.93 103.01 -50.38
C VAL V 501 62.54 102.44 -49.11
N ASN V 502 62.91 103.30 -48.17
CA ASN V 502 63.66 102.80 -47.02
C ASN V 502 62.80 102.06 -45.98
N ARG V 503 61.54 101.69 -46.21
CA ARG V 503 60.91 100.75 -45.32
C ARG V 503 61.54 99.38 -45.47
N LEU V 504 61.43 98.58 -44.42
CA LEU V 504 62.16 97.32 -44.35
C LEU V 504 61.53 96.45 -43.28
N MET V 505 60.96 95.31 -43.68
CA MET V 505 60.39 94.36 -42.75
C MET V 505 60.87 92.97 -43.19
N PRO V 506 61.98 92.51 -42.63
CA PRO V 506 62.60 91.27 -43.13
C PRO V 506 61.91 90.02 -42.60
N TYR V 507 61.11 89.39 -43.44
CA TYR V 507 60.22 88.34 -42.95
C TYR V 507 60.29 87.03 -43.70
N ARG V 508 60.61 87.03 -45.00
CA ARG V 508 60.41 85.86 -45.83
C ARG V 508 61.63 84.97 -45.89
N ILE V 509 61.45 83.70 -45.61
CA ILE V 509 62.49 82.68 -45.72
C ILE V 509 61.96 81.57 -46.60
N SER V 510 62.71 80.49 -46.73
CA SER V 510 62.31 79.43 -47.66
C SER V 510 62.00 78.12 -46.95
N ASN V 511 61.55 77.20 -47.79
CA ASN V 511 61.08 75.89 -47.36
C ASN V 511 62.16 75.12 -46.64
N ALA V 512 63.42 75.27 -47.06
CA ALA V 512 64.50 74.49 -46.48
C ALA V 512 64.76 74.88 -45.03
N GLU V 513 64.75 76.18 -44.74
CA GLU V 513 64.88 76.62 -43.36
C GLU V 513 63.68 76.20 -42.54
N ARG V 514 62.48 76.23 -43.13
CA ARG V 514 61.30 75.73 -42.42
C ARG V 514 61.43 74.24 -42.11
N GLN V 515 62.02 73.49 -43.04
CA GLN V 515 62.20 72.06 -42.86
C GLN V 515 63.19 71.76 -41.74
N ILE V 516 64.32 72.48 -41.73
CA ILE V 516 65.34 72.25 -40.71
C ILE V 516 64.80 72.62 -39.33
N SER V 517 64.07 73.73 -39.24
CA SER V 517 63.48 74.12 -37.97
C SER V 517 62.42 73.12 -37.52
N GLN V 518 61.70 72.51 -38.45
CA GLN V 518 60.74 71.47 -38.10
C GLN V 518 61.43 70.24 -37.56
N ILE V 519 62.57 69.87 -38.15
CA ILE V 519 63.30 68.70 -37.67
C ILE V 519 63.85 68.93 -36.27
N ILE V 520 64.33 70.15 -36.00
CA ILE V 520 64.81 70.48 -34.67
C ILE V 520 63.66 70.47 -33.66
N ARG V 521 62.49 70.96 -34.06
CA ARG V 521 61.35 70.93 -33.15
C ARG V 521 60.86 69.51 -32.89
N VAL V 522 61.00 68.61 -33.86
CA VAL V 522 60.64 67.21 -33.63
C VAL V 522 61.66 66.55 -32.70
N MET V 523 62.94 66.84 -32.89
CA MET V 523 63.98 66.28 -32.05
C MET V 523 63.93 66.84 -30.63
N ASN V 524 63.31 68.00 -30.46
CA ASN V 524 63.11 68.58 -29.13
C ASN V 524 62.29 67.68 -28.23
N ILE V 525 61.27 67.03 -28.79
CA ILE V 525 60.33 66.26 -27.99
C ILE V 525 61.02 65.03 -27.42
N GLY V 526 61.45 64.13 -28.30
CA GLY V 526 62.18 62.93 -27.93
C GLY V 526 61.42 62.06 -26.95
N ASN V 527 60.23 61.62 -27.39
CA ASN V 527 59.19 60.85 -26.69
C ASN V 527 59.08 61.13 -25.20
N ASN V 528 59.01 62.42 -24.87
CA ASN V 528 58.89 62.95 -23.51
C ASN V 528 57.63 63.81 -23.52
N ALA V 529 56.49 63.18 -23.25
CA ALA V 529 55.18 63.72 -23.57
C ALA V 529 54.77 64.95 -22.77
N THR V 530 55.56 65.36 -21.78
CA THR V 530 55.24 66.58 -21.05
C THR V 530 55.48 67.84 -21.86
N VAL V 531 56.19 67.76 -22.99
CA VAL V 531 56.32 68.93 -23.84
C VAL V 531 55.27 68.95 -24.94
N ILE V 532 54.53 67.87 -25.15
CA ILE V 532 53.43 67.88 -26.10
C ILE V 532 52.08 67.89 -25.43
N GLN V 533 52.01 67.78 -24.11
CA GLN V 533 50.76 68.09 -23.44
C GLN V 533 50.25 69.52 -23.65
N PRO V 534 51.07 70.64 -23.50
CA PRO V 534 50.42 71.95 -23.44
C PRO V 534 49.90 72.41 -24.80
N VAL V 535 50.54 71.94 -25.88
CA VAL V 535 50.11 72.33 -27.21
C VAL V 535 48.78 71.68 -27.55
N LEU V 536 48.58 70.44 -27.11
CA LEU V 536 47.30 69.79 -27.35
C LEU V 536 46.23 70.40 -26.46
N GLN V 537 46.61 70.85 -25.26
CA GLN V 537 45.66 71.58 -24.41
C GLN V 537 45.22 72.89 -25.06
N ASP V 538 46.18 73.60 -25.69
CA ASP V 538 45.87 74.85 -26.35
C ASP V 538 44.95 74.64 -27.53
N ILE V 539 45.23 73.62 -28.35
CA ILE V 539 44.38 73.36 -29.50
C ILE V 539 42.98 72.90 -29.05
N SER V 540 42.90 72.17 -27.93
CA SER V 540 41.61 71.73 -27.42
C SER V 540 40.75 72.91 -26.96
N VAL V 541 41.34 73.79 -26.15
CA VAL V 541 40.61 74.96 -25.65
C VAL V 541 40.23 75.88 -26.82
N LEU V 542 41.12 75.99 -27.80
CA LEU V 542 40.87 76.90 -28.91
C LEU V 542 39.76 76.40 -29.82
N LEU V 543 39.75 75.10 -30.11
CA LEU V 543 38.64 74.53 -30.88
C LEU V 543 37.33 74.61 -30.12
N GLN V 544 37.37 74.42 -28.80
CA GLN V 544 36.17 74.59 -28.00
C GLN V 544 35.63 76.00 -28.05
N ARG V 545 36.50 76.99 -28.19
CA ARG V 545 36.01 78.36 -28.16
C ARG V 545 35.95 79.04 -29.52
N ILE V 546 36.22 78.34 -30.62
CA ILE V 546 35.87 78.87 -31.93
C ILE V 546 34.97 77.95 -32.72
N SER V 547 34.58 76.80 -32.18
CA SER V 547 33.66 75.99 -32.97
C SER V 547 32.24 76.51 -32.81
N PRO V 548 31.46 76.56 -33.89
CA PRO V 548 30.03 76.87 -33.76
C PRO V 548 29.26 75.78 -33.07
N LEU V 549 29.77 74.56 -33.03
CA LEU V 549 29.06 73.45 -32.43
C LEU V 549 29.02 73.59 -30.91
N GLN V 550 27.96 73.05 -30.33
CA GLN V 550 27.89 72.85 -28.89
C GLN V 550 27.22 71.51 -28.63
N ILE V 551 27.61 70.88 -27.55
CA ILE V 551 27.19 69.51 -27.24
C ILE V 551 26.12 69.56 -26.17
N ASP V 552 25.04 68.81 -26.38
CA ASP V 552 23.89 68.83 -25.50
C ASP V 552 23.47 67.39 -25.17
N PRO V 553 23.53 66.98 -23.90
CA PRO V 553 23.02 65.66 -23.53
C PRO V 553 21.51 65.56 -23.51
N THR V 554 20.80 66.69 -23.54
CA THR V 554 19.35 66.62 -23.51
C THR V 554 18.77 66.11 -24.82
N ILE V 555 19.56 66.17 -25.91
CA ILE V 555 19.19 65.48 -27.15
C ILE V 555 19.00 63.99 -26.89
N ILE V 556 20.01 63.37 -26.28
CA ILE V 556 19.94 61.94 -25.99
C ILE V 556 18.85 61.65 -24.98
N SER V 557 18.70 62.52 -23.96
CA SER V 557 17.70 62.26 -22.94
C SER V 557 16.28 62.37 -23.49
N ASN V 558 16.06 63.32 -24.39
CA ASN V 558 14.74 63.47 -24.99
C ASN V 558 14.44 62.37 -25.98
N THR V 559 15.46 61.83 -26.65
CA THR V 559 15.21 60.68 -27.51
C THR V 559 14.92 59.43 -26.70
N MET V 560 15.62 59.25 -25.58
CA MET V 560 15.65 57.93 -24.96
C MET V 560 14.65 57.77 -23.82
N SER V 561 14.39 58.82 -23.03
CA SER V 561 13.46 58.81 -21.89
C SER V 561 13.87 57.74 -20.88
N THR V 562 15.00 58.02 -20.21
CA THR V 562 15.87 57.08 -19.53
C THR V 562 15.18 56.04 -18.65
N VAL V 563 14.54 56.48 -17.57
CA VAL V 563 13.99 55.55 -16.60
C VAL V 563 12.69 54.97 -17.13
N SER V 564 12.74 53.69 -17.51
CA SER V 564 11.66 53.07 -18.27
C SER V 564 11.71 51.57 -17.98
N GLU V 565 10.87 51.12 -17.06
CA GLU V 565 11.00 49.78 -16.47
C GLU V 565 10.08 48.79 -17.18
N SER V 566 10.63 48.10 -18.17
CA SER V 566 10.08 46.85 -18.66
C SER V 566 10.97 45.72 -18.15
N THR V 567 10.40 44.51 -18.05
CA THR V 567 11.06 43.33 -17.51
C THR V 567 11.56 43.59 -16.09
N THR V 568 10.61 43.57 -15.14
CA THR V 568 10.86 44.05 -13.77
C THR V 568 11.85 43.13 -13.07
N GLN V 569 13.11 43.29 -13.46
CA GLN V 569 14.23 42.38 -13.28
C GLN V 569 15.49 43.22 -13.45
N THR V 570 16.59 42.58 -13.87
CA THR V 570 17.72 43.30 -14.44
C THR V 570 17.28 44.23 -15.57
N LEU V 571 18.07 45.30 -15.76
CA LEU V 571 17.62 46.56 -16.32
C LEU V 571 17.16 46.44 -17.78
N SER V 572 16.32 47.40 -18.17
CA SER V 572 15.96 47.57 -19.56
C SER V 572 17.19 48.04 -20.35
N PRO V 573 17.25 47.73 -21.64
CA PRO V 573 18.45 48.10 -22.42
C PRO V 573 18.64 49.59 -22.58
N ALA V 574 17.56 50.36 -22.60
CA ALA V 574 17.67 51.81 -22.69
C ALA V 574 18.27 52.39 -21.40
N SER V 575 17.77 51.95 -20.25
CA SER V 575 18.32 52.38 -18.98
C SER V 575 19.75 51.92 -18.81
N SER V 576 20.07 50.73 -19.36
CA SER V 576 21.42 50.22 -19.26
C SER V 576 22.39 51.07 -20.05
N ILE V 577 22.02 51.45 -21.29
CA ILE V 577 22.96 52.25 -22.07
C ILE V 577 23.01 53.69 -21.55
N LEU V 578 21.92 54.19 -20.95
CA LEU V 578 22.00 55.56 -20.47
C LEU V 578 22.82 55.66 -19.18
N GLY V 579 22.75 54.64 -18.33
CA GLY V 579 23.67 54.56 -17.21
C GLY V 579 25.09 54.31 -17.64
N LYS V 580 25.27 53.55 -18.72
CA LYS V 580 26.62 53.29 -19.22
C LYS V 580 27.22 54.53 -19.83
N LEU V 581 26.38 55.38 -20.39
CA LEU V 581 26.83 56.50 -21.18
C LEU V 581 27.01 57.75 -20.35
N ARG V 582 26.19 57.91 -19.29
CA ARG V 582 26.16 59.07 -18.40
C ARG V 582 26.05 60.38 -19.17
N PRO V 583 24.90 60.70 -19.74
CA PRO V 583 24.80 61.96 -20.49
C PRO V 583 24.84 63.16 -19.58
N SER V 584 25.99 63.82 -19.58
CA SER V 584 26.27 64.89 -18.64
C SER V 584 27.50 65.63 -19.13
N ASN V 585 27.48 66.95 -19.01
CA ASN V 585 28.59 67.77 -19.45
C ASN V 585 29.76 67.64 -18.48
N SER V 586 30.47 66.52 -18.55
CA SER V 586 31.71 66.39 -17.80
C SER V 586 32.75 67.29 -18.45
N ASP V 587 33.11 66.96 -19.69
CA ASP V 587 34.02 67.69 -20.55
C ASP V 587 34.00 67.01 -21.91
N PHE V 588 34.63 67.65 -22.89
CA PHE V 588 34.86 67.03 -24.19
C PHE V 588 36.27 67.37 -24.67
N SER V 589 37.18 67.51 -23.72
CA SER V 589 38.59 67.69 -24.02
C SER V 589 39.16 66.48 -24.74
N SER V 590 38.67 65.29 -24.41
CA SER V 590 39.10 64.09 -25.13
C SER V 590 38.68 64.14 -26.59
N PHE V 591 37.48 64.67 -26.84
CA PHE V 591 36.99 64.88 -28.21
C PHE V 591 37.86 65.87 -28.97
N ARG V 592 38.24 66.96 -28.32
CA ARG V 592 39.05 67.94 -29.04
C ARG V 592 40.48 67.48 -29.23
N VAL V 593 41.06 66.73 -28.30
CA VAL V 593 42.41 66.25 -28.54
C VAL V 593 42.39 65.13 -29.56
N ALA V 594 41.28 64.40 -29.68
CA ALA V 594 41.13 63.44 -30.75
C ALA V 594 41.03 64.13 -32.10
N LEU V 595 40.31 65.26 -32.16
CA LEU V 595 40.27 66.02 -33.39
C LEU V 595 41.58 66.73 -33.68
N ALA V 596 42.40 66.92 -32.66
CA ALA V 596 43.63 67.68 -32.82
C ALA V 596 44.81 66.82 -33.20
N GLY V 597 44.83 65.55 -32.80
CA GLY V 597 45.93 64.66 -33.12
C GLY V 597 46.12 64.37 -34.60
N TRP V 598 45.10 64.67 -35.42
CA TRP V 598 45.22 64.62 -36.86
C TRP V 598 46.32 65.52 -37.36
N LEU V 599 46.51 66.67 -36.71
CA LEU V 599 47.57 67.58 -37.11
C LEU V 599 48.94 67.02 -36.76
N TYR V 600 49.07 66.42 -35.59
CA TYR V 600 50.36 66.02 -35.07
C TYR V 600 50.50 64.51 -35.01
N ASN V 601 49.94 63.84 -36.03
CA ASN V 601 50.10 62.40 -36.22
C ASN V 601 51.56 61.97 -36.24
N GLY V 602 52.42 62.76 -36.88
CA GLY V 602 53.79 62.34 -37.14
C GLY V 602 54.69 62.29 -35.93
N VAL V 603 54.23 62.75 -34.78
CA VAL V 603 54.96 62.65 -33.54
C VAL V 603 54.21 61.82 -32.51
N VAL V 604 52.93 62.11 -32.33
CA VAL V 604 52.10 61.42 -31.36
C VAL V 604 50.94 60.78 -32.09
N THR V 605 50.56 59.58 -31.67
CA THR V 605 49.39 58.90 -32.17
C THR V 605 48.33 58.92 -31.07
N THR V 606 47.09 58.65 -31.46
CA THR V 606 45.98 58.60 -30.51
C THR V 606 45.39 57.21 -30.50
N VAL V 607 45.13 56.67 -29.30
CA VAL V 607 44.49 55.37 -29.16
C VAL V 607 43.37 55.48 -28.12
N ILE V 608 42.56 54.45 -28.08
CA ILE V 608 41.58 54.25 -27.03
C ILE V 608 42.23 53.37 -25.97
N ASP V 609 41.98 53.64 -24.70
CA ASP V 609 42.63 52.90 -23.63
C ASP V 609 42.05 51.49 -23.50
N ASP V 610 42.66 50.70 -22.63
CA ASP V 610 42.10 49.40 -22.33
C ASP V 610 40.92 49.49 -21.37
N SER V 611 40.78 50.59 -20.65
CA SER V 611 39.78 50.66 -19.59
C SER V 611 38.37 50.82 -20.12
N SER V 612 38.20 51.35 -21.32
CA SER V 612 36.88 51.47 -21.92
C SER V 612 36.52 50.28 -22.79
N TYR V 613 37.40 49.29 -22.89
CA TYR V 613 37.10 48.07 -23.60
C TYR V 613 36.17 47.22 -22.75
N PRO V 614 35.55 46.19 -23.32
CA PRO V 614 34.92 45.17 -22.48
C PRO V 614 35.96 44.47 -21.63
N LYS V 615 35.58 44.23 -20.38
CA LYS V 615 36.45 43.48 -19.48
C LYS V 615 36.57 42.04 -19.95
N ASP V 616 37.75 41.45 -19.68
CA ASP V 616 38.22 40.08 -19.89
C ASP V 616 37.67 39.40 -21.14
N GLY V 617 37.65 40.11 -22.26
CA GLY V 617 36.97 39.57 -23.41
C GLY V 617 35.51 39.92 -23.33
N GLY V 618 34.70 39.02 -22.82
CA GLY V 618 33.28 39.24 -22.71
C GLY V 618 32.51 38.41 -23.71
N SER V 619 31.25 38.16 -23.39
CA SER V 619 30.40 37.35 -24.24
C SER V 619 29.41 38.22 -24.97
N VAL V 620 28.77 37.64 -25.98
CA VAL V 620 27.70 38.31 -26.72
C VAL V 620 26.39 38.09 -26.00
N THR V 621 26.43 37.50 -24.81
CA THR V 621 25.24 37.39 -23.98
C THR V 621 25.14 38.53 -22.99
N SER V 622 26.27 39.03 -22.52
CA SER V 622 26.27 40.06 -21.47
C SER V 622 25.98 41.42 -22.10
N LEU V 623 24.80 41.95 -21.75
CA LEU V 623 24.23 43.13 -22.40
C LEU V 623 25.11 44.35 -22.25
N GLU V 624 25.78 44.47 -21.10
CA GLU V 624 26.71 45.57 -20.89
C GLU V 624 27.86 45.50 -21.88
N ASN V 625 28.35 44.29 -22.17
CA ASN V 625 29.43 44.17 -23.15
C ASN V 625 28.93 44.40 -24.56
N LEU V 626 27.65 44.10 -24.82
CA LEU V 626 27.06 44.49 -26.11
C LEU V 626 27.08 46.00 -26.28
N TRP V 627 26.58 46.73 -25.28
CA TRP V 627 26.57 48.18 -25.38
C TRP V 627 27.99 48.74 -25.41
N ASP V 628 28.93 48.09 -24.73
CA ASP V 628 30.30 48.55 -24.75
C ASP V 628 30.92 48.36 -26.13
N PHE V 629 30.55 47.27 -26.81
CA PHE V 629 30.97 47.10 -28.20
C PHE V 629 30.40 48.19 -29.07
N PHE V 630 29.15 48.61 -28.81
CA PHE V 630 28.55 49.71 -29.56
C PHE V 630 29.34 51.00 -29.37
N ILE V 631 29.61 51.36 -28.11
CA ILE V 631 30.32 52.59 -27.80
C ILE V 631 31.70 52.59 -28.41
N LEU V 632 32.38 51.45 -28.33
CA LEU V 632 33.72 51.35 -28.86
C LEU V 632 33.73 51.43 -30.37
N ALA V 633 32.83 50.71 -31.03
CA ALA V 633 32.82 50.70 -32.49
C ALA V 633 32.35 52.02 -33.06
N LEU V 634 31.57 52.78 -32.30
CA LEU V 634 31.24 54.11 -32.77
C LEU V 634 32.37 55.09 -32.53
N ALA V 635 33.18 54.87 -31.51
CA ALA V 635 34.26 55.81 -31.23
C ALA V 635 35.50 55.58 -32.10
N LEU V 636 35.73 54.35 -32.53
CA LEU V 636 37.01 54.01 -33.17
C LEU V 636 37.35 54.72 -34.49
N PRO V 637 36.42 55.04 -35.42
CA PRO V 637 36.89 55.65 -36.69
C PRO V 637 37.36 57.10 -36.61
N LEU V 638 37.57 57.67 -35.43
CA LEU V 638 38.16 58.99 -35.36
C LEU V 638 39.65 58.98 -35.05
N THR V 639 40.12 57.95 -34.35
CA THR V 639 41.44 57.99 -33.75
C THR V 639 42.53 57.88 -34.80
N THR V 640 43.73 58.28 -34.42
CA THR V 640 44.89 58.09 -35.30
C THR V 640 45.59 56.79 -34.99
N ASP V 641 44.82 55.72 -34.89
CA ASP V 641 45.42 54.40 -34.77
C ASP V 641 45.20 53.71 -36.10
N PRO V 642 46.26 53.43 -36.87
CA PRO V 642 46.06 52.84 -38.19
C PRO V 642 45.68 51.37 -38.16
N CYS V 643 45.65 50.74 -36.99
CA CYS V 643 45.15 49.38 -36.86
C CYS V 643 43.83 49.33 -36.09
N ALA V 644 43.16 50.47 -35.98
CA ALA V 644 41.83 50.50 -35.36
C ALA V 644 40.75 49.65 -36.06
N PRO V 645 40.68 49.52 -37.40
CA PRO V 645 39.70 48.55 -37.95
C PRO V 645 39.97 47.11 -37.56
N VAL V 646 41.26 46.74 -37.53
CA VAL V 646 41.66 45.43 -37.03
C VAL V 646 41.23 45.26 -35.59
N LYS V 647 41.37 46.32 -34.80
CA LYS V 647 40.99 46.30 -33.41
C LYS V 647 39.48 46.13 -33.23
N ALA V 648 38.70 46.75 -34.13
CA ALA V 648 37.25 46.61 -34.05
C ALA V 648 36.79 45.21 -34.39
N PHE V 649 37.31 44.66 -35.49
CA PHE V 649 36.92 43.33 -35.94
C PHE V 649 37.35 42.27 -34.93
N MET V 650 38.52 42.45 -34.34
CA MET V 650 38.95 41.51 -33.33
C MET V 650 38.23 41.72 -32.00
N THR V 651 37.72 42.92 -31.73
CA THR V 651 36.87 43.12 -30.56
C THR V 651 35.59 42.33 -30.69
N LEU V 652 35.00 42.32 -31.88
CA LEU V 652 33.83 41.46 -32.08
C LEU V 652 34.23 39.98 -32.02
N ALA V 653 35.42 39.66 -32.52
CA ALA V 653 35.87 38.26 -32.57
C ALA V 653 36.05 37.68 -31.17
N ASN V 654 36.81 38.35 -30.31
CA ASN V 654 36.97 37.81 -28.97
C ASN V 654 35.75 38.06 -28.10
N MET V 655 34.86 38.97 -28.49
CA MET V 655 33.55 39.02 -27.87
C MET V 655 32.76 37.76 -28.17
N MET V 656 32.95 37.19 -29.35
CA MET V 656 32.03 36.19 -29.87
C MET V 656 32.69 34.82 -30.01
N VAL V 657 33.88 34.63 -29.42
CA VAL V 657 34.54 33.33 -29.44
C VAL V 657 33.72 32.31 -28.66
N GLY V 658 33.58 31.13 -29.23
CA GLY V 658 32.70 30.09 -28.71
C GLY V 658 31.52 29.79 -29.59
N PHE V 659 31.13 30.71 -30.48
CA PHE V 659 29.96 30.53 -31.32
C PHE V 659 30.31 30.49 -32.80
N GLU V 660 31.10 31.45 -33.28
CA GLU V 660 31.54 31.45 -34.67
C GLU V 660 33.06 31.52 -34.68
N THR V 661 33.69 30.50 -35.22
CA THR V 661 35.14 30.36 -35.16
C THR V 661 35.77 30.87 -36.44
N ILE V 662 37.00 31.34 -36.32
CA ILE V 662 37.73 31.98 -37.42
C ILE V 662 39.03 31.21 -37.57
N PRO V 663 39.45 30.83 -38.77
CA PRO V 663 40.66 30.02 -38.90
C PRO V 663 41.95 30.76 -38.59
N MET V 664 42.50 30.51 -37.41
CA MET V 664 43.75 31.15 -37.01
C MET V 664 44.92 30.51 -37.73
N ASP V 665 45.93 31.32 -38.02
CA ASP V 665 47.08 30.81 -38.76
C ASP V 665 48.13 30.18 -37.84
N ASN V 666 48.27 30.70 -36.63
CA ASN V 666 49.30 30.29 -35.72
C ASN V 666 48.68 29.48 -34.60
N GLN V 667 49.29 28.32 -34.30
CA GLN V 667 48.85 27.52 -33.17
C GLN V 667 49.19 28.20 -31.85
N ILE V 668 50.21 29.04 -31.83
CA ILE V 668 50.65 29.72 -30.62
C ILE V 668 49.59 30.68 -30.11
N TYR V 669 48.86 31.33 -31.00
CA TYR V 669 47.79 32.22 -30.58
C TYR V 669 46.44 31.54 -30.72
N THR V 670 45.43 32.24 -30.24
CA THR V 670 44.05 31.77 -30.19
C THR V 670 43.17 32.98 -30.49
N GLN V 671 41.94 32.74 -30.95
CA GLN V 671 40.92 33.79 -31.06
C GLN V 671 40.69 34.50 -29.73
N SER V 672 40.85 33.79 -28.61
CA SER V 672 40.62 34.34 -27.28
C SER V 672 41.64 35.39 -26.84
N ARG V 673 42.65 35.72 -27.65
CA ARG V 673 43.55 36.80 -27.28
C ARG V 673 42.82 38.13 -27.36
N ARG V 674 43.29 39.10 -26.58
CA ARG V 674 42.51 40.31 -26.41
C ARG V 674 42.74 41.27 -27.58
N ALA V 675 41.93 42.32 -27.60
CA ALA V 675 42.01 43.31 -28.66
C ALA V 675 42.89 44.49 -28.31
N SER V 676 43.32 44.61 -27.05
CA SER V 676 44.30 45.63 -26.70
C SER V 676 45.66 45.31 -27.33
N ALA V 677 45.97 44.03 -27.52
CA ALA V 677 47.27 43.59 -27.98
C ALA V 677 47.53 43.89 -29.44
N PHE V 678 46.55 44.41 -30.17
CA PHE V 678 46.72 44.71 -31.58
C PHE V 678 46.97 46.21 -31.71
N SER V 679 48.22 46.59 -31.49
CA SER V 679 48.67 47.95 -31.68
C SER V 679 49.56 48.11 -32.89
N THR V 680 49.99 47.02 -33.50
CA THR V 680 51.02 46.99 -34.52
C THR V 680 50.48 46.46 -35.83
N PRO V 681 51.11 46.77 -36.97
CA PRO V 681 50.59 46.23 -38.23
C PRO V 681 50.85 44.76 -38.40
N HIS V 682 51.97 44.25 -37.91
CA HIS V 682 52.35 42.87 -38.21
C HIS V 682 51.53 41.85 -37.44
N THR V 683 50.71 42.26 -36.49
CA THR V 683 49.79 41.36 -35.83
C THR V 683 48.40 41.40 -36.43
N TRP V 684 48.31 41.64 -37.70
CA TRP V 684 46.99 41.56 -38.33
C TRP V 684 46.74 40.14 -38.78
N PRO V 685 45.56 39.59 -38.52
CA PRO V 685 45.27 38.24 -38.99
C PRO V 685 45.03 38.22 -40.48
N ARG V 686 45.40 37.10 -41.09
CA ARG V 686 45.18 36.93 -42.53
C ARG V 686 43.70 36.87 -42.87
N CYS V 687 42.87 36.44 -41.91
CA CYS V 687 41.43 36.42 -42.13
C CYS V 687 40.87 37.83 -42.29
N PHE V 688 41.34 38.78 -41.48
CA PHE V 688 40.95 40.15 -41.74
C PHE V 688 41.64 40.70 -42.96
N MET V 689 42.84 40.23 -43.27
CA MET V 689 43.61 40.78 -44.37
C MET V 689 42.97 40.43 -45.72
N ASN V 690 42.41 39.23 -45.83
CA ASN V 690 41.80 38.74 -47.07
C ASN V 690 40.41 38.24 -46.74
N ILE V 691 39.42 38.74 -47.48
CA ILE V 691 38.04 38.64 -47.04
C ILE V 691 37.46 37.24 -47.21
N GLN V 692 37.88 36.49 -48.23
CA GLN V 692 37.20 35.26 -48.58
C GLN V 692 37.51 34.10 -47.63
N LEU V 693 38.38 34.31 -46.66
CA LEU V 693 38.78 33.22 -45.78
C LEU V 693 37.69 32.87 -44.78
N ILE V 694 36.97 33.86 -44.26
CA ILE V 694 35.88 33.57 -43.34
C ILE V 694 34.71 32.99 -44.13
N SER V 695 34.36 31.76 -43.84
CA SER V 695 33.24 31.15 -44.53
C SER V 695 31.93 31.71 -44.01
N PRO V 696 30.93 31.86 -44.88
CA PRO V 696 29.61 32.31 -44.39
C PRO V 696 28.85 31.22 -43.67
N ILE V 697 29.18 29.94 -43.89
CA ILE V 697 28.40 28.87 -43.28
C ILE V 697 28.75 28.70 -41.81
N ASP V 698 29.95 29.09 -41.37
CA ASP V 698 30.28 28.97 -39.97
C ASP V 698 30.32 30.29 -39.23
N ALA V 699 30.73 31.38 -39.88
CA ALA V 699 30.77 32.69 -39.24
C ALA V 699 30.11 33.77 -40.11
N PRO V 700 28.78 33.73 -40.24
CA PRO V 700 28.14 34.74 -41.11
C PRO V 700 28.14 36.14 -40.54
N ILE V 701 27.95 36.30 -39.23
CA ILE V 701 27.91 37.64 -38.68
C ILE V 701 29.32 38.22 -38.61
N LEU V 702 30.31 37.37 -38.39
CA LEU V 702 31.71 37.78 -38.55
C LEU V 702 32.00 38.22 -39.97
N ARG V 703 31.44 37.51 -40.95
CA ARG V 703 31.66 37.89 -42.34
C ARG V 703 30.98 39.22 -42.67
N GLN V 704 29.83 39.48 -42.07
CA GLN V 704 29.14 40.74 -42.28
C GLN V 704 29.91 41.90 -41.67
N TRP V 705 30.43 41.73 -40.45
CA TRP V 705 31.20 42.80 -39.82
C TRP V 705 32.51 43.04 -40.56
N ALA V 706 33.09 41.96 -41.10
CA ALA V 706 34.28 42.08 -41.92
C ALA V 706 34.00 42.87 -43.19
N GLU V 707 33.02 42.44 -43.98
CA GLU V 707 32.74 43.10 -45.25
C GLU V 707 32.23 44.51 -45.05
N ILE V 708 31.62 44.79 -43.89
CA ILE V 708 31.17 46.15 -43.65
C ILE V 708 32.34 47.05 -43.31
N ILE V 709 33.38 46.53 -42.64
CA ILE V 709 34.59 47.32 -42.43
C ILE V 709 35.33 47.51 -43.75
N HIS V 710 35.35 46.49 -44.59
CA HIS V 710 36.13 46.57 -45.81
C HIS V 710 35.49 47.51 -46.83
N ARG V 711 34.18 47.45 -47.00
CA ARG V 711 33.60 48.35 -47.97
C ARG V 711 33.37 49.74 -47.38
N TYR V 712 33.03 49.84 -46.11
CA TYR V 712 32.66 51.12 -45.52
C TYR V 712 33.65 51.47 -44.44
N TRP V 713 34.28 52.62 -44.58
CA TRP V 713 35.27 53.21 -43.69
C TRP V 713 35.54 54.59 -44.24
N PRO V 714 35.78 55.59 -43.39
CA PRO V 714 36.09 56.93 -43.90
C PRO V 714 37.45 56.96 -44.59
N ASN V 715 37.45 57.43 -45.82
CA ASN V 715 38.65 57.51 -46.63
C ASN V 715 39.50 58.72 -46.23
N PRO V 716 40.81 58.61 -46.35
CA PRO V 716 41.66 59.78 -46.12
C PRO V 716 41.55 60.76 -47.28
N SER V 717 41.87 62.02 -46.99
CA SER V 717 41.80 63.05 -48.01
C SER V 717 42.75 64.18 -47.65
N GLN V 718 42.66 65.29 -48.39
CA GLN V 718 43.60 66.38 -48.26
C GLN V 718 42.91 67.69 -48.64
N ILE V 719 43.28 68.77 -47.95
CA ILE V 719 42.78 70.11 -48.22
C ILE V 719 43.95 71.08 -48.19
N ARG V 720 43.72 72.25 -48.76
CA ARG V 720 44.78 73.25 -48.85
C ARG V 720 44.70 74.25 -47.71
N TYR V 721 45.78 75.03 -47.57
CA TYR V 721 46.03 75.91 -46.44
C TYR V 721 47.31 76.69 -46.71
N GLY V 722 47.43 77.89 -46.14
CA GLY V 722 48.69 78.62 -46.14
C GLY V 722 49.21 79.11 -47.47
N THR V 723 50.19 80.00 -47.44
CA THR V 723 50.80 80.44 -48.69
C THR V 723 52.21 79.92 -48.77
N PRO V 724 52.49 78.97 -49.66
CA PRO V 724 53.87 78.55 -49.86
C PRO V 724 54.76 79.64 -50.40
N ASN V 725 54.21 80.55 -51.22
CA ASN V 725 55.05 81.50 -51.95
C ASN V 725 55.70 82.54 -51.04
N VAL V 726 55.04 82.97 -49.97
CA VAL V 726 55.60 84.00 -49.11
C VAL V 726 55.66 83.51 -47.67
N PHE V 727 55.12 82.34 -47.39
CA PHE V 727 55.27 81.73 -46.08
C PHE V 727 56.20 80.54 -46.06
N GLY V 728 56.30 79.80 -47.15
CA GLY V 728 56.89 78.50 -47.07
C GLY V 728 55.93 77.53 -46.39
N SER V 729 56.46 76.36 -46.06
CA SER V 729 55.73 75.40 -45.27
C SER V 729 56.73 74.48 -44.59
N ALA V 730 56.37 74.03 -43.40
CA ALA V 730 57.17 73.09 -42.63
C ALA V 730 56.77 71.65 -42.90
N ASN V 731 56.16 71.37 -44.05
CA ASN V 731 55.84 70.00 -44.38
C ASN V 731 57.09 69.24 -44.75
N LEU V 732 57.24 68.04 -44.20
CA LEU V 732 58.40 67.20 -44.46
C LEU V 732 58.07 66.00 -45.31
N PHE V 733 56.97 65.32 -45.03
CA PHE V 733 56.67 64.05 -45.68
C PHE V 733 55.52 64.17 -46.66
N THR V 734 54.94 65.35 -46.80
CA THR V 734 53.83 65.62 -47.69
C THR V 734 54.28 66.67 -48.69
N PRO V 735 53.58 66.89 -49.79
CA PRO V 735 53.78 68.12 -50.54
C PRO V 735 53.35 69.31 -49.71
N PRO V 736 53.97 70.47 -49.91
CA PRO V 736 53.87 71.54 -48.91
C PRO V 736 52.54 72.30 -48.88
N GLU V 737 51.47 71.78 -49.47
CA GLU V 737 50.24 72.54 -49.53
C GLU V 737 49.00 71.75 -49.12
N VAL V 738 49.14 70.52 -48.65
CA VAL V 738 47.97 69.71 -48.33
C VAL V 738 47.99 69.29 -46.87
N LEU V 739 46.81 69.34 -46.23
CA LEU V 739 46.64 68.64 -44.97
C LEU V 739 46.49 67.15 -45.22
N LEU V 740 46.42 66.39 -44.13
CA LEU V 740 45.98 65.01 -44.21
C LEU V 740 45.05 64.75 -43.05
N LEU V 741 43.86 64.22 -43.35
CA LEU V 741 42.94 63.84 -42.32
C LEU V 741 42.07 62.72 -42.85
N PRO V 742 41.74 61.73 -42.04
CA PRO V 742 41.08 60.53 -42.58
C PRO V 742 39.58 60.64 -42.69
N ILE V 743 39.08 61.78 -43.18
CA ILE V 743 37.65 62.01 -43.35
C ILE V 743 37.46 62.65 -44.71
N ASP V 744 36.45 62.20 -45.45
CA ASP V 744 36.05 62.87 -46.68
C ASP V 744 35.45 64.21 -46.32
N HIS V 745 36.16 65.29 -46.61
CA HIS V 745 35.62 66.63 -46.47
C HIS V 745 34.74 66.95 -47.67
N GLN V 746 33.84 67.91 -47.48
CA GLN V 746 32.90 68.33 -48.51
C GLN V 746 32.84 69.84 -48.52
N PRO V 747 32.32 70.44 -49.59
CA PRO V 747 31.96 71.87 -49.52
C PRO V 747 30.87 72.10 -48.49
N ALA V 748 31.14 73.03 -47.58
CA ALA V 748 30.28 73.22 -46.43
C ALA V 748 28.99 73.94 -46.81
N ASN V 749 27.87 73.43 -46.34
CA ASN V 749 26.56 74.00 -46.64
C ASN V 749 25.64 73.70 -45.47
N VAL V 750 25.16 74.77 -44.83
CA VAL V 750 24.42 74.62 -43.58
C VAL V 750 23.05 73.99 -43.79
N THR V 751 22.49 74.03 -45.00
CA THR V 751 21.27 73.32 -45.29
C THR V 751 21.61 72.08 -46.08
N THR V 752 21.23 70.93 -45.53
CA THR V 752 21.52 69.58 -45.96
C THR V 752 20.70 68.68 -45.06
N PRO V 753 20.27 67.50 -45.50
CA PRO V 753 19.48 66.64 -44.62
C PRO V 753 20.30 66.08 -43.48
N THR V 754 19.62 65.86 -42.37
CA THR V 754 20.27 65.35 -41.16
C THR V 754 20.74 63.92 -41.37
N LEU V 755 19.95 63.13 -42.09
CA LEU V 755 20.20 61.69 -42.20
C LEU V 755 20.81 61.33 -43.55
N ASP V 756 21.75 62.14 -44.02
CA ASP V 756 22.49 61.82 -45.23
C ASP V 756 23.34 60.58 -45.02
N PHE V 757 23.52 59.82 -46.10
CA PHE V 757 24.40 58.66 -46.09
C PHE V 757 25.66 58.91 -46.89
N THR V 758 25.79 60.07 -47.50
CA THR V 758 27.03 60.50 -48.14
C THR V 758 28.03 60.98 -47.11
N ASN V 759 27.57 61.23 -45.89
CA ASN V 759 28.39 61.71 -44.78
C ASN V 759 29.51 60.74 -44.43
N GLU V 760 29.22 59.45 -44.57
CA GLU V 760 29.99 58.24 -44.22
C GLU V 760 30.02 58.00 -42.71
N LEU V 761 29.69 59.01 -41.91
CA LEU V 761 29.73 58.83 -40.47
C LEU V 761 28.36 58.49 -39.93
N THR V 762 27.34 59.22 -40.34
CA THR V 762 25.96 58.79 -40.12
C THR V 762 25.72 57.45 -40.81
N ASN V 763 26.32 57.26 -41.97
CA ASN V 763 26.35 55.96 -42.62
C ASN V 763 26.95 54.89 -41.71
N TRP V 764 28.13 55.17 -41.14
CA TRP V 764 28.82 54.20 -40.29
C TRP V 764 28.02 53.87 -39.03
N ARG V 765 27.38 54.89 -38.45
CA ARG V 765 26.55 54.67 -37.27
C ARG V 765 25.35 53.81 -37.60
N ALA V 766 24.67 54.13 -38.71
CA ALA V 766 23.52 53.36 -39.14
C ALA V 766 23.89 51.92 -39.49
N ARG V 767 25.08 51.70 -40.04
CA ARG V 767 25.44 50.35 -40.43
C ARG V 767 25.85 49.50 -39.24
N VAL V 768 26.57 50.08 -38.28
CA VAL V 768 26.91 49.31 -37.08
C VAL V 768 25.66 49.01 -36.27
N CYS V 769 24.72 49.96 -36.24
CA CYS V 769 23.41 49.72 -35.65
C CYS V 769 22.65 48.63 -36.39
N GLU V 770 22.78 48.59 -37.72
CA GLU V 770 22.14 47.55 -38.51
C GLU V 770 22.70 46.18 -38.17
N LEU V 771 24.01 46.11 -37.95
CA LEU V 771 24.60 44.81 -37.63
C LEU V 771 24.23 44.36 -36.24
N MET V 772 24.14 45.28 -35.28
CA MET V 772 23.70 44.85 -33.95
C MET V 772 22.22 44.47 -33.94
N LYS V 773 21.42 45.12 -34.78
CA LYS V 773 20.05 44.65 -34.98
C LYS V 773 20.02 43.24 -35.54
N ASN V 774 20.90 42.96 -36.52
CA ASN V 774 20.93 41.62 -37.10
C ASN V 774 21.47 40.60 -36.12
N LEU V 775 22.26 41.05 -35.15
CA LEU V 775 22.66 40.18 -34.06
C LEU V 775 21.47 39.84 -33.18
N VAL V 776 20.66 40.84 -32.84
CA VAL V 776 19.64 40.62 -31.81
C VAL V 776 18.37 39.95 -32.39
N ASP V 777 18.07 40.18 -33.68
CA ASP V 777 16.85 39.67 -34.34
C ASP V 777 16.64 38.17 -34.15
N ASN V 778 17.73 37.45 -34.10
CA ASN V 778 17.74 36.04 -33.79
C ASN V 778 18.29 35.88 -32.38
N GLN V 779 17.76 34.91 -31.66
CA GLN V 779 18.34 34.53 -30.39
C GLN V 779 19.22 33.28 -30.54
N ARG V 780 19.86 33.13 -31.70
CA ARG V 780 20.65 31.93 -31.96
C ARG V 780 21.90 31.87 -31.10
N TYR V 781 22.37 32.99 -30.53
CA TYR V 781 23.65 33.05 -29.83
C TYR V 781 23.52 33.55 -28.39
N GLN V 782 22.31 33.81 -27.90
CA GLN V 782 22.09 34.45 -26.61
C GLN V 782 21.08 33.66 -25.79
N PRO V 783 21.50 32.55 -25.17
CA PRO V 783 20.58 31.85 -24.29
C PRO V 783 20.68 32.44 -22.89
N GLY V 784 19.88 31.91 -21.98
CA GLY V 784 19.81 32.48 -20.66
C GLY V 784 19.09 33.80 -20.57
N TRP V 785 18.58 34.37 -21.68
CA TRP V 785 17.94 35.69 -21.61
C TRP V 785 16.53 35.62 -21.08
N THR V 786 15.80 34.53 -21.33
CA THR V 786 14.53 34.18 -20.70
C THR V 786 13.38 35.16 -20.92
N GLN V 787 13.59 36.24 -21.68
CA GLN V 787 12.55 37.15 -22.10
C GLN V 787 12.88 37.60 -23.51
N SER V 788 11.85 37.92 -24.29
CA SER V 788 12.05 38.45 -25.64
C SER V 788 12.46 39.90 -25.51
N LEU V 789 13.76 40.14 -25.33
CA LEU V 789 14.29 41.50 -25.30
C LEU V 789 14.45 42.09 -26.68
N VAL V 790 14.09 41.37 -27.75
CA VAL V 790 14.42 41.80 -29.10
C VAL V 790 13.58 43.00 -29.52
N SER V 791 12.34 43.09 -29.04
CA SER V 791 11.51 44.24 -29.39
C SER V 791 12.02 45.50 -28.71
N SER V 792 12.37 45.38 -27.43
CA SER V 792 12.97 46.48 -26.69
C SER V 792 14.28 46.91 -27.32
N MET V 793 15.08 45.95 -27.77
CA MET V 793 16.39 46.24 -28.33
C MET V 793 16.27 46.92 -29.68
N ARG V 794 15.35 46.47 -30.53
CA ARG V 794 15.21 47.12 -31.82
C ARG V 794 14.61 48.50 -31.69
N GLY V 795 13.74 48.70 -30.69
CA GLY V 795 13.26 50.04 -30.41
C GLY V 795 14.37 50.99 -29.99
N THR V 796 15.18 50.57 -29.00
CA THR V 796 16.25 51.44 -28.54
C THR V 796 17.34 51.61 -29.60
N LEU V 797 17.56 50.61 -30.44
CA LEU V 797 18.57 50.76 -31.48
C LEU V 797 18.08 51.62 -32.63
N GLY V 798 16.78 51.59 -32.95
CA GLY V 798 16.28 52.51 -33.97
C GLY V 798 16.28 53.95 -33.49
N LYS V 799 15.89 54.17 -32.23
CA LYS V 799 15.98 55.50 -31.64
C LYS V 799 17.42 55.96 -31.55
N LEU V 800 18.34 55.04 -31.36
CA LEU V 800 19.76 55.36 -31.30
C LEU V 800 20.34 55.60 -32.69
N LYS V 801 19.76 54.99 -33.72
CA LYS V 801 20.25 55.19 -35.08
C LYS V 801 19.82 56.53 -35.62
N LEU V 802 18.52 56.74 -35.77
CA LEU V 802 18.07 58.00 -36.33
C LEU V 802 17.80 59.00 -35.22
N ILE V 803 18.40 60.18 -35.34
CA ILE V 803 18.51 61.12 -34.23
C ILE V 803 18.90 62.47 -34.82
N LYS V 804 18.73 63.54 -34.05
CA LYS V 804 19.05 64.90 -34.46
C LYS V 804 20.56 65.22 -34.26
N SER V 805 21.43 64.21 -34.27
CA SER V 805 22.86 64.45 -34.13
C SER V 805 23.40 65.17 -35.35
N MET V 806 24.16 66.22 -35.10
CA MET V 806 24.73 67.02 -36.18
C MET V 806 26.24 67.06 -36.12
N THR V 807 26.83 66.46 -35.09
CA THR V 807 28.29 66.29 -35.04
C THR V 807 28.90 65.64 -36.28
N PRO V 808 28.35 64.57 -36.88
CA PRO V 808 28.98 64.05 -38.11
C PRO V 808 28.83 65.00 -39.28
N MET V 809 27.72 65.72 -39.36
CA MET V 809 27.55 66.75 -40.37
C MET V 809 28.60 67.85 -40.23
N TYR V 810 28.83 68.28 -39.00
CA TYR V 810 29.80 69.34 -38.72
C TYR V 810 31.20 68.86 -39.06
N LEU V 811 31.52 67.64 -38.64
CA LEU V 811 32.85 67.10 -38.84
C LEU V 811 33.12 66.85 -40.31
N GLN V 812 32.09 66.52 -41.08
CA GLN V 812 32.23 66.40 -42.52
C GLN V 812 32.49 67.75 -43.15
N GLN V 813 31.55 68.68 -42.98
CA GLN V 813 31.57 69.89 -43.78
C GLN V 813 32.47 70.99 -43.20
N LEU V 814 32.25 71.35 -41.95
CA LEU V 814 32.82 72.60 -41.45
C LEU V 814 34.21 72.43 -40.84
N ALA V 815 34.41 71.39 -40.03
CA ALA V 815 35.61 71.25 -39.22
C ALA V 815 36.97 71.33 -39.94
N PRO V 816 37.17 70.76 -41.15
CA PRO V 816 38.46 70.98 -41.81
C PRO V 816 38.71 72.42 -42.22
N VAL V 817 37.67 73.24 -42.37
CA VAL V 817 37.88 74.63 -42.74
C VAL V 817 38.61 75.38 -41.63
N GLU V 818 38.12 75.26 -40.39
CA GLU V 818 38.82 75.97 -39.34
C GLU V 818 40.10 75.27 -38.91
N LEU V 819 40.23 73.96 -39.19
CA LEU V 819 41.55 73.35 -39.04
C LEU V 819 42.56 73.98 -40.00
N ALA V 820 42.15 74.18 -41.25
CA ALA V 820 43.00 74.86 -42.23
C ALA V 820 43.22 76.31 -41.88
N VAL V 821 42.27 76.93 -41.16
CA VAL V 821 42.47 78.30 -40.69
C VAL V 821 43.58 78.34 -39.65
N ILE V 822 43.41 77.59 -38.56
CA ILE V 822 44.35 77.72 -37.44
C ILE V 822 45.65 76.98 -37.64
N ALA V 823 45.82 76.26 -38.75
CA ALA V 823 47.07 75.51 -38.96
C ALA V 823 48.34 76.36 -39.04
N PRO V 824 48.42 77.48 -39.79
CA PRO V 824 49.71 78.18 -39.83
C PRO V 824 50.02 79.04 -38.62
N MET V 825 49.05 79.48 -37.84
CA MET V 825 49.35 80.26 -36.63
C MET V 825 49.62 79.35 -35.44
N LEU V 826 50.66 78.54 -35.58
CA LEU V 826 51.02 77.64 -34.50
C LEU V 826 52.49 77.79 -34.17
N PRO V 827 52.84 77.71 -32.88
CA PRO V 827 54.26 77.63 -32.52
C PRO V 827 54.90 76.35 -33.00
N PHE V 828 54.11 75.29 -33.17
CA PHE V 828 54.59 74.04 -33.72
C PHE V 828 53.74 73.72 -34.94
N PRO V 829 54.29 73.81 -36.15
CA PRO V 829 53.52 73.58 -37.37
C PRO V 829 53.05 72.14 -37.47
N PRO V 830 52.01 71.86 -38.27
CA PRO V 830 51.46 70.52 -38.32
C PRO V 830 52.42 69.53 -38.95
N PHE V 831 52.48 68.34 -38.36
CA PHE V 831 53.44 67.34 -38.79
C PHE V 831 52.74 65.98 -38.70
N GLN V 832 52.35 65.46 -39.86
CA GLN V 832 51.66 64.19 -39.91
C GLN V 832 52.34 63.27 -40.90
N VAL V 833 51.86 62.03 -40.93
CA VAL V 833 52.44 60.93 -41.67
C VAL V 833 51.28 60.42 -42.52
N PRO V 834 51.50 59.85 -43.72
CA PRO V 834 50.38 59.55 -44.61
C PRO V 834 49.43 58.50 -44.08
N TYR V 835 48.15 58.84 -44.05
CA TYR V 835 47.12 57.92 -43.61
C TYR V 835 46.90 56.82 -44.63
N VAL V 836 46.61 55.63 -44.13
CA VAL V 836 46.22 54.51 -44.97
C VAL V 836 44.86 54.03 -44.50
N ARG V 837 44.07 53.51 -45.42
CA ARG V 837 42.79 52.91 -45.04
C ARG V 837 42.99 51.47 -44.58
N LEU V 838 43.42 50.60 -45.49
CA LEU V 838 43.55 49.19 -45.16
C LEU V 838 44.78 48.49 -45.71
N ASP V 839 45.65 49.17 -46.44
CA ASP V 839 46.80 48.46 -47.00
C ASP V 839 47.81 48.18 -45.89
N ARG V 840 48.41 47.00 -45.95
CA ARG V 840 49.25 46.54 -44.86
C ARG V 840 50.70 46.93 -45.04
N ASP V 841 51.23 46.90 -46.25
CA ASP V 841 52.62 47.27 -46.39
C ASP V 841 52.85 48.78 -46.43
N ARG V 842 51.80 49.61 -46.45
CA ARG V 842 51.93 51.05 -46.59
C ARG V 842 51.87 51.81 -45.26
N VAL V 843 51.42 51.17 -44.19
CA VAL V 843 51.24 51.88 -42.90
C VAL V 843 52.61 52.17 -42.28
N PRO V 844 52.88 53.42 -41.89
CA PRO V 844 54.15 53.72 -41.23
C PRO V 844 54.17 53.14 -39.82
N THR V 845 55.38 52.77 -39.38
CA THR V 845 55.59 52.23 -38.05
C THR V 845 56.65 52.96 -37.24
N MET V 846 57.65 53.55 -37.89
CA MET V 846 58.76 54.18 -37.20
C MET V 846 59.19 55.42 -37.95
N VAL V 847 59.58 56.44 -37.21
CA VAL V 847 60.15 57.65 -37.80
C VAL V 847 61.45 57.94 -37.05
N GLY V 848 62.48 58.36 -37.79
CA GLY V 848 63.78 58.54 -37.21
C GLY V 848 64.50 59.73 -37.81
N VAL V 849 65.49 60.21 -37.06
CA VAL V 849 66.27 61.38 -37.43
C VAL V 849 67.73 60.96 -37.53
N THR V 850 68.34 61.23 -38.67
CA THR V 850 69.71 60.82 -38.94
C THR V 850 70.58 62.05 -39.08
N ARG V 851 71.71 62.06 -38.39
CA ARG V 851 72.59 63.22 -38.35
C ARG V 851 73.84 63.08 -39.20
N GLN V 852 74.11 61.91 -39.76
CA GLN V 852 75.32 61.72 -40.53
C GLN V 852 75.10 62.13 -41.97
N SER V 853 76.10 61.92 -42.82
CA SER V 853 75.98 62.19 -44.24
C SER V 853 75.69 60.90 -44.99
N ARG V 854 75.52 61.03 -46.31
CA ARG V 854 75.21 59.86 -47.13
C ARG V 854 76.43 58.99 -47.36
N ASP V 855 77.58 59.59 -47.62
CA ASP V 855 78.79 58.80 -47.86
C ASP V 855 79.58 58.54 -46.59
N THR V 856 78.88 58.12 -45.55
CA THR V 856 79.48 57.88 -44.24
C THR V 856 78.96 56.55 -43.71
N ILE V 857 79.84 55.80 -43.07
CA ILE V 857 79.47 54.56 -42.40
C ILE V 857 79.95 54.72 -40.96
N THR V 858 79.03 55.06 -40.07
CA THR V 858 79.35 55.38 -38.69
C THR V 858 78.66 54.40 -37.76
N GLN V 859 78.76 54.69 -36.47
CA GLN V 859 78.04 53.91 -35.48
C GLN V 859 76.54 54.16 -35.66
N PRO V 860 75.72 53.12 -35.56
CA PRO V 860 74.27 53.32 -35.55
C PRO V 860 73.85 53.98 -34.25
N ALA V 861 73.20 55.12 -34.37
CA ALA V 861 72.67 55.84 -33.22
C ALA V 861 71.29 56.35 -33.61
N LEU V 862 70.27 55.53 -33.37
CA LEU V 862 68.93 55.88 -33.77
C LEU V 862 68.35 56.93 -32.84
N SER V 863 67.57 57.84 -33.40
CA SER V 863 66.95 58.91 -32.64
C SER V 863 65.91 58.35 -31.67
N LEU V 864 65.57 59.17 -30.68
CA LEU V 864 64.80 58.68 -29.54
C LEU V 864 63.34 58.40 -29.88
N SER V 865 62.83 58.99 -30.96
CA SER V 865 61.46 58.72 -31.35
C SER V 865 61.29 57.31 -31.91
N THR V 866 62.36 56.66 -32.31
CA THR V 866 62.28 55.28 -32.81
C THR V 866 61.98 54.28 -31.72
N THR V 867 62.13 54.66 -30.46
CA THR V 867 62.14 53.68 -29.37
C THR V 867 60.75 53.20 -28.98
N ASN V 868 59.69 53.91 -29.33
CA ASN V 868 58.38 53.46 -28.92
C ASN V 868 57.84 52.40 -29.89
N THR V 869 56.67 51.86 -29.57
CA THR V 869 56.10 50.79 -30.38
C THR V 869 55.39 51.34 -31.61
N THR V 870 54.31 52.07 -31.38
CA THR V 870 53.63 52.74 -32.46
C THR V 870 54.45 53.96 -32.87
N VAL V 871 54.27 54.41 -34.12
CA VAL V 871 55.00 55.55 -34.68
C VAL V 871 54.78 56.82 -33.88
N GLY V 872 53.65 56.95 -33.20
CA GLY V 872 53.43 58.03 -32.29
C GLY V 872 53.64 57.60 -30.85
N VAL V 873 53.81 58.60 -29.99
CA VAL V 873 53.76 58.37 -28.55
C VAL V 873 52.35 57.91 -28.17
N PRO V 874 52.20 56.91 -27.31
CA PRO V 874 50.86 56.46 -26.92
C PRO V 874 50.09 57.54 -26.18
N LEU V 875 48.77 57.53 -26.37
CA LEU V 875 47.91 58.59 -25.90
C LEU V 875 46.49 58.05 -25.81
N ALA V 876 46.02 57.85 -24.59
CA ALA V 876 44.73 57.23 -24.37
C ALA V 876 43.60 58.22 -24.62
N LEU V 877 42.46 57.69 -25.02
CA LEU V 877 41.25 58.48 -25.20
C LEU V 877 40.10 57.72 -24.58
N ASP V 878 38.98 58.42 -24.38
CA ASP V 878 37.83 57.88 -23.68
C ASP V 878 36.67 57.72 -24.66
N ALA V 879 36.37 56.46 -24.98
CA ALA V 879 35.35 56.13 -25.97
C ALA V 879 33.96 56.57 -25.52
N ARG V 880 33.73 56.65 -24.21
CA ARG V 880 32.49 57.18 -23.68
C ARG V 880 32.26 58.62 -24.14
N ALA V 881 33.22 59.50 -23.84
CA ALA V 881 33.07 60.90 -24.18
C ALA V 881 33.08 61.11 -25.68
N ILE V 882 33.86 60.30 -26.42
CA ILE V 882 33.85 60.38 -27.88
C ILE V 882 32.49 60.03 -28.44
N THR V 883 31.89 58.94 -27.94
CA THR V 883 30.66 58.47 -28.53
C THR V 883 29.50 59.39 -28.18
N VAL V 884 29.49 59.92 -26.95
CA VAL V 884 28.42 60.87 -26.64
C VAL V 884 28.64 62.18 -27.40
N ALA V 885 29.88 62.52 -27.72
CA ALA V 885 30.11 63.73 -28.51
C ALA V 885 29.69 63.52 -29.96
N LEU V 886 29.82 62.30 -30.47
CA LEU V 886 29.29 62.00 -31.80
C LEU V 886 27.77 61.99 -31.79
N LEU V 887 27.19 61.42 -30.75
CA LEU V 887 25.75 61.25 -30.70
C LEU V 887 25.02 62.56 -30.41
N SER V 888 25.69 63.53 -29.80
CA SER V 888 25.10 64.82 -29.50
C SER V 888 25.68 65.88 -30.42
N GLY V 889 24.80 66.63 -31.05
CA GLY V 889 25.27 67.74 -31.86
C GLY V 889 24.16 68.61 -32.36
N LYS V 890 24.30 69.92 -32.17
CA LYS V 890 23.35 70.85 -32.74
C LYS V 890 24.05 72.18 -32.95
N TYR V 891 23.64 72.86 -34.01
CA TYR V 891 24.11 74.21 -34.29
C TYR V 891 23.37 75.17 -33.38
N PRO V 892 23.80 76.42 -33.27
CA PRO V 892 22.95 77.43 -32.66
C PRO V 892 21.70 77.65 -33.48
N PRO V 893 20.60 78.05 -32.83
CA PRO V 893 19.31 78.15 -33.55
C PRO V 893 19.28 79.23 -34.61
N ASP V 894 20.22 80.16 -34.61
CA ASP V 894 20.53 80.92 -35.81
C ASP V 894 22.02 80.83 -36.05
N LEU V 895 22.41 80.92 -37.32
CA LEU V 895 23.81 80.83 -37.67
C LEU V 895 24.02 81.46 -39.03
N VAL V 896 24.95 82.39 -39.10
CA VAL V 896 25.51 82.84 -40.36
C VAL V 896 27.01 82.56 -40.29
N THR V 897 27.49 81.76 -41.23
CA THR V 897 28.89 81.34 -41.19
C THR V 897 29.83 82.51 -41.43
N ASN V 898 29.41 83.45 -42.27
CA ASN V 898 30.23 84.63 -42.54
C ASN V 898 30.40 85.48 -41.29
N VAL V 899 29.29 85.76 -40.60
CA VAL V 899 29.34 86.57 -39.39
C VAL V 899 30.13 85.87 -38.29
N TRP V 900 29.80 84.59 -38.05
CA TRP V 900 30.44 83.85 -36.97
C TRP V 900 31.92 83.65 -37.23
N TYR V 901 32.30 83.42 -38.48
CA TYR V 901 33.71 83.17 -38.73
C TYR V 901 34.51 84.45 -38.79
N ALA V 902 33.93 85.56 -39.28
CA ALA V 902 34.61 86.84 -39.19
C ALA V 902 34.87 87.20 -37.74
N ASP V 903 33.88 86.97 -36.89
CA ASP V 903 34.02 87.36 -35.50
C ASP V 903 34.93 86.39 -34.74
N ALA V 904 34.94 85.11 -35.11
CA ALA V 904 35.76 84.16 -34.40
C ALA V 904 37.19 84.09 -34.91
N ILE V 905 37.46 84.61 -36.10
CA ILE V 905 38.80 84.59 -36.65
C ILE V 905 39.47 85.96 -36.58
N TYR V 906 38.72 87.02 -36.27
CA TYR V 906 39.34 88.33 -36.16
C TYR V 906 40.32 88.48 -34.99
N PRO V 907 39.97 88.17 -33.73
CA PRO V 907 41.01 88.27 -32.69
C PRO V 907 42.04 87.17 -32.79
N MET V 908 41.69 86.06 -33.45
CA MET V 908 42.65 85.03 -33.80
C MET V 908 43.82 85.59 -34.58
N TYR V 909 43.51 86.34 -35.64
CA TYR V 909 44.58 86.95 -36.41
C TYR V 909 45.19 88.12 -35.66
N ALA V 910 44.42 88.78 -34.80
CA ALA V 910 44.97 89.88 -34.01
C ALA V 910 46.03 89.39 -33.05
N ASP V 911 45.94 88.15 -32.61
CA ASP V 911 46.98 87.54 -31.78
C ASP V 911 47.71 86.50 -32.63
N THR V 912 48.72 86.93 -33.38
CA THR V 912 49.47 86.03 -34.23
C THR V 912 50.97 86.17 -34.00
N GLU V 913 51.70 85.08 -34.29
CA GLU V 913 53.13 85.00 -34.01
C GLU V 913 53.90 84.37 -35.17
N VAL V 914 53.27 84.30 -36.35
CA VAL V 914 53.87 83.68 -37.51
C VAL V 914 55.13 84.42 -37.93
N PHE V 915 55.09 85.75 -37.85
CA PHE V 915 56.22 86.56 -38.26
C PHE V 915 57.39 86.38 -37.31
N SER V 916 57.11 86.26 -36.02
CA SER V 916 58.17 86.03 -35.04
C SER V 916 58.77 84.64 -35.21
N ASN V 917 57.96 83.65 -35.57
CA ASN V 917 58.52 82.33 -35.82
C ASN V 917 59.36 82.33 -37.10
N LEU V 918 58.95 83.12 -38.09
CA LEU V 918 59.78 83.30 -39.27
C LEU V 918 61.09 84.00 -38.94
N GLN V 919 61.08 84.91 -37.96
CA GLN V 919 62.32 85.47 -37.47
C GLN V 919 63.20 84.40 -36.84
N ARG V 920 62.57 83.52 -36.06
CA ARG V 920 63.32 82.56 -35.25
C ARG V 920 63.99 81.49 -36.12
N ASP V 921 63.32 81.10 -37.21
CA ASP V 921 63.84 79.99 -38.01
C ASP V 921 65.09 80.37 -38.78
N VAL V 922 65.25 81.67 -39.10
CA VAL V 922 66.50 82.19 -39.64
C VAL V 922 67.66 81.84 -38.73
N ILE V 923 67.51 82.21 -37.45
CA ILE V 923 68.57 82.04 -36.47
C ILE V 923 68.82 80.56 -36.22
N THR V 924 67.76 79.74 -36.27
CA THR V 924 67.93 78.30 -36.08
C THR V 924 68.76 77.68 -37.20
N CYS V 925 68.41 77.99 -38.45
CA CYS V 925 69.12 77.41 -39.59
C CYS V 925 70.56 77.90 -39.66
N GLU V 926 70.77 79.20 -39.42
CA GLU V 926 72.11 79.74 -39.46
C GLU V 926 72.97 79.17 -38.33
N ALA V 927 72.36 78.93 -37.17
CA ALA V 927 73.10 78.36 -36.05
C ALA V 927 73.51 76.93 -36.32
N VAL V 928 72.63 76.15 -36.95
CA VAL V 928 72.95 74.76 -37.26
C VAL V 928 74.07 74.67 -38.27
N GLN V 929 73.98 75.47 -39.35
CA GLN V 929 75.03 75.39 -40.36
C GLN V 929 76.35 75.97 -39.84
N THR V 930 76.27 76.96 -38.96
CA THR V 930 77.48 77.49 -38.33
C THR V 930 78.13 76.46 -37.43
N LEU V 931 77.31 75.67 -36.72
CA LEU V 931 77.88 74.64 -35.86
C LEU V 931 78.54 73.55 -36.68
N VAL V 932 77.94 73.15 -37.80
CA VAL V 932 78.55 72.03 -38.53
C VAL V 932 79.84 72.50 -39.21
N THR V 933 79.85 73.75 -39.71
CA THR V 933 81.06 74.32 -40.28
C THR V 933 82.15 74.48 -39.22
N LEU V 934 81.75 74.73 -37.99
CA LEU V 934 82.75 74.97 -36.95
C LEU V 934 83.29 73.67 -36.38
N VAL V 935 82.43 72.70 -36.10
CA VAL V 935 82.86 71.45 -35.48
C VAL V 935 83.64 70.59 -36.46
N ALA V 936 83.37 70.74 -37.77
CA ALA V 936 84.19 70.06 -38.77
C ALA V 936 85.64 70.51 -38.76
N GLN V 937 85.93 71.69 -38.22
CA GLN V 937 87.30 72.15 -38.13
C GLN V 937 88.09 71.47 -37.03
N ILE V 938 87.45 70.89 -36.01
CA ILE V 938 88.17 70.26 -34.92
C ILE V 938 87.83 68.79 -34.76
N SER V 939 87.01 68.24 -35.66
CA SER V 939 86.77 66.81 -35.62
C SER V 939 86.89 66.23 -37.02
N GLU V 940 87.03 64.91 -37.09
CA GLU V 940 87.06 64.23 -38.38
C GLU V 940 85.61 64.03 -38.83
N THR V 941 85.25 64.68 -39.93
CA THR V 941 83.94 64.54 -40.54
C THR V 941 84.15 64.44 -42.05
N GLN V 942 83.06 64.17 -42.76
CA GLN V 942 83.11 64.15 -44.21
C GLN V 942 82.44 65.37 -44.82
N TYR V 943 82.49 66.49 -44.11
CA TYR V 943 82.02 67.78 -44.63
C TYR V 943 83.16 68.77 -44.45
N PRO V 944 84.10 68.83 -45.40
CA PRO V 944 85.25 69.72 -45.22
C PRO V 944 85.02 71.06 -45.89
N VAL V 945 85.46 72.12 -45.23
CA VAL V 945 85.49 73.40 -45.90
C VAL V 945 86.87 74.01 -45.75
N ASP V 946 87.81 73.49 -46.54
CA ASP V 946 89.13 74.01 -46.85
C ASP V 946 90.08 74.11 -45.64
N ARG V 947 89.55 74.05 -44.42
CA ARG V 947 90.30 73.99 -43.16
C ARG V 947 91.41 75.05 -43.09
N TYR V 948 90.96 76.32 -42.99
CA TYR V 948 91.84 77.47 -43.17
C TYR V 948 92.97 77.51 -42.16
N LEU V 949 92.76 76.96 -40.98
CA LEU V 949 93.72 77.05 -39.89
C LEU V 949 93.86 75.66 -39.28
N ASP V 950 94.97 75.00 -39.62
CA ASP V 950 95.29 73.69 -39.09
C ASP V 950 96.64 73.67 -38.38
N TRP V 951 97.47 74.67 -38.63
CA TRP V 951 98.78 74.76 -38.01
C TRP V 951 98.71 74.97 -36.52
N ILE V 952 97.61 75.49 -36.01
CA ILE V 952 97.41 75.56 -34.55
C ILE V 952 97.23 74.14 -34.02
N PRO V 953 98.03 73.71 -33.05
CA PRO V 953 97.95 72.32 -32.59
C PRO V 953 96.71 72.07 -31.76
N SER V 954 96.01 70.99 -32.11
CA SER V 954 94.85 70.52 -31.37
C SER V 954 94.69 69.03 -31.61
N LEU V 955 94.15 68.35 -30.61
CA LEU V 955 93.92 66.92 -30.75
C LEU V 955 92.60 66.67 -31.47
N ARG V 956 92.48 65.46 -32.03
CA ARG V 956 91.22 65.02 -32.63
C ARG V 956 90.20 64.84 -31.52
N ALA V 957 89.21 65.72 -31.49
CA ALA V 957 88.25 65.73 -30.40
C ALA V 957 87.32 64.54 -30.49
N SER V 958 86.89 64.08 -29.33
CA SER V 958 85.89 63.03 -29.26
C SER V 958 84.52 63.66 -29.04
N ALA V 959 83.51 62.82 -28.78
CA ALA V 959 82.15 63.28 -28.64
C ALA V 959 81.97 64.15 -27.41
N ALA V 960 82.70 63.86 -26.34
CA ALA V 960 82.55 64.64 -25.11
C ALA V 960 83.08 66.06 -25.28
N THR V 961 84.30 66.18 -25.81
CA THR V 961 84.90 67.48 -26.04
C THR V 961 84.11 68.26 -27.08
N ALA V 962 83.63 67.58 -28.11
CA ALA V 962 82.82 68.22 -29.13
C ALA V 962 81.48 68.68 -28.56
N ALA V 963 80.91 67.93 -27.62
CA ALA V 963 79.63 68.32 -27.04
C ALA V 963 79.78 69.53 -26.13
N THR V 964 80.89 69.59 -25.38
CA THR V 964 81.20 70.79 -24.61
C THR V 964 81.34 71.99 -25.53
N PHE V 965 82.11 71.84 -26.59
CA PHE V 965 82.39 72.95 -27.52
C PHE V 965 81.11 73.42 -28.20
N ALA V 966 80.25 72.47 -28.58
CA ALA V 966 78.96 72.82 -29.15
C ALA V 966 78.07 73.52 -28.13
N GLU V 967 78.19 73.18 -26.86
CA GLU V 967 77.43 73.90 -25.84
C GLU V 967 77.90 75.33 -25.71
N TRP V 968 79.21 75.56 -25.80
CA TRP V 968 79.72 76.93 -25.71
C TRP V 968 79.25 77.75 -26.89
N VAL V 969 79.30 77.16 -28.09
CA VAL V 969 78.77 77.82 -29.29
C VAL V 969 77.28 78.09 -29.13
N ASN V 970 76.57 77.15 -28.51
CA ASN V 970 75.12 77.29 -28.35
C ASN V 970 74.77 78.41 -27.37
N THR V 971 75.45 78.46 -26.22
CA THR V 971 75.11 79.49 -25.26
C THR V 971 75.59 80.87 -25.70
N SER V 972 76.67 80.93 -26.49
CA SER V 972 77.03 82.21 -27.08
C SER V 972 76.03 82.63 -28.13
N MET V 973 75.47 81.68 -28.87
CA MET V 973 74.44 82.03 -29.84
C MET V 973 73.14 82.40 -29.15
N LYS V 974 72.91 81.87 -27.94
CA LYS V 974 71.77 82.30 -27.14
C LYS V 974 71.93 83.75 -26.72
N THR V 975 73.05 84.08 -26.08
CA THR V 975 73.28 85.45 -25.64
C THR V 975 73.64 86.39 -26.78
N ALA V 976 73.77 85.89 -28.01
CA ALA V 976 73.94 86.74 -29.16
C ALA V 976 72.73 87.64 -29.37
N PHE V 977 71.60 87.04 -29.70
CA PHE V 977 70.36 87.78 -29.91
C PHE V 977 69.48 87.77 -28.69
N ASP V 978 70.01 87.27 -27.56
CA ASP V 978 69.34 87.24 -26.26
C ASP V 978 68.04 86.45 -26.31
N LEU V 979 68.19 85.16 -26.61
CA LEU V 979 67.09 84.21 -26.57
C LEU V 979 67.08 83.53 -25.22
N SER V 980 66.01 83.72 -24.45
CA SER V 980 65.90 83.00 -23.19
C SER V 980 65.54 81.55 -23.39
N ASP V 981 64.94 81.20 -24.52
CA ASP V 981 64.44 79.87 -24.74
C ASP V 981 65.45 79.02 -25.50
N MET V 982 64.98 77.89 -26.01
CA MET V 982 65.83 76.92 -26.66
C MET V 982 66.12 77.32 -28.10
N LEU V 983 67.38 77.20 -28.49
CA LEU V 983 67.71 76.94 -29.88
C LEU V 983 68.85 75.94 -29.88
N LEU V 984 68.75 74.94 -30.76
CA LEU V 984 69.79 73.99 -31.11
C LEU V 984 70.15 73.01 -29.98
N GLU V 985 69.59 73.18 -28.79
CA GLU V 985 69.94 72.41 -27.60
C GLU V 985 69.73 70.89 -27.64
N PRO V 986 68.65 70.32 -28.22
CA PRO V 986 68.54 68.85 -28.21
C PRO V 986 69.47 68.16 -29.18
N LEU V 987 70.14 68.90 -30.05
CA LEU V 987 71.22 68.32 -30.84
C LEU V 987 72.42 67.96 -29.99
N LEU V 988 72.52 68.55 -28.80
CA LEU V 988 73.64 68.33 -27.88
C LEU V 988 73.45 67.05 -27.07
N SER V 989 73.39 65.92 -27.78
CA SER V 989 73.27 64.63 -27.14
C SER V 989 73.74 63.56 -28.10
N GLY V 990 74.60 62.66 -27.63
CA GLY V 990 74.97 61.49 -28.41
C GLY V 990 75.78 61.78 -29.65
N ASP V 991 77.03 62.18 -29.47
CA ASP V 991 77.98 62.54 -30.51
C ASP V 991 77.45 63.63 -31.45
N PRO V 992 77.47 64.88 -31.05
CA PRO V 992 77.07 65.96 -31.97
C PRO V 992 78.07 66.24 -33.08
N ARG V 993 79.15 65.45 -33.18
CA ARG V 993 79.96 65.45 -34.39
C ARG V 993 79.10 64.95 -35.53
N MET V 994 78.66 65.84 -36.41
CA MET V 994 77.76 65.44 -37.47
C MET V 994 77.93 66.39 -38.64
N THR V 995 77.26 66.04 -39.74
CA THR V 995 77.44 66.72 -41.01
C THR V 995 76.18 67.45 -41.45
N GLN V 996 75.07 66.72 -41.62
CA GLN V 996 73.81 67.30 -42.02
C GLN V 996 72.71 66.38 -41.51
N LEU V 997 71.54 66.95 -41.30
CA LEU V 997 70.48 66.25 -40.60
C LEU V 997 69.27 66.06 -41.51
N ALA V 998 68.56 64.96 -41.29
CA ALA V 998 67.41 64.59 -42.10
C ALA V 998 66.54 63.63 -41.33
N ILE V 999 65.28 63.55 -41.74
CA ILE V 999 64.27 62.74 -41.09
C ILE V 999 63.71 61.76 -42.11
N GLN V 1000 63.37 60.55 -41.65
CA GLN V 1000 62.94 59.50 -42.56
C GLN V 1000 62.03 58.53 -41.84
N TYR V 1001 61.44 57.62 -42.61
CA TYR V 1001 60.47 56.67 -42.10
C TYR V 1001 60.33 55.54 -43.11
N GLN V 1002 60.17 54.32 -42.62
CA GLN V 1002 59.85 53.16 -43.44
C GLN V 1002 58.39 52.80 -43.24
N GLN V 1003 57.77 52.23 -44.26
CA GLN V 1003 56.38 51.86 -44.06
C GLN V 1003 56.26 50.52 -43.36
N TYR V 1004 56.39 49.45 -44.12
CA TYR V 1004 56.38 48.12 -43.52
C TYR V 1004 57.34 47.14 -44.16
N ASN V 1005 57.65 47.28 -45.44
CA ASN V 1005 58.54 46.34 -46.11
C ASN V 1005 59.90 46.96 -46.38
N GLY V 1006 60.23 48.03 -45.66
CA GLY V 1006 61.53 48.62 -45.77
C GLY V 1006 61.64 49.74 -46.76
N ARG V 1007 60.52 50.25 -47.26
CA ARG V 1007 60.58 51.39 -48.15
C ARG V 1007 60.83 52.65 -47.33
N THR V 1008 62.09 52.89 -47.00
CA THR V 1008 62.49 54.03 -46.17
C THR V 1008 62.37 55.29 -47.04
N PHE V 1009 61.32 56.05 -46.83
CA PHE V 1009 61.21 57.34 -47.49
C PHE V 1009 62.10 58.33 -46.78
N ASN V 1010 63.20 58.71 -47.41
CA ASN V 1010 64.12 59.68 -46.85
C ASN V 1010 63.81 61.06 -47.41
N VAL V 1011 63.78 62.06 -46.53
CA VAL V 1011 63.63 63.45 -46.92
C VAL V 1011 64.82 64.21 -46.38
N ILE V 1012 65.64 64.75 -47.27
CA ILE V 1012 66.82 65.51 -46.89
C ILE V 1012 66.59 66.96 -47.31
N PRO V 1013 66.62 67.92 -46.38
CA PRO V 1013 66.46 69.32 -46.76
C PRO V 1013 67.69 69.81 -47.52
N GLU V 1014 67.45 70.46 -48.65
CA GLU V 1014 68.54 71.04 -49.42
C GLU V 1014 69.11 72.22 -48.67
N MET V 1015 70.36 72.09 -48.23
CA MET V 1015 70.93 73.03 -47.29
C MET V 1015 71.23 74.37 -47.95
N PRO V 1016 70.68 75.47 -47.46
CA PRO V 1016 71.07 76.79 -47.98
C PRO V 1016 72.41 77.22 -47.42
N GLY V 1017 73.00 78.21 -48.07
CA GLY V 1017 74.28 78.72 -47.63
C GLY V 1017 74.15 79.58 -46.39
N SER V 1018 75.12 79.49 -45.51
CA SER V 1018 75.09 80.28 -44.28
C SER V 1018 75.72 81.64 -44.48
N VAL V 1019 75.45 82.52 -43.52
CA VAL V 1019 75.85 83.92 -43.59
C VAL V 1019 76.74 84.21 -42.38
N ILE V 1020 76.53 83.46 -41.30
CA ILE V 1020 77.47 83.53 -40.20
C ILE V 1020 78.72 82.75 -40.53
N ALA V 1021 78.55 81.55 -41.12
CA ALA V 1021 79.67 80.62 -41.25
C ALA V 1021 80.67 81.10 -42.30
N ASP V 1022 80.19 81.67 -43.41
CA ASP V 1022 81.15 82.15 -44.41
C ASP V 1022 81.86 83.41 -43.93
N CYS V 1023 81.25 84.18 -43.03
CA CYS V 1023 81.97 85.29 -42.44
C CYS V 1023 83.01 84.81 -41.43
N VAL V 1024 82.71 83.71 -40.73
CA VAL V 1024 83.73 83.04 -39.92
C VAL V 1024 84.89 82.58 -40.79
N GLN V 1025 84.58 82.05 -41.98
CA GLN V 1025 85.62 81.68 -42.93
C GLN V 1025 86.39 82.90 -43.40
N LEU V 1026 85.71 84.01 -43.61
CA LEU V 1026 86.36 85.23 -44.07
C LEU V 1026 87.34 85.75 -43.03
N THR V 1027 86.91 85.82 -41.77
CA THR V 1027 87.80 86.31 -40.75
C THR V 1027 88.89 85.30 -40.40
N ALA V 1028 88.67 84.00 -40.65
CA ALA V 1028 89.76 83.04 -40.49
C ALA V 1028 90.80 83.21 -41.59
N GLU V 1029 90.35 83.50 -42.80
CA GLU V 1029 91.27 83.76 -43.90
C GLU V 1029 92.07 85.03 -43.65
N VAL V 1030 91.45 86.02 -43.04
CA VAL V 1030 92.20 87.21 -42.61
C VAL V 1030 93.15 86.85 -41.48
N PHE V 1031 92.71 85.94 -40.59
CA PHE V 1031 93.50 85.54 -39.44
C PHE V 1031 94.77 84.81 -39.83
N ASN V 1032 94.72 84.11 -40.97
CA ASN V 1032 95.87 83.40 -41.51
C ASN V 1032 97.07 84.33 -41.72
N HIS V 1033 96.82 85.55 -42.15
CA HIS V 1033 97.89 86.50 -42.38
C HIS V 1033 97.99 87.57 -41.30
N GLU V 1034 96.99 87.71 -40.45
CA GLU V 1034 97.03 88.71 -39.39
C GLU V 1034 96.80 88.07 -38.04
N TYR V 1035 97.47 86.93 -37.80
CA TYR V 1035 97.50 86.31 -36.49
C TYR V 1035 98.12 87.22 -35.43
N ASN V 1036 99.07 88.09 -35.82
CA ASN V 1036 99.80 88.93 -34.88
C ASN V 1036 98.89 89.92 -34.16
N LEU V 1037 97.79 90.32 -34.80
CA LEU V 1037 96.92 91.31 -34.18
C LEU V 1037 96.14 90.73 -33.02
N PHE V 1038 95.88 89.43 -33.03
CA PHE V 1038 95.08 88.81 -31.99
C PHE V 1038 95.95 88.24 -30.87
N GLY V 1039 97.20 88.68 -30.76
CA GLY V 1039 98.04 88.25 -29.66
C GLY V 1039 98.56 86.84 -29.75
N ILE V 1040 98.30 86.12 -30.83
CA ILE V 1040 98.82 84.79 -31.01
C ILE V 1040 100.04 84.90 -31.91
N ALA V 1041 100.93 83.92 -31.83
CA ALA V 1041 102.20 83.95 -32.52
C ALA V 1041 102.40 82.67 -33.30
N ARG V 1042 102.82 82.80 -34.56
CA ARG V 1042 103.14 81.66 -35.40
C ARG V 1042 104.62 81.31 -35.25
N GLY V 1043 104.93 80.02 -35.36
CA GLY V 1043 106.31 79.59 -35.41
C GLY V 1043 106.73 78.87 -34.15
N ASP V 1044 107.96 79.10 -33.71
CA ASP V 1044 108.43 78.45 -32.49
C ASP V 1044 109.56 79.26 -31.87
N ILE V 1045 110.13 78.69 -30.80
CA ILE V 1045 111.03 79.39 -29.89
C ILE V 1045 112.30 78.58 -29.79
N ILE V 1046 113.44 79.25 -29.91
CA ILE V 1046 114.72 78.65 -29.55
C ILE V 1046 115.20 79.25 -28.25
N ILE V 1047 115.90 78.43 -27.46
CA ILE V 1047 116.32 78.78 -26.11
C ILE V 1047 117.83 78.76 -26.07
N GLY V 1048 118.44 79.89 -25.73
CA GLY V 1048 119.88 79.92 -25.69
C GLY V 1048 120.49 81.19 -25.16
N ARG V 1049 121.59 81.05 -24.42
CA ARG V 1049 122.32 82.19 -23.87
C ARG V 1049 122.99 82.92 -25.01
N VAL V 1050 122.41 84.05 -25.42
CA VAL V 1050 122.97 84.91 -26.44
C VAL V 1050 123.04 86.31 -25.86
N GLN V 1051 124.26 86.80 -25.61
CA GLN V 1051 124.45 88.17 -25.16
C GLN V 1051 125.22 88.93 -26.22
N SER V 1052 124.81 90.18 -26.44
CA SER V 1052 125.40 91.04 -27.46
C SER V 1052 124.96 92.46 -27.20
N THR V 1053 125.75 93.41 -27.71
CA THR V 1053 125.33 94.80 -27.74
C THR V 1053 124.39 95.10 -28.88
N HIS V 1054 124.24 94.18 -29.83
CA HIS V 1054 123.37 94.42 -30.97
C HIS V 1054 121.91 94.32 -30.58
N LEU V 1055 121.12 95.28 -31.04
CA LEU V 1055 119.68 95.20 -30.98
C LEU V 1055 119.16 94.78 -32.34
N TRP V 1056 118.16 93.89 -32.35
CA TRP V 1056 117.48 93.61 -33.60
C TRP V 1056 116.00 93.36 -33.42
N SER V 1057 115.43 93.68 -32.25
CA SER V 1057 114.05 93.39 -31.88
C SER V 1057 113.72 91.91 -32.02
N PRO V 1058 114.06 91.09 -31.01
CA PRO V 1058 114.03 89.62 -31.13
C PRO V 1058 112.74 88.95 -31.58
N LEU V 1059 111.66 89.70 -31.75
CA LEU V 1059 110.54 89.23 -32.56
C LEU V 1059 110.98 88.96 -33.98
N ALA V 1060 111.94 89.73 -34.51
CA ALA V 1060 112.43 89.58 -35.87
C ALA V 1060 113.93 89.31 -35.82
N PRO V 1061 114.34 88.05 -35.65
CA PRO V 1061 115.76 87.74 -35.54
C PRO V 1061 116.40 87.64 -36.90
N PRO V 1062 117.71 87.82 -37.00
CA PRO V 1062 118.38 87.74 -38.30
C PRO V 1062 118.69 86.30 -38.66
N PRO V 1063 118.89 86.01 -39.95
CA PRO V 1063 119.23 84.64 -40.36
C PRO V 1063 120.64 84.20 -40.02
N ASP V 1064 121.46 85.04 -39.37
CA ASP V 1064 122.69 84.55 -38.76
C ASP V 1064 122.38 83.60 -37.61
N LEU V 1065 121.19 83.74 -37.02
CA LEU V 1065 120.58 82.85 -36.05
C LEU V 1065 119.89 81.70 -36.79
N VAL V 1066 118.75 81.27 -36.27
CA VAL V 1066 118.20 79.93 -36.12
C VAL V 1066 118.49 78.91 -37.22
N PHE V 1067 118.82 77.70 -36.76
CA PHE V 1067 118.96 76.49 -37.55
C PHE V 1067 117.59 75.96 -37.96
N ASP V 1068 117.59 74.77 -38.55
CA ASP V 1068 116.36 74.11 -38.93
C ASP V 1068 116.60 72.60 -38.86
N ARG V 1069 115.74 71.85 -39.52
CA ARG V 1069 115.97 70.42 -39.64
C ARG V 1069 117.11 70.12 -40.60
N ASP V 1070 117.33 71.02 -41.57
CA ASP V 1070 118.38 70.86 -42.58
C ASP V 1070 119.78 71.00 -41.99
N THR V 1071 119.93 71.85 -40.98
CA THR V 1071 121.26 72.25 -40.50
C THR V 1071 122.05 71.07 -39.95
N PRO V 1072 123.32 70.92 -40.32
CA PRO V 1072 124.09 69.77 -39.83
C PRO V 1072 124.41 69.89 -38.35
N GLY V 1073 124.65 68.73 -37.74
CA GLY V 1073 124.92 68.68 -36.31
C GLY V 1073 123.73 69.00 -35.45
N VAL V 1074 122.52 68.74 -35.92
CA VAL V 1074 121.29 69.04 -35.20
C VAL V 1074 120.60 67.72 -34.90
N HIS V 1075 120.21 67.52 -33.65
CA HIS V 1075 119.71 66.23 -33.18
C HIS V 1075 118.21 66.31 -32.97
N ILE V 1076 117.47 65.77 -33.94
CA ILE V 1076 116.03 65.63 -33.82
C ILE V 1076 115.73 64.61 -32.73
N PHE V 1077 114.76 64.91 -31.86
CA PHE V 1077 114.44 64.03 -30.76
C PHE V 1077 113.01 63.49 -30.89
N GLY V 1078 112.86 62.20 -30.66
CA GLY V 1078 111.58 61.54 -30.75
C GLY V 1078 110.78 61.62 -29.46
N ARG V 1079 109.92 60.62 -29.25
CA ARG V 1079 109.08 60.61 -28.05
C ARG V 1079 109.90 60.24 -26.82
N ASP V 1080 110.85 59.33 -26.95
CA ASP V 1080 111.67 58.96 -25.81
C ASP V 1080 112.94 59.80 -25.76
N CYS V 1081 113.35 60.13 -24.56
CA CYS V 1081 114.63 60.79 -24.32
C CYS V 1081 115.10 60.33 -22.95
N ARG V 1082 116.25 59.69 -22.91
CA ARG V 1082 116.69 58.98 -21.72
C ARG V 1082 117.95 59.62 -21.18
N ILE V 1083 117.85 60.25 -20.01
CA ILE V 1083 118.99 60.88 -19.37
C ILE V 1083 119.79 59.82 -18.63
N SER V 1084 121.06 59.69 -18.97
CA SER V 1084 122.00 58.83 -18.29
C SER V 1084 123.14 59.68 -17.75
N PHE V 1085 123.40 59.57 -16.46
CA PHE V 1085 124.45 60.36 -15.85
C PHE V 1085 125.83 59.80 -16.18
N GLY V 1086 126.78 60.69 -16.44
CA GLY V 1086 128.14 60.28 -16.66
C GLY V 1086 128.82 59.84 -15.38
N MET V 1087 129.09 58.54 -15.27
CA MET V 1087 129.65 57.99 -14.04
C MET V 1087 131.12 58.35 -13.92
N ASN V 1088 131.49 58.85 -12.74
CA ASN V 1088 132.87 59.13 -12.34
C ASN V 1088 133.54 60.14 -13.28
N GLY V 1089 132.93 61.32 -13.35
CA GLY V 1089 133.48 62.40 -14.14
C GLY V 1089 133.15 62.36 -15.61
N ALA V 1090 132.42 61.34 -16.07
CA ALA V 1090 132.06 61.29 -17.47
C ALA V 1090 130.94 62.28 -17.77
N ALA V 1091 130.71 62.51 -19.04
CA ALA V 1091 129.70 63.48 -19.43
C ALA V 1091 128.30 62.87 -19.31
N PRO V 1092 127.33 63.63 -18.82
CA PRO V 1092 125.95 63.13 -18.80
C PRO V 1092 125.40 63.00 -20.21
N MET V 1093 124.31 62.26 -20.33
CA MET V 1093 123.99 61.66 -21.62
C MET V 1093 122.50 61.57 -21.87
N ILE V 1094 122.08 62.10 -23.02
CA ILE V 1094 120.72 61.96 -23.56
C ILE V 1094 120.85 61.19 -24.86
N ARG V 1095 119.76 60.59 -25.31
CA ARG V 1095 119.78 59.72 -26.48
C ARG V 1095 118.96 60.33 -27.60
N ASP V 1096 119.61 60.56 -28.74
CA ASP V 1096 118.97 60.82 -30.03
C ASP V 1096 117.95 59.74 -30.36
N GLU V 1097 116.97 60.11 -31.18
CA GLU V 1097 115.98 59.14 -31.65
C GLU V 1097 116.59 58.12 -32.60
N THR V 1098 117.70 58.45 -33.25
CA THR V 1098 118.34 57.53 -34.18
C THR V 1098 118.90 56.29 -33.49
N GLY V 1099 119.35 56.45 -32.24
CA GLY V 1099 119.93 55.36 -31.48
C GLY V 1099 121.20 55.75 -30.74
N MET V 1100 122.00 56.63 -31.34
CA MET V 1100 123.26 57.00 -30.73
C MET V 1100 123.02 57.97 -29.56
N MET V 1101 123.69 57.71 -28.46
CA MET V 1101 123.62 58.59 -27.30
C MET V 1101 124.38 59.88 -27.58
N VAL V 1102 123.84 61.01 -27.10
CA VAL V 1102 124.45 62.30 -27.42
C VAL V 1102 124.64 63.17 -26.18
N PRO V 1103 125.75 63.88 -26.07
CA PRO V 1103 126.02 64.70 -24.88
C PRO V 1103 125.28 66.03 -24.96
N PHE V 1104 125.36 66.78 -23.85
CA PHE V 1104 124.52 67.97 -23.66
C PHE V 1104 125.16 69.18 -24.33
N GLU V 1105 124.92 69.33 -25.63
CA GLU V 1105 125.43 70.46 -26.39
C GLU V 1105 124.64 70.59 -27.68
N GLY V 1106 125.05 71.54 -28.51
CA GLY V 1106 124.57 71.63 -29.88
C GLY V 1106 123.22 72.25 -30.06
N ASN V 1107 122.50 71.82 -31.10
CA ASN V 1107 121.20 72.36 -31.47
C ASN V 1107 120.19 71.22 -31.43
N TRP V 1108 119.20 71.32 -30.55
CA TRP V 1108 118.25 70.25 -30.34
C TRP V 1108 116.84 70.69 -30.72
N ILE V 1109 115.99 69.70 -30.94
CA ILE V 1109 114.62 69.93 -31.40
C ILE V 1109 113.70 69.13 -30.49
N PHE V 1110 113.10 69.81 -29.50
CA PHE V 1110 112.06 69.20 -28.67
C PHE V 1110 110.69 69.44 -29.29
N PRO V 1111 109.72 68.61 -29.00
CA PRO V 1111 108.33 69.10 -28.96
C PRO V 1111 107.93 69.47 -27.54
N LEU V 1112 106.96 70.39 -27.47
CA LEU V 1112 106.49 70.86 -26.16
C LEU V 1112 105.75 69.77 -25.41
N ALA V 1113 105.20 68.79 -26.13
CA ALA V 1113 104.67 67.62 -25.47
C ALA V 1113 105.78 66.83 -24.78
N LEU V 1114 106.95 66.75 -25.42
CA LEU V 1114 108.09 66.08 -24.79
C LEU V 1114 108.58 66.86 -23.58
N TRP V 1115 108.50 68.19 -23.62
CA TRP V 1115 108.83 68.95 -22.43
C TRP V 1115 107.81 68.74 -21.33
N GLN V 1116 106.53 68.65 -21.69
CA GLN V 1116 105.49 68.43 -20.70
C GLN V 1116 105.45 67.02 -20.18
N MET V 1117 106.16 66.09 -20.83
CA MET V 1117 106.35 64.76 -20.24
C MET V 1117 106.96 64.86 -18.86
N ASN V 1118 108.15 65.44 -18.77
CA ASN V 1118 108.94 65.39 -17.56
C ASN V 1118 109.61 66.73 -17.28
N THR V 1119 108.85 67.84 -17.37
CA THR V 1119 109.41 69.16 -17.10
C THR V 1119 109.97 69.31 -15.69
N ARG V 1120 109.40 68.61 -14.70
CA ARG V 1120 109.87 68.69 -13.33
C ARG V 1120 111.20 68.01 -13.14
N TYR V 1121 111.54 67.08 -14.02
CA TYR V 1121 112.84 66.45 -14.07
C TYR V 1121 113.80 67.24 -14.95
N PHE V 1122 113.27 67.76 -16.06
CA PHE V 1122 114.09 68.37 -17.10
C PHE V 1122 114.63 69.71 -16.67
N ASN V 1123 113.93 70.42 -15.78
CA ASN V 1123 114.46 71.70 -15.32
C ASN V 1123 115.76 71.51 -14.55
N GLN V 1124 115.77 70.54 -13.62
CA GLN V 1124 116.98 70.23 -12.89
C GLN V 1124 118.03 69.62 -13.80
N GLN V 1125 117.63 68.88 -14.83
CA GLN V 1125 118.66 68.26 -15.65
C GLN V 1125 119.27 69.23 -16.68
N PHE V 1126 118.53 70.24 -17.13
CA PHE V 1126 119.00 71.03 -18.25
C PHE V 1126 119.34 72.47 -17.92
N ASP V 1127 118.82 73.04 -16.83
CA ASP V 1127 118.84 74.50 -16.71
C ASP V 1127 120.23 75.06 -16.45
N ALA V 1128 121.11 74.31 -15.81
CA ALA V 1128 122.46 74.81 -15.61
C ALA V 1128 123.23 74.89 -16.93
N TRP V 1129 123.04 73.88 -17.78
CA TRP V 1129 123.68 73.88 -19.09
C TRP V 1129 123.10 74.96 -19.99
N ILE V 1130 121.80 75.25 -19.83
CA ILE V 1130 121.22 76.37 -20.57
C ILE V 1130 121.77 77.68 -20.04
N LYS V 1131 121.97 77.77 -18.72
CA LYS V 1131 122.38 79.00 -18.07
C LYS V 1131 123.80 79.39 -18.44
N THR V 1132 124.71 78.43 -18.44
CA THR V 1132 126.12 78.74 -18.65
C THR V 1132 126.67 78.16 -19.95
N GLY V 1133 126.56 76.85 -20.13
CA GLY V 1133 127.19 76.18 -21.25
C GLY V 1133 126.43 76.38 -22.54
N GLU V 1134 126.96 75.75 -23.59
CA GLU V 1134 126.32 75.77 -24.89
C GLU V 1134 125.20 74.73 -24.89
N LEU V 1135 123.96 75.20 -24.93
CA LEU V 1135 122.82 74.31 -25.12
C LEU V 1135 121.72 75.13 -25.78
N ARG V 1136 121.27 74.67 -26.94
CA ARG V 1136 120.35 75.43 -27.77
C ARG V 1136 119.16 74.53 -28.08
N ILE V 1137 117.96 74.99 -27.74
CA ILE V 1137 116.77 74.14 -27.71
C ILE V 1137 115.68 74.80 -28.53
N ARG V 1138 115.35 74.21 -29.68
CA ARG V 1138 114.18 74.62 -30.44
C ARG V 1138 113.00 73.74 -30.03
N ILE V 1139 111.85 74.36 -29.81
CA ILE V 1139 110.65 73.66 -29.36
C ILE V 1139 109.50 74.08 -30.26
N GLU V 1140 109.06 73.19 -31.15
CA GLU V 1140 108.06 73.57 -32.14
C GLU V 1140 106.65 73.36 -31.62
N MET V 1141 105.79 74.35 -31.85
CA MET V 1141 104.38 74.26 -31.54
C MET V 1141 103.51 74.68 -32.69
N GLY V 1142 103.98 75.65 -33.47
CA GLY V 1142 103.12 76.34 -34.39
C GLY V 1142 102.50 77.55 -33.73
N ALA V 1143 101.63 77.34 -32.76
CA ALA V 1143 100.90 78.42 -32.11
C ALA V 1143 101.30 78.54 -30.66
N TYR V 1144 101.44 79.78 -30.18
CA TYR V 1144 101.74 80.05 -28.79
C TYR V 1144 101.40 81.49 -28.48
N PRO V 1145 100.85 81.78 -27.31
CA PRO V 1145 100.65 83.16 -26.91
C PRO V 1145 101.91 83.75 -26.34
N TYR V 1146 102.06 85.07 -26.52
CA TYR V 1146 103.31 85.71 -26.19
C TYR V 1146 103.09 86.90 -25.28
N MET V 1147 104.00 87.05 -24.32
CA MET V 1147 104.19 88.25 -23.52
C MET V 1147 105.45 88.95 -23.99
N LEU V 1148 105.46 90.27 -23.92
CA LEU V 1148 106.68 90.99 -24.25
C LEU V 1148 106.93 92.07 -23.22
N HIS V 1149 108.15 92.11 -22.73
CA HIS V 1149 108.59 93.06 -21.72
C HIS V 1149 109.63 93.96 -22.33
N TYR V 1150 109.52 95.26 -22.07
CA TYR V 1150 110.40 96.25 -22.66
C TYR V 1150 111.46 96.69 -21.66
N TYR V 1151 112.62 97.05 -22.19
CA TYR V 1151 113.73 97.48 -21.36
C TYR V 1151 114.47 98.61 -22.06
N ASP V 1152 114.92 99.56 -21.27
CA ASP V 1152 115.83 100.58 -21.77
C ASP V 1152 117.17 99.90 -22.06
N PRO V 1153 117.67 99.92 -23.29
CA PRO V 1153 118.97 99.31 -23.58
C PRO V 1153 120.17 100.16 -23.22
N ARG V 1154 119.99 101.22 -22.44
CA ARG V 1154 121.11 102.00 -21.93
C ARG V 1154 121.74 101.36 -20.70
N GLN V 1155 121.15 100.30 -20.19
CA GLN V 1155 121.58 99.65 -18.96
C GLN V 1155 121.80 98.16 -19.21
N TYR V 1156 121.96 97.41 -18.15
CA TYR V 1156 122.19 95.98 -18.21
C TYR V 1156 120.95 95.22 -17.77
N ALA V 1157 120.68 94.10 -18.42
CA ALA V 1157 119.56 93.25 -18.09
C ALA V 1157 119.79 91.87 -18.68
N ASN V 1158 119.36 90.85 -17.96
CA ASN V 1158 119.32 89.49 -18.48
C ASN V 1158 117.88 89.02 -18.54
N ALA V 1159 117.66 87.90 -19.21
CA ALA V 1159 116.31 87.35 -19.36
C ALA V 1159 116.08 86.12 -18.51
N TRP V 1160 117.02 85.78 -17.63
CA TRP V 1160 117.01 84.45 -17.02
C TRP V 1160 115.88 84.29 -16.01
N ASN V 1161 115.49 85.37 -15.34
CA ASN V 1161 114.44 85.25 -14.32
C ASN V 1161 113.10 84.92 -14.96
N LEU V 1162 112.74 85.65 -16.01
CA LEU V 1162 111.51 85.33 -16.73
C LEU V 1162 111.63 84.02 -17.50
N THR V 1163 112.84 83.69 -17.94
CA THR V 1163 113.11 82.42 -18.61
C THR V 1163 112.76 81.25 -17.69
N SER V 1164 113.38 81.22 -16.50
CA SER V 1164 113.14 80.17 -15.54
C SER V 1164 111.72 80.22 -15.00
N ALA V 1165 111.09 81.40 -14.98
CA ALA V 1165 109.71 81.50 -14.55
C ALA V 1165 108.78 80.76 -15.51
N TRP V 1166 108.94 81.03 -16.81
CA TRP V 1166 108.09 80.36 -17.80
C TRP V 1166 108.40 78.88 -17.85
N LEU V 1167 109.68 78.52 -17.86
CA LEU V 1167 110.13 77.14 -17.89
C LEU V 1167 109.75 76.37 -16.63
N GLU V 1168 109.47 77.07 -15.53
CA GLU V 1168 109.05 76.38 -14.34
C GLU V 1168 107.54 76.25 -14.28
N GLU V 1169 106.81 77.28 -14.68
CA GLU V 1169 105.37 77.23 -14.59
C GLU V 1169 104.74 76.40 -15.71
N ILE V 1170 105.49 76.06 -16.75
CA ILE V 1170 104.95 75.15 -17.75
C ILE V 1170 104.80 73.74 -17.16
N THR V 1171 103.69 73.11 -17.47
CA THR V 1171 103.19 71.94 -16.77
C THR V 1171 102.47 71.09 -17.81
N PRO V 1172 102.28 69.78 -17.55
CA PRO V 1172 101.58 68.94 -18.55
C PRO V 1172 100.15 69.32 -18.82
N THR V 1173 99.50 70.05 -17.92
CA THR V 1173 98.15 70.51 -18.23
C THR V 1173 98.17 71.72 -19.15
N SER V 1174 99.04 72.69 -18.88
CA SER V 1174 98.87 74.02 -19.46
C SER V 1174 100.22 74.67 -19.66
N ILE V 1175 100.24 75.74 -20.46
CA ILE V 1175 101.44 76.56 -20.56
C ILE V 1175 101.09 77.99 -20.18
N PRO V 1176 102.02 78.74 -19.62
CA PRO V 1176 101.83 80.18 -19.45
C PRO V 1176 102.42 80.93 -20.64
N SER V 1177 102.19 82.24 -20.65
CA SER V 1177 102.58 83.08 -21.77
C SER V 1177 104.10 83.18 -21.87
N VAL V 1178 104.59 83.27 -23.10
CA VAL V 1178 106.02 83.24 -23.38
C VAL V 1178 106.54 84.66 -23.30
N PRO V 1179 107.46 84.97 -22.38
CA PRO V 1179 107.93 86.36 -22.24
C PRO V 1179 109.00 86.68 -23.27
N PHE V 1180 108.87 87.84 -23.90
CA PHE V 1180 109.86 88.33 -24.84
C PHE V 1180 110.53 89.58 -24.27
N MET V 1181 111.79 89.77 -24.61
CA MET V 1181 112.58 90.85 -24.04
C MET V 1181 113.11 91.71 -25.20
N VAL V 1182 112.43 92.83 -25.44
CA VAL V 1182 112.64 93.64 -26.63
C VAL V 1182 112.95 95.08 -26.20
N PRO V 1183 113.95 95.73 -26.77
CA PRO V 1183 114.39 97.04 -26.27
C PRO V 1183 113.47 98.17 -26.68
N ILE V 1184 113.88 99.39 -26.31
CA ILE V 1184 113.15 100.61 -26.60
C ILE V 1184 113.77 101.28 -27.80
N SER V 1185 112.95 101.61 -28.79
CA SER V 1185 113.41 102.43 -29.90
C SER V 1185 113.65 103.86 -29.44
N SER V 1186 114.71 104.48 -29.96
CA SER V 1186 115.08 105.83 -29.54
C SER V 1186 115.32 106.72 -30.74
N ASP V 1187 114.97 108.00 -30.60
CA ASP V 1187 115.22 108.95 -31.68
C ASP V 1187 116.69 109.34 -31.75
N HIS V 1188 117.38 109.32 -30.63
CA HIS V 1188 118.77 109.78 -30.53
C HIS V 1188 119.65 108.60 -30.16
N ASP V 1189 120.95 108.79 -30.27
CA ASP V 1189 121.88 107.70 -29.98
C ASP V 1189 121.98 107.44 -28.49
N ILE V 1190 122.32 106.20 -28.15
CA ILE V 1190 122.32 105.74 -26.77
C ILE V 1190 123.69 105.17 -26.45
N SER V 1191 123.82 104.70 -25.21
CA SER V 1191 125.02 104.01 -24.77
C SER V 1191 124.95 102.56 -25.22
N SER V 1192 126.04 102.07 -25.81
CA SER V 1192 126.12 100.69 -26.26
C SER V 1192 126.25 99.76 -25.07
N ALA V 1193 125.11 99.41 -24.44
CA ALA V 1193 125.13 98.64 -23.20
C ALA V 1193 124.77 97.18 -23.46
N PRO V 1194 125.42 96.24 -22.78
CA PRO V 1194 125.15 94.83 -23.04
C PRO V 1194 123.86 94.36 -22.39
N ALA V 1195 123.35 93.24 -22.92
CA ALA V 1195 122.15 92.61 -22.41
C ALA V 1195 122.18 91.14 -22.81
N VAL V 1196 121.42 90.32 -22.09
CA VAL V 1196 121.44 88.88 -22.26
C VAL V 1196 120.04 88.43 -22.66
N GLN V 1197 119.95 87.65 -23.74
CA GLN V 1197 118.70 87.09 -24.20
C GLN V 1197 118.68 85.59 -24.03
N TYR V 1198 117.51 85.04 -23.80
CA TYR V 1198 117.37 83.59 -23.83
C TYR V 1198 116.25 83.10 -24.73
N ILE V 1199 115.12 83.81 -24.77
CA ILE V 1199 113.97 83.40 -25.57
C ILE V 1199 113.94 84.28 -26.80
N ILE V 1200 113.90 83.66 -27.98
CA ILE V 1200 113.85 84.41 -29.23
C ILE V 1200 113.14 83.55 -30.27
N SER V 1201 112.30 84.19 -31.08
CA SER V 1201 111.52 83.48 -32.09
C SER V 1201 112.38 83.19 -33.31
N THR V 1202 111.72 82.77 -34.40
CA THR V 1202 112.42 82.36 -35.61
C THR V 1202 112.14 83.27 -36.80
N GLU V 1203 110.88 83.49 -37.14
CA GLU V 1203 110.55 84.32 -38.28
C GLU V 1203 110.03 85.66 -37.82
N TYR V 1204 109.65 86.48 -38.79
CA TYR V 1204 109.07 87.78 -38.50
C TYR V 1204 107.73 87.62 -37.79
N ASN V 1205 107.60 88.30 -36.67
CA ASN V 1205 106.45 88.10 -35.81
C ASN V 1205 105.95 89.45 -35.32
N ASP V 1206 106.09 90.47 -36.14
CA ASP V 1206 105.91 91.84 -35.70
C ASP V 1206 105.00 92.60 -36.66
N ARG V 1207 103.91 91.96 -37.04
CA ARG V 1207 102.88 92.68 -37.79
C ARG V 1207 102.04 93.54 -36.88
N SER V 1208 102.11 93.33 -35.57
CA SER V 1208 101.30 94.10 -34.64
C SER V 1208 101.79 95.52 -34.47
N LEU V 1209 103.08 95.76 -34.74
CA LEU V 1209 103.69 97.07 -34.55
C LEU V 1209 103.07 98.09 -35.50
N PHE V 1210 103.06 99.34 -35.07
CA PHE V 1210 102.54 100.43 -35.88
C PHE V 1210 103.64 101.37 -36.36
N CYS V 1211 104.38 101.99 -35.44
CA CYS V 1211 105.52 102.82 -35.77
C CYS V 1211 106.36 102.99 -34.51
N THR V 1212 107.62 103.33 -34.71
CA THR V 1212 108.57 103.55 -33.63
C THR V 1212 109.14 104.96 -33.73
N ASN V 1213 109.24 105.62 -32.58
CA ASN V 1213 109.68 107.02 -32.45
C ASN V 1213 108.86 107.93 -33.37
N SER V 1214 107.58 108.00 -33.03
CA SER V 1214 106.56 108.53 -33.95
C SER V 1214 106.79 110.01 -34.26
N SER V 1215 107.14 110.80 -33.27
CA SER V 1215 107.49 112.20 -33.50
C SER V 1215 109.01 112.30 -33.47
N SER V 1216 109.62 112.17 -34.64
CA SER V 1216 111.06 112.28 -34.81
C SER V 1216 111.33 112.56 -36.27
N PRO V 1217 112.51 113.10 -36.59
CA PRO V 1217 112.94 113.07 -38.01
C PRO V 1217 113.06 111.64 -38.51
N GLN V 1218 113.77 110.79 -37.79
CA GLN V 1218 113.85 109.37 -38.08
C GLN V 1218 114.29 108.66 -36.81
N THR V 1219 114.58 107.37 -36.94
CA THR V 1219 114.94 106.53 -35.81
C THR V 1219 116.40 106.13 -35.94
N ILE V 1220 117.25 106.61 -35.03
CA ILE V 1220 118.64 106.20 -35.04
C ILE V 1220 118.78 104.78 -34.52
N ALA V 1221 118.40 104.57 -33.26
CA ALA V 1221 118.58 103.29 -32.61
C ALA V 1221 117.22 102.70 -32.24
N GLY V 1222 117.17 101.38 -32.19
CA GLY V 1222 115.92 100.69 -31.98
C GLY V 1222 115.47 100.06 -33.28
N PRO V 1223 114.43 99.24 -33.23
CA PRO V 1223 113.82 98.76 -34.48
C PRO V 1223 113.07 99.90 -35.16
N ASP V 1224 113.29 100.05 -36.46
CA ASP V 1224 112.68 101.11 -37.23
C ASP V 1224 111.50 100.58 -38.02
N LYS V 1225 110.42 101.35 -38.02
CA LYS V 1225 109.30 101.14 -38.91
C LYS V 1225 108.51 102.44 -38.96
N HIS V 1226 108.19 102.90 -40.16
CA HIS V 1226 107.41 104.12 -40.31
C HIS V 1226 105.93 103.80 -40.17
N ILE V 1227 105.09 104.78 -40.50
CA ILE V 1227 103.64 104.57 -40.54
C ILE V 1227 103.32 103.56 -41.64
N PRO V 1228 102.45 102.57 -41.39
CA PRO V 1228 102.16 101.60 -42.44
C PRO V 1228 101.38 102.20 -43.60
N VAL V 1229 102.08 102.38 -44.71
CA VAL V 1229 101.49 102.96 -45.91
C VAL V 1229 100.55 101.97 -46.60
N GLU V 1230 100.73 100.67 -46.34
CA GLU V 1230 99.93 99.65 -46.99
C GLU V 1230 98.48 99.65 -46.51
N ARG V 1231 98.21 100.15 -45.31
CA ARG V 1231 96.86 100.09 -44.77
C ARG V 1231 96.06 101.33 -45.09
N TYR V 1232 96.46 102.09 -46.09
CA TYR V 1232 95.75 103.28 -46.51
C TYR V 1232 95.71 103.35 -48.03
N ASN V 1233 95.32 102.23 -48.64
CA ASN V 1233 95.51 102.01 -50.06
C ASN V 1233 94.64 102.95 -50.90
N ILE V 1234 93.39 103.17 -50.49
CA ILE V 1234 92.53 104.08 -51.23
C ILE V 1234 92.89 105.53 -51.00
N LEU V 1235 93.82 105.80 -50.09
CA LEU V 1235 94.35 107.13 -49.86
C LEU V 1235 95.69 107.33 -50.57
N THR V 1236 96.66 106.45 -50.32
CA THR V 1236 98.04 106.73 -50.69
C THR V 1236 98.27 106.59 -52.19
N ASN V 1237 97.92 105.45 -52.75
CA ASN V 1237 98.12 105.24 -54.18
C ASN V 1237 97.09 106.05 -54.96
N PRO V 1238 97.52 106.99 -55.81
CA PRO V 1238 96.56 107.82 -56.54
C PRO V 1238 95.80 107.08 -57.62
N ASP V 1239 96.34 105.96 -58.12
CA ASP V 1239 95.60 105.18 -59.11
C ASP V 1239 94.78 104.07 -58.43
N ALA V 1240 94.05 104.44 -57.42
CA ALA V 1240 93.29 103.42 -56.71
C ALA V 1240 91.81 103.62 -56.96
N PRO V 1241 91.06 102.54 -57.09
CA PRO V 1241 89.61 102.64 -57.10
C PRO V 1241 89.11 103.18 -55.77
N PRO V 1242 88.09 104.04 -55.79
CA PRO V 1242 87.69 104.72 -54.56
C PRO V 1242 86.98 103.82 -53.56
N THR V 1243 86.62 102.60 -53.94
CA THR V 1243 85.92 101.70 -53.03
C THR V 1243 86.57 100.32 -52.95
N GLN V 1244 87.77 100.15 -53.51
CA GLN V 1244 88.40 98.84 -53.54
C GLN V 1244 88.84 98.41 -52.16
N ILE V 1245 88.83 97.10 -51.94
CA ILE V 1245 89.38 96.48 -50.75
C ILE V 1245 90.22 95.29 -51.19
N GLN V 1246 91.12 94.87 -50.31
CA GLN V 1246 91.72 93.56 -50.42
C GLN V 1246 91.91 93.04 -49.01
N LEU V 1247 91.48 91.81 -48.77
CA LEU V 1247 91.80 91.17 -47.50
C LEU V 1247 91.95 89.64 -47.50
N PRO V 1248 92.74 89.03 -48.40
CA PRO V 1248 93.21 87.69 -48.05
C PRO V 1248 94.48 87.77 -47.23
N GLU V 1249 95.20 88.89 -47.33
CA GLU V 1249 96.50 88.98 -46.71
C GLU V 1249 96.75 90.22 -45.87
N VAL V 1250 95.99 91.29 -46.02
CA VAL V 1250 96.14 92.45 -45.15
C VAL V 1250 94.78 93.13 -45.06
N VAL V 1251 94.49 93.74 -43.92
CA VAL V 1251 93.33 94.60 -43.80
C VAL V 1251 93.83 96.03 -43.73
N ASP V 1252 93.12 96.94 -44.38
CA ASP V 1252 93.56 98.32 -44.50
C ASP V 1252 92.64 99.22 -43.71
N LEU V 1253 93.23 100.23 -43.06
CA LEU V 1253 92.43 101.21 -42.37
C LEU V 1253 91.85 102.21 -43.37
N TYR V 1254 90.93 103.05 -42.88
CA TYR V 1254 90.37 104.19 -43.61
C TYR V 1254 89.67 103.75 -44.90
N ASN V 1255 88.54 103.08 -44.71
CA ASN V 1255 87.77 102.59 -45.84
C ASN V 1255 86.59 103.50 -46.14
N VAL V 1256 85.74 103.05 -47.06
CA VAL V 1256 84.52 103.75 -47.44
C VAL V 1256 83.35 102.89 -46.99
N VAL V 1257 82.67 103.33 -45.94
CA VAL V 1257 81.57 102.57 -45.38
C VAL V 1257 80.26 103.24 -45.77
N THR V 1258 79.28 102.43 -46.15
CA THR V 1258 77.95 102.92 -46.45
C THR V 1258 77.10 102.88 -45.21
N ARG V 1259 76.26 103.90 -45.04
CA ARG V 1259 75.38 103.98 -43.89
C ARG V 1259 73.95 104.18 -44.35
N TYR V 1260 73.02 103.91 -43.45
CA TYR V 1260 71.62 103.83 -43.81
C TYR V 1260 70.77 104.44 -42.72
N ALA V 1261 69.53 104.77 -43.10
CA ALA V 1261 68.55 105.34 -42.19
C ALA V 1261 67.21 104.66 -42.41
N TYR V 1262 67.22 103.32 -42.43
CA TYR V 1262 65.98 102.57 -42.59
C TYR V 1262 65.08 102.73 -41.38
N GLU V 1263 63.85 102.25 -41.53
CA GLU V 1263 62.89 102.20 -40.44
C GLU V 1263 62.09 100.91 -40.56
N THR V 1264 61.50 100.50 -39.44
CA THR V 1264 60.70 99.28 -39.38
C THR V 1264 59.28 99.67 -38.99
N PRO V 1265 58.40 99.91 -39.96
CA PRO V 1265 57.00 100.10 -39.63
C PRO V 1265 56.40 98.79 -39.13
N SAM W . 17.52 -78.71 -31.53
CA SAM W . 17.13 -78.24 -30.26
C SAM W . 16.55 -76.91 -30.53
O SAM W . 16.69 -75.96 -29.74
OXT SAM W . 15.93 -76.81 -31.60
CB SAM W . 18.30 -78.15 -29.29
CG SAM W . 18.92 -79.51 -29.01
SD SAM W . 19.88 -79.44 -27.66
CE SAM W . 21.47 -79.34 -28.14
C5' SAM W . 19.67 -80.80 -26.75
C4' SAM W . 18.40 -80.72 -25.90
O4' SAM W . 18.08 -82.03 -25.43
C3' SAM W . 18.53 -79.82 -24.69
O3' SAM W . 17.47 -78.85 -24.68
C2' SAM W . 18.38 -80.72 -23.49
O2' SAM W . 17.53 -80.12 -22.54
C1' SAM W . 17.78 -82.01 -24.05
N9 SAM W . 18.30 -83.26 -23.44
C8 SAM W . 19.58 -83.57 -23.15
N7 SAM W . 19.66 -84.81 -22.61
C5 SAM W . 18.42 -85.31 -22.55
C6 SAM W . 17.81 -86.56 -22.08
N6 SAM W . 18.57 -87.55 -21.56
N1 SAM W . 16.47 -86.68 -22.19
C2 SAM W . 15.71 -85.71 -22.71
N3 SAM W . 16.21 -84.54 -23.15
C4 SAM W . 17.53 -84.28 -23.09
HN1 SAM W . 17.61 -78.06 -32.30
HN2 SAM W . 17.70 -79.69 -31.68
HA SAM W . 16.35 -78.89 -29.82
HB1 SAM W . 19.06 -77.48 -29.71
HB2 SAM W . 17.95 -77.71 -28.36
HG1 SAM W . 18.13 -80.25 -28.87
HG2 SAM W . 19.52 -79.82 -29.86
HE1 SAM W . 22.08 -79.15 -27.29
HE2 SAM W . 21.57 -78.56 -28.83
HE3 SAM W . 21.75 -80.26 -28.58
H5'1 SAM W . 20.53 -80.95 -26.09
H5'2 SAM W . 19.61 -81.68 -27.40
H4' SAM W . 17.58 -80.35 -26.52
H3' SAM W . 19.52 -79.33 -24.66
HO3' SAM W . 17.72 -78.12 -24.10
H2' SAM W . 19.38 -80.88 -23.05
HO2' SAM W . 18.03 -79.50 -21.98
H1' SAM W . 16.70 -81.95 -23.90
H8 SAM W . 20.44 -82.92 -23.33
HN61 SAM W . 19.57 -87.43 -21.50
HN62 SAM W . 18.14 -88.41 -21.26
H2 SAM W . 14.64 -85.86 -22.76
N SAM X . -39.78 -71.53 -30.45
CA SAM X . -39.57 -70.46 -29.50
C SAM X . -38.66 -69.39 -29.96
O SAM X . -38.30 -68.49 -29.17
OXT SAM X . -38.30 -69.46 -31.12
CB SAM X . -39.79 -70.68 -28.01
CG SAM X . -40.83 -71.76 -27.75
SD SAM X . -41.17 -71.83 -26.13
CE SAM X . -40.33 -73.09 -25.46
C5' SAM X . -42.80 -72.08 -25.92
C4' SAM X . -43.58 -70.78 -26.04
O4' SAM X . -44.96 -71.09 -26.20
C3' SAM X . -43.46 -69.87 -24.83
O3' SAM X . -42.96 -68.59 -25.23
C2' SAM X . -44.86 -69.75 -24.27
O2' SAM X . -45.17 -68.40 -23.94
C1' SAM X . -45.77 -70.26 -25.38
N9 SAM X . -46.95 -71.04 -24.94
C8 SAM X . -47.03 -71.96 -23.95
N7 SAM X . -48.29 -72.45 -23.86
C5 SAM X . -49.03 -71.86 -24.80
C6 SAM X . -50.44 -71.93 -25.24
N6 SAM X . -51.32 -72.75 -24.64
N1 SAM X . -50.80 -71.14 -26.26
C2 SAM X . -49.94 -70.32 -26.87
N3 SAM X . -48.66 -70.21 -26.52
C4 SAM X . -48.15 -70.94 -25.51
HN1 SAM X . -38.98 -71.96 -30.91
HN2 SAM X . -40.72 -71.84 -30.67
HA SAM X . -38.63 -71.00 -29.28
HB1 SAM X . -40.12 -69.75 -27.56
HB2 SAM X . -38.84 -70.97 -27.54
HG1 SAM X . -41.73 -71.54 -28.32
HG2 SAM X . -40.46 -72.73 -28.08
HE1 SAM X . -39.29 -72.95 -25.63
HE2 SAM X . -40.64 -73.99 -25.92
HE3 SAM X . -40.53 -73.13 -24.43
H5'1 SAM X . -42.98 -72.53 -24.95
H5'2 SAM X . -43.16 -72.78 -26.68
H4' SAM X . -43.23 -70.22 -26.92
H3' SAM X . -42.80 -70.32 -24.07
HO3' SAM X . -42.21 -68.35 -24.66
H2' SAM X . -44.91 -70.38 -23.37
HO2' SAM X . -44.67 -67.80 -24.49
H1' SAM X . -46.10 -69.39 -25.96
H8 SAM X . -46.22 -72.25 -23.30
HN61 SAM X . -51.02 -73.34 -23.88
HN62 SAM X . -52.27 -72.78 -24.96
H2 SAM X . -50.30 -69.71 -27.69
N SAM Y . -52.13 -25.31 -62.53
CA SAM Y . -51.71 -24.07 -61.94
C SAM Y . -50.37 -24.35 -61.39
O SAM Y . -49.84 -23.57 -60.57
OXT SAM Y . -49.82 -25.36 -61.83
CB SAM Y . -52.66 -23.66 -60.82
CG SAM Y . -54.04 -23.35 -61.37
SD SAM Y . -54.68 -22.09 -60.49
CE SAM Y . -55.11 -22.42 -58.90
C5' SAM Y . -55.61 -20.98 -61.34
C4' SAM Y . -54.78 -19.73 -61.56
O4' SAM Y . -55.38 -18.92 -62.56
C3' SAM Y . -54.64 -18.89 -60.31
O3' SAM Y . -53.28 -18.54 -60.10
C2' SAM Y . -55.45 -17.66 -60.59
O2' SAM Y . -54.82 -16.52 -60.01
C1' SAM Y . -55.49 -17.57 -62.11
N9 SAM Y . -56.71 -16.98 -62.72
C8 SAM Y . -57.99 -17.09 -62.31
N7 SAM Y . -58.81 -16.42 -63.14
C5 SAM Y . -58.06 -15.87 -64.11
C6 SAM Y . -58.30 -15.03 -65.30
N6 SAM Y . -59.55 -14.65 -65.63
N1 SAM Y . -57.24 -14.68 -66.04
C2 SAM Y . -55.99 -15.06 -65.73
N3 SAM Y . -55.71 -15.82 -64.66
C4 SAM Y . -56.68 -16.25 -63.82
HN1 SAM Y . -51.73 -26.18 -62.22
HN2 SAM Y . -52.84 -25.30 -63.25
HA SAM Y . -51.65 -23.27 -62.69
HB1 SAM Y . -52.30 -22.77 -60.31
HB2 SAM Y . -52.73 -24.47 -60.09
HG1 SAM Y . -54.68 -24.23 -61.29
HG2 SAM Y . -53.98 -23.07 -62.43
HE1 SAM Y . -55.75 -21.66 -58.54
HE2 SAM Y . -54.24 -22.45 -58.31
HE3 SAM Y . -55.60 -23.35 -58.86
H5'1 SAM Y . -56.52 -20.74 -60.79
H5'2 SAM Y . -55.90 -21.40 -62.30
H4' SAM Y . -53.77 -20.03 -61.89
H3' SAM Y . -55.06 -19.41 -59.43
HO3' SAM Y . -53.20 -18.08 -59.25
H2' SAM Y . -56.45 -17.79 -60.16
HO2' SAM Y . -55.12 -16.43 -59.09
H1' SAM Y . -54.60 -17.02 -62.43
H8 SAM Y . -58.33 -17.64 -61.44
HN61 SAM Y . -60.34 -14.93 -65.06
HN62 SAM Y . -59.70 -14.07 -66.44
H2 SAM Y . -55.17 -14.75 -66.36
N SAM Z . -1.53 -4.25 -82.92
CA SAM Z . -2.00 -3.76 -81.65
C SAM Z . -3.43 -4.09 -81.68
O SAM Z . -4.03 -4.27 -80.61
OXT SAM Z . -3.94 -4.19 -82.80
CB SAM Z . -1.79 -2.27 -81.52
CG SAM Z . -1.98 -1.45 -82.80
SD SAM Z . -1.84 0.20 -82.44
CE SAM Z . -3.18 0.94 -81.75
C5' SAM Z . -0.90 1.16 -83.46
C4' SAM Z . 0.46 1.43 -82.82
O4' SAM Z . 1.32 2.05 -83.77
C3' SAM Z . 0.40 2.35 -81.61
O3' SAM Z . 0.83 1.67 -80.43
C2' SAM Z . 1.35 3.49 -81.93
O2' SAM Z . 2.18 3.79 -80.81
C1' SAM Z . 2.17 2.99 -83.11
N9 SAM Z . 2.64 4.02 -84.08
C8 SAM Z . 1.99 5.13 -84.50
N7 SAM Z . 2.74 5.82 -85.39
C5 SAM Z . 3.89 5.16 -85.54
C6 SAM Z . 5.12 5.35 -86.33
N6 SAM Z . 5.27 6.41 -87.15
N1 SAM Z . 6.09 4.43 -86.20
C2 SAM Z . 5.97 3.37 -85.40
N3 SAM Z . 4.88 3.15 -84.66
C4 SAM Z . 3.82 3.98 -84.69
HN1 SAM Z . -2.15 -4.78 -83.52
HN2 SAM Z . -0.58 -4.08 -83.21
HA SAM Z . -1.50 -4.29 -80.83
HB1 SAM Z . -2.48 -1.89 -80.76
HB2 SAM Z . -0.78 -2.09 -81.14
HG1 SAM Z . -2.96 -1.64 -83.23
HG2 SAM Z . -1.22 -1.71 -83.53
HE1 SAM Z . -3.02 1.97 -81.68
HE2 SAM Z . -3.35 0.53 -80.79
HE3 SAM Z . -4.03 0.76 -82.36
H5'1 SAM Z . -1.41 2.10 -83.66
H5'2 SAM Z . -0.76 0.64 -84.41
H4' SAM Z . 0.88 0.47 -82.50
H3' SAM Z . -0.61 2.76 -81.48
HO3' SAM Z . 0.65 2.21 -79.66
H2' SAM Z . 0.75 4.37 -82.20
HO2' SAM Z . 1.75 4.44 -80.25
H1' SAM Z . 3.04 2.45 -82.70
H8 SAM Z . 1.00 5.42 -84.19
HN61 SAM Z . 4.53 7.09 -87.23
HN62 SAM Z . 6.12 6.53 -87.69
H2 SAM Z . 6.79 2.66 -85.34
N SAM AA . 39.62 -34.79 -62.10
CA SAM AA . 40.57 -35.86 -62.30
C SAM AA . 39.95 -37.13 -61.81
O SAM AA . 38.77 -37.09 -61.41
OXT SAM AA . 40.55 -38.21 -61.83
CB SAM AA . 41.85 -35.44 -61.60
CG SAM AA . 43.06 -35.36 -62.52
SD SAM AA . 44.33 -34.59 -61.76
CE SAM AA . 45.18 -33.70 -62.87
C5' SAM AA . 45.40 -35.65 -61.06
C4' SAM AA . 45.19 -35.85 -59.57
O4' SAM AA . 46.09 -36.87 -59.13
C3' SAM AA . 45.48 -34.63 -58.71
O3' SAM AA . 44.31 -34.22 -58.01
C2' SAM AA . 46.56 -35.02 -57.73
O2' SAM AA . 46.03 -35.06 -56.41
C1' SAM AA . 47.00 -36.43 -58.13
N9 SAM AA . 48.38 -36.57 -58.70
C8 SAM AA . 49.26 -35.65 -59.21
N7 SAM AA . 50.40 -36.30 -59.64
C5 SAM AA . 50.29 -37.62 -59.37
C6 SAM AA . 51.08 -38.86 -59.52
N6 SAM AA . 52.30 -38.94 -60.05
N1 SAM AA . 50.57 -40.00 -59.08
C2 SAM AA . 49.37 -40.05 -58.54
N3 SAM AA . 48.57 -39.00 -58.37
C4 SAM AA . 48.96 -37.78 -58.76
HN1 SAM AA . 38.90 -34.88 -61.40
HN2 SAM AA . 39.69 -33.95 -62.65
HA SAM AA . 40.76 -35.98 -63.38
HB1 SAM AA . 41.68 -34.45 -61.17
HB2 SAM AA . 42.10 -36.12 -60.80
HG1 SAM AA . 42.80 -34.82 -63.44
HG2 SAM AA . 43.32 -36.37 -62.80
HE1 SAM AA . 45.87 -33.09 -62.36
HE2 SAM AA . 44.52 -33.10 -63.44
HE3 SAM AA . 45.69 -34.35 -63.53
H5'1 SAM AA . 46.41 -35.27 -61.22
H5'2 SAM AA . 45.33 -36.62 -61.54
H4' SAM AA . 44.15 -36.18 -59.39
H3' SAM AA . 45.87 -33.81 -59.33
HO3' SAM AA . 44.13 -34.82 -57.28
H2' SAM AA . 47.37 -34.29 -57.76
HO2' SAM AA . 46.76 -35.08 -55.77
H1' SAM AA . 46.89 -37.07 -57.26
H8 SAM AA . 49.08 -34.59 -59.35
HN61 SAM AA . 52.74 -38.11 -60.39
HN62 SAM AA . 52.78 -39.83 -60.10
H2 SAM AA . 49.06 -41.02 -58.23
ZN ZN BA . 31.34 -82.03 94.14
#